data_9CM0
#
_entry.id   9CM0
#
_entity_poly.entity_id   1
_entity_poly.type   'polypeptide(L)'
_entity_poly.pdbx_seq_one_letter_code
;MGAIVVTGIPGVGKTTVMQKAAEGSPLPRVPLEGVMYGVAKRMGLVKDIDEMRRLSPDVQKEVQKKAAERIAALGDVILD
THCTIKTPKGYLPGLPRWVLEKLRPSVILLVEADPKEIYGRRLKDETRNRDPDSEEEIAEHQMMNRAAAMAYASLSGATV
KIVFNHDNRLDDAVRDAAPVLGNLEHHHHHH
;
_entity_poly.pdbx_strand_id   0,1,2,3,4,5,6,7,8,9,A,B,C,D,E,F,G,H,I,J,K,L,M,N,O,P,Q,R,S,T,U,V,W,X,Y,Z,c,d,e,f,g,h,i,j,k,l,m,n,o,p,q,r,s,t,u,v,w,x,y,z
#
# COMPACT_ATOMS: atom_id res chain seq x y z
N ILE A 4 -68.06 -15.81 -37.35
CA ILE A 4 -68.88 -15.79 -38.59
C ILE A 4 -69.17 -14.35 -38.96
N VAL A 5 -69.12 -13.96 -40.23
CA VAL A 5 -69.56 -12.64 -40.71
C VAL A 5 -70.72 -12.78 -41.67
N VAL A 6 -71.83 -12.08 -41.46
CA VAL A 6 -72.98 -12.09 -42.37
C VAL A 6 -73.06 -10.78 -43.14
N THR A 7 -73.31 -10.84 -44.44
CA THR A 7 -73.20 -9.69 -45.36
C THR A 7 -74.26 -9.69 -46.46
N GLY A 8 -74.59 -8.52 -47.00
CA GLY A 8 -75.56 -8.39 -48.09
C GLY A 8 -75.83 -6.95 -48.51
N ILE A 9 -76.36 -6.81 -49.73
CA ILE A 9 -76.81 -5.53 -50.32
C ILE A 9 -78.09 -5.02 -49.62
N PRO A 10 -78.22 -3.71 -49.29
CA PRO A 10 -79.45 -3.15 -48.74
C PRO A 10 -80.68 -3.46 -49.59
N GLY A 11 -81.67 -4.13 -48.99
CA GLY A 11 -82.86 -4.66 -49.65
C GLY A 11 -82.89 -6.19 -49.82
N VAL A 12 -81.78 -6.89 -49.60
CA VAL A 12 -81.74 -8.36 -49.77
C VAL A 12 -82.43 -9.15 -48.65
N GLY A 13 -82.80 -8.51 -47.55
CA GLY A 13 -83.48 -9.16 -46.42
C GLY A 13 -82.53 -9.79 -45.40
N LYS A 14 -81.29 -9.29 -45.31
CA LYS A 14 -80.20 -9.81 -44.46
C LYS A 14 -80.65 -10.09 -43.03
N THR A 15 -81.27 -9.12 -42.37
CA THR A 15 -81.63 -9.23 -40.94
C THR A 15 -82.67 -10.31 -40.70
N THR A 16 -83.64 -10.48 -41.59
CA THR A 16 -84.67 -11.52 -41.48
C THR A 16 -84.06 -12.92 -41.49
N VAL A 17 -83.23 -13.23 -42.49
CA VAL A 17 -82.59 -14.56 -42.59
C VAL A 17 -81.67 -14.82 -41.41
N MET A 18 -80.90 -13.81 -40.99
CA MET A 18 -80.05 -13.94 -39.81
C MET A 18 -80.88 -14.23 -38.55
N GLN A 19 -81.96 -13.48 -38.29
CA GLN A 19 -82.80 -13.69 -37.11
C GLN A 19 -83.43 -15.08 -37.08
N LYS A 20 -83.94 -15.56 -38.22
CA LYS A 20 -84.57 -16.87 -38.32
C LYS A 20 -83.55 -18.01 -38.20
N ALA A 21 -82.40 -17.92 -38.85
CA ALA A 21 -81.39 -18.98 -38.77
C ALA A 21 -80.66 -19.01 -37.42
N ALA A 22 -80.37 -17.85 -36.80
CA ALA A 22 -79.74 -17.78 -35.49
C ALA A 22 -80.70 -18.13 -34.32
N GLU A 23 -81.98 -18.42 -34.59
CA GLU A 23 -82.93 -18.82 -33.56
C GLU A 23 -82.45 -20.06 -32.78
N GLY A 24 -82.46 -19.97 -31.44
CA GLY A 24 -81.95 -21.02 -30.54
C GLY A 24 -80.43 -21.14 -30.48
N SER A 25 -79.65 -20.34 -31.21
CA SER A 25 -78.19 -20.37 -31.13
C SER A 25 -77.67 -19.72 -29.84
N PRO A 26 -76.64 -20.28 -29.19
CA PRO A 26 -75.94 -19.61 -28.09
C PRO A 26 -75.01 -18.49 -28.55
N LEU A 27 -74.87 -18.22 -29.85
CA LEU A 27 -73.93 -17.21 -30.35
C LEU A 27 -74.40 -15.77 -30.04
N PRO A 28 -73.51 -14.88 -29.57
CA PRO A 28 -73.79 -13.45 -29.50
C PRO A 28 -73.99 -12.84 -30.89
N ARG A 29 -74.76 -11.76 -30.96
CA ARG A 29 -75.14 -11.06 -32.21
C ARG A 29 -74.60 -9.64 -32.17
N VAL A 30 -73.79 -9.25 -33.14
CA VAL A 30 -73.01 -8.00 -33.03
C VAL A 30 -73.05 -7.19 -34.33
N PRO A 31 -73.48 -5.92 -34.33
CA PRO A 31 -73.24 -5.00 -35.43
C PRO A 31 -71.87 -4.32 -35.29
N LEU A 32 -71.02 -4.38 -36.32
CA LEU A 32 -69.65 -3.86 -36.22
C LEU A 32 -69.59 -2.34 -36.04
N GLU A 33 -70.47 -1.61 -36.73
CA GLU A 33 -70.53 -0.14 -36.62
C GLU A 33 -70.93 0.28 -35.20
N GLY A 34 -71.85 -0.45 -34.60
CA GLY A 34 -72.26 -0.28 -33.21
C GLY A 34 -71.12 -0.47 -32.23
N VAL A 35 -70.33 -1.55 -32.39
CA VAL A 35 -69.15 -1.75 -31.55
C VAL A 35 -68.13 -0.64 -31.77
N MET A 36 -67.87 -0.23 -33.01
CA MET A 36 -66.94 0.86 -33.27
C MET A 36 -67.39 2.15 -32.56
N TYR A 37 -68.68 2.48 -32.62
CA TYR A 37 -69.24 3.61 -31.89
C TYR A 37 -69.04 3.48 -30.39
N GLY A 38 -69.40 2.32 -29.81
CA GLY A 38 -69.19 2.06 -28.38
C GLY A 38 -67.73 2.19 -27.96
N VAL A 39 -66.79 1.61 -28.72
CA VAL A 39 -65.36 1.71 -28.42
C VAL A 39 -64.88 3.15 -28.51
N ALA A 40 -65.23 3.88 -29.56
CA ALA A 40 -64.85 5.29 -29.69
C ALA A 40 -65.45 6.16 -28.58
N LYS A 41 -66.73 5.92 -28.24
CA LYS A 41 -67.46 6.61 -27.17
C LYS A 41 -66.83 6.37 -25.80
N ARG A 42 -66.41 5.15 -25.50
CA ARG A 42 -65.75 4.79 -24.23
C ARG A 42 -64.29 5.23 -24.17
N MET A 43 -63.63 5.37 -25.32
CA MET A 43 -62.37 6.12 -25.45
C MET A 43 -62.56 7.65 -25.42
N GLY A 44 -63.80 8.14 -25.33
CA GLY A 44 -64.12 9.57 -25.25
C GLY A 44 -64.02 10.36 -26.55
N LEU A 45 -63.79 9.69 -27.68
CA LEU A 45 -63.55 10.33 -28.98
C LEU A 45 -64.80 10.99 -29.57
N VAL A 46 -65.98 10.51 -29.17
CA VAL A 46 -67.30 10.89 -29.68
C VAL A 46 -68.32 10.79 -28.56
N LYS A 47 -69.50 11.40 -28.77
CA LYS A 47 -70.70 11.21 -27.95
C LYS A 47 -71.89 10.75 -28.79
N ASP A 48 -71.97 11.10 -30.07
CA ASP A 48 -73.14 10.83 -30.93
C ASP A 48 -72.78 9.96 -32.15
N ILE A 49 -73.72 9.14 -32.61
CA ILE A 49 -73.50 8.12 -33.65
C ILE A 49 -73.01 8.69 -34.98
N ASP A 50 -73.47 9.89 -35.35
CA ASP A 50 -73.05 10.56 -36.59
C ASP A 50 -71.59 11.03 -36.56
N GLU A 51 -71.01 11.28 -35.38
CA GLU A 51 -69.63 11.77 -35.25
C GLU A 51 -68.60 10.75 -35.76
N MET A 52 -68.96 9.47 -35.85
CA MET A 52 -68.09 8.43 -36.39
C MET A 52 -67.63 8.73 -37.82
N ARG A 53 -68.48 9.38 -38.63
CA ARG A 53 -68.14 9.82 -40.00
C ARG A 53 -67.22 11.03 -40.04
N ARG A 54 -67.08 11.75 -38.93
CA ARG A 54 -66.27 12.97 -38.78
C ARG A 54 -64.87 12.69 -38.27
N LEU A 55 -64.60 11.49 -37.74
CA LEU A 55 -63.29 11.10 -37.24
C LEU A 55 -62.21 11.13 -38.34
N SER A 56 -60.98 11.46 -37.95
CA SER A 56 -59.82 11.39 -38.83
C SER A 56 -59.58 9.94 -39.27
N PRO A 57 -59.41 9.63 -40.57
CA PRO A 57 -59.29 8.26 -41.05
C PRO A 57 -58.23 7.43 -40.32
N ASP A 58 -57.08 7.98 -39.98
CA ASP A 58 -56.02 7.24 -39.25
C ASP A 58 -56.32 6.99 -37.77
N VAL A 59 -57.24 7.76 -37.17
CA VAL A 59 -57.86 7.39 -35.88
C VAL A 59 -58.88 6.28 -36.11
N GLN A 60 -59.70 6.39 -37.16
CA GLN A 60 -60.73 5.42 -37.49
C GLN A 60 -60.16 4.02 -37.79
N LYS A 61 -58.96 3.93 -38.39
CA LYS A 61 -58.22 2.66 -38.52
C LYS A 61 -57.96 2.00 -37.17
N GLU A 62 -57.53 2.77 -36.17
CA GLU A 62 -57.29 2.22 -34.84
C GLU A 62 -58.59 1.86 -34.11
N VAL A 63 -59.66 2.64 -34.30
CA VAL A 63 -61.00 2.25 -33.79
C VAL A 63 -61.45 0.94 -34.41
N GLN A 64 -61.29 0.74 -35.72
CA GLN A 64 -61.57 -0.55 -36.36
C GLN A 64 -60.72 -1.67 -35.75
N LYS A 65 -59.42 -1.43 -35.57
CA LYS A 65 -58.50 -2.41 -34.98
C LYS A 65 -58.91 -2.80 -33.56
N LYS A 66 -59.21 -1.84 -32.69
CA LYS A 66 -59.62 -2.11 -31.30
C LYS A 66 -60.99 -2.80 -31.23
N ALA A 67 -61.96 -2.36 -32.03
CA ALA A 67 -63.24 -3.07 -32.12
C ALA A 67 -63.05 -4.52 -32.55
N ALA A 68 -62.20 -4.77 -33.54
CA ALA A 68 -61.90 -6.13 -33.97
C ALA A 68 -61.21 -6.95 -32.86
N GLU A 69 -60.22 -6.40 -32.17
CA GLU A 69 -59.58 -7.11 -31.04
C GLU A 69 -60.59 -7.52 -29.97
N ARG A 70 -61.53 -6.63 -29.62
CA ARG A 70 -62.53 -6.92 -28.58
C ARG A 70 -63.59 -7.90 -29.05
N ILE A 71 -64.02 -7.84 -30.31
CA ILE A 71 -64.93 -8.85 -30.87
C ILE A 71 -64.23 -10.21 -31.01
N ALA A 72 -62.92 -10.23 -31.27
CA ALA A 72 -62.16 -11.47 -31.27
C ALA A 72 -62.02 -12.06 -29.86
N ALA A 73 -61.78 -11.24 -28.84
CA ALA A 73 -61.69 -11.68 -27.45
C ALA A 73 -63.01 -12.28 -26.94
N LEU A 74 -64.16 -11.78 -27.38
CA LEU A 74 -65.48 -12.35 -27.09
C LEU A 74 -65.62 -13.80 -27.61
N GLY A 75 -64.82 -14.20 -28.59
CA GLY A 75 -64.87 -15.52 -29.19
C GLY A 75 -65.89 -15.65 -30.32
N ASP A 76 -66.44 -16.84 -30.49
CA ASP A 76 -67.30 -17.19 -31.63
C ASP A 76 -68.59 -16.35 -31.61
N VAL A 77 -68.92 -15.70 -32.72
CA VAL A 77 -69.93 -14.62 -32.78
C VAL A 77 -70.59 -14.55 -34.16
N ILE A 78 -71.85 -14.12 -34.24
CA ILE A 78 -72.45 -13.72 -35.52
C ILE A 78 -72.26 -12.22 -35.68
N LEU A 79 -71.19 -11.82 -36.34
CA LEU A 79 -70.92 -10.43 -36.68
C LEU A 79 -71.71 -10.01 -37.91
N ASP A 80 -72.14 -8.76 -37.95
CA ASP A 80 -72.96 -8.20 -39.02
C ASP A 80 -72.39 -6.86 -39.52
N THR A 81 -72.12 -6.76 -40.83
CA THR A 81 -71.72 -5.53 -41.52
C THR A 81 -71.82 -5.69 -43.04
N HIS A 82 -71.80 -4.61 -43.83
CA HIS A 82 -71.71 -4.72 -45.29
C HIS A 82 -70.31 -5.13 -45.75
N CYS A 83 -70.19 -5.95 -46.80
CA CYS A 83 -68.89 -6.27 -47.40
C CYS A 83 -68.41 -5.13 -48.33
N THR A 84 -69.27 -4.51 -49.12
CA THR A 84 -68.96 -3.21 -49.75
C THR A 84 -70.11 -2.22 -49.61
N ILE A 85 -69.78 -0.99 -49.27
CA ILE A 85 -70.73 0.10 -49.05
C ILE A 85 -70.68 0.99 -50.30
N LYS A 86 -71.82 1.27 -50.92
CA LYS A 86 -71.85 2.22 -52.05
C LYS A 86 -71.78 3.65 -51.54
N THR A 87 -70.95 4.49 -52.17
CA THR A 87 -70.70 5.89 -51.78
C THR A 87 -70.64 6.79 -53.03
N PRO A 88 -70.67 8.13 -52.92
CA PRO A 88 -70.49 9.03 -54.06
C PRO A 88 -69.22 8.77 -54.87
N LYS A 89 -68.13 8.35 -54.22
CA LYS A 89 -66.87 7.95 -54.88
C LYS A 89 -66.81 6.47 -55.28
N GLY A 90 -67.94 5.76 -55.29
CA GLY A 90 -68.02 4.34 -55.63
C GLY A 90 -67.99 3.40 -54.42
N TYR A 91 -67.61 2.14 -54.64
CA TYR A 91 -67.64 1.09 -53.63
C TYR A 91 -66.51 1.24 -52.62
N LEU A 92 -66.84 1.18 -51.33
CA LEU A 92 -65.87 1.17 -50.23
C LEU A 92 -65.84 -0.23 -49.60
N PRO A 93 -64.69 -0.92 -49.54
CA PRO A 93 -64.55 -2.17 -48.81
C PRO A 93 -64.91 -2.02 -47.33
N GLY A 94 -65.84 -2.83 -46.84
CA GLY A 94 -66.30 -2.77 -45.45
C GLY A 94 -65.32 -3.38 -44.45
N LEU A 95 -64.47 -4.32 -44.87
CA LEU A 95 -63.52 -5.04 -44.01
C LEU A 95 -62.08 -4.93 -44.54
N PRO A 96 -61.33 -3.88 -44.20
CA PRO A 96 -59.91 -3.81 -44.53
C PRO A 96 -59.09 -4.95 -43.94
N ARG A 97 -57.90 -5.19 -44.50
CA ARG A 97 -56.96 -6.22 -44.01
C ARG A 97 -56.67 -6.13 -42.51
N TRP A 98 -56.51 -4.93 -41.95
CA TRP A 98 -56.25 -4.78 -40.51
C TRP A 98 -57.42 -5.21 -39.62
N VAL A 99 -58.65 -5.31 -40.13
CA VAL A 99 -59.75 -5.96 -39.41
C VAL A 99 -59.61 -7.48 -39.50
N LEU A 100 -59.41 -8.04 -40.69
CA LEU A 100 -59.30 -9.49 -40.90
C LEU A 100 -58.15 -10.10 -40.10
N GLU A 101 -57.00 -9.44 -40.02
CA GLU A 101 -55.87 -9.91 -39.23
C GLU A 101 -56.18 -10.03 -37.71
N LYS A 102 -57.19 -9.29 -37.22
CA LYS A 102 -57.66 -9.36 -35.83
C LYS A 102 -58.83 -10.33 -35.65
N LEU A 103 -59.88 -10.24 -36.46
CA LEU A 103 -61.04 -11.14 -36.35
C LEU A 103 -60.73 -12.59 -36.71
N ARG A 104 -59.93 -12.82 -37.76
CA ARG A 104 -59.63 -14.14 -38.33
C ARG A 104 -60.88 -14.99 -38.56
N PRO A 105 -61.88 -14.51 -39.34
CA PRO A 105 -63.16 -15.18 -39.50
C PRO A 105 -63.02 -16.61 -40.02
N SER A 106 -63.87 -17.52 -39.56
CA SER A 106 -63.96 -18.88 -40.12
C SER A 106 -64.85 -18.93 -41.36
N VAL A 107 -65.90 -18.10 -41.43
CA VAL A 107 -66.84 -18.05 -42.55
C VAL A 107 -67.24 -16.62 -42.85
N ILE A 108 -67.33 -16.29 -44.13
CA ILE A 108 -68.05 -15.13 -44.65
C ILE A 108 -69.32 -15.66 -45.32
N LEU A 109 -70.48 -15.12 -44.95
CA LEU A 109 -71.76 -15.48 -45.57
C LEU A 109 -72.29 -14.31 -46.35
N LEU A 110 -72.63 -14.55 -47.62
CA LEU A 110 -73.12 -13.53 -48.54
C LEU A 110 -74.56 -13.86 -48.96
N VAL A 111 -75.50 -12.99 -48.63
CA VAL A 111 -76.91 -13.17 -48.96
C VAL A 111 -77.20 -12.53 -50.32
N GLU A 112 -77.94 -13.21 -51.19
CA GLU A 112 -78.28 -12.73 -52.53
C GLU A 112 -79.75 -12.96 -52.89
N ALA A 113 -80.30 -12.13 -53.77
CA ALA A 113 -81.62 -12.27 -54.37
C ALA A 113 -81.58 -11.72 -55.79
N ASP A 114 -82.58 -11.99 -56.63
CA ASP A 114 -82.58 -11.49 -58.00
C ASP A 114 -82.64 -9.95 -58.03
N PRO A 115 -81.87 -9.27 -58.90
CA PRO A 115 -81.94 -7.82 -59.05
C PRO A 115 -83.36 -7.27 -59.23
N LYS A 116 -84.25 -7.99 -59.92
CA LYS A 116 -85.65 -7.59 -60.08
C LYS A 116 -86.44 -7.67 -58.78
N GLU A 117 -86.19 -8.69 -57.95
CA GLU A 117 -86.77 -8.79 -56.61
C GLU A 117 -86.32 -7.61 -55.74
N ILE A 118 -85.01 -7.34 -55.71
CA ILE A 118 -84.44 -6.25 -54.92
C ILE A 118 -84.97 -4.90 -55.41
N TYR A 119 -85.04 -4.69 -56.72
CA TYR A 119 -85.64 -3.49 -57.30
C TYR A 119 -87.10 -3.34 -56.87
N GLY A 120 -87.89 -4.42 -56.93
CA GLY A 120 -89.27 -4.43 -56.44
C GLY A 120 -89.36 -4.03 -54.95
N ARG A 121 -88.55 -4.64 -54.08
CA ARG A 121 -88.53 -4.32 -52.65
C ARG A 121 -88.14 -2.86 -52.40
N ARG A 122 -87.13 -2.35 -53.11
CA ARG A 122 -86.68 -0.96 -53.00
C ARG A 122 -87.72 0.02 -53.52
N LEU A 123 -88.40 -0.29 -54.61
CA LEU A 123 -89.46 0.56 -55.16
C LEU A 123 -90.68 0.64 -54.23
N LYS A 124 -90.96 -0.45 -53.50
CA LYS A 124 -92.03 -0.52 -52.48
C LYS A 124 -91.66 0.11 -51.13
N ASP A 125 -90.38 0.41 -50.89
CA ASP A 125 -89.95 1.16 -49.70
C ASP A 125 -90.29 2.65 -49.83
N ASP A 133 -81.30 2.65 -57.78
CA ASP A 133 -80.34 2.03 -58.72
C ASP A 133 -81.10 1.24 -59.80
N SER A 134 -80.58 1.17 -61.01
CA SER A 134 -81.07 0.21 -62.01
C SER A 134 -80.78 -1.23 -61.60
N GLU A 135 -81.49 -2.19 -62.18
CA GLU A 135 -81.20 -3.60 -62.01
C GLU A 135 -79.78 -3.97 -62.45
N GLU A 136 -79.22 -3.23 -63.42
CA GLU A 136 -77.82 -3.37 -63.82
C GLU A 136 -76.86 -2.92 -62.71
N GLU A 137 -77.12 -1.79 -62.07
CA GLU A 137 -76.31 -1.33 -60.95
C GLU A 137 -76.47 -2.21 -59.69
N ILE A 138 -77.63 -2.83 -59.50
CA ILE A 138 -77.82 -3.84 -58.46
C ILE A 138 -76.98 -5.08 -58.79
N ALA A 139 -77.05 -5.60 -60.02
CA ALA A 139 -76.25 -6.75 -60.44
C ALA A 139 -74.75 -6.47 -60.35
N GLU A 140 -74.32 -5.26 -60.69
CA GLU A 140 -72.96 -4.81 -60.50
C GLU A 140 -72.55 -4.85 -59.02
N HIS A 141 -73.34 -4.26 -58.12
CA HIS A 141 -72.99 -4.26 -56.70
C HIS A 141 -72.88 -5.68 -56.15
N GLN A 142 -73.74 -6.60 -56.57
CA GLN A 142 -73.60 -8.01 -56.22
C GLN A 142 -72.30 -8.62 -56.74
N MET A 143 -71.97 -8.42 -58.01
CA MET A 143 -70.72 -8.94 -58.57
C MET A 143 -69.50 -8.38 -57.82
N MET A 144 -69.51 -7.09 -57.49
CA MET A 144 -68.43 -6.52 -56.68
C MET A 144 -68.37 -7.13 -55.28
N ASN A 145 -69.51 -7.43 -54.67
CA ASN A 145 -69.51 -8.12 -53.38
C ASN A 145 -68.88 -9.52 -53.47
N ARG A 146 -69.16 -10.29 -54.52
CA ARG A 146 -68.52 -11.61 -54.69
C ARG A 146 -67.00 -11.50 -54.79
N ALA A 147 -66.51 -10.54 -55.56
CA ALA A 147 -65.08 -10.30 -55.65
C ALA A 147 -64.50 -9.89 -54.30
N ALA A 148 -65.16 -9.00 -53.56
CA ALA A 148 -64.73 -8.59 -52.24
C ALA A 148 -64.69 -9.78 -51.26
N ALA A 149 -65.72 -10.61 -51.24
CA ALA A 149 -65.76 -11.78 -50.37
C ALA A 149 -64.61 -12.73 -50.66
N MET A 150 -64.36 -13.06 -51.93
CA MET A 150 -63.30 -13.99 -52.25
C MET A 150 -61.90 -13.41 -52.03
N ALA A 151 -61.72 -12.10 -52.20
CA ALA A 151 -60.50 -11.44 -51.78
C ALA A 151 -60.30 -11.55 -50.26
N TYR A 152 -61.33 -11.25 -49.46
CA TYR A 152 -61.29 -11.42 -48.00
C TYR A 152 -60.94 -12.86 -47.62
N ALA A 153 -61.52 -13.83 -48.30
CA ALA A 153 -61.25 -15.24 -48.06
C ALA A 153 -59.76 -15.54 -48.25
N SER A 154 -59.19 -15.16 -49.39
CA SER A 154 -57.78 -15.42 -49.69
C SER A 154 -56.81 -14.77 -48.71
N LEU A 155 -57.19 -13.66 -48.08
CA LEU A 155 -56.40 -12.98 -47.06
C LEU A 155 -56.42 -13.66 -45.69
N SER A 156 -57.38 -14.53 -45.44
CA SER A 156 -57.74 -14.95 -44.07
C SER A 156 -57.91 -16.45 -43.86
N GLY A 157 -58.08 -17.23 -44.92
CA GLY A 157 -58.49 -18.64 -44.84
C GLY A 157 -59.98 -18.84 -44.53
N ALA A 158 -60.78 -17.78 -44.49
CA ALA A 158 -62.22 -17.91 -44.28
C ALA A 158 -62.92 -18.64 -45.43
N THR A 159 -63.89 -19.49 -45.12
CA THR A 159 -64.77 -20.09 -46.13
C THR A 159 -65.78 -19.07 -46.64
N VAL A 160 -66.26 -19.16 -47.88
CA VAL A 160 -67.31 -18.26 -48.40
C VAL A 160 -68.58 -19.03 -48.75
N LYS A 161 -69.71 -18.66 -48.16
CA LYS A 161 -71.02 -19.26 -48.41
C LYS A 161 -71.93 -18.25 -49.09
N ILE A 162 -72.61 -18.63 -50.17
CA ILE A 162 -73.64 -17.81 -50.80
C ILE A 162 -75.02 -18.39 -50.49
N VAL A 163 -75.97 -17.55 -50.05
CA VAL A 163 -77.34 -17.94 -49.69
C VAL A 163 -78.36 -17.16 -50.51
N PHE A 164 -79.20 -17.85 -51.29
CA PHE A 164 -80.33 -17.21 -51.97
C PHE A 164 -81.47 -16.89 -51.00
N ASN A 165 -82.15 -15.76 -51.21
CA ASN A 165 -83.29 -15.30 -50.41
C ASN A 165 -84.42 -14.71 -51.27
N HIS A 166 -84.96 -15.50 -52.18
CA HIS A 166 -86.09 -15.12 -53.03
C HIS A 166 -87.36 -14.80 -52.21
N ASP A 167 -88.21 -13.90 -52.72
CA ASP A 167 -89.28 -13.23 -51.93
C ASP A 167 -90.15 -14.17 -51.09
N ASN A 168 -90.82 -15.13 -51.73
CA ASN A 168 -91.73 -16.05 -51.03
C ASN A 168 -91.00 -17.13 -50.21
N ARG A 169 -89.70 -17.32 -50.45
CA ARG A 169 -88.95 -18.55 -50.16
C ARG A 169 -87.98 -18.39 -48.98
N LEU A 170 -88.36 -17.61 -47.97
CA LEU A 170 -87.54 -17.37 -46.77
C LEU A 170 -87.07 -18.68 -46.12
N ASP A 171 -87.90 -19.72 -46.12
CA ASP A 171 -87.53 -21.02 -45.56
C ASP A 171 -86.33 -21.66 -46.26
N ASP A 172 -86.17 -21.46 -47.58
CA ASP A 172 -84.97 -21.90 -48.29
C ASP A 172 -83.72 -21.17 -47.82
N ALA A 173 -83.80 -19.85 -47.62
CA ALA A 173 -82.67 -19.09 -47.10
C ALA A 173 -82.27 -19.56 -45.70
N VAL A 174 -83.25 -19.76 -44.80
CA VAL A 174 -83.00 -20.22 -43.43
C VAL A 174 -82.45 -21.65 -43.41
N ARG A 175 -83.02 -22.56 -44.21
CA ARG A 175 -82.56 -23.95 -44.31
C ARG A 175 -81.14 -24.04 -44.89
N ASP A 176 -80.79 -23.17 -45.84
CA ASP A 176 -79.46 -23.14 -46.44
C ASP A 176 -78.42 -22.44 -45.54
N ALA A 177 -78.85 -21.46 -44.73
CA ALA A 177 -77.97 -20.76 -43.79
C ALA A 177 -77.65 -21.57 -42.53
N ALA A 178 -78.64 -22.25 -41.94
CA ALA A 178 -78.48 -22.95 -40.66
C ALA A 178 -77.30 -23.97 -40.58
N PRO A 179 -76.94 -24.71 -41.65
CA PRO A 179 -75.74 -25.56 -41.69
C PRO A 179 -74.41 -24.88 -41.34
N VAL A 180 -74.32 -23.55 -41.44
CA VAL A 180 -73.11 -22.78 -41.11
C VAL A 180 -72.94 -22.61 -39.59
N LEU A 181 -74.03 -22.66 -38.83
CA LEU A 181 -74.14 -22.19 -37.44
C LEU A 181 -73.79 -23.26 -36.39
N ILE B 4 24.47 -14.43 -73.96
CA ILE B 4 25.21 -15.31 -74.93
C ILE B 4 26.69 -15.30 -74.56
N VAL B 5 27.39 -16.43 -74.64
CA VAL B 5 28.84 -16.51 -74.46
C VAL B 5 29.49 -17.06 -75.73
N VAL B 6 30.47 -16.37 -76.29
CA VAL B 6 31.20 -16.84 -77.49
C VAL B 6 32.59 -17.30 -77.10
N THR B 7 33.03 -18.45 -77.62
CA THR B 7 34.27 -19.12 -77.21
C THR B 7 34.98 -19.78 -78.38
N GLY B 8 36.29 -19.98 -78.25
CA GLY B 8 37.11 -20.61 -79.29
C GLY B 8 38.59 -20.65 -78.94
N ILE B 9 39.30 -21.57 -79.58
CA ILE B 9 40.75 -21.74 -79.47
C ILE B 9 41.52 -20.59 -80.16
N PRO B 10 42.59 -20.03 -79.58
CA PRO B 10 43.39 -18.99 -80.24
C PRO B 10 43.86 -19.38 -81.65
N GLY B 11 43.57 -18.54 -82.64
CA GLY B 11 43.81 -18.80 -84.07
C GLY B 11 42.56 -19.24 -84.85
N VAL B 12 41.46 -19.63 -84.20
CA VAL B 12 40.24 -20.08 -84.90
C VAL B 12 39.47 -18.96 -85.62
N GLY B 13 39.77 -17.70 -85.34
CA GLY B 13 39.13 -16.54 -85.97
C GLY B 13 37.87 -16.04 -85.25
N LYS B 14 37.77 -16.32 -83.95
CA LYS B 14 36.63 -15.96 -83.08
C LYS B 14 36.16 -14.51 -83.29
N THR B 15 37.07 -13.55 -83.19
CA THR B 15 36.70 -12.12 -83.25
C THR B 15 36.08 -11.75 -84.59
N THR B 16 36.58 -12.28 -85.70
CA THR B 16 36.05 -12.01 -87.04
C THR B 16 34.59 -12.46 -87.18
N VAL B 17 34.30 -13.71 -86.80
CA VAL B 17 32.94 -14.25 -86.88
C VAL B 17 31.99 -13.49 -85.96
N MET B 18 32.42 -13.18 -84.74
CA MET B 18 31.63 -12.36 -83.82
C MET B 18 31.35 -10.96 -84.40
N GLN B 19 32.38 -10.24 -84.87
CA GLN B 19 32.23 -8.88 -85.43
C GLN B 19 31.26 -8.83 -86.61
N LYS B 20 31.33 -9.83 -87.49
CA LYS B 20 30.43 -9.95 -88.64
C LYS B 20 29.01 -10.33 -88.23
N ALA B 21 28.82 -11.37 -87.42
CA ALA B 21 27.48 -11.81 -87.03
C ALA B 21 26.74 -10.78 -86.16
N ALA B 22 27.46 -10.08 -85.28
CA ALA B 22 26.90 -9.02 -84.44
C ALA B 22 26.57 -7.72 -85.21
N GLU B 23 26.83 -7.64 -86.52
CA GLU B 23 26.50 -6.46 -87.32
C GLU B 23 24.99 -6.11 -87.26
N GLY B 24 24.68 -4.86 -86.97
CA GLY B 24 23.30 -4.39 -86.74
C GLY B 24 22.64 -4.87 -85.44
N SER B 25 23.34 -5.60 -84.57
CA SER B 25 22.77 -6.03 -83.28
C SER B 25 22.65 -4.87 -82.29
N PRO B 26 21.56 -4.79 -81.51
CA PRO B 26 21.47 -3.87 -80.38
C PRO B 26 22.24 -4.36 -79.14
N LEU B 27 22.84 -5.55 -79.15
CA LEU B 27 23.47 -6.14 -77.96
C LEU B 27 24.84 -5.49 -77.63
N PRO B 28 25.12 -5.21 -76.34
CA PRO B 28 26.46 -4.84 -75.90
C PRO B 28 27.47 -5.97 -76.11
N ARG B 29 28.73 -5.60 -76.33
CA ARG B 29 29.85 -6.50 -76.62
C ARG B 29 30.89 -6.41 -75.53
N VAL B 30 31.23 -7.51 -74.89
CA VAL B 30 31.97 -7.45 -73.61
C VAL B 30 33.09 -8.49 -73.56
N PRO B 31 34.36 -8.13 -73.37
CA PRO B 31 35.41 -9.06 -72.97
C PRO B 31 35.39 -9.28 -71.45
N LEU B 32 35.25 -10.53 -70.98
CA LEU B 32 35.11 -10.80 -69.55
C LEU B 32 36.36 -10.41 -68.74
N GLU B 33 37.55 -10.65 -69.28
CA GLU B 33 38.81 -10.32 -68.61
C GLU B 33 38.95 -8.80 -68.44
N GLY B 34 38.53 -8.05 -69.46
CA GLY B 34 38.46 -6.59 -69.42
C GLY B 34 37.54 -6.09 -68.32
N VAL B 35 36.34 -6.67 -68.19
CA VAL B 35 35.44 -6.31 -67.09
C VAL B 35 36.03 -6.67 -65.73
N MET B 36 36.66 -7.84 -65.60
CA MET B 36 37.31 -8.21 -64.35
C MET B 36 38.39 -7.21 -63.96
N TYR B 37 39.21 -6.78 -64.91
CA TYR B 37 40.20 -5.73 -64.69
C TYR B 37 39.54 -4.41 -64.27
N GLY B 38 38.51 -3.97 -64.99
CA GLY B 38 37.77 -2.76 -64.65
C GLY B 38 37.17 -2.80 -63.24
N VAL B 39 36.55 -3.92 -62.86
CA VAL B 39 35.98 -4.09 -61.52
C VAL B 39 37.08 -4.07 -60.46
N ALA B 40 38.16 -4.84 -60.64
CA ALA B 40 39.26 -4.86 -59.69
C ALA B 40 39.96 -3.48 -59.56
N LYS B 41 40.13 -2.78 -60.68
CA LYS B 41 40.70 -1.42 -60.75
C LYS B 41 39.84 -0.42 -59.99
N ARG B 42 38.53 -0.42 -60.20
CA ARG B 42 37.60 0.49 -59.52
C ARG B 42 37.37 0.14 -58.05
N MET B 43 37.54 -1.12 -57.67
CA MET B 43 37.67 -1.55 -56.28
C MET B 43 39.04 -1.21 -55.65
N GLY B 44 39.98 -0.67 -56.43
CA GLY B 44 41.32 -0.26 -55.96
C GLY B 44 42.33 -1.39 -55.77
N LEU B 45 42.01 -2.61 -56.20
CA LEU B 45 42.84 -3.80 -55.98
C LEU B 45 44.08 -3.85 -56.89
N VAL B 46 44.00 -3.21 -58.04
CA VAL B 46 45.01 -3.17 -59.12
C VAL B 46 45.01 -1.80 -59.80
N LYS B 47 46.06 -1.52 -60.58
CA LYS B 47 46.14 -0.39 -61.51
C LYS B 47 46.52 -0.80 -62.92
N ASP B 48 47.25 -1.91 -63.10
CA ASP B 48 47.75 -2.35 -64.41
C ASP B 48 47.27 -3.77 -64.80
N ILE B 49 47.09 -4.03 -66.09
CA ILE B 49 46.39 -5.22 -66.62
C ILE B 49 47.06 -6.54 -66.21
N ASP B 50 48.38 -6.56 -66.09
CA ASP B 50 49.13 -7.75 -65.66
C ASP B 50 48.93 -8.12 -64.19
N GLU B 51 48.57 -7.16 -63.33
CA GLU B 51 48.38 -7.40 -61.90
C GLU B 51 47.21 -8.35 -61.61
N MET B 52 46.28 -8.52 -62.57
CA MET B 52 45.20 -9.49 -62.48
C MET B 52 45.71 -10.93 -62.27
N ARG B 53 46.91 -11.26 -62.79
CA ARG B 53 47.55 -12.57 -62.59
C ARG B 53 48.27 -12.68 -61.25
N ARG B 54 48.50 -11.56 -60.56
CA ARG B 54 49.24 -11.46 -59.29
C ARG B 54 48.32 -11.48 -58.06
N LEU B 55 47.02 -11.23 -58.23
CA LEU B 55 46.02 -11.29 -57.16
C LEU B 55 45.96 -12.66 -56.48
N SER B 56 45.57 -12.67 -55.20
CA SER B 56 45.28 -13.90 -54.45
C SER B 56 44.10 -14.66 -55.10
N PRO B 57 44.19 -15.97 -55.34
CA PRO B 57 43.13 -16.73 -55.99
C PRO B 57 41.74 -16.57 -55.38
N ASP B 58 41.63 -16.53 -54.05
CA ASP B 58 40.32 -16.38 -53.38
C ASP B 58 39.76 -14.95 -53.44
N VAL B 59 40.61 -13.95 -53.67
CA VAL B 59 40.16 -12.60 -54.07
C VAL B 59 39.71 -12.61 -55.52
N GLN B 60 40.46 -13.29 -56.40
CA GLN B 60 40.13 -13.40 -57.82
C GLN B 60 38.78 -14.11 -58.06
N LYS B 61 38.41 -15.09 -57.24
CA LYS B 61 37.06 -15.68 -57.23
C LYS B 61 35.98 -14.62 -56.99
N GLU B 62 36.17 -13.74 -56.02
CA GLU B 62 35.21 -12.66 -55.76
C GLU B 62 35.19 -11.61 -56.87
N VAL B 63 36.32 -11.29 -57.48
CA VAL B 63 36.34 -10.45 -58.69
C VAL B 63 35.54 -11.10 -59.82
N GLN B 64 35.71 -12.40 -60.07
CA GLN B 64 34.89 -13.13 -61.04
C GLN B 64 33.40 -13.05 -60.70
N LYS B 65 33.05 -13.26 -59.43
CA LYS B 65 31.67 -13.16 -58.93
C LYS B 65 31.06 -11.78 -59.15
N LYS B 66 31.76 -10.71 -58.77
CA LYS B 66 31.28 -9.33 -58.94
C LYS B 66 31.19 -8.93 -60.41
N ALA B 67 32.18 -9.28 -61.24
CA ALA B 67 32.10 -9.03 -62.67
C ALA B 67 30.89 -9.74 -63.29
N ALA B 68 30.63 -11.00 -62.91
CA ALA B 68 29.46 -11.71 -63.37
C ALA B 68 28.15 -11.07 -62.89
N GLU B 69 28.04 -10.67 -61.63
CA GLU B 69 26.85 -9.96 -61.13
C GLU B 69 26.54 -8.70 -61.95
N ARG B 70 27.57 -7.93 -62.30
CA ARG B 70 27.42 -6.68 -63.05
C ARG B 70 27.05 -6.94 -64.52
N ILE B 71 27.64 -7.96 -65.15
CA ILE B 71 27.23 -8.36 -66.50
C ILE B 71 25.82 -8.96 -66.50
N ALA B 72 25.40 -9.63 -65.43
CA ALA B 72 24.03 -10.09 -65.29
C ALA B 72 23.04 -8.92 -65.17
N ALA B 73 23.38 -7.89 -64.40
CA ALA B 73 22.56 -6.69 -64.27
C ALA B 73 22.41 -5.93 -65.61
N LEU B 74 23.47 -5.90 -66.44
CA LEU B 74 23.43 -5.31 -67.77
C LEU B 74 22.40 -5.99 -68.70
N GLY B 75 22.08 -7.25 -68.46
CA GLY B 75 21.12 -8.02 -69.25
C GLY B 75 21.72 -8.73 -70.48
N ASP B 76 20.92 -8.86 -71.53
CA ASP B 76 21.28 -9.64 -72.72
C ASP B 76 22.54 -9.06 -73.39
N VAL B 77 23.56 -9.88 -73.66
CA VAL B 77 24.92 -9.45 -74.00
C VAL B 77 25.64 -10.49 -74.85
N ILE B 78 26.57 -10.07 -75.71
CA ILE B 78 27.51 -10.98 -76.37
C ILE B 78 28.81 -10.96 -75.56
N LEU B 79 28.91 -11.80 -74.55
CA LEU B 79 30.10 -11.94 -73.72
C LEU B 79 31.17 -12.76 -74.45
N ASP B 80 32.42 -12.39 -74.31
CA ASP B 80 33.56 -13.03 -74.97
C ASP B 80 34.61 -13.49 -73.94
N THR B 81 34.96 -14.78 -73.94
CA THR B 81 36.06 -15.35 -73.15
C THR B 81 36.45 -16.74 -73.67
N HIS B 82 37.63 -17.27 -73.32
CA HIS B 82 37.98 -18.65 -73.65
C HIS B 82 37.25 -19.63 -72.72
N CYS B 83 36.74 -20.76 -73.25
CA CYS B 83 36.14 -21.81 -72.42
C CYS B 83 37.20 -22.65 -71.68
N THR B 84 38.35 -22.95 -72.28
CA THR B 84 39.52 -23.44 -71.55
C THR B 84 40.79 -22.73 -72.02
N ILE B 85 41.65 -22.37 -71.07
CA ILE B 85 42.90 -21.67 -71.33
C ILE B 85 44.04 -22.66 -71.13
N LYS B 86 44.93 -22.83 -72.10
CA LYS B 86 46.08 -23.71 -71.94
C LYS B 86 47.17 -23.05 -71.11
N THR B 87 47.73 -23.76 -70.14
CA THR B 87 48.75 -23.27 -69.19
C THR B 87 49.86 -24.32 -69.01
N PRO B 88 51.01 -24.00 -68.39
CA PRO B 88 52.06 -24.99 -68.11
C PRO B 88 51.57 -26.21 -67.33
N LYS B 89 50.61 -26.00 -66.41
CA LYS B 89 49.93 -27.06 -65.64
C LYS B 89 48.77 -27.73 -66.39
N GLY B 90 48.60 -27.50 -67.69
CA GLY B 90 47.50 -28.03 -68.49
C GLY B 90 46.32 -27.06 -68.65
N TYR B 91 45.15 -27.58 -69.01
CA TYR B 91 43.96 -26.79 -69.32
C TYR B 91 43.31 -26.22 -68.05
N LEU B 92 43.00 -24.93 -68.05
CA LEU B 92 42.28 -24.24 -66.98
C LEU B 92 40.85 -23.93 -67.43
N PRO B 93 39.80 -24.31 -66.69
CA PRO B 93 38.43 -23.94 -66.99
C PRO B 93 38.23 -22.42 -66.98
N GLY B 94 37.73 -21.85 -68.06
CA GLY B 94 37.53 -20.41 -68.20
C GLY B 94 36.31 -19.90 -67.43
N LEU B 95 35.30 -20.74 -67.19
CA LEU B 95 34.03 -20.36 -66.56
C LEU B 95 33.67 -21.28 -65.39
N PRO B 96 34.22 -21.03 -64.19
CA PRO B 96 33.86 -21.79 -63.00
C PRO B 96 32.38 -21.71 -62.65
N ARG B 97 31.89 -22.65 -61.84
CA ARG B 97 30.49 -22.68 -61.40
C ARG B 97 30.01 -21.37 -60.76
N TRP B 98 30.84 -20.68 -59.98
CA TRP B 98 30.47 -19.40 -59.37
C TRP B 98 30.28 -18.27 -60.39
N VAL B 99 30.81 -18.38 -61.61
CA VAL B 99 30.45 -17.47 -62.71
C VAL B 99 29.10 -17.85 -63.30
N LEU B 100 28.90 -19.13 -63.62
CA LEU B 100 27.66 -19.62 -64.25
C LEU B 100 26.42 -19.34 -63.39
N GLU B 101 26.48 -19.56 -62.09
CA GLU B 101 25.35 -19.30 -61.20
C GLU B 101 24.93 -17.82 -61.17
N LYS B 102 25.84 -16.89 -61.53
CA LYS B 102 25.54 -15.46 -61.67
C LYS B 102 25.10 -15.08 -63.08
N LEU B 103 25.85 -15.44 -64.13
CA LEU B 103 25.52 -15.07 -65.52
C LEU B 103 24.25 -15.77 -66.04
N ARG B 104 24.06 -17.04 -65.70
CA ARG B 104 22.98 -17.91 -66.18
C ARG B 104 22.81 -17.87 -67.71
N PRO B 105 23.85 -18.19 -68.51
CA PRO B 105 23.82 -18.06 -69.96
C PRO B 105 22.67 -18.81 -70.62
N SER B 106 22.11 -18.27 -71.71
CA SER B 106 21.14 -18.99 -72.53
C SER B 106 21.79 -19.83 -73.63
N VAL B 107 22.95 -19.39 -74.15
CA VAL B 107 23.70 -20.12 -75.18
C VAL B 107 25.18 -20.02 -74.91
N ILE B 108 25.90 -21.13 -75.08
CA ILE B 108 27.35 -21.16 -75.23
C ILE B 108 27.64 -21.44 -76.70
N LEU B 109 28.39 -20.58 -77.37
CA LEU B 109 28.75 -20.75 -78.77
C LEU B 109 30.22 -21.09 -78.86
N LEU B 110 30.54 -22.17 -79.58
CA LEU B 110 31.87 -22.70 -79.72
C LEU B 110 32.31 -22.66 -81.19
N VAL B 111 33.39 -21.96 -81.50
CA VAL B 111 33.89 -21.81 -82.88
C VAL B 111 35.00 -22.84 -83.13
N GLU B 112 34.93 -23.55 -84.26
CA GLU B 112 35.88 -24.60 -84.62
C GLU B 112 36.36 -24.48 -86.06
N ALA B 113 37.55 -24.99 -86.34
CA ALA B 113 38.14 -25.13 -87.67
C ALA B 113 39.06 -26.35 -87.69
N ASP B 114 39.46 -26.85 -88.85
CA ASP B 114 40.31 -28.05 -88.91
C ASP B 114 41.67 -27.79 -88.22
N PRO B 115 42.21 -28.73 -87.42
CA PRO B 115 43.54 -28.60 -86.84
C PRO B 115 44.62 -28.20 -87.85
N LYS B 116 44.56 -28.67 -89.09
CA LYS B 116 45.50 -28.30 -90.15
C LYS B 116 45.37 -26.85 -90.58
N GLU B 117 44.15 -26.32 -90.66
CA GLU B 117 43.92 -24.90 -90.93
C GLU B 117 44.48 -24.04 -89.80
N ILE B 118 44.16 -24.40 -88.55
CA ILE B 118 44.64 -23.66 -87.38
C ILE B 118 46.16 -23.71 -87.31
N TYR B 119 46.76 -24.88 -87.53
CA TYR B 119 48.21 -25.00 -87.59
C TYR B 119 48.81 -24.12 -88.69
N GLY B 120 48.19 -24.08 -89.88
CA GLY B 120 48.58 -23.17 -90.96
C GLY B 120 48.55 -21.71 -90.52
N ARG B 121 47.46 -21.25 -89.90
CA ARG B 121 47.36 -19.88 -89.36
C ARG B 121 48.41 -19.60 -88.29
N ARG B 122 48.61 -20.54 -87.36
CA ARG B 122 49.63 -20.41 -86.30
C ARG B 122 51.05 -20.38 -86.86
N LEU B 123 51.33 -21.11 -87.92
CA LEU B 123 52.62 -21.09 -88.60
C LEU B 123 52.87 -19.77 -89.35
N LYS B 124 51.83 -19.22 -90.00
CA LYS B 124 51.87 -17.95 -90.73
C LYS B 124 51.87 -16.71 -89.83
N ASP B 125 51.44 -16.84 -88.58
CA ASP B 125 51.53 -15.78 -87.58
C ASP B 125 52.99 -15.46 -87.20
N ASP B 133 52.25 -26.00 -81.37
CA ASP B 133 51.82 -27.35 -81.02
C ASP B 133 51.43 -28.15 -82.27
N SER B 134 51.46 -29.48 -82.18
CA SER B 134 51.02 -30.36 -83.26
C SER B 134 49.51 -30.24 -83.54
N GLU B 135 49.09 -30.71 -84.71
CA GLU B 135 47.68 -30.90 -85.02
C GLU B 135 46.99 -31.82 -84.00
N GLU B 136 47.70 -32.77 -83.42
CA GLU B 136 47.17 -33.64 -82.36
C GLU B 136 46.86 -32.84 -81.09
N GLU B 137 47.76 -31.95 -80.67
CA GLU B 137 47.54 -31.10 -79.51
C GLU B 137 46.44 -30.05 -79.75
N ILE B 138 46.30 -29.58 -80.99
CA ILE B 138 45.17 -28.74 -81.37
C ILE B 138 43.86 -29.52 -81.27
N ALA B 139 43.80 -30.73 -81.85
CA ALA B 139 42.62 -31.58 -81.77
C ALA B 139 42.25 -31.95 -80.32
N GLU B 140 43.24 -32.20 -79.48
CA GLU B 140 43.05 -32.40 -78.04
C GLU B 140 42.40 -31.17 -77.40
N HIS B 141 42.94 -29.97 -77.62
CA HIS B 141 42.36 -28.76 -77.02
C HIS B 141 40.92 -28.53 -77.48
N GLN B 142 40.60 -28.78 -78.75
CA GLN B 142 39.22 -28.74 -79.21
C GLN B 142 38.33 -29.77 -78.50
N MET B 143 38.76 -31.02 -78.39
CA MET B 143 37.99 -32.04 -77.67
C MET B 143 37.77 -31.65 -76.22
N MET B 144 38.79 -31.14 -75.53
CA MET B 144 38.62 -30.63 -74.17
C MET B 144 37.64 -29.46 -74.11
N ASN B 145 37.63 -28.57 -75.10
CA ASN B 145 36.63 -27.50 -75.15
C ASN B 145 35.21 -28.07 -75.28
N ARG B 146 34.97 -29.05 -76.14
CA ARG B 146 33.63 -29.65 -76.26
C ARG B 146 33.18 -30.25 -74.93
N ALA B 147 34.05 -30.98 -74.26
CA ALA B 147 33.77 -31.53 -72.95
C ALA B 147 33.45 -30.44 -71.93
N ALA B 148 34.23 -29.36 -71.90
CA ALA B 148 34.00 -28.24 -71.00
C ALA B 148 32.68 -27.54 -71.28
N ALA B 149 32.38 -27.26 -72.54
CA ALA B 149 31.15 -26.59 -72.93
C ALA B 149 29.92 -27.36 -72.47
N MET B 150 29.89 -28.68 -72.69
CA MET B 150 28.74 -29.46 -72.28
C MET B 150 28.64 -29.60 -70.75
N ALA B 151 29.76 -29.66 -70.03
CA ALA B 151 29.74 -29.60 -68.58
C ALA B 151 29.24 -28.24 -68.04
N TYR B 152 29.50 -27.13 -68.75
CA TYR B 152 28.88 -25.84 -68.43
C TYR B 152 27.38 -25.86 -68.71
N ALA B 153 26.96 -26.50 -69.79
CA ALA B 153 25.56 -26.59 -70.15
C ALA B 153 24.75 -27.28 -69.05
N SER B 154 25.14 -28.47 -68.60
CA SER B 154 24.39 -29.21 -67.58
C SER B 154 24.33 -28.50 -66.23
N LEU B 155 25.28 -27.63 -65.91
CA LEU B 155 25.25 -26.81 -64.71
C LEU B 155 24.25 -25.65 -64.78
N SER B 156 23.89 -25.20 -65.98
CA SER B 156 23.26 -23.90 -66.19
C SER B 156 21.95 -23.94 -67.00
N GLY B 157 21.67 -25.02 -67.70
CA GLY B 157 20.58 -25.10 -68.68
C GLY B 157 20.89 -24.38 -70.00
N ALA B 158 22.10 -23.87 -70.21
CA ALA B 158 22.46 -23.22 -71.47
C ALA B 158 22.45 -24.18 -72.66
N THR B 159 22.00 -23.70 -73.80
CA THR B 159 22.15 -24.43 -75.08
C THR B 159 23.61 -24.41 -75.51
N VAL B 160 24.07 -25.35 -76.32
CA VAL B 160 25.43 -25.33 -76.91
C VAL B 160 25.37 -25.40 -78.43
N LYS B 161 26.02 -24.46 -79.12
CA LYS B 161 26.07 -24.38 -80.59
C LYS B 161 27.51 -24.49 -81.07
N ILE B 162 27.78 -25.34 -82.06
CA ILE B 162 29.10 -25.42 -82.70
C ILE B 162 29.06 -24.75 -84.07
N VAL B 163 30.03 -23.91 -84.39
CA VAL B 163 30.14 -23.17 -85.66
C VAL B 163 31.47 -23.45 -86.34
N PHE B 164 31.46 -23.98 -87.56
CA PHE B 164 32.67 -24.10 -88.37
C PHE B 164 33.09 -22.77 -88.98
N ASN B 165 34.39 -22.50 -89.02
CA ASN B 165 34.99 -21.29 -89.59
C ASN B 165 36.23 -21.62 -90.43
N HIS B 166 36.05 -22.44 -91.47
CA HIS B 166 37.11 -22.76 -92.44
C HIS B 166 37.64 -21.50 -93.14
N ASP B 167 38.91 -21.49 -93.55
CA ASP B 167 39.66 -20.26 -93.89
C ASP B 167 38.92 -19.27 -94.81
N ASN B 168 38.43 -19.73 -95.97
CA ASN B 168 37.73 -18.88 -96.93
C ASN B 168 36.24 -18.67 -96.59
N ARG B 169 35.65 -19.57 -95.80
CA ARG B 169 34.20 -19.76 -95.67
C ARG B 169 33.58 -18.94 -94.53
N LEU B 170 34.05 -17.71 -94.34
CA LEU B 170 33.53 -16.81 -93.30
C LEU B 170 32.01 -16.60 -93.44
N ASP B 171 31.47 -16.59 -94.65
CA ASP B 171 30.03 -16.50 -94.87
C ASP B 171 29.26 -17.67 -94.24
N ASP B 172 29.81 -18.89 -94.27
CA ASP B 172 29.20 -20.04 -93.58
C ASP B 172 29.21 -19.86 -92.07
N ALA B 173 30.33 -19.40 -91.51
CA ALA B 173 30.43 -19.14 -90.08
C ALA B 173 29.41 -18.09 -89.64
N VAL B 174 29.31 -16.97 -90.36
CA VAL B 174 28.36 -15.89 -90.05
C VAL B 174 26.91 -16.34 -90.26
N ARG B 175 26.62 -17.12 -91.30
CA ARG B 175 25.29 -17.69 -91.54
C ARG B 175 24.87 -18.67 -90.45
N ASP B 176 25.79 -19.46 -89.90
CA ASP B 176 25.51 -20.31 -88.75
C ASP B 176 25.38 -19.52 -87.45
N ALA B 177 26.16 -18.45 -87.26
CA ALA B 177 26.16 -17.67 -86.04
C ALA B 177 24.93 -16.75 -85.88
N ALA B 178 24.54 -16.04 -86.93
CA ALA B 178 23.48 -15.02 -86.84
C ALA B 178 22.12 -15.53 -86.31
N PRO B 179 21.63 -16.74 -86.64
CA PRO B 179 20.42 -17.33 -86.06
C PRO B 179 20.38 -17.44 -84.54
N VAL B 180 21.53 -17.41 -83.86
CA VAL B 180 21.62 -17.52 -82.39
C VAL B 180 21.20 -16.21 -81.71
N LEU B 181 21.44 -15.08 -82.36
CA LEU B 181 21.42 -13.72 -81.81
C LEU B 181 20.00 -13.16 -81.61
N ILE C 4 47.11 -3.10 63.51
CA ILE C 4 48.40 -2.73 64.15
C ILE C 4 49.54 -3.34 63.34
N VAL C 5 50.71 -2.72 63.29
CA VAL C 5 51.95 -3.32 62.76
C VAL C 5 53.06 -3.19 63.79
N VAL C 6 53.79 -4.27 64.08
CA VAL C 6 54.93 -4.25 65.00
C VAL C 6 56.23 -4.46 64.24
N THR C 7 57.27 -3.70 64.56
CA THR C 7 58.52 -3.65 63.79
C THR C 7 59.75 -3.47 64.67
N GLY C 8 60.92 -3.91 64.19
CA GLY C 8 62.18 -3.80 64.92
C GLY C 8 63.38 -4.39 64.16
N ILE C 9 64.58 -3.95 64.54
CA ILE C 9 65.85 -4.44 64.01
C ILE C 9 66.19 -5.84 64.56
N PRO C 10 66.69 -6.79 63.76
CA PRO C 10 67.12 -8.10 64.25
C PRO C 10 68.09 -8.02 65.44
N GLY C 11 67.70 -8.64 66.55
CA GLY C 11 68.39 -8.57 67.85
C GLY C 11 67.70 -7.71 68.91
N VAL C 12 66.74 -6.86 68.54
CA VAL C 12 66.08 -5.95 69.51
C VAL C 12 65.08 -6.63 70.45
N GLY C 13 64.69 -7.88 70.17
CA GLY C 13 63.77 -8.65 71.02
C GLY C 13 62.30 -8.49 70.68
N LYS C 14 61.98 -8.11 69.43
CA LYS C 14 60.62 -7.86 68.92
C LYS C 14 59.62 -8.93 69.35
N THR C 15 59.93 -10.21 69.10
CA THR C 15 58.98 -11.30 69.37
C THR C 15 58.63 -11.42 70.84
N THR C 16 59.60 -11.25 71.75
CA THR C 16 59.37 -11.35 73.20
C THR C 16 58.40 -10.28 73.69
N VAL C 17 58.63 -9.01 73.32
CA VAL C 17 57.73 -7.90 73.72
C VAL C 17 56.34 -8.08 73.13
N MET C 18 56.25 -8.49 71.86
CA MET C 18 54.96 -8.78 71.23
C MET C 18 54.23 -9.92 71.95
N GLN C 19 54.88 -11.06 72.17
CA GLN C 19 54.27 -12.24 72.82
C GLN C 19 53.73 -11.91 74.21
N LYS C 20 54.52 -11.18 75.00
CA LYS C 20 54.12 -10.77 76.35
C LYS C 20 52.99 -9.75 76.34
N ALA C 21 53.07 -8.68 75.56
CA ALA C 21 52.01 -7.66 75.53
C ALA C 21 50.70 -8.19 74.94
N ALA C 22 50.77 -9.06 73.93
CA ALA C 22 49.60 -9.69 73.32
C ALA C 22 48.91 -10.72 74.24
N GLU C 23 49.46 -11.06 75.40
CA GLU C 23 48.89 -12.04 76.32
C GLU C 23 47.46 -11.67 76.73
N GLY C 24 46.53 -12.62 76.61
CA GLY C 24 45.10 -12.42 76.87
C GLY C 24 44.35 -11.58 75.83
N SER C 25 45.00 -11.09 74.77
CA SER C 25 44.32 -10.35 73.71
C SER C 25 43.50 -11.27 72.80
N PRO C 26 42.31 -10.87 72.33
CA PRO C 26 41.58 -11.58 71.29
C PRO C 26 42.17 -11.39 69.88
N LEU C 27 43.20 -10.57 69.69
CA LEU C 27 43.72 -10.26 68.35
C LEU C 27 44.48 -11.44 67.71
N PRO C 28 44.26 -11.74 66.42
CA PRO C 28 45.10 -12.67 65.66
C PRO C 28 46.53 -12.16 65.49
N ARG C 29 47.48 -13.08 65.32
CA ARG C 29 48.92 -12.83 65.23
C ARG C 29 49.44 -13.32 63.88
N VAL C 30 50.10 -12.47 63.11
CA VAL C 30 50.32 -12.75 61.68
C VAL C 30 51.69 -12.27 61.20
N PRO C 31 52.62 -13.15 60.83
CA PRO C 31 53.82 -12.75 60.09
C PRO C 31 53.48 -12.51 58.62
N LEU C 32 53.78 -11.31 58.09
CA LEU C 32 53.38 -10.93 56.74
C LEU C 32 54.06 -11.77 55.65
N GLU C 33 55.32 -12.13 55.85
CA GLU C 33 56.06 -12.98 54.89
C GLU C 33 55.40 -14.36 54.79
N GLY C 34 54.96 -14.90 55.93
CA GLY C 34 54.19 -16.12 56.01
C GLY C 34 52.89 -16.04 55.22
N VAL C 35 52.13 -14.95 55.35
CA VAL C 35 50.91 -14.76 54.54
C VAL C 35 51.25 -14.70 53.06
N MET C 36 52.29 -13.94 52.68
CA MET C 36 52.71 -13.86 51.28
C MET C 36 53.06 -15.25 50.72
N TYR C 37 53.80 -16.05 51.48
CA TYR C 37 54.13 -17.42 51.09
C TYR C 37 52.86 -18.27 50.94
N GLY C 38 51.93 -18.21 51.91
CA GLY C 38 50.65 -18.92 51.84
C GLY C 38 49.82 -18.51 50.62
N VAL C 39 49.70 -17.20 50.34
CA VAL C 39 48.97 -16.71 49.18
C VAL C 39 49.63 -17.16 47.87
N ALA C 40 50.96 -17.02 47.76
CA ALA C 40 51.70 -17.47 46.59
C ALA C 40 51.56 -18.99 46.37
N LYS C 41 51.70 -19.77 47.44
CA LYS C 41 51.58 -21.23 47.44
C LYS C 41 50.20 -21.69 46.98
N ARG C 42 49.14 -21.05 47.49
CA ARG C 42 47.74 -21.37 47.14
C ARG C 42 47.33 -20.86 45.76
N MET C 43 47.97 -19.81 45.27
CA MET C 43 47.92 -19.41 43.86
C MET C 43 48.80 -20.29 42.95
N GLY C 44 49.55 -21.24 43.51
CA GLY C 44 50.39 -22.20 42.78
C GLY C 44 51.74 -21.65 42.30
N LEU C 45 52.11 -20.43 42.71
CA LEU C 45 53.32 -19.74 42.25
C LEU C 45 54.62 -20.32 42.82
N VAL C 46 54.54 -20.96 43.99
CA VAL C 46 55.65 -21.58 44.73
C VAL C 46 55.18 -22.85 45.44
N LYS C 47 56.13 -23.64 45.92
CA LYS C 47 55.91 -24.71 46.90
C LYS C 47 56.77 -24.55 48.13
N ASP C 48 57.97 -23.96 48.04
CA ASP C 48 58.92 -23.85 49.16
C ASP C 48 59.27 -22.39 49.51
N ILE C 49 59.52 -22.10 50.79
CA ILE C 49 59.64 -20.72 51.32
C ILE C 49 60.77 -19.92 50.67
N ASP C 50 61.86 -20.58 50.27
CA ASP C 50 62.98 -19.93 49.58
C ASP C 50 62.64 -19.48 48.15
N GLU C 51 61.61 -20.06 47.51
CA GLU C 51 61.22 -19.68 46.16
C GLU C 51 60.61 -18.28 46.09
N MET C 52 60.13 -17.73 47.21
CA MET C 52 59.60 -16.37 47.27
C MET C 52 60.62 -15.32 46.80
N ARG C 53 61.92 -15.55 47.07
CA ARG C 53 63.02 -14.67 46.64
C ARG C 53 63.29 -14.75 45.13
N ARG C 54 62.79 -15.79 44.47
CA ARG C 54 63.00 -16.07 43.04
C ARG C 54 61.89 -15.52 42.15
N LEU C 55 60.76 -15.10 42.73
CA LEU C 55 59.61 -14.57 42.00
C LEU C 55 59.95 -13.27 41.25
N SER C 56 59.30 -13.07 40.10
CA SER C 56 59.38 -11.82 39.35
C SER C 56 58.87 -10.64 40.18
N PRO C 57 59.59 -9.51 40.29
CA PRO C 57 59.20 -8.37 41.11
C PRO C 57 57.76 -7.88 40.89
N ASP C 58 57.27 -7.83 39.66
CA ASP C 58 55.89 -7.38 39.37
C ASP C 58 54.81 -8.41 39.71
N VAL C 59 55.17 -9.70 39.81
CA VAL C 59 54.32 -10.70 40.46
C VAL C 59 54.34 -10.49 41.97
N GLN C 60 55.51 -10.23 42.54
CA GLN C 60 55.67 -10.01 43.98
C GLN C 60 54.91 -8.78 44.48
N LYS C 61 54.78 -7.71 43.68
CA LYS C 61 53.86 -6.59 43.97
C LYS C 61 52.42 -7.05 44.12
N GLU C 62 51.92 -7.90 43.23
CA GLU C 62 50.56 -8.41 43.33
C GLU C 62 50.38 -9.41 44.48
N VAL C 63 51.39 -10.25 44.78
CA VAL C 63 51.38 -11.08 45.99
C VAL C 63 51.27 -10.21 47.25
N GLN C 64 52.05 -9.14 47.36
CA GLN C 64 51.91 -8.17 48.46
C GLN C 64 50.51 -7.56 48.49
N LYS C 65 49.99 -7.12 47.35
CA LYS C 65 48.65 -6.54 47.24
C LYS C 65 47.57 -7.50 47.72
N LYS C 66 47.57 -8.75 47.24
CA LYS C 66 46.59 -9.78 47.64
C LYS C 66 46.73 -10.18 49.11
N ALA C 67 47.95 -10.36 49.61
CA ALA C 67 48.16 -10.64 51.03
C ALA C 67 47.59 -9.51 51.90
N ALA C 68 47.85 -8.25 51.55
CA ALA C 68 47.30 -7.12 52.28
C ALA C 68 45.76 -7.09 52.21
N GLU C 69 45.15 -7.30 51.04
CA GLU C 69 43.69 -7.34 50.92
C GLU C 69 43.08 -8.40 51.84
N ARG C 70 43.69 -9.58 51.90
CA ARG C 70 43.18 -10.69 52.73
C ARG C 70 43.36 -10.40 54.22
N ILE C 71 44.43 -9.74 54.63
CA ILE C 71 44.57 -9.29 56.02
C ILE C 71 43.59 -8.14 56.33
N ALA C 72 43.32 -7.25 55.37
CA ALA C 72 42.32 -6.20 55.56
C ALA C 72 40.91 -6.78 55.74
N ALA C 73 40.57 -7.86 55.02
CA ALA C 73 39.32 -8.58 55.21
C ALA C 73 39.25 -9.23 56.60
N LEU C 74 40.34 -9.83 57.10
CA LEU C 74 40.42 -10.38 58.45
C LEU C 74 40.20 -9.29 59.52
N GLY C 75 40.58 -8.05 59.24
CA GLY C 75 40.39 -6.91 60.13
C GLY C 75 41.51 -6.74 61.17
N ASP C 76 41.15 -6.30 62.36
CA ASP C 76 42.10 -5.90 63.40
C ASP C 76 43.02 -7.05 63.82
N VAL C 77 44.33 -6.83 63.80
CA VAL C 77 45.37 -7.86 63.85
C VAL C 77 46.68 -7.29 64.42
N ILE C 78 47.51 -8.12 65.05
CA ILE C 78 48.90 -7.76 65.35
C ILE C 78 49.78 -8.30 64.22
N LEU C 79 49.94 -7.52 63.15
CA LEU C 79 50.79 -7.90 62.03
C LEU C 79 52.27 -7.73 62.40
N ASP C 80 53.12 -8.63 61.93
CA ASP C 80 54.55 -8.65 62.22
C ASP C 80 55.39 -8.64 60.92
N THR C 81 56.28 -7.66 60.76
CA THR C 81 57.28 -7.59 59.69
C THR C 81 58.36 -6.55 60.01
N HIS C 82 59.52 -6.57 59.32
CA HIS C 82 60.50 -5.49 59.44
C HIS C 82 60.04 -4.22 58.70
N CYS C 83 60.31 -3.03 59.23
CA CYS C 83 60.06 -1.78 58.50
C CYS C 83 61.13 -1.48 57.45
N THR C 84 62.40 -1.75 57.71
CA THR C 84 63.43 -1.81 56.67
C THR C 84 64.35 -3.02 56.84
N ILE C 85 64.65 -3.69 55.73
CA ILE C 85 65.47 -4.89 55.69
C ILE C 85 66.83 -4.50 55.15
N LYS C 86 67.92 -4.82 55.84
CA LYS C 86 69.26 -4.53 55.32
C LYS C 86 69.67 -5.58 54.27
N THR C 87 70.19 -5.14 53.12
CA THR C 87 70.54 -6.00 51.99
C THR C 87 71.90 -5.59 51.40
N PRO C 88 72.53 -6.39 50.51
CA PRO C 88 73.77 -6.01 49.84
C PRO C 88 73.72 -4.65 49.14
N LYS C 89 72.57 -4.29 48.55
CA LYS C 89 72.33 -2.99 47.90
C LYS C 89 71.81 -1.89 48.84
N GLY C 90 71.86 -2.10 50.16
CA GLY C 90 71.38 -1.13 51.17
C GLY C 90 70.03 -1.49 51.78
N TYR C 91 69.37 -0.53 52.43
CA TYR C 91 68.09 -0.72 53.09
C TYR C 91 66.94 -0.84 52.11
N LEU C 92 66.09 -1.85 52.27
CA LEU C 92 64.88 -2.07 51.49
C LEU C 92 63.65 -1.74 52.35
N PRO C 93 62.74 -0.86 51.92
CA PRO C 93 61.46 -0.63 52.58
C PRO C 93 60.61 -1.89 52.68
N GLY C 94 60.20 -2.28 53.88
CA GLY C 94 59.39 -3.46 54.13
C GLY C 94 57.92 -3.30 53.78
N LEU C 95 57.41 -2.06 53.76
CA LEU C 95 56.00 -1.76 53.51
C LEU C 95 55.84 -0.70 52.41
N PRO C 96 55.85 -1.08 51.13
CA PRO C 96 55.55 -0.17 50.03
C PRO C 96 54.17 0.47 50.14
N ARG C 97 53.94 1.58 49.45
CA ARG C 97 52.66 2.28 49.41
C ARG C 97 51.47 1.38 49.02
N TRP C 98 51.66 0.45 48.08
CA TRP C 98 50.59 -0.48 47.68
C TRP C 98 50.21 -1.48 48.79
N VAL C 99 51.04 -1.69 49.81
CA VAL C 99 50.62 -2.41 51.02
C VAL C 99 49.78 -1.50 51.92
N LEU C 100 50.25 -0.29 52.20
CA LEU C 100 49.58 0.65 53.10
C LEU C 100 48.17 1.02 52.62
N GLU C 101 47.99 1.26 51.33
CA GLU C 101 46.67 1.60 50.78
C GLU C 101 45.63 0.48 50.94
N LYS C 102 46.08 -0.78 51.12
CA LYS C 102 45.22 -1.93 51.39
C LYS C 102 45.04 -2.17 52.90
N LEU C 103 46.12 -2.26 53.68
CA LEU C 103 46.02 -2.52 55.13
C LEU C 103 45.38 -1.35 55.90
N ARG C 104 45.72 -0.12 55.53
CA ARG C 104 45.32 1.11 56.23
C ARG C 104 45.57 1.03 57.75
N PRO C 105 46.82 0.83 58.20
CA PRO C 105 47.15 0.62 59.62
C PRO C 105 46.68 1.75 60.52
N SER C 106 46.26 1.44 61.75
CA SER C 106 45.98 2.46 62.77
C SER C 106 47.22 2.83 63.58
N VAL C 107 48.14 1.91 63.82
CA VAL C 107 49.38 2.16 64.58
C VAL C 107 50.55 1.43 63.95
N ILE C 108 51.70 2.08 63.88
CA ILE C 108 52.99 1.46 63.65
C ILE C 108 53.75 1.48 64.96
N LEU C 109 54.24 0.34 65.43
CA LEU C 109 55.04 0.25 66.64
C LEU C 109 56.48 -0.11 66.27
N LEU C 110 57.42 0.67 66.78
CA LEU C 110 58.85 0.50 66.55
C LEU C 110 59.56 0.20 67.86
N VAL C 111 60.21 -0.95 67.95
CA VAL C 111 60.95 -1.37 69.15
C VAL C 111 62.41 -0.96 69.05
N GLU C 112 62.99 -0.42 70.13
CA GLU C 112 64.38 0.04 70.16
C GLU C 112 65.12 -0.41 71.43
N ALA C 113 66.44 -0.50 71.34
CA ALA C 113 67.36 -0.72 72.46
C ALA C 113 68.69 -0.02 72.14
N ASP C 114 69.57 0.16 73.13
CA ASP C 114 70.85 0.82 72.85
C ASP C 114 71.70 0.00 71.85
N PRO C 115 72.36 0.62 70.87
CA PRO C 115 73.26 -0.09 69.96
C PRO C 115 74.29 -0.99 70.66
N LYS C 116 74.78 -0.61 71.85
CA LYS C 116 75.70 -1.43 72.64
C LYS C 116 75.04 -2.68 73.22
N GLU C 117 73.78 -2.57 73.65
CA GLU C 117 72.99 -3.72 74.07
C GLU C 117 72.77 -4.68 72.90
N ILE C 118 72.34 -4.14 71.75
CA ILE C 118 72.08 -4.93 70.54
C ILE C 118 73.37 -5.59 70.06
N TYR C 119 74.48 -4.86 70.05
CA TYR C 119 75.78 -5.41 69.70
C TYR C 119 76.18 -6.54 70.66
N GLY C 120 75.95 -6.38 71.97
CA GLY C 120 76.14 -7.43 72.95
C GLY C 120 75.31 -8.68 72.64
N ARG C 121 74.00 -8.54 72.39
CA ARG C 121 73.12 -9.66 72.03
C ARG C 121 73.56 -10.36 70.74
N ARG C 122 73.97 -9.59 69.74
CA ARG C 122 74.48 -10.12 68.47
C ARG C 122 75.82 -10.82 68.64
N LEU C 123 76.71 -10.30 69.47
CA LEU C 123 77.99 -10.92 69.77
C LEU C 123 77.82 -12.24 70.54
N LYS C 124 76.81 -12.33 71.40
CA LYS C 124 76.43 -13.54 72.16
C LYS C 124 75.63 -14.56 71.35
N ASP C 125 75.10 -14.18 70.19
CA ASP C 125 74.45 -15.11 69.27
C ASP C 125 75.48 -15.99 68.52
N ASP C 133 77.64 -6.03 62.32
CA ASP C 133 77.63 -4.59 62.12
C ASP C 133 78.27 -3.85 63.31
N SER C 134 78.89 -2.70 63.08
CA SER C 134 79.31 -1.81 64.18
C SER C 134 78.11 -1.20 64.91
N GLU C 135 78.35 -0.67 66.11
CA GLU C 135 77.34 0.11 66.83
C GLU C 135 76.90 1.34 66.03
N GLU C 136 77.79 1.92 65.22
CA GLU C 136 77.45 3.02 64.32
C GLU C 136 76.47 2.58 63.24
N GLU C 137 76.69 1.42 62.62
CA GLU C 137 75.77 0.87 61.62
C GLU C 137 74.44 0.43 62.23
N ILE C 138 74.42 -0.02 63.48
CA ILE C 138 73.19 -0.28 64.20
C ILE C 138 72.43 1.03 64.45
N ALA C 139 73.10 2.06 64.96
CA ALA C 139 72.50 3.37 65.17
C ALA C 139 71.97 4.00 63.87
N GLU C 140 72.68 3.82 62.77
CA GLU C 140 72.22 4.20 61.44
C GLU C 140 70.93 3.45 61.07
N HIS C 141 70.90 2.11 61.18
CA HIS C 141 69.71 1.35 60.83
C HIS C 141 68.51 1.76 61.68
N GLN C 142 68.69 2.04 62.96
CA GLN C 142 67.62 2.62 63.79
C GLN C 142 67.13 3.97 63.26
N MET C 143 68.03 4.91 62.97
CA MET C 143 67.63 6.20 62.40
C MET C 143 66.89 6.02 61.08
N MET C 144 67.34 5.12 60.21
CA MET C 144 66.62 4.85 58.97
C MET C 144 65.23 4.28 59.24
N ASN C 145 65.07 3.43 60.26
CA ASN C 145 63.75 2.94 60.63
C ASN C 145 62.83 4.07 61.09
N ARG C 146 63.30 5.03 61.90
CA ARG C 146 62.47 6.18 62.30
C ARG C 146 62.00 6.97 61.10
N ALA C 147 62.88 7.25 60.16
CA ALA C 147 62.52 7.94 58.94
C ALA C 147 61.48 7.15 58.13
N ALA C 148 61.65 5.84 57.99
CA ALA C 148 60.69 5.00 57.29
C ALA C 148 59.32 4.96 57.99
N ALA C 149 59.30 4.80 59.31
CA ALA C 149 58.06 4.75 60.07
C ALA C 149 57.24 6.04 59.88
N MET C 150 57.88 7.20 60.01
CA MET C 150 57.17 8.46 59.87
C MET C 150 56.74 8.73 58.43
N ALA C 151 57.51 8.29 57.44
CA ALA C 151 57.05 8.33 56.05
C ALA C 151 55.79 7.46 55.85
N TYR C 152 55.77 6.24 56.37
CA TYR C 152 54.57 5.38 56.33
C TYR C 152 53.38 6.05 57.01
N ALA C 153 53.61 6.68 58.15
CA ALA C 153 52.55 7.39 58.87
C ALA C 153 51.93 8.48 58.00
N SER C 154 52.74 9.34 57.39
CA SER C 154 52.25 10.43 56.57
C SER C 154 51.44 9.98 55.35
N LEU C 155 51.70 8.78 54.82
CA LEU C 155 50.95 8.19 53.71
C LEU C 155 49.59 7.62 54.13
N SER C 156 49.40 7.33 55.42
CA SER C 156 48.35 6.42 55.89
C SER C 156 47.48 6.96 57.03
N GLY C 157 47.93 8.00 57.74
CA GLY C 157 47.29 8.47 58.97
C GLY C 157 47.56 7.58 60.18
N ALA C 158 48.43 6.57 60.08
CA ALA C 158 48.78 5.73 61.21
C ALA C 158 49.51 6.52 62.31
N THR C 159 49.21 6.24 63.57
CA THR C 159 50.01 6.74 64.70
C THR C 159 51.35 6.01 64.74
N VAL C 160 52.43 6.62 65.21
CA VAL C 160 53.73 5.95 65.41
C VAL C 160 54.11 5.92 66.88
N LYS C 161 54.37 4.73 67.43
CA LYS C 161 54.78 4.50 68.82
C LYS C 161 56.21 3.98 68.85
N ILE C 162 57.07 4.51 69.71
CA ILE C 162 58.39 3.96 69.99
C ILE C 162 58.41 3.29 71.37
N VAL C 163 58.96 2.08 71.47
CA VAL C 163 59.07 1.33 72.74
C VAL C 163 60.52 0.91 73.01
N PHE C 164 61.07 1.31 74.15
CA PHE C 164 62.39 0.82 74.59
C PHE C 164 62.30 -0.60 75.18
N ASN C 165 63.29 -1.44 74.90
CA ASN C 165 63.41 -2.82 75.39
C ASN C 165 64.84 -3.12 75.87
N HIS C 166 65.29 -2.42 76.91
CA HIS C 166 66.60 -2.65 77.52
C HIS C 166 66.73 -4.05 78.14
N ASP C 167 67.95 -4.60 78.20
CA ASP C 167 68.21 -6.03 78.46
C ASP C 167 67.49 -6.61 79.66
N ASN C 168 67.62 -5.98 80.83
CA ASN C 168 67.02 -6.47 82.08
C ASN C 168 65.53 -6.11 82.23
N ARG C 169 65.00 -5.22 81.39
CA ARG C 169 63.83 -4.38 81.69
C ARG C 169 62.62 -4.69 80.81
N LEU C 170 62.42 -5.97 80.47
CA LEU C 170 61.30 -6.42 79.63
C LEU C 170 59.94 -5.93 80.14
N ASP C 171 59.75 -5.82 81.45
CA ASP C 171 58.50 -5.30 82.03
C ASP C 171 58.22 -3.83 81.65
N ASP C 172 59.26 -2.99 81.48
CA ASP C 172 59.07 -1.62 80.98
C ASP C 172 58.57 -1.64 79.53
N ALA C 173 59.14 -2.50 78.67
CA ALA C 173 58.68 -2.64 77.29
C ALA C 173 57.22 -3.10 77.24
N VAL C 174 56.86 -4.15 77.99
CA VAL C 174 55.50 -4.71 78.00
C VAL C 174 54.49 -3.72 78.61
N ARG C 175 54.86 -3.01 79.68
CA ARG C 175 54.02 -1.97 80.29
C ARG C 175 53.79 -0.79 79.34
N ASP C 176 54.80 -0.40 78.58
CA ASP C 176 54.69 0.71 77.63
C ASP C 176 53.96 0.29 76.33
N ALA C 177 54.07 -0.98 75.93
CA ALA C 177 53.40 -1.51 74.75
C ALA C 177 51.90 -1.79 74.95
N ALA C 178 51.49 -2.35 76.09
CA ALA C 178 50.10 -2.76 76.32
C ALA C 178 49.03 -1.66 76.10
N PRO C 179 49.26 -0.37 76.44
CA PRO C 179 48.37 0.75 76.10
C PRO C 179 47.97 0.91 74.63
N VAL C 180 48.72 0.32 73.69
CA VAL C 180 48.41 0.39 72.26
C VAL C 180 47.25 -0.55 71.87
N LEU C 181 47.10 -1.67 72.58
CA LEU C 181 46.25 -2.82 72.23
C LEU C 181 44.77 -2.63 72.57
N ILE D 4 78.17 -12.32 -1.42
CA ILE D 4 79.56 -11.77 -1.44
C ILE D 4 79.78 -11.06 -2.76
N VAL D 5 80.45 -9.89 -2.79
CA VAL D 5 80.89 -9.25 -4.03
C VAL D 5 82.41 -9.18 -4.08
N VAL D 6 83.05 -9.64 -5.15
CA VAL D 6 84.51 -9.55 -5.34
C VAL D 6 84.84 -8.49 -6.38
N THR D 7 85.83 -7.63 -6.10
CA THR D 7 86.11 -6.43 -6.90
C THR D 7 87.61 -6.14 -7.01
N GLY D 8 88.02 -5.41 -8.04
CA GLY D 8 89.42 -5.05 -8.26
C GLY D 8 89.67 -4.23 -9.53
N ILE D 9 90.81 -3.54 -9.55
CA ILE D 9 91.31 -2.79 -10.70
C ILE D 9 91.82 -3.73 -11.82
N PRO D 10 91.52 -3.49 -13.11
CA PRO D 10 92.04 -4.32 -14.20
C PRO D 10 93.56 -4.46 -14.18
N GLY D 11 94.06 -5.70 -14.13
CA GLY D 11 95.47 -6.05 -13.95
C GLY D 11 95.85 -6.53 -12.54
N VAL D 12 94.98 -6.38 -11.54
CA VAL D 12 95.27 -6.81 -10.16
C VAL D 12 95.25 -8.33 -9.96
N GLY D 13 94.75 -9.10 -10.93
CA GLY D 13 94.69 -10.57 -10.87
C GLY D 13 93.46 -11.12 -10.14
N LYS D 14 92.36 -10.36 -10.10
CA LYS D 14 91.10 -10.70 -9.45
C LYS D 14 90.64 -12.13 -9.70
N THR D 15 90.59 -12.54 -10.97
CA THR D 15 90.06 -13.86 -11.35
C THR D 15 90.89 -14.99 -10.79
N THR D 16 92.22 -14.87 -10.77
CA THR D 16 93.11 -15.90 -10.22
C THR D 16 92.86 -16.12 -8.73
N VAL D 17 92.81 -15.05 -7.93
CA VAL D 17 92.55 -15.17 -6.49
C VAL D 17 91.15 -15.71 -6.22
N MET D 18 90.13 -15.25 -6.96
CA MET D 18 88.78 -15.79 -6.85
C MET D 18 88.73 -17.28 -7.18
N GLN D 19 89.29 -17.71 -8.31
CA GLN D 19 89.28 -19.11 -8.75
C GLN D 19 89.97 -20.03 -7.73
N LYS D 20 91.11 -19.61 -7.18
CA LYS D 20 91.84 -20.37 -6.17
C LYS D 20 91.12 -20.42 -4.83
N ALA D 21 90.58 -19.31 -4.33
CA ALA D 21 89.88 -19.28 -3.05
C ALA D 21 88.51 -19.98 -3.10
N ALA D 22 87.79 -19.88 -4.22
CA ALA D 22 86.51 -20.55 -4.43
C ALA D 22 86.60 -22.08 -4.63
N GLU D 23 87.81 -22.64 -4.68
CA GLU D 23 88.01 -24.09 -4.86
C GLU D 23 87.32 -24.90 -3.75
N GLY D 24 86.51 -25.90 -4.14
CA GLY D 24 85.69 -26.70 -3.22
C GLY D 24 84.49 -25.98 -2.59
N SER D 25 84.23 -24.71 -2.90
CA SER D 25 83.04 -24.01 -2.40
C SER D 25 81.76 -24.50 -3.07
N PRO D 26 80.64 -24.64 -2.34
CA PRO D 26 79.33 -24.87 -2.93
C PRO D 26 78.72 -23.60 -3.57
N LEU D 27 79.35 -22.43 -3.48
CA LEU D 27 78.74 -21.18 -3.93
C LEU D 27 78.71 -21.05 -5.48
N PRO D 28 77.59 -20.62 -6.08
CA PRO D 28 77.55 -20.24 -7.48
C PRO D 28 78.43 -19.03 -7.77
N ARG D 29 78.96 -18.95 -8.98
CA ARG D 29 79.93 -17.95 -9.46
C ARG D 29 79.30 -17.14 -10.58
N VAL D 30 79.20 -15.83 -10.43
CA VAL D 30 78.32 -15.04 -11.29
C VAL D 30 78.97 -13.73 -11.74
N PRO D 31 79.16 -13.46 -13.04
CA PRO D 31 79.50 -12.13 -13.54
C PRO D 31 78.23 -11.28 -13.68
N LEU D 32 78.16 -10.12 -13.02
CA LEU D 32 76.94 -9.32 -13.00
C LEU D 32 76.55 -8.79 -14.39
N GLU D 33 77.53 -8.40 -15.21
CA GLU D 33 77.28 -7.90 -16.57
C GLU D 33 76.71 -9.02 -17.47
N GLY D 34 77.18 -10.25 -17.24
CA GLY D 34 76.64 -11.44 -17.89
C GLY D 34 75.19 -11.68 -17.53
N VAL D 35 74.82 -11.57 -16.25
CA VAL D 35 73.42 -11.69 -15.84
C VAL D 35 72.57 -10.56 -16.42
N MET D 36 73.07 -9.32 -16.42
CA MET D 36 72.35 -8.21 -17.03
C MET D 36 72.08 -8.48 -18.51
N TYR D 37 73.10 -8.95 -19.25
CA TYR D 37 72.92 -9.34 -20.65
C TYR D 37 71.89 -10.46 -20.80
N GLY D 38 71.98 -11.52 -19.99
CA GLY D 38 71.01 -12.61 -19.99
C GLY D 38 69.59 -12.13 -19.72
N VAL D 39 69.39 -11.30 -18.70
CA VAL D 39 68.07 -10.76 -18.34
C VAL D 39 67.52 -9.88 -19.47
N ALA D 40 68.33 -8.97 -20.01
CA ALA D 40 67.91 -8.11 -21.11
C ALA D 40 67.59 -8.92 -22.39
N LYS D 41 68.42 -9.92 -22.71
CA LYS D 41 68.24 -10.83 -23.86
C LYS D 41 66.94 -11.62 -23.75
N ARG D 42 66.63 -12.17 -22.57
CA ARG D 42 65.40 -12.94 -22.33
C ARG D 42 64.15 -12.07 -22.19
N MET D 43 64.30 -10.82 -21.78
CA MET D 43 63.27 -9.78 -21.93
C MET D 43 63.14 -9.27 -23.38
N GLY D 44 64.02 -9.70 -24.29
CA GLY D 44 63.99 -9.34 -25.71
C GLY D 44 64.54 -7.95 -26.07
N LEU D 45 65.17 -7.25 -25.12
CA LEU D 45 65.65 -5.88 -25.29
C LEU D 45 66.90 -5.79 -26.18
N VAL D 46 67.66 -6.88 -26.28
CA VAL D 46 68.93 -7.02 -27.00
C VAL D 46 69.06 -8.43 -27.55
N LYS D 47 70.02 -8.64 -28.46
CA LYS D 47 70.51 -9.95 -28.89
C LYS D 47 72.02 -10.11 -28.73
N ASP D 48 72.79 -9.03 -28.75
CA ASP D 48 74.26 -9.07 -28.71
C ASP D 48 74.86 -8.29 -27.53
N ILE D 49 76.01 -8.75 -27.02
CA ILE D 49 76.61 -8.24 -25.77
C ILE D 49 76.96 -6.75 -25.81
N ASP D 50 77.38 -6.22 -26.96
CA ASP D 50 77.66 -4.79 -27.14
C ASP D 50 76.41 -3.91 -27.04
N GLU D 51 75.22 -4.44 -27.35
CA GLU D 51 73.98 -3.66 -27.30
C GLU D 51 73.62 -3.21 -25.88
N MET D 52 74.19 -3.86 -24.85
CA MET D 52 74.02 -3.44 -23.47
C MET D 52 74.51 -2.00 -23.21
N ARG D 53 75.53 -1.54 -23.95
CA ARG D 53 76.00 -0.14 -23.90
C ARG D 53 75.11 0.83 -24.69
N ARG D 54 74.25 0.30 -25.57
CA ARG D 54 73.35 1.06 -26.45
C ARG D 54 71.94 1.23 -25.87
N LEU D 55 71.58 0.47 -24.83
CA LEU D 55 70.30 0.61 -24.13
C LEU D 55 70.12 2.01 -23.53
N SER D 56 68.87 2.47 -23.48
CA SER D 56 68.49 3.72 -22.81
C SER D 56 68.75 3.62 -21.30
N PRO D 57 69.40 4.60 -20.64
CA PRO D 57 69.79 4.49 -19.24
C PRO D 57 68.68 4.10 -18.27
N ASP D 58 67.45 4.61 -18.41
CA ASP D 58 66.35 4.24 -17.49
C ASP D 58 65.80 2.83 -17.72
N VAL D 59 65.97 2.27 -18.92
CA VAL D 59 65.80 0.82 -19.14
C VAL D 59 66.94 0.07 -18.48
N GLN D 60 68.18 0.54 -18.63
CA GLN D 60 69.36 -0.09 -18.04
C GLN D 60 69.28 -0.13 -16.50
N LYS D 61 68.69 0.88 -15.84
CA LYS D 61 68.37 0.83 -14.40
C LYS D 61 67.42 -0.31 -14.05
N GLU D 62 66.35 -0.49 -14.82
CA GLU D 62 65.41 -1.58 -14.55
C GLU D 62 66.03 -2.96 -14.84
N VAL D 63 66.88 -3.09 -15.86
CA VAL D 63 67.69 -4.29 -16.08
C VAL D 63 68.60 -4.57 -14.88
N GLN D 64 69.31 -3.57 -14.37
CA GLN D 64 70.13 -3.71 -13.16
C GLN D 64 69.28 -4.16 -11.98
N LYS D 65 68.11 -3.55 -11.77
CA LYS D 65 67.20 -3.91 -10.68
C LYS D 65 66.72 -5.36 -10.80
N LYS D 66 66.22 -5.79 -11.96
CA LYS D 66 65.75 -7.16 -12.18
C LYS D 66 66.87 -8.18 -12.05
N ALA D 67 68.05 -7.91 -12.61
CA ALA D 67 69.20 -8.78 -12.45
C ALA D 67 69.57 -8.97 -10.97
N ALA D 68 69.60 -7.88 -10.20
CA ALA D 68 69.87 -7.97 -8.78
C ALA D 68 68.77 -8.74 -8.03
N GLU D 69 67.49 -8.53 -8.33
CA GLU D 69 66.40 -9.31 -7.72
C GLU D 69 66.55 -10.80 -7.99
N ARG D 70 66.93 -11.19 -9.20
CA ARG D 70 67.12 -12.60 -9.57
C ARG D 70 68.34 -13.20 -8.88
N ILE D 71 69.43 -12.45 -8.72
CA ILE D 71 70.59 -12.91 -7.94
C ILE D 71 70.26 -12.96 -6.44
N ALA D 72 69.40 -12.08 -5.93
CA ALA D 72 68.92 -12.17 -4.56
C ALA D 72 68.10 -13.45 -4.33
N ALA D 73 67.24 -13.82 -5.29
CA ALA D 73 66.47 -15.06 -5.22
C ALA D 73 67.37 -16.31 -5.24
N LEU D 74 68.45 -16.33 -6.03
CA LEU D 74 69.44 -17.40 -6.03
C LEU D 74 70.11 -17.59 -4.67
N GLY D 75 70.16 -16.56 -3.84
CA GLY D 75 70.73 -16.61 -2.49
C GLY D 75 72.24 -16.41 -2.46
N ASP D 76 72.92 -17.12 -1.56
CA ASP D 76 74.34 -16.90 -1.27
C ASP D 76 75.20 -17.22 -2.51
N VAL D 77 76.07 -16.30 -2.92
CA VAL D 77 76.72 -16.27 -4.23
C VAL D 77 78.06 -15.55 -4.18
N ILE D 78 79.02 -15.94 -5.02
CA ILE D 78 80.21 -15.13 -5.29
C ILE D 78 79.93 -14.31 -6.55
N LEU D 79 79.46 -13.09 -6.37
CA LEU D 79 79.22 -12.16 -7.47
C LEU D 79 80.53 -11.47 -7.86
N ASP D 80 80.73 -11.22 -9.14
CA ASP D 80 81.91 -10.56 -9.69
C ASP D 80 81.51 -9.33 -10.52
N THR D 81 82.06 -8.15 -10.19
CA THR D 81 81.96 -6.92 -10.99
C THR D 81 82.99 -5.88 -10.51
N HIS D 82 83.28 -4.84 -11.29
CA HIS D 82 84.12 -3.72 -10.81
C HIS D 82 83.36 -2.83 -9.82
N CYS D 83 84.04 -2.29 -8.80
CA CYS D 83 83.46 -1.28 -7.91
C CYS D 83 83.45 0.11 -8.54
N THR D 84 84.48 0.49 -9.31
CA THR D 84 84.42 1.65 -10.21
C THR D 84 85.04 1.35 -11.56
N ILE D 85 84.40 1.80 -12.62
CA ILE D 85 84.85 1.61 -14.00
C ILE D 85 85.41 2.93 -14.49
N LYS D 86 86.64 2.95 -15.02
CA LYS D 86 87.22 4.18 -15.59
C LYS D 86 86.69 4.42 -17.00
N THR D 87 86.22 5.62 -17.28
CA THR D 87 85.57 6.01 -18.55
C THR D 87 86.10 7.37 -19.04
N PRO D 88 85.82 7.80 -20.27
CA PRO D 88 86.20 9.12 -20.77
C PRO D 88 85.74 10.28 -19.88
N LYS D 89 84.54 10.18 -19.27
CA LYS D 89 84.03 11.17 -18.29
C LYS D 89 84.47 10.91 -16.84
N GLY D 90 85.47 10.07 -16.61
CA GLY D 90 86.00 9.73 -15.29
C GLY D 90 85.44 8.43 -14.70
N TYR D 91 85.52 8.28 -13.39
CA TYR D 91 85.11 7.07 -12.68
C TYR D 91 83.60 6.93 -12.59
N LEU D 92 83.07 5.77 -12.95
CA LEU D 92 81.65 5.43 -12.86
C LEU D 92 81.43 4.41 -11.73
N PRO D 93 80.53 4.66 -10.76
CA PRO D 93 80.18 3.70 -9.73
C PRO D 93 79.61 2.40 -10.30
N GLY D 94 80.19 1.26 -9.96
CA GLY D 94 79.78 -0.05 -10.46
C GLY D 94 78.52 -0.61 -9.81
N LEU D 95 78.19 -0.19 -8.60
CA LEU D 95 77.03 -0.64 -7.84
C LEU D 95 76.14 0.54 -7.41
N PRO D 96 75.26 1.06 -8.28
CA PRO D 96 74.27 2.05 -7.86
C PRO D 96 73.38 1.56 -6.72
N ARG D 97 72.84 2.48 -5.93
CA ARG D 97 71.99 2.15 -4.76
C ARG D 97 70.81 1.22 -5.10
N TRP D 98 70.18 1.38 -6.26
CA TRP D 98 69.09 0.49 -6.68
C TRP D 98 69.52 -0.95 -6.93
N VAL D 99 70.79 -1.23 -7.26
CA VAL D 99 71.34 -2.61 -7.23
C VAL D 99 71.54 -3.06 -5.79
N LEU D 100 72.22 -2.22 -5.01
CA LEU D 100 72.76 -2.58 -3.71
C LEU D 100 71.67 -2.92 -2.69
N GLU D 101 70.54 -2.22 -2.71
CA GLU D 101 69.38 -2.54 -1.87
C GLU D 101 68.70 -3.87 -2.22
N LYS D 102 68.90 -4.40 -3.42
CA LYS D 102 68.39 -5.73 -3.82
C LYS D 102 69.37 -6.84 -3.45
N LEU D 103 70.66 -6.67 -3.73
CA LEU D 103 71.68 -7.68 -3.39
C LEU D 103 71.90 -7.81 -1.88
N ARG D 104 71.92 -6.69 -1.14
CA ARG D 104 72.22 -6.62 0.29
C ARG D 104 73.49 -7.42 0.68
N PRO D 105 74.66 -7.15 0.07
CA PRO D 105 75.86 -7.95 0.30
C PRO D 105 76.23 -8.06 1.78
N SER D 106 76.63 -9.24 2.24
CA SER D 106 77.25 -9.37 3.57
C SER D 106 78.70 -8.91 3.57
N VAL D 107 79.42 -9.09 2.46
CA VAL D 107 80.81 -8.68 2.31
C VAL D 107 81.06 -8.08 0.94
N ILE D 108 81.83 -7.01 0.90
CA ILE D 108 82.53 -6.52 -0.29
C ILE D 108 84.00 -6.86 -0.12
N LEU D 109 84.59 -7.54 -1.09
CA LEU D 109 86.00 -7.89 -1.09
C LEU D 109 86.71 -7.07 -2.15
N LEU D 110 87.76 -6.36 -1.76
CA LEU D 110 88.54 -5.48 -2.61
C LEU D 110 89.98 -6.00 -2.75
N VAL D 111 90.41 -6.31 -3.96
CA VAL D 111 91.75 -6.84 -4.23
C VAL D 111 92.70 -5.70 -4.59
N GLU D 112 93.91 -5.69 -4.03
CA GLU D 112 94.92 -4.67 -4.26
C GLU D 112 96.31 -5.27 -4.52
N ALA D 113 97.16 -4.51 -5.22
CA ALA D 113 98.57 -4.79 -5.44
C ALA D 113 99.32 -3.46 -5.59
N ASP D 114 100.66 -3.44 -5.55
CA ASP D 114 101.39 -2.18 -5.67
C ASP D 114 101.22 -1.56 -7.07
N PRO D 115 101.05 -0.23 -7.22
CA PRO D 115 100.98 0.43 -8.52
C PRO D 115 102.13 0.06 -9.47
N LYS D 116 103.35 -0.14 -8.97
CA LYS D 116 104.50 -0.54 -9.77
C LYS D 116 104.38 -1.97 -10.29
N GLU D 117 103.88 -2.89 -9.47
CA GLU D 117 103.55 -4.25 -9.91
C GLU D 117 102.47 -4.22 -11.00
N ILE D 118 101.38 -3.49 -10.77
CA ILE D 118 100.26 -3.39 -11.72
C ILE D 118 100.74 -2.76 -13.03
N TYR D 119 101.53 -1.70 -12.96
CA TYR D 119 102.10 -1.08 -14.14
C TYR D 119 103.00 -2.07 -14.90
N GLY D 120 103.81 -2.85 -14.21
CA GLY D 120 104.59 -3.94 -14.82
C GLY D 120 103.71 -4.97 -15.53
N ARG D 121 102.65 -5.45 -14.89
CA ARG D 121 101.70 -6.40 -15.52
C ARG D 121 101.02 -5.79 -16.75
N ARG D 122 100.62 -4.52 -16.68
CA ARG D 122 100.00 -3.79 -17.80
C ARG D 122 100.99 -3.54 -18.94
N LEU D 123 102.26 -3.23 -18.64
CA LEU D 123 103.29 -3.03 -19.64
C LEU D 123 103.62 -4.35 -20.38
N LYS D 124 103.58 -5.47 -19.66
CA LYS D 124 103.76 -6.84 -20.20
C LYS D 124 102.52 -7.39 -20.91
N ASP D 125 101.39 -6.70 -20.89
CA ASP D 125 100.19 -7.06 -21.65
C ASP D 125 100.26 -6.54 -23.10
N ASP D 133 97.91 3.98 -18.00
CA ASP D 133 97.86 4.86 -16.84
C ASP D 133 99.23 4.90 -16.14
N SER D 134 99.64 6.06 -15.64
CA SER D 134 100.80 6.17 -14.75
C SER D 134 100.57 5.46 -13.41
N GLU D 135 101.64 5.21 -12.67
CA GLU D 135 101.56 4.72 -11.29
C GLU D 135 100.75 5.67 -10.40
N GLU D 136 100.79 6.98 -10.67
CA GLU D 136 99.97 7.96 -9.95
C GLU D 136 98.47 7.77 -10.25
N GLU D 137 98.11 7.58 -11.52
CA GLU D 137 96.72 7.33 -11.91
C GLU D 137 96.21 5.97 -11.42
N ILE D 138 97.09 4.97 -11.33
CA ILE D 138 96.76 3.68 -10.72
C ILE D 138 96.49 3.87 -9.22
N ALA D 139 97.38 4.56 -8.50
CA ALA D 139 97.20 4.84 -7.08
C ALA D 139 95.93 5.66 -6.79
N GLU D 140 95.61 6.61 -7.66
CA GLU D 140 94.34 7.34 -7.61
C GLU D 140 93.15 6.39 -7.78
N HIS D 141 93.13 5.53 -8.80
CA HIS D 141 92.01 4.61 -9.01
C HIS D 141 91.81 3.67 -7.81
N GLN D 142 92.89 3.19 -7.20
CA GLN D 142 92.79 2.42 -5.95
C GLN D 142 92.17 3.23 -4.82
N MET D 143 92.63 4.47 -4.58
CA MET D 143 92.06 5.31 -3.53
C MET D 143 90.57 5.58 -3.78
N MET D 144 90.16 5.82 -5.02
CA MET D 144 88.75 5.97 -5.34
C MET D 144 87.98 4.69 -5.07
N ASN D 145 88.53 3.51 -5.36
CA ASN D 145 87.85 2.27 -5.02
C ASN D 145 87.63 2.12 -3.52
N ARG D 146 88.60 2.47 -2.67
CA ARG D 146 88.41 2.42 -1.21
C ARG D 146 87.24 3.29 -0.76
N ALA D 147 87.16 4.51 -1.27
CA ALA D 147 86.04 5.39 -0.97
C ALA D 147 84.71 4.81 -1.46
N ALA D 148 84.67 4.26 -2.67
CA ALA D 148 83.47 3.66 -3.23
C ALA D 148 83.00 2.46 -2.42
N ALA D 149 83.92 1.57 -2.04
CA ALA D 149 83.59 0.39 -1.24
C ALA D 149 82.97 0.79 0.09
N MET D 150 83.62 1.71 0.82
CA MET D 150 83.13 2.12 2.12
C MET D 150 81.81 2.90 2.03
N ALA D 151 81.58 3.64 0.95
CA ALA D 151 80.27 4.22 0.69
C ALA D 151 79.20 3.14 0.54
N TYR D 152 79.44 2.08 -0.25
CA TYR D 152 78.49 0.95 -0.34
C TYR D 152 78.28 0.26 1.00
N ALA D 153 79.33 0.13 1.80
CA ALA D 153 79.23 -0.46 3.12
C ALA D 153 78.22 0.31 3.98
N SER D 154 78.37 1.63 4.08
CA SER D 154 77.48 2.47 4.87
C SER D 154 76.02 2.43 4.41
N LEU D 155 75.76 2.23 3.11
CA LEU D 155 74.41 2.14 2.56
C LEU D 155 73.69 0.81 2.87
N SER D 156 74.42 -0.24 3.25
CA SER D 156 73.93 -1.62 3.19
C SER D 156 74.25 -2.48 4.41
N GLY D 157 75.15 -2.05 5.29
CA GLY D 157 75.67 -2.86 6.38
C GLY D 157 76.67 -3.94 5.93
N ALA D 158 77.11 -3.93 4.68
CA ALA D 158 78.13 -4.87 4.20
C ALA D 158 79.48 -4.66 4.91
N THR D 159 80.17 -5.74 5.23
CA THR D 159 81.57 -5.67 5.71
C THR D 159 82.49 -5.36 4.54
N VAL D 160 83.66 -4.75 4.75
CA VAL D 160 84.68 -4.53 3.70
C VAL D 160 85.98 -5.23 4.04
N LYS D 161 86.47 -6.10 3.17
CA LYS D 161 87.77 -6.79 3.32
C LYS D 161 88.71 -6.36 2.21
N ILE D 162 89.94 -6.00 2.55
CA ILE D 162 91.00 -5.73 1.57
C ILE D 162 91.97 -6.91 1.51
N VAL D 163 92.33 -7.36 0.31
CA VAL D 163 93.24 -8.49 0.07
C VAL D 163 94.42 -8.06 -0.81
N PHE D 164 95.64 -8.19 -0.31
CA PHE D 164 96.84 -7.97 -1.13
C PHE D 164 97.14 -9.16 -2.04
N ASN D 165 97.61 -8.89 -3.26
CA ASN D 165 97.96 -9.89 -4.28
C ASN D 165 99.27 -9.53 -5.00
N HIS D 166 100.36 -9.37 -4.24
CA HIS D 166 101.71 -9.16 -4.78
C HIS D 166 102.14 -10.31 -5.69
N ASP D 167 102.99 -10.03 -6.69
CA ASP D 167 103.24 -10.90 -7.85
C ASP D 167 103.57 -12.37 -7.51
N ASN D 168 104.56 -12.60 -6.65
CA ASN D 168 105.01 -13.95 -6.27
C ASN D 168 104.12 -14.61 -5.22
N ARG D 169 103.23 -13.85 -4.58
CA ARG D 169 102.64 -14.17 -3.26
C ARG D 169 101.16 -14.55 -3.36
N LEU D 170 100.75 -15.24 -4.42
CA LEU D 170 99.36 -15.66 -4.63
C LEU D 170 98.82 -16.47 -3.43
N ASP D 171 99.66 -17.25 -2.76
CA ASP D 171 99.27 -17.99 -1.56
C ASP D 171 98.77 -17.07 -0.43
N ASP D 172 99.37 -15.88 -0.25
CA ASP D 172 98.89 -14.89 0.72
C ASP D 172 97.50 -14.37 0.35
N ALA D 173 97.27 -14.04 -0.93
CA ALA D 173 95.98 -13.58 -1.39
C ALA D 173 94.89 -14.63 -1.16
N VAL D 174 95.16 -15.90 -1.49
CA VAL D 174 94.23 -17.01 -1.27
C VAL D 174 94.01 -17.26 0.22
N ARG D 175 95.06 -17.19 1.05
CA ARG D 175 94.96 -17.34 2.50
C ARG D 175 94.17 -16.22 3.17
N ASP D 176 94.22 -14.99 2.66
CA ASP D 176 93.36 -13.90 3.12
C ASP D 176 91.92 -14.02 2.59
N ALA D 177 91.72 -14.51 1.37
CA ALA D 177 90.39 -14.61 0.78
C ALA D 177 89.55 -15.76 1.37
N ALA D 178 90.12 -16.95 1.55
CA ALA D 178 89.36 -18.13 1.97
C ALA D 178 88.58 -17.95 3.30
N PRO D 179 89.11 -17.28 4.35
CA PRO D 179 88.37 -16.93 5.58
C PRO D 179 87.07 -16.14 5.39
N VAL D 180 86.86 -15.50 4.25
CA VAL D 180 85.64 -14.71 3.97
C VAL D 180 84.44 -15.62 3.63
N LEU D 181 84.71 -16.78 3.05
CA LEU D 181 83.74 -17.66 2.37
C LEU D 181 82.88 -18.48 3.35
N ILE E 4 -54.93 9.25 -56.22
CA ILE E 4 -55.94 8.68 -57.16
C ILE E 4 -55.21 7.85 -58.20
N VAL E 5 -55.76 6.71 -58.63
CA VAL E 5 -55.25 5.92 -59.76
C VAL E 5 -56.32 5.78 -60.83
N VAL E 6 -56.00 6.04 -62.08
CA VAL E 6 -56.90 5.84 -63.22
C VAL E 6 -56.44 4.66 -64.06
N THR E 7 -57.36 3.79 -64.45
CA THR E 7 -57.07 2.51 -65.12
C THR E 7 -58.08 2.17 -66.22
N GLY E 8 -57.67 1.36 -67.19
CA GLY E 8 -58.53 0.96 -68.30
C GLY E 8 -57.84 0.06 -69.31
N ILE E 9 -58.63 -0.70 -70.06
CA ILE E 9 -58.20 -1.57 -71.16
C ILE E 9 -57.81 -0.75 -72.40
N PRO E 10 -56.71 -1.06 -73.12
CA PRO E 10 -56.34 -0.36 -74.35
C PRO E 10 -57.47 -0.32 -75.38
N GLY E 11 -57.85 0.89 -75.80
CA GLY E 11 -59.01 1.15 -76.65
C GLY E 11 -60.23 1.75 -75.93
N VAL E 12 -60.29 1.71 -74.60
CA VAL E 12 -61.44 2.26 -73.85
C VAL E 12 -61.51 3.79 -73.83
N GLY E 13 -60.45 4.49 -74.27
CA GLY E 13 -60.41 5.96 -74.32
C GLY E 13 -60.00 6.62 -72.99
N LYS E 14 -59.20 5.91 -72.19
CA LYS E 14 -58.74 6.34 -70.86
C LYS E 14 -58.20 7.77 -70.84
N THR E 15 -57.26 8.09 -71.74
CA THR E 15 -56.56 9.39 -71.71
C THR E 15 -57.52 10.56 -71.96
N THR E 16 -58.50 10.38 -72.84
CA THR E 16 -59.49 11.43 -73.16
C THR E 16 -60.33 11.80 -71.93
N VAL E 17 -60.91 10.81 -71.25
CA VAL E 17 -61.71 11.07 -70.04
C VAL E 17 -60.86 11.69 -68.94
N MET E 18 -59.63 11.20 -68.75
CA MET E 18 -58.70 11.78 -67.78
C MET E 18 -58.39 13.25 -68.11
N GLN E 19 -58.00 13.58 -69.33
CA GLN E 19 -57.66 14.95 -69.73
C GLN E 19 -58.84 15.92 -69.54
N LYS E 20 -60.05 15.49 -69.92
CA LYS E 20 -61.26 16.29 -69.79
C LYS E 20 -61.71 16.47 -68.34
N ALA E 21 -61.73 15.42 -67.53
CA ALA E 21 -62.13 15.52 -66.12
C ALA E 21 -61.09 16.26 -65.27
N ALA E 22 -59.80 16.08 -65.53
CA ALA E 22 -58.73 16.77 -64.82
C ALA E 22 -58.58 18.27 -65.20
N GLU E 23 -59.37 18.78 -66.14
CA GLU E 23 -59.31 20.18 -66.57
C GLU E 23 -59.49 21.15 -65.40
N GLY E 24 -58.57 22.11 -65.27
CA GLY E 24 -58.54 23.08 -64.17
C GLY E 24 -58.15 22.52 -62.79
N SER E 25 -57.82 21.23 -62.67
CA SER E 25 -57.37 20.65 -61.40
C SER E 25 -55.95 21.10 -61.04
N PRO E 26 -55.64 21.37 -59.77
CA PRO E 26 -54.27 21.60 -59.31
C PRO E 26 -53.44 20.31 -59.20
N LEU E 27 -53.99 19.12 -59.48
CA LEU E 27 -53.28 17.86 -59.29
C LEU E 27 -52.20 17.60 -60.37
N PRO E 28 -51.00 17.13 -60.00
CA PRO E 28 -50.02 16.62 -60.94
C PRO E 28 -50.52 15.37 -61.65
N ARG E 29 -50.06 15.15 -62.88
CA ARG E 29 -50.45 14.07 -63.79
C ARG E 29 -49.27 13.17 -64.08
N VAL E 30 -49.36 11.88 -63.79
CA VAL E 30 -48.15 11.03 -63.71
C VAL E 30 -48.38 9.66 -64.35
N PRO E 31 -47.64 9.27 -65.40
CA PRO E 31 -47.58 7.88 -65.86
C PRO E 31 -46.57 7.08 -65.01
N LEU E 32 -47.00 5.97 -64.41
CA LEU E 32 -46.15 5.21 -63.49
C LEU E 32 -44.94 4.58 -64.18
N GLU E 33 -45.10 4.07 -65.39
CA GLU E 33 -44.02 3.46 -66.16
C GLU E 33 -42.93 4.48 -66.46
N GLY E 34 -43.35 5.71 -66.79
CA GLY E 34 -42.47 6.85 -66.99
C GLY E 34 -41.66 7.18 -65.73
N VAL E 35 -42.30 7.21 -64.56
CA VAL E 35 -41.58 7.43 -63.30
C VAL E 35 -40.61 6.30 -63.02
N MET E 36 -40.99 5.04 -63.22
CA MET E 36 -40.09 3.92 -63.03
C MET E 36 -38.84 4.04 -63.92
N TYR E 37 -39.04 4.38 -65.20
CA TYR E 37 -37.93 4.64 -66.11
C TYR E 37 -37.06 5.78 -65.60
N GLY E 38 -37.65 6.92 -65.24
CA GLY E 38 -36.93 8.07 -64.70
C GLY E 38 -36.11 7.73 -63.45
N VAL E 39 -36.70 7.03 -62.50
CA VAL E 39 -36.00 6.58 -61.29
C VAL E 39 -34.85 5.64 -61.63
N ALA E 40 -35.09 4.61 -62.45
CA ALA E 40 -34.04 3.67 -62.82
C ALA E 40 -32.90 4.33 -63.61
N LYS E 41 -33.23 5.26 -64.51
CA LYS E 41 -32.29 6.06 -65.30
C LYS E 41 -31.41 6.94 -64.40
N ARG E 42 -32.00 7.63 -63.42
CA ARG E 42 -31.27 8.47 -62.46
C ARG E 42 -30.50 7.68 -61.41
N MET E 43 -30.90 6.44 -61.14
CA MET E 43 -30.09 5.45 -60.41
C MET E 43 -28.99 4.79 -61.29
N GLY E 44 -28.95 5.09 -62.59
CA GLY E 44 -27.96 4.57 -63.53
C GLY E 44 -28.17 3.13 -64.00
N LEU E 45 -29.29 2.50 -63.65
CA LEU E 45 -29.60 1.10 -63.96
C LEU E 45 -29.87 0.86 -65.45
N VAL E 46 -30.31 1.90 -66.15
CA VAL E 46 -30.72 1.92 -67.57
C VAL E 46 -30.39 3.27 -68.20
N LYS E 47 -30.46 3.33 -69.52
CA LYS E 47 -30.44 4.58 -70.30
C LYS E 47 -31.65 4.70 -71.23
N ASP E 48 -32.25 3.60 -71.69
CA ASP E 48 -33.33 3.60 -72.67
C ASP E 48 -34.61 2.89 -72.19
N ILE E 49 -35.78 3.35 -72.64
CA ILE E 49 -37.11 2.93 -72.14
C ILE E 49 -37.37 1.41 -72.29
N ASP E 50 -36.81 0.78 -73.31
CA ASP E 50 -36.93 -0.67 -73.52
C ASP E 50 -36.15 -1.50 -72.49
N GLU E 51 -35.09 -0.95 -71.90
CA GLU E 51 -34.26 -1.69 -70.93
C GLU E 51 -35.02 -2.01 -69.64
N MET E 52 -36.12 -1.31 -69.35
CA MET E 52 -36.98 -1.62 -68.21
C MET E 52 -37.54 -3.06 -68.25
N ARG E 53 -37.74 -3.62 -69.45
CA ARG E 53 -38.14 -5.02 -69.64
C ARG E 53 -36.98 -6.00 -69.48
N ARG E 54 -35.75 -5.52 -69.63
CA ARG E 54 -34.50 -6.30 -69.56
C ARG E 54 -33.92 -6.37 -68.15
N LEU E 55 -34.40 -5.55 -67.22
CA LEU E 55 -34.01 -5.60 -65.80
C LEU E 55 -34.31 -6.96 -65.17
N SER E 56 -33.51 -7.33 -64.17
CA SER E 56 -33.77 -8.48 -63.29
C SER E 56 -35.05 -8.22 -62.47
N PRO E 57 -36.02 -9.15 -62.42
CA PRO E 57 -37.29 -8.94 -61.72
C PRO E 57 -37.15 -8.47 -60.28
N ASP E 58 -36.19 -8.99 -59.51
CA ASP E 58 -35.98 -8.58 -58.11
C ASP E 58 -35.31 -7.21 -57.95
N VAL E 59 -34.68 -6.68 -59.01
CA VAL E 59 -34.33 -5.25 -59.08
C VAL E 59 -35.57 -4.43 -59.45
N GLN E 60 -36.38 -4.92 -60.40
CA GLN E 60 -37.59 -4.24 -60.85
C GLN E 60 -38.61 -4.03 -59.73
N LYS E 61 -38.71 -4.96 -58.77
CA LYS E 61 -39.48 -4.77 -57.52
C LYS E 61 -39.02 -3.54 -56.75
N GLU E 62 -37.72 -3.36 -56.57
CA GLU E 62 -37.20 -2.19 -55.84
C GLU E 62 -37.37 -0.89 -56.63
N VAL E 63 -37.28 -0.92 -57.96
CA VAL E 63 -37.64 0.23 -58.81
C VAL E 63 -39.12 0.61 -58.62
N GLN E 64 -40.03 -0.37 -58.60
CA GLN E 64 -41.44 -0.12 -58.30
C GLN E 64 -41.60 0.50 -56.90
N LYS E 65 -40.93 -0.07 -55.89
CA LYS E 65 -40.96 0.45 -54.51
C LYS E 65 -40.49 1.91 -54.45
N LYS E 66 -39.33 2.23 -55.03
CA LYS E 66 -38.78 3.60 -55.01
C LYS E 66 -39.65 4.58 -55.79
N ALA E 67 -40.14 4.20 -56.97
CA ALA E 67 -41.07 5.04 -57.72
C ALA E 67 -42.34 5.33 -56.92
N ALA E 68 -42.91 4.32 -56.26
CA ALA E 68 -44.06 4.52 -55.41
C ALA E 68 -43.75 5.43 -54.22
N GLU E 69 -42.62 5.26 -53.54
CA GLU E 69 -42.24 6.14 -52.42
C GLU E 69 -42.15 7.60 -52.86
N ARG E 70 -41.57 7.86 -54.02
CA ARG E 70 -41.41 9.24 -54.54
C ARG E 70 -42.73 9.84 -54.97
N ILE E 71 -43.63 9.05 -55.55
CA ILE E 71 -44.98 9.52 -55.86
C ILE E 71 -45.80 9.72 -54.57
N ALA E 72 -45.57 8.91 -53.53
CA ALA E 72 -46.21 9.13 -52.23
C ALA E 72 -45.73 10.44 -51.58
N ALA E 73 -44.44 10.75 -51.67
CA ALA E 73 -43.89 12.01 -51.17
C ALA E 73 -44.46 13.24 -51.91
N LEU E 74 -44.67 13.14 -53.22
CA LEU E 74 -45.29 14.21 -54.02
C LEU E 74 -46.71 14.55 -53.54
N GLY E 75 -47.40 13.58 -52.92
CA GLY E 75 -48.73 13.76 -52.36
C GLY E 75 -49.86 13.45 -53.34
N ASP E 76 -50.95 14.19 -53.24
CA ASP E 76 -52.17 13.92 -54.01
C ASP E 76 -51.91 14.09 -55.50
N VAL E 77 -52.29 13.10 -56.32
CA VAL E 77 -51.84 12.96 -57.71
C VAL E 77 -52.85 12.17 -58.54
N ILE E 78 -52.96 12.46 -59.84
CA ILE E 78 -53.67 11.59 -60.78
C ILE E 78 -52.64 10.67 -61.41
N LEU E 79 -52.42 9.50 -60.80
CA LEU E 79 -51.53 8.47 -61.31
C LEU E 79 -52.22 7.68 -62.42
N ASP E 80 -51.45 7.22 -63.41
CA ASP E 80 -51.96 6.50 -64.57
C ASP E 80 -51.15 5.22 -64.81
N THR E 81 -51.82 4.06 -64.90
CA THR E 81 -51.26 2.77 -65.29
C THR E 81 -52.37 1.74 -65.59
N HIS E 82 -52.07 0.63 -66.26
CA HIS E 82 -53.03 -0.47 -66.40
C HIS E 82 -53.17 -1.28 -65.10
N CYS E 83 -54.38 -1.69 -64.73
CA CYS E 83 -54.58 -2.59 -63.59
C CYS E 83 -54.22 -4.05 -63.91
N THR E 84 -54.46 -4.54 -65.12
CA THR E 84 -53.84 -5.78 -65.61
C THR E 84 -53.35 -5.61 -67.04
N ILE E 85 -52.15 -6.10 -67.32
CA ILE E 85 -51.51 -6.04 -68.63
C ILE E 85 -51.62 -7.42 -69.25
N LYS E 86 -52.16 -7.54 -70.46
CA LYS E 86 -52.22 -8.83 -71.15
C LYS E 86 -50.86 -9.17 -71.75
N THR E 87 -50.38 -10.40 -71.52
CA THR E 87 -49.05 -10.88 -71.95
C THR E 87 -49.16 -12.30 -72.54
N PRO E 88 -48.13 -12.83 -73.22
CA PRO E 88 -48.15 -14.21 -73.73
C PRO E 88 -48.46 -15.26 -72.67
N LYS E 89 -48.01 -15.08 -71.43
CA LYS E 89 -48.33 -15.95 -70.29
C LYS E 89 -49.62 -15.58 -69.55
N GLY E 90 -50.48 -14.75 -70.14
CA GLY E 90 -51.75 -14.32 -69.56
C GLY E 90 -51.70 -12.94 -68.89
N TYR E 91 -52.66 -12.65 -68.03
CA TYR E 91 -52.81 -11.35 -67.36
C TYR E 91 -51.77 -11.15 -66.27
N LEU E 92 -51.08 -10.02 -66.27
CA LEU E 92 -50.12 -9.62 -65.26
C LEU E 92 -50.72 -8.49 -64.40
N PRO E 93 -50.81 -8.63 -63.07
CA PRO E 93 -51.24 -7.55 -62.19
C PRO E 93 -50.32 -6.33 -62.30
N GLY E 94 -50.89 -5.16 -62.58
CA GLY E 94 -50.13 -3.92 -62.78
C GLY E 94 -49.66 -3.25 -61.50
N LEU E 95 -50.31 -3.52 -60.37
CA LEU E 95 -50.00 -2.92 -59.07
C LEU E 95 -49.82 -3.99 -57.98
N PRO E 96 -48.64 -4.59 -57.84
CA PRO E 96 -48.35 -5.50 -56.75
C PRO E 96 -48.54 -4.87 -55.37
N ARG E 97 -48.69 -5.70 -54.33
CA ARG E 97 -48.88 -5.25 -52.95
C ARG E 97 -47.78 -4.29 -52.46
N TRP E 98 -46.53 -4.51 -52.83
CA TRP E 98 -45.43 -3.62 -52.44
C TRP E 98 -45.53 -2.21 -53.05
N VAL E 99 -46.30 -2.02 -54.12
CA VAL E 99 -46.65 -0.66 -54.59
C VAL E 99 -47.77 -0.06 -53.74
N LEU E 100 -48.86 -0.81 -53.52
CA LEU E 100 -50.03 -0.33 -52.76
C LEU E 100 -49.65 0.11 -51.34
N GLU E 101 -48.82 -0.65 -50.64
CA GLU E 101 -48.40 -0.32 -49.28
C GLU E 101 -47.60 1.00 -49.20
N LYS E 102 -47.04 1.48 -50.32
CA LYS E 102 -46.37 2.78 -50.43
C LYS E 102 -47.32 3.89 -50.88
N LEU E 103 -48.06 3.70 -51.98
CA LEU E 103 -48.97 4.74 -52.51
C LEU E 103 -50.16 5.01 -51.60
N ARG E 104 -50.75 3.96 -51.02
CA ARG E 104 -51.97 4.00 -50.21
C ARG E 104 -53.12 4.78 -50.88
N PRO E 105 -53.55 4.39 -52.10
CA PRO E 105 -54.55 5.14 -52.87
C PRO E 105 -55.85 5.38 -52.12
N SER E 106 -56.47 6.54 -52.29
CA SER E 106 -57.84 6.78 -51.82
C SER E 106 -58.89 6.27 -52.79
N VAL E 107 -58.62 6.28 -54.09
CA VAL E 107 -59.54 5.81 -55.12
C VAL E 107 -58.79 5.06 -56.21
N ILE E 108 -59.35 3.94 -56.66
CA ILE E 108 -59.04 3.31 -57.93
C ILE E 108 -60.20 3.60 -58.88
N LEU E 109 -59.94 4.19 -60.03
CA LEU E 109 -60.95 4.49 -61.03
C LEU E 109 -60.77 3.57 -62.23
N LEU E 110 -61.84 2.93 -62.66
CA LEU E 110 -61.85 1.95 -63.73
C LEU E 110 -62.77 2.40 -64.85
N VAL E 111 -62.24 2.57 -66.06
CA VAL E 111 -63.04 3.02 -67.22
C VAL E 111 -63.50 1.82 -68.04
N GLU E 112 -64.77 1.80 -68.43
CA GLU E 112 -65.37 0.73 -69.23
C GLU E 112 -66.16 1.26 -70.43
N ALA E 113 -66.21 0.47 -71.50
CA ALA E 113 -67.09 0.65 -72.65
C ALA E 113 -67.57 -0.72 -73.13
N ASP E 114 -68.59 -0.82 -73.98
CA ASP E 114 -69.07 -2.12 -74.42
C ASP E 114 -67.98 -2.86 -75.26
N PRO E 115 -67.78 -4.18 -75.09
CA PRO E 115 -66.85 -4.94 -75.90
C PRO E 115 -67.01 -4.72 -77.42
N LYS E 116 -68.24 -4.53 -77.91
CA LYS E 116 -68.50 -4.24 -79.33
C LYS E 116 -67.99 -2.86 -79.74
N GLU E 117 -68.14 -1.86 -78.87
CA GLU E 117 -67.56 -0.52 -79.10
C GLU E 117 -66.03 -0.61 -79.15
N ILE E 118 -65.42 -1.28 -78.17
CA ILE E 118 -63.96 -1.40 -78.10
C ILE E 118 -63.43 -2.17 -79.31
N TYR E 119 -64.09 -3.26 -79.69
CA TYR E 119 -63.74 -4.00 -80.89
C TYR E 119 -63.82 -3.11 -82.14
N GLY E 120 -64.87 -2.30 -82.27
CA GLY E 120 -64.99 -1.30 -83.34
C GLY E 120 -63.80 -0.32 -83.36
N ARG E 121 -63.44 0.27 -82.21
CA ARG E 121 -62.29 1.18 -82.10
C ARG E 121 -60.98 0.51 -82.48
N ARG E 122 -60.78 -0.74 -82.07
CA ARG E 122 -59.59 -1.55 -82.39
C ARG E 122 -59.53 -1.94 -83.86
N LEU E 123 -60.66 -2.31 -84.46
CA LEU E 123 -60.77 -2.60 -85.89
C LEU E 123 -60.45 -1.35 -86.75
N LYS E 124 -60.83 -0.17 -86.25
CA LYS E 124 -60.54 1.15 -86.86
C LYS E 124 -59.13 1.69 -86.56
N ASP E 125 -58.23 0.91 -85.97
CA ASP E 125 -56.86 1.31 -85.66
C ASP E 125 -55.85 0.67 -86.64
N ASP E 133 -58.27 -9.22 -80.41
CA ASP E 133 -59.03 -10.05 -79.47
C ASP E 133 -60.51 -10.15 -79.90
N SER E 134 -61.16 -11.27 -79.65
CA SER E 134 -62.62 -11.35 -79.78
C SER E 134 -63.34 -10.49 -78.75
N GLU E 135 -64.60 -10.18 -78.99
CA GLU E 135 -65.46 -9.53 -78.01
C GLU E 135 -65.57 -10.33 -76.71
N GLU E 136 -65.48 -11.66 -76.78
CA GLU E 136 -65.41 -12.53 -75.60
C GLU E 136 -64.13 -12.31 -74.80
N GLU E 137 -62.98 -12.23 -75.46
CA GLU E 137 -61.70 -11.94 -74.80
C GLU E 137 -61.62 -10.52 -74.25
N ILE E 138 -62.30 -9.56 -74.89
CA ILE E 138 -62.44 -8.21 -74.35
C ILE E 138 -63.30 -8.24 -73.09
N ALA E 139 -64.46 -8.89 -73.12
CA ALA E 139 -65.33 -9.03 -71.95
C ALA E 139 -64.63 -9.76 -70.80
N GLU E 140 -63.83 -10.78 -71.09
CA GLU E 140 -62.98 -11.45 -70.12
C GLU E 140 -61.99 -10.47 -69.49
N HIS E 141 -61.23 -9.70 -70.27
CA HIS E 141 -60.25 -8.77 -69.72
C HIS E 141 -60.90 -7.73 -68.80
N GLN E 142 -62.09 -7.22 -69.15
CA GLN E 142 -62.85 -6.36 -68.25
C GLN E 142 -63.22 -7.05 -66.94
N MET E 143 -63.76 -8.27 -67.00
CA MET E 143 -64.09 -9.00 -65.78
C MET E 143 -62.85 -9.24 -64.91
N MET E 144 -61.72 -9.60 -65.51
CA MET E 144 -60.48 -9.74 -64.75
C MET E 144 -60.04 -8.42 -64.12
N ASN E 145 -60.22 -7.28 -64.79
CA ASN E 145 -59.91 -6.00 -64.18
C ASN E 145 -60.79 -5.69 -62.97
N ARG E 146 -62.09 -5.98 -63.00
CA ARG E 146 -62.96 -5.77 -61.83
C ARG E 146 -62.48 -6.57 -60.63
N ALA E 147 -62.11 -7.83 -60.84
CA ALA E 147 -61.56 -8.65 -59.78
C ALA E 147 -60.25 -8.06 -59.24
N ALA E 148 -59.35 -7.63 -60.11
CA ALA E 148 -58.10 -7.00 -59.70
C ALA E 148 -58.33 -5.72 -58.90
N ALA E 149 -59.22 -4.85 -59.35
CA ALA E 149 -59.53 -3.60 -58.67
C ALA E 149 -60.06 -3.86 -57.25
N MET E 150 -61.01 -4.78 -57.09
CA MET E 150 -61.58 -5.05 -55.78
C MET E 150 -60.59 -5.78 -54.85
N ALA E 151 -59.71 -6.61 -55.40
CA ALA E 151 -58.59 -7.15 -54.63
C ALA E 151 -57.66 -6.03 -54.15
N TYR E 152 -57.25 -5.10 -55.02
CA TYR E 152 -56.46 -3.93 -54.64
C TYR E 152 -57.16 -3.10 -53.56
N ALA E 153 -58.46 -2.89 -53.70
CA ALA E 153 -59.25 -2.17 -52.72
C ALA E 153 -59.14 -2.82 -51.34
N SER E 154 -59.39 -4.12 -51.25
CA SER E 154 -59.34 -4.84 -49.98
C SER E 154 -57.97 -4.81 -49.30
N LEU E 155 -56.89 -4.73 -50.08
CA LEU E 155 -55.53 -4.64 -49.55
C LEU E 155 -55.18 -3.26 -48.98
N SER E 156 -55.91 -2.22 -49.35
CA SER E 156 -55.48 -0.82 -49.20
C SER E 156 -56.49 0.12 -48.56
N GLY E 157 -57.77 -0.26 -48.51
CA GLY E 157 -58.86 0.65 -48.14
C GLY E 157 -59.23 1.65 -49.24
N ALA E 158 -58.71 1.51 -50.46
CA ALA E 158 -59.09 2.36 -51.57
C ALA E 158 -60.56 2.16 -51.98
N THR E 159 -61.26 3.22 -52.32
CA THR E 159 -62.57 3.14 -52.95
C THR E 159 -62.43 2.66 -54.39
N VAL E 160 -63.43 2.00 -54.98
CA VAL E 160 -63.43 1.64 -56.42
C VAL E 160 -64.59 2.33 -57.13
N LYS E 161 -64.29 3.09 -58.19
CA LYS E 161 -65.27 3.76 -59.04
C LYS E 161 -65.23 3.16 -60.44
N ILE E 162 -66.37 2.80 -61.01
CA ILE E 162 -66.49 2.40 -62.42
C ILE E 162 -67.11 3.54 -63.23
N VAL E 163 -66.52 3.90 -64.36
CA VAL E 163 -67.00 4.97 -65.26
C VAL E 163 -67.25 4.41 -66.67
N PHE E 164 -68.49 4.52 -67.17
CA PHE E 164 -68.78 4.20 -68.57
C PHE E 164 -68.29 5.31 -69.53
N ASN E 165 -67.78 4.93 -70.70
CA ASN E 165 -67.29 5.83 -71.74
C ASN E 165 -67.73 5.38 -73.15
N HIS E 166 -69.04 5.30 -73.37
CA HIS E 166 -69.61 4.95 -74.68
C HIS E 166 -69.23 5.96 -75.78
N ASP E 167 -69.17 5.51 -77.04
CA ASP E 167 -68.51 6.23 -78.15
C ASP E 167 -68.88 7.72 -78.27
N ASN E 168 -70.17 8.03 -78.36
CA ASN E 168 -70.65 9.42 -78.55
C ASN E 168 -70.70 10.23 -77.25
N ARG E 169 -70.61 9.57 -76.09
CA ARG E 169 -71.12 10.07 -74.80
C ARG E 169 -70.01 10.48 -73.84
N LEU E 170 -68.92 11.04 -74.37
CA LEU E 170 -67.77 11.50 -73.58
C LEU E 170 -68.19 12.45 -72.44
N ASP E 171 -69.21 13.28 -72.65
CA ASP E 171 -69.72 14.18 -71.60
C ASP E 171 -70.26 13.41 -70.38
N ASP E 172 -70.92 12.26 -70.58
CA ASP E 172 -71.36 11.40 -69.48
C ASP E 172 -70.17 10.84 -68.69
N ALA E 173 -69.12 10.38 -69.38
CA ALA E 173 -67.92 9.88 -68.72
C ALA E 173 -67.25 10.99 -67.88
N VAL E 174 -67.08 12.18 -68.45
CA VAL E 174 -66.45 13.32 -67.77
C VAL E 174 -67.28 13.79 -66.58
N ARG E 175 -68.61 13.90 -66.74
CA ARG E 175 -69.54 14.28 -65.67
C ARG E 175 -69.56 13.26 -64.54
N ASP E 176 -69.45 11.97 -64.84
CA ASP E 176 -69.40 10.92 -63.84
C ASP E 176 -68.00 10.78 -63.17
N ALA E 177 -66.93 11.12 -63.88
CA ALA E 177 -65.57 11.09 -63.35
C ALA E 177 -65.25 12.28 -62.43
N ALA E 178 -65.65 13.50 -62.81
CA ALA E 178 -65.27 14.72 -62.10
C ALA E 178 -65.60 14.74 -60.58
N PRO E 179 -66.72 14.18 -60.08
CA PRO E 179 -67.02 14.05 -58.65
C PRO E 179 -65.95 13.34 -57.80
N VAL E 180 -65.04 12.57 -58.41
CA VAL E 180 -63.96 11.87 -57.70
C VAL E 180 -62.83 12.81 -57.30
N LEU E 181 -62.60 13.86 -58.10
CA LEU E 181 -61.41 14.73 -58.08
C LEU E 181 -61.47 15.81 -56.98
N ILE F 4 -77.80 7.18 12.58
CA ILE F 4 -79.19 6.82 12.21
C ILE F 4 -79.47 7.35 10.81
N VAL F 5 -80.22 6.62 9.97
CA VAL F 5 -80.73 7.13 8.69
C VAL F 5 -82.26 7.07 8.70
N VAL F 6 -82.94 8.15 8.34
CA VAL F 6 -84.40 8.19 8.19
C VAL F 6 -84.78 8.27 6.73
N THR F 7 -85.77 7.49 6.29
CA THR F 7 -86.14 7.33 4.87
C THR F 7 -87.64 7.19 4.67
N GLY F 8 -88.12 7.51 3.46
CA GLY F 8 -89.53 7.40 3.13
C GLY F 8 -89.87 7.85 1.70
N ILE F 9 -91.02 7.40 1.21
CA ILE F 9 -91.58 7.78 -0.09
C ILE F 9 -92.14 9.22 -0.06
N PRO F 10 -91.88 10.07 -1.06
CA PRO F 10 -92.46 11.41 -1.13
C PRO F 10 -93.99 11.42 -0.97
N GLY F 11 -94.48 12.16 0.01
CA GLY F 11 -95.89 12.20 0.43
C GLY F 11 -96.19 11.47 1.75
N VAL F 12 -95.27 10.64 2.26
CA VAL F 12 -95.49 9.88 3.51
C VAL F 12 -95.40 10.72 4.79
N GLY F 13 -94.91 11.96 4.71
CA GLY F 13 -94.80 12.87 5.86
C GLY F 13 -93.54 12.68 6.70
N LYS F 14 -92.47 12.18 6.07
CA LYS F 14 -91.16 11.91 6.68
C LYS F 14 -90.69 13.02 7.62
N THR F 15 -90.69 14.26 7.15
CA THR F 15 -90.16 15.39 7.92
C THR F 15 -90.96 15.63 9.20
N THR F 16 -92.29 15.56 9.16
CA THR F 16 -93.15 15.79 10.34
C THR F 16 -92.83 14.81 11.46
N VAL F 17 -92.73 13.51 11.17
CA VAL F 17 -92.42 12.49 12.17
C VAL F 17 -91.02 12.69 12.74
N MET F 18 -90.04 12.94 11.89
CA MET F 18 -88.67 13.23 12.32
C MET F 18 -88.62 14.48 13.21
N GLN F 19 -89.26 15.57 12.82
CA GLN F 19 -89.28 16.85 13.55
C GLN F 19 -89.86 16.70 14.95
N LYS F 20 -90.95 15.93 15.09
CA LYS F 20 -91.56 15.64 16.40
C LYS F 20 -90.70 14.71 17.25
N ALA F 21 -90.25 13.57 16.71
CA ALA F 21 -89.47 12.60 17.49
C ALA F 21 -88.08 13.12 17.88
N ALA F 22 -87.44 13.92 17.03
CA ALA F 22 -86.13 14.51 17.32
C ALA F 22 -86.16 15.68 18.32
N GLU F 23 -87.34 16.08 18.82
CA GLU F 23 -87.46 17.18 19.78
C GLU F 23 -86.66 16.90 21.07
N GLY F 24 -85.85 17.86 21.50
CA GLY F 24 -84.94 17.70 22.64
C GLY F 24 -83.71 16.80 22.40
N SER F 25 -83.53 16.23 21.20
CA SER F 25 -82.35 15.42 20.90
C SER F 25 -81.09 16.28 20.79
N PRO F 26 -79.94 15.85 21.32
CA PRO F 26 -78.65 16.47 21.04
C PRO F 26 -78.10 16.09 19.66
N LEU F 27 -78.75 15.22 18.88
CA LEU F 27 -78.23 14.77 17.60
C LEU F 27 -78.29 15.88 16.52
N PRO F 28 -77.22 16.10 15.73
CA PRO F 28 -77.27 16.95 14.56
C PRO F 28 -78.22 16.40 13.49
N ARG F 29 -78.76 17.29 12.66
CA ARG F 29 -79.82 17.01 11.67
C ARG F 29 -79.31 17.31 10.28
N VAL F 30 -79.27 16.34 9.38
CA VAL F 30 -78.43 16.46 8.18
C VAL F 30 -79.13 15.91 6.93
N PRO F 31 -79.43 16.73 5.91
CA PRO F 31 -79.83 16.22 4.60
C PRO F 31 -78.57 15.82 3.79
N LEU F 32 -78.51 14.59 3.29
CA LEU F 32 -77.32 14.10 2.60
C LEU F 32 -77.02 14.84 1.29
N GLU F 33 -78.06 15.20 0.53
CA GLU F 33 -77.91 15.91 -0.73
C GLU F 33 -77.34 17.32 -0.47
N GLY F 34 -77.78 17.95 0.60
CA GLY F 34 -77.28 19.22 1.09
C GLY F 34 -75.79 19.16 1.44
N VAL F 35 -75.36 18.12 2.17
CA VAL F 35 -73.94 17.93 2.45
C VAL F 35 -73.14 17.68 1.19
N MET F 36 -73.64 16.86 0.27
CA MET F 36 -72.95 16.63 -1.00
C MET F 36 -72.75 17.92 -1.78
N TYR F 37 -73.77 18.78 -1.85
CA TYR F 37 -73.65 20.10 -2.46
C TYR F 37 -72.59 20.94 -1.75
N GLY F 38 -72.64 21.02 -0.41
CA GLY F 38 -71.62 21.72 0.38
C GLY F 38 -70.20 21.22 0.11
N VAL F 39 -69.99 19.89 0.09
CA VAL F 39 -68.68 19.30 -0.19
C VAL F 39 -68.22 19.62 -1.61
N ALA F 40 -69.06 19.43 -2.62
CA ALA F 40 -68.72 19.74 -4.00
C ALA F 40 -68.43 21.25 -4.21
N LYS F 41 -69.24 22.11 -3.59
CA LYS F 41 -69.09 23.57 -3.62
C LYS F 41 -67.78 24.01 -2.98
N ARG F 42 -67.42 23.46 -1.83
CA ARG F 42 -66.16 23.79 -1.12
C ARG F 42 -64.93 23.16 -1.76
N MET F 43 -65.09 22.06 -2.49
CA MET F 43 -64.09 21.54 -3.43
C MET F 43 -64.01 22.32 -4.75
N GLY F 44 -64.89 23.32 -4.96
CA GLY F 44 -64.91 24.19 -6.14
C GLY F 44 -65.54 23.57 -7.40
N LEU F 45 -66.15 22.39 -7.29
CA LEU F 45 -66.66 21.61 -8.42
C LEU F 45 -67.97 22.17 -9.00
N VAL F 46 -68.72 22.91 -8.19
CA VAL F 46 -70.05 23.49 -8.50
C VAL F 46 -70.21 24.82 -7.77
N LYS F 47 -71.21 25.60 -8.17
CA LYS F 47 -71.72 26.77 -7.45
C LYS F 47 -73.24 26.70 -7.21
N ASP F 48 -74.00 26.02 -8.05
CA ASP F 48 -75.47 25.98 -7.98
C ASP F 48 -76.02 24.55 -7.81
N ILE F 49 -77.15 24.41 -7.10
CA ILE F 49 -77.65 23.12 -6.60
C ILE F 49 -78.01 22.13 -7.72
N ASP F 50 -78.49 22.61 -8.87
CA ASP F 50 -78.77 21.76 -10.04
C ASP F 50 -77.51 21.16 -10.68
N GLU F 51 -76.35 21.80 -10.51
CA GLU F 51 -75.09 21.30 -11.09
C GLU F 51 -74.67 19.95 -10.52
N MET F 52 -75.19 19.57 -9.34
CA MET F 52 -74.98 18.25 -8.75
C MET F 52 -75.43 17.10 -9.65
N ARG F 53 -76.44 17.34 -10.51
CA ARG F 53 -76.88 16.36 -11.52
C ARG F 53 -76.04 16.40 -12.81
N ARG F 54 -75.35 17.52 -13.05
CA ARG F 54 -74.50 17.76 -14.22
C ARG F 54 -73.08 17.24 -14.03
N LEU F 55 -72.65 17.00 -12.78
CA LEU F 55 -71.36 16.38 -12.46
C LEU F 55 -71.20 15.01 -13.15
N SER F 56 -69.96 14.67 -13.50
CA SER F 56 -69.61 13.35 -14.03
C SER F 56 -69.84 12.27 -12.99
N PRO F 57 -70.53 11.15 -13.29
CA PRO F 57 -70.84 10.11 -12.31
C PRO F 57 -69.63 9.60 -11.52
N ASP F 58 -68.48 9.39 -12.15
CA ASP F 58 -67.28 8.89 -11.46
C ASP F 58 -66.55 9.95 -10.62
N VAL F 59 -66.92 11.22 -10.75
CA VAL F 59 -66.60 12.26 -9.75
C VAL F 59 -67.65 12.24 -8.64
N GLN F 60 -68.93 12.10 -8.99
CA GLN F 60 -70.05 12.10 -8.05
C GLN F 60 -69.95 10.96 -7.02
N LYS F 61 -69.41 9.79 -7.40
CA LYS F 61 -69.08 8.71 -6.45
C LYS F 61 -68.07 9.16 -5.39
N GLU F 62 -67.05 9.91 -5.76
CA GLU F 62 -66.09 10.41 -4.78
C GLU F 62 -66.67 11.55 -3.93
N VAL F 63 -67.55 12.39 -4.47
CA VAL F 63 -68.31 13.36 -3.67
C VAL F 63 -69.17 12.64 -2.62
N GLN F 64 -69.88 11.59 -3.02
CA GLN F 64 -70.62 10.73 -2.08
C GLN F 64 -69.69 10.15 -1.01
N LYS F 65 -68.54 9.61 -1.40
CA LYS F 65 -67.55 9.03 -0.48
C LYS F 65 -67.04 10.07 0.54
N LYS F 66 -66.61 11.25 0.09
CA LYS F 66 -66.12 12.31 0.97
C LYS F 66 -67.21 12.87 1.89
N ALA F 67 -68.42 13.09 1.37
CA ALA F 67 -69.54 13.51 2.19
C ALA F 67 -69.83 12.48 3.30
N ALA F 68 -69.82 11.20 2.98
CA ALA F 68 -70.02 10.15 3.97
C ALA F 68 -68.88 10.09 5.00
N GLU F 69 -67.61 10.23 4.59
CA GLU F 69 -66.49 10.29 5.55
C GLU F 69 -66.65 11.45 6.53
N ARG F 70 -67.06 12.62 6.06
CA ARG F 70 -67.25 13.80 6.91
C ARG F 70 -68.46 13.66 7.83
N ILE F 71 -69.55 13.06 7.36
CA ILE F 71 -70.70 12.75 8.24
C ILE F 71 -70.33 11.66 9.26
N ALA F 72 -69.47 10.71 8.92
CA ALA F 72 -68.97 9.73 9.90
C ALA F 72 -68.07 10.40 10.95
N ALA F 73 -67.20 11.34 10.56
CA ALA F 73 -66.35 12.07 11.49
C ALA F 73 -67.16 12.93 12.47
N LEU F 74 -68.29 13.51 12.05
CA LEU F 74 -69.21 14.23 12.93
C LEU F 74 -69.80 13.34 14.04
N GLY F 75 -69.80 12.03 13.85
CA GLY F 75 -70.33 11.07 14.81
C GLY F 75 -71.83 10.81 14.69
N ASP F 76 -72.48 10.57 15.83
CA ASP F 76 -73.89 10.15 15.85
C ASP F 76 -74.80 11.28 15.36
N VAL F 77 -75.72 10.97 14.44
CA VAL F 77 -76.45 11.96 13.62
C VAL F 77 -77.80 11.41 13.16
N ILE F 78 -78.80 12.26 12.95
CA ILE F 78 -79.99 11.90 12.19
C ILE F 78 -79.77 12.34 10.75
N LEU F 79 -79.28 11.43 9.92
CA LEU F 79 -79.17 11.66 8.47
C LEU F 79 -80.51 11.49 7.80
N ASP F 80 -80.78 12.25 6.76
CA ASP F 80 -81.99 12.17 5.96
C ASP F 80 -81.66 12.04 4.46
N THR F 81 -82.22 11.03 3.80
CA THR F 81 -82.24 10.85 2.33
C THR F 81 -83.27 9.80 1.92
N HIS F 82 -83.65 9.71 0.65
CA HIS F 82 -84.50 8.62 0.16
C HIS F 82 -83.73 7.29 0.03
N CYS F 83 -84.34 6.16 0.36
CA CYS F 83 -83.73 4.85 0.15
C CYS F 83 -83.81 4.41 -1.32
N THR F 84 -84.90 4.69 -2.05
CA THR F 84 -84.90 4.63 -3.52
C THR F 84 -85.60 5.84 -4.13
N ILE F 85 -85.02 6.37 -5.19
CA ILE F 85 -85.53 7.54 -5.90
C ILE F 85 -86.15 7.05 -7.22
N LYS F 86 -87.40 7.38 -7.50
CA LYS F 86 -88.02 7.04 -8.78
C LYS F 86 -87.53 7.98 -9.88
N THR F 87 -87.13 7.43 -11.02
CA THR F 87 -86.58 8.18 -12.17
C THR F 87 -87.16 7.65 -13.48
N PRO F 88 -86.99 8.33 -14.63
CA PRO F 88 -87.45 7.84 -15.92
C PRO F 88 -86.96 6.43 -16.26
N LYS F 89 -85.74 6.07 -15.87
CA LYS F 89 -85.17 4.71 -16.02
C LYS F 89 -85.50 3.76 -14.86
N GLY F 90 -86.47 4.08 -14.01
CA GLY F 90 -86.88 3.26 -12.87
C GLY F 90 -86.26 3.69 -11.53
N TYR F 91 -86.26 2.78 -10.55
CA TYR F 91 -85.78 3.05 -9.20
C TYR F 91 -84.27 3.12 -9.12
N LEU F 92 -83.72 4.17 -8.52
CA LEU F 92 -82.30 4.33 -8.26
C LEU F 92 -82.03 4.13 -6.77
N PRO F 93 -81.13 3.22 -6.36
CA PRO F 93 -80.71 3.07 -4.96
C PRO F 93 -80.10 4.34 -4.39
N GLY F 94 -80.60 4.81 -3.24
CA GLY F 94 -80.16 6.06 -2.61
C GLY F 94 -78.85 5.96 -1.82
N LEU F 95 -78.49 4.77 -1.32
CA LEU F 95 -77.29 4.53 -0.52
C LEU F 95 -76.41 3.43 -1.15
N PRO F 96 -75.60 3.74 -2.18
CA PRO F 96 -74.66 2.79 -2.72
C PRO F 96 -73.65 2.29 -1.67
N ARG F 97 -73.06 1.11 -1.91
CA ARG F 97 -72.12 0.48 -0.96
C ARG F 97 -70.95 1.39 -0.56
N TRP F 98 -70.42 2.20 -1.46
CA TRP F 98 -69.33 3.13 -1.13
C TRP F 98 -69.75 4.26 -0.18
N VAL F 99 -71.02 4.62 -0.11
CA VAL F 99 -71.55 5.46 0.98
C VAL F 99 -71.67 4.65 2.26
N LEU F 100 -72.32 3.49 2.16
CA LEU F 100 -72.78 2.73 3.31
C LEU F 100 -71.63 2.18 4.16
N GLU F 101 -70.52 1.77 3.55
CA GLU F 101 -69.33 1.34 4.28
C GLU F 101 -68.64 2.48 5.05
N LYS F 102 -68.87 3.75 4.69
CA LYS F 102 -68.35 4.91 5.42
C LYS F 102 -69.27 5.33 6.56
N LEU F 103 -70.58 5.44 6.32
CA LEU F 103 -71.54 5.81 7.36
C LEU F 103 -71.69 4.77 8.46
N ARG F 104 -71.71 3.48 8.10
CA ARG F 104 -71.92 2.34 9.00
C ARG F 104 -73.14 2.52 9.93
N PRO F 105 -74.35 2.78 9.42
CA PRO F 105 -75.51 3.11 10.24
C PRO F 105 -75.81 2.05 11.30
N SER F 106 -76.19 2.47 12.50
CA SER F 106 -76.73 1.55 13.50
C SER F 106 -78.19 1.20 13.23
N VAL F 107 -78.96 2.13 12.66
CA VAL F 107 -80.37 1.94 12.31
C VAL F 107 -80.70 2.59 10.97
N ILE F 108 -81.50 1.90 10.17
CA ILE F 108 -82.25 2.47 9.05
C ILE F 108 -83.72 2.53 9.48
N LEU F 109 -84.33 3.70 9.43
CA LEU F 109 -85.74 3.87 9.74
C LEU F 109 -86.51 4.14 8.46
N LEU F 110 -87.59 3.42 8.26
CA LEU F 110 -88.42 3.48 7.07
C LEU F 110 -89.84 3.88 7.44
N VAL F 111 -90.33 5.01 6.92
CA VAL F 111 -91.67 5.52 7.22
C VAL F 111 -92.66 5.01 6.17
N GLU F 112 -93.81 4.52 6.60
CA GLU F 112 -94.87 4.00 5.72
C GLU F 112 -96.25 4.55 6.10
N ALA F 113 -97.15 4.56 5.13
CA ALA F 113 -98.58 4.86 5.28
C ALA F 113 -99.35 4.09 4.20
N ASP F 114 -100.68 4.01 4.29
CA ASP F 114 -101.43 3.26 3.28
C ASP F 114 -101.34 3.94 1.89
N PRO F 115 -101.19 3.20 0.78
CA PRO F 115 -101.18 3.77 -0.56
C PRO F 115 -102.34 4.72 -0.86
N LYS F 116 -103.53 4.45 -0.33
CA LYS F 116 -104.70 5.33 -0.51
C LYS F 116 -104.55 6.65 0.26
N GLU F 117 -103.99 6.63 1.46
CA GLU F 117 -103.67 7.86 2.19
C GLU F 117 -102.67 8.70 1.40
N ILE F 118 -101.59 8.07 0.93
CA ILE F 118 -100.52 8.75 0.18
C ILE F 118 -101.07 9.31 -1.11
N TYR F 119 -101.88 8.54 -1.84
CA TYR F 119 -102.54 9.00 -3.05
C TYR F 119 -103.44 10.22 -2.75
N GLY F 120 -104.20 10.18 -1.65
CA GLY F 120 -105.01 11.30 -1.18
C GLY F 120 -104.18 12.55 -0.92
N ARG F 121 -103.05 12.43 -0.22
CA ARG F 121 -102.13 13.56 0.04
C ARG F 121 -101.55 14.12 -1.25
N ARG F 122 -101.10 13.25 -2.16
CA ARG F 122 -100.55 13.63 -3.47
C ARG F 122 -101.60 14.27 -4.39
N LEU F 123 -102.85 13.85 -4.30
CA LEU F 123 -103.97 14.45 -5.03
C LEU F 123 -104.33 15.85 -4.49
N LYS F 124 -104.24 16.05 -3.18
CA LYS F 124 -104.47 17.34 -2.51
C LYS F 124 -103.30 18.32 -2.63
N ASP F 125 -102.10 17.84 -2.92
CA ASP F 125 -100.95 18.68 -3.26
C ASP F 125 -101.12 19.40 -4.62
N ASP F 133 -98.80 8.86 -9.63
CA ASP F 133 -98.68 7.41 -9.59
C ASP F 133 -100.01 6.79 -9.13
N SER F 134 -100.38 5.63 -9.66
CA SER F 134 -101.50 4.84 -9.12
C SER F 134 -101.18 4.30 -7.71
N GLU F 135 -102.21 3.87 -7.00
CA GLU F 135 -102.04 3.16 -5.73
C GLU F 135 -101.22 1.87 -5.89
N GLU F 136 -101.28 1.23 -7.06
CA GLU F 136 -100.44 0.07 -7.36
C GLU F 136 -98.96 0.46 -7.44
N GLU F 137 -98.64 1.55 -8.14
CA GLU F 137 -97.27 2.04 -8.24
C GLU F 137 -96.74 2.57 -6.91
N ILE F 138 -97.60 3.13 -6.07
CA ILE F 138 -97.23 3.50 -4.70
C ILE F 138 -96.91 2.24 -3.89
N ALA F 139 -97.78 1.23 -3.91
CA ALA F 139 -97.55 -0.03 -3.21
C ALA F 139 -96.28 -0.75 -3.69
N GLU F 140 -96.01 -0.70 -4.99
CA GLU F 140 -94.77 -1.20 -5.56
C GLU F 140 -93.56 -0.44 -5.02
N HIS F 141 -93.57 0.90 -5.05
CA HIS F 141 -92.43 1.68 -4.56
C HIS F 141 -92.15 1.40 -3.09
N GLN F 142 -93.19 1.23 -2.27
CA GLN F 142 -93.00 0.78 -0.88
C GLN F 142 -92.34 -0.60 -0.80
N MET F 143 -92.82 -1.59 -1.56
CA MET F 143 -92.20 -2.91 -1.57
C MET F 143 -90.73 -2.84 -2.00
N MET F 144 -90.41 -2.07 -3.03
CA MET F 144 -89.02 -1.87 -3.42
C MET F 144 -88.19 -1.21 -2.33
N ASN F 145 -88.75 -0.28 -1.56
CA ASN F 145 -88.03 0.30 -0.43
C ASN F 145 -87.72 -0.74 0.64
N ARG F 146 -88.66 -1.64 0.98
CA ARG F 146 -88.38 -2.71 1.97
C ARG F 146 -87.23 -3.60 1.52
N ALA F 147 -87.22 -4.00 0.25
CA ALA F 147 -86.13 -4.79 -0.29
C ALA F 147 -84.80 -4.03 -0.21
N ALA F 148 -84.78 -2.76 -0.60
CA ALA F 148 -83.57 -1.95 -0.55
C ALA F 148 -83.05 -1.79 0.88
N ALA F 149 -83.94 -1.51 1.84
CA ALA F 149 -83.55 -1.35 3.24
C ALA F 149 -82.88 -2.62 3.77
N MET F 150 -83.50 -3.79 3.56
CA MET F 150 -82.95 -5.03 4.07
C MET F 150 -81.66 -5.45 3.34
N ALA F 151 -81.53 -5.11 2.06
CA ALA F 151 -80.25 -5.26 1.38
C ALA F 151 -79.15 -4.42 2.05
N TYR F 152 -79.41 -3.13 2.33
CA TYR F 152 -78.46 -2.28 3.07
C TYR F 152 -78.15 -2.84 4.45
N ALA F 153 -79.14 -3.36 5.16
CA ALA F 153 -78.94 -3.98 6.45
C ALA F 153 -77.92 -5.10 6.37
N SER F 154 -78.09 -6.04 5.45
CA SER F 154 -77.18 -7.18 5.29
C SER F 154 -75.75 -6.78 4.93
N LEU F 155 -75.55 -5.64 4.25
CA LEU F 155 -74.23 -5.13 3.91
C LEU F 155 -73.47 -4.48 5.08
N SER F 156 -74.17 -4.13 6.16
CA SER F 156 -73.69 -3.15 7.14
C SER F 156 -73.88 -3.54 8.61
N GLY F 157 -74.77 -4.50 8.90
CA GLY F 157 -75.19 -4.81 10.26
C GLY F 157 -76.19 -3.79 10.84
N ALA F 158 -76.68 -2.85 10.04
CA ALA F 158 -77.69 -1.90 10.50
C ALA F 158 -79.01 -2.58 10.87
N THR F 159 -79.65 -2.16 11.94
CA THR F 159 -81.01 -2.59 12.28
C THR F 159 -82.02 -1.92 11.35
N VAL F 160 -83.17 -2.53 11.05
CA VAL F 160 -84.23 -1.89 10.24
C VAL F 160 -85.51 -1.74 11.03
N LYS F 161 -86.04 -0.51 11.16
CA LYS F 161 -87.31 -0.21 11.85
C LYS F 161 -88.33 0.34 10.86
N ILE F 162 -89.54 -0.20 10.85
CA ILE F 162 -90.66 0.31 10.04
C ILE F 162 -91.64 1.08 10.93
N VAL F 163 -92.04 2.28 10.53
CA VAL F 163 -92.93 3.17 11.30
C VAL F 163 -94.16 3.57 10.47
N PHE F 164 -95.36 3.26 10.95
CA PHE F 164 -96.59 3.75 10.32
C PHE F 164 -96.88 5.22 10.66
N ASN F 165 -97.36 5.98 9.68
CA ASN F 165 -97.73 7.39 9.81
C ASN F 165 -99.08 7.69 9.14
N HIS F 166 -100.12 6.99 9.59
CA HIS F 166 -101.50 7.23 9.15
C HIS F 166 -101.97 8.67 9.45
N ASP F 167 -102.87 9.22 8.62
CA ASP F 167 -103.17 10.66 8.56
C ASP F 167 -103.44 11.32 9.92
N ASN F 168 -104.39 10.79 10.69
CA ASN F 168 -104.80 11.35 11.98
C ASN F 168 -103.85 11.00 13.14
N ARG F 169 -102.91 10.07 12.93
CA ARG F 169 -102.26 9.28 13.99
C ARG F 169 -100.78 9.61 14.14
N LEU F 170 -100.40 10.87 13.97
CA LEU F 170 -99.01 11.31 14.08
C LEU F 170 -98.38 10.91 15.43
N ASP F 171 -99.16 10.89 16.50
CA ASP F 171 -98.68 10.45 17.82
C ASP F 171 -98.22 8.98 17.84
N ASP F 172 -98.87 8.09 17.07
CA ASP F 172 -98.40 6.71 16.91
C ASP F 172 -97.04 6.67 16.21
N ALA F 173 -96.87 7.45 15.13
CA ALA F 173 -95.61 7.50 14.41
C ALA F 173 -94.47 7.98 15.31
N VAL F 174 -94.71 9.04 16.09
CA VAL F 174 -93.72 9.59 17.03
C VAL F 174 -93.44 8.63 18.18
N ARG F 175 -94.47 7.96 18.72
CA ARG F 175 -94.31 6.96 19.78
C ARG F 175 -93.52 5.74 19.32
N ASP F 176 -93.65 5.33 18.06
CA ASP F 176 -92.79 4.30 17.48
C ASP F 176 -91.37 4.80 17.19
N ALA F 177 -91.20 6.05 16.75
CA ALA F 177 -89.90 6.58 16.36
C ALA F 177 -88.98 6.93 17.55
N ALA F 178 -89.52 7.57 18.60
CA ALA F 178 -88.71 8.06 19.71
C ALA F 178 -87.85 6.99 20.43
N PRO F 179 -88.31 5.73 20.65
CA PRO F 179 -87.50 4.63 21.18
C PRO F 179 -86.22 4.30 20.43
N VAL F 180 -86.06 4.74 19.17
CA VAL F 180 -84.89 4.46 18.34
C VAL F 180 -83.69 5.35 18.69
N LEU F 181 -83.98 6.58 19.15
CA LEU F 181 -83.03 7.70 19.29
C LEU F 181 -82.14 7.59 20.54
N ILE G 4 -35.83 13.01 69.43
CA ILE G 4 -36.18 13.92 70.55
C ILE G 4 -34.91 14.27 71.30
N VAL G 5 -34.73 15.51 71.76
CA VAL G 5 -33.63 15.90 72.65
C VAL G 5 -34.17 16.44 73.96
N VAL G 6 -33.70 15.96 75.10
CA VAL G 6 -34.07 16.47 76.43
C VAL G 6 -32.94 17.28 77.02
N THR G 7 -33.23 18.46 77.59
CA THR G 7 -32.22 19.42 78.04
C THR G 7 -32.65 20.14 79.32
N GLY G 8 -31.68 20.61 80.11
CA GLY G 8 -31.96 21.29 81.38
C GLY G 8 -30.69 21.73 82.12
N ILE G 9 -30.84 22.72 82.99
CA ILE G 9 -29.78 23.22 83.88
C ILE G 9 -29.46 22.19 84.99
N PRO G 10 -28.18 21.94 85.33
CA PRO G 10 -27.81 21.06 86.44
C PRO G 10 -28.51 21.41 87.75
N GLY G 11 -29.25 20.45 88.31
CA GLY G 11 -30.10 20.62 89.50
C GLY G 11 -31.61 20.70 89.21
N VAL G 12 -32.04 20.87 87.95
CA VAL G 12 -33.48 20.99 87.61
C VAL G 12 -34.25 19.66 87.71
N GLY G 13 -33.57 18.52 87.88
CA GLY G 13 -34.19 17.21 88.01
C GLY G 13 -34.47 16.50 86.69
N LYS G 14 -33.70 16.84 85.65
CA LYS G 14 -33.84 16.33 84.27
C LYS G 14 -34.01 14.81 84.20
N THR G 15 -33.12 14.07 84.84
CA THR G 15 -33.11 12.60 84.74
C THR G 15 -34.38 11.99 85.34
N THR G 16 -34.90 12.53 86.44
CA THR G 16 -36.13 12.03 87.07
C THR G 16 -37.33 12.15 86.14
N VAL G 17 -37.56 13.33 85.56
CA VAL G 17 -38.68 13.55 84.64
C VAL G 17 -38.53 12.69 83.38
N MET G 18 -37.33 12.58 82.83
CA MET G 18 -37.05 11.69 81.70
C MET G 18 -37.36 10.23 82.04
N GLN G 19 -36.84 9.70 83.15
CA GLN G 19 -37.04 8.30 83.56
C GLN G 19 -38.52 7.96 83.75
N LYS G 20 -39.28 8.86 84.40
CA LYS G 20 -40.73 8.69 84.60
C LYS G 20 -41.50 8.80 83.29
N ALA G 21 -41.27 9.82 82.46
CA ALA G 21 -42.00 9.98 81.22
C ALA G 21 -41.69 8.88 80.18
N ALA G 22 -40.44 8.43 80.10
CA ALA G 22 -40.01 7.37 79.19
C ALA G 22 -40.50 5.97 79.60
N GLU G 23 -41.14 5.80 80.76
CA GLU G 23 -41.60 4.51 81.24
C GLU G 23 -42.55 3.81 80.25
N GLY G 24 -42.26 2.57 79.90
CA GLY G 24 -42.99 1.79 78.90
C GLY G 24 -42.77 2.22 77.43
N SER G 25 -41.94 3.23 77.16
CA SER G 25 -41.65 3.64 75.78
C SER G 25 -40.73 2.63 75.07
N PRO G 26 -40.94 2.34 73.78
CA PRO G 26 -40.01 1.56 72.97
C PRO G 26 -38.77 2.35 72.54
N LEU G 27 -38.66 3.66 72.83
CA LEU G 27 -37.54 4.47 72.37
C LEU G 27 -36.23 4.14 73.10
N PRO G 28 -35.09 3.99 72.39
CA PRO G 28 -33.78 3.92 73.01
C PRO G 28 -33.41 5.21 73.74
N ARG G 29 -32.54 5.10 74.74
CA ARG G 29 -32.14 6.19 75.63
C ARG G 29 -30.64 6.43 75.51
N VAL G 30 -30.21 7.62 75.14
CA VAL G 30 -28.82 7.85 74.75
C VAL G 30 -28.26 9.12 75.39
N PRO G 31 -27.14 9.08 76.12
CA PRO G 31 -26.37 10.26 76.46
C PRO G 31 -25.39 10.59 75.31
N LEU G 32 -25.38 11.83 74.82
CA LEU G 32 -24.54 12.19 73.67
C LEU G 32 -23.04 12.13 73.99
N GLU G 33 -22.65 12.53 75.20
CA GLU G 33 -21.24 12.50 75.63
C GLU G 33 -20.74 11.05 75.69
N GLY G 34 -21.60 10.15 76.13
CA GLY G 34 -21.34 8.71 76.15
C GLY G 34 -21.06 8.18 74.74
N VAL G 35 -21.91 8.49 73.77
CA VAL G 35 -21.68 8.07 72.38
C VAL G 35 -20.42 8.70 71.81
N MET G 36 -20.14 9.97 72.07
CA MET G 36 -18.89 10.59 71.61
C MET G 36 -17.67 9.86 72.15
N TYR G 37 -17.65 9.52 73.45
CA TYR G 37 -16.58 8.73 74.03
C TYR G 37 -16.49 7.36 73.37
N GLY G 38 -17.61 6.65 73.23
CA GLY G 38 -17.65 5.33 72.59
C GLY G 38 -17.12 5.38 71.14
N VAL G 39 -17.53 6.36 70.34
CA VAL G 39 -17.07 6.53 68.97
C VAL G 39 -15.58 6.84 68.94
N ALA G 40 -15.11 7.80 69.73
CA ALA G 40 -13.68 8.13 69.78
C ALA G 40 -12.82 6.94 70.26
N LYS G 41 -13.30 6.19 71.26
CA LYS G 41 -12.65 5.00 71.81
C LYS G 41 -12.54 3.89 70.76
N ARG G 42 -13.60 3.64 70.00
CA ARG G 42 -13.62 2.60 68.96
C ARG G 42 -12.89 3.02 67.68
N MET G 43 -12.77 4.31 67.43
CA MET G 43 -11.82 4.89 66.47
C MET G 43 -10.36 4.91 66.97
N GLY G 44 -10.10 4.50 68.21
CA GLY G 44 -8.76 4.41 68.79
C GLY G 44 -8.16 5.75 69.26
N LEU G 45 -8.93 6.84 69.25
CA LEU G 45 -8.46 8.19 69.56
C LEU G 45 -8.21 8.41 71.06
N VAL G 46 -8.92 7.65 71.91
CA VAL G 46 -8.90 7.72 73.37
C VAL G 46 -9.07 6.34 73.99
N LYS G 47 -8.78 6.22 75.28
CA LYS G 47 -9.11 5.06 76.13
C LYS G 47 -9.92 5.46 77.36
N ASP G 48 -9.74 6.66 77.89
CA ASP G 48 -10.38 7.10 79.14
C ASP G 48 -11.25 8.37 78.96
N ILE G 49 -12.34 8.48 79.74
CA ILE G 49 -13.41 9.47 79.57
C ILE G 49 -12.91 10.92 79.65
N ASP G 50 -11.90 11.21 80.46
CA ASP G 50 -11.31 12.55 80.58
C ASP G 50 -10.52 12.97 79.33
N GLU G 51 -10.03 12.03 78.53
CA GLU G 51 -9.28 12.34 77.31
C GLU G 51 -10.14 13.04 76.26
N MET G 52 -11.46 12.94 76.34
CA MET G 52 -12.40 13.66 75.49
C MET G 52 -12.24 15.19 75.58
N ARG G 53 -11.82 15.71 76.74
CA ARG G 53 -11.51 17.14 76.92
C ARG G 53 -10.15 17.54 76.37
N ARG G 54 -9.25 16.56 76.19
CA ARG G 54 -7.87 16.75 75.71
C ARG G 54 -7.73 16.71 74.19
N LEU G 55 -8.74 16.19 73.49
CA LEU G 55 -8.77 16.10 72.02
C LEU G 55 -8.61 17.47 71.35
N SER G 56 -7.99 17.47 70.17
CA SER G 56 -7.94 18.64 69.29
C SER G 56 -9.35 19.08 68.89
N PRO G 57 -9.73 20.36 68.99
CA PRO G 57 -11.08 20.83 68.65
C PRO G 57 -11.59 20.37 67.28
N ASP G 58 -10.76 20.42 66.24
CA ASP G 58 -11.17 20.01 64.88
C ASP G 58 -11.28 18.49 64.69
N VAL G 59 -10.67 17.69 65.58
CA VAL G 59 -10.99 16.26 65.70
C VAL G 59 -12.33 16.09 66.44
N GLN G 60 -12.53 16.85 67.51
CA GLN G 60 -13.75 16.79 68.31
C GLN G 60 -15.02 17.16 67.50
N LYS G 61 -14.91 18.09 66.54
CA LYS G 61 -15.96 18.35 65.55
C LYS G 61 -16.33 17.11 64.74
N GLU G 62 -15.34 16.38 64.23
CA GLU G 62 -15.61 15.17 63.47
C GLU G 62 -16.16 14.04 64.34
N VAL G 63 -15.73 13.92 65.60
CA VAL G 63 -16.34 12.99 66.55
C VAL G 63 -17.81 13.35 66.79
N GLN G 64 -18.15 14.62 66.98
CA GLN G 64 -19.54 15.05 67.09
C GLN G 64 -20.34 14.70 65.83
N LYS G 65 -19.77 14.96 64.65
CA LYS G 65 -20.39 14.63 63.37
C LYS G 65 -20.67 13.13 63.23
N LYS G 66 -19.68 12.28 63.50
CA LYS G 66 -19.83 10.82 63.43
C LYS G 66 -20.80 10.28 64.47
N ALA G 67 -20.73 10.76 65.71
CA ALA G 67 -21.70 10.39 66.74
C ALA G 67 -23.13 10.75 66.32
N ALA G 68 -23.34 11.94 65.78
CA ALA G 68 -24.65 12.34 65.27
C ALA G 68 -25.10 11.47 64.09
N GLU G 69 -24.22 11.16 63.13
CA GLU G 69 -24.58 10.26 62.02
C GLU G 69 -25.06 8.90 62.52
N ARG G 70 -24.38 8.33 63.51
CA ARG G 70 -24.74 7.02 64.08
C ARG G 70 -26.01 7.07 64.90
N ILE G 71 -26.25 8.14 65.66
CA ILE G 71 -27.51 8.32 66.38
C ILE G 71 -28.67 8.60 65.39
N ALA G 72 -28.42 9.25 64.25
CA ALA G 72 -29.43 9.40 63.20
C ALA G 72 -29.77 8.04 62.56
N ALA G 73 -28.77 7.19 62.30
CA ALA G 73 -29.00 5.87 61.74
C ALA G 73 -29.82 4.96 62.67
N LEU G 74 -29.66 5.07 63.99
CA LEU G 74 -30.45 4.36 64.99
C LEU G 74 -31.96 4.69 64.90
N GLY G 75 -32.30 5.85 64.35
CA GLY G 75 -33.68 6.31 64.20
C GLY G 75 -34.21 7.08 65.42
N ASP G 76 -35.50 6.96 65.69
CA ASP G 76 -36.17 7.74 66.74
C ASP G 76 -35.61 7.36 68.11
N VAL G 77 -35.22 8.36 68.91
CA VAL G 77 -34.41 8.20 70.14
C VAL G 77 -34.73 9.30 71.15
N ILE G 78 -34.63 9.01 72.45
CA ILE G 78 -34.59 10.05 73.48
C ILE G 78 -33.12 10.34 73.77
N LEU G 79 -32.58 11.35 73.08
CA LEU G 79 -31.22 11.82 73.30
C LEU G 79 -31.17 12.75 74.51
N ASP G 80 -30.08 12.70 75.26
CA ASP G 80 -29.87 13.50 76.46
C ASP G 80 -28.52 14.23 76.39
N THR G 81 -28.54 15.56 76.51
CA THR G 81 -27.35 16.42 76.64
C THR G 81 -27.75 17.82 77.11
N HIS G 82 -26.82 18.65 77.59
CA HIS G 82 -27.10 20.05 77.92
C HIS G 82 -27.25 20.91 76.66
N CYS G 83 -28.17 21.88 76.65
CA CYS G 83 -28.26 22.87 75.57
C CYS G 83 -27.16 23.93 75.68
N THR G 84 -26.80 24.39 76.89
CA THR G 84 -25.58 25.18 77.10
C THR G 84 -24.84 24.74 78.37
N ILE G 85 -23.52 24.65 78.28
CA ILE G 85 -22.65 24.22 79.38
C ILE G 85 -21.95 25.46 79.92
N LYS G 86 -22.03 25.73 81.22
CA LYS G 86 -21.31 26.87 81.82
C LYS G 86 -19.83 26.52 82.00
N THR G 87 -18.94 27.43 81.65
CA THR G 87 -17.47 27.23 81.65
C THR G 87 -16.76 28.49 82.17
N PRO G 88 -15.46 28.43 82.51
CA PRO G 88 -14.69 29.62 82.88
C PRO G 88 -14.79 30.79 81.88
N LYS G 89 -14.85 30.49 80.57
CA LYS G 89 -15.04 31.49 79.50
C LYS G 89 -16.51 31.79 79.17
N GLY G 90 -17.46 31.39 80.01
CA GLY G 90 -18.89 31.63 79.83
C GLY G 90 -19.65 30.44 79.27
N TYR G 91 -20.83 30.68 78.70
CA TYR G 91 -21.70 29.63 78.17
C TYR G 91 -21.18 29.06 76.86
N LEU G 92 -21.12 27.74 76.76
CA LEU G 92 -20.75 27.01 75.56
C LEU G 92 -21.99 26.33 74.96
N PRO G 93 -22.36 26.59 73.70
CA PRO G 93 -23.42 25.87 72.99
C PRO G 93 -23.20 24.37 72.96
N GLY G 94 -24.17 23.59 73.43
CA GLY G 94 -24.08 22.13 73.51
C GLY G 94 -24.35 21.41 72.18
N LEU G 95 -25.03 22.06 71.23
CA LEU G 95 -25.41 21.48 69.94
C LEU G 95 -25.04 22.41 68.79
N PRO G 96 -23.79 22.40 68.32
CA PRO G 96 -23.38 23.14 67.14
C PRO G 96 -24.19 22.76 65.90
N ARG G 97 -24.23 23.63 64.90
CA ARG G 97 -24.96 23.40 63.64
C ARG G 97 -24.59 22.09 62.95
N TRP G 98 -23.33 21.67 62.97
CA TRP G 98 -22.91 20.40 62.37
C TRP G 98 -23.47 19.16 63.07
N VAL G 99 -23.97 19.27 64.30
CA VAL G 99 -24.76 18.19 64.93
C VAL G 99 -26.19 18.21 64.40
N LEU G 100 -26.86 19.37 64.41
CA LEU G 100 -28.25 19.51 63.99
C LEU G 100 -28.47 19.06 62.54
N GLU G 101 -27.57 19.40 61.63
CA GLU G 101 -27.68 18.97 60.22
C GLU G 101 -27.64 17.45 60.04
N LYS G 102 -27.09 16.70 61.01
CA LYS G 102 -27.09 15.23 61.05
C LYS G 102 -28.28 14.66 61.82
N LEU G 103 -28.53 15.09 63.05
CA LEU G 103 -29.65 14.55 63.86
C LEU G 103 -31.03 14.93 63.32
N ARG G 104 -31.19 16.16 62.84
CA ARG G 104 -32.47 16.73 62.39
C ARG G 104 -33.61 16.50 63.40
N PRO G 105 -33.49 16.95 64.67
CA PRO G 105 -34.45 16.67 65.71
C PRO G 105 -35.87 17.12 65.37
N SER G 106 -36.89 16.37 65.78
CA SER G 106 -38.28 16.81 65.68
C SER G 106 -38.72 17.67 66.87
N VAL G 107 -38.19 17.42 68.06
CA VAL G 107 -38.50 18.18 69.27
C VAL G 107 -37.25 18.43 70.09
N ILE G 108 -37.10 19.63 70.62
CA ILE G 108 -36.22 19.97 71.73
C ILE G 108 -37.10 20.19 72.96
N LEU G 109 -36.81 19.50 74.06
CA LEU G 109 -37.53 19.65 75.32
C LEU G 109 -36.62 20.34 76.34
N LEU G 110 -37.13 21.38 76.98
CA LEU G 110 -36.38 22.18 77.94
C LEU G 110 -37.07 22.13 79.32
N VAL G 111 -36.37 21.63 80.33
CA VAL G 111 -36.90 21.50 81.70
C VAL G 111 -36.55 22.73 82.52
N GLU G 112 -37.52 23.26 83.27
CA GLU G 112 -37.34 24.47 84.10
C GLU G 112 -37.95 24.31 85.50
N ALA G 113 -37.41 25.02 86.47
CA ALA G 113 -37.94 25.19 87.81
C ALA G 113 -37.60 26.60 88.31
N ASP G 114 -38.21 27.07 89.39
CA ASP G 114 -37.89 28.41 89.89
C ASP G 114 -36.40 28.48 90.33
N PRO G 115 -35.66 29.56 90.01
CA PRO G 115 -34.29 29.74 90.49
C PRO G 115 -34.12 29.53 92.00
N LYS G 116 -35.12 29.88 92.82
CA LYS G 116 -35.09 29.63 94.27
C LYS G 116 -35.19 28.15 94.61
N GLU G 117 -36.01 27.38 93.90
CA GLU G 117 -36.07 25.93 94.07
C GLU G 117 -34.72 25.30 93.70
N ILE G 118 -34.16 25.69 92.56
CA ILE G 118 -32.88 25.16 92.09
C ILE G 118 -31.75 25.53 93.05
N TYR G 119 -31.72 26.77 93.54
CA TYR G 119 -30.76 27.19 94.55
C TYR G 119 -30.91 26.37 95.84
N GLY G 120 -32.14 26.11 96.28
CA GLY G 120 -32.42 25.22 97.40
C GLY G 120 -31.86 23.81 97.19
N ARG G 121 -32.11 23.20 96.03
CA ARG G 121 -31.56 21.87 95.69
C ARG G 121 -30.04 21.88 95.65
N ARG G 122 -29.43 22.89 95.03
CA ARG G 122 -27.97 23.05 94.96
C ARG G 122 -27.33 23.30 96.33
N LEU G 123 -28.03 24.02 97.22
CA LEU G 123 -27.57 24.25 98.59
C LEU G 123 -27.65 22.97 99.45
N LYS G 124 -28.66 22.12 99.22
CA LYS G 124 -28.83 20.82 99.88
C LYS G 124 -27.90 19.73 99.32
N ASP G 125 -27.41 19.88 98.11
CA ASP G 125 -26.41 18.97 97.53
C ASP G 125 -25.04 19.10 98.22
N ASP G 133 -23.78 29.37 92.26
CA ASP G 133 -24.32 30.50 91.52
C ASP G 133 -25.42 31.21 92.34
N SER G 134 -25.57 32.53 92.18
CA SER G 134 -26.75 33.24 92.68
C SER G 134 -28.02 32.83 91.93
N GLU G 135 -29.18 33.13 92.50
CA GLU G 135 -30.46 32.98 91.82
C GLU G 135 -30.53 33.83 90.54
N GLU G 136 -29.84 34.96 90.51
CA GLU G 136 -29.72 35.79 89.30
C GLU G 136 -28.93 35.07 88.20
N GLU G 137 -27.80 34.45 88.53
CA GLU G 137 -27.01 33.68 87.57
C GLU G 137 -27.75 32.43 87.09
N ILE G 138 -28.58 31.82 87.95
CA ILE G 138 -29.46 30.73 87.55
C ILE G 138 -30.53 31.24 86.57
N ALA G 139 -31.20 32.35 86.88
CA ALA G 139 -32.20 32.95 86.00
C ALA G 139 -31.59 33.36 84.64
N GLU G 140 -30.37 33.88 84.65
CA GLU G 140 -29.62 34.16 83.43
C GLU G 140 -29.36 32.88 82.62
N HIS G 141 -28.87 31.81 83.25
CA HIS G 141 -28.59 30.57 82.53
C HIS G 141 -29.86 29.99 81.90
N GLN G 142 -31.00 30.06 82.59
CA GLN G 142 -32.28 29.68 82.00
C GLN G 142 -32.64 30.56 80.78
N MET G 143 -32.52 31.89 80.89
CA MET G 143 -32.79 32.77 79.77
C MET G 143 -31.86 32.48 78.59
N MET G 144 -30.58 32.22 78.82
CA MET G 144 -29.68 31.84 77.74
C MET G 144 -30.10 30.50 77.11
N ASN G 145 -30.56 29.53 77.89
CA ASN G 145 -31.06 28.29 77.33
C ASN G 145 -32.29 28.50 76.44
N ARG G 146 -33.24 29.35 76.80
CA ARG G 146 -34.39 29.62 75.92
C ARG G 146 -33.95 30.20 74.58
N ALA G 147 -33.01 31.13 74.60
CA ALA G 147 -32.44 31.68 73.38
C ALA G 147 -31.73 30.60 72.55
N ALA G 148 -30.92 29.75 73.19
CA ALA G 148 -30.24 28.66 72.51
C ALA G 148 -31.22 27.68 71.88
N ALA G 149 -32.26 27.28 72.62
CA ALA G 149 -33.26 26.36 72.11
C ALA G 149 -33.95 26.90 70.86
N MET G 150 -34.40 28.15 70.90
CA MET G 150 -35.08 28.73 69.75
C MET G 150 -34.14 28.97 68.56
N ALA G 151 -32.87 29.28 68.81
CA ALA G 151 -31.89 29.32 67.74
C ALA G 151 -31.73 27.96 67.07
N TYR G 152 -31.58 26.89 67.85
CA TYR G 152 -31.54 25.51 67.35
C TYR G 152 -32.80 25.16 66.55
N ALA G 153 -33.96 25.55 67.05
CA ALA G 153 -35.23 25.32 66.38
C ALA G 153 -35.22 25.95 64.99
N SER G 154 -34.88 27.22 64.88
CA SER G 154 -34.86 27.94 63.59
C SER G 154 -33.88 27.34 62.57
N LEU G 155 -32.80 26.70 63.02
CA LEU G 155 -31.82 26.03 62.16
C LEU G 155 -32.29 24.67 61.65
N SER G 156 -33.29 24.06 62.29
CA SER G 156 -33.60 22.63 62.13
C SER G 156 -35.07 22.33 61.80
N GLY G 157 -35.99 23.25 62.08
CA GLY G 157 -37.43 22.99 62.06
C GLY G 157 -37.93 22.22 63.28
N ALA G 158 -37.11 22.00 64.31
CA ALA G 158 -37.54 21.32 65.53
C ALA G 158 -38.57 22.14 66.32
N THR G 159 -39.54 21.49 66.93
CA THR G 159 -40.45 22.13 67.88
C THR G 159 -39.74 22.38 69.21
N VAL G 160 -40.10 23.39 70.00
CA VAL G 160 -39.56 23.60 71.35
C VAL G 160 -40.64 23.48 72.42
N LYS G 161 -40.48 22.58 73.37
CA LYS G 161 -41.42 22.38 74.50
C LYS G 161 -40.75 22.77 75.81
N ILE G 162 -41.39 23.61 76.62
CA ILE G 162 -40.93 23.94 77.96
C ILE G 162 -41.74 23.15 79.00
N VAL G 163 -41.07 22.52 79.95
CA VAL G 163 -41.70 21.70 81.02
C VAL G 163 -41.31 22.21 82.40
N PHE G 164 -42.27 22.64 83.21
CA PHE G 164 -42.01 22.97 84.62
C PHE G 164 -41.85 21.71 85.47
N ASN G 165 -40.92 21.74 86.43
CA ASN G 165 -40.63 20.66 87.36
C ASN G 165 -40.45 21.17 88.80
N HIS G 166 -41.48 21.79 89.34
CA HIS G 166 -41.50 22.28 90.73
C HIS G 166 -41.35 21.13 91.74
N ASP G 167 -40.73 21.39 92.90
CA ASP G 167 -40.17 20.36 93.79
C ASP G 167 -41.07 19.15 94.08
N ASN G 168 -42.27 19.37 94.63
CA ASN G 168 -43.19 18.29 95.00
C ASN G 168 -44.01 17.76 93.82
N ARG G 169 -44.04 18.49 92.71
CA ARG G 169 -45.05 18.39 91.65
C ARG G 169 -44.56 17.59 90.44
N LEU G 170 -43.79 16.53 90.66
CA LEU G 170 -43.22 15.70 89.60
C LEU G 170 -44.27 15.16 88.63
N ASP G 171 -45.48 14.86 89.10
CA ASP G 171 -46.57 14.42 88.22
C ASP G 171 -46.97 15.47 87.17
N ASP G 172 -46.86 16.77 87.47
CA ASP G 172 -47.08 17.82 86.48
C ASP G 172 -46.01 17.79 85.38
N ALA G 173 -44.73 17.65 85.76
CA ALA G 173 -43.65 17.53 84.79
C ALA G 173 -43.84 16.31 83.89
N VAL G 174 -44.17 15.15 84.47
CA VAL G 174 -44.38 13.92 83.71
C VAL G 174 -45.63 14.01 82.82
N ARG G 175 -46.70 14.62 83.31
CA ARG G 175 -47.94 14.83 82.53
C ARG G 175 -47.73 15.78 81.37
N ASP G 176 -46.86 16.79 81.49
CA ASP G 176 -46.46 17.62 80.36
C ASP G 176 -45.48 16.90 79.41
N ALA G 177 -44.60 16.03 79.92
CA ALA G 177 -43.60 15.36 79.09
C ALA G 177 -44.17 14.21 78.24
N ALA G 178 -45.02 13.36 78.80
CA ALA G 178 -45.52 12.18 78.10
C ALA G 178 -46.23 12.46 76.74
N PRO G 179 -47.02 13.55 76.58
CA PRO G 179 -47.58 13.95 75.28
C PRO G 179 -46.60 14.15 74.12
N VAL G 180 -45.32 14.37 74.41
CA VAL G 180 -44.29 14.62 73.38
C VAL G 180 -43.85 13.34 72.67
N LEU G 181 -43.91 12.20 73.38
CA LEU G 181 -43.30 10.93 73.00
C LEU G 181 -44.07 10.17 71.91
N ILE H 4 75.41 14.80 18.93
CA ILE H 4 76.86 14.67 18.59
C ILE H 4 77.26 13.21 18.63
N VAL H 5 78.16 12.75 17.75
CA VAL H 5 78.76 11.41 17.83
C VAL H 5 80.27 11.52 17.92
N VAL H 6 80.91 10.88 18.90
CA VAL H 6 82.38 10.86 19.04
C VAL H 6 82.92 9.48 18.68
N THR H 7 83.97 9.44 17.86
CA THR H 7 84.48 8.19 17.27
C THR H 7 86.00 8.16 17.23
N GLY H 8 86.59 6.96 17.20
CA GLY H 8 88.04 6.79 17.14
C GLY H 8 88.49 5.32 17.13
N ILE H 9 89.71 5.09 16.64
CA ILE H 9 90.38 3.78 16.63
C ILE H 9 90.81 3.37 18.05
N PRO H 10 90.63 2.11 18.48
CA PRO H 10 91.11 1.64 19.78
C PRO H 10 92.60 1.91 20.01
N GLY H 11 92.91 2.63 21.10
CA GLY H 11 94.25 3.13 21.43
C GLY H 11 94.47 4.63 21.16
N VAL H 12 93.58 5.31 20.43
CA VAL H 12 93.73 6.75 20.15
C VAL H 12 93.48 7.65 21.36
N GLY H 13 92.89 7.12 22.45
CA GLY H 13 92.61 7.89 23.67
C GLY H 13 91.26 8.62 23.67
N LYS H 14 90.29 8.10 22.91
CA LYS H 14 88.94 8.67 22.73
C LYS H 14 88.30 9.13 24.04
N THR H 15 88.27 8.26 25.05
CA THR H 15 87.56 8.54 26.30
C THR H 15 88.16 9.72 27.05
N THR H 16 89.49 9.86 27.06
CA THR H 16 90.19 10.94 27.76
C THR H 16 89.83 12.31 27.19
N VAL H 17 89.89 12.48 25.87
CA VAL H 17 89.52 13.75 25.22
C VAL H 17 88.04 14.06 25.43
N MET H 18 87.15 13.07 25.33
CA MET H 18 85.73 13.25 25.63
C MET H 18 85.50 13.70 27.06
N GLN H 19 86.06 12.99 28.06
CA GLN H 19 85.85 13.32 29.48
C GLN H 19 86.33 14.73 29.81
N LYS H 20 87.51 15.12 29.31
CA LYS H 20 88.06 16.47 29.53
C LYS H 20 87.25 17.56 28.83
N ALA H 21 86.86 17.37 27.56
CA ALA H 21 86.09 18.38 26.84
C ALA H 21 84.63 18.51 27.34
N ALA H 22 84.01 17.40 27.74
CA ALA H 22 82.65 17.38 28.29
C ALA H 22 82.55 17.93 29.72
N GLU H 23 83.66 18.28 30.37
CA GLU H 23 83.67 18.83 31.73
C GLU H 23 82.80 20.09 31.82
N GLY H 24 81.88 20.13 32.79
CA GLY H 24 80.91 21.21 32.96
C GLY H 24 79.78 21.27 31.92
N SER H 25 79.73 20.38 30.94
CA SER H 25 78.64 20.34 29.96
C SER H 25 77.34 19.78 30.57
N PRO H 26 76.17 20.35 30.25
CA PRO H 26 74.88 19.76 30.63
C PRO H 26 74.48 18.56 29.77
N LEU H 27 75.27 18.17 28.76
CA LEU H 27 74.89 17.08 27.85
C LEU H 27 74.96 15.69 28.51
N PRO H 28 73.95 14.82 28.33
CA PRO H 28 74.05 13.41 28.70
C PRO H 28 75.15 12.69 27.90
N ARG H 29 75.72 11.65 28.48
CA ARG H 29 76.83 10.85 27.94
C ARG H 29 76.39 9.41 27.74
N VAL H 30 76.49 8.88 26.52
CA VAL H 30 75.83 7.62 26.19
C VAL H 30 76.73 6.71 25.37
N PRO H 31 77.02 5.47 25.77
CA PRO H 31 77.56 4.44 24.90
C PRO H 31 76.44 3.74 24.12
N LEU H 32 76.52 3.68 22.78
CA LEU H 32 75.43 3.13 21.97
C LEU H 32 75.22 1.63 22.17
N GLU H 33 76.30 0.86 22.35
CA GLU H 33 76.22 -0.58 22.59
C GLU H 33 75.50 -0.86 23.91
N GLY H 34 75.78 -0.04 24.92
CA GLY H 34 75.12 -0.06 26.21
C GLY H 34 73.62 0.16 26.10
N VAL H 35 73.20 1.18 25.34
CA VAL H 35 71.77 1.41 25.11
C VAL H 35 71.13 0.23 24.37
N MET H 36 71.78 -0.32 23.34
CA MET H 36 71.25 -1.47 22.63
C MET H 36 71.04 -2.67 23.57
N TYR H 37 72.02 -2.95 24.43
CA TYR H 37 71.90 -3.99 25.46
C TYR H 37 70.73 -3.70 26.40
N GLY H 38 70.63 -2.47 26.91
CA GLY H 38 69.51 -2.06 27.75
C GLY H 38 68.15 -2.24 27.06
N VAL H 39 68.01 -1.80 25.82
CA VAL H 39 66.77 -1.96 25.06
C VAL H 39 66.44 -3.42 24.85
N ALA H 40 67.39 -4.24 24.39
CA ALA H 40 67.16 -5.66 24.16
C ALA H 40 66.82 -6.41 25.46
N LYS H 41 67.51 -6.08 26.56
CA LYS H 41 67.29 -6.63 27.91
C LYS H 41 65.88 -6.32 28.40
N ARG H 42 65.42 -5.07 28.24
CA ARG H 42 64.07 -4.64 28.65
C ARG H 42 62.96 -5.14 27.72
N MET H 43 63.28 -5.41 26.46
CA MET H 43 62.44 -6.17 25.54
C MET H 43 62.47 -7.70 25.80
N GLY H 44 63.29 -8.17 26.75
CA GLY H 44 63.39 -9.59 27.13
C GLY H 44 64.18 -10.47 26.16
N LEU H 45 64.87 -9.88 25.18
CA LEU H 45 65.59 -10.60 24.12
C LEU H 45 66.90 -11.22 24.61
N VAL H 46 67.48 -10.68 25.67
CA VAL H 46 68.76 -11.07 26.28
C VAL H 46 68.69 -10.86 27.78
N LYS H 47 69.64 -11.43 28.52
CA LYS H 47 69.95 -11.09 29.92
C LYS H 47 71.41 -10.64 30.11
N ASP H 48 72.34 -11.09 29.27
CA ASP H 48 73.77 -10.85 29.44
C ASP H 48 74.42 -10.12 28.23
N ILE H 49 75.47 -9.32 28.48
CA ILE H 49 76.06 -8.40 27.48
C ILE H 49 76.61 -9.12 26.24
N ASP H 50 77.14 -10.34 26.40
CA ASP H 50 77.66 -11.13 25.29
C ASP H 50 76.56 -11.70 24.37
N GLU H 51 75.33 -11.84 24.86
CA GLU H 51 74.22 -12.37 24.05
C GLU H 51 73.85 -11.45 22.89
N MET H 52 74.23 -10.17 22.96
CA MET H 52 74.02 -9.20 21.88
C MET H 52 74.67 -9.64 20.56
N ARG H 53 75.80 -10.35 20.62
CA ARG H 53 76.48 -10.90 19.43
C ARG H 53 75.77 -12.13 18.85
N ARG H 54 74.90 -12.76 19.63
CA ARG H 54 74.18 -14.00 19.29
C ARG H 54 72.82 -13.75 18.65
N LEU H 55 72.30 -12.52 18.74
CA LEU H 55 71.03 -12.12 18.16
C LEU H 55 70.99 -12.31 16.63
N SER H 56 69.80 -12.60 16.11
CA SER H 56 69.56 -12.61 14.67
C SER H 56 69.78 -11.21 14.08
N PRO H 57 70.57 -11.04 13.00
CA PRO H 57 70.86 -9.73 12.43
C PRO H 57 69.62 -8.88 12.15
N ASP H 58 68.53 -9.46 11.66
CA ASP H 58 67.31 -8.69 11.37
C ASP H 58 66.49 -8.31 12.61
N VAL H 59 66.70 -8.97 13.75
CA VAL H 59 66.27 -8.45 15.06
C VAL H 59 67.20 -7.32 15.50
N GLN H 60 68.52 -7.49 15.30
CA GLN H 60 69.52 -6.51 15.69
C GLN H 60 69.33 -5.16 14.96
N LYS H 61 68.86 -5.17 13.70
CA LYS H 61 68.45 -3.94 12.99
C LYS H 61 67.33 -3.20 13.72
N GLU H 62 66.32 -3.90 14.21
CA GLU H 62 65.25 -3.27 14.98
C GLU H 62 65.72 -2.79 16.36
N VAL H 63 66.61 -3.52 17.03
CA VAL H 63 67.24 -3.04 18.27
C VAL H 63 68.02 -1.75 18.03
N GLN H 64 68.78 -1.68 16.93
CA GLN H 64 69.46 -0.44 16.54
C GLN H 64 68.46 0.69 16.28
N LYS H 65 67.40 0.42 15.52
CA LYS H 65 66.34 1.40 15.22
C LYS H 65 65.69 1.92 16.50
N LYS H 66 65.33 1.06 17.44
CA LYS H 66 64.70 1.44 18.71
C LYS H 66 65.66 2.21 19.61
N ALA H 67 66.90 1.77 19.74
CA ALA H 67 67.90 2.51 20.49
C ALA H 67 68.09 3.92 19.92
N ALA H 68 68.18 4.04 18.59
CA ALA H 68 68.30 5.33 17.95
C ALA H 68 67.07 6.22 18.19
N GLU H 69 65.85 5.70 18.05
CA GLU H 69 64.63 6.47 18.34
C GLU H 69 64.61 6.99 19.77
N ARG H 70 65.03 6.19 20.74
CA ARG H 70 65.06 6.58 22.16
C ARG H 70 66.15 7.60 22.44
N ILE H 71 67.32 7.48 21.82
CA ILE H 71 68.37 8.51 21.93
C ILE H 71 67.96 9.81 21.21
N ALA H 72 67.19 9.72 20.12
CA ALA H 72 66.62 10.90 19.49
C ALA H 72 65.58 11.59 20.40
N ALA H 73 64.73 10.82 21.09
CA ALA H 73 63.78 11.38 22.05
C ALA H 73 64.48 12.06 23.23
N LEU H 74 65.59 11.52 23.73
CA LEU H 74 66.43 12.16 24.76
C LEU H 74 66.96 13.53 24.32
N GLY H 75 67.11 13.76 23.02
CA GLY H 75 67.56 15.02 22.47
C GLY H 75 69.07 15.16 22.36
N ASP H 76 69.60 16.34 22.66
CA ASP H 76 71.02 16.66 22.48
C ASP H 76 71.88 15.82 23.45
N VAL H 77 72.92 15.16 22.94
CA VAL H 77 73.66 14.10 23.64
C VAL H 77 75.09 13.97 23.12
N ILE H 78 76.04 13.54 23.95
CA ILE H 78 77.34 13.07 23.48
C ILE H 78 77.27 11.56 23.36
N LEU H 79 76.93 11.07 22.17
CA LEU H 79 76.91 9.64 21.88
C LEU H 79 78.33 9.13 21.61
N ASP H 80 78.61 7.90 22.01
CA ASP H 80 79.91 7.26 21.87
C ASP H 80 79.75 5.88 21.19
N THR H 81 80.47 5.66 20.09
CA THR H 81 80.60 4.38 19.39
C THR H 81 81.75 4.40 18.39
N HIS H 82 82.23 3.26 17.90
CA HIS H 82 83.21 3.23 16.80
C HIS H 82 82.53 3.54 15.45
N CYS H 83 83.19 4.28 14.55
CA CYS H 83 82.68 4.49 13.20
C CYS H 83 82.91 3.26 12.30
N THR H 84 84.04 2.54 12.43
CA THR H 84 84.19 1.19 11.88
C THR H 84 84.88 0.25 12.87
N ILE H 85 84.38 -0.98 12.95
CA ILE H 85 84.89 -2.01 13.86
C ILE H 85 85.67 -3.01 13.03
N LYS H 86 86.93 -3.30 13.37
CA LYS H 86 87.70 -4.33 12.67
C LYS H 86 87.24 -5.73 13.11
N THR H 87 87.02 -6.63 12.16
CA THR H 87 86.51 -8.00 12.39
C THR H 87 87.27 -9.01 11.51
N PRO H 88 87.15 -10.33 11.73
CA PRO H 88 87.78 -11.33 10.86
C PRO H 88 87.46 -11.17 9.37
N LYS H 89 86.23 -10.78 9.04
CA LYS H 89 85.79 -10.49 7.66
C LYS H 89 86.07 -9.04 7.21
N GLY H 90 86.97 -8.33 7.89
CA GLY H 90 87.33 -6.94 7.59
C GLY H 90 86.51 -5.91 8.38
N TYR H 91 86.50 -4.66 7.91
CA TYR H 91 85.85 -3.55 8.59
C TYR H 91 84.34 -3.62 8.50
N LEU H 92 83.65 -3.42 9.62
CA LEU H 92 82.20 -3.33 9.70
C LEU H 92 81.80 -1.88 9.98
N PRO H 93 80.91 -1.26 9.17
CA PRO H 93 80.32 0.04 9.47
C PRO H 93 79.61 0.06 10.83
N GLY H 94 80.01 0.96 11.72
CA GLY H 94 79.45 1.05 13.07
C GLY H 94 78.06 1.70 13.11
N LEU H 95 77.74 2.56 12.15
CA LEU H 95 76.48 3.30 12.07
C LEU H 95 75.79 3.11 10.72
N PRO H 96 74.97 2.08 10.54
CA PRO H 96 74.19 1.89 9.32
C PRO H 96 73.24 3.05 9.03
N ARG H 97 72.80 3.17 7.77
CA ARG H 97 71.83 4.19 7.33
C ARG H 97 70.57 4.26 8.21
N TRP H 98 70.00 3.13 8.60
CA TRP H 98 68.79 3.11 9.44
C TRP H 98 69.01 3.68 10.85
N VAL H 99 70.25 3.77 11.34
CA VAL H 99 70.55 4.52 12.57
C VAL H 99 70.56 6.02 12.29
N LEU H 100 71.28 6.45 11.25
CA LEU H 100 71.40 7.87 10.90
C LEU H 100 70.05 8.53 10.61
N GLU H 101 69.14 7.85 9.92
CA GLU H 101 67.81 8.39 9.65
C GLU H 101 66.98 8.65 10.93
N LYS H 102 67.31 7.99 12.05
CA LYS H 102 66.67 8.18 13.36
C LYS H 102 67.43 9.19 14.23
N LEU H 103 68.74 9.05 14.41
CA LEU H 103 69.54 9.97 15.23
C LEU H 103 69.65 11.37 14.63
N ARG H 104 69.81 11.47 13.30
CA ARG H 104 70.05 12.71 12.56
C ARG H 104 71.17 13.56 13.18
N PRO H 105 72.40 13.03 13.31
CA PRO H 105 73.49 13.71 14.00
C PRO H 105 73.78 15.11 13.45
N SER H 106 74.08 16.07 14.31
CA SER H 106 74.58 17.38 13.90
C SER H 106 76.08 17.36 13.60
N VAL H 107 76.87 16.60 14.36
CA VAL H 107 78.32 16.50 14.17
C VAL H 107 78.80 15.08 14.37
N ILE H 108 79.71 14.62 13.51
CA ILE H 108 80.55 13.45 13.74
C ILE H 108 81.95 13.96 14.08
N LEU H 109 82.50 13.54 15.20
CA LEU H 109 83.85 13.88 15.62
C LEU H 109 84.73 12.66 15.50
N LEU H 110 85.86 12.80 14.82
CA LEU H 110 86.81 11.73 14.56
C LEU H 110 88.15 12.06 15.22
N VAL H 111 88.57 11.26 16.19
CA VAL H 111 89.84 11.44 16.89
C VAL H 111 90.97 10.72 16.14
N GLU H 112 92.12 11.36 16.00
CA GLU H 112 93.29 10.80 15.32
C GLU H 112 94.60 11.05 16.09
N ALA H 113 95.59 10.20 15.86
CA ALA H 113 96.95 10.31 16.37
C ALA H 113 97.91 9.64 15.38
N ASP H 114 99.23 9.86 15.47
CA ASP H 114 100.14 9.23 14.53
C ASP H 114 100.15 7.69 14.70
N PRO H 115 100.15 6.89 13.61
CA PRO H 115 100.23 5.44 13.69
C PRO H 115 101.34 4.90 14.60
N LYS H 116 102.50 5.57 14.65
CA LYS H 116 103.61 5.18 15.52
C LYS H 116 103.30 5.42 16.99
N GLU H 117 102.60 6.50 17.34
CA GLU H 117 102.12 6.73 18.70
C GLU H 117 101.14 5.63 19.11
N ILE H 118 100.16 5.33 18.24
CA ILE H 118 99.15 4.31 18.50
C ILE H 118 99.81 2.94 18.65
N TYR H 119 100.77 2.61 17.79
CA TYR H 119 101.54 1.37 17.92
C TYR H 119 102.30 1.32 19.25
N GLY H 120 102.95 2.41 19.66
CA GLY H 120 103.62 2.52 20.95
C GLY H 120 102.66 2.28 22.12
N ARG H 121 101.48 2.92 22.12
CA ARG H 121 100.45 2.71 23.16
C ARG H 121 99.96 1.27 23.18
N ARG H 122 99.68 0.69 22.02
CA ARG H 122 99.25 -0.71 21.89
C ARG H 122 100.32 -1.71 22.31
N LEU H 123 101.60 -1.40 22.07
CA LEU H 123 102.71 -2.25 22.48
C LEU H 123 102.93 -2.21 24.00
N LYS H 124 102.70 -1.06 24.64
CA LYS H 124 102.76 -0.89 26.10
C LYS H 124 101.56 -1.50 26.83
N ASP H 125 100.42 -1.67 26.16
CA ASP H 125 99.24 -2.32 26.71
C ASP H 125 99.46 -3.82 26.98
N ASP H 133 98.49 -4.94 15.12
CA ASP H 133 98.49 -4.41 13.76
C ASP H 133 99.79 -3.66 13.48
N SER H 134 100.30 -3.71 12.26
CA SER H 134 101.37 -2.81 11.81
C SER H 134 100.91 -1.36 11.75
N GLU H 135 101.85 -0.43 11.72
CA GLU H 135 101.56 0.98 11.46
C GLU H 135 100.84 1.19 10.12
N GLU H 136 101.11 0.34 9.13
CA GLU H 136 100.38 0.37 7.86
C GLU H 136 98.91 -0.01 8.03
N GLU H 137 98.62 -1.07 8.78
CA GLU H 137 97.24 -1.49 9.06
C GLU H 137 96.51 -0.48 9.97
N ILE H 138 97.22 0.21 10.85
CA ILE H 138 96.67 1.32 11.62
C ILE H 138 96.33 2.49 10.69
N ALA H 139 97.26 2.89 9.82
CA ALA H 139 97.03 3.98 8.86
C ALA H 139 95.90 3.66 7.87
N GLU H 140 95.77 2.40 7.46
CA GLU H 140 94.63 1.93 6.68
C GLU H 140 93.33 2.11 7.46
N HIS H 141 93.25 1.66 8.71
CA HIS H 141 92.03 1.79 9.50
C HIS H 141 91.62 3.26 9.68
N GLN H 142 92.58 4.15 9.92
CA GLN H 142 92.30 5.58 9.94
C GLN H 142 91.73 6.08 8.60
N MET H 143 92.36 5.76 7.47
CA MET H 143 91.85 6.17 6.17
C MET H 143 90.45 5.64 5.92
N MET H 144 90.18 4.39 6.26
CA MET H 144 88.83 3.84 6.13
C MET H 144 87.83 4.55 7.05
N ASN H 145 88.24 4.99 8.24
CA ASN H 145 87.36 5.78 9.09
C ASN H 145 87.02 7.14 8.46
N ARG H 146 87.98 7.84 7.85
CA ARG H 146 87.67 9.11 7.17
C ARG H 146 86.63 8.92 6.06
N ALA H 147 86.79 7.88 5.26
CA ALA H 147 85.81 7.55 4.23
C ALA H 147 84.44 7.27 4.84
N ALA H 148 84.38 6.47 5.92
CA ALA H 148 83.12 6.16 6.57
C ALA H 148 82.45 7.42 7.14
N ALA H 149 83.21 8.28 7.83
CA ALA H 149 82.69 9.51 8.40
C ALA H 149 82.08 10.41 7.33
N MET H 150 82.77 10.62 6.22
CA MET H 150 82.26 11.48 5.17
C MET H 150 81.07 10.86 4.42
N ALA H 151 81.03 9.54 4.28
CA ALA H 151 79.84 8.87 3.77
C ALA H 151 78.64 9.11 4.70
N TYR H 152 78.81 8.95 6.02
CA TYR H 152 77.77 9.27 7.00
C TYR H 152 77.31 10.72 6.91
N ALA H 153 78.25 11.65 6.76
CA ALA H 153 77.93 13.06 6.62
C ALA H 153 77.01 13.29 5.42
N SER H 154 77.37 12.76 4.25
CA SER H 154 76.59 12.96 3.03
C SER H 154 75.18 12.37 3.11
N LEU H 155 74.96 11.33 3.92
CA LEU H 155 73.65 10.73 4.14
C LEU H 155 72.75 11.54 5.08
N SER H 156 73.33 12.43 5.89
CA SER H 156 72.66 12.97 7.08
C SER H 156 72.68 14.49 7.21
N GLY H 157 73.58 15.18 6.50
CA GLY H 157 73.86 16.59 6.73
C GLY H 157 74.73 16.86 7.97
N ALA H 158 75.28 15.84 8.62
CA ALA H 158 76.17 16.04 9.75
C ALA H 158 77.48 16.73 9.33
N THR H 159 78.00 17.62 10.16
CA THR H 159 79.34 18.18 9.97
C THR H 159 80.39 17.14 10.39
N VAL H 160 81.61 17.15 9.87
CA VAL H 160 82.69 16.25 10.30
C VAL H 160 83.89 17.01 10.83
N LYS H 161 84.28 16.77 12.08
CA LYS H 161 85.44 17.40 12.73
C LYS H 161 86.52 16.37 12.98
N ILE H 162 87.77 16.66 12.62
CA ILE H 162 88.92 15.82 12.97
C ILE H 162 89.71 16.47 14.11
N VAL H 163 90.08 15.70 15.14
CA VAL H 163 90.83 16.15 16.32
C VAL H 163 92.10 15.34 16.51
N PHE H 164 93.27 15.97 16.44
CA PHE H 164 94.53 15.31 16.79
C PHE H 164 94.71 15.15 18.30
N ASN H 165 95.30 14.04 18.74
CA ASN H 165 95.53 13.71 20.14
C ASN H 165 96.92 13.06 20.37
N HIS H 166 97.97 13.81 20.08
CA HIS H 166 99.35 13.35 20.29
C HIS H 166 99.67 13.13 21.78
N ASP H 167 100.58 12.22 22.12
CA ASP H 167 100.77 11.67 23.48
C ASP H 167 100.83 12.71 24.61
N ASN H 168 101.70 13.71 24.48
CA ASN H 168 101.91 14.75 25.50
C ASN H 168 100.88 15.89 25.44
N ARG H 169 100.14 16.00 24.35
CA ARG H 169 99.46 17.24 23.91
C ARG H 169 97.95 17.20 24.10
N LEU H 170 97.46 16.53 25.14
CA LEU H 170 96.03 16.39 25.43
C LEU H 170 95.29 17.74 25.46
N ASP H 171 95.93 18.81 25.93
CA ASP H 171 95.33 20.14 25.93
C ASP H 171 94.98 20.65 24.52
N ASP H 172 95.77 20.30 23.49
CA ASP H 172 95.42 20.63 22.10
C ASP H 172 94.17 19.87 21.63
N ALA H 173 94.06 18.58 21.98
CA ALA H 173 92.87 17.81 21.67
C ALA H 173 91.63 18.40 22.34
N VAL H 174 91.72 18.73 23.63
CA VAL H 174 90.59 19.31 24.38
C VAL H 174 90.23 20.70 23.87
N ARG H 175 91.21 21.52 23.51
CA ARG H 175 90.99 22.85 22.91
C ARG H 175 90.34 22.76 21.53
N ASP H 176 90.64 21.73 20.74
CA ASP H 176 89.92 21.48 19.49
C ASP H 176 88.52 20.89 19.71
N ALA H 177 88.32 20.07 20.75
CA ALA H 177 87.05 19.40 21.00
C ALA H 177 85.99 20.31 21.64
N ALA H 178 86.35 21.14 22.62
CA ALA H 178 85.39 21.96 23.35
C ALA H 178 84.56 22.94 22.47
N PRO H 179 85.10 23.58 21.42
CA PRO H 179 84.34 24.41 20.47
C PRO H 179 83.17 23.71 19.76
N VAL H 180 83.14 22.38 19.72
CA VAL H 180 82.09 21.62 19.04
C VAL H 180 80.81 21.53 19.88
N LEU H 181 80.95 21.55 21.20
CA LEU H 181 79.90 21.27 22.19
C LEU H 181 78.92 22.45 22.38
N ILE I 4 69.17 3.60 38.44
CA ILE I 4 69.94 4.02 39.63
C ILE I 4 69.91 5.53 39.73
N VAL I 5 69.87 6.12 40.93
CA VAL I 5 70.05 7.57 41.14
C VAL I 5 71.19 7.82 42.11
N VAL I 6 72.15 8.67 41.78
CA VAL I 6 73.27 9.04 42.66
C VAL I 6 73.07 10.45 43.18
N THR I 7 73.28 10.69 44.48
CA THR I 7 72.95 11.96 45.15
C THR I 7 73.97 12.33 46.21
N GLY I 8 74.11 13.61 46.53
CA GLY I 8 75.06 14.09 47.53
C GLY I 8 75.06 15.61 47.71
N ILE I 9 75.52 16.06 48.87
CA ILE I 9 75.69 17.47 49.23
C ILE I 9 76.87 18.10 48.46
N PRO I 10 76.74 19.32 47.90
CA PRO I 10 77.84 20.02 47.24
C PRO I 10 79.10 20.11 48.10
N GLY I 11 80.19 19.51 47.62
CA GLY I 11 81.47 19.35 48.33
C GLY I 11 81.80 17.91 48.74
N VAL I 12 80.85 16.97 48.70
CA VAL I 12 81.09 15.58 49.12
C VAL I 12 81.93 14.75 48.15
N GLY I 13 82.18 15.25 46.93
CA GLY I 13 82.98 14.54 45.92
C GLY I 13 82.19 13.54 45.06
N LYS I 14 80.89 13.77 44.91
CA LYS I 14 79.95 12.90 44.18
C LYS I 14 80.46 12.46 42.82
N THR I 15 80.92 13.40 41.99
CA THR I 15 81.34 13.11 40.62
C THR I 15 82.54 12.15 40.58
N THR I 16 83.51 12.33 41.47
CA THR I 16 84.70 11.48 41.52
C THR I 16 84.35 10.02 41.81
N VAL I 17 83.54 9.75 42.83
CA VAL I 17 83.14 8.37 43.18
C VAL I 17 82.31 7.75 42.06
N MET I 18 81.40 8.51 41.46
CA MET I 18 80.63 8.05 40.30
C MET I 18 81.53 7.70 39.12
N GLN I 19 82.45 8.60 38.72
CA GLN I 19 83.34 8.38 37.57
C GLN I 19 84.20 7.14 37.74
N LYS I 20 84.76 6.93 38.93
CA LYS I 20 85.57 5.74 39.26
C LYS I 20 84.72 4.47 39.28
N ALA I 21 83.62 4.43 40.02
CA ALA I 21 82.82 3.20 40.15
C ALA I 21 82.13 2.80 38.84
N ALA I 22 81.68 3.77 38.04
CA ALA I 22 81.05 3.53 36.74
C ALA I 22 82.02 3.05 35.63
N GLU I 23 83.33 2.97 35.90
CA GLU I 23 84.30 2.58 34.88
C GLU I 23 84.05 1.18 34.32
N GLY I 24 84.08 1.03 32.99
CA GLY I 24 83.73 -0.22 32.31
C GLY I 24 82.24 -0.59 32.30
N SER I 25 81.35 0.21 32.89
CA SER I 25 79.92 -0.05 32.85
C SER I 25 79.32 0.18 31.47
N PRO I 26 78.36 -0.64 31.01
CA PRO I 26 77.56 -0.36 29.82
C PRO I 26 76.47 0.71 30.06
N LEU I 27 76.27 1.19 31.29
CA LEU I 27 75.16 2.11 31.60
C LEU I 27 75.40 3.53 31.06
N PRO I 28 74.40 4.18 30.46
CA PRO I 28 74.46 5.61 30.14
C PRO I 28 74.54 6.46 31.42
N ARG I 29 75.13 7.65 31.30
CA ARG I 29 75.40 8.60 32.39
C ARG I 29 74.63 9.89 32.14
N VAL I 30 73.81 10.33 33.06
CA VAL I 30 72.78 11.34 32.73
C VAL I 30 72.61 12.37 33.86
N PRO I 31 72.89 13.66 33.65
CA PRO I 31 72.48 14.72 34.57
C PRO I 31 71.02 15.13 34.31
N LEU I 32 70.15 15.07 35.32
CA LEU I 32 68.71 15.30 35.13
C LEU I 32 68.38 16.74 34.72
N GLU I 33 69.10 17.73 35.25
CA GLU I 33 68.91 19.14 34.90
C GLU I 33 69.21 19.37 33.41
N GLY I 34 70.25 18.70 32.91
CA GLY I 34 70.61 18.70 31.51
C GLY I 34 69.51 18.12 30.62
N VAL I 35 68.92 16.98 31.01
CA VAL I 35 67.80 16.41 30.26
C VAL I 35 66.58 17.32 30.29
N MET I 36 66.27 17.94 31.44
CA MET I 36 65.17 18.89 31.51
C MET I 36 65.39 20.08 30.57
N TYR I 37 66.60 20.65 30.55
CA TYR I 37 66.95 21.72 29.62
C TYR I 37 66.82 21.26 28.17
N GLY I 38 67.35 20.10 27.83
CA GLY I 38 67.25 19.53 26.49
C GLY I 38 65.80 19.33 26.03
N VAL I 39 64.95 18.75 26.88
CA VAL I 39 63.54 18.56 26.57
C VAL I 39 62.81 19.89 26.42
N ALA I 40 63.01 20.84 27.33
CA ALA I 40 62.41 22.16 27.23
C ALA I 40 62.87 22.92 25.96
N LYS I 41 64.17 22.85 25.65
CA LYS I 41 64.79 23.45 24.47
C LYS I 41 64.21 22.89 23.16
N ARG I 42 64.06 21.57 23.06
CA ARG I 42 63.50 20.90 21.88
C ARG I 42 61.98 21.04 21.77
N MET I 43 61.29 21.28 22.89
CA MET I 43 59.91 21.77 22.92
C MET I 43 59.78 23.28 22.64
N GLY I 44 60.90 23.99 22.45
CA GLY I 44 60.93 25.43 22.13
C GLY I 44 60.65 26.36 23.31
N LEU I 45 60.52 25.84 24.52
CA LEU I 45 60.15 26.60 25.72
C LEU I 45 61.26 27.54 26.20
N VAL I 46 62.52 27.22 25.87
CA VAL I 46 63.74 27.94 26.26
C VAL I 46 64.78 27.87 25.16
N LYS I 47 65.81 28.71 25.23
CA LYS I 47 67.04 28.65 24.44
C LYS I 47 68.29 28.59 25.30
N ASP I 48 68.29 29.19 26.49
CA ASP I 48 69.46 29.28 27.37
C ASP I 48 69.23 28.63 28.74
N ILE I 49 70.29 28.06 29.34
CA ILE I 49 70.20 27.20 30.53
C ILE I 49 69.58 27.90 31.75
N ASP I 50 69.81 29.20 31.92
CA ASP I 50 69.24 29.98 33.02
C ASP I 50 67.72 30.16 32.92
N GLU I 51 67.14 30.06 31.72
CA GLU I 51 65.70 30.23 31.53
C GLU I 51 64.88 29.13 32.20
N MET I 52 65.49 28.00 32.53
CA MET I 52 64.84 26.91 33.27
C MET I 52 64.30 27.37 34.63
N ARG I 53 64.97 28.34 35.29
CA ARG I 53 64.50 28.93 36.56
C ARG I 53 63.33 29.91 36.37
N ARG I 54 63.11 30.37 35.13
CA ARG I 54 62.13 31.39 34.75
C ARG I 54 60.82 30.80 34.23
N LEU I 55 60.78 29.50 33.92
CA LEU I 55 59.57 28.80 33.49
C LEU I 55 58.46 28.87 34.55
N SER I 56 57.21 28.87 34.10
CA SER I 56 56.05 28.74 35.01
C SER I 56 56.09 27.38 35.71
N PRO I 57 55.95 27.30 37.04
CA PRO I 57 56.06 26.04 37.78
C PRO I 57 55.20 24.90 37.25
N ASP I 58 53.98 25.16 36.80
CA ASP I 58 53.09 24.11 36.28
C ASP I 58 53.44 23.66 34.85
N VAL I 59 54.24 24.43 34.11
CA VAL I 59 54.96 23.95 32.93
C VAL I 59 56.18 23.13 33.35
N GLN I 60 56.93 23.59 34.35
CA GLN I 60 58.14 22.93 34.84
C GLN I 60 57.85 21.52 35.40
N LYS I 61 56.69 21.30 36.03
CA LYS I 61 56.21 19.95 36.39
C LYS I 61 56.10 19.05 35.17
N GLU I 62 55.55 19.54 34.07
CA GLU I 62 55.43 18.74 32.85
C GLU I 62 56.78 18.50 32.17
N VAL I 63 57.71 19.45 32.23
CA VAL I 63 59.09 19.22 31.80
C VAL I 63 59.73 18.09 32.62
N GLN I 64 59.56 18.09 33.94
CA GLN I 64 60.01 16.98 34.78
C GLN I 64 59.34 15.66 34.38
N LYS I 65 58.03 15.67 34.16
CA LYS I 65 57.27 14.49 33.75
C LYS I 65 57.77 13.92 32.41
N LYS I 66 57.95 14.75 31.38
CA LYS I 66 58.46 14.32 30.07
C LYS I 66 59.91 13.86 30.15
N ALA I 67 60.79 14.58 30.84
CA ALA I 67 62.17 14.15 31.03
C ALA I 67 62.24 12.78 31.71
N ALA I 68 61.45 12.55 32.76
CA ALA I 68 61.40 11.25 33.41
C ALA I 68 60.84 10.16 32.49
N GLU I 69 59.77 10.40 31.74
CA GLU I 69 59.25 9.42 30.76
C GLU I 69 60.33 9.01 29.74
N ARG I 70 61.12 9.97 29.26
CA ARG I 70 62.18 9.71 28.28
C ARG I 70 63.36 8.96 28.89
N ILE I 71 63.74 9.26 30.14
CA ILE I 71 64.78 8.49 30.83
C ILE I 71 64.27 7.08 31.19
N ALA I 72 62.99 6.91 31.48
CA ALA I 72 62.41 5.59 31.68
C ALA I 72 62.43 4.76 30.39
N ALA I 73 62.14 5.36 29.24
CA ALA I 73 62.25 4.70 27.95
C ALA I 73 63.69 4.28 27.62
N LEU I 74 64.69 5.07 28.00
CA LEU I 74 66.11 4.71 27.82
C LEU I 74 66.51 3.46 28.62
N GLY I 75 65.81 3.18 29.72
CA GLY I 75 66.06 2.02 30.57
C GLY I 75 67.15 2.24 31.61
N ASP I 76 67.85 1.18 31.98
CA ASP I 76 68.81 1.18 33.09
C ASP I 76 69.91 2.23 32.87
N VAL I 77 70.17 3.09 33.86
CA VAL I 77 70.94 4.33 33.74
C VAL I 77 71.55 4.74 35.08
N ILE I 78 72.69 5.43 35.07
CA ILE I 78 73.20 6.12 36.26
C ILE I 78 72.77 7.58 36.17
N LEU I 79 71.57 7.87 36.68
CA LEU I 79 71.04 9.22 36.75
C LEU I 79 71.72 10.01 37.87
N ASP I 80 71.95 11.30 37.67
CA ASP I 80 72.60 12.19 38.63
C ASP I 80 71.75 13.44 38.88
N THR I 81 71.45 13.72 40.16
CA THR I 81 70.84 14.98 40.64
C THR I 81 70.98 15.10 42.15
N HIS I 82 70.76 16.29 42.74
CA HIS I 82 70.68 16.42 44.21
C HIS I 82 69.36 15.86 44.75
N CYS I 83 69.37 15.22 45.93
CA CYS I 83 68.14 14.78 46.60
C CYS I 83 67.43 15.94 47.31
N THR I 84 68.16 16.87 47.94
CA THR I 84 67.59 18.17 48.34
C THR I 84 68.53 19.33 48.00
N ILE I 85 67.97 20.39 47.46
CA ILE I 85 68.72 21.58 47.04
C ILE I 85 68.49 22.66 48.09
N LYS I 86 69.55 23.24 48.66
CA LYS I 86 69.39 24.34 49.61
C LYS I 86 69.07 25.64 48.87
N THR I 87 68.04 26.37 49.30
CA THR I 87 67.55 27.61 48.66
C THR I 87 67.31 28.69 49.73
N PRO I 88 67.10 29.97 49.36
CA PRO I 88 66.80 31.02 50.33
C PRO I 88 65.61 30.71 51.23
N LYS I 89 64.57 30.05 50.71
CA LYS I 89 63.40 29.59 51.48
C LYS I 89 63.59 28.22 52.15
N GLY I 90 64.82 27.69 52.22
CA GLY I 90 65.13 26.39 52.84
C GLY I 90 65.29 25.25 51.82
N TYR I 91 65.22 24.01 52.29
CA TYR I 91 65.48 22.82 51.48
C TYR I 91 64.34 22.55 50.51
N LEU I 92 64.67 22.32 49.25
CA LEU I 92 63.74 21.95 48.19
C LEU I 92 63.95 20.48 47.81
N PRO I 93 62.93 19.61 47.88
CA PRO I 93 63.02 18.24 47.39
C PRO I 93 63.40 18.16 45.91
N GLY I 94 64.47 17.43 45.59
CA GLY I 94 64.98 17.31 44.21
C GLY I 94 64.18 16.35 43.33
N LEU I 95 63.46 15.40 43.93
CA LEU I 95 62.69 14.38 43.20
C LEU I 95 61.23 14.34 43.70
N PRO I 96 60.34 15.17 43.15
CA PRO I 96 58.91 15.08 43.45
C PRO I 96 58.29 13.73 43.11
N ARG I 97 57.17 13.40 43.73
CA ARG I 97 56.43 12.15 43.47
C ARG I 97 56.14 11.88 41.99
N TRP I 98 55.79 12.91 41.21
CA TRP I 98 55.54 12.73 39.78
C TRP I 98 56.78 12.33 38.98
N VAL I 99 57.99 12.59 39.46
CA VAL I 99 59.21 12.02 38.87
C VAL I 99 59.35 10.55 39.23
N LEU I 100 59.20 10.19 40.51
CA LEU I 100 59.33 8.81 40.98
C LEU I 100 58.34 7.85 40.31
N GLU I 101 57.07 8.26 40.15
CA GLU I 101 56.08 7.43 39.48
C GLU I 101 56.41 7.13 38.01
N LYS I 102 57.24 7.96 37.37
CA LYS I 102 57.75 7.76 36.00
C LYS I 102 59.07 6.99 35.98
N LEU I 103 60.10 7.41 36.71
CA LEU I 103 61.40 6.73 36.71
C LEU I 103 61.35 5.33 37.33
N ARG I 104 60.64 5.18 38.44
CA ARG I 104 60.57 3.96 39.26
C ARG I 104 61.98 3.42 39.61
N PRO I 105 62.84 4.21 40.29
CA PRO I 105 64.21 3.82 40.58
C PRO I 105 64.32 2.48 41.31
N SER I 106 65.37 1.71 41.06
CA SER I 106 65.68 0.52 41.84
C SER I 106 66.60 0.81 43.03
N VAL I 107 67.50 1.78 42.92
CA VAL I 107 68.39 2.20 44.01
C VAL I 107 68.52 3.70 44.05
N ILE I 108 68.48 4.28 45.25
CA ILE I 108 68.94 5.63 45.54
C ILE I 108 70.26 5.50 46.28
N LEU I 109 71.32 6.12 45.79
CA LEU I 109 72.62 6.10 46.43
C LEU I 109 72.92 7.48 46.97
N LEU I 110 73.24 7.54 48.26
CA LEU I 110 73.54 8.78 48.97
C LEU I 110 75.00 8.79 49.41
N VAL I 111 75.75 9.81 48.97
CA VAL I 111 77.18 9.93 49.28
C VAL I 111 77.37 10.85 50.48
N GLU I 112 78.19 10.45 51.45
CA GLU I 112 78.44 11.18 52.69
C GLU I 112 79.92 11.28 53.03
N ALA I 113 80.30 12.32 53.77
CA ALA I 113 81.60 12.53 54.38
C ALA I 113 81.42 13.31 55.70
N ASP I 114 82.44 13.39 56.54
CA ASP I 114 82.28 14.14 57.80
C ASP I 114 82.05 15.64 57.53
N PRO I 115 81.15 16.32 58.25
CA PRO I 115 80.96 17.77 58.13
C PRO I 115 82.25 18.58 58.20
N LYS I 116 83.22 18.17 59.03
CA LYS I 116 84.52 18.85 59.13
C LYS I 116 85.37 18.68 57.87
N GLU I 117 85.35 17.50 57.26
CA GLU I 117 85.99 17.28 55.96
C GLU I 117 85.35 18.16 54.89
N ILE I 118 84.03 18.16 54.80
CA ILE I 118 83.29 18.96 53.81
C ILE I 118 83.56 20.45 54.02
N TYR I 119 83.53 20.92 55.26
CA TYR I 119 83.85 22.31 55.58
C TYR I 119 85.28 22.66 55.17
N GLY I 120 86.24 21.77 55.41
CA GLY I 120 87.61 21.91 54.93
C GLY I 120 87.67 22.05 53.40
N ARG I 121 87.01 21.16 52.66
CA ARG I 121 86.96 21.23 51.19
C ARG I 121 86.33 22.54 50.70
N ARG I 122 85.24 22.97 51.31
CA ARG I 122 84.54 24.22 50.99
C ARG I 122 85.38 25.45 51.31
N LEU I 123 86.18 25.41 52.38
CA LEU I 123 87.08 26.49 52.73
C LEU I 123 88.27 26.57 51.76
N LYS I 124 88.75 25.42 51.25
CA LYS I 124 89.82 25.33 50.23
C LYS I 124 89.34 25.65 48.82
N ASP I 125 88.05 25.55 48.54
CA ASP I 125 87.44 25.97 47.28
C ASP I 125 87.48 27.51 47.10
N ASP I 133 78.38 27.63 54.96
CA ASP I 133 77.57 27.01 56.03
C ASP I 133 78.47 26.57 57.19
N SER I 134 77.97 26.60 58.43
CA SER I 134 78.63 25.96 59.56
C SER I 134 78.64 24.43 59.42
N GLU I 135 79.49 23.76 60.18
CA GLU I 135 79.47 22.30 60.29
C GLU I 135 78.12 21.78 60.82
N GLU I 136 77.43 22.57 61.64
CA GLU I 136 76.09 22.25 62.11
C GLU I 136 75.06 22.29 60.98
N GLU I 137 75.11 23.32 60.13
CA GLU I 137 74.23 23.41 58.95
C GLU I 137 74.57 22.36 57.89
N ILE I 138 75.82 21.92 57.80
CA ILE I 138 76.20 20.78 56.96
C ILE I 138 75.59 19.49 57.53
N ALA I 139 75.76 19.24 58.83
CA ALA I 139 75.20 18.05 59.47
C ALA I 139 73.66 18.02 59.38
N GLU I 140 73.01 19.18 59.49
CA GLU I 140 71.57 19.32 59.24
C GLU I 140 71.22 18.94 57.79
N HIS I 141 71.92 19.48 56.79
CA HIS I 141 71.60 19.15 55.40
C HIS I 141 71.77 17.65 55.12
N GLN I 142 72.79 17.01 55.68
CA GLN I 142 72.93 15.56 55.58
C GLN I 142 71.76 14.82 56.22
N MET I 143 71.35 15.19 57.42
CA MET I 143 70.20 14.56 58.06
C MET I 143 68.92 14.75 57.24
N MET I 144 68.69 15.94 56.70
CA MET I 144 67.54 16.16 55.82
C MET I 144 67.62 15.33 54.54
N ASN I 145 68.81 15.10 53.99
CA ASN I 145 68.95 14.21 52.84
C ASN I 145 68.56 12.77 53.18
N ARG I 146 68.95 12.24 54.34
CA ARG I 146 68.55 10.88 54.73
C ARG I 146 67.04 10.74 54.82
N ALA I 147 66.37 11.70 55.45
CA ALA I 147 64.93 11.71 55.55
C ALA I 147 64.28 11.75 54.16
N ALA I 148 64.78 12.60 53.26
CA ALA I 148 64.29 12.68 51.89
C ALA I 148 64.49 11.36 51.14
N ALA I 149 65.68 10.78 51.19
CA ALA I 149 65.98 9.53 50.52
C ALA I 149 65.04 8.41 50.97
N MET I 150 64.84 8.27 52.28
CA MET I 150 63.96 7.22 52.80
C MET I 150 62.49 7.49 52.45
N ALA I 151 62.05 8.74 52.44
CA ALA I 151 60.71 9.08 51.97
C ALA I 151 60.51 8.83 50.46
N TYR I 152 61.57 8.93 49.65
CA TYR I 152 61.55 8.49 48.25
C TYR I 152 61.45 6.97 48.17
N ALA I 153 62.18 6.25 49.02
CA ALA I 153 62.16 4.80 49.07
C ALA I 153 60.74 4.27 49.30
N SER I 154 60.04 4.77 50.32
CA SER I 154 58.67 4.34 50.63
C SER I 154 57.66 4.67 49.53
N LEU I 155 57.89 5.68 48.69
CA LEU I 155 57.02 6.00 47.56
C LEU I 155 57.27 5.10 46.34
N SER I 156 58.42 4.43 46.25
CA SER I 156 58.92 3.84 45.01
C SER I 156 59.30 2.37 45.10
N GLY I 157 59.55 1.84 46.31
CA GLY I 157 60.18 0.53 46.50
C GLY I 157 61.69 0.52 46.21
N ALA I 158 62.32 1.67 45.96
CA ALA I 158 63.75 1.74 45.74
C ALA I 158 64.54 1.34 47.00
N THR I 159 65.66 0.65 46.82
CA THR I 159 66.61 0.43 47.91
C THR I 159 67.36 1.73 48.20
N VAL I 160 67.81 1.98 49.43
CA VAL I 160 68.67 3.13 49.75
C VAL I 160 70.04 2.66 50.22
N LYS I 161 71.11 3.12 49.57
CA LYS I 161 72.50 2.82 49.93
C LYS I 161 73.20 4.07 50.41
N ILE I 162 73.93 4.01 51.53
CA ILE I 162 74.79 5.11 52.00
C ILE I 162 76.26 4.75 51.76
N VAL I 163 77.04 5.66 51.16
CA VAL I 163 78.46 5.47 50.85
C VAL I 163 79.31 6.56 51.49
N PHE I 164 80.26 6.19 52.36
CA PHE I 164 81.25 7.13 52.90
C PHE I 164 82.35 7.46 51.89
N ASN I 165 82.81 8.71 51.88
CA ASN I 165 83.86 9.21 50.99
C ASN I 165 84.82 10.15 51.73
N HIS I 166 85.47 9.63 52.78
CA HIS I 166 86.49 10.37 53.53
C HIS I 166 87.68 10.78 52.65
N ASP I 167 88.34 11.90 52.97
CA ASP I 167 89.27 12.61 52.08
C ASP I 167 90.34 11.71 51.43
N ASN I 168 91.07 10.93 52.23
CA ASN I 168 92.16 10.08 51.74
C ASN I 168 91.69 8.77 51.10
N ARG I 169 90.43 8.39 51.30
CA ARG I 169 89.96 7.00 51.22
C ARG I 169 89.01 6.76 50.04
N LEU I 170 89.29 7.38 48.90
CA LEU I 170 88.48 7.21 47.68
C LEU I 170 88.31 5.73 47.29
N ASP I 171 89.32 4.90 47.52
CA ASP I 171 89.23 3.46 47.26
C ASP I 171 88.12 2.77 48.07
N ASP I 172 87.86 3.21 49.32
CA ASP I 172 86.72 2.71 50.09
C ASP I 172 85.39 3.11 49.46
N ALA I 173 85.25 4.37 49.06
CA ALA I 173 84.02 4.84 48.41
C ALA I 173 83.74 4.07 47.11
N VAL I 174 84.75 3.86 46.27
CA VAL I 174 84.60 3.15 45.00
C VAL I 174 84.33 1.66 45.22
N ARG I 175 85.03 1.03 46.16
CA ARG I 175 84.80 -0.38 46.53
C ARG I 175 83.40 -0.60 47.10
N ASP I 176 82.90 0.33 47.91
CA ASP I 176 81.57 0.23 48.53
C ASP I 176 80.44 0.61 47.55
N ALA I 177 80.70 1.48 46.57
CA ALA I 177 79.74 1.86 45.54
C ALA I 177 79.56 0.77 44.46
N ALA I 178 80.64 0.18 43.96
CA ALA I 178 80.59 -0.73 42.82
C ALA I 178 79.60 -1.92 42.94
N PRO I 179 79.39 -2.56 44.12
CA PRO I 179 78.36 -3.58 44.33
C PRO I 179 76.93 -3.21 43.94
N VAL I 180 76.61 -1.91 43.86
CA VAL I 180 75.27 -1.43 43.46
C VAL I 180 75.02 -1.61 41.96
N LEU I 181 76.08 -1.49 41.15
CA LEU I 181 76.06 -1.32 39.69
C LEU I 181 75.77 -2.63 38.93
N ILE J 4 34.07 6.68 -71.23
CA ILE J 4 34.20 7.48 -72.48
C ILE J 4 32.86 7.46 -73.20
N VAL J 5 32.46 8.55 -73.87
CA VAL J 5 31.32 8.57 -74.79
C VAL J 5 31.78 8.95 -76.19
N VAL J 6 31.44 8.18 -77.21
CA VAL J 6 31.76 8.51 -78.61
C VAL J 6 30.50 8.95 -79.33
N THR J 7 30.58 10.05 -80.09
CA THR J 7 29.43 10.72 -80.70
C THR J 7 29.73 11.20 -82.11
N GLY J 8 28.69 11.32 -82.95
CA GLY J 8 28.85 11.75 -84.34
C GLY J 8 27.54 11.82 -85.12
N ILE J 9 27.54 12.66 -86.16
CA ILE J 9 26.44 12.84 -87.11
C ILE J 9 26.33 11.63 -88.06
N PRO J 10 25.13 11.10 -88.35
CA PRO J 10 24.95 10.01 -89.31
C PRO J 10 25.60 10.30 -90.68
N GLY J 11 26.47 9.39 -91.10
CA GLY J 11 27.32 9.53 -92.30
C GLY J 11 28.79 9.87 -92.01
N VAL J 12 29.15 10.32 -90.79
CA VAL J 12 30.53 10.70 -90.47
C VAL J 12 31.50 9.51 -90.33
N GLY J 13 31.01 8.28 -90.29
CA GLY J 13 31.84 7.07 -90.21
C GLY J 13 32.24 6.68 -88.78
N LYS J 14 31.46 7.10 -87.78
CA LYS J 14 31.69 6.88 -86.34
C LYS J 14 32.13 5.47 -86.01
N THR J 15 31.40 4.46 -86.49
CA THR J 15 31.65 3.05 -86.14
C THR J 15 33.04 2.60 -86.56
N THR J 16 33.50 3.01 -87.74
CA THR J 16 34.82 2.61 -88.26
C THR J 16 35.95 3.12 -87.38
N VAL J 17 35.95 4.41 -87.03
CA VAL J 17 36.99 4.98 -86.17
C VAL J 17 36.96 4.37 -84.77
N MET J 18 35.78 4.14 -84.20
CA MET J 18 35.64 3.45 -82.93
C MET J 18 36.21 2.02 -82.99
N GLN J 19 35.83 1.23 -84.00
CA GLN J 19 36.31 -0.15 -84.14
C GLN J 19 37.84 -0.22 -84.27
N LYS J 20 38.43 0.63 -85.11
CA LYS J 20 39.87 0.70 -85.31
C LYS J 20 40.63 1.20 -84.08
N ALA J 21 40.12 2.21 -83.38
CA ALA J 21 40.77 2.71 -82.17
C ALA J 21 40.66 1.73 -80.99
N ALA J 22 39.49 1.08 -80.82
CA ALA J 22 39.25 0.11 -79.76
C ALA J 22 40.01 -1.23 -79.95
N GLU J 23 40.69 -1.42 -81.08
CA GLU J 23 41.46 -2.63 -81.38
C GLU J 23 42.52 -2.92 -80.30
N GLY J 24 42.44 -4.11 -79.68
CA GLY J 24 43.30 -4.53 -78.57
C GLY J 24 42.96 -3.91 -77.21
N SER J 25 41.95 -3.05 -77.11
CA SER J 25 41.55 -2.46 -75.82
C SER J 25 40.84 -3.48 -74.91
N PRO J 26 41.10 -3.48 -73.60
CA PRO J 26 40.31 -4.25 -72.64
C PRO J 26 38.94 -3.63 -72.33
N LEU J 27 38.60 -2.46 -72.88
CA LEU J 27 37.33 -1.78 -72.57
C LEU J 27 36.11 -2.47 -73.22
N PRO J 28 35.00 -2.67 -72.49
CA PRO J 28 33.74 -3.10 -73.07
C PRO J 28 33.16 -2.05 -74.02
N ARG J 29 32.35 -2.50 -74.98
CA ARG J 29 31.74 -1.71 -76.06
C ARG J 29 30.23 -1.75 -75.95
N VAL J 30 29.57 -0.60 -75.86
CA VAL J 30 28.16 -0.56 -75.47
C VAL J 30 27.38 0.48 -76.28
N PRO J 31 26.29 0.12 -76.98
CA PRO J 31 25.31 1.07 -77.49
C PRO J 31 24.29 1.42 -76.39
N LEU J 32 24.06 2.71 -76.12
CA LEU J 32 23.17 3.12 -75.02
C LEU J 32 21.71 2.75 -75.27
N GLU J 33 21.24 2.87 -76.51
CA GLU J 33 19.87 2.50 -76.88
C GLU J 33 19.63 1.00 -76.68
N GLY J 34 20.64 0.19 -77.02
CA GLY J 34 20.66 -1.24 -76.77
C GLY J 34 20.51 -1.58 -75.29
N VAL J 35 21.28 -0.91 -74.41
CA VAL J 35 21.11 -1.13 -72.96
C VAL J 35 19.74 -0.69 -72.49
N MET J 36 19.22 0.44 -72.95
CA MET J 36 17.87 0.87 -72.59
C MET J 36 16.83 -0.16 -73.00
N TYR J 37 16.93 -0.71 -74.21
CA TYR J 37 16.05 -1.79 -74.66
C TYR J 37 16.17 -3.02 -73.78
N GLY J 38 17.40 -3.48 -73.50
CA GLY J 38 17.65 -4.61 -72.61
C GLY J 38 17.07 -4.42 -71.21
N VAL J 39 17.28 -3.24 -70.61
CA VAL J 39 16.71 -2.92 -69.29
C VAL J 39 15.19 -2.87 -69.33
N ALA J 40 14.59 -2.19 -70.30
CA ALA J 40 13.15 -2.13 -70.43
C ALA J 40 12.52 -3.51 -70.67
N LYS J 41 13.14 -4.32 -71.52
CA LYS J 41 12.74 -5.70 -71.85
C LYS J 41 12.81 -6.61 -70.62
N ARG J 42 13.85 -6.50 -69.79
CA ARG J 42 14.02 -7.31 -68.58
C ARG J 42 13.20 -6.80 -67.39
N MET J 43 12.83 -5.54 -67.39
CA MET J 43 11.75 -5.00 -66.55
C MET J 43 10.35 -5.37 -67.06
N GLY J 44 10.24 -5.95 -68.26
CA GLY J 44 8.98 -6.37 -68.88
C GLY J 44 8.16 -5.26 -69.54
N LEU J 45 8.72 -4.05 -69.67
CA LEU J 45 8.03 -2.87 -70.23
C LEU J 45 7.82 -2.97 -71.74
N VAL J 46 8.63 -3.76 -72.43
CA VAL J 46 8.62 -3.99 -73.89
C VAL J 46 9.04 -5.42 -74.22
N LYS J 47 8.85 -5.85 -75.46
CA LYS J 47 9.45 -7.06 -76.05
C LYS J 47 10.25 -6.75 -77.33
N ASP J 48 9.88 -5.74 -78.10
CA ASP J 48 10.51 -5.43 -79.40
C ASP J 48 11.11 -4.01 -79.44
N ILE J 49 12.21 -3.82 -80.18
CA ILE J 49 13.01 -2.58 -80.18
C ILE J 49 12.18 -1.34 -80.58
N ASP J 50 11.23 -1.50 -81.50
CA ASP J 50 10.34 -0.42 -81.94
C ASP J 50 9.35 0.06 -80.85
N GLU J 51 9.07 -0.76 -79.83
CA GLU J 51 8.19 -0.36 -78.72
C GLU J 51 8.83 0.70 -77.82
N MET J 52 10.15 0.84 -77.83
CA MET J 52 10.85 1.86 -77.03
C MET J 52 10.37 3.27 -77.34
N ARG J 53 10.02 3.56 -78.60
CA ARG J 53 9.48 4.86 -79.03
C ARG J 53 8.07 5.13 -78.51
N ARG J 54 7.36 4.10 -78.04
CA ARG J 54 5.95 4.15 -77.60
C ARG J 54 5.81 4.37 -76.09
N LEU J 55 6.88 4.21 -75.32
CA LEU J 55 6.87 4.36 -73.87
C LEU J 55 6.49 5.77 -73.43
N SER J 56 5.84 5.88 -72.26
CA SER J 56 5.55 7.16 -71.62
C SER J 56 6.85 7.88 -71.26
N PRO J 57 7.03 9.18 -71.60
CA PRO J 57 8.27 9.91 -71.36
C PRO J 57 8.80 9.81 -69.92
N ASP J 58 7.94 9.92 -68.91
CA ASP J 58 8.37 9.86 -67.51
C ASP J 58 8.70 8.44 -67.01
N VAL J 59 8.29 7.39 -67.74
CA VAL J 59 8.86 6.05 -67.60
C VAL J 59 10.22 5.98 -68.32
N GLN J 60 10.32 6.55 -69.52
CA GLN J 60 11.55 6.56 -70.31
C GLN J 60 12.70 7.28 -69.59
N LYS J 61 12.43 8.33 -68.79
CA LYS J 61 13.42 8.93 -67.88
C LYS J 61 14.02 7.92 -66.93
N GLU J 62 13.19 7.10 -66.29
CA GLU J 62 13.69 6.09 -65.36
C GLU J 62 14.41 4.93 -66.08
N VAL J 63 13.99 4.55 -67.28
CA VAL J 63 14.75 3.60 -68.11
C VAL J 63 16.14 4.15 -68.41
N GLN J 64 16.27 5.43 -68.78
CA GLN J 64 17.57 6.07 -68.96
C GLN J 64 18.39 6.08 -67.67
N LYS J 65 17.77 6.44 -66.54
CA LYS J 65 18.42 6.44 -65.23
C LYS J 65 18.97 5.06 -64.87
N LYS J 66 18.15 3.99 -64.96
CA LYS J 66 18.59 2.63 -64.66
C LYS J 66 19.66 2.13 -65.60
N ALA J 67 19.52 2.38 -66.91
CA ALA J 67 20.55 2.02 -67.88
C ALA J 67 21.89 2.69 -67.55
N ALA J 68 21.88 3.98 -67.22
CA ALA J 68 23.09 4.70 -66.85
C ALA J 68 23.70 4.16 -65.55
N GLU J 69 22.90 3.88 -64.52
CA GLU J 69 23.40 3.30 -63.26
C GLU J 69 24.12 1.96 -63.51
N ARG J 70 23.57 1.13 -64.38
CA ARG J 70 24.15 -0.18 -64.72
C ARG J 70 25.42 -0.06 -65.55
N ILE J 71 25.49 0.89 -66.48
CA ILE J 71 26.73 1.17 -67.22
C ILE J 71 27.78 1.80 -66.30
N ALA J 72 27.38 2.60 -65.31
CA ALA J 72 28.31 3.13 -64.31
C ALA J 72 28.90 2.01 -63.44
N ALA J 73 28.09 1.02 -63.03
CA ALA J 73 28.57 -0.14 -62.28
C ALA J 73 29.52 -1.03 -63.10
N LEU J 74 29.32 -1.16 -64.41
CA LEU J 74 30.25 -1.85 -65.31
C LEU J 74 31.63 -1.19 -65.33
N GLY J 75 31.71 0.11 -65.02
CA GLY J 75 32.96 0.86 -64.94
C GLY J 75 33.40 1.46 -66.27
N ASP J 76 34.72 1.48 -66.51
CA ASP J 76 35.30 2.14 -67.68
C ASP J 76 34.85 1.44 -68.97
N VAL J 77 34.32 2.19 -69.93
CA VAL J 77 33.58 1.67 -71.09
C VAL J 77 33.70 2.59 -72.29
N ILE J 78 33.66 2.07 -73.51
CA ILE J 78 33.47 2.88 -74.71
C ILE J 78 31.98 2.89 -75.04
N LEU J 79 31.24 3.83 -74.45
CA LEU J 79 29.82 4.02 -74.71
C LEU J 79 29.60 4.70 -76.06
N ASP J 80 28.54 4.33 -76.77
CA ASP J 80 28.17 4.88 -78.07
C ASP J 80 26.72 5.36 -78.07
N THR J 81 26.48 6.62 -78.45
CA THR J 81 25.17 7.20 -78.74
C THR J 81 25.31 8.53 -79.51
N HIS J 82 24.26 9.04 -80.14
CA HIS J 82 24.28 10.40 -80.71
C HIS J 82 24.25 11.47 -79.62
N CYS J 83 24.99 12.57 -79.77
CA CYS J 83 24.87 13.72 -78.86
C CYS J 83 23.61 14.54 -79.13
N THR J 84 23.20 14.73 -80.39
CA THR J 84 21.87 15.23 -80.74
C THR J 84 21.25 14.45 -81.89
N ILE J 85 19.95 14.15 -81.78
CA ILE J 85 19.20 13.39 -82.77
C ILE J 85 18.30 14.37 -83.51
N LYS J 86 18.35 14.42 -84.84
CA LYS J 86 17.45 15.28 -85.62
C LYS J 86 16.06 14.65 -85.74
N THR J 87 15.01 15.41 -85.47
CA THR J 87 13.61 14.94 -85.45
C THR J 87 12.69 15.96 -86.12
N PRO J 88 11.41 15.64 -86.43
CA PRO J 88 10.46 16.60 -86.99
C PRO J 88 10.34 17.91 -86.21
N LYS J 89 10.42 17.85 -84.87
CA LYS J 89 10.41 19.02 -83.98
C LYS J 89 11.81 19.62 -83.72
N GLY J 90 12.80 19.30 -84.55
CA GLY J 90 14.17 19.80 -84.44
C GLY J 90 15.12 18.85 -83.70
N TYR J 91 16.23 19.40 -83.21
CA TYR J 91 17.26 18.62 -82.51
C TYR J 91 16.83 18.22 -81.12
N LEU J 92 16.99 16.95 -80.78
CA LEU J 92 16.74 16.41 -79.45
C LEU J 92 18.08 16.10 -78.77
N PRO J 93 18.38 16.64 -77.57
CA PRO J 93 19.54 16.26 -76.79
C PRO J 93 19.57 14.76 -76.48
N GLY J 94 20.65 14.08 -76.85
CA GLY J 94 20.80 12.64 -76.65
C GLY J 94 21.14 12.24 -75.22
N LEU J 95 21.72 13.14 -74.42
CA LEU J 95 22.18 12.88 -73.05
C LEU J 95 21.62 13.92 -72.05
N PRO J 96 20.40 13.74 -71.53
CA PRO J 96 19.88 14.60 -70.48
C PRO J 96 20.75 14.62 -69.22
N ARG J 97 20.62 15.66 -68.40
CA ARG J 97 21.33 15.78 -67.12
C ARG J 97 21.18 14.56 -66.20
N TRP J 98 20.01 13.92 -66.16
CA TRP J 98 19.81 12.70 -65.35
C TRP J 98 20.59 11.48 -65.86
N VAL J 99 21.03 11.45 -67.11
CA VAL J 99 22.02 10.47 -67.58
C VAL J 99 23.42 10.86 -67.11
N LEU J 100 23.82 12.11 -67.34
CA LEU J 100 25.16 12.60 -67.01
C LEU J 100 25.51 12.46 -65.53
N GLU J 101 24.59 12.76 -64.63
CA GLU J 101 24.82 12.63 -63.19
C GLU J 101 25.06 11.18 -62.74
N LYS J 102 24.63 10.18 -63.54
CA LYS J 102 24.87 8.75 -63.30
C LYS J 102 26.15 8.26 -63.98
N LEU J 103 26.32 8.49 -65.28
CA LEU J 103 27.52 8.05 -66.01
C LEU J 103 28.80 8.76 -65.55
N ARG J 104 28.74 10.06 -65.30
CA ARG J 104 29.89 10.93 -64.97
C ARG J 104 31.07 10.73 -65.93
N PRO J 105 30.88 10.96 -67.24
CA PRO J 105 31.91 10.69 -68.25
C PRO J 105 33.24 11.38 -67.97
N SER J 106 34.36 10.74 -68.28
CA SER J 106 35.67 11.39 -68.28
C SER J 106 35.97 12.11 -69.59
N VAL J 107 35.49 11.60 -70.73
CA VAL J 107 35.67 12.21 -72.05
C VAL J 107 34.41 12.09 -72.88
N ILE J 108 34.07 13.15 -73.60
CA ILE J 108 33.15 13.11 -74.74
C ILE J 108 33.98 13.25 -76.00
N LEU J 109 33.89 12.31 -76.92
CA LEU J 109 34.60 12.36 -78.20
C LEU J 109 33.60 12.65 -79.30
N LEU J 110 33.89 13.67 -80.10
CA LEU J 110 33.03 14.13 -81.19
C LEU J 110 33.75 13.93 -82.52
N VAL J 111 33.16 13.13 -83.41
CA VAL J 111 33.73 12.84 -84.73
C VAL J 111 33.16 13.80 -85.77
N GLU J 112 34.01 14.39 -86.62
CA GLU J 112 33.63 15.35 -87.65
C GLU J 112 34.29 15.06 -89.01
N ALA J 113 33.62 15.47 -90.08
CA ALA J 113 34.14 15.48 -91.45
C ALA J 113 33.52 16.68 -92.19
N ASP J 114 34.05 17.07 -93.34
CA ASP J 114 33.52 18.23 -94.05
C ASP J 114 32.06 17.96 -94.53
N PRO J 115 31.13 18.94 -94.40
CA PRO J 115 29.78 18.79 -94.91
C PRO J 115 29.68 18.28 -96.34
N LYS J 116 30.61 18.67 -97.23
CA LYS J 116 30.65 18.19 -98.62
C LYS J 116 31.02 16.71 -98.71
N GLU J 117 31.95 16.24 -97.89
CA GLU J 117 32.26 14.81 -97.79
C GLU J 117 31.05 14.02 -97.31
N ILE J 118 30.40 14.49 -96.24
CA ILE J 118 29.21 13.85 -95.68
C ILE J 118 28.08 13.83 -96.69
N TYR J 119 27.84 14.95 -97.39
CA TYR J 119 26.85 15.02 -98.45
C TYR J 119 27.16 14.01 -99.56
N GLY J 120 28.43 13.88 -99.97
CA GLY J 120 28.86 12.84 -100.90
C GLY J 120 28.57 11.43 -100.41
N ARG J 121 28.92 11.10 -99.17
CA ARG J 121 28.61 9.78 -98.59
C ARG J 121 27.11 9.51 -98.54
N ARG J 122 26.32 10.50 -98.11
CA ARG J 122 24.86 10.41 -98.03
C ARG J 122 24.21 10.29 -99.41
N LEU J 123 24.74 10.98 -100.42
CA LEU J 123 24.27 10.89 -101.80
C LEU J 123 24.57 9.52 -102.44
N LYS J 124 25.71 8.91 -102.08
CA LYS J 124 26.09 7.56 -102.52
C LYS J 124 25.37 6.44 -101.76
N ASP J 125 24.77 6.72 -100.61
CA ASP J 125 23.97 5.75 -99.86
C ASP J 125 22.62 5.46 -100.55
N ASP J 133 19.70 16.30 -96.40
CA ASP J 133 19.99 17.64 -95.88
C ASP J 133 20.92 18.41 -96.83
N SER J 134 20.80 19.73 -96.92
CA SER J 134 21.83 20.55 -97.55
C SER J 134 23.14 20.54 -96.75
N GLU J 135 24.23 20.93 -97.38
CA GLU J 135 25.51 21.13 -96.69
C GLU J 135 25.38 22.20 -95.59
N GLU J 136 24.48 23.17 -95.75
CA GLU J 136 24.17 24.16 -94.72
C GLU J 136 23.54 23.50 -93.49
N GLU J 137 22.56 22.63 -93.70
CA GLU J 137 21.91 21.90 -92.61
C GLU J 137 22.86 20.88 -91.95
N ILE J 138 23.78 20.29 -92.71
CA ILE J 138 24.84 19.45 -92.14
C ILE J 138 25.77 20.29 -91.25
N ALA J 139 26.26 21.43 -91.75
CA ALA J 139 27.09 22.33 -90.96
C ALA J 139 26.37 22.84 -89.70
N GLU J 140 25.07 23.13 -89.80
CA GLU J 140 24.24 23.49 -88.66
C GLU J 140 24.18 22.35 -87.64
N HIS J 141 23.91 21.12 -88.05
CA HIS J 141 23.85 19.99 -87.11
C HIS J 141 25.18 19.78 -86.40
N GLN J 142 26.30 19.90 -87.11
CA GLN J 142 27.63 19.88 -86.47
C GLN J 142 27.81 21.02 -85.47
N MET J 143 27.47 22.26 -85.82
CA MET J 143 27.60 23.37 -84.88
C MET J 143 26.73 23.16 -83.65
N MET J 144 25.50 22.66 -83.81
CA MET J 144 24.66 22.34 -82.66
C MET J 144 25.25 21.20 -81.83
N ASN J 145 25.91 20.21 -82.44
CA ASN J 145 26.61 19.19 -81.67
C ASN J 145 27.75 19.79 -80.83
N ARG J 146 28.56 20.71 -81.37
CA ARG J 146 29.63 21.33 -80.57
C ARG J 146 29.09 22.06 -79.36
N ALA J 147 27.99 22.80 -79.52
CA ALA J 147 27.34 23.47 -78.40
C ALA J 147 26.83 22.45 -77.38
N ALA J 148 26.19 21.37 -77.82
CA ALA J 148 25.70 20.32 -76.94
C ALA J 148 26.84 19.65 -76.16
N ALA J 149 27.93 19.29 -76.83
CA ALA J 149 29.07 18.65 -76.21
C ALA J 149 29.66 19.53 -75.09
N MET J 150 29.86 20.82 -75.36
CA MET J 150 30.42 21.70 -74.34
C MET J 150 29.45 21.98 -73.20
N ALA J 151 28.15 22.03 -73.46
CA ALA J 151 27.17 22.06 -72.39
C ALA J 151 27.27 20.82 -71.49
N TYR J 152 27.34 19.61 -72.08
CA TYR J 152 27.54 18.37 -71.33
C TYR J 152 28.84 18.39 -70.52
N ALA J 153 29.91 18.93 -71.09
CA ALA J 153 31.17 19.07 -70.39
C ALA J 153 30.99 19.90 -69.12
N SER J 154 30.41 21.09 -69.23
CA SER J 154 30.23 22.00 -68.09
C SER J 154 29.36 21.43 -66.96
N LEU J 155 28.43 20.53 -67.28
CA LEU J 155 27.59 19.84 -66.30
C LEU J 155 28.31 18.72 -65.53
N SER J 156 29.43 18.21 -66.05
CA SER J 156 29.99 16.92 -65.63
C SER J 156 31.50 16.92 -65.33
N GLY J 157 32.23 17.93 -65.78
CA GLY J 157 33.69 17.93 -65.76
C GLY J 157 34.34 17.05 -66.84
N ALA J 158 33.57 16.50 -67.79
CA ALA J 158 34.12 15.70 -68.87
C ALA J 158 35.01 16.52 -69.81
N THR J 159 36.13 15.96 -70.25
CA THR J 159 36.93 16.58 -71.31
C THR J 159 36.21 16.46 -72.66
N VAL J 160 36.40 17.37 -73.61
CA VAL J 160 35.85 17.24 -74.98
C VAL J 160 36.95 17.14 -76.02
N LYS J 161 36.96 16.08 -76.81
CA LYS J 161 37.90 15.86 -77.93
C LYS J 161 37.17 15.91 -79.25
N ILE J 162 37.70 16.63 -80.24
CA ILE J 162 37.21 16.59 -81.63
C ILE J 162 38.17 15.76 -82.49
N VAL J 163 37.65 14.87 -83.33
CA VAL J 163 38.43 14.02 -84.24
C VAL J 163 37.95 14.19 -85.69
N PHE J 164 38.83 14.60 -86.59
CA PHE J 164 38.52 14.61 -88.02
C PHE J 164 38.58 13.21 -88.64
N ASN J 165 37.68 12.91 -89.56
CA ASN J 165 37.60 11.65 -90.30
C ASN J 165 37.33 11.87 -91.80
N HIS J 166 38.24 12.60 -92.46
CA HIS J 166 38.19 12.84 -93.90
C HIS J 166 38.27 11.53 -94.71
N ASP J 167 37.65 11.50 -95.89
CA ASP J 167 37.30 10.27 -96.62
C ASP J 167 38.43 9.24 -96.76
N ASN J 168 39.58 9.64 -97.31
CA ASN J 168 40.72 8.74 -97.52
C ASN J 168 41.55 8.51 -96.25
N ARG J 169 41.38 9.34 -95.22
CA ARG J 169 42.37 9.59 -94.17
C ARG J 169 41.98 8.96 -92.84
N LEU J 170 41.42 7.75 -92.86
CA LEU J 170 41.01 7.03 -91.65
C LEU J 170 42.17 6.88 -90.64
N ASP J 171 43.40 6.73 -91.10
CA ASP J 171 44.56 6.65 -90.22
C ASP J 171 44.78 7.92 -89.37
N ASP J 172 44.44 9.11 -89.89
CA ASP J 172 44.47 10.35 -89.09
C ASP J 172 43.42 10.31 -87.97
N ALA J 173 42.21 9.85 -88.28
CA ALA J 173 41.15 9.71 -87.27
C ALA J 173 41.56 8.74 -86.16
N VAL J 174 42.08 7.57 -86.52
CA VAL J 174 42.50 6.55 -85.55
C VAL J 174 43.70 7.03 -84.74
N ARG J 175 44.66 7.71 -85.36
CA ARG J 175 45.82 8.30 -84.67
C ARG J 175 45.42 9.39 -83.68
N ASP J 176 44.38 10.17 -83.96
CA ASP J 176 43.80 11.11 -83.00
C ASP J 176 42.96 10.42 -81.91
N ALA J 177 42.26 9.33 -82.23
CA ALA J 177 41.37 8.65 -81.28
C ALA J 177 42.12 7.80 -80.24
N ALA J 178 43.13 7.02 -80.66
CA ALA J 178 43.83 6.10 -79.77
C ALA J 178 44.45 6.76 -78.50
N PRO J 179 45.04 7.98 -78.55
CA PRO J 179 45.50 8.72 -77.38
C PRO J 179 44.49 8.95 -76.26
N VAL J 180 43.18 8.86 -76.55
CA VAL J 180 42.12 9.10 -75.56
C VAL J 180 41.91 7.91 -74.62
N LEU J 181 42.23 6.70 -75.10
CA LEU J 181 41.93 5.41 -74.48
C LEU J 181 42.90 5.03 -73.35
N ILE K 4 0.25 -79.11 -2.28
CA ILE K 4 -0.51 -80.39 -2.29
C ILE K 4 -1.22 -80.54 -0.96
N VAL K 5 -2.41 -81.15 -0.89
CA VAL K 5 -3.07 -81.52 0.37
C VAL K 5 -3.39 -83.00 0.36
N VAL K 6 -3.03 -83.75 1.40
CA VAL K 6 -3.36 -85.17 1.53
C VAL K 6 -4.44 -85.35 2.59
N THR K 7 -5.45 -86.16 2.31
CA THR K 7 -6.65 -86.29 3.14
C THR K 7 -7.16 -87.73 3.22
N GLY K 8 -7.86 -88.08 4.31
CA GLY K 8 -8.38 -89.43 4.52
C GLY K 8 -9.15 -89.60 5.83
N ILE K 9 -10.06 -90.57 5.83
CA ILE K 9 -10.82 -91.00 7.01
C ILE K 9 -9.93 -91.73 8.02
N PRO K 10 -10.04 -91.46 9.35
CA PRO K 10 -9.24 -92.17 10.35
C PRO K 10 -9.38 -93.69 10.25
N GLY K 11 -8.25 -94.38 10.14
CA GLY K 11 -8.16 -95.83 9.87
C GLY K 11 -7.81 -96.21 8.43
N VAL K 12 -7.85 -95.28 7.46
CA VAL K 12 -7.53 -95.59 6.05
C VAL K 12 -6.04 -95.79 5.77
N GLY K 13 -5.17 -95.51 6.74
CA GLY K 13 -3.72 -95.68 6.59
C GLY K 13 -3.01 -94.47 5.96
N LYS K 14 -3.58 -93.27 6.11
CA LYS K 14 -3.10 -92.03 5.47
C LYS K 14 -1.59 -91.80 5.63
N THR K 15 -1.08 -91.88 6.85
CA THR K 15 0.32 -91.53 7.13
C THR K 15 1.29 -92.48 6.42
N THR K 16 0.97 -93.77 6.36
CA THR K 16 1.81 -94.77 5.67
C THR K 16 1.98 -94.44 4.19
N VAL K 17 0.90 -94.23 3.45
CA VAL K 17 0.96 -93.93 2.01
C VAL K 17 1.65 -92.59 1.76
N MET K 18 1.39 -91.58 2.59
CA MET K 18 2.09 -90.29 2.50
C MET K 18 3.59 -90.48 2.65
N GLN K 19 4.06 -91.11 3.73
CA GLN K 19 5.51 -91.23 3.99
C GLN K 19 6.23 -92.12 2.98
N LYS K 20 5.61 -93.21 2.52
CA LYS K 20 6.18 -94.06 1.49
C LYS K 20 6.30 -93.35 0.13
N ALA K 21 5.30 -92.56 -0.28
CA ALA K 21 5.38 -91.79 -1.53
C ALA K 21 6.31 -90.58 -1.41
N ALA K 22 6.30 -89.87 -0.27
CA ALA K 22 7.16 -88.71 -0.03
C ALA K 22 8.65 -89.05 0.12
N GLU K 23 9.03 -90.33 0.17
CA GLU K 23 10.42 -90.76 0.29
C GLU K 23 11.31 -90.20 -0.84
N GLY K 24 12.42 -89.56 -0.48
CA GLY K 24 13.32 -88.88 -1.42
C GLY K 24 12.80 -87.55 -1.99
N SER K 25 11.61 -87.08 -1.62
CA SER K 25 11.11 -85.79 -2.08
C SER K 25 11.84 -84.61 -1.40
N PRO K 26 12.12 -83.51 -2.12
CA PRO K 26 12.57 -82.27 -1.51
C PRO K 26 11.43 -81.49 -0.81
N LEU K 27 10.17 -81.93 -0.89
CA LEU K 27 9.04 -81.20 -0.29
C LEU K 27 9.04 -81.30 1.24
N PRO K 28 8.81 -80.19 1.98
CA PRO K 28 8.51 -80.25 3.40
C PRO K 28 7.18 -80.96 3.66
N ARG K 29 6.96 -81.47 4.88
CA ARG K 29 5.66 -82.00 5.31
C ARG K 29 5.14 -81.27 6.53
N VAL K 30 3.83 -81.06 6.59
CA VAL K 30 3.24 -80.12 7.53
C VAL K 30 1.86 -80.59 7.99
N PRO K 31 1.65 -80.89 9.28
CA PRO K 31 0.31 -81.04 9.82
C PRO K 31 -0.31 -79.66 10.06
N LEU K 32 -1.46 -79.35 9.47
CA LEU K 32 -2.06 -78.01 9.55
C LEU K 32 -2.47 -77.63 10.98
N GLU K 33 -2.92 -78.59 11.78
CA GLU K 33 -3.29 -78.36 13.17
C GLU K 33 -2.06 -77.93 13.98
N GLY K 34 -0.92 -78.55 13.70
CA GLY K 34 0.37 -78.20 14.27
C GLY K 34 0.77 -76.76 13.96
N VAL K 35 0.65 -76.34 12.71
CA VAL K 35 0.94 -74.95 12.34
C VAL K 35 -0.02 -73.99 13.03
N MET K 36 -1.31 -74.30 13.07
CA MET K 36 -2.27 -73.44 13.75
C MET K 36 -1.94 -73.28 15.24
N TYR K 37 -1.59 -74.37 15.92
CA TYR K 37 -1.12 -74.31 17.30
C TYR K 37 0.15 -73.46 17.43
N GLY K 38 1.14 -73.69 16.57
CA GLY K 38 2.38 -72.91 16.56
C GLY K 38 2.13 -71.41 16.36
N VAL K 39 1.31 -71.04 15.37
CA VAL K 39 0.97 -69.64 15.11
C VAL K 39 0.22 -69.04 16.28
N ALA K 40 -0.80 -69.71 16.82
CA ALA K 40 -1.54 -69.22 17.96
C ALA K 40 -0.66 -69.06 19.21
N LYS K 41 0.23 -70.02 19.46
CA LYS K 41 1.17 -70.03 20.59
C LYS K 41 2.18 -68.89 20.49
N ARG K 42 2.73 -68.64 19.30
CA ARG K 42 3.66 -67.53 19.06
C ARG K 42 2.99 -66.16 19.01
N MET K 43 1.69 -66.11 18.69
CA MET K 43 0.83 -64.95 18.91
C MET K 43 0.40 -64.79 20.39
N GLY K 44 0.74 -65.74 21.27
CA GLY K 44 0.43 -65.70 22.70
C GLY K 44 -1.02 -66.04 23.06
N LEU K 45 -1.81 -66.53 22.11
CA LEU K 45 -3.24 -66.81 22.29
C LEU K 45 -3.50 -68.07 23.14
N VAL K 46 -2.54 -69.00 23.14
CA VAL K 46 -2.57 -70.30 23.82
C VAL K 46 -1.18 -70.66 24.31
N LYS K 47 -1.10 -71.64 25.21
CA LYS K 47 0.13 -72.33 25.63
C LYS K 47 0.08 -73.83 25.36
N ASP K 48 -1.09 -74.46 25.43
CA ASP K 48 -1.25 -75.92 25.35
C ASP K 48 -2.17 -76.36 24.20
N ILE K 49 -1.91 -77.54 23.63
CA ILE K 49 -2.55 -78.01 22.38
C ILE K 49 -4.09 -78.14 22.48
N ASP K 50 -4.61 -78.52 23.66
CA ASP K 50 -6.06 -78.60 23.88
C ASP K 50 -6.76 -77.23 23.89
N GLU K 51 -6.04 -76.15 24.19
CA GLU K 51 -6.63 -74.80 24.22
C GLU K 51 -7.09 -74.33 22.84
N MET K 52 -6.58 -74.92 21.75
CA MET K 52 -7.05 -74.66 20.39
C MET K 52 -8.55 -74.92 20.22
N ARG K 53 -9.12 -75.88 20.96
CA ARG K 53 -10.56 -76.17 20.95
C ARG K 53 -11.39 -75.19 21.80
N ARG K 54 -10.72 -74.42 22.67
CA ARG K 54 -11.32 -73.43 23.58
C ARG K 54 -11.37 -72.03 22.99
N LEU K 55 -10.58 -71.75 21.95
CA LEU K 55 -10.53 -70.44 21.29
C LEU K 55 -11.90 -69.99 20.74
N SER K 56 -12.11 -68.68 20.75
CA SER K 56 -13.28 -68.05 20.10
C SER K 56 -13.29 -68.34 18.59
N PRO K 57 -14.40 -68.80 18.00
CA PRO K 57 -14.47 -69.13 16.58
C PRO K 57 -13.95 -68.04 15.63
N ASP K 58 -14.23 -66.77 15.90
CA ASP K 58 -13.78 -65.67 15.03
C ASP K 58 -12.30 -65.28 15.24
N VAL K 59 -11.68 -65.69 16.35
CA VAL K 59 -10.21 -65.74 16.47
C VAL K 59 -9.68 -66.93 15.67
N GLN K 60 -10.31 -68.10 15.79
CA GLN K 60 -9.89 -69.31 15.11
C GLN K 60 -9.91 -69.17 13.57
N LYS K 61 -10.85 -68.41 13.00
CA LYS K 61 -10.80 -68.01 11.58
C LYS K 61 -9.51 -67.28 11.23
N GLU K 62 -9.12 -66.27 12.02
CA GLU K 62 -7.90 -65.53 11.74
C GLU K 62 -6.63 -66.37 11.97
N VAL K 63 -6.62 -67.29 12.95
CA VAL K 63 -5.53 -68.27 13.09
C VAL K 63 -5.43 -69.14 11.85
N GLN K 64 -6.55 -69.67 11.34
CA GLN K 64 -6.54 -70.44 10.09
C GLN K 64 -6.01 -69.60 8.92
N LYS K 65 -6.48 -68.36 8.80
CA LYS K 65 -6.03 -67.43 7.77
C LYS K 65 -4.52 -67.19 7.83
N LYS K 66 -3.98 -66.83 9.00
CA LYS K 66 -2.54 -66.59 9.20
C LYS K 66 -1.71 -67.85 8.98
N ALA K 67 -2.14 -69.00 9.49
CA ALA K 67 -1.46 -70.26 9.24
C ALA K 67 -1.39 -70.56 7.74
N ALA K 68 -2.49 -70.37 7.00
CA ALA K 68 -2.49 -70.58 5.57
C ALA K 68 -1.58 -69.58 4.84
N GLU K 69 -1.59 -68.29 5.19
CA GLU K 69 -0.66 -67.31 4.60
C GLU K 69 0.80 -67.74 4.76
N ARG K 70 1.17 -68.24 5.94
CA ARG K 70 2.54 -68.66 6.24
C ARG K 70 2.92 -69.95 5.52
N ILE K 71 2.00 -70.88 5.34
CA ILE K 71 2.25 -72.07 4.51
C ILE K 71 2.32 -71.68 3.03
N ALA K 72 1.53 -70.71 2.57
CA ALA K 72 1.63 -70.22 1.20
C ALA K 72 2.98 -69.52 0.94
N ALA K 73 3.52 -68.80 1.91
CA ALA K 73 4.86 -68.23 1.81
C ALA K 73 5.97 -69.29 1.75
N LEU K 74 5.84 -70.38 2.52
CA LEU K 74 6.77 -71.51 2.47
C LEU K 74 6.83 -72.15 1.08
N GLY K 75 5.73 -72.11 0.34
CA GLY K 75 5.62 -72.64 -1.03
C GLY K 75 5.20 -74.11 -1.11
N ASP K 76 5.65 -74.81 -2.13
CA ASP K 76 5.23 -76.18 -2.44
C ASP K 76 5.50 -77.13 -1.27
N VAL K 77 4.48 -77.87 -0.82
CA VAL K 77 4.47 -78.60 0.45
C VAL K 77 3.53 -79.80 0.42
N ILE K 78 3.81 -80.86 1.17
CA ILE K 78 2.84 -81.93 1.41
C ILE K 78 2.08 -81.60 2.69
N LEU K 79 1.04 -80.78 2.59
CA LEU K 79 0.18 -80.43 3.71
C LEU K 79 -0.72 -81.60 4.09
N ASP K 80 -0.98 -81.76 5.38
CA ASP K 80 -1.80 -82.84 5.92
C ASP K 80 -2.89 -82.31 6.86
N THR K 81 -4.15 -82.66 6.58
CA THR K 81 -5.32 -82.46 7.47
C THR K 81 -6.52 -83.28 6.95
N HIS K 82 -7.57 -83.47 7.75
CA HIS K 82 -8.81 -84.11 7.26
C HIS K 82 -9.60 -83.20 6.33
N CYS K 83 -10.26 -83.77 5.32
CA CYS K 83 -11.21 -83.01 4.49
C CYS K 83 -12.56 -82.81 5.19
N THR K 84 -13.08 -83.80 5.92
CA THR K 84 -14.18 -83.59 6.88
C THR K 84 -13.95 -84.34 8.18
N ILE K 85 -14.26 -83.69 9.30
CA ILE K 85 -14.08 -84.25 10.65
C ILE K 85 -15.45 -84.64 11.18
N LYS K 86 -15.65 -85.88 11.63
CA LYS K 86 -16.92 -86.27 12.26
C LYS K 86 -16.98 -85.72 13.69
N THR K 87 -18.09 -85.10 14.06
CA THR K 87 -18.31 -84.45 15.36
C THR K 87 -19.70 -84.81 15.91
N PRO K 88 -20.02 -84.53 17.18
CA PRO K 88 -21.36 -84.75 17.73
C PRO K 88 -22.50 -84.11 16.92
N LYS K 89 -22.26 -82.93 16.34
CA LYS K 89 -23.19 -82.23 15.45
C LYS K 89 -23.05 -82.59 13.97
N GLY K 90 -22.39 -83.70 13.64
CA GLY K 90 -22.20 -84.18 12.27
C GLY K 90 -20.85 -83.79 11.67
N TYR K 91 -20.75 -83.83 10.35
CA TYR K 91 -19.50 -83.56 9.63
C TYR K 91 -19.14 -82.07 9.62
N LEU K 92 -17.92 -81.74 9.97
CA LEU K 92 -17.36 -80.39 9.89
C LEU K 92 -16.39 -80.31 8.69
N PRO K 93 -16.53 -79.36 7.76
CA PRO K 93 -15.55 -79.12 6.72
C PRO K 93 -14.17 -78.79 7.28
N GLY K 94 -13.14 -79.52 6.88
CA GLY K 94 -11.78 -79.32 7.40
C GLY K 94 -11.06 -78.13 6.79
N LEU K 95 -11.46 -77.70 5.59
CA LEU K 95 -10.81 -76.62 4.84
C LEU K 95 -11.85 -75.57 4.38
N PRO K 96 -12.19 -74.59 5.22
CA PRO K 96 -13.08 -73.50 4.84
C PRO K 96 -12.57 -72.68 3.65
N ARG K 97 -13.45 -71.96 2.97
CA ARG K 97 -13.11 -71.09 1.83
C ARG K 97 -11.95 -70.13 2.12
N TRP K 98 -11.90 -69.50 3.30
CA TRP K 98 -10.81 -68.58 3.65
C TRP K 98 -9.45 -69.26 3.75
N VAL K 99 -9.37 -70.57 3.97
CA VAL K 99 -8.10 -71.31 3.87
C VAL K 99 -7.70 -71.50 2.41
N LEU K 100 -8.62 -71.94 1.55
CA LEU K 100 -8.38 -72.18 0.12
C LEU K 100 -7.95 -70.92 -0.61
N GLU K 101 -8.55 -69.77 -0.30
CA GLU K 101 -8.16 -68.49 -0.90
C GLU K 101 -6.70 -68.10 -0.60
N LYS K 102 -6.13 -68.61 0.49
CA LYS K 102 -4.71 -68.40 0.86
C LYS K 102 -3.80 -69.51 0.34
N LEU K 103 -4.13 -70.78 0.58
CA LEU K 103 -3.29 -71.91 0.15
C LEU K 103 -3.22 -72.07 -1.37
N ARG K 104 -4.36 -71.91 -2.06
CA ARG K 104 -4.52 -72.14 -3.51
C ARG K 104 -3.93 -73.49 -3.96
N PRO K 105 -4.39 -74.63 -3.42
CA PRO K 105 -3.79 -75.93 -3.71
C PRO K 105 -3.77 -76.28 -5.19
N SER K 106 -2.72 -76.93 -5.67
CA SER K 106 -2.70 -77.50 -7.02
C SER K 106 -3.41 -78.85 -7.09
N VAL K 107 -3.32 -79.65 -6.01
CA VAL K 107 -3.95 -80.98 -5.92
C VAL K 107 -4.51 -81.21 -4.55
N ILE K 108 -5.69 -81.82 -4.47
CA ILE K 108 -6.22 -82.49 -3.30
C ILE K 108 -6.10 -83.98 -3.53
N LEU K 109 -5.46 -84.71 -2.64
CA LEU K 109 -5.35 -86.16 -2.71
C LEU K 109 -6.22 -86.77 -1.64
N LEU K 110 -7.06 -87.72 -2.03
CA LEU K 110 -8.02 -88.39 -1.17
C LEU K 110 -7.72 -89.89 -1.11
N VAL K 111 -7.46 -90.43 0.08
CA VAL K 111 -7.14 -91.85 0.27
C VAL K 111 -8.39 -92.63 0.66
N GLU K 112 -8.62 -93.78 0.04
CA GLU K 112 -9.78 -94.64 0.28
C GLU K 112 -9.39 -96.11 0.45
N ALA K 113 -10.23 -96.86 1.17
CA ALA K 113 -10.16 -98.32 1.29
C ALA K 113 -11.59 -98.85 1.46
N ASP K 114 -11.82 -100.16 1.31
CA ASP K 114 -13.17 -100.69 1.46
C ASP K 114 -13.69 -100.51 2.90
N PRO K 115 -14.96 -100.12 3.12
CA PRO K 115 -15.53 -99.98 4.46
C PRO K 115 -15.31 -101.20 5.37
N LYS K 116 -15.31 -102.41 4.82
CA LYS K 116 -15.08 -103.63 5.58
C LYS K 116 -13.62 -103.76 6.02
N GLU K 117 -12.67 -103.34 5.20
CA GLU K 117 -11.26 -103.26 5.60
C GLU K 117 -11.10 -102.26 6.74
N ILE K 118 -11.66 -101.07 6.58
CA ILE K 118 -11.57 -99.99 7.58
C ILE K 118 -12.23 -100.44 8.88
N TYR K 119 -13.41 -101.07 8.82
CA TYR K 119 -14.07 -101.62 9.99
C TYR K 119 -13.19 -102.68 10.67
N GLY K 120 -12.56 -103.57 9.91
CA GLY K 120 -11.60 -104.54 10.43
C GLY K 120 -10.42 -103.87 11.14
N ARG K 121 -9.81 -102.84 10.55
CA ARG K 121 -8.71 -102.08 11.19
C ARG K 121 -9.19 -101.41 12.47
N ARG K 122 -10.37 -100.78 12.46
CA ARG K 122 -10.97 -100.11 13.61
C ARG K 122 -11.38 -101.08 14.73
N LEU K 123 -11.76 -102.30 14.39
CA LEU K 123 -12.04 -103.36 15.35
C LEU K 123 -10.76 -103.92 16.00
N LYS K 124 -9.68 -104.02 15.23
CA LYS K 124 -8.35 -104.45 15.71
C LYS K 124 -7.60 -103.37 16.49
N ASP K 125 -7.92 -102.09 16.27
CA ASP K 125 -7.44 -100.98 17.08
C ASP K 125 -7.99 -101.05 18.52
N ASP K 133 -18.18 -97.03 14.36
CA ASP K 133 -19.14 -96.73 13.30
C ASP K 133 -19.47 -98.00 12.51
N SER K 134 -20.69 -98.13 11.99
CA SER K 134 -21.04 -99.19 11.05
C SER K 134 -20.33 -99.01 9.70
N GLU K 135 -20.28 -100.07 8.90
CA GLU K 135 -19.82 -99.98 7.51
C GLU K 135 -20.66 -99.00 6.69
N GLU K 136 -21.96 -98.87 7.00
CA GLU K 136 -22.82 -97.88 6.38
C GLU K 136 -22.39 -96.45 6.73
N GLU K 137 -22.09 -96.17 7.99
CA GLU K 137 -21.58 -94.86 8.40
C GLU K 137 -20.18 -94.57 7.86
N ILE K 138 -19.34 -95.60 7.69
CA ILE K 138 -18.04 -95.46 7.05
C ILE K 138 -18.23 -95.10 5.57
N ALA K 139 -19.10 -95.83 4.85
CA ALA K 139 -19.40 -95.53 3.45
C ALA K 139 -20.02 -94.15 3.26
N GLU K 140 -20.88 -93.72 4.18
CA GLU K 140 -21.42 -92.37 4.21
C GLU K 140 -20.30 -91.35 4.37
N HIS K 141 -19.39 -91.50 5.33
CA HIS K 141 -18.30 -90.54 5.52
C HIS K 141 -17.41 -90.45 4.27
N GLN K 142 -17.11 -91.57 3.61
CA GLN K 142 -16.38 -91.54 2.35
C GLN K 142 -17.14 -90.75 1.27
N MET K 143 -18.43 -91.00 1.09
CA MET K 143 -19.22 -90.25 0.11
C MET K 143 -19.23 -88.75 0.44
N MET K 144 -19.37 -88.38 1.71
CA MET K 144 -19.29 -86.97 2.10
C MET K 144 -17.90 -86.39 1.83
N ASN K 145 -16.82 -87.15 2.01
CA ASN K 145 -15.49 -86.67 1.67
C ASN K 145 -15.36 -86.41 0.17
N ARG K 146 -15.87 -87.27 -0.71
CA ARG K 146 -15.83 -87.00 -2.15
C ARG K 146 -16.54 -85.71 -2.50
N ALA K 147 -17.74 -85.50 -1.95
CA ALA K 147 -18.48 -84.27 -2.16
C ALA K 147 -17.70 -83.04 -1.65
N ALA K 148 -17.10 -83.14 -0.47
CA ALA K 148 -16.31 -82.05 0.10
C ALA K 148 -15.09 -81.74 -0.78
N ALA K 149 -14.36 -82.75 -1.24
CA ALA K 149 -13.20 -82.57 -2.08
C ALA K 149 -13.56 -81.87 -3.39
N MET K 150 -14.63 -82.30 -4.06
CA MET K 150 -15.02 -81.68 -5.33
C MET K 150 -15.56 -80.25 -5.13
N ALA K 151 -16.20 -79.96 -4.00
CA ALA K 151 -16.53 -78.59 -3.64
C ALA K 151 -15.27 -77.74 -3.44
N TYR K 152 -14.25 -78.25 -2.75
CA TYR K 152 -12.96 -77.56 -2.62
C TYR K 152 -12.30 -77.34 -3.97
N ALA K 153 -12.32 -78.34 -4.84
CA ALA K 153 -11.72 -78.25 -6.16
C ALA K 153 -12.37 -77.13 -6.98
N SER K 154 -13.69 -77.17 -7.13
CA SER K 154 -14.43 -76.15 -7.87
C SER K 154 -14.34 -74.75 -7.25
N LEU K 155 -14.08 -74.61 -5.95
CA LEU K 155 -13.78 -73.33 -5.32
C LEU K 155 -12.40 -72.76 -5.66
N SER K 156 -11.44 -73.59 -6.04
CA SER K 156 -10.01 -73.25 -6.00
C SER K 156 -9.20 -73.51 -7.27
N GLY K 157 -9.72 -74.33 -8.19
CA GLY K 157 -8.98 -74.82 -9.35
C GLY K 157 -8.07 -76.01 -9.06
N ALA K 158 -8.08 -76.56 -7.84
CA ALA K 158 -7.29 -77.74 -7.52
C ALA K 158 -7.75 -78.99 -8.29
N THR K 159 -6.82 -79.85 -8.67
CA THR K 159 -7.14 -81.19 -9.19
C THR K 159 -7.53 -82.12 -8.05
N VAL K 160 -8.33 -83.16 -8.26
CA VAL K 160 -8.64 -84.17 -7.23
C VAL K 160 -8.20 -85.56 -7.65
N LYS K 161 -7.35 -86.21 -6.86
CA LYS K 161 -6.87 -87.58 -7.09
C LYS K 161 -7.42 -88.51 -6.02
N ILE K 162 -7.98 -89.65 -6.41
CA ILE K 162 -8.42 -90.70 -5.47
C ILE K 162 -7.43 -91.87 -5.49
N VAL K 163 -6.96 -92.31 -4.32
CA VAL K 163 -5.98 -93.40 -4.17
C VAL K 163 -6.56 -94.54 -3.33
N PHE K 164 -6.62 -95.76 -3.86
CA PHE K 164 -6.96 -96.94 -3.07
C PHE K 164 -5.79 -97.43 -2.22
N ASN K 165 -6.06 -97.86 -0.99
CA ASN K 165 -5.08 -98.41 -0.05
C ASN K 165 -5.60 -99.67 0.65
N HIS K 166 -5.87 -100.72 -0.13
CA HIS K 166 -6.26 -102.03 0.40
C HIS K 166 -5.16 -102.65 1.28
N ASP K 167 -5.54 -103.48 2.25
CA ASP K 167 -4.67 -103.88 3.38
C ASP K 167 -3.25 -104.36 3.00
N ASN K 168 -3.16 -105.36 2.11
CA ASN K 168 -1.87 -105.92 1.69
C ASN K 168 -1.18 -105.11 0.58
N ARG K 169 -1.95 -104.33 -0.18
CA ARG K 169 -1.58 -103.78 -1.50
C ARG K 169 -0.96 -102.38 -1.41
N LEU K 170 -0.18 -102.12 -0.37
CA LEU K 170 0.42 -100.80 -0.14
C LEU K 170 1.23 -100.28 -1.33
N ASP K 171 1.88 -101.17 -2.08
CA ASP K 171 2.62 -100.79 -3.28
C ASP K 171 1.71 -100.16 -4.36
N ASP K 172 0.45 -100.58 -4.49
CA ASP K 172 -0.51 -99.95 -5.40
C ASP K 172 -0.84 -98.53 -4.95
N ALA K 173 -1.06 -98.31 -3.66
CA ALA K 173 -1.32 -96.99 -3.11
C ALA K 173 -0.13 -96.04 -3.34
N VAL K 174 1.09 -96.50 -3.05
CA VAL K 174 2.31 -95.70 -3.23
C VAL K 174 2.58 -95.42 -4.71
N ARG K 175 2.35 -96.41 -5.59
CA ARG K 175 2.50 -96.26 -7.03
C ARG K 175 1.48 -95.28 -7.61
N ASP K 176 0.25 -95.22 -7.09
CA ASP K 176 -0.70 -94.18 -7.48
C ASP K 176 -0.34 -92.80 -6.91
N ALA K 177 0.16 -92.73 -5.68
CA ALA K 177 0.45 -91.44 -5.03
C ALA K 177 1.68 -90.73 -5.59
N ALA K 178 2.80 -91.43 -5.81
CA ALA K 178 4.07 -90.82 -6.20
C ALA K 178 4.02 -89.96 -7.50
N PRO K 179 3.28 -90.35 -8.56
CA PRO K 179 3.05 -89.51 -9.76
C PRO K 179 2.47 -88.12 -9.51
N VAL K 180 1.87 -87.85 -8.36
CA VAL K 180 1.31 -86.52 -8.02
C VAL K 180 2.41 -85.52 -7.66
N LEU K 181 3.51 -86.02 -7.07
CA LEU K 181 4.56 -85.24 -6.41
C LEU K 181 5.53 -84.55 -7.39
N ILE L 4 14.00 -76.15 16.34
CA ILE L 4 14.96 -77.27 16.58
C ILE L 4 15.70 -77.56 15.30
N VAL L 5 17.00 -77.87 15.32
CA VAL L 5 17.75 -78.35 14.15
C VAL L 5 18.31 -79.72 14.41
N VAL L 6 18.11 -80.68 13.51
CA VAL L 6 18.70 -82.03 13.62
C VAL L 6 19.80 -82.20 12.59
N THR L 7 20.95 -82.76 12.99
CA THR L 7 22.16 -82.85 12.15
C THR L 7 22.93 -84.15 12.36
N GLY L 8 23.72 -84.56 11.37
CA GLY L 8 24.52 -85.78 11.44
C GLY L 8 25.28 -86.09 10.15
N ILE L 9 26.34 -86.89 10.27
CA ILE L 9 27.18 -87.37 9.16
C ILE L 9 26.44 -88.40 8.29
N PRO L 10 26.52 -88.35 6.95
CA PRO L 10 25.93 -89.38 6.08
C PRO L 10 26.36 -90.80 6.46
N GLY L 11 25.38 -91.65 6.77
CA GLY L 11 25.57 -93.01 7.29
C GLY L 11 25.20 -93.19 8.78
N VAL L 12 25.04 -92.11 9.54
CA VAL L 12 24.75 -92.21 10.98
C VAL L 12 23.31 -92.63 11.32
N GLY L 13 22.41 -92.67 10.34
CA GLY L 13 21.01 -93.08 10.53
C GLY L 13 20.08 -91.95 10.99
N LYS L 14 20.46 -90.70 10.71
CA LYS L 14 19.76 -89.46 11.12
C LYS L 14 18.25 -89.52 10.92
N THR L 15 17.80 -89.88 9.72
CA THR L 15 16.38 -89.89 9.38
C THR L 15 15.60 -90.88 10.22
N THR L 16 16.14 -92.08 10.48
CA THR L 16 15.47 -93.10 11.29
C THR L 16 15.22 -92.62 12.72
N VAL L 17 16.22 -92.07 13.40
CA VAL L 17 16.06 -91.55 14.78
C VAL L 17 15.07 -90.40 14.81
N MET L 18 15.16 -89.46 13.88
CA MET L 18 14.21 -88.36 13.75
C MET L 18 12.77 -88.86 13.53
N GLN L 19 12.57 -89.80 12.58
CA GLN L 19 11.26 -90.35 12.26
C GLN L 19 10.59 -91.02 13.45
N LYS L 20 11.34 -91.79 14.23
CA LYS L 20 10.84 -92.45 15.44
C LYS L 20 10.59 -91.46 16.58
N ALA L 21 11.53 -90.57 16.89
CA ALA L 21 11.37 -89.62 17.99
C ALA L 21 10.27 -88.59 17.74
N ALA L 22 10.11 -88.13 16.51
CA ALA L 22 9.04 -87.20 16.12
C ALA L 22 7.65 -87.84 15.98
N GLU L 23 7.51 -89.16 16.23
CA GLU L 23 6.21 -89.83 16.12
C GLU L 23 5.17 -89.22 17.07
N GLY L 24 4.00 -88.87 16.53
CA GLY L 24 2.94 -88.19 17.28
C GLY L 24 3.22 -86.72 17.62
N SER L 25 4.34 -86.14 17.19
CA SER L 25 4.63 -84.72 17.41
C SER L 25 3.72 -83.83 16.55
N PRO L 26 3.22 -82.70 17.08
CA PRO L 26 2.54 -81.69 16.28
C PRO L 26 3.49 -80.84 15.42
N LEU L 27 4.82 -81.01 15.53
CA LEU L 27 5.79 -80.15 14.84
C LEU L 27 5.87 -80.44 13.32
N PRO L 28 5.90 -79.41 12.46
CA PRO L 28 6.22 -79.57 11.05
C PRO L 28 7.64 -80.09 10.82
N ARG L 29 7.85 -80.76 9.69
CA ARG L 29 9.09 -81.48 9.35
C ARG L 29 9.68 -80.89 8.08
N VAL L 30 10.88 -80.35 8.12
CA VAL L 30 11.36 -79.47 7.03
C VAL L 30 12.81 -79.75 6.65
N PRO L 31 13.12 -80.15 5.41
CA PRO L 31 14.48 -80.14 4.88
C PRO L 31 14.86 -78.75 4.37
N LEU L 32 15.97 -78.18 4.84
CA LEU L 32 16.35 -76.81 4.47
C LEU L 32 16.71 -76.65 2.99
N GLU L 33 17.38 -77.64 2.40
CA GLU L 33 17.73 -77.60 0.97
C GLU L 33 16.45 -77.61 0.12
N GLY L 34 15.46 -78.39 0.55
CA GLY L 34 14.13 -78.42 -0.05
C GLY L 34 13.45 -77.05 -0.01
N VAL L 35 13.44 -76.39 1.15
CA VAL L 35 12.86 -75.04 1.25
C VAL L 35 13.61 -74.05 0.38
N MET L 36 14.94 -74.07 0.37
CA MET L 36 15.71 -73.17 -0.48
C MET L 36 15.37 -73.36 -1.96
N TYR L 37 15.28 -74.61 -2.43
CA TYR L 37 14.84 -74.89 -3.79
C TYR L 37 13.44 -74.35 -4.07
N GLY L 38 12.48 -74.60 -3.17
CA GLY L 38 11.12 -74.08 -3.29
C GLY L 38 11.07 -72.56 -3.34
N VAL L 39 11.82 -71.87 -2.47
CA VAL L 39 11.90 -70.41 -2.46
C VAL L 39 12.54 -69.87 -3.75
N ALA L 40 13.65 -70.44 -4.19
CA ALA L 40 14.31 -70.04 -5.42
C ALA L 40 13.43 -70.29 -6.65
N LYS L 41 12.74 -71.43 -6.71
CA LYS L 41 11.79 -71.82 -7.76
C LYS L 41 10.62 -70.83 -7.85
N ARG L 42 10.04 -70.45 -6.72
CA ARG L 42 8.91 -69.48 -6.66
C ARG L 42 9.35 -68.03 -6.88
N MET L 43 10.61 -67.70 -6.60
CA MET L 43 11.27 -66.48 -7.08
C MET L 43 11.71 -66.55 -8.55
N GLY L 44 11.51 -67.69 -9.23
CA GLY L 44 11.83 -67.89 -10.64
C GLY L 44 13.31 -68.04 -10.97
N LEU L 45 14.18 -68.14 -9.96
CA LEU L 45 15.64 -68.22 -10.13
C LEU L 45 16.11 -69.55 -10.74
N VAL L 46 15.32 -70.61 -10.56
CA VAL L 46 15.60 -72.00 -10.96
C VAL L 46 14.30 -72.70 -11.35
N LYS L 47 14.42 -73.86 -11.99
CA LYS L 47 13.33 -74.81 -12.24
C LYS L 47 13.66 -76.21 -11.69
N ASP L 48 14.92 -76.60 -11.63
CA ASP L 48 15.35 -77.96 -11.28
C ASP L 48 16.33 -78.01 -10.08
N ILE L 49 16.31 -79.10 -9.32
CA ILE L 49 16.96 -79.22 -8.01
C ILE L 49 18.49 -79.05 -8.07
N ASP L 50 19.12 -79.47 -9.17
CA ASP L 50 20.56 -79.31 -9.38
C ASP L 50 21.00 -77.86 -9.62
N GLU L 51 20.11 -77.00 -10.11
CA GLU L 51 20.43 -75.61 -10.44
C GLU L 51 20.80 -74.78 -9.20
N MET L 52 20.44 -75.24 -8.01
CA MET L 52 20.82 -74.62 -6.73
C MET L 52 22.34 -74.53 -6.54
N ARG L 53 23.10 -75.47 -7.11
CA ARG L 53 24.58 -75.43 -7.11
C ARG L 53 25.17 -74.46 -8.12
N ARG L 54 24.37 -74.03 -9.11
CA ARG L 54 24.77 -73.15 -10.22
C ARG L 54 24.52 -71.66 -9.92
N LEU L 55 23.69 -71.35 -8.93
CA LEU L 55 23.39 -69.98 -8.51
C LEU L 55 24.65 -69.21 -8.09
N SER L 56 24.67 -67.91 -8.36
CA SER L 56 25.72 -67.00 -7.86
C SER L 56 25.73 -66.99 -6.33
N PRO L 57 26.89 -67.17 -5.66
CA PRO L 57 26.94 -67.27 -4.20
C PRO L 57 26.26 -66.11 -3.45
N ASP L 58 26.39 -64.87 -3.93
CA ASP L 58 25.77 -63.72 -3.28
C ASP L 58 24.26 -63.58 -3.55
N VAL L 59 23.72 -64.29 -4.56
CA VAL L 59 22.28 -64.56 -4.66
C VAL L 59 21.90 -65.69 -3.69
N GLN L 60 22.70 -66.75 -3.62
CA GLN L 60 22.45 -67.90 -2.77
C GLN L 60 22.40 -67.53 -1.28
N LYS L 61 23.18 -66.54 -0.83
CA LYS L 61 23.03 -65.94 0.51
C LYS L 61 21.63 -65.37 0.74
N GLU L 62 21.08 -64.64 -0.22
CA GLU L 62 19.72 -64.10 -0.08
C GLU L 62 18.65 -65.21 -0.14
N VAL L 63 18.85 -66.27 -0.92
CA VAL L 63 17.98 -67.45 -0.85
C VAL L 63 18.02 -68.09 0.54
N GLN L 64 19.21 -68.29 1.12
CA GLN L 64 19.33 -68.78 2.50
C GLN L 64 18.62 -67.85 3.49
N LYS L 65 18.82 -66.54 3.36
CA LYS L 65 18.20 -65.53 4.23
C LYS L 65 16.66 -65.58 4.13
N LYS L 66 16.09 -65.60 2.93
CA LYS L 66 14.63 -65.68 2.73
C LYS L 66 14.05 -67.00 3.21
N ALA L 67 14.70 -68.13 2.91
CA ALA L 67 14.27 -69.42 3.43
C ALA L 67 14.26 -69.43 4.97
N ALA L 68 15.30 -68.90 5.60
CA ALA L 68 15.35 -68.81 7.05
C ALA L 68 14.25 -67.89 7.60
N GLU L 69 14.01 -66.72 7.00
CA GLU L 69 12.90 -65.84 7.41
C GLU L 69 11.56 -66.56 7.36
N ARG L 70 11.28 -67.31 6.30
CA ARG L 70 10.02 -68.03 6.12
C ARG L 70 9.89 -69.23 7.07
N ILE L 71 10.98 -69.93 7.36
CA ILE L 71 10.96 -71.00 8.37
C ILE L 71 10.81 -70.41 9.78
N ALA L 72 11.36 -69.23 10.06
CA ALA L 72 11.13 -68.55 11.33
C ALA L 72 9.67 -68.11 11.47
N ALA L 73 9.05 -67.59 10.41
CA ALA L 73 7.65 -67.20 10.44
C ALA L 73 6.70 -68.39 10.68
N LEU L 74 7.04 -69.59 10.20
CA LEU L 74 6.27 -70.81 10.47
C LEU L 74 6.23 -71.17 11.97
N GLY L 75 7.22 -70.72 12.74
CA GLY L 75 7.34 -71.05 14.16
C GLY L 75 8.09 -72.36 14.43
N ASP L 76 7.79 -72.99 15.56
CA ASP L 76 8.56 -74.12 16.06
C ASP L 76 8.46 -75.34 15.12
N VAL L 77 9.60 -75.92 14.77
CA VAL L 77 9.77 -76.84 13.62
C VAL L 77 10.94 -77.79 13.85
N ILE L 78 10.87 -79.01 13.32
CA ILE L 78 12.05 -79.89 13.24
C ILE L 78 12.72 -79.63 11.90
N LEU L 79 13.65 -78.69 11.86
CA LEU L 79 14.46 -78.41 10.67
C LEU L 79 15.54 -79.48 10.51
N ASP L 80 15.84 -79.85 9.27
CA ASP L 80 16.83 -80.87 8.93
C ASP L 80 17.84 -80.35 7.90
N THR L 81 19.13 -80.43 8.20
CA THR L 81 20.26 -80.15 7.31
C THR L 81 21.58 -80.67 7.90
N HIS L 82 22.66 -80.78 7.13
CA HIS L 82 23.98 -81.11 7.67
C HIS L 82 24.62 -79.90 8.37
N CYS L 83 25.33 -80.11 9.48
CA CYS L 83 26.10 -79.04 10.13
C CYS L 83 27.41 -78.75 9.38
N THR L 84 28.10 -79.76 8.84
CA THR L 84 29.17 -79.54 7.85
C THR L 84 29.07 -80.53 6.70
N ILE L 85 29.28 -80.04 5.49
CA ILE L 85 29.22 -80.84 4.26
C ILE L 85 30.65 -81.04 3.77
N LYS L 86 31.08 -82.28 3.53
CA LYS L 86 32.42 -82.55 3.00
C LYS L 86 32.46 -82.30 1.49
N THR L 87 33.46 -81.57 1.01
CA THR L 87 33.61 -81.14 -0.40
C THR L 87 35.06 -81.31 -0.87
N PRO L 88 35.37 -81.21 -2.17
CA PRO L 88 36.76 -81.27 -2.66
C PRO L 88 37.70 -80.26 -2.01
N LYS L 89 37.21 -79.07 -1.66
CA LYS L 89 37.97 -78.04 -0.92
C LYS L 89 37.87 -78.18 0.60
N GLY L 90 37.40 -79.31 1.13
CA GLY L 90 37.27 -79.56 2.57
C GLY L 90 35.85 -79.35 3.12
N TYR L 91 35.73 -79.16 4.43
CA TYR L 91 34.46 -79.00 5.12
C TYR L 91 33.83 -77.63 4.88
N LEU L 92 32.58 -77.60 4.48
CA LEU L 92 31.78 -76.39 4.32
C LEU L 92 30.76 -76.29 5.46
N PRO L 93 30.72 -75.20 6.26
CA PRO L 93 29.68 -74.99 7.25
C PRO L 93 28.28 -74.95 6.64
N GLY L 94 27.34 -75.74 7.16
CA GLY L 94 25.97 -75.83 6.65
C GLY L 94 25.07 -74.69 7.08
N LEU L 95 25.36 -74.00 8.19
CA LEU L 95 24.55 -72.90 8.72
C LEU L 95 25.42 -71.66 8.97
N PRO L 96 25.61 -70.79 7.96
CA PRO L 96 26.28 -69.52 8.16
C PRO L 96 25.58 -68.63 9.18
N ARG L 97 26.30 -67.65 9.75
CA ARG L 97 25.74 -66.71 10.73
C ARG L 97 24.44 -66.02 10.28
N TRP L 98 24.32 -65.64 9.00
CA TRP L 98 23.10 -64.99 8.52
C TRP L 98 21.87 -65.91 8.54
N VAL L 99 22.02 -67.23 8.54
CA VAL L 99 20.91 -68.16 8.77
C VAL L 99 20.53 -68.16 10.26
N LEU L 100 21.50 -68.30 11.16
CA LEU L 100 21.26 -68.33 12.61
C LEU L 100 20.57 -67.06 13.11
N GLU L 101 20.96 -65.90 12.61
CA GLU L 101 20.35 -64.62 13.02
C GLU L 101 18.86 -64.52 12.63
N LYS L 102 18.41 -65.27 11.63
CA LYS L 102 16.99 -65.38 11.24
C LYS L 102 16.27 -66.50 11.99
N LEU L 103 16.81 -67.72 11.98
CA LEU L 103 16.15 -68.87 12.63
C LEU L 103 16.10 -68.76 14.16
N ARG L 104 17.20 -68.33 14.77
CA ARG L 104 17.40 -68.29 16.23
C ARG L 104 17.05 -69.62 16.92
N PRO L 105 17.70 -70.74 16.56
CA PRO L 105 17.36 -72.06 17.09
C PRO L 105 17.39 -72.14 18.61
N SER L 106 16.47 -72.89 19.22
CA SER L 106 16.54 -73.21 20.64
C SER L 106 17.47 -74.39 20.92
N VAL L 107 17.56 -75.35 20.01
CA VAL L 107 18.41 -76.54 20.14
C VAL L 107 19.05 -76.91 18.82
N ILE L 108 20.31 -77.31 18.86
CA ILE L 108 20.99 -78.07 17.81
C ILE L 108 21.15 -79.49 18.32
N LEU L 109 20.70 -80.48 17.56
CA LEU L 109 20.88 -81.88 17.90
C LEU L 109 21.87 -82.51 16.93
N LEU L 110 22.87 -83.19 17.48
CA LEU L 110 23.93 -83.85 16.73
C LEU L 110 23.84 -85.36 16.98
N VAL L 111 23.61 -86.14 15.93
CA VAL L 111 23.57 -87.60 16.01
C VAL L 111 24.97 -88.16 15.79
N GLU L 112 25.37 -89.16 16.56
CA GLU L 112 26.69 -89.81 16.46
C GLU L 112 26.59 -91.33 16.58
N ALA L 113 27.55 -92.03 16.00
CA ALA L 113 27.76 -93.47 16.12
C ALA L 113 29.26 -93.77 16.00
N ASP L 114 29.72 -94.97 16.37
CA ASP L 114 31.15 -95.27 16.31
C ASP L 114 31.66 -95.25 14.85
N PRO L 115 32.82 -94.65 14.55
CA PRO L 115 33.41 -94.68 13.21
C PRO L 115 33.45 -96.07 12.56
N LYS L 116 33.69 -97.13 13.33
CA LYS L 116 33.70 -98.51 12.82
C LYS L 116 32.31 -98.98 12.41
N GLU L 117 31.27 -98.61 13.15
CA GLU L 117 29.88 -98.90 12.76
C GLU L 117 29.54 -98.17 11.46
N ILE L 118 29.84 -96.87 11.39
CA ILE L 118 29.54 -96.03 10.22
C ILE L 118 30.30 -96.55 9.00
N TYR L 119 31.56 -96.92 9.15
CA TYR L 119 32.33 -97.54 8.08
C TYR L 119 31.69 -98.84 7.60
N GLY L 120 31.22 -99.70 8.51
CA GLY L 120 30.45 -100.89 8.17
C GLY L 120 29.20 -100.56 7.36
N ARG L 121 28.38 -99.61 7.80
CA ARG L 121 27.17 -99.19 7.08
C ARG L 121 27.49 -98.66 5.68
N ARG L 122 28.54 -97.86 5.55
CA ARG L 122 29.02 -97.29 4.29
C ARG L 122 29.57 -98.36 3.35
N LEU L 123 30.32 -99.33 3.87
CA LEU L 123 30.84 -100.45 3.07
C LEU L 123 29.72 -101.35 2.54
N LYS L 124 28.65 -101.52 3.32
CA LYS L 124 27.45 -102.30 2.94
C LYS L 124 26.48 -101.54 2.01
N ASP L 125 26.65 -100.25 1.80
CA ASP L 125 25.87 -99.46 0.85
C ASP L 125 26.34 -99.70 -0.60
N ASP L 133 35.67 -93.06 2.89
CA ASP L 133 36.50 -92.44 3.90
C ASP L 133 37.01 -93.51 4.89
N SER L 134 38.23 -93.38 5.39
CA SER L 134 38.72 -94.18 6.50
C SER L 134 37.99 -93.87 7.81
N GLU L 135 38.12 -94.76 8.80
CA GLU L 135 37.62 -94.49 10.15
C GLU L 135 38.27 -93.24 10.76
N GLU L 136 39.52 -92.94 10.39
CA GLU L 136 40.20 -91.71 10.81
C GLU L 136 39.51 -90.47 10.21
N GLU L 137 39.20 -90.49 8.92
CA GLU L 137 38.49 -89.38 8.28
C GLU L 137 37.03 -89.25 8.76
N ILE L 138 36.38 -90.35 9.12
CA ILE L 138 35.07 -90.32 9.76
C ILE L 138 35.17 -89.68 11.15
N ALA L 139 36.12 -90.11 11.98
CA ALA L 139 36.34 -89.55 13.31
C ALA L 139 36.72 -88.07 13.25
N GLU L 140 37.50 -87.67 12.25
CA GLU L 140 37.77 -86.26 11.97
C GLU L 140 36.49 -85.49 11.65
N HIS L 141 35.65 -85.99 10.74
CA HIS L 141 34.41 -85.29 10.37
C HIS L 141 33.50 -85.12 11.59
N GLN L 142 33.37 -86.13 12.44
CA GLN L 142 32.64 -85.99 13.71
C GLN L 142 33.25 -84.91 14.61
N MET L 143 34.56 -84.92 14.83
CA MET L 143 35.21 -83.89 15.65
C MET L 143 34.97 -82.49 15.07
N MET L 144 35.04 -82.33 13.74
CA MET L 144 34.72 -81.04 13.12
C MET L 144 33.25 -80.65 13.33
N ASN L 145 32.31 -81.60 13.29
CA ASN L 145 30.91 -81.28 13.57
C ASN L 145 30.72 -80.78 15.00
N ARG L 146 31.35 -81.38 16.00
CA ARG L 146 31.26 -80.89 17.39
C ARG L 146 31.74 -79.46 17.51
N ALA L 147 32.86 -79.13 16.88
CA ALA L 147 33.37 -77.77 16.86
C ALA L 147 32.37 -76.82 16.18
N ALA L 148 31.83 -77.20 15.02
CA ALA L 148 30.86 -76.39 14.30
C ALA L 148 29.60 -76.14 15.13
N ALA L 149 29.05 -77.19 15.75
CA ALA L 149 27.85 -77.08 16.56
C ALA L 149 28.05 -76.12 17.73
N MET L 150 29.16 -76.22 18.46
CA MET L 150 29.40 -75.34 19.58
C MET L 150 29.68 -73.89 19.15
N ALA L 151 30.31 -73.69 18.00
CA ALA L 151 30.43 -72.37 17.43
C ALA L 151 29.05 -71.77 17.10
N TYR L 152 28.16 -72.53 16.47
CA TYR L 152 26.77 -72.11 16.23
C TYR L 152 26.06 -71.77 17.53
N ALA L 153 26.22 -72.59 18.56
CA ALA L 153 25.62 -72.36 19.85
C ALA L 153 26.04 -71.00 20.41
N SER L 154 27.33 -70.71 20.44
CA SER L 154 27.85 -69.45 20.97
C SER L 154 27.34 -68.22 20.20
N LEU L 155 27.08 -68.35 18.90
CA LEU L 155 26.52 -67.27 18.07
C LEU L 155 25.05 -66.99 18.33
N SER L 156 24.31 -67.94 18.89
CA SER L 156 22.84 -67.97 18.86
C SER L 156 22.15 -68.17 20.20
N GLY L 157 22.86 -68.68 21.21
CA GLY L 157 22.26 -69.13 22.47
C GLY L 157 21.56 -70.49 22.36
N ALA L 158 21.68 -71.21 21.25
CA ALA L 158 21.10 -72.55 21.12
C ALA L 158 21.75 -73.56 22.07
N THR L 159 20.98 -74.44 22.66
CA THR L 159 21.51 -75.60 23.41
C THR L 159 22.08 -76.63 22.43
N VAL L 160 23.06 -77.44 22.81
CA VAL L 160 23.59 -78.53 21.97
C VAL L 160 23.38 -79.89 22.64
N LYS L 161 22.67 -80.80 21.99
CA LYS L 161 22.46 -82.18 22.44
C LYS L 161 23.20 -83.15 21.55
N ILE L 162 23.93 -84.10 22.13
CA ILE L 162 24.54 -85.21 21.39
C ILE L 162 23.72 -86.49 21.64
N VAL L 163 23.35 -87.21 20.58
CA VAL L 163 22.59 -88.47 20.64
C VAL L 163 23.38 -89.61 20.01
N PHE L 164 23.69 -90.66 20.77
CA PHE L 164 24.27 -91.90 20.21
C PHE L 164 23.22 -92.73 19.47
N ASN L 165 23.62 -93.37 18.36
CA ASN L 165 22.78 -94.23 17.54
C ASN L 165 23.52 -95.49 17.06
N HIS L 166 23.99 -96.29 18.00
CA HIS L 166 24.62 -97.58 17.73
C HIS L 166 23.68 -98.56 17.00
N ASP L 167 24.20 -99.46 16.17
CA ASP L 167 23.44 -100.23 15.17
C ASP L 167 22.14 -100.88 15.69
N ASN L 168 22.24 -101.67 16.75
CA ASN L 168 21.10 -102.41 17.31
C ASN L 168 20.19 -101.57 18.22
N ARG L 169 20.65 -100.38 18.62
CA ARG L 169 20.18 -99.67 19.82
C ARG L 169 19.35 -98.43 19.51
N LEU L 170 18.56 -98.48 18.44
CA LEU L 170 17.70 -97.37 18.01
C LEU L 170 16.78 -96.86 19.13
N ASP L 171 16.32 -97.74 20.02
CA ASP L 171 15.52 -97.33 21.19
C ASP L 171 16.28 -96.40 22.13
N ASP L 172 17.59 -96.57 22.32
CA ASP L 172 18.41 -95.62 23.08
C ASP L 172 18.48 -94.26 22.39
N ALA L 173 18.68 -94.24 21.07
CA ALA L 173 18.70 -92.99 20.31
C ALA L 173 17.36 -92.24 20.44
N VAL L 174 16.25 -92.96 20.27
CA VAL L 174 14.90 -92.37 20.41
C VAL L 174 14.64 -91.90 21.84
N ARG L 175 15.06 -92.66 22.85
CA ARG L 175 14.91 -92.30 24.27
C ARG L 175 15.74 -91.08 24.65
N ASP L 176 16.92 -90.88 24.06
CA ASP L 176 17.69 -89.64 24.22
C ASP L 176 17.10 -88.47 23.41
N ALA L 177 16.53 -88.72 22.23
CA ALA L 177 16.01 -87.67 21.37
C ALA L 177 14.67 -87.10 21.85
N ALA L 178 13.72 -87.95 22.25
CA ALA L 178 12.36 -87.53 22.59
C ALA L 178 12.26 -86.45 23.70
N PRO L 179 13.09 -86.46 24.77
CA PRO L 179 13.15 -85.40 25.78
C PRO L 179 13.39 -83.98 25.24
N VAL L 180 13.93 -83.84 24.03
CA VAL L 180 14.24 -82.53 23.42
C VAL L 180 12.99 -81.85 22.85
N LEU L 181 12.00 -82.63 22.42
CA LEU L 181 10.84 -82.23 21.62
C LEU L 181 9.73 -81.56 22.44
N ILE M 4 -29.48 -72.34 12.80
CA ILE M 4 -29.70 -73.74 12.29
C ILE M 4 -30.54 -73.68 11.04
N VAL M 5 -30.30 -74.55 10.05
CA VAL M 5 -31.21 -74.76 8.91
C VAL M 5 -31.66 -76.21 8.87
N VAL M 6 -32.94 -76.47 8.72
CA VAL M 6 -33.50 -77.83 8.62
C VAL M 6 -34.06 -78.06 7.23
N THR M 7 -33.76 -79.21 6.61
CA THR M 7 -34.05 -79.47 5.19
C THR M 7 -34.45 -80.93 4.93
N GLY M 8 -35.16 -81.17 3.84
CA GLY M 8 -35.57 -82.52 3.44
C GLY M 8 -36.39 -82.56 2.15
N ILE M 9 -36.42 -83.73 1.52
CA ILE M 9 -37.25 -84.03 0.34
C ILE M 9 -38.75 -84.08 0.71
N PRO M 10 -39.68 -83.50 -0.08
CA PRO M 10 -41.11 -83.61 0.16
C PRO M 10 -41.58 -85.07 0.33
N GLY M 11 -42.21 -85.37 1.46
CA GLY M 11 -42.61 -86.72 1.87
C GLY M 11 -41.73 -87.37 2.96
N VAL M 12 -40.56 -86.81 3.27
CA VAL M 12 -39.66 -87.37 4.30
C VAL M 12 -40.15 -87.18 5.74
N GLY M 13 -41.16 -86.33 5.95
CA GLY M 13 -41.72 -86.07 7.29
C GLY M 13 -41.00 -84.95 8.06
N LYS M 14 -40.33 -84.04 7.35
CA LYS M 14 -39.54 -82.94 7.90
C LYS M 14 -40.22 -82.20 9.05
N THR M 15 -41.46 -81.77 8.85
CA THR M 15 -42.18 -80.94 9.83
C THR M 15 -42.36 -81.66 11.16
N THR M 16 -42.68 -82.95 11.13
CA THR M 16 -42.92 -83.75 12.35
C THR M 16 -41.67 -83.83 13.22
N VAL M 17 -40.51 -84.16 12.63
CA VAL M 17 -39.25 -84.25 13.39
C VAL M 17 -38.85 -82.89 13.95
N MET M 18 -38.98 -81.83 13.16
CA MET M 18 -38.72 -80.46 13.62
C MET M 18 -39.63 -80.10 14.80
N GLN M 19 -40.94 -80.32 14.70
CA GLN M 19 -41.91 -79.99 15.76
C GLN M 19 -41.60 -80.73 17.06
N LYS M 20 -41.32 -82.03 16.98
CA LYS M 20 -41.00 -82.86 18.16
C LYS M 20 -39.66 -82.49 18.79
N ALA M 21 -38.61 -82.27 18.00
CA ALA M 21 -37.31 -81.91 18.53
C ALA M 21 -37.28 -80.48 19.09
N ALA M 22 -37.97 -79.53 18.45
CA ALA M 22 -38.08 -78.15 18.91
C ALA M 22 -38.93 -77.98 20.18
N GLU M 23 -39.63 -79.02 20.64
CA GLU M 23 -40.47 -78.97 21.84
C GLU M 23 -39.67 -78.50 23.07
N GLY M 24 -40.14 -77.45 23.74
CA GLY M 24 -39.46 -76.84 24.89
C GLY M 24 -38.23 -75.98 24.55
N SER M 25 -37.86 -75.83 23.28
CA SER M 25 -36.77 -74.92 22.90
C SER M 25 -37.20 -73.45 23.00
N PRO M 26 -36.31 -72.53 23.44
CA PRO M 26 -36.54 -71.10 23.35
C PRO M 26 -36.32 -70.54 21.93
N LEU M 27 -35.93 -71.34 20.94
CA LEU M 27 -35.62 -70.85 19.60
C LEU M 27 -36.87 -70.47 18.78
N PRO M 28 -36.87 -69.35 18.04
CA PRO M 28 -37.90 -69.05 17.07
C PRO M 28 -37.89 -70.01 15.88
N ARG M 29 -39.05 -70.20 15.26
CA ARG M 29 -39.31 -71.12 14.16
C ARG M 29 -39.74 -70.36 12.91
N VAL M 30 -39.03 -70.52 11.79
CA VAL M 30 -39.18 -69.59 10.66
C VAL M 30 -39.18 -70.34 9.33
N PRO M 31 -40.20 -70.20 8.46
CA PRO M 31 -40.13 -70.60 7.06
C PRO M 31 -39.50 -69.50 6.21
N LEU M 32 -38.45 -69.80 5.44
CA LEU M 32 -37.74 -68.78 4.65
C LEU M 32 -38.60 -68.18 3.55
N GLU M 33 -39.44 -68.99 2.90
CA GLU M 33 -40.34 -68.53 1.84
C GLU M 33 -41.37 -67.54 2.40
N GLY M 34 -41.87 -67.82 3.61
CA GLY M 34 -42.77 -66.93 4.34
C GLY M 34 -42.12 -65.59 4.66
N VAL M 35 -40.88 -65.58 5.15
CA VAL M 35 -40.17 -64.32 5.41
C VAL M 35 -39.92 -63.55 4.12
N MET M 36 -39.55 -64.23 3.04
CA MET M 36 -39.39 -63.56 1.74
C MET M 36 -40.69 -62.89 1.30
N TYR M 37 -41.82 -63.59 1.42
CA TYR M 37 -43.13 -63.02 1.11
C TYR M 37 -43.43 -61.81 2.00
N GLY M 38 -43.24 -61.94 3.32
CA GLY M 38 -43.45 -60.85 4.26
C GLY M 38 -42.59 -59.62 3.95
N VAL M 39 -41.31 -59.81 3.66
CA VAL M 39 -40.41 -58.71 3.29
C VAL M 39 -40.86 -58.07 1.98
N ALA M 40 -41.12 -58.85 0.93
CA ALA M 40 -41.56 -58.31 -0.35
C ALA M 40 -42.91 -57.57 -0.22
N LYS M 41 -43.85 -58.12 0.57
CA LYS M 41 -45.17 -57.53 0.84
C LYS M 41 -45.07 -56.21 1.59
N ARG M 42 -44.20 -56.11 2.60
CA ARG M 42 -43.97 -54.88 3.36
C ARG M 42 -43.11 -53.86 2.61
N MET M 43 -42.29 -54.29 1.65
CA MET M 43 -41.70 -53.42 0.62
C MET M 43 -42.68 -53.04 -0.49
N GLY M 44 -43.91 -53.57 -0.49
CA GLY M 44 -44.97 -53.27 -1.46
C GLY M 44 -44.81 -53.92 -2.84
N LEU M 45 -43.86 -54.85 -3.00
CA LEU M 45 -43.54 -55.49 -4.27
C LEU M 45 -44.60 -56.50 -4.73
N VAL M 46 -45.36 -57.04 -3.77
CA VAL M 46 -46.41 -58.05 -3.94
C VAL M 46 -47.52 -57.81 -2.92
N LYS M 47 -48.67 -58.44 -3.13
CA LYS M 47 -49.75 -58.59 -2.14
C LYS M 47 -50.10 -60.05 -1.87
N ASP M 48 -49.95 -60.94 -2.83
CA ASP M 48 -50.35 -62.36 -2.73
C ASP M 48 -49.18 -63.33 -2.88
N ILE M 49 -49.25 -64.48 -2.21
CA ILE M 49 -48.14 -65.45 -2.08
C ILE M 49 -47.67 -65.99 -3.44
N ASP M 50 -48.59 -66.15 -4.40
CA ASP M 50 -48.26 -66.60 -5.76
C ASP M 50 -47.42 -65.59 -6.55
N GLU M 51 -47.50 -64.29 -6.23
CA GLU M 51 -46.77 -63.25 -6.95
C GLU M 51 -45.25 -63.34 -6.73
N MET M 52 -44.81 -64.02 -5.66
CA MET M 52 -43.40 -64.31 -5.42
C MET M 52 -42.76 -65.10 -6.58
N ARG M 53 -43.53 -65.96 -7.27
CA ARG M 53 -43.06 -66.69 -8.46
C ARG M 53 -42.99 -65.84 -9.72
N ARG M 54 -43.53 -64.62 -9.68
CA ARG M 54 -43.64 -63.68 -10.81
C ARG M 54 -42.65 -62.53 -10.75
N LEU M 55 -41.98 -62.34 -9.60
CA LEU M 55 -40.95 -61.30 -9.43
C LEU M 55 -39.79 -61.47 -10.42
N SER M 56 -39.22 -60.35 -10.85
CA SER M 56 -37.99 -60.32 -11.65
C SER M 56 -36.83 -60.94 -10.87
N PRO M 57 -36.01 -61.83 -11.45
CA PRO M 57 -34.96 -62.55 -10.74
C PRO M 57 -34.01 -61.66 -9.94
N ASP M 58 -33.58 -60.52 -10.47
CA ASP M 58 -32.64 -59.62 -9.77
C ASP M 58 -33.30 -58.79 -8.66
N VAL M 59 -34.62 -58.66 -8.65
CA VAL M 59 -35.38 -58.22 -7.48
C VAL M 59 -35.43 -59.35 -6.46
N GLN M 60 -35.71 -60.59 -6.90
CA GLN M 60 -35.78 -61.75 -6.02
C GLN M 60 -34.47 -62.03 -5.28
N LYS M 61 -33.30 -61.79 -5.91
CA LYS M 61 -31.99 -61.81 -5.22
C LYS M 61 -31.94 -60.85 -4.04
N GLU M 62 -32.40 -59.62 -4.23
CA GLU M 62 -32.38 -58.62 -3.16
C GLU M 62 -33.41 -58.91 -2.07
N VAL M 63 -34.58 -59.46 -2.41
CA VAL M 63 -35.53 -59.97 -1.42
C VAL M 63 -34.90 -61.09 -0.59
N GLN M 64 -34.22 -62.05 -1.23
CA GLN M 64 -33.48 -63.09 -0.54
C GLN M 64 -32.40 -62.51 0.39
N LYS M 65 -31.62 -61.54 -0.10
CA LYS M 65 -30.58 -60.87 0.68
C LYS M 65 -31.17 -60.17 1.92
N LYS M 66 -32.21 -59.36 1.76
CA LYS M 66 -32.86 -58.64 2.87
C LYS M 66 -33.51 -59.60 3.86
N ALA M 67 -34.22 -60.62 3.39
CA ALA M 67 -34.81 -61.64 4.26
C ALA M 67 -33.72 -62.34 5.09
N ALA M 68 -32.60 -62.70 4.48
CA ALA M 68 -31.50 -63.29 5.21
C ALA M 68 -30.88 -62.31 6.24
N GLU M 69 -30.63 -61.05 5.88
CA GLU M 69 -30.14 -60.04 6.81
C GLU M 69 -31.04 -59.89 8.05
N ARG M 70 -32.36 -59.90 7.85
CA ARG M 70 -33.33 -59.76 8.94
C ARG M 70 -33.40 -61.00 9.81
N ILE M 71 -33.24 -62.20 9.24
CA ILE M 71 -33.12 -63.43 10.04
C ILE M 71 -31.78 -63.47 10.77
N ALA M 72 -30.71 -62.91 10.20
CA ALA M 72 -29.43 -62.77 10.90
C ALA M 72 -29.54 -61.81 12.10
N ALA M 73 -30.30 -60.71 11.98
CA ALA M 73 -30.56 -59.81 13.10
C ALA M 73 -31.36 -60.49 14.23
N LEU M 74 -32.35 -61.32 13.91
CA LEU M 74 -33.11 -62.11 14.88
C LEU M 74 -32.21 -63.06 15.69
N GLY M 75 -31.10 -63.51 15.10
CA GLY M 75 -30.12 -64.36 15.76
C GLY M 75 -30.42 -65.85 15.64
N ASP M 76 -30.16 -66.61 16.70
CA ASP M 76 -30.26 -68.06 16.69
C ASP M 76 -31.71 -68.51 16.44
N VAL M 77 -31.92 -69.39 15.47
CA VAL M 77 -33.24 -69.68 14.87
C VAL M 77 -33.28 -71.09 14.29
N ILE M 78 -34.43 -71.75 14.29
CA ILE M 78 -34.66 -72.96 13.48
C ILE M 78 -35.28 -72.52 12.16
N LEU M 79 -34.43 -72.21 11.17
CA LEU M 79 -34.88 -71.85 9.83
C LEU M 79 -35.29 -73.11 9.06
N ASP M 80 -36.37 -73.02 8.31
CA ASP M 80 -36.93 -74.10 7.50
C ASP M 80 -37.01 -73.70 6.03
N THR M 81 -36.41 -74.50 5.14
CA THR M 81 -36.50 -74.39 3.68
C THR M 81 -36.02 -75.66 2.99
N HIS M 82 -36.30 -75.87 1.70
CA HIS M 82 -35.70 -76.98 0.94
C HIS M 82 -34.24 -76.69 0.57
N CYS M 83 -33.36 -77.70 0.57
CA CYS M 83 -31.98 -77.54 0.09
C CYS M 83 -31.90 -77.60 -1.43
N THR M 84 -32.66 -78.47 -2.11
CA THR M 84 -32.91 -78.36 -3.55
C THR M 84 -34.37 -78.60 -3.90
N ILE M 85 -34.91 -77.78 -4.79
CA ILE M 85 -36.31 -77.82 -5.21
C ILE M 85 -36.35 -78.45 -6.60
N LYS M 86 -37.14 -79.51 -6.83
CA LYS M 86 -37.28 -80.11 -8.15
C LYS M 86 -38.22 -79.27 -9.03
N THR M 87 -37.81 -78.95 -10.25
CA THR M 87 -38.55 -78.09 -11.19
C THR M 87 -38.55 -78.69 -12.61
N PRO M 88 -39.36 -78.20 -13.57
CA PRO M 88 -39.32 -78.67 -14.94
C PRO M 88 -37.92 -78.66 -15.58
N LYS M 89 -37.10 -77.65 -15.27
CA LYS M 89 -35.71 -77.55 -15.72
C LYS M 89 -34.69 -78.26 -14.81
N GLY M 90 -35.14 -79.14 -13.91
CA GLY M 90 -34.28 -79.88 -12.98
C GLY M 90 -34.20 -79.27 -11.58
N TYR M 91 -33.17 -79.64 -10.82
CA TYR M 91 -32.98 -79.21 -9.44
C TYR M 91 -32.53 -77.76 -9.35
N LEU M 92 -33.18 -76.97 -8.49
CA LEU M 92 -32.82 -75.60 -8.16
C LEU M 92 -32.19 -75.55 -6.77
N PRO M 93 -31.00 -74.96 -6.56
CA PRO M 93 -30.43 -74.75 -5.23
C PRO M 93 -31.31 -73.84 -4.37
N GLY M 94 -31.64 -74.28 -3.15
CA GLY M 94 -32.49 -73.53 -2.23
C GLY M 94 -31.76 -72.40 -1.48
N LEU M 95 -30.45 -72.51 -1.30
CA LEU M 95 -29.62 -71.53 -0.58
C LEU M 95 -28.50 -70.99 -1.48
N PRO M 96 -28.78 -70.00 -2.34
CA PRO M 96 -27.73 -69.30 -3.08
C PRO M 96 -26.69 -68.67 -2.15
N ARG M 97 -25.47 -68.46 -2.64
CA ARG M 97 -24.37 -67.88 -1.86
C ARG M 97 -24.72 -66.53 -1.23
N TRP M 98 -25.49 -65.68 -1.90
CA TRP M 98 -25.91 -64.39 -1.34
C TRP M 98 -26.89 -64.53 -0.17
N VAL M 99 -27.62 -65.64 -0.03
CA VAL M 99 -28.35 -65.97 1.21
C VAL M 99 -27.36 -66.45 2.27
N LEU M 100 -26.54 -67.42 1.90
CA LEU M 100 -25.73 -68.20 2.82
C LEU M 100 -24.68 -67.33 3.55
N GLU M 101 -24.07 -66.37 2.86
CA GLU M 101 -23.12 -65.42 3.47
C GLU M 101 -23.77 -64.44 4.46
N LYS M 102 -25.09 -64.23 4.41
CA LYS M 102 -25.82 -63.42 5.39
C LYS M 102 -26.25 -64.25 6.60
N LEU M 103 -26.83 -65.43 6.39
CA LEU M 103 -27.27 -66.29 7.49
C LEU M 103 -26.11 -66.84 8.31
N ARG M 104 -25.03 -67.26 7.66
CA ARG M 104 -23.85 -67.90 8.27
C ARG M 104 -24.22 -69.06 9.21
N PRO M 105 -24.92 -70.10 8.72
CA PRO M 105 -25.45 -71.17 9.57
C PRO M 105 -24.37 -71.89 10.39
N SER M 106 -24.70 -72.29 11.60
CA SER M 106 -23.87 -73.22 12.39
C SER M 106 -24.09 -74.68 11.98
N VAL M 107 -25.30 -75.06 11.60
CA VAL M 107 -25.63 -76.43 11.19
C VAL M 107 -26.61 -76.43 10.04
N ILE M 108 -26.40 -77.31 9.08
CA ILE M 108 -27.40 -77.75 8.11
C ILE M 108 -27.84 -79.14 8.52
N LEU M 109 -29.13 -79.36 8.74
CA LEU M 109 -29.68 -80.66 9.08
C LEU M 109 -30.43 -81.19 7.87
N LEU M 110 -30.13 -82.42 7.49
CA LEU M 110 -30.72 -83.09 6.33
C LEU M 110 -31.48 -84.33 6.79
N VAL M 111 -32.81 -84.32 6.65
CA VAL M 111 -33.68 -85.44 7.02
C VAL M 111 -33.76 -86.44 5.87
N GLU M 112 -33.64 -87.73 6.14
CA GLU M 112 -33.67 -88.79 5.13
C GLU M 112 -34.52 -89.99 5.56
N ALA M 113 -35.03 -90.74 4.60
CA ALA M 113 -35.72 -92.01 4.79
C ALA M 113 -35.48 -92.90 3.56
N ASP M 114 -35.80 -94.19 3.62
CA ASP M 114 -35.59 -95.07 2.46
C ASP M 114 -36.49 -94.65 1.28
N PRO M 115 -36.00 -94.64 0.02
CA PRO M 115 -36.82 -94.34 -1.15
C PRO M 115 -38.14 -95.11 -1.21
N LYS M 116 -38.18 -96.36 -0.75
CA LYS M 116 -39.39 -97.18 -0.74
C LYS M 116 -40.41 -96.69 0.29
N GLU M 117 -39.95 -96.23 1.45
CA GLU M 117 -40.82 -95.59 2.45
C GLU M 117 -41.42 -94.30 1.89
N ILE M 118 -40.58 -93.45 1.30
CA ILE M 118 -41.01 -92.18 0.72
C ILE M 118 -42.00 -92.43 -0.42
N TYR M 119 -41.71 -93.39 -1.29
CA TYR M 119 -42.64 -93.78 -2.36
C TYR M 119 -43.98 -94.26 -1.79
N GLY M 120 -43.96 -95.08 -0.74
CA GLY M 120 -45.18 -95.53 -0.06
C GLY M 120 -45.98 -94.37 0.54
N ARG M 121 -45.35 -93.42 1.22
CA ARG M 121 -46.02 -92.22 1.74
C ARG M 121 -46.63 -91.36 0.63
N ARG M 122 -45.90 -91.20 -0.48
CA ARG M 122 -46.38 -90.45 -1.66
C ARG M 122 -47.52 -91.16 -2.37
N LEU M 123 -47.48 -92.49 -2.48
CA LEU M 123 -48.54 -93.29 -3.06
C LEU M 123 -49.83 -93.20 -2.23
N LYS M 124 -49.73 -93.09 -0.90
CA LYS M 124 -50.84 -92.93 0.05
C LYS M 124 -51.32 -91.48 0.20
N ASP M 125 -50.87 -90.55 -0.64
CA ASP M 125 -51.28 -89.15 -0.62
C ASP M 125 -52.29 -88.83 -1.72
N ASP M 133 -42.58 -89.64 -8.73
CA ASP M 133 -41.19 -90.01 -9.01
C ASP M 133 -40.98 -91.51 -8.70
N SER M 134 -40.18 -92.20 -9.50
CA SER M 134 -39.71 -93.55 -9.15
C SER M 134 -38.81 -93.53 -7.92
N GLU M 135 -38.60 -94.69 -7.31
CA GLU M 135 -37.60 -94.84 -6.25
C GLU M 135 -36.19 -94.46 -6.71
N GLU M 136 -35.88 -94.64 -8.00
CA GLU M 136 -34.62 -94.20 -8.57
C GLU M 136 -34.52 -92.67 -8.60
N GLU M 137 -35.57 -91.98 -9.02
CA GLU M 137 -35.61 -90.51 -9.02
C GLU M 137 -35.64 -89.92 -7.60
N ILE M 138 -36.25 -90.63 -6.64
CA ILE M 138 -36.18 -90.26 -5.21
C ILE M 138 -34.74 -90.39 -4.71
N ALA M 139 -34.09 -91.53 -4.97
CA ALA M 139 -32.70 -91.74 -4.56
C ALA M 139 -31.73 -90.75 -5.21
N GLU M 140 -31.98 -90.37 -6.46
CA GLU M 140 -31.25 -89.30 -7.13
C GLU M 140 -31.43 -87.97 -6.39
N HIS M 141 -32.66 -87.56 -6.08
CA HIS M 141 -32.89 -86.28 -5.38
C HIS M 141 -32.20 -86.25 -4.01
N GLN M 142 -32.21 -87.35 -3.26
CA GLN M 142 -31.44 -87.44 -2.03
C GLN M 142 -29.94 -87.27 -2.26
N MET M 143 -29.36 -87.99 -3.22
CA MET M 143 -27.93 -87.84 -3.51
C MET M 143 -27.58 -86.41 -3.92
N MET M 144 -28.41 -85.78 -4.76
CA MET M 144 -28.21 -84.38 -5.12
C MET M 144 -28.32 -83.45 -3.91
N ASN M 145 -29.21 -83.73 -2.95
CA ASN M 145 -29.26 -82.96 -1.71
C ASN M 145 -27.98 -83.10 -0.90
N ARG M 146 -27.40 -84.29 -0.76
CA ARG M 146 -26.14 -84.45 -0.01
C ARG M 146 -25.02 -83.60 -0.62
N ALA M 147 -24.90 -83.62 -1.95
CA ALA M 147 -23.92 -82.81 -2.64
C ALA M 147 -24.15 -81.31 -2.38
N ALA M 148 -25.41 -80.85 -2.47
CA ALA M 148 -25.74 -79.46 -2.21
C ALA M 148 -25.44 -79.05 -0.77
N ALA M 149 -25.78 -79.89 0.21
CA ALA M 149 -25.53 -79.61 1.62
C ALA M 149 -24.04 -79.45 1.89
N MET M 150 -23.21 -80.37 1.41
CA MET M 150 -21.78 -80.29 1.63
C MET M 150 -21.13 -79.13 0.86
N ALA M 151 -21.67 -78.77 -0.30
CA ALA M 151 -21.25 -77.55 -0.98
C ALA M 151 -21.55 -76.31 -0.13
N TYR M 152 -22.75 -76.19 0.47
CA TYR M 152 -23.05 -75.09 1.40
C TYR M 152 -22.13 -75.10 2.61
N ALA M 153 -21.81 -76.27 3.15
CA ALA M 153 -20.88 -76.39 4.26
C ALA M 153 -19.53 -75.77 3.90
N SER M 154 -18.95 -76.17 2.77
CA SER M 154 -17.65 -75.66 2.33
C SER M 154 -17.60 -74.13 2.14
N LEU M 155 -18.72 -73.52 1.76
CA LEU M 155 -18.83 -72.06 1.56
C LEU M 155 -18.92 -71.27 2.87
N SER M 156 -19.24 -71.91 3.99
CA SER M 156 -19.75 -71.20 5.18
C SER M 156 -19.16 -71.68 6.52
N GLY M 157 -18.53 -72.86 6.56
CA GLY M 157 -18.12 -73.49 7.81
C GLY M 157 -19.27 -74.12 8.60
N ALA M 158 -20.48 -74.20 8.04
CA ALA M 158 -21.59 -74.89 8.70
C ALA M 158 -21.32 -76.40 8.84
N THR M 159 -21.67 -76.98 9.97
CA THR M 159 -21.62 -78.44 10.16
C THR M 159 -22.76 -79.09 9.37
N VAL M 160 -22.65 -80.35 8.94
CA VAL M 160 -23.77 -81.07 8.30
C VAL M 160 -24.15 -82.33 9.09
N LYS M 161 -25.41 -82.44 9.49
CA LYS M 161 -25.97 -83.60 10.20
C LYS M 161 -26.99 -84.29 9.31
N ILE M 162 -26.93 -85.61 9.19
CA ILE M 162 -27.97 -86.41 8.54
C ILE M 162 -28.81 -87.12 9.61
N VAL M 163 -30.14 -87.08 9.48
CA VAL M 163 -31.09 -87.72 10.42
C VAL M 163 -32.01 -88.69 9.68
N PHE M 164 -31.98 -89.97 10.03
CA PHE M 164 -32.95 -90.95 9.52
C PHE M 164 -34.32 -90.82 10.19
N ASN M 165 -35.39 -90.93 9.41
CA ASN M 165 -36.78 -90.84 9.86
C ASN M 165 -37.65 -91.95 9.25
N HIS M 166 -37.29 -93.20 9.52
CA HIS M 166 -38.08 -94.37 9.09
C HIS M 166 -39.49 -94.37 9.69
N ASP M 167 -40.47 -94.96 8.99
CA ASP M 167 -41.92 -94.79 9.24
C ASP M 167 -42.34 -94.97 10.70
N ASN M 168 -41.94 -96.07 11.34
CA ASN M 168 -42.33 -96.40 12.71
C ASN M 168 -41.48 -95.68 13.78
N ARG M 169 -40.38 -95.03 13.40
CA ARG M 169 -39.23 -94.77 14.28
C ARG M 169 -38.99 -93.29 14.54
N LEU M 170 -40.07 -92.51 14.66
CA LEU M 170 -40.01 -91.06 14.92
C LEU M 170 -39.13 -90.72 16.13
N ASP M 171 -39.13 -91.57 17.17
CA ASP M 171 -38.28 -91.36 18.34
C ASP M 171 -36.77 -91.38 18.02
N ASP M 172 -36.33 -92.21 17.08
CA ASP M 172 -34.93 -92.21 16.61
C ASP M 172 -34.59 -90.88 15.92
N ALA M 173 -35.48 -90.40 15.05
CA ALA M 173 -35.28 -89.11 14.39
C ALA M 173 -35.18 -87.97 15.41
N VAL M 174 -36.07 -87.94 16.40
CA VAL M 174 -36.08 -86.90 17.43
C VAL M 174 -34.86 -87.01 18.36
N ARG M 175 -34.45 -88.23 18.72
CA ARG M 175 -33.25 -88.48 19.52
C ARG M 175 -31.96 -88.08 18.78
N ASP M 176 -31.92 -88.18 17.46
CA ASP M 176 -30.81 -87.65 16.67
C ASP M 176 -30.90 -86.13 16.46
N ALA M 177 -32.09 -85.55 16.35
CA ALA M 177 -32.28 -84.13 16.09
C ALA M 177 -32.04 -83.25 17.33
N ALA M 178 -32.54 -83.63 18.50
CA ALA M 178 -32.43 -82.83 19.72
C ALA M 178 -30.98 -82.47 20.13
N PRO M 179 -29.97 -83.37 20.02
CA PRO M 179 -28.56 -83.06 20.24
C PRO M 179 -27.98 -81.87 19.45
N VAL M 180 -28.61 -81.47 18.34
CA VAL M 180 -28.13 -80.38 17.48
C VAL M 180 -28.43 -79.00 18.10
N LEU M 181 -29.51 -78.90 18.87
CA LEU M 181 -30.14 -77.65 19.34
C LEU M 181 -29.34 -76.94 20.45
N ILE N 4 -26.99 -71.39 -21.19
CA ILE N 4 -27.11 -72.86 -20.94
C ILE N 4 -25.73 -73.49 -21.11
N VAL N 5 -25.34 -74.44 -20.27
CA VAL N 5 -24.10 -75.23 -20.44
C VAL N 5 -24.43 -76.70 -20.60
N VAL N 6 -23.93 -77.39 -21.62
CA VAL N 6 -24.12 -78.82 -21.82
C VAL N 6 -22.84 -79.57 -21.53
N THR N 7 -22.91 -80.68 -20.79
CA THR N 7 -21.74 -81.40 -20.26
C THR N 7 -21.94 -82.91 -20.26
N GLY N 8 -20.83 -83.66 -20.28
CA GLY N 8 -20.88 -85.13 -20.25
C GLY N 8 -19.51 -85.79 -20.36
N ILE N 9 -19.45 -87.06 -19.94
CA ILE N 9 -18.25 -87.92 -20.01
C ILE N 9 -17.95 -88.34 -21.45
N PRO N 10 -16.69 -88.33 -21.93
CA PRO N 10 -16.33 -88.81 -23.26
C PRO N 10 -16.85 -90.23 -23.54
N GLY N 11 -17.63 -90.39 -24.60
CA GLY N 11 -18.35 -91.62 -24.95
C GLY N 11 -19.85 -91.62 -24.66
N VAL N 12 -20.38 -90.65 -23.90
CA VAL N 12 -21.81 -90.58 -23.56
C VAL N 12 -22.72 -90.14 -24.71
N GLY N 13 -22.16 -89.65 -25.83
CA GLY N 13 -22.94 -89.21 -26.98
C GLY N 13 -23.45 -87.76 -26.88
N LYS N 14 -22.77 -86.92 -26.10
CA LYS N 14 -23.11 -85.52 -25.81
C LYS N 14 -23.52 -84.74 -27.07
N THR N 15 -22.67 -84.76 -28.10
CA THR N 15 -22.88 -83.95 -29.31
C THR N 15 -24.15 -84.36 -30.05
N THR N 16 -24.47 -85.65 -30.14
CA THR N 16 -25.68 -86.12 -30.83
C THR N 16 -26.95 -85.58 -30.18
N VAL N 17 -27.08 -85.67 -28.85
CA VAL N 17 -28.26 -85.17 -28.14
C VAL N 17 -28.37 -83.66 -28.26
N MET N 18 -27.26 -82.93 -28.13
CA MET N 18 -27.23 -81.48 -28.33
C MET N 18 -27.65 -81.10 -29.75
N GLN N 19 -27.09 -81.74 -30.78
CA GLN N 19 -27.39 -81.44 -32.18
C GLN N 19 -28.87 -81.63 -32.51
N LYS N 20 -29.47 -82.72 -32.02
CA LYS N 20 -30.90 -82.99 -32.20
C LYS N 20 -31.78 -82.01 -31.43
N ALA N 21 -31.50 -81.76 -30.15
CA ALA N 21 -32.32 -80.86 -29.34
C ALA N 21 -32.23 -79.40 -29.81
N ALA N 22 -31.06 -78.95 -30.26
CA ALA N 22 -30.84 -77.61 -30.80
C ALA N 22 -31.49 -77.38 -32.17
N GLU N 23 -32.10 -78.39 -32.81
CA GLU N 23 -32.75 -78.26 -34.10
C GLU N 23 -33.88 -77.22 -34.07
N GLY N 24 -33.86 -76.27 -35.01
CA GLY N 24 -34.80 -75.14 -35.06
C GLY N 24 -34.58 -74.07 -33.97
N SER N 25 -33.57 -74.19 -33.11
CA SER N 25 -33.27 -73.17 -32.11
C SER N 25 -32.56 -71.95 -32.72
N PRO N 26 -32.92 -70.72 -32.33
CA PRO N 26 -32.17 -69.52 -32.68
C PRO N 26 -30.89 -69.34 -31.85
N LEU N 27 -30.60 -70.22 -30.87
CA LEU N 27 -29.45 -70.04 -29.99
C LEU N 27 -28.11 -70.30 -30.69
N PRO N 28 -27.09 -69.44 -30.49
CA PRO N 28 -25.74 -69.71 -30.95
C PRO N 28 -25.13 -70.94 -30.26
N ARG N 29 -24.16 -71.58 -30.92
CA ARG N 29 -23.58 -72.87 -30.54
C ARG N 29 -22.08 -72.71 -30.34
N VAL N 30 -21.56 -72.98 -29.15
CA VAL N 30 -20.20 -72.52 -28.80
C VAL N 30 -19.42 -73.58 -28.03
N PRO N 31 -18.25 -74.04 -28.50
CA PRO N 31 -17.29 -74.77 -27.68
C PRO N 31 -16.39 -73.79 -26.90
N LEU N 32 -16.28 -73.95 -25.58
CA LEU N 32 -15.53 -72.98 -24.74
C LEU N 32 -14.04 -72.98 -25.03
N GLU N 33 -13.45 -74.14 -25.33
CA GLU N 33 -12.03 -74.25 -25.65
C GLU N 33 -11.70 -73.54 -26.96
N GLY N 34 -12.60 -73.64 -27.94
CA GLY N 34 -12.52 -72.93 -29.21
C GLY N 34 -12.52 -71.42 -29.02
N VAL N 35 -13.43 -70.88 -28.22
CA VAL N 35 -13.43 -69.44 -27.91
C VAL N 35 -12.16 -69.03 -27.18
N MET N 36 -11.70 -69.82 -26.20
CA MET N 36 -10.45 -69.50 -25.51
C MET N 36 -9.27 -69.44 -26.48
N TYR N 37 -9.14 -70.41 -27.38
CA TYR N 37 -8.11 -70.39 -28.42
C TYR N 37 -8.25 -69.15 -29.31
N GLY N 38 -9.46 -68.85 -29.79
CA GLY N 38 -9.72 -67.66 -30.60
C GLY N 38 -9.34 -66.37 -29.88
N VAL N 39 -9.74 -66.21 -28.62
CA VAL N 39 -9.39 -65.04 -27.81
C VAL N 39 -7.89 -64.94 -27.59
N ALA N 40 -7.23 -66.03 -27.20
CA ALA N 40 -5.79 -66.04 -27.00
C ALA N 40 -5.02 -65.74 -28.29
N LYS N 41 -5.46 -66.30 -29.42
CA LYS N 41 -4.89 -66.08 -30.76
C LYS N 41 -5.00 -64.63 -31.20
N ARG N 42 -6.17 -64.00 -31.01
CA ARG N 42 -6.40 -62.59 -31.35
C ARG N 42 -5.72 -61.62 -30.38
N MET N 43 -5.49 -62.04 -29.14
CA MET N 43 -4.58 -61.36 -28.21
C MET N 43 -3.08 -61.59 -28.52
N GLY N 44 -2.76 -62.44 -29.51
CA GLY N 44 -1.39 -62.73 -29.95
C GLY N 44 -0.61 -63.70 -29.07
N LEU N 45 -1.24 -64.33 -28.08
CA LEU N 45 -0.59 -65.20 -27.10
C LEU N 45 -0.14 -66.55 -27.69
N VAL N 46 -0.81 -67.00 -28.75
CA VAL N 46 -0.64 -68.31 -29.40
C VAL N 46 -0.92 -68.19 -30.89
N LYS N 47 -0.51 -69.19 -31.66
CA LYS N 47 -0.89 -69.41 -33.06
C LYS N 47 -1.55 -70.77 -33.29
N ASP N 48 -1.19 -71.80 -32.52
CA ASP N 48 -1.66 -73.18 -32.71
C ASP N 48 -2.43 -73.73 -31.49
N ILE N 49 -3.41 -74.60 -31.72
CA ILE N 49 -4.36 -75.07 -30.70
C ILE N 49 -3.66 -75.80 -29.53
N ASP N 50 -2.57 -76.51 -29.79
CA ASP N 50 -1.79 -77.18 -28.74
C ASP N 50 -1.08 -76.20 -27.79
N GLU N 51 -0.74 -75.00 -28.25
CA GLU N 51 -0.06 -74.00 -27.42
C GLU N 51 -0.91 -73.53 -26.24
N MET N 52 -2.23 -73.74 -26.28
CA MET N 52 -3.12 -73.46 -25.16
C MET N 52 -2.73 -74.24 -23.90
N ARG N 53 -2.20 -75.46 -24.05
CA ARG N 53 -1.71 -76.27 -22.93
C ARG N 53 -0.34 -75.84 -22.41
N ARG N 54 0.34 -74.94 -23.13
CA ARG N 54 1.69 -74.43 -22.84
C ARG N 54 1.69 -73.03 -22.23
N LEU N 55 0.55 -72.34 -22.20
CA LEU N 55 0.38 -71.05 -21.53
C LEU N 55 0.68 -71.13 -20.02
N SER N 56 1.15 -70.02 -19.46
CA SER N 56 1.27 -69.86 -18.00
C SER N 56 -0.10 -69.89 -17.34
N PRO N 57 -0.34 -70.68 -16.29
CA PRO N 57 -1.67 -70.80 -15.66
C PRO N 57 -2.34 -69.48 -15.31
N ASP N 58 -1.60 -68.51 -14.76
CA ASP N 58 -2.18 -67.21 -14.37
C ASP N 58 -2.49 -66.29 -15.57
N VAL N 59 -1.90 -66.54 -16.74
CA VAL N 59 -2.37 -65.96 -18.01
C VAL N 59 -3.62 -66.69 -18.47
N GLN N 60 -3.64 -68.02 -18.36
CA GLN N 60 -4.77 -68.85 -18.75
C GLN N 60 -6.05 -68.50 -17.95
N LYS N 61 -5.93 -68.09 -16.68
CA LYS N 61 -7.06 -67.53 -15.91
C LYS N 61 -7.66 -66.30 -16.58
N GLU N 62 -6.83 -65.36 -17.05
CA GLU N 62 -7.35 -64.18 -17.74
C GLU N 62 -7.93 -64.50 -19.11
N VAL N 63 -7.37 -65.46 -19.85
CA VAL N 63 -7.98 -65.97 -21.08
C VAL N 63 -9.37 -66.56 -20.80
N GLN N 64 -9.50 -67.39 -19.77
CA GLN N 64 -10.79 -67.91 -19.33
C GLN N 64 -11.77 -66.80 -18.96
N LYS N 65 -11.30 -65.81 -18.19
CA LYS N 65 -12.11 -64.66 -17.79
C LYS N 65 -12.60 -63.86 -19.00
N LYS N 66 -11.73 -63.52 -19.94
CA LYS N 66 -12.10 -62.78 -21.16
C LYS N 66 -13.03 -63.59 -22.07
N ALA N 67 -12.74 -64.86 -22.30
CA ALA N 67 -13.62 -65.72 -23.09
C ALA N 67 -15.03 -65.80 -22.48
N ALA N 68 -15.13 -65.94 -21.16
CA ALA N 68 -16.41 -65.91 -20.48
C ALA N 68 -17.11 -64.56 -20.60
N GLU N 69 -16.41 -63.43 -20.39
CA GLU N 69 -17.01 -62.10 -20.55
C GLU N 69 -17.58 -61.90 -21.96
N ARG N 70 -16.87 -62.35 -22.99
CA ARG N 70 -17.32 -62.22 -24.38
C ARG N 70 -18.50 -63.15 -24.70
N ILE N 71 -18.53 -64.36 -24.15
CA ILE N 71 -19.71 -65.24 -24.27
C ILE N 71 -20.90 -64.69 -23.48
N ALA N 72 -20.67 -63.99 -22.36
CA ALA N 72 -21.74 -63.31 -21.63
C ALA N 72 -22.32 -62.15 -22.45
N ALA N 73 -21.48 -61.36 -23.12
CA ALA N 73 -21.93 -60.26 -23.98
C ALA N 73 -22.78 -60.75 -25.17
N LEU N 74 -22.45 -61.91 -25.74
CA LEU N 74 -23.25 -62.56 -26.79
C LEU N 74 -24.66 -62.93 -26.31
N GLY N 75 -24.85 -63.10 -25.01
CA GLY N 75 -26.14 -63.43 -24.40
C GLY N 75 -26.47 -64.92 -24.41
N ASP N 76 -27.75 -65.24 -24.53
CA ASP N 76 -28.26 -66.61 -24.39
C ASP N 76 -27.65 -67.53 -25.46
N VAL N 77 -27.10 -68.67 -25.03
CA VAL N 77 -26.20 -69.51 -25.85
C VAL N 77 -26.25 -70.97 -25.39
N ILE N 78 -26.00 -71.92 -26.28
CA ILE N 78 -25.73 -73.31 -25.90
C ILE N 78 -24.22 -73.49 -25.86
N LEU N 79 -23.62 -73.27 -24.70
CA LEU N 79 -22.19 -73.49 -24.48
C LEU N 79 -21.89 -74.97 -24.27
N ASP N 80 -20.73 -75.43 -24.71
CA ASP N 80 -20.28 -76.82 -24.58
C ASP N 80 -18.86 -76.88 -23.99
N THR N 81 -18.67 -77.65 -22.93
CA THR N 81 -17.38 -78.02 -22.33
C THR N 81 -17.56 -79.19 -21.36
N HIS N 82 -16.49 -79.87 -20.93
CA HIS N 82 -16.59 -80.88 -19.87
C HIS N 82 -16.77 -80.24 -18.49
N CYS N 83 -17.58 -80.84 -17.62
CA CYS N 83 -17.73 -80.39 -16.23
C CYS N 83 -16.53 -80.81 -15.36
N THR N 84 -15.95 -81.99 -15.59
CA THR N 84 -14.61 -82.35 -15.11
C THR N 84 -13.83 -83.12 -16.17
N ILE N 85 -12.52 -82.87 -16.26
CA ILE N 85 -11.62 -83.51 -17.22
C ILE N 85 -10.73 -84.48 -16.45
N LYS N 86 -10.64 -85.74 -16.87
CA LYS N 86 -9.72 -86.70 -16.25
C LYS N 86 -8.30 -86.46 -16.76
N THR N 87 -7.33 -86.36 -15.87
CA THR N 87 -5.92 -86.06 -16.17
C THR N 87 -4.99 -86.98 -15.35
N PRO N 88 -3.67 -87.06 -15.65
CA PRO N 88 -2.74 -87.87 -14.88
C PRO N 88 -2.74 -87.58 -13.37
N LYS N 89 -2.93 -86.33 -12.96
CA LYS N 89 -3.07 -85.92 -11.55
C LYS N 89 -4.52 -85.98 -11.03
N GLY N 90 -5.42 -86.69 -11.71
CA GLY N 90 -6.83 -86.85 -11.34
C GLY N 90 -7.79 -85.90 -12.06
N TYR N 91 -8.98 -85.72 -11.50
CA TYR N 91 -10.04 -84.89 -12.08
C TYR N 91 -9.74 -83.40 -11.95
N LEU N 92 -9.88 -82.65 -13.03
CA LEU N 92 -9.77 -81.20 -13.06
C LEU N 92 -11.16 -80.57 -13.25
N PRO N 93 -11.61 -79.64 -12.39
CA PRO N 93 -12.84 -78.89 -12.59
C PRO N 93 -12.83 -78.10 -13.90
N GLY N 94 -13.80 -78.33 -14.77
CA GLY N 94 -13.87 -77.68 -16.09
C GLY N 94 -14.34 -76.21 -16.05
N LEU N 95 -15.05 -75.80 -15.00
CA LEU N 95 -15.58 -74.44 -14.83
C LEU N 95 -15.12 -73.83 -13.50
N PRO N 96 -13.92 -73.24 -13.44
CA PRO N 96 -13.49 -72.49 -12.27
C PRO N 96 -14.44 -71.36 -11.92
N ARG N 97 -14.46 -70.94 -10.65
CA ARG N 97 -15.33 -69.85 -10.17
C ARG N 97 -15.16 -68.54 -10.94
N TRP N 98 -13.96 -68.18 -11.38
CA TRP N 98 -13.75 -66.97 -12.18
C TRP N 98 -14.37 -67.04 -13.58
N VAL N 99 -14.61 -68.23 -14.15
CA VAL N 99 -15.46 -68.39 -15.34
C VAL N 99 -16.92 -68.22 -14.95
N LEU N 100 -17.36 -68.98 -13.94
CA LEU N 100 -18.77 -69.15 -13.62
C LEU N 100 -19.44 -67.85 -13.16
N GLU N 101 -18.72 -67.00 -12.43
CA GLU N 101 -19.21 -65.66 -12.06
C GLU N 101 -19.42 -64.72 -13.25
N LYS N 102 -18.77 -64.95 -14.40
CA LYS N 102 -18.95 -64.16 -15.62
C LYS N 102 -20.10 -64.70 -16.49
N LEU N 103 -20.15 -66.02 -16.72
CA LEU N 103 -21.22 -66.63 -17.51
C LEU N 103 -22.59 -66.53 -16.83
N ARG N 104 -22.65 -66.75 -15.50
CA ARG N 104 -23.89 -66.80 -14.71
C ARG N 104 -24.97 -67.70 -15.35
N PRO N 105 -24.70 -68.99 -15.62
CA PRO N 105 -25.62 -69.86 -16.34
C PRO N 105 -26.99 -69.97 -15.67
N SER N 106 -28.06 -70.04 -16.44
CA SER N 106 -29.39 -70.40 -15.92
C SER N 106 -29.55 -71.90 -15.71
N VAL N 107 -28.88 -72.72 -16.52
CA VAL N 107 -28.95 -74.18 -16.46
C VAL N 107 -27.59 -74.81 -16.73
N ILE N 108 -27.26 -75.84 -15.99
CA ILE N 108 -26.22 -76.82 -16.31
C ILE N 108 -26.93 -78.12 -16.68
N LEU N 109 -26.66 -78.66 -17.86
CA LEU N 109 -27.23 -79.92 -18.31
C LEU N 109 -26.14 -80.98 -18.32
N LEU N 110 -26.41 -82.11 -17.68
CA LEU N 110 -25.48 -83.21 -17.52
C LEU N 110 -26.04 -84.47 -18.22
N VAL N 111 -25.31 -84.98 -19.19
CA VAL N 111 -25.72 -86.16 -19.98
C VAL N 111 -25.12 -87.43 -19.38
N GLU N 112 -25.93 -88.48 -19.21
CA GLU N 112 -25.52 -89.75 -18.61
C GLU N 112 -26.00 -90.96 -19.42
N ALA N 113 -25.27 -92.07 -19.31
CA ALA N 113 -25.64 -93.39 -19.82
C ALA N 113 -25.04 -94.46 -18.90
N ASP N 114 -25.47 -95.72 -19.00
CA ASP N 114 -24.95 -96.75 -18.11
C ASP N 114 -23.44 -96.96 -18.30
N PRO N 115 -22.63 -97.14 -17.24
CA PRO N 115 -21.22 -97.45 -17.36
C PRO N 115 -20.90 -98.61 -18.32
N LYS N 116 -21.76 -99.64 -18.39
CA LYS N 116 -21.60 -100.76 -19.31
C LYS N 116 -21.86 -100.38 -20.75
N GLU N 117 -22.86 -99.52 -21.01
CA GLU N 117 -23.08 -98.94 -22.33
C GLU N 117 -21.87 -98.13 -22.79
N ILE N 118 -21.39 -97.23 -21.91
CA ILE N 118 -20.23 -96.38 -22.21
C ILE N 118 -18.99 -97.24 -22.44
N TYR N 119 -18.77 -98.26 -21.61
CA TYR N 119 -17.66 -99.20 -21.82
C TYR N 119 -17.77 -99.93 -23.16
N GLY N 120 -18.97 -100.36 -23.55
CA GLY N 120 -19.22 -100.94 -24.86
C GLY N 120 -18.90 -99.97 -26.01
N ARG N 121 -19.36 -98.72 -25.93
CA ARG N 121 -19.04 -97.69 -26.95
C ARG N 121 -17.56 -97.41 -27.04
N ARG N 122 -16.86 -97.35 -25.91
CA ARG N 122 -15.40 -97.15 -25.86
C ARG N 122 -14.62 -98.35 -26.39
N LEU N 123 -15.08 -99.57 -26.10
CA LEU N 123 -14.48 -100.80 -26.64
C LEU N 123 -14.62 -100.87 -28.17
N LYS N 124 -15.73 -100.35 -28.71
CA LYS N 124 -16.02 -100.25 -30.16
C LYS N 124 -15.37 -99.03 -30.85
N ASP N 125 -14.44 -98.34 -30.19
CA ASP N 125 -13.73 -97.17 -30.76
C ASP N 125 -12.28 -97.53 -31.12
N ASP N 133 -10.74 -97.20 -19.16
CA ASP N 133 -11.24 -97.20 -17.79
C ASP N 133 -12.14 -98.42 -17.54
N SER N 134 -12.14 -98.96 -16.33
CA SER N 134 -13.16 -99.93 -15.90
C SER N 134 -14.54 -99.27 -15.78
N GLU N 135 -15.59 -100.09 -15.73
CA GLU N 135 -16.93 -99.62 -15.41
C GLU N 135 -17.00 -98.96 -14.02
N GLU N 136 -16.15 -99.38 -13.09
CA GLU N 136 -16.02 -98.74 -11.78
C GLU N 136 -15.46 -97.33 -11.91
N GLU N 137 -14.40 -97.14 -12.70
CA GLU N 137 -13.84 -95.81 -12.94
C GLU N 137 -14.77 -94.91 -13.76
N ILE N 138 -15.59 -95.48 -14.64
CA ILE N 138 -16.64 -94.73 -15.34
C ILE N 138 -17.71 -94.28 -14.35
N ALA N 139 -18.22 -95.18 -13.50
CA ALA N 139 -19.20 -94.83 -12.49
C ALA N 139 -18.67 -93.78 -11.50
N GLU N 140 -17.39 -93.87 -11.13
CA GLU N 140 -16.72 -92.85 -10.35
C GLU N 140 -16.70 -91.50 -11.07
N HIS N 141 -16.31 -91.43 -12.34
CA HIS N 141 -16.25 -90.15 -13.05
C HIS N 141 -17.64 -89.51 -13.15
N GLN N 142 -18.69 -90.31 -13.38
CA GLN N 142 -20.05 -89.80 -13.32
C GLN N 142 -20.41 -89.23 -11.94
N MET N 143 -20.12 -89.95 -10.86
CA MET N 143 -20.40 -89.46 -9.51
C MET N 143 -19.62 -88.17 -9.22
N MET N 144 -18.36 -88.07 -9.63
CA MET N 144 -17.61 -86.83 -9.48
C MET N 144 -18.21 -85.70 -10.31
N ASN N 145 -18.73 -85.97 -11.50
CA ASN N 145 -19.43 -84.95 -12.28
C ASN N 145 -20.68 -84.46 -11.55
N ARG N 146 -21.50 -85.33 -10.95
CA ARG N 146 -22.68 -84.88 -10.19
C ARG N 146 -22.29 -83.94 -9.06
N ALA N 147 -21.25 -84.28 -8.31
CA ALA N 147 -20.75 -83.41 -7.26
C ALA N 147 -20.27 -82.07 -7.81
N ALA N 148 -19.53 -82.07 -8.93
CA ALA N 148 -19.05 -80.84 -9.54
C ALA N 148 -20.20 -79.98 -10.04
N ALA N 149 -21.17 -80.56 -10.74
CA ALA N 149 -22.32 -79.83 -11.25
C ALA N 149 -23.08 -79.12 -10.13
N MET N 150 -23.39 -79.83 -9.05
CA MET N 150 -24.12 -79.23 -7.94
C MET N 150 -23.29 -78.18 -7.20
N ALA N 151 -21.97 -78.35 -7.11
CA ALA N 151 -21.11 -77.30 -6.55
C ALA N 151 -21.07 -76.04 -7.43
N TYR N 152 -21.14 -76.17 -8.76
CA TYR N 152 -21.31 -75.00 -9.64
C TYR N 152 -22.68 -74.36 -9.42
N ALA N 153 -23.72 -75.17 -9.23
CA ALA N 153 -25.07 -74.67 -9.02
C ALA N 153 -25.13 -73.76 -7.78
N SER N 154 -24.63 -74.20 -6.64
CA SER N 154 -24.62 -73.40 -5.41
C SER N 154 -23.78 -72.13 -5.49
N LEU N 155 -22.79 -72.06 -6.39
CA LEU N 155 -22.00 -70.85 -6.61
C LEU N 155 -22.72 -69.80 -7.48
N SER N 156 -23.79 -70.17 -8.19
CA SER N 156 -24.31 -69.39 -9.33
C SER N 156 -25.82 -69.25 -9.41
N GLY N 157 -26.59 -70.10 -8.74
CA GLY N 157 -28.04 -70.19 -8.92
C GLY N 157 -28.47 -70.95 -10.17
N ALA N 158 -27.55 -71.57 -10.91
CA ALA N 158 -27.90 -72.37 -12.07
C ALA N 158 -28.73 -73.61 -11.69
N THR N 159 -29.78 -73.91 -12.45
CA THR N 159 -30.53 -75.16 -12.30
C THR N 159 -29.69 -76.34 -12.80
N VAL N 160 -29.80 -77.54 -12.24
CA VAL N 160 -29.10 -78.73 -12.75
C VAL N 160 -30.07 -79.76 -13.29
N LYS N 161 -29.90 -80.18 -14.54
CA LYS N 161 -30.74 -81.20 -15.20
C LYS N 161 -29.89 -82.40 -15.59
N ILE N 162 -30.35 -83.61 -15.28
CA ILE N 162 -29.71 -84.85 -15.72
C ILE N 162 -30.53 -85.49 -16.85
N VAL N 163 -29.87 -85.88 -17.95
CA VAL N 163 -30.50 -86.49 -19.13
C VAL N 163 -29.89 -87.86 -19.44
N PHE N 164 -30.72 -88.91 -19.45
CA PHE N 164 -30.25 -90.23 -19.90
C PHE N 164 -30.17 -90.33 -21.43
N ASN N 165 -29.17 -91.04 -21.94
CA ASN N 165 -28.92 -91.28 -23.37
C ASN N 165 -28.53 -92.74 -23.63
N HIS N 166 -29.39 -93.67 -23.25
CA HIS N 166 -29.20 -95.11 -23.51
C HIS N 166 -29.10 -95.40 -25.02
N ASP N 167 -28.39 -96.47 -25.40
CA ASP N 167 -27.85 -96.68 -26.76
C ASP N 167 -28.85 -96.49 -27.91
N ASN N 168 -30.02 -97.14 -27.85
CA ASN N 168 -31.05 -97.03 -28.89
C ASN N 168 -31.96 -95.80 -28.74
N ARG N 169 -31.96 -95.17 -27.56
CA ARG N 169 -33.08 -94.36 -27.06
C ARG N 169 -32.81 -92.86 -27.18
N LEU N 170 -32.18 -92.44 -28.27
CA LEU N 170 -31.85 -91.03 -28.54
C LEU N 170 -33.10 -90.13 -28.46
N ASP N 171 -34.27 -90.62 -28.87
CA ASP N 171 -35.52 -89.86 -28.75
C ASP N 171 -35.88 -89.51 -27.30
N ASP N 172 -35.59 -90.38 -26.34
CA ASP N 172 -35.76 -90.07 -24.91
C ASP N 172 -34.80 -88.97 -24.46
N ALA N 173 -33.54 -89.04 -24.87
CA ALA N 173 -32.57 -88.00 -24.55
C ALA N 173 -32.99 -86.64 -25.13
N VAL N 174 -33.43 -86.62 -26.39
CA VAL N 174 -33.87 -85.39 -27.07
C VAL N 174 -35.17 -84.86 -26.46
N ARG N 175 -36.11 -85.74 -26.11
CA ARG N 175 -37.36 -85.36 -25.43
C ARG N 175 -37.11 -84.78 -24.04
N ASP N 176 -36.12 -85.29 -23.29
CA ASP N 176 -35.73 -84.67 -22.02
C ASP N 176 -34.96 -83.36 -22.22
N ALA N 177 -34.12 -83.25 -23.25
CA ALA N 177 -33.30 -82.07 -23.47
C ALA N 177 -34.10 -80.86 -23.99
N ALA N 178 -34.99 -81.03 -24.96
CA ALA N 178 -35.68 -79.91 -25.62
C ALA N 178 -36.48 -78.99 -24.67
N PRO N 179 -37.19 -79.48 -23.63
CA PRO N 179 -37.86 -78.65 -22.62
C PRO N 179 -36.97 -77.64 -21.88
N VAL N 180 -35.65 -77.84 -21.88
CA VAL N 180 -34.70 -76.92 -21.22
C VAL N 180 -34.47 -75.64 -22.04
N LEU N 181 -34.57 -75.76 -23.37
CA LEU N 181 -34.09 -74.75 -24.34
C LEU N 181 -35.07 -73.58 -24.52
N ILE O 4 39.07 -60.42 33.14
CA ILE O 4 39.45 -61.86 33.15
C ILE O 4 38.21 -62.69 33.45
N VAL O 5 38.01 -63.84 32.78
CA VAL O 5 36.95 -64.80 33.13
C VAL O 5 37.56 -66.12 33.55
N VAL O 6 37.17 -66.69 34.69
CA VAL O 6 37.62 -68.01 35.13
C VAL O 6 36.49 -69.01 34.99
N THR O 7 36.77 -70.19 34.44
CA THR O 7 35.75 -71.20 34.09
C THR O 7 36.23 -72.62 34.38
N GLY O 8 35.29 -73.53 34.58
CA GLY O 8 35.59 -74.93 34.86
C GLY O 8 34.36 -75.80 35.06
N ILE O 9 34.51 -77.10 34.83
CA ILE O 9 33.49 -78.12 35.06
C ILE O 9 33.26 -78.35 36.58
N PRO O 10 32.01 -78.46 37.07
CA PRO O 10 31.72 -78.76 38.47
C PRO O 10 32.47 -80.00 38.96
N GLY O 11 33.30 -79.84 39.99
CA GLY O 11 34.21 -80.85 40.53
C GLY O 11 35.69 -80.61 40.23
N VAL O 12 36.04 -79.72 39.29
CA VAL O 12 37.44 -79.46 38.93
C VAL O 12 38.23 -78.64 39.96
N GLY O 13 37.56 -78.08 40.97
CA GLY O 13 38.20 -77.32 42.05
C GLY O 13 38.46 -75.85 41.73
N LYS O 14 37.68 -75.27 40.81
CA LYS O 14 37.79 -73.89 40.31
C LYS O 14 38.01 -72.87 41.43
N THR O 15 37.17 -72.88 42.45
CA THR O 15 37.20 -71.86 43.51
C THR O 15 38.51 -71.87 44.31
N THR O 16 39.07 -73.06 44.59
CA THR O 16 40.35 -73.18 45.30
C THR O 16 41.49 -72.51 44.54
N VAL O 17 41.65 -72.83 43.25
CA VAL O 17 42.69 -72.24 42.41
C VAL O 17 42.50 -70.72 42.28
N MET O 18 41.27 -70.26 42.09
CA MET O 18 40.97 -68.83 42.04
C MET O 18 41.33 -68.12 43.35
N GLN O 19 40.92 -68.65 44.51
CA GLN O 19 41.19 -68.04 45.82
C GLN O 19 42.69 -67.92 46.09
N LYS O 20 43.46 -68.97 45.78
CA LYS O 20 44.91 -68.96 45.95
C LYS O 20 45.61 -68.00 44.97
N ALA O 21 45.27 -68.03 43.69
CA ALA O 21 45.90 -67.16 42.70
C ALA O 21 45.55 -65.67 42.91
N ALA O 22 44.30 -65.37 43.29
CA ALA O 22 43.86 -64.01 43.56
C ALA O 22 44.43 -63.40 44.86
N GLU O 23 45.14 -64.17 45.69
CA GLU O 23 45.74 -63.66 46.93
C GLU O 23 46.70 -62.48 46.66
N GLY O 24 46.52 -61.39 47.40
CA GLY O 24 47.25 -60.13 47.20
C GLY O 24 46.84 -59.30 45.96
N SER O 25 45.91 -59.78 45.13
CA SER O 25 45.43 -59.00 43.98
C SER O 25 44.52 -57.85 44.40
N PRO O 26 44.61 -56.66 43.78
CA PRO O 26 43.63 -55.60 43.94
C PRO O 26 42.33 -55.83 43.16
N LEU O 27 42.21 -56.91 42.37
CA LEU O 27 41.05 -57.12 41.50
C LEU O 27 39.77 -57.52 42.28
N PRO O 28 38.61 -56.91 41.98
CA PRO O 28 37.33 -57.38 42.50
C PRO O 28 37.00 -58.79 42.02
N ARG O 29 36.26 -59.55 42.84
CA ARG O 29 35.88 -60.95 42.60
C ARG O 29 34.36 -61.05 42.44
N VAL O 30 33.88 -61.57 41.32
CA VAL O 30 32.49 -61.35 40.92
C VAL O 30 31.86 -62.61 40.33
N PRO O 31 30.84 -63.22 40.96
CA PRO O 31 30.02 -64.26 40.33
C PRO O 31 28.97 -63.63 39.41
N LEU O 32 28.92 -64.02 38.14
CA LEU O 32 28.02 -63.40 37.16
C LEU O 32 26.55 -63.64 37.45
N GLU O 33 26.18 -64.83 37.94
CA GLU O 33 24.80 -65.15 38.30
C GLU O 33 24.35 -64.27 39.48
N GLY O 34 25.25 -64.02 40.42
CA GLY O 34 25.05 -63.10 41.52
C GLY O 34 24.75 -61.68 41.04
N VAL O 35 25.57 -61.14 40.13
CA VAL O 35 25.30 -59.81 39.56
C VAL O 35 23.98 -59.78 38.80
N MET O 36 23.69 -60.80 38.01
CA MET O 36 22.41 -60.86 37.30
C MET O 36 21.22 -60.84 38.25
N TYR O 37 21.27 -61.64 39.33
CA TYR O 37 20.25 -61.61 40.36
C TYR O 37 20.14 -60.24 41.01
N GLY O 38 21.27 -59.63 41.39
CA GLY O 38 21.30 -58.29 41.98
C GLY O 38 20.69 -57.23 41.05
N VAL O 39 21.01 -57.26 39.76
CA VAL O 39 20.45 -56.34 38.76
C VAL O 39 18.95 -56.57 38.59
N ALA O 40 18.51 -57.82 38.43
CA ALA O 40 17.09 -58.14 38.27
C ALA O 40 16.27 -57.75 39.52
N LYS O 41 16.82 -58.02 40.71
CA LYS O 41 16.23 -57.67 42.01
C LYS O 41 16.07 -56.17 42.17
N ARG O 42 17.10 -55.38 41.82
CA ARG O 42 17.08 -53.91 41.93
C ARG O 42 16.28 -53.22 40.82
N MET O 43 16.10 -53.89 39.69
CA MET O 43 15.09 -53.53 38.68
C MET O 43 13.66 -53.95 39.06
N GLY O 44 13.48 -54.69 40.17
CA GLY O 44 12.17 -55.12 40.68
C GLY O 44 11.56 -56.32 39.94
N LEU O 45 12.32 -57.00 39.08
CA LEU O 45 11.84 -58.14 38.29
C LEU O 45 11.64 -59.42 39.12
N VAL O 46 12.39 -59.55 40.22
CA VAL O 46 12.44 -60.72 41.11
C VAL O 46 12.70 -60.26 42.55
N LYS O 47 12.51 -61.17 43.51
CA LYS O 47 12.97 -61.01 44.90
C LYS O 47 13.86 -62.18 45.35
N ASP O 48 13.68 -63.38 44.83
CA ASP O 48 14.38 -64.58 45.29
C ASP O 48 15.21 -65.27 44.20
N ILE O 49 16.31 -65.93 44.59
CA ILE O 49 17.35 -66.43 43.69
C ILE O 49 16.82 -67.46 42.65
N ASP O 50 15.81 -68.24 43.02
CA ASP O 50 15.18 -69.21 42.11
C ASP O 50 14.37 -68.55 40.99
N GLU O 51 13.85 -67.35 41.20
CA GLU O 51 13.01 -66.66 40.21
C GLU O 51 13.77 -66.29 38.94
N MET O 52 15.10 -66.24 39.00
CA MET O 52 15.96 -66.06 37.82
C MET O 52 15.72 -67.13 36.74
N ARG O 53 15.37 -68.36 37.16
CA ARG O 53 15.03 -69.46 36.23
C ARG O 53 13.62 -69.35 35.64
N ARG O 54 12.78 -68.45 36.19
CA ARG O 54 11.38 -68.23 35.81
C ARG O 54 11.17 -67.02 34.91
N LEU O 55 12.19 -66.17 34.74
CA LEU O 55 12.14 -65.01 33.86
C LEU O 55 11.91 -65.40 32.39
N SER O 56 11.25 -64.53 31.64
CA SER O 56 11.09 -64.67 30.19
C SER O 56 12.46 -64.53 29.50
N PRO O 57 12.85 -65.42 28.58
CA PRO O 57 14.17 -65.39 27.93
C PRO O 57 14.57 -64.03 27.35
N ASP O 58 13.67 -63.31 26.70
CA ASP O 58 14.00 -61.98 26.12
C ASP O 58 14.17 -60.86 27.16
N VAL O 59 13.63 -61.05 28.37
CA VAL O 59 13.99 -60.23 29.53
C VAL O 59 15.36 -60.66 30.07
N GLN O 60 15.61 -61.97 30.15
CA GLN O 60 16.86 -62.52 30.64
C GLN O 60 18.06 -62.09 29.77
N LYS O 61 17.90 -61.95 28.46
CA LYS O 61 18.90 -61.33 27.58
C LYS O 61 19.25 -59.90 28.03
N GLU O 62 18.26 -59.08 28.32
CA GLU O 62 18.50 -57.71 28.77
C GLU O 62 19.12 -57.65 30.16
N VAL O 63 18.76 -58.56 31.07
CA VAL O 63 19.46 -58.71 32.35
C VAL O 63 20.93 -59.08 32.14
N GLN O 64 21.23 -60.04 31.26
CA GLN O 64 22.62 -60.36 30.91
C GLN O 64 23.35 -59.15 30.34
N LYS O 65 22.73 -58.42 29.41
CA LYS O 65 23.29 -57.21 28.82
C LYS O 65 23.59 -56.13 29.87
N LYS O 66 22.65 -55.80 30.75
CA LYS O 66 22.84 -54.80 31.80
C LYS O 66 23.89 -55.23 32.83
N ALA O 67 23.86 -56.48 33.28
CA ALA O 67 24.89 -57.00 34.17
C ALA O 67 26.28 -56.88 33.54
N ALA O 68 26.42 -57.25 32.27
CA ALA O 68 27.68 -57.11 31.57
C ALA O 68 28.12 -55.65 31.42
N GLU O 69 27.22 -54.72 31.09
CA GLU O 69 27.56 -53.29 31.02
C GLU O 69 28.11 -52.78 32.35
N ARG O 70 27.49 -53.16 33.46
CA ARG O 70 27.92 -52.74 34.80
C ARG O 70 29.23 -53.38 35.22
N ILE O 71 29.45 -54.66 34.90
CA ILE O 71 30.74 -55.31 35.17
C ILE O 71 31.84 -54.71 34.29
N ALA O 72 31.53 -54.26 33.07
CA ALA O 72 32.49 -53.52 32.26
C ALA O 72 32.82 -52.14 32.86
N ALA O 73 31.83 -51.42 33.37
CA ALA O 73 32.04 -50.12 34.00
C ALA O 73 32.91 -50.21 35.27
N LEU O 74 32.83 -51.31 36.02
CA LEU O 74 33.70 -51.57 37.18
C LEU O 74 35.19 -51.66 36.79
N GLY O 75 35.49 -51.96 35.53
CA GLY O 75 36.84 -52.12 35.02
C GLY O 75 37.40 -53.53 35.16
N ASP O 76 38.71 -53.63 35.38
CA ASP O 76 39.41 -54.92 35.43
C ASP O 76 38.92 -55.76 36.62
N VAL O 77 38.58 -57.04 36.39
CA VAL O 77 37.83 -57.88 37.35
C VAL O 77 38.16 -59.35 37.14
N ILE O 78 38.08 -60.17 38.20
CA ILE O 78 38.07 -61.64 38.07
C ILE O 78 36.62 -62.09 38.08
N LEU O 79 36.02 -62.19 36.90
CA LEU O 79 34.65 -62.68 36.73
C LEU O 79 34.62 -64.21 36.82
N ASP O 80 33.59 -64.75 37.44
CA ASP O 80 33.40 -66.18 37.65
C ASP O 80 32.05 -66.65 37.09
N THR O 81 32.06 -67.63 36.18
CA THR O 81 30.88 -68.32 35.66
C THR O 81 31.27 -69.61 34.91
N HIS O 82 30.32 -70.50 34.61
CA HIS O 82 30.57 -71.65 33.74
C HIS O 82 30.61 -71.26 32.25
N CYS O 83 31.49 -71.87 31.46
CA CYS O 83 31.52 -71.67 30.00
C CYS O 83 30.43 -72.49 29.31
N THR O 84 30.18 -73.74 29.71
CA THR O 84 28.96 -74.46 29.33
C THR O 84 28.33 -75.18 30.51
N ILE O 85 27.01 -75.06 30.63
CA ILE O 85 26.22 -75.65 31.70
C ILE O 85 25.51 -76.87 31.13
N LYS O 86 25.63 -78.05 31.75
CA LYS O 86 24.89 -79.23 31.31
C LYS O 86 23.43 -79.14 31.76
N THR O 87 22.49 -79.40 30.86
CA THR O 87 21.04 -79.30 31.11
C THR O 87 20.31 -80.51 30.50
N PRO O 88 19.04 -80.77 30.83
CA PRO O 88 18.28 -81.87 30.23
C PRO O 88 18.27 -81.86 28.69
N LYS O 89 18.24 -80.68 28.07
CA LYS O 89 18.32 -80.50 26.61
C LYS O 89 19.75 -80.41 26.05
N GLY O 90 20.76 -80.77 26.84
CA GLY O 90 22.18 -80.74 26.45
C GLY O 90 22.96 -79.54 27.00
N TYR O 91 24.12 -79.25 26.42
CA TYR O 91 25.00 -78.17 26.85
C TYR O 91 24.45 -76.80 26.48
N LEU O 92 24.45 -75.87 27.42
CA LEU O 92 24.03 -74.49 27.23
C LEU O 92 25.26 -73.56 27.31
N PRO O 93 25.57 -72.76 26.28
CA PRO O 93 26.61 -71.74 26.34
C PRO O 93 26.36 -70.73 27.45
N GLY O 94 27.32 -70.55 28.35
CA GLY O 94 27.20 -69.63 29.50
C GLY O 94 27.43 -68.17 29.15
N LEU O 95 28.13 -67.88 28.05
CA LEU O 95 28.46 -66.52 27.61
C LEU O 95 28.03 -66.28 26.16
N PRO O 96 26.76 -65.92 25.90
CA PRO O 96 26.32 -65.54 24.57
C PRO O 96 27.09 -64.33 24.01
N ARG O 97 27.05 -64.15 22.69
CA ARG O 97 27.70 -63.01 22.02
C ARG O 97 27.32 -61.64 22.59
N TRP O 98 26.05 -61.43 22.96
CA TRP O 98 25.62 -60.16 23.55
C TRP O 98 26.22 -59.89 24.94
N VAL O 99 26.77 -60.87 25.63
CA VAL O 99 27.59 -60.64 26.83
C VAL O 99 29.00 -60.21 26.42
N LEU O 100 29.65 -60.97 25.52
CA LEU O 100 31.02 -60.69 25.09
C LEU O 100 31.20 -59.30 24.49
N GLU O 101 30.25 -58.85 23.67
CA GLU O 101 30.33 -57.50 23.08
C GLU O 101 30.30 -56.37 24.12
N LYS O 102 29.81 -56.63 25.34
CA LYS O 102 29.85 -55.71 26.47
C LYS O 102 31.08 -55.91 27.35
N LEU O 103 31.37 -57.12 27.82
CA LEU O 103 32.52 -57.38 28.69
C LEU O 103 33.86 -57.16 28.00
N ARG O 104 33.99 -57.56 26.73
CA ARG O 104 35.23 -57.55 25.94
C ARG O 104 36.42 -58.12 26.71
N PRO O 105 36.36 -59.39 27.19
CA PRO O 105 37.39 -59.97 28.04
C PRO O 105 38.78 -59.92 27.41
N SER O 106 39.83 -59.75 28.21
CA SER O 106 41.20 -59.93 27.74
C SER O 106 41.66 -61.38 27.80
N VAL O 107 41.16 -62.16 28.76
CA VAL O 107 41.52 -63.57 28.93
C VAL O 107 40.32 -64.40 29.34
N ILE O 108 40.20 -65.60 28.79
CA ILE O 108 39.38 -66.69 29.30
C ILE O 108 40.31 -67.74 29.89
N LEU O 109 40.09 -68.12 31.14
CA LEU O 109 40.87 -69.15 31.81
C LEU O 109 40.03 -70.39 32.02
N LEU O 110 40.55 -71.54 31.63
CA LEU O 110 39.85 -72.81 31.64
C LEU O 110 40.58 -73.81 32.52
N VAL O 111 39.99 -74.18 33.65
CA VAL O 111 40.57 -75.14 34.60
C VAL O 111 40.24 -76.57 34.18
N GLU O 112 41.22 -77.46 34.17
CA GLU O 112 41.05 -78.86 33.80
C GLU O 112 41.71 -79.80 34.81
N ALA O 113 41.17 -81.01 34.94
CA ALA O 113 41.75 -82.12 35.69
C ALA O 113 41.39 -83.44 34.98
N ASP O 114 42.05 -84.54 35.29
CA ASP O 114 41.75 -85.80 34.61
C ASP O 114 40.31 -86.27 34.94
N PRO O 115 39.52 -86.76 33.95
CA PRO O 115 38.20 -87.30 34.19
C PRO O 115 38.12 -88.30 35.35
N LYS O 116 39.15 -89.13 35.55
CA LYS O 116 39.21 -90.09 36.66
C LYS O 116 39.37 -89.40 38.01
N GLU O 117 40.12 -88.30 38.08
CA GLU O 117 40.18 -87.48 39.29
C GLU O 117 38.82 -86.86 39.59
N ILE O 118 38.20 -86.25 38.57
CA ILE O 118 36.91 -85.57 38.72
C ILE O 118 35.83 -86.57 39.13
N TYR O 119 35.82 -87.76 38.53
CA TYR O 119 34.92 -88.83 38.92
C TYR O 119 35.11 -89.25 40.38
N GLY O 120 36.36 -89.41 40.82
CA GLY O 120 36.69 -89.66 42.23
C GLY O 120 36.16 -88.56 43.16
N ARG O 121 36.37 -87.28 42.83
CA ARG O 121 35.86 -86.16 43.63
C ARG O 121 34.35 -86.12 43.70
N ARG O 122 33.67 -86.39 42.58
CA ARG O 122 32.20 -86.47 42.50
C ARG O 122 31.64 -87.68 43.26
N LEU O 123 32.34 -88.81 43.24
CA LEU O 123 31.97 -90.00 44.00
C LEU O 123 32.09 -89.76 45.52
N LYS O 124 33.10 -88.99 45.94
CA LYS O 124 33.35 -88.59 47.33
C LYS O 124 32.47 -87.43 47.83
N ASP O 125 31.47 -87.01 47.06
CA ASP O 125 30.53 -85.95 47.43
C ASP O 125 29.17 -86.55 47.85
N ASP O 133 27.88 -88.71 36.09
CA ASP O 133 28.35 -88.85 34.71
C ASP O 133 29.50 -89.88 34.65
N SER O 134 29.61 -90.63 33.57
CA SER O 134 30.81 -91.44 33.30
C SER O 134 32.03 -90.58 33.03
N GLU O 135 33.22 -91.17 33.11
CA GLU O 135 34.45 -90.53 32.68
C GLU O 135 34.39 -90.10 31.20
N GLU O 136 33.67 -90.85 30.37
CA GLU O 136 33.44 -90.46 28.96
C GLU O 136 32.59 -89.20 28.86
N GLU O 137 31.50 -89.09 29.61
CA GLU O 137 30.67 -87.89 29.62
C GLU O 137 31.38 -86.68 30.25
N ILE O 138 32.27 -86.92 31.21
CA ILE O 138 33.14 -85.88 31.74
C ILE O 138 34.12 -85.40 30.65
N ALA O 139 34.80 -86.33 29.98
CA ALA O 139 35.75 -86.00 28.91
C ALA O 139 35.06 -85.28 27.74
N GLU O 140 33.82 -85.63 27.44
CA GLU O 140 32.99 -84.92 26.48
C GLU O 140 32.72 -83.48 26.94
N HIS O 141 32.28 -83.26 28.19
CA HIS O 141 32.01 -81.91 28.67
C HIS O 141 33.27 -81.04 28.62
N GLN O 142 34.43 -81.59 28.95
CA GLN O 142 35.70 -80.88 28.78
C GLN O 142 35.98 -80.52 27.32
N MET O 143 35.84 -81.46 26.38
CA MET O 143 36.03 -81.17 24.97
C MET O 143 35.07 -80.08 24.47
N MET O 144 33.81 -80.12 24.89
CA MET O 144 32.86 -79.07 24.55
C MET O 144 33.27 -77.72 25.15
N ASN O 145 33.81 -77.69 26.37
CA ASN O 145 34.29 -76.43 26.94
C ASN O 145 35.45 -75.85 26.13
N ARG O 146 36.40 -76.67 25.66
CA ARG O 146 37.49 -76.16 24.80
C ARG O 146 36.96 -75.52 23.54
N ALA O 147 36.00 -76.17 22.87
CA ALA O 147 35.37 -75.60 21.69
C ALA O 147 34.66 -74.28 22.02
N ALA O 148 33.91 -74.23 23.13
CA ALA O 148 33.21 -73.03 23.55
C ALA O 148 34.18 -71.88 23.84
N ALA O 149 35.26 -72.15 24.58
CA ALA O 149 36.25 -71.14 24.90
C ALA O 149 36.91 -70.56 23.64
N MET O 150 37.31 -71.41 22.70
CA MET O 150 37.95 -70.93 21.49
C MET O 150 36.98 -70.20 20.55
N ALA O 151 35.70 -70.60 20.54
CA ALA O 151 34.68 -69.82 19.86
C ALA O 151 34.53 -68.43 20.49
N TYR O 152 34.45 -68.32 21.82
CA TYR O 152 34.42 -67.03 22.51
C TYR O 152 35.65 -66.19 22.19
N ALA O 153 36.83 -66.80 22.17
CA ALA O 153 38.06 -66.12 21.83
C ALA O 153 37.96 -65.46 20.45
N SER O 154 37.58 -66.23 19.43
CA SER O 154 37.48 -65.73 18.06
C SER O 154 36.46 -64.59 17.90
N LEU O 155 35.41 -64.56 18.72
CA LEU O 155 34.41 -63.50 18.73
C LEU O 155 34.88 -62.20 19.37
N SER O 156 35.89 -62.27 20.26
CA SER O 156 36.21 -61.18 21.19
C SER O 156 37.66 -60.70 21.15
N GLY O 157 38.58 -61.48 20.60
CA GLY O 157 40.02 -61.24 20.70
C GLY O 157 40.62 -61.67 22.06
N ALA O 158 39.86 -62.30 22.94
CA ALA O 158 40.37 -62.77 24.22
C ALA O 158 41.41 -63.88 24.06
N THR O 159 42.44 -63.89 24.89
CA THR O 159 43.39 -65.01 24.96
C THR O 159 42.76 -66.19 25.69
N VAL O 160 43.14 -67.44 25.41
CA VAL O 160 42.67 -68.62 26.16
C VAL O 160 43.82 -69.32 26.88
N LYS O 161 43.72 -69.48 28.21
CA LYS O 161 44.70 -70.23 29.02
C LYS O 161 44.05 -71.49 29.59
N ILE O 162 44.74 -72.62 29.47
CA ILE O 162 44.33 -73.86 30.15
C ILE O 162 45.21 -74.08 31.37
N VAL O 163 44.62 -74.43 32.50
CA VAL O 163 45.33 -74.70 33.77
C VAL O 163 44.99 -76.09 34.30
N PHE O 164 45.98 -76.97 34.45
CA PHE O 164 45.78 -78.25 35.12
C PHE O 164 45.67 -78.09 36.64
N ASN O 165 44.77 -78.85 37.27
CA ASN O 165 44.55 -78.87 38.71
C ASN O 165 44.42 -80.29 39.28
N HIS O 166 45.45 -81.11 39.09
CA HIS O 166 45.52 -82.46 39.64
C HIS O 166 45.48 -82.48 41.18
N ASP O 167 44.93 -83.54 41.78
CA ASP O 167 44.50 -83.58 43.19
C ASP O 167 45.52 -83.04 44.21
N ASN O 168 46.74 -83.56 44.21
CA ASN O 168 47.78 -83.18 45.16
C ASN O 168 48.52 -81.87 44.78
N ARG O 169 48.33 -81.39 43.56
CA ARG O 169 49.25 -80.49 42.85
C ARG O 169 48.70 -79.07 42.70
N LEU O 170 47.95 -78.58 43.69
CA LEU O 170 47.38 -77.24 43.70
C LEU O 170 48.43 -76.14 43.42
N ASP O 171 49.67 -76.32 43.88
CA ASP O 171 50.75 -75.38 43.60
C ASP O 171 51.06 -75.23 42.11
N ASP O 172 50.94 -76.28 41.30
CA ASP O 172 51.06 -76.19 39.85
C ASP O 172 49.92 -75.35 39.25
N ALA O 173 48.69 -75.56 39.70
CA ALA O 173 47.56 -74.77 39.25
C ALA O 173 47.73 -73.28 39.59
N VAL O 174 48.15 -72.96 40.81
CA VAL O 174 48.37 -71.57 41.24
C VAL O 174 49.56 -70.95 40.50
N ARG O 175 50.64 -71.71 40.28
CA ARG O 175 51.80 -71.27 39.51
C ARG O 175 51.46 -70.99 38.05
N ASP O 176 50.58 -71.77 37.43
CA ASP O 176 50.07 -71.48 36.09
C ASP O 176 49.07 -70.31 36.08
N ALA O 177 48.25 -70.15 37.11
CA ALA O 177 47.21 -69.12 37.14
C ALA O 177 47.74 -67.71 37.41
N ALA O 178 48.63 -67.54 38.40
CA ALA O 178 49.10 -66.21 38.82
C ALA O 178 49.75 -65.36 37.71
N PRO O 179 50.53 -65.91 36.75
CA PRO O 179 51.06 -65.17 35.60
C PRO O 179 50.03 -64.45 34.72
N VAL O 180 48.75 -64.84 34.79
CA VAL O 180 47.68 -64.24 33.98
C VAL O 180 47.25 -62.86 34.52
N LEU O 181 47.39 -62.65 35.84
CA LEU O 181 46.80 -61.53 36.59
C LEU O 181 47.56 -60.20 36.41
N ILE P 4 -49.32 -60.17 14.82
CA ILE P 4 -50.34 -60.80 15.69
C ILE P 4 -49.69 -61.19 17.01
N VAL P 5 -50.36 -61.03 18.15
CA VAL P 5 -49.88 -61.52 19.46
C VAL P 5 -50.88 -62.50 20.05
N VAL P 6 -50.45 -63.70 20.41
CA VAL P 6 -51.32 -64.72 21.03
C VAL P 6 -50.99 -64.83 22.51
N THR P 7 -52.00 -64.86 23.37
CA THR P 7 -51.84 -64.79 24.83
C THR P 7 -52.84 -65.68 25.56
N GLY P 8 -52.52 -66.07 26.79
CA GLY P 8 -53.39 -66.92 27.61
C GLY P 8 -52.79 -67.26 28.96
N ILE P 9 -53.65 -67.64 29.90
CA ILE P 9 -53.28 -68.11 31.24
C ILE P 9 -52.64 -69.51 31.18
N PRO P 10 -51.55 -69.80 31.93
CA PRO P 10 -50.96 -71.14 31.97
C PRO P 10 -51.98 -72.22 32.34
N GLY P 11 -52.11 -73.23 31.47
CA GLY P 11 -53.14 -74.28 31.55
C GLY P 11 -54.31 -74.13 30.57
N VAL P 12 -54.46 -72.98 29.89
CA VAL P 12 -55.58 -72.77 28.94
C VAL P 12 -55.44 -73.51 27.60
N GLY P 13 -54.25 -74.05 27.29
CA GLY P 13 -54.00 -74.79 26.05
C GLY P 13 -53.57 -73.91 24.88
N LYS P 14 -52.99 -72.74 25.16
CA LYS P 14 -52.52 -71.76 24.18
C LYS P 14 -51.74 -72.38 23.03
N THR P 15 -50.72 -73.18 23.33
CA THR P 15 -49.84 -73.77 22.31
C THR P 15 -50.60 -74.68 21.35
N THR P 16 -51.54 -75.49 21.84
CA THR P 16 -52.32 -76.40 21.00
C THR P 16 -53.18 -75.64 19.99
N VAL P 17 -53.93 -74.64 20.42
CA VAL P 17 -54.78 -73.84 19.53
C VAL P 17 -53.94 -73.08 18.50
N MET P 18 -52.82 -72.50 18.94
CA MET P 18 -51.88 -71.84 18.03
C MET P 18 -51.30 -72.82 17.00
N GLN P 19 -50.79 -73.98 17.42
CA GLN P 19 -50.20 -74.97 16.50
C GLN P 19 -51.20 -75.45 15.45
N LYS P 20 -52.45 -75.72 15.86
CA LYS P 20 -53.52 -76.12 14.95
C LYS P 20 -53.92 -75.01 13.99
N ALA P 21 -54.20 -73.79 14.48
CA ALA P 21 -54.63 -72.70 13.62
C ALA P 21 -53.52 -72.20 12.68
N ALA P 22 -52.27 -72.18 13.13
CA ALA P 22 -51.12 -71.74 12.33
C ALA P 22 -50.73 -72.72 11.22
N GLU P 23 -51.30 -73.93 11.19
CA GLU P 23 -50.99 -74.93 10.16
C GLU P 23 -51.27 -74.42 8.74
N GLY P 24 -50.31 -74.62 7.83
CA GLY P 24 -50.37 -74.09 6.46
C GLY P 24 -50.12 -72.58 6.31
N SER P 25 -49.89 -71.84 7.39
CA SER P 25 -49.60 -70.41 7.32
C SER P 25 -48.16 -70.13 6.87
N PRO P 26 -47.90 -69.10 6.05
CA PRO P 26 -46.56 -68.61 5.78
C PRO P 26 -45.97 -67.78 6.94
N LEU P 27 -46.71 -67.50 8.02
CA LEU P 27 -46.24 -66.64 9.09
C LEU P 27 -45.15 -67.33 9.96
N PRO P 28 -44.03 -66.65 10.28
CA PRO P 28 -43.08 -67.12 11.28
C PRO P 28 -43.71 -67.20 12.66
N ARG P 29 -43.20 -68.10 13.49
CA ARG P 29 -43.66 -68.40 14.86
C ARG P 29 -42.59 -68.02 15.86
N VAL P 30 -42.89 -67.17 16.83
CA VAL P 30 -41.84 -66.55 17.64
C VAL P 30 -42.26 -66.48 19.12
N PRO P 31 -41.52 -67.10 20.05
CA PRO P 31 -41.66 -66.83 21.47
C PRO P 31 -40.86 -65.57 21.84
N LEU P 32 -41.49 -64.58 22.49
CA LEU P 32 -40.83 -63.29 22.77
C LEU P 32 -39.67 -63.41 23.76
N GLU P 33 -39.80 -64.26 24.77
CA GLU P 33 -38.75 -64.49 25.78
C GLU P 33 -37.52 -65.12 25.13
N GLY P 34 -37.75 -66.02 24.17
CA GLY P 34 -36.72 -66.62 23.34
C GLY P 34 -35.93 -65.57 22.57
N VAL P 35 -36.62 -64.64 21.88
CA VAL P 35 -35.93 -63.55 21.19
C VAL P 35 -35.15 -62.67 22.14
N MET P 36 -35.72 -62.31 23.30
CA MET P 36 -35.01 -61.50 24.28
C MET P 36 -33.71 -62.18 24.74
N TYR P 37 -33.76 -63.49 25.02
CA TYR P 37 -32.56 -64.26 25.35
C TYR P 37 -31.57 -64.27 24.19
N GLY P 38 -32.01 -64.54 22.96
CA GLY P 38 -31.16 -64.52 21.78
C GLY P 38 -30.49 -63.17 21.55
N VAL P 39 -31.23 -62.07 21.67
CA VAL P 39 -30.70 -60.71 21.53
C VAL P 39 -29.69 -60.41 22.64
N ALA P 40 -30.02 -60.70 23.89
CA ALA P 40 -29.10 -60.48 25.02
C ALA P 40 -27.83 -61.33 24.88
N LYS P 41 -27.96 -62.60 24.48
CA LYS P 41 -26.86 -63.54 24.24
C LYS P 41 -25.93 -63.04 23.14
N ARG P 42 -26.47 -62.56 22.02
CA ARG P 42 -25.69 -62.04 20.88
C ARG P 42 -25.13 -60.65 21.12
N MET P 43 -25.73 -59.87 22.02
CA MET P 43 -25.12 -58.68 22.62
C MET P 43 -24.07 -59.00 23.70
N GLY P 44 -23.88 -60.28 24.05
CA GLY P 44 -22.91 -60.74 25.04
C GLY P 44 -23.30 -60.50 26.51
N LEU P 45 -24.54 -60.09 26.77
CA LEU P 45 -25.03 -59.73 28.11
C LEU P 45 -25.26 -60.96 29.02
N VAL P 46 -25.49 -62.13 28.43
CA VAL P 46 -25.80 -63.40 29.09
C VAL P 46 -25.23 -64.57 28.29
N LYS P 47 -25.18 -65.75 28.91
CA LYS P 47 -24.92 -67.04 28.25
C LYS P 47 -26.04 -68.05 28.50
N ASP P 48 -26.72 -68.01 29.64
CA ASP P 48 -27.72 -69.01 30.02
C ASP P 48 -29.12 -68.43 30.26
N ILE P 49 -30.17 -69.21 29.97
CA ILE P 49 -31.57 -68.74 29.90
C ILE P 49 -32.07 -68.12 31.21
N ASP P 50 -31.62 -68.62 32.36
CA ASP P 50 -31.98 -68.08 33.68
C ASP P 50 -31.38 -66.70 33.97
N GLU P 51 -30.26 -66.34 33.34
CA GLU P 51 -29.61 -65.05 33.58
C GLU P 51 -30.47 -63.85 33.16
N MET P 52 -31.46 -64.07 32.29
CA MET P 52 -32.42 -63.06 31.89
C MET P 52 -33.18 -62.45 33.08
N ARG P 53 -33.41 -63.23 34.15
CA ARG P 53 -34.02 -62.74 35.40
C ARG P 53 -33.06 -61.94 36.28
N ARG P 54 -31.75 -62.07 36.05
CA ARG P 54 -30.67 -61.46 36.84
C ARG P 54 -30.20 -60.12 36.27
N LEU P 55 -30.54 -59.80 35.03
CA LEU P 55 -30.22 -58.53 34.37
C LEU P 55 -30.80 -57.32 35.12
N SER P 56 -30.09 -56.19 35.05
CA SER P 56 -30.59 -54.91 35.56
C SER P 56 -31.85 -54.46 34.80
N PRO P 57 -32.92 -54.02 35.47
CA PRO P 57 -34.18 -53.68 34.81
C PRO P 57 -34.06 -52.70 33.64
N ASP P 58 -33.23 -51.66 33.75
CA ASP P 58 -33.05 -50.70 32.66
C ASP P 58 -32.22 -51.22 31.48
N VAL P 59 -31.39 -52.24 31.70
CA VAL P 59 -30.83 -53.04 30.59
C VAL P 59 -31.94 -53.90 29.98
N GLN P 60 -32.78 -54.53 30.81
CA GLN P 60 -33.88 -55.37 30.36
C GLN P 60 -34.91 -54.59 29.52
N LYS P 61 -35.18 -53.32 29.83
CA LYS P 61 -35.98 -52.42 28.97
C LYS P 61 -35.37 -52.30 27.57
N GLU P 62 -34.06 -52.09 27.48
CA GLU P 62 -33.40 -51.97 26.18
C GLU P 62 -33.34 -53.30 25.42
N VAL P 63 -33.21 -54.44 26.11
CA VAL P 63 -33.36 -55.76 25.47
C VAL P 63 -34.77 -55.93 24.91
N GLN P 64 -35.82 -55.60 25.68
CA GLN P 64 -37.19 -55.60 25.16
C GLN P 64 -37.33 -54.70 23.94
N LYS P 65 -36.78 -53.48 24.00
CA LYS P 65 -36.82 -52.51 22.90
C LYS P 65 -36.15 -53.06 21.63
N LYS P 66 -34.92 -53.58 21.73
CA LYS P 66 -34.19 -54.14 20.58
C LYS P 66 -34.86 -55.40 20.04
N ALA P 67 -35.33 -56.29 20.90
CA ALA P 67 -36.09 -57.47 20.47
C ALA P 67 -37.34 -57.06 19.68
N ALA P 68 -38.10 -56.09 20.17
CA ALA P 68 -39.27 -55.60 19.46
C ALA P 68 -38.90 -54.96 18.12
N GLU P 69 -37.86 -54.13 18.04
CA GLU P 69 -37.42 -53.53 16.77
C GLU P 69 -37.10 -54.61 15.72
N ARG P 70 -36.42 -55.68 16.12
CA ARG P 70 -36.04 -56.78 15.22
C ARG P 70 -37.24 -57.64 14.80
N ILE P 71 -38.18 -57.90 15.70
CA ILE P 71 -39.42 -58.60 15.35
C ILE P 71 -40.29 -57.72 14.44
N ALA P 72 -40.28 -56.39 14.61
CA ALA P 72 -40.97 -55.49 13.70
C ALA P 72 -40.34 -55.52 12.30
N ALA P 73 -39.00 -55.54 12.19
CA ALA P 73 -38.31 -55.64 10.91
C ALA P 73 -38.59 -56.97 10.19
N LEU P 74 -38.75 -58.08 10.91
CA LEU P 74 -39.16 -59.36 10.35
C LEU P 74 -40.54 -59.31 9.68
N GLY P 75 -41.39 -58.36 10.07
CA GLY P 75 -42.74 -58.20 9.53
C GLY P 75 -43.79 -59.07 10.21
N ASP P 76 -44.83 -59.42 9.48
CA ASP P 76 -46.00 -60.10 10.02
C ASP P 76 -45.62 -61.46 10.62
N VAL P 77 -46.09 -61.75 11.84
CA VAL P 77 -45.60 -62.84 12.68
C VAL P 77 -46.69 -63.31 13.65
N ILE P 78 -46.68 -64.57 14.04
CA ILE P 78 -47.46 -65.05 15.19
C ILE P 78 -46.57 -65.02 16.41
N LEU P 79 -46.56 -63.89 17.11
CA LEU P 79 -45.79 -63.72 18.35
C LEU P 79 -46.50 -64.38 19.52
N ASP P 80 -45.75 -65.01 20.42
CA ASP P 80 -46.27 -65.72 21.58
C ASP P 80 -45.65 -65.20 22.88
N THR P 81 -46.49 -64.77 23.82
CA THR P 81 -46.09 -64.39 25.20
C THR P 81 -47.32 -64.27 26.12
N HIS P 82 -47.16 -64.20 27.44
CA HIS P 82 -48.26 -63.91 28.36
C HIS P 82 -48.60 -62.40 28.37
N CYS P 83 -49.89 -62.05 28.45
CA CYS P 83 -50.31 -60.65 28.62
C CYS P 83 -50.13 -60.17 30.08
N THR P 84 -50.37 -61.01 31.08
CA THR P 84 -49.93 -60.74 32.47
C THR P 84 -49.35 -61.99 33.12
N ILE P 85 -48.24 -61.82 33.85
CA ILE P 85 -47.51 -62.90 34.50
C ILE P 85 -47.78 -62.82 36.01
N LYS P 86 -48.22 -63.90 36.64
CA LYS P 86 -48.40 -63.90 38.09
C LYS P 86 -47.05 -64.04 38.80
N THR P 87 -46.82 -63.24 39.84
CA THR P 87 -45.58 -63.21 40.63
C THR P 87 -45.90 -63.03 42.12
N PRO P 88 -44.94 -63.24 43.05
CA PRO P 88 -45.16 -63.00 44.47
C PRO P 88 -45.68 -61.58 44.79
N LYS P 89 -45.23 -60.56 44.04
CA LYS P 89 -45.71 -59.18 44.15
C LYS P 89 -47.00 -58.90 43.35
N GLY P 90 -47.70 -59.93 42.88
CA GLY P 90 -48.93 -59.80 42.09
C GLY P 90 -48.67 -59.86 40.57
N TYR P 91 -49.62 -59.35 39.78
CA TYR P 91 -49.59 -59.42 38.32
C TYR P 91 -48.57 -58.45 37.73
N LEU P 92 -47.73 -58.93 36.82
CA LEU P 92 -46.81 -58.12 36.04
C LEU P 92 -47.32 -57.99 34.60
N PRO P 93 -47.49 -56.79 34.03
CA PRO P 93 -47.81 -56.60 32.62
C PRO P 93 -46.74 -57.20 31.70
N GLY P 94 -47.13 -58.06 30.78
CA GLY P 94 -46.21 -58.73 29.86
C GLY P 94 -45.71 -57.84 28.71
N LEU P 95 -46.46 -56.80 28.33
CA LEU P 95 -46.16 -55.94 27.19
C LEU P 95 -46.17 -54.45 27.58
N PRO P 96 -45.08 -53.91 28.13
CA PRO P 96 -44.97 -52.49 28.42
C PRO P 96 -45.16 -51.61 27.17
N ARG P 97 -45.51 -50.35 27.36
CA ARG P 97 -45.70 -49.38 26.26
C ARG P 97 -44.53 -49.32 25.28
N TRP P 98 -43.28 -49.39 25.75
CA TRP P 98 -42.11 -49.36 24.86
C TRP P 98 -41.99 -50.58 23.95
N VAL P 99 -42.64 -51.71 24.26
CA VAL P 99 -42.78 -52.82 23.31
C VAL P 99 -43.81 -52.48 22.24
N LEU P 100 -44.99 -52.01 22.63
CA LEU P 100 -46.09 -51.71 21.70
C LEU P 100 -45.74 -50.63 20.70
N GLU P 101 -45.02 -49.59 21.12
CA GLU P 101 -44.56 -48.54 20.21
C GLU P 101 -43.62 -49.06 19.11
N LYS P 102 -42.95 -50.19 19.33
CA LYS P 102 -42.08 -50.85 18.35
C LYS P 102 -42.81 -51.91 17.52
N LEU P 103 -43.51 -52.86 18.16
CA LEU P 103 -44.23 -53.92 17.44
C LEU P 103 -45.42 -53.39 16.64
N ARG P 104 -46.20 -52.46 17.20
CA ARG P 104 -47.45 -51.94 16.65
C ARG P 104 -48.41 -53.06 16.21
N PRO P 105 -48.84 -53.96 17.12
CA PRO P 105 -49.67 -55.11 16.78
C PRO P 105 -50.96 -54.73 16.06
N SER P 106 -51.42 -55.56 15.12
CA SER P 106 -52.74 -55.42 14.52
C SER P 106 -53.82 -56.17 15.28
N VAL P 107 -53.49 -57.30 15.93
CA VAL P 107 -54.43 -58.07 16.75
C VAL P 107 -53.75 -58.59 18.00
N ILE P 108 -54.45 -58.51 19.13
CA ILE P 108 -54.16 -59.27 20.34
C ILE P 108 -55.20 -60.38 20.44
N LEU P 109 -54.78 -61.63 20.56
CA LEU P 109 -55.67 -62.76 20.75
C LEU P 109 -55.53 -63.27 22.17
N LEU P 110 -56.66 -63.43 22.85
CA LEU P 110 -56.73 -63.89 24.23
C LEU P 110 -57.48 -65.22 24.27
N VAL P 111 -56.83 -66.28 24.72
CA VAL P 111 -57.44 -67.62 24.83
C VAL P 111 -58.05 -67.78 26.22
N GLU P 112 -59.26 -68.31 26.31
CA GLU P 112 -59.98 -68.52 27.57
C GLU P 112 -60.62 -69.91 27.64
N ALA P 113 -60.84 -70.38 28.87
CA ALA P 113 -61.58 -71.60 29.19
C ALA P 113 -62.26 -71.41 30.55
N ASP P 114 -63.22 -72.26 30.93
CA ASP P 114 -63.87 -72.10 32.22
C ASP P 114 -62.88 -72.31 33.39
N PRO P 115 -62.92 -71.50 34.47
CA PRO P 115 -62.08 -71.71 35.63
C PRO P 115 -62.08 -73.14 36.18
N LYS P 116 -63.21 -73.84 36.13
CA LYS P 116 -63.33 -75.23 36.56
C LYS P 116 -62.56 -76.19 35.65
N GLU P 117 -62.58 -75.94 34.34
CA GLU P 117 -61.78 -76.70 33.38
C GLU P 117 -60.29 -76.51 33.65
N ILE P 118 -59.85 -75.26 33.80
CA ILE P 118 -58.45 -74.94 34.05
C ILE P 118 -57.99 -75.53 35.38
N TYR P 119 -58.81 -75.43 36.43
CA TYR P 119 -58.51 -76.08 37.70
C TYR P 119 -58.37 -77.59 37.54
N GLY P 120 -59.27 -78.23 36.79
CA GLY P 120 -59.16 -79.64 36.44
C GLY P 120 -57.84 -79.99 35.75
N ARG P 121 -57.45 -79.24 34.72
CA ARG P 121 -56.17 -79.45 34.01
C ARG P 121 -54.97 -79.26 34.94
N ARG P 122 -54.97 -78.21 35.75
CA ARG P 122 -53.90 -77.92 36.71
C ARG P 122 -53.80 -78.97 37.81
N LEU P 123 -54.92 -79.54 38.24
CA LEU P 123 -54.95 -80.63 39.23
C LEU P 123 -54.42 -81.95 38.64
N LYS P 124 -54.73 -82.23 37.36
CA LYS P 124 -54.25 -83.41 36.63
C LYS P 124 -52.78 -83.33 36.23
N ASP P 125 -52.23 -82.13 36.09
CA ASP P 125 -50.80 -81.91 35.86
C ASP P 125 -49.95 -82.34 37.08
N ASP P 133 -53.93 -72.46 42.42
CA ASP P 133 -54.87 -71.34 42.58
C ASP P 133 -56.30 -71.88 42.70
N SER P 134 -57.15 -71.21 43.47
CA SER P 134 -58.60 -71.46 43.45
C SER P 134 -59.22 -71.07 42.11
N GLU P 135 -60.43 -71.56 41.85
CA GLU P 135 -61.24 -71.11 40.72
C GLU P 135 -61.51 -69.60 40.76
N GLU P 136 -61.58 -69.01 41.95
CA GLU P 136 -61.72 -67.56 42.12
C GLU P 136 -60.46 -66.83 41.66
N GLU P 137 -59.28 -67.29 42.07
CA GLU P 137 -58.01 -66.70 41.64
C GLU P 137 -57.75 -66.89 40.14
N ILE P 138 -58.23 -67.99 39.57
CA ILE P 138 -58.21 -68.19 38.11
C ILE P 138 -59.13 -67.17 37.42
N ALA P 139 -60.38 -67.04 37.87
CA ALA P 139 -61.33 -66.08 37.30
C ALA P 139 -60.83 -64.63 37.43
N GLU P 140 -60.18 -64.31 38.54
CA GLU P 140 -59.50 -63.02 38.71
C GLU P 140 -58.39 -62.84 37.69
N HIS P 141 -57.48 -63.80 37.51
CA HIS P 141 -56.39 -63.65 36.54
C HIS P 141 -56.93 -63.46 35.12
N GLN P 142 -57.99 -64.17 34.73
CA GLN P 142 -58.65 -63.91 33.46
C GLN P 142 -59.19 -62.49 33.35
N MET P 143 -59.90 -62.00 34.37
CA MET P 143 -60.39 -60.62 34.37
C MET P 143 -59.26 -59.61 34.26
N MET P 144 -58.15 -59.82 34.96
CA MET P 144 -56.99 -58.94 34.83
C MET P 144 -56.39 -59.02 33.43
N ASN P 145 -56.38 -60.18 32.78
CA ASN P 145 -55.94 -60.27 31.39
C ASN P 145 -56.86 -59.46 30.46
N ARG P 146 -58.18 -59.53 30.60
CA ARG P 146 -59.09 -58.74 29.76
C ARG P 146 -58.82 -57.25 29.89
N ALA P 147 -58.64 -56.77 31.11
CA ALA P 147 -58.31 -55.37 31.34
C ALA P 147 -56.96 -55.00 30.70
N ALA P 148 -55.94 -55.84 30.88
CA ALA P 148 -54.62 -55.60 30.30
C ALA P 148 -54.68 -55.55 28.77
N ALA P 149 -55.36 -56.51 28.14
CA ALA P 149 -55.50 -56.56 26.70
C ALA P 149 -56.15 -55.29 26.15
N MET P 150 -57.24 -54.84 26.76
CA MET P 150 -57.92 -53.65 26.26
C MET P 150 -57.12 -52.37 26.51
N ALA P 151 -56.35 -52.30 27.59
CA ALA P 151 -55.39 -51.22 27.78
C ALA P 151 -54.34 -51.21 26.66
N TYR P 152 -53.75 -52.36 26.33
CA TYR P 152 -52.83 -52.49 25.20
C TYR P 152 -53.48 -52.06 23.89
N ALA P 153 -54.73 -52.43 23.65
CA ALA P 153 -55.46 -52.03 22.46
C ALA P 153 -55.57 -50.52 22.36
N SER P 154 -56.01 -49.84 23.43
CA SER P 154 -56.14 -48.38 23.43
C SER P 154 -54.81 -47.66 23.20
N LEU P 155 -53.68 -48.25 23.58
CA LEU P 155 -52.35 -47.68 23.37
C LEU P 155 -51.83 -47.85 21.94
N SER P 156 -52.38 -48.79 21.18
CA SER P 156 -51.77 -49.30 19.93
C SER P 156 -52.68 -49.27 18.70
N GLY P 157 -54.00 -49.18 18.89
CA GLY P 157 -54.98 -49.41 17.83
C GLY P 157 -55.15 -50.89 17.46
N ALA P 158 -54.56 -51.83 18.20
CA ALA P 158 -54.76 -53.25 17.94
C ALA P 158 -56.20 -53.69 18.18
N THR P 159 -56.69 -54.62 17.37
CA THR P 159 -57.97 -55.28 17.63
C THR P 159 -57.80 -56.29 18.77
N VAL P 160 -58.84 -56.61 19.53
CA VAL P 160 -58.80 -57.66 20.56
C VAL P 160 -59.81 -58.76 20.27
N LYS P 161 -59.37 -60.02 20.22
CA LYS P 161 -60.22 -61.19 19.98
C LYS P 161 -60.15 -62.13 21.16
N ILE P 162 -61.30 -62.61 21.66
CA ILE P 162 -61.36 -63.66 22.67
C ILE P 162 -61.73 -64.99 22.00
N VAL P 163 -61.00 -66.07 22.32
CA VAL P 163 -61.25 -67.43 21.82
C VAL P 163 -61.49 -68.40 22.97
N PHE P 164 -62.65 -69.03 23.02
CA PHE P 164 -62.91 -70.12 23.97
C PHE P 164 -62.24 -71.43 23.54
N ASN P 165 -61.68 -72.17 24.49
CA ASN P 165 -61.00 -73.45 24.29
C ASN P 165 -61.42 -74.49 25.33
N HIS P 166 -62.72 -74.80 25.37
CA HIS P 166 -63.28 -75.83 26.25
C HIS P 166 -62.67 -77.21 25.96
N ASP P 167 -62.60 -78.08 26.98
CA ASP P 167 -61.76 -79.29 26.98
C ASP P 167 -61.90 -80.18 25.75
N ASN P 168 -63.12 -80.59 25.39
CA ASN P 168 -63.37 -81.48 24.25
C ASN P 168 -63.39 -80.76 22.90
N ARG P 169 -63.49 -79.43 22.90
CA ARG P 169 -63.99 -78.62 21.78
C ARG P 169 -62.89 -77.85 21.07
N LEU P 170 -61.70 -78.44 20.93
CA LEU P 170 -60.55 -77.82 20.27
C LEU P 170 -60.89 -77.30 18.86
N ASP P 171 -61.76 -78.00 18.12
CA ASP P 171 -62.18 -77.55 16.80
C ASP P 171 -62.93 -76.20 16.83
N ASP P 172 -63.68 -75.90 17.90
CA ASP P 172 -64.27 -74.56 18.07
C ASP P 172 -63.19 -73.49 18.25
N ALA P 173 -62.18 -73.76 19.08
CA ALA P 173 -61.09 -72.83 19.30
C ALA P 173 -60.32 -72.55 18.00
N VAL P 174 -59.99 -73.58 17.23
CA VAL P 174 -59.30 -73.43 15.94
C VAL P 174 -60.20 -72.75 14.91
N ARG P 175 -61.50 -73.05 14.88
CA ARG P 175 -62.46 -72.38 13.98
C ARG P 175 -62.62 -70.91 14.31
N ASP P 176 -62.55 -70.51 15.57
CA ASP P 176 -62.52 -69.09 15.95
C ASP P 176 -61.16 -68.43 15.68
N ALA P 177 -60.05 -69.16 15.84
CA ALA P 177 -58.71 -68.60 15.68
C ALA P 177 -58.33 -68.37 14.21
N ALA P 178 -58.57 -69.34 13.32
CA ALA P 178 -58.14 -69.26 11.92
C ALA P 178 -58.62 -67.99 11.15
N PRO P 179 -59.86 -67.49 11.34
CA PRO P 179 -60.32 -66.21 10.77
C PRO P 179 -59.44 -64.98 11.06
N VAL P 180 -58.63 -65.02 12.12
CA VAL P 180 -57.76 -63.89 12.48
C VAL P 180 -56.53 -63.80 11.58
N LEU P 181 -56.04 -64.95 11.11
CA LEU P 181 -54.73 -65.13 10.46
C LEU P 181 -54.69 -64.63 9.00
N ILE Q 4 42.33 -66.94 -0.14
CA ILE Q 4 42.76 -68.19 0.55
C ILE Q 4 43.62 -67.82 1.73
N VAL Q 5 43.50 -68.49 2.89
CA VAL Q 5 44.39 -68.30 4.03
C VAL Q 5 45.08 -69.61 4.38
N VAL Q 6 46.41 -69.63 4.44
CA VAL Q 6 47.18 -70.83 4.81
C VAL Q 6 47.73 -70.69 6.22
N THR Q 7 47.60 -71.75 7.02
CA THR Q 7 47.89 -71.72 8.47
C THR Q 7 48.55 -73.01 8.97
N GLY Q 8 49.27 -72.92 10.09
CA GLY Q 8 49.92 -74.06 10.71
C GLY Q 8 50.76 -73.70 11.94
N ILE Q 9 51.05 -74.70 12.77
CA ILE Q 9 51.88 -74.60 13.97
C ILE Q 9 53.38 -74.47 13.60
N PRO Q 10 54.17 -73.60 14.26
CA PRO Q 10 55.60 -73.50 14.03
C PRO Q 10 56.33 -74.84 14.14
N GLY Q 11 57.01 -75.24 13.06
CA GLY Q 11 57.65 -76.55 12.90
C GLY Q 11 56.91 -77.51 11.96
N VAL Q 12 55.66 -77.24 11.57
CA VAL Q 12 54.89 -78.13 10.68
C VAL Q 12 55.34 -78.08 9.21
N GLY Q 13 56.19 -77.13 8.82
CA GLY Q 13 56.71 -77.01 7.46
C GLY Q 13 55.79 -76.27 6.50
N LYS Q 14 54.96 -75.36 7.01
CA LYS Q 14 54.00 -74.54 6.27
C LYS Q 14 54.58 -73.92 5.01
N THR Q 15 55.73 -73.26 5.13
CA THR Q 15 56.32 -72.50 4.01
C THR Q 15 56.69 -73.39 2.84
N THR Q 16 57.25 -74.57 3.09
CA THR Q 16 57.62 -75.53 2.03
C THR Q 16 56.40 -75.97 1.24
N VAL Q 17 55.32 -76.40 1.90
CA VAL Q 17 54.10 -76.85 1.21
C VAL Q 17 53.46 -75.71 0.44
N MET Q 18 53.40 -74.50 1.01
CA MET Q 18 52.91 -73.32 0.30
C MET Q 18 53.74 -73.02 -0.94
N GLN Q 19 55.07 -72.96 -0.83
CA GLN Q 19 55.95 -72.64 -1.97
C GLN Q 19 55.82 -73.66 -3.10
N LYS Q 20 55.73 -74.96 -2.77
CA LYS Q 20 55.54 -76.03 -3.73
C LYS Q 20 54.16 -76.01 -4.40
N ALA Q 21 53.08 -75.85 -3.63
CA ALA Q 21 51.73 -75.82 -4.19
C ALA Q 21 51.48 -74.56 -5.04
N ALA Q 22 52.00 -73.41 -4.61
CA ALA Q 22 51.91 -72.14 -5.34
C ALA Q 22 52.78 -72.08 -6.60
N GLU Q 23 53.59 -73.10 -6.90
CA GLU Q 23 54.42 -73.15 -8.10
C GLU Q 23 53.57 -72.99 -9.37
N GLY Q 24 53.94 -72.03 -10.22
CA GLY Q 24 53.19 -71.69 -11.44
C GLY Q 24 51.85 -70.96 -11.23
N SER Q 25 51.46 -70.66 -9.98
CA SER Q 25 50.22 -69.94 -9.72
C SER Q 25 50.32 -68.45 -10.08
N PRO Q 26 49.28 -67.84 -10.66
CA PRO Q 26 49.19 -66.39 -10.84
C PRO Q 26 48.83 -65.62 -9.56
N LEU Q 27 48.59 -66.29 -8.42
CA LEU Q 27 48.15 -65.63 -7.19
C LEU Q 27 49.29 -64.85 -6.49
N PRO Q 28 49.04 -63.62 -6.01
CA PRO Q 28 49.96 -62.93 -5.12
C PRO Q 28 50.14 -63.66 -3.78
N ARG Q 29 51.30 -63.50 -3.14
CA ARG Q 29 51.72 -64.18 -1.90
C ARG Q 29 51.97 -63.16 -0.80
N VAL Q 30 51.29 -63.25 0.32
CA VAL Q 30 51.24 -62.15 1.30
C VAL Q 30 51.36 -62.65 2.74
N PRO Q 31 52.36 -62.24 3.52
CA PRO Q 31 52.36 -62.40 4.97
C PRO Q 31 51.55 -61.26 5.63
N LEU Q 32 50.55 -61.59 6.46
CA LEU Q 32 49.65 -60.57 7.02
C LEU Q 32 50.35 -59.60 7.98
N GLU Q 33 51.29 -60.09 8.78
CA GLU Q 33 52.05 -59.24 9.71
C GLU Q 33 52.91 -58.23 8.95
N GLY Q 34 53.48 -58.66 7.82
CA GLY Q 34 54.20 -57.82 6.90
C GLY Q 34 53.33 -56.67 6.37
N VAL Q 35 52.11 -56.96 5.91
CA VAL Q 35 51.18 -55.92 5.48
C VAL Q 35 50.82 -54.99 6.62
N MET Q 36 50.56 -55.51 7.82
CA MET Q 36 50.25 -54.66 8.96
C MET Q 36 51.40 -53.71 9.28
N TYR Q 37 52.64 -54.20 9.28
CA TYR Q 37 53.82 -53.35 9.44
C TYR Q 37 53.91 -52.30 8.33
N GLY Q 38 53.76 -52.70 7.07
CA GLY Q 38 53.76 -51.76 5.94
C GLY Q 38 52.68 -50.69 6.05
N VAL Q 39 51.46 -51.05 6.44
CA VAL Q 39 50.36 -50.10 6.63
C VAL Q 39 50.66 -49.15 7.79
N ALA Q 40 51.08 -49.66 8.95
CA ALA Q 40 51.41 -48.81 10.09
C ALA Q 40 52.59 -47.88 9.79
N LYS Q 41 53.63 -48.38 9.10
CA LYS Q 41 54.81 -47.63 8.68
C LYS Q 41 54.44 -46.49 7.73
N ARG Q 42 53.59 -46.75 6.73
CA ARG Q 42 53.13 -45.73 5.77
C ARG Q 42 52.09 -44.78 6.35
N MET Q 43 51.36 -45.19 7.38
CA MET Q 43 50.57 -44.30 8.25
C MET Q 43 51.44 -43.53 9.27
N GLY Q 44 52.76 -43.75 9.30
CA GLY Q 44 53.70 -43.06 10.19
C GLY Q 44 53.68 -43.49 11.65
N LEU Q 45 52.98 -44.58 11.98
CA LEU Q 45 52.77 -45.06 13.36
C LEU Q 45 54.01 -45.77 13.94
N VAL Q 46 54.88 -46.28 13.07
CA VAL Q 46 56.11 -47.03 13.40
C VAL Q 46 57.19 -46.77 12.35
N LYS Q 47 58.43 -47.13 12.67
CA LYS Q 47 59.54 -47.28 11.72
C LYS Q 47 60.09 -48.71 11.68
N ASP Q 48 60.04 -49.44 12.79
CA ASP Q 48 60.70 -50.74 12.93
C ASP Q 48 59.74 -51.90 13.27
N ILE Q 49 60.05 -53.11 12.81
CA ILE Q 49 59.16 -54.28 12.85
C ILE Q 49 58.74 -54.66 14.29
N ASP Q 50 59.62 -54.46 15.27
CA ASP Q 50 59.32 -54.71 16.68
C ASP Q 50 58.29 -53.74 17.27
N GLU Q 51 58.18 -52.51 16.74
CA GLU Q 51 57.28 -51.50 17.28
C GLU Q 51 55.80 -51.87 17.12
N MET Q 52 55.48 -52.80 16.24
CA MET Q 52 54.13 -53.34 16.07
C MET Q 52 53.56 -53.93 17.37
N ARG Q 53 54.41 -54.51 18.22
CA ARG Q 53 54.02 -55.04 19.54
C ARG Q 53 53.83 -53.96 20.60
N ARG Q 54 54.31 -52.73 20.33
CA ARG Q 54 54.30 -51.59 21.26
C ARG Q 54 53.10 -50.66 21.03
N LEU Q 55 52.39 -50.80 19.90
CA LEU Q 55 51.21 -50.00 19.58
C LEU Q 55 50.07 -50.21 20.58
N SER Q 56 49.23 -49.19 20.75
CA SER Q 56 47.99 -49.28 21.53
C SER Q 56 47.04 -50.29 20.90
N PRO Q 57 46.50 -51.28 21.63
CA PRO Q 57 45.67 -52.33 21.05
C PRO Q 57 44.49 -51.84 20.19
N ASP Q 58 43.80 -50.77 20.59
CA ASP Q 58 42.67 -50.24 19.82
C ASP Q 58 43.08 -49.44 18.57
N VAL Q 59 44.35 -49.02 18.47
CA VAL Q 59 44.95 -48.59 17.19
C VAL Q 59 45.32 -49.83 16.37
N GLN Q 60 45.85 -50.87 17.01
CA GLN Q 60 46.23 -52.12 16.33
C GLN Q 60 45.02 -52.82 15.70
N LYS Q 61 43.82 -52.75 16.30
CA LYS Q 61 42.58 -53.18 15.67
C LYS Q 61 42.32 -52.44 14.35
N GLU Q 62 42.53 -51.14 14.30
CA GLU Q 62 42.33 -50.39 13.06
C GLU Q 62 43.42 -50.68 12.03
N VAL Q 63 44.67 -50.93 12.44
CA VAL Q 63 45.71 -51.43 11.53
C VAL Q 63 45.32 -52.78 10.93
N GLN Q 64 44.81 -53.72 11.72
CA GLN Q 64 44.27 -54.97 11.20
C GLN Q 64 43.13 -54.72 10.21
N LYS Q 65 42.18 -53.85 10.55
CA LYS Q 65 41.05 -53.50 9.68
C LYS Q 65 41.52 -52.94 8.34
N LYS Q 66 42.44 -51.96 8.33
CA LYS Q 66 42.96 -51.34 7.11
C LYS Q 66 43.80 -52.31 6.29
N ALA Q 67 44.67 -53.11 6.93
CA ALA Q 67 45.41 -54.14 6.22
C ALA Q 67 44.47 -55.15 5.53
N ALA Q 68 43.43 -55.60 6.22
CA ALA Q 68 42.45 -56.48 5.63
C ALA Q 68 41.69 -55.82 4.47
N GLU Q 69 41.26 -54.56 4.60
CA GLU Q 69 40.62 -53.84 3.49
C GLU Q 69 41.50 -53.80 2.24
N ARG Q 70 42.80 -53.52 2.41
CA ARG Q 70 43.73 -53.42 1.28
C ARG Q 70 44.03 -54.78 0.66
N ILE Q 71 44.11 -55.84 1.46
CA ILE Q 71 44.24 -57.20 0.93
C ILE Q 71 42.93 -57.65 0.24
N ALA Q 72 41.76 -57.21 0.73
CA ALA Q 72 40.50 -57.48 0.05
C ALA Q 72 40.43 -56.78 -1.32
N ALA Q 73 40.91 -55.54 -1.42
CA ALA Q 73 40.96 -54.81 -2.68
C ALA Q 73 41.92 -55.47 -3.70
N LEU Q 74 43.03 -56.07 -3.25
CA LEU Q 74 43.95 -56.80 -4.11
C LEU Q 74 43.29 -58.02 -4.78
N GLY Q 75 42.21 -58.55 -4.21
CA GLY Q 75 41.47 -59.69 -4.73
C GLY Q 75 42.05 -61.05 -4.32
N ASP Q 76 41.89 -62.05 -5.17
CA ASP Q 76 42.24 -63.43 -4.88
C ASP Q 76 43.75 -63.56 -4.59
N VAL Q 77 44.13 -64.15 -3.45
CA VAL Q 77 45.47 -64.08 -2.85
C VAL Q 77 45.77 -65.32 -2.00
N ILE Q 78 47.04 -65.73 -1.90
CA ILE Q 78 47.47 -66.69 -0.88
C ILE Q 78 47.99 -65.90 0.30
N LEU Q 79 47.13 -65.65 1.27
CA LEU Q 79 47.50 -64.99 2.53
C LEU Q 79 48.11 -65.99 3.51
N ASP Q 80 49.06 -65.54 4.32
CA ASP Q 80 49.79 -66.37 5.27
C ASP Q 80 49.80 -65.72 6.67
N THR Q 81 49.35 -66.46 7.69
CA THR Q 81 49.48 -66.12 9.12
C THR Q 81 49.17 -67.34 9.99
N HIS Q 82 49.49 -67.33 11.29
CA HIS Q 82 49.04 -68.38 12.21
C HIS Q 82 47.55 -68.21 12.55
N CYS Q 83 46.80 -69.31 12.70
CA CYS Q 83 45.42 -69.25 13.16
C CYS Q 83 45.33 -69.05 14.69
N THR Q 84 46.23 -69.62 15.49
CA THR Q 84 46.44 -69.20 16.89
C THR Q 84 47.91 -69.10 17.24
N ILE Q 85 48.27 -68.06 17.98
CA ILE Q 85 49.64 -67.77 18.39
C ILE Q 85 49.77 -68.13 19.86
N LYS Q 86 50.74 -68.97 20.23
CA LYS Q 86 50.96 -69.27 21.65
C LYS Q 86 51.70 -68.12 22.34
N THR Q 87 51.24 -67.72 23.52
CA THR Q 87 51.79 -66.58 24.28
C THR Q 87 51.90 -66.94 25.76
N PRO Q 88 52.59 -66.16 26.61
CA PRO Q 88 52.65 -66.40 28.05
C PRO Q 88 51.28 -66.52 28.72
N LYS Q 89 50.28 -65.76 28.26
CA LYS Q 89 48.88 -65.84 28.71
C LYS Q 89 48.04 -66.89 27.97
N GLY Q 90 48.65 -67.81 27.22
CA GLY Q 90 47.95 -68.84 26.45
C GLY Q 90 47.74 -68.49 24.98
N TYR Q 91 46.81 -69.18 24.32
CA TYR Q 91 46.56 -69.03 22.89
C TYR Q 91 45.85 -67.72 22.55
N LEU Q 92 46.35 -67.01 21.56
CA LEU Q 92 45.76 -65.79 21.01
C LEU Q 92 45.18 -66.08 19.62
N PRO Q 93 43.90 -65.81 19.33
CA PRO Q 93 43.35 -65.91 17.99
C PRO Q 93 44.08 -65.02 16.98
N GLY Q 94 44.55 -65.60 15.88
CA GLY Q 94 45.28 -64.89 14.84
C GLY Q 94 44.40 -64.02 13.96
N LEU Q 95 43.12 -64.36 13.79
CA LEU Q 95 42.18 -63.67 12.90
C LEU Q 95 40.90 -63.29 13.65
N PRO Q 96 40.85 -62.13 14.33
CA PRO Q 96 39.63 -61.62 14.93
C PRO Q 96 38.51 -61.43 13.91
N ARG Q 97 37.26 -61.40 14.37
CA ARG Q 97 36.07 -61.18 13.53
C ARG Q 97 36.19 -59.96 12.60
N TRP Q 98 36.73 -58.83 13.07
CA TRP Q 98 36.89 -57.64 12.24
C TRP Q 98 37.87 -57.83 11.08
N VAL Q 99 38.76 -58.83 11.10
CA VAL Q 99 39.55 -59.21 9.93
C VAL Q 99 38.69 -60.02 8.96
N LEU Q 100 37.99 -61.05 9.44
CA LEU Q 100 37.13 -61.90 8.60
C LEU Q 100 36.03 -61.10 7.88
N GLU Q 101 35.41 -60.15 8.54
CA GLU Q 101 34.39 -59.30 7.92
C GLU Q 101 34.93 -58.45 6.76
N LYS Q 102 36.25 -58.20 6.69
CA LYS Q 102 36.91 -57.51 5.59
C LYS Q 102 37.46 -58.45 4.52
N LEU Q 103 38.26 -59.47 4.90
CA LEU Q 103 38.83 -60.42 3.94
C LEU Q 103 37.78 -61.29 3.25
N ARG Q 104 36.77 -61.74 4.00
CA ARG Q 104 35.75 -62.69 3.57
C ARG Q 104 36.35 -63.92 2.87
N PRO Q 105 37.24 -64.69 3.55
CA PRO Q 105 37.97 -65.78 2.92
C PRO Q 105 37.08 -66.83 2.26
N SER Q 106 37.50 -67.38 1.13
CA SER Q 106 36.83 -68.54 0.52
C SER Q 106 37.29 -69.87 1.14
N VAL Q 107 38.55 -69.96 1.57
CA VAL Q 107 39.11 -71.16 2.17
C VAL Q 107 40.07 -70.80 3.29
N ILE Q 108 40.03 -71.58 4.36
CA ILE Q 108 41.08 -71.68 5.38
C ILE Q 108 41.77 -73.03 5.18
N LEU Q 109 43.09 -73.05 5.06
CA LEU Q 109 43.86 -74.27 4.93
C LEU Q 109 44.71 -74.46 6.18
N LEU Q 110 44.61 -75.62 6.79
CA LEU Q 110 45.31 -75.97 8.02
C LEU Q 110 46.29 -77.12 7.77
N VAL Q 111 47.57 -76.89 8.02
CA VAL Q 111 48.63 -77.89 7.81
C VAL Q 111 48.92 -78.61 9.13
N GLU Q 112 49.04 -79.94 9.09
CA GLU Q 112 49.27 -80.79 10.26
C GLU Q 112 50.34 -81.85 10.00
N ALA Q 113 51.00 -82.30 11.06
CA ALA Q 113 51.91 -83.42 11.08
C ALA Q 113 51.81 -84.10 12.46
N ASP Q 114 52.36 -85.30 12.64
CA ASP Q 114 52.29 -85.95 13.95
C ASP Q 114 53.07 -85.17 15.02
N PRO Q 115 52.54 -84.97 16.24
CA PRO Q 115 53.27 -84.35 17.34
C PRO Q 115 54.68 -84.90 17.55
N LYS Q 116 54.91 -86.19 17.37
CA LYS Q 116 56.23 -86.80 17.47
C LYS Q 116 57.18 -86.35 16.36
N GLU Q 117 56.69 -86.22 15.13
CA GLU Q 117 57.47 -85.64 14.04
C GLU Q 117 57.84 -84.19 14.34
N ILE Q 118 56.85 -83.39 14.76
CA ILE Q 118 57.04 -81.96 15.05
C ILE Q 118 58.03 -81.79 16.21
N TYR Q 119 57.91 -82.60 17.26
CA TYR Q 119 58.86 -82.59 18.36
C TYR Q 119 60.27 -82.93 17.88
N GLY Q 120 60.42 -83.92 17.00
CA GLY Q 120 61.70 -84.24 16.36
C GLY Q 120 62.28 -83.07 15.57
N ARG Q 121 61.48 -82.39 14.75
CA ARG Q 121 61.93 -81.20 14.00
C ARG Q 121 62.35 -80.06 14.93
N ARG Q 122 61.59 -79.82 16.00
CA ARG Q 122 61.88 -78.77 17.00
C ARG Q 122 63.12 -79.09 17.83
N LEU Q 123 63.36 -80.36 18.13
CA LEU Q 123 64.58 -80.82 18.81
C LEU Q 123 65.82 -80.62 17.93
N LYS Q 124 65.68 -80.86 16.62
CA LYS Q 124 66.72 -80.68 15.58
C LYS Q 124 66.85 -79.22 15.11
N ASP Q 125 66.88 -78.28 16.03
CA ASP Q 125 67.00 -76.84 15.77
C ASP Q 125 67.92 -76.15 16.78
N ASP Q 133 57.99 -77.44 23.86
CA ASP Q 133 56.70 -78.00 24.26
C ASP Q 133 56.76 -79.54 24.28
N SER Q 134 56.01 -80.19 25.15
CA SER Q 134 55.78 -81.64 25.06
C SER Q 134 54.94 -82.00 23.82
N GLU Q 135 54.94 -83.27 23.47
CA GLU Q 135 54.04 -83.80 22.42
C GLU Q 135 52.57 -83.60 22.80
N GLU Q 136 52.24 -83.61 24.09
CA GLU Q 136 50.90 -83.32 24.59
C GLU Q 136 50.52 -81.86 24.34
N GLU Q 137 51.42 -80.92 24.62
CA GLU Q 137 51.18 -79.50 24.35
C GLU Q 137 51.15 -79.19 22.85
N ILE Q 138 51.89 -79.94 22.03
CA ILE Q 138 51.77 -79.85 20.57
C ILE Q 138 50.39 -80.34 20.12
N ALA Q 139 49.96 -81.51 20.58
CA ALA Q 139 48.64 -82.06 20.25
C ALA Q 139 47.50 -81.16 20.72
N GLU Q 140 47.66 -80.52 21.87
CA GLU Q 140 46.74 -79.49 22.35
C GLU Q 140 46.69 -78.31 21.38
N HIS Q 141 47.83 -77.73 20.99
CA HIS Q 141 47.83 -76.59 20.09
C HIS Q 141 47.17 -76.92 18.75
N GLN Q 142 47.40 -78.12 18.21
CA GLN Q 142 46.69 -78.58 17.01
C GLN Q 142 45.18 -78.65 17.24
N MET Q 143 44.71 -79.28 18.30
CA MET Q 143 43.28 -79.35 18.59
C MET Q 143 42.67 -77.95 18.75
N MET Q 144 43.35 -77.03 19.43
CA MET Q 144 42.88 -75.66 19.53
C MET Q 144 42.82 -74.98 18.16
N ASN Q 145 43.77 -75.25 17.26
CA ASN Q 145 43.68 -74.71 15.90
C ASN Q 145 42.47 -75.23 15.14
N ARG Q 146 42.13 -76.52 15.25
CA ARG Q 146 40.90 -77.05 14.61
C ARG Q 146 39.65 -76.32 15.08
N ALA Q 147 39.54 -76.07 16.38
CA ALA Q 147 38.43 -75.29 16.92
C ALA Q 147 38.44 -73.86 16.37
N ALA Q 148 39.59 -73.21 16.35
CA ALA Q 148 39.71 -71.85 15.81
C ALA Q 148 39.32 -71.77 14.34
N ALA Q 149 39.81 -72.70 13.51
CA ALA Q 149 39.48 -72.74 12.10
C ALA Q 149 37.96 -72.90 11.89
N MET Q 150 37.32 -73.83 12.59
CA MET Q 150 35.90 -74.05 12.39
C MET Q 150 35.05 -72.90 12.94
N ALA Q 151 35.49 -72.24 14.01
CA ALA Q 151 34.86 -71.00 14.44
C ALA Q 151 34.95 -69.92 13.36
N TYR Q 152 36.14 -69.71 12.76
CA TYR Q 152 36.31 -68.78 11.64
C TYR Q 152 35.41 -69.12 10.46
N ALA Q 153 35.31 -70.41 10.13
CA ALA Q 153 34.46 -70.88 9.06
C ALA Q 153 33.01 -70.47 9.30
N SER Q 154 32.47 -70.76 10.48
CA SER Q 154 31.09 -70.43 10.83
C SER Q 154 30.77 -68.92 10.80
N LEU Q 155 31.77 -68.07 11.06
CA LEU Q 155 31.63 -66.62 11.00
C LEU Q 155 31.62 -66.06 9.57
N SER Q 156 32.08 -66.81 8.58
CA SER Q 156 32.48 -66.28 7.28
C SER Q 156 31.97 -67.04 6.06
N GLY Q 157 31.53 -68.28 6.21
CA GLY Q 157 31.25 -69.18 5.10
C GLY Q 157 32.49 -69.76 4.41
N ALA Q 158 33.69 -69.54 4.93
CA ALA Q 158 34.90 -70.15 4.39
C ALA Q 158 34.89 -71.68 4.53
N THR Q 159 35.39 -72.38 3.52
CA THR Q 159 35.61 -73.83 3.62
C THR Q 159 36.86 -74.12 4.47
N VAL Q 160 36.96 -75.25 5.16
CA VAL Q 160 38.18 -75.65 5.90
C VAL Q 160 38.80 -76.92 5.34
N LYS Q 161 40.06 -76.87 4.92
CA LYS Q 161 40.82 -78.02 4.42
C LYS Q 161 41.95 -78.37 5.39
N ILE Q 162 42.11 -79.64 5.72
CA ILE Q 162 43.25 -80.13 6.51
C ILE Q 162 44.24 -80.85 5.58
N VAL Q 163 45.54 -80.55 5.70
CA VAL Q 163 46.61 -81.13 4.88
C VAL Q 163 47.68 -81.76 5.77
N PHE Q 164 47.92 -83.07 5.62
CA PHE Q 164 49.03 -83.74 6.29
C PHE Q 164 50.38 -83.47 5.61
N ASN Q 165 51.44 -83.27 6.38
CA ASN Q 165 52.79 -83.00 5.89
C ASN Q 165 53.86 -83.82 6.66
N HIS Q 166 53.72 -85.14 6.64
CA HIS Q 166 54.68 -86.06 7.25
C HIS Q 166 56.08 -85.97 6.62
N ASP Q 167 57.14 -86.26 7.39
CA ASP Q 167 58.53 -85.97 7.01
C ASP Q 167 58.94 -86.51 5.63
N ASN Q 168 58.67 -87.79 5.36
CA ASN Q 168 59.08 -88.45 4.13
C ASN Q 168 58.18 -88.12 2.91
N ARG Q 169 57.09 -87.37 3.10
CA ARG Q 169 55.90 -87.42 2.24
C ARG Q 169 55.42 -86.05 1.78
N LEU Q 170 56.34 -85.11 1.53
CA LEU Q 170 56.02 -83.76 1.04
C LEU Q 170 55.10 -83.78 -0.19
N ASP Q 171 55.27 -84.74 -1.10
CA ASP Q 171 54.41 -84.86 -2.28
C ASP Q 171 52.93 -85.08 -1.92
N ASP Q 172 52.62 -85.77 -0.83
CA ASP Q 172 51.23 -85.91 -0.36
C ASP Q 172 50.65 -84.56 0.06
N ALA Q 173 51.42 -83.75 0.80
CA ALA Q 173 51.01 -82.41 1.19
C ALA Q 173 50.75 -81.53 -0.04
N VAL Q 174 51.67 -81.53 -1.02
CA VAL Q 174 51.53 -80.72 -2.24
C VAL Q 174 50.35 -81.20 -3.08
N ARG Q 175 50.16 -82.52 -3.21
CA ARG Q 175 49.03 -83.11 -3.92
C ARG Q 175 47.68 -82.80 -3.27
N ASP Q 176 47.61 -82.72 -1.94
CA ASP Q 176 46.41 -82.26 -1.25
C ASP Q 176 46.21 -80.74 -1.34
N ALA Q 177 47.28 -79.96 -1.39
CA ALA Q 177 47.20 -78.49 -1.42
C ALA Q 177 46.81 -77.93 -2.80
N ALA Q 178 47.40 -78.42 -3.89
CA ALA Q 178 47.18 -77.87 -5.23
C ALA Q 178 45.69 -77.84 -5.69
N PRO Q 179 44.84 -78.84 -5.39
CA PRO Q 179 43.40 -78.80 -5.67
C PRO Q 179 42.63 -77.61 -5.10
N VAL Q 180 43.16 -76.93 -4.07
CA VAL Q 180 42.48 -75.79 -3.43
C VAL Q 180 42.57 -74.51 -4.29
N LEU Q 181 43.64 -74.38 -5.07
CA LEU Q 181 44.09 -73.15 -5.75
C LEU Q 181 43.32 -72.83 -7.03
N ILE R 4 -15.65 -65.94 -40.87
CA ILE R 4 -16.22 -66.56 -42.09
C ILE R 4 -17.72 -66.31 -42.12
N VAL R 5 -18.33 -66.13 -43.29
CA VAL R 5 -19.79 -66.08 -43.46
C VAL R 5 -20.23 -67.14 -44.47
N VAL R 6 -21.25 -67.94 -44.15
CA VAL R 6 -21.81 -68.94 -45.07
C VAL R 6 -23.21 -68.53 -45.50
N THR R 7 -23.52 -68.66 -46.80
CA THR R 7 -24.76 -68.13 -47.39
C THR R 7 -25.31 -69.03 -48.49
N GLY R 8 -26.61 -68.95 -48.75
CA GLY R 8 -27.28 -69.74 -49.79
C GLY R 8 -28.78 -69.50 -49.89
N ILE R 9 -29.36 -69.86 -51.04
CA ILE R 9 -30.80 -69.81 -51.31
C ILE R 9 -31.55 -70.91 -50.54
N PRO R 10 -32.73 -70.65 -49.94
CA PRO R 10 -33.54 -71.68 -49.30
C PRO R 10 -33.82 -72.87 -50.23
N GLY R 11 -33.43 -74.07 -49.77
CA GLY R 11 -33.47 -75.33 -50.54
C GLY R 11 -32.10 -75.83 -51.01
N VAL R 12 -31.05 -75.01 -50.98
CA VAL R 12 -29.72 -75.42 -51.50
C VAL R 12 -28.96 -76.40 -50.59
N GLY R 13 -29.42 -76.62 -49.37
CA GLY R 13 -28.82 -77.58 -48.43
C GLY R 13 -27.69 -77.00 -47.58
N LYS R 14 -27.72 -75.68 -47.34
CA LYS R 14 -26.70 -74.91 -46.62
C LYS R 14 -26.26 -75.56 -45.31
N THR R 15 -27.21 -75.94 -44.46
CA THR R 15 -26.92 -76.47 -43.11
C THR R 15 -26.16 -77.78 -43.17
N THR R 16 -26.52 -78.68 -44.09
CA THR R 16 -25.84 -79.97 -44.26
C THR R 16 -24.37 -79.79 -44.61
N VAL R 17 -24.05 -78.97 -45.62
CA VAL R 17 -22.66 -78.74 -46.01
C VAL R 17 -21.88 -78.03 -44.91
N MET R 18 -22.48 -77.03 -44.25
CA MET R 18 -21.85 -76.35 -43.13
C MET R 18 -21.48 -77.33 -42.02
N GLN R 19 -22.42 -78.13 -41.53
CA GLN R 19 -22.17 -79.02 -40.40
C GLN R 19 -21.20 -80.15 -40.72
N LYS R 20 -21.24 -80.69 -41.94
CA LYS R 20 -20.27 -81.70 -42.38
C LYS R 20 -18.85 -81.12 -42.48
N ALA R 21 -18.66 -79.93 -43.05
CA ALA R 21 -17.35 -79.31 -43.13
C ALA R 21 -16.85 -78.82 -41.75
N ALA R 22 -17.75 -78.32 -40.90
CA ALA R 22 -17.43 -77.90 -39.53
C ALA R 22 -17.10 -79.06 -38.57
N GLU R 23 -17.26 -80.33 -38.99
CA GLU R 23 -16.97 -81.49 -38.15
C GLU R 23 -15.51 -81.49 -37.67
N GLY R 24 -15.30 -81.58 -36.36
CA GLY R 24 -13.97 -81.49 -35.73
C GLY R 24 -13.35 -80.09 -35.72
N SER R 25 -14.03 -79.05 -36.19
CA SER R 25 -13.52 -77.68 -36.12
C SER R 25 -13.66 -77.09 -34.71
N PRO R 26 -12.68 -76.32 -34.21
CA PRO R 26 -12.82 -75.54 -32.99
C PRO R 26 -13.69 -74.27 -33.15
N LEU R 27 -14.13 -73.92 -34.36
CA LEU R 27 -14.88 -72.68 -34.59
C LEU R 27 -16.30 -72.72 -33.99
N PRO R 28 -16.76 -71.66 -33.30
CA PRO R 28 -18.16 -71.51 -32.92
C PRO R 28 -19.05 -71.31 -34.14
N ARG R 29 -20.34 -71.66 -34.04
CA ARG R 29 -21.32 -71.39 -35.11
C ARG R 29 -22.44 -70.50 -34.61
N VAL R 30 -22.89 -69.57 -35.45
CA VAL R 30 -23.77 -68.49 -35.00
C VAL R 30 -24.80 -68.15 -36.08
N PRO R 31 -26.12 -68.25 -35.82
CA PRO R 31 -27.12 -67.63 -36.68
C PRO R 31 -27.22 -66.14 -36.36
N LEU R 32 -27.05 -65.25 -37.35
CA LEU R 32 -27.01 -63.80 -37.10
C LEU R 32 -28.35 -63.26 -36.60
N GLU R 33 -29.47 -63.78 -37.12
CA GLU R 33 -30.81 -63.38 -36.68
C GLU R 33 -31.04 -63.77 -35.22
N GLY R 34 -30.53 -64.93 -34.81
CA GLY R 34 -30.54 -65.39 -33.43
C GLY R 34 -29.79 -64.44 -32.50
N VAL R 35 -28.59 -63.99 -32.88
CA VAL R 35 -27.86 -62.99 -32.08
C VAL R 35 -28.59 -61.66 -32.04
N MET R 36 -29.17 -61.20 -33.15
CA MET R 36 -29.95 -59.97 -33.14
C MET R 36 -31.12 -60.06 -32.16
N TYR R 37 -31.85 -61.18 -32.16
CA TYR R 37 -32.91 -61.43 -31.18
C TYR R 37 -32.38 -61.42 -29.76
N GLY R 38 -31.30 -62.14 -29.48
CA GLY R 38 -30.65 -62.15 -28.16
C GLY R 38 -30.22 -60.77 -27.68
N VAL R 39 -29.57 -59.99 -28.55
CA VAL R 39 -29.14 -58.63 -28.22
C VAL R 39 -30.34 -57.72 -27.96
N ALA R 40 -31.35 -57.73 -28.83
CA ALA R 40 -32.56 -56.92 -28.62
C ALA R 40 -33.33 -57.33 -27.35
N LYS R 41 -33.45 -58.63 -27.10
CA LYS R 41 -34.10 -59.21 -25.90
C LYS R 41 -33.39 -58.77 -24.62
N ARG R 42 -32.06 -58.84 -24.59
CA ARG R 42 -31.26 -58.43 -23.42
C ARG R 42 -31.15 -56.92 -23.24
N MET R 43 -31.30 -56.15 -24.32
CA MET R 43 -31.56 -54.71 -24.27
C MET R 43 -33.01 -54.35 -23.91
N GLY R 44 -33.90 -55.35 -23.73
CA GLY R 44 -35.29 -55.16 -23.33
C GLY R 44 -36.24 -54.68 -24.44
N LEU R 45 -35.79 -54.66 -25.69
CA LEU R 45 -36.54 -54.11 -26.84
C LEU R 45 -37.67 -55.03 -27.31
N VAL R 46 -37.56 -56.33 -27.04
CA VAL R 46 -38.48 -57.40 -27.43
C VAL R 46 -38.50 -58.50 -26.38
N LYS R 47 -39.47 -59.40 -26.45
CA LYS R 47 -39.49 -60.69 -25.75
C LYS R 47 -39.60 -61.88 -26.70
N ASP R 48 -40.21 -61.72 -27.87
CA ASP R 48 -40.51 -62.83 -28.79
C ASP R 48 -39.86 -62.63 -30.17
N ILE R 49 -39.47 -63.73 -30.84
CA ILE R 49 -38.67 -63.71 -32.07
C ILE R 49 -39.38 -62.98 -33.22
N ASP R 50 -40.71 -63.05 -33.31
CA ASP R 50 -41.48 -62.34 -34.33
C ASP R 50 -41.48 -60.82 -34.14
N GLU R 51 -41.23 -60.32 -32.94
CA GLU R 51 -41.18 -58.87 -32.67
C GLU R 51 -39.98 -58.20 -33.34
N MET R 52 -38.96 -58.97 -33.73
CA MET R 52 -37.82 -58.46 -34.49
C MET R 52 -38.24 -57.82 -35.82
N ARG R 53 -39.31 -58.31 -36.45
CA ARG R 53 -39.88 -57.74 -37.68
C ARG R 53 -40.72 -56.48 -37.43
N ARG R 54 -41.12 -56.24 -36.18
CA ARG R 54 -41.96 -55.12 -35.74
C ARG R 54 -41.14 -53.91 -35.27
N LEU R 55 -39.84 -54.08 -35.03
CA LEU R 55 -38.95 -53.01 -34.56
C LEU R 55 -38.86 -51.84 -35.54
N SER R 56 -38.66 -50.64 -35.00
CA SER R 56 -38.38 -49.43 -35.79
C SER R 56 -37.10 -49.61 -36.62
N PRO R 57 -37.08 -49.31 -37.92
CA PRO R 57 -35.93 -49.56 -38.78
C PRO R 57 -34.60 -49.01 -38.26
N ASP R 58 -34.57 -47.79 -37.73
CA ASP R 58 -33.33 -47.20 -37.22
C ASP R 58 -32.88 -47.77 -35.86
N VAL R 59 -33.79 -48.35 -35.09
CA VAL R 59 -33.42 -49.20 -33.95
C VAL R 59 -32.82 -50.50 -34.47
N GLN R 60 -33.43 -51.10 -35.50
CA GLN R 60 -32.95 -52.35 -36.09
C GLN R 60 -31.54 -52.23 -36.68
N LYS R 61 -31.17 -51.08 -37.27
CA LYS R 61 -29.78 -50.79 -37.67
C LYS R 61 -28.83 -50.85 -36.48
N GLU R 62 -29.18 -50.26 -35.35
CA GLU R 62 -28.32 -50.29 -34.17
C GLU R 62 -28.25 -51.68 -33.53
N VAL R 63 -29.34 -52.46 -33.53
CA VAL R 63 -29.29 -53.87 -33.13
C VAL R 63 -28.36 -54.66 -34.05
N GLN R 64 -28.44 -54.47 -35.37
CA GLN R 64 -27.51 -55.08 -36.30
C GLN R 64 -26.06 -54.67 -36.01
N LYS R 65 -25.80 -53.38 -35.77
CA LYS R 65 -24.47 -52.87 -35.43
C LYS R 65 -23.92 -53.53 -34.16
N LYS R 66 -24.71 -53.58 -33.08
CA LYS R 66 -24.28 -54.20 -31.81
C LYS R 66 -24.09 -55.71 -31.92
N ALA R 67 -24.99 -56.41 -32.59
CA ALA R 67 -24.82 -57.84 -32.85
C ALA R 67 -23.50 -58.10 -33.62
N ALA R 68 -23.20 -57.30 -34.63
CA ALA R 68 -21.97 -57.42 -35.37
C ALA R 68 -20.74 -57.11 -34.48
N GLU R 69 -20.74 -56.05 -33.68
CA GLU R 69 -19.64 -55.74 -32.77
C GLU R 69 -19.38 -56.89 -31.79
N ARG R 70 -20.43 -57.48 -31.22
CA ARG R 70 -20.30 -58.58 -30.26
C ARG R 70 -19.82 -59.87 -30.92
N ILE R 71 -20.22 -60.15 -32.16
CA ILE R 71 -19.66 -61.28 -32.90
C ILE R 71 -18.20 -60.98 -33.32
N ALA R 72 -17.85 -59.74 -33.62
CA ALA R 72 -16.45 -59.38 -33.89
C ALA R 72 -15.56 -59.59 -32.66
N ALA R 73 -16.03 -59.24 -31.47
CA ALA R 73 -15.29 -59.46 -30.23
C ALA R 73 -15.04 -60.95 -29.93
N LEU R 74 -16.00 -61.82 -30.26
CA LEU R 74 -15.85 -63.28 -30.14
C LEU R 74 -14.70 -63.84 -31.00
N GLY R 75 -14.31 -63.12 -32.05
CA GLY R 75 -13.27 -63.55 -32.98
C GLY R 75 -13.76 -64.49 -34.07
N ASP R 76 -12.88 -65.38 -34.53
CA ASP R 76 -13.12 -66.19 -35.71
C ASP R 76 -14.26 -67.20 -35.49
N VAL R 77 -15.21 -67.23 -36.42
CA VAL R 77 -16.55 -67.83 -36.26
C VAL R 77 -17.11 -68.29 -37.60
N ILE R 78 -17.95 -69.33 -37.63
CA ILE R 78 -18.77 -69.66 -38.80
C ILE R 78 -20.12 -68.98 -38.63
N LEU R 79 -20.24 -67.74 -39.10
CA LEU R 79 -21.50 -67.01 -39.10
C LEU R 79 -22.43 -67.54 -40.19
N ASP R 80 -23.72 -67.59 -39.92
CA ASP R 80 -24.74 -68.06 -40.86
C ASP R 80 -25.87 -67.03 -41.03
N THR R 81 -26.13 -66.62 -42.28
CA THR R 81 -27.27 -65.77 -42.68
C THR R 81 -27.46 -65.81 -44.20
N HIS R 82 -28.60 -65.37 -44.73
CA HIS R 82 -28.78 -65.19 -46.18
C HIS R 82 -28.05 -63.95 -46.70
N CYS R 83 -27.46 -64.01 -47.90
CA CYS R 83 -26.88 -62.83 -48.55
C CYS R 83 -27.94 -61.93 -49.19
N THR R 84 -29.01 -62.49 -49.77
CA THR R 84 -30.23 -61.73 -50.07
C THR R 84 -31.49 -62.50 -49.68
N ILE R 85 -32.45 -61.81 -49.09
CA ILE R 85 -33.72 -62.38 -48.65
C ILE R 85 -34.77 -61.94 -49.65
N LYS R 86 -35.54 -62.86 -50.23
CA LYS R 86 -36.64 -62.51 -51.13
C LYS R 86 -37.86 -62.04 -50.33
N THR R 87 -38.44 -60.92 -50.71
CA THR R 87 -39.57 -60.28 -49.99
C THR R 87 -40.64 -59.81 -50.99
N PRO R 88 -41.85 -59.43 -50.56
CA PRO R 88 -42.89 -58.90 -51.46
C PRO R 88 -42.42 -57.73 -52.33
N LYS R 89 -41.58 -56.84 -51.79
CA LYS R 89 -40.95 -55.72 -52.52
C LYS R 89 -39.65 -56.09 -53.24
N GLY R 90 -39.34 -57.36 -53.41
CA GLY R 90 -38.12 -57.84 -54.09
C GLY R 90 -37.00 -58.25 -53.13
N TYR R 91 -35.78 -58.33 -53.65
CA TYR R 91 -34.61 -58.79 -52.91
C TYR R 91 -34.12 -57.76 -51.90
N LEU R 92 -33.89 -58.19 -50.66
CA LEU R 92 -33.33 -57.38 -49.58
C LEU R 92 -31.89 -57.82 -49.29
N PRO R 93 -30.89 -56.93 -49.34
CA PRO R 93 -29.52 -57.24 -48.93
C PRO R 93 -29.43 -57.72 -47.49
N GLY R 94 -28.82 -58.88 -47.26
CA GLY R 94 -28.71 -59.49 -45.93
C GLY R 94 -27.59 -58.89 -45.05
N LEU R 95 -26.57 -58.28 -45.65
CA LEU R 95 -25.44 -57.68 -44.93
C LEU R 95 -25.23 -56.21 -45.34
N PRO R 96 -25.99 -55.26 -44.79
CA PRO R 96 -25.73 -53.85 -45.01
C PRO R 96 -24.32 -53.43 -44.58
N ARG R 97 -23.80 -52.36 -45.17
CA ARG R 97 -22.45 -51.85 -44.89
C ARG R 97 -22.16 -51.61 -43.40
N TRP R 98 -23.13 -51.14 -42.62
CA TRP R 98 -22.96 -50.93 -41.18
C TRP R 98 -22.78 -52.23 -40.40
N VAL R 99 -23.23 -53.38 -40.89
CA VAL R 99 -22.83 -54.70 -40.35
C VAL R 99 -21.42 -55.03 -40.81
N LEU R 100 -21.19 -54.94 -42.10
CA LEU R 100 -20.02 -55.51 -42.76
C LEU R 100 -18.70 -54.86 -42.31
N GLU R 101 -18.69 -53.56 -42.06
CA GLU R 101 -17.53 -52.85 -41.51
C GLU R 101 -17.16 -53.29 -40.08
N LYS R 102 -18.09 -53.89 -39.32
CA LYS R 102 -17.83 -54.44 -37.99
C LYS R 102 -17.33 -55.87 -38.05
N LEU R 103 -17.97 -56.74 -38.84
CA LEU R 103 -17.55 -58.13 -38.97
C LEU R 103 -16.19 -58.28 -39.67
N ARG R 104 -15.95 -57.52 -40.75
CA ARG R 104 -14.76 -57.61 -41.60
C ARG R 104 -14.42 -59.04 -42.02
N PRO R 105 -15.32 -59.79 -42.69
CA PRO R 105 -15.10 -61.18 -43.03
C PRO R 105 -13.83 -61.41 -43.83
N SER R 106 -13.11 -62.51 -43.58
CA SER R 106 -12.04 -62.96 -44.47
C SER R 106 -12.57 -63.73 -45.66
N VAL R 107 -13.70 -64.43 -45.50
CA VAL R 107 -14.36 -65.18 -46.58
C VAL R 107 -15.86 -65.03 -46.51
N ILE R 108 -16.49 -64.87 -47.67
CA ILE R 108 -17.90 -65.12 -47.89
C ILE R 108 -18.01 -66.41 -48.69
N LEU R 109 -18.78 -67.37 -48.23
CA LEU R 109 -19.00 -68.63 -48.92
C LEU R 109 -20.42 -68.67 -49.44
N LEU R 110 -20.58 -68.97 -50.72
CA LEU R 110 -21.86 -69.02 -51.42
C LEU R 110 -22.12 -70.45 -51.92
N VAL R 111 -23.21 -71.06 -51.46
CA VAL R 111 -23.56 -72.43 -51.83
C VAL R 111 -24.54 -72.42 -53.01
N GLU R 112 -24.30 -73.24 -54.03
CA GLU R 112 -25.13 -73.32 -55.24
C GLU R 112 -25.48 -74.76 -55.61
N ALA R 113 -26.63 -74.95 -56.25
CA ALA R 113 -27.08 -76.19 -56.89
C ALA R 113 -27.89 -75.83 -58.14
N ASP R 114 -28.13 -76.77 -59.05
CA ASP R 114 -28.86 -76.44 -60.27
C ASP R 114 -30.32 -76.00 -59.97
N PRO R 115 -30.87 -74.98 -60.64
CA PRO R 115 -32.25 -74.57 -60.45
C PRO R 115 -33.26 -75.72 -60.54
N LYS R 116 -33.03 -76.72 -61.40
CA LYS R 116 -33.88 -77.91 -61.52
C LYS R 116 -33.79 -78.82 -60.29
N GLU R 117 -32.60 -78.98 -59.71
CA GLU R 117 -32.44 -79.69 -58.45
C GLU R 117 -33.18 -78.96 -57.33
N ILE R 118 -32.96 -77.65 -57.19
CA ILE R 118 -33.60 -76.84 -56.16
C ILE R 118 -35.11 -76.86 -56.31
N TYR R 119 -35.61 -76.73 -57.54
CA TYR R 119 -37.04 -76.84 -57.82
C TYR R 119 -37.58 -78.22 -57.42
N GLY R 120 -36.85 -79.30 -57.73
CA GLY R 120 -37.20 -80.65 -57.26
C GLY R 120 -37.28 -80.75 -55.74
N ARG R 121 -36.29 -80.23 -55.00
CA ARG R 121 -36.32 -80.22 -53.53
C ARG R 121 -37.48 -79.41 -52.99
N ARG R 122 -37.74 -78.23 -53.55
CA ARG R 122 -38.88 -77.37 -53.16
C ARG R 122 -40.23 -78.02 -53.48
N LEU R 123 -40.34 -78.71 -54.60
CA LEU R 123 -41.55 -79.42 -55.00
C LEU R 123 -41.88 -80.57 -54.04
N LYS R 124 -40.86 -81.27 -53.53
CA LYS R 124 -40.99 -82.36 -52.56
C LYS R 124 -41.20 -81.90 -51.11
N ASP R 125 -40.93 -80.64 -50.79
CA ASP R 125 -41.19 -80.07 -49.47
C ASP R 125 -42.71 -79.89 -49.21
N ASP R 133 -41.46 -70.71 -56.71
CA ASP R 133 -40.77 -69.96 -57.76
C ASP R 133 -40.52 -70.86 -58.98
N SER R 134 -40.51 -70.29 -60.19
CA SER R 134 -40.01 -70.99 -61.37
C SER R 134 -38.50 -71.21 -61.29
N GLU R 135 -37.99 -72.13 -62.11
CA GLU R 135 -36.54 -72.31 -62.30
C GLU R 135 -35.88 -71.01 -62.78
N GLU R 136 -36.58 -70.19 -63.56
CA GLU R 136 -36.08 -68.90 -64.01
C GLU R 136 -35.93 -67.92 -62.85
N GLU R 137 -36.91 -67.86 -61.95
CA GLU R 137 -36.83 -67.02 -60.75
C GLU R 137 -35.79 -67.55 -59.74
N ILE R 138 -35.56 -68.86 -59.70
CA ILE R 138 -34.45 -69.43 -58.93
C ILE R 138 -33.11 -69.00 -59.52
N ALA R 139 -32.92 -69.16 -60.84
CA ALA R 139 -31.71 -68.75 -61.52
C ALA R 139 -31.43 -67.24 -61.39
N GLU R 140 -32.48 -66.43 -61.41
CA GLU R 140 -32.39 -65.00 -61.09
C GLU R 140 -31.90 -64.78 -59.66
N HIS R 141 -32.50 -65.42 -58.66
CA HIS R 141 -32.08 -65.23 -57.26
C HIS R 141 -30.62 -65.63 -57.05
N GLN R 142 -30.16 -66.73 -57.67
CA GLN R 142 -28.74 -67.08 -57.64
C GLN R 142 -27.84 -66.00 -58.26
N MET R 143 -28.18 -65.50 -59.45
CA MET R 143 -27.40 -64.42 -60.07
C MET R 143 -27.37 -63.17 -59.20
N MET R 144 -28.50 -62.79 -58.59
CA MET R 144 -28.52 -61.67 -57.66
C MET R 144 -27.66 -61.93 -56.42
N ASN R 145 -27.61 -63.16 -55.92
CA ASN R 145 -26.70 -63.47 -54.81
C ASN R 145 -25.23 -63.30 -55.23
N ARG R 146 -24.81 -63.74 -56.42
CA ARG R 146 -23.42 -63.55 -56.87
C ARG R 146 -23.05 -62.08 -56.90
N ALA R 147 -23.92 -61.23 -57.44
CA ALA R 147 -23.70 -59.79 -57.46
C ALA R 147 -23.62 -59.22 -56.05
N ALA R 148 -24.50 -59.63 -55.14
CA ALA R 148 -24.48 -59.17 -53.75
C ALA R 148 -23.19 -59.58 -53.04
N ALA R 149 -22.77 -60.83 -53.19
CA ALA R 149 -21.55 -61.34 -52.59
C ALA R 149 -20.32 -60.54 -53.04
N MET R 150 -20.18 -60.32 -54.34
CA MET R 150 -19.03 -59.58 -54.86
C MET R 150 -19.07 -58.10 -54.48
N ALA R 151 -20.25 -57.50 -54.33
CA ALA R 151 -20.36 -56.17 -53.78
C ALA R 151 -19.85 -56.13 -52.33
N TYR R 152 -20.24 -57.08 -51.47
CA TYR R 152 -19.71 -57.18 -50.11
C TYR R 152 -18.20 -57.38 -50.11
N ALA R 153 -17.68 -58.20 -51.03
CA ALA R 153 -16.25 -58.41 -51.16
C ALA R 153 -15.53 -57.09 -51.39
N SER R 154 -15.96 -56.29 -52.36
CA SER R 154 -15.33 -55.01 -52.68
C SER R 154 -15.35 -54.00 -51.53
N LEU R 155 -16.37 -54.04 -50.68
CA LEU R 155 -16.50 -53.16 -49.51
C LEU R 155 -15.56 -53.52 -48.35
N SER R 156 -15.01 -54.74 -48.33
CA SER R 156 -14.42 -55.33 -47.12
C SER R 156 -13.09 -56.05 -47.30
N GLY R 157 -12.71 -56.41 -48.53
CA GLY R 157 -11.57 -57.28 -48.80
C GLY R 157 -11.83 -58.76 -48.54
N ALA R 158 -13.07 -59.15 -48.23
CA ALA R 158 -13.42 -60.56 -48.08
C ALA R 158 -13.22 -61.35 -49.38
N THR R 159 -12.67 -62.54 -49.29
CA THR R 159 -12.57 -63.47 -50.42
C THR R 159 -13.95 -64.06 -50.72
N VAL R 160 -14.31 -64.39 -51.96
CA VAL R 160 -15.58 -65.06 -52.27
C VAL R 160 -15.35 -66.47 -52.82
N LYS R 161 -15.93 -67.50 -52.18
CA LYS R 161 -15.85 -68.90 -52.62
C LYS R 161 -17.23 -69.39 -53.02
N ILE R 162 -17.35 -70.03 -54.18
CA ILE R 162 -18.58 -70.70 -54.61
C ILE R 162 -18.44 -72.21 -54.44
N VAL R 163 -19.44 -72.87 -53.84
CA VAL R 163 -19.45 -74.32 -53.60
C VAL R 163 -20.67 -74.98 -54.20
N PHE R 164 -20.49 -75.94 -55.10
CA PHE R 164 -21.60 -76.75 -55.63
C PHE R 164 -22.06 -77.82 -54.65
N ASN R 165 -23.37 -78.05 -54.57
CA ASN R 165 -24.00 -79.05 -53.70
C ASN R 165 -25.12 -79.83 -54.42
N HIS R 166 -24.76 -80.51 -55.51
CA HIS R 166 -25.68 -81.37 -56.24
C HIS R 166 -26.24 -82.51 -55.37
N ASP R 167 -27.45 -82.99 -55.66
CA ASP R 167 -28.25 -83.83 -54.74
C ASP R 167 -27.50 -85.01 -54.11
N ASN R 168 -26.86 -85.85 -54.92
CA ASN R 168 -26.14 -87.03 -54.46
C ASN R 168 -24.71 -86.74 -53.96
N ARG R 169 -24.16 -85.58 -54.30
CA ARG R 169 -22.71 -85.30 -54.31
C ARG R 169 -22.25 -84.47 -53.12
N LEU R 170 -22.84 -84.70 -51.94
CA LEU R 170 -22.49 -83.98 -50.71
C LEU R 170 -20.98 -84.02 -50.41
N ASP R 171 -20.30 -85.12 -50.72
CA ASP R 171 -18.84 -85.22 -50.55
C ASP R 171 -18.07 -84.17 -51.36
N ASP R 172 -18.52 -83.80 -52.56
CA ASP R 172 -17.90 -82.71 -53.33
C ASP R 172 -18.07 -81.37 -52.63
N ALA R 173 -19.28 -81.08 -52.13
CA ALA R 173 -19.54 -79.84 -51.41
C ALA R 173 -18.66 -79.73 -50.16
N VAL R 174 -18.56 -80.81 -49.37
CA VAL R 174 -17.73 -80.84 -48.15
C VAL R 174 -16.24 -80.75 -48.48
N ARG R 175 -15.78 -81.44 -49.54
CA ARG R 175 -14.39 -81.38 -50.00
C ARG R 175 -13.99 -80.01 -50.50
N ASP R 176 -14.90 -79.25 -51.10
CA ASP R 176 -14.66 -77.84 -51.43
C ASP R 176 -14.73 -76.93 -50.19
N ALA R 177 -15.63 -77.18 -49.23
CA ALA R 177 -15.84 -76.30 -48.09
C ALA R 177 -14.77 -76.41 -46.99
N ALA R 178 -14.29 -77.61 -46.66
CA ALA R 178 -13.32 -77.79 -45.57
C ALA R 178 -11.99 -77.01 -45.75
N PRO R 179 -11.39 -76.91 -46.95
CA PRO R 179 -10.23 -76.04 -47.23
C PRO R 179 -10.39 -74.56 -46.85
N VAL R 180 -11.62 -74.06 -46.70
CA VAL R 180 -11.87 -72.66 -46.36
C VAL R 180 -11.60 -72.36 -44.88
N LEU R 181 -11.81 -73.36 -44.01
CA LEU R 181 -11.81 -73.26 -42.56
C LEU R 181 -10.39 -73.17 -41.95
N ILE S 4 59.58 -51.93 -4.65
CA ILE S 4 60.71 -52.50 -5.42
C ILE S 4 60.17 -53.23 -6.63
N VAL S 5 60.84 -53.19 -7.79
CA VAL S 5 60.47 -53.99 -8.98
C VAL S 5 61.63 -54.85 -9.41
N VAL S 6 61.44 -56.16 -9.58
CA VAL S 6 62.49 -57.09 -10.03
C VAL S 6 62.22 -57.54 -11.46
N THR S 7 63.24 -57.54 -12.31
CA THR S 7 63.11 -57.74 -13.77
C THR S 7 64.24 -58.57 -14.36
N GLY S 8 64.00 -59.22 -15.50
CA GLY S 8 65.01 -60.03 -16.17
C GLY S 8 64.48 -60.76 -17.42
N ILE S 9 65.41 -61.11 -18.31
CA ILE S 9 65.14 -61.89 -19.54
C ILE S 9 64.79 -63.35 -19.21
N PRO S 10 63.78 -63.98 -19.86
CA PRO S 10 63.46 -65.39 -19.64
C PRO S 10 64.67 -66.33 -19.84
N GLY S 11 65.02 -67.06 -18.79
CA GLY S 11 66.22 -67.90 -18.72
C GLY S 11 67.32 -67.37 -17.79
N VAL S 12 67.27 -66.10 -17.36
CA VAL S 12 68.30 -65.52 -16.48
C VAL S 12 68.26 -66.01 -15.03
N GLY S 13 67.21 -66.72 -14.62
CA GLY S 13 67.07 -67.27 -13.27
C GLY S 13 66.46 -66.30 -12.25
N LYS S 14 65.66 -65.34 -12.72
CA LYS S 14 65.04 -64.27 -11.91
C LYS S 14 64.39 -64.78 -10.63
N THR S 15 63.56 -65.81 -10.71
CA THR S 15 62.79 -66.29 -9.55
C THR S 15 63.68 -66.85 -8.46
N THR S 16 64.74 -67.57 -8.82
CA THR S 16 65.68 -68.16 -7.85
C THR S 16 66.37 -67.09 -7.01
N VAL S 17 66.90 -66.04 -7.63
CA VAL S 17 67.57 -64.95 -6.90
C VAL S 17 66.59 -64.19 -6.03
N MET S 18 65.39 -63.91 -6.53
CA MET S 18 64.33 -63.29 -5.73
C MET S 18 63.97 -64.14 -4.52
N GLN S 19 63.70 -65.44 -4.69
CA GLN S 19 63.29 -66.33 -3.60
C GLN S 19 64.36 -66.42 -2.50
N LYS S 20 65.64 -66.52 -2.87
CA LYS S 20 66.75 -66.56 -1.92
C LYS S 20 66.95 -65.21 -1.22
N ALA S 21 66.99 -64.10 -1.94
CA ALA S 21 67.21 -62.78 -1.31
C ALA S 21 66.02 -62.35 -0.43
N ALA S 22 64.78 -62.68 -0.83
CA ALA S 22 63.57 -62.36 -0.06
C ALA S 22 63.37 -63.24 1.19
N GLU S 23 64.23 -64.22 1.45
CA GLU S 23 64.13 -65.09 2.63
C GLU S 23 64.18 -64.28 3.94
N GLY S 24 63.24 -64.52 4.85
CA GLY S 24 63.09 -63.76 6.10
C GLY S 24 62.59 -62.32 5.94
N SER S 25 62.28 -61.85 4.73
CA SER S 25 61.74 -60.51 4.51
C SER S 25 60.26 -60.43 4.95
N PRO S 26 59.82 -59.33 5.59
CA PRO S 26 58.40 -59.07 5.84
C PRO S 26 57.63 -58.60 4.60
N LEU S 27 58.29 -58.42 3.44
CA LEU S 27 57.65 -57.84 2.26
C LEU S 27 56.70 -58.82 1.54
N PRO S 28 55.51 -58.38 1.09
CA PRO S 28 54.68 -59.16 0.18
C PRO S 28 55.36 -59.39 -1.17
N ARG S 29 55.01 -60.49 -1.83
CA ARG S 29 55.55 -60.92 -3.13
C ARG S 29 54.43 -60.94 -4.15
N VAL S 30 54.57 -60.23 -5.26
CA VAL S 30 53.44 -59.98 -6.17
C VAL S 30 53.85 -60.13 -7.63
N PRO S 31 53.21 -61.00 -8.43
CA PRO S 31 53.31 -60.96 -9.88
C PRO S 31 52.31 -59.97 -10.46
N LEU S 32 52.76 -59.01 -11.29
CA LEU S 32 51.89 -57.94 -11.78
C LEU S 32 50.79 -58.44 -12.71
N GLU S 33 51.10 -59.43 -13.56
CA GLU S 33 50.13 -60.01 -14.49
C GLU S 33 49.00 -60.72 -13.71
N GLY S 34 49.37 -61.36 -12.60
CA GLY S 34 48.44 -61.96 -11.66
C GLY S 34 47.49 -60.95 -11.06
N VAL S 35 48.00 -59.80 -10.58
CA VAL S 35 47.14 -58.73 -10.06
C VAL S 35 46.24 -58.17 -11.14
N MET S 36 46.76 -57.95 -12.35
CA MET S 36 45.94 -57.46 -13.45
C MET S 36 44.81 -58.45 -13.76
N TYR S 37 45.10 -59.74 -13.82
CA TYR S 37 44.06 -60.76 -14.00
C TYR S 37 43.04 -60.75 -12.87
N GLY S 38 43.50 -60.69 -11.62
CA GLY S 38 42.63 -60.61 -10.45
C GLY S 38 41.70 -59.39 -10.50
N VAL S 39 42.23 -58.21 -10.79
CA VAL S 39 41.43 -56.98 -10.92
C VAL S 39 40.44 -57.10 -12.07
N ALA S 40 40.86 -57.56 -13.24
CA ALA S 40 39.97 -57.73 -14.38
C ALA S 40 38.86 -58.76 -14.10
N LYS S 41 39.20 -59.89 -13.46
CA LYS S 41 38.28 -60.95 -13.06
C LYS S 41 37.23 -60.45 -12.06
N ARG S 42 37.64 -59.68 -11.05
CA ARG S 42 36.74 -59.13 -10.02
C ARG S 42 35.93 -57.93 -10.50
N MET S 43 36.40 -57.22 -11.52
CA MET S 43 35.59 -56.28 -12.32
C MET S 43 34.68 -56.98 -13.34
N GLY S 44 34.76 -58.31 -13.47
CA GLY S 44 33.92 -59.12 -14.38
C GLY S 44 34.31 -59.06 -15.86
N LEU S 45 35.46 -58.47 -16.20
CA LEU S 45 35.91 -58.26 -17.58
C LEU S 45 36.37 -59.56 -18.28
N VAL S 46 36.82 -60.53 -17.48
CA VAL S 46 37.31 -61.85 -17.89
C VAL S 46 36.90 -62.89 -16.86
N LYS S 47 37.00 -64.17 -17.21
CA LYS S 47 36.98 -65.30 -16.28
C LYS S 47 38.24 -66.15 -16.35
N ASP S 48 38.93 -66.22 -17.48
CA ASP S 48 40.09 -67.09 -17.68
C ASP S 48 41.37 -66.31 -18.06
N ILE S 49 42.53 -66.81 -17.66
CA ILE S 49 43.82 -66.10 -17.71
C ILE S 49 44.22 -65.69 -19.14
N ASP S 50 43.89 -66.50 -20.14
CA ASP S 50 44.18 -66.18 -21.55
C ASP S 50 43.33 -65.02 -22.10
N GLU S 51 42.16 -64.76 -21.52
CA GLU S 51 41.27 -63.69 -21.99
C GLU S 51 41.89 -62.30 -21.79
N MET S 52 42.89 -62.18 -20.90
CA MET S 52 43.66 -60.95 -20.72
C MET S 52 44.31 -60.47 -22.02
N ARG S 53 44.72 -61.39 -22.91
CA ARG S 53 45.29 -61.06 -24.23
C ARG S 53 44.22 -60.64 -25.25
N ARG S 54 42.94 -60.88 -24.95
CA ARG S 54 41.79 -60.57 -25.81
C ARG S 54 41.14 -59.22 -25.48
N LEU S 55 41.44 -58.64 -24.32
CA LEU S 55 40.90 -57.34 -23.90
C LEU S 55 41.28 -56.21 -24.86
N SER S 56 40.40 -55.22 -24.98
CA SER S 56 40.68 -53.99 -25.74
C SER S 56 41.83 -53.20 -25.11
N PRO S 57 42.82 -52.72 -25.86
CA PRO S 57 43.97 -51.99 -25.31
C PRO S 57 43.61 -50.83 -24.37
N ASP S 58 42.59 -50.04 -24.69
CA ASP S 58 42.20 -48.89 -23.86
C ASP S 58 41.42 -49.30 -22.59
N VAL S 59 40.87 -50.51 -22.54
CA VAL S 59 40.43 -51.13 -21.28
C VAL S 59 41.65 -51.63 -20.50
N GLN S 60 42.60 -52.26 -21.18
CA GLN S 60 43.82 -52.81 -20.57
C GLN S 60 44.68 -51.73 -19.90
N LYS S 61 44.72 -50.50 -20.45
CA LYS S 61 45.30 -49.33 -19.77
C LYS S 61 44.67 -49.08 -18.40
N GLU S 62 43.34 -49.11 -18.32
CA GLU S 62 42.67 -48.87 -17.04
C GLU S 62 42.86 -50.04 -16.07
N VAL S 63 42.92 -51.29 -16.56
CA VAL S 63 43.30 -52.44 -15.72
C VAL S 63 44.70 -52.26 -15.14
N GLN S 64 45.68 -51.86 -15.95
CA GLN S 64 47.04 -51.56 -15.46
C GLN S 64 47.01 -50.43 -14.43
N LYS S 65 46.28 -49.36 -14.69
CA LYS S 65 46.13 -48.23 -13.77
C LYS S 65 45.54 -48.67 -12.42
N LYS S 66 44.44 -49.41 -12.43
CA LYS S 66 43.81 -49.91 -11.19
C LYS S 66 44.68 -50.90 -10.45
N ALA S 67 45.34 -51.83 -11.14
CA ALA S 67 46.28 -52.74 -10.51
C ALA S 67 47.42 -51.98 -9.82
N ALA S 68 47.97 -50.97 -10.48
CA ALA S 68 49.02 -50.16 -9.89
C ALA S 68 48.52 -49.35 -8.67
N GLU S 69 47.33 -48.74 -8.73
CA GLU S 69 46.76 -48.04 -7.57
C GLU S 69 46.63 -48.97 -6.37
N ARG S 70 46.16 -50.20 -6.58
CA ARG S 70 45.98 -51.18 -5.50
C ARG S 70 47.30 -51.68 -4.95
N ILE S 71 48.31 -51.89 -5.79
CA ILE S 71 49.65 -52.24 -5.30
C ILE S 71 50.30 -51.06 -4.59
N ALA S 72 50.04 -49.82 -5.00
CA ALA S 72 50.51 -48.64 -4.27
C ALA S 72 49.88 -48.54 -2.88
N ALA S 73 48.57 -48.81 -2.76
CA ALA S 73 47.89 -48.84 -1.46
C ALA S 73 48.44 -49.93 -0.53
N LEU S 74 48.80 -51.10 -1.07
CA LEU S 74 49.44 -52.18 -0.31
C LEU S 74 50.79 -51.76 0.29
N GLY S 75 51.47 -50.78 -0.30
CA GLY S 75 52.73 -50.23 0.19
C GLY S 75 53.97 -50.98 -0.30
N ASP S 76 54.98 -51.07 0.55
CA ASP S 76 56.29 -51.62 0.18
C ASP S 76 56.15 -53.11 -0.20
N VAL S 77 56.69 -53.51 -1.35
CA VAL S 77 56.41 -54.81 -2.00
C VAL S 77 57.57 -55.26 -2.89
N ILE S 78 57.79 -56.56 -3.04
CA ILE S 78 58.63 -57.09 -4.11
C ILE S 78 57.74 -57.43 -5.29
N LEU S 79 57.55 -56.47 -6.18
CA LEU S 79 56.79 -56.65 -7.41
C LEU S 79 57.64 -57.35 -8.48
N ASP S 80 57.04 -58.24 -9.26
CA ASP S 80 57.70 -59.03 -10.27
C ASP S 80 57.01 -58.89 -11.64
N THR S 81 57.76 -58.50 -12.68
CA THR S 81 57.33 -58.48 -14.09
C THR S 81 58.54 -58.29 -15.04
N HIS S 82 58.38 -58.53 -16.33
CA HIS S 82 59.43 -58.20 -17.31
C HIS S 82 59.53 -56.69 -17.58
N CYS S 83 60.72 -56.16 -17.78
CA CYS S 83 60.90 -54.76 -18.21
C CYS S 83 60.63 -54.59 -19.72
N THR S 84 61.02 -55.53 -20.57
CA THR S 84 60.52 -55.60 -21.96
C THR S 84 60.18 -57.03 -22.36
N ILE S 85 59.05 -57.19 -23.04
CA ILE S 85 58.54 -58.48 -23.50
C ILE S 85 58.81 -58.58 -25.00
N LYS S 86 59.50 -59.62 -25.47
CA LYS S 86 59.71 -59.81 -26.90
C LYS S 86 58.45 -60.36 -27.57
N THR S 87 58.06 -59.77 -28.70
CA THR S 87 56.82 -60.10 -29.44
C THR S 87 57.10 -60.14 -30.96
N PRO S 88 56.19 -60.65 -31.80
CA PRO S 88 56.36 -60.64 -33.26
C PRO S 88 56.64 -59.25 -33.85
N LYS S 89 56.05 -58.19 -33.27
CA LYS S 89 56.30 -56.79 -33.66
C LYS S 89 57.48 -56.14 -32.90
N GLY S 90 58.36 -56.94 -32.28
CA GLY S 90 59.53 -56.47 -31.53
C GLY S 90 59.28 -56.33 -30.02
N TYR S 91 60.11 -55.55 -29.35
CA TYR S 91 60.06 -55.35 -27.89
C TYR S 91 58.87 -54.50 -27.46
N LEU S 92 58.12 -54.94 -26.47
CA LEU S 92 57.04 -54.19 -25.84
C LEU S 92 57.49 -53.73 -24.45
N PRO S 93 57.43 -52.43 -24.11
CA PRO S 93 57.70 -51.95 -22.76
C PRO S 93 56.74 -52.57 -21.73
N GLY S 94 57.29 -53.19 -20.69
CA GLY S 94 56.52 -53.87 -19.65
C GLY S 94 55.84 -52.93 -18.66
N LEU S 95 56.39 -51.72 -18.47
CA LEU S 95 55.90 -50.75 -17.49
C LEU S 95 55.68 -49.37 -18.13
N PRO S 96 54.50 -49.11 -18.72
CA PRO S 96 54.17 -47.79 -19.25
C PRO S 96 54.22 -46.69 -18.20
N ARG S 97 54.32 -45.43 -18.65
CA ARG S 97 54.32 -44.26 -17.76
C ARG S 97 53.12 -44.22 -16.80
N TRP S 98 51.93 -44.59 -17.26
CA TRP S 98 50.74 -44.61 -16.39
C TRP S 98 50.80 -45.67 -15.28
N VAL S 99 51.68 -46.67 -15.37
CA VAL S 99 51.98 -47.54 -14.23
C VAL S 99 52.96 -46.86 -13.26
N LEU S 100 54.05 -46.29 -13.76
CA LEU S 100 55.08 -45.65 -12.94
C LEU S 100 54.52 -44.49 -12.12
N GLU S 101 53.65 -43.66 -12.68
CA GLU S 101 53.04 -42.54 -11.95
C GLU S 101 52.16 -43.01 -10.78
N LYS S 102 51.70 -44.27 -10.78
CA LYS S 102 50.94 -44.89 -9.68
C LYS S 102 51.85 -45.64 -8.70
N LEU S 103 52.69 -46.56 -9.17
CA LEU S 103 53.57 -47.36 -8.28
C LEU S 103 54.63 -46.50 -7.59
N ARG S 104 55.22 -45.55 -8.33
CA ARG S 104 56.34 -44.70 -7.88
C ARG S 104 57.49 -45.52 -7.27
N PRO S 105 58.10 -46.46 -8.03
CA PRO S 105 59.11 -47.37 -7.50
C PRO S 105 60.31 -46.65 -6.88
N SER S 106 60.85 -47.18 -5.79
CA SER S 106 62.12 -46.69 -5.22
C SER S 106 63.33 -47.34 -5.87
N VAL S 107 63.22 -48.59 -6.31
CA VAL S 107 64.28 -49.32 -7.01
C VAL S 107 63.71 -50.14 -8.15
N ILE S 108 64.38 -50.14 -9.29
CA ILE S 108 64.24 -51.15 -10.34
C ILE S 108 65.47 -52.03 -10.27
N LEU S 109 65.28 -53.34 -10.15
CA LEU S 109 66.37 -54.30 -10.13
C LEU S 109 66.37 -55.09 -11.42
N LEU S 110 67.53 -55.18 -12.06
CA LEU S 110 67.72 -55.87 -13.33
C LEU S 110 68.70 -57.03 -13.16
N VAL S 111 68.27 -58.26 -13.45
CA VAL S 111 69.10 -59.46 -13.34
C VAL S 111 69.74 -59.78 -14.68
N GLU S 112 71.03 -60.09 -14.70
CA GLU S 112 71.80 -60.37 -15.91
C GLU S 112 72.69 -61.61 -15.76
N ALA S 113 73.05 -62.22 -16.89
CA ALA S 113 74.01 -63.31 -17.01
C ALA S 113 74.64 -63.27 -18.41
N ASP S 114 75.71 -64.00 -18.68
CA ASP S 114 76.33 -63.97 -20.00
C ASP S 114 75.40 -64.58 -21.08
N PRO S 115 75.28 -64.00 -22.28
CA PRO S 115 74.48 -64.58 -23.36
C PRO S 115 74.79 -66.05 -23.65
N LYS S 116 76.03 -66.50 -23.50
CA LYS S 116 76.41 -67.91 -23.68
C LYS S 116 75.86 -68.81 -22.58
N GLU S 117 75.85 -68.34 -21.33
CA GLU S 117 75.18 -69.04 -20.23
C GLU S 117 73.69 -69.17 -20.51
N ILE S 118 73.03 -68.05 -20.83
CA ILE S 118 71.60 -68.01 -21.09
C ILE S 118 71.24 -68.90 -22.28
N TYR S 119 72.03 -68.85 -23.35
CA TYR S 119 71.84 -69.75 -24.50
C TYR S 119 71.98 -71.21 -24.09
N GLY S 120 72.98 -71.55 -23.26
CA GLY S 120 73.12 -72.89 -22.69
C GLY S 120 71.89 -73.33 -21.90
N ARG S 121 71.37 -72.49 -21.01
CA ARG S 121 70.14 -72.78 -20.25
C ARG S 121 68.94 -72.98 -21.17
N ARG S 122 68.76 -72.11 -22.17
CA ARG S 122 67.68 -72.20 -23.16
C ARG S 122 67.82 -73.43 -24.06
N LEU S 123 69.03 -73.86 -24.38
CA LEU S 123 69.29 -75.07 -25.18
C LEU S 123 68.99 -76.35 -24.37
N LYS S 124 69.31 -76.36 -23.07
CA LYS S 124 69.01 -77.46 -22.14
C LYS S 124 67.55 -77.54 -21.74
N ASP S 125 66.80 -76.45 -21.86
CA ASP S 125 65.35 -76.44 -21.63
C ASP S 125 64.58 -77.25 -22.70
N ASP S 133 66.61 -67.87 -29.78
CA ASP S 133 67.38 -66.67 -30.13
C ASP S 133 68.88 -66.97 -30.19
N SER S 134 69.62 -66.30 -31.07
CA SER S 134 71.08 -66.32 -31.02
C SER S 134 71.62 -65.58 -29.79
N GLU S 135 72.89 -65.80 -29.48
CA GLU S 135 73.61 -65.01 -28.47
C GLU S 135 73.60 -63.52 -28.81
N GLU S 136 73.59 -63.17 -30.11
CA GLU S 136 73.49 -61.77 -30.55
C GLU S 136 72.12 -61.18 -30.20
N GLU S 137 71.03 -61.91 -30.45
CA GLU S 137 69.68 -61.48 -30.10
C GLU S 137 69.45 -61.45 -28.58
N ILE S 138 70.10 -62.35 -27.82
CA ILE S 138 70.11 -62.29 -26.36
C ILE S 138 70.82 -61.02 -25.89
N ALA S 139 72.03 -60.75 -26.41
CA ALA S 139 72.79 -59.56 -26.05
C ALA S 139 72.05 -58.26 -26.42
N GLU S 140 71.36 -58.25 -27.56
CA GLU S 140 70.47 -57.17 -27.94
C GLU S 140 69.36 -56.98 -26.91
N HIS S 141 68.63 -58.03 -26.53
CA HIS S 141 67.54 -57.90 -25.56
C HIS S 141 68.04 -57.36 -24.22
N GLN S 142 69.22 -57.79 -23.76
CA GLN S 142 69.83 -57.21 -22.56
C GLN S 142 70.12 -55.71 -22.72
N MET S 143 70.74 -55.29 -23.82
CA MET S 143 71.00 -53.87 -24.04
C MET S 143 69.71 -53.05 -24.10
N MET S 144 68.67 -53.56 -24.75
CA MET S 144 67.38 -52.89 -24.74
C MET S 144 66.79 -52.82 -23.34
N ASN S 145 66.94 -53.85 -22.50
CA ASN S 145 66.46 -53.80 -21.13
C ASN S 145 67.19 -52.72 -20.31
N ARG S 146 68.50 -52.56 -20.46
CA ARG S 146 69.21 -51.48 -19.75
C ARG S 146 68.69 -50.11 -20.13
N ALA S 147 68.50 -49.86 -21.42
CA ALA S 147 67.93 -48.60 -21.90
C ALA S 147 66.52 -48.39 -21.36
N ALA S 148 65.68 -49.43 -21.35
CA ALA S 148 64.33 -49.35 -20.80
C ALA S 148 64.34 -49.04 -19.31
N ALA S 149 65.17 -49.72 -18.51
CA ALA S 149 65.27 -49.48 -17.08
C ALA S 149 65.68 -48.04 -16.78
N MET S 150 66.68 -47.52 -17.50
CA MET S 150 67.14 -46.16 -17.26
C MET S 150 66.10 -45.11 -17.69
N ALA S 151 65.34 -45.38 -18.75
CA ALA S 151 64.21 -44.52 -19.09
C ALA S 151 63.16 -44.50 -17.96
N TYR S 152 62.81 -45.65 -17.39
CA TYR S 152 61.92 -45.74 -16.23
C TYR S 152 62.45 -44.97 -15.03
N ALA S 153 63.76 -45.03 -14.78
CA ALA S 153 64.38 -44.26 -13.70
C ALA S 153 64.12 -42.77 -13.90
N SER S 154 64.42 -42.22 -15.08
CA SER S 154 64.27 -40.80 -15.35
C SER S 154 62.83 -40.29 -15.22
N LEU S 155 61.83 -41.13 -15.46
CA LEU S 155 60.42 -40.78 -15.32
C LEU S 155 59.93 -40.74 -13.87
N SER S 156 60.65 -41.36 -12.94
CA SER S 156 60.12 -41.72 -11.62
C SER S 156 61.00 -41.37 -10.43
N GLY S 157 62.30 -41.16 -10.64
CA GLY S 157 63.28 -41.04 -9.56
C GLY S 157 63.71 -42.38 -8.96
N ALA S 158 63.30 -43.51 -9.52
CA ALA S 158 63.73 -44.82 -9.06
C ALA S 158 65.24 -45.04 -9.24
N THR S 159 65.88 -45.71 -8.31
CA THR S 159 67.28 -46.15 -8.46
C THR S 159 67.34 -47.38 -9.38
N VAL S 160 68.41 -47.62 -10.13
CA VAL S 160 68.58 -48.85 -10.93
C VAL S 160 69.76 -49.68 -10.46
N LYS S 161 69.52 -50.93 -10.07
CA LYS S 161 70.56 -51.89 -9.65
C LYS S 161 70.68 -53.01 -10.66
N ILE S 162 71.91 -53.35 -11.07
CA ILE S 162 72.19 -54.52 -11.90
C ILE S 162 72.79 -55.63 -11.06
N VAL S 163 72.31 -56.87 -11.21
CA VAL S 163 72.79 -58.06 -10.48
C VAL S 163 73.22 -59.15 -11.44
N PHE S 164 74.48 -59.59 -11.38
CA PHE S 164 74.93 -60.77 -12.12
C PHE S 164 74.50 -62.08 -11.45
N ASN S 165 74.08 -63.07 -12.25
CA ASN S 165 73.63 -64.39 -11.80
C ASN S 165 74.23 -65.51 -12.65
N HIS S 166 75.56 -65.58 -12.69
CA HIS S 166 76.31 -66.63 -13.38
C HIS S 166 75.97 -68.03 -12.83
N ASP S 167 76.03 -69.06 -13.68
CA ASP S 167 75.42 -70.38 -13.44
C ASP S 167 75.67 -70.99 -12.05
N ASN S 168 76.94 -71.12 -11.66
CA ASN S 168 77.32 -71.74 -10.38
C ASN S 168 77.20 -70.79 -9.18
N ARG S 169 77.07 -69.48 -9.43
CA ARG S 169 77.43 -68.41 -8.49
C ARG S 169 76.21 -67.72 -7.88
N LEU S 170 75.17 -68.49 -7.58
CA LEU S 170 73.93 -67.96 -6.99
C LEU S 170 74.19 -67.15 -5.71
N ASP S 171 75.19 -67.52 -4.90
CA ASP S 171 75.56 -66.76 -3.70
C ASP S 171 76.03 -65.33 -4.03
N ASP S 172 76.71 -65.10 -5.15
CA ASP S 172 77.06 -63.75 -5.60
C ASP S 172 75.81 -62.94 -5.97
N ALA S 173 74.86 -63.54 -6.67
CA ALA S 173 73.61 -62.87 -7.00
C ALA S 173 72.83 -62.49 -5.74
N VAL S 174 72.69 -63.40 -4.78
CA VAL S 174 71.95 -63.16 -3.53
C VAL S 174 72.67 -62.13 -2.66
N ARG S 175 74.01 -62.19 -2.60
CA ARG S 175 74.83 -61.19 -1.90
C ARG S 175 74.69 -59.80 -2.51
N ASP S 176 74.58 -59.67 -3.82
CA ASP S 176 74.31 -58.37 -4.46
C ASP S 176 72.86 -57.93 -4.30
N ALA S 177 71.89 -58.84 -4.34
CA ALA S 177 70.47 -58.50 -4.26
C ALA S 177 70.02 -58.11 -2.84
N ALA S 178 70.39 -58.88 -1.81
CA ALA S 178 69.87 -58.69 -0.46
C ALA S 178 70.08 -57.27 0.14
N PRO S 179 71.22 -56.57 -0.08
CA PRO S 179 71.42 -55.18 0.33
C PRO S 179 70.36 -54.17 -0.14
N VAL S 180 69.60 -54.48 -1.17
CA VAL S 180 68.56 -53.59 -1.72
C VAL S 180 67.30 -53.58 -0.86
N LEU S 181 67.03 -54.69 -0.16
CA LEU S 181 65.76 -55.02 0.50
C LEU S 181 65.60 -54.34 1.87
N ILE T 4 26.69 -53.71 51.77
CA ILE T 4 27.36 -54.02 53.07
C ILE T 4 28.78 -53.52 53.03
N VAL T 5 29.32 -52.98 54.12
CA VAL T 5 30.74 -52.64 54.24
C VAL T 5 31.37 -53.38 55.41
N VAL T 6 32.46 -54.10 55.21
CA VAL T 6 33.18 -54.79 56.29
C VAL T 6 34.47 -54.05 56.62
N THR T 7 34.77 -53.85 57.90
CA THR T 7 35.86 -53.00 58.38
C THR T 7 36.57 -53.58 59.60
N GLY T 8 37.83 -53.21 59.80
CA GLY T 8 38.63 -53.66 60.94
C GLY T 8 40.04 -53.08 60.98
N ILE T 9 40.66 -53.15 62.16
CA ILE T 9 42.07 -52.79 62.41
C ILE T 9 43.02 -53.86 61.86
N PRO T 10 44.16 -53.51 61.20
CA PRO T 10 45.15 -54.47 60.74
C PRO T 10 45.62 -55.44 61.83
N GLY T 11 45.41 -56.74 61.59
CA GLY T 11 45.68 -57.82 62.57
C GLY T 11 44.45 -58.42 63.24
N VAL T 12 43.26 -57.84 63.07
CA VAL T 12 42.02 -58.37 63.68
C VAL T 12 41.46 -59.63 63.00
N GLY T 13 41.97 -60.00 61.82
CA GLY T 13 41.54 -61.20 61.09
C GLY T 13 40.37 -60.98 60.13
N LYS T 14 40.16 -59.73 59.70
CA LYS T 14 39.06 -59.29 58.82
C LYS T 14 38.82 -60.21 57.63
N THR T 15 39.86 -60.49 56.85
CA THR T 15 39.72 -61.27 55.61
C THR T 15 39.22 -62.68 55.88
N THR T 16 39.71 -63.34 56.92
CA THR T 16 39.29 -64.70 57.29
C THR T 16 37.80 -64.77 57.62
N VAL T 17 37.31 -63.89 58.49
CA VAL T 17 35.89 -63.87 58.87
C VAL T 17 35.01 -63.56 57.66
N MET T 18 35.40 -62.60 56.82
CA MET T 18 34.70 -62.29 55.59
C MET T 18 34.65 -63.48 54.63
N GLN T 19 35.78 -64.15 54.37
CA GLN T 19 35.84 -65.30 53.46
C GLN T 19 34.93 -66.43 53.93
N LYS T 20 34.97 -66.75 55.23
CA LYS T 20 34.11 -67.77 55.82
C LYS T 20 32.63 -67.39 55.78
N ALA T 21 32.27 -66.17 56.15
CA ALA T 21 30.87 -65.74 56.13
C ALA T 21 30.30 -65.63 54.71
N ALA T 22 31.10 -65.17 53.74
CA ALA T 22 30.71 -65.06 52.34
C ALA T 22 30.53 -66.43 51.64
N GLU T 23 30.90 -67.53 52.27
CA GLU T 23 30.79 -68.88 51.69
C GLU T 23 29.36 -69.20 51.24
N GLY T 24 29.16 -69.53 49.96
CA GLY T 24 27.85 -69.80 49.37
C GLY T 24 26.96 -68.57 49.10
N SER T 25 27.41 -67.36 49.45
CA SER T 25 26.65 -66.14 49.15
C SER T 25 26.73 -65.79 47.65
N PRO T 26 25.64 -65.34 47.02
CA PRO T 26 25.67 -64.79 45.66
C PRO T 26 26.25 -63.37 45.57
N LEU T 27 26.64 -62.74 46.69
CA LEU T 27 27.13 -61.36 46.67
C LEU T 27 28.54 -61.24 46.05
N PRO T 28 28.80 -60.25 45.18
CA PRO T 28 30.15 -59.91 44.74
C PRO T 28 31.01 -59.40 45.90
N ARG T 29 32.33 -59.57 45.79
CA ARG T 29 33.34 -59.21 46.79
C ARG T 29 34.26 -58.14 46.22
N VAL T 30 34.41 -57.01 46.90
CA VAL T 30 35.03 -55.84 46.27
C VAL T 30 35.95 -55.10 47.26
N PRO T 31 37.26 -55.00 47.02
CA PRO T 31 38.12 -54.06 47.73
C PRO T 31 38.00 -52.65 47.12
N LEU T 32 37.70 -51.63 47.93
CA LEU T 32 37.44 -50.28 47.42
C LEU T 32 38.67 -49.63 46.80
N GLU T 33 39.86 -49.87 47.36
CA GLU T 33 41.11 -49.32 46.81
C GLU T 33 41.38 -49.89 45.41
N GLY T 34 41.07 -51.17 45.22
CA GLY T 34 41.14 -51.86 43.94
C GLY T 34 40.23 -51.20 42.89
N VAL T 35 38.98 -50.92 43.24
CA VAL T 35 38.07 -50.21 42.32
C VAL T 35 38.59 -48.81 42.01
N MET T 36 39.08 -48.08 43.01
CA MET T 36 39.64 -46.75 42.78
C MET T 36 40.82 -46.80 41.81
N TYR T 37 41.74 -47.74 42.00
CA TYR T 37 42.86 -47.95 41.08
C TYR T 37 42.35 -48.30 39.67
N GLY T 38 41.42 -49.23 39.56
CA GLY T 38 40.83 -49.61 38.28
C GLY T 38 40.16 -48.44 37.55
N VAL T 39 39.36 -47.65 38.25
CA VAL T 39 38.71 -46.46 37.67
C VAL T 39 39.75 -45.41 37.26
N ALA T 40 40.72 -45.10 38.13
CA ALA T 40 41.78 -44.15 37.79
C ALA T 40 42.62 -44.60 36.59
N LYS T 41 42.99 -45.89 36.54
CA LYS T 41 43.75 -46.52 35.46
C LYS T 41 43.00 -46.45 34.13
N ARG T 42 41.71 -46.76 34.11
CA ARG T 42 40.86 -46.74 32.90
C ARG T 42 40.44 -45.33 32.47
N MET T 43 40.42 -44.38 33.40
CA MET T 43 40.39 -42.94 33.10
C MET T 43 41.73 -42.38 32.62
N GLY T 44 42.81 -43.17 32.65
CA GLY T 44 44.15 -42.78 32.19
C GLY T 44 44.95 -41.93 33.19
N LEU T 45 44.47 -41.78 34.42
CA LEU T 45 45.06 -40.90 35.45
C LEU T 45 46.33 -41.48 36.07
N VAL T 46 46.47 -42.81 36.04
CA VAL T 46 47.59 -43.59 36.60
C VAL T 46 47.82 -44.83 35.74
N LYS T 47 48.96 -45.50 35.95
CA LYS T 47 49.24 -46.86 35.45
C LYS T 47 49.60 -47.84 36.56
N ASP T 48 50.17 -47.39 37.68
CA ASP T 48 50.67 -48.27 38.75
C ASP T 48 50.00 -48.01 40.12
N ILE T 49 49.87 -49.04 40.95
CA ILE T 49 49.09 -49.00 42.19
C ILE T 49 49.60 -47.96 43.20
N ASP T 50 50.92 -47.72 43.24
CA ASP T 50 51.52 -46.71 44.12
C ASP T 50 51.18 -45.27 43.71
N GLU T 51 50.86 -45.03 42.44
CA GLU T 51 50.51 -43.68 41.96
C GLU T 51 49.22 -43.15 42.57
N MET T 52 48.36 -44.02 43.10
CA MET T 52 47.16 -43.62 43.83
C MET T 52 47.47 -42.70 45.03
N ARG T 53 48.63 -42.89 45.68
CA ARG T 53 49.12 -42.02 46.77
C ARG T 53 49.73 -40.71 46.28
N ARG T 54 50.07 -40.62 44.99
CA ARG T 54 50.72 -39.47 44.33
C ARG T 54 49.72 -38.54 43.63
N LEU T 55 48.48 -38.96 43.45
CA LEU T 55 47.41 -38.15 42.87
C LEU T 55 47.15 -36.86 43.65
N SER T 56 46.71 -35.82 42.95
CA SER T 56 46.18 -34.59 43.55
C SER T 56 44.93 -34.89 44.38
N PRO T 57 44.82 -34.46 45.65
CA PRO T 57 43.68 -34.78 46.51
C PRO T 57 42.31 -34.44 45.91
N ASP T 58 42.17 -33.30 45.21
CA ASP T 58 40.89 -32.92 44.60
C ASP T 58 40.55 -33.70 43.31
N VAL T 59 41.53 -34.36 42.69
CA VAL T 59 41.26 -35.43 41.71
C VAL T 59 40.85 -36.72 42.44
N GLN T 60 41.54 -37.06 43.53
CA GLN T 60 41.27 -38.27 44.31
C GLN T 60 39.86 -38.30 44.90
N LYS T 61 39.29 -37.14 45.28
CA LYS T 61 37.86 -37.02 45.64
C LYS T 61 36.95 -37.50 44.51
N GLU T 62 37.21 -37.08 43.28
CA GLU T 62 36.40 -37.50 42.14
C GLU T 62 36.61 -38.98 41.78
N VAL T 63 37.82 -39.52 41.95
CA VAL T 63 38.04 -40.97 41.83
C VAL T 63 37.21 -41.73 42.87
N GLN T 64 37.21 -41.31 44.13
CA GLN T 64 36.35 -41.89 45.17
C GLN T 64 34.87 -41.80 44.78
N LYS T 65 34.42 -40.65 44.31
CA LYS T 65 33.04 -40.42 43.87
C LYS T 65 32.64 -41.37 42.73
N LYS T 66 33.44 -41.46 41.67
CA LYS T 66 33.16 -42.33 40.52
C LYS T 66 33.22 -43.81 40.88
N ALA T 67 34.19 -44.23 41.69
CA ALA T 67 34.23 -45.60 42.19
C ALA T 67 32.96 -45.94 42.97
N ALA T 68 32.50 -45.06 43.85
CA ALA T 68 31.27 -45.27 44.58
C ALA T 68 30.05 -45.34 43.66
N GLU T 69 29.91 -44.44 42.67
CA GLU T 69 28.81 -44.50 41.70
C GLU T 69 28.75 -45.85 40.99
N ARG T 70 29.90 -46.39 40.58
CA ARG T 70 30.01 -47.68 39.88
C ARG T 70 29.70 -48.85 40.79
N ILE T 71 30.11 -48.82 42.05
CA ILE T 71 29.72 -49.84 43.03
C ILE T 71 28.24 -49.74 43.36
N ALA T 72 27.67 -48.54 43.42
CA ALA T 72 26.23 -48.38 43.62
C ALA T 72 25.42 -48.96 42.46
N ALA T 73 25.90 -48.81 41.21
CA ALA T 73 25.28 -49.42 40.04
C ALA T 73 25.33 -50.96 40.09
N LEU T 74 26.44 -51.54 40.56
CA LEU T 74 26.58 -53.00 40.75
C LEU T 74 25.56 -53.55 41.75
N GLY T 75 25.10 -52.73 42.70
CA GLY T 75 24.07 -53.09 43.67
C GLY T 75 24.60 -53.76 44.93
N ASP T 76 23.88 -54.77 45.43
CA ASP T 76 24.19 -55.42 46.71
C ASP T 76 25.55 -56.13 46.64
N VAL T 77 26.45 -55.83 47.58
CA VAL T 77 27.88 -56.19 47.52
C VAL T 77 28.49 -56.32 48.92
N ILE T 78 29.49 -57.17 49.11
CA ILE T 78 30.35 -57.13 50.30
C ILE T 78 31.56 -56.27 49.95
N LEU T 79 31.47 -54.97 50.23
CA LEU T 79 32.58 -54.03 50.07
C LEU T 79 33.58 -54.15 51.22
N ASP T 80 34.86 -53.98 50.95
CA ASP T 80 35.93 -54.07 51.94
C ASP T 80 36.85 -52.84 51.89
N THR T 81 37.04 -52.17 53.03
CA THR T 81 38.03 -51.10 53.25
C THR T 81 38.17 -50.79 54.74
N HIS T 82 39.22 -50.09 55.18
CA HIS T 82 39.33 -49.64 56.56
C HIS T 82 38.36 -48.49 56.87
N CYS T 83 37.78 -48.46 58.08
CA CYS T 83 37.00 -47.32 58.54
C CYS T 83 37.89 -46.14 58.98
N THR T 84 39.03 -46.38 59.64
CA THR T 84 40.08 -45.37 59.80
C THR T 84 41.47 -45.94 59.57
N ILE T 85 42.31 -45.18 58.88
CA ILE T 85 43.69 -45.56 58.54
C ILE T 85 44.64 -44.77 59.43
N LYS T 86 45.55 -45.43 60.14
CA LYS T 86 46.57 -44.73 60.94
C LYS T 86 47.69 -44.21 60.04
N THR T 87 48.06 -42.95 60.16
CA THR T 87 49.08 -42.28 59.32
C THR T 87 49.99 -41.40 60.18
N PRO T 88 51.16 -40.95 59.69
CA PRO T 88 52.04 -40.04 60.42
C PRO T 88 51.37 -38.76 60.91
N LYS T 89 50.41 -38.21 60.15
CA LYS T 89 49.61 -37.04 60.55
C LYS T 89 48.49 -37.36 61.54
N GLY T 90 48.15 -38.63 61.77
CA GLY T 90 47.05 -39.07 62.64
C GLY T 90 46.10 -40.08 61.96
N TYR T 91 44.91 -40.30 62.53
CA TYR T 91 43.86 -41.12 61.94
C TYR T 91 43.20 -40.43 60.76
N LEU T 92 43.08 -41.11 59.62
CA LEU T 92 42.38 -40.62 58.45
C LEU T 92 41.03 -41.37 58.32
N PRO T 93 39.89 -40.67 58.23
CA PRO T 93 38.60 -41.27 57.89
C PRO T 93 38.64 -42.02 56.56
N GLY T 94 38.34 -43.31 56.56
CA GLY T 94 38.40 -44.15 55.37
C GLY T 94 37.22 -43.96 54.41
N LEU T 95 36.08 -43.47 54.89
CA LEU T 95 34.87 -43.25 54.10
C LEU T 95 34.33 -41.81 54.28
N PRO T 96 34.78 -40.85 53.46
CA PRO T 96 34.24 -39.50 53.48
C PRO T 96 32.75 -39.43 53.14
N ARG T 97 32.09 -38.34 53.51
CA ARG T 97 30.66 -38.11 53.24
C ARG T 97 30.28 -38.27 51.76
N TRP T 98 31.11 -37.80 50.83
CA TRP T 98 30.83 -37.96 49.39
C TRP T 98 30.87 -39.41 48.90
N VAL T 99 31.50 -40.33 49.62
CA VAL T 99 31.39 -41.77 49.35
C VAL T 99 30.05 -42.31 49.86
N LEU T 100 29.68 -42.01 51.10
CA LEU T 100 28.43 -42.47 51.71
C LEU T 100 27.19 -42.02 50.93
N GLU T 101 27.14 -40.77 50.49
CA GLU T 101 26.01 -40.27 49.71
C GLU T 101 25.82 -40.98 48.36
N LYS T 102 26.87 -41.65 47.84
CA LYS T 102 26.82 -42.48 46.63
C LYS T 102 26.55 -43.95 46.93
N LEU T 103 27.30 -44.59 47.82
CA LEU T 103 27.10 -46.01 48.18
C LEU T 103 25.77 -46.28 48.88
N ARG T 104 25.36 -45.40 49.79
CA ARG T 104 24.20 -45.55 50.68
C ARG T 104 24.15 -46.91 51.39
N PRO T 105 25.19 -47.28 52.17
CA PRO T 105 25.28 -48.60 52.78
C PRO T 105 24.09 -48.95 53.66
N SER T 106 23.62 -50.19 53.62
CA SER T 106 22.61 -50.67 54.57
C SER T 106 23.23 -51.11 55.90
N VAL T 107 24.45 -51.64 55.89
CA VAL T 107 25.16 -52.06 57.11
C VAL T 107 26.62 -51.69 57.04
N ILE T 108 27.18 -51.22 58.15
CA ILE T 108 28.60 -51.16 58.42
C ILE T 108 28.92 -52.26 59.43
N LEU T 109 29.87 -53.12 59.14
CA LEU T 109 30.29 -54.18 60.05
C LEU T 109 31.70 -53.88 60.55
N LEU T 110 31.88 -53.93 61.86
CA LEU T 110 33.15 -53.64 62.51
C LEU T 110 33.64 -54.89 63.25
N VAL T 111 34.80 -55.41 62.88
CA VAL T 111 35.41 -56.58 63.52
C VAL T 111 36.30 -56.14 64.66
N GLU T 112 36.26 -56.83 65.80
CA GLU T 112 37.04 -56.52 67.00
C GLU T 112 37.64 -57.77 67.64
N ALA T 113 38.74 -57.59 68.38
CA ALA T 113 39.39 -58.60 69.20
C ALA T 113 40.10 -57.91 70.37
N ASP T 114 40.51 -58.63 71.42
CA ASP T 114 41.17 -57.97 72.56
C ASP T 114 42.53 -57.38 72.12
N PRO T 115 42.89 -56.15 72.54
CA PRO T 115 44.19 -55.57 72.24
C PRO T 115 45.38 -56.49 72.52
N LYS T 116 45.32 -57.31 73.57
CA LYS T 116 46.38 -58.28 73.88
C LYS T 116 46.48 -59.39 72.84
N GLU T 117 45.36 -59.88 72.32
CA GLU T 117 45.35 -60.84 71.22
C GLU T 117 45.98 -60.22 69.97
N ILE T 118 45.56 -59.00 69.61
CA ILE T 118 46.07 -58.30 68.42
C ILE T 118 47.56 -58.04 68.58
N TYR T 119 48.01 -57.61 69.75
CA TYR T 119 49.42 -57.42 70.04
C TYR T 119 50.21 -58.73 69.88
N GLY T 120 49.67 -59.85 70.37
CA GLY T 120 50.24 -61.18 70.14
C GLY T 120 50.34 -61.53 68.65
N ARG T 121 49.27 -61.34 67.88
CA ARG T 121 49.27 -61.59 66.43
C ARG T 121 50.29 -60.73 65.69
N ARG T 122 50.40 -59.46 66.05
CA ARG T 122 51.37 -58.52 65.46
C ARG T 122 52.80 -58.87 65.85
N LEU T 123 53.05 -59.29 67.09
CA LEU T 123 54.36 -59.71 67.56
C LEU T 123 54.85 -61.00 66.85
N LYS T 124 53.92 -61.88 66.44
CA LYS T 124 54.19 -63.08 65.64
C LYS T 124 54.39 -62.81 64.14
N ASP T 125 54.07 -61.62 63.65
CA ASP T 125 54.29 -61.23 62.26
C ASP T 125 55.75 -60.82 62.00
N ASP T 133 52.64 -50.87 67.71
CA ASP T 133 51.78 -50.08 68.59
C ASP T 133 51.65 -50.78 69.96
N SER T 134 51.55 -50.02 71.05
CA SER T 134 51.17 -50.56 72.35
C SER T 134 49.72 -51.07 72.36
N GLU T 135 49.39 -51.88 73.35
CA GLU T 135 47.99 -52.26 73.61
C GLU T 135 47.11 -51.03 73.87
N GLU T 136 47.66 -49.97 74.44
CA GLU T 136 46.94 -48.71 74.63
C GLU T 136 46.62 -48.05 73.29
N GLU T 137 47.57 -47.98 72.37
CA GLU T 137 47.32 -47.43 71.03
C GLU T 137 46.39 -48.31 70.19
N ILE T 138 46.41 -49.63 70.40
CA ILE T 138 45.45 -50.54 69.79
C ILE T 138 44.05 -50.25 70.34
N ALA T 139 43.89 -50.16 71.65
CA ALA T 139 42.60 -49.83 72.29
C ALA T 139 42.08 -48.45 71.85
N GLU T 140 42.96 -47.47 71.72
CA GLU T 140 42.63 -46.16 71.17
C GLU T 140 42.12 -46.27 69.73
N HIS T 141 42.81 -46.99 68.84
CA HIS T 141 42.37 -47.11 67.45
C HIS T 141 41.00 -47.80 67.37
N GLN T 142 40.75 -48.83 68.16
CA GLN T 142 39.43 -49.45 68.23
C GLN T 142 38.35 -48.45 68.67
N MET T 143 38.58 -47.68 69.72
CA MET T 143 37.61 -46.67 70.15
C MET T 143 37.36 -45.64 69.05
N MET T 144 38.40 -45.15 68.39
CA MET T 144 38.23 -44.22 67.28
C MET T 144 37.45 -44.84 66.11
N ASN T 145 37.62 -46.14 65.85
CA ASN T 145 36.80 -46.81 64.85
C ASN T 145 35.32 -46.83 65.23
N ARG T 146 34.96 -47.12 66.48
CA ARG T 146 33.56 -47.08 66.91
C ARG T 146 32.94 -45.71 66.70
N ALA T 147 33.66 -44.65 67.06
CA ALA T 147 33.20 -43.30 66.83
C ALA T 147 33.01 -43.02 65.33
N ALA T 148 33.97 -43.42 64.49
CA ALA T 148 33.87 -43.24 63.05
C ALA T 148 32.67 -43.99 62.46
N ALA T 149 32.48 -45.25 62.84
CA ALA T 149 31.38 -46.05 62.35
C ALA T 149 30.03 -45.43 62.70
N MET T 150 29.84 -45.01 63.96
CA MET T 150 28.57 -44.41 64.36
C MET T 150 28.33 -43.05 63.71
N ALA T 151 29.38 -42.27 63.48
CA ALA T 151 29.26 -41.06 62.67
C ALA T 151 28.80 -41.37 61.24
N TYR T 152 29.41 -42.36 60.58
CA TYR T 152 28.99 -42.83 59.25
C TYR T 152 27.54 -43.27 59.25
N ALA T 153 27.11 -44.00 60.28
CA ALA T 153 25.74 -44.43 60.42
C ALA T 153 24.78 -43.23 60.45
N SER T 154 25.05 -42.24 61.30
CA SER T 154 24.20 -41.06 61.43
C SER T 154 24.09 -40.24 60.14
N LEU T 155 25.12 -40.26 59.29
CA LEU T 155 25.10 -39.59 57.98
C LEU T 155 24.26 -40.32 56.94
N SER T 156 24.03 -41.62 57.09
CA SER T 156 23.61 -42.49 55.98
C SER T 156 22.36 -43.33 56.26
N GLY T 157 21.98 -43.53 57.53
CA GLY T 157 20.95 -44.49 57.92
C GLY T 157 21.43 -45.95 57.95
N ALA T 158 22.72 -46.22 57.76
CA ALA T 158 23.27 -47.57 57.87
C ALA T 158 23.15 -48.13 59.29
N THR T 159 22.88 -49.42 59.43
CA THR T 159 22.98 -50.12 60.72
C THR T 159 24.46 -50.37 61.06
N VAL T 160 24.84 -50.45 62.33
CA VAL T 160 26.20 -50.82 62.75
C VAL T 160 26.22 -52.12 63.52
N LYS T 161 26.96 -53.13 63.05
CA LYS T 161 27.17 -54.41 63.74
C LYS T 161 28.60 -54.50 64.23
N ILE T 162 28.81 -54.93 65.47
CA ILE T 162 30.14 -55.29 65.99
C ILE T 162 30.26 -56.81 66.05
N VAL T 163 31.39 -57.37 65.60
CA VAL T 163 31.69 -58.81 65.63
C VAL T 163 32.99 -59.09 66.37
N PHE T 164 32.97 -59.89 67.43
CA PHE T 164 34.19 -60.38 68.08
C PHE T 164 34.84 -61.52 67.30
N ASN T 165 36.17 -61.56 67.26
CA ASN T 165 36.96 -62.58 66.57
C ASN T 165 38.18 -63.03 67.39
N HIS T 166 37.93 -63.53 68.60
CA HIS T 166 38.97 -64.07 69.49
C HIS T 166 39.71 -65.26 68.86
N ASP T 167 40.98 -65.47 69.23
CA ASP T 167 41.92 -66.36 68.53
C ASP T 167 41.39 -67.78 68.25
N ASN T 168 40.91 -68.48 69.27
CA ASN T 168 40.44 -69.87 69.13
C ASN T 168 39.02 -69.99 68.56
N ARG T 169 38.32 -68.88 68.37
CA ARG T 169 36.85 -68.82 68.32
C ARG T 169 36.33 -68.26 66.99
N LEU T 170 36.98 -68.58 65.88
CA LEU T 170 36.56 -68.11 64.54
C LEU T 170 35.09 -68.45 64.24
N ASP T 171 34.60 -69.59 64.71
CA ASP T 171 33.19 -69.97 64.53
C ASP T 171 32.22 -68.97 65.16
N ASP T 172 32.56 -68.32 66.28
CA ASP T 172 31.74 -67.25 66.85
C ASP T 172 31.67 -66.05 65.91
N ALA T 173 32.81 -65.63 65.36
CA ALA T 173 32.84 -64.51 64.42
C ALA T 173 32.00 -64.80 63.18
N VAL T 174 32.13 -65.99 62.59
CA VAL T 174 31.35 -66.39 61.40
C VAL T 174 29.87 -66.53 61.74
N ARG T 175 29.53 -67.08 62.90
CA ARG T 175 28.14 -67.21 63.37
C ARG T 175 27.47 -65.87 63.62
N ASP T 176 28.21 -64.86 64.09
CA ASP T 176 27.70 -63.49 64.18
C ASP T 176 27.65 -62.78 62.83
N ALA T 177 28.58 -63.04 61.91
CA ALA T 177 28.65 -62.37 60.63
C ALA T 177 27.58 -62.85 59.63
N ALA T 178 27.34 -64.16 59.53
CA ALA T 178 26.43 -64.72 58.53
C ALA T 178 24.97 -64.19 58.61
N PRO T 179 24.36 -63.96 59.79
CA PRO T 179 23.06 -63.29 59.93
C PRO T 179 22.93 -61.92 59.28
N VAL T 180 24.03 -61.24 58.99
CA VAL T 180 24.03 -59.91 58.36
C VAL T 180 23.80 -59.99 56.84
N LEU T 181 24.13 -61.13 56.23
CA LEU T 181 24.20 -61.33 54.76
C LEU T 181 22.86 -61.71 54.13
N ILE U 4 -6.67 -44.08 -65.45
CA ILE U 4 -7.29 -45.26 -66.11
C ILE U 4 -6.81 -46.53 -65.41
N VAL U 5 -7.65 -47.56 -65.26
CA VAL U 5 -7.23 -48.90 -64.82
C VAL U 5 -7.55 -49.92 -65.89
N VAL U 6 -6.60 -50.75 -66.31
CA VAL U 6 -6.80 -51.83 -67.27
C VAL U 6 -6.76 -53.18 -66.57
N THR U 7 -7.70 -54.07 -66.88
CA THR U 7 -7.90 -55.34 -66.17
C THR U 7 -8.31 -56.49 -67.10
N GLY U 8 -8.04 -57.73 -66.69
CA GLY U 8 -8.39 -58.91 -67.45
C GLY U 8 -7.98 -60.22 -66.78
N ILE U 9 -8.64 -61.31 -67.18
CA ILE U 9 -8.34 -62.68 -66.74
C ILE U 9 -7.02 -63.19 -67.36
N PRO U 10 -6.13 -63.89 -66.62
CA PRO U 10 -4.92 -64.48 -67.18
C PRO U 10 -5.21 -65.39 -68.39
N GLY U 11 -4.58 -65.09 -69.51
CA GLY U 11 -4.82 -65.72 -70.82
C GLY U 11 -5.60 -64.86 -71.82
N VAL U 12 -6.28 -63.78 -71.38
CA VAL U 12 -7.06 -62.91 -72.29
C VAL U 12 -6.18 -62.04 -73.19
N GLY U 13 -4.87 -61.94 -72.93
CA GLY U 13 -3.95 -61.15 -73.75
C GLY U 13 -3.91 -59.67 -73.41
N LYS U 14 -4.21 -59.31 -72.17
CA LYS U 14 -4.28 -57.93 -71.65
C LYS U 14 -3.11 -57.05 -72.09
N THR U 15 -1.88 -57.53 -71.91
CA THR U 15 -0.67 -56.74 -72.18
C THR U 15 -0.55 -56.34 -73.65
N THR U 16 -0.93 -57.22 -74.58
CA THR U 16 -0.86 -56.95 -76.02
C THR U 16 -1.77 -55.78 -76.41
N VAL U 17 -3.03 -55.81 -76.01
CA VAL U 17 -3.98 -54.71 -76.32
C VAL U 17 -3.52 -53.41 -75.69
N MET U 18 -3.08 -53.43 -74.42
CA MET U 18 -2.55 -52.24 -73.76
C MET U 18 -1.33 -51.69 -74.49
N GLN U 19 -0.34 -52.50 -74.83
CA GLN U 19 0.88 -52.05 -75.51
C GLN U 19 0.57 -51.41 -76.86
N LYS U 20 -0.33 -52.00 -77.65
CA LYS U 20 -0.74 -51.48 -78.96
C LYS U 20 -1.56 -50.20 -78.84
N ALA U 21 -2.56 -50.14 -77.95
CA ALA U 21 -3.38 -48.94 -77.78
C ALA U 21 -2.61 -47.76 -77.17
N ALA U 22 -1.69 -48.02 -76.24
CA ALA U 22 -0.84 -47.00 -75.63
C ALA U 22 0.22 -46.42 -76.58
N GLU U 23 0.37 -46.94 -77.80
CA GLU U 23 1.37 -46.44 -78.76
C GLU U 23 1.17 -44.95 -79.08
N GLY U 24 2.25 -44.17 -78.97
CA GLY U 24 2.22 -42.71 -79.13
C GLY U 24 1.60 -41.92 -77.97
N SER U 25 1.08 -42.59 -76.92
CA SER U 25 0.50 -41.90 -75.77
C SER U 25 1.57 -41.30 -74.85
N PRO U 26 1.39 -40.08 -74.32
CA PRO U 26 2.27 -39.52 -73.30
C PRO U 26 2.04 -40.10 -71.89
N LEU U 27 1.06 -41.00 -71.69
CA LEU U 27 0.72 -41.51 -70.36
C LEU U 27 1.79 -42.48 -69.80
N PRO U 28 2.18 -42.35 -68.52
CA PRO U 28 2.99 -43.35 -67.85
C PRO U 28 2.27 -44.68 -67.70
N ARG U 29 3.03 -45.77 -67.66
CA ARG U 29 2.56 -47.16 -67.59
C ARG U 29 3.00 -47.78 -66.28
N VAL U 30 2.09 -48.32 -65.49
CA VAL U 30 2.39 -48.64 -64.08
C VAL U 30 1.78 -49.99 -63.68
N PRO U 31 2.56 -51.02 -63.33
CA PRO U 31 2.05 -52.21 -62.65
C PRO U 31 1.85 -51.90 -61.16
N LEU U 32 0.64 -52.08 -60.62
CA LEU U 32 0.33 -51.69 -59.24
C LEU U 32 1.10 -52.51 -58.20
N GLU U 33 1.27 -53.81 -58.44
CA GLU U 33 2.02 -54.69 -57.54
C GLU U 33 3.49 -54.27 -57.49
N GLY U 34 4.03 -53.85 -58.64
CA GLY U 34 5.37 -53.32 -58.76
C GLY U 34 5.57 -52.06 -57.92
N VAL U 35 4.63 -51.11 -57.96
CA VAL U 35 4.70 -49.93 -57.10
C VAL U 35 4.58 -50.30 -55.64
N MET U 36 3.71 -51.24 -55.27
CA MET U 36 3.62 -51.70 -53.88
C MET U 36 4.95 -52.28 -53.40
N TYR U 37 5.60 -53.13 -54.20
CA TYR U 37 6.92 -53.66 -53.89
C TYR U 37 7.96 -52.54 -53.74
N GLY U 38 8.00 -51.59 -54.66
CA GLY U 38 8.88 -50.43 -54.59
C GLY U 38 8.66 -49.59 -53.32
N VAL U 39 7.41 -49.29 -52.98
CA VAL U 39 7.06 -48.55 -51.76
C VAL U 39 7.49 -49.32 -50.53
N ALA U 40 7.16 -50.61 -50.44
CA ALA U 40 7.55 -51.43 -49.30
C ALA U 40 9.09 -51.56 -49.17
N LYS U 41 9.79 -51.77 -50.28
CA LYS U 41 11.25 -51.86 -50.37
C LYS U 41 11.94 -50.58 -49.90
N ARG U 42 11.44 -49.41 -50.32
CA ARG U 42 11.98 -48.10 -49.93
C ARG U 42 11.58 -47.68 -48.52
N MET U 43 10.47 -48.18 -48.00
CA MET U 43 10.14 -48.15 -46.57
C MET U 43 10.94 -49.16 -45.73
N GLY U 44 11.73 -50.03 -46.37
CA GLY U 44 12.58 -51.03 -45.71
C GLY U 44 11.85 -52.29 -45.20
N LEU U 45 10.58 -52.46 -45.56
CA LEU U 45 9.72 -53.56 -45.10
C LEU U 45 10.07 -54.91 -45.74
N VAL U 46 10.69 -54.89 -46.92
CA VAL U 46 11.04 -56.05 -47.74
C VAL U 46 12.32 -55.77 -48.53
N LYS U 47 12.92 -56.82 -49.10
CA LYS U 47 14.01 -56.76 -50.08
C LYS U 47 13.72 -57.57 -51.34
N ASP U 48 12.92 -58.64 -51.26
CA ASP U 48 12.61 -59.52 -52.40
C ASP U 48 11.10 -59.59 -52.71
N ILE U 49 10.73 -59.72 -53.98
CA ILE U 49 9.34 -59.57 -54.45
C ILE U 49 8.37 -60.57 -53.80
N ASP U 50 8.81 -61.79 -53.52
CA ASP U 50 7.98 -62.80 -52.84
C ASP U 50 7.65 -62.44 -51.38
N GLU U 51 8.43 -61.59 -50.74
CA GLU U 51 8.13 -61.15 -49.36
C GLU U 51 6.84 -60.32 -49.27
N MET U 52 6.36 -59.76 -50.38
CA MET U 52 5.09 -59.02 -50.41
C MET U 52 3.91 -59.90 -50.00
N ARG U 53 3.95 -61.22 -50.26
CA ARG U 53 2.94 -62.18 -49.81
C ARG U 53 3.06 -62.55 -48.33
N ARG U 54 4.23 -62.27 -47.72
CA ARG U 54 4.55 -62.62 -46.33
C ARG U 54 4.23 -61.50 -45.34
N LEU U 55 4.04 -60.28 -45.83
CA LEU U 55 3.70 -59.11 -45.00
C LEU U 55 2.40 -59.31 -44.21
N SER U 56 2.33 -58.71 -43.01
CA SER U 56 1.12 -58.66 -42.20
C SER U 56 -0.01 -57.93 -42.96
N PRO U 57 -1.23 -58.48 -43.06
CA PRO U 57 -2.31 -57.88 -43.84
C PRO U 57 -2.58 -56.41 -43.52
N ASP U 58 -2.56 -56.01 -42.26
CA ASP U 58 -2.84 -54.62 -41.86
C ASP U 58 -1.66 -53.66 -42.09
N VAL U 59 -0.46 -54.17 -42.34
CA VAL U 59 0.62 -53.40 -42.97
C VAL U 59 0.37 -53.30 -44.47
N GLN U 60 -0.02 -54.41 -45.11
CA GLN U 60 -0.27 -54.46 -46.54
C GLN U 60 -1.37 -53.50 -46.99
N LYS U 61 -2.42 -53.28 -46.17
CA LYS U 61 -3.41 -52.21 -46.41
C LYS U 61 -2.79 -50.82 -46.49
N GLU U 62 -1.85 -50.50 -45.61
CA GLU U 62 -1.19 -49.20 -45.65
C GLU U 62 -0.19 -49.08 -46.81
N VAL U 63 0.50 -50.17 -47.18
CA VAL U 63 1.30 -50.19 -48.42
C VAL U 63 0.42 -49.92 -49.64
N GLN U 64 -0.75 -50.55 -49.73
CA GLN U 64 -1.71 -50.27 -50.78
C GLN U 64 -2.18 -48.81 -50.77
N LYS U 65 -2.48 -48.25 -49.59
CA LYS U 65 -2.88 -46.86 -49.44
C LYS U 65 -1.79 -45.89 -49.92
N LYS U 66 -0.55 -46.07 -49.47
CA LYS U 66 0.59 -45.23 -49.87
C LYS U 66 0.90 -45.36 -51.36
N ALA U 67 0.92 -46.58 -51.91
CA ALA U 67 1.13 -46.78 -53.33
C ALA U 67 0.07 -46.04 -54.15
N ALA U 68 -1.20 -46.14 -53.78
CA ALA U 68 -2.26 -45.43 -54.45
C ALA U 68 -2.12 -43.91 -54.32
N GLU U 69 -1.79 -43.38 -53.14
CA GLU U 69 -1.57 -41.93 -52.97
C GLU U 69 -0.46 -41.41 -53.90
N ARG U 70 0.65 -42.14 -54.01
CA ARG U 70 1.76 -41.74 -54.89
C ARG U 70 1.40 -41.84 -56.37
N ILE U 71 0.60 -42.83 -56.76
CA ILE U 71 0.08 -42.92 -58.12
C ILE U 71 -0.95 -41.82 -58.40
N ALA U 72 -1.71 -41.37 -57.41
CA ALA U 72 -2.58 -40.21 -57.56
C ALA U 72 -1.77 -38.92 -57.77
N ALA U 73 -0.68 -38.74 -57.04
CA ALA U 73 0.20 -37.57 -57.21
C ALA U 73 0.86 -37.54 -58.60
N LEU U 74 1.26 -38.69 -59.15
CA LEU U 74 1.76 -38.83 -60.53
C LEU U 74 0.75 -38.35 -61.59
N GLY U 75 -0.54 -38.33 -61.26
CA GLY U 75 -1.60 -37.87 -62.15
C GLY U 75 -2.08 -38.94 -63.14
N ASP U 76 -2.47 -38.51 -64.34
CA ASP U 76 -3.12 -39.37 -65.32
C ASP U 76 -2.18 -40.50 -65.78
N VAL U 77 -2.64 -41.75 -65.78
CA VAL U 77 -1.80 -42.96 -65.85
C VAL U 77 -2.56 -44.14 -66.44
N ILE U 78 -1.88 -45.04 -67.13
CA ILE U 78 -2.44 -46.35 -67.50
C ILE U 78 -1.99 -47.35 -66.45
N LEU U 79 -2.77 -47.50 -65.38
CA LEU U 79 -2.51 -48.44 -64.31
C LEU U 79 -2.88 -49.87 -64.74
N ASP U 80 -2.09 -50.86 -64.36
CA ASP U 80 -2.27 -52.26 -64.70
C ASP U 80 -2.35 -53.14 -63.44
N THR U 81 -3.45 -53.87 -63.28
CA THR U 81 -3.68 -54.85 -62.21
C THR U 81 -4.87 -55.76 -62.52
N HIS U 82 -5.06 -56.87 -61.79
CA HIS U 82 -6.28 -57.68 -61.89
C HIS U 82 -7.45 -57.06 -61.11
N CYS U 83 -8.68 -57.18 -61.61
CA CYS U 83 -9.88 -56.80 -60.83
C CYS U 83 -10.27 -57.89 -59.83
N THR U 84 -10.15 -59.18 -60.15
CA THR U 84 -10.19 -60.25 -59.14
C THR U 84 -9.11 -61.30 -59.41
N ILE U 85 -8.46 -61.76 -58.35
CA ILE U 85 -7.39 -62.75 -58.41
C ILE U 85 -7.95 -64.06 -57.89
N LYS U 86 -7.83 -65.15 -58.65
CA LYS U 86 -8.32 -66.45 -58.20
C LYS U 86 -7.31 -67.11 -57.25
N THR U 87 -7.77 -67.56 -56.08
CA THR U 87 -6.93 -68.10 -55.01
C THR U 87 -7.55 -69.39 -54.43
N PRO U 88 -6.82 -70.19 -53.60
CA PRO U 88 -7.37 -71.39 -52.99
C PRO U 88 -8.66 -71.16 -52.19
N LYS U 89 -8.80 -70.01 -51.52
CA LYS U 89 -10.04 -69.59 -50.81
C LYS U 89 -11.04 -68.83 -51.69
N GLY U 90 -10.92 -68.92 -53.01
CA GLY U 90 -11.80 -68.27 -53.98
C GLY U 90 -11.27 -66.95 -54.54
N TYR U 91 -12.15 -66.13 -55.10
CA TYR U 91 -11.80 -64.86 -55.72
C TYR U 91 -11.46 -63.80 -54.68
N LEU U 92 -10.36 -63.09 -54.88
CA LEU U 92 -9.93 -61.98 -54.05
C LEU U 92 -10.11 -60.66 -54.84
N PRO U 93 -10.85 -59.67 -54.34
CA PRO U 93 -10.94 -58.35 -54.96
C PRO U 93 -9.58 -57.67 -55.08
N GLY U 94 -9.22 -57.26 -56.29
CA GLY U 94 -7.92 -56.63 -56.58
C GLY U 94 -7.84 -55.16 -56.19
N LEU U 95 -8.96 -54.45 -56.12
CA LEU U 95 -9.05 -53.04 -55.75
C LEU U 95 -9.97 -52.84 -54.53
N PRO U 96 -9.46 -53.01 -53.31
CA PRO U 96 -10.21 -52.64 -52.12
C PRO U 96 -10.60 -51.16 -52.11
N ARG U 97 -11.64 -50.81 -51.36
CA ARG U 97 -12.13 -49.42 -51.27
C ARG U 97 -11.05 -48.42 -50.83
N TRP U 98 -10.16 -48.80 -49.92
CA TRP U 98 -9.06 -47.93 -49.49
C TRP U 98 -8.03 -47.64 -50.57
N VAL U 99 -7.90 -48.47 -51.61
CA VAL U 99 -7.15 -48.11 -52.83
C VAL U 99 -7.97 -47.16 -53.68
N LEU U 100 -9.21 -47.56 -53.96
CA LEU U 100 -10.06 -46.95 -54.96
C LEU U 100 -10.41 -45.49 -54.65
N GLU U 101 -10.63 -45.15 -53.37
CA GLU U 101 -10.84 -43.77 -52.94
C GLU U 101 -9.61 -42.86 -53.11
N LYS U 102 -8.40 -43.41 -53.21
CA LYS U 102 -7.18 -42.64 -53.47
C LYS U 102 -6.94 -42.45 -54.96
N LEU U 103 -7.05 -43.51 -55.76
CA LEU U 103 -6.86 -43.42 -57.21
C LEU U 103 -7.96 -42.61 -57.90
N ARG U 104 -9.22 -42.79 -57.50
CA ARG U 104 -10.40 -42.17 -58.12
C ARG U 104 -10.43 -42.34 -59.64
N PRO U 105 -10.41 -43.58 -60.18
CA PRO U 105 -10.30 -43.81 -61.61
C PRO U 105 -11.38 -43.10 -62.42
N SER U 106 -11.06 -42.57 -63.58
CA SER U 106 -12.07 -42.09 -64.55
C SER U 106 -12.65 -43.24 -65.38
N VAL U 107 -11.86 -44.28 -65.64
CA VAL U 107 -12.30 -45.47 -66.37
C VAL U 107 -11.71 -46.72 -65.77
N ILE U 108 -12.52 -47.78 -65.69
CA ILE U 108 -12.08 -49.16 -65.56
C ILE U 108 -12.27 -49.82 -66.92
N LEU U 109 -11.23 -50.43 -67.48
CA LEU U 109 -11.32 -51.15 -68.73
C LEU U 109 -11.20 -52.64 -68.43
N LEU U 110 -12.16 -53.42 -68.90
CA LEU U 110 -12.22 -54.86 -68.71
C LEU U 110 -12.05 -55.56 -70.06
N VAL U 111 -11.00 -56.35 -70.21
CA VAL U 111 -10.70 -57.09 -71.44
C VAL U 111 -11.34 -58.47 -71.38
N GLU U 112 -12.00 -58.90 -72.45
CA GLU U 112 -12.69 -60.19 -72.53
C GLU U 112 -12.40 -60.92 -73.84
N ALA U 113 -12.48 -62.24 -73.82
CA ALA U 113 -12.44 -63.11 -75.00
C ALA U 113 -13.32 -64.33 -74.73
N ASP U 114 -13.65 -65.13 -75.74
CA ASP U 114 -14.50 -66.31 -75.51
C ASP U 114 -13.79 -67.33 -74.59
N PRO U 115 -14.48 -67.95 -73.62
CA PRO U 115 -13.90 -69.00 -72.78
C PRO U 115 -13.18 -70.10 -73.56
N LYS U 116 -13.66 -70.46 -74.74
CA LYS U 116 -13.02 -71.47 -75.61
C LYS U 116 -11.70 -70.97 -76.20
N GLU U 117 -11.60 -69.69 -76.55
CA GLU U 117 -10.34 -69.08 -76.97
C GLU U 117 -9.33 -69.09 -75.83
N ILE U 118 -9.75 -68.64 -74.65
CA ILE U 118 -8.90 -68.58 -73.46
C ILE U 118 -8.44 -69.97 -73.06
N TYR U 119 -9.34 -70.95 -73.08
CA TYR U 119 -8.99 -72.35 -72.83
C TYR U 119 -7.97 -72.87 -73.85
N GLY U 120 -8.14 -72.55 -75.13
CA GLY U 120 -7.17 -72.89 -76.18
C GLY U 120 -5.79 -72.28 -75.90
N ARG U 121 -5.72 -70.99 -75.59
CA ARG U 121 -4.45 -70.32 -75.24
C ARG U 121 -3.81 -70.93 -74.00
N ARG U 122 -4.60 -71.22 -72.96
CA ARG U 122 -4.11 -71.86 -71.73
C ARG U 122 -3.63 -73.30 -71.97
N LEU U 123 -4.26 -74.03 -72.87
CA LEU U 123 -3.85 -75.38 -73.26
C LEU U 123 -2.55 -75.38 -74.08
N LYS U 124 -2.33 -74.34 -74.89
CA LYS U 124 -1.12 -74.13 -75.70
C LYS U 124 0.06 -73.56 -74.91
N ASP U 125 -0.19 -72.97 -73.74
CA ASP U 125 0.86 -72.53 -72.81
C ASP U 125 1.58 -73.72 -72.16
N ASP U 133 -8.52 -74.65 -65.52
CA ASP U 133 -9.94 -74.41 -65.31
C ASP U 133 -10.76 -74.91 -66.51
N SER U 134 -11.98 -75.40 -66.29
CA SER U 134 -12.93 -75.61 -67.37
C SER U 134 -13.35 -74.29 -68.01
N GLU U 135 -13.94 -74.36 -69.21
CA GLU U 135 -14.60 -73.22 -69.82
C GLU U 135 -15.72 -72.64 -68.95
N GLU U 136 -16.38 -73.48 -68.15
CA GLU U 136 -17.41 -73.03 -67.19
C GLU U 136 -16.80 -72.19 -66.07
N GLU U 137 -15.68 -72.62 -65.51
CA GLU U 137 -14.96 -71.85 -64.50
C GLU U 137 -14.34 -70.57 -65.07
N ILE U 138 -13.95 -70.56 -66.35
CA ILE U 138 -13.51 -69.34 -67.03
C ILE U 138 -14.69 -68.38 -67.19
N ALA U 139 -15.83 -68.85 -67.68
CA ALA U 139 -17.03 -68.04 -67.81
C ALA U 139 -17.51 -67.48 -66.46
N GLU U 140 -17.41 -68.28 -65.39
CA GLU U 140 -17.65 -67.82 -64.03
C GLU U 140 -16.69 -66.70 -63.64
N HIS U 141 -15.38 -66.86 -63.83
CA HIS U 141 -14.43 -65.81 -63.45
C HIS U 141 -14.69 -64.51 -64.22
N GLN U 142 -15.01 -64.58 -65.51
CA GLN U 142 -15.43 -63.40 -66.25
C GLN U 142 -16.68 -62.75 -65.66
N MET U 143 -17.72 -63.52 -65.37
CA MET U 143 -18.93 -62.96 -64.76
C MET U 143 -18.64 -62.31 -63.41
N MET U 144 -17.81 -62.94 -62.57
CA MET U 144 -17.41 -62.32 -61.31
C MET U 144 -16.61 -61.04 -61.51
N ASN U 145 -15.80 -60.94 -62.57
CA ASN U 145 -15.12 -59.69 -62.87
C ASN U 145 -16.10 -58.59 -63.24
N ARG U 146 -17.14 -58.85 -64.03
CA ARG U 146 -18.16 -57.82 -64.34
C ARG U 146 -18.83 -57.29 -63.08
N ALA U 147 -19.20 -58.18 -62.16
CA ALA U 147 -19.77 -57.77 -60.88
C ALA U 147 -18.79 -56.90 -60.09
N ALA U 148 -17.52 -57.30 -59.99
CA ALA U 148 -16.51 -56.53 -59.29
C ALA U 148 -16.27 -55.15 -59.90
N ALA U 149 -16.17 -55.08 -61.23
CA ALA U 149 -15.95 -53.83 -61.93
C ALA U 149 -17.08 -52.84 -61.67
N MET U 150 -18.33 -53.27 -61.83
CA MET U 150 -19.46 -52.38 -61.63
C MET U 150 -19.64 -51.99 -60.15
N ALA U 151 -19.25 -52.85 -59.22
CA ALA U 151 -19.16 -52.44 -57.82
C ALA U 151 -18.14 -51.31 -57.64
N TYR U 152 -16.93 -51.42 -58.20
CA TYR U 152 -15.94 -50.34 -58.15
C TYR U 152 -16.47 -49.06 -58.80
N ALA U 153 -17.18 -49.17 -59.91
CA ALA U 153 -17.78 -48.03 -60.57
C ALA U 153 -18.71 -47.29 -59.62
N SER U 154 -19.65 -47.99 -58.98
CA SER U 154 -20.59 -47.37 -58.03
C SER U 154 -19.91 -46.70 -56.84
N LEU U 155 -18.76 -47.21 -56.40
CA LEU U 155 -17.98 -46.65 -55.29
C LEU U 155 -17.19 -45.39 -55.66
N SER U 156 -17.01 -45.09 -56.95
CA SER U 156 -15.98 -44.15 -57.41
C SER U 156 -16.43 -43.17 -58.49
N GLY U 157 -17.52 -43.42 -59.19
CA GLY U 157 -17.91 -42.67 -60.39
C GLY U 157 -17.10 -43.04 -61.63
N ALA U 158 -16.26 -44.07 -61.59
CA ALA U 158 -15.53 -44.53 -62.76
C ALA U 158 -16.46 -45.08 -63.84
N THR U 159 -16.21 -44.75 -65.09
CA THR U 159 -16.88 -45.38 -66.24
C THR U 159 -16.39 -46.83 -66.39
N VAL U 160 -17.17 -47.76 -66.91
CA VAL U 160 -16.72 -49.13 -67.19
C VAL U 160 -16.81 -49.45 -68.67
N LYS U 161 -15.70 -49.82 -69.30
CA LYS U 161 -15.64 -50.20 -70.72
C LYS U 161 -15.29 -51.68 -70.85
N ILE U 162 -16.00 -52.41 -71.68
CA ILE U 162 -15.65 -53.80 -72.04
C ILE U 162 -15.04 -53.84 -73.44
N VAL U 163 -13.93 -54.57 -73.61
CA VAL U 163 -13.23 -54.73 -74.90
C VAL U 163 -13.08 -56.20 -75.25
N PHE U 164 -13.56 -56.63 -76.42
CA PHE U 164 -13.31 -57.99 -76.92
C PHE U 164 -11.93 -58.12 -77.57
N ASN U 165 -11.23 -59.23 -77.31
CA ASN U 165 -9.89 -59.53 -77.84
C ASN U 165 -9.83 -60.95 -78.44
N HIS U 166 -10.68 -61.23 -79.42
CA HIS U 166 -10.68 -62.51 -80.14
C HIS U 166 -9.34 -62.78 -80.85
N ASP U 167 -8.96 -64.06 -81.01
CA ASP U 167 -7.60 -64.48 -81.36
C ASP U 167 -6.96 -63.74 -82.55
N ASN U 168 -7.64 -63.72 -83.70
CA ASN U 168 -7.13 -63.08 -84.91
C ASN U 168 -7.35 -61.55 -84.95
N ARG U 169 -8.23 -61.03 -84.11
CA ARG U 169 -8.90 -59.73 -84.29
C ARG U 169 -8.33 -58.65 -83.37
N LEU U 170 -7.02 -58.67 -83.13
CA LEU U 170 -6.35 -57.70 -82.26
C LEU U 170 -6.63 -56.24 -82.66
N ASP U 171 -6.78 -55.95 -83.96
CA ASP U 171 -7.13 -54.61 -84.42
C ASP U 171 -8.50 -54.14 -83.91
N ASP U 172 -9.48 -55.02 -83.73
CA ASP U 172 -10.76 -54.66 -83.09
C ASP U 172 -10.57 -54.29 -81.63
N ALA U 173 -9.75 -55.05 -80.89
CA ALA U 173 -9.44 -54.73 -79.51
C ALA U 173 -8.74 -53.37 -79.39
N VAL U 174 -7.74 -53.11 -80.23
CA VAL U 174 -7.03 -51.82 -80.23
C VAL U 174 -7.94 -50.68 -80.66
N ARG U 175 -8.81 -50.89 -81.64
CA ARG U 175 -9.78 -49.89 -82.09
C ARG U 175 -10.83 -49.56 -81.02
N ASP U 176 -11.26 -50.54 -80.22
CA ASP U 176 -12.10 -50.26 -79.05
C ASP U 176 -11.32 -49.59 -77.90
N ALA U 177 -10.05 -49.93 -77.70
CA ALA U 177 -9.26 -49.41 -76.58
C ALA U 177 -8.79 -47.96 -76.76
N ALA U 178 -8.25 -47.60 -77.94
CA ALA U 178 -7.66 -46.28 -78.16
C ALA U 178 -8.62 -45.08 -77.90
N PRO U 179 -9.93 -45.15 -78.22
CA PRO U 179 -10.92 -44.12 -77.86
C PRO U 179 -11.05 -43.80 -76.38
N VAL U 180 -10.59 -44.68 -75.47
CA VAL U 180 -10.67 -44.46 -74.03
C VAL U 180 -9.63 -43.44 -73.55
N LEU U 181 -8.47 -43.42 -74.21
CA LEU U 181 -7.23 -42.74 -73.79
C LEU U 181 -7.27 -41.21 -73.97
N ILE V 4 -43.70 -47.47 45.89
CA ILE V 4 -44.96 -48.24 46.10
C ILE V 4 -46.13 -47.28 46.14
N VAL V 5 -47.30 -47.64 45.63
CA VAL V 5 -48.55 -46.88 45.80
C VAL V 5 -49.62 -47.75 46.42
N VAL V 6 -50.26 -47.31 47.49
CA VAL V 6 -51.36 -48.04 48.15
C VAL V 6 -52.69 -47.36 47.86
N THR V 7 -53.73 -48.13 47.53
CA THR V 7 -55.01 -47.60 47.05
C THR V 7 -56.20 -48.41 47.55
N GLY V 8 -57.38 -47.80 47.59
CA GLY V 8 -58.60 -48.47 48.04
C GLY V 8 -59.83 -47.55 48.06
N ILE V 9 -61.02 -48.14 48.02
CA ILE V 9 -62.32 -47.46 48.13
C ILE V 9 -62.53 -46.95 49.58
N PRO V 10 -63.06 -45.73 49.82
CA PRO V 10 -63.34 -45.24 51.16
C PRO V 10 -64.22 -46.21 51.98
N GLY V 11 -63.75 -46.59 53.17
CA GLY V 11 -64.37 -47.61 54.03
C GLY V 11 -63.71 -48.99 53.98
N VAL V 12 -62.81 -49.26 53.04
CA VAL V 12 -62.15 -50.59 52.93
C VAL V 12 -61.09 -50.86 54.02
N GLY V 13 -60.70 -49.86 54.80
CA GLY V 13 -59.72 -50.01 55.89
C GLY V 13 -58.26 -49.83 55.45
N LYS V 14 -58.04 -49.09 54.37
CA LYS V 14 -56.73 -48.84 53.75
C LYS V 14 -55.65 -48.46 54.77
N THR V 15 -55.91 -47.45 55.59
CA THR V 15 -54.92 -46.92 56.54
C THR V 15 -54.50 -47.97 57.57
N THR V 16 -55.45 -48.76 58.07
CA THR V 16 -55.18 -49.82 59.05
C THR V 16 -54.23 -50.88 58.50
N VAL V 17 -54.51 -51.41 57.30
CA VAL V 17 -53.63 -52.41 56.66
C VAL V 17 -52.26 -51.81 56.36
N MET V 18 -52.21 -50.58 55.86
CA MET V 18 -50.94 -49.90 55.61
C MET V 18 -50.11 -49.76 56.89
N GLN V 19 -50.66 -49.20 57.96
CA GLN V 19 -49.90 -48.92 59.18
C GLN V 19 -49.45 -50.20 59.91
N LYS V 20 -50.26 -51.25 59.88
CA LYS V 20 -49.87 -52.56 60.42
C LYS V 20 -48.79 -53.24 59.58
N ALA V 21 -48.91 -53.27 58.24
CA ALA V 21 -47.90 -53.91 57.40
C ALA V 21 -46.59 -53.11 57.34
N ALA V 22 -46.64 -51.78 57.34
CA ALA V 22 -45.48 -50.90 57.36
C ALA V 22 -44.75 -50.85 58.72
N GLU V 23 -45.20 -51.60 59.72
CA GLU V 23 -44.55 -51.65 61.04
C GLU V 23 -43.08 -52.08 60.92
N GLY V 24 -42.17 -51.32 61.52
CA GLY V 24 -40.72 -51.53 61.43
C GLY V 24 -40.08 -51.22 60.08
N SER V 25 -40.82 -50.73 59.08
CA SER V 25 -40.26 -50.40 57.76
C SER V 25 -39.39 -49.13 57.82
N PRO V 26 -38.24 -49.09 57.14
CA PRO V 26 -37.47 -47.87 56.95
C PRO V 26 -38.10 -46.90 55.93
N LEU V 27 -39.17 -47.28 55.23
CA LEU V 27 -39.78 -46.42 54.21
C LEU V 27 -40.56 -45.23 54.82
N PRO V 28 -40.44 -44.02 54.27
CA PRO V 28 -41.35 -42.92 54.61
C PRO V 28 -42.77 -43.22 54.14
N ARG V 29 -43.77 -42.52 54.70
CA ARG V 29 -45.15 -42.58 54.19
C ARG V 29 -45.67 -41.20 53.81
N VAL V 30 -46.43 -41.12 52.73
CA VAL V 30 -46.72 -39.84 52.09
C VAL V 30 -48.14 -39.81 51.54
N PRO V 31 -49.06 -38.95 52.03
CA PRO V 31 -50.32 -38.70 51.36
C PRO V 31 -50.10 -37.75 50.17
N LEU V 32 -50.47 -38.15 48.95
CA LEU V 32 -50.14 -37.37 47.75
C LEU V 32 -50.83 -36.01 47.71
N GLU V 33 -52.08 -35.94 48.17
CA GLU V 33 -52.84 -34.68 48.21
C GLU V 33 -52.18 -33.69 49.18
N GLY V 34 -51.67 -34.21 50.30
CA GLY V 34 -50.91 -33.44 51.27
C GLY V 34 -49.64 -32.84 50.68
N VAL V 35 -48.87 -33.62 49.91
CA VAL V 35 -47.70 -33.09 49.20
C VAL V 35 -48.10 -32.04 48.17
N MET V 36 -49.17 -32.26 47.41
CA MET V 36 -49.63 -31.26 46.44
C MET V 36 -49.97 -29.93 47.13
N TYR V 37 -50.69 -29.99 48.25
CA TYR V 37 -50.97 -28.81 49.06
C TYR V 37 -49.69 -28.14 49.55
N GLY V 38 -48.75 -28.91 50.11
CA GLY V 38 -47.46 -28.39 50.55
C GLY V 38 -46.67 -27.72 49.43
N VAL V 39 -46.60 -28.34 48.25
CA VAL V 39 -45.91 -27.79 47.09
C VAL V 39 -46.59 -26.50 46.62
N ALA V 40 -47.90 -26.51 46.45
CA ALA V 40 -48.65 -25.31 46.04
C ALA V 40 -48.53 -24.17 47.06
N LYS V 41 -48.61 -24.48 48.35
CA LYS V 41 -48.45 -23.54 49.47
C LYS V 41 -47.07 -22.88 49.46
N ARG V 42 -46.01 -23.66 49.27
CA ARG V 42 -44.62 -23.16 49.23
C ARG V 42 -44.28 -22.45 47.92
N MET V 43 -44.98 -22.77 46.83
CA MET V 43 -45.02 -21.97 45.61
C MET V 43 -45.89 -20.70 45.72
N GLY V 44 -46.58 -20.49 46.85
CA GLY V 44 -47.40 -19.32 47.14
C GLY V 44 -48.79 -19.30 46.46
N LEU V 45 -49.20 -20.39 45.83
CA LEU V 45 -50.43 -20.49 45.04
C LEU V 45 -51.70 -20.56 45.90
N VAL V 46 -51.57 -21.07 47.12
CA VAL V 46 -52.66 -21.31 48.09
C VAL V 46 -52.16 -21.07 49.51
N LYS V 47 -53.09 -20.97 50.46
CA LYS V 47 -52.83 -20.96 51.92
C LYS V 47 -53.66 -22.01 52.66
N ASP V 48 -54.84 -22.40 52.16
CA ASP V 48 -55.74 -23.35 52.84
C ASP V 48 -56.04 -24.60 51.99
N ILE V 49 -56.26 -25.75 52.63
CA ILE V 49 -56.34 -27.06 51.99
C ILE V 49 -57.47 -27.18 50.95
N ASP V 50 -58.59 -26.45 51.16
CA ASP V 50 -59.69 -26.41 50.21
C ASP V 50 -59.37 -25.69 48.89
N GLU V 51 -58.43 -24.74 48.90
CA GLU V 51 -58.09 -23.94 47.72
C GLU V 51 -57.49 -24.79 46.60
N MET V 52 -56.99 -25.99 46.91
CA MET V 52 -56.51 -26.96 45.93
C MET V 52 -57.59 -27.32 44.90
N ARG V 53 -58.87 -27.35 45.31
CA ARG V 53 -60.02 -27.58 44.41
C ARG V 53 -60.37 -26.35 43.56
N ARG V 54 -59.87 -25.18 43.93
CA ARG V 54 -60.13 -23.88 43.29
C ARG V 54 -59.04 -23.46 42.30
N LEU V 55 -57.90 -24.16 42.28
CA LEU V 55 -56.84 -23.94 41.31
C LEU V 55 -57.33 -24.14 39.86
N SER V 56 -56.72 -23.43 38.92
CA SER V 56 -56.91 -23.67 37.49
C SER V 56 -56.40 -25.07 37.11
N PRO V 57 -57.17 -25.90 36.40
CA PRO V 57 -56.77 -27.28 36.09
C PRO V 57 -55.39 -27.41 35.45
N ASP V 58 -55.04 -26.53 34.51
CA ASP V 58 -53.73 -26.58 33.84
C ASP V 58 -52.56 -26.05 34.70
N VAL V 59 -52.85 -25.37 35.83
CA VAL V 59 -51.87 -25.16 36.90
C VAL V 59 -51.79 -26.41 37.78
N GLN V 60 -52.93 -26.99 38.12
CA GLN V 60 -53.01 -28.19 38.96
C GLN V 60 -52.26 -29.39 38.35
N LYS V 61 -52.23 -29.51 37.01
CA LYS V 61 -51.35 -30.46 36.31
C LYS V 61 -49.88 -30.26 36.66
N GLU V 62 -49.39 -29.03 36.66
CA GLU V 62 -48.00 -28.76 37.02
C GLU V 62 -47.74 -28.96 38.51
N VAL V 63 -48.70 -28.68 39.39
CA VAL V 63 -48.59 -29.05 40.82
C VAL V 63 -48.45 -30.55 40.98
N GLN V 64 -49.26 -31.35 40.27
CA GLN V 64 -49.11 -32.81 40.27
C GLN V 64 -47.73 -33.23 39.75
N LYS V 65 -47.27 -32.63 38.65
CA LYS V 65 -45.96 -32.91 38.06
C LYS V 65 -44.81 -32.61 39.03
N LYS V 66 -44.78 -31.42 39.63
CA LYS V 66 -43.74 -31.03 40.60
C LYS V 66 -43.78 -31.88 41.86
N ALA V 67 -44.96 -32.16 42.41
CA ALA V 67 -45.08 -33.07 43.55
C ALA V 67 -44.52 -34.46 43.23
N ALA V 68 -44.84 -35.00 42.06
CA ALA V 68 -44.30 -36.28 41.64
C ALA V 68 -42.78 -36.24 41.48
N GLU V 69 -42.21 -35.21 40.87
CA GLU V 69 -40.74 -35.06 40.75
C GLU V 69 -40.07 -35.07 42.13
N ARG V 70 -40.65 -34.37 43.11
CA ARG V 70 -40.08 -34.29 44.46
C ARG V 70 -40.21 -35.61 45.22
N ILE V 71 -41.30 -36.35 45.04
CA ILE V 71 -41.43 -37.69 45.60
C ILE V 71 -40.51 -38.69 44.88
N ALA V 72 -40.25 -38.51 43.58
CA ALA V 72 -39.29 -39.33 42.87
C ALA V 72 -37.86 -39.09 43.37
N ALA V 73 -37.48 -37.84 43.64
CA ALA V 73 -36.19 -37.52 44.24
C ALA V 73 -36.02 -38.11 45.66
N LEU V 74 -37.07 -38.10 46.48
CA LEU V 74 -37.08 -38.74 47.80
C LEU V 74 -36.79 -40.25 47.73
N GLY V 75 -37.14 -40.89 46.62
CA GLY V 75 -36.92 -42.31 46.41
C GLY V 75 -38.04 -43.20 46.96
N ASP V 76 -37.67 -44.44 47.31
CA ASP V 76 -38.62 -45.50 47.66
C ASP V 76 -39.48 -45.13 48.88
N VAL V 77 -40.80 -45.24 48.74
CA VAL V 77 -41.81 -44.63 49.62
C VAL V 77 -43.11 -45.44 49.62
N ILE V 78 -43.86 -45.43 50.71
CA ILE V 78 -45.25 -45.90 50.71
C ILE V 78 -46.15 -44.71 50.42
N LEU V 79 -46.35 -44.40 49.13
CA LEU V 79 -47.24 -43.33 48.71
C LEU V 79 -48.70 -43.75 48.89
N ASP V 80 -49.58 -42.81 49.25
CA ASP V 80 -51.00 -43.07 49.50
C ASP V 80 -51.89 -42.09 48.72
N THR V 81 -52.82 -42.63 47.92
CA THR V 81 -53.92 -41.88 47.26
C THR V 81 -54.99 -42.84 46.73
N HIS V 82 -56.19 -42.35 46.38
CA HIS V 82 -57.19 -43.18 45.70
C HIS V 82 -56.81 -43.41 44.23
N CYS V 83 -57.03 -44.62 43.70
CA CYS V 83 -56.81 -44.93 42.29
C CYS V 83 -57.91 -44.32 41.39
N THR V 84 -59.16 -44.29 41.85
CA THR V 84 -60.22 -43.45 41.28
C THR V 84 -61.06 -42.79 42.37
N ILE V 85 -61.41 -41.53 42.17
CA ILE V 85 -62.21 -40.74 43.11
C ILE V 85 -63.62 -40.62 42.55
N LYS V 86 -64.66 -40.92 43.33
CA LYS V 86 -66.05 -40.78 42.85
C LYS V 86 -66.53 -39.33 42.99
N THR V 87 -67.16 -38.79 41.95
CA THR V 87 -67.58 -37.39 41.87
C THR V 87 -68.97 -37.28 41.22
N PRO V 88 -69.66 -36.12 41.27
CA PRO V 88 -70.93 -35.91 40.58
C PRO V 88 -70.91 -36.25 39.09
N LYS V 89 -69.81 -35.97 38.38
CA LYS V 89 -69.60 -36.34 36.98
C LYS V 89 -69.03 -37.75 36.78
N GLY V 90 -69.11 -38.62 37.80
CA GLY V 90 -68.61 -40.00 37.74
C GLY V 90 -67.20 -40.18 38.28
N TYR V 91 -66.54 -41.26 37.91
CA TYR V 91 -65.20 -41.62 38.38
C TYR V 91 -64.12 -40.74 37.77
N LEU V 92 -63.20 -40.23 38.59
CA LEU V 92 -62.05 -39.46 38.17
C LEU V 92 -60.77 -40.29 38.40
N PRO V 93 -59.90 -40.50 37.40
CA PRO V 93 -58.60 -41.14 37.59
C PRO V 93 -57.72 -40.39 38.58
N GLY V 94 -57.27 -41.06 39.65
CA GLY V 94 -56.44 -40.45 40.67
C GLY V 94 -54.98 -40.22 40.26
N LEU V 95 -54.50 -40.94 39.24
CA LEU V 95 -53.10 -40.91 38.81
C LEU V 95 -52.99 -40.72 37.28
N PRO V 96 -53.09 -39.48 36.77
CA PRO V 96 -52.90 -39.21 35.36
C PRO V 96 -51.52 -39.66 34.86
N ARG V 97 -51.39 -39.88 33.56
CA ARG V 97 -50.13 -40.31 32.93
C ARG V 97 -48.94 -39.43 33.29
N TRP V 98 -49.12 -38.11 33.37
CA TRP V 98 -48.03 -37.19 33.75
C TRP V 98 -47.53 -37.38 35.18
N VAL V 99 -48.30 -37.99 36.08
CA VAL V 99 -47.79 -38.42 37.39
C VAL V 99 -46.95 -39.69 37.25
N LEU V 100 -47.46 -40.71 36.55
CA LEU V 100 -46.77 -41.99 36.38
C LEU V 100 -45.42 -41.85 35.70
N GLU V 101 -45.31 -41.01 34.68
CA GLU V 101 -44.04 -40.77 33.99
C GLU V 101 -42.95 -40.18 34.90
N LYS V 102 -43.34 -39.54 36.01
CA LYS V 102 -42.43 -38.99 37.02
C LYS V 102 -42.18 -39.95 38.18
N LEU V 103 -43.21 -40.51 38.80
CA LEU V 103 -43.05 -41.44 39.93
C LEU V 103 -42.43 -42.78 39.52
N ARG V 104 -42.81 -43.30 38.35
CA ARG V 104 -42.42 -44.63 37.85
C ARG V 104 -42.60 -45.74 38.90
N PRO V 105 -43.83 -45.96 39.41
CA PRO V 105 -44.08 -46.92 40.48
C PRO V 105 -43.57 -48.32 40.19
N SER V 106 -43.06 -49.02 41.20
CA SER V 106 -42.73 -50.44 41.11
C SER V 106 -43.92 -51.34 41.40
N VAL V 107 -44.81 -50.95 42.30
CA VAL V 107 -46.01 -51.71 42.66
C VAL V 107 -47.18 -50.79 42.87
N ILE V 108 -48.36 -51.18 42.40
CA ILE V 108 -49.65 -50.63 42.80
C ILE V 108 -50.31 -51.68 43.68
N LEU V 109 -50.74 -51.32 44.88
CA LEU V 109 -51.45 -52.22 45.77
C LEU V 109 -52.89 -51.75 45.89
N LEU V 110 -53.83 -52.64 45.64
CA LEU V 110 -55.25 -52.37 45.69
C LEU V 110 -55.90 -53.17 46.82
N VAL V 111 -56.50 -52.49 47.79
CA VAL V 111 -57.15 -53.12 48.94
C VAL V 111 -58.62 -53.35 48.62
N GLU V 112 -59.15 -54.54 48.91
CA GLU V 112 -60.54 -54.92 48.64
C GLU V 112 -61.19 -55.60 49.85
N ALA V 113 -62.52 -55.54 49.91
CA ALA V 113 -63.37 -56.25 50.85
C ALA V 113 -64.73 -56.50 50.20
N ASP V 114 -65.57 -57.37 50.76
CA ASP V 114 -66.87 -57.65 50.13
C ASP V 114 -67.78 -56.40 50.14
N PRO V 115 -68.53 -56.10 49.05
CA PRO V 115 -69.48 -54.99 49.04
C PRO V 115 -70.44 -54.94 50.22
N LYS V 116 -70.86 -56.10 50.76
CA LYS V 116 -71.74 -56.16 51.93
C LYS V 116 -71.02 -55.76 53.21
N GLU V 117 -69.75 -56.14 53.36
CA GLU V 117 -68.91 -55.67 54.47
C GLU V 117 -68.76 -54.16 54.40
N ILE V 118 -68.39 -53.63 53.23
CA ILE V 118 -68.22 -52.18 53.04
C ILE V 118 -69.53 -51.44 53.30
N TYR V 119 -70.66 -51.96 52.80
CA TYR V 119 -71.96 -51.38 53.06
C TYR V 119 -72.27 -51.37 54.56
N GLY V 120 -71.96 -52.45 55.29
CA GLY V 120 -72.08 -52.49 56.74
C GLY V 120 -71.23 -51.43 57.43
N ARG V 121 -69.96 -51.28 57.04
CA ARG V 121 -69.07 -50.23 57.59
C ARG V 121 -69.59 -48.84 57.28
N ARG V 122 -70.04 -48.58 56.05
CA ARG V 122 -70.62 -47.30 55.62
C ARG V 122 -71.94 -46.99 56.32
N LEU V 123 -72.76 -48.00 56.62
CA LEU V 123 -74.01 -47.85 57.35
C LEU V 123 -73.78 -47.52 58.84
N LYS V 124 -72.76 -48.13 59.45
CA LYS V 124 -72.37 -47.89 60.86
C LYS V 124 -71.59 -46.58 61.06
N ASP V 125 -71.05 -45.99 60.01
CA ASP V 125 -70.33 -44.72 60.08
C ASP V 125 -71.28 -43.53 60.34
N ASP V 133 -74.45 -45.63 48.97
CA ASP V 133 -74.64 -46.32 47.69
C ASP V 133 -75.00 -47.80 47.90
N SER V 134 -75.65 -48.41 46.93
CA SER V 134 -75.93 -49.84 46.96
C SER V 134 -74.67 -50.70 46.91
N GLU V 135 -74.80 -51.97 47.30
CA GLU V 135 -73.76 -52.97 47.09
C GLU V 135 -73.39 -53.11 45.61
N GLU V 136 -74.32 -52.84 44.69
CA GLU V 136 -74.05 -52.83 43.25
C GLU V 136 -73.14 -51.67 42.87
N GLU V 137 -73.39 -50.47 43.36
CA GLU V 137 -72.52 -49.31 43.10
C GLU V 137 -71.15 -49.45 43.78
N ILE V 138 -71.08 -50.11 44.94
CA ILE V 138 -69.82 -50.46 45.57
C ILE V 138 -69.04 -51.46 44.70
N ALA V 139 -69.69 -52.55 44.25
CA ALA V 139 -69.05 -53.53 43.37
C ALA V 139 -68.59 -52.90 42.03
N GLU V 140 -69.38 -52.00 41.48
CA GLU V 140 -68.99 -51.22 40.30
C GLU V 140 -67.71 -50.41 40.57
N HIS V 141 -67.64 -49.65 41.66
CA HIS V 141 -66.45 -48.84 41.95
C HIS V 141 -65.21 -49.72 42.11
N GLN V 142 -65.33 -50.89 42.74
CA GLN V 142 -64.22 -51.85 42.77
C GLN V 142 -63.80 -52.32 41.37
N MET V 143 -64.75 -52.71 40.53
CA MET V 143 -64.43 -53.10 39.16
C MET V 143 -63.75 -51.97 38.38
N MET V 144 -64.23 -50.74 38.51
CA MET V 144 -63.57 -49.59 37.90
C MET V 144 -62.15 -49.38 38.45
N ASN V 145 -61.92 -49.60 39.74
CA ASN V 145 -60.57 -49.54 40.28
C ASN V 145 -59.66 -50.60 39.67
N ARG V 146 -60.12 -51.85 39.51
CA ARG V 146 -59.29 -52.90 38.86
C ARG V 146 -58.91 -52.50 37.44
N ALA V 147 -59.87 -51.99 36.67
CA ALA V 147 -59.60 -51.53 35.31
C ALA V 147 -58.57 -50.39 35.32
N ALA V 148 -58.71 -49.42 36.22
CA ALA V 148 -57.77 -48.32 36.34
C ALA V 148 -56.37 -48.81 36.76
N ALA V 149 -56.27 -49.69 37.74
CA ALA V 149 -55.00 -50.21 38.21
C ALA V 149 -54.21 -50.89 37.08
N MET V 150 -54.86 -51.76 36.31
CA MET V 150 -54.17 -52.45 35.22
C MET V 150 -53.82 -51.50 34.06
N ALA V 151 -54.64 -50.48 33.81
CA ALA V 151 -54.27 -49.44 32.87
C ALA V 151 -53.03 -48.67 33.34
N TYR V 152 -52.96 -48.26 34.61
CA TYR V 152 -51.77 -47.64 35.19
C TYR V 152 -50.54 -48.54 35.07
N ALA V 153 -50.71 -49.84 35.32
CA ALA V 153 -49.63 -50.81 35.19
C ALA V 153 -49.06 -50.83 33.77
N SER V 154 -49.92 -50.94 32.76
CA SER V 154 -49.50 -51.02 31.35
C SER V 154 -48.73 -49.77 30.88
N LEU V 155 -48.99 -48.61 31.46
CA LEU V 155 -48.28 -47.36 31.16
C LEU V 155 -46.89 -47.27 31.80
N SER V 156 -46.61 -48.07 32.83
CA SER V 156 -45.50 -47.81 33.77
C SER V 156 -44.59 -49.01 34.02
N GLY V 157 -45.04 -50.23 33.74
CA GLY V 157 -44.36 -51.46 34.14
C GLY V 157 -44.53 -51.80 35.63
N ALA V 158 -45.40 -51.11 36.35
CA ALA V 158 -45.68 -51.44 37.75
C ALA V 158 -46.35 -52.81 37.89
N THR V 159 -46.01 -53.55 38.92
CA THR V 159 -46.74 -54.77 39.31
C THR V 159 -48.06 -54.38 39.96
N VAL V 160 -49.11 -55.19 39.88
CA VAL V 160 -50.38 -54.93 40.58
C VAL V 160 -50.71 -56.03 41.58
N LYS V 161 -50.89 -55.70 42.85
CA LYS V 161 -51.23 -56.63 43.93
C LYS V 161 -52.63 -56.34 44.44
N ILE V 162 -53.45 -57.36 44.61
CA ILE V 162 -54.75 -57.24 45.29
C ILE V 162 -54.65 -57.84 46.70
N VAL V 163 -55.16 -57.14 47.71
CA VAL V 163 -55.19 -57.59 49.11
C VAL V 163 -56.61 -57.60 49.65
N PHE V 164 -57.09 -58.74 50.15
CA PHE V 164 -58.38 -58.81 50.84
C PHE V 164 -58.28 -58.37 52.31
N ASN V 165 -59.25 -57.58 52.77
CA ASN V 165 -59.33 -57.05 54.14
C ASN V 165 -60.72 -57.25 54.76
N HIS V 166 -61.16 -58.51 54.82
CA HIS V 166 -62.42 -58.88 55.47
C HIS V 166 -62.45 -58.47 56.95
N ASP V 167 -63.64 -58.15 57.47
CA ASP V 167 -63.82 -57.41 58.74
C ASP V 167 -62.98 -57.90 59.93
N ASN V 168 -63.06 -59.19 60.26
CA ASN V 168 -62.34 -59.78 61.39
C ASN V 168 -60.86 -60.10 61.05
N ARG V 169 -60.52 -60.19 59.76
CA ARG V 169 -59.35 -60.91 59.26
C ARG V 169 -58.19 -59.97 58.88
N LEU V 170 -57.99 -58.90 59.66
CA LEU V 170 -56.92 -57.94 59.45
C LEU V 170 -55.53 -58.63 59.40
N ASP V 171 -55.33 -59.71 60.15
CA ASP V 171 -54.10 -60.49 60.12
C ASP V 171 -53.82 -61.10 58.73
N ASP V 172 -54.85 -61.55 58.01
CA ASP V 172 -54.68 -62.01 56.62
C ASP V 172 -54.27 -60.85 55.70
N ALA V 173 -54.92 -59.69 55.81
CA ALA V 173 -54.56 -58.52 55.02
C ALA V 173 -53.10 -58.10 55.26
N VAL V 174 -52.67 -58.04 56.53
CA VAL V 174 -51.32 -57.64 56.90
C VAL V 174 -50.28 -58.68 56.48
N ARG V 175 -50.57 -59.99 56.66
CA ARG V 175 -49.71 -61.08 56.18
C ARG V 175 -49.59 -61.10 54.66
N ASP V 176 -50.64 -60.78 53.93
CA ASP V 176 -50.62 -60.76 52.46
C ASP V 176 -49.98 -59.48 51.91
N ALA V 177 -50.09 -58.36 52.62
CA ALA V 177 -49.48 -57.09 52.23
C ALA V 177 -47.97 -57.04 52.50
N ALA V 178 -47.50 -57.52 53.66
CA ALA V 178 -46.10 -57.39 54.08
C ALA V 178 -45.06 -57.92 53.06
N PRO V 179 -45.28 -59.03 52.32
CA PRO V 179 -44.41 -59.50 51.24
C PRO V 179 -44.10 -58.49 50.14
N VAL V 180 -44.91 -57.45 49.97
CA VAL V 180 -44.69 -56.40 48.97
C VAL V 180 -43.58 -55.44 49.39
N LEU V 181 -43.36 -55.28 50.70
CA LEU V 181 -42.56 -54.22 51.32
C LEU V 181 -41.05 -54.54 51.38
N ILE W 4 -67.14 -33.17 25.68
CA ILE W 4 -67.84 -34.39 26.19
C ILE W 4 -67.85 -35.44 25.10
N VAL W 5 -67.71 -36.73 25.41
CA VAL W 5 -67.92 -37.84 24.46
C VAL W 5 -69.00 -38.78 24.97
N VAL W 6 -70.02 -39.07 24.16
CA VAL W 6 -71.09 -40.03 24.51
C VAL W 6 -70.89 -41.32 23.74
N THR W 7 -71.05 -42.47 24.41
CA THR W 7 -70.75 -43.79 23.85
C THR W 7 -71.73 -44.86 24.34
N GLY W 8 -71.88 -45.94 23.57
CA GLY W 8 -72.78 -47.04 23.91
C GLY W 8 -72.81 -48.16 22.88
N ILE W 9 -73.24 -49.34 23.31
CA ILE W 9 -73.43 -50.54 22.47
C ILE W 9 -74.66 -50.38 21.55
N PRO W 10 -74.60 -50.76 20.25
CA PRO W 10 -75.75 -50.71 19.35
C PRO W 10 -76.96 -51.46 19.91
N GLY W 11 -78.09 -50.76 20.06
CA GLY W 11 -79.30 -51.23 20.72
C GLY W 11 -79.56 -50.62 22.10
N VAL W 12 -78.59 -49.96 22.73
CA VAL W 12 -78.76 -49.41 24.10
C VAL W 12 -79.62 -48.13 24.16
N GLY W 13 -79.94 -47.51 23.02
CA GLY W 13 -80.79 -46.32 22.97
C GLY W 13 -80.03 -44.98 23.11
N LYS W 14 -78.74 -44.98 22.77
CA LYS W 14 -77.83 -43.84 22.89
C LYS W 14 -78.43 -42.53 22.38
N THR W 15 -78.94 -42.51 21.15
CA THR W 15 -79.45 -41.29 20.51
C THR W 15 -80.63 -40.69 21.29
N THR W 16 -81.54 -41.53 21.78
CA THR W 16 -82.71 -41.08 22.54
C THR W 16 -82.29 -40.38 23.83
N VAL W 17 -81.41 -40.99 24.63
CA VAL W 17 -80.93 -40.38 25.87
C VAL W 17 -80.13 -39.10 25.60
N MET W 18 -79.28 -39.09 24.57
CA MET W 18 -78.53 -37.90 24.17
C MET W 18 -79.47 -36.76 23.81
N GLN W 19 -80.40 -36.95 22.87
CA GLN W 19 -81.23 -35.86 22.36
C GLN W 19 -82.19 -35.29 23.41
N LYS W 20 -82.68 -36.14 24.32
CA LYS W 20 -83.51 -35.70 25.44
C LYS W 20 -82.69 -34.91 26.46
N ALA W 21 -81.52 -35.39 26.88
CA ALA W 21 -80.69 -34.68 27.86
C ALA W 21 -80.10 -33.38 27.27
N ALA W 22 -79.70 -33.38 26.00
CA ALA W 22 -79.16 -32.22 25.30
C ALA W 22 -80.22 -31.15 24.96
N GLU W 23 -81.50 -31.36 25.27
CA GLU W 23 -82.57 -30.40 24.96
C GLU W 23 -82.32 -29.02 25.61
N GLY W 24 -82.42 -27.96 24.82
CA GLY W 24 -82.11 -26.59 25.26
C GLY W 24 -80.63 -26.29 25.49
N SER W 25 -79.71 -27.22 25.23
CA SER W 25 -78.27 -26.98 25.37
C SER W 25 -77.73 -26.06 24.27
N PRO W 26 -76.80 -25.13 24.57
CA PRO W 26 -76.06 -24.38 23.56
C PRO W 26 -74.96 -25.21 22.87
N LEU W 27 -74.70 -26.46 23.28
CA LEU W 27 -73.63 -27.28 22.72
C LEU W 27 -73.97 -27.81 21.31
N PRO W 28 -73.04 -27.77 20.34
CA PRO W 28 -73.17 -28.50 19.10
C PRO W 28 -73.15 -30.01 19.32
N ARG W 29 -73.76 -30.79 18.43
CA ARG W 29 -73.65 -32.26 18.43
C ARG W 29 -72.98 -32.76 17.18
N VAL W 30 -72.08 -33.73 17.30
CA VAL W 30 -71.13 -34.06 16.24
C VAL W 30 -70.90 -35.57 16.17
N PRO W 31 -71.24 -36.27 15.08
CA PRO W 31 -70.80 -37.64 14.86
C PRO W 31 -69.35 -37.66 14.33
N LEU W 32 -68.43 -38.35 15.01
CA LEU W 32 -67.01 -38.32 14.65
C LEU W 32 -66.73 -38.93 13.27
N GLU W 33 -67.48 -39.96 12.88
CA GLU W 33 -67.35 -40.59 11.56
C GLU W 33 -67.75 -39.62 10.45
N GLY W 34 -68.82 -38.85 10.68
CA GLY W 34 -69.28 -37.80 9.79
C GLY W 34 -68.23 -36.71 9.59
N VAL W 35 -67.59 -36.25 10.66
CA VAL W 35 -66.48 -35.28 10.55
C VAL W 35 -65.30 -35.87 9.80
N MET W 36 -64.91 -37.12 10.08
CA MET W 36 -63.83 -37.78 9.34
C MET W 36 -64.13 -37.83 7.85
N TYR W 37 -65.36 -38.22 7.48
CA TYR W 37 -65.79 -38.22 6.08
C TYR W 37 -65.73 -36.81 5.48
N GLY W 38 -66.27 -35.80 6.17
CA GLY W 38 -66.20 -34.41 5.73
C GLY W 38 -64.77 -33.92 5.53
N VAL W 39 -63.87 -34.19 6.46
CA VAL W 39 -62.46 -33.80 6.36
C VAL W 39 -61.77 -34.53 5.20
N ALA W 40 -61.94 -35.84 5.08
CA ALA W 40 -61.36 -36.61 3.98
C ALA W 40 -61.91 -36.15 2.61
N LYS W 41 -63.22 -35.88 2.53
CA LYS W 41 -63.91 -35.37 1.33
C LYS W 41 -63.38 -34.00 0.91
N ARG W 42 -63.22 -33.07 1.85
CA ARG W 42 -62.70 -31.71 1.56
C ARG W 42 -61.19 -31.69 1.31
N MET W 43 -60.46 -32.66 1.84
CA MET W 43 -59.08 -32.97 1.43
C MET W 43 -58.99 -33.72 0.08
N GLY W 44 -60.12 -34.08 -0.53
CA GLY W 44 -60.19 -34.74 -1.84
C GLY W 44 -59.85 -36.23 -1.83
N LEU W 45 -59.70 -36.86 -0.65
CA LEU W 45 -59.30 -38.26 -0.52
C LEU W 45 -60.41 -39.25 -0.90
N VAL W 46 -61.66 -38.83 -0.77
CA VAL W 46 -62.88 -39.63 -1.00
C VAL W 46 -63.99 -38.74 -1.56
N LYS W 47 -65.04 -39.36 -2.09
CA LYS W 47 -66.31 -38.71 -2.46
C LYS W 47 -67.53 -39.39 -1.81
N ASP W 48 -67.47 -40.69 -1.51
CA ASP W 48 -68.60 -41.44 -0.95
C ASP W 48 -68.29 -42.08 0.42
N ILE W 49 -69.30 -42.19 1.29
CA ILE W 49 -69.13 -42.55 2.71
C ILE W 49 -68.45 -43.93 2.91
N ASP W 50 -68.72 -44.90 2.05
CA ASP W 50 -68.10 -46.23 2.13
C ASP W 50 -66.61 -46.23 1.84
N GLU W 51 -66.10 -45.25 1.10
CA GLU W 51 -64.67 -45.16 0.78
C GLU W 51 -63.80 -44.94 2.02
N MET W 52 -64.38 -44.46 3.13
CA MET W 52 -63.69 -44.33 4.41
C MET W 52 -63.12 -45.67 4.91
N ARG W 53 -63.78 -46.79 4.59
CA ARG W 53 -63.29 -48.15 4.92
C ARG W 53 -62.24 -48.67 3.93
N ARG W 54 -62.03 -47.97 2.81
CA ARG W 54 -61.09 -48.33 1.73
C ARG W 54 -59.78 -47.54 1.81
N LEU W 55 -59.73 -46.44 2.55
CA LEU W 55 -58.53 -45.66 2.80
C LEU W 55 -57.40 -46.50 3.42
N SER W 56 -56.16 -46.13 3.11
CA SER W 56 -54.96 -46.71 3.72
C SER W 56 -54.92 -46.36 5.22
N PRO W 57 -54.75 -47.32 6.14
CA PRO W 57 -54.79 -47.07 7.58
C PRO W 57 -53.87 -45.93 8.05
N ASP W 58 -52.66 -45.80 7.49
CA ASP W 58 -51.72 -44.73 7.90
C ASP W 58 -52.09 -43.34 7.36
N VAL W 59 -52.96 -43.26 6.35
CA VAL W 59 -53.66 -42.01 6.00
C VAL W 59 -54.81 -41.79 6.96
N GLN W 60 -55.57 -42.84 7.28
CA GLN W 60 -56.73 -42.77 8.17
C GLN W 60 -56.36 -42.29 9.59
N LYS W 61 -55.17 -42.61 10.09
CA LYS W 61 -54.62 -42.01 11.33
C LYS W 61 -54.53 -40.50 11.26
N GLU W 62 -54.08 -39.95 10.13
CA GLU W 62 -53.99 -38.50 9.96
C GLU W 62 -55.37 -37.86 9.71
N VAL W 63 -56.29 -38.54 9.03
CA VAL W 63 -57.70 -38.10 8.94
C VAL W 63 -58.30 -38.00 10.34
N GLN W 64 -58.09 -39.00 11.19
CA GLN W 64 -58.49 -38.96 12.59
C GLN W 64 -57.85 -37.78 13.33
N LYS W 65 -56.53 -37.60 13.20
CA LYS W 65 -55.79 -36.51 13.83
C LYS W 65 -56.35 -35.14 13.44
N LYS W 66 -56.54 -34.87 12.15
CA LYS W 66 -57.08 -33.60 11.65
C LYS W 66 -58.52 -33.38 12.08
N ALA W 67 -59.37 -34.39 11.98
CA ALA W 67 -60.75 -34.28 12.44
C ALA W 67 -60.81 -33.92 13.93
N ALA W 68 -60.00 -34.58 14.76
CA ALA W 68 -59.93 -34.26 16.17
C ALA W 68 -59.39 -32.85 16.43
N GLU W 69 -58.34 -32.40 15.72
CA GLU W 69 -57.85 -31.02 15.84
C GLU W 69 -58.96 -30.00 15.54
N ARG W 70 -59.77 -30.24 14.51
CA ARG W 70 -60.85 -29.33 14.13
C ARG W 70 -61.99 -29.32 15.14
N ILE W 71 -62.32 -30.46 15.73
CA ILE W 71 -63.31 -30.52 16.83
C ILE W 71 -62.74 -29.86 18.09
N ALA W 72 -61.44 -29.99 18.36
CA ALA W 72 -60.79 -29.30 19.47
C ALA W 72 -60.84 -27.77 19.30
N ALA W 73 -60.65 -27.26 18.09
CA ALA W 73 -60.78 -25.84 17.79
C ALA W 73 -62.23 -25.33 17.96
N LEU W 74 -63.23 -26.13 17.57
CA LEU W 74 -64.65 -25.80 17.78
C LEU W 74 -64.98 -25.66 19.28
N GLY W 75 -64.29 -26.40 20.14
CA GLY W 75 -64.42 -26.31 21.58
C GLY W 75 -65.46 -27.25 22.19
N ASP W 76 -66.17 -26.79 23.20
CA ASP W 76 -67.08 -27.62 23.99
C ASP W 76 -68.22 -28.18 23.12
N VAL W 77 -68.42 -29.50 23.14
CA VAL W 77 -69.22 -30.25 22.17
C VAL W 77 -69.79 -31.54 22.78
N ILE W 78 -70.93 -32.02 22.30
CA ILE W 78 -71.38 -33.38 22.59
C ILE W 78 -70.95 -34.26 21.41
N LEU W 79 -69.73 -34.77 21.45
CA LEU W 79 -69.22 -35.68 20.42
C LEU W 79 -69.87 -37.07 20.56
N ASP W 80 -70.10 -37.75 19.45
CA ASP W 80 -70.72 -39.06 19.40
C ASP W 80 -69.87 -40.05 18.59
N THR W 81 -69.51 -41.20 19.18
CA THR W 81 -68.90 -42.35 18.52
C THR W 81 -68.98 -43.60 19.41
N HIS W 82 -68.77 -44.81 18.89
CA HIS W 82 -68.65 -46.01 19.72
C HIS W 82 -67.28 -46.08 20.42
N CYS W 83 -67.22 -46.52 21.68
CA CYS W 83 -65.95 -46.73 22.37
C CYS W 83 -65.25 -48.02 21.91
N THR W 84 -65.98 -49.11 21.67
CA THR W 84 -65.45 -50.25 20.90
C THR W 84 -66.46 -50.78 19.88
N ILE W 85 -65.97 -51.10 18.70
CA ILE W 85 -66.78 -51.61 17.59
C ILE W 85 -66.51 -53.10 17.47
N LYS W 86 -67.53 -53.96 17.49
CA LYS W 86 -67.34 -55.40 17.24
C LYS W 86 -67.14 -55.64 15.74
N THR W 87 -66.11 -56.39 15.37
CA THR W 87 -65.71 -56.69 13.99
C THR W 87 -65.35 -58.18 13.85
N PRO W 88 -65.19 -58.74 12.63
CA PRO W 88 -64.77 -60.13 12.43
C PRO W 88 -63.50 -60.52 13.18
N LYS W 89 -62.52 -59.61 13.31
CA LYS W 89 -61.30 -59.80 14.10
C LYS W 89 -61.43 -59.40 15.57
N GLY W 90 -62.66 -59.28 16.09
CA GLY W 90 -62.94 -58.89 17.48
C GLY W 90 -63.15 -57.40 17.67
N TYR W 91 -62.99 -56.91 18.89
CA TYR W 91 -63.26 -55.54 19.28
C TYR W 91 -62.19 -54.58 18.77
N LEU W 92 -62.59 -53.50 18.12
CA LEU W 92 -61.71 -52.43 17.67
C LEU W 92 -61.92 -51.20 18.58
N PRO W 93 -60.88 -50.64 19.21
CA PRO W 93 -60.97 -49.39 19.96
C PRO W 93 -61.41 -48.21 19.09
N GLY W 94 -62.41 -47.46 19.53
CA GLY W 94 -62.97 -46.32 18.79
C GLY W 94 -62.14 -45.04 18.91
N LEU W 95 -61.38 -44.86 19.99
CA LEU W 95 -60.58 -43.67 20.25
C LEU W 95 -59.10 -44.03 20.48
N PRO W 96 -58.30 -44.20 19.43
CA PRO W 96 -56.86 -44.32 19.56
C PRO W 96 -56.23 -43.11 20.26
N ARG W 97 -55.06 -43.29 20.87
CA ARG W 97 -54.36 -42.22 21.60
C ARG W 97 -54.10 -40.96 20.76
N TRP W 98 -53.81 -41.09 19.47
CA TRP W 98 -53.61 -39.94 18.59
C TRP W 98 -54.89 -39.12 18.36
N VAL W 99 -56.08 -39.68 18.53
CA VAL W 99 -57.32 -38.88 18.63
C VAL W 99 -57.41 -38.23 20.00
N LEU W 100 -57.26 -39.04 21.04
CA LEU W 100 -57.61 -38.66 22.41
C LEU W 100 -56.76 -37.52 22.94
N GLU W 101 -55.48 -37.46 22.57
CA GLU W 101 -54.58 -36.35 22.92
C GLU W 101 -54.96 -35.01 22.27
N LYS W 102 -55.71 -35.02 21.16
CA LYS W 102 -56.21 -33.79 20.51
C LYS W 102 -57.51 -33.33 21.16
N LEU W 103 -58.48 -34.22 21.36
CA LEU W 103 -59.78 -33.87 21.92
C LEU W 103 -59.70 -33.48 23.40
N ARG W 104 -58.91 -34.20 24.19
CA ARG W 104 -58.77 -34.03 25.64
C ARG W 104 -60.12 -33.95 26.38
N PRO W 105 -60.99 -34.96 26.27
CA PRO W 105 -62.33 -34.91 26.86
C PRO W 105 -62.33 -34.61 28.35
N SER W 106 -63.27 -33.80 28.83
CA SER W 106 -63.53 -33.67 30.26
C SER W 106 -64.35 -34.84 30.80
N VAL W 107 -65.22 -35.43 29.99
CA VAL W 107 -66.06 -36.57 30.37
C VAL W 107 -66.18 -37.56 29.23
N ILE W 108 -66.12 -38.84 29.55
CA ILE W 108 -66.60 -39.95 28.74
C ILE W 108 -67.88 -40.44 29.37
N LEU W 109 -68.98 -40.50 28.62
CA LEU W 109 -70.24 -41.02 29.08
C LEU W 109 -70.51 -42.36 28.42
N LEU W 110 -70.83 -43.36 29.23
CA LEU W 110 -71.10 -44.72 28.79
C LEU W 110 -72.53 -45.10 29.15
N VAL W 111 -73.36 -45.42 28.15
CA VAL W 111 -74.76 -45.82 28.36
C VAL W 111 -74.87 -47.33 28.46
N GLU W 112 -75.64 -47.84 29.43
CA GLU W 112 -75.83 -49.27 29.67
C GLU W 112 -77.31 -49.63 29.88
N ALA W 113 -77.66 -50.88 29.59
CA ALA W 113 -78.95 -51.50 29.89
C ALA W 113 -78.72 -53.00 30.14
N ASP W 114 -79.68 -53.72 30.71
CA ASP W 114 -79.50 -55.16 30.93
C ASP W 114 -79.33 -55.91 29.59
N PRO W 115 -78.37 -56.85 29.46
CA PRO W 115 -78.23 -57.68 28.26
C PRO W 115 -79.54 -58.30 27.76
N LYS W 116 -80.46 -58.67 28.64
CA LYS W 116 -81.77 -59.23 28.27
C LYS W 116 -82.66 -58.18 27.61
N GLU W 117 -82.67 -56.95 28.11
CA GLU W 117 -83.38 -55.84 27.46
C GLU W 117 -82.80 -55.58 26.07
N ILE W 118 -81.47 -55.51 25.96
CA ILE W 118 -80.79 -55.27 24.67
C ILE W 118 -81.08 -56.41 23.69
N TYR W 119 -81.03 -57.66 24.15
CA TYR W 119 -81.38 -58.82 23.32
C TYR W 119 -82.83 -58.73 22.83
N GLY W 120 -83.77 -58.32 23.70
CA GLY W 120 -85.16 -58.07 23.31
C GLY W 120 -85.28 -56.98 22.22
N ARG W 121 -84.61 -55.84 22.39
CA ARG W 121 -84.59 -54.78 21.38
C ARG W 121 -84.00 -55.26 20.05
N ARG W 122 -82.90 -55.99 20.11
CA ARG W 122 -82.23 -56.54 18.93
C ARG W 122 -83.06 -57.63 18.23
N LEU W 123 -83.80 -58.44 18.98
CA LEU W 123 -84.70 -59.44 18.44
C LEU W 123 -85.92 -58.80 17.73
N LYS W 124 -86.43 -57.69 18.27
CA LYS W 124 -87.57 -56.94 17.72
C LYS W 124 -87.19 -56.05 16.52
N ASP W 125 -85.93 -55.73 16.34
CA ASP W 125 -85.42 -55.04 15.16
C ASP W 125 -85.48 -55.94 13.90
N ASP W 133 -76.16 -61.60 18.69
CA ASP W 133 -75.26 -61.95 19.79
C ASP W 133 -76.06 -62.60 20.94
N SER W 134 -75.47 -63.56 21.65
CA SER W 134 -76.04 -64.05 22.91
C SER W 134 -76.02 -62.97 24.00
N GLU W 135 -76.81 -63.14 25.05
CA GLU W 135 -76.74 -62.27 26.23
C GLU W 135 -75.35 -62.30 26.87
N GLU W 136 -74.64 -63.43 26.77
CA GLU W 136 -73.26 -63.54 27.22
C GLU W 136 -72.32 -62.65 26.40
N GLU W 137 -72.43 -62.66 25.07
CA GLU W 137 -71.63 -61.79 24.22
C GLU W 137 -71.99 -60.31 24.38
N ILE W 138 -73.24 -60.00 24.70
CA ILE W 138 -73.64 -58.63 25.03
C ILE W 138 -72.99 -58.20 26.36
N ALA W 139 -73.05 -59.03 27.40
CA ALA W 139 -72.41 -58.75 28.68
C ALA W 139 -70.88 -58.62 28.54
N GLU W 140 -70.27 -59.44 27.70
CA GLU W 140 -68.85 -59.31 27.35
C GLU W 140 -68.58 -57.96 26.67
N HIS W 141 -69.34 -57.57 25.65
CA HIS W 141 -69.10 -56.30 24.97
C HIS W 141 -69.23 -55.11 25.92
N GLN W 142 -70.22 -55.13 26.82
CA GLN W 142 -70.32 -54.13 27.87
C GLN W 142 -69.08 -54.12 28.78
N MET W 143 -68.62 -55.27 29.27
CA MET W 143 -67.43 -55.32 30.12
C MET W 143 -66.20 -54.79 29.39
N MET W 144 -66.03 -55.12 28.11
CA MET W 144 -64.93 -54.57 27.33
C MET W 144 -65.06 -53.05 27.15
N ASN W 145 -66.27 -52.52 27.00
CA ASN W 145 -66.45 -51.07 26.93
C ASN W 145 -66.04 -50.39 28.24
N ARG W 146 -66.36 -50.95 29.41
CA ARG W 146 -65.90 -50.37 30.68
C ARG W 146 -64.39 -50.32 30.76
N ALA W 147 -63.71 -51.40 30.37
CA ALA W 147 -62.25 -51.43 30.35
C ALA W 147 -61.69 -50.38 29.39
N ALA W 148 -62.27 -50.24 28.20
CA ALA W 148 -61.83 -49.25 27.22
C ALA W 148 -62.03 -47.82 27.75
N ALA W 149 -63.19 -47.52 28.32
CA ALA W 149 -63.48 -46.19 28.84
C ALA W 149 -62.45 -45.81 29.91
N MET W 150 -62.19 -46.68 30.87
CA MET W 150 -61.25 -46.37 31.94
C MET W 150 -59.81 -46.29 31.45
N ALA W 151 -59.43 -47.07 30.43
CA ALA W 151 -58.14 -46.90 29.78
C ALA W 151 -58.00 -45.56 29.04
N TYR W 152 -59.09 -45.02 28.46
CA TYR W 152 -59.07 -43.66 27.92
C TYR W 152 -58.96 -42.62 29.03
N ALA W 153 -59.63 -42.85 30.15
CA ALA W 153 -59.59 -41.94 31.28
C ALA W 153 -58.15 -41.73 31.78
N SER W 154 -57.42 -42.81 32.06
CA SER W 154 -56.04 -42.71 32.54
C SER W 154 -55.07 -42.09 31.54
N LEU W 155 -55.35 -42.15 30.24
CA LEU W 155 -54.53 -41.48 29.22
C LEU W 155 -54.73 -39.96 29.16
N SER W 156 -55.82 -39.43 29.73
CA SER W 156 -56.33 -38.10 29.39
C SER W 156 -56.79 -37.24 30.57
N GLY W 157 -57.02 -37.83 31.75
CA GLY W 157 -57.66 -37.14 32.88
C GLY W 157 -59.18 -36.97 32.73
N ALA W 158 -59.79 -37.56 31.70
CA ALA W 158 -61.23 -37.51 31.52
C ALA W 158 -61.99 -38.24 32.64
N THR W 159 -63.07 -37.66 33.11
CA THR W 159 -63.99 -38.34 34.04
C THR W 159 -64.75 -39.43 33.30
N VAL W 160 -65.17 -40.52 33.94
CA VAL W 160 -66.04 -41.54 33.32
C VAL W 160 -67.37 -41.64 34.04
N LYS W 161 -68.48 -41.48 33.33
CA LYS W 161 -69.84 -41.57 33.87
C LYS W 161 -70.59 -42.74 33.25
N ILE W 162 -71.21 -43.59 34.06
CA ILE W 162 -72.08 -44.67 33.57
C ILE W 162 -73.55 -44.29 33.78
N VAL W 163 -74.38 -44.46 32.75
CA VAL W 163 -75.83 -44.17 32.80
C VAL W 163 -76.67 -45.39 32.43
N PHE W 164 -77.56 -45.83 33.31
CA PHE W 164 -78.55 -46.86 33.00
C PHE W 164 -79.71 -46.32 32.15
N ASN W 165 -80.20 -47.12 31.21
CA ASN W 165 -81.32 -46.80 30.31
C ASN W 165 -82.27 -47.97 30.11
N HIS W 166 -82.87 -48.45 31.20
CA HIS W 166 -83.88 -49.51 31.17
C HIS W 166 -85.12 -49.12 30.34
N ASP W 167 -85.78 -50.11 29.73
CA ASP W 167 -86.79 -49.91 28.67
C ASP W 167 -87.88 -48.89 29.01
N ASN W 168 -88.52 -49.03 30.18
CA ASN W 168 -89.64 -48.17 30.60
C ASN W 168 -89.19 -46.83 31.22
N ARG W 169 -87.88 -46.61 31.38
CA ARG W 169 -87.32 -45.66 32.37
C ARG W 169 -86.41 -44.62 31.75
N LEU W 170 -86.73 -44.14 30.54
CA LEU W 170 -85.96 -43.10 29.87
C LEU W 170 -85.78 -41.85 30.74
N ASP W 171 -86.76 -41.50 31.59
CA ASP W 171 -86.64 -40.38 32.51
C ASP W 171 -85.49 -40.55 33.51
N ASP W 172 -85.22 -41.77 34.01
CA ASP W 172 -84.03 -42.03 34.83
C ASP W 172 -82.74 -41.77 34.06
N ALA W 173 -82.66 -42.24 32.80
CA ALA W 173 -81.47 -42.02 31.99
C ALA W 173 -81.22 -40.52 31.73
N VAL W 174 -82.27 -39.77 31.35
CA VAL W 174 -82.18 -38.34 31.08
C VAL W 174 -81.87 -37.54 32.34
N ARG W 175 -82.50 -37.88 33.47
CA ARG W 175 -82.25 -37.23 34.77
C ARG W 175 -80.82 -37.47 35.26
N ASP W 176 -80.25 -38.65 34.99
CA ASP W 176 -78.89 -39.00 35.39
C ASP W 176 -77.84 -38.43 34.40
N ALA W 177 -78.19 -38.28 33.12
CA ALA W 177 -77.29 -37.72 32.10
C ALA W 177 -77.18 -36.18 32.18
N ALA W 178 -78.28 -35.46 32.35
CA ALA W 178 -78.30 -34.00 32.31
C ALA W 178 -77.31 -33.30 33.27
N PRO W 179 -77.07 -33.78 34.52
CA PRO W 179 -76.03 -33.26 35.42
C PRO W 179 -74.60 -33.17 34.86
N VAL W 180 -74.29 -33.93 33.80
CA VAL W 180 -72.96 -33.92 33.17
C VAL W 180 -72.72 -32.65 32.34
N LEU W 181 -73.78 -32.09 31.75
CA LEU W 181 -73.75 -31.10 30.66
C LEU W 181 -73.41 -29.68 31.13
N ILE X 4 -41.29 -29.62 60.82
CA ILE X 4 -41.29 -30.02 62.26
C ILE X 4 -40.31 -31.16 62.45
N VAL X 5 -39.59 -31.22 63.57
CA VAL X 5 -38.78 -32.40 63.97
C VAL X 5 -39.26 -32.93 65.30
N VAL X 6 -39.55 -34.22 65.41
CA VAL X 6 -39.98 -34.87 66.65
C VAL X 6 -38.87 -35.76 67.20
N THR X 7 -38.61 -35.71 68.50
CA THR X 7 -37.45 -36.36 69.14
C THR X 7 -37.78 -36.91 70.52
N GLY X 8 -37.01 -37.90 70.99
CA GLY X 8 -37.19 -38.51 72.31
C GLY X 8 -36.21 -39.65 72.59
N ILE X 9 -36.06 -39.99 73.87
CA ILE X 9 -35.25 -41.10 74.36
C ILE X 9 -35.95 -42.47 74.12
N PRO X 10 -35.26 -43.52 73.67
CA PRO X 10 -35.84 -44.86 73.53
C PRO X 10 -36.55 -45.35 74.79
N GLY X 11 -37.84 -45.69 74.66
CA GLY X 11 -38.73 -46.05 75.77
C GLY X 11 -39.72 -44.95 76.19
N VAL X 12 -39.54 -43.70 75.76
CA VAL X 12 -40.44 -42.58 76.14
C VAL X 12 -41.82 -42.63 75.48
N GLY X 13 -42.00 -43.49 74.46
CA GLY X 13 -43.28 -43.64 73.74
C GLY X 13 -43.47 -42.67 72.59
N LYS X 14 -42.37 -42.17 72.02
CA LYS X 14 -42.32 -41.17 70.93
C LYS X 14 -43.33 -41.46 69.82
N THR X 15 -43.32 -42.66 69.26
CA THR X 15 -44.15 -43.01 68.10
C THR X 15 -45.63 -42.94 68.43
N THR X 16 -46.07 -43.37 69.61
CA THR X 16 -47.48 -43.36 70.02
C THR X 16 -48.04 -41.93 70.06
N VAL X 17 -47.33 -41.00 70.68
CA VAL X 17 -47.76 -39.59 70.76
C VAL X 17 -47.80 -38.96 69.38
N MET X 18 -46.77 -39.18 68.55
CA MET X 18 -46.76 -38.70 67.18
C MET X 18 -47.94 -39.27 66.38
N GLN X 19 -48.18 -40.59 66.43
CA GLN X 19 -49.25 -41.25 65.68
C GLN X 19 -50.62 -40.71 66.02
N LYS X 20 -50.92 -40.50 67.31
CA LYS X 20 -52.17 -39.91 67.76
C LYS X 20 -52.29 -38.43 67.38
N ALA X 21 -51.27 -37.61 67.59
CA ALA X 21 -51.35 -36.19 67.27
C ALA X 21 -51.41 -35.92 65.76
N ALA X 22 -50.69 -36.69 64.95
CA ALA X 22 -50.69 -36.57 63.49
C ALA X 22 -51.98 -37.09 62.82
N GLU X 23 -52.94 -37.63 63.58
CA GLU X 23 -54.21 -38.13 63.06
C GLU X 23 -54.98 -37.05 62.28
N GLY X 24 -55.35 -37.34 61.05
CA GLY X 24 -56.01 -36.38 60.14
C GLY X 24 -55.11 -35.28 59.58
N SER X 25 -53.81 -35.26 59.90
CA SER X 25 -52.89 -34.29 59.31
C SER X 25 -52.62 -34.58 57.84
N PRO X 26 -52.57 -33.57 56.96
CA PRO X 26 -52.10 -33.73 55.58
C PRO X 26 -50.56 -33.85 55.46
N LEU X 27 -49.80 -33.77 56.56
CA LEU X 27 -48.34 -33.74 56.49
C LEU X 27 -47.73 -35.13 56.19
N PRO X 28 -46.69 -35.21 55.33
CA PRO X 28 -45.90 -36.43 55.16
C PRO X 28 -45.15 -36.83 56.43
N ARG X 29 -44.89 -38.12 56.59
CA ARG X 29 -44.31 -38.74 57.79
C ARG X 29 -43.01 -39.43 57.43
N VAL X 30 -41.89 -39.03 58.03
CA VAL X 30 -40.58 -39.37 57.46
C VAL X 30 -39.58 -39.78 58.55
N PRO X 31 -38.98 -40.99 58.51
CA PRO X 31 -37.80 -41.31 59.31
C PRO X 31 -36.53 -40.85 58.58
N LEU X 32 -35.67 -40.07 59.23
CA LEU X 32 -34.47 -39.54 58.59
C LEU X 32 -33.46 -40.62 58.20
N GLU X 33 -33.29 -41.65 59.02
CA GLU X 33 -32.38 -42.77 58.74
C GLU X 33 -32.84 -43.54 57.51
N GLY X 34 -34.15 -43.73 57.38
CA GLY X 34 -34.79 -44.32 56.21
C GLY X 34 -34.49 -43.53 54.94
N VAL X 35 -34.65 -42.20 54.97
CA VAL X 35 -34.33 -41.36 53.81
C VAL X 35 -32.83 -41.40 53.50
N MET X 36 -31.95 -41.38 54.50
CA MET X 36 -30.52 -41.50 54.26
C MET X 36 -30.17 -42.82 53.58
N TYR X 37 -30.76 -43.93 54.03
CA TYR X 37 -30.60 -45.23 53.39
C TYR X 37 -31.13 -45.20 51.95
N GLY X 38 -32.34 -44.69 51.73
CA GLY X 38 -32.92 -44.57 50.40
C GLY X 38 -32.07 -43.73 49.45
N VAL X 39 -31.57 -42.57 49.89
CA VAL X 39 -30.69 -41.72 49.10
C VAL X 39 -29.37 -42.43 48.79
N ALA X 40 -28.73 -43.04 49.80
CA ALA X 40 -27.48 -43.75 49.58
C ALA X 40 -27.65 -44.95 48.65
N LYS X 41 -28.75 -45.70 48.79
CA LYS X 41 -29.11 -46.85 47.97
C LYS X 41 -29.38 -46.45 46.52
N ARG X 42 -30.09 -45.35 46.28
CA ARG X 42 -30.37 -44.83 44.93
C ARG X 42 -29.16 -44.14 44.29
N MET X 43 -28.22 -43.64 45.08
CA MET X 43 -26.87 -43.25 44.63
C MET X 43 -25.95 -44.46 44.41
N GLY X 44 -26.37 -45.67 44.75
CA GLY X 44 -25.61 -46.92 44.56
C GLY X 44 -24.51 -47.16 45.61
N LEU X 45 -24.44 -46.38 46.67
CA LEU X 45 -23.40 -46.45 47.70
C LEU X 45 -23.53 -47.69 48.59
N VAL X 46 -24.76 -48.19 48.76
CA VAL X 46 -25.13 -49.32 49.63
C VAL X 46 -26.25 -50.13 48.99
N LYS X 47 -26.49 -51.33 49.50
CA LYS X 47 -27.67 -52.15 49.22
C LYS X 47 -28.46 -52.49 50.49
N ASP X 48 -27.81 -52.61 51.65
CA ASP X 48 -28.44 -53.06 52.89
C ASP X 48 -28.32 -52.04 54.05
N ILE X 49 -29.31 -52.00 54.94
CA ILE X 49 -29.47 -50.96 55.97
C ILE X 49 -28.29 -50.87 56.94
N ASP X 50 -27.66 -52.00 57.28
CA ASP X 50 -26.48 -52.02 58.13
C ASP X 50 -25.24 -51.38 57.49
N GLU X 51 -25.15 -51.35 56.16
CA GLU X 51 -24.02 -50.75 55.45
C GLU X 51 -23.91 -49.23 55.67
N MET X 52 -25.00 -48.58 56.10
CA MET X 52 -24.99 -47.16 56.45
C MET X 52 -24.00 -46.85 57.58
N ARG X 53 -23.76 -47.80 58.50
CA ARG X 53 -22.76 -47.66 59.57
C ARG X 53 -21.33 -47.91 59.09
N ARG X 54 -21.16 -48.53 57.92
CA ARG X 54 -19.87 -48.89 57.30
C ARG X 54 -19.35 -47.81 56.37
N LEU X 55 -20.21 -46.89 55.91
CA LEU X 55 -19.83 -45.78 55.04
C LEU X 55 -18.74 -44.88 55.65
N SER X 56 -17.91 -44.31 54.78
CA SER X 56 -16.90 -43.32 55.19
C SER X 56 -17.57 -42.07 55.75
N PRO X 57 -17.20 -41.57 56.95
CA PRO X 57 -17.85 -40.43 57.58
C PRO X 57 -18.01 -39.19 56.69
N ASP X 58 -17.00 -38.85 55.89
CA ASP X 58 -17.07 -37.67 55.01
C ASP X 58 -17.95 -37.88 53.77
N VAL X 59 -18.23 -39.13 53.40
CA VAL X 59 -19.34 -39.46 52.48
C VAL X 59 -20.67 -39.36 53.20
N GLN X 60 -20.75 -39.84 54.45
CA GLN X 60 -21.95 -39.80 55.26
C GLN X 60 -22.44 -38.36 55.53
N LYS X 61 -21.54 -37.39 55.68
CA LYS X 61 -21.89 -35.95 55.72
C LYS X 61 -22.65 -35.52 54.47
N GLU X 62 -22.19 -35.91 53.29
CA GLU X 62 -22.86 -35.54 52.05
C GLU X 62 -24.19 -36.30 51.86
N VAL X 63 -24.29 -37.55 52.32
CA VAL X 63 -25.59 -38.24 52.40
C VAL X 63 -26.56 -37.50 53.31
N GLN X 64 -26.13 -37.07 54.51
CA GLN X 64 -26.96 -36.25 55.40
C GLN X 64 -27.40 -34.96 54.71
N LYS X 65 -26.47 -34.26 54.04
CA LYS X 65 -26.75 -33.05 53.27
C LYS X 65 -27.78 -33.29 52.16
N LYS X 66 -27.60 -34.29 51.31
CA LYS X 66 -28.54 -34.60 50.22
C LYS X 66 -29.90 -35.03 50.74
N ALA X 67 -29.95 -35.88 51.76
CA ALA X 67 -31.20 -36.27 52.39
C ALA X 67 -31.95 -35.04 52.94
N ALA X 68 -31.25 -34.11 53.59
CA ALA X 68 -31.86 -32.88 54.07
C ALA X 68 -32.35 -31.99 52.92
N GLU X 69 -31.57 -31.80 51.86
CA GLU X 69 -32.01 -31.02 50.69
C GLU X 69 -33.31 -31.57 50.10
N ARG X 70 -33.45 -32.90 50.00
CA ARG X 70 -34.63 -33.54 49.44
C ARG X 70 -35.83 -33.44 50.39
N ILE X 71 -35.63 -33.57 51.70
CA ILE X 71 -36.71 -33.34 52.66
C ILE X 71 -37.11 -31.85 52.72
N ALA X 72 -36.18 -30.93 52.48
CA ALA X 72 -36.51 -29.51 52.35
C ALA X 72 -37.33 -29.24 51.06
N ALA X 73 -37.01 -29.90 49.95
CA ALA X 73 -37.80 -29.78 48.72
C ALA X 73 -39.22 -30.34 48.88
N LEU X 74 -39.41 -31.42 49.63
CA LEU X 74 -40.73 -31.96 49.97
C LEU X 74 -41.59 -30.95 50.76
N GLY X 75 -40.98 -30.01 51.46
CA GLY X 75 -41.67 -28.96 52.20
C GLY X 75 -42.08 -29.34 53.63
N ASP X 76 -43.25 -28.88 54.06
CA ASP X 76 -43.72 -29.08 55.44
C ASP X 76 -43.90 -30.58 55.73
N VAL X 77 -43.36 -31.07 56.84
CA VAL X 77 -43.18 -32.50 57.14
C VAL X 77 -43.11 -32.75 58.64
N ILE X 78 -43.54 -33.93 59.11
CA ILE X 78 -43.24 -34.40 60.46
C ILE X 78 -42.04 -35.34 60.37
N LEU X 79 -40.82 -34.79 60.43
CA LEU X 79 -39.59 -35.56 60.42
C LEU X 79 -39.32 -36.22 61.78
N ASP X 80 -38.81 -37.43 61.78
CA ASP X 80 -38.52 -38.22 62.99
C ASP X 80 -37.05 -38.69 63.00
N THR X 81 -36.32 -38.36 64.06
CA THR X 81 -34.99 -38.90 64.39
C THR X 81 -34.65 -38.59 65.85
N HIS X 82 -33.65 -39.25 66.45
CA HIS X 82 -33.19 -38.90 67.80
C HIS X 82 -32.42 -37.58 67.81
N CYS X 83 -32.54 -36.78 68.87
CA CYS X 83 -31.71 -35.58 69.06
C CYS X 83 -30.29 -35.93 69.54
N THR X 84 -30.12 -36.93 70.41
CA THR X 84 -28.81 -37.55 70.66
C THR X 84 -28.91 -39.06 70.76
N ILE X 85 -27.93 -39.75 70.19
CA ILE X 85 -27.86 -41.22 70.19
C ILE X 85 -26.79 -41.61 71.20
N LYS X 86 -27.10 -42.45 72.19
CA LYS X 86 -26.09 -42.95 73.13
C LYS X 86 -25.24 -44.04 72.46
N THR X 87 -23.92 -43.92 72.56
CA THR X 87 -22.96 -44.83 71.92
C THR X 87 -21.84 -45.20 72.90
N PRO X 88 -20.99 -46.22 72.62
CA PRO X 88 -19.85 -46.56 73.48
C PRO X 88 -18.92 -45.39 73.81
N LYS X 89 -18.69 -44.48 72.86
CA LYS X 89 -17.92 -43.24 73.07
C LYS X 89 -18.75 -42.07 73.60
N GLY X 90 -19.94 -42.33 74.14
CA GLY X 90 -20.85 -41.31 74.69
C GLY X 90 -21.93 -40.83 73.72
N TYR X 91 -22.50 -39.68 74.00
CA TYR X 91 -23.62 -39.11 73.23
C TYR X 91 -23.16 -38.56 71.88
N LEU X 92 -23.83 -38.94 70.81
CA LEU X 92 -23.62 -38.42 69.47
C LEU X 92 -24.77 -37.49 69.08
N PRO X 93 -24.52 -36.23 68.66
CA PRO X 93 -25.56 -35.35 68.14
C PRO X 93 -26.27 -35.92 66.93
N GLY X 94 -27.59 -36.00 66.95
CA GLY X 94 -28.39 -36.56 65.86
C GLY X 94 -28.51 -35.63 64.65
N LEU X 95 -28.42 -34.32 64.84
CA LEU X 95 -28.59 -33.31 63.80
C LEU X 95 -27.42 -32.31 63.78
N PRO X 96 -26.33 -32.58 63.05
CA PRO X 96 -25.26 -31.62 62.84
C PRO X 96 -25.72 -30.31 62.19
N ARG X 97 -24.92 -29.25 62.32
CA ARG X 97 -25.18 -27.96 61.68
C ARG X 97 -25.46 -28.05 60.18
N TRP X 98 -24.73 -28.89 59.44
CA TRP X 98 -24.95 -29.04 57.99
C TRP X 98 -26.30 -29.67 57.64
N VAL X 99 -26.97 -30.35 58.57
CA VAL X 99 -28.38 -30.72 58.40
C VAL X 99 -29.30 -29.52 58.63
N LEU X 100 -29.13 -28.80 59.74
CA LEU X 100 -29.99 -27.66 60.10
C LEU X 100 -29.97 -26.55 59.05
N GLU X 101 -28.81 -26.26 58.46
CA GLU X 101 -28.71 -25.26 57.39
C GLU X 101 -29.55 -25.60 56.15
N LYS X 102 -29.84 -26.89 55.92
CA LYS X 102 -30.70 -27.37 54.83
C LYS X 102 -32.16 -27.50 55.23
N LEU X 103 -32.47 -28.16 56.35
CA LEU X 103 -33.85 -28.35 56.79
C LEU X 103 -34.53 -27.05 57.25
N ARG X 104 -33.79 -26.18 57.95
CA ARG X 104 -34.29 -24.95 58.56
C ARG X 104 -35.59 -25.16 59.37
N PRO X 105 -35.60 -26.04 60.38
CA PRO X 105 -36.81 -26.46 61.06
C PRO X 105 -37.58 -25.30 61.69
N SER X 106 -38.91 -25.32 61.64
CA SER X 106 -39.74 -24.36 62.38
C SER X 106 -39.90 -24.73 63.84
N VAL X 107 -39.95 -26.03 64.17
CA VAL X 107 -40.10 -26.52 65.55
C VAL X 107 -39.26 -27.76 65.77
N ILE X 108 -38.63 -27.85 66.93
CA ILE X 108 -38.12 -29.09 67.50
C ILE X 108 -39.04 -29.49 68.65
N LEU X 109 -39.57 -30.70 68.63
CA LEU X 109 -40.40 -31.22 69.71
C LEU X 109 -39.65 -32.31 70.46
N LEU X 110 -39.62 -32.21 71.78
CA LEU X 110 -38.92 -33.12 72.66
C LEU X 110 -39.93 -33.83 73.59
N VAL X 111 -40.05 -35.15 73.47
CA VAL X 111 -40.95 -35.95 74.32
C VAL X 111 -40.22 -36.39 75.58
N GLU X 112 -40.85 -36.28 76.74
CA GLU X 112 -40.29 -36.65 78.04
C GLU X 112 -41.27 -37.43 78.91
N ALA X 113 -40.74 -38.24 79.82
CA ALA X 113 -41.47 -38.94 80.88
C ALA X 113 -40.55 -39.09 82.10
N ASP X 114 -41.07 -39.45 83.27
CA ASP X 114 -40.21 -39.60 84.45
C ASP X 114 -39.17 -40.73 84.25
N PRO X 115 -37.90 -40.55 84.64
CA PRO X 115 -36.90 -41.61 84.58
C PRO X 115 -37.34 -42.95 85.17
N LYS X 116 -38.12 -42.93 86.25
CA LYS X 116 -38.66 -44.15 86.89
C LYS X 116 -39.71 -44.83 86.02
N GLU X 117 -40.57 -44.07 85.34
CA GLU X 117 -41.51 -44.61 84.36
C GLU X 117 -40.75 -45.29 83.22
N ILE X 118 -39.75 -44.60 82.67
CA ILE X 118 -38.95 -45.11 81.55
C ILE X 118 -38.19 -46.36 81.97
N TYR X 119 -37.60 -46.37 83.17
CA TYR X 119 -36.94 -47.54 83.71
C TYR X 119 -37.91 -48.71 83.85
N GLY X 120 -39.13 -48.46 84.34
CA GLY X 120 -40.19 -49.46 84.39
C GLY X 120 -40.53 -50.03 83.03
N ARG X 121 -40.72 -49.18 82.00
CA ARG X 121 -40.97 -49.62 80.62
C ARG X 121 -39.81 -50.44 80.07
N ARG X 122 -38.58 -49.99 80.27
CA ARG X 122 -37.36 -50.68 79.83
C ARG X 122 -37.15 -52.01 80.55
N LEU X 123 -37.55 -52.12 81.81
CA LEU X 123 -37.51 -53.38 82.56
C LEU X 123 -38.57 -54.38 82.06
N LYS X 124 -39.76 -53.88 81.67
CA LYS X 124 -40.86 -54.67 81.11
C LYS X 124 -40.67 -55.06 79.65
N ASP X 125 -39.81 -54.37 78.93
CA ASP X 125 -39.37 -54.75 77.58
C ASP X 125 -38.51 -56.03 77.61
N ASP X 133 -29.71 -48.87 81.54
CA ASP X 133 -29.28 -47.61 82.18
C ASP X 133 -29.99 -47.45 83.54
N SER X 134 -29.31 -46.90 84.54
CA SER X 134 -29.96 -46.44 85.78
C SER X 134 -30.88 -45.24 85.53
N GLU X 135 -31.74 -44.94 86.49
CA GLU X 135 -32.55 -43.73 86.47
C GLU X 135 -31.67 -42.46 86.42
N GLU X 136 -30.48 -42.49 87.02
CA GLU X 136 -29.51 -41.40 86.93
C GLU X 136 -29.01 -41.22 85.49
N GLU X 137 -28.65 -42.30 84.81
CA GLU X 137 -28.22 -42.24 83.42
C GLU X 137 -29.35 -41.83 82.46
N ILE X 138 -30.59 -42.21 82.78
CA ILE X 138 -31.76 -41.75 82.03
C ILE X 138 -31.94 -40.24 82.22
N ALA X 139 -31.92 -39.75 83.46
CA ALA X 139 -32.06 -38.33 83.74
C ALA X 139 -30.91 -37.51 83.12
N GLU X 140 -29.69 -38.04 83.12
CA GLU X 140 -28.57 -37.45 82.40
C GLU X 140 -28.86 -37.37 80.91
N HIS X 141 -29.29 -38.46 80.26
CA HIS X 141 -29.59 -38.42 78.82
C HIS X 141 -30.68 -37.40 78.49
N GLN X 142 -31.73 -37.31 79.31
CA GLN X 142 -32.73 -36.25 79.13
C GLN X 142 -32.13 -34.85 79.25
N MET X 143 -31.33 -34.58 80.28
CA MET X 143 -30.68 -33.28 80.44
C MET X 143 -29.78 -32.97 79.25
N MET X 144 -28.99 -33.93 78.77
CA MET X 144 -28.18 -33.72 77.57
C MET X 144 -29.05 -33.45 76.34
N ASN X 145 -30.21 -34.08 76.21
CA ASN X 145 -31.12 -33.78 75.11
C ASN X 145 -31.63 -32.34 75.17
N ARG X 146 -32.01 -31.82 76.34
CA ARG X 146 -32.45 -30.41 76.44
C ARG X 146 -31.36 -29.45 75.99
N ALA X 147 -30.12 -29.67 76.41
CA ALA X 147 -29.00 -28.86 75.96
C ALA X 147 -28.83 -28.94 74.44
N ALA X 148 -28.92 -30.14 73.86
CA ALA X 148 -28.82 -30.31 72.42
C ALA X 148 -29.95 -29.60 71.67
N ALA X 149 -31.18 -29.74 72.12
CA ALA X 149 -32.33 -29.11 71.48
C ALA X 149 -32.18 -27.58 71.45
N MET X 150 -31.78 -26.97 72.57
CA MET X 150 -31.64 -25.53 72.63
C MET X 150 -30.41 -25.03 71.84
N ALA X 151 -29.34 -25.82 71.76
CA ALA X 151 -28.25 -25.50 70.84
C ALA X 151 -28.72 -25.51 69.39
N TYR X 152 -29.47 -26.53 68.96
CA TYR X 152 -30.08 -26.59 67.62
C TYR X 152 -30.99 -25.38 67.37
N ALA X 153 -31.78 -24.99 68.35
CA ALA X 153 -32.63 -23.82 68.24
C ALA X 153 -31.81 -22.57 67.92
N SER X 154 -30.79 -22.29 68.72
CA SER X 154 -29.96 -21.09 68.53
C SER X 154 -29.26 -21.04 67.17
N LEU X 155 -28.95 -22.19 66.57
CA LEU X 155 -28.34 -22.27 65.23
C LEU X 155 -29.32 -21.99 64.09
N SER X 156 -30.63 -22.11 64.32
CA SER X 156 -31.63 -22.24 63.27
C SER X 156 -32.84 -21.31 63.37
N GLY X 157 -33.10 -20.75 64.54
CA GLY X 157 -34.35 -20.05 64.83
C GLY X 157 -35.54 -20.98 65.08
N ALA X 158 -35.34 -22.29 65.20
CA ALA X 158 -36.41 -23.21 65.51
C ALA X 158 -36.99 -22.99 66.91
N THR X 159 -38.30 -23.04 67.06
CA THR X 159 -38.94 -23.05 68.38
C THR X 159 -38.71 -24.40 69.06
N VAL X 160 -38.66 -24.50 70.39
CA VAL X 160 -38.53 -25.79 71.10
C VAL X 160 -39.72 -26.04 72.03
N LYS X 161 -40.42 -27.15 71.84
CA LYS X 161 -41.54 -27.59 72.69
C LYS X 161 -41.19 -28.85 73.46
N ILE X 162 -41.51 -28.89 74.76
CA ILE X 162 -41.41 -30.10 75.57
C ILE X 162 -42.80 -30.69 75.80
N VAL X 163 -42.96 -32.01 75.66
CA VAL X 163 -44.23 -32.73 75.86
C VAL X 163 -44.06 -33.86 76.88
N PHE X 164 -44.79 -33.81 77.99
CA PHE X 164 -44.83 -34.92 78.94
C PHE X 164 -45.72 -36.07 78.45
N ASN X 165 -45.29 -37.31 78.67
CA ASN X 165 -45.99 -38.54 78.26
C ASN X 165 -45.99 -39.60 79.38
N HIS X 166 -46.54 -39.26 80.54
CA HIS X 166 -46.69 -40.19 81.66
C HIS X 166 -47.56 -41.41 81.30
N ASP X 167 -47.31 -42.56 81.93
CA ASP X 167 -47.77 -43.89 81.49
C ASP X 167 -49.26 -43.97 81.11
N ASN X 168 -50.15 -43.56 82.01
CA ASN X 168 -51.60 -43.64 81.82
C ASN X 168 -52.19 -42.46 81.03
N ARG X 169 -51.39 -41.42 80.75
CA ARG X 169 -51.85 -40.07 80.43
C ARG X 169 -51.57 -39.66 78.98
N LEU X 170 -51.65 -40.62 78.05
CA LEU X 170 -51.38 -40.38 76.63
C LEU X 170 -52.18 -39.20 76.06
N ASP X 171 -53.43 -39.01 76.48
CA ASP X 171 -54.25 -37.88 76.03
C ASP X 171 -53.65 -36.51 76.41
N ASP X 172 -52.97 -36.39 77.55
CA ASP X 172 -52.24 -35.15 77.90
C ASP X 172 -51.10 -34.88 76.90
N ALA X 173 -50.34 -35.91 76.56
CA ALA X 173 -49.26 -35.79 75.58
C ALA X 173 -49.81 -35.36 74.22
N VAL X 174 -50.90 -35.98 73.77
CA VAL X 174 -51.55 -35.65 72.49
C VAL X 174 -52.14 -34.24 72.51
N ARG X 175 -52.77 -33.84 73.61
CA ARG X 175 -53.33 -32.49 73.80
C ARG X 175 -52.25 -31.41 73.81
N ASP X 176 -51.06 -31.70 74.32
CA ASP X 176 -49.90 -30.80 74.19
C ASP X 176 -49.31 -30.79 72.78
N ALA X 177 -49.26 -31.94 72.09
CA ALA X 177 -48.62 -32.04 70.79
C ALA X 177 -49.45 -31.43 69.64
N ALA X 178 -50.76 -31.69 69.58
CA ALA X 178 -51.59 -31.27 68.46
C ALA X 178 -51.57 -29.74 68.15
N PRO X 179 -51.52 -28.83 69.15
CA PRO X 179 -51.35 -27.38 68.94
C PRO X 179 -50.11 -26.96 68.13
N VAL X 180 -49.09 -27.81 68.05
CA VAL X 180 -47.84 -27.50 67.33
C VAL X 180 -48.02 -27.61 65.81
N LEU X 181 -48.95 -28.46 65.37
CA LEU X 181 -49.14 -28.91 63.98
C LEU X 181 -49.83 -27.85 63.08
N ILE Y 4 13.44 -29.78 72.06
CA ILE Y 4 14.24 -30.64 72.97
C ILE Y 4 14.00 -32.10 72.59
N VAL Y 5 15.00 -32.98 72.70
CA VAL Y 5 14.83 -34.43 72.51
C VAL Y 5 15.31 -35.18 73.74
N VAL Y 6 14.55 -36.15 74.23
CA VAL Y 6 14.94 -37.02 75.35
C VAL Y 6 15.19 -38.43 74.85
N THR Y 7 16.28 -39.06 75.30
CA THR Y 7 16.73 -40.37 74.80
C THR Y 7 17.30 -41.24 75.93
N GLY Y 8 17.27 -42.56 75.75
CA GLY Y 8 17.80 -43.51 76.72
C GLY Y 8 17.65 -44.97 76.31
N ILE Y 9 18.48 -45.84 76.88
CA ILE Y 9 18.44 -47.29 76.71
C ILE Y 9 17.21 -47.90 77.40
N PRO Y 10 16.47 -48.84 76.79
CA PRO Y 10 15.34 -49.52 77.44
C PRO Y 10 15.71 -50.11 78.81
N GLY Y 11 14.98 -49.69 79.85
CA GLY Y 11 15.25 -50.02 81.26
C GLY Y 11 15.89 -48.89 82.08
N VAL Y 12 16.38 -47.80 81.46
CA VAL Y 12 17.03 -46.69 82.20
C VAL Y 12 16.06 -45.79 82.96
N GLY Y 13 14.75 -45.94 82.77
CA GLY Y 13 13.73 -45.14 83.47
C GLY Y 13 13.41 -43.80 82.81
N LYS Y 14 13.63 -43.71 81.49
CA LYS Y 14 13.44 -42.50 80.67
C LYS Y 14 12.11 -41.80 80.93
N THR Y 15 11.01 -42.54 80.93
CA THR Y 15 9.68 -41.96 81.09
C THR Y 15 9.51 -41.32 82.47
N THR Y 16 9.99 -41.96 83.53
CA THR Y 16 9.86 -41.45 84.91
C THR Y 16 10.56 -40.10 85.08
N VAL Y 17 11.82 -39.97 84.63
CA VAL Y 17 12.56 -38.70 84.75
C VAL Y 17 11.89 -37.60 83.94
N MET Y 18 11.50 -37.89 82.69
CA MET Y 18 10.76 -36.93 81.87
C MET Y 18 9.45 -36.50 82.54
N GLN Y 19 8.65 -37.43 83.05
CA GLN Y 19 7.35 -37.14 83.67
C GLN Y 19 7.49 -36.23 84.90
N LYS Y 20 8.49 -36.47 85.75
CA LYS Y 20 8.78 -35.63 86.90
C LYS Y 20 9.33 -34.26 86.50
N ALA Y 21 10.31 -34.19 85.60
CA ALA Y 21 10.92 -32.91 85.21
C ALA Y 21 9.96 -32.02 84.42
N ALA Y 22 9.11 -32.59 83.57
CA ALA Y 22 8.11 -31.85 82.79
C ALA Y 22 6.92 -31.35 83.63
N GLU Y 23 6.85 -31.66 84.93
CA GLU Y 23 5.74 -31.23 85.79
C GLU Y 23 5.61 -29.70 85.84
N GLY Y 24 4.41 -29.19 85.59
CA GLY Y 24 4.14 -27.75 85.47
C GLY Y 24 4.68 -27.07 84.20
N SER Y 25 5.36 -27.78 83.30
CA SER Y 25 5.83 -27.20 82.05
C SER Y 25 4.70 -26.96 81.05
N PRO Y 26 4.67 -25.85 80.32
CA PRO Y 26 3.72 -25.62 79.22
C PRO Y 26 4.08 -26.39 77.95
N LEU Y 27 5.19 -27.14 77.90
CA LEU Y 27 5.64 -27.79 76.67
C LEU Y 27 4.79 -29.01 76.28
N PRO Y 28 4.40 -29.17 75.00
CA PRO Y 28 3.77 -30.37 74.50
C PRO Y 28 4.70 -31.59 74.56
N ARG Y 29 4.11 -32.78 74.64
CA ARG Y 29 4.80 -34.05 74.91
C ARG Y 29 4.56 -35.00 73.75
N VAL Y 30 5.59 -35.49 73.09
CA VAL Y 30 5.42 -36.15 71.79
C VAL Y 30 6.30 -37.38 71.64
N PRO Y 31 5.76 -38.58 71.40
CA PRO Y 31 6.54 -39.71 70.90
C PRO Y 31 6.68 -39.63 69.38
N LEU Y 32 7.91 -39.70 68.84
CA LEU Y 32 8.13 -39.55 67.40
C LEU Y 32 7.51 -40.70 66.59
N GLU Y 33 7.54 -41.92 67.10
CA GLU Y 33 6.94 -43.09 66.44
C GLU Y 33 5.42 -42.94 66.32
N GLY Y 34 4.80 -42.42 67.39
CA GLY Y 34 3.37 -42.12 67.42
C GLY Y 34 2.99 -41.08 66.37
N VAL Y 35 3.74 -39.99 66.24
CA VAL Y 35 3.48 -39.00 65.17
C VAL Y 35 3.67 -39.60 63.80
N MET Y 36 4.71 -40.42 63.59
CA MET Y 36 4.90 -41.07 62.30
C MET Y 36 3.72 -41.97 61.94
N TYR Y 37 3.23 -42.76 62.91
CA TYR Y 37 2.02 -43.57 62.70
C TYR Y 37 0.82 -42.69 62.38
N GLY Y 38 0.57 -41.64 63.14
CA GLY Y 38 -0.51 -40.69 62.88
C GLY Y 38 -0.43 -40.08 61.48
N VAL Y 39 0.74 -39.59 61.07
CA VAL Y 39 0.95 -39.02 59.74
C VAL Y 39 0.72 -40.06 58.65
N ALA Y 40 1.28 -41.25 58.78
CA ALA Y 40 1.10 -42.32 57.80
C ALA Y 40 -0.38 -42.76 57.69
N LYS Y 41 -1.05 -42.89 58.83
CA LYS Y 41 -2.48 -43.25 58.93
C LYS Y 41 -3.36 -42.22 58.25
N ARG Y 42 -3.12 -40.93 58.48
CA ARG Y 42 -3.90 -39.82 57.90
C ARG Y 42 -3.57 -39.56 56.43
N MET Y 43 -2.37 -39.91 55.99
CA MET Y 43 -2.02 -40.03 54.56
C MET Y 43 -2.60 -41.31 53.90
N GLY Y 44 -3.23 -42.20 54.66
CA GLY Y 44 -3.87 -43.43 54.17
C GLY Y 44 -2.90 -44.59 53.90
N LEU Y 45 -1.63 -44.48 54.30
CA LEU Y 45 -0.58 -45.46 54.00
C LEU Y 45 -0.67 -46.74 54.86
N VAL Y 46 -1.26 -46.62 56.05
CA VAL Y 46 -1.39 -47.68 57.06
C VAL Y 46 -2.73 -47.53 57.81
N LYS Y 47 -3.11 -48.57 58.55
CA LYS Y 47 -4.20 -48.54 59.53
C LYS Y 47 -3.74 -49.01 60.92
N ASP Y 48 -2.77 -49.91 61.01
CA ASP Y 48 -2.35 -50.51 62.27
C ASP Y 48 -0.86 -50.26 62.59
N ILE Y 49 -0.52 -50.15 63.88
CA ILE Y 49 0.78 -49.69 64.36
C ILE Y 49 1.95 -50.56 63.87
N ASP Y 50 1.72 -51.87 63.70
CA ASP Y 50 2.73 -52.81 63.18
C ASP Y 50 3.05 -52.59 61.69
N GLU Y 51 2.14 -52.01 60.91
CA GLU Y 51 2.35 -51.78 59.49
C GLU Y 51 3.46 -50.76 59.22
N MET Y 52 3.82 -49.94 60.22
CA MET Y 52 4.95 -49.01 60.12
C MET Y 52 6.27 -49.73 59.84
N ARG Y 53 6.45 -50.96 60.35
CA ARG Y 53 7.63 -51.80 60.06
C ARG Y 53 7.59 -52.44 58.67
N ARG Y 54 6.42 -52.45 58.03
CA ARG Y 54 6.14 -53.04 56.71
C ARG Y 54 6.21 -52.04 55.56
N LEU Y 55 6.23 -50.74 55.85
CA LEU Y 55 6.36 -49.68 54.85
C LEU Y 55 7.64 -49.84 54.02
N SER Y 56 7.57 -49.45 52.74
CA SER Y 56 8.74 -49.34 51.88
C SER Y 56 9.71 -48.30 52.45
N PRO Y 57 11.01 -48.60 52.64
CA PRO Y 57 11.94 -47.70 53.32
C PRO Y 57 11.98 -46.27 52.76
N ASP Y 58 11.95 -46.07 51.45
CA ASP Y 58 11.97 -44.71 50.87
C ASP Y 58 10.64 -43.95 51.02
N VAL Y 59 9.52 -44.65 51.24
CA VAL Y 59 8.29 -44.03 51.75
C VAL Y 59 8.46 -43.66 53.22
N GLN Y 60 9.05 -44.56 54.02
CA GLN Y 60 9.29 -44.33 55.44
C GLN Y 60 10.21 -43.13 55.70
N LYS Y 61 11.21 -42.89 54.84
CA LYS Y 61 12.01 -41.63 54.85
C LYS Y 61 11.14 -40.40 54.71
N GLU Y 62 10.18 -40.40 53.79
CA GLU Y 62 9.29 -39.25 53.60
C GLU Y 62 8.28 -39.10 54.74
N VAL Y 63 7.79 -40.19 55.32
CA VAL Y 63 6.99 -40.15 56.55
C VAL Y 63 7.79 -39.53 57.68
N GLN Y 64 9.05 -39.93 57.89
CA GLN Y 64 9.94 -39.31 58.87
C GLN Y 64 10.11 -37.81 58.59
N LYS Y 65 10.37 -37.45 57.33
CA LYS Y 65 10.52 -36.04 56.93
C LYS Y 65 9.26 -35.22 57.24
N LYS Y 66 8.07 -35.68 56.84
CA LYS Y 66 6.80 -34.98 57.11
C LYS Y 66 6.49 -34.89 58.59
N ALA Y 67 6.69 -35.97 59.35
CA ALA Y 67 6.50 -35.94 60.80
C ALA Y 67 7.41 -34.90 61.45
N ALA Y 68 8.67 -34.82 61.05
CA ALA Y 68 9.58 -33.82 61.56
C ALA Y 68 9.17 -32.39 61.16
N GLU Y 69 8.74 -32.15 59.93
CA GLU Y 69 8.22 -30.83 59.52
C GLU Y 69 7.03 -30.39 60.38
N ARG Y 70 6.11 -31.31 60.69
CA ARG Y 70 4.93 -31.01 61.50
C ARG Y 70 5.28 -30.79 62.97
N ILE Y 71 6.24 -31.52 63.52
CA ILE Y 71 6.73 -31.26 64.88
C ILE Y 71 7.52 -29.93 64.92
N ALA Y 72 8.24 -29.57 63.86
CA ALA Y 72 8.90 -28.28 63.77
C ALA Y 72 7.88 -27.13 63.73
N ALA Y 73 6.78 -27.28 62.99
CA ALA Y 73 5.73 -26.27 62.94
C ALA Y 73 5.04 -26.06 64.31
N LEU Y 74 4.86 -27.11 65.12
CA LEU Y 74 4.34 -27.00 66.48
C LEU Y 74 5.23 -26.14 67.39
N GLY Y 75 6.52 -26.06 67.09
CA GLY Y 75 7.49 -25.27 67.83
C GLY Y 75 8.14 -26.03 69.00
N ASP Y 76 8.37 -25.32 70.11
CA ASP Y 76 9.11 -25.87 71.25
C ASP Y 76 8.34 -27.03 71.89
N VAL Y 77 9.02 -28.17 72.09
CA VAL Y 77 8.39 -29.47 72.40
C VAL Y 77 9.35 -30.38 73.17
N ILE Y 78 8.86 -31.25 74.03
CA ILE Y 78 9.64 -32.36 74.60
C ILE Y 78 9.38 -33.59 73.75
N LEU Y 79 10.20 -33.81 72.73
CA LEU Y 79 10.13 -34.98 71.86
C LEU Y 79 10.80 -36.19 72.52
N ASP Y 80 10.29 -37.38 72.27
CA ASP Y 80 10.80 -38.64 72.82
C ASP Y 80 11.03 -39.67 71.71
N THR Y 81 12.24 -40.25 71.65
CA THR Y 81 12.58 -41.43 70.84
C THR Y 81 13.94 -42.00 71.27
N HIS Y 82 14.28 -43.24 70.91
CA HIS Y 82 15.63 -43.78 71.15
C HIS Y 82 16.66 -43.17 70.20
N CYS Y 83 17.87 -42.85 70.68
CA CYS Y 83 18.95 -42.37 69.82
C CYS Y 83 19.58 -43.52 68.99
N THR Y 84 19.70 -44.73 69.54
CA THR Y 84 19.94 -45.94 68.75
C THR Y 84 19.07 -47.10 69.21
N ILE Y 85 18.53 -47.84 68.25
CA ILE Y 85 17.67 -49.00 68.50
C ILE Y 85 18.50 -50.25 68.23
N LYS Y 86 18.56 -51.19 69.18
CA LYS Y 86 19.26 -52.47 68.97
C LYS Y 86 18.39 -53.40 68.12
N THR Y 87 18.98 -54.02 67.09
CA THR Y 87 18.28 -54.90 66.14
C THR Y 87 19.14 -56.13 65.83
N PRO Y 88 18.61 -57.20 65.20
CA PRO Y 88 19.41 -58.35 64.78
C PRO Y 88 20.63 -57.98 63.93
N LYS Y 89 20.53 -56.95 63.09
CA LYS Y 89 21.63 -56.40 62.28
C LYS Y 89 22.48 -55.38 63.02
N GLY Y 90 22.34 -55.26 64.34
CA GLY Y 90 23.08 -54.30 65.18
C GLY Y 90 22.34 -52.99 65.43
N TYR Y 91 23.07 -51.95 65.85
CA TYR Y 91 22.50 -50.66 66.23
C TYR Y 91 22.01 -49.87 65.02
N LEU Y 92 20.78 -49.40 65.07
CA LEU Y 92 20.16 -48.54 64.06
C LEU Y 92 20.06 -47.10 64.60
N PRO Y 93 20.59 -46.08 63.91
CA PRO Y 93 20.41 -44.68 64.28
C PRO Y 93 18.94 -44.26 64.33
N GLY Y 94 18.50 -43.66 65.43
CA GLY Y 94 17.11 -43.25 65.63
C GLY Y 94 16.74 -41.93 64.97
N LEU Y 95 17.69 -41.02 64.76
CA LEU Y 95 17.48 -39.71 64.13
C LEU Y 95 18.36 -39.55 62.88
N PRO Y 96 17.97 -40.11 61.73
CA PRO Y 96 18.65 -39.83 60.47
C PRO Y 96 18.73 -38.35 60.14
N ARG Y 97 19.68 -37.94 59.30
CA ARG Y 97 19.89 -36.53 58.95
C ARG Y 97 18.66 -35.83 58.37
N TRP Y 98 17.85 -36.51 57.57
CA TRP Y 98 16.61 -35.94 57.03
C TRP Y 98 15.55 -35.64 58.09
N VAL Y 99 15.58 -36.27 59.27
CA VAL Y 99 14.80 -35.82 60.43
C VAL Y 99 15.46 -34.62 61.08
N LEU Y 100 16.76 -34.74 61.38
CA LEU Y 100 17.47 -33.81 62.24
C LEU Y 100 17.56 -32.40 61.66
N GLU Y 101 17.73 -32.27 60.34
CA GLU Y 101 17.71 -30.98 59.65
C GLU Y 101 16.34 -30.27 59.67
N LYS Y 102 15.24 -31.01 59.90
CA LYS Y 102 13.90 -30.43 60.07
C LYS Y 102 13.63 -30.02 61.51
N LEU Y 103 13.90 -30.90 62.48
CA LEU Y 103 13.67 -30.60 63.90
C LEU Y 103 14.58 -29.48 64.42
N ARG Y 104 15.86 -29.48 64.04
CA ARG Y 104 16.89 -28.54 64.52
C ARG Y 104 16.91 -28.42 66.05
N PRO Y 105 17.09 -29.52 66.80
CA PRO Y 105 17.01 -29.49 68.25
C PRO Y 105 17.95 -28.49 68.91
N SER Y 106 17.51 -27.80 69.95
CA SER Y 106 18.41 -27.00 70.80
C SER Y 106 19.17 -27.88 71.78
N VAL Y 107 18.58 -28.97 72.24
CA VAL Y 107 19.19 -29.91 73.18
C VAL Y 107 18.85 -31.35 72.82
N ILE Y 108 19.82 -32.24 72.94
CA ILE Y 108 19.64 -33.68 73.05
C ILE Y 108 19.95 -34.08 74.49
N LEU Y 109 19.04 -34.75 75.17
CA LEU Y 109 19.25 -35.24 76.52
C LEU Y 109 19.41 -36.76 76.50
N LEU Y 110 20.43 -37.25 77.17
CA LEU Y 110 20.78 -38.66 77.22
C LEU Y 110 20.75 -39.15 78.67
N VAL Y 111 19.82 -40.05 78.98
CA VAL Y 111 19.67 -40.60 80.32
C VAL Y 111 20.56 -41.84 80.49
N GLU Y 112 21.28 -41.94 81.61
CA GLU Y 112 22.18 -43.06 81.90
C GLU Y 112 22.01 -43.56 83.33
N ALA Y 113 22.32 -44.84 83.54
CA ALA Y 113 22.42 -45.49 84.84
C ALA Y 113 23.52 -46.57 84.77
N ASP Y 114 23.99 -47.10 85.90
CA ASP Y 114 25.04 -48.11 85.86
C ASP Y 114 24.55 -49.41 85.17
N PRO Y 115 25.36 -50.06 84.31
CA PRO Y 115 24.99 -51.31 83.69
C PRO Y 115 24.46 -52.38 84.66
N LYS Y 116 25.00 -52.45 85.89
CA LYS Y 116 24.54 -53.39 86.91
C LYS Y 116 23.15 -53.05 87.45
N GLU Y 117 22.82 -51.76 87.59
CA GLU Y 117 21.46 -51.33 87.91
C GLU Y 117 20.50 -51.73 86.78
N ILE Y 118 20.85 -51.41 85.54
CA ILE Y 118 20.01 -51.71 84.37
C ILE Y 118 19.80 -53.21 84.21
N TYR Y 119 20.86 -54.00 84.40
CA TYR Y 119 20.77 -55.46 84.40
C TYR Y 119 19.83 -55.96 85.50
N GLY Y 120 19.94 -55.40 86.72
CA GLY Y 120 19.01 -55.70 87.81
C GLY Y 120 17.56 -55.38 87.46
N ARG Y 121 17.27 -54.19 86.92
CA ARG Y 121 15.92 -53.80 86.48
C ARG Y 121 15.38 -54.72 85.39
N ARG Y 122 16.21 -55.07 84.41
CA ARG Y 122 15.84 -55.99 83.33
C ARG Y 122 15.61 -57.43 83.83
N LEU Y 123 16.38 -57.89 84.79
CA LEU Y 123 16.18 -59.20 85.41
C LEU Y 123 14.88 -59.26 86.23
N LYS Y 124 14.51 -58.15 86.88
CA LYS Y 124 13.25 -58.00 87.65
C LYS Y 124 12.01 -57.76 86.78
N ASP Y 125 12.17 -57.39 85.53
CA ASP Y 125 11.07 -57.30 84.56
C ASP Y 125 10.59 -58.69 84.11
N ASP Y 133 20.70 -58.97 77.70
CA ASP Y 133 22.05 -58.49 77.39
C ASP Y 133 22.94 -58.57 78.64
N SER Y 134 24.22 -58.89 78.47
CA SER Y 134 25.21 -58.77 79.54
C SER Y 134 25.44 -57.31 79.95
N GLU Y 135 26.05 -57.09 81.11
CA GLU Y 135 26.51 -55.77 81.53
C GLU Y 135 27.51 -55.17 80.53
N GLU Y 136 28.31 -56.01 79.85
CA GLU Y 136 29.21 -55.55 78.79
C GLU Y 136 28.44 -55.05 77.57
N GLU Y 137 27.41 -55.77 77.13
CA GLU Y 137 26.56 -55.36 76.01
C GLU Y 137 25.71 -54.12 76.34
N ILE Y 138 25.32 -53.95 77.60
CA ILE Y 138 24.67 -52.72 78.07
C ILE Y 138 25.66 -51.56 78.01
N ALA Y 139 26.87 -51.73 78.56
CA ALA Y 139 27.90 -50.68 78.53
C ALA Y 139 28.31 -50.31 77.10
N GLU Y 140 28.37 -51.29 76.19
CA GLU Y 140 28.56 -51.05 74.77
C GLU Y 140 27.42 -50.20 74.20
N HIS Y 141 26.16 -50.56 74.43
CA HIS Y 141 25.04 -49.78 73.89
C HIS Y 141 25.04 -48.34 74.41
N GLN Y 142 25.37 -48.12 75.68
CA GLN Y 142 25.56 -46.76 76.19
C GLN Y 142 26.68 -46.02 75.46
N MET Y 143 27.85 -46.63 75.28
CA MET Y 143 28.94 -45.97 74.56
C MET Y 143 28.54 -45.64 73.12
N MET Y 144 27.84 -46.53 72.43
CA MET Y 144 27.33 -46.24 71.10
C MET Y 144 26.33 -45.09 71.12
N ASN Y 145 25.48 -44.97 72.15
CA ASN Y 145 24.59 -43.82 72.25
C ASN Y 145 25.35 -42.51 72.41
N ARG Y 146 26.40 -42.45 73.24
CA ARG Y 146 27.21 -41.22 73.37
C ARG Y 146 27.79 -40.79 72.05
N ALA Y 147 28.35 -41.74 71.28
CA ALA Y 147 28.86 -41.44 69.96
C ALA Y 147 27.76 -40.92 69.03
N ALA Y 148 26.59 -41.55 69.02
CA ALA Y 148 25.48 -41.11 68.20
C ALA Y 148 24.99 -39.70 68.58
N ALA Y 149 24.84 -39.43 69.87
CA ALA Y 149 24.40 -38.13 70.36
C ALA Y 149 25.33 -37.01 69.89
N MET Y 150 26.64 -37.19 70.05
CA MET Y 150 27.59 -36.17 69.66
C MET Y 150 27.70 -36.02 68.14
N ALA Y 151 27.51 -37.10 67.38
CA ALA Y 151 27.39 -36.99 65.93
C ALA Y 151 26.20 -36.13 65.54
N TYR Y 152 25.02 -36.35 66.14
CA TYR Y 152 23.84 -35.48 65.93
C TYR Y 152 24.12 -34.03 66.30
N ALA Y 153 24.81 -33.80 67.41
CA ALA Y 153 25.16 -32.46 67.84
C ALA Y 153 25.97 -31.74 66.74
N SER Y 154 27.04 -32.36 66.23
CA SER Y 154 27.89 -31.75 65.21
C SER Y 154 27.16 -31.46 63.89
N LEU Y 155 26.10 -32.22 63.56
CA LEU Y 155 25.27 -32.01 62.38
C LEU Y 155 24.29 -30.84 62.52
N SER Y 156 24.00 -30.38 63.73
CA SER Y 156 22.80 -29.57 64.02
C SER Y 156 23.01 -28.36 64.92
N GLY Y 157 24.13 -28.29 65.65
CA GLY Y 157 24.35 -27.31 66.69
C GLY Y 157 23.60 -27.60 68.00
N ALA Y 158 22.96 -28.75 68.14
CA ALA Y 158 22.30 -29.11 69.39
C ALA Y 158 23.28 -29.27 70.56
N THR Y 159 22.93 -28.78 71.72
CA THR Y 159 23.68 -29.04 72.97
C THR Y 159 23.44 -30.48 73.42
N VAL Y 160 24.39 -31.17 74.07
CA VAL Y 160 24.18 -32.53 74.60
C VAL Y 160 24.31 -32.56 76.11
N LYS Y 161 23.29 -33.06 76.81
CA LYS Y 161 23.26 -33.18 78.27
C LYS Y 161 23.16 -34.64 78.68
N ILE Y 162 24.07 -35.12 79.52
CA ILE Y 162 23.98 -36.45 80.15
C ILE Y 162 23.35 -36.32 81.53
N VAL Y 163 22.44 -37.23 81.88
CA VAL Y 163 21.75 -37.27 83.19
C VAL Y 163 21.85 -38.65 83.82
N PHE Y 164 22.40 -38.75 85.04
CA PHE Y 164 22.38 -39.99 85.81
C PHE Y 164 21.02 -40.24 86.47
N ASN Y 165 20.57 -41.50 86.48
CA ASN Y 165 19.30 -41.91 87.09
C ASN Y 165 19.47 -43.20 87.91
N HIS Y 166 20.33 -43.16 88.92
CA HIS Y 166 20.53 -44.27 89.84
C HIS Y 166 19.25 -44.64 90.60
N ASP Y 167 19.10 -45.91 90.97
CA ASP Y 167 17.83 -46.50 91.45
C ASP Y 167 17.15 -45.70 92.57
N ASN Y 168 17.87 -45.38 93.64
CA ASN Y 168 17.33 -44.68 94.81
C ASN Y 168 17.23 -43.15 94.63
N ARG Y 169 17.73 -42.60 93.52
CA ARG Y 169 18.15 -41.19 93.41
C ARG Y 169 17.44 -40.44 92.29
N LEU Y 170 16.15 -40.72 92.06
CA LEU Y 170 15.35 -40.04 91.05
C LEU Y 170 15.38 -38.51 91.21
N ASP Y 171 15.48 -37.99 92.44
CA ASP Y 171 15.59 -36.55 92.68
C ASP Y 171 16.86 -35.94 92.05
N ASP Y 172 17.98 -36.67 91.98
CA ASP Y 172 19.17 -36.21 91.25
C ASP Y 172 18.91 -36.11 89.75
N ALA Y 173 18.25 -37.11 89.17
CA ALA Y 173 17.90 -37.08 87.75
C ALA Y 173 16.99 -35.88 87.43
N VAL Y 174 15.95 -35.66 88.23
CA VAL Y 174 14.99 -34.57 88.03
C VAL Y 174 15.65 -33.21 88.26
N ARG Y 175 16.52 -33.09 89.27
CA ARG Y 175 17.31 -31.88 89.53
C ARG Y 175 18.28 -31.55 88.40
N ASP Y 176 18.88 -32.56 87.75
CA ASP Y 176 19.68 -32.34 86.55
C ASP Y 176 18.82 -32.01 85.31
N ALA Y 177 17.62 -32.59 85.19
CA ALA Y 177 16.79 -32.45 84.01
C ALA Y 177 16.03 -31.11 83.94
N ALA Y 178 15.45 -30.63 85.04
CA ALA Y 178 14.65 -29.41 85.05
C ALA Y 178 15.38 -28.13 84.55
N PRO Y 179 16.67 -27.90 84.85
CA PRO Y 179 17.47 -26.81 84.27
C PRO Y 179 17.54 -26.75 82.75
N VAL Y 180 17.23 -27.84 82.04
CA VAL Y 180 17.25 -27.89 80.58
C VAL Y 180 16.03 -27.21 79.96
N LEU Y 181 14.88 -27.28 80.63
CA LEU Y 181 13.56 -26.89 80.14
C LEU Y 181 13.35 -25.37 80.09
N ILE Z 4 -38.54 -43.95 -53.41
CA ILE Z 4 -38.51 -45.00 -54.47
C ILE Z 4 -37.70 -44.49 -55.65
N VAL Z 5 -36.92 -45.33 -56.32
CA VAL Z 5 -36.25 -45.00 -57.60
C VAL Z 5 -36.71 -45.95 -58.69
N VAL Z 6 -37.13 -45.44 -59.84
CA VAL Z 6 -37.53 -46.26 -61.00
C VAL Z 6 -36.49 -46.12 -62.10
N THR Z 7 -36.08 -47.25 -62.70
CA THR Z 7 -34.95 -47.30 -63.63
C THR Z 7 -35.17 -48.30 -64.77
N GLY Z 8 -34.48 -48.11 -65.90
CA GLY Z 8 -34.61 -48.98 -67.07
C GLY Z 8 -33.74 -48.54 -68.25
N ILE Z 9 -33.49 -49.47 -69.17
CA ILE Z 9 -32.76 -49.25 -70.42
C ILE Z 9 -33.64 -48.46 -71.43
N PRO Z 10 -33.11 -47.46 -72.15
CA PRO Z 10 -33.86 -46.74 -73.18
C PRO Z 10 -34.52 -47.67 -74.21
N GLY Z 11 -35.84 -47.56 -74.34
CA GLY Z 11 -36.69 -48.45 -75.15
C GLY Z 11 -37.47 -49.50 -74.36
N VAL Z 12 -37.23 -49.69 -73.06
CA VAL Z 12 -37.94 -50.70 -72.25
C VAL Z 12 -39.38 -50.31 -71.88
N GLY Z 13 -39.78 -49.06 -72.10
CA GLY Z 13 -41.14 -48.58 -71.81
C GLY Z 13 -41.33 -48.05 -70.38
N LYS Z 14 -40.24 -47.60 -69.74
CA LYS Z 14 -40.19 -47.13 -68.35
C LYS Z 14 -41.32 -46.16 -68.02
N THR Z 15 -41.50 -45.10 -68.81
CA THR Z 15 -42.47 -44.04 -68.52
C THR Z 15 -43.91 -44.56 -68.50
N THR Z 16 -44.26 -45.47 -69.39
CA THR Z 16 -45.61 -46.05 -69.46
C THR Z 16 -45.95 -46.83 -68.17
N VAL Z 17 -45.07 -47.75 -67.75
CA VAL Z 17 -45.31 -48.56 -66.54
C VAL Z 17 -45.36 -47.68 -65.30
N MET Z 18 -44.47 -46.69 -65.20
CA MET Z 18 -44.50 -45.71 -64.12
C MET Z 18 -45.83 -44.93 -64.09
N GLN Z 19 -46.25 -44.36 -65.22
CA GLN Z 19 -47.49 -43.57 -65.28
C GLN Z 19 -48.72 -44.39 -64.89
N LYS Z 20 -48.84 -45.63 -65.41
CA LYS Z 20 -49.97 -46.51 -65.11
C LYS Z 20 -49.97 -47.01 -63.67
N ALA Z 21 -48.81 -47.37 -63.11
CA ALA Z 21 -48.73 -47.80 -61.71
C ALA Z 21 -48.92 -46.64 -60.72
N ALA Z 22 -48.39 -45.45 -61.02
CA ALA Z 22 -48.51 -44.27 -60.16
C ALA Z 22 -49.90 -43.62 -60.16
N GLU Z 23 -50.83 -44.10 -60.98
CA GLU Z 23 -52.18 -43.55 -61.08
C GLU Z 23 -52.91 -43.55 -59.73
N GLY Z 24 -53.46 -42.40 -59.32
CA GLY Z 24 -54.11 -42.21 -58.03
C GLY Z 24 -53.17 -42.12 -56.82
N SER Z 25 -51.85 -42.19 -56.99
CA SER Z 25 -50.90 -42.08 -55.88
C SER Z 25 -50.79 -40.63 -55.37
N PRO Z 26 -50.67 -40.40 -54.05
CA PRO Z 26 -50.31 -39.10 -53.50
C PRO Z 26 -48.82 -38.75 -53.65
N LEU Z 27 -47.98 -39.64 -54.19
CA LEU Z 27 -46.53 -39.40 -54.30
C LEU Z 27 -46.18 -38.39 -55.40
N PRO Z 28 -45.27 -37.43 -55.15
CA PRO Z 28 -44.70 -36.59 -56.20
C PRO Z 28 -43.86 -37.40 -57.18
N ARG Z 29 -43.74 -36.91 -58.41
CA ARG Z 29 -43.05 -37.54 -59.55
C ARG Z 29 -41.90 -36.65 -60.00
N VAL Z 30 -40.68 -37.16 -60.05
CA VAL Z 30 -39.50 -36.29 -60.15
C VAL Z 30 -38.44 -36.87 -61.09
N PRO Z 31 -38.08 -36.23 -62.21
CA PRO Z 31 -36.89 -36.57 -62.97
C PRO Z 31 -35.64 -35.96 -62.30
N LEU Z 32 -34.64 -36.78 -61.97
CA LEU Z 32 -33.46 -36.31 -61.23
C LEU Z 32 -32.62 -35.29 -62.00
N GLU Z 33 -32.46 -35.47 -63.31
CA GLU Z 33 -31.70 -34.54 -64.15
C GLU Z 33 -32.41 -33.17 -64.22
N GLY Z 34 -33.74 -33.19 -64.27
CA GLY Z 34 -34.56 -32.00 -64.17
C GLY Z 34 -34.32 -31.23 -62.87
N VAL Z 35 -34.31 -31.93 -61.73
CA VAL Z 35 -33.98 -31.28 -60.45
C VAL Z 35 -32.55 -30.75 -60.44
N MET Z 36 -31.58 -31.48 -60.98
CA MET Z 36 -30.20 -30.99 -61.05
C MET Z 36 -30.11 -29.70 -61.86
N TYR Z 37 -30.79 -29.63 -63.00
CA TYR Z 37 -30.86 -28.42 -63.81
C TYR Z 37 -31.51 -27.28 -63.02
N GLY Z 38 -32.65 -27.53 -62.40
CA GLY Z 38 -33.35 -26.55 -61.56
C GLY Z 38 -32.47 -26.02 -60.42
N VAL Z 39 -31.78 -26.90 -59.70
CA VAL Z 39 -30.88 -26.50 -58.61
C VAL Z 39 -29.70 -25.70 -59.14
N ALA Z 40 -29.01 -26.17 -60.18
CA ALA Z 40 -27.89 -25.44 -60.75
C ALA Z 40 -28.31 -24.07 -61.29
N LYS Z 41 -29.47 -23.99 -61.95
CA LYS Z 41 -30.04 -22.75 -62.50
C LYS Z 41 -30.39 -21.75 -61.40
N ARG Z 42 -31.01 -22.19 -60.30
CA ARG Z 42 -31.33 -21.33 -59.15
C ARG Z 42 -30.09 -20.94 -58.32
N MET Z 43 -29.06 -21.77 -58.33
CA MET Z 43 -27.71 -21.40 -57.86
C MET Z 43 -26.96 -20.48 -58.84
N GLY Z 44 -27.52 -20.18 -60.02
CA GLY Z 44 -26.94 -19.29 -61.02
C GLY Z 44 -25.79 -19.89 -61.85
N LEU Z 45 -25.54 -21.20 -61.73
CA LEU Z 45 -24.41 -21.90 -62.35
C LEU Z 45 -24.59 -22.11 -63.86
N VAL Z 46 -25.84 -22.16 -64.32
CA VAL Z 46 -26.26 -22.39 -65.71
C VAL Z 46 -27.51 -21.59 -66.02
N LYS Z 47 -27.82 -21.44 -67.31
CA LYS Z 47 -29.12 -20.95 -67.80
C LYS Z 47 -29.84 -21.98 -68.67
N ASP Z 48 -29.12 -22.82 -69.41
CA ASP Z 48 -29.72 -23.74 -70.40
C ASP Z 48 -29.40 -25.23 -70.10
N ILE Z 49 -30.32 -26.13 -70.42
CA ILE Z 49 -30.26 -27.55 -70.05
C ILE Z 49 -29.02 -28.27 -70.59
N ASP Z 50 -28.50 -27.88 -71.74
CA ASP Z 50 -27.27 -28.44 -72.30
C ASP Z 50 -26.01 -28.08 -71.51
N GLU Z 51 -26.00 -26.97 -70.77
CA GLU Z 51 -24.86 -26.55 -69.97
C GLU Z 51 -24.56 -27.50 -68.82
N MET Z 52 -25.53 -28.34 -68.42
CA MET Z 52 -25.32 -29.37 -67.40
C MET Z 52 -24.22 -30.36 -67.78
N ARG Z 53 -24.04 -30.64 -69.08
CA ARG Z 53 -22.94 -31.48 -69.59
C ARG Z 53 -21.60 -30.76 -69.64
N ARG Z 54 -21.61 -29.42 -69.55
CA ARG Z 54 -20.45 -28.52 -69.66
C ARG Z 54 -19.89 -28.09 -68.30
N LEU Z 55 -20.62 -28.30 -67.21
CA LEU Z 55 -20.17 -28.01 -65.85
C LEU Z 55 -18.87 -28.76 -65.49
N SER Z 56 -18.06 -28.17 -64.61
CA SER Z 56 -16.89 -28.83 -64.03
C SER Z 56 -17.33 -30.05 -63.19
N PRO Z 57 -16.75 -31.25 -63.38
CA PRO Z 57 -17.17 -32.45 -62.67
C PRO Z 57 -17.30 -32.31 -61.15
N ASP Z 58 -16.36 -31.63 -60.49
CA ASP Z 58 -16.42 -31.44 -59.03
C ASP Z 58 -17.49 -30.44 -58.57
N VAL Z 59 -17.94 -29.53 -59.44
CA VAL Z 59 -19.17 -28.75 -59.22
C VAL Z 59 -20.38 -29.66 -59.41
N GLN Z 60 -20.36 -30.51 -60.44
CA GLN Z 60 -21.46 -31.44 -60.74
C GLN Z 60 -21.70 -32.45 -59.60
N LYS Z 61 -20.66 -32.89 -58.89
CA LYS Z 61 -20.81 -33.66 -57.64
C LYS Z 61 -21.64 -32.90 -56.59
N GLU Z 62 -21.33 -31.63 -56.37
CA GLU Z 62 -22.08 -30.84 -55.40
C GLU Z 62 -23.51 -30.56 -55.86
N VAL Z 63 -23.76 -30.35 -57.15
CA VAL Z 63 -25.13 -30.27 -57.69
C VAL Z 63 -25.90 -31.57 -57.44
N GLN Z 64 -25.29 -32.74 -57.68
CA GLN Z 64 -25.92 -34.02 -57.34
C GLN Z 64 -26.22 -34.10 -55.83
N LYS Z 65 -25.27 -33.73 -54.99
CA LYS Z 65 -25.43 -33.74 -53.53
C LYS Z 65 -26.59 -32.84 -53.09
N LYS Z 66 -26.66 -31.59 -53.56
CA LYS Z 66 -27.73 -30.65 -53.21
C LYS Z 66 -29.08 -31.06 -53.76
N ALA Z 67 -29.15 -31.53 -55.00
CA ALA Z 67 -30.38 -32.07 -55.56
C ALA Z 67 -30.92 -33.22 -54.71
N ALA Z 68 -30.05 -34.16 -54.32
CA ALA Z 68 -30.44 -35.25 -53.45
C ALA Z 68 -30.89 -34.77 -52.06
N GLU Z 69 -30.19 -33.84 -51.43
CA GLU Z 69 -30.62 -33.27 -50.14
C GLU Z 69 -32.03 -32.70 -50.22
N ARG Z 70 -32.34 -31.97 -51.30
CA ARG Z 70 -33.65 -31.35 -51.49
C ARG Z 70 -34.74 -32.38 -51.81
N ILE Z 71 -34.43 -33.42 -52.56
CA ILE Z 71 -35.36 -34.54 -52.78
C ILE Z 71 -35.56 -35.35 -51.49
N ALA Z 72 -34.55 -35.46 -50.64
CA ALA Z 72 -34.70 -36.10 -49.33
C ALA Z 72 -35.60 -35.27 -48.41
N ALA Z 73 -35.44 -33.94 -48.40
CA ALA Z 73 -36.29 -33.05 -47.60
C ALA Z 73 -37.76 -33.09 -48.05
N LEU Z 74 -38.02 -33.22 -49.36
CA LEU Z 74 -39.37 -33.43 -49.90
C LEU Z 74 -40.04 -34.72 -49.38
N GLY Z 75 -39.24 -35.71 -48.96
CA GLY Z 75 -39.74 -36.98 -48.46
C GLY Z 75 -40.06 -38.00 -49.56
N ASP Z 76 -41.01 -38.87 -49.30
CA ASP Z 76 -41.30 -40.04 -50.15
C ASP Z 76 -41.77 -39.62 -51.55
N VAL Z 77 -41.19 -40.22 -52.58
CA VAL Z 77 -41.24 -39.72 -53.97
C VAL Z 77 -41.05 -40.87 -54.96
N ILE Z 78 -41.62 -40.78 -56.16
CA ILE Z 78 -41.26 -41.66 -57.27
C ILE Z 78 -40.20 -40.93 -58.10
N LEU Z 79 -38.94 -41.11 -57.74
CA LEU Z 79 -37.80 -40.54 -58.46
C LEU Z 79 -37.52 -41.34 -59.73
N ASP Z 80 -37.16 -40.66 -60.80
CA ASP Z 80 -36.90 -41.26 -62.11
C ASP Z 80 -35.50 -40.88 -62.63
N THR Z 81 -34.67 -41.87 -62.95
CA THR Z 81 -33.34 -41.70 -63.58
C THR Z 81 -32.83 -43.03 -64.14
N HIS Z 82 -31.80 -43.04 -64.99
CA HIS Z 82 -31.13 -44.27 -65.41
C HIS Z 82 -30.20 -44.82 -64.32
N CYS Z 83 -30.11 -46.14 -64.15
CA CYS Z 83 -29.13 -46.76 -63.25
C CYS Z 83 -27.73 -46.84 -63.87
N THR Z 84 -27.61 -47.12 -65.17
CA THR Z 84 -26.36 -46.90 -65.92
C THR Z 84 -26.63 -46.27 -67.27
N ILE Z 85 -25.81 -45.30 -67.67
CA ILE Z 85 -25.93 -44.58 -68.93
C ILE Z 85 -24.83 -45.08 -69.87
N LYS Z 86 -25.16 -45.53 -71.08
CA LYS Z 86 -24.14 -45.93 -72.07
C LYS Z 86 -23.52 -44.70 -72.72
N THR Z 87 -22.20 -44.63 -72.77
CA THR Z 87 -21.42 -43.48 -73.28
C THR Z 87 -20.27 -43.97 -74.17
N PRO Z 88 -19.57 -43.10 -74.93
CA PRO Z 88 -18.41 -43.51 -75.74
C PRO Z 88 -17.34 -44.26 -74.94
N LYS Z 89 -17.11 -43.88 -73.68
CA LYS Z 89 -16.19 -44.55 -72.75
C LYS Z 89 -16.82 -45.70 -71.95
N GLY Z 90 -17.97 -46.22 -72.37
CA GLY Z 90 -18.67 -47.33 -71.73
C GLY Z 90 -19.77 -46.89 -70.76
N TYR Z 91 -20.15 -47.77 -69.85
CA TYR Z 91 -21.25 -47.52 -68.90
C TYR Z 91 -20.84 -46.55 -67.81
N LEU Z 92 -21.67 -45.55 -67.54
CA LEU Z 92 -21.49 -44.60 -66.45
C LEU Z 92 -22.54 -44.87 -65.37
N PRO Z 93 -22.16 -45.06 -64.09
CA PRO Z 93 -23.11 -45.22 -62.99
C PRO Z 93 -24.00 -43.99 -62.83
N GLY Z 94 -25.32 -44.18 -62.82
CA GLY Z 94 -26.29 -43.10 -62.73
C GLY Z 94 -26.45 -42.52 -61.33
N LEU Z 95 -26.12 -43.29 -60.28
CA LEU Z 95 -26.26 -42.90 -58.88
C LEU Z 95 -24.97 -43.17 -58.10
N PRO Z 96 -24.04 -42.20 -58.04
CA PRO Z 96 -22.86 -42.32 -57.19
C PRO Z 96 -23.21 -42.50 -55.72
N ARG Z 97 -22.28 -43.03 -54.93
CA ARG Z 97 -22.42 -43.19 -53.46
C ARG Z 97 -22.89 -41.91 -52.76
N TRP Z 98 -22.37 -40.74 -53.14
CA TRP Z 98 -22.76 -39.48 -52.51
C TRP Z 98 -24.21 -39.08 -52.77
N VAL Z 99 -24.89 -39.62 -53.79
CA VAL Z 99 -26.34 -39.48 -53.93
C VAL Z 99 -27.06 -40.38 -52.95
N LEU Z 100 -26.69 -41.66 -52.86
CA LEU Z 100 -27.35 -42.65 -52.01
C LEU Z 100 -27.28 -42.28 -50.53
N GLU Z 101 -26.15 -41.76 -50.06
CA GLU Z 101 -26.02 -41.30 -48.66
C GLU Z 101 -27.01 -40.18 -48.31
N LYS Z 102 -27.48 -39.41 -49.30
CA LYS Z 102 -28.50 -38.36 -49.12
C LYS Z 102 -29.92 -38.89 -49.34
N LEU Z 103 -30.20 -39.56 -50.46
CA LEU Z 103 -31.56 -40.05 -50.75
C LEU Z 103 -32.02 -41.16 -49.81
N ARG Z 104 -31.11 -42.09 -49.48
CA ARG Z 104 -31.38 -43.30 -48.68
C ARG Z 104 -32.60 -44.08 -49.20
N PRO Z 105 -32.62 -44.52 -50.48
CA PRO Z 105 -33.79 -45.15 -51.08
C PRO Z 105 -34.29 -46.35 -50.31
N SER Z 106 -35.61 -46.54 -50.24
CA SER Z 106 -36.21 -47.76 -49.71
C SER Z 106 -36.29 -48.86 -50.76
N VAL Z 107 -36.49 -48.52 -52.02
CA VAL Z 107 -36.58 -49.45 -53.14
C VAL Z 107 -35.90 -48.90 -54.37
N ILE Z 108 -35.17 -49.75 -55.08
CA ILE Z 108 -34.77 -49.55 -56.47
C ILE Z 108 -35.63 -50.47 -57.32
N LEU Z 109 -36.31 -49.93 -58.33
CA LEU Z 109 -37.10 -50.71 -59.26
C LEU Z 109 -36.44 -50.72 -60.61
N LEU Z 110 -36.27 -51.90 -61.19
CA LEU Z 110 -35.60 -52.11 -62.47
C LEU Z 110 -36.58 -52.73 -63.47
N VAL Z 111 -36.84 -52.06 -64.58
CA VAL Z 111 -37.75 -52.54 -65.64
C VAL Z 111 -36.96 -53.31 -66.69
N GLU Z 112 -37.47 -54.45 -67.13
CA GLU Z 112 -36.83 -55.31 -68.14
C GLU Z 112 -37.82 -55.83 -69.19
N ALA Z 113 -37.31 -56.15 -70.36
CA ALA Z 113 -38.03 -56.81 -71.46
C ALA Z 113 -37.03 -57.66 -72.26
N ASP Z 114 -37.48 -58.56 -73.13
CA ASP Z 114 -36.53 -59.37 -73.90
C ASP Z 114 -35.68 -58.48 -74.85
N PRO Z 115 -34.37 -58.72 -74.99
CA PRO Z 115 -33.54 -57.97 -75.92
C PRO Z 115 -34.11 -57.89 -77.34
N LYS Z 116 -34.79 -58.93 -77.83
CA LYS Z 116 -35.42 -58.95 -79.15
C LYS Z 116 -36.62 -58.00 -79.24
N GLU Z 117 -37.42 -57.93 -78.19
CA GLU Z 117 -38.52 -56.94 -78.09
C GLU Z 117 -37.96 -55.52 -78.12
N ILE Z 118 -36.96 -55.25 -77.28
CA ILE Z 118 -36.31 -53.94 -77.19
C ILE Z 118 -35.69 -53.57 -78.54
N TYR Z 119 -35.01 -54.51 -79.20
CA TYR Z 119 -34.45 -54.30 -80.53
C TYR Z 119 -35.54 -53.97 -81.54
N GLY Z 120 -36.67 -54.69 -81.53
CA GLY Z 120 -37.83 -54.37 -82.36
C GLY Z 120 -38.36 -52.95 -82.13
N ARG Z 121 -38.54 -52.55 -80.87
CA ARG Z 121 -38.97 -51.17 -80.53
C ARG Z 121 -37.99 -50.12 -81.01
N ARG Z 122 -36.68 -50.38 -80.83
CA ARG Z 122 -35.60 -49.48 -81.28
C ARG Z 122 -35.51 -49.40 -82.80
N LEU Z 123 -35.76 -50.50 -83.51
CA LEU Z 123 -35.75 -50.53 -84.97
C LEU Z 123 -36.95 -49.78 -85.58
N LYS Z 124 -38.11 -49.80 -84.89
CA LYS Z 124 -39.32 -49.06 -85.27
C LYS Z 124 -39.28 -47.57 -84.91
N ASP Z 125 -38.41 -47.16 -83.99
CA ASP Z 125 -38.20 -45.75 -83.66
C ASP Z 125 -37.55 -44.98 -84.84
N ASP Z 133 -27.73 -50.76 -81.13
CA ASP Z 133 -27.04 -51.83 -80.41
C ASP Z 133 -27.53 -53.20 -80.90
N SER Z 134 -26.67 -54.21 -80.93
CA SER Z 134 -27.10 -55.60 -81.09
C SER Z 134 -27.91 -56.09 -79.90
N GLU Z 135 -28.66 -57.17 -80.07
CA GLU Z 135 -29.34 -57.86 -78.97
C GLU Z 135 -28.34 -58.33 -77.91
N GLU Z 136 -27.11 -58.67 -78.30
CA GLU Z 136 -26.04 -59.02 -77.38
C GLU Z 136 -25.62 -57.83 -76.52
N GLU Z 137 -25.47 -56.65 -77.11
CA GLU Z 137 -25.17 -55.42 -76.37
C GLU Z 137 -26.33 -54.97 -75.48
N ILE Z 138 -27.57 -55.21 -75.90
CA ILE Z 138 -28.74 -54.98 -75.06
C ILE Z 138 -28.71 -55.94 -73.85
N ALA Z 139 -28.50 -57.23 -74.08
CA ALA Z 139 -28.39 -58.22 -73.01
C ALA Z 139 -27.24 -57.92 -72.03
N GLU Z 140 -26.10 -57.44 -72.56
CA GLU Z 140 -25.00 -56.95 -71.75
C GLU Z 140 -25.43 -55.76 -70.89
N HIS Z 141 -26.05 -54.74 -71.47
CA HIS Z 141 -26.47 -53.55 -70.71
C HIS Z 141 -27.45 -53.92 -69.59
N GLN Z 142 -28.39 -54.82 -69.84
CA GLN Z 142 -29.26 -55.34 -68.79
C GLN Z 142 -28.48 -56.02 -67.67
N MET Z 143 -27.54 -56.92 -67.99
CA MET Z 143 -26.72 -57.56 -66.96
C MET Z 143 -25.92 -56.53 -66.16
N MET Z 144 -25.34 -55.53 -66.82
CA MET Z 144 -24.65 -54.45 -66.12
C MET Z 144 -25.61 -53.66 -65.21
N ASN Z 145 -26.86 -53.46 -65.60
CA ASN Z 145 -27.83 -52.82 -64.72
C ASN Z 145 -28.14 -53.66 -63.49
N ARG Z 146 -28.31 -54.98 -63.60
CA ARG Z 146 -28.54 -55.84 -62.43
C ARG Z 146 -27.39 -55.74 -61.44
N ALA Z 147 -26.15 -55.79 -61.93
CA ALA Z 147 -24.99 -55.61 -61.08
C ALA Z 147 -24.97 -54.23 -60.42
N ALA Z 148 -25.28 -53.17 -61.16
CA ALA Z 148 -25.31 -51.82 -60.62
C ALA Z 148 -26.40 -51.67 -59.55
N ALA Z 149 -27.61 -52.16 -59.80
CA ALA Z 149 -28.70 -52.08 -58.84
C ALA Z 149 -28.36 -52.78 -57.53
N MET Z 150 -27.81 -54.00 -57.61
CA MET Z 150 -27.47 -54.74 -56.39
C MET Z 150 -26.29 -54.11 -55.65
N ALA Z 151 -25.34 -53.48 -56.34
CA ALA Z 151 -24.32 -52.68 -55.69
C ALA Z 151 -24.93 -51.50 -54.93
N TYR Z 152 -25.84 -50.74 -55.55
CA TYR Z 152 -26.57 -49.66 -54.88
C TYR Z 152 -27.35 -50.16 -53.66
N ALA Z 153 -27.97 -51.33 -53.78
CA ALA Z 153 -28.68 -51.93 -52.67
C ALA Z 153 -27.75 -52.15 -51.48
N SER Z 154 -26.61 -52.81 -51.69
CA SER Z 154 -25.66 -53.10 -50.62
C SER Z 154 -25.11 -51.84 -49.93
N LEU Z 155 -24.99 -50.73 -50.65
CA LEU Z 155 -24.54 -49.45 -50.10
C LEU Z 155 -25.59 -48.74 -49.24
N SER Z 156 -26.86 -49.10 -49.35
CA SER Z 156 -27.98 -48.27 -48.87
C SER Z 156 -29.03 -49.00 -48.03
N GLY Z 157 -29.11 -50.33 -48.11
CA GLY Z 157 -30.21 -51.11 -47.56
C GLY Z 157 -31.50 -51.06 -48.40
N ALA Z 158 -31.48 -50.48 -49.59
CA ALA Z 158 -32.63 -50.49 -50.48
C ALA Z 158 -33.00 -51.90 -50.93
N THR Z 159 -34.28 -52.19 -51.06
CA THR Z 159 -34.75 -53.42 -51.70
C THR Z 159 -34.60 -53.31 -53.22
N VAL Z 160 -34.39 -54.39 -53.97
CA VAL Z 160 -34.40 -54.36 -55.44
C VAL Z 160 -35.55 -55.17 -56.02
N LYS Z 161 -36.42 -54.54 -56.81
CA LYS Z 161 -37.52 -55.20 -57.52
C LYS Z 161 -37.25 -55.22 -59.01
N ILE Z 162 -37.42 -56.36 -59.65
CA ILE Z 162 -37.36 -56.48 -61.12
C ILE Z 162 -38.78 -56.60 -61.68
N VAL Z 163 -39.11 -55.86 -62.74
CA VAL Z 163 -40.43 -55.87 -63.39
C VAL Z 163 -40.31 -56.18 -64.89
N PHE Z 164 -40.91 -57.27 -65.35
CA PHE Z 164 -41.02 -57.54 -66.79
C PHE Z 164 -42.09 -56.67 -67.46
N ASN Z 165 -41.81 -56.18 -68.68
CA ASN Z 165 -42.70 -55.34 -69.48
C ASN Z 165 -42.71 -55.76 -70.96
N HIS Z 166 -43.11 -57.00 -71.22
CA HIS Z 166 -43.27 -57.53 -72.58
C HIS Z 166 -44.30 -56.73 -73.39
N ASP Z 167 -44.15 -56.68 -74.72
CA ASP Z 167 -44.83 -55.70 -75.60
C ASP Z 167 -46.35 -55.57 -75.38
N ASN Z 168 -47.09 -56.67 -75.38
CA ASN Z 168 -48.55 -56.66 -75.22
C ASN Z 168 -48.99 -56.60 -73.75
N ARG Z 169 -48.12 -56.97 -72.81
CA ARG Z 169 -48.48 -57.40 -71.46
C ARG Z 169 -48.32 -56.29 -70.40
N LEU Z 170 -48.63 -55.04 -70.76
CA LEU Z 170 -48.47 -53.89 -69.87
C LEU Z 170 -49.20 -54.08 -68.52
N ASP Z 171 -50.34 -54.77 -68.51
CA ASP Z 171 -51.06 -55.05 -67.26
C ASP Z 171 -50.24 -55.91 -66.28
N ASP Z 172 -49.40 -56.83 -66.77
CA ASP Z 172 -48.49 -57.59 -65.90
C ASP Z 172 -47.43 -56.68 -65.29
N ALA Z 173 -46.85 -55.77 -66.07
CA ALA Z 173 -45.87 -54.81 -65.56
C ALA Z 173 -46.50 -53.92 -64.48
N VAL Z 174 -47.71 -53.41 -64.72
CA VAL Z 174 -48.43 -52.56 -63.76
C VAL Z 174 -48.83 -53.35 -62.51
N ARG Z 175 -49.27 -54.61 -62.67
CA ARG Z 175 -49.63 -55.50 -61.56
C ARG Z 175 -48.42 -55.84 -60.69
N ASP Z 176 -47.24 -56.01 -61.25
CA ASP Z 176 -46.01 -56.17 -60.47
C ASP Z 176 -45.52 -54.85 -59.85
N ALA Z 177 -45.67 -53.71 -60.53
CA ALA Z 177 -45.20 -52.43 -60.02
C ALA Z 177 -46.07 -51.87 -58.87
N ALA Z 178 -47.39 -51.93 -58.98
CA ALA Z 178 -48.28 -51.29 -58.01
C ALA Z 178 -48.08 -51.74 -56.53
N PRO Z 179 -47.81 -53.03 -56.21
CA PRO Z 179 -47.46 -53.49 -54.87
C PRO Z 179 -46.28 -52.80 -54.18
N VAL Z 180 -45.40 -52.14 -54.94
CA VAL Z 180 -44.23 -51.45 -54.40
C VAL Z 180 -44.59 -50.11 -53.75
N LEU Z 181 -45.65 -49.46 -54.26
CA LEU Z 181 -46.02 -48.06 -53.99
C LEU Z 181 -46.78 -47.88 -52.67
N ILE AA 4 -8.98 -35.91 69.93
CA ILE AA 4 -9.70 -36.02 71.23
C ILE AA 4 -9.46 -34.75 72.03
N VAL AA 5 -10.42 -34.26 72.80
CA VAL AA 5 -10.23 -33.16 73.77
C VAL AA 5 -10.63 -33.63 75.16
N VAL AA 6 -9.79 -33.43 76.18
CA VAL AA 6 -10.10 -33.76 77.58
C VAL AA 6 -10.28 -32.50 78.41
N THR AA 7 -11.32 -32.45 79.24
CA THR AA 7 -11.74 -31.23 79.93
C THR AA 7 -12.27 -31.50 81.35
N GLY AA 8 -12.23 -30.50 82.22
CA GLY AA 8 -12.72 -30.62 83.60
C GLY AA 8 -12.58 -29.34 84.44
N ILE AA 9 -13.35 -29.28 85.53
CA ILE AA 9 -13.30 -28.21 86.53
C ILE AA 9 -12.04 -28.31 87.41
N PRO AA 10 -11.33 -27.21 87.72
CA PRO AA 10 -10.15 -27.25 88.58
C PRO AA 10 -10.40 -27.93 89.93
N GLY AA 11 -9.63 -28.97 90.23
CA GLY AA 11 -9.79 -29.84 91.41
C GLY AA 11 -10.41 -31.22 91.13
N VAL AA 12 -10.97 -31.47 89.94
CA VAL AA 12 -11.60 -32.76 89.61
C VAL AA 12 -10.61 -33.92 89.37
N GLY AA 13 -9.31 -33.64 89.25
CA GLY AA 13 -8.27 -34.67 89.06
C GLY AA 13 -8.00 -35.04 87.60
N LYS AA 14 -8.31 -34.13 86.66
CA LYS AA 14 -8.19 -34.31 85.21
C LYS AA 14 -6.88 -34.96 84.79
N THR AA 15 -5.75 -34.42 85.24
CA THR AA 15 -4.43 -34.88 84.80
C THR AA 15 -4.16 -36.33 85.20
N THR AA 16 -4.59 -36.75 86.38
CA THR AA 16 -4.42 -38.12 86.87
C THR AA 16 -5.17 -39.11 85.98
N VAL AA 17 -6.46 -38.89 85.73
CA VAL AA 17 -7.27 -39.80 84.90
C VAL AA 17 -6.75 -39.86 83.47
N MET AA 18 -6.37 -38.70 82.90
CA MET AA 18 -5.75 -38.65 81.58
C MET AA 18 -4.47 -39.49 81.53
N GLN AA 19 -3.49 -39.25 82.41
CA GLN AA 19 -2.19 -39.91 82.33
C GLN AA 19 -2.27 -41.42 82.62
N LYS AA 20 -3.16 -41.85 83.52
CA LYS AA 20 -3.41 -43.27 83.77
C LYS AA 20 -4.08 -43.96 82.59
N ALA AA 21 -5.08 -43.35 81.95
CA ALA AA 21 -5.72 -43.94 80.77
C ALA AA 21 -4.85 -43.90 79.51
N ALA AA 22 -4.09 -42.82 79.30
CA ALA AA 22 -3.18 -42.66 78.16
C ALA AA 22 -1.92 -43.54 78.25
N GLU AA 23 -1.71 -44.27 79.35
CA GLU AA 23 -0.56 -45.15 79.52
C GLU AA 23 -0.44 -46.19 78.38
N GLY AA 24 0.71 -46.24 77.72
CA GLY AA 24 0.96 -47.08 76.55
C GLY AA 24 0.33 -46.62 75.23
N SER AA 25 -0.37 -45.49 75.20
CA SER AA 25 -0.94 -44.95 73.96
C SER AA 25 0.15 -44.38 73.04
N PRO AA 26 0.05 -44.56 71.72
CA PRO AA 26 0.90 -43.85 70.76
C PRO AA 26 0.51 -42.38 70.56
N LEU AA 27 -0.56 -41.88 71.19
CA LEU AA 27 -1.03 -40.51 71.00
C LEU AA 27 -0.13 -39.47 71.69
N PRO AA 28 0.24 -38.36 71.03
CA PRO AA 28 0.88 -37.22 71.68
C PRO AA 28 -0.09 -36.54 72.65
N ARG AA 29 0.44 -35.80 73.63
CA ARG AA 29 -0.38 -35.00 74.55
C ARG AA 29 0.00 -33.54 74.50
N VAL AA 30 -0.97 -32.65 74.54
CA VAL AA 30 -0.77 -31.25 74.19
C VAL AA 30 -1.61 -30.35 75.09
N PRO AA 31 -1.04 -29.42 75.86
CA PRO AA 31 -1.81 -28.33 76.46
C PRO AA 31 -2.04 -27.21 75.43
N LEU AA 32 -3.28 -26.80 75.19
CA LEU AA 32 -3.60 -25.81 74.16
C LEU AA 32 -3.00 -24.42 74.46
N GLU AA 33 -2.97 -24.04 75.74
CA GLU AA 33 -2.38 -22.76 76.17
C GLU AA 33 -0.88 -22.73 75.87
N GLY AA 34 -0.20 -23.85 76.13
CA GLY AA 34 1.21 -24.04 75.82
C GLY AA 34 1.50 -23.89 74.33
N VAL AA 35 0.71 -24.52 73.47
CA VAL AA 35 0.86 -24.34 72.02
C VAL AA 35 0.60 -22.89 71.62
N MET AA 36 -0.42 -22.24 72.16
CA MET AA 36 -0.68 -20.83 71.84
C MET AA 36 0.50 -19.93 72.23
N TYR AA 37 1.10 -20.16 73.39
CA TYR AA 37 2.31 -19.45 73.79
C TYR AA 37 3.45 -19.72 72.82
N GLY AA 38 3.73 -20.98 72.49
CA GLY AA 38 4.77 -21.36 71.53
C GLY AA 38 4.55 -20.74 70.14
N VAL AA 39 3.34 -20.78 69.61
CA VAL AA 39 3.01 -20.20 68.31
C VAL AA 39 3.20 -18.68 68.33
N ALA AA 40 2.68 -17.98 69.35
CA ALA AA 40 2.85 -16.55 69.48
C ALA AA 40 4.33 -16.16 69.64
N LYS AA 41 5.08 -16.91 70.46
CA LYS AA 41 6.51 -16.72 70.73
C LYS AA 41 7.36 -16.87 69.47
N ARG AA 42 7.09 -17.90 68.66
CA ARG AA 42 7.82 -18.16 67.41
C ARG AA 42 7.38 -17.24 66.27
N MET AA 43 6.18 -16.69 66.33
CA MET AA 43 5.75 -15.55 65.51
C MET AA 43 6.31 -14.20 66.02
N GLY AA 44 7.04 -14.19 67.14
CA GLY AA 44 7.68 -12.99 67.71
C GLY AA 44 6.75 -12.06 68.48
N LEU AA 45 5.50 -12.47 68.74
CA LEU AA 45 4.47 -11.63 69.34
C LEU AA 45 4.62 -11.46 70.86
N VAL AA 46 5.31 -12.39 71.52
CA VAL AA 46 5.52 -12.46 72.97
C VAL AA 46 6.87 -13.10 73.29
N LYS AA 47 7.34 -12.95 74.53
CA LYS AA 47 8.49 -13.66 75.10
C LYS AA 47 8.13 -14.41 76.38
N ASP AA 48 7.13 -13.98 77.14
CA ASP AA 48 6.79 -14.54 78.45
C ASP AA 48 5.31 -15.03 78.52
N ILE AA 49 5.06 -16.08 79.30
CA ILE AA 49 3.76 -16.77 79.34
C ILE AA 49 2.60 -15.85 79.77
N ASP AA 50 2.84 -14.89 80.66
CA ASP AA 50 1.82 -13.94 81.08
C ASP AA 50 1.36 -12.97 79.98
N GLU AA 51 2.20 -12.72 78.98
CA GLU AA 51 1.88 -11.79 77.89
C GLU AA 51 0.71 -12.29 77.02
N MET AA 52 0.40 -13.60 77.07
CA MET AA 52 -0.76 -14.16 76.39
C MET AA 52 -2.09 -13.55 76.86
N ARG AA 53 -2.17 -13.06 78.10
CA ARG AA 53 -3.33 -12.30 78.62
C ARG AA 53 -3.34 -10.83 78.20
N ARG AA 54 -2.19 -10.32 77.75
CA ARG AA 54 -1.98 -8.90 77.39
C ARG AA 54 -2.15 -8.62 75.90
N LEU AA 55 -2.08 -9.64 75.05
CA LEU AA 55 -2.28 -9.54 73.60
C LEU AA 55 -3.63 -8.90 73.24
N SER AA 56 -3.65 -8.16 72.12
CA SER AA 56 -4.88 -7.64 71.52
C SER AA 56 -5.83 -8.80 71.18
N PRO AA 57 -7.09 -8.80 71.63
CA PRO AA 57 -8.00 -9.94 71.44
C PRO AA 57 -8.13 -10.42 69.99
N ASP AA 58 -8.13 -9.53 69.00
CA ASP AA 58 -8.22 -9.92 67.58
C ASP AA 58 -6.93 -10.49 67.00
N VAL AA 59 -5.78 -10.23 67.63
CA VAL AA 59 -4.55 -11.01 67.39
C VAL AA 59 -4.67 -12.38 68.06
N GLN AA 60 -5.17 -12.42 69.30
CA GLN AA 60 -5.33 -13.66 70.07
C GLN AA 60 -6.28 -14.65 69.37
N LYS AA 61 -7.31 -14.19 68.65
CA LYS AA 61 -8.13 -15.03 67.78
C LYS AA 61 -7.31 -15.72 66.68
N GLU AA 62 -6.43 -15.00 66.01
CA GLU AA 62 -5.58 -15.61 64.98
C GLU AA 62 -4.52 -16.55 65.60
N VAL AA 63 -4.00 -16.26 66.78
CA VAL AA 63 -3.15 -17.21 67.52
C VAL AA 63 -3.90 -18.50 67.82
N GLN AA 64 -5.12 -18.42 68.32
CA GLN AA 64 -5.99 -19.58 68.51
C GLN AA 64 -6.19 -20.35 67.20
N LYS AA 65 -6.49 -19.63 66.11
CA LYS AA 65 -6.71 -20.24 64.79
C LYS AA 65 -5.46 -20.98 64.29
N LYS AA 66 -4.28 -20.35 64.34
CA LYS AA 66 -3.02 -20.97 63.90
C LYS AA 66 -2.61 -22.15 64.79
N ALA AA 67 -2.75 -22.03 66.10
CA ALA AA 67 -2.49 -23.14 67.00
C ALA AA 67 -3.38 -24.35 66.66
N ALA AA 68 -4.67 -24.12 66.41
CA ALA AA 68 -5.57 -25.18 66.00
C ALA AA 68 -5.20 -25.79 64.65
N GLU AA 69 -4.83 -24.98 63.65
CA GLU AA 69 -4.37 -25.51 62.35
C GLU AA 69 -3.15 -26.42 62.50
N ARG AA 70 -2.19 -26.05 63.34
CA ARG AA 70 -0.98 -26.85 63.58
C ARG AA 70 -1.24 -28.11 64.38
N ILE AA 71 -2.12 -28.06 65.38
CA ILE AA 71 -2.55 -29.26 66.11
C ILE AA 71 -3.38 -30.18 65.19
N ALA AA 72 -4.16 -29.63 64.26
CA ALA AA 72 -4.84 -30.44 63.25
C ALA AA 72 -3.84 -31.14 62.31
N ALA AA 73 -2.77 -30.46 61.89
CA ALA AA 73 -1.73 -31.06 61.06
C ALA AA 73 -0.99 -32.20 61.78
N LEU AA 74 -0.79 -32.11 63.10
CA LEU AA 74 -0.21 -33.18 63.92
C LEU AA 74 -1.07 -34.46 63.91
N GLY AA 75 -2.36 -34.36 63.58
CA GLY AA 75 -3.28 -35.48 63.53
C GLY AA 75 -3.86 -35.87 64.90
N ASP AA 76 -4.08 -37.15 65.10
CA ASP AA 76 -4.78 -37.68 66.28
C ASP AA 76 -3.96 -37.41 67.55
N VAL AA 77 -4.57 -36.82 68.57
CA VAL AA 77 -3.90 -36.20 69.73
C VAL AA 77 -4.79 -36.22 70.97
N ILE AA 78 -4.23 -36.29 72.18
CA ILE AA 78 -4.96 -36.01 73.40
C ILE AA 78 -4.74 -34.53 73.75
N LEU AA 79 -5.56 -33.64 73.21
CA LEU AA 79 -5.52 -32.23 73.53
C LEU AA 79 -6.13 -31.98 74.91
N ASP AA 80 -5.59 -31.03 75.67
CA ASP AA 80 -6.02 -30.69 77.02
C ASP AA 80 -6.28 -29.18 77.16
N THR AA 81 -7.47 -28.79 77.62
CA THR AA 81 -7.82 -27.43 78.03
C THR AA 81 -9.13 -27.42 78.84
N HIS AA 82 -9.45 -26.33 79.53
CA HIS AA 82 -10.77 -26.14 80.15
C HIS AA 82 -11.84 -25.87 79.10
N CYS AA 83 -13.04 -26.45 79.24
CA CYS AA 83 -14.17 -26.14 78.37
C CYS AA 83 -14.87 -24.81 78.74
N THR AA 84 -14.92 -24.44 80.02
CA THR AA 84 -15.21 -23.05 80.43
C THR AA 84 -14.31 -22.61 81.57
N ILE AA 85 -13.83 -21.38 81.52
CA ILE AA 85 -12.95 -20.78 82.53
C ILE AA 85 -13.78 -19.80 83.35
N LYS AA 86 -13.79 -19.92 84.68
CA LYS AA 86 -14.46 -18.93 85.54
C LYS AA 86 -13.61 -17.67 85.65
N THR AA 87 -14.20 -16.50 85.44
CA THR AA 87 -13.50 -15.19 85.45
C THR AA 87 -14.33 -14.14 86.20
N PRO AA 88 -13.79 -12.96 86.55
CA PRO AA 88 -14.55 -11.89 87.21
C PRO AA 88 -15.83 -11.50 86.48
N LYS AA 89 -15.85 -11.51 85.14
CA LYS AA 89 -17.05 -11.26 84.34
C LYS AA 89 -17.91 -12.52 84.08
N GLY AA 90 -17.67 -13.62 84.79
CA GLY AA 90 -18.40 -14.88 84.62
C GLY AA 90 -17.66 -15.93 83.79
N TYR AA 91 -18.39 -16.93 83.30
CA TYR AA 91 -17.82 -18.04 82.55
C TYR AA 91 -17.41 -17.65 81.14
N LEU AA 92 -16.18 -17.97 80.75
CA LEU AA 92 -15.65 -17.77 79.41
C LEU AA 92 -15.59 -19.11 78.67
N PRO AA 93 -16.18 -19.26 77.47
CA PRO AA 93 -16.04 -20.46 76.65
C PRO AA 93 -14.59 -20.72 76.27
N GLY AA 94 -14.11 -21.92 76.57
CA GLY AA 94 -12.72 -22.33 76.33
C GLY AA 94 -12.40 -22.66 74.87
N LEU AA 95 -13.39 -23.08 74.07
CA LEU AA 95 -13.22 -23.47 72.67
C LEU AA 95 -14.14 -22.65 71.75
N PRO AA 96 -13.77 -21.43 71.36
CA PRO AA 96 -14.52 -20.66 70.37
C PRO AA 96 -14.65 -21.40 69.04
N ARG AA 97 -15.71 -21.08 68.27
CA ARG AA 97 -15.99 -21.73 66.98
C ARG AA 97 -14.82 -21.71 65.99
N TRP AA 98 -14.04 -20.63 65.95
CA TRP AA 98 -12.85 -20.55 65.08
C TRP AA 98 -11.72 -21.49 65.49
N VAL AA 99 -11.64 -21.97 66.73
CA VAL AA 99 -10.79 -23.11 67.09
C VAL AA 99 -11.43 -24.40 66.62
N LEU AA 100 -12.70 -24.59 66.98
CA LEU AA 100 -13.38 -25.87 66.88
C LEU AA 100 -13.54 -26.34 65.43
N GLU AA 101 -13.79 -25.43 64.49
CA GLU AA 101 -13.86 -25.76 63.07
C GLU AA 101 -12.52 -26.20 62.46
N LYS AA 102 -11.38 -25.87 63.10
CA LYS AA 102 -10.06 -26.33 62.68
C LYS AA 102 -9.69 -27.67 63.31
N LEU AA 103 -9.92 -27.86 64.61
CA LEU AA 103 -9.64 -29.14 65.27
C LEU AA 103 -10.56 -30.27 64.83
N ARG AA 104 -11.86 -30.01 64.69
CA ARG AA 104 -12.89 -31.00 64.35
C ARG AA 104 -12.82 -32.25 65.23
N PRO AA 105 -12.89 -32.14 66.57
CA PRO AA 105 -12.72 -33.26 67.47
C PRO AA 105 -13.66 -34.43 67.19
N SER AA 106 -13.19 -35.66 67.31
CA SER AA 106 -14.08 -36.83 67.29
C SER AA 106 -14.77 -37.04 68.64
N VAL AA 107 -14.12 -36.66 69.74
CA VAL AA 107 -14.68 -36.78 71.10
C VAL AA 107 -14.32 -35.57 71.94
N ILE AA 108 -15.27 -35.08 72.72
CA ILE AA 108 -15.06 -34.21 73.87
C ILE AA 108 -15.27 -35.05 75.12
N LEU AA 109 -14.30 -35.09 76.01
CA LEU AA 109 -14.40 -35.84 77.26
C LEU AA 109 -14.48 -34.86 78.41
N LEU AA 110 -15.50 -35.01 79.24
CA LEU AA 110 -15.78 -34.18 80.40
C LEU AA 110 -15.66 -35.00 81.68
N VAL AA 111 -14.78 -34.58 82.59
CA VAL AA 111 -14.54 -35.27 83.86
C VAL AA 111 -15.34 -34.63 84.99
N GLU AA 112 -16.01 -35.42 85.82
CA GLU AA 112 -16.85 -34.95 86.92
C GLU AA 112 -16.62 -35.70 88.24
N ALA AA 113 -16.90 -35.04 89.35
CA ALA AA 113 -16.93 -35.61 90.70
C ALA AA 113 -18.01 -34.89 91.52
N ASP AA 114 -18.41 -35.40 92.69
CA ASP AA 114 -19.43 -34.72 93.49
C ASP AA 114 -18.93 -33.34 93.98
N PRO AA 115 -19.75 -32.27 93.97
CA PRO AA 115 -19.38 -30.99 94.52
C PRO AA 115 -18.78 -31.05 95.94
N LYS AA 116 -19.26 -31.96 96.80
CA LYS AA 116 -18.73 -32.12 98.16
C LYS AA 116 -17.33 -32.73 98.16
N GLU AA 117 -17.04 -33.67 97.26
CA GLU AA 117 -15.69 -34.17 97.05
C GLU AA 117 -14.76 -33.05 96.59
N ILE AA 118 -15.17 -32.29 95.56
CA ILE AA 118 -14.38 -31.21 94.99
C ILE AA 118 -14.13 -30.12 96.04
N TYR AA 119 -15.16 -29.75 96.81
CA TYR AA 119 -15.00 -28.80 97.90
C TYR AA 119 -14.01 -29.31 98.94
N GLY AA 120 -14.07 -30.60 99.30
CA GLY AA 120 -13.08 -31.24 100.16
C GLY AA 120 -11.66 -31.15 99.61
N ARG AA 121 -11.45 -31.47 98.33
CA ARG AA 121 -10.12 -31.37 97.68
C ARG AA 121 -9.60 -29.93 97.67
N ARG AA 122 -10.47 -28.97 97.34
CA ARG AA 122 -10.13 -27.54 97.33
C ARG AA 122 -9.86 -26.98 98.73
N LEU AA 123 -10.56 -27.48 99.75
CA LEU AA 123 -10.32 -27.11 101.15
C LEU AA 123 -8.98 -27.66 101.66
N LYS AA 124 -8.57 -28.84 101.19
CA LYS AA 124 -7.28 -29.46 101.53
C LYS AA 124 -6.09 -28.90 100.74
N ASP AA 125 -6.35 -28.25 99.60
CA ASP AA 125 -5.33 -27.49 98.87
C ASP AA 125 -4.91 -26.22 99.64
N ASP AA 133 -15.27 -21.39 96.22
CA ASP AA 133 -16.64 -21.51 95.71
C ASP AA 133 -17.46 -22.42 96.63
N SER AA 134 -18.73 -22.11 96.85
CA SER AA 134 -19.66 -23.03 97.51
C SER AA 134 -19.93 -24.27 96.64
N GLU AA 135 -20.46 -25.32 97.27
CA GLU AA 135 -20.92 -26.50 96.55
C GLU AA 135 -21.97 -26.16 95.48
N GLU AA 136 -22.78 -25.13 95.72
CA GLU AA 136 -23.74 -24.63 94.75
C GLU AA 136 -23.05 -24.00 93.54
N GLU AA 137 -22.03 -23.17 93.76
CA GLU AA 137 -21.25 -22.58 92.66
C GLU AA 137 -20.42 -23.62 91.90
N ILE AA 138 -19.96 -24.67 92.58
CA ILE AA 138 -19.33 -25.81 91.93
C ILE AA 138 -20.34 -26.54 91.04
N ALA AA 139 -21.52 -26.87 91.58
CA ALA AA 139 -22.56 -27.54 90.82
C ALA AA 139 -23.04 -26.72 89.60
N GLU AA 140 -23.11 -25.40 89.76
CA GLU AA 140 -23.38 -24.48 88.65
C GLU AA 140 -22.29 -24.58 87.58
N HIS AA 141 -21.00 -24.50 87.95
CA HIS AA 141 -19.93 -24.58 86.97
C HIS AA 141 -19.95 -25.90 86.20
N GLN AA 142 -20.21 -27.02 86.88
CA GLN AA 142 -20.40 -28.30 86.20
C GLN AA 142 -21.57 -28.26 85.22
N MET AA 143 -22.73 -27.77 85.63
CA MET AA 143 -23.88 -27.67 84.72
C MET AA 143 -23.59 -26.78 83.52
N MET AA 144 -22.89 -25.66 83.71
CA MET AA 144 -22.48 -24.83 82.58
C MET AA 144 -21.50 -25.57 81.67
N ASN AA 145 -20.60 -26.40 82.19
CA ASN AA 145 -19.72 -27.19 81.33
C ASN AA 145 -20.53 -28.19 80.49
N ARG AA 146 -21.55 -28.86 81.04
CA ARG AA 146 -22.38 -29.77 80.25
C ARG AA 146 -23.05 -29.06 79.09
N ALA AA 147 -23.61 -27.87 79.33
CA ALA AA 147 -24.19 -27.06 78.27
C ALA AA 147 -23.15 -26.68 77.21
N ALA AA 148 -21.96 -26.24 77.63
CA ALA AA 148 -20.90 -25.84 76.72
C ALA AA 148 -20.42 -27.02 75.86
N ALA AA 149 -20.19 -28.18 76.46
CA ALA AA 149 -19.76 -29.37 75.74
C ALA AA 149 -20.76 -29.77 74.65
N MET AA 150 -22.04 -29.82 74.99
CA MET AA 150 -23.06 -30.20 74.02
C MET AA 150 -23.26 -29.14 72.94
N ALA AA 151 -23.07 -27.86 73.25
CA ALA AA 151 -23.04 -26.83 72.22
C ALA AA 151 -21.89 -27.05 71.24
N TYR AA 152 -20.66 -27.35 71.71
CA TYR AA 152 -19.55 -27.70 70.84
C TYR AA 152 -19.83 -28.95 70.00
N ALA AA 153 -20.48 -29.95 70.60
CA ALA AA 153 -20.83 -31.15 69.87
C ALA AA 153 -21.70 -30.83 68.65
N SER AA 154 -22.76 -30.04 68.85
CA SER AA 154 -23.69 -29.67 67.77
C SER AA 154 -23.01 -28.90 66.62
N LEU AA 155 -21.97 -28.11 66.92
CA LEU AA 155 -21.22 -27.35 65.92
C LEU AA 155 -20.26 -28.20 65.08
N SER AA 156 -19.96 -29.44 65.49
CA SER AA 156 -18.77 -30.16 65.01
C SER AA 156 -18.97 -31.66 64.74
N GLY AA 157 -20.06 -32.26 65.20
CA GLY AA 157 -20.24 -33.71 65.16
C GLY AA 157 -19.39 -34.48 66.17
N ALA AA 158 -18.72 -33.81 67.10
CA ALA AA 158 -17.98 -34.48 68.16
C ALA AA 158 -18.90 -35.26 69.08
N THR AA 159 -18.52 -36.47 69.47
CA THR AA 159 -19.21 -37.23 70.52
C THR AA 159 -18.93 -36.58 71.88
N VAL AA 160 -19.83 -36.66 72.86
CA VAL AA 160 -19.57 -36.19 74.23
C VAL AA 160 -19.58 -37.33 75.23
N LYS AA 161 -18.50 -37.53 75.98
CA LYS AA 161 -18.36 -38.56 77.01
C LYS AA 161 -18.24 -37.93 78.38
N ILE AA 162 -19.01 -38.39 79.37
CA ILE AA 162 -18.89 -37.94 80.76
C ILE AA 162 -18.28 -39.04 81.63
N VAL AA 163 -17.25 -38.72 82.41
CA VAL AA 163 -16.51 -39.69 83.25
C VAL AA 163 -16.52 -39.27 84.72
N PHE AA 164 -17.05 -40.12 85.60
CA PHE AA 164 -16.96 -39.90 87.05
C PHE AA 164 -15.55 -40.21 87.58
N ASN AA 165 -15.06 -39.40 88.52
CA ASN AA 165 -13.78 -39.57 89.19
C ASN AA 165 -13.91 -39.35 90.71
N HIS AA 166 -14.75 -40.15 91.36
CA HIS AA 166 -14.90 -40.13 92.81
C HIS AA 166 -13.57 -40.44 93.53
N ASP AA 167 -13.37 -39.88 94.72
CA ASP AA 167 -12.06 -39.77 95.40
C ASP AA 167 -11.20 -41.05 95.42
N ASN AA 168 -11.76 -42.16 95.90
CA ASN AA 168 -11.03 -43.43 96.00
C ASN AA 168 -11.02 -44.24 94.68
N ARG AA 169 -11.92 -43.91 93.75
CA ARG AA 169 -12.36 -44.79 92.66
C ARG AA 169 -11.69 -44.48 91.33
N LEU AA 170 -10.43 -44.06 91.36
CA LEU AA 170 -9.64 -43.75 90.17
C LEU AA 170 -9.64 -44.89 89.15
N ASP AA 171 -9.67 -46.15 89.59
CA ASP AA 171 -9.74 -47.30 88.69
C ASP AA 171 -11.03 -47.30 87.84
N ASP AA 172 -12.17 -46.86 88.40
CA ASP AA 172 -13.39 -46.69 87.62
C ASP AA 172 -13.25 -45.57 86.59
N ALA AA 173 -12.66 -44.43 86.97
CA ALA AA 173 -12.43 -43.32 86.05
C ALA AA 173 -11.53 -43.75 84.87
N VAL AA 174 -10.44 -44.46 85.15
CA VAL AA 174 -9.51 -44.96 84.12
C VAL AA 174 -10.18 -46.03 83.25
N ARG AA 175 -10.92 -46.96 83.84
CA ARG AA 175 -11.64 -48.02 83.10
C ARG AA 175 -12.73 -47.46 82.20
N ASP AA 176 -13.44 -46.43 82.64
CA ASP AA 176 -14.47 -45.77 81.85
C ASP AA 176 -13.88 -44.81 80.79
N ALA AA 177 -12.70 -44.23 81.04
CA ALA AA 177 -12.02 -43.38 80.07
C ALA AA 177 -11.33 -44.16 78.94
N ALA AA 178 -10.65 -45.26 79.24
CA ALA AA 178 -9.84 -46.00 78.27
C ALA AA 178 -10.56 -46.41 76.96
N PRO AA 179 -11.86 -46.80 76.95
CA PRO AA 179 -12.63 -47.07 75.74
C PRO AA 179 -12.67 -45.94 74.69
N VAL AA 180 -12.42 -44.70 75.10
CA VAL AA 180 -12.42 -43.54 74.19
C VAL AA 180 -11.21 -43.54 73.25
N LEU AA 181 -10.07 -44.08 73.73
CA LEU AA 181 -8.73 -43.90 73.18
C LEU AA 181 -8.44 -44.81 71.96
N ILE BA 4 46.84 -32.04 -55.19
CA ILE BA 4 46.99 -32.69 -56.53
C ILE BA 4 46.27 -34.02 -56.52
N VAL BA 5 45.63 -34.43 -57.62
CA VAL BA 5 45.07 -35.78 -57.78
C VAL BA 5 45.66 -36.44 -59.02
N VAL BA 6 46.22 -37.65 -58.90
CA VAL BA 6 46.76 -38.43 -60.03
C VAL BA 6 45.82 -39.58 -60.37
N THR BA 7 45.53 -39.79 -61.65
CA THR BA 7 44.52 -40.74 -62.13
C THR BA 7 44.94 -41.46 -63.41
N GLY BA 8 44.37 -42.63 -63.67
CA GLY BA 8 44.67 -43.41 -64.88
C GLY BA 8 43.93 -44.75 -64.94
N ILE BA 9 43.79 -45.29 -66.15
CA ILE BA 9 43.21 -46.61 -66.42
C ILE BA 9 44.14 -47.73 -65.92
N PRO BA 10 43.64 -48.80 -65.27
CA PRO BA 10 44.46 -49.94 -64.87
C PRO BA 10 45.26 -50.53 -66.03
N GLY BA 11 46.58 -50.60 -65.88
CA GLY BA 11 47.53 -51.00 -66.92
C GLY BA 11 48.33 -49.84 -67.55
N VAL BA 12 47.94 -48.58 -67.34
CA VAL BA 12 48.65 -47.42 -67.92
C VAL BA 12 49.99 -47.11 -67.26
N GLY BA 13 50.30 -47.72 -66.11
CA GLY BA 13 51.57 -47.51 -65.40
C GLY BA 13 51.55 -46.32 -64.44
N LYS BA 14 50.38 -45.95 -63.92
CA LYS BA 14 50.15 -44.82 -63.01
C LYS BA 14 51.18 -44.75 -61.89
N THR BA 15 51.38 -45.85 -61.17
CA THR BA 15 52.24 -45.88 -59.98
C THR BA 15 53.70 -45.58 -60.32
N THR BA 16 54.23 -46.13 -61.43
CA THR BA 16 55.62 -45.93 -61.84
C THR BA 16 55.93 -44.46 -62.10
N VAL BA 17 55.08 -43.78 -62.89
CA VAL BA 17 55.27 -42.35 -63.20
C VAL BA 17 55.13 -41.49 -61.96
N MET BA 18 54.15 -41.78 -61.09
CA MET BA 18 54.00 -41.10 -59.81
C MET BA 18 55.24 -41.27 -58.93
N GLN BA 19 55.73 -42.50 -58.73
CA GLN BA 19 56.89 -42.79 -57.89
C GLN BA 19 58.15 -42.06 -58.36
N LYS BA 20 58.41 -42.09 -59.67
CA LYS BA 20 59.56 -41.42 -60.28
C LYS BA 20 59.46 -39.90 -60.23
N ALA BA 21 58.30 -39.31 -60.57
CA ALA BA 21 58.15 -37.86 -60.55
C ALA BA 21 58.10 -37.28 -59.13
N ALA BA 22 57.47 -37.98 -58.19
CA ALA BA 22 57.42 -37.57 -56.78
C ALA BA 22 58.76 -37.72 -56.03
N GLU BA 23 59.81 -38.24 -56.66
CA GLU BA 23 61.13 -38.37 -56.04
C GLU BA 23 61.66 -37.01 -55.54
N GLY BA 24 62.15 -36.97 -54.32
CA GLY BA 24 62.61 -35.74 -53.66
C GLY BA 24 61.51 -34.74 -53.25
N SER BA 25 60.23 -35.05 -53.47
CA SER BA 25 59.13 -34.17 -53.06
C SER BA 25 58.92 -34.17 -51.54
N PRO BA 26 58.63 -33.02 -50.91
CA PRO BA 26 58.17 -32.97 -49.53
C PRO BA 26 56.70 -33.37 -49.36
N LEU BA 27 55.94 -33.65 -50.43
CA LEU BA 27 54.51 -33.91 -50.34
C LEU BA 27 54.19 -35.32 -49.80
N PRO BA 28 53.17 -35.48 -48.93
CA PRO BA 28 52.64 -36.78 -48.56
C PRO BA 28 52.01 -37.51 -49.76
N ARG BA 29 52.00 -38.84 -49.71
CA ARG BA 29 51.47 -39.73 -50.76
C ARG BA 29 50.30 -40.53 -50.21
N VAL BA 30 49.14 -40.46 -50.84
CA VAL BA 30 47.90 -40.92 -50.19
C VAL BA 30 46.99 -41.67 -51.16
N PRO BA 31 46.71 -42.96 -50.98
CA PRO BA 31 45.64 -43.66 -51.69
C PRO BA 31 44.30 -43.34 -51.03
N LEU BA 32 43.32 -42.82 -51.78
CA LEU BA 32 42.04 -42.38 -51.19
C LEU BA 32 41.21 -43.54 -50.62
N GLU BA 33 41.23 -44.70 -51.26
CA GLU BA 33 40.51 -45.89 -50.77
C GLU BA 33 41.09 -46.35 -49.44
N GLY BA 34 42.42 -46.26 -49.31
CA GLY BA 34 43.15 -46.53 -48.08
C GLY BA 34 42.71 -45.62 -46.95
N VAL BA 35 42.63 -44.31 -47.18
CA VAL BA 35 42.11 -43.38 -46.17
C VAL BA 35 40.66 -43.67 -45.81
N MET BA 36 39.80 -43.95 -46.79
CA MET BA 36 38.40 -44.30 -46.51
C MET BA 36 38.30 -45.52 -45.60
N TYR BA 37 39.08 -46.56 -45.88
CA TYR BA 37 39.16 -47.74 -45.02
C TYR BA 37 39.65 -47.39 -43.61
N GLY BA 38 40.72 -46.60 -43.50
CA GLY BA 38 41.23 -46.14 -42.20
C GLY BA 38 40.20 -45.35 -41.40
N VAL BA 39 39.50 -44.41 -42.03
CA VAL BA 39 38.45 -43.61 -41.38
C VAL BA 39 37.30 -44.50 -40.95
N ALA BA 40 36.80 -45.37 -41.82
CA ALA BA 40 35.73 -46.30 -41.46
C ALA BA 40 36.14 -47.25 -40.32
N LYS BA 41 37.37 -47.77 -40.35
CA LYS BA 41 37.93 -48.67 -39.34
C LYS BA 41 38.09 -48.00 -37.97
N ARG BA 42 38.54 -46.75 -37.94
CA ARG BA 42 38.67 -45.95 -36.70
C ARG BA 42 37.34 -45.40 -36.20
N MET BA 43 36.35 -45.23 -37.07
CA MET BA 43 34.94 -45.04 -36.69
C MET BA 43 34.26 -46.36 -36.26
N GLY BA 44 34.94 -47.51 -36.37
CA GLY BA 44 34.44 -48.82 -35.95
C GLY BA 44 33.41 -49.45 -36.91
N LEU BA 45 33.22 -48.89 -38.10
CA LEU BA 45 32.22 -49.32 -39.08
C LEU BA 45 32.60 -50.63 -39.79
N VAL BA 46 33.90 -50.93 -39.85
CA VAL BA 46 34.50 -52.10 -40.52
C VAL BA 46 35.73 -52.57 -39.76
N LYS BA 47 36.19 -53.78 -40.06
CA LYS BA 47 37.50 -54.32 -39.65
C LYS BA 47 38.34 -54.74 -40.85
N ASP BA 48 37.73 -55.18 -41.95
CA ASP BA 48 38.46 -55.73 -43.11
C ASP BA 48 38.21 -54.95 -44.42
N ILE BA 49 39.20 -54.86 -45.30
CA ILE BA 49 39.18 -53.99 -46.49
C ILE BA 49 38.01 -54.30 -47.44
N ASP BA 50 37.59 -55.56 -47.54
CA ASP BA 50 36.45 -55.96 -48.36
C ASP BA 50 35.10 -55.45 -47.82
N GLU BA 51 34.99 -55.17 -46.52
CA GLU BA 51 33.74 -54.67 -45.93
C GLU BA 51 33.38 -53.26 -46.42
N MET BA 52 34.33 -52.51 -46.97
CA MET BA 52 34.06 -51.20 -47.58
C MET BA 52 33.02 -51.29 -48.71
N ARG BA 53 32.98 -52.41 -49.45
CA ARG BA 53 31.97 -52.67 -50.49
C ARG BA 53 30.60 -53.06 -49.93
N ARG BA 54 30.53 -53.42 -48.65
CA ARG BA 54 29.32 -53.89 -47.94
C ARG BA 54 28.61 -52.77 -47.17
N LEU BA 55 29.23 -51.60 -47.01
CA LEU BA 55 28.63 -50.44 -46.34
C LEU BA 55 27.37 -49.95 -47.06
N SER BA 56 26.42 -49.42 -46.29
CA SER BA 56 25.25 -48.72 -46.81
C SER BA 56 25.68 -47.49 -47.62
N PRO BA 57 25.12 -47.23 -48.81
CA PRO BA 57 25.56 -46.13 -49.66
C PRO BA 57 25.65 -44.76 -48.99
N ASP BA 58 24.68 -44.36 -48.17
CA ASP BA 58 24.72 -43.05 -47.51
C ASP BA 58 25.71 -42.98 -46.34
N VAL BA 59 26.06 -44.11 -45.72
CA VAL BA 59 27.21 -44.20 -44.82
C VAL BA 59 28.49 -44.02 -45.63
N GLN BA 60 28.60 -44.67 -46.78
CA GLN BA 60 29.76 -44.57 -47.66
C GLN BA 60 29.97 -43.13 -48.18
N LYS BA 61 28.89 -42.38 -48.45
CA LYS BA 61 28.98 -40.94 -48.75
C LYS BA 61 29.58 -40.15 -47.59
N GLU BA 62 29.14 -40.39 -46.35
CA GLU BA 62 29.70 -39.68 -45.21
C GLU BA 62 31.16 -40.09 -44.94
N VAL BA 63 31.54 -41.35 -45.16
CA VAL BA 63 32.95 -41.76 -45.12
C VAL BA 63 33.77 -41.03 -46.19
N GLN BA 64 33.29 -40.90 -47.42
CA GLN BA 64 33.96 -40.10 -48.44
C GLN BA 64 34.11 -38.65 -48.00
N LYS BA 65 33.04 -38.05 -47.45
CA LYS BA 65 33.05 -36.67 -46.95
C LYS BA 65 34.09 -36.48 -45.84
N LYS BA 66 34.10 -37.35 -44.83
CA LYS BA 66 35.06 -37.28 -43.71
C LYS BA 66 36.50 -37.52 -44.16
N ALA BA 67 36.74 -38.51 -45.02
CA ALA BA 67 38.07 -38.74 -45.58
C ALA BA 67 38.56 -37.49 -46.33
N ALA BA 68 37.71 -36.87 -47.14
CA ALA BA 68 38.09 -35.65 -47.84
C ALA BA 68 38.35 -34.48 -46.86
N GLU BA 69 37.54 -34.29 -45.82
CA GLU BA 69 37.80 -33.27 -44.81
C GLU BA 69 39.17 -33.44 -44.16
N ARG BA 70 39.56 -34.68 -43.83
CA ARG BA 70 40.83 -34.96 -43.16
C ARG BA 70 42.02 -34.80 -44.11
N ILE BA 71 41.89 -35.18 -45.38
CA ILE BA 71 42.94 -34.92 -46.39
C ILE BA 71 43.03 -33.43 -46.69
N ALA BA 72 41.92 -32.69 -46.67
CA ALA BA 72 41.96 -31.23 -46.81
C ALA BA 72 42.71 -30.57 -45.64
N ALA BA 73 42.47 -31.02 -44.40
CA ALA BA 73 43.19 -30.52 -43.23
C ALA BA 73 44.70 -30.81 -43.30
N LEU BA 74 45.10 -31.98 -43.81
CA LEU BA 74 46.51 -32.34 -44.01
C LEU BA 74 47.23 -31.38 -44.96
N GLY BA 75 46.49 -30.72 -45.86
CA GLY BA 75 47.05 -29.78 -46.82
C GLY BA 75 47.55 -30.44 -48.10
N ASP BA 76 48.50 -29.78 -48.76
CA ASP BA 76 48.95 -30.11 -50.11
C ASP BA 76 49.55 -31.52 -50.18
N VAL BA 77 49.09 -32.34 -51.14
CA VAL BA 77 49.24 -33.80 -51.15
C VAL BA 77 49.24 -34.35 -52.58
N ILE BA 78 49.93 -35.46 -52.83
CA ILE BA 78 49.74 -36.22 -54.07
C ILE BA 78 48.73 -37.33 -53.77
N LEU BA 79 47.45 -37.03 -53.96
CA LEU BA 79 46.37 -38.01 -53.80
C LEU BA 79 46.32 -38.96 -55.00
N ASP BA 80 46.04 -40.23 -54.75
CA ASP BA 80 45.94 -41.27 -55.78
C ASP BA 80 44.57 -41.95 -55.73
N THR BA 81 43.83 -41.96 -56.84
CA THR BA 81 42.59 -42.72 -57.02
C THR BA 81 42.20 -42.81 -58.50
N HIS BA 82 41.29 -43.70 -58.90
CA HIS BA 82 40.76 -43.72 -60.27
C HIS BA 82 39.78 -42.59 -60.54
N CYS BA 83 39.79 -41.98 -61.73
CA CYS BA 83 38.79 -40.99 -62.13
C CYS BA 83 37.46 -41.66 -62.51
N THR BA 84 37.47 -42.77 -63.25
CA THR BA 84 36.28 -43.63 -63.40
C THR BA 84 36.63 -45.10 -63.26
N ILE BA 85 35.81 -45.84 -62.53
CA ILE BA 85 36.01 -47.26 -62.24
C ILE BA 85 35.05 -48.05 -63.11
N LYS BA 86 35.53 -49.02 -63.89
CA LYS BA 86 34.64 -49.89 -64.68
C LYS BA 86 33.98 -50.94 -63.78
N THR BA 87 32.67 -51.13 -63.91
CA THR BA 87 31.86 -52.04 -63.08
C THR BA 87 30.85 -52.79 -63.96
N PRO BA 88 30.17 -53.85 -63.47
CA PRO BA 88 29.14 -54.57 -64.22
C PRO BA 88 28.03 -53.66 -64.77
N LYS BA 89 27.65 -52.60 -64.05
CA LYS BA 89 26.68 -51.59 -64.50
C LYS BA 89 27.32 -50.41 -65.26
N GLY BA 90 28.53 -50.57 -65.78
CA GLY BA 90 29.25 -49.53 -66.53
C GLY BA 90 30.19 -48.69 -65.65
N TYR BA 91 30.55 -47.50 -66.13
CA TYR BA 91 31.50 -46.62 -65.46
C TYR BA 91 30.91 -45.96 -64.22
N LEU BA 92 31.65 -45.96 -63.12
CA LEU BA 92 31.33 -45.25 -61.89
C LEU BA 92 32.26 -44.05 -61.74
N PRO BA 93 31.74 -42.82 -61.54
CA PRO BA 93 32.56 -41.67 -61.22
C PRO BA 93 33.34 -41.87 -59.92
N GLY BA 94 34.66 -41.76 -59.96
CA GLY BA 94 35.52 -41.96 -58.80
C GLY BA 94 35.53 -40.80 -57.81
N LEU BA 95 35.18 -39.59 -58.24
CA LEU BA 95 35.17 -38.38 -57.42
C LEU BA 95 33.82 -37.65 -57.49
N PRO BA 96 32.82 -38.04 -56.69
CA PRO BA 96 31.56 -37.30 -56.60
C PRO BA 96 31.75 -35.83 -56.19
N ARG BA 97 30.78 -34.98 -56.50
CA ARG BA 97 30.80 -33.56 -56.12
C ARG BA 97 31.06 -33.32 -54.63
N TRP BA 98 30.51 -34.14 -53.73
CA TRP BA 98 30.75 -33.99 -52.28
C TRP BA 98 32.20 -34.27 -51.86
N VAL BA 99 33.00 -34.95 -52.67
CA VAL BA 99 34.45 -35.04 -52.46
C VAL BA 99 35.14 -33.74 -52.91
N LEU BA 100 34.84 -33.26 -54.13
CA LEU BA 100 35.46 -32.06 -54.70
C LEU BA 100 35.23 -30.82 -53.86
N GLU BA 101 34.03 -30.61 -53.33
CA GLU BA 101 33.74 -29.46 -52.47
C GLU BA 101 34.55 -29.45 -51.16
N LYS BA 102 35.06 -30.61 -50.72
CA LYS BA 102 35.93 -30.74 -49.56
C LYS BA 102 37.42 -30.65 -49.92
N LEU BA 103 37.90 -31.44 -50.90
CA LEU BA 103 39.32 -31.43 -51.29
C LEU BA 103 39.74 -30.12 -51.96
N ARG BA 104 38.88 -29.55 -52.80
CA ARG BA 104 39.16 -28.38 -53.65
C ARG BA 104 40.50 -28.50 -54.40
N PRO BA 105 40.68 -29.53 -55.25
CA PRO BA 105 41.95 -29.81 -55.91
C PRO BA 105 42.48 -28.62 -56.73
N SER BA 106 43.79 -28.44 -56.79
CA SER BA 106 44.40 -27.48 -57.70
C SER BA 106 44.67 -28.05 -59.09
N VAL BA 107 44.99 -29.34 -59.18
CA VAL BA 107 45.26 -30.04 -60.45
C VAL BA 107 44.67 -31.43 -60.42
N ILE BA 108 44.08 -31.85 -61.52
CA ILE BA 108 43.79 -33.26 -61.83
C ILE BA 108 44.78 -33.69 -62.90
N LEU BA 109 45.48 -34.79 -62.69
CA LEU BA 109 46.41 -35.35 -63.67
C LEU BA 109 45.89 -36.67 -64.19
N LEU BA 110 45.87 -36.81 -65.51
CA LEU BA 110 45.37 -38.00 -66.21
C LEU BA 110 46.50 -38.63 -67.02
N VAL BA 111 46.86 -39.87 -66.73
CA VAL BA 111 47.92 -40.60 -67.44
C VAL BA 111 47.33 -41.39 -68.61
N GLU BA 112 47.97 -41.36 -69.78
CA GLU BA 112 47.52 -42.05 -70.98
C GLU BA 112 48.63 -42.80 -71.70
N ALA BA 113 48.27 -43.86 -72.41
CA ALA BA 113 49.12 -44.62 -73.32
C ALA BA 113 48.26 -45.14 -74.48
N ASP BA 114 48.84 -45.63 -75.58
CA ASP BA 114 48.04 -46.13 -76.69
C ASP BA 114 47.22 -47.38 -76.27
N PRO BA 115 45.95 -47.51 -76.66
CA PRO BA 115 45.16 -48.70 -76.39
C PRO BA 115 45.85 -50.02 -76.77
N LYS BA 116 46.66 -50.04 -77.84
CA LYS BA 116 47.45 -51.21 -78.24
C LYS BA 116 48.57 -51.53 -77.25
N GLU BA 117 49.25 -50.51 -76.72
CA GLU BA 117 50.24 -50.68 -75.65
C GLU BA 117 49.57 -51.26 -74.41
N ILE BA 118 48.46 -50.68 -73.98
CA ILE BA 118 47.73 -51.13 -72.78
C ILE BA 118 47.23 -52.56 -72.99
N TYR BA 119 46.69 -52.89 -74.17
CA TYR BA 119 46.28 -54.24 -74.50
C TYR BA 119 47.46 -55.21 -74.42
N GLY BA 120 48.63 -54.83 -74.94
CA GLY BA 120 49.86 -55.61 -74.81
C GLY BA 120 50.25 -55.86 -73.35
N ARG BA 121 50.26 -54.81 -72.51
CA ARG BA 121 50.57 -54.96 -71.07
C ARG BA 121 49.59 -55.85 -70.34
N ARG BA 122 48.29 -55.70 -70.63
CA ARG BA 122 47.23 -56.54 -70.04
C ARG BA 122 47.31 -57.99 -70.51
N LEU BA 123 47.66 -58.23 -71.77
CA LEU BA 123 47.86 -59.58 -72.30
C LEU BA 123 49.07 -60.27 -71.65
N LYS BA 124 50.11 -59.50 -71.32
CA LYS BA 124 51.34 -59.96 -70.62
C LYS BA 124 51.21 -60.03 -69.09
N ASP BA 125 49.99 -60.00 -68.56
CA ASP BA 125 49.72 -60.13 -67.12
C ASP BA 125 49.10 -61.50 -66.79
N ASP BA 133 39.42 -56.41 -72.04
CA ASP BA 133 38.76 -55.40 -72.88
C ASP BA 133 39.38 -55.37 -74.28
N SER BA 134 38.60 -55.10 -75.32
CA SER BA 134 39.15 -54.75 -76.64
C SER BA 134 39.87 -53.40 -76.63
N GLU BA 135 40.66 -53.13 -77.66
CA GLU BA 135 41.24 -51.80 -77.85
C GLU BA 135 40.16 -50.72 -77.98
N GLU BA 136 38.99 -51.05 -78.52
CA GLU BA 136 37.86 -50.13 -78.59
C GLU BA 136 37.33 -49.80 -77.20
N GLU BA 137 37.15 -50.80 -76.33
CA GLU BA 137 36.71 -50.58 -74.95
C GLU BA 137 37.76 -49.86 -74.11
N ILE BA 138 39.05 -50.05 -74.39
CA ILE BA 138 40.11 -49.27 -73.77
C ILE BA 138 40.03 -47.81 -74.23
N ALA BA 139 39.94 -47.55 -75.53
CA ALA BA 139 39.83 -46.20 -76.07
C ALA BA 139 38.56 -45.48 -75.57
N GLU BA 140 37.46 -46.20 -75.43
CA GLU BA 140 36.25 -45.70 -74.82
C GLU BA 140 36.48 -45.31 -73.37
N HIS BA 141 37.11 -46.17 -72.55
CA HIS BA 141 37.37 -45.83 -71.15
C HIS BA 141 38.26 -44.59 -71.02
N GLN BA 142 39.27 -44.45 -71.86
CA GLN BA 142 40.06 -43.22 -71.92
C GLN BA 142 39.20 -41.99 -72.27
N MET BA 143 38.37 -42.07 -73.31
CA MET BA 143 37.50 -40.96 -73.67
C MET BA 143 36.54 -40.60 -72.52
N MET BA 144 35.96 -41.59 -71.85
CA MET BA 144 35.13 -41.30 -70.69
C MET BA 144 35.93 -40.66 -69.56
N ASN BA 145 37.18 -41.04 -69.36
CA ASN BA 145 38.02 -40.39 -68.35
C ASN BA 145 38.26 -38.92 -68.69
N ARG BA 146 38.53 -38.56 -69.96
CA ARG BA 146 38.68 -37.16 -70.35
C ARG BA 146 37.43 -36.35 -70.04
N ALA BA 147 36.26 -36.89 -70.37
CA ALA BA 147 34.99 -36.25 -70.06
C ALA BA 147 34.81 -36.08 -68.54
N ALA BA 148 35.10 -37.11 -67.76
CA ALA BA 148 34.99 -37.05 -66.31
C ALA BA 148 35.94 -36.02 -65.71
N ALA BA 149 37.21 -36.04 -66.11
CA ALA BA 149 38.21 -35.10 -65.62
C ALA BA 149 37.79 -33.65 -65.87
N MET BA 150 37.33 -33.34 -67.08
CA MET BA 150 36.93 -31.97 -67.38
C MET BA 150 35.65 -31.57 -66.64
N ALA BA 151 34.71 -32.50 -66.42
CA ALA BA 151 33.55 -32.22 -65.59
C ALA BA 151 33.93 -31.99 -64.11
N TYR BA 152 34.96 -32.64 -63.60
CA TYR BA 152 35.52 -32.32 -62.28
C TYR BA 152 36.15 -30.93 -62.27
N ALA BA 153 36.83 -30.56 -63.34
CA ALA BA 153 37.47 -29.26 -63.44
C ALA BA 153 36.44 -28.13 -63.32
N SER BA 154 35.38 -28.14 -64.12
CA SER BA 154 34.35 -27.09 -64.08
C SER BA 154 33.61 -27.01 -62.74
N LEU BA 155 33.53 -28.10 -61.97
CA LEU BA 155 32.93 -28.09 -60.62
C LEU BA 155 33.84 -27.48 -59.56
N SER BA 156 35.16 -27.40 -59.80
CA SER BA 156 36.15 -27.17 -58.74
C SER BA 156 37.13 -26.01 -59.01
N GLY BA 157 37.28 -25.61 -60.27
CA GLY BA 157 38.35 -24.70 -60.70
C GLY BA 157 39.73 -25.36 -60.84
N ALA BA 158 39.83 -26.68 -60.71
CA ALA BA 158 41.09 -27.39 -60.89
C ALA BA 158 41.60 -27.32 -62.33
N THR BA 159 42.91 -27.25 -62.52
CA THR BA 159 43.55 -27.44 -63.83
C THR BA 159 43.48 -28.92 -64.22
N VAL BA 160 43.49 -29.26 -65.51
CA VAL BA 160 43.61 -30.65 -65.98
C VAL BA 160 44.85 -30.85 -66.84
N LYS BA 161 45.71 -31.81 -66.47
CA LYS BA 161 46.93 -32.16 -67.20
C LYS BA 161 46.83 -33.57 -67.77
N ILE BA 162 47.20 -33.75 -69.02
CA ILE BA 162 47.35 -35.09 -69.62
C ILE BA 162 48.83 -35.44 -69.78
N VAL BA 163 49.25 -36.64 -69.39
CA VAL BA 163 50.64 -37.13 -69.48
C VAL BA 163 50.71 -38.44 -70.26
N PHE BA 164 51.44 -38.48 -71.37
CA PHE BA 164 51.71 -39.73 -72.09
C PHE BA 164 52.76 -40.61 -71.39
N ASN BA 165 52.54 -41.92 -71.37
CA ASN BA 165 53.45 -42.91 -70.80
C ASN BA 165 53.62 -44.13 -71.72
N HIS BA 166 54.13 -43.88 -72.93
CA HIS BA 166 54.46 -44.95 -73.88
C HIS BA 166 55.54 -45.90 -73.32
N ASP BA 167 55.50 -47.18 -73.72
CA ASP BA 167 56.19 -48.28 -73.04
C ASP BA 167 57.67 -48.03 -72.68
N ASN BA 168 58.49 -47.64 -73.65
CA ASN BA 168 59.92 -47.40 -73.45
C ASN BA 168 60.24 -46.02 -72.83
N ARG BA 169 59.28 -45.10 -72.84
CA ARG BA 169 59.51 -43.65 -72.74
C ARG BA 169 59.15 -43.09 -71.37
N LEU BA 170 59.42 -43.84 -70.30
CA LEU BA 170 59.17 -43.42 -68.92
C LEU BA 170 59.83 -42.05 -68.61
N ASP BA 171 61.00 -41.77 -69.17
CA ASP BA 171 61.66 -40.47 -68.98
C ASP BA 171 60.83 -39.30 -69.53
N ASP BA 172 60.13 -39.47 -70.66
CA ASP BA 172 59.19 -38.45 -71.16
C ASP BA 172 58.02 -38.25 -70.21
N ALA BA 173 57.42 -39.33 -69.71
CA ALA BA 173 56.33 -39.24 -68.75
C ALA BA 173 56.74 -38.50 -67.47
N VAL BA 174 57.91 -38.83 -66.91
CA VAL BA 174 58.43 -38.20 -65.70
C VAL BA 174 58.83 -36.75 -65.93
N ARG BA 175 59.49 -36.44 -67.07
CA ARG BA 175 59.86 -35.06 -67.44
C ARG BA 175 58.63 -34.18 -67.68
N ASP BA 176 57.55 -34.74 -68.23
CA ASP BA 176 56.31 -34.02 -68.46
C ASP BA 176 55.44 -33.89 -67.19
N ALA BA 177 55.50 -34.88 -66.29
CA ALA BA 177 54.79 -34.83 -65.00
C ALA BA 177 55.44 -33.88 -63.97
N ALA BA 178 56.77 -33.87 -63.87
CA ALA BA 178 57.48 -33.11 -62.84
C ALA BA 178 57.13 -31.60 -62.76
N PRO BA 179 56.90 -30.86 -63.87
CA PRO BA 179 56.42 -29.48 -63.86
C PRO BA 179 55.16 -29.19 -63.05
N VAL BA 180 54.35 -30.20 -62.73
CA VAL BA 180 53.13 -30.05 -61.92
C VAL BA 180 53.44 -29.97 -60.42
N LEU BA 181 54.57 -30.56 -59.99
CA LEU BA 181 54.89 -30.88 -58.59
C LEU BA 181 55.60 -29.74 -57.84
N ILE CA 4 52.28 -46.19 -37.41
CA ILE CA 4 53.64 -46.76 -37.50
C ILE CA 4 54.64 -45.64 -37.75
N VAL CA 5 55.83 -45.68 -37.18
CA VAL CA 5 56.93 -44.74 -37.49
C VAL CA 5 58.16 -45.49 -37.95
N VAL CA 6 58.73 -45.13 -39.09
CA VAL CA 6 59.94 -45.76 -39.64
C VAL CA 6 61.12 -44.81 -39.55
N THR CA 7 62.27 -45.30 -39.09
CA THR CA 7 63.43 -44.45 -38.73
C THR CA 7 64.77 -45.09 -39.09
N GLY CA 8 65.80 -44.28 -39.27
CA GLY CA 8 67.15 -44.76 -39.58
C GLY CA 8 68.18 -43.66 -39.78
N ILE CA 9 69.45 -44.04 -39.64
CA ILE CA 9 70.62 -43.20 -39.92
C ILE CA 9 70.82 -42.96 -41.43
N PRO CA 10 71.14 -41.73 -41.89
CA PRO CA 10 71.44 -41.46 -43.30
C PRO CA 10 72.51 -42.41 -43.86
N GLY CA 11 72.17 -43.12 -44.93
CA GLY CA 11 73.00 -44.16 -45.57
C GLY CA 11 72.54 -45.60 -45.31
N VAL CA 12 71.63 -45.84 -44.35
CA VAL CA 12 71.17 -47.20 -44.03
C VAL CA 12 70.22 -47.81 -45.08
N GLY CA 13 69.70 -47.02 -46.01
CA GLY CA 13 68.80 -47.49 -47.08
C GLY CA 13 67.32 -47.51 -46.69
N LYS CA 14 66.92 -46.67 -45.73
CA LYS CA 14 65.56 -46.58 -45.17
C LYS CA 14 64.47 -46.56 -46.23
N THR CA 15 64.59 -45.69 -47.25
CA THR CA 15 63.55 -45.48 -48.25
C THR CA 15 63.28 -46.76 -49.06
N THR CA 16 64.32 -47.52 -49.41
CA THR CA 16 64.18 -48.75 -50.19
C THR CA 16 63.39 -49.81 -49.42
N VAL CA 17 63.76 -50.09 -48.17
CA VAL CA 17 63.06 -51.09 -47.35
C VAL CA 17 61.60 -50.68 -47.12
N MET CA 18 61.35 -49.40 -46.84
CA MET CA 18 60.00 -48.87 -46.71
C MET CA 18 59.20 -49.04 -48.01
N GLN CA 19 59.72 -48.59 -49.16
CA GLN CA 19 59.02 -48.66 -50.45
C GLN CA 19 58.65 -50.10 -50.82
N LYS CA 20 59.58 -51.04 -50.62
CA LYS CA 20 59.37 -52.46 -50.89
C LYS CA 20 58.37 -53.10 -49.92
N ALA CA 21 58.49 -52.87 -48.61
CA ALA CA 21 57.58 -53.47 -47.65
C ALA CA 21 56.16 -52.88 -47.74
N ALA CA 22 56.02 -51.59 -48.05
CA ALA CA 22 54.75 -50.91 -48.23
C ALA CA 22 53.99 -51.34 -49.51
N GLU CA 23 54.62 -52.13 -50.40
CA GLU CA 23 53.97 -52.59 -51.63
C GLU CA 23 52.69 -53.40 -51.34
N GLY CA 24 51.59 -53.04 -51.99
CA GLY CA 24 50.26 -53.61 -51.76
C GLY CA 24 49.57 -53.18 -50.46
N SER CA 25 50.19 -52.36 -49.61
CA SER CA 25 49.55 -51.85 -48.40
C SER CA 25 48.51 -50.75 -48.72
N PRO CA 26 47.36 -50.70 -48.04
CA PRO CA 26 46.43 -49.58 -48.13
C PRO CA 26 46.89 -48.34 -47.33
N LEU CA 27 47.99 -48.41 -46.58
CA LEU CA 27 48.40 -47.33 -45.69
C LEU CA 27 48.94 -46.09 -46.45
N PRO CA 28 48.55 -44.87 -46.06
CA PRO CA 28 49.18 -43.65 -46.54
C PRO CA 28 50.65 -43.57 -46.11
N ARG CA 29 51.46 -42.87 -46.90
CA ARG CA 29 52.92 -42.71 -46.73
C ARG CA 29 53.26 -41.25 -46.54
N VAL CA 30 53.90 -40.87 -45.44
CA VAL CA 30 53.97 -39.47 -45.03
C VAL CA 30 55.37 -39.10 -44.52
N PRO CA 31 56.05 -38.07 -45.06
CA PRO CA 31 57.21 -37.47 -44.43
C PRO CA 31 56.79 -36.40 -43.41
N LEU CA 32 57.25 -36.48 -42.16
CA LEU CA 32 56.81 -35.57 -41.10
C LEU CA 32 57.22 -34.12 -41.34
N GLU CA 33 58.45 -33.90 -41.83
CA GLU CA 33 58.95 -32.55 -42.11
C GLU CA 33 58.16 -31.91 -43.24
N GLY CA 34 57.76 -32.70 -44.23
CA GLY CA 34 56.85 -32.32 -45.30
C GLY CA 34 55.51 -31.84 -44.76
N VAL CA 35 54.88 -32.61 -43.87
CA VAL CA 35 53.61 -32.18 -43.26
C VAL CA 35 53.79 -30.91 -42.45
N MET CA 36 54.88 -30.78 -41.67
CA MET CA 36 55.15 -29.56 -40.92
C MET CA 36 55.26 -28.36 -41.85
N TYR CA 37 55.98 -28.48 -42.96
CA TYR CA 37 56.08 -27.43 -43.96
C TYR CA 37 54.71 -27.09 -44.55
N GLY CA 38 53.92 -28.10 -44.92
CA GLY CA 38 52.55 -27.92 -45.39
C GLY CA 38 51.66 -27.18 -44.39
N VAL CA 39 51.69 -27.57 -43.12
CA VAL CA 39 50.91 -26.91 -42.07
C VAL CA 39 51.37 -25.46 -41.87
N ALA CA 40 52.67 -25.22 -41.77
CA ALA CA 40 53.20 -23.87 -41.60
C ALA CA 40 52.85 -22.98 -42.80
N LYS CA 41 52.96 -23.50 -44.02
CA LYS CA 41 52.65 -22.80 -45.27
C LYS CA 41 51.18 -22.45 -45.36
N ARG CA 42 50.27 -23.34 -44.98
CA ARG CA 42 48.82 -23.09 -44.96
C ARG CA 42 48.37 -22.20 -43.80
N MET CA 43 49.11 -22.18 -42.71
CA MET CA 43 49.00 -21.17 -41.65
C MET CA 43 49.66 -19.82 -42.03
N GLY CA 44 50.32 -19.72 -43.20
CA GLY CA 44 50.95 -18.51 -43.70
C GLY CA 44 52.29 -18.14 -43.06
N LEU CA 45 52.85 -19.01 -42.22
CA LEU CA 45 54.06 -18.76 -41.44
C LEU CA 45 55.36 -18.77 -42.27
N VAL CA 46 55.32 -19.43 -43.43
CA VAL CA 46 56.42 -19.63 -44.37
C VAL CA 46 55.89 -19.68 -45.80
N LYS CA 47 56.77 -19.57 -46.78
CA LYS CA 47 56.53 -19.89 -48.19
C LYS CA 47 57.49 -20.96 -48.71
N ASP CA 48 58.73 -21.00 -48.23
CA ASP CA 48 59.77 -21.90 -48.75
C ASP CA 48 60.33 -22.85 -47.68
N ILE CA 49 60.75 -24.05 -48.09
CA ILE CA 49 61.11 -25.16 -47.18
C ILE CA 49 62.27 -24.80 -46.22
N ASP CA 50 63.23 -23.99 -46.68
CA ASP CA 50 64.33 -23.52 -45.82
C ASP CA 50 63.88 -22.59 -44.69
N GLU CA 51 62.77 -21.89 -44.83
CA GLU CA 51 62.24 -21.01 -43.79
C GLU CA 51 61.77 -21.78 -42.54
N MET CA 52 61.52 -23.09 -42.66
CA MET CA 52 61.19 -23.93 -41.50
C MET CA 52 62.30 -23.95 -40.46
N ARG CA 53 63.57 -23.83 -40.87
CA ARG CA 53 64.72 -23.73 -39.97
C ARG CA 53 64.85 -22.36 -39.31
N ARG CA 54 64.15 -21.35 -39.83
CA ARG CA 54 64.20 -19.95 -39.38
C ARG CA 54 63.05 -19.57 -38.44
N LEU CA 55 62.04 -20.43 -38.29
CA LEU CA 55 60.93 -20.22 -37.37
C LEU CA 55 61.38 -20.12 -35.91
N SER CA 56 60.66 -19.32 -35.12
CA SER CA 56 60.86 -19.24 -33.67
C SER CA 56 60.56 -20.59 -33.01
N PRO CA 57 61.44 -21.15 -32.17
CA PRO CA 57 61.28 -22.49 -31.62
C PRO CA 57 59.91 -22.76 -30.96
N ASP CA 58 59.34 -21.80 -30.23
CA ASP CA 58 58.04 -22.00 -29.58
C ASP CA 58 56.84 -21.90 -30.53
N VAL CA 59 57.00 -21.27 -31.70
CA VAL CA 59 56.06 -21.46 -32.83
C VAL CA 59 56.25 -22.86 -33.41
N GLN CA 60 57.50 -23.28 -33.60
CA GLN CA 60 57.84 -24.58 -34.17
C GLN CA 60 57.29 -25.76 -33.33
N LYS CA 61 57.26 -25.64 -32.00
CA LYS CA 61 56.57 -26.60 -31.12
C LYS CA 61 55.08 -26.73 -31.48
N GLU CA 62 54.38 -25.63 -31.70
CA GLU CA 62 52.97 -25.68 -32.06
C GLU CA 62 52.74 -26.18 -33.49
N VAL CA 63 53.63 -25.86 -34.43
CA VAL CA 63 53.62 -26.47 -35.77
C VAL CA 63 53.77 -27.99 -35.67
N GLN CA 64 54.71 -28.48 -34.87
CA GLN CA 64 54.87 -29.91 -34.60
C GLN CA 64 53.60 -30.50 -33.99
N LYS CA 65 53.00 -29.84 -32.99
CA LYS CA 65 51.77 -30.29 -32.36
C LYS CA 65 50.61 -30.41 -33.35
N LYS CA 66 50.37 -29.36 -34.16
CA LYS CA 66 49.31 -29.35 -35.17
C LYS CA 66 49.53 -30.39 -36.27
N ALA CA 67 50.75 -30.52 -36.78
CA ALA CA 67 51.07 -31.56 -37.75
C ALA CA 67 50.78 -32.95 -37.18
N ALA CA 68 51.20 -33.22 -35.94
CA ALA CA 68 50.93 -34.49 -35.29
C ALA CA 68 49.42 -34.74 -35.10
N GLU CA 69 48.65 -33.75 -34.65
CA GLU CA 69 47.19 -33.89 -34.52
C GLU CA 69 46.53 -34.25 -35.84
N ARG CA 70 46.97 -33.64 -36.95
CA ARG CA 70 46.41 -33.91 -38.27
C ARG CA 70 46.81 -35.28 -38.80
N ILE CA 71 48.02 -35.74 -38.54
CA ILE CA 71 48.43 -37.11 -38.86
C ILE CA 71 47.68 -38.13 -37.99
N ALA CA 72 47.37 -37.80 -36.74
CA ALA CA 72 46.52 -38.65 -35.90
C ALA CA 72 45.09 -38.73 -36.45
N ALA CA 73 44.53 -37.61 -36.92
CA ALA CA 73 43.20 -37.60 -37.52
C ALA CA 73 43.11 -38.42 -38.83
N LEU CA 74 44.18 -38.43 -39.65
CA LEU CA 74 44.29 -39.29 -40.82
C LEU CA 74 44.25 -40.78 -40.46
N GLY CA 75 44.57 -41.14 -39.23
CA GLY CA 75 44.55 -42.51 -38.74
C GLY CA 75 45.84 -43.28 -39.01
N ASP CA 76 45.73 -44.59 -39.25
CA ASP CA 76 46.88 -45.47 -39.39
C ASP CA 76 47.69 -45.12 -40.65
N VAL CA 77 49.01 -45.03 -40.52
CA VAL CA 77 49.92 -44.40 -41.48
C VAL CA 77 51.32 -44.98 -41.38
N ILE CA 78 52.10 -45.00 -42.46
CA ILE CA 78 53.54 -45.21 -42.40
C ILE CA 78 54.20 -43.84 -42.39
N LEU CA 79 54.41 -43.29 -41.20
CA LEU CA 79 55.11 -42.03 -41.01
C LEU CA 79 56.62 -42.24 -41.15
N ASP CA 80 57.31 -41.28 -41.74
CA ASP CA 80 58.75 -41.32 -41.98
C ASP CA 80 59.44 -40.07 -41.40
N THR CA 81 60.43 -40.26 -40.53
CA THR CA 81 61.29 -39.21 -39.97
C THR CA 81 62.54 -39.81 -39.30
N HIS CA 82 63.58 -39.02 -39.01
CA HIS CA 82 64.73 -39.49 -38.23
C HIS CA 82 64.38 -39.59 -36.73
N CYS CA 83 64.85 -40.62 -36.03
CA CYS CA 83 64.71 -40.69 -34.57
C CYS CA 83 65.69 -39.75 -33.86
N THR CA 84 66.94 -39.63 -34.30
CA THR CA 84 67.82 -38.52 -33.91
C THR CA 84 68.59 -37.94 -35.10
N ILE CA 85 68.72 -36.62 -35.12
CA ILE CA 85 69.41 -35.89 -36.18
C ILE CA 85 70.75 -35.41 -35.64
N LYS CA 86 71.86 -35.71 -36.30
CA LYS CA 86 73.17 -35.18 -35.90
C LYS CA 86 73.30 -33.72 -36.32
N THR CA 87 73.75 -32.85 -35.42
CA THR CA 87 73.90 -31.40 -35.63
C THR CA 87 75.22 -30.89 -35.04
N PRO CA 88 75.68 -29.67 -35.34
CA PRO CA 88 76.89 -29.09 -34.74
C PRO CA 88 76.92 -29.12 -33.21
N LYS CA 89 75.76 -28.95 -32.54
CA LYS CA 89 75.62 -29.06 -31.08
C LYS CA 89 75.30 -30.49 -30.61
N GLY CA 90 75.50 -31.51 -31.44
CA GLY CA 90 75.26 -32.92 -31.11
C GLY CA 90 73.92 -33.47 -31.61
N TYR CA 91 73.49 -34.59 -31.05
CA TYR CA 91 72.26 -35.26 -31.44
C TYR CA 91 71.01 -34.50 -30.97
N LEU CA 92 70.06 -34.29 -31.87
CA LEU CA 92 68.76 -33.70 -31.59
C LEU CA 92 67.69 -34.79 -31.64
N PRO CA 93 66.86 -34.98 -30.60
CA PRO CA 93 65.71 -35.87 -30.64
C PRO CA 93 64.72 -35.49 -31.75
N GLY CA 94 64.37 -36.44 -32.61
CA GLY CA 94 63.47 -36.23 -33.73
C GLY CA 94 61.99 -36.20 -33.35
N LEU CA 95 61.60 -36.87 -32.24
CA LEU CA 95 60.22 -36.95 -31.77
C LEU CA 95 60.10 -36.43 -30.33
N PRO CA 96 59.98 -35.11 -30.11
CA PRO CA 96 59.70 -34.57 -28.80
C PRO CA 96 58.40 -35.11 -28.21
N ARG CA 97 58.27 -35.12 -26.89
CA ARG CA 97 57.08 -35.64 -26.19
C ARG CA 97 55.76 -35.01 -26.67
N TRP CA 98 55.73 -33.71 -26.97
CA TRP CA 98 54.53 -33.05 -27.49
C TRP CA 98 54.11 -33.53 -28.88
N VAL CA 99 55.01 -34.08 -29.69
CA VAL CA 99 54.62 -34.84 -30.90
C VAL CA 99 54.07 -36.21 -30.49
N LEU CA 100 54.85 -36.93 -29.70
CA LEU CA 100 54.65 -38.35 -29.44
C LEU CA 100 53.32 -38.62 -28.73
N GLU CA 101 52.89 -37.77 -27.80
CA GLU CA 101 51.59 -37.88 -27.15
C GLU CA 101 50.39 -37.67 -28.09
N LYS CA 102 50.57 -36.99 -29.23
CA LYS CA 102 49.53 -36.83 -30.25
C LYS CA 102 49.48 -38.00 -31.23
N LEU CA 103 50.63 -38.42 -31.76
CA LEU CA 103 50.70 -39.56 -32.69
C LEU CA 103 50.32 -40.89 -32.03
N ARG CA 104 50.79 -41.13 -30.81
CA ARG CA 104 50.63 -42.40 -30.08
C ARG CA 104 50.97 -43.63 -30.92
N PRO CA 105 52.20 -43.73 -31.46
CA PRO CA 105 52.58 -44.83 -32.36
C PRO CA 105 52.32 -46.21 -31.76
N SER CA 106 51.87 -47.16 -32.58
CA SER CA 106 51.83 -48.57 -32.19
C SER CA 106 53.18 -49.26 -32.33
N VAL CA 107 54.00 -48.83 -33.30
CA VAL CA 107 55.35 -49.35 -33.53
C VAL CA 107 56.29 -48.24 -33.90
N ILE CA 108 57.51 -48.28 -33.35
CA ILE CA 108 58.67 -47.58 -33.85
C ILE CA 108 59.56 -48.61 -34.53
N LEU CA 109 59.91 -48.41 -35.80
CA LEU CA 109 60.76 -49.32 -36.54
C LEU CA 109 62.11 -48.66 -36.77
N LEU CA 110 63.18 -49.35 -36.44
CA LEU CA 110 64.54 -48.86 -36.52
C LEU CA 110 65.34 -49.71 -37.50
N VAL CA 111 65.76 -49.12 -38.62
CA VAL CA 111 66.57 -49.81 -39.63
C VAL CA 111 68.05 -49.72 -39.25
N GLU CA 112 68.80 -50.80 -39.36
CA GLU CA 112 70.23 -50.86 -39.05
C GLU CA 112 71.02 -51.63 -40.11
N ALA CA 113 72.32 -51.34 -40.21
CA ALA CA 113 73.29 -52.05 -41.04
C ALA CA 113 74.67 -51.93 -40.36
N ASP CA 114 75.65 -52.72 -40.76
CA ASP CA 114 76.97 -52.64 -40.13
C ASP CA 114 77.63 -51.28 -40.40
N PRO CA 115 78.28 -50.64 -39.41
CA PRO CA 115 78.98 -49.37 -39.62
C PRO CA 115 79.93 -49.36 -40.81
N LYS CA 116 80.59 -50.47 -41.11
CA LYS CA 116 81.48 -50.60 -42.27
C LYS CA 116 80.72 -50.60 -43.60
N GLU CA 117 79.54 -51.21 -43.65
CA GLU CA 117 78.67 -51.12 -44.82
C GLU CA 117 78.22 -49.68 -45.05
N ILE CA 118 77.76 -49.01 -43.98
CA ILE CA 118 77.29 -47.62 -44.06
C ILE CA 118 78.44 -46.71 -44.47
N TYR CA 119 79.63 -46.89 -43.91
CA TYR CA 119 80.81 -46.14 -44.31
C TYR CA 119 81.16 -46.36 -45.78
N GLY CA 120 81.09 -47.60 -46.27
CA GLY CA 120 81.25 -47.92 -47.69
C GLY CA 120 80.26 -47.19 -48.58
N ARG CA 121 78.96 -47.20 -48.23
CA ARG CA 121 77.93 -46.47 -48.98
C ARG CA 121 78.17 -44.96 -48.96
N ARG CA 122 78.52 -44.40 -47.81
CA ARG CA 122 78.83 -42.97 -47.65
C ARG CA 122 80.09 -42.56 -48.40
N LEU CA 123 81.10 -43.43 -48.48
CA LEU CA 123 82.32 -43.19 -49.25
C LEU CA 123 82.05 -43.21 -50.76
N LYS CA 124 81.15 -44.09 -51.22
CA LYS CA 124 80.72 -44.20 -52.62
C LYS CA 124 79.73 -43.13 -53.07
N ASP CA 125 79.05 -42.46 -52.13
CA ASP CA 125 78.19 -41.32 -52.41
C ASP CA 125 79.00 -40.08 -52.83
N ASP CA 133 81.95 -39.21 -41.30
CA ASP CA 133 82.05 -39.76 -39.95
C ASP CA 133 82.88 -41.05 -39.96
N SER CA 134 83.65 -41.32 -38.91
CA SER CA 134 84.27 -42.63 -38.71
C SER CA 134 83.23 -43.72 -38.45
N GLU CA 135 83.64 -44.97 -38.59
CA GLU CA 135 82.83 -46.12 -38.17
C GLU CA 135 82.49 -46.07 -36.67
N GLU CA 136 83.37 -45.50 -35.84
CA GLU CA 136 83.09 -45.29 -34.42
C GLU CA 136 81.94 -44.30 -34.21
N GLU CA 137 81.93 -43.19 -34.94
CA GLU CA 137 80.85 -42.20 -34.87
C GLU CA 137 79.54 -42.72 -35.46
N ILE CA 138 79.61 -43.60 -36.47
CA ILE CA 138 78.44 -44.29 -37.00
C ILE CA 138 77.87 -45.25 -35.94
N ALA CA 139 78.71 -46.08 -35.33
CA ALA CA 139 78.29 -46.99 -34.27
C ALA CA 139 77.73 -46.25 -33.04
N GLU CA 140 78.31 -45.11 -32.69
CA GLU CA 140 77.79 -44.21 -31.66
C GLU CA 140 76.39 -43.71 -32.04
N HIS CA 141 76.19 -43.19 -33.25
CA HIS CA 141 74.87 -42.68 -33.65
C HIS CA 141 73.81 -43.78 -33.61
N GLN CA 142 74.13 -45.00 -34.04
CA GLN CA 142 73.22 -46.13 -33.90
C GLN CA 142 72.87 -46.43 -32.44
N MET CA 143 73.85 -46.50 -31.55
CA MET CA 143 73.58 -46.74 -30.13
C MET CA 143 72.70 -45.63 -29.55
N MET CA 144 72.96 -44.37 -29.89
CA MET CA 144 72.10 -43.29 -29.45
C MET CA 144 70.67 -43.42 -30.00
N ASN CA 145 70.50 -43.87 -31.24
CA ASN CA 145 69.16 -44.12 -31.78
C ASN CA 145 68.43 -45.21 -30.99
N ARG CA 146 69.08 -46.32 -30.61
CA ARG CA 146 68.43 -47.36 -29.79
C ARG CA 146 67.93 -46.79 -28.47
N ALA CA 147 68.75 -46.00 -27.78
CA ALA CA 147 68.35 -45.35 -26.56
C ALA CA 147 67.15 -44.40 -26.79
N ALA CA 148 67.18 -43.61 -27.85
CA ALA CA 148 66.08 -42.71 -28.18
C ALA CA 148 64.79 -43.47 -28.47
N ALA CA 149 64.85 -44.54 -29.28
CA ALA CA 149 63.69 -45.34 -29.61
C ALA CA 149 63.05 -45.93 -28.36
N MET CA 150 63.86 -46.54 -27.49
CA MET CA 150 63.33 -47.16 -26.29
C MET CA 150 62.80 -46.13 -25.28
N ALA CA 151 63.39 -44.94 -25.21
CA ALA CA 151 62.82 -43.84 -24.44
C ALA CA 151 61.43 -43.46 -24.98
N TYR CA 152 61.27 -43.30 -26.30
CA TYR CA 152 59.96 -43.04 -26.90
C TYR CA 152 58.96 -44.17 -26.61
N ALA CA 153 59.41 -45.41 -26.65
CA ALA CA 153 58.56 -46.54 -26.32
C ALA CA 153 57.98 -46.41 -24.91
N SER CA 154 58.84 -46.14 -23.91
CA SER CA 154 58.40 -46.01 -22.52
C SER CA 154 57.41 -44.87 -22.29
N LEU CA 155 57.49 -43.79 -23.07
CA LEU CA 155 56.56 -42.67 -22.99
C LEU CA 155 55.17 -42.96 -23.58
N SER CA 156 55.03 -44.00 -24.40
CA SER CA 156 53.91 -44.12 -25.35
C SER CA 156 53.26 -45.50 -25.44
N GLY CA 157 53.92 -46.56 -24.96
CA GLY CA 157 53.49 -47.94 -25.18
C GLY CA 157 53.77 -48.46 -26.61
N ALA CA 158 54.49 -47.71 -27.44
CA ALA CA 158 54.87 -48.19 -28.77
C ALA CA 158 55.80 -49.40 -28.68
N THR CA 159 55.57 -50.41 -29.50
CA THR CA 159 56.51 -51.53 -29.66
C THR CA 159 57.76 -51.05 -30.39
N VAL CA 160 58.94 -51.65 -30.20
CA VAL CA 160 60.15 -51.29 -30.96
C VAL CA 160 60.69 -52.49 -31.74
N LYS CA 161 60.86 -52.34 -33.06
CA LYS CA 161 61.38 -53.39 -33.95
C LYS CA 161 62.68 -52.94 -34.59
N ILE CA 162 63.72 -53.77 -34.54
CA ILE CA 162 64.97 -53.55 -35.30
C ILE CA 162 64.96 -54.40 -36.56
N VAL CA 163 65.36 -53.82 -37.69
CA VAL CA 163 65.46 -54.49 -39.00
C VAL CA 163 66.86 -54.34 -39.57
N PHE CA 164 67.57 -55.44 -39.83
CA PHE CA 164 68.84 -55.39 -40.53
C PHE CA 164 68.67 -55.21 -42.05
N ASN CA 165 69.50 -54.36 -42.66
CA ASN CA 165 69.50 -54.08 -44.10
C ASN CA 165 70.92 -54.14 -44.69
N HIS CA 166 71.56 -55.30 -44.55
CA HIS CA 166 72.87 -55.57 -45.15
C HIS CA 166 72.86 -55.41 -46.68
N ASP CA 167 73.99 -55.03 -47.29
CA ASP CA 167 74.07 -54.53 -48.67
C ASP CA 167 73.33 -55.38 -49.70
N ASN CA 168 73.62 -56.69 -49.74
CA ASN CA 168 73.05 -57.62 -50.72
C ASN CA 168 71.62 -58.09 -50.38
N ARG CA 169 71.19 -57.90 -49.13
CA ARG CA 169 70.16 -58.73 -48.48
C ARG CA 169 68.84 -57.99 -48.27
N LEU CA 170 68.46 -57.12 -49.20
CA LEU CA 170 67.22 -56.35 -49.13
C LEU CA 170 65.98 -57.24 -48.90
N ASP CA 171 65.97 -58.45 -49.46
CA ASP CA 171 64.88 -59.42 -49.23
C ASP CA 171 64.71 -59.78 -47.75
N ASP CA 172 65.81 -59.91 -46.98
CA ASP CA 172 65.75 -60.12 -45.52
C ASP CA 172 65.14 -58.91 -44.81
N ALA CA 173 65.56 -57.70 -45.18
CA ALA CA 173 65.02 -56.48 -44.59
C ALA CA 173 63.50 -56.36 -44.84
N VAL CA 174 63.06 -56.62 -46.08
CA VAL CA 174 61.64 -56.55 -46.44
C VAL CA 174 60.85 -57.68 -45.78
N ARG CA 175 61.42 -58.89 -45.68
CA ARG CA 175 60.79 -60.02 -44.99
C ARG CA 175 60.65 -59.78 -43.49
N ASP CA 176 61.57 -59.06 -42.85
CA ASP CA 176 61.42 -58.62 -41.46
C ASP CA 176 60.42 -57.46 -41.32
N ALA CA 177 60.35 -56.54 -42.29
CA ALA CA 177 59.49 -55.36 -42.21
C ALA CA 177 58.00 -55.67 -42.46
N ALA CA 178 57.67 -56.48 -43.49
CA ALA CA 178 56.28 -56.72 -43.86
C ALA CA 178 55.37 -57.29 -42.73
N PRO CA 179 55.85 -58.19 -41.83
CA PRO CA 179 55.12 -58.64 -40.64
C PRO CA 179 54.61 -57.55 -39.69
N VAL CA 180 55.17 -56.34 -39.74
CA VAL CA 180 54.79 -55.23 -38.86
C VAL CA 180 53.50 -54.55 -39.31
N LEU CA 181 53.20 -54.60 -40.61
CA LEU CA 181 52.20 -53.79 -41.31
C LEU CA 181 50.76 -54.33 -41.17
N ILE DA 4 16.46 -45.58 -62.60
CA ILE DA 4 17.21 -45.78 -63.87
C ILE DA 4 16.75 -44.74 -64.89
N VAL DA 5 17.63 -44.22 -65.75
CA VAL DA 5 17.26 -43.35 -66.88
C VAL DA 5 17.77 -43.94 -68.18
N VAL DA 6 16.92 -44.09 -69.19
CA VAL DA 6 17.31 -44.63 -70.50
C VAL DA 6 17.29 -43.53 -71.55
N THR DA 7 18.34 -43.44 -72.38
CA THR DA 7 18.55 -42.31 -73.29
C THR DA 7 19.15 -42.76 -74.63
N GLY DA 8 18.96 -41.96 -75.68
CA GLY DA 8 19.47 -42.27 -77.01
C GLY DA 8 19.08 -41.23 -78.06
N ILE DA 9 19.86 -41.17 -79.14
CA ILE DA 9 19.61 -40.30 -80.29
C ILE DA 9 18.40 -40.78 -81.11
N PRO DA 10 17.50 -39.91 -81.59
CA PRO DA 10 16.36 -40.31 -82.42
C PRO DA 10 16.77 -41.14 -83.64
N GLY DA 11 16.21 -42.35 -83.75
CA GLY DA 11 16.55 -43.36 -84.76
C GLY DA 11 17.44 -44.51 -84.25
N VAL DA 12 18.02 -44.43 -83.05
CA VAL DA 12 18.87 -45.51 -82.50
C VAL DA 12 18.10 -46.76 -82.06
N GLY DA 13 16.77 -46.70 -81.98
CA GLY DA 13 15.92 -47.84 -81.60
C GLY DA 13 15.71 -47.99 -80.08
N LYS DA 14 15.85 -46.88 -79.33
CA LYS DA 14 15.70 -46.81 -77.87
C LYS DA 14 14.50 -47.59 -77.34
N THR DA 15 13.31 -47.35 -77.90
CA THR DA 15 12.07 -47.94 -77.41
C THR DA 15 12.06 -49.46 -77.55
N THR DA 16 12.59 -50.00 -78.64
CA THR DA 16 12.63 -51.46 -78.86
C THR DA 16 13.50 -52.16 -77.81
N VAL DA 17 14.72 -51.66 -77.57
CA VAL DA 17 15.62 -52.27 -76.58
C VAL DA 17 15.02 -52.15 -75.17
N MET DA 18 14.46 -50.99 -74.82
CA MET DA 18 13.76 -50.81 -73.54
C MET DA 18 12.58 -51.77 -73.39
N GLN DA 19 11.69 -51.89 -74.38
CA GLN DA 19 10.51 -52.77 -74.31
C GLN DA 19 10.90 -54.24 -74.11
N LYS DA 20 11.91 -54.71 -74.84
CA LYS DA 20 12.42 -56.07 -74.72
C LYS DA 20 13.13 -56.31 -73.38
N ALA DA 21 14.04 -55.42 -72.97
CA ALA DA 21 14.80 -55.60 -71.73
C ALA DA 21 13.93 -55.50 -70.48
N ALA DA 22 12.93 -54.61 -70.48
CA ALA DA 22 12.00 -54.44 -69.36
C ALA DA 22 10.99 -55.59 -69.20
N GLU DA 23 10.95 -56.57 -70.12
CA GLU DA 23 10.00 -57.67 -70.07
C GLU DA 23 10.09 -58.47 -68.75
N GLY DA 24 8.95 -58.72 -68.11
CA GLY DA 24 8.87 -59.38 -66.80
C GLY DA 24 9.34 -58.54 -65.60
N SER DA 25 9.81 -57.31 -65.81
CA SER DA 25 10.22 -56.44 -64.70
C SER DA 25 9.00 -55.92 -63.92
N PRO DA 26 9.06 -55.85 -62.58
CA PRO DA 26 8.07 -55.15 -61.78
C PRO DA 26 8.21 -53.61 -61.83
N LEU DA 27 9.20 -53.05 -62.53
CA LEU DA 27 9.43 -51.61 -62.54
C LEU DA 27 8.37 -50.84 -63.36
N PRO DA 28 7.86 -49.69 -62.87
CA PRO DA 28 7.05 -48.78 -63.67
C PRO DA 28 7.85 -48.17 -64.82
N ARG DA 29 7.16 -47.81 -65.90
CA ARG DA 29 7.72 -47.28 -67.15
C ARG DA 29 7.19 -45.87 -67.38
N VAL DA 30 8.06 -44.87 -67.51
CA VAL DA 30 7.63 -43.47 -67.41
C VAL DA 30 8.33 -42.60 -68.44
N PRO DA 31 7.63 -41.89 -69.34
CA PRO DA 31 8.21 -40.82 -70.14
C PRO DA 31 8.20 -39.49 -69.36
N LEU DA 32 9.35 -38.82 -69.24
CA LEU DA 32 9.45 -37.61 -68.41
C LEU DA 32 8.60 -36.45 -68.92
N GLU DA 33 8.54 -36.27 -70.25
CA GLU DA 33 7.76 -35.18 -70.85
C GLU DA 33 6.26 -35.37 -70.58
N GLY DA 34 5.81 -36.63 -70.62
CA GLY DA 34 4.46 -37.03 -70.25
C GLY DA 34 4.11 -36.66 -68.81
N VAL DA 35 4.99 -36.96 -67.86
CA VAL DA 35 4.78 -36.56 -66.46
C VAL DA 35 4.75 -35.05 -66.33
N MET DA 36 5.63 -34.32 -67.01
CA MET DA 36 5.62 -32.85 -66.96
C MET DA 36 4.29 -32.28 -67.44
N TYR DA 37 3.76 -32.79 -68.56
CA TYR DA 37 2.43 -32.42 -69.04
C TYR DA 37 1.35 -32.76 -68.02
N GLY DA 38 1.37 -33.97 -67.45
CA GLY DA 38 0.42 -34.37 -66.42
C GLY DA 38 0.45 -33.45 -65.19
N VAL DA 39 1.63 -33.12 -64.68
CA VAL DA 39 1.79 -32.23 -63.53
C VAL DA 39 1.32 -30.82 -63.88
N ALA DA 40 1.72 -30.26 -65.02
CA ALA DA 40 1.29 -28.93 -65.44
C ALA DA 40 -0.23 -28.85 -65.68
N LYS DA 41 -0.81 -29.89 -66.29
CA LYS DA 41 -2.25 -30.01 -66.54
C LYS DA 41 -3.05 -30.06 -65.24
N ARG DA 42 -2.61 -30.84 -64.26
CA ARG DA 42 -3.27 -30.95 -62.94
C ARG DA 42 -3.04 -29.74 -62.05
N MET DA 43 -1.96 -28.99 -62.26
CA MET DA 43 -1.77 -27.64 -61.72
C MET DA 43 -2.57 -26.56 -62.47
N GLY DA 44 -3.24 -26.91 -63.58
CA GLY DA 44 -4.06 -25.98 -64.37
C GLY DA 44 -3.27 -25.02 -65.28
N LEU DA 45 -1.96 -25.21 -65.43
CA LEU DA 45 -1.08 -24.33 -66.20
C LEU DA 45 -1.25 -24.48 -67.72
N VAL DA 46 -1.71 -25.64 -68.16
CA VAL DA 46 -1.95 -26.03 -69.55
C VAL DA 46 -3.19 -26.92 -69.64
N LYS DA 47 -3.69 -27.12 -70.85
CA LYS DA 47 -4.69 -28.15 -71.21
C LYS DA 47 -4.21 -29.06 -72.33
N ASP DA 48 -3.34 -28.58 -73.22
CA ASP DA 48 -2.91 -29.32 -74.41
C ASP DA 48 -1.38 -29.53 -74.47
N ILE DA 49 -0.93 -30.65 -75.04
CA ILE DA 49 0.47 -31.09 -74.99
C ILE DA 49 1.45 -30.08 -75.62
N ASP DA 50 1.03 -29.39 -76.68
CA ASP DA 50 1.83 -28.35 -77.33
C ASP DA 50 2.10 -27.12 -76.45
N GLU DA 51 1.23 -26.83 -75.48
CA GLU DA 51 1.39 -25.68 -74.60
C GLU DA 51 2.62 -25.80 -73.69
N MET DA 52 3.16 -27.01 -73.52
CA MET DA 52 4.40 -27.22 -72.77
C MET DA 52 5.59 -26.46 -73.38
N ARG DA 53 5.60 -26.25 -74.71
CA ARG DA 53 6.62 -25.42 -75.39
C ARG DA 53 6.40 -23.92 -75.19
N ARG DA 54 5.20 -23.51 -74.77
CA ARG DA 54 4.78 -22.11 -74.63
C ARG DA 54 4.96 -21.55 -73.21
N LEU DA 55 5.12 -22.43 -72.21
CA LEU DA 55 5.26 -22.03 -70.81
C LEU DA 55 6.46 -21.09 -70.57
N SER DA 56 6.32 -20.21 -69.59
CA SER DA 56 7.42 -19.35 -69.11
C SER DA 56 8.57 -20.20 -68.56
N PRO DA 57 9.83 -19.99 -68.96
CA PRO DA 57 10.95 -20.85 -68.56
C PRO DA 57 11.09 -21.06 -67.05
N ASP DA 58 10.91 -20.05 -66.22
CA ASP DA 58 11.03 -20.20 -64.76
C ASP DA 58 9.83 -20.91 -64.11
N VAL DA 59 8.66 -20.94 -64.78
CA VAL DA 59 7.59 -21.88 -64.43
C VAL DA 59 7.98 -23.29 -64.85
N GLN DA 60 8.54 -23.46 -66.06
CA GLN DA 60 8.95 -24.76 -66.57
C GLN DA 60 10.03 -25.42 -65.70
N LYS DA 61 10.97 -24.65 -65.11
CA LYS DA 61 11.90 -25.17 -64.09
C LYS DA 61 11.17 -25.80 -62.91
N GLU DA 62 10.15 -25.13 -62.40
CA GLU DA 62 9.38 -25.67 -61.28
C GLU DA 62 8.52 -26.88 -61.69
N VAL DA 63 7.98 -26.90 -62.90
CA VAL DA 63 7.31 -28.10 -63.44
C VAL DA 63 8.27 -29.29 -63.53
N GLN DA 64 9.50 -29.09 -64.03
CA GLN DA 64 10.53 -30.13 -64.02
C GLN DA 64 10.83 -30.59 -62.61
N LYS DA 65 11.04 -29.65 -61.68
CA LYS DA 65 11.32 -29.93 -60.27
C LYS DA 65 10.22 -30.78 -59.63
N LYS DA 66 8.96 -30.37 -59.76
CA LYS DA 66 7.81 -31.11 -59.19
C LYS DA 66 7.63 -32.47 -59.85
N ALA DA 67 7.75 -32.58 -61.17
CA ALA DA 67 7.71 -33.87 -61.84
C ALA DA 67 8.80 -34.82 -61.31
N ALA DA 68 10.02 -34.33 -61.15
CA ALA DA 68 11.10 -35.12 -60.59
C ALA DA 68 10.83 -35.52 -59.13
N GLU DA 69 10.34 -34.62 -58.28
CA GLU DA 69 9.98 -34.96 -56.90
C GLU DA 69 8.96 -36.10 -56.84
N ARG DA 70 7.97 -36.10 -57.74
CA ARG DA 70 6.93 -37.13 -57.77
C ARG DA 70 7.43 -38.45 -58.34
N ILE DA 71 8.30 -38.43 -59.35
CA ILE DA 71 8.95 -39.65 -59.82
C ILE DA 71 9.92 -40.20 -58.76
N ALA DA 72 10.57 -39.34 -57.98
CA ALA DA 72 11.40 -39.78 -56.86
C ALA DA 72 10.56 -40.44 -55.77
N ALA DA 73 9.39 -39.89 -55.43
CA ALA DA 73 8.47 -40.51 -54.47
C ALA DA 73 7.97 -41.88 -54.94
N LEU DA 74 7.73 -42.07 -56.23
CA LEU DA 74 7.35 -43.37 -56.81
C LEU DA 74 8.43 -44.45 -56.59
N GLY DA 75 9.70 -44.05 -56.47
CA GLY DA 75 10.82 -44.95 -56.25
C GLY DA 75 11.39 -45.54 -57.54
N ASP DA 76 11.92 -46.76 -57.47
CA ASP DA 76 12.68 -47.38 -58.55
C ASP DA 76 11.83 -47.49 -59.83
N VAL DA 77 12.35 -47.00 -60.96
CA VAL DA 77 11.61 -46.73 -62.20
C VAL DA 77 12.50 -46.81 -63.43
N ILE DA 78 11.97 -47.18 -64.60
CA ILE DA 78 12.67 -47.03 -65.88
C ILE DA 78 12.19 -45.73 -66.51
N LEU DA 79 12.83 -44.61 -66.19
CA LEU DA 79 12.51 -43.30 -66.75
C LEU DA 79 13.05 -43.17 -68.17
N ASP DA 80 12.30 -42.59 -69.07
CA ASP DA 80 12.66 -42.38 -70.47
C ASP DA 80 12.69 -40.89 -70.82
N THR DA 81 13.81 -40.39 -71.34
CA THR DA 81 13.94 -39.05 -71.94
C THR DA 81 15.23 -38.92 -72.75
N HIS DA 82 15.36 -37.92 -73.63
CA HIS DA 82 16.62 -37.64 -74.32
C HIS DA 82 17.66 -37.02 -73.39
N CYS DA 83 18.93 -37.42 -73.49
CA CYS DA 83 20.02 -36.81 -72.71
C CYS DA 83 20.41 -35.43 -73.24
N THR DA 84 20.43 -35.22 -74.57
CA THR DA 84 20.44 -33.89 -75.19
C THR DA 84 19.48 -33.83 -76.38
N ILE DA 85 18.75 -32.73 -76.51
CA ILE DA 85 17.78 -32.50 -77.57
C ILE DA 85 18.39 -31.54 -78.58
N LYS DA 86 18.41 -31.88 -79.87
CA LYS DA 86 18.91 -30.95 -80.90
C LYS DA 86 17.85 -29.90 -81.24
N THR DA 87 18.23 -28.64 -81.31
CA THR DA 87 17.33 -27.49 -81.54
C THR DA 87 17.96 -26.49 -82.54
N PRO DA 88 17.22 -25.51 -83.07
CA PRO DA 88 17.78 -24.47 -83.94
C PRO DA 88 18.98 -23.73 -83.34
N LYS DA 89 19.00 -23.51 -82.03
CA LYS DA 89 20.14 -22.92 -81.28
C LYS DA 89 21.18 -23.95 -80.81
N GLY DA 90 21.17 -25.17 -81.34
CA GLY DA 90 22.09 -26.25 -80.98
C GLY DA 90 21.54 -27.21 -79.91
N TYR DA 91 22.43 -27.93 -79.24
CA TYR DA 91 22.06 -28.97 -78.27
C TYR DA 91 21.56 -28.38 -76.95
N LEU DA 92 20.46 -28.89 -76.44
CA LEU DA 92 19.89 -28.53 -75.14
C LEU DA 92 20.06 -29.72 -74.17
N PRO DA 93 20.67 -29.56 -72.98
CA PRO DA 93 20.70 -30.61 -71.97
C PRO DA 93 19.30 -31.03 -71.53
N GLY DA 94 18.98 -32.32 -71.65
CA GLY DA 94 17.66 -32.84 -71.29
C GLY DA 94 17.42 -32.97 -69.79
N LEU DA 95 18.48 -33.00 -68.97
CA LEU DA 95 18.40 -33.20 -67.52
C LEU DA 95 19.23 -32.15 -66.77
N PRO DA 96 18.67 -30.96 -66.53
CA PRO DA 96 19.35 -29.95 -65.72
C PRO DA 96 19.66 -30.43 -64.31
N ARG DA 97 20.60 -29.78 -63.63
CA ARG DA 97 20.99 -30.10 -62.24
C ARG DA 97 19.81 -30.17 -61.27
N TRP DA 98 18.83 -29.28 -61.38
CA TRP DA 98 17.65 -29.30 -60.51
C TRP DA 98 16.75 -30.51 -60.72
N VAL DA 99 16.85 -31.24 -61.83
CA VAL DA 99 16.21 -32.55 -61.96
C VAL DA 99 17.03 -33.63 -61.24
N LEU DA 100 18.35 -33.68 -61.47
CA LEU DA 100 19.24 -34.68 -60.88
C LEU DA 100 19.24 -34.66 -59.36
N GLU DA 101 19.26 -33.49 -58.74
CA GLU DA 101 19.23 -33.38 -57.28
C GLU DA 101 17.92 -33.93 -56.66
N LYS DA 102 16.85 -34.04 -57.45
CA LYS DA 102 15.57 -34.66 -57.04
C LYS DA 102 15.51 -36.15 -57.39
N LEU DA 103 15.78 -36.54 -58.63
CA LEU DA 103 15.72 -37.95 -59.04
C LEU DA 103 16.79 -38.82 -58.39
N ARG DA 104 18.02 -38.31 -58.28
CA ARG DA 104 19.21 -39.03 -57.81
C ARG DA 104 19.39 -40.39 -58.50
N PRO DA 105 19.52 -40.44 -59.84
CA PRO DA 105 19.58 -41.69 -60.58
C PRO DA 105 20.69 -42.62 -60.10
N SER DA 106 20.46 -43.94 -60.12
CA SER DA 106 21.51 -44.93 -59.88
C SER DA 106 22.27 -45.29 -61.15
N VAL DA 107 21.63 -45.24 -62.32
CA VAL DA 107 22.25 -45.51 -63.61
C VAL DA 107 21.71 -44.57 -64.68
N ILE DA 108 22.58 -44.09 -65.55
CA ILE DA 108 22.22 -43.52 -66.84
C ILE DA 108 22.59 -44.53 -67.91
N LEU DA 109 21.66 -44.93 -68.76
CA LEU DA 109 21.91 -45.86 -69.84
C LEU DA 109 21.82 -45.12 -71.17
N LEU DA 110 22.85 -45.27 -71.98
CA LEU DA 110 23.00 -44.60 -73.26
C LEU DA 110 23.04 -45.64 -74.39
N VAL DA 111 22.09 -45.56 -75.31
CA VAL DA 111 22.01 -46.47 -76.46
C VAL DA 111 22.74 -45.88 -77.66
N GLU DA 112 23.52 -46.69 -78.38
CA GLU DA 112 24.33 -46.26 -79.53
C GLU DA 112 24.25 -47.24 -80.70
N ALA DA 113 24.52 -46.75 -81.90
CA ALA DA 113 24.67 -47.53 -83.13
C ALA DA 113 25.61 -46.80 -84.08
N ASP DA 114 26.09 -47.43 -85.15
CA ASP DA 114 26.95 -46.74 -86.12
C ASP DA 114 26.21 -45.57 -86.80
N PRO DA 115 26.80 -44.38 -86.94
CA PRO DA 115 26.19 -43.28 -87.68
C PRO DA 115 25.65 -43.67 -89.06
N LYS DA 116 26.29 -44.60 -89.77
CA LYS DA 116 25.81 -45.10 -91.07
C LYS DA 116 24.54 -45.94 -90.94
N GLU DA 117 24.42 -46.76 -89.90
CA GLU DA 117 23.17 -47.48 -89.60
C GLU DA 117 22.05 -46.49 -89.32
N ILE DA 118 22.31 -45.49 -88.46
CA ILE DA 118 21.33 -44.48 -88.08
C ILE DA 118 20.90 -43.67 -89.30
N TYR DA 119 21.85 -43.27 -90.15
CA TYR DA 119 21.54 -42.59 -91.40
C TYR DA 119 20.67 -43.46 -92.30
N GLY DA 120 20.98 -44.75 -92.43
CA GLY DA 120 20.13 -45.70 -93.15
C GLY DA 120 18.69 -45.75 -92.62
N ARG DA 121 18.51 -45.85 -91.30
CA ARG DA 121 17.17 -45.83 -90.68
C ARG DA 121 16.44 -44.53 -90.92
N ARG DA 122 17.12 -43.39 -90.77
CA ARG DA 122 16.56 -42.05 -91.02
C ARG DA 122 16.22 -41.80 -92.48
N LEU DA 123 16.97 -42.39 -93.41
CA LEU DA 123 16.71 -42.31 -94.85
C LEU DA 123 15.50 -43.16 -95.26
N LYS DA 124 15.31 -44.32 -94.61
CA LYS DA 124 14.15 -45.22 -94.81
C LYS DA 124 12.87 -44.73 -94.12
N ASP DA 125 12.96 -43.85 -93.14
CA ASP DA 125 11.82 -43.20 -92.50
C ASP DA 125 11.12 -42.19 -93.44
N ASP DA 133 20.35 -35.05 -91.00
CA ASP DA 133 21.72 -34.80 -90.54
C ASP DA 133 22.71 -35.68 -91.32
N SER DA 134 23.91 -35.18 -91.58
CA SER DA 134 25.01 -36.01 -92.07
C SER DA 134 25.49 -37.02 -91.03
N GLU DA 135 26.22 -38.03 -91.47
CA GLU DA 135 26.89 -38.99 -90.58
C GLU DA 135 27.87 -38.28 -89.63
N GLU DA 136 28.48 -37.17 -90.06
CA GLU DA 136 29.32 -36.34 -89.21
C GLU DA 136 28.51 -35.68 -88.09
N GLU DA 137 27.37 -35.07 -88.43
CA GLU DA 137 26.49 -34.46 -87.42
C GLU DA 137 25.88 -35.50 -86.47
N ILE DA 138 25.63 -36.71 -86.95
CA ILE DA 138 25.20 -37.82 -86.09
C ILE DA 138 26.33 -38.20 -85.13
N ALA DA 139 27.56 -38.41 -85.63
CA ALA DA 139 28.70 -38.73 -84.77
C ALA DA 139 28.99 -37.63 -83.74
N GLU DA 140 28.82 -36.37 -84.13
CA GLU DA 140 28.90 -35.24 -83.22
C GLU DA 140 27.82 -35.34 -82.13
N HIS DA 141 26.55 -35.53 -82.49
CA HIS DA 141 25.50 -35.62 -81.48
C HIS DA 141 25.74 -36.78 -80.50
N GLN DA 142 26.20 -37.92 -80.98
CA GLN DA 142 26.61 -39.02 -80.10
C GLN DA 142 27.73 -38.61 -79.14
N MET DA 143 28.80 -37.98 -79.65
CA MET DA 143 29.88 -37.52 -78.78
C MET DA 143 29.39 -36.50 -77.75
N MET DA 144 28.55 -35.54 -78.15
CA MET DA 144 27.95 -34.61 -77.20
C MET DA 144 27.09 -35.32 -76.17
N ASN DA 145 26.39 -36.40 -76.53
CA ASN DA 145 25.66 -37.18 -75.54
C ASN DA 145 26.59 -37.85 -74.53
N ARG DA 146 27.72 -38.44 -74.95
CA ARG DA 146 28.67 -39.03 -74.00
C ARG DA 146 29.19 -37.99 -73.01
N ALA DA 147 29.55 -36.81 -73.52
CA ALA DA 147 29.99 -35.72 -72.68
C ALA DA 147 28.91 -35.30 -71.68
N ALA DA 148 27.66 -35.18 -72.12
CA ALA DA 148 26.55 -34.83 -71.23
C ALA DA 148 26.29 -35.92 -70.18
N ALA DA 149 26.27 -37.19 -70.58
CA ALA DA 149 26.02 -38.29 -69.66
C ALA DA 149 27.05 -38.32 -68.53
N MET DA 150 28.33 -38.16 -68.86
CA MET DA 150 29.36 -38.18 -67.83
C MET DA 150 29.29 -36.94 -66.92
N ALA DA 151 28.92 -35.77 -67.46
CA ALA DA 151 28.68 -34.59 -66.65
C ALA DA 151 27.45 -34.74 -65.73
N TYR DA 152 26.41 -35.47 -66.15
CA TYR DA 152 25.30 -35.85 -65.28
C TYR DA 152 25.78 -36.79 -64.18
N ALA DA 153 26.67 -37.73 -64.51
CA ALA DA 153 27.18 -38.69 -63.55
C ALA DA 153 27.92 -38.01 -62.41
N SER DA 154 28.89 -37.14 -62.71
CA SER DA 154 29.69 -36.48 -61.67
C SER DA 154 28.88 -35.56 -60.76
N LEU DA 155 27.74 -35.04 -61.23
CA LEU DA 155 26.81 -34.26 -60.40
C LEU DA 155 26.02 -35.11 -59.41
N SER DA 156 25.86 -36.41 -59.66
CA SER DA 156 24.82 -37.25 -59.05
C SER DA 156 25.31 -38.55 -58.41
N GLY DA 157 26.51 -39.01 -58.75
CA GLY DA 157 27.00 -40.34 -58.38
C GLY DA 157 26.37 -41.48 -59.19
N ALA DA 158 25.60 -41.19 -60.24
CA ALA DA 158 25.03 -42.22 -61.10
C ALA DA 158 26.10 -43.00 -61.86
N THR DA 159 25.92 -44.29 -62.03
CA THR DA 159 26.73 -45.09 -62.95
C THR DA 159 26.37 -44.73 -64.39
N VAL DA 160 27.25 -44.93 -65.38
CA VAL DA 160 26.93 -44.75 -66.81
C VAL DA 160 27.20 -46.01 -67.61
N LYS DA 161 26.21 -46.52 -68.35
CA LYS DA 161 26.33 -47.73 -69.18
C LYS DA 161 26.10 -47.37 -70.64
N ILE DA 162 26.94 -47.88 -71.54
CA ILE DA 162 26.73 -47.76 -72.99
C ILE DA 162 26.27 -49.10 -73.56
N VAL DA 163 25.25 -49.10 -74.43
CA VAL DA 163 24.69 -50.30 -75.08
C VAL DA 163 24.66 -50.13 -76.60
N PHE DA 164 25.30 -51.02 -77.34
CA PHE DA 164 25.18 -51.05 -78.80
C PHE DA 164 23.86 -51.69 -79.26
N ASN DA 165 23.25 -51.16 -80.31
CA ASN DA 165 22.02 -51.67 -80.93
C ASN DA 165 22.14 -51.70 -82.47
N HIS DA 166 23.13 -52.44 -82.98
CA HIS DA 166 23.32 -52.65 -84.41
C HIS DA 166 22.08 -53.33 -85.04
N ASP DA 167 21.81 -53.06 -86.32
CA ASP DA 167 20.50 -53.33 -86.97
C ASP DA 167 19.93 -54.73 -86.76
N ASN DA 168 20.72 -55.79 -87.00
CA ASN DA 168 20.29 -57.17 -86.85
C ASN DA 168 20.34 -57.68 -85.40
N ARG DA 169 21.08 -57.00 -84.52
CA ARG DA 169 21.66 -57.57 -83.30
C ARG DA 169 20.92 -57.12 -82.04
N LEU DA 170 19.60 -56.99 -82.11
CA LEU DA 170 18.75 -56.61 -80.98
C LEU DA 170 18.99 -57.50 -79.75
N ASP DA 171 19.27 -58.79 -79.94
CA ASP DA 171 19.56 -59.70 -78.82
C ASP DA 171 20.84 -59.30 -78.06
N ASP DA 172 21.88 -58.79 -78.73
CA ASP DA 172 23.05 -58.22 -78.05
C ASP DA 172 22.67 -57.00 -77.22
N ALA DA 173 21.85 -56.10 -77.77
CA ALA DA 173 21.41 -54.91 -77.05
C ALA DA 173 20.61 -55.29 -75.79
N VAL DA 174 19.64 -56.20 -75.93
CA VAL DA 174 18.81 -56.65 -74.80
C VAL DA 174 19.65 -57.40 -73.77
N ARG DA 175 20.61 -58.22 -74.21
CA ARG DA 175 21.54 -58.93 -73.31
C ARG DA 175 22.48 -57.98 -72.57
N ASP DA 176 22.89 -56.87 -73.17
CA ASP DA 176 23.63 -55.82 -72.45
C ASP DA 176 22.74 -55.01 -71.51
N ALA DA 177 21.49 -54.76 -71.86
CA ALA DA 177 20.58 -53.94 -71.08
C ALA DA 177 20.03 -54.65 -69.83
N ALA DA 178 19.59 -55.90 -69.94
CA ALA DA 178 18.94 -56.61 -68.83
C ALA DA 178 19.77 -56.72 -67.54
N PRO DA 179 21.10 -56.92 -67.56
CA PRO DA 179 21.97 -56.90 -66.36
C PRO DA 179 21.90 -55.62 -65.53
N VAL DA 180 21.45 -54.50 -66.10
CA VAL DA 180 21.34 -53.22 -65.38
C VAL DA 180 20.15 -53.20 -64.41
N LEU DA 181 19.09 -53.95 -64.73
CA LEU DA 181 17.76 -53.89 -64.10
C LEU DA 181 17.69 -54.60 -62.74
N ILE EA 4 -44.81 -22.89 -61.21
CA ILE EA 4 -46.13 -22.87 -61.91
C ILE EA 4 -47.15 -23.57 -61.04
N VAL EA 5 -48.39 -23.07 -60.94
CA VAL EA 5 -49.50 -23.78 -60.29
C VAL EA 5 -50.60 -24.06 -61.29
N VAL EA 6 -51.04 -25.30 -61.45
CA VAL EA 6 -52.14 -25.68 -62.36
C VAL EA 6 -53.39 -25.97 -61.55
N THR EA 7 -54.54 -25.43 -61.97
CA THR EA 7 -55.78 -25.48 -61.19
C THR EA 7 -57.03 -25.66 -62.08
N GLY EA 8 -58.10 -26.21 -61.50
CA GLY EA 8 -59.36 -26.43 -62.21
C GLY EA 8 -60.45 -27.07 -61.34
N ILE EA 9 -61.70 -26.92 -61.77
CA ILE EA 9 -62.89 -27.53 -61.16
C ILE EA 9 -62.92 -29.05 -61.42
N PRO EA 10 -63.24 -29.92 -60.44
CA PRO EA 10 -63.37 -31.35 -60.66
C PRO EA 10 -64.31 -31.70 -61.83
N GLY EA 11 -63.79 -32.45 -62.80
CA GLY EA 11 -64.46 -32.79 -64.06
C GLY EA 11 -63.98 -32.01 -65.29
N VAL EA 12 -63.20 -30.93 -65.12
CA VAL EA 12 -62.73 -30.10 -66.25
C VAL EA 12 -61.61 -30.76 -67.08
N GLY EA 13 -61.04 -31.87 -66.65
CA GLY EA 13 -59.99 -32.60 -67.39
C GLY EA 13 -58.57 -32.08 -67.12
N LYS EA 14 -58.36 -31.45 -65.95
CA LYS EA 14 -57.09 -30.87 -65.51
C LYS EA 14 -55.90 -31.79 -65.77
N THR EA 15 -55.96 -33.03 -65.29
CA THR EA 15 -54.83 -33.97 -65.35
C THR EA 15 -54.46 -34.31 -66.79
N THR EA 16 -55.43 -34.51 -67.68
CA THR EA 16 -55.19 -34.81 -69.10
C THR EA 16 -54.42 -33.69 -69.79
N VAL EA 17 -54.85 -32.43 -69.62
CA VAL EA 17 -54.16 -31.28 -70.23
C VAL EA 17 -52.76 -31.12 -69.64
N MET EA 18 -52.61 -31.24 -68.32
CA MET EA 18 -51.31 -31.19 -67.66
C MET EA 18 -50.36 -32.27 -68.16
N GLN EA 19 -50.79 -33.54 -68.22
CA GLN EA 19 -49.97 -34.67 -68.68
C GLN EA 19 -49.51 -34.48 -70.12
N LYS EA 20 -50.40 -34.02 -71.01
CA LYS EA 20 -50.07 -33.75 -72.41
C LYS EA 20 -49.11 -32.56 -72.57
N ALA EA 21 -49.35 -31.45 -71.87
CA ALA EA 21 -48.50 -30.26 -71.97
C ALA EA 21 -47.11 -30.47 -71.35
N ALA EA 22 -47.02 -31.19 -70.22
CA ALA EA 22 -45.77 -31.48 -69.53
C ALA EA 22 -44.88 -32.51 -70.26
N GLU EA 23 -45.34 -33.10 -71.37
CA GLU EA 23 -44.57 -34.05 -72.16
C GLU EA 23 -43.22 -33.47 -72.62
N GLY EA 24 -42.12 -34.19 -72.37
CA GLY EA 24 -40.77 -33.74 -72.68
C GLY EA 24 -40.23 -32.61 -71.79
N SER EA 25 -40.99 -32.10 -70.81
CA SER EA 25 -40.50 -31.09 -69.88
C SER EA 25 -39.53 -31.68 -68.86
N PRO EA 26 -38.44 -30.99 -68.50
CA PRO EA 26 -37.61 -31.36 -67.37
C PRO EA 26 -38.23 -31.01 -66.01
N LEU EA 27 -39.39 -30.36 -65.95
CA LEU EA 27 -39.98 -29.92 -64.69
C LEU EA 27 -40.51 -31.10 -63.84
N PRO EA 28 -40.26 -31.11 -62.51
CA PRO EA 28 -40.92 -32.05 -61.61
C PRO EA 28 -42.42 -31.78 -61.50
N ARG EA 29 -43.18 -32.81 -61.14
CA ARG EA 29 -44.65 -32.81 -61.06
C ARG EA 29 -45.09 -33.12 -59.64
N VAL EA 30 -45.90 -32.29 -59.02
CA VAL EA 30 -46.10 -32.35 -57.55
C VAL EA 30 -47.55 -32.10 -57.17
N PRO EA 31 -48.28 -33.06 -56.59
CA PRO EA 31 -49.57 -32.79 -55.94
C PRO EA 31 -49.34 -32.21 -54.52
N LEU EA 32 -49.87 -31.03 -54.23
CA LEU EA 32 -49.58 -30.34 -52.97
C LEU EA 32 -50.13 -31.07 -51.73
N GLU EA 33 -51.30 -31.69 -51.84
CA GLU EA 33 -51.90 -32.45 -50.73
C GLU EA 33 -51.03 -33.66 -50.40
N GLY EA 34 -50.46 -34.28 -51.42
CA GLY EA 34 -49.49 -35.36 -51.30
C GLY EA 34 -48.23 -34.91 -50.56
N VAL EA 35 -47.65 -33.77 -50.92
CA VAL EA 35 -46.49 -33.24 -50.18
C VAL EA 35 -46.84 -32.93 -48.74
N MET EA 36 -48.00 -32.32 -48.47
CA MET EA 36 -48.43 -32.05 -47.11
C MET EA 36 -48.54 -33.33 -46.29
N TYR EA 37 -49.15 -34.39 -46.85
CA TYR EA 37 -49.22 -35.69 -46.19
C TYR EA 37 -47.83 -36.26 -45.95
N GLY EA 38 -46.95 -36.24 -46.95
CA GLY EA 38 -45.57 -36.71 -46.81
C GLY EA 38 -44.81 -35.97 -45.72
N VAL EA 39 -44.89 -34.64 -45.69
CA VAL EA 39 -44.24 -33.81 -44.66
C VAL EA 39 -44.83 -34.11 -43.29
N ALA EA 40 -46.15 -34.13 -43.13
CA ALA EA 40 -46.79 -34.43 -41.86
C ALA EA 40 -46.45 -35.86 -41.36
N LYS EA 41 -46.43 -36.84 -42.26
CA LYS EA 41 -46.08 -38.24 -41.97
C LYS EA 41 -44.63 -38.38 -41.51
N ARG EA 42 -43.69 -37.68 -42.15
CA ARG EA 42 -42.26 -37.68 -41.78
C ARG EA 42 -41.98 -36.85 -40.53
N MET EA 43 -42.82 -35.86 -40.23
CA MET EA 43 -42.86 -35.18 -38.93
C MET EA 43 -43.58 -36.00 -37.85
N GLY EA 44 -44.17 -37.15 -38.19
CA GLY EA 44 -44.84 -38.06 -37.26
C GLY EA 44 -46.23 -37.62 -36.79
N LEU EA 45 -46.82 -36.60 -37.42
CA LEU EA 45 -48.12 -36.03 -37.04
C LEU EA 45 -49.31 -36.94 -37.41
N VAL EA 46 -49.10 -37.81 -38.40
CA VAL EA 46 -50.09 -38.71 -39.01
C VAL EA 46 -49.39 -39.98 -39.51
N LYS EA 47 -50.17 -41.00 -39.84
CA LYS EA 47 -49.75 -42.18 -40.61
C LYS EA 47 -50.57 -42.40 -41.89
N ASP EA 48 -51.82 -41.95 -41.94
CA ASP EA 48 -52.74 -42.22 -43.06
C ASP EA 48 -53.34 -40.94 -43.68
N ILE EA 49 -53.64 -40.99 -44.98
CA ILE EA 49 -54.03 -39.82 -45.80
C ILE EA 49 -55.30 -39.12 -45.28
N ASP EA 50 -56.24 -39.87 -44.69
CA ASP EA 50 -57.45 -39.31 -44.08
C ASP EA 50 -57.19 -38.50 -42.80
N GLU EA 51 -56.12 -38.81 -42.06
CA GLU EA 51 -55.80 -38.12 -40.81
C GLU EA 51 -55.43 -36.64 -41.03
N MET EA 52 -55.06 -36.27 -42.26
CA MET EA 52 -54.83 -34.86 -42.62
C MET EA 52 -56.05 -33.97 -42.37
N ARG EA 53 -57.27 -34.52 -42.49
CA ARG EA 53 -58.52 -33.80 -42.18
C ARG EA 53 -58.79 -33.68 -40.68
N ARG EA 54 -58.10 -34.48 -39.86
CA ARG EA 54 -58.24 -34.54 -38.40
C ARG EA 54 -57.24 -33.66 -37.66
N LEU EA 55 -56.23 -33.12 -38.35
CA LEU EA 55 -55.24 -32.21 -37.77
C LEU EA 55 -55.87 -30.94 -37.19
N SER EA 56 -55.29 -30.44 -36.10
CA SER EA 56 -55.63 -29.12 -35.57
C SER EA 56 -55.30 -28.02 -36.59
N PRO EA 57 -56.20 -27.07 -36.87
CA PRO EA 57 -55.99 -26.08 -37.94
C PRO EA 57 -54.66 -25.32 -37.88
N ASP EA 58 -54.20 -24.91 -36.70
CA ASP EA 58 -52.93 -24.17 -36.57
C ASP EA 58 -51.68 -25.07 -36.71
N VAL EA 59 -51.81 -26.39 -36.53
CA VAL EA 59 -50.80 -27.35 -36.99
C VAL EA 59 -50.84 -27.45 -38.51
N GLN EA 60 -52.04 -27.55 -39.10
CA GLN EA 60 -52.22 -27.66 -40.55
C GLN EA 60 -51.68 -26.43 -41.31
N LYS EA 61 -51.77 -25.22 -40.74
CA LYS EA 61 -51.08 -24.03 -41.27
C LYS EA 61 -49.57 -24.24 -41.36
N GLU EA 62 -48.95 -24.76 -40.31
CA GLU EA 62 -47.51 -24.98 -40.32
C GLU EA 62 -47.11 -26.12 -41.26
N VAL EA 63 -47.93 -27.17 -41.40
CA VAL EA 63 -47.72 -28.19 -42.44
C VAL EA 63 -47.75 -27.56 -43.84
N GLN EA 64 -48.74 -26.70 -44.13
CA GLN EA 64 -48.77 -25.95 -45.39
C GLN EA 64 -47.50 -25.10 -45.58
N LYS EA 65 -47.09 -24.36 -44.55
CA LYS EA 65 -45.89 -23.53 -44.57
C LYS EA 65 -44.62 -24.34 -44.86
N LYS EA 66 -44.41 -25.45 -44.14
CA LYS EA 66 -43.23 -26.32 -44.34
C LYS EA 66 -43.24 -27.00 -45.70
N ALA EA 67 -44.39 -27.50 -46.14
CA ALA EA 67 -44.51 -28.05 -47.49
C ALA EA 67 -44.14 -27.00 -48.55
N ALA EA 68 -44.65 -25.79 -48.42
CA ALA EA 68 -44.32 -24.72 -49.35
C ALA EA 68 -42.83 -24.36 -49.31
N GLU EA 69 -42.19 -24.28 -48.15
CA GLU EA 69 -40.76 -24.03 -48.05
C GLU EA 69 -39.94 -25.09 -48.78
N ARG EA 70 -40.32 -26.37 -48.65
CA ARG EA 70 -39.62 -27.48 -49.31
C ARG EA 70 -39.86 -27.49 -50.82
N ILE EA 71 -41.04 -27.14 -51.28
CA ILE EA 71 -41.31 -27.00 -52.72
C ILE EA 71 -40.60 -25.77 -53.29
N ALA EA 72 -40.46 -24.69 -52.52
CA ALA EA 72 -39.66 -23.54 -52.93
C ALA EA 72 -38.18 -23.90 -53.06
N ALA EA 73 -37.64 -24.70 -52.13
CA ALA EA 73 -36.25 -25.18 -52.20
C ALA EA 73 -36.00 -26.11 -53.41
N LEU EA 74 -36.97 -26.95 -53.78
CA LEU EA 74 -36.90 -27.78 -55.00
C LEU EA 74 -36.82 -26.93 -56.27
N GLY EA 75 -37.33 -25.70 -56.24
CA GLY EA 75 -37.28 -24.76 -57.35
C GLY EA 75 -38.44 -24.88 -58.33
N ASP EA 76 -38.17 -24.61 -59.60
CA ASP EA 76 -39.22 -24.54 -60.63
C ASP EA 76 -39.91 -25.89 -60.82
N VAL EA 77 -41.25 -25.91 -60.81
CA VAL EA 77 -42.09 -27.11 -60.65
C VAL EA 77 -43.46 -26.91 -61.28
N ILE EA 78 -44.11 -27.97 -61.76
CA ILE EA 78 -45.53 -27.96 -62.09
C ILE EA 78 -46.30 -28.46 -60.86
N LEU EA 79 -46.66 -27.54 -59.98
CA LEU EA 79 -47.47 -27.84 -58.80
C LEU EA 79 -48.93 -28.03 -59.17
N ASP EA 80 -49.62 -28.94 -58.50
CA ASP EA 80 -51.03 -29.24 -58.74
C ASP EA 80 -51.83 -29.18 -57.44
N THR EA 81 -52.90 -28.38 -57.43
CA THR EA 81 -53.89 -28.28 -56.34
C THR EA 81 -55.14 -27.52 -56.82
N HIS EA 82 -56.26 -27.59 -56.11
CA HIS EA 82 -57.43 -26.75 -56.43
C HIS EA 82 -57.24 -25.30 -55.98
N CYS EA 83 -57.70 -24.32 -56.76
CA CYS EA 83 -57.70 -22.93 -56.35
C CYS EA 83 -58.79 -22.64 -55.30
N THR EA 84 -59.96 -23.27 -55.40
CA THR EA 84 -60.96 -23.32 -54.32
C THR EA 84 -61.62 -24.71 -54.24
N ILE EA 85 -61.91 -25.16 -53.03
CA ILE EA 85 -62.52 -26.46 -52.76
C ILE EA 85 -63.95 -26.22 -52.28
N LYS EA 86 -64.95 -26.85 -52.91
CA LYS EA 86 -66.34 -26.75 -52.43
C LYS EA 86 -66.56 -27.65 -51.22
N THR EA 87 -67.23 -27.14 -50.19
CA THR EA 87 -67.48 -27.84 -48.91
C THR EA 87 -68.91 -27.57 -48.43
N PRO EA 88 -69.44 -28.29 -47.42
CA PRO EA 88 -70.73 -27.97 -46.81
C PRO EA 88 -70.88 -26.50 -46.37
N LYS EA 89 -69.79 -25.88 -45.89
CA LYS EA 89 -69.73 -24.46 -45.51
C LYS EA 89 -69.44 -23.51 -46.68
N GLY EA 90 -69.49 -23.98 -47.92
CA GLY EA 90 -69.18 -23.20 -49.12
C GLY EA 90 -67.73 -23.34 -49.59
N TYR EA 91 -67.24 -22.37 -50.37
CA TYR EA 91 -65.94 -22.40 -51.00
C TYR EA 91 -64.80 -22.13 -50.02
N LEU EA 92 -63.78 -22.98 -50.00
CA LEU EA 92 -62.57 -22.82 -49.21
C LEU EA 92 -61.41 -22.41 -50.14
N PRO EA 93 -60.71 -21.30 -49.91
CA PRO EA 93 -59.50 -20.95 -50.66
C PRO EA 93 -58.41 -22.00 -50.51
N GLY EA 94 -57.96 -22.60 -51.61
CA GLY EA 94 -56.95 -23.65 -51.60
C GLY EA 94 -55.53 -23.17 -51.35
N LEU EA 95 -55.24 -21.88 -51.53
CA LEU EA 95 -53.91 -21.29 -51.37
C LEU EA 95 -53.96 -20.05 -50.47
N PRO EA 96 -53.92 -20.21 -49.15
CA PRO EA 96 -53.80 -19.08 -48.23
C PRO EA 96 -52.55 -18.23 -48.50
N ARG EA 97 -52.56 -16.98 -48.03
CA ARG EA 97 -51.43 -16.06 -48.15
C ARG EA 97 -50.11 -16.65 -47.65
N TRP EA 98 -50.11 -17.41 -46.55
CA TRP EA 98 -48.89 -18.02 -46.03
C TRP EA 98 -48.31 -19.12 -46.94
N VAL EA 99 -49.06 -19.68 -47.88
CA VAL EA 99 -48.50 -20.52 -48.93
C VAL EA 99 -47.86 -19.65 -50.02
N LEU EA 100 -48.56 -18.63 -50.51
CA LEU EA 100 -48.07 -17.74 -51.56
C LEU EA 100 -46.77 -17.02 -51.18
N GLU EA 101 -46.65 -16.54 -49.95
CA GLU EA 101 -45.43 -15.87 -49.49
C GLU EA 101 -44.20 -16.79 -49.47
N LYS EA 102 -44.39 -18.12 -49.47
CA LYS EA 102 -43.33 -19.12 -49.55
C LYS EA 102 -43.08 -19.61 -50.98
N LEU EA 103 -44.11 -20.06 -51.70
CA LEU EA 103 -43.95 -20.54 -53.09
C LEU EA 103 -43.52 -19.45 -54.06
N ARG EA 104 -44.05 -18.23 -53.90
CA ARG EA 104 -43.87 -17.09 -54.80
C ARG EA 104 -44.06 -17.46 -56.29
N PRO EA 105 -45.23 -17.98 -56.67
CA PRO EA 105 -45.46 -18.52 -58.01
C PRO EA 105 -45.24 -17.49 -59.12
N SER EA 106 -44.74 -17.92 -60.27
CA SER EA 106 -44.67 -17.07 -61.45
C SER EA 106 -45.95 -17.09 -62.29
N VAL EA 107 -46.68 -18.21 -62.31
CA VAL EA 107 -47.94 -18.35 -63.05
C VAL EA 107 -48.95 -19.14 -62.25
N ILE EA 108 -50.19 -18.71 -62.27
CA ILE EA 108 -51.36 -19.52 -61.94
C ILE EA 108 -52.07 -19.86 -63.24
N LEU EA 109 -52.31 -21.13 -63.51
CA LEU EA 109 -53.02 -21.58 -64.70
C LEU EA 109 -54.38 -22.12 -64.30
N LEU EA 110 -55.42 -21.64 -64.97
CA LEU EA 110 -56.80 -21.95 -64.66
C LEU EA 110 -57.46 -22.63 -65.87
N VAL EA 111 -57.84 -23.90 -65.73
CA VAL EA 111 -58.49 -24.66 -66.80
C VAL EA 111 -60.00 -24.44 -66.75
N GLU EA 112 -60.64 -24.25 -67.90
CA GLU EA 112 -62.08 -24.03 -68.01
C GLU EA 112 -62.71 -24.84 -69.15
N ALA EA 113 -63.99 -25.14 -69.04
CA ALA EA 113 -64.83 -25.70 -70.09
C ALA EA 113 -66.28 -25.22 -69.89
N ASP EA 114 -67.16 -25.41 -70.86
CA ASP EA 114 -68.56 -24.97 -70.69
C ASP EA 114 -69.24 -25.76 -69.55
N PRO EA 115 -69.99 -25.10 -68.65
CA PRO EA 115 -70.76 -25.78 -67.62
C PRO EA 115 -71.62 -26.94 -68.12
N LYS EA 116 -72.16 -26.86 -69.34
CA LYS EA 116 -72.93 -27.93 -69.96
C LYS EA 116 -72.06 -29.15 -70.32
N GLU EA 117 -70.86 -28.93 -70.83
CA GLU EA 117 -69.90 -30.01 -71.05
C GLU EA 117 -69.52 -30.68 -69.73
N ILE EA 118 -69.19 -29.88 -68.72
CA ILE EA 118 -68.81 -30.36 -67.39
C ILE EA 118 -69.95 -31.15 -66.77
N TYR EA 119 -71.18 -30.65 -66.85
CA TYR EA 119 -72.36 -31.37 -66.40
C TYR EA 119 -72.54 -32.69 -67.16
N GLY EA 120 -72.33 -32.71 -68.48
CA GLY EA 120 -72.30 -33.92 -69.29
C GLY EA 120 -71.29 -34.95 -68.77
N ARG EA 121 -70.04 -34.54 -68.54
CA ARG EA 121 -69.00 -35.41 -67.97
C ARG EA 121 -69.38 -35.90 -66.56
N ARG EA 122 -69.86 -35.00 -65.70
CA ARG EA 122 -70.27 -35.34 -64.34
C ARG EA 122 -71.48 -36.29 -64.29
N LEU EA 123 -72.40 -36.19 -65.24
CA LEU EA 123 -73.54 -37.09 -65.36
C LEU EA 123 -73.11 -38.48 -65.86
N LYS EA 124 -72.12 -38.55 -66.75
CA LYS EA 124 -71.57 -39.80 -67.30
C LYS EA 124 -70.59 -40.51 -66.34
N ASP EA 125 -70.07 -39.82 -65.34
CA ASP EA 125 -69.33 -40.44 -64.24
C ASP EA 125 -70.25 -41.30 -63.35
N ASP EA 133 -74.14 -30.94 -58.93
CA ASP EA 133 -74.35 -29.50 -59.03
C ASP EA 133 -75.10 -29.15 -60.33
N SER EA 134 -75.98 -28.16 -60.32
CA SER EA 134 -76.55 -27.61 -61.54
C SER EA 134 -75.50 -26.90 -62.40
N GLU EA 135 -75.82 -26.64 -63.65
CA GLU EA 135 -74.98 -25.82 -64.53
C GLU EA 135 -74.79 -24.40 -63.96
N GLU EA 136 -75.79 -23.87 -63.24
CA GLU EA 136 -75.67 -22.59 -62.54
C GLU EA 136 -74.62 -22.67 -61.43
N GLU EA 137 -74.64 -23.72 -60.61
CA GLU EA 137 -73.67 -23.90 -59.54
C GLU EA 137 -72.26 -24.20 -60.07
N ILE EA 138 -72.13 -24.84 -61.23
CA ILE EA 138 -70.86 -24.99 -61.93
C ILE EA 138 -70.37 -23.63 -62.43
N ALA EA 139 -71.22 -22.85 -63.09
CA ALA EA 139 -70.86 -21.52 -63.57
C ALA EA 139 -70.48 -20.57 -62.43
N GLU EA 140 -71.15 -20.67 -61.29
CA GLU EA 140 -70.78 -19.98 -60.06
C GLU EA 140 -69.39 -20.41 -59.58
N HIS EA 141 -69.11 -21.70 -59.48
CA HIS EA 141 -67.80 -22.15 -59.00
C HIS EA 141 -66.68 -21.66 -59.91
N GLN EA 142 -66.88 -21.64 -61.22
CA GLN EA 142 -65.92 -21.04 -62.14
C GLN EA 142 -65.72 -19.54 -61.88
N MET EA 143 -66.79 -18.76 -61.73
CA MET EA 143 -66.66 -17.34 -61.42
C MET EA 143 -65.92 -17.12 -60.11
N MET EA 144 -66.20 -17.92 -59.08
CA MET EA 144 -65.47 -17.82 -57.82
C MET EA 144 -63.99 -18.18 -58.01
N ASN EA 145 -63.66 -19.13 -58.88
CA ASN EA 145 -62.26 -19.43 -59.16
C ASN EA 145 -61.55 -18.27 -59.85
N ARG EA 146 -62.16 -17.60 -60.83
CA ARG EA 146 -61.53 -16.42 -61.46
C ARG EA 146 -61.23 -15.33 -60.44
N ALA EA 147 -62.18 -15.04 -59.55
CA ALA EA 147 -61.96 -14.10 -58.47
C ALA EA 147 -60.81 -14.52 -57.56
N ALA EA 148 -60.78 -15.80 -57.15
CA ALA EA 148 -59.72 -16.32 -56.29
C ALA EA 148 -58.34 -16.23 -56.97
N ALA EA 149 -58.24 -16.62 -58.23
CA ALA EA 149 -56.99 -16.57 -58.98
C ALA EA 149 -56.44 -15.15 -59.04
N MET EA 150 -57.29 -14.17 -59.38
CA MET EA 150 -56.83 -12.80 -59.50
C MET EA 150 -56.47 -12.18 -58.13
N ALA EA 151 -57.14 -12.58 -57.05
CA ALA EA 151 -56.71 -12.21 -55.71
C ALA EA 151 -55.33 -12.80 -55.38
N TYR EA 152 -55.10 -14.09 -55.64
CA TYR EA 152 -53.79 -14.73 -55.48
C TYR EA 152 -52.71 -14.02 -56.30
N ALA EA 153 -53.03 -13.62 -57.53
CA ALA EA 153 -52.11 -12.89 -58.39
C ALA EA 153 -51.68 -11.58 -57.74
N SER EA 154 -52.63 -10.76 -57.31
CA SER EA 154 -52.31 -9.46 -56.68
C SER EA 154 -51.45 -9.56 -55.43
N LEU EA 155 -51.57 -10.65 -54.67
CA LEU EA 155 -50.77 -10.90 -53.47
C LEU EA 155 -49.32 -11.31 -53.77
N SER EA 156 -49.04 -11.81 -54.97
CA SER EA 156 -47.81 -12.55 -55.28
C SER EA 156 -47.03 -12.02 -56.48
N GLY EA 157 -47.66 -11.28 -57.37
CA GLY EA 157 -47.11 -10.93 -58.69
C GLY EA 157 -47.21 -12.07 -59.71
N ALA EA 158 -47.89 -13.17 -59.40
CA ALA EA 158 -48.08 -14.26 -60.36
C ALA EA 158 -48.92 -13.81 -61.56
N THR EA 159 -48.56 -14.24 -62.76
CA THR EA 159 -49.39 -14.07 -63.95
C THR EA 159 -50.60 -15.02 -63.90
N VAL EA 160 -51.73 -14.72 -64.51
CA VAL EA 160 -52.88 -15.65 -64.61
C VAL EA 160 -53.21 -15.99 -66.04
N LYS EA 161 -53.21 -17.28 -66.40
CA LYS EA 161 -53.58 -17.79 -67.73
C LYS EA 161 -54.85 -18.61 -67.64
N ILE EA 162 -55.81 -18.37 -68.52
CA ILE EA 162 -57.01 -19.21 -68.66
C ILE EA 162 -56.87 -20.12 -69.88
N VAL EA 163 -57.15 -21.41 -69.73
CA VAL EA 163 -57.06 -22.42 -70.79
C VAL EA 163 -58.39 -23.12 -71.01
N PHE EA 164 -58.99 -23.01 -72.19
CA PHE EA 164 -60.20 -23.76 -72.53
C PHE EA 164 -59.89 -25.23 -72.84
N ASN EA 165 -60.76 -26.15 -72.43
CA ASN EA 165 -60.61 -27.60 -72.64
C ASN EA 165 -61.94 -28.26 -73.05
N HIS EA 166 -62.51 -27.80 -74.15
CA HIS EA 166 -63.74 -28.38 -74.73
C HIS EA 166 -63.53 -29.85 -75.17
N ASP EA 167 -64.58 -30.67 -75.14
CA ASP EA 167 -64.48 -32.14 -75.29
C ASP EA 167 -63.73 -32.61 -76.55
N ASN EA 168 -64.08 -32.09 -77.72
CA ASN EA 168 -63.50 -32.51 -79.00
C ASN EA 168 -62.12 -31.88 -79.28
N ARG EA 169 -61.63 -30.99 -78.40
CA ARG EA 169 -60.62 -29.97 -78.73
C ARG EA 169 -59.45 -29.96 -77.76
N LEU EA 170 -59.05 -31.12 -77.23
CA LEU EA 170 -57.92 -31.24 -76.30
C LEU EA 170 -56.64 -30.58 -76.87
N ASP EA 171 -56.43 -30.63 -78.19
CA ASP EA 171 -55.30 -29.97 -78.83
C ASP EA 171 -55.25 -28.46 -78.59
N ASP EA 172 -56.40 -27.77 -78.51
CA ASP EA 172 -56.45 -26.35 -78.15
C ASP EA 172 -55.94 -26.13 -76.72
N ALA EA 173 -56.34 -26.98 -75.78
CA ALA EA 173 -55.88 -26.89 -74.40
C ALA EA 173 -54.36 -27.08 -74.31
N VAL EA 174 -53.83 -28.12 -74.97
CA VAL EA 174 -52.39 -28.41 -74.96
C VAL EA 174 -51.59 -27.31 -75.67
N ARG EA 175 -52.10 -26.78 -76.79
CA ARG EA 175 -51.47 -25.68 -77.53
C ARG EA 175 -51.45 -24.38 -76.74
N ASP EA 176 -52.48 -24.08 -75.94
CA ASP EA 176 -52.45 -22.94 -75.02
C ASP EA 176 -51.56 -23.19 -73.80
N ALA EA 177 -51.48 -24.43 -73.31
CA ALA EA 177 -50.73 -24.74 -72.11
C ALA EA 177 -49.20 -24.76 -72.32
N ALA EA 178 -48.69 -25.41 -73.37
CA ALA EA 178 -47.25 -25.56 -73.58
C ALA EA 178 -46.45 -24.24 -73.64
N PRO EA 179 -46.94 -23.14 -74.24
CA PRO EA 179 -46.32 -21.81 -74.19
C PRO EA 179 -46.03 -21.26 -72.79
N VAL EA 180 -46.69 -21.76 -71.76
CA VAL EA 180 -46.52 -21.29 -70.37
C VAL EA 180 -45.25 -21.86 -69.73
N LEU EA 181 -44.82 -23.06 -70.15
CA LEU EA 181 -43.73 -23.83 -69.54
C LEU EA 181 -42.32 -23.28 -69.84
N ILE FA 4 44.99 -26.06 59.69
CA ILE FA 4 45.13 -26.88 60.91
C ILE FA 4 44.20 -26.33 61.99
N VAL FA 5 43.64 -27.15 62.86
CA VAL FA 5 42.86 -26.71 64.04
C VAL FA 5 43.40 -27.37 65.29
N VAL FA 6 43.70 -26.61 66.34
CA VAL FA 6 44.21 -27.13 67.62
C VAL FA 6 43.15 -26.99 68.71
N THR FA 7 42.93 -28.03 69.50
CA THR FA 7 41.83 -28.10 70.47
C THR FA 7 42.22 -28.82 71.77
N GLY FA 8 41.54 -28.51 72.86
CA GLY FA 8 41.82 -29.11 74.17
C GLY FA 8 40.88 -28.65 75.28
N ILE FA 9 40.76 -29.47 76.32
CA ILE FA 9 39.98 -29.19 77.54
C ILE FA 9 40.68 -28.10 78.39
N PRO FA 10 39.97 -27.09 78.92
CA PRO FA 10 40.55 -26.07 79.79
C PRO FA 10 41.33 -26.68 80.96
N GLY FA 11 42.63 -26.35 81.03
CA GLY FA 11 43.60 -26.92 81.97
C GLY FA 11 44.64 -27.87 81.35
N VAL FA 12 44.44 -28.35 80.11
CA VAL FA 12 45.36 -29.32 79.48
C VAL FA 12 46.67 -28.73 79.00
N GLY FA 13 46.80 -27.40 78.95
CA GLY FA 13 48.04 -26.71 78.55
C GLY FA 13 48.16 -26.43 77.04
N LYS FA 14 47.01 -26.35 76.34
CA LYS FA 14 46.92 -26.13 74.89
C LYS FA 14 47.87 -25.05 74.37
N THR FA 15 47.84 -23.87 74.97
CA THR FA 15 48.61 -22.71 74.49
C THR FA 15 50.11 -22.96 74.56
N THR FA 16 50.61 -23.57 75.63
CA THR FA 16 52.04 -23.87 75.80
C THR FA 16 52.56 -24.82 74.72
N VAL FA 17 51.86 -25.93 74.49
CA VAL FA 17 52.27 -26.91 73.45
C VAL FA 17 52.22 -26.27 72.06
N MET FA 18 51.18 -25.50 71.77
CA MET FA 18 51.07 -24.76 70.51
C MET FA 18 52.22 -23.76 70.33
N GLN FA 19 52.51 -22.91 71.32
CA GLN FA 19 53.56 -21.89 71.24
C GLN FA 19 54.94 -22.51 71.00
N LYS FA 20 55.25 -23.60 71.70
CA LYS FA 20 56.51 -24.33 71.53
C LYS FA 20 56.59 -25.04 70.18
N ALA FA 21 55.55 -25.74 69.74
CA ALA FA 21 55.59 -26.46 68.46
C ALA FA 21 55.60 -25.51 67.25
N ALA FA 22 54.83 -24.43 67.30
CA ALA FA 22 54.76 -23.41 66.24
C ALA FA 22 56.00 -22.50 66.17
N GLU FA 23 57.00 -22.67 67.04
CA GLU FA 23 58.24 -21.89 66.99
C GLU FA 23 58.96 -22.05 65.63
N GLY FA 24 59.35 -20.92 65.03
CA GLY FA 24 59.97 -20.89 63.70
C GLY FA 24 59.02 -21.15 62.51
N SER FA 25 57.73 -21.39 62.73
CA SER FA 25 56.77 -21.62 61.65
C SER FA 25 56.42 -20.32 60.91
N PRO FA 26 56.25 -20.34 59.58
CA PRO FA 26 55.69 -19.22 58.83
C PRO FA 26 54.16 -19.10 58.97
N LEU FA 27 53.48 -20.03 59.66
CA LEU FA 27 52.02 -20.05 59.73
C LEU FA 27 51.44 -18.93 60.63
N PRO FA 28 50.37 -18.23 60.22
CA PRO FA 28 49.63 -17.33 61.09
C PRO FA 28 48.92 -18.09 62.21
N ARG FA 29 48.72 -17.41 63.35
CA ARG FA 29 48.13 -17.92 64.59
C ARG FA 29 46.83 -17.19 64.89
N VAL FA 30 45.73 -17.89 65.04
CA VAL FA 30 44.40 -17.25 64.98
C VAL FA 30 43.44 -17.84 66.02
N PRO FA 31 42.93 -17.08 66.99
CA PRO FA 31 41.81 -17.50 67.83
C PRO FA 31 40.48 -17.27 67.10
N LEU FA 32 39.65 -18.29 66.95
CA LEU FA 32 38.41 -18.17 66.16
C LEU FA 32 37.39 -17.21 66.77
N GLU FA 33 37.29 -17.16 68.11
CA GLU FA 33 36.39 -16.25 68.81
C GLU FA 33 36.80 -14.79 68.58
N GLY FA 34 38.11 -14.55 68.60
CA GLY FA 34 38.69 -13.25 68.26
C GLY FA 34 38.33 -12.81 66.86
N VAL FA 35 38.49 -13.69 65.85
CA VAL FA 35 38.08 -13.36 64.48
C VAL FA 35 36.58 -13.08 64.40
N MET FA 36 35.74 -13.88 65.05
CA MET FA 36 34.31 -13.63 65.05
C MET FA 36 33.98 -12.27 65.64
N TYR FA 37 34.58 -11.90 66.76
CA TYR FA 37 34.41 -10.58 67.36
C TYR FA 37 34.87 -9.47 66.42
N GLY FA 38 36.03 -9.61 65.80
CA GLY FA 38 36.54 -8.66 64.81
C GLY FA 38 35.60 -8.50 63.61
N VAL FA 39 35.14 -9.60 63.02
CA VAL FA 39 34.19 -9.57 61.91
C VAL FA 39 32.88 -8.91 62.32
N ALA FA 40 32.29 -9.29 63.45
CA ALA FA 40 31.06 -8.69 63.94
C ALA FA 40 31.23 -7.19 64.26
N LYS FA 41 32.35 -6.79 64.87
CA LYS FA 41 32.66 -5.40 65.19
C LYS FA 41 32.82 -4.54 63.93
N ARG FA 42 33.49 -5.06 62.90
CA ARG FA 42 33.66 -4.37 61.60
C ARG FA 42 32.38 -4.38 60.76
N MET FA 43 31.49 -5.35 60.96
CA MET FA 43 30.11 -5.33 60.47
C MET FA 43 29.18 -4.43 61.33
N GLY FA 44 29.70 -3.79 62.38
CA GLY FA 44 28.95 -2.85 63.24
C GLY FA 44 27.97 -3.50 64.23
N LEU FA 45 27.99 -4.82 64.38
CA LEU FA 45 27.01 -5.58 65.17
C LEU FA 45 27.25 -5.47 66.68
N VAL FA 46 28.50 -5.24 67.08
CA VAL FA 46 28.97 -5.18 68.46
C VAL FA 46 30.08 -4.15 68.61
N LYS FA 47 30.36 -3.74 69.86
CA LYS FA 47 31.53 -2.96 70.25
C LYS FA 47 32.38 -3.69 71.30
N ASP FA 48 31.77 -4.45 72.20
CA ASP FA 48 32.47 -5.11 73.31
C ASP FA 48 32.42 -6.64 73.23
N ILE FA 49 33.48 -7.32 73.68
CA ILE FA 49 33.68 -8.77 73.49
C ILE FA 49 32.54 -9.61 74.10
N ASP FA 50 31.94 -9.16 75.20
CA ASP FA 50 30.81 -9.84 75.84
C ASP FA 50 29.52 -9.81 75.00
N GLU FA 51 29.34 -8.83 74.12
CA GLU FA 51 28.14 -8.71 73.29
C GLU FA 51 27.99 -9.87 72.29
N MET FA 52 29.07 -10.59 72.00
CA MET FA 52 29.03 -11.78 71.16
C MET FA 52 28.10 -12.87 71.72
N ARG FA 53 27.91 -12.93 73.04
CA ARG FA 53 26.95 -13.85 73.68
C ARG FA 53 25.49 -13.36 73.59
N ARG FA 54 25.29 -12.07 73.27
CA ARG FA 54 23.99 -11.40 73.23
C ARG FA 54 23.39 -11.34 71.82
N LEU FA 55 24.18 -11.63 70.79
CA LEU FA 55 23.72 -11.72 69.40
C LEU FA 55 22.62 -12.76 69.21
N SER FA 56 21.72 -12.52 68.27
CA SER FA 56 20.72 -13.49 67.82
C SER FA 56 21.39 -14.72 67.19
N PRO FA 57 21.00 -15.96 67.53
CA PRO FA 57 21.65 -17.16 67.02
C PRO FA 57 21.84 -17.23 65.51
N ASP FA 58 20.85 -16.85 64.70
CA ASP FA 58 20.98 -16.92 63.24
C ASP FA 58 21.87 -15.81 62.65
N VAL FA 59 22.01 -14.67 63.35
CA VAL FA 59 23.07 -13.70 63.04
C VAL FA 59 24.43 -14.30 63.39
N GLN FA 60 24.54 -14.96 64.54
CA GLN FA 60 25.78 -15.60 64.99
C GLN FA 60 26.24 -16.73 64.06
N LYS FA 61 25.32 -17.51 63.46
CA LYS FA 61 25.64 -18.46 62.39
C LYS FA 61 26.30 -17.77 61.20
N GLU FA 62 25.75 -16.64 60.74
CA GLU FA 62 26.35 -15.91 59.63
C GLU FA 62 27.70 -15.29 59.99
N VAL FA 63 27.88 -14.79 61.20
CA VAL FA 63 29.22 -14.38 61.68
C VAL FA 63 30.21 -15.54 61.65
N GLN FA 64 29.82 -16.74 62.11
CA GLN FA 64 30.67 -17.92 62.00
C GLN FA 64 31.02 -18.24 60.55
N LYS FA 65 30.02 -18.21 59.65
CA LYS FA 65 30.21 -18.46 58.22
C LYS FA 65 31.20 -17.46 57.60
N LYS FA 66 31.02 -16.16 57.85
CA LYS FA 66 31.91 -15.11 57.33
C LYS FA 66 33.31 -15.20 57.91
N ALA FA 67 33.45 -15.42 59.21
CA ALA FA 67 34.76 -15.62 59.83
C ALA FA 67 35.49 -16.82 59.20
N ALA FA 68 34.80 -17.93 58.99
CA ALA FA 68 35.39 -19.08 58.33
C ALA FA 68 35.78 -18.79 56.88
N GLU FA 69 34.94 -18.10 56.10
CA GLU FA 69 35.31 -17.69 54.73
C GLU FA 69 36.58 -16.86 54.71
N ARG FA 70 36.73 -15.91 55.64
CA ARG FA 70 37.90 -15.02 55.70
C ARG FA 70 39.15 -15.77 56.15
N ILE FA 71 39.03 -16.71 57.09
CA ILE FA 71 40.15 -17.58 57.47
C ILE FA 71 40.50 -18.55 56.32
N ALA FA 72 39.52 -19.00 55.53
CA ALA FA 72 39.81 -19.81 54.34
C ALA FA 72 40.59 -19.02 53.27
N ALA FA 73 40.25 -17.74 53.07
CA ALA FA 73 40.99 -16.85 52.18
C ALA FA 73 42.43 -16.60 52.66
N LEU FA 74 42.66 -16.46 53.97
CA LEU FA 74 44.00 -16.34 54.56
C LEU FA 74 44.89 -17.56 54.24
N GLY FA 75 44.28 -18.73 54.03
CA GLY FA 75 44.98 -19.95 53.63
C GLY FA 75 45.46 -20.79 54.81
N ASP FA 76 46.63 -21.40 54.68
CA ASP FA 76 47.17 -22.32 55.70
C ASP FA 76 47.44 -21.57 57.00
N VAL FA 77 46.96 -22.09 58.13
CA VAL FA 77 46.82 -21.37 59.42
C VAL FA 77 46.83 -22.34 60.60
N ILE FA 78 47.32 -21.92 61.76
CA ILE FA 78 47.11 -22.64 63.02
C ILE FA 78 45.92 -22.00 63.74
N LEU FA 79 44.72 -22.46 63.42
CA LEU FA 79 43.50 -21.99 64.07
C LEU FA 79 43.39 -22.57 65.48
N ASP FA 80 42.83 -21.80 66.41
CA ASP FA 80 42.65 -22.19 67.81
C ASP FA 80 41.20 -21.96 68.26
N THR FA 81 40.56 -23.00 68.79
CA THR FA 81 39.22 -22.96 69.41
C THR FA 81 38.95 -24.25 70.20
N HIS FA 82 37.93 -24.29 71.05
CA HIS FA 82 37.51 -25.54 71.72
C HIS FA 82 36.74 -26.46 70.76
N CYS FA 83 36.93 -27.78 70.86
CA CYS FA 83 36.13 -28.74 70.09
C CYS FA 83 34.73 -28.93 70.69
N THR FA 84 34.59 -29.00 72.00
CA THR FA 84 33.30 -28.84 72.70
C THR FA 84 33.44 -27.96 73.94
N ILE FA 85 32.47 -27.08 74.15
CA ILE FA 85 32.45 -26.13 75.26
C ILE FA 85 31.44 -26.62 76.29
N LYS FA 86 31.82 -26.79 77.55
CA LYS FA 86 30.86 -27.16 78.60
C LYS FA 86 30.01 -25.96 79.01
N THR FA 87 28.69 -26.13 79.10
CA THR FA 87 27.73 -25.07 79.44
C THR FA 87 26.66 -25.59 80.43
N PRO FA 88 25.84 -24.76 81.06
CA PRO FA 88 24.78 -25.22 81.97
C PRO FA 88 23.83 -26.25 81.35
N LYS FA 89 23.51 -26.11 80.06
CA LYS FA 89 22.71 -27.08 79.29
C LYS FA 89 23.53 -28.23 78.69
N GLY FA 90 24.74 -28.47 79.16
CA GLY FA 90 25.63 -29.53 78.67
C GLY FA 90 26.65 -29.07 77.63
N TYR FA 91 27.24 -30.02 76.90
CA TYR FA 91 28.30 -29.75 75.92
C TYR FA 91 27.75 -29.12 74.64
N LEU FA 92 28.39 -28.06 74.16
CA LEU FA 92 28.10 -27.42 72.89
C LEU FA 92 29.21 -27.73 71.88
N PRO FA 93 28.93 -28.25 70.68
CA PRO FA 93 29.92 -28.40 69.62
C PRO FA 93 30.52 -27.06 69.21
N GLY FA 94 31.84 -26.92 69.33
CA GLY FA 94 32.55 -25.68 69.01
C GLY FA 94 32.69 -25.38 67.52
N LEU FA 95 32.56 -26.39 66.65
CA LEU FA 95 32.72 -26.27 65.20
C LEU FA 95 31.50 -26.88 64.46
N PRO FA 96 30.40 -26.15 64.32
CA PRO FA 96 29.26 -26.63 63.54
C PRO FA 96 29.60 -26.94 62.08
N ARG FA 97 28.80 -27.78 61.42
CA ARG FA 97 28.99 -28.17 60.01
C ARG FA 97 29.22 -26.98 59.07
N TRP FA 98 28.48 -25.88 59.22
CA TRP FA 98 28.63 -24.71 58.36
C TRP FA 98 29.99 -24.01 58.50
N VAL FA 99 30.73 -24.21 59.59
CA VAL FA 99 32.14 -23.79 59.69
C VAL FA 99 33.03 -24.73 58.88
N LEU FA 100 32.89 -26.04 59.08
CA LEU FA 100 33.71 -27.06 58.41
C LEU FA 100 33.61 -26.99 56.89
N GLU FA 101 32.42 -26.77 56.34
CA GLU FA 101 32.25 -26.64 54.89
C GLU FA 101 33.02 -25.44 54.30
N LYS FA 102 33.36 -24.43 55.11
CA LYS FA 102 34.16 -23.27 54.71
C LYS FA 102 35.65 -23.46 54.99
N LEU FA 103 36.04 -23.82 56.21
CA LEU FA 103 37.45 -24.03 56.57
C LEU FA 103 38.10 -25.20 55.84
N ARG FA 104 37.38 -26.31 55.70
CA ARG FA 104 37.88 -27.59 55.17
C ARG FA 104 39.22 -28.00 55.80
N PRO FA 105 39.29 -28.18 57.13
CA PRO FA 105 40.54 -28.46 57.82
C PRO FA 105 41.30 -29.66 57.26
N SER FA 106 42.62 -29.57 57.18
CA SER FA 106 43.46 -30.73 56.86
C SER FA 106 43.72 -31.60 58.09
N VAL FA 107 43.88 -31.01 59.27
CA VAL FA 107 44.12 -31.75 60.53
C VAL FA 107 43.33 -31.13 61.66
N ILE FA 108 42.73 -31.96 62.51
CA ILE FA 108 42.25 -31.60 63.83
C ILE FA 108 43.23 -32.18 64.84
N LEU FA 109 43.78 -31.37 65.73
CA LEU FA 109 44.68 -31.82 66.78
C LEU FA 109 43.98 -31.71 68.12
N LEU FA 110 43.97 -32.80 68.87
CA LEU FA 110 43.34 -32.90 70.18
C LEU FA 110 44.41 -33.16 71.24
N VAL FA 111 44.53 -32.24 72.21
CA VAL FA 111 45.53 -32.34 73.29
C VAL FA 111 44.91 -33.00 74.51
N GLU FA 112 45.61 -33.95 75.13
CA GLU FA 112 45.12 -34.71 76.28
C GLU FA 112 46.18 -34.84 77.39
N ALA FA 113 45.71 -35.04 78.62
CA ALA FA 113 46.50 -35.38 79.79
C ALA FA 113 45.65 -36.22 80.74
N ASP FA 114 46.22 -36.86 81.76
CA ASP FA 114 45.41 -37.67 82.68
C ASP FA 114 44.41 -36.82 83.47
N PRO FA 115 43.15 -37.26 83.67
CA PRO FA 115 42.18 -36.54 84.49
C PRO FA 115 42.71 -36.12 85.87
N LYS FA 116 43.57 -36.93 86.49
CA LYS FA 116 44.18 -36.63 87.79
C LYS FA 116 45.18 -35.48 87.70
N GLU FA 117 45.98 -35.43 86.63
CA GLU FA 117 46.87 -34.30 86.36
C GLU FA 117 46.05 -33.02 86.16
N ILE FA 118 45.02 -33.08 85.32
CA ILE FA 118 44.18 -31.91 85.01
C ILE FA 118 43.46 -31.44 86.27
N TYR FA 119 42.92 -32.35 87.08
CA TYR FA 119 42.31 -32.00 88.35
C TYR FA 119 43.33 -31.33 89.28
N GLY FA 120 44.56 -31.85 89.36
CA GLY FA 120 45.66 -31.22 90.08
C GLY FA 120 45.94 -29.79 89.62
N ARG FA 121 46.06 -29.55 88.31
CA ARG FA 121 46.25 -28.20 87.77
C ARG FA 121 45.08 -27.28 88.09
N ARG FA 122 43.85 -27.76 87.93
CA ARG FA 122 42.63 -26.99 88.24
C ARG FA 122 42.49 -26.69 89.73
N LEU FA 123 42.94 -27.58 90.60
CA LEU FA 123 42.97 -27.37 92.04
C LEU FA 123 44.03 -26.34 92.46
N LYS FA 124 45.18 -26.31 91.77
CA LYS FA 124 46.27 -25.35 91.98
C LYS FA 124 46.00 -23.98 91.36
N ASP FA 125 45.11 -23.88 90.38
CA ASP FA 125 44.63 -22.64 89.82
C ASP FA 125 43.79 -21.83 90.83
N ASP FA 133 35.06 -29.68 88.43
CA ASP FA 133 34.59 -30.97 87.92
C ASP FA 133 35.34 -32.12 88.64
N SER FA 134 34.68 -33.25 88.86
CA SER FA 134 35.35 -34.49 89.26
C SER FA 134 36.26 -35.03 88.16
N GLU FA 135 37.16 -35.95 88.52
CA GLU FA 135 37.96 -36.67 87.53
C GLU FA 135 37.08 -37.48 86.56
N GLU FA 136 35.92 -37.95 87.01
CA GLU FA 136 34.95 -38.63 86.15
C GLU FA 136 34.37 -37.67 85.11
N GLU FA 137 33.98 -36.45 85.52
CA GLU FA 137 33.48 -35.43 84.58
C GLU FA 137 34.58 -34.94 83.62
N ILE FA 138 35.83 -34.89 84.06
CA ILE FA 138 36.96 -34.59 83.19
C ILE FA 138 37.12 -35.71 82.16
N ALA FA 139 37.13 -36.98 82.60
CA ALA FA 139 37.24 -38.12 81.69
C ALA FA 139 36.07 -38.19 80.71
N GLU FA 140 34.87 -37.86 81.16
CA GLU FA 140 33.70 -37.73 80.28
C GLU FA 140 33.91 -36.65 79.23
N HIS FA 141 34.34 -35.44 79.62
CA HIS FA 141 34.55 -34.37 78.65
C HIS FA 141 35.60 -34.76 77.60
N GLN FA 142 36.69 -35.42 77.99
CA GLN FA 142 37.65 -35.96 77.03
C GLN FA 142 37.01 -36.97 76.08
N MET FA 143 36.25 -37.95 76.59
CA MET FA 143 35.59 -38.92 75.73
C MET FA 143 34.60 -38.25 74.77
N MET FA 144 33.83 -37.28 75.24
CA MET FA 144 32.94 -36.51 74.38
C MET FA 144 33.71 -35.70 73.33
N ASN FA 145 34.90 -35.17 73.66
CA ASN FA 145 35.74 -34.52 72.67
C ASN FA 145 36.21 -35.49 71.59
N ARG FA 146 36.65 -36.71 71.94
CA ARG FA 146 37.06 -37.69 70.93
C ARG FA 146 35.94 -38.01 69.96
N ALA FA 147 34.73 -38.21 70.46
CA ALA FA 147 33.57 -38.42 69.63
C ALA FA 147 33.32 -37.22 68.70
N ALA FA 148 33.41 -36.00 69.23
CA ALA FA 148 33.23 -34.79 68.43
C ALA FA 148 34.28 -34.66 67.33
N ALA FA 149 35.55 -34.88 67.67
CA ALA FA 149 36.64 -34.80 66.71
C ALA FA 149 36.45 -35.76 65.55
N MET FA 150 36.10 -37.02 65.81
CA MET FA 150 35.90 -37.97 64.73
C MET FA 150 34.64 -37.69 63.92
N ALA FA 151 33.59 -37.14 64.53
CA ALA FA 151 32.43 -36.68 63.79
C ALA FA 151 32.82 -35.53 62.85
N TYR FA 152 33.55 -34.52 63.32
CA TYR FA 152 34.09 -33.44 62.49
C TYR FA 152 34.94 -33.99 61.35
N ALA FA 153 35.78 -34.98 61.63
CA ALA FA 153 36.60 -35.62 60.61
C ALA FA 153 35.76 -36.24 59.51
N SER FA 154 34.77 -37.06 59.85
CA SER FA 154 33.93 -37.73 58.87
C SER FA 154 33.14 -36.77 57.97
N LEU FA 155 32.80 -35.58 58.46
CA LEU FA 155 32.14 -34.52 57.68
C LEU FA 155 33.05 -33.82 56.69
N SER FA 156 34.37 -33.84 56.91
CA SER FA 156 35.32 -32.91 56.29
C SER FA 156 36.49 -33.57 55.55
N GLY FA 157 36.80 -34.83 55.85
CA GLY FA 157 38.03 -35.47 55.39
C GLY FA 157 39.28 -35.04 56.18
N ALA FA 158 39.14 -34.29 57.27
CA ALA FA 158 40.28 -33.92 58.11
C ALA FA 158 40.92 -35.13 58.80
N THR FA 159 42.24 -35.18 58.89
CA THR FA 159 42.94 -36.14 59.76
C THR FA 159 42.72 -35.79 61.22
N VAL FA 160 42.68 -36.74 62.15
CA VAL FA 160 42.64 -36.48 63.60
C VAL FA 160 43.92 -36.94 64.28
N LYS FA 161 44.59 -36.06 65.01
CA LYS FA 161 45.81 -36.35 65.78
C LYS FA 161 45.54 -36.20 67.27
N ILE FA 162 45.97 -37.14 68.09
CA ILE FA 162 45.93 -37.03 69.55
C ILE FA 162 47.35 -36.79 70.08
N VAL FA 163 47.54 -35.82 70.99
CA VAL FA 163 48.84 -35.51 71.62
C VAL FA 163 48.74 -35.52 73.14
N PHE FA 164 49.55 -36.36 73.81
CA PHE FA 164 49.67 -36.33 75.27
C PHE FA 164 50.53 -35.16 75.76
N ASN FA 165 50.17 -34.56 76.90
CA ASN FA 165 50.87 -33.45 77.54
C ASN FA 165 50.93 -33.63 79.07
N HIS FA 166 51.55 -34.70 79.53
CA HIS FA 166 51.78 -34.94 80.96
C HIS FA 166 52.63 -33.83 81.60
N ASP FA 167 52.43 -33.58 82.89
CA ASP FA 167 52.90 -32.36 83.58
C ASP FA 167 54.38 -32.00 83.33
N ASN FA 168 55.30 -32.93 83.56
CA ASN FA 168 56.73 -32.69 83.41
C ASN FA 168 57.24 -32.79 81.96
N ARG FA 169 56.43 -33.32 81.05
CA ARG FA 169 56.87 -33.94 79.80
C ARG FA 169 56.55 -33.12 78.55
N LEU FA 170 56.62 -31.79 78.67
CA LEU FA 170 56.33 -30.86 77.58
C LEU FA 170 57.14 -31.16 76.30
N ASP FA 171 58.37 -31.65 76.44
CA ASP FA 171 59.19 -32.04 75.28
C ASP FA 171 58.56 -33.18 74.48
N ASP FA 172 57.89 -34.14 75.12
CA ASP FA 172 57.16 -35.20 74.42
C ASP FA 172 55.95 -34.64 73.67
N ALA FA 173 55.19 -33.74 74.30
CA ALA FA 173 54.06 -33.08 73.64
C ALA FA 173 54.52 -32.30 72.40
N VAL FA 174 55.58 -31.51 72.51
CA VAL FA 174 56.09 -30.70 71.40
C VAL FA 174 56.71 -31.58 70.31
N ARG FA 175 57.47 -32.62 70.68
CA ARG FA 175 58.04 -33.57 69.73
C ARG FA 175 56.97 -34.33 68.96
N ASP FA 176 55.87 -34.69 69.61
CA ASP FA 176 54.76 -35.40 68.96
C ASP FA 176 53.86 -34.45 68.14
N ALA FA 177 53.74 -33.18 68.54
CA ALA FA 177 52.99 -32.18 67.80
C ALA FA 177 53.70 -31.67 66.53
N ALA FA 178 55.01 -31.43 66.59
CA ALA FA 178 55.76 -30.81 65.50
C ALA FA 178 55.64 -31.52 64.11
N PRO FA 179 55.59 -32.87 64.01
CA PRO FA 179 55.33 -33.58 62.76
C PRO FA 179 54.05 -33.18 62.02
N VAL FA 180 53.06 -32.58 62.69
CA VAL FA 180 51.84 -32.08 62.05
C VAL FA 180 52.11 -30.86 61.18
N LEU FA 181 53.04 -29.99 61.62
CA LEU FA 181 53.28 -28.65 61.10
C LEU FA 181 54.11 -28.62 59.80
N ILE GA 4 72.41 -24.63 -20.42
CA ILE GA 4 73.37 -25.72 -20.74
C ILE GA 4 73.59 -26.55 -19.49
N VAL GA 5 73.70 -27.87 -19.58
CA VAL GA 5 74.10 -28.74 -18.45
C VAL GA 5 75.35 -29.51 -18.79
N VAL GA 6 76.37 -29.50 -17.93
CA VAL GA 6 77.61 -30.26 -18.12
C VAL GA 6 77.67 -31.41 -17.15
N THR GA 7 78.04 -32.61 -17.62
CA THR GA 7 77.95 -33.86 -16.85
C THR GA 7 79.12 -34.82 -17.14
N GLY GA 8 79.41 -35.72 -16.20
CA GLY GA 8 80.50 -36.68 -16.35
C GLY GA 8 80.71 -37.57 -15.13
N ILE GA 9 81.38 -38.71 -15.33
CA ILE GA 9 81.75 -39.67 -14.29
C ILE GA 9 82.92 -39.13 -13.44
N PRO GA 10 82.92 -39.29 -12.10
CA PRO GA 10 84.04 -38.88 -11.25
C PRO GA 10 85.38 -39.45 -11.71
N GLY GA 11 86.33 -38.56 -12.00
CA GLY GA 11 87.65 -38.86 -12.58
C GLY GA 11 87.81 -38.49 -14.06
N VAL GA 12 86.73 -38.18 -14.78
CA VAL GA 12 86.81 -37.86 -16.23
C VAL GA 12 87.41 -36.48 -16.52
N GLY GA 13 87.59 -35.62 -15.52
CA GLY GA 13 88.20 -34.28 -15.68
C GLY GA 13 87.21 -33.17 -16.04
N LYS GA 14 85.94 -33.35 -15.69
CA LYS GA 14 84.82 -32.43 -15.98
C LYS GA 14 85.16 -30.96 -15.70
N THR GA 15 85.66 -30.66 -14.51
CA THR GA 15 85.92 -29.28 -14.09
C THR GA 15 86.96 -28.60 -14.98
N THR GA 16 88.03 -29.31 -15.35
CA THR GA 16 89.10 -28.76 -16.20
C THR GA 16 88.58 -28.35 -17.57
N VAL GA 17 87.81 -29.21 -18.24
CA VAL GA 17 87.24 -28.90 -19.56
C VAL GA 17 86.24 -27.76 -19.46
N MET GA 18 85.37 -27.75 -18.45
CA MET GA 18 84.42 -26.66 -18.22
C MET GA 18 85.13 -25.32 -17.97
N GLN GA 19 86.13 -25.28 -17.09
CA GLN GA 19 86.87 -24.05 -16.76
C GLN GA 19 87.56 -23.46 -17.98
N LYS GA 20 88.22 -24.31 -18.79
CA LYS GA 20 88.88 -23.88 -20.02
C LYS GA 20 87.88 -23.44 -21.10
N ALA GA 21 86.79 -24.18 -21.32
CA ALA GA 21 85.80 -23.83 -22.33
C ALA GA 21 85.03 -22.54 -21.97
N ALA GA 22 84.71 -22.33 -20.69
CA ALA GA 22 84.01 -21.15 -20.21
C ALA GA 22 84.88 -19.86 -20.21
N GLU GA 23 86.16 -19.95 -20.56
CA GLU GA 23 87.08 -18.80 -20.62
C GLU GA 23 86.55 -17.70 -21.53
N GLY GA 24 86.40 -16.49 -21.00
CA GLY GA 24 85.84 -15.33 -21.72
C GLY GA 24 84.33 -15.35 -21.94
N SER GA 25 83.61 -16.37 -21.47
CA SER GA 25 82.15 -16.43 -21.60
C SER GA 25 81.45 -15.45 -20.64
N PRO GA 26 80.36 -14.78 -21.06
CA PRO GA 26 79.50 -14.02 -20.15
C PRO GA 26 78.57 -14.91 -19.30
N LEU GA 27 78.56 -16.24 -19.47
CA LEU GA 27 77.63 -17.12 -18.78
C LEU GA 27 77.97 -17.29 -17.29
N PRO GA 28 76.98 -17.27 -16.37
CA PRO GA 28 77.17 -17.68 -15.00
C PRO GA 28 77.48 -19.18 -14.88
N ARG GA 29 78.14 -19.57 -13.80
CA ARG GA 29 78.60 -20.94 -13.51
C ARG GA 29 77.98 -21.42 -12.22
N VAL GA 30 77.30 -22.55 -12.21
CA VAL GA 30 76.42 -22.93 -11.09
C VAL GA 30 76.51 -24.42 -10.77
N PRO GA 31 76.90 -24.83 -9.55
CA PRO GA 31 76.70 -26.20 -9.07
C PRO GA 31 75.27 -26.38 -8.55
N LEU GA 32 74.53 -27.36 -9.07
CA LEU GA 32 73.11 -27.54 -8.70
C LEU GA 32 72.92 -27.91 -7.22
N GLU GA 33 73.80 -28.75 -6.68
CA GLU GA 33 73.74 -29.17 -5.27
C GLU GA 33 73.97 -27.98 -4.34
N GLY GA 34 74.89 -27.09 -4.72
CA GLY GA 34 75.14 -25.83 -4.04
C GLY GA 34 73.91 -24.92 -4.01
N VAL GA 35 73.22 -24.76 -5.14
CA VAL GA 35 71.97 -23.98 -5.17
C VAL GA 35 70.90 -24.63 -4.31
N MET GA 36 70.75 -25.95 -4.35
CA MET GA 36 69.77 -26.63 -3.50
C MET GA 36 70.07 -26.39 -2.02
N TYR GA 37 71.34 -26.46 -1.61
CA TYR GA 37 71.74 -26.12 -0.25
C TYR GA 37 71.40 -24.66 0.09
N GLY GA 38 71.74 -23.72 -0.78
CA GLY GA 38 71.41 -22.31 -0.59
C GLY GA 38 69.91 -22.07 -0.45
N VAL GA 39 69.09 -22.65 -1.33
CA VAL GA 39 67.63 -22.53 -1.29
C VAL GA 39 67.06 -23.15 -0.02
N ALA GA 40 67.50 -24.35 0.34
CA ALA GA 40 67.05 -25.00 1.57
C ALA GA 40 67.45 -24.21 2.83
N LYS GA 41 68.69 -23.71 2.87
CA LYS GA 41 69.25 -22.90 3.96
C LYS GA 41 68.48 -21.58 4.14
N ARG GA 42 68.15 -20.90 3.05
CA ARG GA 42 67.38 -19.64 3.07
C ARG GA 42 65.89 -19.84 3.32
N MET GA 43 65.35 -21.01 3.00
CA MET GA 43 64.05 -21.48 3.49
C MET GA 43 64.10 -21.98 4.95
N GLY GA 44 65.27 -22.00 5.59
CA GLY GA 44 65.45 -22.40 6.99
C GLY GA 44 65.42 -23.91 7.25
N LEU GA 45 65.40 -24.74 6.21
CA LEU GA 45 65.23 -26.19 6.31
C LEU GA 45 66.49 -26.93 6.80
N VAL GA 46 67.66 -26.30 6.65
CA VAL GA 46 68.98 -26.84 7.01
C VAL GA 46 69.90 -25.69 7.43
N LYS GA 47 71.02 -26.03 8.06
CA LYS GA 47 72.16 -25.12 8.30
C LYS GA 47 73.46 -25.65 7.69
N ASP GA 48 73.64 -26.96 7.59
CA ASP GA 48 74.90 -27.58 7.12
C ASP GA 48 74.72 -28.44 5.85
N ILE GA 49 75.75 -28.51 5.00
CA ILE GA 49 75.68 -29.15 3.68
C ILE GA 49 75.33 -30.64 3.75
N ASP GA 50 75.76 -31.35 4.80
CA ASP GA 50 75.41 -32.76 5.03
C ASP GA 50 73.93 -32.97 5.34
N GLU GA 51 73.23 -31.98 5.89
CA GLU GA 51 71.80 -32.10 6.22
C GLU GA 51 70.92 -32.23 4.97
N MET GA 52 71.42 -31.88 3.80
CA MET GA 52 70.72 -32.09 2.53
C MET GA 52 70.40 -33.57 2.29
N ARG GA 53 71.23 -34.50 2.79
CA ARG GA 53 70.97 -35.96 2.72
C ARG GA 53 69.95 -36.43 3.76
N ARG GA 54 69.71 -35.63 4.81
CA ARG GA 54 68.81 -35.93 5.93
C ARG GA 54 67.39 -35.40 5.71
N LEU GA 55 67.19 -34.52 4.74
CA LEU GA 55 65.87 -34.04 4.33
C LEU GA 55 64.94 -35.19 3.93
N SER GA 56 63.65 -35.05 4.24
CA SER GA 56 62.62 -35.97 3.77
C SER GA 56 62.49 -35.91 2.24
N PRO GA 57 62.47 -37.05 1.51
CA PRO GA 57 62.46 -37.04 0.05
C PRO GA 57 61.38 -36.17 -0.58
N ASP GA 58 60.15 -36.13 -0.04
CA ASP GA 58 59.08 -35.31 -0.61
C ASP GA 58 59.20 -33.81 -0.31
N VAL GA 59 60.02 -33.42 0.65
CA VAL GA 59 60.51 -32.04 0.80
C VAL GA 59 61.63 -31.78 -0.20
N GLN GA 60 62.57 -32.72 -0.35
CA GLN GA 60 63.70 -32.59 -1.26
C GLN GA 60 63.26 -32.43 -2.73
N LYS GA 61 62.16 -33.06 -3.15
CA LYS GA 61 61.52 -32.82 -4.46
C LYS GA 61 61.16 -31.35 -4.66
N GLU GA 62 60.57 -30.71 -3.65
CA GLU GA 62 60.20 -29.29 -3.75
C GLU GA 62 61.43 -28.37 -3.70
N VAL GA 63 62.47 -28.71 -2.93
CA VAL GA 63 63.75 -27.98 -2.99
C VAL GA 63 64.35 -28.06 -4.39
N GLN GA 64 64.39 -29.24 -5.00
CA GLN GA 64 64.81 -29.41 -6.38
C GLN GA 64 63.98 -28.55 -7.34
N LYS GA 65 62.66 -28.58 -7.22
CA LYS GA 65 61.75 -27.78 -8.05
C LYS GA 65 62.00 -26.29 -7.90
N LYS GA 66 62.12 -25.76 -6.68
CA LYS GA 66 62.39 -24.33 -6.44
C LYS GA 66 63.77 -23.91 -6.91
N ALA GA 67 64.80 -24.71 -6.67
CA ALA GA 67 66.14 -24.44 -7.19
C ALA GA 67 66.14 -24.35 -8.72
N ALA GA 68 65.45 -25.27 -9.39
CA ALA GA 68 65.31 -25.22 -10.84
C ALA GA 68 64.56 -23.97 -11.31
N GLU GA 69 63.45 -23.59 -10.68
CA GLU GA 69 62.72 -22.35 -11.02
C GLU GA 69 63.61 -21.11 -10.91
N ARG GA 70 64.47 -21.04 -9.89
CA ARG GA 70 65.39 -19.92 -9.68
C ARG GA 70 66.53 -19.90 -10.69
N ILE GA 71 67.05 -21.07 -11.07
CA ILE GA 71 68.05 -21.16 -12.14
C ILE GA 71 67.43 -20.85 -13.51
N ALA GA 72 66.15 -21.19 -13.72
CA ALA GA 72 65.44 -20.80 -14.93
C ALA GA 72 65.26 -19.27 -15.01
N ALA GA 73 64.92 -18.61 -13.90
CA ALA GA 73 64.80 -17.15 -13.85
C ALA GA 73 66.14 -16.45 -14.13
N LEU GA 74 67.26 -16.99 -13.65
CA LEU GA 74 68.61 -16.47 -13.96
C LEU GA 74 68.92 -16.49 -15.46
N GLY GA 75 68.28 -17.39 -16.22
CA GLY GA 75 68.44 -17.50 -17.67
C GLY GA 75 69.60 -18.40 -18.10
N ASP GA 76 70.25 -18.05 -19.21
CA ASP GA 76 71.27 -18.87 -19.83
C ASP GA 76 72.48 -19.04 -18.89
N VAL GA 77 72.91 -20.29 -18.64
CA VAL GA 77 73.83 -20.66 -17.56
C VAL GA 77 74.62 -21.92 -17.91
N ILE GA 78 75.84 -22.06 -17.42
CA ILE GA 78 76.56 -23.33 -17.42
C ILE GA 78 76.28 -24.02 -16.09
N LEU GA 79 75.23 -24.82 -16.04
CA LEU GA 79 74.86 -25.62 -14.88
C LEU GA 79 75.73 -26.88 -14.79
N ASP GA 80 76.15 -27.25 -13.60
CA ASP GA 80 77.01 -28.39 -13.34
C ASP GA 80 76.36 -29.36 -12.34
N THR GA 81 76.20 -30.65 -12.73
CA THR GA 81 75.77 -31.74 -11.87
C THR GA 81 76.05 -33.11 -12.52
N HIS GA 82 76.04 -34.22 -11.77
CA HIS GA 82 76.11 -35.56 -12.36
C HIS GA 82 74.79 -35.96 -13.03
N CYS GA 83 74.86 -36.68 -14.17
CA CYS GA 83 73.68 -37.25 -14.80
C CYS GA 83 73.21 -38.55 -14.12
N THR GA 84 74.11 -39.42 -13.67
CA THR GA 84 73.78 -40.49 -12.72
C THR GA 84 74.83 -40.64 -11.62
N ILE GA 85 74.37 -40.86 -10.40
CA ILE GA 85 75.22 -40.99 -9.22
C ILE GA 85 75.20 -42.44 -8.77
N LYS GA 86 76.37 -43.09 -8.62
CA LYS GA 86 76.44 -44.46 -8.10
C LYS GA 86 76.23 -44.47 -6.59
N THR GA 87 75.32 -45.31 -6.11
CA THR GA 87 74.95 -45.46 -4.68
C THR GA 87 74.90 -46.93 -4.28
N PRO GA 88 74.84 -47.30 -2.98
CA PRO GA 88 74.71 -48.69 -2.56
C PRO GA 88 73.54 -49.45 -3.20
N LYS GA 89 72.42 -48.77 -3.46
CA LYS GA 89 71.25 -49.33 -4.16
C LYS GA 89 71.31 -49.16 -5.69
N GLY GA 90 72.48 -48.91 -6.26
CA GLY GA 90 72.70 -48.75 -7.71
C GLY GA 90 72.71 -47.29 -8.18
N TYR GA 91 72.52 -47.08 -9.48
CA TYR GA 91 72.54 -45.76 -10.12
C TYR GA 91 71.30 -44.95 -9.78
N LEU GA 92 71.48 -43.71 -9.33
CA LEU GA 92 70.41 -42.74 -9.10
C LEU GA 92 70.40 -41.72 -10.24
N PRO GA 93 69.25 -41.41 -10.87
CA PRO GA 93 69.17 -40.41 -11.91
C PRO GA 93 69.31 -39.00 -11.32
N GLY GA 94 70.25 -38.21 -11.83
CA GLY GA 94 70.60 -36.91 -11.29
C GLY GA 94 69.63 -35.78 -11.62
N LEU GA 95 68.87 -35.90 -12.72
CA LEU GA 95 67.87 -34.92 -13.15
C LEU GA 95 66.47 -35.55 -13.27
N PRO GA 96 65.70 -35.63 -12.20
CA PRO GA 96 64.31 -36.05 -12.29
C PRO GA 96 63.49 -35.14 -13.19
N ARG GA 97 62.38 -35.65 -13.74
CA ARG GA 97 61.48 -34.90 -14.62
C ARG GA 97 60.99 -33.57 -14.03
N TRP GA 98 60.70 -33.51 -12.73
CA TRP GA 98 60.26 -32.26 -12.09
C TRP GA 98 61.34 -31.17 -12.06
N VAL GA 99 62.62 -31.51 -12.13
CA VAL GA 99 63.69 -30.53 -12.40
C VAL GA 99 63.70 -30.15 -13.87
N LEU GA 100 63.74 -31.15 -14.73
CA LEU GA 100 64.00 -31.00 -16.15
C LEU GA 100 62.94 -30.15 -16.87
N GLU GA 101 61.67 -30.28 -16.48
CA GLU GA 101 60.57 -29.45 -17.00
C GLU GA 101 60.65 -27.97 -16.59
N LYS GA 102 61.41 -27.63 -15.54
CA LYS GA 102 61.64 -26.25 -15.09
C LYS GA 102 62.87 -25.64 -15.75
N LEU GA 103 64.00 -26.36 -15.79
CA LEU GA 103 65.22 -25.87 -16.45
C LEU GA 103 65.05 -25.72 -17.97
N ARG GA 104 64.39 -26.70 -18.61
CA ARG GA 104 64.24 -26.79 -20.07
C ARG GA 104 65.57 -26.62 -20.82
N PRO GA 105 66.59 -27.44 -20.56
CA PRO GA 105 67.92 -27.27 -21.15
C PRO GA 105 67.89 -27.24 -22.68
N SER GA 106 68.77 -26.45 -23.30
CA SER GA 106 69.01 -26.53 -24.75
C SER GA 106 70.04 -27.60 -25.10
N VAL GA 107 71.03 -27.84 -24.23
CA VAL GA 107 72.07 -28.83 -24.45
C VAL GA 107 72.40 -29.56 -23.16
N ILE GA 108 72.58 -30.88 -23.25
CA ILE GA 108 73.24 -31.70 -22.26
C ILE GA 108 74.60 -32.08 -22.83
N LEU GA 109 75.67 -31.81 -22.10
CA LEU GA 109 77.03 -32.14 -22.51
C LEU GA 109 77.54 -33.27 -21.62
N LEU GA 110 77.99 -34.35 -22.25
CA LEU GA 110 78.48 -35.54 -21.58
C LEU GA 110 79.98 -35.73 -21.87
N VAL GA 111 80.81 -35.74 -20.83
CA VAL GA 111 82.28 -35.84 -20.96
C VAL GA 111 82.70 -37.29 -20.78
N GLU GA 112 83.55 -37.81 -21.67
CA GLU GA 112 84.00 -39.19 -21.69
C GLU GA 112 85.52 -39.33 -21.86
N ALA GA 113 86.07 -40.42 -21.33
CA ALA GA 113 87.45 -40.85 -21.52
C ALA GA 113 87.51 -42.39 -21.48
N ASP GA 114 88.61 -43.00 -21.91
CA ASP GA 114 88.68 -44.47 -21.89
C ASP GA 114 88.62 -45.03 -20.46
N PRO GA 115 87.89 -46.13 -20.19
CA PRO GA 115 87.88 -46.77 -18.89
C PRO GA 115 89.27 -47.03 -18.30
N LYS GA 116 90.27 -47.37 -19.12
CA LYS GA 116 91.65 -47.58 -18.67
C LYS GA 116 92.33 -46.28 -18.25
N GLU GA 117 92.08 -45.18 -18.97
CA GLU GA 117 92.55 -43.85 -18.56
C GLU GA 117 91.95 -43.47 -17.20
N ILE GA 118 90.63 -43.61 -17.08
CA ILE GA 118 89.89 -43.29 -15.85
C ILE GA 118 90.38 -44.15 -14.69
N TYR GA 119 90.57 -45.45 -14.92
CA TYR GA 119 91.11 -46.35 -13.91
C TYR GA 119 92.52 -45.93 -13.49
N GLY GA 120 93.37 -45.53 -14.43
CA GLY GA 120 94.69 -44.97 -14.14
C GLY GA 120 94.61 -43.73 -13.24
N ARG GA 121 93.76 -42.76 -13.59
CA ARG GA 121 93.55 -41.55 -12.78
C ARG GA 121 93.03 -41.89 -11.37
N ARG GA 122 92.06 -42.80 -11.28
CA ARG GA 122 91.50 -43.25 -10.00
C ARG GA 122 92.50 -44.02 -9.14
N LEU GA 123 93.39 -44.80 -9.74
CA LEU GA 123 94.46 -45.50 -9.03
C LEU GA 123 95.53 -44.53 -8.51
N LYS GA 124 95.83 -43.46 -9.26
CA LYS GA 124 96.79 -42.42 -8.87
C LYS GA 124 96.24 -41.40 -7.87
N ASP GA 125 94.92 -41.34 -7.68
CA ASP GA 125 94.29 -40.51 -6.65
C ASP GA 125 94.49 -41.10 -5.24
N ASP GA 133 86.35 -49.16 -8.56
CA ASP GA 133 85.54 -49.87 -9.55
C ASP GA 133 86.45 -50.51 -10.62
N SER GA 134 86.06 -51.66 -11.16
CA SER GA 134 86.72 -52.23 -12.34
C SER GA 134 86.50 -51.39 -13.60
N GLU GA 135 87.34 -51.60 -14.61
CA GLU GA 135 87.13 -51.01 -15.93
C GLU GA 135 85.80 -51.43 -16.55
N GLU GA 136 85.30 -52.62 -16.22
CA GLU GA 136 83.97 -53.09 -16.63
C GLU GA 136 82.88 -52.24 -15.98
N GLU GA 137 82.97 -51.99 -14.68
CA GLU GA 137 82.01 -51.13 -13.98
C GLU GA 137 82.09 -49.66 -14.41
N ILE GA 138 83.28 -49.17 -14.77
CA ILE GA 138 83.44 -47.84 -15.37
C ILE GA 138 82.73 -47.79 -16.73
N ALA GA 139 82.98 -48.77 -17.61
CA ALA GA 139 82.34 -48.82 -18.91
C ALA GA 139 80.81 -48.96 -18.79
N GLU GA 140 80.33 -49.73 -17.82
CA GLU GA 140 78.91 -49.81 -17.50
C GLU GA 140 78.35 -48.45 -17.07
N HIS GA 141 78.99 -47.75 -16.12
CA HIS GA 141 78.51 -46.45 -15.67
C HIS GA 141 78.43 -45.43 -16.81
N GLN GA 142 79.43 -45.41 -17.70
CA GLN GA 142 79.37 -44.58 -18.91
C GLN GA 142 78.17 -44.94 -19.80
N MET GA 143 77.96 -46.22 -20.09
CA MET GA 143 76.82 -46.64 -20.89
C MET GA 143 75.50 -46.24 -20.24
N MET GA 144 75.38 -46.37 -18.92
CA MET GA 144 74.18 -45.91 -18.21
C MET GA 144 74.02 -44.39 -18.32
N ASN GA 145 75.09 -43.60 -18.31
CA ASN GA 145 74.97 -42.16 -18.53
C ASN GA 145 74.45 -41.84 -19.93
N ARG GA 146 74.90 -42.53 -20.98
CA ARG GA 146 74.39 -42.29 -22.34
C ARG GA 146 72.88 -42.52 -22.41
N ALA GA 147 72.40 -43.61 -21.84
CA ALA GA 147 70.98 -43.89 -21.78
C ALA GA 147 70.22 -42.81 -21.01
N ALA GA 148 70.74 -42.38 -19.85
CA ALA GA 148 70.12 -41.33 -19.05
C ALA GA 148 70.06 -40.00 -19.79
N ALA GA 149 71.15 -39.59 -20.43
CA ALA GA 149 71.20 -38.35 -21.19
C ALA GA 149 70.14 -38.33 -22.30
N MET GA 150 70.07 -39.40 -23.09
CA MET GA 150 69.11 -39.46 -24.19
C MET GA 150 67.67 -39.56 -23.70
N ALA GA 151 67.43 -40.19 -22.55
CA ALA GA 151 66.12 -40.15 -21.92
C ALA GA 151 65.74 -38.71 -21.53
N TYR GA 152 66.63 -37.94 -20.90
CA TYR GA 152 66.39 -36.52 -20.62
C TYR GA 152 66.16 -35.71 -21.89
N ALA GA 153 66.90 -36.00 -22.95
CA ALA GA 153 66.72 -35.33 -24.22
C ALA GA 153 65.27 -35.50 -24.73
N SER GA 154 64.78 -36.74 -24.78
CA SER GA 154 63.43 -37.03 -25.25
C SER GA 154 62.33 -36.35 -24.42
N LEU GA 155 62.56 -36.12 -23.13
CA LEU GA 155 61.61 -35.45 -22.24
C LEU GA 155 61.55 -33.93 -22.42
N SER GA 156 62.51 -33.32 -23.12
CA SER GA 156 62.77 -31.88 -23.02
C SER GA 156 63.09 -31.17 -24.33
N GLY GA 157 63.45 -31.90 -25.38
CA GLY GA 157 63.99 -31.33 -26.61
C GLY GA 157 65.46 -30.89 -26.50
N ALA GA 158 66.15 -31.16 -25.39
CA ALA GA 158 67.56 -30.83 -25.25
C ALA GA 158 68.43 -31.61 -26.25
N THR GA 159 69.40 -30.94 -26.86
CA THR GA 159 70.42 -31.59 -27.70
C THR GA 159 71.39 -32.36 -26.81
N VAL GA 160 72.02 -33.45 -27.28
CA VAL GA 160 73.05 -34.17 -26.52
C VAL GA 160 74.39 -34.15 -27.24
N LYS GA 161 75.44 -33.66 -26.60
CA LYS GA 161 76.81 -33.60 -27.15
C LYS GA 161 77.73 -34.49 -26.32
N ILE GA 162 78.54 -35.34 -26.96
CA ILE GA 162 79.57 -36.13 -26.27
C ILE GA 162 80.95 -35.52 -26.55
N VAL GA 163 81.78 -35.35 -25.52
CA VAL GA 163 83.14 -34.79 -25.62
C VAL GA 163 84.18 -35.75 -25.06
N PHE GA 164 85.14 -36.17 -25.88
CA PHE GA 164 86.29 -36.94 -25.40
C PHE GA 164 87.31 -36.05 -24.67
N ASN GA 165 87.88 -36.55 -23.58
CA ASN GA 165 88.89 -35.88 -22.77
C ASN GA 165 90.03 -36.82 -22.38
N HIS GA 166 90.69 -37.39 -23.38
CA HIS GA 166 91.86 -38.25 -23.21
C HIS GA 166 93.01 -37.52 -22.48
N ASP GA 167 93.84 -38.25 -21.74
CA ASP GA 167 94.75 -37.71 -20.71
C ASP GA 167 95.57 -36.49 -21.17
N ASN GA 168 96.29 -36.59 -22.29
CA ASN GA 168 97.16 -35.53 -22.78
C ASN GA 168 96.43 -34.45 -23.59
N ARG GA 169 95.18 -34.71 -23.98
CA ARG GA 169 94.51 -34.07 -25.13
C ARG GA 169 93.43 -33.07 -24.73
N LEU GA 170 93.65 -32.33 -23.65
CA LEU GA 170 92.72 -31.32 -23.15
C LEU GA 170 92.32 -30.30 -24.23
N ASP GA 171 93.22 -29.95 -25.15
CA ASP GA 171 92.89 -29.06 -26.27
C ASP GA 171 91.80 -29.63 -27.19
N ASP GA 172 91.75 -30.94 -27.41
CA ASP GA 172 90.64 -31.57 -28.16
C ASP GA 172 89.32 -31.43 -27.40
N ALA GA 173 89.32 -31.69 -26.09
CA ALA GA 173 88.12 -31.54 -25.27
C ALA GA 173 87.60 -30.09 -25.29
N VAL GA 174 88.49 -29.11 -25.13
CA VAL GA 174 88.11 -27.69 -25.13
C VAL GA 174 87.67 -27.23 -26.52
N ARG GA 175 88.33 -27.69 -27.59
CA ARG GA 175 87.93 -27.42 -28.97
C ARG GA 175 86.56 -27.99 -29.31
N ASP GA 176 86.20 -29.16 -28.79
CA ASP GA 176 84.85 -29.70 -28.93
C ASP GA 176 83.83 -28.99 -28.03
N ALA GA 177 84.20 -28.56 -26.83
CA ALA GA 177 83.27 -27.93 -25.89
C ALA GA 177 82.89 -26.49 -26.29
N ALA GA 178 83.86 -25.66 -26.71
CA ALA GA 178 83.61 -24.25 -26.99
C ALA GA 178 82.50 -23.98 -28.04
N PRO GA 179 82.36 -24.73 -29.15
CA PRO GA 179 81.25 -24.63 -30.10
C PRO GA 179 79.83 -24.71 -29.52
N VAL GA 180 79.67 -25.30 -28.34
CA VAL GA 180 78.36 -25.45 -27.69
C VAL GA 180 77.86 -24.13 -27.10
N LEU GA 181 78.79 -23.26 -26.67
CA LEU GA 181 78.56 -22.08 -25.82
C LEU GA 181 78.04 -20.85 -26.59
N ILE HA 4 -74.69 -25.82 4.85
CA ILE HA 4 -76.15 -25.54 4.80
C ILE HA 4 -76.52 -24.66 5.98
N VAL HA 5 -77.43 -23.69 5.81
CA VAL HA 5 -77.96 -22.88 6.92
C VAL HA 5 -79.47 -23.03 6.97
N VAL HA 6 -80.05 -23.39 8.12
CA VAL HA 6 -81.50 -23.51 8.29
C VAL HA 6 -82.02 -22.37 9.15
N THR HA 7 -83.12 -21.74 8.74
CA THR HA 7 -83.63 -20.50 9.35
C THR HA 7 -85.16 -20.44 9.40
N GLY HA 8 -85.72 -19.65 10.32
CA GLY HA 8 -87.16 -19.48 10.47
C GLY HA 8 -87.57 -18.53 11.58
N ILE HA 9 -88.81 -18.06 11.53
CA ILE HA 9 -89.45 -17.23 12.55
C ILE HA 9 -89.80 -18.06 13.81
N PRO HA 10 -89.58 -17.58 15.04
CA PRO HA 10 -90.00 -18.27 16.25
C PRO HA 10 -91.49 -18.63 16.25
N GLY HA 11 -91.78 -19.92 16.40
CA GLY HA 11 -93.13 -20.51 16.28
C GLY HA 11 -93.35 -21.34 15.02
N VAL HA 12 -92.50 -21.22 14.00
CA VAL HA 12 -92.69 -21.95 12.72
C VAL HA 12 -92.38 -23.46 12.80
N GLY HA 13 -91.78 -23.92 13.89
CA GLY HA 13 -91.44 -25.34 14.09
C GLY HA 13 -90.11 -25.75 13.47
N LYS HA 14 -89.17 -24.81 13.31
CA LYS HA 14 -87.84 -25.00 12.71
C LYS HA 14 -87.14 -26.27 13.19
N THR HA 15 -87.06 -26.48 14.50
CA THR HA 15 -86.32 -27.61 15.07
C THR HA 15 -86.95 -28.95 14.68
N THR HA 16 -88.27 -29.06 14.70
CA THR HA 16 -88.96 -30.32 14.38
C THR HA 16 -88.69 -30.78 12.94
N VAL HA 17 -88.80 -29.87 11.96
CA VAL HA 17 -88.52 -30.21 10.55
C VAL HA 17 -87.05 -30.58 10.37
N MET HA 18 -86.12 -29.83 10.96
CA MET HA 18 -84.70 -30.15 10.92
C MET HA 18 -84.40 -31.52 11.55
N GLN HA 19 -84.97 -31.82 12.73
CA GLN HA 19 -84.75 -33.08 13.44
C GLN HA 19 -85.18 -34.30 12.61
N LYS HA 20 -86.36 -34.21 11.96
CA LYS HA 20 -86.87 -35.27 11.09
C LYS HA 20 -86.07 -35.38 9.78
N ALA HA 21 -85.75 -34.26 9.13
CA ALA HA 21 -85.03 -34.30 7.86
C ALA HA 21 -83.57 -34.75 8.00
N ALA HA 22 -82.89 -34.34 9.08
CA ALA HA 22 -81.51 -34.74 9.34
C ALA HA 22 -81.37 -36.19 9.85
N GLU HA 23 -82.46 -36.93 10.01
CA GLU HA 23 -82.44 -38.34 10.45
C GLU HA 23 -81.57 -39.21 9.52
N GLY HA 24 -80.60 -39.92 10.08
CA GLY HA 24 -79.63 -40.73 9.32
C GLY HA 24 -78.54 -39.95 8.58
N SER HA 25 -78.49 -38.62 8.70
CA SER HA 25 -77.43 -37.83 8.07
C SER HA 25 -76.08 -37.97 8.80
N PRO HA 26 -74.95 -38.03 8.09
CA PRO HA 26 -73.62 -37.92 8.69
C PRO HA 26 -73.25 -36.48 9.07
N LEU HA 27 -74.06 -35.46 8.75
CA LEU HA 27 -73.69 -34.06 8.96
C LEU HA 27 -73.71 -33.65 10.45
N PRO HA 28 -72.72 -32.89 10.95
CA PRO HA 28 -72.79 -32.27 12.26
C PRO HA 28 -73.92 -31.25 12.35
N ARG HA 29 -74.43 -31.06 13.57
CA ARG HA 29 -75.61 -30.23 13.88
C ARG HA 29 -75.18 -29.11 14.81
N VAL HA 30 -75.32 -27.85 14.40
CA VAL HA 30 -74.58 -26.76 15.06
C VAL HA 30 -75.44 -25.52 15.25
N PRO HA 31 -75.70 -25.05 16.48
CA PRO HA 31 -76.25 -23.72 16.74
C PRO HA 31 -75.14 -22.66 16.70
N LEU HA 32 -75.29 -21.61 15.87
CA LEU HA 32 -74.24 -20.60 15.71
C LEU HA 32 -74.00 -19.78 16.99
N GLU HA 33 -75.05 -19.46 17.72
CA GLU HA 33 -74.93 -18.70 18.97
C GLU HA 33 -74.18 -19.51 20.03
N GLY HA 34 -74.43 -20.84 20.04
CA GLY HA 34 -73.70 -21.80 20.84
C GLY HA 34 -72.21 -21.80 20.52
N VAL HA 35 -71.83 -21.90 19.24
CA VAL HA 35 -70.42 -21.83 18.84
C VAL HA 35 -69.81 -20.49 19.24
N MET HA 36 -70.51 -19.38 19.05
CA MET HA 36 -70.00 -18.07 19.44
C MET HA 36 -69.74 -17.99 20.95
N TYR HA 37 -70.67 -18.48 21.78
CA TYR HA 37 -70.46 -18.54 23.22
C TYR HA 37 -69.25 -19.40 23.56
N GLY HA 38 -69.14 -20.59 22.96
CA GLY HA 38 -68.01 -21.49 23.16
C GLY HA 38 -66.67 -20.84 22.77
N VAL HA 39 -66.61 -20.20 21.61
CA VAL HA 39 -65.40 -19.50 21.16
C VAL HA 39 -65.05 -18.35 22.11
N ALA HA 40 -66.02 -17.52 22.48
CA ALA HA 40 -65.77 -16.42 23.42
C ALA HA 40 -65.33 -16.92 24.81
N LYS HA 41 -65.96 -17.99 25.31
CA LYS HA 41 -65.65 -18.64 26.59
C LYS HA 41 -64.23 -19.22 26.58
N ARG HA 42 -63.82 -19.92 25.52
CA ARG HA 42 -62.48 -20.49 25.37
C ARG HA 42 -61.40 -19.44 25.06
N MET HA 43 -61.79 -18.30 24.51
CA MET HA 43 -60.96 -17.10 24.43
C MET HA 43 -60.93 -16.30 25.76
N GLY HA 44 -61.69 -16.71 26.78
CA GLY HA 44 -61.73 -16.06 28.10
C GLY HA 44 -62.50 -14.75 28.17
N LEU HA 45 -63.25 -14.39 27.12
CA LEU HA 45 -64.01 -13.14 27.02
C LEU HA 45 -65.26 -13.12 27.91
N VAL HA 46 -65.82 -14.30 28.18
CA VAL HA 46 -67.04 -14.53 28.97
C VAL HA 46 -66.91 -15.82 29.78
N LYS HA 47 -67.80 -15.99 30.76
CA LYS HA 47 -68.04 -17.26 31.46
C LYS HA 47 -69.50 -17.73 31.32
N ASP HA 48 -70.47 -16.83 31.16
CA ASP HA 48 -71.89 -17.16 31.13
C ASP HA 48 -72.62 -16.66 29.87
N ILE HA 49 -73.64 -17.40 29.42
CA ILE HA 49 -74.30 -17.21 28.12
C ILE HA 49 -74.94 -15.81 27.96
N ASP HA 50 -75.43 -15.21 29.05
CA ASP HA 50 -75.97 -13.85 29.05
C ASP HA 50 -74.91 -12.77 28.79
N GLU HA 51 -73.64 -13.03 29.08
CA GLU HA 51 -72.56 -12.05 28.91
C GLU HA 51 -72.28 -11.75 27.43
N MET HA 52 -72.69 -12.63 26.51
CA MET HA 52 -72.56 -12.42 25.07
C MET HA 52 -73.24 -11.13 24.61
N ARG HA 53 -74.35 -10.74 25.26
CA ARG HA 53 -75.07 -9.49 24.96
C ARG HA 53 -74.37 -8.23 25.48
N ARG HA 54 -73.38 -8.40 26.36
CA ARG HA 54 -72.62 -7.32 27.03
C ARG HA 54 -71.30 -7.00 26.33
N LEU HA 55 -70.84 -7.86 25.42
CA LEU HA 55 -69.61 -7.68 24.67
C LEU HA 55 -69.63 -6.40 23.82
N SER HA 56 -68.47 -5.77 23.65
CA SER HA 56 -68.30 -4.64 22.75
C SER HA 56 -68.58 -5.07 21.30
N PRO HA 57 -69.40 -4.36 20.52
CA PRO HA 57 -69.76 -4.75 19.15
C PRO HA 57 -68.57 -5.09 18.24
N ASP HA 58 -67.48 -4.33 18.32
CA ASP HA 58 -66.29 -4.58 17.48
C ASP HA 58 -65.44 -5.77 17.94
N VAL HA 59 -65.58 -6.22 19.19
CA VAL HA 59 -65.12 -7.55 19.62
C VAL HA 59 -66.06 -8.63 19.08
N GLN HA 60 -67.38 -8.40 19.17
CA GLN HA 60 -68.39 -9.34 18.73
C GLN HA 60 -68.29 -9.65 17.23
N LYS HA 61 -67.91 -8.69 16.38
CA LYS HA 61 -67.55 -8.94 14.97
C LYS HA 61 -66.43 -9.97 14.84
N GLU HA 62 -65.38 -9.86 15.64
CA GLU HA 62 -64.29 -10.83 15.61
C GLU HA 62 -64.71 -12.21 16.18
N VAL HA 63 -65.57 -12.25 17.20
CA VAL HA 63 -66.16 -13.51 17.67
C VAL HA 63 -66.98 -14.18 16.56
N GLN HA 64 -67.82 -13.43 15.85
CA GLN HA 64 -68.56 -13.93 14.69
C GLN HA 64 -67.62 -14.45 13.61
N LYS HA 65 -66.58 -13.69 13.27
CA LYS HA 65 -65.58 -14.07 12.27
C LYS HA 65 -64.86 -15.37 12.67
N LYS HA 66 -64.37 -15.49 13.90
CA LYS HA 66 -63.69 -16.69 14.38
C LYS HA 66 -64.61 -17.90 14.42
N ALA HA 67 -65.84 -17.76 14.93
CA ALA HA 67 -66.80 -18.84 14.92
C ALA HA 67 -67.07 -19.32 13.49
N ALA HA 68 -67.23 -18.40 12.54
CA ALA HA 68 -67.44 -18.77 11.15
C ALA HA 68 -66.23 -19.50 10.55
N GLU HA 69 -65.00 -19.03 10.78
CA GLU HA 69 -63.81 -19.73 10.32
C GLU HA 69 -63.74 -21.18 10.83
N ARG HA 70 -64.09 -21.40 12.10
CA ARG HA 70 -64.05 -22.73 12.71
C ARG HA 70 -65.17 -23.64 12.21
N ILE HA 71 -66.35 -23.10 11.94
CA ILE HA 71 -67.42 -23.85 11.29
C ILE HA 71 -67.09 -24.13 9.82
N ALA HA 72 -66.34 -23.26 9.15
CA ALA HA 72 -65.85 -23.53 7.80
C ALA HA 72 -64.82 -24.67 7.81
N ALA HA 73 -63.90 -24.69 8.77
CA ALA HA 73 -62.92 -25.76 8.93
C ALA HA 73 -63.58 -27.12 9.20
N LEU HA 74 -64.65 -27.16 10.00
CA LEU HA 74 -65.46 -28.36 10.24
C LEU HA 74 -66.04 -28.97 8.96
N GLY HA 75 -66.17 -28.17 7.89
CA GLY HA 75 -66.66 -28.62 6.59
C GLY HA 75 -68.19 -28.60 6.48
N ASP HA 76 -68.75 -29.56 5.78
CA ASP HA 76 -70.19 -29.59 5.50
C ASP HA 76 -70.98 -29.81 6.80
N VAL HA 77 -72.02 -29.01 7.03
CA VAL HA 77 -72.70 -28.87 8.33
C VAL HA 77 -74.14 -28.42 8.16
N ILE HA 78 -75.06 -28.83 9.04
CA ILE HA 78 -76.38 -28.20 9.17
C ILE HA 78 -76.28 -27.14 10.26
N LEU HA 79 -75.95 -25.91 9.87
CA LEU HA 79 -75.92 -24.78 10.79
C LEU HA 79 -77.33 -24.28 11.08
N ASP HA 80 -77.57 -23.86 12.32
CA ASP HA 80 -78.85 -23.34 12.79
C ASP HA 80 -78.68 -21.92 13.36
N THR HA 81 -79.43 -20.96 12.83
CA THR HA 81 -79.53 -19.59 13.35
C THR HA 81 -80.73 -18.84 12.74
N HIS HA 82 -81.15 -17.70 13.29
CA HIS HA 82 -82.17 -16.86 12.67
C HIS HA 82 -81.62 -16.06 11.49
N CYS HA 83 -82.40 -15.87 10.42
CA CYS HA 83 -82.04 -15.00 9.31
C CYS HA 83 -82.22 -13.51 9.66
N THR HA 84 -83.28 -13.15 10.39
CA THR HA 84 -83.40 -11.85 11.09
C THR HA 84 -84.00 -12.03 12.48
N ILE HA 85 -83.48 -11.28 13.44
CA ILE HA 85 -83.94 -11.34 14.83
C ILE HA 85 -84.75 -10.07 15.11
N LYS HA 86 -85.98 -10.18 15.61
CA LYS HA 86 -86.78 -9.01 15.97
C LYS HA 86 -86.31 -8.43 17.30
N THR HA 87 -86.09 -7.12 17.37
CA THR HA 87 -85.55 -6.41 18.54
C THR HA 87 -86.33 -5.10 18.78
N PRO HA 88 -86.17 -4.42 19.93
CA PRO HA 88 -86.84 -3.14 20.20
C PRO HA 88 -86.61 -2.07 19.13
N LYS HA 89 -85.39 -2.00 18.55
CA LYS HA 89 -85.05 -1.12 17.43
C LYS HA 89 -85.36 -1.72 16.05
N GLY HA 90 -86.22 -2.73 15.98
CA GLY HA 90 -86.61 -3.40 14.74
C GLY HA 90 -85.78 -4.64 14.41
N TYR HA 91 -85.80 -5.07 13.15
CA TYR HA 91 -85.14 -6.29 12.70
C TYR HA 91 -83.63 -6.14 12.62
N LEU HA 92 -82.90 -7.12 13.12
CA LEU HA 92 -81.46 -7.23 13.03
C LEU HA 92 -81.08 -8.36 12.06
N PRO HA 93 -80.25 -8.15 11.03
CA PRO HA 93 -79.74 -9.23 10.20
C PRO HA 93 -78.93 -10.23 11.01
N GLY HA 94 -79.32 -11.51 11.01
CA GLY HA 94 -78.65 -12.55 11.78
C GLY HA 94 -77.29 -12.97 11.20
N LEU HA 95 -77.03 -12.69 9.93
CA LEU HA 95 -75.82 -13.12 9.21
C LEU HA 95 -75.18 -11.95 8.45
N PRO HA 96 -74.37 -11.12 9.10
CA PRO HA 96 -73.64 -10.05 8.44
C PRO HA 96 -72.72 -10.55 7.33
N ARG HA 97 -72.35 -9.68 6.39
CA ARG HA 97 -71.44 -10.00 5.28
C ARG HA 97 -70.15 -10.70 5.71
N TRP HA 98 -69.51 -10.26 6.80
CA TRP HA 98 -68.28 -10.86 7.29
C TRP HA 98 -68.44 -12.31 7.78
N VAL HA 99 -69.65 -12.78 8.09
CA VAL HA 99 -69.92 -14.21 8.32
C VAL HA 99 -69.98 -14.97 7.00
N LEU HA 100 -70.74 -14.46 6.02
CA LEU HA 100 -70.92 -15.11 4.72
C LEU HA 100 -69.59 -15.29 3.97
N GLU HA 101 -68.69 -14.31 4.03
CA GLU HA 101 -67.38 -14.43 3.40
C GLU HA 101 -66.52 -15.56 3.99
N LYS HA 102 -66.79 -15.98 5.23
CA LYS HA 102 -66.12 -17.12 5.88
C LYS HA 102 -66.84 -18.44 5.67
N LEU HA 103 -68.15 -18.52 5.94
CA LEU HA 103 -68.91 -19.76 5.80
C LEU HA 103 -69.08 -20.19 4.33
N ARG HA 104 -69.30 -19.24 3.43
CA ARG HA 104 -69.60 -19.48 2.01
C ARG HA 104 -70.70 -20.53 1.81
N PRO HA 105 -71.92 -20.33 2.35
CA PRO HA 105 -72.98 -21.34 2.35
C PRO HA 105 -73.35 -21.83 0.96
N SER HA 106 -73.64 -23.12 0.81
CA SER HA 106 -74.19 -23.66 -0.43
C SER HA 106 -75.70 -23.48 -0.53
N VAL HA 107 -76.42 -23.54 0.58
CA VAL HA 107 -77.88 -23.36 0.63
C VAL HA 107 -78.28 -22.60 1.87
N ILE HA 108 -79.23 -21.67 1.72
CA ILE HA 108 -80.02 -21.10 2.81
C ILE HA 108 -81.40 -21.73 2.73
N LEU HA 109 -81.88 -22.33 3.81
CA LEU HA 109 -83.21 -22.92 3.88
C LEU HA 109 -84.07 -22.07 4.80
N LEU HA 110 -85.25 -21.71 4.31
CA LEU HA 110 -86.18 -20.82 4.99
C LEU HA 110 -87.49 -21.57 5.26
N VAL HA 111 -87.86 -21.74 6.53
CA VAL HA 111 -89.07 -22.46 6.91
C VAL HA 111 -90.22 -21.47 7.08
N GLU HA 112 -91.38 -21.76 6.49
CA GLU HA 112 -92.57 -20.91 6.54
C GLU HA 112 -93.83 -21.69 6.93
N ALA HA 113 -94.78 -21.01 7.57
CA ALA HA 113 -96.13 -21.48 7.83
C ALA HA 113 -97.09 -20.28 7.76
N ASP HA 114 -98.40 -20.50 7.68
CA ASP HA 114 -99.33 -19.38 7.59
C ASP HA 114 -99.30 -18.51 8.86
N PRO HA 115 -99.31 -17.17 8.78
CA PRO HA 115 -99.39 -16.29 9.93
C PRO HA 115 -100.49 -16.67 10.93
N LYS HA 116 -101.64 -17.16 10.46
CA LYS HA 116 -102.74 -17.61 11.33
C LYS HA 116 -102.37 -18.87 12.12
N GLU HA 117 -101.66 -19.81 11.52
CA GLU HA 117 -101.13 -20.99 12.22
C GLU HA 117 -100.11 -20.57 13.27
N ILE HA 118 -99.17 -19.69 12.91
CA ILE HA 118 -98.15 -19.20 13.82
C ILE HA 118 -98.78 -18.45 14.99
N TYR HA 119 -99.78 -17.62 14.73
CA TYR HA 119 -100.53 -16.94 15.79
C TYR HA 119 -101.22 -17.95 16.71
N GLY HA 120 -101.84 -18.99 16.16
CA GLY HA 120 -102.41 -20.09 16.94
C GLY HA 120 -101.37 -20.77 17.83
N ARG HA 121 -100.19 -21.11 17.30
CA ARG HA 121 -99.11 -21.73 18.07
C ARG HA 121 -98.61 -20.81 19.17
N ARG HA 122 -98.39 -19.53 18.87
CA ARG HA 122 -97.95 -18.52 19.84
C ARG HA 122 -99.01 -18.24 20.91
N LEU HA 123 -100.29 -18.32 20.57
CA LEU HA 123 -101.39 -18.19 21.53
C LEU HA 123 -101.50 -19.41 22.46
N LYS HA 124 -101.22 -20.61 21.95
CA LYS HA 124 -101.20 -21.87 22.73
C LYS HA 124 -99.95 -22.05 23.58
N ASP HA 125 -98.85 -21.37 23.25
CA ASP HA 125 -97.64 -21.32 24.08
C ASP HA 125 -97.86 -20.53 25.38
N ASP HA 133 -97.43 -10.64 18.71
CA ASP HA 133 -97.52 -9.92 17.44
C ASP HA 133 -98.86 -10.20 16.75
N SER HA 134 -99.39 -9.25 16.00
CA SER HA 134 -100.51 -9.51 15.09
C SER HA 134 -100.12 -10.43 13.93
N GLU HA 135 -101.10 -11.02 13.26
CA GLU HA 135 -100.88 -11.75 12.01
C GLU HA 135 -100.21 -10.87 10.94
N GLU HA 136 -100.50 -9.58 10.94
CA GLU HA 136 -99.87 -8.62 10.04
C GLU HA 136 -98.37 -8.44 10.33
N GLU HA 137 -98.00 -8.32 11.60
CA GLU HA 137 -96.60 -8.25 12.01
C GLU HA 137 -95.85 -9.56 11.76
N ILE HA 138 -96.53 -10.70 11.87
CA ILE HA 138 -95.97 -12.00 11.50
C ILE HA 138 -95.72 -12.05 9.98
N ALA HA 139 -96.71 -11.66 9.18
CA ALA HA 139 -96.58 -11.62 7.72
C ALA HA 139 -95.45 -10.67 7.28
N GLU HA 140 -95.30 -9.53 7.95
CA GLU HA 140 -94.20 -8.62 7.74
C GLU HA 140 -92.86 -9.28 8.07
N HIS HA 141 -92.70 -9.92 9.23
CA HIS HA 141 -91.43 -10.57 9.57
C HIS HA 141 -91.05 -11.64 8.56
N GLN HA 142 -92.01 -12.42 8.07
CA GLN HA 142 -91.75 -13.36 6.97
C GLN HA 142 -91.28 -12.65 5.69
N MET HA 143 -91.98 -11.60 5.27
CA MET HA 143 -91.56 -10.85 4.08
C MET HA 143 -90.15 -10.28 4.23
N MET HA 144 -89.83 -9.73 5.41
CA MET HA 144 -88.47 -9.25 5.66
C MET HA 144 -87.45 -10.39 5.64
N ASN HA 145 -87.81 -11.58 6.11
CA ASN HA 145 -86.91 -12.72 6.02
C ASN HA 145 -86.63 -13.11 4.57
N ARG HA 146 -87.64 -13.13 3.69
CA ARG HA 146 -87.40 -13.43 2.26
C ARG HA 146 -86.43 -12.44 1.63
N ALA HA 147 -86.61 -11.15 1.91
CA ALA HA 147 -85.69 -10.14 1.44
C ALA HA 147 -84.27 -10.36 1.97
N ALA HA 148 -84.13 -10.66 3.26
CA ALA HA 148 -82.83 -10.94 3.86
C ALA HA 148 -82.16 -12.18 3.24
N ALA HA 149 -82.90 -13.27 3.08
CA ALA HA 149 -82.36 -14.49 2.49
C ALA HA 149 -81.83 -14.26 1.08
N MET HA 150 -82.60 -13.57 0.23
CA MET HA 150 -82.17 -13.33 -1.14
C MET HA 150 -81.00 -12.33 -1.21
N ALA HA 151 -80.94 -11.36 -0.30
CA ALA HA 151 -79.76 -10.51 -0.17
C ALA HA 151 -78.52 -11.33 0.21
N TYR HA 152 -78.62 -12.21 1.20
CA TYR HA 152 -77.54 -13.13 1.59
C TYR HA 152 -77.09 -14.00 0.42
N ALA HA 153 -78.04 -14.51 -0.36
CA ALA HA 153 -77.75 -15.31 -1.54
C ALA HA 153 -76.89 -14.52 -2.53
N SER HA 154 -77.30 -13.31 -2.89
CA SER HA 154 -76.57 -12.49 -3.87
C SER HA 154 -75.14 -12.13 -3.44
N LEU HA 155 -74.87 -12.04 -2.14
CA LEU HA 155 -73.53 -11.80 -1.61
C LEU HA 155 -72.61 -13.02 -1.68
N SER HA 156 -73.17 -14.23 -1.78
CA SER HA 156 -72.46 -15.47 -1.47
C SER HA 156 -72.53 -16.55 -2.54
N GLY HA 157 -73.48 -16.47 -3.47
CA GLY HA 157 -73.78 -17.56 -4.42
C GLY HA 157 -74.59 -18.70 -3.80
N ALA HA 158 -75.08 -18.58 -2.58
CA ALA HA 158 -75.91 -19.61 -1.96
C ALA HA 158 -77.26 -19.77 -2.68
N THR HA 159 -77.73 -21.00 -2.81
CA THR HA 159 -79.10 -21.29 -3.26
C THR HA 159 -80.09 -20.93 -2.16
N VAL HA 160 -81.34 -20.60 -2.46
CA VAL HA 160 -82.38 -20.34 -1.43
C VAL HA 160 -83.57 -21.26 -1.60
N LYS HA 161 -83.92 -22.05 -0.59
CA LYS HA 161 -85.06 -22.97 -0.59
C LYS HA 161 -86.11 -22.53 0.43
N ILE HA 162 -87.38 -22.48 0.04
CA ILE HA 162 -88.50 -22.25 0.97
C ILE HA 162 -89.21 -23.58 1.25
N VAL HA 163 -89.50 -23.87 2.52
CA VAL HA 163 -90.20 -25.09 2.97
C VAL HA 163 -91.44 -24.75 3.78
N PHE HA 164 -92.62 -25.19 3.36
CA PHE HA 164 -93.84 -25.02 4.14
C PHE HA 164 -93.98 -26.05 5.26
N ASN HA 165 -94.46 -25.63 6.43
CA ASN HA 165 -94.65 -26.48 7.61
C ASN HA 165 -96.01 -26.25 8.29
N HIS HA 166 -97.09 -26.49 7.55
CA HIS HA 166 -98.46 -26.41 8.07
C HIS HA 166 -98.72 -27.41 9.22
N ASP HA 167 -99.60 -27.06 10.17
CA ASP HA 167 -99.72 -27.70 11.49
C ASP HA 167 -99.74 -29.24 11.48
N ASN HA 168 -100.67 -29.83 10.73
CA ASN HA 168 -100.84 -31.30 10.68
C ASN HA 168 -99.89 -32.01 9.73
N ARG HA 169 -99.18 -31.26 8.87
CA ARG HA 169 -98.58 -31.73 7.62
C ARG HA 169 -97.06 -31.79 7.67
N LEU HA 170 -96.49 -32.18 8.80
CA LEU HA 170 -95.04 -32.24 9.02
C LEU HA 170 -94.34 -33.08 7.94
N ASP HA 171 -94.96 -34.15 7.46
CA ASP HA 171 -94.38 -34.99 6.40
C ASP HA 171 -94.13 -34.22 5.10
N ASP HA 172 -94.96 -33.24 4.74
CA ASP HA 172 -94.70 -32.36 3.59
C ASP HA 172 -93.45 -31.52 3.81
N ALA HA 173 -93.27 -30.95 5.02
CA ALA HA 173 -92.08 -30.18 5.34
C ALA HA 173 -90.81 -31.03 5.25
N VAL HA 174 -90.84 -32.25 5.81
CA VAL HA 174 -89.70 -33.18 5.77
C VAL HA 174 -89.42 -33.65 4.35
N ARG HA 175 -90.45 -33.92 3.56
CA ARG HA 175 -90.31 -34.31 2.15
C ARG HA 175 -89.72 -33.21 1.28
N ASP HA 176 -90.03 -31.95 1.54
CA ASP HA 176 -89.38 -30.81 0.89
C ASP HA 176 -87.95 -30.58 1.40
N ALA HA 177 -87.67 -30.86 2.68
CA ALA HA 177 -86.35 -30.61 3.27
C ALA HA 177 -85.29 -31.65 2.84
N ALA HA 178 -85.63 -32.95 2.86
CA ALA HA 178 -84.64 -34.01 2.63
C ALA HA 178 -83.87 -33.94 1.29
N PRO HA 179 -84.47 -33.54 0.15
CA PRO HA 179 -83.77 -33.32 -1.12
C PRO HA 179 -82.60 -32.34 -1.07
N VAL HA 180 -82.55 -31.45 -0.08
CA VAL HA 180 -81.49 -30.44 0.05
C VAL HA 180 -80.18 -31.04 0.56
N LEU HA 181 -80.28 -32.10 1.38
CA LEU HA 181 -79.22 -32.65 2.24
C LEU HA 181 -78.23 -33.56 1.49
N ILE IA 4 -22.72 -5.21 75.67
CA ILE IA 4 -23.28 -6.03 76.78
C ILE IA 4 -24.73 -6.38 76.44
N VAL IA 5 -25.21 -7.59 76.74
CA VAL IA 5 -26.64 -7.94 76.65
C VAL IA 5 -27.16 -8.33 78.03
N VAL IA 6 -28.24 -7.73 78.49
CA VAL IA 6 -28.88 -8.08 79.78
C VAL IA 6 -30.19 -8.82 79.53
N THR IA 7 -30.41 -9.93 80.23
CA THR IA 7 -31.52 -10.86 79.96
C THR IA 7 -32.12 -11.44 81.24
N GLY IA 8 -33.38 -11.88 81.17
CA GLY IA 8 -34.10 -12.44 82.31
C GLY IA 8 -35.54 -12.84 82.00
N ILE IA 9 -36.08 -13.75 82.80
CA ILE IA 9 -37.46 -14.22 82.74
C ILE IA 9 -38.45 -13.14 83.25
N PRO IA 10 -39.60 -12.90 82.59
CA PRO IA 10 -40.60 -11.95 83.07
C PRO IA 10 -41.03 -12.22 84.53
N GLY IA 11 -40.87 -11.22 85.38
CA GLY IA 11 -41.06 -11.30 86.84
C GLY IA 11 -39.78 -11.34 87.67
N VAL IA 12 -38.60 -11.52 87.06
CA VAL IA 12 -37.32 -11.59 87.80
C VAL IA 12 -36.79 -10.22 88.26
N GLY IA 13 -37.35 -9.12 87.78
CA GLY IA 13 -36.94 -7.75 88.17
C GLY IA 13 -35.78 -7.19 87.36
N LYS IA 14 -35.60 -7.67 86.12
CA LYS IA 14 -34.53 -7.26 85.20
C LYS IA 14 -34.30 -5.76 85.14
N THR IA 15 -35.37 -4.98 84.96
CA THR IA 15 -35.26 -3.53 84.78
C THR IA 15 -34.69 -2.84 86.02
N THR IA 16 -35.09 -3.25 87.22
CA THR IA 16 -34.60 -2.66 88.47
C THR IA 16 -33.09 -2.84 88.62
N VAL IA 17 -32.58 -4.06 88.44
CA VAL IA 17 -31.13 -4.31 88.57
C VAL IA 17 -30.34 -3.59 87.50
N MET IA 18 -30.83 -3.56 86.26
CA MET IA 18 -30.20 -2.80 85.18
C MET IA 18 -30.16 -1.30 85.49
N GLN IA 19 -31.29 -0.69 85.87
CA GLN IA 19 -31.37 0.74 86.17
C GLN IA 19 -30.42 1.14 87.30
N LYS IA 20 -30.39 0.36 88.38
CA LYS IA 20 -29.51 0.62 89.52
C LYS IA 20 -28.03 0.39 89.20
N ALA IA 21 -27.66 -0.68 88.50
CA ALA IA 21 -26.26 -0.95 88.17
C ALA IA 21 -25.72 0.03 87.11
N ALA IA 22 -26.52 0.40 86.11
CA ALA IA 22 -26.15 1.35 85.07
C ALA IA 22 -26.06 2.81 85.56
N GLU IA 23 -26.40 3.10 86.82
CA GLU IA 23 -26.30 4.44 87.38
C GLU IA 23 -24.86 5.01 87.29
N GLY IA 24 -24.72 6.25 86.83
CA GLY IA 24 -23.43 6.89 86.57
C GLY IA 24 -22.65 6.36 85.34
N SER IA 25 -23.18 5.37 84.60
CA SER IA 25 -22.50 4.85 83.41
C SER IA 25 -22.62 5.81 82.22
N PRO IA 26 -21.58 5.98 81.39
CA PRO IA 26 -21.67 6.66 80.10
C PRO IA 26 -22.33 5.81 79.01
N LEU IA 27 -22.66 4.54 79.25
CA LEU IA 27 -23.16 3.65 78.22
C LEU IA 27 -24.62 3.97 77.82
N PRO IA 28 -24.96 3.97 76.51
CA PRO IA 28 -26.34 4.05 76.05
C PRO IA 28 -27.15 2.82 76.47
N ARG IA 29 -28.48 2.99 76.59
CA ARG IA 29 -29.44 1.98 77.04
C ARG IA 29 -30.44 1.70 75.92
N VAL IA 30 -30.61 0.45 75.51
CA VAL IA 30 -31.31 0.16 74.25
C VAL IA 30 -32.19 -1.08 74.37
N PRO IA 31 -33.52 -1.01 74.19
CA PRO IA 31 -34.36 -2.18 73.97
C PRO IA 31 -34.29 -2.62 72.50
N LEU IA 32 -33.96 -3.88 72.23
CA LEU IA 32 -33.76 -4.37 70.87
C LEU IA 32 -35.06 -4.37 70.04
N GLU IA 33 -36.19 -4.68 70.64
CA GLU IA 33 -37.49 -4.67 69.98
C GLU IA 33 -37.86 -3.25 69.54
N GLY IA 34 -37.53 -2.27 70.39
CA GLY IA 34 -37.63 -0.85 70.09
C GLY IA 34 -36.82 -0.46 68.87
N VAL IA 35 -35.54 -0.87 68.79
CA VAL IA 35 -34.71 -0.60 67.61
C VAL IA 35 -35.28 -1.28 66.37
N MET IA 36 -35.71 -2.54 66.46
CA MET IA 36 -36.31 -3.23 65.32
C MET IA 36 -37.56 -2.48 64.81
N TYR IA 37 -38.43 -2.05 65.71
CA TYR IA 37 -39.59 -1.23 65.35
C TYR IA 37 -39.16 0.05 64.67
N GLY IA 38 -38.20 0.78 65.24
CA GLY IA 38 -37.68 2.02 64.67
C GLY IA 38 -37.06 1.82 63.28
N VAL IA 39 -36.25 0.78 63.10
CA VAL IA 39 -35.65 0.47 61.80
C VAL IA 39 -36.73 0.10 60.78
N ALA IA 40 -37.67 -0.77 61.13
CA ALA IA 40 -38.76 -1.13 60.23
C ALA IA 40 -39.65 0.07 59.87
N LYS IA 41 -39.99 0.91 60.86
CA LYS IA 41 -40.76 2.15 60.71
C LYS IA 41 -40.07 3.13 59.76
N ARG IA 42 -38.76 3.32 59.90
CA ARG IA 42 -37.97 4.23 59.05
C ARG IA 42 -37.62 3.66 57.67
N MET IA 43 -37.60 2.34 57.53
CA MET IA 43 -37.65 1.67 56.23
C MET IA 43 -39.07 1.68 55.61
N GLY IA 44 -40.09 2.16 56.33
CA GLY IA 44 -41.48 2.28 55.85
C GLY IA 44 -42.28 0.97 55.88
N LEU IA 45 -41.75 -0.08 56.49
CA LEU IA 45 -42.33 -1.42 56.49
C LEU IA 45 -43.55 -1.57 57.42
N VAL IA 46 -43.63 -0.70 58.44
CA VAL IA 46 -44.70 -0.67 59.45
C VAL IA 46 -44.97 0.78 59.88
N LYS IA 47 -46.08 1.01 60.58
CA LYS IA 47 -46.38 2.24 61.32
C LYS IA 47 -46.63 1.98 62.81
N ASP IA 48 -47.14 0.82 63.19
CA ASP IA 48 -47.53 0.51 64.57
C ASP IA 48 -46.74 -0.68 65.17
N ILE IA 49 -46.44 -0.64 66.46
CA ILE IA 49 -45.59 -1.62 67.14
C ILE IA 49 -46.12 -3.06 67.03
N ASP IA 50 -47.44 -3.24 67.05
CA ASP IA 50 -48.06 -4.55 66.84
C ASP IA 50 -47.83 -5.14 65.44
N GLU IA 51 -47.59 -4.32 64.42
CA GLU IA 51 -47.31 -4.80 63.07
C GLU IA 51 -45.98 -5.55 62.96
N MET IA 52 -45.08 -5.41 63.93
CA MET IA 52 -43.84 -6.19 63.97
C MET IA 52 -44.10 -7.70 64.02
N ARG IA 53 -45.22 -8.13 64.61
CA ARG IA 53 -45.64 -9.54 64.64
C ARG IA 53 -46.28 -10.01 63.33
N ARG IA 54 -46.61 -9.07 62.43
CA ARG IA 54 -47.29 -9.33 61.14
C ARG IA 54 -46.35 -9.36 59.95
N LEU IA 55 -45.12 -8.85 60.10
CA LEU IA 55 -44.09 -8.92 59.07
C LEU IA 55 -43.78 -10.37 58.65
N SER IA 56 -43.43 -10.55 57.39
CA SER IA 56 -42.95 -11.84 56.89
C SER IA 56 -41.65 -12.26 57.59
N PRO IA 57 -41.50 -13.51 58.07
CA PRO IA 57 -40.29 -13.93 58.78
C PRO IA 57 -38.97 -13.63 58.08
N ASP IA 58 -38.87 -13.83 56.76
CA ASP IA 58 -37.63 -13.55 56.01
C ASP IA 58 -37.36 -12.04 55.80
N VAL IA 59 -38.37 -11.18 55.96
CA VAL IA 59 -38.18 -9.73 56.12
C VAL IA 59 -37.71 -9.42 57.54
N GLN IA 60 -38.32 -10.05 58.55
CA GLN IA 60 -37.98 -9.86 59.95
C GLN IA 60 -36.52 -10.25 60.27
N LYS IA 61 -35.98 -11.28 59.60
CA LYS IA 61 -34.54 -11.61 59.63
C LYS IA 61 -33.67 -10.43 59.19
N GLU IA 62 -34.01 -9.81 58.07
CA GLU IA 62 -33.25 -8.65 57.58
C GLU IA 62 -33.40 -7.43 58.50
N VAL IA 63 -34.57 -7.21 59.09
CA VAL IA 63 -34.76 -6.17 60.11
C VAL IA 63 -33.89 -6.44 61.34
N GLN IA 64 -33.82 -7.68 61.83
CA GLN IA 64 -32.91 -8.05 62.91
C GLN IA 64 -31.45 -7.78 62.53
N LYS IA 65 -31.04 -8.20 61.33
CA LYS IA 65 -29.70 -7.97 60.81
C LYS IA 65 -29.35 -6.48 60.76
N LYS IA 66 -30.23 -5.65 60.19
CA LYS IA 66 -30.01 -4.19 60.11
C LYS IA 66 -30.02 -3.52 61.47
N ALA IA 67 -30.93 -3.89 62.37
CA ALA IA 67 -30.94 -3.39 63.73
C ALA IA 67 -29.61 -3.71 64.45
N ALA IA 68 -29.13 -4.93 64.33
CA ALA IA 68 -27.85 -5.32 64.92
C ALA IA 68 -26.67 -4.55 64.31
N GLU IA 69 -26.62 -4.35 62.98
CA GLU IA 69 -25.57 -3.54 62.36
C GLU IA 69 -25.53 -2.12 62.94
N ARG IA 70 -26.69 -1.49 63.11
CA ARG IA 70 -26.79 -0.13 63.64
C ARG IA 70 -26.42 -0.06 65.12
N ILE IA 71 -26.76 -1.08 65.91
CA ILE IA 71 -26.33 -1.16 67.30
C ILE IA 71 -24.82 -1.47 67.41
N ALA IA 72 -24.25 -2.22 66.46
CA ALA IA 72 -22.81 -2.43 66.39
C ALA IA 72 -22.06 -1.12 66.08
N ALA IA 73 -22.58 -0.30 65.15
CA ALA IA 73 -22.01 1.00 64.84
C ALA IA 73 -22.07 1.99 66.03
N LEU IA 74 -23.12 1.94 66.85
CA LEU IA 74 -23.22 2.72 68.09
C LEU IA 74 -22.12 2.36 69.10
N GLY IA 75 -21.57 1.15 69.02
CA GLY IA 75 -20.50 0.68 69.90
C GLY IA 75 -20.96 0.15 71.24
N ASP IA 76 -20.18 0.39 72.30
CA ASP IA 76 -20.40 -0.20 73.62
C ASP IA 76 -21.75 0.27 74.20
N VAL IA 77 -22.60 -0.67 74.59
CA VAL IA 77 -24.03 -0.43 74.88
C VAL IA 77 -24.58 -1.42 75.89
N ILE IA 78 -25.56 -1.04 76.71
CA ILE IA 78 -26.32 -1.97 77.53
C ILE IA 78 -27.59 -2.33 76.76
N LEU IA 79 -27.52 -3.35 75.91
CA LEU IA 79 -28.65 -3.84 75.14
C LEU IA 79 -29.57 -4.69 76.02
N ASP IA 80 -30.87 -4.57 75.81
CA ASP IA 80 -31.90 -5.28 76.57
C ASP IA 80 -32.83 -6.08 75.63
N THR IA 81 -32.95 -7.38 75.88
CA THR IA 81 -33.93 -8.27 75.24
C THR IA 81 -34.07 -9.59 76.02
N HIS IA 82 -35.10 -10.39 75.78
CA HIS IA 82 -35.20 -11.73 76.36
C HIS IA 82 -34.23 -12.72 75.68
N CYS IA 83 -33.63 -13.63 76.44
CA CYS IA 83 -32.78 -14.70 75.88
C CYS IA 83 -33.62 -15.82 75.25
N THR IA 84 -34.73 -16.23 75.85
CA THR IA 84 -35.78 -17.02 75.20
C THR IA 84 -37.17 -16.50 75.57
N ILE IA 85 -38.07 -16.49 74.59
CA ILE IA 85 -39.44 -16.01 74.75
C ILE IA 85 -40.36 -17.23 74.77
N LYS IA 86 -41.22 -17.37 75.78
CA LYS IA 86 -42.20 -18.47 75.80
C LYS IA 86 -43.39 -18.14 74.88
N THR IA 87 -43.79 -19.09 74.06
CA THR IA 87 -44.86 -18.92 73.04
C THR IA 87 -45.78 -20.16 73.02
N PRO IA 88 -46.96 -20.13 72.36
CA PRO IA 88 -47.83 -21.30 72.23
C PRO IA 88 -47.14 -22.55 71.68
N LYS IA 89 -46.16 -22.39 70.77
CA LYS IA 89 -45.36 -23.48 70.21
C LYS IA 89 -44.06 -23.76 70.99
N GLY IA 90 -43.95 -23.29 72.23
CA GLY IA 90 -42.78 -23.50 73.10
C GLY IA 90 -41.81 -22.31 73.12
N TYR IA 91 -40.58 -22.54 73.55
CA TYR IA 91 -39.54 -21.50 73.68
C TYR IA 91 -39.00 -21.06 72.33
N LEU IA 92 -38.85 -19.76 72.12
CA LEU IA 92 -38.24 -19.16 70.94
C LEU IA 92 -36.90 -18.51 71.32
N PRO IA 93 -35.78 -18.84 70.68
CA PRO IA 93 -34.51 -18.15 70.87
C PRO IA 93 -34.62 -16.66 70.55
N GLY IA 94 -34.32 -15.78 71.51
CA GLY IA 94 -34.38 -14.34 71.35
C GLY IA 94 -33.26 -13.75 70.49
N LEU IA 95 -32.13 -14.45 70.34
CA LEU IA 95 -30.94 -13.97 69.62
C LEU IA 95 -30.44 -15.02 68.63
N PRO IA 96 -31.00 -15.08 67.40
CA PRO IA 96 -30.50 -15.96 66.36
C PRO IA 96 -29.04 -15.69 66.01
N ARG IA 97 -28.36 -16.67 65.39
CA ARG IA 97 -26.97 -16.54 64.96
C ARG IA 97 -26.69 -15.30 64.10
N TRP IA 98 -27.59 -14.92 63.19
CA TRP IA 98 -27.41 -13.72 62.36
C TRP IA 98 -27.39 -12.41 63.16
N VAL IA 99 -27.96 -12.36 64.35
CA VAL IA 99 -27.80 -11.22 65.26
C VAL IA 99 -26.41 -11.21 65.89
N LEU IA 100 -25.96 -12.36 66.42
CA LEU IA 100 -24.66 -12.48 67.10
C LEU IA 100 -23.48 -12.17 66.18
N GLU IA 101 -23.52 -12.62 64.92
CA GLU IA 101 -22.47 -12.32 63.94
C GLU IA 101 -22.29 -10.81 63.69
N LYS IA 102 -23.34 -10.01 63.91
CA LYS IA 102 -23.31 -8.55 63.82
C LYS IA 102 -22.95 -7.88 65.15
N LEU IA 103 -23.65 -8.21 66.25
CA LEU IA 103 -23.41 -7.57 67.55
C LEU IA 103 -22.06 -7.93 68.17
N ARG IA 104 -21.65 -9.19 68.06
CA ARG IA 104 -20.45 -9.76 68.69
C ARG IA 104 -20.34 -9.41 70.20
N PRO IA 105 -21.34 -9.78 71.03
CA PRO IA 105 -21.38 -9.38 72.43
C PRO IA 105 -20.12 -9.75 73.21
N SER IA 106 -19.63 -8.86 74.06
CA SER IA 106 -18.56 -9.21 75.00
C SER IA 106 -19.08 -9.97 76.21
N VAL IA 107 -20.29 -9.68 76.68
CA VAL IA 107 -20.92 -10.34 77.83
C VAL IA 107 -22.39 -10.57 77.59
N ILE IA 108 -22.90 -11.72 77.99
CA ILE IA 108 -24.31 -11.98 78.22
C ILE IA 108 -24.54 -12.02 79.73
N LEU IA 109 -25.44 -11.22 80.26
CA LEU IA 109 -25.80 -11.23 81.67
C LEU IA 109 -27.18 -11.83 81.83
N LEU IA 110 -27.31 -12.80 82.72
CA LEU IA 110 -28.54 -13.53 82.98
C LEU IA 110 -28.97 -13.31 84.43
N VAL IA 111 -30.17 -12.75 84.63
CA VAL IA 111 -30.71 -12.48 85.97
C VAL IA 111 -31.60 -13.64 86.42
N GLU IA 112 -31.44 -14.10 87.65
CA GLU IA 112 -32.22 -15.21 88.21
C GLU IA 112 -32.72 -14.89 89.63
N ALA IA 113 -33.82 -15.54 90.02
CA ALA IA 113 -34.39 -15.53 91.36
C ALA IA 113 -35.06 -16.90 91.61
N ASP IA 114 -35.38 -17.25 92.84
CA ASP IA 114 -36.00 -18.56 93.10
C ASP IA 114 -37.38 -18.67 92.43
N PRO IA 115 -37.74 -19.81 91.80
CA PRO IA 115 -39.07 -20.01 91.22
C PRO IA 115 -40.23 -19.65 92.16
N LYS IA 116 -40.09 -19.89 93.47
CA LYS IA 116 -41.10 -19.53 94.46
C LYS IA 116 -41.24 -18.02 94.65
N GLU IA 117 -40.12 -17.28 94.61
CA GLU IA 117 -40.15 -15.82 94.61
C GLU IA 117 -40.86 -15.29 93.36
N ILE IA 118 -40.48 -15.81 92.19
CA ILE IA 118 -41.07 -15.38 90.91
C ILE IA 118 -42.56 -15.69 90.89
N TYR IA 119 -42.96 -16.89 91.34
CA TYR IA 119 -44.37 -17.24 91.46
C TYR IA 119 -45.11 -16.28 92.38
N GLY IA 120 -44.54 -15.93 93.53
CA GLY IA 120 -45.08 -14.93 94.44
C GLY IA 120 -45.26 -13.56 93.76
N ARG IA 121 -44.24 -13.06 93.06
CA ARG IA 121 -44.33 -11.78 92.32
C ARG IA 121 -45.39 -11.82 91.23
N ARG IA 122 -45.44 -12.90 90.46
CA ARG IA 122 -46.44 -13.10 89.39
C ARG IA 122 -47.86 -13.21 89.94
N LEU IA 123 -48.04 -13.83 91.09
CA LEU IA 123 -49.34 -13.91 91.76
C LEU IA 123 -49.80 -12.55 92.32
N LYS IA 124 -48.87 -11.72 92.80
CA LYS IA 124 -49.15 -10.36 93.29
C LYS IA 124 -49.39 -9.33 92.19
N ASP IA 125 -48.94 -9.60 90.97
CA ASP IA 125 -49.25 -8.80 89.77
C ASP IA 125 -50.73 -8.95 89.35
N ASP IA 133 -47.70 -19.83 85.18
CA ASP IA 133 -46.85 -21.02 85.11
C ASP IA 133 -46.64 -21.61 86.51
N SER IA 134 -46.54 -22.93 86.64
CA SER IA 134 -46.12 -23.57 87.87
C SER IA 134 -44.66 -23.23 88.22
N GLU IA 135 -44.26 -23.45 89.46
CA GLU IA 135 -42.84 -23.34 89.85
C GLU IA 135 -41.96 -24.31 89.04
N GLU IA 136 -42.49 -25.46 88.63
CA GLU IA 136 -41.77 -26.38 87.76
C GLU IA 136 -41.57 -25.79 86.36
N GLU IA 137 -42.58 -25.17 85.76
CA GLU IA 137 -42.45 -24.49 84.47
C GLU IA 137 -41.55 -23.25 84.55
N ILE IA 138 -41.51 -22.56 85.69
CA ILE IA 138 -40.56 -21.47 85.91
C ILE IA 138 -39.13 -22.04 85.97
N ALA IA 139 -38.89 -23.09 86.75
CA ALA IA 139 -37.58 -23.73 86.83
C ALA IA 139 -37.12 -24.29 85.48
N GLU IA 140 -38.04 -24.84 84.69
CA GLU IA 140 -37.78 -25.26 83.32
C GLU IA 140 -37.34 -24.06 82.46
N HIS IA 141 -38.07 -22.95 82.48
CA HIS IA 141 -37.70 -21.80 81.66
C HIS IA 141 -36.33 -21.25 82.05
N GLN IA 142 -36.00 -21.22 83.34
CA GLN IA 142 -34.65 -20.84 83.78
C GLN IA 142 -33.58 -21.80 83.24
N MET IA 143 -33.78 -23.11 83.36
CA MET IA 143 -32.82 -24.08 82.83
C MET IA 143 -32.63 -23.92 81.32
N MET IA 144 -33.72 -23.75 80.58
CA MET IA 144 -33.62 -23.50 79.14
C MET IA 144 -32.89 -22.19 78.84
N ASN IA 145 -33.03 -21.15 79.67
CA ASN IA 145 -32.27 -19.93 79.47
C ASN IA 145 -30.77 -20.16 79.68
N ARG IA 146 -30.34 -20.92 80.69
CA ARG IA 146 -28.90 -21.21 80.86
C ARG IA 146 -28.32 -21.92 79.65
N ALA IA 147 -29.03 -22.92 79.14
CA ALA IA 147 -28.63 -23.63 77.94
C ALA IA 147 -28.55 -22.67 76.73
N ALA IA 148 -29.54 -21.80 76.55
CA ALA IA 148 -29.52 -20.83 75.47
C ALA IA 148 -28.35 -19.85 75.60
N ALA IA 149 -28.10 -19.31 76.78
CA ALA IA 149 -27.02 -18.37 77.01
C ALA IA 149 -25.66 -18.99 76.67
N MET IA 150 -25.41 -20.21 77.14
CA MET IA 150 -24.13 -20.86 76.86
C MET IA 150 -23.99 -21.26 75.38
N ALA IA 151 -25.09 -21.59 74.70
CA ALA IA 151 -25.05 -21.77 73.26
C ALA IA 151 -24.67 -20.46 72.54
N TYR IA 152 -25.31 -19.34 72.90
CA TYR IA 152 -24.97 -18.01 72.36
C TYR IA 152 -23.49 -17.67 72.63
N ALA IA 153 -22.98 -17.98 73.81
CA ALA IA 153 -21.60 -17.76 74.16
C ALA IA 153 -20.65 -18.52 73.21
N SER IA 154 -20.88 -19.81 73.00
CA SER IA 154 -20.03 -20.64 72.15
C SER IA 154 -19.96 -20.16 70.69
N LEU IA 155 -21.02 -19.51 70.20
CA LEU IA 155 -21.06 -18.94 68.85
C LEU IA 155 -20.27 -17.64 68.71
N SER IA 156 -19.94 -16.96 69.80
CA SER IA 156 -19.57 -15.54 69.79
C SER IA 156 -18.33 -15.17 70.60
N GLY IA 157 -17.91 -16.02 71.54
CA GLY IA 157 -16.87 -15.69 72.51
C GLY IA 157 -17.33 -14.77 73.64
N ALA IA 158 -18.63 -14.51 73.77
CA ALA IA 158 -19.16 -13.75 74.89
C ALA IA 158 -18.93 -14.46 76.23
N THR IA 159 -18.60 -13.73 77.27
CA THR IA 159 -18.63 -14.27 78.64
C THR IA 159 -20.07 -14.41 79.11
N VAL IA 160 -20.41 -15.37 79.96
CA VAL IA 160 -21.75 -15.48 80.56
C VAL IA 160 -21.71 -15.23 82.05
N LYS IA 161 -22.46 -14.25 82.54
CA LYS IA 161 -22.57 -13.90 83.95
C LYS IA 161 -23.96 -14.25 84.48
N ILE IA 162 -24.05 -14.92 85.62
CA ILE IA 162 -25.33 -15.15 86.31
C ILE IA 162 -25.42 -14.26 87.55
N VAL IA 163 -26.54 -13.55 87.73
CA VAL IA 163 -26.79 -12.64 88.85
C VAL IA 163 -28.05 -13.04 89.61
N PHE IA 164 -27.95 -13.33 90.91
CA PHE IA 164 -29.13 -13.54 91.75
C PHE IA 164 -29.80 -12.21 92.12
N ASN IA 165 -31.13 -12.18 92.16
CA ASN IA 165 -31.95 -11.02 92.53
C ASN IA 165 -33.11 -11.42 93.46
N HIS IA 166 -32.78 -11.98 94.61
CA HIS IA 166 -33.76 -12.32 95.65
C HIS IA 166 -34.54 -11.10 96.15
N ASP IA 167 -35.78 -11.29 96.58
CA ASP IA 167 -36.77 -10.21 96.84
C ASP IA 167 -36.23 -9.03 97.66
N ASN IA 168 -35.65 -9.30 98.83
CA ASN IA 168 -35.17 -8.27 99.74
C ASN IA 168 -33.78 -7.71 99.37
N ARG IA 169 -33.07 -8.36 98.44
CA ARG IA 169 -31.60 -8.31 98.36
C ARG IA 169 -31.11 -7.59 97.10
N LEU IA 170 -31.81 -6.55 96.66
CA LEU IA 170 -31.46 -5.77 95.47
C LEU IA 170 -30.01 -5.26 95.51
N ASP IA 171 -29.49 -4.91 96.69
CA ASP IA 171 -28.09 -4.47 96.83
C ASP IA 171 -27.09 -5.56 96.45
N ASP IA 172 -27.38 -6.85 96.72
CA ASP IA 172 -26.56 -7.96 96.25
C ASP IA 172 -26.59 -8.07 94.72
N ALA IA 173 -27.78 -7.97 94.11
CA ALA IA 173 -27.88 -8.01 92.66
C ALA IA 173 -27.10 -6.88 91.99
N VAL IA 174 -27.23 -5.65 92.49
CA VAL IA 174 -26.55 -4.48 91.95
C VAL IA 174 -25.03 -4.56 92.19
N ARG IA 175 -24.60 -4.99 93.38
CA ARG IA 175 -23.18 -5.19 93.70
C ARG IA 175 -22.53 -6.28 92.85
N ASP IA 176 -23.27 -7.33 92.51
CA ASP IA 176 -22.78 -8.40 91.65
C ASP IA 176 -22.83 -8.02 90.16
N ALA IA 177 -23.77 -7.17 89.74
CA ALA IA 177 -23.89 -6.72 88.36
C ALA IA 177 -22.87 -5.64 87.97
N ALA IA 178 -22.68 -4.60 88.80
CA ALA IA 178 -21.83 -3.46 88.47
C ALA IA 178 -20.38 -3.79 88.03
N PRO IA 179 -19.68 -4.82 88.58
CA PRO IA 179 -18.37 -5.26 88.11
C PRO IA 179 -18.26 -5.61 86.61
N VAL IA 180 -19.38 -5.91 85.95
CA VAL IA 180 -19.38 -6.24 84.51
C VAL IA 180 -19.24 -5.00 83.63
N LEU IA 181 -19.70 -3.84 84.11
CA LEU IA 181 -19.87 -2.59 83.36
C LEU IA 181 -18.55 -1.83 83.14
N ILE JA 4 -76.53 -2.68 -20.07
CA ILE JA 4 -77.95 -2.96 -19.69
C ILE JA 4 -78.12 -4.45 -19.51
N VAL JA 5 -78.88 -4.91 -18.51
CA VAL JA 5 -79.24 -6.33 -18.34
C VAL JA 5 -80.74 -6.51 -18.42
N VAL JA 6 -81.24 -7.42 -19.27
CA VAL JA 6 -82.67 -7.75 -19.36
C VAL JA 6 -82.93 -9.12 -18.73
N THR JA 7 -84.00 -9.23 -17.94
CA THR JA 7 -84.28 -10.42 -17.12
C THR JA 7 -85.77 -10.74 -17.03
N GLY JA 8 -86.12 -11.99 -16.73
CA GLY JA 8 -87.50 -12.42 -16.59
C GLY JA 8 -87.68 -13.91 -16.29
N ILE JA 9 -88.85 -14.27 -15.76
CA ILE JA 9 -89.27 -15.65 -15.49
C ILE JA 9 -89.58 -16.40 -16.80
N PRO JA 10 -89.14 -17.65 -16.98
CA PRO JA 10 -89.45 -18.45 -18.18
C PRO JA 10 -90.97 -18.52 -18.45
N GLY JA 11 -91.37 -18.07 -19.64
CA GLY JA 11 -92.77 -17.91 -20.04
C GLY JA 11 -93.28 -16.45 -20.09
N VAL JA 12 -92.54 -15.48 -19.54
CA VAL JA 12 -92.96 -14.06 -19.54
C VAL JA 12 -92.83 -13.37 -20.91
N GLY JA 13 -92.20 -14.02 -21.88
CA GLY JA 13 -92.04 -13.47 -23.25
C GLY JA 13 -90.87 -12.50 -23.40
N LYS JA 14 -89.85 -12.63 -22.54
CA LYS JA 14 -88.65 -11.79 -22.49
C LYS JA 14 -88.05 -11.48 -23.86
N THR JA 15 -87.83 -12.50 -24.67
CA THR JA 15 -87.14 -12.35 -25.97
C THR JA 15 -87.91 -11.46 -26.92
N THR JA 16 -89.24 -11.58 -26.97
CA THR JA 16 -90.09 -10.75 -27.86
C THR JA 16 -89.96 -9.27 -27.54
N VAL JA 17 -90.10 -8.89 -26.27
CA VAL JA 17 -89.99 -7.47 -25.86
C VAL JA 17 -88.59 -6.93 -26.12
N MET JA 18 -87.54 -7.70 -25.82
CA MET JA 18 -86.17 -7.33 -26.16
C MET JA 18 -85.97 -7.14 -27.66
N GLN JA 19 -86.39 -8.09 -28.50
CA GLN JA 19 -86.22 -8.02 -29.96
C GLN JA 19 -86.92 -6.79 -30.55
N LYS JA 20 -88.14 -6.51 -30.10
CA LYS JA 20 -88.89 -5.31 -30.49
C LYS JA 20 -88.20 -4.03 -30.01
N ALA JA 21 -87.89 -3.92 -28.73
CA ALA JA 21 -87.30 -2.70 -28.17
C ALA JA 21 -85.90 -2.40 -28.74
N ALA JA 22 -85.10 -3.43 -29.02
CA ALA JA 22 -83.76 -3.29 -29.60
C ALA JA 22 -83.75 -2.88 -31.09
N GLU JA 23 -84.91 -2.80 -31.75
CA GLU JA 23 -84.99 -2.43 -33.17
C GLU JA 23 -84.39 -1.05 -33.44
N GLY JA 24 -83.55 -0.96 -34.47
CA GLY JA 24 -82.79 0.25 -34.82
C GLY JA 24 -81.67 0.64 -33.85
N SER JA 25 -81.43 -0.12 -32.79
CA SER JA 25 -80.36 0.17 -31.82
C SER JA 25 -78.97 -0.17 -32.38
N PRO JA 26 -77.94 0.65 -32.13
CA PRO JA 26 -76.55 0.28 -32.38
C PRO JA 26 -75.98 -0.70 -31.34
N LEU JA 27 -76.72 -1.05 -30.27
CA LEU JA 27 -76.20 -1.90 -29.21
C LEU JA 27 -76.03 -3.37 -29.65
N PRO JA 28 -74.90 -4.02 -29.34
CA PRO JA 28 -74.77 -5.47 -29.47
C PRO JA 28 -75.73 -6.21 -28.54
N ARG JA 29 -76.07 -7.45 -28.89
CA ARG JA 29 -77.02 -8.31 -28.18
C ARG JA 29 -76.32 -9.59 -27.73
N VAL JA 30 -76.39 -9.94 -26.46
CA VAL JA 30 -75.49 -10.95 -25.90
C VAL JA 30 -76.20 -11.86 -24.89
N PRO JA 31 -76.29 -13.18 -25.11
CA PRO JA 31 -76.66 -14.13 -24.07
C PRO JA 31 -75.45 -14.49 -23.21
N LEU JA 32 -75.53 -14.33 -21.89
CA LEU JA 32 -74.36 -14.53 -21.01
C LEU JA 32 -73.88 -15.98 -20.94
N GLU JA 33 -74.80 -16.95 -20.99
CA GLU JA 33 -74.44 -18.37 -20.97
C GLU JA 33 -73.66 -18.74 -22.24
N GLY JA 34 -74.06 -18.15 -23.37
CA GLY JA 34 -73.35 -18.26 -24.64
C GLY JA 34 -71.92 -17.74 -24.55
N VAL JA 35 -71.72 -16.54 -23.99
CA VAL JA 35 -70.37 -16.00 -23.79
C VAL JA 35 -69.55 -16.91 -22.87
N MET JA 36 -70.13 -17.38 -21.76
CA MET JA 36 -69.42 -18.28 -20.85
C MET JA 36 -68.97 -19.56 -21.56
N TYR JA 37 -69.84 -20.16 -22.37
CA TYR JA 37 -69.48 -21.32 -23.18
C TYR JA 37 -68.37 -20.98 -24.17
N GLY JA 38 -68.49 -19.89 -24.91
CA GLY JA 38 -67.46 -19.45 -25.84
C GLY JA 38 -66.10 -19.23 -25.17
N VAL JA 39 -66.08 -18.57 -24.02
CA VAL JA 39 -64.85 -18.35 -23.24
C VAL JA 39 -64.29 -19.68 -22.74
N ALA JA 40 -65.10 -20.55 -22.14
CA ALA JA 40 -64.62 -21.84 -21.66
C ALA JA 40 -64.11 -22.74 -22.81
N LYS JA 41 -64.80 -22.74 -23.95
CA LYS JA 41 -64.43 -23.46 -25.17
C LYS JA 41 -63.11 -22.98 -25.74
N ARG JA 42 -62.89 -21.66 -25.80
CA ARG JA 42 -61.62 -21.06 -26.29
C ARG JA 42 -60.48 -21.11 -25.28
N MET JA 43 -60.79 -21.26 -23.99
CA MET JA 43 -59.84 -21.69 -22.96
C MET JA 43 -59.58 -23.21 -22.96
N GLY JA 44 -60.29 -23.98 -23.79
CA GLY JA 44 -60.13 -25.43 -23.93
C GLY JA 44 -60.75 -26.28 -22.82
N LEU JA 45 -61.51 -25.67 -21.91
CA LEU JA 45 -62.07 -26.33 -20.72
C LEU JA 45 -63.22 -27.29 -21.04
N VAL JA 46 -63.89 -27.07 -22.17
CA VAL JA 46 -65.07 -27.79 -22.68
C VAL JA 46 -65.06 -27.80 -24.20
N LYS JA 47 -65.91 -28.62 -24.82
CA LYS JA 47 -66.20 -28.61 -26.25
C LYS JA 47 -67.70 -28.52 -26.54
N ASP JA 48 -68.58 -29.02 -25.67
CA ASP JA 48 -70.03 -29.06 -25.90
C ASP JA 48 -70.83 -28.30 -24.81
N ILE JA 49 -71.94 -27.67 -25.18
CA ILE JA 49 -72.70 -26.74 -24.32
C ILE JA 49 -73.15 -27.36 -22.99
N ASP JA 50 -73.50 -28.65 -22.99
CA ASP JA 50 -73.89 -29.38 -21.77
C ASP JA 50 -72.75 -29.50 -20.75
N GLU JA 51 -71.49 -29.51 -21.18
CA GLU JA 51 -70.35 -29.64 -20.28
C GLU JA 51 -70.19 -28.44 -19.34
N MET JA 52 -70.80 -27.30 -19.65
CA MET JA 52 -70.81 -26.14 -18.75
C MET JA 52 -71.43 -26.46 -17.38
N ARG JA 53 -72.40 -27.41 -17.33
CA ARG JA 53 -73.02 -27.87 -16.08
C ARG JA 53 -72.16 -28.87 -15.30
N ARG JA 54 -71.10 -29.40 -15.95
CA ARG JA 54 -70.18 -30.40 -15.39
C ARG JA 54 -68.89 -29.78 -14.82
N LEU JA 55 -68.64 -28.50 -15.09
CA LEU JA 55 -67.45 -27.79 -14.61
C LEU JA 55 -67.37 -27.73 -13.08
N SER JA 56 -66.14 -27.74 -12.56
CA SER JA 56 -65.87 -27.49 -11.14
C SER JA 56 -66.30 -26.07 -10.75
N PRO JA 57 -67.06 -25.87 -9.65
CA PRO JA 57 -67.59 -24.56 -9.28
C PRO JA 57 -66.54 -23.43 -9.21
N ASP JA 58 -65.35 -23.69 -8.68
CA ASP JA 58 -64.31 -22.66 -8.58
C ASP JA 58 -63.58 -22.37 -9.90
N VAL JA 59 -63.69 -23.25 -10.90
CA VAL JA 59 -63.38 -22.90 -12.29
C VAL JA 59 -64.50 -22.05 -12.88
N GLN JA 60 -65.75 -22.45 -12.65
CA GLN JA 60 -66.94 -21.77 -13.18
C GLN JA 60 -67.03 -20.31 -12.69
N LYS JA 61 -66.61 -20.00 -11.46
CA LYS JA 61 -66.43 -18.62 -10.97
C LYS JA 61 -65.48 -17.81 -11.85
N GLU JA 62 -64.32 -18.36 -12.18
CA GLU JA 62 -63.37 -17.65 -13.04
C GLU JA 62 -63.87 -17.52 -14.49
N VAL JA 63 -64.60 -18.50 -15.01
CA VAL JA 63 -65.28 -18.38 -16.31
C VAL JA 63 -66.30 -17.23 -16.28
N GLN JA 64 -67.13 -17.13 -15.24
CA GLN JA 64 -68.03 -15.98 -15.06
C GLN JA 64 -67.25 -14.65 -15.03
N LYS JA 65 -66.15 -14.60 -14.26
CA LYS JA 65 -65.31 -13.41 -14.15
C LYS JA 65 -64.72 -13.00 -15.50
N LYS JA 66 -64.12 -13.92 -16.24
CA LYS JA 66 -63.55 -13.64 -17.58
C LYS JA 66 -64.61 -13.24 -18.59
N ALA JA 67 -65.74 -13.94 -18.62
CA ALA JA 67 -66.85 -13.56 -19.50
C ALA JA 67 -67.33 -12.13 -19.20
N ALA JA 68 -67.49 -11.78 -17.93
CA ALA JA 68 -67.87 -10.44 -17.53
C ALA JA 68 -66.82 -9.39 -17.92
N GLU JA 69 -65.53 -9.65 -17.70
CA GLU JA 69 -64.46 -8.73 -18.13
C GLU JA 69 -64.51 -8.45 -19.63
N ARG JA 70 -64.75 -9.49 -20.44
CA ARG JA 70 -64.81 -9.35 -21.90
C ARG JA 70 -66.08 -8.63 -22.36
N ILE JA 71 -67.20 -8.82 -21.68
CA ILE JA 71 -68.42 -8.03 -21.95
C ILE JA 71 -68.24 -6.58 -21.48
N ALA JA 72 -67.51 -6.33 -20.41
CA ALA JA 72 -67.18 -4.98 -19.98
C ALA JA 72 -66.26 -4.27 -21.01
N ALA JA 73 -65.29 -4.98 -21.59
CA ALA JA 73 -64.44 -4.43 -22.65
C ALA JA 73 -65.24 -4.08 -23.91
N LEU JA 74 -66.21 -4.91 -24.30
CA LEU JA 74 -67.11 -4.64 -25.43
C LEU JA 74 -67.92 -3.33 -25.24
N GLY JA 75 -68.15 -2.92 -23.99
CA GLY JA 75 -68.86 -1.69 -23.67
C GLY JA 75 -70.37 -1.82 -23.62
N ASP JA 76 -71.08 -0.75 -23.94
CA ASP JA 76 -72.53 -0.65 -23.82
C ASP JA 76 -73.23 -1.73 -24.64
N VAL JA 77 -74.11 -2.53 -24.02
CA VAL JA 77 -74.63 -3.79 -24.56
C VAL JA 77 -76.01 -4.12 -24.00
N ILE JA 78 -76.86 -4.81 -24.75
CA ILE JA 78 -78.06 -5.44 -24.18
C ILE JA 78 -77.71 -6.87 -23.82
N LEU JA 79 -77.29 -7.09 -22.58
CA LEU JA 79 -77.02 -8.41 -22.03
C LEU JA 79 -78.31 -9.12 -21.65
N ASP JA 80 -78.36 -10.44 -21.80
CA ASP JA 80 -79.53 -11.27 -21.46
C ASP JA 80 -79.12 -12.46 -20.59
N THR JA 81 -79.77 -12.61 -19.42
CA THR JA 81 -79.72 -13.81 -18.57
C THR JA 81 -80.85 -13.78 -17.54
N HIS JA 82 -81.16 -14.90 -16.87
CA HIS JA 82 -82.12 -14.90 -15.76
C HIS JA 82 -81.53 -14.24 -14.50
N CYS JA 83 -82.34 -13.50 -13.73
CA CYS JA 83 -81.91 -12.97 -12.43
C CYS JA 83 -81.93 -14.04 -11.33
N THR JA 84 -82.91 -14.96 -11.33
CA THR JA 84 -82.81 -16.21 -10.55
C THR JA 84 -83.28 -17.40 -11.35
N ILE JA 85 -82.59 -18.52 -11.21
CA ILE JA 85 -82.91 -19.77 -11.91
C ILE JA 85 -83.53 -20.72 -10.88
N LYS JA 86 -84.72 -21.27 -11.14
CA LYS JA 86 -85.32 -22.24 -10.23
C LYS JA 86 -84.64 -23.61 -10.41
N THR JA 87 -84.28 -24.25 -9.31
CA THR JA 87 -83.56 -25.55 -9.29
C THR JA 87 -84.13 -26.47 -8.21
N PRO JA 88 -83.81 -27.78 -8.20
CA PRO JA 88 -84.26 -28.71 -7.15
C PRO JA 88 -83.93 -28.24 -5.73
N LYS JA 89 -82.77 -27.59 -5.53
CA LYS JA 89 -82.36 -26.99 -4.25
C LYS JA 89 -82.87 -25.55 -4.06
N GLY JA 90 -83.89 -25.13 -4.80
CA GLY JA 90 -84.47 -23.78 -4.72
C GLY JA 90 -83.88 -22.79 -5.71
N TYR JA 91 -84.08 -21.50 -5.47
CA TYR JA 91 -83.63 -20.43 -6.37
C TYR JA 91 -82.12 -20.24 -6.32
N LEU JA 92 -81.49 -20.13 -7.48
CA LEU JA 92 -80.08 -19.81 -7.62
C LEU JA 92 -79.93 -18.38 -8.14
N PRO JA 93 -79.17 -17.48 -7.49
CA PRO JA 93 -78.86 -16.16 -8.02
C PRO JA 93 -78.14 -16.23 -9.37
N GLY JA 94 -78.66 -15.57 -10.39
CA GLY JA 94 -78.09 -15.60 -11.73
C GLY JA 94 -76.86 -14.71 -11.92
N LEU JA 95 -76.69 -13.67 -11.10
CA LEU JA 95 -75.59 -12.70 -11.21
C LEU JA 95 -74.88 -12.52 -9.87
N PRO JA 96 -73.90 -13.36 -9.53
CA PRO JA 96 -73.12 -13.20 -8.31
C PRO JA 96 -72.35 -11.88 -8.27
N ARG JA 97 -71.95 -11.43 -7.08
CA ARG JA 97 -71.20 -10.19 -6.87
C ARG JA 97 -69.95 -10.05 -7.75
N TRP JA 98 -69.20 -11.13 -7.95
CA TRP JA 98 -68.00 -11.09 -8.82
C TRP JA 98 -68.33 -10.83 -10.29
N VAL JA 99 -69.55 -11.08 -10.76
CA VAL JA 99 -70.00 -10.62 -12.08
C VAL JA 99 -70.31 -9.12 -12.06
N LEU JA 100 -71.07 -8.65 -11.07
CA LEU JA 100 -71.47 -7.24 -10.97
C LEU JA 100 -70.26 -6.30 -10.84
N GLU JA 101 -69.26 -6.66 -10.06
CA GLU JA 101 -68.05 -5.84 -9.92
C GLU JA 101 -67.27 -5.68 -11.23
N LYS JA 102 -67.46 -6.59 -12.20
CA LYS JA 102 -66.90 -6.50 -13.55
C LYS JA 102 -67.82 -5.79 -14.54
N LEU JA 103 -69.09 -6.20 -14.67
CA LEU JA 103 -70.02 -5.60 -15.63
C LEU JA 103 -70.37 -4.14 -15.29
N ARG JA 104 -70.59 -3.85 -14.00
CA ARG JA 104 -71.07 -2.55 -13.49
C ARG JA 104 -72.29 -2.04 -14.27
N PRO JA 105 -73.42 -2.77 -14.27
CA PRO JA 105 -74.60 -2.41 -15.05
C PRO JA 105 -75.11 -1.01 -14.74
N SER JA 106 -75.60 -0.29 -15.74
CA SER JA 106 -76.34 0.97 -15.51
C SER JA 106 -77.82 0.72 -15.23
N VAL JA 107 -78.41 -0.33 -15.80
CA VAL JA 107 -79.81 -0.69 -15.60
C VAL JA 107 -79.97 -2.20 -15.52
N ILE JA 108 -80.81 -2.65 -14.60
CA ILE JA 108 -81.40 -3.98 -14.60
C ILE JA 108 -82.86 -3.82 -15.01
N LEU JA 109 -83.31 -4.53 -16.04
CA LEU JA 109 -84.68 -4.49 -16.48
C LEU JA 109 -85.35 -5.82 -16.18
N LEU JA 110 -86.51 -5.77 -15.55
CA LEU JA 110 -87.27 -6.93 -15.11
C LEU JA 110 -88.62 -6.98 -15.81
N VAL JA 111 -88.88 -8.03 -16.58
CA VAL JA 111 -90.14 -8.21 -17.31
C VAL JA 111 -91.13 -9.01 -16.45
N GLU JA 112 -92.37 -8.57 -16.38
CA GLU JA 112 -93.44 -9.22 -15.58
C GLU JA 112 -94.75 -9.36 -16.35
N ALA JA 113 -95.56 -10.33 -15.95
CA ALA JA 113 -96.93 -10.54 -16.43
C ALA JA 113 -97.77 -11.15 -15.29
N ASP JA 114 -99.09 -11.18 -15.40
CA ASP JA 114 -99.89 -11.78 -14.33
C ASP JA 114 -99.60 -13.30 -14.20
N PRO JA 115 -99.51 -13.85 -12.98
CA PRO JA 115 -99.31 -15.29 -12.80
C PRO JA 115 -100.26 -16.18 -13.60
N LYS JA 116 -101.53 -15.76 -13.77
CA LYS JA 116 -102.52 -16.49 -14.56
C LYS JA 116 -102.23 -16.45 -16.06
N GLU JA 117 -101.72 -15.33 -16.57
CA GLU JA 117 -101.25 -15.25 -17.96
C GLU JA 117 -100.08 -16.20 -18.18
N ILE JA 118 -99.08 -16.16 -17.30
CA ILE JA 118 -97.90 -17.01 -17.39
C ILE JA 118 -98.30 -18.48 -17.30
N TYR JA 119 -99.17 -18.82 -16.36
CA TYR JA 119 -99.70 -20.18 -16.24
C TYR JA 119 -100.43 -20.60 -17.53
N GLY JA 120 -101.25 -19.73 -18.11
CA GLY JA 120 -101.90 -19.97 -19.41
C GLY JA 120 -100.89 -20.25 -20.53
N ARG JA 121 -99.83 -19.45 -20.65
CA ARG JA 121 -98.77 -19.68 -21.65
C ARG JA 121 -98.06 -21.01 -21.41
N ARG JA 122 -97.71 -21.32 -20.16
CA ARG JA 122 -97.08 -22.59 -19.79
C ARG JA 122 -97.98 -23.80 -19.99
N LEU JA 123 -99.29 -23.64 -19.82
CA LEU JA 123 -100.28 -24.69 -20.07
C LEU JA 123 -100.49 -24.94 -21.57
N LYS JA 124 -100.41 -23.89 -22.40
CA LYS JA 124 -100.48 -23.98 -23.87
C LYS JA 124 -99.17 -24.44 -24.52
N ASP JA 125 -98.05 -24.28 -23.84
CA ASP JA 125 -96.75 -24.81 -24.26
C ASP JA 125 -96.73 -26.35 -24.20
N ASP JA 133 -95.65 -25.27 -12.43
CA ASP JA 133 -95.79 -24.53 -11.17
C ASP JA 133 -97.23 -24.04 -10.99
N SER JA 134 -97.71 -23.95 -9.76
CA SER JA 134 -98.95 -23.22 -9.46
C SER JA 134 -98.79 -21.71 -9.70
N GLU JA 135 -99.91 -21.01 -9.79
CA GLU JA 135 -99.92 -19.55 -9.82
C GLU JA 135 -99.30 -18.95 -8.54
N GLU JA 136 -99.39 -19.66 -7.40
CA GLU JA 136 -98.72 -19.25 -6.17
C GLU JA 136 -97.21 -19.35 -6.28
N GLU JA 137 -96.69 -20.44 -6.84
CA GLU JA 137 -95.26 -20.61 -7.07
C GLU JA 137 -94.72 -19.64 -8.13
N ILE JA 138 -95.52 -19.29 -9.13
CA ILE JA 138 -95.17 -18.24 -10.09
C ILE JA 138 -95.07 -16.89 -9.37
N ALA JA 139 -96.09 -16.52 -8.58
CA ALA JA 139 -96.08 -15.27 -7.83
C ALA JA 139 -94.91 -15.19 -6.83
N GLU JA 140 -94.56 -16.31 -6.20
CA GLU JA 140 -93.36 -16.40 -5.36
C GLU JA 140 -92.10 -16.13 -6.18
N HIS JA 141 -91.91 -16.79 -7.32
CA HIS JA 141 -90.71 -16.58 -8.14
C HIS JA 141 -90.60 -15.12 -8.58
N GLN JA 142 -91.70 -14.47 -8.94
CA GLN JA 142 -91.69 -13.03 -9.22
C GLN JA 142 -91.22 -12.21 -8.02
N MET JA 143 -91.79 -12.43 -6.83
CA MET JA 143 -91.38 -11.69 -5.64
C MET JA 143 -89.89 -11.93 -5.33
N MET JA 144 -89.41 -13.16 -5.44
CA MET JA 144 -87.99 -13.44 -5.26
C MET JA 144 -87.13 -12.73 -6.32
N ASN JA 145 -87.59 -12.60 -7.55
CA ASN JA 145 -86.86 -11.83 -8.55
C ASN JA 145 -86.79 -10.34 -8.20
N ARG JA 146 -87.86 -9.71 -7.70
CA ARG JA 146 -87.79 -8.31 -7.27
C ARG JA 146 -86.76 -8.11 -6.18
N ALA JA 147 -86.75 -9.00 -5.19
CA ALA JA 147 -85.76 -8.97 -4.13
C ALA JA 147 -84.34 -9.13 -4.68
N ALA JA 148 -84.12 -10.08 -5.58
CA ALA JA 148 -82.82 -10.29 -6.20
C ALA JA 148 -82.35 -9.07 -6.99
N ALA JA 149 -83.23 -8.50 -7.82
CA ALA JA 149 -82.90 -7.33 -8.62
C ALA JA 149 -82.49 -6.14 -7.73
N MET JA 150 -83.25 -5.87 -6.68
CA MET JA 150 -82.93 -4.75 -5.80
C MET JA 150 -81.65 -4.99 -4.98
N ALA JA 151 -81.37 -6.23 -4.61
CA ALA JA 151 -80.08 -6.56 -4.01
C ALA JA 151 -78.93 -6.30 -4.99
N TYR JA 152 -79.05 -6.73 -6.25
CA TYR JA 152 -78.08 -6.42 -7.30
C TYR JA 152 -77.89 -4.91 -7.49
N ALA JA 153 -78.98 -4.16 -7.47
CA ALA JA 153 -78.93 -2.72 -7.58
C ALA JA 153 -78.07 -2.11 -6.47
N SER JA 154 -78.34 -2.47 -5.21
CA SER JA 154 -77.61 -1.92 -4.07
C SER JA 154 -76.11 -2.22 -4.11
N LEU JA 155 -75.70 -3.35 -4.69
CA LEU JA 155 -74.30 -3.75 -4.84
C LEU JA 155 -73.56 -2.97 -5.93
N SER JA 156 -74.26 -2.33 -6.86
CA SER JA 156 -73.70 -1.87 -8.14
C SER JA 156 -74.03 -0.42 -8.50
N GLY JA 157 -75.06 0.18 -7.90
CA GLY JA 157 -75.60 1.47 -8.33
C GLY JA 157 -76.46 1.39 -9.59
N ALA JA 158 -76.80 0.20 -10.08
CA ALA JA 158 -77.68 0.06 -11.23
C ALA JA 158 -79.11 0.54 -10.92
N THR JA 159 -79.77 1.17 -11.87
CA THR JA 159 -81.20 1.47 -11.78
C THR JA 159 -82.02 0.20 -11.98
N VAL JA 160 -83.19 0.05 -11.37
CA VAL JA 160 -84.09 -1.09 -11.65
C VAL JA 160 -85.37 -0.62 -12.31
N LYS JA 161 -85.71 -1.17 -13.48
CA LYS JA 161 -86.96 -0.89 -14.20
C LYS JA 161 -87.82 -2.14 -14.26
N ILE JA 162 -89.10 -2.04 -13.93
CA ILE JA 162 -90.08 -3.11 -14.14
C ILE JA 162 -90.93 -2.80 -15.38
N VAL JA 163 -91.14 -3.79 -16.24
CA VAL JA 163 -91.94 -3.68 -17.48
C VAL JA 163 -93.03 -4.75 -17.51
N PHE JA 164 -94.30 -4.35 -17.63
CA PHE JA 164 -95.38 -5.30 -17.85
C PHE JA 164 -95.45 -5.77 -19.31
N ASN JA 165 -95.79 -7.04 -19.52
CA ASN JA 165 -95.95 -7.67 -20.83
C ASN JA 165 -97.21 -8.57 -20.87
N HIS JA 166 -98.37 -7.98 -20.65
CA HIS JA 166 -99.66 -8.67 -20.76
C HIS JA 166 -99.92 -9.19 -22.18
N ASP JA 167 -100.66 -10.30 -22.32
CA ASP JA 167 -100.71 -11.11 -23.56
C ASP JA 167 -100.95 -10.34 -24.86
N ASN JA 168 -102.02 -9.54 -24.92
CA ASN JA 168 -102.38 -8.77 -26.11
C ASN JA 168 -101.58 -7.47 -26.27
N ARG JA 169 -100.93 -7.01 -25.20
CA ARG JA 169 -100.51 -5.61 -25.01
C ARG JA 169 -99.02 -5.40 -25.24
N LEU JA 170 -98.42 -6.11 -26.20
CA LEU JA 170 -96.98 -6.04 -26.47
C LEU JA 170 -96.47 -4.61 -26.70
N ASP JA 171 -97.28 -3.75 -27.33
CA ASP JA 171 -96.91 -2.34 -27.55
C ASP JA 171 -96.69 -1.57 -26.24
N ASP JA 172 -97.40 -1.89 -25.16
CA ASP JA 172 -97.13 -1.31 -23.83
C ASP JA 172 -95.76 -1.74 -23.31
N ALA JA 173 -95.40 -3.02 -23.44
CA ALA JA 173 -94.09 -3.51 -23.03
C ALA JA 173 -92.97 -2.81 -23.80
N VAL JA 174 -93.11 -2.71 -25.13
CA VAL JA 174 -92.09 -2.07 -25.98
C VAL JA 174 -92.00 -0.56 -25.71
N ARG JA 175 -93.15 0.10 -25.51
CA ARG JA 175 -93.20 1.54 -25.17
C ARG JA 175 -92.58 1.83 -23.79
N ASP JA 176 -92.68 0.93 -22.83
CA ASP JA 176 -91.95 1.04 -21.57
C ASP JA 176 -90.46 0.71 -21.71
N ALA JA 177 -90.10 -0.28 -22.52
CA ALA JA 177 -88.72 -0.72 -22.67
C ALA JA 177 -87.84 0.28 -23.46
N ALA JA 178 -88.33 0.82 -24.57
CA ALA JA 178 -87.52 1.68 -25.45
C ALA JA 178 -86.92 2.93 -24.76
N PRO JA 179 -87.62 3.65 -23.87
CA PRO JA 179 -87.06 4.76 -23.06
C PRO JA 179 -85.81 4.42 -22.22
N VAL JA 180 -85.53 3.15 -21.97
CA VAL JA 180 -84.37 2.72 -21.16
C VAL JA 180 -83.06 2.77 -21.95
N LEU JA 181 -83.14 2.63 -23.28
CA LEU JA 181 -82.04 2.37 -24.20
C LEU JA 181 -81.23 3.62 -24.57
N ILE KA 4 4.35 78.57 -9.14
CA ILE KA 4 4.95 79.86 -8.71
C ILE KA 4 4.54 80.14 -7.27
N VAL KA 5 5.39 80.74 -6.43
CA VAL KA 5 5.01 81.22 -5.09
C VAL KA 5 5.33 82.70 -4.97
N VAL KA 6 4.37 83.52 -4.56
CA VAL KA 6 4.54 84.97 -4.39
C VAL KA 6 4.54 85.33 -2.91
N THR KA 7 5.49 86.16 -2.48
CA THR KA 7 5.75 86.42 -1.05
C THR KA 7 6.13 87.87 -0.79
N GLY KA 8 5.92 88.33 0.45
CA GLY KA 8 6.26 89.70 0.85
C GLY KA 8 5.91 90.02 2.30
N ILE KA 9 6.58 91.03 2.83
CA ILE KA 9 6.34 91.61 4.16
C ILE KA 9 5.03 92.40 4.21
N PRO KA 10 4.18 92.27 5.24
CA PRO KA 10 2.93 93.03 5.35
C PRO KA 10 3.14 94.55 5.21
N GLY KA 11 2.47 95.15 4.22
CA GLY KA 11 2.61 96.56 3.83
C GLY KA 11 3.36 96.79 2.52
N VAL KA 12 4.03 95.79 1.95
CA VAL KA 12 4.81 95.96 0.70
C VAL KA 12 3.95 96.08 -0.56
N GLY KA 13 2.66 95.75 -0.51
CA GLY KA 13 1.73 95.86 -1.65
C GLY KA 13 1.62 94.60 -2.51
N LYS KA 14 1.94 93.43 -1.92
CA LYS KA 14 1.94 92.12 -2.57
C LYS KA 14 0.68 91.86 -3.41
N THR KA 15 -0.49 92.06 -2.83
CA THR KA 15 -1.76 91.74 -3.49
C THR KA 15 -1.98 92.59 -4.73
N THR KA 16 -1.65 93.88 -4.68
CA THR KA 16 -1.79 94.79 -5.81
C THR KA 16 -0.94 94.36 -7.01
N VAL KA 17 0.35 94.12 -6.79
CA VAL KA 17 1.26 93.71 -7.86
C VAL KA 17 0.83 92.36 -8.45
N MET KA 18 0.45 91.40 -7.60
CA MET KA 18 -0.07 90.12 -8.07
C MET KA 18 -1.33 90.29 -8.91
N GLN KA 19 -2.32 91.06 -8.45
CA GLN KA 19 -3.59 91.26 -9.15
C GLN KA 19 -3.39 91.90 -10.53
N LYS KA 20 -2.48 92.88 -10.63
CA LYS KA 20 -2.14 93.52 -11.90
C LYS KA 20 -1.34 92.61 -12.83
N ALA KA 21 -0.29 91.94 -12.35
CA ALA KA 21 0.53 91.08 -13.19
C ALA KA 21 -0.21 89.83 -13.68
N ALA KA 22 -1.08 89.24 -12.84
CA ALA KA 22 -1.86 88.06 -13.19
C ALA KA 22 -3.01 88.34 -14.18
N GLU KA 23 -3.24 89.60 -14.56
CA GLU KA 23 -4.34 89.97 -15.47
C GLU KA 23 -4.26 89.24 -16.82
N GLY KA 24 -5.36 88.61 -17.23
CA GLY KA 24 -5.45 87.80 -18.45
C GLY KA 24 -4.73 86.44 -18.40
N SER KA 25 -4.11 86.07 -17.28
CA SER KA 25 -3.46 84.77 -17.13
C SER KA 25 -4.49 83.64 -16.93
N PRO KA 26 -4.29 82.46 -17.52
CA PRO KA 26 -5.11 81.28 -17.23
C PRO KA 26 -4.77 80.62 -15.88
N LEU KA 27 -3.77 81.09 -15.12
CA LEU KA 27 -3.34 80.44 -13.90
C LEU KA 27 -4.35 80.63 -12.74
N PRO KA 28 -4.70 79.57 -11.98
CA PRO KA 28 -5.47 79.71 -10.76
C PRO KA 28 -4.71 80.46 -9.68
N ARG KA 29 -5.44 81.14 -8.80
CA ARG KA 29 -4.94 82.00 -7.72
C ARG KA 29 -5.31 81.39 -6.38
N VAL KA 30 -4.35 81.15 -5.50
CA VAL KA 30 -4.58 80.32 -4.31
C VAL KA 30 -3.89 80.90 -3.09
N PRO KA 31 -4.59 81.18 -1.98
CA PRO KA 31 -3.98 81.42 -0.68
C PRO KA 31 -3.72 80.12 0.07
N LEU KA 32 -2.49 79.84 0.50
CA LEU KA 32 -2.13 78.56 1.12
C LEU KA 32 -2.84 78.31 2.46
N GLU KA 33 -3.00 79.35 3.28
CA GLU KA 33 -3.70 79.25 4.55
C GLU KA 33 -5.17 78.89 4.32
N GLY KA 34 -5.77 79.48 3.29
CA GLY KA 34 -7.13 79.17 2.85
C GLY KA 34 -7.28 77.71 2.46
N VAL KA 35 -6.37 77.17 1.65
CA VAL KA 35 -6.41 75.74 1.30
C VAL KA 35 -6.22 74.86 2.53
N MET KA 36 -5.31 75.22 3.44
CA MET KA 36 -5.15 74.46 4.69
C MET KA 36 -6.44 74.43 5.50
N TYR KA 37 -7.13 75.57 5.63
CA TYR KA 37 -8.42 75.63 6.31
C TYR KA 37 -9.46 74.76 5.59
N GLY KA 38 -9.55 74.86 4.26
CA GLY KA 38 -10.44 74.01 3.47
C GLY KA 38 -10.16 72.52 3.66
N VAL KA 39 -8.90 72.10 3.62
CA VAL KA 39 -8.52 70.69 3.81
C VAL KA 39 -8.83 70.24 5.24
N ALA KA 40 -8.48 71.02 6.27
CA ALA KA 40 -8.79 70.68 7.65
C ALA KA 40 -10.30 70.62 7.91
N LYS KA 41 -11.07 71.57 7.37
CA LYS KA 41 -12.53 71.66 7.46
C LYS KA 41 -13.21 70.45 6.82
N ARG KA 42 -12.77 70.03 5.63
CA ARG KA 42 -13.33 68.88 4.91
C ARG KA 42 -12.86 67.54 5.49
N MET KA 43 -11.71 67.50 6.14
CA MET KA 43 -11.30 66.38 7.01
C MET KA 43 -12.00 66.39 8.38
N GLY KA 44 -12.85 67.39 8.66
CA GLY KA 44 -13.62 67.50 9.91
C GLY KA 44 -12.83 67.95 11.15
N LEU KA 45 -11.57 68.34 10.98
CA LEU KA 45 -10.66 68.70 12.09
C LEU KA 45 -11.01 70.04 12.75
N VAL KA 46 -11.66 70.93 11.99
CA VAL KA 46 -12.05 72.29 12.38
C VAL KA 46 -13.38 72.66 11.72
N LYS KA 47 -13.99 73.74 12.16
CA LYS KA 47 -15.13 74.42 11.51
C LYS KA 47 -14.86 75.89 11.25
N ASP KA 48 -14.07 76.56 12.08
CA ASP KA 48 -13.84 78.02 11.98
C ASP KA 48 -12.36 78.39 11.77
N ILE KA 49 -12.10 79.51 11.08
CA ILE KA 49 -10.78 79.87 10.57
C ILE KA 49 -9.72 80.04 11.69
N ASP KA 50 -10.12 80.51 12.87
CA ASP KA 50 -9.23 80.63 14.03
C ASP KA 50 -8.75 79.29 14.59
N GLU KA 51 -9.51 78.21 14.41
CA GLU KA 51 -9.16 76.90 14.97
C GLU KA 51 -7.90 76.30 14.34
N MET KA 52 -7.48 76.80 13.18
CA MET KA 52 -6.21 76.41 12.56
C MET KA 52 -5.01 76.68 13.46
N ARG KA 53 -5.07 77.70 14.33
CA ARG KA 53 -4.02 78.00 15.32
C ARG KA 53 -4.08 77.09 16.56
N ARG KA 54 -5.21 76.40 16.76
CA ARG KA 54 -5.50 75.56 17.92
C ARG KA 54 -5.20 74.07 17.67
N LEU KA 55 -5.01 73.68 16.41
CA LEU KA 55 -4.60 72.33 16.03
C LEU KA 55 -3.26 71.93 16.66
N SER KA 56 -3.11 70.65 16.97
CA SER KA 56 -1.84 70.06 17.40
C SER KA 56 -0.78 70.18 16.30
N PRO KA 57 0.45 70.64 16.58
CA PRO KA 57 1.47 70.87 15.55
C PRO KA 57 1.71 69.70 14.60
N ASP KA 58 1.75 68.47 15.10
CA ASP KA 58 2.00 67.29 14.26
C ASP KA 58 0.77 66.85 13.43
N VAL KA 59 -0.43 67.30 13.77
CA VAL KA 59 -1.58 67.28 12.85
C VAL KA 59 -1.41 68.37 11.79
N GLN KA 60 -1.01 69.57 12.21
CA GLN KA 60 -0.81 70.70 11.31
C GLN KA 60 0.26 70.43 10.24
N LYS KA 61 1.31 69.67 10.54
CA LYS KA 61 2.28 69.18 9.53
C LYS KA 61 1.61 68.36 8.44
N GLU KA 62 0.72 67.44 8.80
CA GLU KA 62 0.02 66.63 7.82
C GLU KA 62 -1.03 67.44 7.03
N VAL KA 63 -1.69 68.42 7.65
CA VAL KA 63 -2.55 69.36 6.92
C VAL KA 63 -1.74 70.17 5.91
N GLN KA 64 -0.56 70.67 6.29
CA GLN KA 64 0.37 71.33 5.36
C GLN KA 64 0.76 70.39 4.22
N LYS KA 65 1.09 69.13 4.53
CA LYS KA 65 1.45 68.11 3.53
C LYS KA 65 0.29 67.84 2.55
N LYS KA 66 -0.93 67.63 3.04
CA LYS KA 66 -2.10 67.36 2.18
C LYS KA 66 -2.49 68.57 1.34
N ALA KA 67 -2.49 69.77 1.93
CA ALA KA 67 -2.74 71.00 1.17
C ALA KA 67 -1.74 71.14 0.03
N ALA KA 68 -0.45 70.90 0.28
CA ALA KA 68 0.56 70.94 -0.75
C ALA KA 68 0.36 69.86 -1.82
N GLU KA 69 0.06 68.61 -1.45
CA GLU KA 69 -0.23 67.55 -2.42
C GLU KA 69 -1.40 67.93 -3.35
N ARG KA 70 -2.44 68.54 -2.82
CA ARG KA 70 -3.63 68.94 -3.60
C ARG KA 70 -3.33 70.12 -4.51
N ILE KA 71 -2.53 71.09 -4.06
CA ILE KA 71 -2.06 72.18 -4.93
C ILE KA 71 -1.09 71.64 -5.99
N ALA KA 72 -0.30 70.60 -5.69
CA ALA KA 72 0.54 69.96 -6.69
C ALA KA 72 -0.29 69.27 -7.78
N ALA KA 73 -1.36 68.56 -7.40
CA ALA KA 73 -2.28 67.94 -8.37
C ALA KA 73 -2.98 68.96 -9.27
N LEU KA 74 -3.34 70.13 -8.75
CA LEU KA 74 -3.93 71.23 -9.52
C LEU KA 74 -2.98 71.75 -10.62
N GLY KA 75 -1.67 71.54 -10.46
CA GLY KA 75 -0.66 71.95 -11.44
C GLY KA 75 -0.22 73.40 -11.30
N ASP KA 76 0.12 74.03 -12.43
CA ASP KA 76 0.71 75.38 -12.45
C ASP KA 76 -0.26 76.41 -11.84
N VAL KA 77 0.22 77.23 -10.90
CA VAL KA 77 -0.60 78.04 -10.00
C VAL KA 77 0.15 79.28 -9.53
N ILE KA 78 -0.53 80.38 -9.24
CA ILE KA 78 0.05 81.51 -8.51
C ILE KA 78 -0.32 81.35 -7.04
N LEU KA 79 0.50 80.60 -6.30
CA LEU KA 79 0.30 80.40 -4.86
C LEU KA 79 0.74 81.64 -4.08
N ASP KA 80 0.00 81.99 -3.04
CA ASP KA 80 0.25 83.15 -2.19
C ASP KA 80 0.39 82.74 -0.71
N THR KA 81 1.49 83.11 -0.07
CA THR KA 81 1.74 82.95 1.38
C THR KA 81 2.95 83.80 1.82
N HIS KA 82 3.15 84.04 3.11
CA HIS KA 82 4.39 84.69 3.58
C HIS KA 82 5.58 83.73 3.55
N CYS KA 83 6.78 84.22 3.25
CA CYS KA 83 8.01 83.42 3.37
C CYS KA 83 8.50 83.34 4.82
N THR KA 84 8.42 84.41 5.62
CA THR KA 84 8.52 84.30 7.09
C THR KA 84 7.47 85.17 7.79
N ILE KA 85 6.88 84.62 8.84
CA ILE KA 85 5.84 85.30 9.64
C ILE KA 85 6.49 85.78 10.92
N LYS KA 86 6.35 87.07 11.27
CA LYS KA 86 6.85 87.58 12.54
C LYS KA 86 5.90 87.18 13.68
N THR KA 87 6.44 86.66 14.78
CA THR KA 87 5.68 86.18 15.95
C THR KA 87 6.35 86.63 17.25
N PRO KA 88 5.70 86.52 18.43
CA PRO KA 88 6.34 86.84 19.70
C PRO KA 88 7.67 86.11 19.94
N LYS KA 89 7.82 84.86 19.48
CA LYS KA 89 9.08 84.08 19.54
C LYS KA 89 10.01 84.30 18.35
N GLY KA 90 9.81 85.37 17.57
CA GLY KA 90 10.62 85.72 16.41
C GLY KA 90 10.05 85.22 15.07
N TYR KA 91 10.89 85.11 14.06
CA TYR KA 91 10.48 84.74 12.71
C TYR KA 91 10.16 83.26 12.58
N LEU KA 92 9.04 82.91 11.98
CA LEU KA 92 8.63 81.55 11.69
C LEU KA 92 8.71 81.30 10.18
N PRO KA 93 9.44 80.27 9.69
CA PRO KA 93 9.45 79.89 8.29
C PRO KA 93 8.06 79.54 7.76
N GLY KA 94 7.65 80.19 6.67
CA GLY KA 94 6.35 79.97 6.05
C GLY KA 94 6.26 78.70 5.21
N LEU KA 95 7.38 78.21 4.68
CA LEU KA 95 7.45 77.02 3.82
C LEU KA 95 8.43 75.98 4.38
N PRO KA 96 8.01 75.16 5.36
CA PRO KA 96 8.81 74.03 5.80
C PRO KA 96 9.12 73.05 4.68
N ARG KA 97 10.20 72.28 4.82
CA ARG KA 97 10.64 71.30 3.82
C ARG KA 97 9.55 70.31 3.41
N TRP KA 98 8.70 69.85 4.32
CA TRP KA 98 7.61 68.93 3.98
C TRP KA 98 6.53 69.56 3.09
N VAL KA 99 6.34 70.88 3.11
CA VAL KA 99 5.53 71.57 2.10
C VAL KA 99 6.29 71.63 0.78
N LEU KA 100 7.53 72.10 0.86
CA LEU KA 100 8.32 72.46 -0.31
C LEU KA 100 8.64 71.26 -1.21
N GLU KA 101 8.91 70.09 -0.65
CA GLU KA 101 9.09 68.85 -1.41
C GLU KA 101 7.84 68.37 -2.15
N LYS KA 102 6.63 68.80 -1.74
CA LYS KA 102 5.39 68.50 -2.45
C LYS KA 102 5.11 69.52 -3.56
N LEU KA 103 5.18 70.82 -3.26
CA LEU KA 103 4.94 71.86 -4.26
C LEU KA 103 5.98 71.89 -5.38
N ARG KA 104 7.26 71.70 -5.04
CA ARG KA 104 8.40 71.79 -5.97
C ARG KA 104 8.36 73.05 -6.85
N PRO KA 105 8.34 74.26 -6.27
CA PRO KA 105 8.14 75.50 -7.03
C PRO KA 105 9.18 75.69 -8.13
N SER KA 106 8.79 76.25 -9.26
CA SER KA 106 9.72 76.72 -10.28
C SER KA 106 10.27 78.12 -9.97
N VAL KA 107 9.50 78.97 -9.30
CA VAL KA 107 9.93 80.31 -8.90
C VAL KA 107 9.41 80.67 -7.53
N ILE KA 108 10.25 81.30 -6.72
CA ILE KA 108 9.84 82.09 -5.56
C ILE KA 108 9.98 83.55 -5.95
N LEU KA 109 8.91 84.33 -5.83
CA LEU KA 109 8.92 85.75 -6.13
C LEU KA 109 8.82 86.50 -4.82
N LEU KA 110 9.75 87.43 -4.59
CA LEU KA 110 9.84 88.20 -3.37
C LEU KA 110 9.63 89.69 -3.68
N VAL KA 111 8.61 90.30 -3.10
CA VAL KA 111 8.29 91.71 -3.33
C VAL KA 111 8.97 92.57 -2.27
N GLU KA 112 9.61 93.67 -2.67
CA GLU KA 112 10.35 94.57 -1.78
C GLU KA 112 10.04 96.05 -2.04
N ALA KA 113 10.15 96.88 -1.01
CA ALA KA 113 10.08 98.34 -1.09
C ALA KA 113 10.99 98.92 0.00
N ASP KA 114 11.32 100.22 -0.04
CA ASP KA 114 12.22 100.78 0.98
C ASP KA 114 11.57 100.75 2.38
N PRO KA 115 12.32 100.41 3.45
CA PRO KA 115 11.81 100.46 4.82
C PRO KA 115 11.08 101.75 5.19
N LYS KA 116 11.53 102.91 4.68
CA LYS KA 116 10.88 104.20 4.93
C LYS KA 116 9.52 104.31 4.25
N GLU KA 117 9.39 103.79 3.03
CA GLU KA 117 8.09 103.70 2.36
C GLU KA 117 7.14 102.81 3.14
N ILE KA 118 7.60 101.62 3.55
CA ILE KA 118 6.78 100.66 4.29
C ILE KA 118 6.37 101.24 5.64
N TYR KA 119 7.29 101.89 6.35
CA TYR KA 119 6.96 102.58 7.59
C TYR KA 119 5.92 103.68 7.37
N GLY KA 120 6.05 104.46 6.30
CA GLY KA 120 5.04 105.44 5.89
C GLY KA 120 3.66 104.81 5.65
N ARG KA 121 3.59 103.70 4.91
CA ARG KA 121 2.32 102.98 4.67
C ARG KA 121 1.74 102.44 5.97
N ARG KA 122 2.56 101.85 6.83
CA ARG KA 122 2.15 101.32 8.13
C ARG KA 122 1.71 102.40 9.12
N LEU KA 123 2.29 103.60 9.03
CA LEU KA 123 1.86 104.75 9.83
C LEU KA 123 0.52 105.33 9.33
N LYS KA 124 0.30 105.34 8.01
CA LYS KA 124 -0.95 105.76 7.36
C LYS KA 124 -2.09 104.75 7.50
N ASP KA 125 -1.78 103.48 7.71
CA ASP KA 125 -2.76 102.44 8.03
C ASP KA 125 -3.38 102.64 9.42
N ASP KA 133 6.80 98.50 13.93
CA ASP KA 133 8.23 98.20 13.83
C ASP KA 133 9.01 99.45 13.39
N SER KA 134 10.25 99.62 13.85
CA SER KA 134 11.16 100.61 13.28
C SER KA 134 11.57 100.25 11.85
N GLU KA 135 12.12 101.21 11.12
CA GLU KA 135 12.74 100.96 9.83
C GLU KA 135 13.88 99.94 9.94
N GLU KA 136 14.59 99.90 11.06
CA GLU KA 136 15.63 98.90 11.32
C GLU KA 136 15.03 97.49 11.41
N GLU KA 137 13.93 97.31 12.14
CA GLU KA 137 13.25 96.03 12.25
C GLU KA 137 12.59 95.61 10.92
N ILE KA 138 12.13 96.56 10.12
CA ILE KA 138 11.65 96.30 8.76
C ILE KA 138 12.80 95.82 7.87
N ALA KA 139 13.93 96.53 7.86
CA ALA KA 139 15.11 96.14 7.08
C ALA KA 139 15.65 94.76 7.51
N GLU KA 140 15.62 94.47 8.81
CA GLU KA 140 15.94 93.15 9.32
C GLU KA 140 15.00 92.08 8.76
N HIS KA 141 13.68 92.28 8.83
CA HIS KA 141 12.73 91.29 8.32
C HIS KA 141 12.91 91.04 6.82
N GLN KA 142 13.16 92.08 6.03
CA GLN KA 142 13.49 91.91 4.62
C GLN KA 142 14.76 91.08 4.42
N MET KA 143 15.83 91.38 5.15
CA MET KA 143 17.06 90.61 5.05
C MET KA 143 16.84 89.14 5.45
N MET KA 144 16.06 88.87 6.49
CA MET KA 144 15.71 87.50 6.84
C MET KA 144 14.88 86.82 5.76
N ASN KA 145 13.98 87.53 5.08
CA ASN KA 145 13.24 86.95 3.97
C ASN KA 145 14.16 86.55 2.80
N ARG KA 146 15.16 87.37 2.45
CA ARG KA 146 16.11 87.00 1.39
C ARG KA 146 16.83 85.70 1.74
N ALA KA 147 17.31 85.58 2.97
CA ALA KA 147 17.97 84.36 3.43
C ALA KA 147 17.02 83.16 3.37
N ALA KA 148 15.77 83.32 3.81
CA ALA KA 148 14.79 82.25 3.80
C ALA KA 148 14.47 81.79 2.37
N ALA KA 149 14.24 82.73 1.45
CA ALA KA 149 13.94 82.41 0.07
C ALA KA 149 15.08 81.61 -0.58
N MET KA 150 16.33 82.07 -0.43
CA MET KA 150 17.47 81.38 -1.01
C MET KA 150 17.72 80.01 -0.36
N ALA KA 151 17.41 79.85 0.93
CA ALA KA 151 17.42 78.53 1.55
C ALA KA 151 16.39 77.61 0.89
N TYR KA 152 15.15 78.06 0.69
CA TYR KA 152 14.14 77.27 -0.04
C TYR KA 152 14.60 76.94 -1.46
N ALA KA 153 15.23 77.89 -2.15
CA ALA KA 153 15.75 77.66 -3.48
C ALA KA 153 16.71 76.47 -3.50
N SER KA 154 17.70 76.46 -2.60
CA SER KA 154 18.69 75.38 -2.52
C SER KA 154 18.09 74.00 -2.22
N LEU KA 155 16.97 73.94 -1.51
CA LEU KA 155 16.26 72.69 -1.20
C LEU KA 155 15.48 72.10 -2.37
N SER KA 156 15.19 72.90 -3.40
CA SER KA 156 14.09 72.62 -4.34
C SER KA 156 14.39 72.87 -5.82
N GLY KA 157 15.45 73.61 -6.14
CA GLY KA 157 15.73 74.07 -7.50
C GLY KA 157 14.89 75.27 -7.95
N ALA KA 158 14.08 75.87 -7.07
CA ALA KA 158 13.30 77.04 -7.43
C ALA KA 158 14.20 78.24 -7.77
N THR KA 159 13.86 78.98 -8.82
CA THR KA 159 14.50 80.27 -9.11
C THR KA 159 14.04 81.31 -8.10
N VAL KA 160 14.82 82.34 -7.78
CA VAL KA 160 14.38 83.45 -6.89
C VAL KA 160 14.39 84.78 -7.61
N LYS KA 161 13.26 85.47 -7.68
CA LYS KA 161 13.12 86.79 -8.31
C LYS KA 161 12.76 87.85 -7.27
N ILE KA 162 13.49 88.96 -7.25
CA ILE KA 162 13.16 90.12 -6.41
C ILE KA 162 12.50 91.20 -7.25
N VAL KA 163 11.39 91.75 -6.78
CA VAL KA 163 10.62 92.81 -7.47
C VAL KA 163 10.45 94.04 -6.60
N PHE KA 164 10.97 95.19 -7.03
CA PHE KA 164 10.74 96.46 -6.32
C PHE KA 164 9.34 97.01 -6.57
N ASN KA 165 8.71 97.56 -5.54
CA ASN KA 165 7.37 98.14 -5.59
C ASN KA 165 7.31 99.49 -4.83
N HIS KA 166 8.13 100.44 -5.27
CA HIS KA 166 8.12 101.80 -4.74
C HIS KA 166 6.75 102.48 -4.92
N ASP KA 167 6.39 103.41 -4.03
CA ASP KA 167 5.01 103.90 -3.84
C ASP KA 167 4.29 104.32 -5.13
N ASN KA 168 4.88 105.21 -5.92
CA ASN KA 168 4.27 105.72 -7.16
C ASN KA 168 4.40 104.76 -8.35
N ARG KA 169 5.31 103.78 -8.26
CA ARG KA 169 5.92 103.10 -9.41
C ARG KA 169 5.40 101.69 -9.62
N LEU KA 170 4.10 101.46 -9.37
CA LEU KA 170 3.44 100.17 -9.56
C LEU KA 170 3.69 99.57 -10.95
N ASP KA 171 3.78 100.40 -11.98
CA ASP KA 171 4.10 99.95 -13.35
C ASP KA 171 5.46 99.25 -13.44
N ASP KA 172 6.48 99.70 -12.69
CA ASP KA 172 7.78 99.02 -12.63
C ASP KA 172 7.65 97.64 -11.97
N ALA KA 173 6.89 97.54 -10.88
CA ALA KA 173 6.65 96.27 -10.21
C ALA KA 173 5.94 95.28 -11.14
N VAL KA 174 4.88 95.72 -11.83
CA VAL KA 174 4.12 94.86 -12.76
C VAL KA 174 4.96 94.48 -13.97
N ARG KA 175 5.77 95.40 -14.50
CA ARG KA 175 6.69 95.14 -15.62
C ARG KA 175 7.81 94.16 -15.25
N ASP KA 176 8.28 94.15 -14.00
CA ASP KA 176 9.19 93.10 -13.52
C ASP KA 176 8.48 91.78 -13.24
N ALA KA 177 7.24 91.80 -12.74
CA ALA KA 177 6.51 90.59 -12.39
C ALA KA 177 5.99 89.81 -13.62
N ALA KA 178 5.43 90.49 -14.62
CA ALA KA 178 4.82 89.82 -15.78
C ALA KA 178 5.76 88.85 -16.55
N PRO KA 179 7.05 89.14 -16.77
CA PRO KA 179 8.03 88.20 -17.35
C PRO KA 179 8.16 86.85 -16.64
N VAL KA 180 7.76 86.73 -15.37
CA VAL KA 180 7.83 85.47 -14.61
C VAL KA 180 6.72 84.49 -15.02
N LEU KA 181 5.57 85.03 -15.46
CA LEU KA 181 4.30 84.32 -15.61
C LEU KA 181 4.18 83.57 -16.95
N ILE LA 4 36.76 70.05 -3.11
CA ILE LA 4 36.70 71.54 -2.97
C ILE LA 4 35.83 72.11 -4.08
N VAL LA 5 35.04 73.15 -3.84
CA VAL LA 5 34.31 73.88 -4.89
C VAL LA 5 34.72 75.34 -4.90
N VAL LA 6 35.12 75.90 -6.03
CA VAL LA 6 35.44 77.34 -6.17
C VAL LA 6 34.31 78.05 -6.92
N THR LA 7 33.89 79.21 -6.42
CA THR LA 7 32.70 79.93 -6.91
C THR LA 7 32.90 81.44 -6.95
N GLY LA 8 32.17 82.14 -7.80
CA GLY LA 8 32.28 83.59 -7.95
C GLY LA 8 31.35 84.18 -9.02
N ILE LA 9 31.06 85.47 -8.89
CA ILE LA 9 30.27 86.27 -9.83
C ILE LA 9 31.08 86.59 -11.10
N PRO LA 10 30.50 86.52 -12.33
CA PRO LA 10 31.23 86.85 -13.55
C PRO LA 10 31.86 88.24 -13.54
N GLY LA 11 33.18 88.29 -13.74
CA GLY LA 11 34.02 89.48 -13.63
C GLY LA 11 34.90 89.54 -12.37
N VAL LA 12 34.67 88.69 -11.37
CA VAL LA 12 35.44 88.73 -10.10
C VAL LA 12 36.87 88.20 -10.23
N GLY LA 13 37.23 87.57 -11.35
CA GLY LA 13 38.58 87.03 -11.59
C GLY LA 13 38.79 85.60 -11.06
N LYS LA 14 37.69 84.83 -10.92
CA LYS LA 14 37.67 83.46 -10.40
C LYS LA 14 38.77 82.57 -10.97
N THR LA 15 38.89 82.51 -12.30
CA THR LA 15 39.84 81.61 -12.96
C THR LA 15 41.29 81.98 -12.65
N THR LA 16 41.61 83.27 -12.59
CA THR LA 16 42.97 83.74 -12.28
C THR LA 16 43.41 83.29 -10.89
N VAL LA 17 42.61 83.56 -9.85
CA VAL LA 17 42.96 83.19 -8.47
C VAL LA 17 43.06 81.68 -8.34
N MET LA 18 42.16 80.92 -8.95
CA MET LA 18 42.23 79.46 -8.97
C MET LA 18 43.52 78.97 -9.63
N GLN LA 19 43.88 79.47 -10.81
CA GLN LA 19 45.09 79.05 -11.54
C GLN LA 19 46.36 79.32 -10.73
N LYS LA 20 46.47 80.51 -10.13
CA LYS LA 20 47.61 80.86 -9.29
C LYS LA 20 47.68 80.04 -7.99
N ALA LA 21 46.57 79.83 -7.30
CA ALA LA 21 46.55 79.06 -6.06
C ALA LA 21 46.78 77.55 -6.29
N ALA LA 22 46.22 76.99 -7.35
CA ALA LA 22 46.37 75.57 -7.71
C ALA LA 22 47.75 75.24 -8.30
N GLU LA 23 48.64 76.22 -8.49
CA GLU LA 23 49.99 76.03 -9.01
C GLU LA 23 50.77 74.99 -8.18
N GLY LA 24 51.32 73.97 -8.84
CA GLY LA 24 52.04 72.87 -8.20
C GLY LA 24 51.18 71.87 -7.42
N SER LA 25 49.86 72.03 -7.37
CA SER LA 25 48.99 71.07 -6.68
C SER LA 25 48.83 69.77 -7.48
N PRO LA 26 48.81 68.59 -6.83
CA PRO LA 26 48.42 67.34 -7.47
C PRO LA 26 46.90 67.22 -7.71
N LEU LA 27 46.08 68.20 -7.30
CA LEU LA 27 44.63 68.13 -7.47
C LEU LA 27 44.20 68.30 -8.95
N PRO LA 28 43.31 67.44 -9.48
CA PRO LA 28 42.67 67.66 -10.77
C PRO LA 28 41.77 68.89 -10.77
N ARG LA 29 41.54 69.47 -11.93
CA ARG LA 29 40.77 70.70 -12.16
C ARG LA 29 39.58 70.41 -13.05
N VAL LA 30 38.37 70.73 -12.62
CA VAL LA 30 37.16 70.21 -13.28
C VAL LA 30 36.05 71.27 -13.38
N PRO LA 31 35.64 71.71 -14.57
CA PRO LA 31 34.42 72.47 -14.76
C PRO LA 31 33.20 71.53 -14.74
N LEU LA 32 32.21 71.78 -13.89
CA LEU LA 32 31.07 70.89 -13.73
C LEU LA 32 30.18 70.82 -14.98
N GLU LA 33 30.00 71.93 -15.68
CA GLU LA 33 29.21 71.97 -16.92
C GLU LA 33 29.85 71.10 -18.00
N GLY LA 34 31.19 71.12 -18.05
CA GLY LA 34 31.98 70.26 -18.92
C GLY LA 34 31.75 68.78 -18.64
N VAL LA 35 31.79 68.37 -17.36
CA VAL LA 35 31.50 66.98 -16.99
C VAL LA 35 30.08 66.60 -17.35
N MET LA 36 29.09 67.47 -17.10
CA MET LA 36 27.70 67.19 -17.46
C MET LA 36 27.55 66.99 -18.97
N TYR LA 37 28.15 67.85 -19.78
CA TYR LA 37 28.14 67.68 -21.24
C TYR LA 37 28.81 66.37 -21.64
N GLY LA 38 29.98 66.06 -21.09
CA GLY LA 38 30.68 64.82 -21.35
C GLY LA 38 29.85 63.59 -21.00
N VAL LA 39 29.21 63.56 -19.83
CA VAL LA 39 28.36 62.46 -19.40
C VAL LA 39 27.13 62.33 -20.31
N ALA LA 40 26.45 63.43 -20.61
CA ALA LA 40 25.29 63.40 -21.50
C ALA LA 40 25.66 62.96 -22.93
N LYS LA 41 26.79 63.45 -23.46
CA LYS LA 41 27.34 63.08 -24.78
C LYS LA 41 27.67 61.59 -24.85
N ARG LA 42 28.33 61.04 -23.83
CA ARG LA 42 28.68 59.62 -23.76
C ARG LA 42 27.49 58.70 -23.48
N MET LA 43 26.45 59.22 -22.83
CA MET LA 43 25.14 58.59 -22.75
C MET LA 43 24.30 58.74 -24.03
N GLY LA 44 24.78 59.49 -25.04
CA GLY LA 44 24.12 59.68 -26.33
C GLY LA 44 22.93 60.66 -26.31
N LEU LA 45 22.73 61.41 -25.23
CA LEU LA 45 21.60 62.31 -25.05
C LEU LA 45 21.72 63.60 -25.90
N VAL LA 46 22.96 64.00 -26.20
CA VAL LA 46 23.34 65.23 -26.90
C VAL LA 46 24.57 64.99 -27.76
N LYS LA 47 24.87 65.92 -28.66
CA LYS LA 47 26.14 66.00 -29.41
C LYS LA 47 26.81 67.37 -29.27
N ASP LA 48 26.06 68.45 -29.07
CA ASP LA 48 26.60 69.82 -29.02
C ASP LA 48 26.31 70.51 -27.67
N ILE LA 49 27.21 71.38 -27.21
CA ILE LA 49 27.18 71.98 -25.86
C ILE LA 49 25.90 72.79 -25.59
N ASP LA 50 25.34 73.45 -26.62
CA ASP LA 50 24.09 74.19 -26.49
C ASP LA 50 22.87 73.30 -26.21
N GLU LA 51 22.92 72.02 -26.58
CA GLU LA 51 21.81 71.10 -26.36
C GLU LA 51 21.59 70.79 -24.87
N MET LA 52 22.58 71.04 -24.02
CA MET LA 52 22.42 70.90 -22.56
C MET LA 52 21.29 71.77 -22.01
N ARG LA 53 21.07 72.95 -22.60
CA ARG LA 53 19.96 73.85 -22.25
C ARG LA 53 18.60 73.40 -22.80
N ARG LA 54 18.60 72.44 -23.74
CA ARG LA 54 17.41 71.90 -24.42
C ARG LA 54 16.90 70.60 -23.79
N LEU LA 55 17.69 69.94 -22.94
CA LEU LA 55 17.30 68.72 -22.22
C LEU LA 55 16.06 68.91 -21.36
N SER LA 56 15.28 67.84 -21.20
CA SER LA 56 14.16 67.78 -20.25
C SER LA 56 14.69 67.93 -18.82
N PRO LA 57 14.11 68.81 -17.97
CA PRO LA 57 14.60 69.05 -16.62
C PRO LA 57 14.84 67.80 -15.76
N ASP LA 58 13.95 66.80 -15.81
CA ASP LA 58 14.13 65.58 -15.01
C ASP LA 58 15.23 64.64 -15.55
N VAL LA 59 15.56 64.73 -16.84
CA VAL LA 59 16.79 64.13 -17.39
C VAL LA 59 18.01 64.91 -16.90
N GLN LA 60 17.94 66.24 -16.91
CA GLN LA 60 19.02 67.10 -16.44
C GLN LA 60 19.35 66.86 -14.96
N LYS LA 61 18.37 66.59 -14.10
CA LYS LA 61 18.60 66.14 -12.71
C LYS LA 61 19.45 64.87 -12.66
N GLU LA 62 19.12 63.87 -13.47
CA GLU LA 62 19.87 62.61 -13.49
C GLU LA 62 21.28 62.79 -14.09
N VAL LA 63 21.46 63.66 -15.09
CA VAL LA 63 22.79 64.03 -15.58
C VAL LA 63 23.61 64.69 -14.47
N GLN LA 64 23.04 65.63 -13.71
CA GLN LA 64 23.71 66.24 -12.56
C GLN LA 64 24.09 65.17 -11.52
N LYS LA 65 23.17 64.27 -11.21
CA LYS LA 65 23.42 63.16 -10.27
C LYS LA 65 24.56 62.26 -10.72
N LYS LA 66 24.56 61.81 -11.98
CA LYS LA 66 25.63 60.96 -12.54
C LYS LA 66 26.97 61.67 -12.62
N ALA LA 67 27.00 62.92 -13.06
CA ALA LA 67 28.22 63.71 -13.08
C ALA LA 67 28.82 63.82 -11.67
N ALA LA 68 28.00 64.13 -10.66
CA ALA LA 68 28.46 64.19 -9.29
C ALA LA 68 28.97 62.84 -8.78
N GLU LA 69 28.30 61.71 -9.07
CA GLU LA 69 28.80 60.39 -8.68
C GLU LA 69 30.19 60.12 -9.27
N ARG LA 70 30.41 60.47 -10.53
CA ARG LA 70 31.68 60.24 -11.22
C ARG LA 70 32.78 61.16 -10.70
N ILE LA 71 32.46 62.40 -10.32
CA ILE LA 71 33.41 63.29 -9.66
C ILE LA 71 33.70 62.82 -8.22
N ALA LA 72 32.70 62.28 -7.52
CA ALA LA 72 32.91 61.73 -6.18
C ALA LA 72 33.84 60.50 -6.23
N ALA LA 73 33.70 59.64 -7.24
CA ALA LA 73 34.62 58.53 -7.46
C ALA LA 73 36.06 59.00 -7.79
N LEU LA 74 36.23 60.08 -8.55
CA LEU LA 74 37.54 60.66 -8.84
C LEU LA 74 38.24 61.14 -7.56
N GLY LA 75 37.48 61.54 -6.54
CA GLY LA 75 38.00 61.93 -5.24
C GLY LA 75 38.35 63.41 -5.13
N ASP LA 76 39.43 63.73 -4.42
CA ASP LA 76 39.78 65.10 -4.07
C ASP LA 76 40.09 65.93 -5.33
N VAL LA 77 39.40 67.05 -5.51
CA VAL LA 77 39.34 67.79 -6.79
C VAL LA 77 39.11 69.28 -6.56
N ILE LA 78 39.62 70.15 -7.42
CA ILE LA 78 39.21 71.55 -7.47
C ILE LA 78 38.09 71.69 -8.49
N LEU LA 79 36.84 71.52 -8.03
CA LEU LA 79 35.66 71.69 -8.87
C LEU LA 79 35.37 73.17 -9.09
N ASP LA 80 34.89 73.52 -10.27
CA ASP LA 80 34.54 74.89 -10.65
C ASP LA 80 33.10 74.96 -11.20
N THR LA 81 32.25 75.79 -10.60
CA THR LA 81 30.94 76.20 -11.14
C THR LA 81 30.42 77.45 -10.40
N HIS LA 82 29.43 78.16 -10.93
CA HIS LA 82 28.79 79.28 -10.20
C HIS LA 82 27.91 78.76 -9.05
N CYS LA 83 27.86 79.46 -7.92
CA CYS LA 83 26.94 79.13 -6.83
C CYS LA 83 25.51 79.62 -7.11
N THR LA 84 25.32 80.78 -7.74
CA THR LA 84 24.04 81.15 -8.36
C THR LA 84 24.24 81.79 -9.73
N ILE LA 85 23.37 81.41 -10.67
CA ILE LA 85 23.40 81.88 -12.06
C ILE LA 85 22.27 82.88 -12.23
N LYS LA 86 22.56 84.10 -12.70
CA LYS LA 86 21.50 85.09 -12.96
C LYS LA 86 20.78 84.79 -14.26
N THR LA 87 19.44 84.81 -14.26
CA THR LA 87 18.59 84.45 -15.41
C THR LA 87 17.41 85.44 -15.53
N PRO LA 88 16.65 85.47 -16.64
CA PRO LA 88 15.46 86.31 -16.77
C PRO LA 88 14.44 86.12 -15.63
N LYS LA 89 14.32 84.91 -15.10
CA LYS LA 89 13.46 84.58 -13.94
C LYS LA 89 14.14 84.79 -12.58
N GLY LA 90 15.23 85.55 -12.53
CA GLY LA 90 16.02 85.78 -11.31
C GLY LA 90 17.14 84.75 -11.11
N TYR LA 91 17.62 84.62 -9.88
CA TYR LA 91 18.76 83.77 -9.53
C TYR LA 91 18.39 82.29 -9.52
N LEU LA 92 19.20 81.46 -10.15
CA LEU LA 92 19.07 80.01 -10.15
C LEU LA 92 20.17 79.39 -9.27
N PRO LA 93 19.85 78.54 -8.29
CA PRO LA 93 20.85 77.79 -7.52
C PRO LA 93 21.72 76.91 -8.41
N GLY LA 94 23.04 77.06 -8.32
CA GLY LA 94 24.01 76.31 -9.13
C GLY LA 94 24.24 74.87 -8.65
N LEU LA 95 24.03 74.58 -7.37
CA LEU LA 95 24.28 73.28 -6.76
C LEU LA 95 23.05 72.79 -5.97
N PRO LA 96 22.06 72.18 -6.62
CA PRO LA 96 20.92 71.57 -5.94
C PRO LA 96 21.33 70.52 -4.92
N ARG LA 97 20.44 70.20 -3.97
CA ARG LA 97 20.68 69.18 -2.94
C ARG LA 97 21.13 67.83 -3.48
N TRP LA 98 20.58 67.36 -4.61
CA TRP LA 98 20.99 66.08 -5.19
C TRP LA 98 22.43 66.07 -5.70
N VAL LA 99 23.05 67.22 -5.96
CA VAL LA 99 24.49 67.31 -6.21
C VAL LA 99 25.28 67.18 -4.91
N LEU LA 100 24.92 67.94 -3.88
CA LEU LA 100 25.63 67.95 -2.59
C LEU LA 100 25.64 66.59 -1.92
N GLU LA 101 24.52 65.86 -1.95
CA GLU LA 101 24.45 64.52 -1.38
C GLU LA 101 25.42 63.52 -2.05
N LYS LA 102 25.85 63.77 -3.29
CA LYS LA 102 26.85 62.98 -4.01
C LYS LA 102 28.26 63.52 -3.82
N LEU LA 103 28.52 64.80 -4.07
CA LEU LA 103 29.88 65.38 -3.95
C LEU LA 103 30.40 65.39 -2.52
N ARG LA 104 29.54 65.71 -1.54
CA ARG LA 104 29.89 65.91 -0.12
C ARG LA 104 31.11 66.81 0.07
N PRO LA 105 31.09 68.07 -0.42
CA PRO LA 105 32.26 68.95 -0.39
C PRO LA 105 32.81 69.16 1.01
N SER LA 106 34.13 69.24 1.16
CA SER LA 106 34.74 69.67 2.42
C SER LA 106 34.80 71.19 2.53
N VAL LA 107 34.91 71.92 1.42
CA VAL LA 107 34.96 73.37 1.38
C VAL LA 107 34.19 73.92 0.20
N ILE LA 108 33.46 75.01 0.43
CA ILE LA 108 32.99 75.94 -0.59
C ILE LA 108 33.82 77.21 -0.48
N LEU LA 109 34.44 77.63 -1.57
CA LEU LA 109 35.23 78.85 -1.62
C LEU LA 109 34.50 79.88 -2.46
N LEU LA 110 34.34 81.08 -1.93
CA LEU LA 110 33.59 82.16 -2.55
C LEU LA 110 34.51 83.37 -2.78
N VAL LA 111 34.66 83.79 -4.03
CA VAL LA 111 35.55 84.90 -4.40
C VAL LA 111 34.76 86.20 -4.51
N GLU LA 112 35.24 87.29 -3.92
CA GLU LA 112 34.57 88.59 -3.88
C GLU LA 112 35.49 89.76 -4.23
N ALA LA 113 34.92 90.84 -4.74
CA ALA LA 113 35.58 92.12 -5.00
C ALA LA 113 34.58 93.26 -4.80
N ASP LA 114 35.03 94.52 -4.73
CA ASP LA 114 34.09 95.63 -4.56
C ASP LA 114 33.14 95.77 -5.77
N PRO LA 115 31.84 96.05 -5.57
CA PRO LA 115 30.92 96.28 -6.68
C PRO LA 115 31.42 97.30 -7.70
N LYS LA 116 32.14 98.35 -7.28
CA LYS LA 116 32.72 99.35 -8.16
C LYS LA 116 33.89 98.81 -8.98
N GLU LA 117 34.73 97.95 -8.40
CA GLU LA 117 35.78 97.24 -9.14
C GLU LA 117 35.16 96.34 -10.21
N ILE LA 118 34.16 95.54 -9.83
CA ILE LA 118 33.46 94.64 -10.75
C ILE LA 118 32.79 95.44 -11.86
N TYR LA 119 32.13 96.55 -11.52
CA TYR LA 119 31.54 97.43 -12.53
C TYR LA 119 32.60 97.99 -13.48
N GLY LA 120 33.75 98.41 -12.98
CA GLY LA 120 34.89 98.82 -13.80
C GLY LA 120 35.36 97.72 -14.75
N ARG LA 121 35.58 96.50 -14.26
CA ARG LA 121 35.98 95.36 -15.09
C ARG LA 121 34.94 95.01 -16.15
N ARG LA 122 33.66 95.07 -15.80
CA ARG LA 122 32.54 94.81 -16.73
C ARG LA 122 32.36 95.92 -17.75
N LEU LA 123 32.66 97.17 -17.41
CA LEU LA 123 32.62 98.29 -18.35
C LEU LA 123 33.79 98.21 -19.35
N LYS LA 124 34.97 97.81 -18.89
CA LYS LA 124 36.20 97.62 -19.69
C LYS LA 124 36.23 96.30 -20.45
N ASP LA 125 35.10 95.89 -21.02
CA ASP LA 125 34.92 94.63 -21.75
C ASP LA 125 34.11 94.82 -23.04
N ASP LA 133 24.74 95.39 -15.17
CA ASP LA 133 24.10 95.52 -13.85
C ASP LA 133 24.60 96.78 -13.13
N SER LA 134 23.75 97.45 -12.36
CA SER LA 134 24.19 98.49 -11.43
C SER LA 134 25.05 97.92 -10.31
N GLU LA 135 25.79 98.78 -9.61
CA GLU LA 135 26.52 98.39 -8.40
C GLU LA 135 25.58 97.85 -7.31
N GLU LA 136 24.32 98.29 -7.29
CA GLU LA 136 23.31 97.73 -6.40
C GLU LA 136 22.96 96.29 -6.78
N GLU LA 137 22.71 96.01 -8.06
CA GLU LA 137 22.44 94.64 -8.53
C GLU LA 137 23.66 93.72 -8.40
N ILE LA 138 24.87 94.26 -8.50
CA ILE LA 138 26.09 93.51 -8.21
C ILE LA 138 26.16 93.18 -6.71
N ALA LA 139 25.96 94.16 -5.83
CA ALA LA 139 25.97 93.94 -4.39
C ALA LA 139 24.87 92.97 -3.94
N GLU LA 140 23.70 93.03 -4.57
CA GLU LA 140 22.63 92.07 -4.38
C GLU LA 140 23.06 90.66 -4.78
N HIS LA 141 23.63 90.46 -5.97
CA HIS LA 141 24.06 89.14 -6.41
C HIS LA 141 25.12 88.55 -5.47
N GLN LA 142 26.07 89.36 -4.98
CA GLN LA 142 26.99 88.92 -3.95
C GLN LA 142 26.28 88.48 -2.67
N MET LA 143 25.35 89.28 -2.15
CA MET LA 143 24.61 88.92 -0.94
C MET LA 143 23.82 87.63 -1.14
N MET LA 144 23.18 87.45 -2.29
CA MET LA 144 22.49 86.19 -2.60
C MET LA 144 23.47 85.01 -2.69
N ASN LA 145 24.68 85.21 -3.21
CA ASN LA 145 25.68 84.15 -3.18
C ASN LA 145 26.07 83.76 -1.75
N ARG LA 146 26.28 84.72 -0.84
CA ARG LA 146 26.60 84.38 0.56
C ARG LA 146 25.50 83.55 1.20
N ALA LA 147 24.25 83.95 1.01
CA ALA LA 147 23.12 83.17 1.49
C ALA LA 147 23.10 81.76 0.88
N ALA LA 148 23.31 81.63 -0.43
CA ALA LA 148 23.33 80.33 -1.10
C ALA LA 148 24.46 79.44 -0.58
N ALA LA 149 25.66 79.98 -0.42
CA ALA LA 149 26.81 79.24 0.07
C ALA LA 149 26.56 78.70 1.48
N MET LA 150 26.06 79.54 2.39
CA MET LA 150 25.82 79.10 3.75
C MET LA 150 24.66 78.10 3.84
N ALA LA 151 23.66 78.20 2.97
CA ALA LA 151 22.65 77.15 2.85
C ALA LA 151 23.26 75.83 2.40
N TYR LA 152 24.11 75.83 1.37
CA TYR LA 152 24.83 74.63 0.92
C TYR LA 152 25.68 74.03 2.03
N ALA LA 153 26.34 74.86 2.83
CA ALA LA 153 27.13 74.41 3.95
C ALA LA 153 26.27 73.63 4.95
N SER LA 154 25.15 74.18 5.37
CA SER LA 154 24.27 73.53 6.35
C SER LA 154 23.71 72.18 5.88
N LEU LA 155 23.53 71.99 4.57
CA LEU LA 155 23.06 70.73 3.98
C LEU LA 155 24.14 69.64 3.94
N SER LA 156 25.41 69.99 4.08
CA SER LA 156 26.54 69.13 3.70
C SER LA 156 27.65 69.00 4.73
N GLY LA 157 27.75 69.92 5.69
CA GLY LA 157 28.88 70.03 6.59
C GLY LA 157 30.13 70.65 5.95
N ALA LA 158 30.05 71.16 4.73
CA ALA LA 158 31.16 71.88 4.10
C ALA LA 158 31.54 73.15 4.87
N THR LA 159 32.82 73.46 4.93
CA THR LA 159 33.29 74.77 5.42
C THR LA 159 33.03 75.84 4.36
N VAL LA 160 32.84 77.10 4.73
CA VAL LA 160 32.75 78.22 3.76
C VAL LA 160 33.87 79.22 3.96
N LYS LA 161 34.62 79.54 2.92
CA LYS LA 161 35.71 80.52 2.93
C LYS LA 161 35.40 81.65 1.97
N ILE LA 162 35.59 82.90 2.40
CA ILE LA 162 35.49 84.08 1.53
C ILE LA 162 36.90 84.59 1.20
N VAL LA 163 37.17 84.85 -0.07
CA VAL LA 163 38.45 85.37 -0.56
C VAL LA 163 38.25 86.69 -1.29
N PHE LA 164 38.85 87.78 -0.81
CA PHE LA 164 38.88 89.05 -1.54
C PHE LA 164 39.88 89.00 -2.70
N ASN LA 165 39.53 89.63 -3.82
CA ASN LA 165 40.37 89.72 -5.02
C ASN LA 165 40.32 91.12 -5.65
N HIS LA 166 40.71 92.13 -4.87
CA HIS LA 166 40.83 93.52 -5.34
C HIS LA 166 41.82 93.65 -6.51
N ASP LA 167 41.61 94.63 -7.40
CA ASP LA 167 42.22 94.67 -8.74
C ASP LA 167 43.74 94.45 -8.77
N ASN LA 168 44.50 95.24 -8.01
CA ASN LA 168 45.97 95.15 -7.97
C ASN LA 168 46.51 94.04 -7.06
N ARG LA 169 45.66 93.48 -6.20
CA ARG LA 169 46.05 92.74 -4.99
C ARG LA 169 45.90 91.23 -5.14
N LEU LA 170 46.15 90.69 -6.34
CA LEU LA 170 46.04 89.27 -6.63
C LEU LA 170 46.87 88.39 -5.67
N ASP LA 171 48.01 88.88 -5.20
CA ASP LA 171 48.82 88.16 -4.20
C ASP LA 171 48.08 87.96 -2.87
N ASP LA 172 47.21 88.87 -2.44
CA ASP LA 172 46.35 88.67 -1.27
C ASP LA 172 45.34 87.55 -1.52
N ALA LA 173 44.69 87.54 -2.69
CA ALA LA 173 43.74 86.49 -3.04
C ALA LA 173 44.40 85.11 -3.03
N VAL LA 174 45.59 85.00 -3.64
CA VAL LA 174 46.33 83.73 -3.71
C VAL LA 174 46.85 83.31 -2.33
N ARG LA 175 47.33 84.27 -1.51
CA ARG LA 175 47.75 84.00 -0.13
C ARG LA 175 46.59 83.52 0.75
N ASP LA 176 45.37 83.99 0.52
CA ASP LA 176 44.18 83.45 1.20
C ASP LA 176 43.72 82.11 0.62
N ALA LA 177 43.84 81.88 -0.69
CA ALA LA 177 43.35 80.66 -1.31
C ALA LA 177 44.24 79.42 -1.06
N ALA LA 178 45.56 79.56 -1.14
CA ALA LA 178 46.48 78.42 -1.00
C ALA LA 178 46.35 77.63 0.34
N PRO LA 179 46.13 78.26 1.50
CA PRO LA 179 45.84 77.58 2.77
C PRO LA 179 44.66 76.60 2.79
N VAL LA 180 43.75 76.70 1.82
CA VAL LA 180 42.55 75.85 1.75
C VAL LA 180 42.87 74.45 1.18
N LEU LA 181 43.87 74.37 0.30
CA LEU LA 181 44.21 73.21 -0.54
C LEU LA 181 44.90 72.06 0.23
N ILE MA 4 -18.57 76.80 -4.95
CA ILE MA 4 -19.39 77.88 -5.58
C ILE MA 4 -19.00 77.99 -7.05
N VAL MA 5 -19.95 78.19 -7.97
CA VAL MA 5 -19.66 78.52 -9.38
C VAL MA 5 -20.24 79.89 -9.72
N VAL MA 6 -19.44 80.78 -10.28
CA VAL MA 6 -19.88 82.12 -10.73
C VAL MA 6 -19.94 82.17 -12.24
N THR MA 7 -21.02 82.73 -12.80
CA THR MA 7 -21.30 82.70 -14.24
C THR MA 7 -21.93 84.00 -14.74
N GLY MA 8 -21.78 84.27 -16.03
CA GLY MA 8 -22.35 85.48 -16.65
C GLY MA 8 -22.06 85.57 -18.16
N ILE MA 9 -22.87 86.39 -18.84
CA ILE MA 9 -22.71 86.73 -20.26
C ILE MA 9 -21.52 87.69 -20.47
N PRO MA 10 -20.65 87.51 -21.48
CA PRO MA 10 -19.57 88.44 -21.78
C PRO MA 10 -20.05 89.89 -21.93
N GLY MA 11 -19.50 90.78 -21.11
CA GLY MA 11 -19.91 92.19 -21.00
C GLY MA 11 -20.71 92.54 -19.74
N VAL MA 12 -21.21 91.57 -18.97
CA VAL MA 12 -22.02 91.85 -17.76
C VAL MA 12 -21.21 92.37 -16.56
N GLY MA 13 -19.87 92.30 -16.60
CA GLY MA 13 -19.00 92.77 -15.51
C GLY MA 13 -18.73 91.72 -14.43
N LYS MA 14 -18.81 90.43 -14.79
CA LYS MA 14 -18.61 89.27 -13.91
C LYS MA 14 -17.38 89.39 -13.02
N THR MA 15 -16.22 89.71 -13.61
CA THR MA 15 -14.95 89.74 -12.87
C THR MA 15 -14.94 90.80 -11.78
N THR MA 16 -15.50 91.98 -12.04
CA THR MA 16 -15.54 93.08 -11.07
C THR MA 16 -16.36 92.73 -9.83
N VAL MA 17 -17.57 92.18 -10.00
CA VAL MA 17 -18.40 91.78 -8.85
C VAL MA 17 -17.75 90.66 -8.06
N MET MA 18 -17.17 89.67 -8.72
CA MET MA 18 -16.41 88.62 -8.05
C MET MA 18 -15.21 89.19 -7.28
N GLN MA 19 -14.36 90.01 -7.89
CA GLN MA 19 -13.18 90.59 -7.24
C GLN MA 19 -13.54 91.40 -5.99
N LYS MA 20 -14.60 92.21 -6.06
CA LYS MA 20 -15.05 93.03 -4.94
C LYS MA 20 -15.69 92.20 -3.83
N ALA MA 21 -16.56 91.25 -4.15
CA ALA MA 21 -17.22 90.43 -3.12
C ALA MA 21 -16.28 89.40 -2.49
N ALA MA 22 -15.37 88.81 -3.25
CA ALA MA 22 -14.40 87.82 -2.75
C ALA MA 22 -13.28 88.45 -1.90
N GLU MA 23 -13.20 89.78 -1.81
CA GLU MA 23 -12.18 90.48 -1.01
C GLU MA 23 -12.20 90.04 0.46
N GLY MA 24 -11.03 89.73 1.02
CA GLY MA 24 -10.88 89.18 2.37
C GLY MA 24 -11.34 87.73 2.57
N SER MA 25 -11.82 87.03 1.54
CA SER MA 25 -12.18 85.62 1.65
C SER MA 25 -10.95 84.71 1.68
N PRO MA 26 -10.94 83.63 2.50
CA PRO MA 26 -9.94 82.58 2.42
C PRO MA 26 -10.13 81.63 1.22
N LEU MA 27 -11.18 81.80 0.39
CA LEU MA 27 -11.45 80.89 -0.72
C LEU MA 27 -10.44 81.03 -1.87
N PRO MA 28 -9.91 79.93 -2.43
CA PRO MA 28 -9.17 79.96 -3.69
C PRO MA 28 -10.04 80.42 -4.86
N ARG MA 29 -9.42 81.00 -5.88
CA ARG MA 29 -10.09 81.60 -7.06
C ARG MA 29 -9.62 80.89 -8.31
N VAL MA 30 -10.53 80.29 -9.08
CA VAL MA 30 -10.12 79.33 -10.12
C VAL MA 30 -10.88 79.57 -11.43
N PRO MA 31 -10.20 79.77 -12.57
CA PRO MA 31 -10.82 79.69 -13.89
C PRO MA 31 -10.83 78.23 -14.38
N LEU MA 32 -11.99 77.69 -14.73
CA LEU MA 32 -12.10 76.27 -15.10
C LEU MA 32 -11.32 75.93 -16.37
N GLU MA 33 -11.34 76.81 -17.37
CA GLU MA 33 -10.64 76.60 -18.64
C GLU MA 33 -9.13 76.53 -18.41
N GLY MA 34 -8.62 77.40 -17.53
CA GLY MA 34 -7.23 77.42 -17.12
C GLY MA 34 -6.81 76.10 -16.45
N VAL MA 35 -7.63 75.57 -15.55
CA VAL MA 35 -7.34 74.27 -14.94
C VAL MA 35 -7.39 73.15 -15.96
N MET MA 36 -8.35 73.15 -16.88
CA MET MA 36 -8.40 72.15 -17.94
C MET MA 36 -7.12 72.17 -18.78
N TYR MA 37 -6.66 73.36 -19.16
CA TYR MA 37 -5.39 73.51 -19.87
C TYR MA 37 -4.22 73.00 -19.04
N GLY MA 38 -4.13 73.39 -17.77
CA GLY MA 38 -3.09 72.91 -16.86
C GLY MA 38 -3.06 71.39 -16.73
N VAL MA 39 -4.23 70.75 -16.55
CA VAL MA 39 -4.33 69.29 -16.46
C VAL MA 39 -3.92 68.63 -17.78
N ALA MA 40 -4.43 69.10 -18.92
CA ALA MA 40 -4.07 68.55 -20.23
C ALA MA 40 -2.57 68.73 -20.54
N LYS MA 41 -2.01 69.89 -20.21
CA LYS MA 41 -0.59 70.23 -20.38
C LYS MA 41 0.31 69.33 -19.55
N ARG MA 42 -0.03 69.10 -18.27
CA ARG MA 42 0.72 68.21 -17.38
C ARG MA 42 0.52 66.71 -17.67
N MET MA 43 -0.59 66.36 -18.32
CA MET MA 43 -0.79 65.05 -18.97
C MET MA 43 -0.04 64.92 -20.31
N GLY MA 44 0.56 66.00 -20.82
CA GLY MA 44 1.34 66.03 -22.06
C GLY MA 44 0.50 66.12 -23.35
N LEU MA 45 -0.81 66.33 -23.24
CA LEU MA 45 -1.75 66.32 -24.37
C LEU MA 45 -1.66 67.58 -25.25
N VAL MA 46 -1.17 68.68 -24.68
CA VAL MA 46 -1.05 70.02 -25.29
C VAL MA 46 0.16 70.74 -24.73
N LYS MA 47 0.57 71.84 -25.38
CA LYS MA 47 1.55 72.81 -24.89
C LYS MA 47 1.01 74.24 -24.92
N ASP MA 48 0.12 74.58 -25.85
CA ASP MA 48 -0.41 75.94 -26.01
C ASP MA 48 -1.94 76.02 -25.81
N ILE MA 49 -2.43 77.14 -25.28
CA ILE MA 49 -3.84 77.31 -24.83
C ILE MA 49 -4.86 77.09 -25.97
N ASP MA 50 -4.51 77.46 -27.21
CA ASP MA 50 -5.36 77.24 -28.37
C ASP MA 50 -5.56 75.76 -28.73
N GLU MA 51 -4.60 74.89 -28.38
CA GLU MA 51 -4.68 73.47 -28.67
C GLU MA 51 -5.80 72.76 -27.91
N MET MA 52 -6.33 73.37 -26.85
CA MET MA 52 -7.50 72.84 -26.14
C MET MA 52 -8.73 72.69 -27.05
N ARG MA 53 -8.87 73.56 -28.05
CA ARG MA 53 -9.93 73.48 -29.08
C ARG MA 53 -9.67 72.40 -30.13
N ARG MA 54 -8.44 71.92 -30.23
CA ARG MA 54 -7.98 70.93 -31.21
C ARG MA 54 -8.01 69.49 -30.67
N LEU MA 55 -8.17 69.31 -29.36
CA LEU MA 55 -8.32 68.00 -28.73
C LEU MA 55 -9.55 67.25 -29.24
N SER MA 56 -9.46 65.93 -29.31
CA SER MA 56 -10.59 65.05 -29.62
C SER MA 56 -11.67 65.20 -28.54
N PRO MA 57 -12.96 65.41 -28.88
CA PRO MA 57 -14.01 65.61 -27.89
C PRO MA 57 -14.08 64.55 -26.78
N ASP MA 58 -13.89 63.27 -27.09
CA ASP MA 58 -13.94 62.20 -26.08
C ASP MA 58 -12.69 62.13 -25.19
N VAL MA 59 -11.58 62.74 -25.59
CA VAL MA 59 -10.45 63.05 -24.69
C VAL MA 59 -10.80 64.27 -23.84
N GLN MA 60 -11.40 65.30 -24.44
CA GLN MA 60 -11.79 66.52 -23.75
C GLN MA 60 -12.82 66.28 -22.63
N LYS MA 61 -13.71 65.29 -22.78
CA LYS MA 61 -14.57 64.79 -21.67
C LYS MA 61 -13.74 64.31 -20.47
N GLU MA 62 -12.70 63.54 -20.71
CA GLU MA 62 -11.85 63.06 -19.61
C GLU MA 62 -11.00 64.18 -19.00
N VAL MA 63 -10.54 65.16 -19.80
CA VAL MA 63 -9.90 66.36 -19.25
C VAL MA 63 -10.86 67.13 -18.34
N GLN MA 64 -12.12 67.33 -18.74
CA GLN MA 64 -13.14 67.92 -17.88
C GLN MA 64 -13.34 67.10 -16.61
N LYS MA 65 -13.47 65.79 -16.73
CA LYS MA 65 -13.65 64.88 -15.59
C LYS MA 65 -12.47 64.98 -14.60
N LYS MA 66 -11.22 64.91 -15.07
CA LYS MA 66 -10.04 65.00 -14.21
C LYS MA 66 -9.88 66.39 -13.58
N ALA MA 67 -10.08 67.46 -14.34
CA ALA MA 67 -10.06 68.82 -13.79
C ALA MA 67 -11.11 68.98 -12.68
N ALA MA 68 -12.32 68.48 -12.88
CA ALA MA 68 -13.34 68.53 -11.86
C ALA MA 68 -13.00 67.68 -10.63
N GLU MA 69 -12.46 66.48 -10.78
CA GLU MA 69 -12.00 65.67 -9.64
C GLU MA 69 -10.97 66.43 -8.80
N ARG MA 70 -10.03 67.11 -9.44
CA ARG MA 70 -8.96 67.85 -8.75
C ARG MA 70 -9.48 69.12 -8.07
N ILE MA 71 -10.39 69.86 -8.70
CA ILE MA 71 -11.03 71.00 -8.05
C ILE MA 71 -11.95 70.55 -6.91
N ALA MA 72 -12.57 69.37 -7.01
CA ALA MA 72 -13.32 68.81 -5.89
C ALA MA 72 -12.39 68.45 -4.72
N ALA MA 73 -11.24 67.84 -4.98
CA ALA MA 73 -10.27 67.52 -3.92
C ALA MA 73 -9.72 68.77 -3.23
N LEU MA 74 -9.55 69.89 -3.95
CA LEU MA 74 -9.16 71.18 -3.37
C LEU MA 74 -10.18 71.70 -2.35
N GLY MA 75 -11.45 71.31 -2.48
CA GLY MA 75 -12.53 71.71 -1.58
C GLY MA 75 -13.20 73.03 -1.96
N ASP MA 76 -13.68 73.77 -0.96
CA ASP MA 76 -14.50 74.96 -1.15
C ASP MA 76 -13.74 76.04 -1.94
N VAL MA 77 -14.33 76.57 -3.01
CA VAL MA 77 -13.66 77.37 -4.04
C VAL MA 77 -14.62 78.34 -4.71
N ILE MA 78 -14.14 79.48 -5.19
CA ILE MA 78 -14.89 80.33 -6.14
C ILE MA 78 -14.45 79.96 -7.54
N LEU MA 79 -15.15 79.00 -8.15
CA LEU MA 79 -14.91 78.60 -9.54
C LEU MA 79 -15.54 79.58 -10.50
N ASP MA 80 -14.89 79.84 -11.63
CA ASP MA 80 -15.34 80.77 -12.66
C ASP MA 80 -15.38 80.08 -14.04
N THR MA 81 -16.53 80.13 -14.73
CA THR MA 81 -16.71 79.70 -16.11
C THR MA 81 -18.04 80.23 -16.66
N HIS MA 82 -18.27 80.17 -17.98
CA HIS MA 82 -19.58 80.50 -18.55
C HIS MA 82 -20.59 79.35 -18.33
N CYS MA 83 -21.86 79.69 -18.09
CA CYS MA 83 -22.94 78.69 -18.06
C CYS MA 83 -23.37 78.27 -19.46
N THR MA 84 -23.50 79.19 -20.42
CA THR MA 84 -23.60 78.84 -21.85
C THR MA 84 -22.75 79.76 -22.72
N ILE MA 85 -22.09 79.19 -23.72
CA ILE MA 85 -21.18 79.90 -24.62
C ILE MA 85 -21.84 79.99 -25.99
N LYS MA 86 -21.98 81.18 -26.57
CA LYS MA 86 -22.51 81.31 -27.94
C LYS MA 86 -21.45 80.91 -28.96
N THR MA 87 -21.81 80.09 -29.93
CA THR MA 87 -20.92 79.54 -30.97
C THR MA 87 -21.61 79.58 -32.35
N PRO MA 88 -20.91 79.37 -33.47
CA PRO MA 88 -21.53 79.32 -34.80
C PRO MA 88 -22.71 78.33 -34.91
N LYS MA 89 -22.65 77.19 -34.21
CA LYS MA 89 -23.74 76.21 -34.15
C LYS MA 89 -24.76 76.47 -33.02
N GLY MA 90 -24.77 77.67 -32.44
CA GLY MA 90 -25.66 78.04 -31.33
C GLY MA 90 -25.03 77.92 -29.94
N TYR MA 91 -25.86 77.89 -28.90
CA TYR MA 91 -25.41 77.86 -27.51
C TYR MA 91 -24.85 76.51 -27.12
N LEU MA 92 -23.67 76.48 -26.51
CA LEU MA 92 -23.05 75.29 -25.94
C LEU MA 92 -23.21 75.31 -24.42
N PRO MA 93 -23.65 74.23 -23.76
CA PRO MA 93 -23.75 74.17 -22.31
C PRO MA 93 -22.35 74.07 -21.69
N GLY MA 94 -21.99 75.00 -20.81
CA GLY MA 94 -20.65 75.10 -20.24
C GLY MA 94 -20.32 74.05 -19.18
N LEU MA 95 -21.32 73.47 -18.53
CA LEU MA 95 -21.15 72.50 -17.42
C LEU MA 95 -21.92 71.19 -17.69
N PRO MA 96 -21.38 70.26 -18.48
CA PRO MA 96 -22.01 68.96 -18.68
C PRO MA 96 -22.23 68.18 -17.38
N ARG MA 97 -23.14 67.21 -17.39
CA ARG MA 97 -23.44 66.37 -16.21
C ARG MA 97 -22.20 65.69 -15.61
N TRP MA 98 -21.25 65.23 -16.44
CA TRP MA 98 -20.01 64.62 -15.94
C TRP MA 98 -19.08 65.60 -15.21
N VAL MA 99 -19.26 66.92 -15.35
CA VAL MA 99 -18.62 67.90 -14.47
C VAL MA 99 -19.36 68.01 -13.16
N LEU MA 100 -20.68 68.18 -13.19
CA LEU MA 100 -21.52 68.36 -12.00
C LEU MA 100 -21.42 67.19 -11.04
N GLU MA 101 -21.39 65.96 -11.54
CA GLU MA 101 -21.27 64.77 -10.68
C GLU MA 101 -19.94 64.70 -9.92
N LYS MA 102 -18.89 65.39 -10.40
CA LYS MA 102 -17.60 65.49 -9.72
C LYS MA 102 -17.51 66.72 -8.81
N LEU MA 103 -17.84 67.92 -9.29
CA LEU MA 103 -17.77 69.15 -8.47
C LEU MA 103 -18.79 69.17 -7.35
N ARG MA 104 -20.02 68.73 -7.62
CA ARG MA 104 -21.17 68.79 -6.71
C ARG MA 104 -21.37 70.19 -6.10
N PRO MA 105 -21.58 71.23 -6.91
CA PRO MA 105 -21.68 72.61 -6.44
C PRO MA 105 -22.75 72.82 -5.37
N SER MA 106 -22.52 73.70 -4.41
CA SER MA 106 -23.55 74.15 -3.48
C SER MA 106 -24.34 75.35 -4.00
N VAL MA 107 -23.73 76.20 -4.82
CA VAL MA 107 -24.39 77.37 -5.41
C VAL MA 107 -23.94 77.58 -6.84
N ILE MA 108 -24.87 77.91 -7.72
CA ILE MA 108 -24.60 78.53 -9.01
C ILE MA 108 -25.01 79.99 -8.91
N LEU MA 109 -24.11 80.91 -9.21
CA LEU MA 109 -24.39 82.33 -9.19
C LEU MA 109 -24.41 82.86 -10.62
N LEU MA 110 -25.46 83.60 -10.96
CA LEU MA 110 -25.66 84.15 -12.29
C LEU MA 110 -25.71 85.68 -12.21
N VAL MA 111 -24.78 86.36 -12.88
CA VAL MA 111 -24.73 87.82 -12.92
C VAL MA 111 -25.55 88.33 -14.11
N GLU MA 112 -26.38 89.34 -13.90
CA GLU MA 112 -27.25 89.92 -14.92
C GLU MA 112 -27.22 91.45 -14.95
N ALA MA 113 -27.52 92.04 -16.11
CA ALA MA 113 -27.71 93.47 -16.31
C ALA MA 113 -28.71 93.70 -17.44
N ASP MA 114 -29.22 94.91 -17.64
CA ASP MA 114 -30.17 95.16 -18.73
C ASP MA 114 -29.50 94.94 -20.11
N PRO MA 115 -30.16 94.27 -21.07
CA PRO MA 115 -29.64 94.12 -22.42
C PRO MA 115 -29.18 95.44 -23.06
N LYS MA 116 -29.84 96.56 -22.76
CA LYS MA 116 -29.45 97.89 -23.23
C LYS MA 116 -28.14 98.38 -22.62
N GLU MA 117 -27.91 98.10 -21.33
CA GLU MA 117 -26.63 98.38 -20.68
C GLU MA 117 -25.52 97.56 -21.34
N ILE MA 118 -25.73 96.24 -21.50
CA ILE MA 118 -24.75 95.35 -22.11
C ILE MA 118 -24.47 95.77 -23.55
N TYR MA 119 -25.49 96.14 -24.32
CA TYR MA 119 -25.30 96.65 -25.68
C TYR MA 119 -24.45 97.90 -25.69
N GLY MA 120 -24.67 98.84 -24.77
CA GLY MA 120 -23.82 100.02 -24.59
C GLY MA 120 -22.38 99.64 -24.27
N ARG MA 121 -22.15 98.74 -23.31
CA ARG MA 121 -20.79 98.29 -22.95
C ARG MA 121 -20.08 97.62 -24.12
N ARG MA 122 -20.80 96.79 -24.89
CA ARG MA 122 -20.26 96.12 -26.08
C ARG MA 122 -19.99 97.09 -27.23
N LEU MA 123 -20.81 98.12 -27.41
CA LEU MA 123 -20.60 99.16 -28.40
C LEU MA 123 -19.37 100.03 -28.06
N LYS MA 124 -19.12 100.25 -26.76
CA LYS MA 124 -17.96 101.00 -26.23
C LYS MA 124 -16.66 100.20 -26.16
N ASP MA 125 -16.72 98.87 -26.25
CA ASP MA 125 -15.53 98.02 -26.33
C ASP MA 125 -14.85 98.11 -27.71
N ASP MA 133 -24.29 91.66 -31.15
CA ASP MA 133 -25.63 91.07 -30.96
C ASP MA 133 -26.66 92.18 -30.74
N SER MA 134 -27.90 92.01 -31.21
CA SER MA 134 -29.01 92.89 -30.83
C SER MA 134 -29.36 92.74 -29.35
N GLU MA 135 -30.09 93.71 -28.80
CA GLU MA 135 -30.66 93.59 -27.45
C GLU MA 135 -31.59 92.38 -27.33
N GLU MA 136 -32.25 91.98 -28.42
CA GLU MA 136 -33.09 90.79 -28.46
C GLU MA 136 -32.25 89.51 -28.31
N GLU MA 137 -31.13 89.40 -29.04
CA GLU MA 137 -30.20 88.27 -28.90
C GLU MA 137 -29.49 88.25 -27.54
N ILE MA 138 -29.23 89.42 -26.95
CA ILE MA 138 -28.71 89.50 -25.59
C ILE MA 138 -29.75 88.99 -24.60
N ALA MA 139 -31.00 89.47 -24.68
CA ALA MA 139 -32.07 89.01 -23.81
C ALA MA 139 -32.33 87.50 -23.95
N GLU MA 140 -32.27 86.98 -25.16
CA GLU MA 140 -32.34 85.55 -25.44
C GLU MA 140 -31.20 84.79 -24.74
N HIS MA 141 -29.94 85.22 -24.88
CA HIS MA 141 -28.82 84.54 -24.23
C HIS MA 141 -28.98 84.52 -22.71
N GLN MA 142 -29.44 85.60 -22.11
CA GLN MA 142 -29.76 85.60 -20.68
C GLN MA 142 -30.86 84.58 -20.34
N MET MA 143 -31.96 84.55 -21.09
CA MET MA 143 -33.02 83.58 -20.84
C MET MA 143 -32.51 82.14 -20.98
N MET MA 144 -31.69 81.85 -21.99
CA MET MA 144 -31.06 80.54 -22.10
C MET MA 144 -30.14 80.23 -20.90
N ASN MA 145 -29.42 81.22 -20.37
CA ASN MA 145 -28.64 80.98 -19.15
C ASN MA 145 -29.52 80.62 -17.96
N ARG MA 146 -30.66 81.28 -17.75
CA ARG MA 146 -31.56 80.91 -16.65
C ARG MA 146 -32.05 79.48 -16.78
N ALA MA 147 -32.45 79.07 -17.98
CA ALA MA 147 -32.86 77.69 -18.23
C ALA MA 147 -31.71 76.71 -17.94
N ALA MA 148 -30.50 77.02 -18.39
CA ALA MA 148 -29.33 76.19 -18.14
C ALA MA 148 -29.01 76.09 -16.65
N ALA MA 149 -29.00 77.21 -15.92
CA ALA MA 149 -28.70 77.22 -14.50
C ALA MA 149 -29.67 76.34 -13.71
N MET MA 150 -30.98 76.49 -13.95
CA MET MA 150 -31.96 75.70 -13.21
C MET MA 150 -31.94 74.22 -13.61
N ALA MA 151 -31.59 73.90 -14.85
CA ALA MA 151 -31.32 72.52 -15.24
C ALA MA 151 -30.12 71.94 -14.46
N TYR MA 152 -29.00 72.68 -14.36
CA TYR MA 152 -27.86 72.29 -13.54
C TYR MA 152 -28.23 72.10 -12.08
N ALA MA 153 -29.09 72.97 -11.55
CA ALA MA 153 -29.57 72.86 -10.18
C ALA MA 153 -30.26 71.51 -9.96
N SER MA 154 -31.22 71.16 -10.82
CA SER MA 154 -31.98 69.92 -10.67
C SER MA 154 -31.14 68.65 -10.75
N LEU MA 155 -30.01 68.68 -11.45
CA LEU MA 155 -29.07 67.55 -11.54
C LEU MA 155 -28.21 67.37 -10.30
N SER MA 156 -28.06 68.41 -9.47
CA SER MA 156 -26.98 68.50 -8.48
C SER MA 156 -27.43 68.85 -7.06
N GLY MA 157 -28.61 69.44 -6.90
CA GLY MA 157 -29.04 70.05 -5.63
C GLY MA 157 -28.41 71.42 -5.35
N ALA MA 158 -27.66 72.00 -6.30
CA ALA MA 158 -27.11 73.34 -6.13
C ALA MA 158 -28.22 74.40 -6.01
N THR MA 159 -28.03 75.38 -5.14
CA THR MA 159 -28.88 76.58 -5.11
C THR MA 159 -28.62 77.45 -6.33
N VAL MA 160 -29.55 78.26 -6.80
CA VAL MA 160 -29.31 79.25 -7.87
C VAL MA 160 -29.59 80.66 -7.39
N LYS MA 161 -28.64 81.58 -7.55
CA LYS MA 161 -28.78 83.00 -7.14
C LYS MA 161 -28.59 83.91 -8.34
N ILE MA 162 -29.46 84.91 -8.50
CA ILE MA 162 -29.32 85.94 -9.52
C ILE MA 162 -28.86 87.25 -8.88
N VAL MA 163 -27.87 87.91 -9.48
CA VAL MA 163 -27.30 89.19 -9.01
C VAL MA 163 -27.36 90.24 -10.11
N PHE MA 164 -28.08 91.35 -9.89
CA PHE MA 164 -28.06 92.48 -10.82
C PHE MA 164 -26.78 93.31 -10.68
N ASN MA 165 -26.22 93.75 -11.80
CA ASN MA 165 -25.01 94.58 -11.88
C ASN MA 165 -25.19 95.74 -12.87
N HIS MA 166 -26.17 96.60 -12.60
CA HIS MA 166 -26.41 97.82 -13.37
C HIS MA 166 -25.19 98.77 -13.33
N ASP MA 167 -24.99 99.58 -14.38
CA ASP MA 167 -23.70 100.25 -14.67
C ASP MA 167 -23.03 100.95 -13.48
N ASN MA 168 -23.75 101.87 -12.82
CA ASN MA 168 -23.23 102.63 -11.68
C ASN MA 168 -23.27 101.84 -10.35
N ARG MA 169 -24.08 100.80 -10.27
CA ARG MA 169 -24.58 100.23 -9.01
C ARG MA 169 -23.79 99.01 -8.56
N LEU MA 170 -22.47 99.02 -8.75
CA LEU MA 170 -21.58 97.93 -8.37
C LEU MA 170 -21.73 97.54 -6.88
N ASP MA 171 -22.01 98.51 -6.01
CA ASP MA 171 -22.24 98.22 -4.59
C ASP MA 171 -23.48 97.35 -4.35
N ASP MA 172 -24.54 97.49 -5.13
CA ASP MA 172 -25.70 96.59 -5.07
C ASP MA 172 -25.32 95.17 -5.46
N ALA MA 173 -24.55 95.01 -6.55
CA ALA MA 173 -24.08 93.70 -6.97
C ALA MA 173 -23.23 93.04 -5.89
N VAL MA 174 -22.30 93.77 -5.29
CA VAL MA 174 -21.43 93.25 -4.21
C VAL MA 174 -22.22 92.96 -2.95
N ARG MA 175 -23.20 93.78 -2.59
CA ARG MA 175 -24.09 93.55 -1.44
C ARG MA 175 -24.99 92.33 -1.64
N ASP MA 176 -25.45 92.06 -2.85
CA ASP MA 176 -26.16 90.80 -3.15
C ASP MA 176 -25.23 89.59 -3.22
N ALA MA 177 -23.99 89.75 -3.68
CA ALA MA 177 -23.05 88.63 -3.84
C ALA MA 177 -22.43 88.17 -2.52
N ALA MA 178 -21.96 89.09 -1.66
CA ALA MA 178 -21.23 88.73 -0.43
C ALA MA 178 -21.98 87.77 0.52
N PRO MA 179 -23.32 87.85 0.71
CA PRO MA 179 -24.11 86.89 1.50
C PRO MA 179 -24.02 85.42 1.05
N VAL MA 180 -23.59 85.15 -0.18
CA VAL MA 180 -23.48 83.79 -0.73
C VAL MA 180 -22.26 83.05 -0.19
N LEU MA 181 -21.19 83.80 0.14
CA LEU MA 181 -19.84 83.31 0.46
C LEU MA 181 -19.73 82.68 1.85
N ILE NA 4 15.14 74.32 22.95
CA ILE NA 4 15.65 75.67 22.63
C ILE NA 4 17.14 75.58 22.36
N VAL NA 5 17.68 76.27 21.36
CA VAL NA 5 19.13 76.41 21.15
C VAL NA 5 19.53 77.88 21.29
N VAL NA 6 20.55 78.19 22.10
CA VAL NA 6 21.09 79.55 22.25
C VAL NA 6 22.45 79.64 21.59
N THR NA 7 22.71 80.70 20.81
CA THR NA 7 23.90 80.84 19.96
C THR NA 7 24.41 82.28 19.90
N GLY NA 8 25.69 82.46 19.62
CA GLY NA 8 26.31 83.78 19.49
C GLY NA 8 27.80 83.74 19.19
N ILE NA 9 28.32 84.85 18.67
CA ILE NA 9 29.74 85.06 18.37
C ILE NA 9 30.56 85.21 19.67
N PRO NA 10 31.77 84.62 19.79
CA PRO NA 10 32.62 84.80 20.97
C PRO NA 10 32.89 86.27 21.30
N GLY NA 11 32.57 86.67 22.53
CA GLY NA 11 32.60 88.05 23.02
C GLY NA 11 31.23 88.73 23.13
N VAL NA 12 30.16 88.18 22.57
CA VAL NA 12 28.82 88.81 22.62
C VAL NA 12 28.13 88.73 23.98
N GLY NA 13 28.64 87.92 24.93
CA GLY NA 13 28.08 87.80 26.27
C GLY NA 13 26.98 86.73 26.40
N LYS NA 14 26.97 85.74 25.50
CA LYS NA 14 26.01 84.63 25.44
C LYS NA 14 25.73 84.01 26.80
N THR NA 15 26.77 83.64 27.54
CA THR NA 15 26.60 82.94 28.83
C THR NA 15 25.87 83.80 29.85
N THR NA 16 26.21 85.08 29.96
CA THR NA 16 25.56 86.00 30.91
C THR NA 16 24.06 86.14 30.66
N VAL NA 17 23.66 86.37 29.41
CA VAL NA 17 22.23 86.53 29.07
C VAL NA 17 21.47 85.24 29.33
N MET NA 18 22.03 84.08 28.98
CA MET NA 18 21.44 82.79 29.29
C MET NA 18 21.29 82.58 30.80
N GLN NA 19 22.34 82.83 31.59
CA GLN NA 19 22.31 82.64 33.05
C GLN NA 19 21.24 83.50 33.72
N LYS NA 20 21.11 84.76 33.30
CA LYS NA 20 20.09 85.68 33.80
C LYS NA 20 18.68 85.29 33.36
N ALA NA 21 18.47 84.97 32.09
CA ALA NA 21 17.15 84.62 31.57
C ALA NA 21 16.64 83.26 32.08
N ALA NA 22 17.52 82.28 32.23
CA ALA NA 22 17.17 80.94 32.75
C ALA NA 22 16.87 80.93 34.26
N GLU NA 23 17.02 82.05 34.97
CA GLU NA 23 16.75 82.14 36.41
C GLU NA 23 15.32 81.69 36.77
N GLY NA 24 15.19 80.77 37.71
CA GLY NA 24 13.91 80.18 38.12
C GLY NA 24 13.27 79.18 37.13
N SER NA 25 13.90 78.90 35.99
CA SER NA 25 13.38 77.92 35.03
C SER NA 25 13.60 76.48 35.52
N PRO NA 26 12.65 75.55 35.29
CA PRO NA 26 12.89 74.12 35.47
C PRO NA 26 13.70 73.49 34.33
N LEU NA 27 14.06 74.23 33.27
CA LEU NA 27 14.75 73.65 32.12
C LEU NA 27 16.21 73.26 32.45
N PRO NA 28 16.68 72.07 32.03
CA PRO NA 28 18.09 71.70 32.11
C PRO NA 28 18.95 72.57 31.18
N ARG NA 29 20.23 72.72 31.52
CA ARG NA 29 21.21 73.56 30.82
C ARG NA 29 22.34 72.70 30.29
N VAL NA 30 22.62 72.73 28.99
CA VAL NA 30 23.46 71.70 28.36
C VAL NA 30 24.41 72.31 27.32
N PRO NA 31 25.74 72.19 27.45
CA PRO NA 31 26.67 72.47 26.36
C PRO NA 31 26.79 71.25 25.44
N LEU NA 32 26.57 71.42 24.14
CA LEU NA 32 26.54 70.29 23.20
C LEU NA 32 27.91 69.60 23.05
N GLU NA 33 28.99 70.36 23.06
CA GLU NA 33 30.35 69.81 22.96
C GLU NA 33 30.66 68.93 24.19
N GLY NA 34 30.20 69.37 25.35
CA GLY NA 34 30.31 68.64 26.60
C GLY NA 34 29.58 67.29 26.54
N VAL NA 35 28.35 67.27 26.03
CA VAL NA 35 27.63 66.00 25.85
C VAL NA 35 28.32 65.11 24.83
N MET NA 36 28.82 65.66 23.72
CA MET NA 36 29.55 64.85 22.74
C MET NA 36 30.78 64.20 23.35
N TYR NA 37 31.55 64.95 24.13
CA TYR NA 37 32.70 64.40 24.87
C TYR NA 37 32.26 63.31 25.84
N GLY NA 38 31.22 63.56 26.65
CA GLY NA 38 30.68 62.58 27.58
C GLY NA 38 30.22 61.30 26.90
N VAL NA 39 29.46 61.40 25.81
CA VAL NA 39 29.01 60.24 25.03
C VAL NA 39 30.19 59.50 24.43
N ALA NA 40 31.15 60.19 23.81
CA ALA NA 40 32.33 59.55 23.25
C ALA NA 40 33.19 58.85 24.33
N LYS NA 41 33.36 59.47 25.49
CA LYS NA 41 34.10 58.94 26.64
C LYS NA 41 33.43 57.69 27.21
N ARG NA 42 32.10 57.69 27.33
CA ARG NA 42 31.34 56.52 27.81
C ARG NA 42 31.21 55.41 26.77
N MET NA 43 31.30 55.75 25.48
CA MET NA 43 31.53 54.80 24.39
C MET NA 43 32.99 54.32 24.31
N GLY NA 44 33.90 54.86 25.13
CA GLY NA 44 35.32 54.48 25.17
C GLY NA 44 36.17 55.01 24.02
N LEU NA 45 35.64 55.93 23.20
CA LEU NA 45 36.32 56.47 22.01
C LEU NA 45 37.46 57.44 22.36
N VAL NA 46 37.38 58.09 23.52
CA VAL NA 46 38.29 59.14 24.01
C VAL NA 46 38.42 59.07 25.54
N LYS NA 47 39.42 59.74 26.09
CA LYS NA 47 39.59 60.02 27.52
C LYS NA 47 39.77 61.51 27.83
N ASP NA 48 40.32 62.30 26.91
CA ASP NA 48 40.61 63.73 27.12
C ASP NA 48 39.88 64.64 26.11
N ILE NA 49 39.50 65.85 26.54
CA ILE NA 49 38.62 66.75 25.79
C ILE NA 49 39.20 67.17 24.42
N ASP NA 50 40.52 67.26 24.30
CA ASP NA 50 41.19 67.55 23.03
C ASP NA 50 41.08 66.42 21.99
N GLU NA 51 40.91 65.16 22.43
CA GLU NA 51 40.84 64.01 21.51
C GLU NA 51 39.60 64.05 20.62
N MET NA 52 38.57 64.82 21.00
CA MET NA 52 37.38 65.04 20.17
C MET NA 52 37.72 65.62 18.79
N ARG NA 53 38.78 66.44 18.69
CA ARG NA 53 39.26 66.99 17.42
C ARG NA 53 40.08 65.98 16.58
N ARG NA 54 40.53 64.88 17.21
CA ARG NA 54 41.36 63.84 16.59
C ARG NA 54 40.55 62.68 16.03
N LEU NA 55 39.29 62.53 16.45
CA LEU NA 55 38.38 61.49 15.96
C LEU NA 55 38.17 61.55 14.44
N SER NA 56 37.96 60.39 13.82
CA SER NA 56 37.61 60.28 12.41
C SER NA 56 36.28 60.98 12.13
N PRO NA 57 36.18 61.86 11.12
CA PRO NA 57 34.96 62.64 10.88
C PRO NA 57 33.66 61.82 10.79
N ASP NA 58 33.69 60.66 10.14
CA ASP NA 58 32.49 59.83 10.00
C ASP NA 58 32.09 59.08 11.29
N VAL NA 59 33.02 58.86 12.20
CA VAL NA 59 32.69 58.47 13.59
C VAL NA 59 32.15 59.68 14.34
N GLN NA 60 32.74 60.86 14.15
CA GLN NA 60 32.28 62.10 14.77
C GLN NA 60 30.84 62.46 14.38
N LYS NA 61 30.41 62.16 13.15
CA LYS NA 61 28.99 62.25 12.74
C LYS NA 61 28.09 61.38 13.60
N GLU NA 62 28.48 60.15 13.87
CA GLU NA 62 27.68 59.27 14.72
C GLU NA 62 27.70 59.70 16.19
N VAL NA 63 28.81 60.25 16.69
CA VAL NA 63 28.84 60.87 18.01
C VAL NA 63 27.87 62.05 18.09
N GLN NA 64 27.87 62.93 17.09
CA GLN NA 64 26.90 64.02 16.98
C GLN NA 64 25.46 63.48 16.96
N LYS NA 65 25.20 62.45 16.15
CA LYS NA 65 23.88 61.83 16.05
C LYS NA 65 23.40 61.26 17.39
N LYS NA 66 24.24 60.47 18.07
CA LYS NA 66 23.90 59.89 19.38
C LYS NA 66 23.73 60.95 20.46
N ALA NA 67 24.59 61.97 20.51
CA ALA NA 67 24.42 63.07 21.45
C ALA NA 67 23.08 63.77 21.23
N ALA NA 68 22.70 64.05 19.98
CA ALA NA 68 21.42 64.66 19.68
C ALA NA 68 20.24 63.77 20.07
N GLU NA 69 20.29 62.46 19.80
CA GLU NA 69 19.23 61.53 20.21
C GLU NA 69 19.04 61.51 21.73
N ARG NA 70 20.13 61.52 22.49
CA ARG NA 70 20.06 61.51 23.95
C ARG NA 70 19.55 62.83 24.51
N ILE NA 71 19.92 63.96 23.92
CA ILE NA 71 19.34 65.26 24.31
C ILE NA 71 17.87 65.34 23.91
N ALA NA 72 17.46 64.70 22.80
CA ALA NA 72 16.04 64.62 22.44
C ALA NA 72 15.25 63.79 23.47
N ALA NA 73 15.80 62.67 23.94
CA ALA NA 73 15.17 61.83 24.96
C ALA NA 73 15.04 62.55 26.31
N LEU NA 74 15.97 63.44 26.67
CA LEU NA 74 15.88 64.29 27.87
C LEU NA 74 14.68 65.26 27.81
N GLY NA 75 14.21 65.60 26.60
CA GLY NA 75 13.13 66.54 26.39
C GLY NA 75 13.56 68.00 26.36
N ASP NA 76 12.67 68.90 26.77
CA ASP NA 76 12.85 70.34 26.59
C ASP NA 76 14.01 70.85 27.45
N VAL NA 77 14.89 71.67 26.84
CA VAL NA 77 16.25 71.97 27.32
C VAL NA 77 16.71 73.34 26.81
N ILE NA 78 17.56 74.04 27.54
CA ILE NA 78 18.32 75.18 27.02
C ILE NA 78 19.67 74.67 26.55
N LEU NA 79 19.77 74.27 25.30
CA LEU NA 79 21.01 73.82 24.69
C LEU NA 79 21.89 75.01 24.30
N ASP NA 80 23.19 74.90 24.50
CA ASP NA 80 24.17 75.93 24.17
C ASP NA 80 25.23 75.39 23.20
N THR NA 81 25.41 76.07 22.06
CA THR NA 81 26.49 75.81 21.09
C THR NA 81 26.65 76.98 20.10
N HIS NA 82 27.75 77.06 19.36
CA HIS NA 82 27.88 78.06 18.28
C HIS NA 82 27.08 77.65 17.04
N CYS NA 83 26.44 78.61 16.35
CA CYS NA 83 25.81 78.34 15.05
C CYS NA 83 26.85 78.27 13.91
N THR NA 84 27.95 79.03 13.97
CA THR NA 84 29.13 78.79 13.12
C THR NA 84 30.43 79.00 13.89
N ILE NA 85 31.42 78.18 13.62
CA ILE NA 85 32.75 78.26 14.25
C ILE NA 85 33.72 78.76 13.19
N LYS NA 86 34.47 79.83 13.46
CA LYS NA 86 35.50 80.33 12.55
C LYS NA 86 36.76 79.48 12.65
N THR NA 87 37.31 79.05 11.51
CA THR NA 87 38.46 78.12 11.42
C THR NA 87 39.45 78.59 10.35
N PRO NA 88 40.68 78.04 10.27
CA PRO NA 88 41.62 78.37 9.19
C PRO NA 88 41.05 78.22 7.78
N LYS NA 89 40.18 77.21 7.55
CA LYS NA 89 39.47 77.00 6.29
C LYS NA 89 38.15 77.77 6.18
N GLY NA 90 37.90 78.75 7.04
CA GLY NA 90 36.68 79.57 7.03
C GLY NA 90 35.62 79.09 8.04
N TYR NA 91 34.37 79.49 7.83
CA TYR NA 91 33.25 79.20 8.74
C TYR NA 91 32.79 77.76 8.63
N LEU NA 92 32.63 77.08 9.76
CA LEU NA 92 32.12 75.73 9.86
C LEU NA 92 30.71 75.75 10.46
N PRO NA 93 29.67 75.20 9.82
CA PRO NA 93 28.33 75.11 10.39
C PRO NA 93 28.31 74.31 11.69
N GLY NA 94 27.79 74.89 12.77
CA GLY NA 94 27.77 74.27 14.09
C GLY NA 94 26.69 73.21 14.28
N LEU NA 95 25.61 73.25 13.50
CA LEU NA 95 24.50 72.28 13.56
C LEU NA 95 24.27 71.61 12.19
N PRO NA 96 25.04 70.59 11.84
CA PRO NA 96 24.78 69.81 10.63
C PRO NA 96 23.39 69.16 10.64
N ARG NA 97 22.84 68.86 9.47
CA ARG NA 97 21.48 68.34 9.32
C ARG NA 97 21.21 67.07 10.14
N TRP NA 98 22.16 66.15 10.26
CA TRP NA 98 21.99 64.95 11.08
C TRP NA 98 21.87 65.23 12.58
N VAL NA 99 22.36 66.36 13.09
CA VAL NA 99 22.04 66.81 14.46
C VAL NA 99 20.62 67.36 14.49
N LEU NA 100 20.32 68.26 13.56
CA LEU NA 100 19.11 69.08 13.59
C LEU NA 100 17.83 68.25 13.43
N GLU NA 101 17.84 67.23 12.59
CA GLU NA 101 16.71 66.29 12.45
C GLU NA 101 16.41 65.47 13.71
N LYS NA 102 17.37 65.32 14.63
CA LYS NA 102 17.17 64.63 15.91
C LYS NA 102 16.71 65.60 17.01
N LEU NA 103 17.35 66.76 17.15
CA LEU NA 103 16.96 67.76 18.14
C LEU NA 103 15.58 68.37 17.87
N ARG NA 104 15.26 68.65 16.60
CA ARG NA 104 14.01 69.30 16.18
C ARG NA 104 13.66 70.56 16.99
N PRO NA 105 14.55 71.57 17.07
CA PRO NA 105 14.34 72.72 17.94
C PRO NA 105 13.04 73.46 17.67
N SER NA 106 12.39 73.97 18.71
CA SER NA 106 11.28 74.91 18.55
C SER NA 106 11.74 76.35 18.32
N VAL NA 107 12.89 76.71 18.89
CA VAL NA 107 13.49 78.04 18.74
C VAL NA 107 15.00 77.92 18.57
N ILE NA 108 15.57 78.70 17.66
CA ILE NA 108 16.97 79.08 17.64
C ILE NA 108 17.06 80.52 18.11
N LEU NA 109 17.86 80.80 19.13
CA LEU NA 109 18.08 82.15 19.63
C LEU NA 109 19.48 82.61 19.25
N LEU NA 110 19.57 83.80 18.69
CA LEU NA 110 20.80 84.39 18.19
C LEU NA 110 21.09 85.70 18.91
N VAL NA 111 22.22 85.79 19.61
CA VAL NA 111 22.60 86.97 20.39
C VAL NA 111 23.50 87.87 19.56
N GLU NA 112 23.25 89.19 19.56
CA GLU NA 112 24.01 90.17 18.78
C GLU NA 112 24.36 91.42 19.60
N ALA NA 113 25.44 92.10 19.21
CA ALA NA 113 25.86 93.40 19.72
C ALA NA 113 26.60 94.14 18.61
N ASP NA 114 26.85 95.45 18.73
CA ASP NA 114 27.53 96.18 17.65
C ASP NA 114 28.98 95.67 17.46
N PRO NA 115 29.48 95.51 16.21
CA PRO NA 115 30.85 95.12 15.96
C PRO NA 115 31.89 95.96 16.73
N LYS NA 116 31.65 97.26 16.92
CA LYS NA 116 32.54 98.14 17.69
C LYS NA 116 32.54 97.81 19.18
N GLU NA 117 31.40 97.44 19.75
CA GLU NA 117 31.32 96.95 21.13
C GLU NA 117 32.09 95.64 21.28
N ILE NA 118 31.86 94.68 20.38
CA ILE NA 118 32.53 93.39 20.42
C ILE NA 118 34.03 93.55 20.25
N TYR NA 119 34.46 94.41 19.32
CA TYR NA 119 35.88 94.72 19.15
C TYR NA 119 36.48 95.30 20.44
N GLY NA 120 35.78 96.22 21.10
CA GLY NA 120 36.18 96.76 22.40
C GLY NA 120 36.32 95.67 23.47
N ARG NA 121 35.31 94.79 23.62
CA ARG NA 121 35.37 93.67 24.58
C ARG NA 121 36.54 92.73 24.29
N ARG NA 122 36.76 92.39 23.01
CA ARG NA 122 37.88 91.53 22.58
C ARG NA 122 39.23 92.19 22.79
N LEU NA 123 39.34 93.50 22.59
CA LEU NA 123 40.58 94.26 22.83
C LEU NA 123 40.93 94.31 24.33
N LYS NA 124 39.92 94.40 25.20
CA LYS NA 124 40.06 94.40 26.67
C LYS NA 124 40.32 93.01 27.26
N ASP NA 125 40.10 91.94 26.51
CA ASP NA 125 40.42 90.57 26.94
C ASP NA 125 41.94 90.30 26.87
N ASP NA 133 40.09 90.02 15.05
CA ASP NA 133 39.34 90.28 13.82
C ASP NA 133 39.04 91.78 13.67
N SER NA 134 38.99 92.31 12.46
CA SER NA 134 38.46 93.65 12.23
C SER NA 134 36.96 93.73 12.55
N GLU NA 135 36.46 94.95 12.73
CA GLU NA 135 35.03 95.20 12.83
C GLU NA 135 34.27 94.74 11.57
N GLU NA 136 34.90 94.80 10.40
CA GLU NA 136 34.33 94.26 9.17
C GLU NA 136 34.19 92.73 9.23
N GLU NA 137 35.21 92.02 9.70
CA GLU NA 137 35.14 90.57 9.85
C GLU NA 137 34.16 90.13 10.95
N ILE NA 138 33.99 90.93 12.00
CA ILE NA 138 32.94 90.71 12.99
C ILE NA 138 31.56 90.90 12.33
N ALA NA 139 31.35 91.99 11.60
CA ALA NA 139 30.08 92.24 10.91
C ALA NA 139 29.77 91.14 9.88
N GLU NA 140 30.78 90.64 9.18
CA GLU NA 140 30.66 89.49 8.30
C GLU NA 140 30.23 88.25 9.08
N HIS NA 141 30.90 87.91 10.18
CA HIS NA 141 30.57 86.70 10.94
C HIS NA 141 29.13 86.75 11.47
N GLN NA 142 28.67 87.91 11.93
CA GLN NA 142 27.26 88.08 12.30
C GLN NA 142 26.33 87.83 11.11
N MET NA 143 26.59 88.42 9.95
CA MET NA 143 25.76 88.19 8.76
C MET NA 143 25.75 86.71 8.37
N MET NA 144 26.89 86.02 8.42
CA MET NA 144 26.93 84.59 8.15
C MET NA 144 26.12 83.80 9.18
N ASN NA 145 26.11 84.21 10.45
CA ASN NA 145 25.27 83.56 11.45
C ASN NA 145 23.78 83.72 11.14
N ARG NA 146 23.31 84.89 10.72
CA ARG NA 146 21.90 85.06 10.34
C ARG NA 146 21.51 84.12 9.21
N ALA NA 147 22.33 84.03 8.17
CA ALA NA 147 22.10 83.11 7.07
C ALA NA 147 22.07 81.65 7.55
N ALA NA 148 23.00 81.25 8.42
CA ALA NA 148 23.04 79.90 8.96
C ALA NA 148 21.80 79.59 9.80
N ALA NA 149 21.39 80.51 10.67
CA ALA NA 149 20.21 80.33 11.51
C ALA NA 149 18.96 80.12 10.66
N MET NA 150 18.74 80.97 9.66
CA MET NA 150 17.55 80.86 8.82
C MET NA 150 17.57 79.62 7.92
N ALA NA 151 18.75 79.15 7.52
CA ALA NA 151 18.87 77.86 6.86
C ALA NA 151 18.44 76.72 7.79
N TYR NA 152 18.89 76.69 9.05
CA TYR NA 152 18.42 75.70 10.02
C TYR NA 152 16.92 75.80 10.27
N ALA NA 153 16.37 77.01 10.29
CA ALA NA 153 14.94 77.20 10.45
C ALA NA 153 14.17 76.48 9.32
N SER NA 154 14.55 76.72 8.07
CA SER NA 154 13.90 76.10 6.91
C SER NA 154 13.97 74.57 6.90
N LEU NA 155 15.01 73.99 7.48
CA LEU NA 155 15.20 72.53 7.58
C LEU NA 155 14.34 71.86 8.67
N SER NA 156 13.78 72.63 9.61
CA SER NA 156 13.28 72.09 10.88
C SER NA 156 11.95 72.67 11.37
N GLY NA 157 11.51 73.81 10.84
CA GLY NA 157 10.37 74.55 11.37
C GLY NA 157 10.67 75.33 12.66
N ALA NA 158 11.93 75.41 13.09
CA ALA NA 158 12.30 76.20 14.26
C ALA NA 158 12.08 77.69 14.05
N THR NA 159 11.54 78.38 15.04
CA THR NA 159 11.44 79.84 15.05
C THR NA 159 12.83 80.45 15.23
N VAL NA 160 13.13 81.62 14.69
CA VAL NA 160 14.41 82.32 14.91
C VAL NA 160 14.20 83.64 15.63
N LYS NA 161 14.82 83.83 16.80
CA LYS NA 161 14.77 85.06 17.59
C LYS NA 161 16.14 85.72 17.63
N ILE NA 162 16.20 87.02 17.37
CA ILE NA 162 17.43 87.82 17.53
C ILE NA 162 17.34 88.68 18.79
N VAL NA 163 18.39 88.69 19.62
CA VAL NA 163 18.45 89.44 20.88
C VAL NA 163 19.65 90.37 20.90
N PHE NA 164 19.44 91.68 21.08
CA PHE NA 164 20.54 92.62 21.29
C PHE NA 164 21.06 92.59 22.72
N ASN NA 165 22.38 92.69 22.90
CA ASN NA 165 23.06 92.72 24.19
C ASN NA 165 24.14 93.81 24.24
N HIS NA 166 23.74 95.06 24.04
CA HIS NA 166 24.63 96.22 24.15
C HIS NA 166 25.25 96.34 25.55
N ASP NA 167 26.45 96.91 25.65
CA ASP NA 167 27.31 96.83 26.85
C ASP NA 167 26.61 97.24 28.16
N ASN NA 168 25.91 98.36 28.16
CA ASN NA 168 25.25 98.92 29.35
C ASN NA 168 23.89 98.26 29.68
N ARG NA 169 23.37 97.41 28.79
CA ARG NA 169 21.93 97.15 28.63
C ARG NA 169 21.56 95.68 28.76
N LEU NA 170 22.24 94.94 29.65
CA LEU NA 170 21.95 93.53 29.92
C LEU NA 170 20.47 93.28 30.23
N ASP NA 171 19.79 94.23 30.89
CA ASP NA 171 18.36 94.11 31.17
C ASP NA 171 17.49 94.02 29.90
N ASP NA 172 17.86 94.71 28.82
CA ASP NA 172 17.18 94.56 27.53
C ASP NA 172 17.35 93.15 26.96
N ALA NA 173 18.57 92.60 27.01
CA ALA NA 173 18.81 91.24 26.54
C ALA NA 173 17.99 90.22 27.34
N VAL NA 174 17.96 90.35 28.66
CA VAL NA 174 17.19 89.44 29.52
C VAL NA 174 15.69 89.59 29.31
N ARG NA 175 15.21 90.83 29.14
CA ARG NA 175 13.79 91.11 28.86
C ARG NA 175 13.35 90.57 27.50
N ASP NA 176 14.20 90.58 26.48
CA ASP NA 176 13.91 89.90 25.21
C ASP NA 176 14.05 88.37 25.29
N ALA NA 177 14.95 87.84 26.11
CA ALA NA 177 15.20 86.41 26.21
C ALA NA 177 14.11 85.66 27.00
N ALA NA 178 13.69 86.18 28.16
CA ALA NA 178 12.76 85.48 29.04
C ALA NA 178 11.40 85.07 28.39
N PRO NA 179 10.77 85.88 27.52
CA PRO NA 179 9.58 85.51 26.76
C PRO NA 179 9.68 84.26 25.89
N VAL NA 180 10.90 83.80 25.58
CA VAL NA 180 11.12 82.61 24.74
C VAL NA 180 10.93 81.31 25.52
N LEU NA 181 11.19 81.34 26.84
CA LEU NA 181 11.30 80.17 27.73
C LEU NA 181 9.94 79.60 28.14
N ILE OA 4 -48.89 61.68 -8.86
CA ILE OA 4 -49.10 63.10 -9.24
C ILE OA 4 -48.33 63.98 -8.26
N VAL OA 5 -47.73 65.09 -8.70
CA VAL OA 5 -47.14 66.10 -7.81
C VAL OA 5 -47.76 67.46 -8.05
N VAL OA 6 -48.27 68.14 -7.03
CA VAL OA 6 -48.84 69.48 -7.14
C VAL OA 6 -47.88 70.51 -6.56
N THR OA 7 -47.69 71.63 -7.25
CA THR OA 7 -46.68 72.64 -6.90
C THR OA 7 -47.18 74.07 -7.17
N GLY OA 8 -46.61 75.04 -6.46
CA GLY OA 8 -47.00 76.45 -6.59
C GLY OA 8 -46.23 77.38 -5.66
N ILE OA 9 -46.15 78.66 -6.06
CA ILE OA 9 -45.55 79.73 -5.27
C ILE OA 9 -46.40 80.06 -4.03
N PRO OA 10 -45.82 80.29 -2.84
CA PRO OA 10 -46.58 80.68 -1.65
C PRO OA 10 -47.44 81.92 -1.88
N GLY OA 11 -48.75 81.78 -1.68
CA GLY OA 11 -49.78 82.79 -1.98
C GLY OA 11 -50.64 82.50 -3.22
N VAL OA 12 -50.26 81.53 -4.07
CA VAL OA 12 -51.03 81.22 -5.30
C VAL OA 12 -52.35 80.48 -5.05
N GLY OA 13 -52.60 80.00 -3.84
CA GLY OA 13 -53.84 79.28 -3.48
C GLY OA 13 -53.80 77.78 -3.71
N LYS OA 14 -52.59 77.19 -3.71
CA LYS OA 14 -52.33 75.77 -3.99
C LYS OA 14 -53.28 74.82 -3.28
N THR OA 15 -53.44 74.97 -1.96
CA THR OA 15 -54.24 74.03 -1.15
C THR OA 15 -55.71 74.09 -1.52
N THR OA 16 -56.26 75.27 -1.79
CA THR OA 16 -57.67 75.43 -2.17
C THR OA 16 -57.98 74.69 -3.48
N VAL OA 17 -57.18 74.89 -4.52
CA VAL OA 17 -57.36 74.22 -5.82
C VAL OA 17 -57.18 72.70 -5.68
N MET OA 18 -56.17 72.26 -4.93
CA MET OA 18 -55.97 70.84 -4.66
C MET OA 18 -57.21 70.22 -4.01
N GLN OA 19 -57.69 70.78 -2.90
CA GLN OA 19 -58.79 70.17 -2.14
C GLN OA 19 -60.12 70.21 -2.90
N LYS OA 20 -60.39 71.27 -3.67
CA LYS OA 20 -61.59 71.34 -4.52
C LYS OA 20 -61.53 70.33 -5.68
N ALA OA 21 -60.40 70.17 -6.35
CA ALA OA 21 -60.28 69.18 -7.43
C ALA OA 21 -60.23 67.72 -6.91
N ALA OA 22 -59.58 67.48 -5.77
CA ALA OA 22 -59.49 66.17 -5.13
C ALA OA 22 -60.81 65.69 -4.48
N GLU OA 23 -61.85 66.53 -4.45
CA GLU OA 23 -63.17 66.17 -3.90
C GLU OA 23 -63.74 64.91 -4.56
N GLY OA 24 -64.14 63.94 -3.75
CA GLY OA 24 -64.62 62.64 -4.23
C GLY OA 24 -63.57 61.71 -4.84
N SER OA 25 -62.29 62.09 -4.88
CA SER OA 25 -61.23 61.21 -5.37
C SER OA 25 -60.89 60.11 -4.36
N PRO OA 26 -60.60 58.87 -4.80
CA PRO OA 26 -60.05 57.83 -3.93
C PRO OA 26 -58.56 58.03 -3.59
N LEU OA 27 -57.89 59.04 -4.16
CA LEU OA 27 -56.43 59.19 -4.01
C LEU OA 27 -56.04 59.67 -2.60
N PRO OA 28 -55.03 59.06 -1.94
CA PRO OA 28 -54.44 59.63 -0.74
C PRO OA 28 -53.77 60.96 -1.05
N ARG OA 29 -53.78 61.89 -0.09
CA ARG OA 29 -52.98 63.12 -0.16
C ARG OA 29 -51.82 63.08 0.81
N VAL OA 30 -50.67 63.60 0.41
CA VAL OA 30 -49.43 63.52 1.19
C VAL OA 30 -48.65 64.82 1.09
N PRO OA 31 -48.27 65.49 2.19
CA PRO OA 31 -47.22 66.50 2.20
C PRO OA 31 -45.84 65.83 2.32
N LEU OA 32 -44.92 66.11 1.39
CA LEU OA 32 -43.61 65.42 1.38
C LEU OA 32 -42.74 65.76 2.59
N GLU OA 33 -42.76 67.01 3.06
CA GLU OA 33 -41.98 67.43 4.23
C GLU OA 33 -42.46 66.70 5.49
N GLY OA 34 -43.78 66.50 5.59
CA GLY OA 34 -44.41 65.69 6.62
C GLY OA 34 -43.91 64.25 6.61
N VAL OA 35 -43.86 63.60 5.45
CA VAL OA 35 -43.32 62.24 5.36
C VAL OA 35 -41.84 62.21 5.75
N MET OA 36 -41.05 63.18 5.30
CA MET OA 36 -39.64 63.24 5.67
C MET OA 36 -39.46 63.34 7.18
N TYR OA 37 -40.23 64.19 7.85
CA TYR OA 37 -40.23 64.28 9.32
C TYR OA 37 -40.64 62.95 9.95
N GLY OA 38 -41.74 62.35 9.50
CA GLY OA 38 -42.21 61.06 10.00
C GLY OA 38 -41.17 59.95 9.84
N VAL OA 39 -40.55 59.83 8.67
CA VAL OA 39 -39.48 58.85 8.42
C VAL OA 39 -38.27 59.11 9.31
N ALA OA 40 -37.77 60.34 9.39
CA ALA OA 40 -36.64 60.67 10.25
C ALA OA 40 -36.94 60.42 11.73
N LYS OA 41 -38.14 60.77 12.18
CA LYS OA 41 -38.65 60.57 13.55
C LYS OA 41 -38.72 59.09 13.90
N ARG OA 42 -39.27 58.26 13.02
CA ARG OA 42 -39.36 56.80 13.23
C ARG OA 42 -38.02 56.08 13.09
N MET OA 43 -37.10 56.65 12.32
CA MET OA 43 -35.67 56.27 12.32
C MET OA 43 -34.91 56.81 13.55
N GLY OA 44 -35.55 57.58 14.43
CA GLY OA 44 -34.97 58.11 15.67
C GLY OA 44 -34.02 59.29 15.49
N LEU OA 45 -33.91 59.85 14.29
CA LEU OA 45 -32.95 60.89 13.93
C LEU OA 45 -33.31 62.28 14.48
N VAL OA 46 -34.60 62.49 14.74
CA VAL OA 46 -35.21 63.75 15.22
C VAL OA 46 -36.40 63.44 16.11
N LYS OA 47 -36.86 64.44 16.86
CA LYS OA 47 -38.14 64.44 17.59
C LYS OA 47 -39.01 65.64 17.26
N ASP OA 48 -38.45 66.76 16.83
CA ASP OA 48 -39.20 68.00 16.56
C ASP OA 48 -39.00 68.51 15.13
N ILE OA 49 -40.04 69.13 14.54
CA ILE OA 49 -40.10 69.45 13.10
C ILE OA 49 -38.97 70.37 12.63
N ASP OA 50 -38.53 71.31 13.47
CA ASP OA 50 -37.40 72.21 13.16
C ASP OA 50 -36.05 71.49 13.03
N GLU OA 51 -35.88 70.33 13.66
CA GLU OA 51 -34.63 69.57 13.62
C GLU OA 51 -34.34 69.04 12.20
N MET OA 52 -35.34 68.95 11.34
CA MET OA 52 -35.15 68.57 9.93
C MET OA 52 -34.17 69.50 9.20
N ARG OA 53 -34.12 70.79 9.57
CA ARG OA 53 -33.16 71.76 9.01
C ARG OA 53 -31.76 71.62 9.61
N ARG OA 54 -31.64 70.98 10.78
CA ARG OA 54 -30.39 70.77 11.52
C ARG OA 54 -29.68 69.48 11.14
N LEU OA 55 -30.35 68.58 10.41
CA LEU OA 55 -29.77 67.35 9.88
C LEU OA 55 -28.57 67.61 8.95
N SER OA 56 -27.57 66.73 9.00
CA SER OA 56 -26.45 66.75 8.04
C SER OA 56 -26.94 66.49 6.61
N PRO OA 57 -26.54 67.28 5.60
CA PRO OA 57 -27.05 67.16 4.24
C PRO OA 57 -27.01 65.75 3.65
N ASP OA 58 -25.93 64.99 3.85
CA ASP OA 58 -25.82 63.64 3.29
C ASP OA 58 -26.64 62.58 4.05
N VAL OA 59 -27.10 62.88 5.27
CA VAL OA 59 -28.19 62.12 5.92
C VAL OA 59 -29.53 62.55 5.33
N GLN OA 60 -29.73 63.85 5.12
CA GLN OA 60 -30.98 64.41 4.59
C GLN OA 60 -31.29 63.89 3.18
N LYS OA 61 -30.28 63.65 2.33
CA LYS OA 61 -30.43 62.92 1.06
C LYS OA 61 -31.04 61.54 1.25
N GLU OA 62 -30.56 60.76 2.22
CA GLU OA 62 -31.10 59.43 2.47
C GLU OA 62 -32.52 59.48 3.07
N VAL OA 63 -32.84 60.48 3.89
CA VAL OA 63 -34.22 60.72 4.32
C VAL OA 63 -35.14 61.00 3.12
N GLN OA 64 -34.74 61.86 2.20
CA GLN OA 64 -35.49 62.07 0.95
C GLN OA 64 -35.63 60.77 0.16
N LYS OA 65 -34.57 60.00 0.01
CA LYS OA 65 -34.59 58.71 -0.71
C LYS OA 65 -35.57 57.72 -0.09
N LYS OA 66 -35.51 57.49 1.22
CA LYS OA 66 -36.41 56.56 1.93
C LYS OA 66 -37.86 57.04 1.90
N ALA OA 67 -38.09 58.34 2.12
CA ALA OA 67 -39.43 58.90 2.01
C ALA OA 67 -40.01 58.68 0.60
N ALA OA 68 -39.22 58.93 -0.45
CA ALA OA 68 -39.65 58.68 -1.81
C ALA OA 68 -39.93 57.19 -2.08
N GLU OA 69 -39.08 56.27 -1.63
CA GLU OA 69 -39.35 54.83 -1.77
C GLU OA 69 -40.67 54.43 -1.14
N ARG OA 70 -40.98 54.95 0.06
CA ARG OA 70 -42.21 54.62 0.78
C ARG OA 70 -43.44 55.24 0.14
N ILE OA 71 -43.34 56.46 -0.40
CA ILE OA 71 -44.45 57.05 -1.17
C ILE OA 71 -44.65 56.32 -2.50
N ALA OA 72 -43.58 55.83 -3.13
CA ALA OA 72 -43.71 55.00 -4.33
C ALA OA 72 -44.41 53.67 -4.05
N ALA OA 73 -44.13 53.04 -2.91
CA ALA OA 73 -44.81 51.80 -2.51
C ALA OA 73 -46.32 52.00 -2.26
N LEU OA 74 -46.74 53.16 -1.74
CA LEU OA 74 -48.15 53.49 -1.57
C LEU OA 74 -48.91 53.56 -2.90
N GLY OA 75 -48.21 53.78 -4.01
CA GLY OA 75 -48.80 53.89 -5.34
C GLY OA 75 -49.38 55.27 -5.66
N ASP OA 76 -50.43 55.31 -6.45
CA ASP OA 76 -51.00 56.54 -7.01
C ASP OA 76 -51.46 57.48 -5.89
N VAL OA 77 -50.99 58.73 -5.90
CA VAL OA 77 -51.07 59.69 -4.79
C VAL OA 77 -51.10 61.14 -5.29
N ILE OA 78 -51.76 62.04 -4.58
CA ILE OA 78 -51.59 63.49 -4.78
C ILE OA 78 -50.52 63.96 -3.80
N LEU OA 79 -49.27 63.93 -4.22
CA LEU OA 79 -48.16 64.44 -3.43
C LEU OA 79 -48.10 65.97 -3.51
N ASP OA 80 -47.72 66.63 -2.43
CA ASP OA 80 -47.62 68.09 -2.34
C ASP OA 80 -46.24 68.53 -1.82
N THR OA 81 -45.56 69.42 -2.56
CA THR OA 81 -44.34 70.11 -2.15
C THR OA 81 -44.06 71.31 -3.06
N HIS OA 82 -43.18 72.24 -2.69
CA HIS OA 82 -42.74 73.31 -3.59
C HIS OA 82 -41.75 72.80 -4.64
N CYS OA 83 -41.83 73.26 -5.88
CA CYS OA 83 -40.85 72.92 -6.91
C CYS OA 83 -39.54 73.71 -6.73
N THR OA 84 -39.58 75.00 -6.39
CA THR OA 84 -38.40 75.73 -5.89
C THR OA 84 -38.74 76.57 -4.67
N ILE OA 85 -37.87 76.53 -3.68
CA ILE OA 85 -38.03 77.25 -2.41
C ILE OA 85 -37.07 78.44 -2.43
N LYS OA 86 -37.57 79.65 -2.21
CA LYS OA 86 -36.69 80.83 -2.12
C LYS OA 86 -35.99 80.86 -0.77
N THR OA 87 -34.67 81.05 -0.77
CA THR OA 87 -33.81 81.03 0.43
C THR OA 87 -32.82 82.21 0.38
N PRO OA 88 -32.10 82.55 1.46
CA PRO OA 88 -31.08 83.59 1.45
C PRO OA 88 -30.01 83.42 0.35
N LYS OA 89 -29.64 82.19 0.02
CA LYS OA 89 -28.71 81.88 -1.08
C LYS OA 89 -29.40 81.68 -2.44
N GLY OA 90 -30.64 82.14 -2.61
CA GLY OA 90 -31.41 82.00 -3.84
C GLY OA 90 -32.35 80.78 -3.86
N TYR OA 91 -32.76 80.37 -5.05
CA TYR OA 91 -33.72 79.28 -5.25
C TYR OA 91 -33.09 77.91 -4.99
N LEU OA 92 -33.74 77.08 -4.19
CA LEU OA 92 -33.38 75.70 -3.94
C LEU OA 92 -34.35 74.77 -4.67
N PRO OA 93 -33.90 73.84 -5.53
CA PRO OA 93 -34.74 72.82 -6.13
C PRO OA 93 -35.39 71.92 -5.07
N GLY OA 94 -36.72 71.81 -5.07
CA GLY OA 94 -37.46 71.00 -4.09
C GLY OA 94 -37.43 69.50 -4.37
N LEU OA 95 -37.16 69.09 -5.62
CA LEU OA 95 -37.18 67.69 -6.05
C LEU OA 95 -35.87 67.30 -6.76
N PRO OA 96 -34.80 66.99 -6.02
CA PRO OA 96 -33.56 66.48 -6.61
C PRO OA 96 -33.75 65.21 -7.42
N ARG OA 97 -32.82 64.91 -8.32
CA ARG OA 97 -32.86 63.70 -9.17
C ARG OA 97 -33.06 62.40 -8.39
N TRP OA 98 -32.45 62.24 -7.21
CA TRP OA 98 -32.63 61.03 -6.39
C TRP OA 98 -34.05 60.86 -5.85
N VAL OA 99 -34.87 61.92 -5.76
CA VAL OA 99 -36.31 61.79 -5.49
C VAL OA 99 -37.03 61.29 -6.74
N LEU OA 100 -36.80 61.91 -7.90
CA LEU OA 100 -37.47 61.56 -9.15
C LEU OA 100 -37.21 60.12 -9.57
N GLU OA 101 -35.99 59.63 -9.42
CA GLU OA 101 -35.66 58.24 -9.74
C GLU OA 101 -36.44 57.22 -8.89
N LYS OA 102 -36.90 57.60 -7.70
CA LYS OA 102 -37.74 56.76 -6.83
C LYS OA 102 -39.24 56.96 -7.09
N LEU OA 103 -39.74 58.21 -7.09
CA LEU OA 103 -41.17 58.47 -7.30
C LEU OA 103 -41.65 58.16 -8.72
N ARG OA 104 -40.86 58.51 -9.74
CA ARG OA 104 -41.21 58.41 -11.16
C ARG OA 104 -42.60 59.00 -11.47
N PRO OA 105 -42.83 60.30 -11.20
CA PRO OA 105 -44.15 60.92 -11.35
C PRO OA 105 -44.73 60.79 -12.75
N SER OA 106 -46.04 60.64 -12.87
CA SER OA 106 -46.73 60.71 -14.16
C SER OA 106 -47.07 62.14 -14.57
N VAL OA 107 -47.34 63.03 -13.62
CA VAL OA 107 -47.66 64.44 -13.87
C VAL OA 107 -47.03 65.33 -12.82
N ILE OA 108 -46.49 66.46 -13.24
CA ILE OA 108 -46.20 67.61 -12.40
C ILE OA 108 -47.25 68.67 -12.71
N LEU OA 109 -47.92 69.20 -11.70
CA LEU OA 109 -48.91 70.26 -11.86
C LEU OA 109 -48.35 71.53 -11.23
N LEU OA 110 -48.37 72.62 -11.99
CA LEU OA 110 -47.89 73.92 -11.55
C LEU OA 110 -49.06 74.93 -11.53
N VAL OA 111 -49.33 75.50 -10.37
CA VAL OA 111 -50.40 76.48 -10.19
C VAL OA 111 -49.84 77.89 -10.36
N GLU OA 112 -50.52 78.74 -11.12
CA GLU OA 112 -50.09 80.12 -11.41
C GLU OA 112 -51.23 81.13 -11.25
N ALA OA 113 -50.88 82.38 -10.94
CA ALA OA 113 -51.76 83.53 -10.91
C ALA OA 113 -50.97 84.77 -11.35
N ASP OA 114 -51.61 85.89 -11.65
CA ASP OA 114 -50.87 87.10 -12.05
C ASP OA 114 -50.00 87.62 -10.88
N PRO OA 115 -48.74 88.05 -11.12
CA PRO OA 115 -47.90 88.63 -10.08
C PRO OA 115 -48.59 89.74 -9.27
N LYS OA 116 -49.46 90.54 -9.88
CA LYS OA 116 -50.21 91.59 -9.20
C LYS OA 116 -51.27 91.02 -8.24
N GLU OA 117 -51.94 89.94 -8.63
CA GLU OA 117 -52.87 89.22 -7.75
C GLU OA 117 -52.14 88.64 -6.54
N ILE OA 118 -51.01 87.97 -6.78
CA ILE OA 118 -50.21 87.37 -5.71
C ILE OA 118 -49.68 88.45 -4.77
N TYR OA 119 -49.19 89.57 -5.32
CA TYR OA 119 -48.76 90.71 -4.53
C TYR OA 119 -49.90 91.26 -3.66
N GLY OA 120 -51.11 91.38 -4.22
CA GLY OA 120 -52.30 91.73 -3.46
C GLY OA 120 -52.58 90.76 -2.31
N ARG OA 121 -52.62 89.45 -2.58
CA ARG OA 121 -52.86 88.44 -1.54
C ARG OA 121 -51.81 88.47 -0.44
N ARG OA 122 -50.55 88.66 -0.80
CA ARG OA 122 -49.43 88.78 0.14
C ARG OA 122 -49.49 90.07 0.96
N LEU OA 123 -49.83 91.19 0.35
CA LEU OA 123 -49.98 92.47 1.03
C LEU OA 123 -51.17 92.47 2.01
N LYS OA 124 -52.21 91.68 1.72
CA LYS OA 124 -53.38 91.46 2.60
C LYS OA 124 -53.17 90.40 3.69
N ASP OA 125 -52.07 89.66 3.68
CA ASP OA 125 -51.70 88.75 4.76
C ASP OA 125 -51.06 89.51 5.95
N ASP OA 133 -41.78 90.50 -1.59
CA ASP OA 133 -41.17 90.50 -2.92
C ASP OA 133 -41.86 91.53 -3.83
N SER OA 134 -41.11 92.16 -4.73
CA SER OA 134 -41.70 92.92 -5.83
C SER OA 134 -42.45 92.02 -6.81
N GLU OA 135 -43.32 92.60 -7.64
CA GLU OA 135 -43.96 91.86 -8.72
C GLU OA 135 -42.95 91.29 -9.72
N GLU OA 136 -41.79 91.95 -9.87
CA GLU OA 136 -40.69 91.44 -10.68
C GLU OA 136 -40.09 90.17 -10.08
N GLU OA 137 -39.82 90.14 -8.77
CA GLU OA 137 -39.34 88.96 -8.09
C GLU OA 137 -40.36 87.81 -8.08
N ILE OA 138 -41.66 88.14 -8.03
CA ILE OA 138 -42.72 87.15 -8.17
C ILE OA 138 -42.72 86.57 -9.60
N ALA OA 139 -42.69 87.41 -10.63
CA ALA OA 139 -42.62 86.95 -12.01
C ALA OA 139 -41.36 86.10 -12.29
N GLU OA 140 -40.23 86.49 -11.70
CA GLU OA 140 -39.01 85.70 -11.73
C GLU OA 140 -39.19 84.34 -11.07
N HIS OA 141 -39.73 84.26 -9.85
CA HIS OA 141 -39.93 82.98 -9.17
C HIS OA 141 -40.83 82.06 -9.99
N GLN OA 142 -41.89 82.59 -10.61
CA GLN OA 142 -42.70 81.81 -11.53
C GLN OA 142 -41.89 81.27 -12.73
N MET OA 143 -41.11 82.13 -13.39
CA MET OA 143 -40.29 81.69 -14.52
C MET OA 143 -39.27 80.62 -14.09
N MET OA 144 -38.64 80.79 -12.93
CA MET OA 144 -37.75 79.76 -12.40
C MET OA 144 -38.49 78.46 -12.10
N ASN OA 145 -39.74 78.52 -11.63
CA ASN OA 145 -40.53 77.32 -11.45
C ASN OA 145 -40.81 76.63 -12.78
N ARG OA 146 -41.15 77.35 -13.85
CA ARG OA 146 -41.36 76.73 -15.18
C ARG OA 146 -40.12 76.02 -15.67
N ALA OA 147 -38.96 76.64 -15.52
CA ALA OA 147 -37.69 76.02 -15.88
C ALA OA 147 -37.43 74.75 -15.06
N ALA OA 148 -37.65 74.80 -13.75
CA ALA OA 148 -37.49 73.64 -12.88
C ALA OA 148 -38.45 72.50 -13.26
N ALA OA 149 -39.73 72.80 -13.47
CA ALA OA 149 -40.73 71.81 -13.81
C ALA OA 149 -40.35 71.06 -15.10
N MET OA 150 -39.96 71.78 -16.15
CA MET OA 150 -39.58 71.14 -17.40
C MET OA 150 -38.26 70.37 -17.30
N ALA OA 151 -37.31 70.82 -16.48
CA ALA OA 151 -36.13 70.03 -16.17
C ALA OA 151 -36.51 68.72 -15.46
N TYR OA 152 -37.39 68.75 -14.46
CA TYR OA 152 -37.91 67.54 -13.81
C TYR OA 152 -38.59 66.61 -14.80
N ALA OA 153 -39.38 67.15 -15.71
CA ALA OA 153 -40.04 66.37 -16.73
C ALA OA 153 -39.03 65.61 -17.59
N SER OA 154 -38.00 66.30 -18.10
CA SER OA 154 -36.99 65.66 -18.94
C SER OA 154 -36.23 64.53 -18.26
N LEU OA 155 -36.05 64.60 -16.94
CA LEU OA 155 -35.37 63.57 -16.15
C LEU OA 155 -36.24 62.32 -15.90
N SER OA 156 -37.56 62.45 -16.02
CA SER OA 156 -38.52 61.47 -15.48
C SER OA 156 -39.53 60.93 -16.48
N GLY OA 157 -39.77 61.63 -17.59
CA GLY OA 157 -40.89 61.37 -18.49
C GLY OA 157 -42.24 61.88 -17.96
N ALA OA 158 -42.28 62.61 -16.85
CA ALA OA 158 -43.51 63.18 -16.33
C ALA OA 158 -44.13 64.20 -17.29
N THR OA 159 -45.44 64.23 -17.41
CA THR OA 159 -46.15 65.31 -18.10
C THR OA 159 -46.11 66.59 -17.26
N VAL OA 160 -46.22 67.78 -17.84
CA VAL OA 160 -46.34 69.05 -17.09
C VAL OA 160 -47.63 69.77 -17.44
N LYS OA 161 -48.47 70.09 -16.45
CA LYS OA 161 -49.71 70.87 -16.61
C LYS OA 161 -49.59 72.21 -15.90
N ILE OA 162 -49.96 73.29 -16.55
CA ILE OA 162 -50.08 74.61 -15.90
C ILE OA 162 -51.55 74.95 -15.67
N VAL OA 163 -51.90 75.43 -14.47
CA VAL OA 163 -53.26 75.80 -14.07
C VAL OA 163 -53.32 77.24 -13.59
N PHE OA 164 -54.09 78.10 -14.25
CA PHE OA 164 -54.37 79.44 -13.74
C PHE OA 164 -55.36 79.42 -12.57
N ASN OA 165 -55.13 80.28 -11.57
CA ASN OA 165 -55.98 80.44 -10.39
C ASN OA 165 -56.18 81.93 -10.04
N HIS OA 166 -56.77 82.68 -10.97
CA HIS OA 166 -57.14 84.08 -10.76
C HIS OA 166 -58.15 84.25 -9.61
N ASP OA 167 -58.11 85.39 -8.91
CA ASP OA 167 -58.73 85.58 -7.58
C ASP OA 167 -60.18 85.08 -7.45
N ASN OA 168 -61.08 85.58 -8.31
CA ASN OA 168 -62.51 85.22 -8.25
C ASN OA 168 -62.83 83.89 -8.95
N ARG OA 169 -61.91 83.36 -9.76
CA ARG OA 169 -62.18 82.36 -10.81
C ARG OA 169 -61.77 80.95 -10.41
N LEU OA 170 -61.94 80.58 -9.15
CA LEU OA 170 -61.55 79.28 -8.60
C LEU OA 170 -62.11 78.10 -9.42
N ASP OA 171 -63.31 78.23 -9.98
CA ASP OA 171 -63.91 77.21 -10.83
C ASP OA 171 -63.07 76.91 -12.09
N ASP OA 172 -62.39 77.90 -12.67
CA ASP OA 172 -61.48 77.68 -13.79
C ASP OA 172 -60.28 76.82 -13.36
N ALA OA 173 -59.69 77.10 -12.20
CA ALA OA 173 -58.60 76.30 -11.67
C ALA OA 173 -59.03 74.85 -11.42
N VAL OA 174 -60.20 74.64 -10.80
CA VAL OA 174 -60.72 73.29 -10.54
C VAL OA 174 -61.08 72.57 -11.83
N ARG OA 175 -61.67 73.26 -12.80
CA ARG OA 175 -62.02 72.70 -14.12
C ARG OA 175 -60.79 72.29 -14.92
N ASP OA 176 -59.68 73.02 -14.81
CA ASP OA 176 -58.40 72.59 -15.39
C ASP OA 176 -57.70 71.49 -14.58
N ALA OA 177 -57.83 71.47 -13.26
CA ALA OA 177 -57.14 70.50 -12.42
C ALA OA 177 -57.80 69.10 -12.42
N ALA OA 178 -59.13 69.01 -12.34
CA ALA OA 178 -59.83 67.73 -12.25
C ALA OA 178 -59.56 66.75 -13.41
N PRO OA 179 -59.41 67.17 -14.69
CA PRO OA 179 -59.00 66.32 -15.81
C PRO OA 179 -57.69 65.55 -15.62
N VAL OA 180 -56.81 65.99 -14.71
CA VAL OA 180 -55.50 65.34 -14.48
C VAL OA 180 -55.63 64.07 -13.63
N LEU OA 181 -56.62 64.03 -12.73
CA LEU OA 181 -56.79 63.04 -11.66
C LEU OA 181 -57.32 61.69 -12.16
N ILE PA 4 42.10 62.44 -24.46
CA ILE PA 4 43.38 62.99 -25.02
C ILE PA 4 44.48 62.82 -23.99
N VAL PA 5 45.70 62.45 -24.37
CA VAL PA 5 46.86 62.44 -23.48
C VAL PA 5 47.92 63.42 -23.99
N VAL PA 6 48.39 64.35 -23.16
CA VAL PA 6 49.45 65.29 -23.52
C VAL PA 6 50.75 64.91 -22.83
N THR PA 7 51.86 64.93 -23.56
CA THR PA 7 53.15 64.39 -23.09
C THR PA 7 54.34 65.22 -23.56
N GLY PA 8 55.44 65.17 -22.81
CA GLY PA 8 56.66 65.92 -23.13
C GLY PA 8 57.81 65.68 -22.16
N ILE PA 9 59.03 65.92 -22.62
CA ILE PA 9 60.26 65.86 -21.84
C ILE PA 9 60.36 67.06 -20.87
N PRO PA 10 60.78 66.88 -19.60
CA PRO PA 10 60.98 67.99 -18.66
C PRO PA 10 61.89 69.09 -19.22
N GLY PA 11 61.36 70.32 -19.28
CA GLY PA 11 61.99 71.49 -19.91
C GLY PA 11 61.37 71.93 -21.24
N VAL PA 12 60.53 71.11 -21.87
CA VAL PA 12 59.93 71.45 -23.18
C VAL PA 12 58.80 72.49 -23.12
N GLY PA 13 58.31 72.85 -21.94
CA GLY PA 13 57.25 73.85 -21.77
C GLY PA 13 55.83 73.30 -21.94
N LYS PA 14 55.64 72.01 -21.68
CA LYS PA 14 54.37 71.27 -21.81
C LYS PA 14 53.18 72.01 -21.20
N THR PA 15 53.30 72.44 -19.95
CA THR PA 15 52.20 73.06 -19.21
C THR PA 15 51.75 74.37 -19.86
N THR PA 16 52.68 75.18 -20.34
CA THR PA 16 52.37 76.45 -21.02
C THR PA 16 51.52 76.22 -22.27
N VAL PA 17 51.94 75.32 -23.16
CA VAL PA 17 51.19 75.03 -24.39
C VAL PA 17 49.82 74.45 -24.07
N MET PA 18 49.74 73.51 -23.11
CA MET PA 18 48.45 72.94 -22.68
C MET PA 18 47.52 74.01 -22.14
N GLN PA 19 47.96 74.89 -21.24
CA GLN PA 19 47.13 75.92 -20.63
C GLN PA 19 46.57 76.90 -21.68
N LYS PA 20 47.41 77.32 -22.64
CA LYS PA 20 46.98 78.21 -23.73
C LYS PA 20 46.04 77.53 -24.71
N ALA PA 21 46.33 76.30 -25.14
CA ALA PA 21 45.47 75.58 -26.09
C ALA PA 21 44.11 75.18 -25.48
N ALA PA 22 44.09 74.78 -24.21
CA ALA PA 22 42.87 74.39 -23.50
C ALA PA 22 41.96 75.59 -23.12
N GLU PA 23 42.34 76.83 -23.43
CA GLU PA 23 41.54 78.02 -23.11
C GLU PA 23 40.16 77.96 -23.78
N GLY PA 24 39.09 78.26 -23.03
CA GLY PA 24 37.71 78.15 -23.49
C GLY PA 24 37.20 76.71 -23.69
N SER PA 25 38.00 75.69 -23.44
CA SER PA 25 37.56 74.30 -23.58
C SER PA 25 36.64 73.87 -22.43
N PRO PA 26 35.57 73.11 -22.68
CA PRO PA 26 34.78 72.47 -21.63
C PRO PA 26 35.48 71.23 -21.04
N LEU PA 27 36.65 70.81 -21.52
CA LEU PA 27 37.28 69.57 -21.07
C LEU PA 27 37.88 69.69 -19.66
N PRO PA 28 37.69 68.69 -18.78
CA PRO PA 28 38.42 68.60 -17.52
C PRO PA 28 39.92 68.40 -17.74
N ARG PA 29 40.73 68.84 -16.77
CA ARG PA 29 42.20 68.83 -16.80
C ARG PA 29 42.73 67.96 -15.67
N VAL PA 30 43.51 66.94 -15.97
CA VAL PA 30 43.79 65.88 -14.99
C VAL PA 30 45.26 65.45 -15.01
N PRO PA 31 46.04 65.63 -13.94
CA PRO PA 31 47.33 64.97 -13.79
C PRO PA 31 47.14 63.52 -13.31
N LEU PA 32 47.70 62.54 -14.03
CA LEU PA 32 47.48 61.12 -13.72
C LEU PA 32 48.08 60.69 -12.38
N GLU PA 33 49.25 61.24 -12.02
CA GLU PA 33 49.90 60.95 -10.75
C GLU PA 33 49.05 61.44 -9.58
N GLY PA 34 48.44 62.62 -9.74
CA GLY PA 34 47.49 63.19 -8.81
C GLY PA 34 46.28 62.29 -8.59
N VAL PA 35 45.66 61.80 -9.67
CA VAL PA 35 44.53 60.85 -9.53
C VAL PA 35 44.97 59.56 -8.87
N MET PA 36 46.12 59.00 -9.23
CA MET PA 36 46.63 57.80 -8.56
C MET PA 36 46.82 58.02 -7.07
N TYR PA 37 47.41 59.15 -6.66
CA TYR PA 37 47.56 59.51 -5.26
C TYR PA 37 46.19 59.64 -4.58
N GLY PA 38 45.24 60.33 -5.20
CA GLY PA 38 43.88 60.48 -4.68
C GLY PA 38 43.18 59.14 -4.51
N VAL PA 39 43.25 58.25 -5.49
CA VAL PA 39 42.67 56.91 -5.42
C VAL PA 39 43.35 56.09 -4.32
N ALA PA 40 44.68 56.06 -4.27
CA ALA PA 40 45.40 55.32 -3.23
C ALA PA 40 45.08 55.86 -1.83
N LYS PA 41 45.02 57.19 -1.67
CA LYS PA 41 44.69 57.88 -0.42
C LYS PA 41 43.27 57.55 0.06
N ARG PA 42 42.28 57.56 -0.84
CA ARG PA 42 40.87 57.24 -0.53
C ARG PA 42 40.63 55.74 -0.33
N MET PA 43 41.48 54.90 -0.90
CA MET PA 43 41.59 53.48 -0.55
C MET PA 43 42.38 53.22 0.75
N GLY PA 44 42.96 54.26 1.38
CA GLY PA 44 43.71 54.17 2.62
C GLY PA 44 45.14 53.62 2.50
N LEU PA 45 45.65 53.43 1.29
CA LEU PA 45 46.96 52.82 1.04
C LEU PA 45 48.14 53.75 1.40
N VAL PA 46 47.90 55.06 1.36
CA VAL PA 46 48.86 56.13 1.60
C VAL PA 46 48.17 57.32 2.28
N LYS PA 47 48.97 58.24 2.83
CA LYS PA 47 48.53 59.58 3.24
C LYS PA 47 49.34 60.69 2.55
N ASP PA 48 50.60 60.45 2.20
CA ASP PA 48 51.51 61.49 1.68
C ASP PA 48 52.04 61.17 0.28
N ILE PA 49 52.29 62.20 -0.53
CA ILE PA 49 52.56 62.09 -1.97
C ILE PA 49 53.81 61.25 -2.30
N ASP PA 50 54.84 61.29 -1.44
CA ASP PA 50 56.04 60.47 -1.60
C ASP PA 50 55.82 58.98 -1.33
N GLU PA 51 54.79 58.60 -0.58
CA GLU PA 51 54.52 57.18 -0.29
C GLU PA 51 54.14 56.38 -1.53
N MET PA 52 53.70 57.04 -2.61
CA MET PA 52 53.38 56.39 -3.88
C MET PA 52 54.56 55.59 -4.44
N ARG PA 53 55.81 56.04 -4.22
CA ARG PA 53 57.03 55.33 -4.64
C ARG PA 53 57.38 54.14 -3.74
N ARG PA 54 56.79 54.07 -2.54
CA ARG PA 54 57.03 53.02 -1.53
C ARG PA 54 56.07 51.84 -1.67
N LEU PA 55 54.95 52.00 -2.38
CA LEU PA 55 53.96 50.95 -2.60
C LEU PA 55 54.57 49.72 -3.29
N SER PA 56 54.03 48.54 -2.98
CA SER PA 56 54.38 47.30 -3.70
C SER PA 56 54.01 47.43 -5.18
N PRO PA 57 54.91 47.09 -6.12
CA PRO PA 57 54.64 47.23 -7.56
C PRO PA 57 53.32 46.62 -8.03
N ASP PA 58 52.95 45.43 -7.54
CA ASP PA 58 51.71 44.76 -7.94
C ASP PA 58 50.44 45.33 -7.28
N VAL PA 59 50.58 46.13 -6.22
CA VAL PA 59 49.51 47.02 -5.73
C VAL PA 59 49.43 48.26 -6.62
N GLN PA 60 50.59 48.83 -6.98
CA GLN PA 60 50.67 50.00 -7.84
C GLN PA 60 50.06 49.75 -9.24
N LYS PA 61 50.18 48.54 -9.79
CA LYS PA 61 49.43 48.13 -11.01
C LYS PA 61 47.93 48.28 -10.86
N GLU PA 62 47.37 47.86 -9.72
CA GLU PA 62 45.94 47.99 -9.49
C GLU PA 62 45.52 49.44 -9.22
N VAL PA 63 46.36 50.25 -8.56
CA VAL PA 63 46.11 51.70 -8.47
C VAL PA 63 46.08 52.34 -9.84
N GLN PA 64 47.03 52.02 -10.73
CA GLN PA 64 46.98 52.46 -12.13
C GLN PA 64 45.69 52.03 -12.82
N LYS PA 65 45.29 50.77 -12.68
CA LYS PA 65 44.06 50.22 -13.25
C LYS PA 65 42.82 50.98 -12.76
N LYS PA 66 42.65 51.16 -11.45
CA LYS PA 66 41.49 51.87 -10.89
C LYS PA 66 41.46 53.35 -11.26
N ALA PA 67 42.60 54.03 -11.19
CA ALA PA 67 42.68 55.42 -11.64
C ALA PA 67 42.27 55.55 -13.11
N ALA PA 68 42.74 54.65 -13.97
CA ALA PA 68 42.35 54.65 -15.37
C ALA PA 68 40.85 54.38 -15.56
N GLU PA 69 40.27 53.40 -14.86
CA GLU PA 69 38.82 53.14 -14.92
C GLU PA 69 38.01 54.38 -14.56
N ARG PA 70 38.42 55.11 -13.53
CA ARG PA 70 37.70 56.32 -13.07
C ARG PA 70 37.87 57.49 -14.03
N ILE PA 71 39.04 57.65 -14.64
CA ILE PA 71 39.23 58.66 -15.69
C ILE PA 71 38.47 58.27 -16.96
N ALA PA 72 38.33 56.98 -17.27
CA ALA PA 72 37.50 56.53 -18.37
C ALA PA 72 36.02 56.86 -18.13
N ALA PA 73 35.51 56.64 -16.92
CA ALA PA 73 34.14 56.95 -16.55
C ALA PA 73 33.85 58.45 -16.59
N LEU PA 74 34.80 59.31 -16.24
CA LEU PA 74 34.67 60.77 -16.37
C LEU PA 74 34.46 61.21 -17.83
N GLY PA 75 34.91 60.41 -18.80
CA GLY PA 75 34.75 60.68 -20.22
C GLY PA 75 35.88 61.51 -20.84
N ASP PA 76 35.55 62.34 -21.81
CA ASP PA 76 36.53 63.08 -22.60
C ASP PA 76 37.31 64.07 -21.73
N VAL PA 77 38.64 64.05 -21.79
CA VAL PA 77 39.53 64.70 -20.80
C VAL PA 77 40.87 65.09 -21.41
N ILE PA 78 41.51 66.14 -20.91
CA ILE PA 78 42.93 66.42 -21.20
C ILE PA 78 43.76 65.83 -20.07
N LEU PA 79 44.17 64.57 -20.22
CA LEU PA 79 45.03 63.89 -19.27
C LEU PA 79 46.48 64.33 -19.46
N ASP PA 80 47.22 64.47 -18.37
CA ASP PA 80 48.62 64.90 -18.37
C ASP PA 80 49.50 63.89 -17.63
N THR PA 81 50.55 63.39 -18.30
CA THR PA 81 51.62 62.56 -17.72
C THR PA 81 52.81 62.44 -18.69
N HIS PA 82 53.98 62.03 -18.22
CA HIS PA 82 55.12 61.73 -19.12
C HIS PA 82 54.90 60.42 -19.90
N CYS PA 83 55.32 60.38 -21.17
CA CYS PA 83 55.27 59.15 -21.97
C CYS PA 83 56.41 58.18 -21.59
N THR PA 84 57.61 58.67 -21.30
CA THR PA 84 58.66 57.90 -20.62
C THR PA 84 59.39 58.77 -19.58
N ILE PA 85 59.71 58.19 -18.44
CA ILE PA 85 60.37 58.86 -17.32
C ILE PA 85 61.82 58.38 -17.26
N LYS PA 86 62.82 59.27 -17.24
CA LYS PA 86 64.21 58.86 -17.04
C LYS PA 86 64.46 58.52 -15.58
N THR PA 87 65.14 57.41 -15.31
CA THR PA 87 65.43 56.89 -13.96
C THR PA 87 66.87 56.37 -13.88
N PRO PA 88 67.43 56.08 -12.69
CA PRO PA 88 68.78 55.51 -12.58
C PRO PA 88 69.00 54.23 -13.40
N LYS PA 89 67.97 53.39 -13.55
CA LYS PA 89 67.99 52.19 -14.39
C LYS PA 89 67.55 52.42 -15.85
N GLY PA 90 67.48 53.67 -16.31
CA GLY PA 90 67.08 54.03 -17.67
C GLY PA 90 65.62 54.47 -17.80
N TYR PA 91 65.09 54.44 -19.02
CA TYR PA 91 63.73 54.92 -19.32
C TYR PA 91 62.66 53.97 -18.82
N LEU PA 92 61.66 54.50 -18.12
CA LEU PA 92 60.48 53.77 -17.67
C LEU PA 92 59.26 54.19 -18.52
N PRO PA 93 58.54 53.26 -19.17
CA PRO PA 93 57.27 53.56 -19.83
C PRO PA 93 56.24 54.16 -18.87
N GLY PA 94 55.74 55.36 -19.17
CA GLY PA 94 54.75 56.04 -18.34
C GLY PA 94 53.33 55.50 -18.45
N LEU PA 95 53.01 54.72 -19.48
CA LEU PA 95 51.67 54.19 -19.75
C LEU PA 95 51.72 52.70 -20.12
N PRO PA 96 51.75 51.78 -19.15
CA PRO PA 96 51.66 50.36 -19.44
C PRO PA 96 50.38 49.98 -20.18
N ARG PA 97 50.38 48.82 -20.84
CA ARG PA 97 49.21 48.28 -21.55
C ARG PA 97 47.94 48.23 -20.71
N TRP PA 98 48.04 47.87 -19.42
CA TRP PA 98 46.88 47.80 -18.54
C TRP PA 98 46.26 49.18 -18.22
N VAL PA 99 46.95 50.29 -18.48
CA VAL PA 99 46.32 51.61 -18.49
C VAL PA 99 45.58 51.84 -19.81
N LEU PA 100 46.24 51.60 -20.95
CA LEU PA 100 45.66 51.86 -22.28
C LEU PA 100 44.37 51.08 -22.52
N GLU PA 101 44.30 49.82 -22.09
CA GLU PA 101 43.09 49.01 -22.21
C GLU PA 101 41.88 49.62 -21.47
N LYS PA 102 42.11 50.47 -20.45
CA LYS PA 102 41.07 51.18 -19.70
C LYS PA 102 40.79 52.58 -20.27
N LEU PA 103 41.82 53.41 -20.47
CA LEU PA 103 41.63 54.77 -20.98
C LEU PA 103 41.14 54.83 -22.43
N ARG PA 104 41.67 53.96 -23.28
CA ARG PA 104 41.41 53.93 -24.74
C ARG PA 104 41.56 55.30 -25.41
N PRO PA 105 42.72 55.96 -25.32
CA PRO PA 105 42.90 57.32 -25.83
C PRO PA 105 42.53 57.47 -27.30
N SER PA 106 41.92 58.60 -27.67
CA SER PA 106 41.75 58.95 -29.09
C SER PA 106 43.00 59.60 -29.69
N VAL PA 107 43.76 60.36 -28.89
CA VAL PA 107 44.99 61.02 -29.34
C VAL PA 107 46.05 60.94 -28.25
N ILE PA 108 47.30 60.73 -28.66
CA ILE PA 108 48.49 60.99 -27.88
C ILE PA 108 49.17 62.20 -28.49
N LEU PA 109 49.43 63.25 -27.72
CA LEU PA 109 50.10 64.44 -28.20
C LEU PA 109 51.49 64.52 -27.59
N LEU PA 110 52.50 64.72 -28.43
CA LEU PA 110 53.91 64.77 -28.04
C LEU PA 110 54.47 66.15 -28.36
N VAL PA 111 54.96 66.86 -27.34
CA VAL PA 111 55.54 68.20 -27.48
C VAL PA 111 57.05 68.10 -27.65
N GLU PA 112 57.63 68.87 -28.56
CA GLU PA 112 59.07 68.85 -28.85
C GLU PA 112 59.65 70.25 -29.05
N ALA PA 113 60.95 70.40 -28.80
CA ALA PA 113 61.76 71.58 -29.10
C ALA PA 113 63.19 71.13 -29.42
N ASP PA 114 64.04 72.00 -29.97
CA ASP PA 114 65.42 71.60 -30.28
C ASP PA 114 66.21 71.26 -28.99
N PRO PA 115 67.02 70.19 -28.97
CA PRO PA 115 67.85 69.86 -27.81
C PRO PA 115 68.67 71.03 -27.28
N LYS PA 116 69.18 71.92 -28.14
CA LYS PA 116 69.93 73.11 -27.72
C LYS PA 116 69.06 74.15 -27.03
N GLU PA 117 67.81 74.31 -27.46
CA GLU PA 117 66.84 75.14 -26.75
C GLU PA 117 66.54 74.58 -25.36
N ILE PA 118 66.24 73.28 -25.29
CA ILE PA 118 65.93 72.61 -24.02
C ILE PA 118 67.13 72.67 -23.09
N TYR PA 119 68.33 72.43 -23.60
CA TYR PA 119 69.55 72.57 -22.81
C TYR PA 119 69.72 73.98 -22.27
N GLY PA 120 69.49 75.01 -23.09
CA GLY PA 120 69.50 76.40 -22.65
C GLY PA 120 68.49 76.66 -21.53
N ARG PA 121 67.24 76.20 -21.68
CA ARG PA 121 66.21 76.33 -20.63
C ARG PA 121 66.61 75.63 -19.33
N ARG PA 122 67.15 74.41 -19.44
CA ARG PA 122 67.62 73.62 -18.29
C ARG PA 122 68.83 74.26 -17.60
N LEU PA 123 69.75 74.85 -18.36
CA LEU PA 123 70.91 75.55 -17.81
C LEU PA 123 70.49 76.84 -17.06
N LYS PA 124 69.46 77.54 -17.56
CA LYS PA 124 68.89 78.75 -16.94
C LYS PA 124 67.99 78.47 -15.73
N ASP PA 125 67.54 77.23 -15.56
CA ASP PA 125 66.82 76.81 -14.34
C ASP PA 125 67.76 76.73 -13.13
N ASP PA 133 71.79 66.75 -18.48
CA ASP PA 133 71.98 65.87 -19.63
C ASP PA 133 72.65 66.62 -20.79
N SER PA 134 73.47 65.94 -21.58
CA SER PA 134 73.97 66.47 -22.85
C SER PA 134 72.84 66.66 -23.86
N GLU PA 135 73.08 67.45 -24.90
CA GLU PA 135 72.16 67.56 -26.04
C GLU PA 135 71.96 66.21 -26.72
N GLU PA 136 72.98 65.33 -26.70
CA GLU PA 136 72.85 63.96 -27.20
C GLU PA 136 71.86 63.14 -26.36
N GLU PA 137 71.94 63.22 -25.04
CA GLU PA 137 71.00 62.52 -24.15
C GLU PA 137 69.59 63.12 -24.22
N ILE PA 138 69.46 64.42 -24.48
CA ILE PA 138 68.15 65.03 -24.74
C ILE PA 138 67.58 64.48 -26.06
N ALA PA 139 68.37 64.49 -27.14
CA ALA PA 139 67.95 63.95 -28.43
C ALA PA 139 67.59 62.46 -28.36
N GLU PA 140 68.34 61.68 -27.57
CA GLU PA 140 68.01 60.30 -27.28
C GLU PA 140 66.66 60.19 -26.57
N HIS PA 141 66.41 60.93 -25.50
CA HIS PA 141 65.14 60.86 -24.78
C HIS PA 141 63.97 61.23 -25.69
N GLN PA 142 64.12 62.23 -26.55
CA GLN PA 142 63.10 62.55 -27.55
C GLN PA 142 62.85 61.38 -28.51
N MET PA 143 63.91 60.80 -29.09
CA MET PA 143 63.75 59.66 -29.99
C MET PA 143 63.08 58.48 -29.29
N MET PA 144 63.46 58.17 -28.04
CA MET PA 144 62.79 57.13 -27.28
C MET PA 144 61.32 57.46 -27.03
N ASN PA 145 60.97 58.72 -26.78
CA ASN PA 145 59.56 59.10 -26.67
C ASN PA 145 58.78 58.84 -27.95
N ARG PA 146 59.33 59.15 -29.12
CA ARG PA 146 58.63 58.87 -30.39
C ARG PA 146 58.33 57.38 -30.56
N ALA PA 147 59.31 56.52 -30.28
CA ALA PA 147 59.09 55.08 -30.31
C ALA PA 147 58.02 54.67 -29.30
N ALA PA 148 58.07 55.18 -28.09
CA ALA PA 148 57.08 54.85 -27.06
C ALA PA 148 55.67 55.28 -27.47
N ALA PA 149 55.51 56.49 -28.01
CA ALA PA 149 54.22 56.99 -28.44
C ALA PA 149 53.61 56.10 -29.53
N MET PA 150 54.40 55.73 -30.54
CA MET PA 150 53.88 54.90 -31.62
C MET PA 150 53.61 53.46 -31.18
N ALA PA 151 54.37 52.93 -30.22
CA ALA PA 151 54.02 51.66 -29.60
C ALA PA 151 52.67 51.75 -28.87
N TYR PA 152 52.45 52.78 -28.05
CA TYR PA 152 51.17 53.04 -27.38
C TYR PA 152 50.03 53.16 -28.40
N ALA PA 153 50.27 53.86 -29.51
CA ALA PA 153 49.30 54.01 -30.58
C ALA PA 153 48.88 52.66 -31.15
N SER PA 154 49.84 51.82 -31.54
CA SER PA 154 49.56 50.51 -32.14
C SER PA 154 48.77 49.58 -31.21
N LEU PA 155 48.93 49.71 -29.90
CA LEU PA 155 48.18 48.94 -28.90
C LEU PA 155 46.73 49.39 -28.74
N SER PA 156 46.40 50.62 -29.12
CA SER PA 156 45.17 51.31 -28.69
C SER PA 156 44.31 51.87 -29.82
N GLY PA 157 44.87 52.06 -31.02
CA GLY PA 157 44.23 52.79 -32.11
C GLY PA 157 44.30 54.32 -31.94
N ALA PA 158 45.03 54.83 -30.96
CA ALA PA 158 45.17 56.27 -30.75
C ALA PA 158 45.94 56.93 -31.90
N THR PA 159 45.53 58.14 -32.27
CA THR PA 159 46.30 58.97 -33.22
C THR PA 159 47.52 59.55 -32.51
N VAL PA 160 48.63 59.83 -33.21
CA VAL PA 160 49.80 60.50 -32.62
C VAL PA 160 50.08 61.83 -33.29
N LYS PA 161 50.08 62.92 -32.52
CA LYS PA 161 50.39 64.29 -33.00
C LYS PA 161 51.69 64.76 -32.41
N ILE PA 162 52.58 65.33 -33.22
CA ILE PA 162 53.80 66.00 -32.75
C ILE PA 162 53.65 67.52 -32.87
N VAL PA 163 53.97 68.27 -31.81
CA VAL PA 163 53.87 69.73 -31.74
C VAL PA 163 55.23 70.36 -31.42
N PHE PA 164 55.74 71.21 -32.30
CA PHE PA 164 56.94 71.99 -31.99
C PHE PA 164 56.64 73.19 -31.08
N ASN PA 165 57.53 73.50 -30.15
CA ASN PA 165 57.42 74.60 -29.19
C ASN PA 165 58.74 75.36 -29.03
N HIS PA 166 59.26 75.90 -30.13
CA HIS PA 166 60.48 76.71 -30.13
C HIS PA 166 60.34 77.99 -29.28
N ASP PA 167 61.45 78.49 -28.73
CA ASP PA 167 61.46 79.51 -27.65
C ASP PA 167 60.64 80.76 -27.95
N ASN PA 168 60.81 81.35 -29.14
CA ASN PA 168 60.16 82.59 -29.52
C ASN PA 168 58.71 82.42 -30.03
N ARG PA 169 58.23 81.18 -30.14
CA ARG PA 169 57.15 80.79 -31.07
C ARG PA 169 56.03 80.00 -30.39
N LEU PA 170 55.69 80.35 -29.15
CA LEU PA 170 54.58 79.73 -28.41
C LEU PA 170 53.25 79.75 -29.20
N ASP PA 171 53.02 80.79 -30.01
CA ASP PA 171 51.83 80.86 -30.87
C ASP PA 171 51.73 79.70 -31.87
N ASP PA 172 52.86 79.23 -32.40
CA ASP PA 172 52.89 78.04 -33.28
C ASP PA 172 52.47 76.79 -32.52
N ALA PA 173 52.99 76.58 -31.31
CA ALA PA 173 52.63 75.43 -30.50
C ALA PA 173 51.13 75.43 -30.18
N VAL PA 174 50.56 76.59 -29.80
CA VAL PA 174 49.14 76.70 -29.50
C VAL PA 174 48.27 76.53 -30.75
N ARG PA 175 48.70 77.10 -31.89
CA ARG PA 175 48.01 76.95 -33.18
C ARG PA 175 48.02 75.50 -33.69
N ASP PA 176 49.08 74.74 -33.44
CA ASP PA 176 49.10 73.30 -33.74
C ASP PA 176 48.30 72.47 -32.73
N ALA PA 177 48.28 72.85 -31.44
CA ALA PA 177 47.59 72.07 -30.41
C ALA PA 177 46.07 72.22 -30.47
N ALA PA 178 45.54 73.44 -30.66
CA ALA PA 178 44.10 73.68 -30.59
C ALA PA 178 43.23 72.85 -31.58
N PRO PA 179 43.65 72.58 -32.83
CA PRO PA 179 42.96 71.66 -33.75
C PRO PA 179 42.70 70.24 -33.24
N VAL PA 180 43.40 69.79 -32.21
CA VAL PA 180 43.25 68.44 -31.65
C VAL PA 180 42.04 68.33 -30.72
N LEU PA 181 41.69 69.44 -30.04
CA LEU PA 181 40.74 69.50 -28.92
C LEU PA 181 39.27 69.47 -29.36
N ILE QA 4 27.56 63.09 39.19
CA ILE QA 4 27.69 63.82 40.48
C ILE QA 4 26.31 64.29 40.92
N VAL QA 5 26.00 64.28 42.23
CA VAL QA 5 24.78 64.88 42.76
C VAL QA 5 25.14 65.95 43.79
N VAL QA 6 24.60 67.16 43.68
CA VAL QA 6 24.84 68.26 44.63
C VAL QA 6 23.59 68.54 45.44
N THR QA 7 23.72 68.69 46.76
CA THR QA 7 22.59 68.74 47.69
C THR QA 7 22.81 69.70 48.86
N GLY QA 8 21.73 70.20 49.45
CA GLY QA 8 21.81 71.12 50.58
C GLY QA 8 20.43 71.56 51.10
N ILE QA 9 20.41 72.03 52.35
CA ILE QA 9 19.25 72.61 53.01
C ILE QA 9 18.89 73.99 52.42
N PRO QA 10 17.61 74.33 52.17
CA PRO QA 10 17.21 75.65 51.69
C PRO QA 10 17.76 76.78 52.56
N GLY QA 11 18.51 77.70 51.95
CA GLY QA 11 19.25 78.78 52.59
C GLY QA 11 20.77 78.60 52.66
N VAL QA 12 21.29 77.40 52.41
CA VAL QA 12 22.74 77.13 52.51
C VAL QA 12 23.58 77.71 51.36
N GLY QA 13 22.95 78.20 50.28
CA GLY QA 13 23.65 78.82 49.14
C GLY QA 13 24.10 77.84 48.07
N LYS QA 14 23.46 76.66 47.99
CA LYS QA 14 23.76 75.57 47.05
C LYS QA 14 24.03 76.07 45.63
N THR QA 15 23.12 76.86 45.07
CA THR QA 15 23.21 77.30 43.67
C THR QA 15 24.46 78.12 43.42
N THR QA 16 24.83 79.02 44.33
CA THR QA 16 26.02 79.86 44.19
C THR QA 16 27.30 79.03 44.12
N VAL QA 17 27.50 78.10 45.05
CA VAL QA 17 28.70 77.26 45.08
C VAL QA 17 28.77 76.36 43.84
N MET QA 18 27.65 75.78 43.42
CA MET QA 18 27.58 75.00 42.19
C MET QA 18 27.94 75.87 40.96
N GLN QA 19 27.35 77.04 40.81
CA GLN QA 19 27.58 77.93 39.67
C GLN QA 19 29.05 78.35 39.58
N LYS QA 20 29.68 78.69 40.70
CA LYS QA 20 31.10 79.04 40.75
C LYS QA 20 32.01 77.86 40.45
N ALA QA 21 31.79 76.71 41.08
CA ALA QA 21 32.65 75.54 40.87
C ALA QA 21 32.53 74.95 39.47
N ALA QA 22 31.32 74.92 38.90
CA ALA QA 22 31.06 74.41 37.55
C ALA QA 22 31.59 75.32 36.42
N GLU QA 23 32.11 76.51 36.73
CA GLU QA 23 32.66 77.42 35.73
C GLU QA 23 33.77 76.77 34.88
N GLY QA 24 33.66 76.84 33.57
CA GLY QA 24 34.58 76.18 32.63
C GLY QA 24 34.46 74.65 32.54
N SER QA 25 33.54 74.02 33.27
CA SER QA 25 33.32 72.58 33.16
C SER QA 25 32.57 72.21 31.88
N PRO QA 26 32.93 71.12 31.18
CA PRO QA 26 32.14 70.57 30.09
C PRO QA 26 30.88 69.83 30.58
N LEU QA 27 30.67 69.66 31.88
CA LEU QA 27 29.55 68.88 32.41
C LEU QA 27 28.20 69.60 32.22
N PRO QA 28 27.15 68.92 31.75
CA PRO QA 28 25.79 69.45 31.75
C PRO QA 28 25.27 69.67 33.17
N ARG QA 29 24.32 70.59 33.33
CA ARG QA 29 23.74 71.03 34.60
C ARG QA 29 22.25 70.74 34.61
N VAL QA 30 21.75 69.97 35.57
CA VAL QA 30 20.40 69.43 35.49
C VAL QA 30 19.66 69.53 36.83
N PRO QA 31 18.47 70.13 36.92
CA PRO QA 31 17.57 69.97 38.05
C PRO QA 31 16.71 68.70 37.88
N LEU QA 32 16.72 67.79 38.86
CA LEU QA 32 16.01 66.50 38.72
C LEU QA 32 14.49 66.67 38.63
N GLU QA 33 13.93 67.61 39.37
CA GLU QA 33 12.48 67.87 39.38
C GLU QA 33 12.04 68.42 38.01
N GLY QA 34 12.85 69.30 37.43
CA GLY QA 34 12.64 69.83 36.10
C GLY QA 34 12.64 68.74 35.03
N VAL QA 35 13.58 67.79 35.10
CA VAL QA 35 13.56 66.63 34.18
C VAL QA 35 12.34 65.77 34.42
N MET QA 36 11.95 65.50 35.66
CA MET QA 36 10.74 64.73 35.93
C MET QA 36 9.51 65.38 35.31
N TYR QA 37 9.36 66.70 35.47
CA TYR QA 37 8.29 67.46 34.83
C TYR QA 37 8.36 67.35 33.31
N GLY QA 38 9.54 67.54 32.72
CA GLY QA 38 9.75 67.40 31.28
C GLY QA 38 9.37 66.02 30.77
N VAL QA 39 9.82 64.94 31.42
CA VAL QA 39 9.48 63.57 31.05
C VAL QA 39 7.98 63.31 31.18
N ALA QA 40 7.37 63.71 32.29
CA ALA QA 40 5.93 63.54 32.49
C ALA QA 40 5.11 64.32 31.45
N LYS QA 41 5.52 65.55 31.13
CA LYS QA 41 4.88 66.42 30.14
C LYS QA 41 4.97 65.83 28.73
N ARG QA 42 6.14 65.30 28.34
CA ARG QA 42 6.34 64.63 27.05
C ARG QA 42 5.67 63.25 26.96
N MET QA 43 5.45 62.60 28.10
CA MET QA 43 4.57 61.43 28.23
C MET QA 43 3.08 61.80 28.31
N GLY QA 44 2.74 63.10 28.25
CA GLY QA 44 1.36 63.60 28.25
C GLY QA 44 0.63 63.56 29.59
N LEU QA 45 1.32 63.25 30.69
CA LEU QA 45 0.71 63.02 32.00
C LEU QA 45 0.27 64.33 32.69
N VAL QA 46 0.92 65.44 32.34
CA VAL QA 46 0.76 66.78 32.96
C VAL QA 46 0.97 67.87 31.91
N LYS QA 47 0.56 69.09 32.21
CA LYS QA 47 0.91 70.32 31.48
C LYS QA 47 1.57 71.37 32.38
N ASP QA 48 1.26 71.42 33.67
CA ASP QA 48 1.74 72.47 34.58
C ASP QA 48 2.64 71.92 35.70
N ILE QA 49 3.60 72.72 36.17
CA ILE QA 49 4.66 72.31 37.10
C ILE QA 49 4.11 71.81 38.45
N ASP QA 50 2.99 72.36 38.90
CA ASP QA 50 2.32 71.93 40.14
C ASP QA 50 1.62 70.57 40.02
N GLU QA 51 1.22 70.14 38.83
CA GLU QA 51 0.50 68.87 38.64
C GLU QA 51 1.35 67.66 39.00
N MET QA 52 2.69 67.81 39.06
CA MET QA 52 3.60 66.76 39.51
C MET QA 52 3.28 66.27 40.93
N ARG QA 53 2.73 67.14 41.78
CA ARG QA 53 2.30 66.80 43.15
C ARG QA 53 0.93 66.11 43.18
N ARG QA 54 0.16 66.20 42.09
CA ARG QA 54 -1.19 65.64 41.93
C ARG QA 54 -1.20 64.24 41.30
N LEU QA 55 -0.09 63.83 40.69
CA LEU QA 55 0.09 62.49 40.12
C LEU QA 55 -0.07 61.38 41.18
N SER QA 56 -0.54 60.21 40.74
CA SER QA 56 -0.59 59.00 41.56
C SER QA 56 0.83 58.54 41.93
N PRO QA 57 1.15 58.27 43.21
CA PRO QA 57 2.50 57.92 43.63
C PRO QA 57 3.15 56.77 42.84
N ASP QA 58 2.41 55.72 42.49
CA ASP QA 58 3.00 54.60 41.72
C ASP QA 58 3.22 54.91 40.22
N VAL QA 59 2.56 55.94 39.68
CA VAL QA 59 2.98 56.57 38.42
C VAL QA 59 4.22 57.42 38.65
N GLN QA 60 4.26 58.20 39.74
CA GLN QA 60 5.39 59.06 40.08
C GLN QA 60 6.70 58.27 40.27
N LYS QA 61 6.65 57.05 40.83
CA LYS QA 61 7.80 56.12 40.86
C LYS QA 61 8.33 55.81 39.46
N GLU QA 62 7.45 55.55 38.49
CA GLU QA 62 7.88 55.27 37.12
C GLU QA 62 8.42 56.52 36.42
N VAL QA 63 7.84 57.70 36.66
CA VAL QA 63 8.41 58.96 36.19
C VAL QA 63 9.81 59.18 36.75
N GLN QA 64 10.01 58.95 38.05
CA GLN QA 64 11.33 59.01 38.67
C GLN QA 64 12.30 58.04 38.01
N LYS QA 65 11.88 56.79 37.82
CA LYS QA 65 12.68 55.75 37.17
C LYS QA 65 13.10 56.15 35.76
N LYS QA 66 12.17 56.61 34.92
CA LYS QA 66 12.47 57.05 33.55
C LYS QA 66 13.35 58.29 33.50
N ALA QA 67 13.08 59.30 34.33
CA ALA QA 67 13.92 60.48 34.42
C ALA QA 67 15.36 60.11 34.78
N ALA QA 68 15.54 59.20 35.74
CA ALA QA 68 16.85 58.70 36.09
C ALA QA 68 17.52 57.93 34.94
N GLU QA 69 16.82 57.02 34.27
CA GLU QA 69 17.38 56.31 33.11
C GLU QA 69 17.86 57.26 32.01
N ARG QA 70 17.10 58.32 31.73
CA ARG QA 70 17.47 59.31 30.71
C ARG QA 70 18.65 60.16 31.14
N ILE QA 71 18.74 60.55 32.41
CA ILE QA 71 19.94 61.24 32.92
C ILE QA 71 21.15 60.30 32.96
N ALA QA 72 20.96 59.00 33.17
CA ALA QA 72 22.05 58.03 33.05
C ALA QA 72 22.55 57.91 31.60
N ALA QA 73 21.65 57.88 30.61
CA ALA QA 73 22.02 57.85 29.21
C ALA QA 73 22.80 59.10 28.76
N LEU QA 74 22.47 60.28 29.28
CA LEU QA 74 23.23 61.51 29.06
C LEU QA 74 24.69 61.41 29.54
N GLY QA 75 24.96 60.56 30.51
CA GLY QA 75 26.29 60.36 31.07
C GLY QA 75 26.65 61.31 32.22
N ASP QA 76 27.93 61.61 32.36
CA ASP QA 76 28.45 62.37 33.50
C ASP QA 76 27.88 63.79 33.53
N VAL QA 77 27.35 64.21 34.69
CA VAL QA 77 26.45 65.35 34.84
C VAL QA 77 26.54 65.95 36.24
N ILE QA 78 26.32 67.25 36.39
CA ILE QA 78 26.09 67.87 37.70
C ILE QA 78 24.59 67.90 37.94
N LEU QA 79 24.05 66.85 38.55
CA LEU QA 79 22.64 66.78 38.94
C LEU QA 79 22.40 67.58 40.22
N ASP QA 80 21.28 68.27 40.29
CA ASP QA 80 20.88 69.11 41.40
C ASP QA 80 19.51 68.68 41.95
N THR QA 81 19.44 68.35 43.25
CA THR QA 81 18.19 68.05 43.97
C THR QA 81 18.43 68.09 45.49
N HIS QA 82 17.39 68.15 46.33
CA HIS QA 82 17.55 68.00 47.77
C HIS QA 82 17.78 66.54 48.17
N CYS QA 83 18.62 66.27 49.16
CA CYS QA 83 18.77 64.92 49.73
C CYS QA 83 17.61 64.56 50.68
N THR QA 84 17.08 65.50 51.46
CA THR QA 84 15.78 65.34 52.13
C THR QA 84 14.97 66.63 52.08
N ILE QA 85 13.65 66.49 51.91
CA ILE QA 85 12.71 67.61 51.81
C ILE QA 85 11.86 67.62 53.08
N LYS QA 86 11.80 68.74 53.79
CA LYS QA 86 10.92 68.86 54.97
C LYS QA 86 9.46 69.04 54.52
N THR QA 87 8.54 68.29 55.11
CA THR QA 87 7.10 68.27 54.76
C THR QA 87 6.24 68.25 56.04
N PRO QA 88 4.92 68.50 55.96
CA PRO QA 88 4.02 68.40 57.11
C PRO QA 88 4.13 67.06 57.86
N LYS QA 89 4.34 65.94 57.15
CA LYS QA 89 4.55 64.61 57.73
C LYS QA 89 6.01 64.28 58.06
N GLY QA 90 6.89 65.28 58.14
CA GLY QA 90 8.32 65.11 58.45
C GLY QA 90 9.23 65.08 57.22
N TYR QA 91 10.46 64.60 57.39
CA TYR QA 91 11.47 64.54 56.33
C TYR QA 91 11.16 63.46 55.30
N LEU QA 92 11.20 63.82 54.02
CA LEU QA 92 11.02 62.92 52.89
C LEU QA 92 12.38 62.66 52.21
N PRO QA 93 12.80 61.41 51.98
CA PRO QA 93 13.98 61.08 51.19
C PRO QA 93 13.89 61.64 49.76
N GLY QA 94 14.92 62.36 49.31
CA GLY QA 94 14.97 62.93 47.98
C GLY QA 94 15.34 61.95 46.87
N LEU QA 95 16.09 60.88 47.20
CA LEU QA 95 16.56 59.88 46.24
C LEU QA 95 16.14 58.47 46.68
N PRO QA 96 14.92 58.03 46.37
CA PRO QA 96 14.52 56.64 46.56
C PRO QA 96 15.45 55.67 45.83
N ARG QA 97 15.54 54.43 46.33
CA ARG QA 97 16.42 53.41 45.77
C ARG QA 97 16.20 53.15 44.28
N TRP QA 98 14.97 53.18 43.78
CA TRP QA 98 14.68 53.02 42.35
C TRP QA 98 15.20 54.17 41.48
N VAL QA 99 15.47 55.36 42.02
CA VAL QA 99 16.26 56.39 41.31
C VAL QA 99 17.74 56.04 41.35
N LEU QA 100 18.23 55.76 42.57
CA LEU QA 100 19.65 55.68 42.85
C LEU QA 100 20.35 54.54 42.09
N GLU QA 101 19.69 53.40 41.94
CA GLU QA 101 20.20 52.27 41.16
C GLU QA 101 20.32 52.55 39.64
N LYS QA 102 19.59 53.56 39.13
CA LYS QA 102 19.69 53.99 37.72
C LYS QA 102 20.81 55.01 37.52
N LEU QA 103 20.89 56.03 38.38
CA LEU QA 103 21.93 57.06 38.28
C LEU QA 103 23.33 56.53 38.62
N ARG QA 104 23.44 55.66 39.63
CA ARG QA 104 24.70 55.12 40.14
C ARG QA 104 25.76 56.20 40.39
N PRO QA 105 25.49 57.22 41.22
CA PRO QA 105 26.37 58.37 41.39
C PRO QA 105 27.80 57.99 41.78
N SER QA 106 28.80 58.68 41.25
CA SER QA 106 30.17 58.56 41.75
C SER QA 106 30.39 59.37 43.03
N VAL QA 107 29.72 60.51 43.17
CA VAL QA 107 29.83 61.39 44.33
C VAL QA 107 28.47 61.96 44.70
N ILE QA 108 28.18 62.02 46.00
CA ILE QA 108 27.15 62.86 46.59
C ILE QA 108 27.85 64.00 47.30
N LEU QA 109 27.53 65.24 46.96
CA LEU QA 109 28.10 66.43 47.61
C LEU QA 109 27.02 67.06 48.47
N LEU QA 110 27.34 67.28 49.74
CA LEU QA 110 26.46 67.87 50.74
C LEU QA 110 27.02 69.21 51.21
N VAL QA 111 26.26 70.29 51.04
CA VAL QA 111 26.70 71.65 51.40
C VAL QA 111 26.19 72.02 52.78
N GLU QA 112 27.05 72.58 53.63
CA GLU QA 112 26.71 72.95 55.02
C GLU QA 112 27.17 74.36 55.38
N ALA QA 113 26.47 74.98 56.32
CA ALA QA 113 26.82 76.24 56.96
C ALA QA 113 26.35 76.20 58.42
N ASP QA 114 26.78 77.10 59.28
CA ASP QA 114 26.32 77.07 60.68
C ASP QA 114 24.80 77.34 60.78
N PRO QA 115 24.04 76.62 61.62
CA PRO QA 115 22.61 76.89 61.83
C PRO QA 115 22.29 78.36 62.10
N LYS QA 116 23.15 79.10 62.80
CA LYS QA 116 22.98 80.54 63.06
C LYS QA 116 23.19 81.39 61.80
N GLU QA 117 24.13 81.02 60.93
CA GLU QA 117 24.27 81.66 59.63
C GLU QA 117 23.00 81.45 58.80
N ILE QA 118 22.54 80.20 58.71
CA ILE QA 118 21.34 79.85 57.95
C ILE QA 118 20.12 80.56 58.52
N TYR QA 119 19.97 80.60 59.85
CA TYR QA 119 18.90 81.34 60.50
C TYR QA 119 18.97 82.84 60.16
N GLY QA 120 20.17 83.44 60.18
CA GLY QA 120 20.38 84.81 59.73
C GLY QA 120 19.95 85.03 58.27
N ARG QA 121 20.36 84.17 57.34
CA ARG QA 121 19.95 84.27 55.92
C ARG QA 121 18.44 84.13 55.77
N ARG QA 122 17.83 83.18 56.46
CA ARG QA 122 16.38 82.95 56.45
C ARG QA 122 15.59 84.10 57.07
N LEU QA 123 16.12 84.73 58.11
CA LEU QA 123 15.49 85.88 58.75
C LEU QA 123 15.56 87.14 57.86
N LYS QA 124 16.67 87.30 57.12
CA LYS QA 124 16.87 88.40 56.15
C LYS QA 124 16.14 88.20 54.82
N ASP QA 125 15.73 86.97 54.50
CA ASP QA 125 14.88 86.67 53.36
C ASP QA 125 13.44 87.20 53.56
N ASP QA 133 12.04 78.00 60.94
CA ASP QA 133 12.55 76.93 61.81
C ASP QA 133 13.49 77.52 62.88
N SER QA 134 13.54 76.93 64.07
CA SER QA 134 14.58 77.25 65.04
C SER QA 134 15.96 76.79 64.58
N GLU QA 135 17.01 77.31 65.20
CA GLU QA 135 18.38 76.82 64.99
C GLU QA 135 18.50 75.33 65.35
N GLU QA 136 17.73 74.86 66.32
CA GLU QA 136 17.69 73.43 66.68
C GLU QA 136 17.11 72.59 65.54
N GLU QA 137 16.02 73.04 64.91
CA GLU QA 137 15.42 72.34 63.77
C GLU QA 137 16.29 72.40 62.52
N ILE QA 138 17.04 73.48 62.32
CA ILE QA 138 18.03 73.56 61.26
C ILE QA 138 19.17 72.55 61.53
N ALA QA 139 19.71 72.53 62.75
CA ALA QA 139 20.75 71.57 63.13
C ALA QA 139 20.28 70.12 63.01
N GLU QA 140 19.04 69.83 63.37
CA GLU QA 140 18.42 68.53 63.17
C GLU QA 140 18.33 68.17 61.69
N HIS QA 141 17.84 69.06 60.83
CA HIS QA 141 17.72 68.77 59.40
C HIS QA 141 19.09 68.47 58.78
N GLN QA 142 20.14 69.20 59.18
CA GLN QA 142 21.50 68.87 58.76
C GLN QA 142 21.92 67.47 59.22
N MET QA 143 21.71 67.12 60.48
CA MET QA 143 22.04 65.77 60.96
C MET QA 143 21.27 64.69 60.20
N MET QA 144 19.99 64.91 59.90
CA MET QA 144 19.25 63.98 59.07
C MET QA 144 19.82 63.88 57.66
N ASN QA 145 20.27 64.98 57.06
CA ASN QA 145 20.88 64.91 55.74
C ASN QA 145 22.16 64.07 55.74
N ARG QA 146 23.02 64.17 56.75
CA ARG QA 146 24.22 63.32 56.84
C ARG QA 146 23.85 61.84 56.87
N ALA QA 147 22.86 61.47 57.68
CA ALA QA 147 22.38 60.11 57.74
C ALA QA 147 21.83 59.65 56.38
N ALA QA 148 21.04 60.50 55.70
CA ALA QA 148 20.50 60.17 54.39
C ALA QA 148 21.61 59.99 53.33
N ALA QA 149 22.59 60.89 53.30
CA ALA QA 149 23.69 60.80 52.34
C ALA QA 149 24.47 59.49 52.50
N MET QA 150 24.86 59.14 53.73
CA MET QA 150 25.62 57.93 53.96
C MET QA 150 24.80 56.66 53.73
N ALA QA 151 23.49 56.70 53.96
CA ALA QA 151 22.61 55.62 53.54
C ALA QA 151 22.60 55.46 52.01
N TYR QA 152 22.49 56.54 51.24
CA TYR QA 152 22.61 56.47 49.77
C TYR QA 152 23.97 55.94 49.33
N ALA QA 153 25.03 56.34 50.03
CA ALA QA 153 26.37 55.84 49.73
C ALA QA 153 26.43 54.32 49.87
N SER QA 154 25.95 53.77 50.98
CA SER QA 154 25.96 52.33 51.22
C SER QA 154 25.18 51.52 50.19
N LEU QA 155 24.15 52.11 49.58
CA LEU QA 155 23.33 51.47 48.53
C LEU QA 155 23.99 51.47 47.15
N SER QA 156 25.06 52.23 46.93
CA SER QA 156 25.51 52.59 45.57
C SER QA 156 27.02 52.65 45.36
N GLY QA 157 27.82 52.67 46.43
CA GLY QA 157 29.26 52.92 46.34
C GLY QA 157 29.63 54.38 46.07
N ALA QA 158 28.68 55.30 46.06
CA ALA QA 158 28.95 56.71 45.87
C ALA QA 158 29.81 57.29 47.00
N THR QA 159 30.83 58.07 46.65
CA THR QA 159 31.64 58.81 47.63
C THR QA 159 30.81 59.93 48.24
N VAL QA 160 31.00 60.30 49.51
CA VAL QA 160 30.29 61.44 50.14
C VAL QA 160 31.25 62.56 50.51
N LYS QA 161 31.02 63.76 50.02
CA LYS QA 161 31.84 64.96 50.30
C LYS QA 161 31.00 66.01 51.01
N ILE QA 162 31.50 66.54 52.13
CA ILE QA 162 30.85 67.64 52.86
C ILE QA 162 31.62 68.93 52.60
N VAL QA 163 30.93 70.00 52.20
CA VAL QA 163 31.53 71.31 51.86
C VAL QA 163 30.95 72.41 52.73
N PHE QA 164 31.79 73.11 53.50
CA PHE QA 164 31.37 74.31 54.22
C PHE QA 164 31.20 75.52 53.30
N ASN QA 165 30.18 76.34 53.56
CA ASN QA 165 29.89 77.58 52.81
C ASN QA 165 29.52 78.74 53.75
N HIS QA 166 30.43 79.09 54.65
CA HIS QA 166 30.26 80.22 55.58
C HIS QA 166 30.09 81.55 54.84
N ASP QA 167 29.33 82.49 55.43
CA ASP QA 167 28.82 83.70 54.77
C ASP QA 167 29.87 84.52 54.03
N ASN QA 168 30.99 84.83 54.69
CA ASN QA 168 32.06 85.67 54.14
C ASN QA 168 33.02 84.91 53.21
N ARG QA 169 32.89 83.59 53.09
CA ARG QA 169 33.97 82.68 52.67
C ARG QA 169 33.59 81.79 51.50
N LEU QA 170 32.88 82.33 50.52
CA LEU QA 170 32.47 81.59 49.32
C LEU QA 170 33.65 80.91 48.60
N ASP QA 171 34.84 81.54 48.62
CA ASP QA 171 36.04 80.96 48.01
C ASP QA 171 36.46 79.64 48.67
N ASP QA 172 36.23 79.45 49.97
CA ASP QA 172 36.46 78.15 50.63
C ASP QA 172 35.55 77.07 50.08
N ALA QA 173 34.26 77.38 49.89
CA ALA QA 173 33.32 76.44 49.32
C ALA QA 173 33.72 76.05 47.88
N VAL QA 174 34.08 77.03 47.04
CA VAL QA 174 34.51 76.77 45.66
C VAL QA 174 35.82 75.99 45.62
N ARG QA 175 36.77 76.30 46.52
CA ARG QA 175 38.04 75.58 46.65
C ARG QA 175 37.85 74.13 47.09
N ASP QA 176 36.88 73.83 47.94
CA ASP QA 176 36.53 72.45 48.28
C ASP QA 176 35.70 71.75 47.20
N ALA QA 177 34.86 72.48 46.45
CA ALA QA 177 33.99 71.89 45.45
C ALA QA 177 34.71 71.54 44.14
N ALA QA 178 35.57 72.43 43.62
CA ALA QA 178 36.24 72.21 42.33
C ALA QA 178 37.06 70.90 42.23
N PRO QA 179 37.79 70.43 43.27
CA PRO QA 179 38.47 69.13 43.28
C PRO QA 179 37.58 67.90 42.99
N VAL QA 180 36.27 68.00 43.14
CA VAL QA 180 35.34 66.89 42.91
C VAL QA 180 35.08 66.66 41.41
N LEU QA 181 35.16 67.73 40.61
CA LEU QA 181 34.69 67.82 39.22
C LEU QA 181 35.64 67.18 38.20
N ILE RA 4 -27.83 65.02 -35.54
CA ILE RA 4 -28.62 66.29 -35.44
C ILE RA 4 -30.06 65.95 -35.09
N VAL RA 5 -30.76 66.78 -34.33
CA VAL RA 5 -32.22 66.68 -34.11
C VAL RA 5 -32.89 67.99 -34.50
N VAL RA 6 -33.97 67.94 -35.27
CA VAL RA 6 -34.76 69.13 -35.64
C VAL RA 6 -36.10 69.10 -34.94
N THR RA 7 -36.55 70.24 -34.40
CA THR RA 7 -37.76 70.33 -33.57
C THR RA 7 -38.52 71.62 -33.81
N GLY RA 8 -39.83 71.62 -33.53
CA GLY RA 8 -40.69 72.78 -33.72
C GLY RA 8 -42.14 72.53 -33.34
N ILE RA 9 -42.86 73.61 -33.03
CA ILE RA 9 -44.29 73.61 -32.72
C ILE RA 9 -45.13 73.40 -33.99
N PRO RA 10 -46.21 72.58 -33.97
CA PRO RA 10 -47.10 72.41 -35.12
C PRO RA 10 -47.63 73.75 -35.66
N GLY RA 11 -47.36 74.03 -36.93
CA GLY RA 11 -47.64 75.30 -37.62
C GLY RA 11 -46.40 76.15 -37.92
N VAL RA 12 -45.24 75.88 -37.31
CA VAL RA 12 -44.02 76.70 -37.51
C VAL RA 12 -43.33 76.47 -38.87
N GLY RA 13 -43.71 75.45 -39.62
CA GLY RA 13 -43.15 75.17 -40.96
C GLY RA 13 -41.87 74.33 -40.94
N LYS RA 14 -41.70 73.50 -39.89
CA LYS RA 14 -40.54 72.63 -39.67
C LYS RA 14 -40.08 71.88 -40.92
N THR RA 15 -41.00 71.20 -41.60
CA THR RA 15 -40.68 70.35 -42.75
C THR RA 15 -40.12 71.17 -43.92
N THR RA 16 -40.66 72.36 -44.19
CA THR RA 16 -40.19 73.24 -45.27
C THR RA 16 -38.74 73.66 -45.08
N VAL RA 17 -38.39 74.16 -43.90
CA VAL RA 17 -37.00 74.58 -43.61
C VAL RA 17 -36.06 73.39 -43.67
N MET RA 18 -36.45 72.24 -43.11
CA MET RA 18 -35.66 71.02 -43.18
C MET RA 18 -35.43 70.57 -44.63
N GLN RA 19 -36.48 70.48 -45.46
CA GLN RA 19 -36.37 70.05 -46.87
C GLN RA 19 -35.44 70.96 -47.67
N LYS RA 20 -35.53 72.28 -47.48
CA LYS RA 20 -34.66 73.24 -48.16
C LYS RA 20 -33.21 73.16 -47.68
N ALA RA 21 -32.96 73.18 -46.36
CA ALA RA 21 -31.60 73.17 -45.84
C ALA RA 21 -30.87 71.83 -46.10
N ALA RA 22 -31.58 70.71 -46.01
CA ALA RA 22 -31.03 69.38 -46.27
C ALA RA 22 -30.78 69.09 -47.76
N GLU RA 23 -31.16 69.99 -48.68
CA GLU RA 23 -30.92 69.81 -50.11
C GLU RA 23 -29.41 69.66 -50.42
N GLY RA 24 -29.06 68.66 -51.22
CA GLY RA 24 -27.67 68.31 -51.54
C GLY RA 24 -26.89 67.62 -50.42
N SER RA 25 -27.50 67.32 -49.27
CA SER RA 25 -26.83 66.65 -48.15
C SER RA 25 -26.70 65.14 -48.36
N PRO RA 26 -25.59 64.50 -47.95
CA PRO RA 26 -25.49 63.05 -47.86
C PRO RA 26 -26.17 62.47 -46.61
N LEU RA 27 -26.75 63.28 -45.71
CA LEU RA 27 -27.34 62.79 -44.48
C LEU RA 27 -28.70 62.08 -44.71
N PRO RA 28 -28.95 60.91 -44.08
CA PRO RA 28 -30.27 60.31 -44.05
C PRO RA 28 -31.27 61.18 -43.28
N ARG RA 29 -32.55 61.07 -43.63
CA ARG RA 29 -33.66 61.86 -43.07
C ARG RA 29 -34.62 60.92 -42.37
N VAL RA 30 -34.91 61.15 -41.09
CA VAL RA 30 -35.56 60.10 -40.26
C VAL RA 30 -36.63 60.70 -39.34
N PRO RA 31 -37.90 60.28 -39.42
CA PRO RA 31 -38.90 60.56 -38.40
C PRO RA 31 -38.82 59.52 -37.26
N LEU RA 32 -38.65 59.97 -36.02
CA LEU RA 32 -38.43 59.04 -34.90
C LEU RA 32 -39.65 58.15 -34.60
N GLU RA 33 -40.87 58.69 -34.70
CA GLU RA 33 -42.09 57.93 -34.47
C GLU RA 33 -42.25 56.82 -35.51
N GLY RA 34 -41.90 57.13 -36.76
CA GLY RA 34 -41.84 56.18 -37.85
C GLY RA 34 -40.86 55.04 -37.57
N VAL RA 35 -39.65 55.34 -37.08
CA VAL RA 35 -38.70 54.29 -36.70
C VAL RA 35 -39.22 53.47 -35.52
N MET RA 36 -39.80 54.10 -34.50
CA MET RA 36 -40.39 53.35 -33.39
C MET RA 36 -41.46 52.39 -33.87
N TYR RA 37 -42.35 52.83 -34.77
CA TYR RA 37 -43.35 51.97 -35.38
C TYR RA 37 -42.70 50.83 -36.16
N GLY RA 38 -41.71 51.12 -37.00
CA GLY RA 38 -40.96 50.10 -37.74
C GLY RA 38 -40.28 49.07 -36.82
N VAL RA 39 -39.61 49.51 -35.76
CA VAL RA 39 -38.97 48.62 -34.79
C VAL RA 39 -40.01 47.76 -34.07
N ALA RA 40 -41.09 48.35 -33.57
CA ALA RA 40 -42.16 47.61 -32.91
C ALA RA 40 -42.87 46.61 -33.86
N LYS RA 41 -43.15 47.02 -35.10
CA LYS RA 41 -43.77 46.21 -36.15
C LYS RA 41 -42.90 44.99 -36.50
N ARG RA 42 -41.59 45.19 -36.63
CA ARG RA 42 -40.62 44.11 -36.92
C ARG RA 42 -40.30 43.24 -35.72
N MET RA 43 -40.47 43.75 -34.50
CA MET RA 43 -40.55 42.95 -33.27
C MET RA 43 -41.90 42.22 -33.11
N GLY RA 44 -42.87 42.46 -34.00
CA GLY RA 44 -44.19 41.82 -33.99
C GLY RA 44 -45.17 42.39 -32.96
N LEU RA 45 -44.83 43.49 -32.28
CA LEU RA 45 -45.63 44.07 -31.20
C LEU RA 45 -46.93 44.74 -31.69
N VAL RA 46 -46.91 45.24 -32.93
CA VAL RA 46 -47.98 46.00 -33.59
C VAL RA 46 -48.03 45.69 -35.08
N LYS RA 47 -49.12 46.05 -35.74
CA LYS RA 47 -49.29 46.05 -37.20
C LYS RA 47 -49.67 47.42 -37.75
N ASP RA 48 -50.36 48.26 -36.99
CA ASP RA 48 -50.87 49.56 -37.45
C ASP RA 48 -50.34 50.75 -36.61
N ILE RA 49 -50.17 51.92 -37.25
CA ILE RA 49 -49.50 53.09 -36.66
C ILE RA 49 -50.21 53.62 -35.39
N ASP RA 50 -51.53 53.48 -35.29
CA ASP RA 50 -52.29 53.86 -34.11
C ASP RA 50 -52.04 52.97 -32.89
N GLU RA 51 -51.62 51.72 -33.08
CA GLU RA 51 -51.37 50.78 -31.98
C GLU RA 51 -50.17 51.19 -31.11
N MET RA 52 -49.30 52.07 -31.62
CA MET RA 52 -48.19 52.62 -30.84
C MET RA 52 -48.66 53.35 -29.58
N ARG RA 53 -49.86 53.96 -29.60
CA ARG RA 53 -50.47 54.61 -28.44
C ARG RA 53 -51.08 53.63 -27.43
N ARG RA 54 -51.25 52.37 -27.83
CA ARG RA 54 -51.89 51.29 -27.07
C ARG RA 54 -50.88 50.35 -26.39
N LEU RA 55 -49.59 50.48 -26.70
CA LEU RA 55 -48.53 49.72 -26.07
C LEU RA 55 -48.44 49.98 -24.55
N SER RA 56 -47.97 48.98 -23.81
CA SER RA 56 -47.63 49.13 -22.39
C SER RA 56 -46.46 50.12 -22.25
N PRO RA 57 -46.55 51.17 -21.41
CA PRO RA 57 -45.51 52.19 -21.29
C PRO RA 57 -44.09 51.65 -21.08
N ASP RA 58 -43.90 50.62 -20.25
CA ASP RA 58 -42.55 50.06 -20.01
C ASP RA 58 -42.03 49.19 -21.16
N VAL RA 59 -42.90 48.74 -22.07
CA VAL RA 59 -42.50 48.22 -23.38
C VAL RA 59 -42.14 49.38 -24.31
N GLN RA 60 -42.94 50.44 -24.31
CA GLN RA 60 -42.71 51.63 -25.14
C GLN RA 60 -41.37 52.32 -24.81
N LYS RA 61 -40.93 52.31 -23.55
CA LYS RA 61 -39.57 52.71 -23.16
C LYS RA 61 -38.51 51.89 -23.87
N GLU RA 62 -38.66 50.57 -23.94
CA GLU RA 62 -37.69 49.72 -24.62
C GLU RA 62 -37.75 49.89 -26.15
N VAL RA 63 -38.93 50.12 -26.72
CA VAL RA 63 -39.04 50.52 -28.15
C VAL RA 63 -38.30 51.82 -28.42
N GLN RA 64 -38.44 52.85 -27.56
CA GLN RA 64 -37.64 54.07 -27.66
C GLN RA 64 -36.15 53.77 -27.57
N LYS RA 65 -35.73 52.96 -26.60
CA LYS RA 65 -34.32 52.57 -26.43
C LYS RA 65 -33.77 51.88 -27.69
N LYS RA 66 -34.46 50.86 -28.23
CA LYS RA 66 -34.02 50.13 -29.43
C LYS RA 66 -34.01 51.00 -30.68
N ALA RA 67 -35.05 51.81 -30.89
CA ALA RA 67 -35.07 52.75 -32.00
C ALA RA 67 -33.88 53.72 -31.93
N ALA RA 68 -33.58 54.27 -30.75
CA ALA RA 68 -32.44 55.12 -30.59
C ALA RA 68 -31.11 54.39 -30.84
N GLU RA 69 -30.91 53.17 -30.32
CA GLU RA 69 -29.68 52.40 -30.58
C GLU RA 69 -29.44 52.21 -32.08
N ARG RA 70 -30.48 51.89 -32.85
CA ARG RA 70 -30.34 51.67 -34.29
C ARG RA 70 -30.12 52.96 -35.07
N ILE RA 71 -30.73 54.08 -34.67
CA ILE RA 71 -30.44 55.39 -35.26
C ILE RA 71 -29.03 55.86 -34.88
N ALA RA 72 -28.52 55.52 -33.69
CA ALA RA 72 -27.14 55.79 -33.33
C ALA RA 72 -26.16 54.96 -34.17
N ALA RA 73 -26.47 53.69 -34.43
CA ALA RA 73 -25.65 52.83 -35.29
C ALA RA 73 -25.62 53.32 -36.75
N LEU RA 74 -26.70 53.90 -37.27
CA LEU RA 74 -26.75 54.52 -38.60
C LEU RA 74 -25.74 55.67 -38.74
N GLY RA 75 -25.37 56.31 -37.64
CA GLY RA 75 -24.43 57.43 -37.61
C GLY RA 75 -25.09 58.79 -37.83
N ASP RA 76 -24.35 59.72 -38.43
CA ASP RA 76 -24.77 61.12 -38.57
C ASP RA 76 -26.06 61.22 -39.40
N VAL RA 77 -27.07 61.93 -38.90
CA VAL RA 77 -28.47 61.86 -39.38
C VAL RA 77 -29.22 63.17 -39.10
N ILE RA 78 -30.19 63.52 -39.93
CA ILE RA 78 -31.16 64.58 -39.61
C ILE RA 78 -32.41 63.91 -39.05
N LEU RA 79 -32.44 63.69 -37.74
CA LEU RA 79 -33.58 63.12 -37.03
C LEU RA 79 -34.66 64.17 -36.81
N ASP RA 80 -35.93 63.78 -36.85
CA ASP RA 80 -37.08 64.68 -36.69
C ASP RA 80 -38.07 64.13 -35.64
N THR RA 81 -38.43 64.97 -34.66
CA THR RA 81 -39.52 64.74 -33.71
C THR RA 81 -39.89 66.05 -32.98
N HIS RA 82 -41.04 66.13 -32.32
CA HIS RA 82 -41.34 67.25 -31.44
C HIS RA 82 -40.52 67.20 -30.13
N CYS RA 83 -40.02 68.33 -29.64
CA CYS RA 83 -39.36 68.39 -28.33
C CYS RA 83 -40.36 68.36 -27.17
N THR RA 84 -41.54 68.96 -27.31
CA THR RA 84 -42.67 68.68 -26.42
C THR RA 84 -43.96 68.51 -27.20
N ILE RA 85 -44.76 67.54 -26.82
CA ILE RA 85 -46.05 67.23 -27.44
C ILE RA 85 -47.13 67.74 -26.50
N LYS RA 86 -48.06 68.57 -26.97
CA LYS RA 86 -49.19 69.02 -26.14
C LYS RA 86 -50.23 67.90 -26.06
N THR RA 87 -50.73 67.62 -24.86
CA THR RA 87 -51.69 66.54 -24.57
C THR RA 87 -52.78 67.03 -23.61
N PRO RA 88 -53.89 66.29 -23.41
CA PRO RA 88 -54.92 66.67 -22.43
C PRO RA 88 -54.37 66.90 -21.02
N LYS RA 89 -53.37 66.12 -20.60
CA LYS RA 89 -52.66 66.29 -19.32
C LYS RA 89 -51.49 67.29 -19.37
N GLY RA 90 -51.40 68.12 -20.40
CA GLY RA 90 -50.33 69.12 -20.55
C GLY RA 90 -49.18 68.67 -21.45
N TYR RA 91 -48.03 69.33 -21.33
CA TYR RA 91 -46.85 69.08 -22.16
C TYR RA 91 -46.18 67.76 -21.80
N LEU RA 92 -45.89 66.93 -22.79
CA LEU RA 92 -45.13 65.70 -22.66
C LEU RA 92 -43.74 65.90 -23.28
N PRO RA 93 -42.63 65.65 -22.57
CA PRO RA 93 -41.29 65.67 -23.16
C PRO RA 93 -41.14 64.64 -24.28
N GLY RA 94 -40.71 65.08 -25.45
CA GLY RA 94 -40.57 64.21 -26.63
C GLY RA 94 -39.34 63.31 -26.60
N LEU RA 95 -38.29 63.70 -25.88
CA LEU RA 95 -37.01 62.98 -25.82
C LEU RA 95 -36.59 62.73 -24.37
N PRO RA 96 -37.04 61.63 -23.75
CA PRO RA 96 -36.60 61.25 -22.41
C PRO RA 96 -35.09 61.01 -22.33
N ARG RA 97 -34.52 61.04 -21.13
CA ARG RA 97 -33.09 60.79 -20.90
C ARG RA 97 -32.59 59.46 -21.49
N TRP RA 98 -33.38 58.39 -21.45
CA TRP RA 98 -32.98 57.10 -22.03
C TRP RA 98 -32.87 57.13 -23.56
N VAL RA 99 -33.45 58.11 -24.25
CA VAL RA 99 -33.17 58.33 -25.68
C VAL RA 99 -31.86 59.08 -25.87
N LEU RA 100 -31.65 60.17 -25.12
CA LEU RA 100 -30.45 61.01 -25.22
C LEU RA 100 -29.17 60.22 -24.95
N GLU RA 101 -29.18 59.34 -23.94
CA GLU RA 101 -28.01 58.52 -23.63
C GLU RA 101 -27.63 57.53 -24.75
N LYS RA 102 -28.56 57.21 -25.66
CA LYS RA 102 -28.31 56.38 -26.85
C LYS RA 102 -27.93 57.22 -28.08
N LEU RA 103 -28.73 58.21 -28.44
CA LEU RA 103 -28.46 59.05 -29.63
C LEU RA 103 -27.20 59.91 -29.48
N ARG RA 104 -27.01 60.50 -28.30
CA ARG RA 104 -25.95 61.47 -27.98
C ARG RA 104 -25.86 62.59 -29.02
N PRO RA 105 -26.94 63.38 -29.23
CA PRO RA 105 -27.00 64.39 -30.28
C PRO RA 105 -25.87 65.41 -30.19
N SER RA 106 -25.32 65.84 -31.33
CA SER RA 106 -24.37 66.96 -31.37
C SER RA 106 -25.06 68.32 -31.38
N VAL RA 107 -26.25 68.42 -31.99
CA VAL RA 107 -27.03 69.66 -32.04
C VAL RA 107 -28.51 69.36 -31.88
N ILE RA 108 -29.21 70.20 -31.12
CA ILE RA 108 -30.66 70.31 -31.16
C ILE RA 108 -31.00 71.60 -31.88
N LEU RA 109 -31.83 71.54 -32.91
CA LEU RA 109 -32.29 72.72 -33.63
C LEU RA 109 -33.75 72.97 -33.31
N LEU RA 110 -34.06 74.21 -32.95
CA LEU RA 110 -35.39 74.62 -32.55
C LEU RA 110 -35.90 75.71 -33.51
N VAL RA 111 -36.99 75.45 -34.21
CA VAL RA 111 -37.57 76.39 -35.19
C VAL RA 111 -38.64 77.24 -34.51
N GLU RA 112 -38.61 78.56 -34.72
CA GLU RA 112 -39.55 79.51 -34.12
C GLU RA 112 -40.10 80.50 -35.13
N ALA RA 113 -41.29 81.05 -34.85
CA ALA RA 113 -41.94 82.14 -35.57
C ALA RA 113 -42.80 82.94 -34.58
N ASP RA 114 -43.28 84.13 -34.95
CA ASP RA 114 -44.12 84.90 -34.03
C ASP RA 114 -45.43 84.16 -33.72
N PRO RA 115 -45.90 84.10 -32.46
CA PRO RA 115 -47.19 83.52 -32.13
C PRO RA 115 -48.36 83.99 -32.99
N LYS RA 116 -48.35 85.26 -33.43
CA LYS RA 116 -49.37 85.80 -34.35
C LYS RA 116 -49.29 85.21 -35.75
N GLU RA 117 -48.09 84.97 -36.28
CA GLU RA 117 -47.91 84.27 -37.55
C GLU RA 117 -48.44 82.84 -37.46
N ILE RA 118 -48.06 82.11 -36.39
CA ILE RA 118 -48.51 80.74 -36.18
C ILE RA 118 -50.03 80.69 -36.03
N TYR RA 119 -50.61 81.61 -35.28
CA TYR RA 119 -52.06 81.73 -35.17
C TYR RA 119 -52.72 81.97 -36.53
N GLY RA 120 -52.16 82.85 -37.36
CA GLY RA 120 -52.62 83.06 -38.73
C GLY RA 120 -52.55 81.78 -39.58
N ARG RA 121 -51.43 81.05 -39.55
CA ARG RA 121 -51.29 79.78 -40.27
C ARG RA 121 -52.28 78.73 -39.80
N ARG RA 122 -52.51 78.63 -38.49
CA ARG RA 122 -53.47 77.70 -37.89
C ARG RA 122 -54.92 78.08 -38.21
N LEU RA 123 -55.24 79.37 -38.22
CA LEU RA 123 -56.57 79.85 -38.61
C LEU RA 123 -56.88 79.53 -40.08
N LYS RA 124 -55.87 79.58 -40.96
CA LYS RA 124 -55.95 79.26 -42.39
C LYS RA 124 -55.84 77.76 -42.71
N ASP RA 125 -55.88 76.88 -41.72
CA ASP RA 125 -55.78 75.43 -41.90
C ASP RA 125 -57.18 74.77 -41.79
N ASP RA 133 -55.47 77.26 -30.17
CA ASP RA 133 -54.83 77.90 -29.01
C ASP RA 133 -54.83 79.43 -29.16
N SER RA 134 -54.87 80.17 -28.06
CA SER RA 134 -54.57 81.61 -28.08
C SER RA 134 -53.10 81.86 -28.41
N GLU RA 135 -52.77 83.08 -28.84
CA GLU RA 135 -51.37 83.50 -28.99
C GLU RA 135 -50.58 83.41 -27.68
N GLU RA 136 -51.25 83.56 -26.54
CA GLU RA 136 -50.64 83.36 -25.22
C GLU RA 136 -50.25 81.91 -25.00
N GLU RA 137 -51.13 80.96 -25.33
CA GLU RA 137 -50.83 79.54 -25.22
C GLU RA 137 -49.79 79.08 -26.25
N ILE RA 138 -49.74 79.69 -27.42
CA ILE RA 138 -48.65 79.47 -28.38
C ILE RA 138 -47.33 79.97 -27.79
N ALA RA 139 -47.30 81.20 -27.26
CA ALA RA 139 -46.10 81.76 -26.66
C ALA RA 139 -45.62 80.93 -25.46
N GLU RA 140 -46.54 80.41 -24.65
CA GLU RA 140 -46.24 79.46 -23.59
C GLU RA 140 -45.60 78.19 -24.14
N HIS RA 141 -46.17 77.57 -25.17
CA HIS RA 141 -45.60 76.33 -25.73
C HIS RA 141 -44.19 76.55 -26.26
N GLN RA 142 -43.93 77.67 -26.93
CA GLN RA 142 -42.56 78.03 -27.32
C GLN RA 142 -41.62 78.15 -26.12
N MET RA 143 -42.02 78.87 -25.07
CA MET RA 143 -41.19 78.99 -23.87
C MET RA 143 -40.92 77.63 -23.23
N MET RA 144 -41.91 76.73 -23.18
CA MET RA 144 -41.67 75.38 -22.70
C MET RA 144 -40.70 74.61 -23.58
N ASN RA 145 -40.75 74.78 -24.90
CA ASN RA 145 -39.77 74.15 -25.78
C ASN RA 145 -38.35 74.66 -25.50
N ARG RA 146 -38.15 75.97 -25.28
CA ARG RA 146 -36.81 76.49 -24.93
C ARG RA 146 -36.29 75.85 -23.66
N ALA RA 147 -37.11 75.76 -22.62
CA ALA RA 147 -36.71 75.11 -21.37
C ALA RA 147 -36.39 73.64 -21.59
N ALA RA 148 -37.20 72.92 -22.37
CA ALA RA 148 -36.95 71.52 -22.67
C ALA RA 148 -35.64 71.31 -23.44
N ALA RA 149 -35.41 72.08 -24.50
CA ALA RA 149 -34.21 71.98 -25.31
C ALA RA 149 -32.96 72.19 -24.47
N MET RA 150 -32.94 73.22 -23.63
CA MET RA 150 -31.75 73.48 -22.82
C MET RA 150 -31.55 72.42 -21.73
N ALA RA 151 -32.62 71.84 -21.19
CA ALA RA 151 -32.51 70.69 -20.31
C ALA RA 151 -31.98 69.43 -21.03
N TYR RA 152 -32.26 69.26 -22.32
CA TYR RA 152 -31.64 68.21 -23.13
C TYR RA 152 -30.16 68.49 -23.35
N ALA RA 153 -29.76 69.75 -23.54
CA ALA RA 153 -28.37 70.11 -23.72
C ALA RA 153 -27.52 69.70 -22.51
N SER RA 154 -27.92 70.10 -21.30
CA SER RA 154 -27.17 69.76 -20.08
C SER RA 154 -27.06 68.25 -19.81
N LEU RA 155 -28.02 67.45 -20.26
CA LEU RA 155 -27.97 65.99 -20.13
C LEU RA 155 -27.00 65.31 -21.11
N SER RA 156 -26.60 65.99 -22.19
CA SER RA 156 -26.01 65.34 -23.37
C SER RA 156 -24.77 66.01 -23.95
N GLY RA 157 -24.52 67.28 -23.64
CA GLY RA 157 -23.49 68.08 -24.32
C GLY RA 157 -23.90 68.56 -25.72
N ALA RA 158 -25.16 68.39 -26.13
CA ALA RA 158 -25.63 68.93 -27.40
C ALA RA 158 -25.59 70.46 -27.44
N THR RA 159 -25.18 71.03 -28.56
CA THR RA 159 -25.37 72.48 -28.81
C THR RA 159 -26.85 72.76 -29.07
N VAL RA 160 -27.37 73.96 -28.80
CA VAL RA 160 -28.75 74.34 -29.14
C VAL RA 160 -28.79 75.54 -30.06
N LYS RA 161 -29.42 75.42 -31.23
CA LYS RA 161 -29.59 76.50 -32.22
C LYS RA 161 -31.05 76.89 -32.32
N ILE RA 162 -31.35 78.19 -32.29
CA ILE RA 162 -32.70 78.69 -32.60
C ILE RA 162 -32.71 79.28 -34.01
N VAL RA 163 -33.73 78.93 -34.81
CA VAL RA 163 -33.92 79.41 -36.18
C VAL RA 163 -35.27 80.11 -36.33
N PHE RA 164 -35.29 81.37 -36.73
CA PHE RA 164 -36.54 82.05 -37.09
C PHE RA 164 -37.04 81.64 -38.48
N ASN RA 165 -38.35 81.51 -38.64
CA ASN RA 165 -39.01 81.14 -39.91
C ASN RA 165 -40.27 81.98 -40.16
N HIS RA 166 -40.11 83.31 -40.20
CA HIS RA 166 -41.19 84.24 -40.52
C HIS RA 166 -41.78 84.00 -41.93
N ASP RA 167 -43.06 84.33 -42.13
CA ASP RA 167 -43.86 83.89 -43.30
C ASP RA 167 -43.19 84.11 -44.66
N ASN RA 168 -42.75 85.34 -44.96
CA ASN RA 168 -42.16 85.69 -46.24
C ASN RA 168 -40.68 85.26 -46.38
N ARG RA 169 -40.04 84.86 -45.28
CA ARG RA 169 -38.58 84.95 -45.11
C ARG RA 169 -37.91 83.57 -45.01
N LEU RA 170 -38.41 82.58 -45.75
CA LEU RA 170 -37.86 81.23 -45.75
C LEU RA 170 -36.35 81.19 -46.06
N ASP RA 171 -35.85 82.11 -46.89
CA ASP RA 171 -34.41 82.21 -47.16
C ASP RA 171 -33.59 82.52 -45.90
N ASP RA 172 -34.11 83.32 -44.96
CA ASP RA 172 -33.45 83.55 -43.66
C ASP RA 172 -33.38 82.26 -42.84
N ALA RA 173 -34.47 81.51 -42.78
CA ALA RA 173 -34.50 80.23 -42.07
C ALA RA 173 -33.49 79.23 -42.66
N VAL RA 174 -33.45 79.10 -43.99
CA VAL RA 174 -32.53 78.20 -44.67
C VAL RA 174 -31.08 78.66 -44.52
N ARG RA 175 -30.82 79.97 -44.57
CA ARG RA 175 -29.49 80.56 -44.34
C ARG RA 175 -29.00 80.36 -42.92
N ASP RA 176 -29.88 80.40 -41.91
CA ASP RA 176 -29.54 80.02 -40.54
C ASP RA 176 -29.36 78.51 -40.37
N ALA RA 177 -30.14 77.68 -41.05
CA ALA RA 177 -30.09 76.23 -40.88
C ALA RA 177 -28.85 75.59 -41.51
N ALA RA 178 -28.51 75.94 -42.76
CA ALA RA 178 -27.44 75.27 -43.50
C ALA RA 178 -26.04 75.25 -42.80
N PRO RA 179 -25.61 76.31 -42.09
CA PRO RA 179 -24.39 76.30 -41.27
C PRO RA 179 -24.29 75.19 -40.22
N VAL RA 180 -25.41 74.59 -39.80
CA VAL RA 180 -25.43 73.53 -38.79
C VAL RA 180 -24.97 72.18 -39.36
N LEU RA 181 -25.19 71.96 -40.66
CA LEU RA 181 -25.14 70.66 -41.34
C LEU RA 181 -23.71 70.18 -41.67
N ILE SA 4 51.73 38.15 -46.27
CA ILE SA 4 52.69 39.27 -46.44
C ILE SA 4 51.93 40.58 -46.43
N VAL SA 5 52.44 41.64 -45.80
CA VAL SA 5 51.88 43.00 -45.92
C VAL SA 5 52.90 43.92 -46.57
N VAL SA 6 52.52 44.67 -47.60
CA VAL SA 6 53.38 45.67 -48.25
C VAL SA 6 52.91 47.06 -47.90
N THR SA 7 53.83 47.96 -47.55
CA THR SA 7 53.52 49.28 -47.00
C THR SA 7 54.51 50.36 -47.47
N GLY SA 8 54.07 51.62 -47.48
CA GLY SA 8 54.89 52.74 -47.89
C GLY SA 8 54.18 54.09 -47.86
N ILE SA 9 54.94 55.17 -47.78
CA ILE SA 9 54.46 56.56 -47.80
C ILE SA 9 53.96 56.96 -49.20
N PRO SA 10 52.84 57.69 -49.35
CA PRO SA 10 52.36 58.16 -50.65
C PRO SA 10 53.43 58.92 -51.45
N GLY SA 11 53.72 58.46 -52.66
CA GLY SA 11 54.80 58.96 -53.53
C GLY SA 11 56.05 58.08 -53.58
N VAL SA 12 56.19 57.07 -52.70
CA VAL SA 12 57.39 56.20 -52.68
C VAL SA 12 57.44 55.17 -53.83
N GLY SA 13 56.36 55.03 -54.62
CA GLY SA 13 56.32 54.12 -55.78
C GLY SA 13 55.94 52.68 -55.43
N LYS SA 14 55.24 52.48 -54.31
CA LYS SA 14 54.83 51.18 -53.75
C LYS SA 14 54.27 50.22 -54.79
N THR SA 15 53.30 50.65 -55.59
CA THR SA 15 52.59 49.76 -56.53
C THR SA 15 53.51 49.22 -57.62
N THR SA 16 54.43 50.04 -58.13
CA THR SA 16 55.39 49.64 -59.15
C THR SA 16 56.30 48.51 -58.65
N VAL SA 17 56.88 48.66 -57.47
CA VAL SA 17 57.74 47.61 -56.88
C VAL SA 17 56.93 46.36 -56.56
N MET SA 18 55.73 46.50 -56.00
CA MET SA 18 54.86 45.35 -55.72
C MET SA 18 54.54 44.56 -56.99
N GLN SA 19 54.08 45.21 -58.06
CA GLN SA 19 53.68 44.49 -59.27
C GLN SA 19 54.85 43.87 -60.03
N LYS SA 20 56.00 44.56 -60.10
CA LYS SA 20 57.21 44.01 -60.71
C LYS SA 20 57.79 42.84 -59.92
N ALA SA 21 57.77 42.87 -58.59
CA ALA SA 21 58.21 41.74 -57.78
C ALA SA 21 57.20 40.57 -57.80
N ALA SA 22 55.90 40.85 -57.78
CA ALA SA 22 54.84 39.85 -57.85
C ALA SA 22 54.68 39.21 -59.24
N GLU SA 23 55.43 39.65 -60.25
CA GLU SA 23 55.34 39.11 -61.61
C GLU SA 23 55.62 37.59 -61.64
N GLY SA 24 54.70 36.81 -62.18
CA GLY SA 24 54.76 35.35 -62.21
C GLY SA 24 54.47 34.64 -60.87
N SER SA 25 54.17 35.38 -59.80
CA SER SA 25 53.80 34.77 -58.51
C SER SA 25 52.40 34.16 -58.55
N PRO SA 26 52.17 33.01 -57.90
CA PRO SA 26 50.83 32.47 -57.71
C PRO SA 26 50.00 33.22 -56.64
N LEU SA 27 50.58 34.18 -55.90
CA LEU SA 27 49.89 34.84 -54.80
C LEU SA 27 48.76 35.79 -55.26
N PRO SA 28 47.56 35.75 -54.65
CA PRO SA 28 46.55 36.78 -54.83
C PRO SA 28 47.01 38.12 -54.28
N ARG SA 29 46.52 39.23 -54.83
CA ARG SA 29 46.77 40.57 -54.30
C ARG SA 29 45.51 41.24 -53.83
N VAL SA 30 45.59 42.01 -52.75
CA VAL SA 30 44.41 42.49 -52.03
C VAL SA 30 44.65 43.89 -51.44
N PRO SA 31 43.85 44.91 -51.78
CA PRO SA 31 43.82 46.16 -51.04
C PRO SA 31 42.90 46.02 -49.81
N LEU SA 32 43.41 46.31 -48.60
CA LEU SA 32 42.64 46.09 -47.36
C LEU SA 32 41.40 46.99 -47.26
N GLU SA 33 41.51 48.25 -47.68
CA GLU SA 33 40.39 49.20 -47.64
C GLU SA 33 39.27 48.71 -48.57
N GLY SA 34 39.65 48.20 -49.75
CA GLY SA 34 38.74 47.58 -50.70
C GLY SA 34 37.99 46.39 -50.10
N VAL SA 35 38.68 45.47 -49.41
CA VAL SA 35 37.98 44.36 -48.73
C VAL SA 35 37.08 44.85 -47.62
N MET SA 36 37.50 45.83 -46.82
CA MET SA 36 36.63 46.39 -45.78
C MET SA 36 35.36 46.97 -46.38
N TYR SA 37 35.48 47.73 -47.48
CA TYR SA 37 34.33 48.24 -48.21
C TYR SA 37 33.44 47.11 -48.73
N GLY SA 38 34.02 46.08 -49.34
CA GLY SA 38 33.30 44.89 -49.81
C GLY SA 38 32.55 44.17 -48.68
N VAL SA 39 33.19 43.93 -47.55
CA VAL SA 39 32.56 43.30 -46.38
C VAL SA 39 31.44 44.16 -45.83
N ALA SA 40 31.67 45.47 -45.64
CA ALA SA 40 30.64 46.38 -45.16
C ALA SA 40 29.44 46.44 -46.13
N LYS SA 41 29.69 46.49 -47.43
CA LYS SA 41 28.67 46.52 -48.49
C LYS SA 41 27.84 45.25 -48.52
N ARG SA 42 28.48 44.07 -48.40
CA ARG SA 42 27.79 42.77 -48.39
C ARG SA 42 27.06 42.49 -47.07
N MET SA 43 27.52 43.08 -45.96
CA MET SA 43 26.76 43.17 -44.71
C MET SA 43 25.66 44.24 -44.75
N GLY SA 44 25.53 45.00 -45.84
CA GLY SA 44 24.51 46.04 -46.02
C GLY SA 44 24.74 47.34 -45.25
N LEU SA 45 25.90 47.51 -44.63
CA LEU SA 45 26.22 48.67 -43.77
C LEU SA 45 26.48 49.95 -44.57
N VAL SA 46 26.89 49.82 -45.83
CA VAL SA 46 27.20 50.91 -46.77
C VAL SA 46 26.82 50.52 -48.19
N LYS SA 47 26.79 51.49 -49.10
CA LYS SA 47 26.71 51.28 -50.55
C LYS SA 47 27.86 51.95 -51.31
N ASP SA 48 28.40 53.06 -50.82
CA ASP SA 48 29.42 53.86 -51.52
C ASP SA 48 30.73 54.02 -50.72
N ILE SA 49 31.86 54.14 -51.42
CA ILE SA 49 33.21 54.03 -50.84
C ILE SA 49 33.49 55.09 -49.76
N ASP SA 50 32.95 56.30 -49.92
CA ASP SA 50 33.10 57.38 -48.93
C ASP SA 50 32.41 57.08 -47.59
N GLU SA 51 31.36 56.25 -47.59
CA GLU SA 51 30.62 55.93 -46.37
C GLU SA 51 31.47 55.17 -45.36
N MET SA 52 32.58 54.56 -45.78
CA MET SA 52 33.55 53.93 -44.88
C MET SA 52 34.13 54.91 -43.86
N ARG SA 53 34.23 56.21 -44.21
CA ARG SA 53 34.65 57.28 -43.29
C ARG SA 53 33.52 57.75 -42.36
N ARG SA 54 32.26 57.40 -42.68
CA ARG SA 54 31.05 57.83 -41.98
C ARG SA 54 30.53 56.80 -40.98
N LEU SA 55 31.01 55.56 -41.06
CA LEU SA 55 30.67 54.49 -40.11
C LEU SA 55 31.04 54.85 -38.66
N SER SA 56 30.27 54.32 -37.70
CA SER SA 56 30.60 54.40 -36.28
C SER SA 56 31.90 53.63 -35.99
N PRO SA 57 32.89 54.23 -35.31
CA PRO SA 57 34.19 53.57 -35.05
C PRO SA 57 34.09 52.16 -34.45
N ASP SA 58 33.18 51.91 -33.52
CA ASP SA 58 33.03 50.58 -32.91
C ASP SA 58 32.36 49.54 -33.83
N VAL SA 59 31.66 49.98 -34.88
CA VAL SA 59 31.30 49.11 -36.01
C VAL SA 59 32.51 48.90 -36.93
N GLN SA 60 33.28 49.95 -37.20
CA GLN SA 60 34.47 49.90 -38.04
C GLN SA 60 35.53 48.91 -37.50
N LYS SA 61 35.68 48.79 -36.18
CA LYS SA 61 36.50 47.74 -35.54
C LYS SA 61 36.05 46.33 -35.97
N GLU SA 62 34.75 46.05 -35.93
CA GLU SA 62 34.25 44.74 -36.34
C GLU SA 62 34.39 44.51 -37.86
N VAL SA 63 34.20 45.56 -38.68
CA VAL SA 63 34.47 45.45 -40.13
C VAL SA 63 35.95 45.13 -40.39
N GLN SA 64 36.88 45.78 -39.71
CA GLN SA 64 38.30 45.41 -39.78
C GLN SA 64 38.52 43.96 -39.35
N LYS SA 65 37.92 43.54 -38.23
CA LYS SA 65 38.04 42.17 -37.73
C LYS SA 65 37.53 41.13 -38.73
N LYS SA 66 36.34 41.32 -39.30
CA LYS SA 66 35.77 40.39 -40.29
C LYS SA 66 36.55 40.38 -41.59
N ALA SA 67 36.97 41.54 -42.09
CA ALA SA 67 37.84 41.60 -43.27
C ALA SA 67 39.15 40.83 -43.03
N ALA SA 68 39.78 41.02 -41.87
CA ALA SA 68 40.98 40.28 -41.52
C ALA SA 68 40.72 38.78 -41.40
N GLU SA 69 39.64 38.33 -40.76
CA GLU SA 69 39.29 36.90 -40.69
C GLU SA 69 39.15 36.29 -42.09
N ARG SA 70 38.50 37.00 -43.02
CA ARG SA 70 38.28 36.51 -44.38
C ARG SA 70 39.56 36.50 -45.20
N ILE SA 71 40.44 37.50 -45.04
CA ILE SA 71 41.76 37.48 -45.68
C ILE SA 71 42.65 36.40 -45.07
N ALA SA 72 42.49 36.07 -43.78
CA ALA SA 72 43.21 34.97 -43.17
C ALA SA 72 42.75 33.61 -43.73
N ALA SA 73 41.43 33.42 -43.92
CA ALA SA 73 40.88 32.19 -44.49
C ALA SA 73 41.36 31.95 -45.94
N LEU SA 74 41.56 33.01 -46.72
CA LEU SA 74 42.14 32.93 -48.07
C LEU SA 74 43.56 32.35 -48.08
N GLY SA 75 44.30 32.46 -46.98
CA GLY SA 75 45.67 31.97 -46.86
C GLY SA 75 46.72 32.97 -47.36
N ASP SA 76 47.84 32.46 -47.87
CA ASP SA 76 49.02 33.25 -48.21
C ASP SA 76 48.68 34.28 -49.32
N VAL SA 77 48.98 35.56 -49.09
CA VAL SA 77 48.47 36.70 -49.87
C VAL SA 77 49.43 37.88 -49.85
N ILE SA 78 49.46 38.70 -50.89
CA ILE SA 78 50.10 40.02 -50.85
C ILE SA 78 49.03 41.06 -50.46
N LEU SA 79 48.92 41.35 -49.18
CA LEU SA 79 48.03 42.40 -48.69
C LEU SA 79 48.68 43.77 -48.86
N ASP SA 80 47.91 44.77 -49.24
CA ASP SA 80 48.37 46.14 -49.46
C ASP SA 80 47.57 47.13 -48.60
N THR SA 81 48.26 47.94 -47.79
CA THR SA 81 47.70 49.05 -47.00
C THR SA 81 48.80 49.98 -46.49
N HIS SA 82 48.47 51.19 -46.04
CA HIS SA 82 49.44 52.07 -45.36
C HIS SA 82 49.71 51.58 -43.93
N CYS SA 83 50.97 51.62 -43.47
CA CYS SA 83 51.31 51.27 -42.09
C CYS SA 83 50.93 52.39 -41.10
N THR SA 84 51.10 53.66 -41.47
CA THR SA 84 50.47 54.82 -40.80
C THR SA 84 49.92 55.82 -41.82
N ILE SA 85 48.74 56.35 -41.54
CA ILE SA 85 48.06 57.30 -42.42
C ILE SA 85 48.20 58.68 -41.78
N LYS SA 86 48.67 59.69 -42.52
CA LYS SA 86 48.72 61.06 -42.00
C LYS SA 86 47.34 61.70 -42.06
N THR SA 87 46.91 62.35 -40.98
CA THR SA 87 45.57 62.95 -40.82
C THR SA 87 45.67 64.33 -40.15
N PRO SA 88 44.61 65.16 -40.13
CA PRO SA 88 44.62 66.44 -39.42
C PRO SA 88 45.03 66.34 -37.95
N LYS SA 89 44.65 65.27 -37.25
CA LYS SA 89 45.05 64.98 -35.86
C LYS SA 89 46.37 64.21 -35.75
N GLY SA 90 47.18 64.14 -36.81
CA GLY SA 90 48.47 63.44 -36.83
C GLY SA 90 48.40 62.03 -37.40
N TYR SA 91 49.38 61.19 -37.09
CA TYR SA 91 49.52 59.84 -37.65
C TYR SA 91 48.52 58.87 -37.04
N LEU SA 92 47.82 58.10 -37.86
CA LEU SA 92 46.91 57.05 -37.46
C LEU SA 92 47.52 55.68 -37.77
N PRO SA 93 47.68 54.76 -36.81
CA PRO SA 93 48.12 53.39 -37.06
C PRO SA 93 47.17 52.66 -38.03
N GLY SA 94 47.70 52.20 -39.16
CA GLY SA 94 46.91 51.52 -40.18
C GLY SA 94 46.50 50.09 -39.82
N LEU SA 95 47.21 49.43 -38.89
CA LEU SA 95 46.97 48.04 -38.47
C LEU SA 95 46.85 47.94 -36.95
N PRO SA 96 45.66 48.16 -36.37
CA PRO SA 96 45.42 47.92 -34.96
C PRO SA 96 45.70 46.46 -34.55
N ARG SA 97 45.93 46.22 -33.27
CA ARG SA 97 46.17 44.88 -32.72
C ARG SA 97 45.09 43.85 -33.10
N TRP SA 98 43.82 44.23 -33.13
CA TRP SA 98 42.74 43.32 -33.52
C TRP SA 98 42.80 42.88 -34.99
N VAL SA 99 43.51 43.58 -35.87
CA VAL SA 99 43.82 43.08 -37.21
C VAL SA 99 44.94 42.05 -37.16
N LEU SA 100 46.06 42.36 -36.51
CA LEU SA 100 47.23 41.47 -36.42
C LEU SA 100 46.88 40.12 -35.80
N GLU SA 101 46.08 40.08 -34.74
CA GLU SA 101 45.68 38.83 -34.11
C GLU SA 101 44.86 37.90 -35.03
N LYS SA 102 44.25 38.44 -36.11
CA LYS SA 102 43.55 37.67 -37.13
C LYS SA 102 44.45 37.32 -38.33
N LEU SA 103 45.15 38.29 -38.91
CA LEU SA 103 46.03 38.03 -40.07
C LEU SA 103 47.25 37.18 -39.71
N ARG SA 104 47.86 37.42 -38.55
CA ARG SA 104 49.12 36.81 -38.10
C ARG SA 104 50.22 36.85 -39.18
N PRO SA 105 50.58 38.04 -39.71
CA PRO SA 105 51.47 38.16 -40.86
C PRO SA 105 52.83 37.52 -40.64
N SER SA 106 53.40 36.89 -41.66
CA SER SA 106 54.79 36.39 -41.61
C SER SA 106 55.81 37.48 -41.90
N VAL SA 107 55.48 38.47 -42.74
CA VAL SA 107 56.37 39.57 -43.10
C VAL SA 107 55.60 40.87 -43.21
N ILE SA 108 56.21 41.96 -42.74
CA ILE SA 108 55.85 43.33 -43.08
C ILE SA 108 56.97 43.88 -43.96
N LEU SA 109 56.63 44.39 -45.14
CA LEU SA 109 57.58 44.99 -46.06
C LEU SA 109 57.35 46.49 -46.11
N LEU SA 110 58.41 47.26 -45.93
CA LEU SA 110 58.38 48.71 -45.87
C LEU SA 110 59.23 49.30 -47.01
N VAL SA 111 58.63 50.11 -47.87
CA VAL SA 111 59.32 50.71 -49.02
C VAL SA 111 59.79 52.13 -48.66
N GLU SA 112 61.03 52.47 -49.02
CA GLU SA 112 61.63 53.77 -48.71
C GLU SA 112 62.36 54.37 -49.91
N ALA SA 113 62.47 55.69 -49.94
CA ALA SA 113 63.29 56.47 -50.88
C ALA SA 113 63.80 57.73 -50.16
N ASP SA 114 64.78 58.45 -50.71
CA ASP SA 114 65.25 59.68 -50.07
C ASP SA 114 64.12 60.73 -50.00
N PRO SA 115 63.90 61.44 -48.87
CA PRO SA 115 62.93 62.52 -48.78
C PRO SA 115 62.99 63.52 -49.94
N LYS SA 116 64.18 63.82 -50.47
CA LYS SA 116 64.37 64.73 -51.60
C LYS SA 116 63.82 64.15 -52.91
N GLU SA 117 63.96 62.84 -53.13
CA GLU SA 117 63.33 62.15 -54.27
C GLU SA 117 61.81 62.21 -54.15
N ILE SA 118 61.28 61.88 -52.97
CA ILE SA 118 59.83 61.88 -52.73
C ILE SA 118 59.26 63.28 -52.89
N TYR SA 119 59.95 64.31 -52.37
CA TYR SA 119 59.56 65.70 -52.56
C TYR SA 119 59.57 66.08 -54.06
N GLY SA 120 60.58 65.65 -54.81
CA GLY SA 120 60.62 65.81 -56.26
C GLY SA 120 59.42 65.17 -56.96
N ARG SA 121 59.11 63.91 -56.66
CA ARG SA 121 57.94 63.20 -57.23
C ARG SA 121 56.63 63.90 -56.88
N ARG SA 122 56.49 64.36 -55.63
CA ARG SA 122 55.31 65.08 -55.16
C ARG SA 122 55.17 66.45 -55.82
N LEU SA 123 56.27 67.17 -56.02
CA LEU SA 123 56.27 68.45 -56.72
C LEU SA 123 55.92 68.31 -58.21
N LYS SA 124 56.32 67.20 -58.85
CA LYS SA 124 55.97 66.83 -60.22
C LYS SA 124 54.54 66.31 -60.39
N ASP SA 125 53.84 65.98 -59.31
CA ASP SA 125 52.43 65.55 -59.36
C ASP SA 125 51.47 66.75 -59.55
N ASP SA 133 54.11 68.55 -48.03
CA ASP SA 133 54.96 68.35 -46.85
C ASP SA 133 56.41 68.76 -47.16
N SER SA 134 57.14 69.29 -46.18
CA SER SA 134 58.59 69.48 -46.30
C SER SA 134 59.34 68.15 -46.35
N GLU SA 135 60.60 68.17 -46.78
CA GLU SA 135 61.50 67.03 -46.67
C GLU SA 135 61.66 66.56 -45.21
N GLU SA 136 61.58 67.48 -44.25
CA GLU SA 136 61.64 67.15 -42.82
C GLU SA 136 60.39 66.38 -42.38
N GLU SA 137 59.21 66.79 -42.81
CA GLU SA 137 57.98 66.07 -42.51
C GLU SA 137 57.90 64.72 -43.22
N ILE SA 138 58.49 64.60 -44.41
CA ILE SA 138 58.64 63.31 -45.08
C ILE SA 138 59.58 62.40 -44.28
N ALA SA 139 60.76 62.89 -43.88
CA ALA SA 139 61.70 62.14 -43.06
C ALA SA 139 61.10 61.73 -41.71
N GLU SA 140 60.30 62.60 -41.08
CA GLU SA 140 59.53 62.27 -39.89
C GLU SA 140 58.55 61.13 -40.15
N HIS SA 141 57.75 61.21 -41.22
CA HIS SA 141 56.76 60.17 -41.49
C HIS SA 141 57.43 58.81 -41.75
N GLN SA 142 58.57 58.78 -42.43
CA GLN SA 142 59.36 57.56 -42.54
C GLN SA 142 59.82 57.03 -41.18
N MET SA 143 60.38 57.87 -40.32
CA MET SA 143 60.80 57.43 -38.99
C MET SA 143 59.62 56.88 -38.18
N MET SA 144 58.47 57.54 -38.23
CA MET SA 144 57.27 57.01 -37.58
C MET SA 144 56.83 55.67 -38.18
N ASN SA 145 56.97 55.45 -39.49
CA ASN SA 145 56.66 54.15 -40.07
C ASN SA 145 57.61 53.06 -39.58
N ARG SA 146 58.92 53.31 -39.45
CA ARG SA 146 59.85 52.32 -38.89
C ARG SA 146 59.46 51.93 -37.47
N ALA SA 147 59.11 52.91 -36.63
CA ALA SA 147 58.64 52.63 -35.29
C ALA SA 147 57.36 51.79 -35.31
N ALA SA 148 56.40 52.15 -36.15
CA ALA SA 148 55.14 51.42 -36.28
C ALA SA 148 55.37 49.98 -36.73
N ALA SA 149 56.19 49.77 -37.76
CA ALA SA 149 56.48 48.44 -38.27
C ALA SA 149 57.08 47.53 -37.19
N MET SA 150 58.08 48.01 -36.45
CA MET SA 150 58.70 47.18 -35.42
C MET SA 150 57.78 46.92 -34.22
N ALA SA 151 56.89 47.86 -33.89
CA ALA SA 151 55.84 47.61 -32.92
C ALA SA 151 54.88 46.52 -33.40
N TYR SA 152 54.40 46.59 -34.64
CA TYR SA 152 53.57 45.54 -35.25
C TYR SA 152 54.28 44.18 -35.22
N ALA SA 153 55.57 44.16 -35.54
CA ALA SA 153 56.37 42.95 -35.51
C ALA SA 153 56.37 42.31 -34.11
N SER SA 154 56.66 43.08 -33.06
CA SER SA 154 56.71 42.57 -31.69
C SER SA 154 55.37 42.00 -31.19
N LEU SA 155 54.25 42.48 -31.71
CA LEU SA 155 52.92 41.97 -31.37
C LEU SA 155 52.59 40.64 -32.05
N SER SA 156 53.30 40.28 -33.12
CA SER SA 156 52.85 39.27 -34.08
C SER SA 156 53.88 38.20 -34.45
N GLY SA 157 55.17 38.44 -34.19
CA GLY SA 157 56.26 37.62 -34.69
C GLY SA 157 56.59 37.85 -36.17
N ALA SA 158 56.00 38.84 -36.83
CA ALA SA 158 56.29 39.13 -38.23
C ALA SA 158 57.73 39.61 -38.44
N THR SA 159 58.39 39.18 -39.50
CA THR SA 159 59.69 39.72 -39.91
C THR SA 159 59.50 41.10 -40.53
N VAL SA 160 60.47 42.02 -40.43
CA VAL SA 160 60.39 43.34 -41.08
C VAL SA 160 61.50 43.53 -42.10
N LYS SA 161 61.16 43.82 -43.35
CA LYS SA 161 62.11 44.08 -44.44
C LYS SA 161 61.97 45.51 -44.93
N ILE SA 162 63.07 46.23 -45.08
CA ILE SA 162 63.10 47.56 -45.69
C ILE SA 162 63.64 47.46 -47.13
N VAL SA 163 62.95 48.07 -48.09
CA VAL SA 163 63.33 48.07 -49.51
C VAL SA 163 63.52 49.50 -50.01
N PHE SA 164 64.72 49.83 -50.50
CA PHE SA 164 64.97 51.10 -51.17
C PHE SA 164 64.42 51.12 -52.60
N ASN SA 165 63.84 52.24 -53.02
CA ASN SA 165 63.28 52.46 -54.36
C ASN SA 165 63.64 53.83 -54.94
N HIS SA 166 64.94 54.08 -55.08
CA HIS SA 166 65.47 55.30 -55.69
C HIS SA 166 65.00 55.47 -57.14
N ASP SA 167 64.87 56.72 -57.62
CA ASP SA 167 64.14 57.08 -58.84
C ASP SA 167 64.48 56.23 -60.08
N ASN SA 168 65.76 56.14 -60.43
CA ASN SA 168 66.21 55.40 -61.61
C ASN SA 168 66.31 53.88 -61.40
N ARG SA 169 66.31 53.43 -60.15
CA ARG SA 169 66.89 52.13 -59.74
C ARG SA 169 65.84 51.10 -59.37
N LEU SA 170 64.69 51.09 -60.06
CA LEU SA 170 63.60 50.17 -59.81
C LEU SA 170 64.04 48.69 -59.77
N ASP SA 171 65.04 48.31 -60.58
CA ASP SA 171 65.60 46.96 -60.55
C ASP SA 171 66.19 46.57 -59.18
N ASP SA 172 66.79 47.51 -58.44
CA ASP SA 172 67.27 47.24 -57.08
C ASP SA 172 66.11 46.96 -56.13
N ALA SA 173 65.04 47.75 -56.22
CA ALA SA 173 63.85 47.53 -55.40
C ALA SA 173 63.24 46.16 -55.66
N VAL SA 174 63.08 45.78 -56.94
CA VAL SA 174 62.52 44.48 -57.34
C VAL SA 174 63.43 43.33 -56.93
N ARG SA 175 64.76 43.48 -57.08
CA ARG SA 175 65.74 42.49 -56.65
C ARG SA 175 65.76 42.29 -55.13
N ASP SA 176 65.53 43.34 -54.35
CA ASP SA 176 65.36 43.21 -52.89
C ASP SA 176 64.00 42.61 -52.51
N ALA SA 177 62.93 42.91 -53.24
CA ALA SA 177 61.59 42.45 -52.92
C ALA SA 177 61.38 40.96 -53.24
N ALA SA 178 61.83 40.48 -54.41
CA ALA SA 178 61.54 39.12 -54.86
C ALA SA 178 62.00 37.98 -53.89
N PRO SA 179 63.15 38.07 -53.20
CA PRO SA 179 63.56 37.12 -52.15
C PRO SA 179 62.55 36.92 -51.01
N VAL SA 180 61.65 37.88 -50.77
CA VAL SA 180 60.64 37.78 -49.70
C VAL SA 180 59.51 36.81 -50.05
N LEU SA 181 59.18 36.70 -51.34
CA LEU SA 181 57.98 36.07 -51.90
C LEU SA 181 58.08 34.54 -52.00
N ILE TA 4 -37.82 49.02 -49.31
CA ILE TA 4 -38.06 49.49 -50.70
C ILE TA 4 -36.78 50.08 -51.25
N VAL TA 5 -36.47 49.90 -52.53
CA VAL TA 5 -35.37 50.61 -53.21
C VAL TA 5 -35.91 51.39 -54.39
N VAL TA 6 -35.60 52.69 -54.50
CA VAL TA 6 -36.01 53.53 -55.63
C VAL TA 6 -34.81 53.86 -56.49
N THR TA 7 -34.96 53.76 -57.82
CA THR TA 7 -33.83 53.82 -58.77
C THR TA 7 -34.20 54.54 -60.06
N GLY TA 8 -33.22 55.11 -60.76
CA GLY TA 8 -33.44 55.85 -61.99
C GLY TA 8 -32.17 56.43 -62.61
N ILE TA 9 -32.22 56.71 -63.91
CA ILE TA 9 -31.16 57.34 -64.71
C ILE TA 9 -31.05 58.84 -64.39
N PRO TA 10 -29.85 59.43 -64.25
CA PRO TA 10 -29.69 60.88 -64.05
C PRO TA 10 -30.41 61.71 -65.12
N GLY TA 11 -31.31 62.59 -64.68
CA GLY TA 11 -32.22 63.37 -65.53
C GLY TA 11 -33.67 62.88 -65.55
N VAL TA 12 -33.99 61.68 -65.05
CA VAL TA 12 -35.36 61.17 -65.06
C VAL TA 12 -36.30 61.83 -64.03
N GLY TA 13 -35.76 62.62 -63.09
CA GLY TA 13 -36.56 63.34 -62.11
C GLY TA 13 -36.92 62.52 -60.86
N LYS TA 14 -36.13 61.49 -60.56
CA LYS TA 14 -36.32 60.53 -59.47
C LYS TA 14 -36.71 61.19 -58.15
N THR TA 15 -35.96 62.20 -57.73
CA THR TA 15 -36.15 62.84 -56.41
C THR TA 15 -37.53 63.49 -56.30
N THR TA 16 -38.02 64.13 -57.37
CA THR TA 16 -39.34 64.77 -57.37
C THR TA 16 -40.46 63.76 -57.14
N VAL TA 17 -40.47 62.64 -57.88
CA VAL TA 17 -41.48 61.58 -57.72
C VAL TA 17 -41.39 60.96 -56.33
N MET TA 18 -40.19 60.68 -55.84
CA MET TA 18 -39.99 60.13 -54.49
C MET TA 18 -40.52 61.08 -53.41
N GLN TA 19 -40.18 62.37 -53.47
CA GLN TA 19 -40.62 63.36 -52.48
C GLN TA 19 -42.15 63.47 -52.44
N LYS TA 20 -42.81 63.52 -53.60
CA LYS TA 20 -44.27 63.58 -53.68
C LYS TA 20 -44.94 62.28 -53.22
N ALA TA 21 -44.44 61.11 -53.61
CA ALA TA 21 -45.01 59.84 -53.19
C ALA TA 21 -44.80 59.56 -51.69
N ALA TA 22 -43.64 59.92 -51.14
CA ALA TA 22 -43.33 59.77 -49.72
C ALA TA 22 -44.11 60.73 -48.80
N GLU TA 23 -44.89 61.66 -49.33
CA GLU TA 23 -45.68 62.60 -48.54
C GLU TA 23 -46.63 61.91 -47.56
N GLY TA 24 -46.57 62.28 -46.28
CA GLY TA 24 -47.37 61.66 -45.22
C GLY TA 24 -46.95 60.24 -44.81
N SER TA 25 -45.90 59.67 -45.40
CA SER TA 25 -45.41 58.35 -45.01
C SER TA 25 -44.63 58.39 -43.70
N PRO TA 26 -44.75 57.37 -42.83
CA PRO TA 26 -43.87 57.21 -41.67
C PRO TA 26 -42.50 56.62 -42.01
N LEU TA 27 -42.22 56.26 -43.27
CA LEU TA 27 -40.97 55.59 -43.64
C LEU TA 27 -39.75 56.54 -43.60
N PRO TA 28 -38.60 56.15 -43.03
CA PRO TA 28 -37.36 56.90 -43.16
C PRO TA 28 -36.88 56.93 -44.61
N ARG TA 29 -36.16 57.99 -44.98
CA ARG TA 29 -35.62 58.24 -46.32
C ARG TA 29 -34.10 58.23 -46.29
N VAL TA 30 -33.45 57.42 -47.11
CA VAL TA 30 -32.04 57.11 -46.92
C VAL TA 30 -31.29 57.07 -48.26
N PRO TA 31 -30.27 57.90 -48.51
CA PRO TA 31 -29.35 57.75 -49.62
C PRO TA 31 -28.23 56.76 -49.27
N LEU TA 32 -28.04 55.69 -50.04
CA LEU TA 32 -27.11 54.62 -49.68
C LEU TA 32 -25.65 55.09 -49.65
N GLU TA 33 -25.24 55.95 -50.59
CA GLU TA 33 -23.87 56.46 -50.65
C GLU TA 33 -23.55 57.31 -49.42
N GLY TA 34 -24.53 58.09 -48.97
CA GLY TA 34 -24.47 58.85 -47.73
C GLY TA 34 -24.27 57.97 -46.52
N VAL TA 35 -25.03 56.87 -46.39
CA VAL TA 35 -24.84 55.92 -45.30
C VAL TA 35 -23.45 55.29 -45.37
N MET TA 36 -22.98 54.89 -46.55
CA MET TA 36 -21.64 54.31 -46.69
C MET TA 36 -20.56 55.28 -46.21
N TYR TA 37 -20.65 56.56 -46.60
CA TYR TA 37 -19.75 57.60 -46.10
C TYR TA 37 -19.82 57.73 -44.58
N GLY TA 38 -21.02 57.83 -44.01
CA GLY TA 38 -21.21 57.91 -42.57
C GLY TA 38 -20.61 56.71 -41.83
N VAL TA 39 -20.83 55.49 -42.32
CA VAL TA 39 -20.27 54.27 -41.74
C VAL TA 39 -18.75 54.25 -41.84
N ALA TA 40 -18.19 54.55 -43.01
CA ALA TA 40 -16.74 54.59 -43.19
C ALA TA 40 -16.08 55.67 -42.32
N LYS TA 41 -16.71 56.85 -42.22
CA LYS TA 41 -16.29 57.99 -41.40
C LYS TA 41 -16.27 57.63 -39.92
N ARG TA 42 -17.30 56.95 -39.42
CA ARG TA 42 -17.38 56.49 -38.02
C ARG TA 42 -16.49 55.28 -37.71
N MET TA 43 -16.16 54.49 -38.73
CA MET TA 43 -15.07 53.50 -38.66
C MET TA 43 -13.66 54.14 -38.81
N GLY TA 44 -13.58 55.44 -39.06
CA GLY TA 44 -12.32 56.20 -39.17
C GLY TA 44 -11.57 56.03 -40.49
N LEU TA 45 -12.17 55.40 -41.49
CA LEU TA 45 -11.54 55.08 -42.78
C LEU TA 45 -11.37 56.32 -43.69
N VAL TA 46 -12.21 57.33 -43.51
CA VAL TA 46 -12.28 58.56 -44.31
C VAL TA 46 -12.70 59.74 -43.43
N LYS TA 47 -12.55 60.96 -43.94
CA LYS TA 47 -13.12 62.18 -43.37
C LYS TA 47 -13.95 62.97 -44.40
N ASP TA 48 -13.66 62.86 -45.69
CA ASP TA 48 -14.36 63.62 -46.75
C ASP TA 48 -15.04 62.70 -47.79
N ILE TA 49 -16.16 63.14 -48.37
CA ILE TA 49 -17.02 62.34 -49.25
C ILE TA 49 -16.29 61.83 -50.49
N ASP TA 50 -15.35 62.59 -51.04
CA ASP TA 50 -14.55 62.18 -52.20
C ASP TA 50 -13.59 61.01 -51.91
N GLU TA 51 -13.18 60.82 -50.65
CA GLU TA 51 -12.29 59.71 -50.28
C GLU TA 51 -12.96 58.34 -50.45
N MET TA 52 -14.29 58.28 -50.52
CA MET TA 52 -15.00 57.03 -50.78
C MET TA 52 -14.61 56.38 -52.12
N ARG TA 53 -14.21 57.18 -53.12
CA ARG TA 53 -13.69 56.68 -54.41
C ARG TA 53 -12.25 56.18 -54.31
N ARG TA 54 -11.53 56.57 -53.25
CA ARG TA 54 -10.11 56.29 -53.02
C ARG TA 54 -9.88 55.05 -52.15
N LEU TA 55 -10.90 54.59 -51.43
CA LEU TA 55 -10.84 53.36 -50.61
C LEU TA 55 -10.46 52.12 -51.43
N SER TA 56 -9.77 51.18 -50.78
CA SER TA 56 -9.45 49.87 -51.36
C SER TA 56 -10.73 49.07 -51.65
N PRO TA 57 -10.91 48.49 -52.86
CA PRO TA 57 -12.13 47.78 -53.22
C PRO TA 57 -12.61 46.74 -52.22
N ASP TA 58 -11.71 45.90 -51.67
CA ASP TA 58 -12.10 44.86 -50.72
C ASP TA 58 -12.44 45.39 -49.32
N VAL TA 59 -12.00 46.61 -48.97
CA VAL TA 59 -12.55 47.35 -47.82
C VAL TA 59 -13.93 47.92 -48.18
N GLN TA 60 -14.08 48.45 -49.38
CA GLN TA 60 -15.35 49.03 -49.84
C GLN TA 60 -16.48 48.00 -49.88
N LYS TA 61 -16.20 46.73 -50.22
CA LYS TA 61 -17.14 45.62 -50.07
C LYS TA 61 -17.66 45.48 -48.63
N GLU TA 62 -16.76 45.54 -47.65
CA GLU TA 62 -17.16 45.42 -46.24
C GLU TA 62 -17.90 46.67 -45.74
N VAL TA 63 -17.55 47.87 -46.20
CA VAL TA 63 -18.34 49.09 -45.94
C VAL TA 63 -19.75 48.95 -46.50
N GLN TA 64 -19.91 48.46 -47.73
CA GLN TA 64 -21.21 48.16 -48.30
C GLN TA 64 -21.98 47.13 -47.46
N LYS TA 65 -21.33 46.05 -47.05
CA LYS TA 65 -21.94 45.00 -46.21
C LYS TA 65 -22.43 45.58 -44.87
N LYS TA 66 -21.60 46.33 -44.15
CA LYS TA 66 -21.97 46.93 -42.87
C LYS TA 66 -23.07 47.98 -43.02
N ALA TA 67 -22.99 48.84 -44.04
CA ALA TA 67 -24.05 49.80 -44.32
C ALA TA 67 -25.40 49.10 -44.60
N ALA TA 68 -25.40 48.00 -45.34
CA ALA TA 68 -26.61 47.24 -45.57
C ALA TA 68 -27.13 46.60 -44.28
N GLU TA 69 -26.28 46.01 -43.43
CA GLU TA 69 -26.72 45.45 -42.14
C GLU TA 69 -27.40 46.51 -41.25
N ARG TA 70 -26.88 47.74 -41.23
CA ARG TA 70 -27.45 48.82 -40.44
C ARG TA 70 -28.79 49.31 -41.01
N ILE TA 71 -28.92 49.39 -42.32
CA ILE TA 71 -30.21 49.71 -42.95
C ILE TA 71 -31.21 48.56 -42.76
N ALA TA 72 -30.76 47.30 -42.73
CA ALA TA 72 -31.63 46.17 -42.44
C ALA TA 72 -32.15 46.21 -40.99
N ALA TA 73 -31.31 46.59 -40.03
CA ALA TA 73 -31.73 46.77 -38.64
C ALA TA 73 -32.75 47.90 -38.47
N LEU TA 74 -32.58 49.02 -39.19
CA LEU TA 74 -33.54 50.12 -39.24
C LEU TA 74 -34.92 49.65 -39.76
N GLY TA 75 -34.95 48.61 -40.60
CA GLY TA 75 -36.18 48.01 -41.09
C GLY TA 75 -36.76 48.70 -42.32
N ASP TA 76 -38.08 48.79 -42.40
CA ASP TA 76 -38.80 49.29 -43.57
C ASP TA 76 -38.40 50.75 -43.88
N VAL TA 77 -37.97 51.02 -45.11
CA VAL TA 77 -37.25 52.26 -45.50
C VAL TA 77 -37.45 52.57 -46.98
N ILE TA 78 -37.47 53.83 -47.37
CA ILE TA 78 -37.33 54.21 -48.78
C ILE TA 78 -35.85 54.47 -49.05
N LEU TA 79 -35.12 53.42 -49.43
CA LEU TA 79 -33.72 53.54 -49.81
C LEU TA 79 -33.59 54.14 -51.20
N ASP TA 80 -32.56 54.93 -51.42
CA ASP TA 80 -32.27 55.62 -52.68
C ASP TA 80 -30.83 55.34 -53.14
N THR TA 81 -30.67 54.84 -54.36
CA THR TA 81 -29.39 54.65 -55.05
C THR TA 81 -29.62 54.38 -56.55
N HIS TA 82 -28.59 54.45 -57.38
CA HIS TA 82 -28.69 54.01 -58.79
C HIS TA 82 -28.62 52.48 -58.92
N CYS TA 83 -29.37 51.89 -59.84
CA CYS TA 83 -29.25 50.46 -60.14
C CYS TA 83 -28.02 50.18 -61.03
N THR TA 84 -27.71 51.02 -62.02
CA THR TA 84 -26.41 51.01 -62.69
C THR TA 84 -25.86 52.42 -62.86
N ILE TA 85 -24.56 52.57 -62.62
CA ILE TA 85 -23.84 53.84 -62.73
C ILE TA 85 -23.01 53.78 -64.00
N LYS TA 86 -23.14 54.75 -64.90
CA LYS TA 86 -22.29 54.81 -66.10
C LYS TA 86 -20.91 55.35 -65.74
N THR TA 87 -19.85 54.68 -66.18
CA THR TA 87 -18.44 54.99 -65.86
C THR TA 87 -17.57 54.90 -67.12
N PRO TA 88 -16.31 55.39 -67.11
CA PRO TA 88 -15.40 55.25 -68.24
C PRO TA 88 -15.23 53.82 -68.77
N LYS TA 89 -15.19 52.81 -67.89
CA LYS TA 89 -15.15 51.39 -68.24
C LYS TA 89 -16.53 50.76 -68.47
N GLY TA 90 -17.58 51.56 -68.67
CA GLY TA 90 -18.95 51.11 -68.92
C GLY TA 90 -19.85 51.10 -67.67
N TYR TA 91 -20.96 50.38 -67.73
CA TYR TA 91 -21.94 50.31 -66.65
C TYR TA 91 -21.43 49.53 -65.45
N LEU TA 92 -21.57 50.07 -64.26
CA LEU TA 92 -21.25 49.41 -63.00
C LEU TA 92 -22.55 49.08 -62.25
N PRO TA 93 -22.80 47.84 -61.85
CA PRO TA 93 -23.91 47.48 -60.97
C PRO TA 93 -23.87 48.23 -59.65
N GLY TA 94 -24.97 48.88 -59.26
CA GLY TA 94 -25.05 49.65 -58.02
C GLY TA 94 -25.33 48.81 -56.77
N LEU TA 95 -25.94 47.64 -56.93
CA LEU TA 95 -26.31 46.74 -55.82
C LEU TA 95 -25.72 45.33 -56.02
N PRO TA 96 -24.47 45.09 -55.65
CA PRO TA 96 -23.89 43.75 -55.68
C PRO TA 96 -24.66 42.77 -54.79
N ARG TA 97 -24.52 41.47 -55.07
CA ARG TA 97 -25.16 40.41 -54.27
C ARG TA 97 -24.89 40.51 -52.77
N TRP TA 98 -23.69 40.90 -52.34
CA TRP TA 98 -23.39 41.05 -50.91
C TRP TA 98 -24.15 42.20 -50.23
N VAL TA 99 -24.63 43.21 -50.97
CA VAL TA 99 -25.61 44.18 -50.44
C VAL TA 99 -26.99 43.54 -50.41
N LEU TA 100 -27.39 42.94 -51.51
CA LEU TA 100 -28.75 42.45 -51.73
C LEU TA 100 -29.15 41.36 -50.72
N GLU TA 101 -28.25 40.44 -50.39
CA GLU TA 101 -28.47 39.41 -49.37
C GLU TA 101 -28.63 39.97 -47.95
N LYS TA 102 -28.16 41.18 -47.67
CA LYS TA 102 -28.35 41.86 -46.38
C LYS TA 102 -29.62 42.69 -46.34
N LEU TA 103 -29.88 43.53 -47.35
CA LEU TA 103 -31.09 44.35 -47.39
C LEU TA 103 -32.37 43.53 -47.55
N ARG TA 104 -32.33 42.49 -48.39
CA ARG TA 104 -33.49 41.66 -48.77
C ARG TA 104 -34.70 42.49 -49.20
N PRO TA 105 -34.59 43.36 -50.22
CA PRO TA 105 -35.64 44.27 -50.63
C PRO TA 105 -36.98 43.59 -50.90
N SER TA 106 -38.09 44.22 -50.51
CA SER TA 106 -39.42 43.77 -50.93
C SER TA 106 -39.77 44.26 -52.32
N VAL TA 107 -39.36 45.47 -52.70
CA VAL TA 107 -39.63 46.05 -54.01
C VAL TA 107 -38.42 46.80 -54.52
N ILE TA 108 -38.14 46.68 -55.82
CA ILE TA 108 -37.29 47.58 -56.57
C ILE TA 108 -38.20 48.43 -57.45
N LEU TA 109 -38.14 49.75 -57.33
CA LEU TA 109 -38.90 50.67 -58.16
C LEU TA 109 -37.96 51.34 -59.15
N LEU TA 110 -38.31 51.30 -60.42
CA LEU TA 110 -37.52 51.81 -61.51
C LEU TA 110 -38.27 52.95 -62.22
N VAL TA 111 -37.72 54.16 -62.16
CA VAL TA 111 -38.33 55.34 -62.77
C VAL TA 111 -37.86 55.48 -64.22
N GLU TA 112 -38.77 55.75 -65.15
CA GLU TA 112 -38.46 55.91 -66.57
C GLU TA 112 -39.17 57.13 -67.20
N ALA TA 113 -38.61 57.63 -68.28
CA ALA TA 113 -39.19 58.68 -69.14
C ALA TA 113 -38.70 58.46 -70.58
N ASP TA 114 -39.29 59.11 -71.57
CA ASP TA 114 -38.83 58.93 -72.96
C ASP TA 114 -37.39 59.48 -73.14
N PRO TA 115 -36.50 58.79 -73.87
CA PRO TA 115 -35.16 59.29 -74.16
C PRO TA 115 -35.14 60.73 -74.70
N LYS TA 116 -36.13 61.14 -75.50
CA LYS TA 116 -36.23 62.49 -76.03
C LYS TA 116 -36.53 63.52 -74.95
N GLU TA 117 -37.38 63.18 -73.98
CA GLU TA 117 -37.62 64.02 -72.80
C GLU TA 117 -36.34 64.17 -71.98
N ILE TA 118 -35.66 63.06 -71.70
CA ILE TA 118 -34.43 63.06 -70.91
C ILE TA 118 -33.35 63.87 -71.61
N TYR TA 119 -33.20 63.72 -72.92
CA TYR TA 119 -32.27 64.55 -73.70
C TYR TA 119 -32.63 66.03 -73.60
N GLY TA 120 -33.91 66.38 -73.75
CA GLY TA 120 -34.40 67.74 -73.55
C GLY TA 120 -34.04 68.31 -72.18
N ARG TA 121 -34.29 67.57 -71.10
CA ARG TA 121 -33.91 67.98 -69.73
C ARG TA 121 -32.40 68.13 -69.57
N ARG TA 122 -31.62 67.18 -70.08
CA ARG TA 122 -30.15 67.23 -70.02
C ARG TA 122 -29.57 68.38 -70.84
N LEU TA 123 -30.23 68.78 -71.93
CA LEU TA 123 -29.84 69.94 -72.74
C LEU TA 123 -30.22 71.27 -72.06
N LYS TA 124 -31.34 71.32 -71.32
CA LYS TA 124 -31.77 72.48 -70.51
C LYS TA 124 -30.96 72.64 -69.21
N ASP TA 125 -30.36 71.57 -68.72
CA ASP TA 125 -29.42 71.61 -67.59
C ASP TA 125 -28.09 72.30 -67.98
N ASP TA 133 -24.93 62.28 -73.67
CA ASP TA 133 -25.31 61.02 -74.32
C ASP TA 133 -26.36 61.28 -75.42
N SER TA 134 -26.30 60.56 -76.53
CA SER TA 134 -27.40 60.53 -77.50
C SER TA 134 -28.65 59.86 -76.92
N GLU TA 135 -29.78 60.04 -77.60
CA GLU TA 135 -31.01 59.30 -77.29
C GLU TA 135 -30.82 57.79 -77.38
N GLU TA 136 -29.93 57.32 -78.27
CA GLU TA 136 -29.57 55.91 -78.36
C GLU TA 136 -28.84 55.42 -77.12
N GLU TA 137 -27.87 56.20 -76.61
CA GLU TA 137 -27.14 55.86 -75.39
C GLU TA 137 -28.02 55.99 -74.14
N ILE TA 138 -28.99 56.90 -74.13
CA ILE TA 138 -29.99 56.97 -73.07
C ILE TA 138 -30.87 55.71 -73.10
N ALA TA 139 -31.39 55.33 -74.27
CA ALA TA 139 -32.22 54.14 -74.42
C ALA TA 139 -31.46 52.85 -74.07
N GLU TA 140 -30.18 52.77 -74.41
CA GLU TA 140 -29.31 51.69 -73.97
C GLU TA 140 -29.22 51.66 -72.44
N HIS TA 141 -28.93 52.78 -71.78
CA HIS TA 141 -28.80 52.78 -70.32
C HIS TA 141 -30.10 52.34 -69.64
N GLN TA 142 -31.26 52.78 -70.14
CA GLN TA 142 -32.55 52.28 -69.66
C GLN TA 142 -32.70 50.76 -69.84
N MET TA 143 -32.42 50.23 -71.03
CA MET TA 143 -32.51 48.79 -71.25
C MET TA 143 -31.55 48.01 -70.34
N MET TA 144 -30.33 48.50 -70.13
CA MET TA 144 -29.42 47.86 -69.19
C MET TA 144 -29.94 47.94 -67.74
N ASN TA 145 -30.60 49.02 -67.36
CA ASN TA 145 -31.23 49.09 -66.04
C ASN TA 145 -32.34 48.04 -65.87
N ARG TA 146 -33.21 47.84 -66.86
CA ARG TA 146 -34.25 46.79 -66.77
C ARG TA 146 -33.65 45.41 -66.56
N ALA TA 147 -32.59 45.10 -67.30
CA ALA TA 147 -31.87 43.84 -67.11
C ALA TA 147 -31.29 43.74 -65.69
N ALA TA 148 -30.66 44.80 -65.19
CA ALA TA 148 -30.09 44.80 -63.85
C ALA TA 148 -31.16 44.63 -62.76
N ALA TA 149 -32.29 45.32 -62.89
CA ALA TA 149 -33.38 45.22 -61.94
C ALA TA 149 -33.92 43.79 -61.86
N MET TA 150 -34.19 43.17 -62.99
CA MET TA 150 -34.74 41.81 -63.00
C MET TA 150 -33.70 40.78 -62.52
N ALA TA 151 -32.42 41.00 -62.77
CA ALA TA 151 -31.38 40.18 -62.16
C ALA TA 151 -31.42 40.29 -60.63
N TYR TA 152 -31.49 41.50 -60.06
CA TYR TA 152 -31.64 41.68 -58.62
C TYR TA 152 -32.91 41.02 -58.08
N ALA TA 153 -34.01 41.11 -58.82
CA ALA TA 153 -35.25 40.47 -58.44
C ALA TA 153 -35.05 38.96 -58.27
N SER TA 154 -34.50 38.29 -59.28
CA SER TA 154 -34.28 36.84 -59.25
C SER TA 154 -33.34 36.38 -58.13
N LEU TA 155 -32.40 37.23 -57.71
CA LEU TA 155 -31.48 36.95 -56.60
C LEU TA 155 -32.11 37.06 -55.21
N SER TA 156 -33.26 37.71 -55.08
CA SER TA 156 -33.77 38.20 -53.78
C SER TA 156 -35.26 37.94 -53.51
N GLY TA 157 -36.06 37.66 -54.54
CA GLY TA 157 -37.52 37.64 -54.44
C GLY TA 157 -38.17 39.03 -54.39
N ALA TA 158 -37.43 40.10 -54.62
CA ALA TA 158 -37.99 41.45 -54.71
C ALA TA 158 -38.94 41.59 -55.91
N THR TA 159 -40.07 42.27 -55.73
CA THR TA 159 -40.94 42.64 -56.86
C THR TA 159 -40.30 43.77 -57.65
N VAL TA 160 -40.55 43.91 -58.96
CA VAL TA 160 -40.05 45.04 -59.76
C VAL TA 160 -41.18 45.87 -60.34
N LYS TA 161 -41.23 47.17 -60.02
CA LYS TA 161 -42.24 48.12 -60.51
C LYS TA 161 -41.59 49.14 -61.44
N ILE TA 162 -42.19 49.39 -62.60
CA ILE TA 162 -41.76 50.47 -63.51
C ILE TA 162 -42.75 51.64 -63.41
N VAL TA 163 -42.24 52.86 -63.29
CA VAL TA 163 -43.04 54.10 -63.19
C VAL TA 163 -42.65 55.11 -64.26
N PHE TA 164 -43.58 55.49 -65.14
CA PHE TA 164 -43.35 56.57 -66.10
C PHE TA 164 -43.43 57.95 -65.44
N ASN TA 165 -42.55 58.87 -65.84
CA ASN TA 165 -42.49 60.25 -65.34
C ASN TA 165 -42.30 61.25 -66.50
N HIS TA 166 -43.26 61.29 -67.41
CA HIS TA 166 -43.29 62.25 -68.51
C HIS TA 166 -43.34 63.70 -68.01
N ASP TA 167 -42.81 64.66 -68.79
CA ASP TA 167 -42.49 66.02 -68.34
C ASP TA 167 -43.61 66.74 -67.58
N ASN TA 168 -44.79 66.87 -68.18
CA ASN TA 168 -45.92 67.61 -67.60
C ASN TA 168 -46.71 66.79 -66.55
N ARG TA 169 -46.42 65.50 -66.42
CA ARG TA 169 -47.38 64.49 -65.92
C ARG TA 169 -46.94 63.87 -64.59
N LEU TA 170 -46.34 64.67 -63.71
CA LEU TA 170 -45.84 64.22 -62.41
C LEU TA 170 -46.92 63.50 -61.57
N ASP TA 171 -48.18 63.92 -61.66
CA ASP TA 171 -49.28 63.26 -60.96
C ASP TA 171 -49.48 61.80 -61.40
N ASP TA 172 -49.21 61.44 -62.66
CA ASP TA 172 -49.23 60.04 -63.10
C ASP TA 172 -48.11 59.23 -62.43
N ALA TA 173 -46.90 59.78 -62.36
CA ALA TA 173 -45.79 59.12 -61.68
C ALA TA 173 -46.10 58.89 -60.19
N VAL TA 174 -46.62 59.91 -59.51
CA VAL TA 174 -46.95 59.82 -58.08
C VAL TA 174 -48.13 58.87 -57.85
N ARG TA 175 -49.13 58.87 -58.73
CA ARG TA 175 -50.26 57.93 -58.66
C ARG TA 175 -49.82 56.48 -58.88
N ASP TA 176 -48.82 56.22 -59.71
CA ASP TA 176 -48.24 54.89 -59.85
C ASP TA 176 -47.33 54.51 -58.67
N ALA TA 177 -46.61 55.48 -58.09
CA ALA TA 177 -45.67 55.20 -57.00
C ALA TA 177 -46.36 54.97 -55.64
N ALA TA 178 -47.36 55.78 -55.28
CA ALA TA 178 -48.00 55.70 -53.96
C ALA TA 178 -48.57 54.30 -53.59
N PRO TA 179 -49.18 53.53 -54.51
CA PRO TA 179 -49.60 52.13 -54.27
C PRO TA 179 -48.52 51.18 -53.78
N VAL TA 180 -47.24 51.48 -53.99
CA VAL TA 180 -46.12 50.62 -53.58
C VAL TA 180 -45.85 50.70 -52.07
N LEU TA 181 -46.16 51.86 -51.46
CA LEU TA 181 -45.74 52.27 -50.12
C LEU TA 181 -46.60 51.66 -48.98
N ILE UA 4 -53.03 57.19 13.71
CA ILE UA 4 -54.40 57.58 14.15
C ILE UA 4 -55.42 57.00 13.18
N VAL UA 5 -56.61 56.59 13.63
CA VAL UA 5 -57.72 56.18 12.76
C VAL UA 5 -58.98 56.97 13.09
N VAL UA 6 -59.61 57.61 12.11
CA VAL UA 6 -60.84 58.40 12.32
C VAL UA 6 -62.04 57.69 11.72
N THR UA 7 -63.15 57.62 12.46
CA THR UA 7 -64.30 56.77 12.10
C THR UA 7 -65.64 57.44 12.44
N GLY UA 8 -66.71 57.05 11.75
CA GLY UA 8 -68.04 57.60 11.97
C GLY UA 8 -69.11 57.00 11.06
N ILE UA 9 -70.36 57.14 11.47
CA ILE UA 9 -71.57 56.73 10.74
C ILE UA 9 -71.84 57.69 9.57
N PRO UA 10 -72.23 57.22 8.36
CA PRO UA 10 -72.58 58.09 7.24
C PRO UA 10 -73.65 59.13 7.61
N GLY UA 11 -73.33 60.40 7.40
CA GLY UA 11 -74.15 61.55 7.79
C GLY UA 11 -73.67 62.31 9.03
N VAL UA 12 -72.74 61.77 9.83
CA VAL UA 12 -72.26 62.42 11.06
C VAL UA 12 -71.33 63.61 10.83
N GLY UA 13 -70.86 63.82 9.61
CA GLY UA 13 -69.98 64.94 9.25
C GLY UA 13 -68.49 64.68 9.48
N LYS UA 14 -68.08 63.41 9.46
CA LYS UA 14 -66.69 62.95 9.68
C LYS UA 14 -65.65 63.80 8.95
N THR UA 15 -65.81 64.00 7.65
CA THR UA 15 -64.83 64.69 6.82
C THR UA 15 -64.66 66.15 7.24
N THR UA 16 -65.74 66.85 7.59
CA THR UA 16 -65.68 68.26 8.02
C THR UA 16 -64.85 68.42 9.31
N VAL UA 17 -65.12 67.62 10.33
CA VAL UA 17 -64.36 67.70 11.60
C VAL UA 17 -62.91 67.34 11.38
N MET UA 18 -62.62 66.27 10.62
CA MET UA 18 -61.26 65.89 10.28
C MET UA 18 -60.53 67.01 9.53
N GLN UA 19 -61.13 67.58 8.49
CA GLN UA 19 -60.52 68.64 7.67
C GLN UA 19 -60.16 69.88 8.50
N LYS UA 20 -61.05 70.29 9.40
CA LYS UA 20 -60.82 71.43 10.28
C LYS UA 20 -59.74 71.15 11.33
N ALA UA 21 -59.77 70.00 12.00
CA ALA UA 21 -58.78 69.68 13.03
C ALA UA 21 -57.38 69.38 12.45
N ALA UA 22 -57.31 68.71 11.29
CA ALA UA 22 -56.07 68.41 10.59
C ALA UA 22 -55.41 69.64 9.91
N GLU UA 23 -56.03 70.82 9.98
CA GLU UA 23 -55.48 72.04 9.40
C GLU UA 23 -54.09 72.38 9.96
N GLY UA 24 -53.12 72.61 9.07
CA GLY UA 24 -51.72 72.84 9.44
C GLY UA 24 -50.97 71.61 9.98
N SER UA 25 -51.58 70.43 10.03
CA SER UA 25 -50.88 69.21 10.46
C SER UA 25 -49.84 68.77 9.43
N PRO UA 26 -48.65 68.29 9.85
CA PRO UA 26 -47.70 67.66 8.95
C PRO UA 26 -48.10 66.23 8.55
N LEU UA 27 -49.19 65.66 9.08
CA LEU UA 27 -49.55 64.27 8.84
C LEU UA 27 -50.18 64.03 7.45
N PRO UA 28 -49.84 62.91 6.76
CA PRO UA 28 -50.56 62.47 5.58
C PRO UA 28 -52.01 62.07 5.88
N ARG UA 29 -52.86 62.05 4.85
CA ARG UA 29 -54.32 62.11 4.96
C ARG UA 29 -54.97 61.03 4.10
N VAL UA 30 -55.00 59.80 4.61
CA VAL UA 30 -55.12 58.59 3.77
C VAL UA 30 -56.48 57.92 3.91
N PRO UA 31 -57.26 57.68 2.85
CA PRO UA 31 -58.42 56.79 2.88
C PRO UA 31 -57.99 55.33 2.64
N LEU UA 32 -58.39 54.40 3.51
CA LEU UA 32 -57.94 53.00 3.42
C LEU UA 32 -58.46 52.28 2.17
N GLU UA 33 -59.70 52.55 1.77
CA GLU UA 33 -60.28 51.94 0.57
C GLU UA 33 -59.51 52.36 -0.69
N GLY UA 34 -59.10 53.63 -0.73
CA GLY UA 34 -58.23 54.18 -1.77
C GLY UA 34 -56.90 53.44 -1.84
N VAL UA 35 -56.23 53.23 -0.70
CA VAL UA 35 -54.97 52.48 -0.69
C VAL UA 35 -55.17 51.03 -1.11
N MET UA 36 -56.25 50.38 -0.66
CA MET UA 36 -56.53 49.00 -1.08
C MET UA 36 -56.71 48.91 -2.59
N TYR UA 37 -57.49 49.82 -3.18
CA TYR UA 37 -57.65 49.88 -4.63
C TYR UA 37 -56.32 50.14 -5.33
N GLY UA 38 -55.52 51.08 -4.84
CA GLY UA 38 -54.18 51.36 -5.36
C GLY UA 38 -53.27 50.14 -5.33
N VAL UA 39 -53.20 49.42 -4.20
CA VAL UA 39 -52.41 48.20 -4.10
C VAL UA 39 -52.92 47.12 -5.05
N ALA UA 40 -54.23 46.87 -5.09
CA ALA UA 40 -54.81 45.87 -5.98
C ALA UA 40 -54.59 46.21 -7.47
N LYS UA 41 -54.74 47.49 -7.84
CA LYS UA 41 -54.53 48.01 -9.20
C LYS UA 41 -53.07 47.86 -9.64
N ARG UA 42 -52.12 48.13 -8.75
CA ARG UA 42 -50.66 48.02 -9.02
C ARG UA 42 -50.14 46.58 -8.94
N MET UA 43 -50.83 45.71 -8.20
CA MET UA 43 -50.68 44.26 -8.31
C MET UA 43 -51.42 43.68 -9.54
N GLY UA 44 -52.14 44.49 -10.33
CA GLY UA 44 -52.82 44.07 -11.55
C GLY UA 44 -54.10 43.26 -11.34
N LEU UA 45 -54.59 43.17 -10.09
CA LEU UA 45 -55.76 42.37 -9.72
C LEU UA 45 -57.09 42.98 -10.21
N VAL UA 46 -57.10 44.30 -10.44
CA VAL UA 46 -58.24 45.13 -10.82
C VAL UA 46 -57.77 46.30 -11.70
N LYS UA 47 -58.71 46.99 -12.34
CA LYS UA 47 -58.51 48.29 -13.00
C LYS UA 47 -59.51 49.34 -12.54
N ASP UA 48 -60.71 48.96 -12.13
CA ASP UA 48 -61.79 49.89 -11.76
C ASP UA 48 -62.27 49.70 -10.31
N ILE UA 49 -62.69 50.79 -9.65
CA ILE UA 49 -62.93 50.85 -8.20
C ILE UA 49 -64.00 49.84 -7.72
N ASP UA 50 -65.01 49.56 -8.53
CA ASP UA 50 -66.06 48.59 -8.20
C ASP UA 50 -65.57 47.13 -8.16
N GLU UA 51 -64.50 46.81 -8.86
CA GLU UA 51 -63.97 45.44 -8.93
C GLU UA 51 -63.44 44.94 -7.58
N MET UA 52 -63.15 45.85 -6.64
CA MET UA 52 -62.75 45.52 -5.28
C MET UA 52 -63.78 44.66 -4.54
N ARG UA 53 -65.07 44.82 -4.87
CA ARG UA 53 -66.17 43.99 -4.31
C ARG UA 53 -66.28 42.62 -4.98
N ARG UA 54 -65.64 42.44 -6.13
CA ARG UA 54 -65.69 41.21 -6.96
C ARG UA 54 -64.53 40.25 -6.68
N LEU UA 55 -63.45 40.71 -6.05
CA LEU UA 55 -62.30 39.88 -5.66
C LEU UA 55 -62.70 38.73 -4.73
N SER UA 56 -61.96 37.62 -4.80
CA SER UA 56 -62.10 36.51 -3.86
C SER UA 56 -61.76 36.96 -2.43
N PRO UA 57 -62.58 36.67 -1.41
CA PRO UA 57 -62.34 37.13 -0.05
C PRO UA 57 -60.93 36.85 0.50
N ASP UA 58 -60.35 35.69 0.23
CA ASP UA 58 -59.00 35.36 0.69
C ASP UA 58 -57.86 36.06 -0.08
N VAL UA 59 -58.13 36.55 -1.28
CA VAL UA 59 -57.26 37.53 -1.96
C VAL UA 59 -57.44 38.91 -1.30
N GLN UA 60 -58.67 39.30 -1.02
CA GLN UA 60 -58.98 40.59 -0.38
C GLN UA 60 -58.34 40.72 1.02
N LYS UA 61 -58.21 39.64 1.78
CA LYS UA 61 -57.42 39.61 3.03
C LYS UA 61 -55.96 39.99 2.81
N GLU UA 62 -55.32 39.45 1.78
CA GLU UA 62 -53.93 39.77 1.48
C GLU UA 62 -53.77 41.21 0.94
N VAL UA 63 -54.74 41.71 0.18
CA VAL UA 63 -54.78 43.15 -0.17
C VAL UA 63 -54.87 44.00 1.08
N GLN UA 64 -55.76 43.69 2.02
CA GLN UA 64 -55.87 44.40 3.29
C GLN UA 64 -54.55 44.35 4.07
N LYS UA 65 -53.93 43.18 4.17
CA LYS UA 65 -52.64 42.99 4.83
C LYS UA 65 -51.53 43.84 4.19
N LYS UA 66 -51.40 43.82 2.86
CA LYS UA 66 -50.39 44.62 2.14
C LYS UA 66 -50.66 46.12 2.24
N ALA UA 67 -51.90 46.56 2.10
CA ALA UA 67 -52.26 47.97 2.27
C ALA UA 67 -51.87 48.47 3.68
N ALA UA 68 -52.18 47.68 4.71
CA ALA UA 68 -51.82 48.02 6.07
C ALA UA 68 -50.29 48.05 6.28
N GLU UA 69 -49.54 47.07 5.78
CA GLU UA 69 -48.08 47.07 5.87
C GLU UA 69 -47.47 48.33 5.24
N ARG UA 70 -47.99 48.77 4.09
CA ARG UA 70 -47.49 49.98 3.41
C ARG UA 70 -47.87 51.26 4.14
N ILE UA 71 -49.05 51.32 4.76
CA ILE UA 71 -49.40 52.46 5.62
C ILE UA 71 -48.56 52.45 6.91
N ALA UA 72 -48.20 51.27 7.44
CA ALA UA 72 -47.29 51.19 8.57
C ALA UA 72 -45.88 51.72 8.20
N ALA UA 73 -45.39 51.38 7.00
CA ALA UA 73 -44.11 51.90 6.50
C ALA UA 73 -44.12 53.43 6.32
N LEU UA 74 -45.22 54.01 5.84
CA LEU UA 74 -45.40 55.47 5.74
C LEU UA 74 -45.30 56.18 7.10
N GLY UA 75 -45.56 55.47 8.20
CA GLY UA 75 -45.45 56.01 9.56
C GLY UA 75 -46.72 56.72 10.05
N ASP UA 76 -46.54 57.76 10.84
CA ASP UA 76 -47.65 58.44 11.51
C ASP UA 76 -48.58 59.11 10.48
N VAL UA 77 -49.90 58.90 10.61
CA VAL UA 77 -50.90 59.20 9.57
C VAL UA 77 -52.28 59.46 10.17
N ILE UA 78 -53.11 60.30 9.55
CA ILE UA 78 -54.54 60.34 9.83
C ILE UA 78 -55.23 59.40 8.85
N LEU UA 79 -55.39 58.13 9.21
CA LEU UA 79 -56.10 57.16 8.39
C LEU UA 79 -57.62 57.37 8.49
N ASP UA 80 -58.34 57.14 7.41
CA ASP UA 80 -59.80 57.26 7.35
C ASP UA 80 -60.44 55.98 6.80
N THR UA 81 -61.40 55.41 7.54
CA THR UA 81 -62.26 54.29 7.12
C THR UA 81 -63.46 54.15 8.08
N HIS UA 82 -64.51 53.42 7.72
CA HIS UA 82 -65.58 53.10 8.67
C HIS UA 82 -65.16 52.03 9.69
N CYS UA 83 -65.61 52.13 10.94
CA CYS UA 83 -65.41 51.07 11.94
C CYS UA 83 -66.40 49.91 11.74
N THR UA 84 -67.66 50.17 11.39
CA THR UA 84 -68.56 49.14 10.86
C THR UA 84 -69.37 49.64 9.67
N ILE UA 85 -69.51 48.81 8.65
CA ILE UA 85 -70.26 49.13 7.44
C ILE UA 85 -71.58 48.40 7.52
N LYS UA 86 -72.71 49.10 7.36
CA LYS UA 86 -74.02 48.43 7.31
C LYS UA 86 -74.24 47.79 5.94
N THR UA 87 -74.63 46.52 5.89
CA THR UA 87 -74.81 45.73 4.66
C THR UA 87 -76.11 44.90 4.73
N PRO UA 88 -76.60 44.31 3.63
CA PRO UA 88 -77.81 43.48 3.65
C PRO UA 88 -77.77 42.34 4.66
N LYS UA 89 -76.59 41.74 4.92
CA LYS UA 89 -76.37 40.71 5.94
C LYS UA 89 -76.02 41.27 7.33
N GLY UA 90 -76.28 42.55 7.58
CA GLY UA 90 -75.98 43.23 8.85
C GLY UA 90 -74.65 43.99 8.85
N TYR UA 91 -74.14 44.30 10.04
CA TYR UA 91 -72.92 45.07 10.23
C TYR UA 91 -71.67 44.26 9.89
N LEU UA 92 -70.76 44.83 9.10
CA LEU UA 92 -69.47 44.27 8.77
C LEU UA 92 -68.35 45.03 9.49
N PRO UA 93 -67.49 44.38 10.29
CA PRO UA 93 -66.31 44.99 10.89
C PRO UA 93 -65.37 45.60 9.85
N GLY UA 94 -65.06 46.89 9.97
CA GLY UA 94 -64.22 47.61 9.02
C GLY UA 94 -62.72 47.35 9.19
N LEU UA 95 -62.26 46.97 10.39
CA LEU UA 95 -60.86 46.69 10.70
C LEU UA 95 -60.68 45.27 11.23
N PRO UA 96 -60.62 44.25 10.36
CA PRO UA 96 -60.25 42.91 10.78
C PRO UA 96 -58.89 42.87 11.48
N ARG UA 97 -58.68 41.87 12.34
CA ARG UA 97 -57.43 41.74 13.12
C ARG UA 97 -56.16 41.71 12.25
N TRP UA 98 -56.20 41.12 11.06
CA TRP UA 98 -55.05 41.11 10.14
C TRP UA 98 -54.72 42.49 9.57
N VAL UA 99 -55.62 43.47 9.58
CA VAL UA 99 -55.27 44.88 9.36
C VAL UA 99 -54.67 45.47 10.62
N LEU UA 100 -55.36 45.29 11.74
CA LEU UA 100 -55.09 45.99 12.98
C LEU UA 100 -53.71 45.65 13.57
N GLU UA 101 -53.29 44.40 13.48
CA GLU UA 101 -51.94 43.98 13.90
C GLU UA 101 -50.81 44.54 13.05
N LYS UA 102 -51.09 45.02 11.82
CA LYS UA 102 -50.10 45.70 10.98
C LYS UA 102 -50.06 47.20 11.27
N LEU UA 103 -51.21 47.87 11.31
CA LEU UA 103 -51.26 49.31 11.59
C LEU UA 103 -50.82 49.64 13.02
N ARG UA 104 -51.23 48.84 14.01
CA ARG UA 104 -50.99 49.08 15.45
C ARG UA 104 -51.35 50.51 15.88
N PRO UA 105 -52.59 50.96 15.68
CA PRO UA 105 -52.99 52.34 15.94
C PRO UA 105 -52.67 52.83 17.35
N SER UA 106 -52.28 54.09 17.48
CA SER UA 106 -52.18 54.74 18.80
C SER UA 106 -53.54 55.23 19.30
N VAL UA 107 -54.42 55.70 18.41
CA VAL UA 107 -55.75 56.19 18.76
C VAL UA 107 -56.78 55.78 17.72
N ILE UA 108 -57.95 55.35 18.17
CA ILE UA 108 -59.16 55.27 17.35
C ILE UA 108 -60.06 56.43 17.78
N LEU UA 109 -60.48 57.25 16.83
CA LEU UA 109 -61.38 58.36 17.09
C LEU UA 109 -62.74 58.05 16.48
N LEU UA 110 -63.79 58.18 17.28
CA LEU UA 110 -65.17 57.90 16.91
C LEU UA 110 -66.01 59.18 16.97
N VAL UA 111 -66.62 59.57 15.85
CA VAL UA 111 -67.41 60.81 15.75
C VAL UA 111 -68.89 60.49 15.95
N GLU UA 112 -69.58 61.27 16.77
CA GLU UA 112 -71.00 61.06 17.12
C GLU UA 112 -71.81 62.36 17.05
N ALA UA 113 -73.11 62.22 16.79
CA ALA UA 113 -74.13 63.27 16.88
C ALA UA 113 -75.47 62.63 17.26
N ASP UA 114 -76.47 63.40 17.68
CA ASP UA 114 -77.74 62.79 18.08
C ASP UA 114 -78.45 62.10 16.90
N PRO UA 115 -79.03 60.90 17.07
CA PRO UA 115 -79.78 60.23 16.01
C PRO UA 115 -80.83 61.11 15.31
N LYS UA 116 -81.47 62.05 16.03
CA LYS UA 116 -82.42 63.00 15.46
C LYS UA 116 -81.75 64.02 14.54
N GLU UA 117 -80.57 64.51 14.90
CA GLU UA 117 -79.77 65.38 14.03
C GLU UA 117 -79.36 64.63 12.76
N ILE UA 118 -78.84 63.42 12.91
CA ILE UA 118 -78.38 62.60 11.79
C ILE UA 118 -79.55 62.26 10.87
N TYR UA 119 -80.71 61.88 11.43
CA TYR UA 119 -81.92 61.64 10.66
C TYR UA 119 -82.34 62.89 9.88
N GLY UA 120 -82.29 64.07 10.50
CA GLY UA 120 -82.52 65.34 9.83
C GLY UA 120 -81.56 65.57 8.66
N ARG UA 121 -80.25 65.39 8.85
CA ARG UA 121 -79.26 65.54 7.78
C ARG UA 121 -79.50 64.58 6.62
N ARG UA 122 -79.80 63.31 6.94
CA ARG UA 122 -80.10 62.27 5.96
C ARG UA 122 -81.41 62.54 5.20
N LEU UA 123 -82.43 63.04 5.87
CA LEU UA 123 -83.70 63.40 5.25
C LEU UA 123 -83.56 64.60 4.30
N LYS UA 124 -82.67 65.55 4.63
CA LYS UA 124 -82.32 66.71 3.80
C LYS UA 124 -81.35 66.40 2.65
N ASP UA 125 -80.68 65.25 2.67
CA ASP UA 125 -79.86 64.78 1.56
C ASP UA 125 -80.73 64.29 0.38
N ASP UA 133 -82.84 54.84 7.52
CA ASP UA 133 -82.90 54.17 8.82
C ASP UA 133 -83.76 54.98 9.79
N SER UA 134 -84.48 54.33 10.70
CA SER UA 134 -85.11 55.02 11.84
C SER UA 134 -84.06 55.56 12.82
N GLU UA 135 -84.46 56.49 13.68
CA GLU UA 135 -83.60 56.95 14.78
C GLU UA 135 -83.19 55.79 15.70
N GLU UA 136 -84.03 54.76 15.83
CA GLU UA 136 -83.69 53.54 16.58
C GLU UA 136 -82.57 52.75 15.90
N GLU UA 137 -82.64 52.55 14.59
CA GLU UA 137 -81.60 51.87 13.84
C GLU UA 137 -80.31 52.69 13.76
N ILE UA 138 -80.41 54.01 13.76
CA ILE UA 138 -79.24 54.89 13.88
C ILE UA 138 -78.60 54.73 15.26
N ALA UA 139 -79.38 54.82 16.34
CA ALA UA 139 -78.86 54.64 17.69
C ALA UA 139 -78.23 53.25 17.89
N GLU UA 140 -78.82 52.21 17.31
CA GLU UA 140 -78.22 50.88 17.27
C GLU UA 140 -76.87 50.89 16.56
N HIS UA 141 -76.76 51.46 15.35
CA HIS UA 141 -75.48 51.48 14.64
C HIS UA 141 -74.40 52.21 15.42
N GLN UA 142 -74.73 53.32 16.09
CA GLN UA 142 -73.78 53.98 16.99
C GLN UA 142 -73.34 53.06 18.14
N MET UA 143 -74.28 52.38 18.82
CA MET UA 143 -73.93 51.46 19.89
C MET UA 143 -73.03 50.32 19.37
N MET UA 144 -73.33 49.77 18.20
CA MET UA 144 -72.48 48.75 17.61
C MET UA 144 -71.08 49.29 17.27
N ASN UA 145 -70.97 50.56 16.85
CA ASN UA 145 -69.66 51.16 16.65
C ASN UA 145 -68.87 51.27 17.96
N ARG UA 146 -69.49 51.69 19.08
CA ARG UA 146 -68.77 51.75 20.36
C ARG UA 146 -68.21 50.39 20.76
N ALA UA 147 -69.02 49.34 20.63
CA ALA UA 147 -68.57 48.00 20.90
C ALA UA 147 -67.41 47.60 19.98
N ALA UA 148 -67.50 47.88 18.69
CA ALA UA 148 -66.44 47.57 17.74
C ALA UA 148 -65.14 48.32 18.06
N ALA UA 149 -65.22 49.60 18.41
CA ALA UA 149 -64.06 50.40 18.74
C ALA UA 149 -63.32 49.84 19.96
N MET UA 150 -64.05 49.55 21.03
CA MET UA 150 -63.42 49.03 22.25
C MET UA 150 -62.90 47.60 22.07
N ALA UA 151 -63.53 46.79 21.22
CA ALA UA 151 -62.96 45.52 20.81
C ALA UA 151 -61.61 45.71 20.11
N TYR UA 152 -61.50 46.63 19.14
CA TYR UA 152 -60.22 46.95 18.50
C TYR UA 152 -59.19 47.46 19.50
N ALA UA 153 -59.61 48.27 20.48
CA ALA UA 153 -58.72 48.76 21.51
C ALA UA 153 -58.06 47.59 22.26
N SER UA 154 -58.86 46.64 22.73
CA SER UA 154 -58.35 45.48 23.48
C SER UA 154 -57.38 44.61 22.70
N LEU UA 155 -57.50 44.56 21.37
CA LEU UA 155 -56.62 43.80 20.48
C LEU UA 155 -55.27 44.47 20.21
N SER UA 156 -55.14 45.77 20.49
CA SER UA 156 -54.06 46.60 19.95
C SER UA 156 -53.39 47.55 20.95
N GLY UA 157 -54.01 47.81 22.10
CA GLY UA 157 -53.57 48.88 23.01
C GLY UA 157 -53.89 50.29 22.49
N ALA UA 158 -54.68 50.45 21.43
CA ALA UA 158 -55.09 51.75 20.95
C ALA UA 158 -55.98 52.48 21.97
N THR UA 159 -55.76 53.76 22.18
CA THR UA 159 -56.68 54.60 22.96
C THR UA 159 -57.97 54.80 22.18
N VAL UA 160 -59.11 55.08 22.82
CA VAL UA 160 -60.37 55.38 22.13
C VAL UA 160 -60.94 56.71 22.57
N LYS UA 161 -61.20 57.62 21.63
CA LYS UA 161 -61.74 58.97 21.88
C LYS UA 161 -63.09 59.13 21.19
N ILE UA 162 -64.08 59.66 21.89
CA ILE UA 162 -65.38 60.03 21.30
C ILE UA 162 -65.48 61.55 21.14
N VAL UA 163 -65.95 62.01 19.98
CA VAL UA 163 -66.13 63.43 19.65
C VAL UA 163 -67.57 63.74 19.25
N PHE UA 164 -68.25 64.63 19.97
CA PHE UA 164 -69.57 65.11 19.57
C PHE UA 164 -69.50 66.17 18.49
N ASN UA 165 -70.43 66.12 17.53
CA ASN UA 165 -70.51 67.02 16.37
C ASN UA 165 -71.94 67.47 16.09
N HIS UA 166 -72.57 68.10 17.07
CA HIS UA 166 -73.90 68.70 16.91
C HIS UA 166 -73.94 69.76 15.80
N ASP UA 167 -75.09 69.94 15.13
CA ASP UA 167 -75.20 70.63 13.84
C ASP UA 167 -74.47 71.98 13.74
N ASN UA 168 -74.78 72.91 14.65
CA ASN UA 168 -74.18 74.25 14.65
C ASN UA 168 -72.78 74.29 15.27
N ARG UA 169 -72.42 73.27 16.06
CA ARG UA 169 -71.37 73.34 17.09
C ARG UA 169 -70.03 72.75 16.60
N LEU UA 170 -69.71 72.94 15.33
CA LEU UA 170 -68.50 72.38 14.71
C LEU UA 170 -67.21 72.75 15.49
N ASP UA 171 -67.14 73.95 16.06
CA ASP UA 171 -65.98 74.35 16.88
C ASP UA 171 -65.79 73.48 18.12
N ASP UA 172 -66.86 72.97 18.74
CA ASP UA 172 -66.74 72.00 19.84
C ASP UA 172 -66.14 70.69 19.36
N ALA UA 173 -66.55 70.19 18.19
CA ALA UA 173 -65.98 68.99 17.61
C ALA UA 173 -64.49 69.17 17.31
N VAL UA 174 -64.10 70.29 16.69
CA VAL UA 174 -62.70 70.58 16.34
C VAL UA 174 -61.85 70.79 17.59
N ARG UA 175 -62.39 71.45 18.62
CA ARG UA 175 -61.72 71.64 19.92
C ARG UA 175 -61.50 70.32 20.65
N ASP UA 176 -62.40 69.35 20.55
CA ASP UA 176 -62.18 68.00 21.06
C ASP UA 176 -61.22 67.18 20.20
N ALA UA 177 -61.22 67.36 18.88
CA ALA UA 177 -60.39 66.57 17.98
C ALA UA 177 -58.91 66.99 18.00
N ALA UA 178 -58.61 68.29 17.97
CA ALA UA 178 -57.24 68.78 17.86
C ALA UA 178 -56.26 68.26 18.96
N PRO UA 179 -56.65 68.13 20.24
CA PRO UA 179 -55.81 67.51 21.28
C PRO UA 179 -55.29 66.09 21.00
N VAL UA 180 -55.89 65.36 20.06
CA VAL UA 180 -55.47 64.00 19.71
C VAL UA 180 -54.23 64.00 18.81
N LEU UA 181 -54.08 65.03 17.98
CA LEU UA 181 -53.15 65.11 16.84
C LEU UA 181 -51.69 65.42 17.25
N ILE VA 4 31.89 37.91 61.85
CA ILE VA 4 32.08 39.21 62.55
C ILE VA 4 32.84 40.15 61.64
N VAL VA 5 32.58 41.46 61.68
CA VAL VA 5 33.42 42.48 61.04
C VAL VA 5 33.89 43.49 62.06
N VAL VA 6 35.19 43.75 62.16
CA VAL VA 6 35.76 44.73 63.09
C VAL VA 6 36.24 45.95 62.33
N THR VA 7 35.88 47.15 62.81
CA THR VA 7 36.09 48.41 62.07
C THR VA 7 36.52 49.55 62.99
N GLY VA 8 37.20 50.55 62.44
CA GLY VA 8 37.67 51.70 63.20
C GLY VA 8 38.42 52.73 62.34
N ILE VA 9 38.47 53.96 62.83
CA ILE VA 9 39.23 55.07 62.22
C ILE VA 9 40.74 54.86 62.41
N PRO VA 10 41.60 55.12 61.40
CA PRO VA 10 43.04 55.08 61.56
C PRO VA 10 43.54 55.92 62.74
N GLY VA 11 44.26 55.29 63.66
CA GLY VA 11 44.71 55.87 64.94
C GLY VA 11 43.94 55.40 66.18
N VAL VA 12 42.77 54.76 66.03
CA VAL VA 12 41.96 54.30 67.18
C VAL VA 12 42.53 53.07 67.91
N GLY VA 13 43.52 52.38 67.33
CA GLY VA 13 44.14 51.21 67.95
C GLY VA 13 43.40 49.89 67.71
N LYS VA 14 42.65 49.81 66.61
CA LYS VA 14 41.84 48.65 66.20
C LYS VA 14 42.57 47.32 66.36
N THR VA 15 43.80 47.24 65.84
CA THR VA 15 44.56 45.97 65.79
C THR VA 15 44.88 45.45 67.19
N THR VA 16 45.22 46.32 68.14
CA THR VA 16 45.53 45.93 69.51
C THR VA 16 44.32 45.28 70.20
N VAL VA 17 43.15 45.90 70.17
CA VAL VA 17 41.95 45.36 70.81
C VAL VA 17 41.52 44.06 70.15
N MET VA 18 41.58 43.98 68.82
CA MET VA 18 41.30 42.75 68.09
C MET VA 18 42.26 41.62 68.50
N GLN VA 19 43.57 41.85 68.50
CA GLN VA 19 44.57 40.85 68.85
C GLN VA 19 44.36 40.31 70.27
N LYS VA 20 44.10 41.21 71.22
CA LYS VA 20 43.84 40.84 72.62
C LYS VA 20 42.54 40.05 72.80
N ALA VA 21 41.44 40.51 72.20
CA ALA VA 21 40.17 39.80 72.32
C ALA VA 21 40.17 38.44 71.59
N ALA VA 22 40.84 38.35 70.44
CA ALA VA 22 40.95 37.12 69.66
C ALA VA 22 41.82 36.04 70.32
N GLU VA 23 42.54 36.34 71.40
CA GLU VA 23 43.41 35.38 72.10
C GLU VA 23 42.63 34.14 72.57
N GLY VA 24 43.12 32.94 72.24
CA GLY VA 24 42.46 31.67 72.54
C GLY VA 24 41.21 31.36 71.71
N SER VA 25 40.80 32.23 70.78
CA SER VA 25 39.68 31.94 69.88
C SER VA 25 40.06 30.95 68.78
N PRO VA 26 39.19 30.02 68.39
CA PRO VA 26 39.37 29.19 67.19
C PRO VA 26 39.12 29.94 65.89
N LEU VA 27 38.66 31.20 65.91
CA LEU VA 27 38.27 31.92 64.70
C LEU VA 27 39.47 32.32 63.81
N PRO VA 28 39.41 32.14 62.48
CA PRO VA 28 40.38 32.73 61.57
C PRO VA 28 40.35 34.25 61.58
N ARG VA 29 41.47 34.87 61.26
CA ARG VA 29 41.68 36.32 61.24
C ARG VA 29 42.02 36.78 59.83
N VAL VA 30 41.26 37.71 59.27
CA VAL VA 30 41.30 37.95 57.83
C VAL VA 30 41.24 39.45 57.51
N PRO VA 31 42.26 40.05 56.88
CA PRO VA 31 42.15 41.38 56.30
C PRO VA 31 41.49 41.30 54.93
N LEU VA 32 40.40 42.04 54.71
CA LEU VA 32 39.61 41.92 53.46
C LEU VA 32 40.38 42.39 52.22
N GLU VA 33 41.17 43.45 52.34
CA GLU VA 33 41.97 43.97 51.23
C GLU VA 33 43.03 42.94 50.82
N GLY VA 34 43.61 42.26 51.80
CA GLY VA 34 44.54 41.15 51.59
C GLY VA 34 43.89 40.01 50.80
N VAL VA 35 42.67 39.60 51.18
CA VAL VA 35 41.95 38.56 50.41
C VAL VA 35 41.64 39.02 49.00
N MET VA 36 41.21 40.27 48.81
CA MET VA 36 40.96 40.80 47.47
C MET VA 36 42.23 40.73 46.61
N TYR VA 37 43.37 41.16 47.14
CA TYR VA 37 44.65 41.04 46.45
C TYR VA 37 44.98 39.59 46.11
N GLY VA 38 44.84 38.67 47.07
CA GLY VA 38 45.05 37.25 46.85
C GLY VA 38 44.15 36.68 45.74
N VAL VA 39 42.86 37.01 45.75
CA VAL VA 39 41.91 36.58 44.72
C VAL VA 39 42.29 37.14 43.36
N ALA VA 40 42.56 38.44 43.25
CA ALA VA 40 42.95 39.07 42.00
C ALA VA 40 44.27 38.51 41.45
N LYS VA 41 45.25 38.29 42.33
CA LYS VA 41 46.58 37.74 42.01
C LYS VA 41 46.47 36.31 41.49
N ARG VA 42 45.66 35.46 42.12
CA ARG VA 42 45.43 34.07 41.69
C ARG VA 42 44.53 33.94 40.46
N MET VA 43 43.70 34.95 40.20
CA MET VA 43 43.02 35.14 38.90
C MET VA 43 43.94 35.76 37.83
N GLY VA 44 45.18 36.14 38.17
CA GLY VA 44 46.15 36.70 37.24
C GLY VA 44 45.93 38.18 36.85
N LEU VA 45 45.01 38.87 37.52
CA LEU VA 45 44.63 40.25 37.22
C LEU VA 45 45.70 41.27 37.63
N VAL VA 46 46.53 40.91 38.62
CA VAL VA 46 47.58 41.73 39.23
C VAL VA 46 48.74 40.84 39.66
N LYS VA 47 49.88 41.44 39.98
CA LYS VA 47 51.00 40.81 40.70
C LYS VA 47 51.39 41.59 41.96
N ASP VA 48 51.15 42.90 42.01
CA ASP VA 48 51.60 43.77 43.12
C ASP VA 48 50.44 44.48 43.83
N ILE VA 49 50.57 44.71 45.15
CA ILE VA 49 49.47 45.18 46.01
C ILE VA 49 48.90 46.55 45.58
N ASP VA 50 49.73 47.44 45.02
CA ASP VA 50 49.30 48.73 44.50
C ASP VA 50 48.42 48.64 43.25
N GLU VA 51 48.55 47.59 42.44
CA GLU VA 51 47.78 47.43 41.20
C GLU VA 51 46.28 47.28 41.47
N MET VA 52 45.88 46.90 42.69
CA MET VA 52 44.48 46.84 43.11
C MET VA 52 43.75 48.18 42.95
N ARG VA 53 44.44 49.30 43.11
CA ARG VA 53 43.89 50.65 42.90
C ARG VA 53 43.81 51.04 41.41
N ARG VA 54 44.55 50.34 40.55
CA ARG VA 54 44.61 50.56 39.09
C ARG VA 54 43.54 49.76 38.34
N LEU VA 55 42.96 48.71 38.95
CA LEU VA 55 41.91 47.90 38.34
C LEU VA 55 40.69 48.72 37.92
N SER VA 56 40.04 48.29 36.83
CA SER VA 56 38.75 48.84 36.40
C SER VA 56 37.70 48.67 37.49
N PRO VA 57 36.93 49.71 37.87
CA PRO VA 57 35.96 49.62 38.95
C PRO VA 57 34.98 48.44 38.87
N ASP VA 58 34.47 48.10 37.69
CA ASP VA 58 33.53 46.97 37.54
C ASP VA 58 34.21 45.59 37.59
N VAL VA 59 35.52 45.50 37.32
CA VAL VA 59 36.31 44.33 37.68
C VAL VA 59 36.47 44.27 39.20
N GLN VA 60 36.75 45.40 39.83
CA GLN VA 60 36.94 45.48 41.27
C GLN VA 60 35.68 45.09 42.06
N LYS VA 61 34.47 45.40 41.54
CA LYS VA 61 33.20 44.87 42.10
C LYS VA 61 33.17 43.34 42.11
N GLU VA 62 33.57 42.71 41.02
CA GLU VA 62 33.59 41.24 40.95
C GLU VA 62 34.69 40.62 41.81
N VAL VA 63 35.86 41.26 41.94
CA VAL VA 63 36.89 40.87 42.90
C VAL VA 63 36.35 40.93 44.33
N GLN VA 64 35.67 42.02 44.72
CA GLN VA 64 35.01 42.13 46.01
C GLN VA 64 33.97 41.01 46.19
N LYS VA 65 33.14 40.77 45.19
CA LYS VA 65 32.12 39.72 45.22
C LYS VA 65 32.73 38.33 45.45
N LYS VA 66 33.74 37.95 44.67
CA LYS VA 66 34.43 36.65 44.82
C LYS VA 66 35.13 36.52 46.16
N ALA VA 67 35.83 37.56 46.62
CA ALA VA 67 36.47 37.55 47.93
C ALA VA 67 35.43 37.33 49.05
N ALA VA 68 34.30 38.02 48.99
CA ALA VA 68 33.24 37.84 49.96
C ALA VA 68 32.62 36.43 49.90
N GLU VA 69 32.36 35.88 48.72
CA GLU VA 69 31.85 34.51 48.58
C GLU VA 69 32.78 33.49 49.22
N ARG VA 70 34.10 33.64 49.03
CA ARG VA 70 35.09 32.72 49.58
C ARG VA 70 35.23 32.88 51.10
N ILE VA 71 35.17 34.09 51.63
CA ILE VA 71 35.14 34.30 53.08
C ILE VA 71 33.83 33.76 53.67
N ALA VA 72 32.72 33.80 52.96
CA ALA VA 72 31.49 33.16 53.42
C ALA VA 72 31.63 31.63 53.48
N ALA VA 73 32.29 31.01 52.49
CA ALA VA 73 32.53 29.57 52.50
C ALA VA 73 33.45 29.13 53.65
N LEU VA 74 34.46 29.93 54.01
CA LEU VA 74 35.32 29.70 55.18
C LEU VA 74 34.52 29.65 56.49
N GLY VA 75 33.38 30.33 56.55
CA GLY VA 75 32.49 30.35 57.71
C GLY VA 75 32.80 31.45 58.71
N ASP VA 76 32.63 31.16 59.99
CA ASP VA 76 32.74 32.15 61.07
C ASP VA 76 34.18 32.68 61.18
N VAL VA 77 34.36 33.99 61.21
CA VAL VA 77 35.65 34.67 60.99
C VAL VA 77 35.69 36.03 61.69
N ILE VA 78 36.85 36.50 62.13
CA ILE VA 78 37.06 37.90 62.53
C ILE VA 78 37.59 38.64 61.31
N LEU VA 79 36.70 39.14 60.47
CA LEU VA 79 37.06 39.94 59.31
C LEU VA 79 37.49 41.35 59.75
N ASP VA 80 38.49 41.91 59.09
CA ASP VA 80 39.01 43.24 59.37
C ASP VA 80 39.00 44.12 58.10
N THR VA 81 38.36 45.28 58.16
CA THR VA 81 38.37 46.33 57.13
C THR VA 81 37.86 47.67 57.69
N HIS VA 82 38.10 48.80 57.02
CA HIS VA 82 37.48 50.08 57.39
C HIS VA 82 36.00 50.14 56.98
N CYS VA 83 35.13 50.72 57.80
CA CYS VA 83 33.73 50.95 57.42
C CYS VA 83 33.58 52.15 56.48
N THR VA 84 34.34 53.23 56.67
CA THR VA 84 34.51 54.27 55.64
C THR VA 84 35.97 54.71 55.54
N ILE VA 85 36.45 54.87 54.32
CA ILE VA 85 37.83 55.26 54.02
C ILE VA 85 37.81 56.73 53.60
N LYS VA 86 38.59 57.59 54.22
CA LYS VA 86 38.68 59.00 53.83
C LYS VA 86 39.57 59.15 52.59
N THR VA 87 39.10 59.86 51.56
CA THR VA 87 39.78 60.04 50.27
C THR VA 87 39.69 61.50 49.82
N PRO VA 88 40.44 61.94 48.79
CA PRO VA 88 40.36 63.30 48.26
C PRO VA 88 38.94 63.74 47.88
N LYS VA 89 38.14 62.84 47.30
CA LYS VA 89 36.72 63.08 46.97
C LYS VA 89 35.75 62.82 48.14
N GLY VA 90 36.25 62.74 49.37
CA GLY VA 90 35.46 62.50 50.57
C GLY VA 90 35.44 61.03 51.02
N TYR VA 91 34.46 60.67 51.85
CA TYR VA 91 34.33 59.34 52.43
C TYR VA 91 33.87 58.30 51.41
N LEU VA 92 34.53 57.15 51.35
CA LEU VA 92 34.15 56.01 50.54
C LEU VA 92 33.60 54.87 51.43
N PRO VA 93 32.41 54.33 51.19
CA PRO VA 93 31.89 53.17 51.91
C PRO VA 93 32.78 51.94 51.75
N GLY VA 94 33.16 51.30 52.85
CA GLY VA 94 34.04 50.14 52.85
C GLY VA 94 33.36 48.81 52.51
N LEU VA 95 32.05 48.68 52.79
CA LEU VA 95 31.25 47.49 52.53
C LEU VA 95 30.07 47.79 51.61
N PRO VA 96 30.26 47.84 50.28
CA PRO VA 96 29.16 47.95 49.35
C PRO VA 96 28.17 46.79 49.48
N ARG VA 97 26.92 46.99 49.05
CA ARG VA 97 25.87 45.96 49.14
C ARG VA 97 26.24 44.62 48.50
N TRP VA 98 26.98 44.63 47.39
CA TRP VA 98 27.43 43.39 46.73
C TRP VA 98 28.48 42.62 47.54
N VAL VA 99 29.19 43.24 48.48
CA VAL VA 99 29.96 42.51 49.51
C VAL VA 99 29.03 42.01 50.59
N LEU VA 100 28.23 42.93 51.15
CA LEU VA 100 27.51 42.70 52.39
C LEU VA 100 26.47 41.58 52.28
N GLU VA 101 25.78 41.46 51.15
CA GLU VA 101 24.84 40.36 50.89
C GLU VA 101 25.50 38.98 50.77
N LYS VA 102 26.82 38.91 50.51
CA LYS VA 102 27.57 37.64 50.47
C LYS VA 102 28.10 37.27 51.85
N LEU VA 103 28.68 38.22 52.59
CA LEU VA 103 29.19 37.96 53.95
C LEU VA 103 28.08 37.71 54.97
N ARG VA 104 26.97 38.45 54.89
CA ARG VA 104 25.84 38.39 55.85
C ARG VA 104 26.30 38.45 57.32
N PRO VA 105 27.03 39.50 57.75
CA PRO VA 105 27.61 39.55 59.07
C PRO VA 105 26.60 39.35 60.20
N SER VA 106 27.00 38.65 61.25
CA SER VA 106 26.22 38.61 62.49
C SER VA 106 26.44 39.86 63.34
N VAL VA 107 27.65 40.42 63.35
CA VAL VA 107 27.98 41.63 64.12
C VAL VA 107 28.91 42.52 63.32
N ILE VA 108 28.64 43.81 63.35
CA ILE VA 108 29.59 44.86 63.01
C ILE VA 108 30.09 45.45 64.32
N LEU VA 109 31.39 45.49 64.54
CA LEU VA 109 31.99 46.09 65.72
C LEU VA 109 32.69 47.37 65.30
N LEU VA 110 32.38 48.47 65.99
CA LEU VA 110 32.93 49.79 65.72
C LEU VA 110 33.72 50.28 66.94
N VAL VA 111 35.03 50.47 66.77
CA VAL VA 111 35.94 50.92 67.84
C VAL VA 111 36.01 52.45 67.83
N GLU VA 112 35.99 53.08 69.02
CA GLU VA 112 36.03 54.54 69.17
C GLU VA 112 36.96 54.97 70.30
N ALA VA 113 37.46 56.20 70.21
CA ALA VA 113 38.23 56.89 71.26
C ALA VA 113 37.96 58.39 71.14
N ASP VA 114 38.30 59.19 72.14
CA ASP VA 114 38.02 60.64 72.07
C ASP VA 114 38.84 61.30 70.94
N PRO VA 115 38.26 62.22 70.14
CA PRO VA 115 39.00 62.95 69.12
C PRO VA 115 40.31 63.58 69.61
N LYS VA 116 40.36 64.06 70.86
CA LYS VA 116 41.58 64.62 71.46
C LYS VA 116 42.64 63.55 71.72
N GLU VA 117 42.25 62.34 72.13
CA GLU VA 117 43.17 61.20 72.25
C GLU VA 117 43.73 60.84 70.88
N ILE VA 118 42.85 60.68 69.88
CA ILE VA 118 43.25 60.30 68.53
C ILE VA 118 44.18 61.37 67.94
N TYR VA 119 43.86 62.64 68.11
CA TYR VA 119 44.72 63.74 67.67
C TYR VA 119 46.09 63.67 68.36
N GLY VA 120 46.13 63.39 69.66
CA GLY VA 120 47.37 63.14 70.40
C GLY VA 120 48.19 61.99 69.79
N ARG VA 121 47.57 60.84 69.53
CA ARG VA 121 48.25 59.69 68.91
C ARG VA 121 48.77 60.03 67.52
N ARG VA 122 47.95 60.69 66.69
CA ARG VA 122 48.32 61.12 65.34
C ARG VA 122 49.43 62.16 65.33
N LEU VA 123 49.49 63.04 66.32
CA LEU VA 123 50.57 64.01 66.48
C LEU VA 123 51.89 63.33 66.93
N LYS VA 124 51.79 62.29 67.76
CA LYS VA 124 52.93 61.48 68.22
C LYS VA 124 53.45 60.48 67.17
N ASP VA 125 52.64 60.14 66.18
CA ASP VA 125 53.06 59.33 65.02
C ASP VA 125 54.03 60.12 64.11
N ASP VA 133 44.21 65.87 60.40
CA ASP VA 133 42.81 66.28 60.56
C ASP VA 133 42.62 67.03 61.89
N SER VA 134 41.76 68.04 61.92
CA SER VA 134 41.32 68.63 63.19
C SER VA 134 40.51 67.64 64.02
N GLU VA 135 40.38 67.91 65.32
CA GLU VA 135 39.47 67.16 66.19
C GLU VA 135 38.02 67.22 65.68
N GLU VA 136 37.64 68.30 65.01
CA GLU VA 136 36.33 68.42 64.37
C GLU VA 136 36.19 67.44 63.20
N GLU VA 137 37.18 67.35 62.33
CA GLU VA 137 37.19 66.38 61.22
C GLU VA 137 37.28 64.93 61.72
N ILE VA 138 37.94 64.68 62.83
CA ILE VA 138 37.95 63.37 63.48
C ILE VA 138 36.55 63.04 64.01
N ALA VA 139 35.92 63.95 64.75
CA ALA VA 139 34.56 63.76 65.25
C ALA VA 139 33.55 63.58 64.10
N GLU VA 140 33.72 64.29 62.99
CA GLU VA 140 32.93 64.09 61.78
C GLU VA 140 33.12 62.68 61.23
N HIS VA 141 34.36 62.20 61.07
CA HIS VA 141 34.59 60.85 60.54
C HIS VA 141 33.98 59.78 61.44
N GLN VA 142 34.06 59.93 62.76
CA GLN VA 142 33.36 59.02 63.68
C GLN VA 142 31.84 59.06 63.48
N MET VA 143 31.22 60.23 63.40
CA MET VA 143 29.78 60.33 63.16
C MET VA 143 29.40 59.69 61.83
N MET VA 144 30.16 59.92 60.76
CA MET VA 144 29.90 59.27 59.48
C MET VA 144 30.05 57.75 59.58
N ASN VA 145 31.00 57.25 60.38
CA ASN VA 145 31.09 55.81 60.60
C ASN VA 145 29.86 55.25 61.30
N ARG VA 146 29.33 55.90 62.34
CA ARG VA 146 28.11 55.41 63.01
C ARG VA 146 26.94 55.30 62.05
N ALA VA 147 26.77 56.31 61.20
CA ALA VA 147 25.74 56.28 60.17
C ALA VA 147 25.96 55.12 59.20
N ALA VA 148 27.18 54.92 58.72
CA ALA VA 148 27.50 53.83 57.80
C ALA VA 148 27.26 52.46 58.43
N ALA VA 149 27.67 52.24 59.68
CA ALA VA 149 27.49 50.98 60.37
C ALA VA 149 26.00 50.63 60.48
N MET VA 150 25.17 51.59 60.91
CA MET VA 150 23.75 51.33 61.06
C MET VA 150 23.04 51.17 59.71
N ALA VA 151 23.50 51.85 58.66
CA ALA VA 151 23.02 51.56 57.32
C ALA VA 151 23.32 50.12 56.90
N TYR VA 152 24.55 49.63 57.10
CA TYR VA 152 24.89 48.23 56.85
C TYR VA 152 24.05 47.27 57.69
N ALA VA 153 23.79 47.61 58.95
CA ALA VA 153 22.94 46.81 59.82
C ALA VA 153 21.56 46.62 59.19
N SER VA 154 20.91 47.70 58.77
CA SER VA 154 19.57 47.66 58.18
C SER VA 154 19.51 46.84 56.88
N LEU VA 155 20.60 46.77 56.11
CA LEU VA 155 20.66 46.00 54.87
C LEU VA 155 20.80 44.49 55.09
N SER VA 156 21.21 44.06 56.29
CA SER VA 156 21.78 42.72 56.50
C SER VA 156 21.26 41.98 57.74
N GLY VA 157 20.65 42.68 58.70
CA GLY VA 157 20.30 42.11 60.00
C GLY VA 157 21.48 42.00 60.97
N ALA VA 158 22.66 42.51 60.63
CA ALA VA 158 23.81 42.49 61.54
C ALA VA 158 23.55 43.33 62.79
N THR VA 159 23.98 42.87 63.95
CA THR VA 159 23.99 43.68 65.18
C THR VA 159 25.10 44.73 65.10
N VAL VA 160 25.02 45.85 65.79
CA VAL VA 160 26.10 46.84 65.86
C VAL VA 160 26.57 47.06 67.29
N LYS VA 161 27.84 46.81 67.58
CA LYS VA 161 28.47 47.03 68.89
C LYS VA 161 29.43 48.20 68.82
N ILE VA 162 29.35 49.14 69.74
CA ILE VA 162 30.33 50.23 69.86
C ILE VA 162 31.23 49.99 71.07
N VAL VA 163 32.55 50.10 70.89
CA VAL VA 163 33.57 49.83 71.92
C VAL VA 163 34.49 51.03 72.13
N PHE VA 164 34.59 51.57 73.34
CA PHE VA 164 35.59 52.57 73.68
C PHE VA 164 37.00 51.98 73.89
N ASN VA 165 38.03 52.66 73.41
CA ASN VA 165 39.45 52.27 73.56
C ASN VA 165 40.31 53.48 73.98
N HIS VA 166 39.98 54.08 75.13
CA HIS VA 166 40.77 55.16 75.73
C HIS VA 166 42.22 54.73 76.03
N ASP VA 167 43.16 55.68 76.00
CA ASP VA 167 44.61 55.41 75.92
C ASP VA 167 45.14 54.38 76.92
N ASN VA 168 44.89 54.59 78.22
CA ASN VA 168 45.38 53.71 79.29
C ASN VA 168 44.53 52.43 79.47
N ARG VA 169 43.33 52.39 78.88
CA ARG VA 169 42.22 51.54 79.32
C ARG VA 169 41.93 50.40 78.34
N LEU VA 170 42.99 49.83 77.73
CA LEU VA 170 42.87 48.68 76.83
C LEU VA 170 42.09 47.51 77.45
N ASP VA 171 42.20 47.32 78.77
CA ASP VA 171 41.44 46.29 79.49
C ASP VA 171 39.91 46.48 79.36
N ASP VA 172 39.42 47.73 79.36
CA ASP VA 172 38.00 48.02 79.12
C ASP VA 172 37.59 47.67 77.70
N ALA VA 173 38.39 48.07 76.70
CA ALA VA 173 38.11 47.74 75.31
C ALA VA 173 38.05 46.23 75.09
N VAL VA 174 39.00 45.47 75.63
CA VAL VA 174 39.05 44.02 75.49
C VAL VA 174 37.92 43.33 76.27
N ARG VA 175 37.60 43.83 77.46
CA ARG VA 175 36.45 43.33 78.25
C ARG VA 175 35.12 43.57 77.54
N ASP VA 176 34.97 44.66 76.80
CA ASP VA 176 33.79 44.88 75.96
C ASP VA 176 33.80 44.04 74.67
N ALA VA 177 34.97 43.82 74.06
CA ALA VA 177 35.07 43.08 72.80
C ALA VA 177 34.88 41.56 72.96
N ALA VA 178 35.48 40.95 73.98
CA ALA VA 178 35.45 39.49 74.14
C ALA VA 178 34.03 38.86 74.22
N PRO VA 179 33.02 39.46 74.90
CA PRO VA 179 31.62 39.03 74.88
C PRO VA 179 30.96 38.90 73.51
N VAL VA 180 31.51 39.50 72.46
CA VAL VA 180 30.96 39.42 71.09
C VAL VA 180 31.27 38.07 70.44
N LEU VA 181 32.41 37.46 70.80
CA LEU VA 181 33.04 36.31 70.12
C LEU VA 181 32.39 34.96 70.44
N ILE WA 4 66.39 40.24 -15.60
CA ILE WA 4 67.10 41.22 -16.46
C ILE WA 4 67.33 40.58 -17.83
N VAL WA 5 67.26 41.34 -18.93
CA VAL WA 5 67.63 40.85 -20.27
C VAL WA 5 68.74 41.71 -20.84
N VAL WA 6 69.83 41.12 -21.32
CA VAL WA 6 70.95 41.84 -21.95
C VAL WA 6 70.99 41.57 -23.44
N THR WA 7 71.16 42.61 -24.26
CA THR WA 7 71.01 42.53 -25.72
C THR WA 7 72.00 43.41 -26.47
N GLY WA 8 72.28 43.09 -27.73
CA GLY WA 8 73.15 43.89 -28.59
C GLY WA 8 73.36 43.29 -29.98
N ILE WA 9 73.80 44.13 -30.92
CA ILE WA 9 74.15 43.74 -32.29
C ILE WA 9 75.45 42.90 -32.30
N PRO WA 10 75.57 41.82 -33.10
CA PRO WA 10 76.81 41.07 -33.24
C PRO WA 10 78.01 41.95 -33.60
N GLY WA 11 79.04 41.95 -32.76
CA GLY WA 11 80.22 42.81 -32.85
C GLY WA 11 80.30 43.91 -31.79
N VAL WA 12 79.20 44.22 -31.07
CA VAL WA 12 79.20 45.30 -30.06
C VAL WA 12 79.94 44.94 -28.77
N GLY WA 13 80.32 43.68 -28.57
CA GLY WA 13 81.08 43.23 -27.39
C GLY WA 13 80.21 42.88 -26.19
N LYS WA 14 78.96 42.44 -26.44
CA LYS WA 14 77.96 42.11 -25.43
C LYS WA 14 78.49 41.23 -24.30
N THR WA 15 79.13 40.12 -24.62
CA THR WA 15 79.58 39.13 -23.63
C THR WA 15 80.63 39.70 -22.69
N THR WA 16 81.56 40.51 -23.21
CA THR WA 16 82.61 41.13 -22.40
C THR WA 16 82.03 42.05 -21.33
N VAL WA 17 81.14 42.96 -21.72
CA VAL WA 17 80.49 43.89 -20.76
C VAL WA 17 79.64 43.12 -19.76
N MET WA 18 78.86 42.14 -20.20
CA MET WA 18 78.06 41.30 -19.31
C MET WA 18 78.94 40.62 -18.27
N GLN WA 19 79.98 39.89 -18.68
CA GLN WA 19 80.80 39.10 -17.76
C GLN WA 19 81.59 39.97 -16.78
N LYS WA 20 82.07 41.13 -17.22
CA LYS WA 20 82.75 42.09 -16.34
C LYS WA 20 81.79 42.71 -15.32
N ALA WA 21 80.59 43.12 -15.71
CA ALA WA 21 79.61 43.67 -14.76
C ALA WA 21 79.03 42.60 -13.82
N ALA WA 22 78.81 41.38 -14.31
CA ALA WA 22 78.31 40.26 -13.52
C ALA WA 22 79.35 39.68 -12.53
N GLU WA 23 80.60 40.15 -12.55
CA GLU WA 23 81.65 39.70 -11.64
C GLU WA 23 81.24 39.88 -10.16
N GLY WA 24 81.24 38.80 -9.38
CA GLY WA 24 80.79 38.80 -7.99
C GLY WA 24 79.27 38.82 -7.78
N SER WA 25 78.46 38.86 -8.83
CA SER WA 25 77.00 38.81 -8.71
C SER WA 25 76.51 37.41 -8.29
N PRO WA 26 75.51 37.28 -7.41
CA PRO WA 26 74.86 36.01 -7.11
C PRO WA 26 73.88 35.57 -8.22
N LEU WA 27 73.65 36.38 -9.26
CA LEU WA 27 72.70 36.06 -10.32
C LEU WA 27 73.20 34.92 -11.22
N PRO WA 28 72.37 33.92 -11.56
CA PRO WA 28 72.67 32.97 -12.62
C PRO WA 28 72.69 33.67 -13.98
N ARG WA 29 73.41 33.11 -14.95
CA ARG WA 29 73.40 33.60 -16.35
C ARG WA 29 72.85 32.55 -17.30
N VAL WA 30 72.02 32.96 -18.25
CA VAL WA 30 71.29 32.02 -19.09
C VAL WA 30 71.28 32.49 -20.55
N PRO WA 31 71.75 31.71 -21.52
CA PRO WA 31 71.46 31.93 -22.93
C PRO WA 31 70.08 31.35 -23.29
N LEU WA 32 69.19 32.14 -23.85
CA LEU WA 32 67.80 31.71 -24.10
C LEU WA 32 67.70 30.60 -25.15
N GLU WA 33 68.51 30.66 -26.20
CA GLU WA 33 68.54 29.63 -27.24
C GLU WA 33 69.00 28.29 -26.67
N GLY WA 34 69.97 28.34 -25.75
CA GLY WA 34 70.47 27.19 -25.01
C GLY WA 34 69.37 26.52 -24.19
N VAL WA 35 68.60 27.29 -23.42
CA VAL WA 35 67.46 26.73 -22.68
C VAL WA 35 66.41 26.15 -23.61
N MET WA 36 66.09 26.82 -24.72
CA MET WA 36 65.14 26.29 -25.68
C MET WA 36 65.60 24.95 -26.25
N TYR WA 37 66.88 24.83 -26.62
CA TYR WA 37 67.47 23.56 -27.04
C TYR WA 37 67.36 22.51 -25.93
N GLY WA 38 67.70 22.85 -24.69
CA GLY WA 38 67.58 21.95 -23.54
C GLY WA 38 66.14 21.47 -23.31
N VAL WA 39 65.17 22.38 -23.31
CA VAL WA 39 63.75 22.04 -23.14
C VAL WA 39 63.24 21.16 -24.28
N ALA WA 40 63.54 21.51 -25.52
CA ALA WA 40 63.16 20.68 -26.67
C ALA WA 40 63.81 19.29 -26.63
N LYS WA 41 65.10 19.22 -26.27
CA LYS WA 41 65.87 17.98 -26.13
C LYS WA 41 65.29 17.07 -25.04
N ARG WA 42 64.96 17.63 -23.87
CA ARG WA 42 64.36 16.88 -22.75
C ARG WA 42 62.89 16.54 -22.97
N MET WA 43 62.18 17.30 -23.80
CA MET WA 43 60.88 16.91 -24.37
C MET WA 43 60.99 15.89 -25.53
N GLY WA 44 62.20 15.53 -25.95
CA GLY WA 44 62.46 14.55 -27.01
C GLY WA 44 62.23 15.04 -28.44
N LEU WA 45 61.99 16.34 -28.64
CA LEU WA 45 61.68 16.94 -29.94
C LEU WA 45 62.90 17.01 -30.87
N VAL WA 46 64.11 17.05 -30.30
CA VAL WA 46 65.39 17.19 -30.99
C VAL WA 46 66.48 16.41 -30.27
N LYS WA 47 67.62 16.22 -30.92
CA LYS WA 47 68.87 15.77 -30.33
C LYS WA 47 70.02 16.74 -30.58
N ASP WA 48 70.03 17.45 -31.70
CA ASP WA 48 71.16 18.31 -32.10
C ASP WA 48 70.75 19.79 -32.27
N ILE WA 49 71.67 20.71 -31.97
CA ILE WA 49 71.37 22.16 -31.85
C ILE WA 49 70.79 22.75 -33.15
N ASP WA 50 71.25 22.30 -34.31
CA ASP WA 50 70.74 22.75 -35.61
C ASP WA 50 69.28 22.38 -35.87
N GLU WA 51 68.76 21.33 -35.23
CA GLU WA 51 67.36 20.91 -35.39
C GLU WA 51 66.37 21.94 -34.84
N MET WA 52 66.80 22.84 -33.96
CA MET WA 52 65.95 23.93 -33.46
C MET WA 52 65.44 24.85 -34.59
N ARG WA 53 66.19 24.98 -35.69
CA ARG WA 53 65.77 25.73 -36.88
C ARG WA 53 64.80 24.94 -37.77
N ARG WA 54 64.72 23.62 -37.58
CA ARG WA 54 63.88 22.69 -38.37
C ARG WA 54 62.50 22.46 -37.75
N LEU WA 55 62.31 22.81 -36.48
CA LEU WA 55 61.03 22.66 -35.78
C LEU WA 55 59.89 23.43 -36.47
N SER WA 56 58.68 22.88 -36.42
CA SER WA 56 57.47 23.56 -36.86
C SER WA 56 57.24 24.84 -36.03
N PRO WA 57 56.96 26.01 -36.64
CA PRO WA 57 56.83 27.27 -35.92
C PRO WA 57 55.88 27.23 -34.72
N ASP WA 58 54.73 26.55 -34.83
CA ASP WA 58 53.76 26.48 -33.73
C ASP WA 58 54.16 25.52 -32.60
N VAL WA 59 55.09 24.59 -32.86
CA VAL WA 59 55.82 23.88 -31.80
C VAL WA 59 56.87 24.80 -31.18
N GLN WA 60 57.60 25.55 -32.00
CA GLN WA 60 58.64 26.46 -31.54
C GLN WA 60 58.09 27.56 -30.62
N LYS WA 61 56.85 28.04 -30.86
CA LYS WA 61 56.12 28.91 -29.92
C LYS WA 61 55.96 28.27 -28.55
N GLU WA 62 55.55 27.00 -28.49
CA GLU WA 62 55.38 26.31 -27.20
C GLU WA 62 56.71 26.05 -26.51
N VAL WA 63 57.79 25.75 -27.25
CA VAL WA 63 59.15 25.68 -26.68
C VAL WA 63 59.56 27.02 -26.09
N GLN WA 64 59.35 28.14 -26.80
CA GLN WA 64 59.59 29.48 -26.26
C GLN WA 64 58.78 29.71 -24.98
N LYS WA 65 57.49 29.40 -24.98
CA LYS WA 65 56.61 29.54 -23.82
C LYS WA 65 57.10 28.73 -22.62
N LYS WA 66 57.40 27.45 -22.80
CA LYS WA 66 57.89 26.57 -21.72
C LYS WA 66 59.26 27.00 -21.20
N ALA WA 67 60.19 27.35 -22.08
CA ALA WA 67 61.49 27.87 -21.67
C ALA WA 67 61.33 29.15 -20.84
N ALA WA 68 60.46 30.06 -21.25
CA ALA WA 68 60.19 31.27 -20.48
C ALA WA 68 59.54 30.96 -19.13
N GLU WA 69 58.57 30.05 -19.04
CA GLU WA 69 57.98 29.64 -17.74
C GLU WA 69 59.06 29.13 -16.77
N ARG WA 70 59.98 28.31 -17.27
CA ARG WA 70 61.05 27.73 -16.45
C ARG WA 70 62.08 28.76 -16.02
N ILE WA 71 62.45 29.68 -16.91
CA ILE WA 71 63.35 30.79 -16.55
C ILE WA 71 62.65 31.77 -15.59
N ALA WA 72 61.34 31.95 -15.68
CA ALA WA 72 60.59 32.73 -14.69
C ALA WA 72 60.59 32.04 -13.32
N ALA WA 73 60.36 30.73 -13.27
CA ALA WA 73 60.39 29.97 -12.02
C ALA WA 73 61.76 29.99 -11.33
N LEU WA 74 62.85 30.04 -12.09
CA LEU WA 74 64.21 30.21 -11.54
C LEU WA 74 64.37 31.53 -10.78
N GLY WA 75 63.58 32.56 -11.11
CA GLY WA 75 63.65 33.87 -10.48
C GLY WA 75 64.64 34.83 -11.14
N ASP WA 76 65.19 35.74 -10.35
CA ASP WA 76 66.03 36.83 -10.85
C ASP WA 76 67.29 36.30 -11.54
N VAL WA 77 67.55 36.72 -12.78
CA VAL WA 77 68.51 36.10 -13.70
C VAL WA 77 69.09 37.11 -14.69
N ILE WA 78 70.32 36.93 -15.14
CA ILE WA 78 70.84 37.65 -16.30
C ILE WA 78 70.57 36.81 -17.54
N LEU WA 79 69.44 37.03 -18.20
CA LEU WA 79 69.11 36.38 -19.46
C LEU WA 79 69.85 37.05 -20.61
N ASP WA 80 70.25 36.27 -21.60
CA ASP WA 80 71.01 36.72 -22.75
C ASP WA 80 70.38 36.25 -24.07
N THR WA 81 70.09 37.18 -24.98
CA THR WA 81 69.62 36.92 -26.35
C THR WA 81 69.68 38.20 -27.20
N HIS WA 82 69.55 38.11 -28.53
CA HIS WA 82 69.39 39.30 -29.38
C HIS WA 82 67.95 39.86 -29.30
N CYS WA 83 67.79 41.18 -29.32
CA CYS WA 83 66.46 41.81 -29.41
C CYS WA 83 65.90 41.76 -30.83
N THR WA 84 66.73 41.93 -31.88
CA THR WA 84 66.34 41.58 -33.25
C THR WA 84 67.46 40.85 -33.98
N ILE WA 85 67.10 39.80 -34.71
CA ILE WA 85 68.03 38.94 -35.44
C ILE WA 85 67.90 39.28 -36.92
N LYS WA 86 69.00 39.61 -37.61
CA LYS WA 86 68.94 39.86 -39.06
C LYS WA 86 68.86 38.55 -39.83
N THR WA 87 67.97 38.46 -40.82
CA THR WA 87 67.72 37.26 -41.62
C THR WA 87 67.58 37.62 -43.11
N PRO WA 88 67.59 36.66 -44.05
CA PRO WA 88 67.33 36.95 -45.46
C PRO WA 88 66.02 37.70 -45.73
N LYS WA 89 64.96 37.42 -44.94
CA LYS WA 89 63.67 38.13 -45.00
C LYS WA 89 63.61 39.38 -44.12
N GLY WA 90 64.75 39.93 -43.70
CA GLY WA 90 64.83 41.12 -42.85
C GLY WA 90 64.95 40.83 -41.35
N TYR WA 91 64.66 41.81 -40.51
CA TYR WA 91 64.77 41.71 -39.05
C TYR WA 91 63.68 40.85 -38.44
N LEU WA 92 64.04 39.91 -37.58
CA LEU WA 92 63.12 39.09 -36.82
C LEU WA 92 63.13 39.52 -35.35
N PRO WA 93 61.97 39.81 -34.72
CA PRO WA 93 61.90 40.08 -33.29
C PRO WA 93 62.38 38.89 -32.46
N GLY WA 94 63.34 39.11 -31.57
CA GLY WA 94 63.91 38.07 -30.71
C GLY WA 94 63.00 37.65 -29.56
N LEU WA 95 62.11 38.54 -29.09
CA LEU WA 95 61.24 38.32 -27.93
C LEU WA 95 59.76 38.58 -28.26
N PRO WA 96 59.04 37.61 -28.81
CA PRO WA 96 57.59 37.73 -29.02
C PRO WA 96 56.82 37.99 -27.73
N ARG WA 97 55.60 38.53 -27.84
CA ARG WA 97 54.73 38.81 -26.69
C ARG WA 97 54.52 37.61 -25.76
N TRP WA 98 54.38 36.39 -26.28
CA TRP WA 98 54.21 35.19 -25.47
C TRP WA 98 55.44 34.83 -24.62
N VAL WA 99 56.63 35.36 -24.94
CA VAL WA 99 57.78 35.29 -24.03
C VAL WA 99 57.66 36.33 -22.91
N LEU WA 100 57.38 37.58 -23.25
CA LEU WA 100 57.30 38.69 -22.28
C LEU WA 100 56.23 38.45 -21.21
N GLU WA 101 55.05 37.94 -21.58
CA GLU WA 101 54.00 37.66 -20.60
C GLU WA 101 54.39 36.57 -19.58
N LYS WA 102 55.39 35.73 -19.89
CA LYS WA 102 55.96 34.74 -18.96
C LYS WA 102 57.14 35.28 -18.18
N LEU WA 103 58.16 35.85 -18.83
CA LEU WA 103 59.35 36.36 -18.13
C LEU WA 103 59.07 37.58 -17.26
N ARG WA 104 58.24 38.52 -17.75
CA ARG WA 104 57.95 39.81 -17.11
C ARG WA 104 59.21 40.57 -16.70
N PRO WA 105 60.14 40.87 -17.63
CA PRO WA 105 61.43 41.49 -17.30
C PRO WA 105 61.30 42.80 -16.54
N SER WA 106 62.19 43.05 -15.58
CA SER WA 106 62.28 44.36 -14.92
C SER WA 106 63.10 45.35 -15.73
N VAL WA 107 64.12 44.89 -16.46
CA VAL WA 107 65.00 45.73 -17.29
C VAL WA 107 65.34 45.03 -18.58
N ILE WA 108 65.34 45.78 -19.68
CA ILE WA 108 66.00 45.43 -20.93
C ILE WA 108 67.23 46.29 -21.04
N LEU WA 109 68.40 45.70 -21.24
CA LEU WA 109 69.65 46.42 -21.41
C LEU WA 109 70.11 46.29 -22.85
N LEU WA 110 70.44 47.41 -23.48
CA LEU WA 110 70.84 47.49 -24.87
C LEU WA 110 72.26 48.05 -24.96
N VAL WA 111 73.21 47.24 -25.43
CA VAL WA 111 74.60 47.66 -25.60
C VAL WA 111 74.78 48.30 -26.98
N GLU WA 112 75.50 49.42 -27.07
CA GLU WA 112 75.75 50.14 -28.31
C GLU WA 112 77.21 50.59 -28.43
N ALA WA 113 77.67 50.76 -29.66
CA ALA WA 113 78.97 51.33 -30.03
C ALA WA 113 78.85 52.06 -31.37
N ASP WA 114 79.82 52.88 -31.76
CA ASP WA 114 79.71 53.60 -33.03
C ASP WA 114 79.76 52.62 -34.23
N PRO WA 115 78.92 52.79 -35.27
CA PRO WA 115 78.96 51.96 -36.46
C PRO WA 115 80.36 51.80 -37.06
N LYS WA 116 81.20 52.83 -37.03
CA LYS WA 116 82.58 52.77 -37.54
C LYS WA 116 83.47 51.85 -36.68
N GLU WA 117 83.29 51.86 -35.36
CA GLU WA 117 83.95 50.90 -34.47
C GLU WA 117 83.51 49.48 -34.78
N ILE WA 118 82.21 49.24 -34.86
CA ILE WA 118 81.66 47.91 -35.12
C ILE WA 118 82.10 47.39 -36.48
N TYR WA 119 82.09 48.25 -37.50
CA TYR WA 119 82.61 47.91 -38.82
C TYR WA 119 84.08 47.54 -38.76
N GLY WA 120 84.90 48.29 -38.02
CA GLY WA 120 86.30 47.96 -37.77
C GLY WA 120 86.48 46.59 -37.09
N ARG WA 121 85.73 46.30 -36.03
CA ARG WA 121 85.77 44.99 -35.35
C ARG WA 121 85.36 43.85 -36.29
N ARG WA 122 84.30 44.04 -37.07
CA ARG WA 122 83.82 43.08 -38.06
C ARG WA 122 84.81 42.85 -39.20
N LEU WA 123 85.53 43.90 -39.61
CA LEU WA 123 86.58 43.80 -40.62
C LEU WA 123 87.83 43.07 -40.09
N LYS WA 124 88.15 43.23 -38.81
CA LYS WA 124 89.26 42.52 -38.12
C LYS WA 124 88.93 41.07 -37.78
N ASP WA 125 87.66 40.70 -37.71
CA ASP WA 125 87.22 39.31 -37.54
C ASP WA 125 87.49 38.47 -38.81
N ASP WA 133 78.02 44.18 -43.55
CA ASP WA 133 77.09 45.30 -43.65
C ASP WA 133 77.84 46.63 -43.81
N SER WA 134 77.25 47.61 -44.50
CA SER WA 134 77.73 48.99 -44.44
C SER WA 134 77.52 49.60 -43.05
N GLU WA 135 78.22 50.69 -42.75
CA GLU WA 135 77.96 51.48 -41.54
C GLU WA 135 76.53 52.00 -41.51
N GLU WA 136 75.92 52.27 -42.67
CA GLU WA 136 74.51 52.64 -42.77
C GLU WA 136 73.60 51.50 -42.30
N GLU WA 137 73.83 50.28 -42.76
CA GLU WA 137 73.06 49.11 -42.34
C GLU WA 137 73.28 48.75 -40.87
N ILE WA 138 74.47 49.04 -40.33
CA ILE WA 138 74.73 48.90 -38.89
C ILE WA 138 73.90 49.94 -38.11
N ALA WA 139 73.95 51.21 -38.52
CA ALA WA 139 73.15 52.26 -37.90
C ALA WA 139 71.65 52.00 -37.99
N GLU WA 140 71.18 51.43 -39.10
CA GLU WA 140 69.82 50.96 -39.25
C GLU WA 140 69.50 49.86 -38.23
N HIS WA 141 70.31 48.80 -38.13
CA HIS WA 141 70.03 47.71 -37.19
C HIS WA 141 69.98 48.21 -35.74
N GLN WA 142 70.87 49.13 -35.36
CA GLN WA 142 70.79 49.77 -34.04
C GLN WA 142 69.48 50.53 -33.84
N MET WA 143 69.07 51.36 -34.81
CA MET WA 143 67.79 52.06 -34.70
C MET WA 143 66.62 51.09 -34.60
N MET WA 144 66.61 50.00 -35.37
CA MET WA 144 65.57 48.99 -35.24
C MET WA 144 65.59 48.33 -33.86
N ASN WA 145 66.75 48.11 -33.26
CA ASN WA 145 66.80 47.59 -31.89
C ASN WA 145 66.20 48.56 -30.88
N ARG WA 146 66.44 49.87 -31.00
CA ARG WA 146 65.81 50.85 -30.09
C ARG WA 146 64.30 50.80 -30.18
N ALA WA 147 63.76 50.72 -31.39
CA ALA WA 147 62.33 50.58 -31.59
C ALA WA 147 61.81 49.28 -30.97
N ALA WA 148 62.50 48.16 -31.17
CA ALA WA 148 62.12 46.88 -30.59
C ALA WA 148 62.12 46.92 -29.07
N ALA WA 149 63.18 47.44 -28.46
CA ALA WA 149 63.30 47.50 -27.01
C ALA WA 149 62.16 48.31 -26.40
N MET WA 150 61.85 49.48 -26.95
CA MET WA 150 60.79 50.31 -26.39
C MET WA 150 59.39 49.71 -26.62
N ALA WA 151 59.17 49.00 -27.73
CA ALA WA 151 57.94 48.23 -27.89
C ALA WA 151 57.82 47.13 -26.82
N TYR WA 152 58.89 46.35 -26.58
CA TYR WA 152 58.94 45.37 -25.50
C TYR WA 152 58.66 45.99 -24.13
N ALA WA 153 59.24 47.15 -23.88
CA ALA WA 153 59.02 47.88 -22.63
C ALA WA 153 57.53 48.18 -22.42
N SER WA 154 56.87 48.78 -23.41
CA SER WA 154 55.46 49.14 -23.31
C SER WA 154 54.53 47.95 -23.08
N LEU WA 155 54.90 46.77 -23.58
CA LEU WA 155 54.15 45.52 -23.41
C LEU WA 155 54.31 44.91 -22.01
N SER WA 156 55.38 45.24 -21.29
CA SER WA 156 55.82 44.49 -20.11
C SER WA 156 56.00 45.32 -18.84
N GLY WA 157 56.13 46.64 -18.96
CA GLY WA 157 56.56 47.50 -17.86
C GLY WA 157 58.07 47.46 -17.58
N ALA WA 158 58.87 46.80 -18.41
CA ALA WA 158 60.32 46.78 -18.25
C ALA WA 158 60.94 48.17 -18.44
N THR WA 159 61.94 48.52 -17.65
CA THR WA 159 62.78 49.69 -17.91
C THR WA 159 63.70 49.43 -19.11
N VAL WA 160 64.15 50.44 -19.83
CA VAL WA 160 65.17 50.29 -20.89
C VAL WA 160 66.42 51.10 -20.58
N LYS WA 161 67.58 50.44 -20.51
CA LYS WA 161 68.89 51.07 -20.31
C LYS WA 161 69.73 50.94 -21.56
N ILE WA 162 70.37 52.02 -22.02
CA ILE WA 162 71.36 51.98 -23.11
C ILE WA 162 72.77 52.14 -22.53
N VAL WA 163 73.70 51.28 -22.95
CA VAL WA 163 75.11 51.28 -22.50
C VAL WA 163 76.05 51.46 -23.68
N PHE WA 164 76.86 52.52 -23.70
CA PHE WA 164 77.94 52.65 -24.68
C PHE WA 164 79.14 51.76 -24.35
N ASN WA 165 79.75 51.15 -25.36
CA ASN WA 165 80.91 50.25 -25.24
C ASN WA 165 81.96 50.54 -26.32
N HIS WA 166 82.47 51.77 -26.33
CA HIS WA 166 83.54 52.20 -27.23
C HIS WA 166 84.84 51.39 -27.03
N ASP WA 167 85.65 51.25 -28.08
CA ASP WA 167 86.76 50.28 -28.14
C ASP WA 167 87.71 50.30 -26.94
N ASN WA 168 88.25 51.47 -26.59
CA ASN WA 168 89.21 51.60 -25.48
C ASN WA 168 88.57 51.65 -24.09
N ARG WA 169 87.24 51.76 -24.00
CA ARG WA 169 86.52 52.35 -22.85
C ARG WA 169 85.62 51.33 -22.14
N LEU WA 170 86.04 50.07 -22.07
CA LEU WA 170 85.28 49.00 -21.43
C LEU WA 170 84.86 49.35 -19.98
N ASP WA 171 85.69 50.09 -19.25
CA ASP WA 171 85.34 50.55 -17.90
C ASP WA 171 84.09 51.45 -17.86
N ASP WA 172 83.86 52.28 -18.87
CA ASP WA 172 82.62 53.07 -18.98
C ASP WA 172 81.41 52.16 -19.16
N ALA WA 173 81.51 51.14 -20.02
CA ALA WA 173 80.43 50.18 -20.22
C ALA WA 173 80.11 49.43 -18.93
N VAL WA 174 81.13 48.95 -18.21
CA VAL WA 174 80.95 48.22 -16.95
C VAL WA 174 80.42 49.13 -15.85
N ARG WA 175 80.90 50.38 -15.77
CA ARG WA 175 80.41 51.38 -14.80
C ARG WA 175 78.96 51.76 -15.06
N ASP WA 176 78.51 51.82 -16.31
CA ASP WA 176 77.09 52.00 -16.63
C ASP WA 176 76.26 50.75 -16.34
N ALA WA 177 76.80 49.55 -16.58
CA ALA WA 177 76.05 48.30 -16.43
C ALA WA 177 75.84 47.89 -14.97
N ALA WA 178 76.87 47.96 -14.13
CA ALA WA 178 76.80 47.46 -12.75
C ALA WA 178 75.66 48.07 -11.88
N PRO WA 179 75.33 49.38 -11.98
CA PRO WA 179 74.15 49.99 -11.34
C PRO WA 179 72.79 49.32 -11.63
N VAL WA 180 72.67 48.54 -12.70
CA VAL WA 180 71.42 47.87 -13.07
C VAL WA 180 71.18 46.60 -12.24
N LEU WA 181 72.26 45.92 -11.83
CA LEU WA 181 72.26 44.57 -11.25
C LEU WA 181 71.80 44.52 -9.78
N ILE XA 4 1.52 53.09 58.81
CA ILE XA 4 2.34 53.90 59.75
C ILE XA 4 3.10 52.97 60.67
N VAL XA 5 4.34 53.32 61.05
CA VAL XA 5 5.07 52.63 62.13
C VAL XA 5 5.41 53.60 63.24
N VAL XA 6 5.09 53.30 64.49
CA VAL XA 6 5.45 54.12 65.65
C VAL XA 6 6.56 53.45 66.43
N THR XA 7 7.58 54.21 66.83
CA THR XA 7 8.82 53.69 67.41
C THR XA 7 9.36 54.58 68.53
N GLY XA 8 10.14 54.01 69.44
CA GLY XA 8 10.72 54.74 70.57
C GLY XA 8 11.56 53.88 71.50
N ILE XA 9 12.46 54.53 72.24
CA ILE XA 9 13.31 53.93 73.28
C ILE XA 9 12.50 53.61 74.55
N PRO XA 10 12.67 52.44 75.20
CA PRO XA 10 11.98 52.12 76.46
C PRO XA 10 12.16 53.20 77.52
N GLY XA 11 11.04 53.74 78.01
CA GLY XA 11 10.97 54.87 78.93
C GLY XA 11 10.50 56.19 78.30
N VAL XA 12 10.46 56.31 76.97
CA VAL XA 12 10.08 57.56 76.29
C VAL XA 12 8.57 57.86 76.32
N GLY XA 13 7.73 56.90 76.72
CA GLY XA 13 6.28 57.08 76.84
C GLY XA 13 5.50 56.80 75.55
N LYS XA 14 6.05 55.97 74.67
CA LYS XA 14 5.50 55.59 73.36
C LYS XA 14 4.00 55.27 73.40
N THR XA 15 3.60 54.36 74.28
CA THR XA 15 2.22 53.86 74.31
C THR XA 15 1.22 54.96 74.65
N THR XA 16 1.56 55.88 75.56
CA THR XA 16 0.69 56.99 75.94
C THR XA 16 0.41 57.90 74.75
N VAL XA 17 1.45 58.37 74.05
CA VAL XA 17 1.27 59.26 72.89
C VAL XA 17 0.48 58.58 71.77
N MET XA 18 0.79 57.31 71.49
CA MET XA 18 0.04 56.52 70.52
C MET XA 18 -1.45 56.39 70.92
N GLN XA 19 -1.75 55.99 72.16
CA GLN XA 19 -3.14 55.82 72.63
C GLN XA 19 -3.93 57.13 72.54
N LYS XA 20 -3.32 58.25 72.94
CA LYS XA 20 -3.95 59.57 72.90
C LYS XA 20 -4.14 60.07 71.46
N ALA XA 21 -3.15 59.95 70.59
CA ALA XA 21 -3.27 60.39 69.20
C ALA XA 21 -4.23 59.51 68.38
N ALA XA 22 -4.24 58.19 68.62
CA ALA XA 22 -5.13 57.25 67.96
C ALA XA 22 -6.60 57.36 68.40
N GLU XA 23 -6.93 58.22 69.38
CA GLU XA 23 -8.30 58.43 69.84
C GLU XA 23 -9.23 58.85 68.69
N GLY XA 24 -10.36 58.15 68.55
CA GLY XA 24 -11.33 58.37 67.47
C GLY XA 24 -10.87 57.95 66.06
N SER XA 25 -9.67 57.38 65.90
CA SER XA 25 -9.19 56.93 64.59
C SER XA 25 -9.88 55.63 64.14
N PRO XA 26 -10.21 55.46 62.85
CA PRO XA 26 -10.64 54.19 62.30
C PRO XA 26 -9.47 53.22 62.07
N LEU XA 27 -8.22 53.60 62.34
CA LEU XA 27 -7.07 52.72 62.08
C LEU XA 27 -6.96 51.58 63.12
N PRO XA 28 -6.73 50.32 62.69
CA PRO XA 28 -6.37 49.24 63.59
C PRO XA 28 -5.02 49.48 64.27
N ARG XA 29 -4.81 48.85 65.42
CA ARG XA 29 -3.61 48.96 66.26
C ARG XA 29 -2.94 47.61 66.40
N VAL XA 30 -1.65 47.50 66.11
CA VAL XA 30 -0.99 46.19 65.97
C VAL XA 30 0.41 46.21 66.58
N PRO XA 31 0.73 45.36 67.57
CA PRO XA 31 2.11 45.07 67.96
C PRO XA 31 2.71 44.01 67.03
N LEU XA 32 3.85 44.30 66.40
CA LEU XA 32 4.43 43.40 65.39
C LEU XA 32 4.89 42.06 65.99
N GLU XA 33 5.43 42.07 67.20
CA GLU XA 33 5.88 40.87 67.90
C GLU XA 33 4.70 39.93 68.18
N GLY XA 34 3.56 40.52 68.56
CA GLY XA 34 2.30 39.84 68.72
C GLY XA 34 1.85 39.14 67.44
N VAL XA 35 1.89 39.82 66.30
CA VAL XA 35 1.56 39.19 65.01
C VAL XA 35 2.51 38.05 64.69
N MET XA 36 3.81 38.23 64.92
CA MET XA 36 4.77 37.15 64.67
C MET XA 36 4.48 35.92 65.54
N TYR XA 37 4.17 36.13 66.82
CA TYR XA 37 3.76 35.02 67.70
C TYR XA 37 2.49 34.35 67.18
N GLY XA 38 1.47 35.13 66.82
CA GLY XA 38 0.22 34.60 66.26
C GLY XA 38 0.44 33.79 64.98
N VAL XA 39 1.24 34.31 64.05
CA VAL XA 39 1.58 33.60 62.81
C VAL XA 39 2.34 32.31 63.12
N ALA XA 40 3.37 32.37 63.95
CA ALA XA 40 4.15 31.18 64.30
C ALA XA 40 3.31 30.12 65.04
N LYS XA 41 2.45 30.55 65.97
CA LYS XA 41 1.53 29.71 66.75
C LYS XA 41 0.51 29.01 65.85
N ARG XA 42 -0.09 29.73 64.90
CA ARG XA 42 -1.07 29.17 63.96
C ARG XA 42 -0.44 28.34 62.85
N MET XA 43 0.82 28.58 62.52
CA MET XA 43 1.66 27.68 61.73
C MET XA 43 2.20 26.47 62.54
N GLY XA 44 1.94 26.40 63.85
CA GLY XA 44 2.33 25.29 64.73
C GLY XA 44 3.81 25.27 65.14
N LEU XA 45 4.57 26.33 64.85
CA LEU XA 45 6.01 26.42 65.11
C LEU XA 45 6.34 26.61 66.60
N VAL XA 46 5.41 27.16 67.37
CA VAL XA 46 5.51 27.50 68.79
C VAL XA 46 4.14 27.35 69.45
N LYS XA 47 4.13 27.35 70.79
CA LYS XA 47 2.92 27.50 71.62
C LYS XA 47 3.02 28.65 72.61
N ASP XA 48 4.20 29.01 73.10
CA ASP XA 48 4.39 30.03 74.14
C ASP XA 48 5.25 31.22 73.67
N ILE XA 49 4.97 32.43 74.17
CA ILE XA 49 5.55 33.69 73.68
C ILE XA 49 7.09 33.71 73.76
N ASP XA 50 7.67 33.10 74.80
CA ASP XA 50 9.13 33.02 74.96
C ASP XA 50 9.82 32.12 73.93
N GLU XA 51 9.09 31.19 73.30
CA GLU XA 51 9.67 30.31 72.28
C GLU XA 51 10.06 31.06 71.00
N MET XA 52 9.53 32.26 70.78
CA MET XA 52 9.90 33.10 69.64
C MET XA 52 11.39 33.44 69.61
N ARG XA 53 12.05 33.52 70.77
CA ARG XA 53 13.51 33.74 70.88
C ARG XA 53 14.32 32.46 70.63
N ARG XA 54 13.68 31.29 70.68
CA ARG XA 54 14.32 29.97 70.51
C ARG XA 54 14.31 29.49 69.06
N LEU XA 55 13.48 30.08 68.20
CA LEU XA 55 13.37 29.74 66.78
C LEU XA 55 14.70 29.89 66.02
N SER XA 56 14.89 29.04 65.01
CA SER XA 56 16.00 29.16 64.06
C SER XA 56 15.89 30.47 63.26
N PRO XA 57 16.96 31.27 63.14
CA PRO XA 57 16.93 32.56 62.45
C PRO XA 57 16.30 32.55 61.05
N ASP XA 58 16.59 31.55 60.21
CA ASP XA 58 16.01 31.50 58.86
C ASP XA 58 14.54 31.07 58.82
N VAL XA 59 14.03 30.43 59.87
CA VAL XA 59 12.59 30.31 60.10
C VAL XA 59 12.03 31.66 60.53
N GLN XA 60 12.71 32.35 61.45
CA GLN XA 60 12.28 33.65 61.95
C GLN XA 60 12.19 34.72 60.85
N LYS XA 61 13.08 34.71 59.85
CA LYS XA 61 12.95 35.55 58.64
C LYS XA 61 11.63 35.29 57.91
N GLU XA 62 11.25 34.04 57.71
CA GLU XA 62 9.99 33.73 57.05
C GLU XA 62 8.77 34.07 57.90
N VAL XA 63 8.84 33.93 59.23
CA VAL XA 63 7.81 34.44 60.12
C VAL XA 63 7.66 35.96 59.99
N GLN XA 64 8.76 36.72 59.99
CA GLN XA 64 8.73 38.16 59.74
C GLN XA 64 8.11 38.48 58.38
N LYS XA 65 8.50 37.75 57.33
CA LYS XA 65 7.96 37.93 55.97
C LYS XA 65 6.44 37.71 55.94
N LYS XA 66 5.95 36.60 56.50
CA LYS XA 66 4.52 36.28 56.53
C LYS XA 66 3.72 37.25 57.40
N ALA XA 67 4.24 37.62 58.57
CA ALA XA 67 3.62 38.64 59.39
C ALA XA 67 3.48 39.98 58.65
N ALA XA 68 4.52 40.40 57.93
CA ALA XA 68 4.44 41.61 57.13
C ALA XA 68 3.44 41.49 55.97
N GLU XA 69 3.43 40.38 55.22
CA GLU XA 69 2.43 40.16 54.16
C GLU XA 69 1.00 40.30 54.70
N ARG XA 70 0.74 39.72 55.87
CA ARG XA 70 -0.59 39.74 56.48
C ARG XA 70 -0.98 41.13 56.98
N ILE XA 71 -0.04 41.89 57.56
CA ILE XA 71 -0.30 43.28 57.94
C ILE XA 71 -0.46 44.17 56.69
N ALA XA 72 0.24 43.88 55.60
CA ALA XA 72 0.06 44.61 54.35
C ALA XA 72 -1.35 44.38 53.76
N ALA XA 73 -1.85 43.14 53.79
CA ALA XA 73 -3.20 42.83 53.32
C ALA XA 73 -4.29 43.53 54.15
N LEU XA 74 -4.11 43.64 55.47
CA LEU XA 74 -5.00 44.39 56.36
C LEU XA 74 -5.08 45.88 55.98
N GLY XA 75 -4.04 46.43 55.36
CA GLY XA 75 -4.00 47.81 54.89
C GLY XA 75 -3.53 48.82 55.93
N ASP XA 76 -4.05 50.04 55.86
CA ASP XA 76 -3.58 51.17 56.67
C ASP XA 76 -3.76 50.88 58.18
N VAL XA 77 -2.69 51.06 58.96
CA VAL XA 77 -2.58 50.54 60.34
C VAL XA 77 -1.62 51.39 61.17
N ILE XA 78 -1.82 51.48 62.49
CA ILE XA 78 -0.81 52.01 63.41
C ILE XA 78 -0.01 50.83 63.96
N LEU XA 79 1.00 50.40 63.22
CA LEU XA 79 1.90 49.33 63.64
C LEU XA 79 2.87 49.84 64.71
N ASP XA 80 3.15 49.01 65.71
CA ASP XA 80 4.02 49.33 66.84
C ASP XA 80 5.17 48.32 66.96
N THR XA 81 6.42 48.81 66.97
CA THR XA 81 7.62 48.03 67.31
C THR XA 81 8.83 48.94 67.59
N HIS XA 82 9.90 48.44 68.20
CA HIS XA 82 11.16 49.20 68.32
C HIS XA 82 11.90 49.29 66.99
N CYS XA 83 12.53 50.43 66.68
CA CYS XA 83 13.40 50.55 65.51
C CYS XA 83 14.79 49.94 65.74
N THR XA 84 15.36 50.06 66.95
CA THR XA 84 16.51 49.24 67.36
C THR XA 84 16.35 48.73 68.78
N ILE XA 85 16.72 47.48 69.01
CA ILE XA 85 16.62 46.82 70.31
C ILE XA 85 18.04 46.69 70.87
N LYS XA 86 18.30 47.17 72.09
CA LYS XA 86 19.61 47.01 72.72
C LYS XA 86 19.77 45.58 73.25
N THR XA 87 20.89 44.94 72.95
CA THR XA 87 21.18 43.53 73.29
C THR XA 87 22.61 43.38 73.82
N PRO XA 88 23.01 42.24 74.42
CA PRO XA 88 24.39 42.02 74.85
C PRO XA 88 25.43 42.25 73.75
N LYS XA 89 25.12 41.90 72.50
CA LYS XA 89 25.98 42.15 71.33
C LYS XA 89 25.78 43.52 70.68
N GLY XA 90 25.16 44.48 71.39
CA GLY XA 90 24.87 45.82 70.88
C GLY XA 90 23.48 45.97 70.27
N TYR XA 91 23.28 47.01 69.45
CA TYR XA 91 22.00 47.34 68.86
C TYR XA 91 21.60 46.39 67.74
N LEU XA 92 20.38 45.88 67.76
CA LEU XA 92 19.81 45.05 66.72
C LEU XA 92 18.77 45.85 65.94
N PRO XA 93 18.86 45.98 64.60
CA PRO XA 93 17.81 46.54 63.77
C PRO XA 93 16.47 45.84 63.96
N GLY XA 94 15.42 46.59 64.25
CA GLY XA 94 14.08 46.07 64.49
C GLY XA 94 13.29 45.77 63.22
N LEU XA 95 13.63 46.40 62.09
CA LEU XA 95 12.91 46.27 60.82
C LEU XA 95 13.89 45.97 59.67
N PRO XA 96 14.24 44.70 59.44
CA PRO XA 96 15.06 44.30 58.31
C PRO XA 96 14.45 44.68 56.96
N ARG XA 97 15.27 44.77 55.92
CA ARG XA 97 14.84 45.07 54.55
C ARG XA 97 13.70 44.16 54.06
N TRP XA 98 13.73 42.86 54.38
CA TRP XA 98 12.67 41.93 53.97
C TRP XA 98 11.32 42.19 54.65
N VAL XA 99 11.27 42.92 55.77
CA VAL XA 99 10.01 43.44 56.31
C VAL XA 99 9.55 44.67 55.53
N LEU XA 100 10.43 45.64 55.30
CA LEU XA 100 10.10 46.89 54.58
C LEU XA 100 9.57 46.63 53.17
N GLU XA 101 10.17 45.72 52.42
CA GLU XA 101 9.72 45.37 51.07
C GLU XA 101 8.28 44.81 51.03
N LYS XA 102 7.78 44.28 52.16
CA LYS XA 102 6.40 43.80 52.31
C LYS XA 102 5.47 44.86 52.87
N LEU XA 103 5.81 45.51 53.99
CA LEU XA 103 4.96 46.54 54.60
C LEU XA 103 4.83 47.80 53.75
N ARG XA 104 5.92 48.26 53.14
CA ARG XA 104 6.04 49.52 52.40
C ARG XA 104 5.46 50.71 53.17
N PRO XA 105 5.97 51.05 54.36
CA PRO XA 105 5.41 52.09 55.21
C PRO XA 105 5.33 53.44 54.52
N SER XA 106 4.26 54.20 54.76
CA SER XA 106 4.17 55.60 54.33
C SER XA 106 4.90 56.54 55.28
N VAL XA 107 4.92 56.24 56.59
CA VAL XA 107 5.58 57.06 57.61
C VAL XA 107 6.25 56.17 58.64
N ILE XA 108 7.43 56.55 59.09
CA ILE XA 108 8.04 56.10 60.33
C ILE XA 108 7.96 57.25 61.32
N LEU XA 109 7.37 57.03 62.49
CA LEU XA 109 7.28 58.03 63.54
C LEU XA 109 8.19 57.64 64.67
N LEU XA 110 9.03 58.57 65.11
CA LEU XA 110 10.04 58.36 66.13
C LEU XA 110 9.76 59.28 67.32
N VAL XA 111 9.54 58.70 68.50
CA VAL XA 111 9.26 59.45 69.73
C VAL XA 111 10.56 59.71 70.49
N GLU XA 112 10.79 60.93 70.96
CA GLU XA 112 11.99 61.32 71.69
C GLU XA 112 11.68 62.17 72.93
N ALA XA 113 12.54 62.10 73.92
CA ALA XA 113 12.54 62.94 75.12
C ALA XA 113 13.99 63.19 75.57
N ASP XA 114 14.23 64.14 76.46
CA ASP XA 114 15.61 64.41 76.89
C ASP XA 114 16.19 63.20 77.64
N PRO XA 115 17.47 62.81 77.42
CA PRO XA 115 18.10 61.74 78.18
C PRO XA 115 17.96 61.86 79.69
N LYS XA 116 17.97 63.08 80.23
CA LYS XA 116 17.81 63.34 81.67
C LYS XA 116 16.40 63.02 82.15
N GLU XA 117 15.38 63.34 81.35
CA GLU XA 117 14.00 62.93 81.63
C GLU XA 117 13.89 61.41 81.63
N ILE XA 118 14.40 60.76 80.59
CA ILE XA 118 14.33 59.30 80.45
C ILE XA 118 15.06 58.63 81.62
N TYR XA 119 16.24 59.13 81.98
CA TYR XA 119 16.97 58.61 83.13
C TYR XA 119 16.16 58.74 84.41
N GLY XA 120 15.52 59.90 84.62
CA GLY XA 120 14.59 60.10 85.74
C GLY XA 120 13.44 59.10 85.75
N ARG XA 121 12.77 58.87 84.61
CA ARG XA 121 11.67 57.89 84.50
C ARG XA 121 12.16 56.47 84.79
N ARG XA 122 13.32 56.10 84.25
CA ARG XA 122 13.92 54.78 84.50
C ARG XA 122 14.37 54.59 85.95
N LEU XA 123 14.82 55.66 86.61
CA LEU XA 123 15.19 55.62 88.02
C LEU XA 123 13.96 55.52 88.94
N LYS XA 124 12.82 56.12 88.56
CA LYS XA 124 11.54 56.01 89.27
C LYS XA 124 10.82 54.68 89.04
N ASP XA 125 11.13 53.97 87.95
CA ASP XA 125 10.61 52.63 87.68
C ASP XA 125 11.19 51.57 88.65
N ASP XA 133 21.23 52.42 82.17
CA ASP XA 133 22.12 53.11 81.24
C ASP XA 133 22.46 54.53 81.75
N SER XA 134 23.65 55.05 81.47
CA SER XA 134 23.93 56.47 81.63
C SER XA 134 23.12 57.33 80.66
N GLU XA 135 23.02 58.63 80.94
CA GLU XA 135 22.49 59.60 79.97
C GLU XA 135 23.27 59.59 78.65
N GLU XA 136 24.57 59.31 78.69
CA GLU XA 136 25.39 59.17 77.49
C GLU XA 136 24.95 57.96 76.65
N GLU XA 137 24.72 56.82 77.27
CA GLU XA 137 24.22 55.62 76.58
C GLU XA 137 22.78 55.78 76.08
N ILE XA 138 21.95 56.55 76.79
CA ILE XA 138 20.62 56.91 76.31
C ILE XA 138 20.75 57.81 75.05
N ALA XA 139 21.57 58.85 75.10
CA ALA XA 139 21.79 59.75 73.97
C ALA XA 139 22.38 59.01 72.76
N GLU XA 140 23.28 58.07 72.99
CA GLU XA 140 23.80 57.17 71.96
C GLU XA 140 22.66 56.34 71.34
N HIS XA 141 21.83 55.68 72.13
CA HIS XA 141 20.73 54.88 71.58
C HIS XA 141 19.77 55.73 70.75
N GLN XA 142 19.46 56.95 71.18
CA GLN XA 142 18.66 57.87 70.35
C GLN XA 142 19.34 58.20 69.03
N MET XA 143 20.63 58.54 69.03
CA MET XA 143 21.34 58.82 67.78
C MET XA 143 21.34 57.61 66.85
N MET XA 144 21.56 56.41 67.38
CA MET XA 144 21.46 55.20 66.56
C MET XA 144 20.05 54.99 66.01
N ASN XA 145 19.01 55.33 66.76
CA ASN XA 145 17.65 55.25 66.22
C ASN XA 145 17.44 56.22 65.06
N ARG XA 146 17.91 57.47 65.14
CA ARG XA 146 17.77 58.41 64.01
C ARG XA 146 18.44 57.88 62.74
N ALA XA 147 19.64 57.33 62.87
CA ALA XA 147 20.33 56.73 61.74
C ALA XA 147 19.54 55.53 61.17
N ALA XA 148 19.02 54.66 62.04
CA ALA XA 148 18.23 53.52 61.61
C ALA XA 148 16.95 53.94 60.89
N ALA XA 149 16.22 54.91 61.43
CA ALA XA 149 15.01 55.42 60.82
C ALA XA 149 15.29 55.99 59.43
N MET XA 150 16.32 56.82 59.28
CA MET XA 150 16.64 57.41 57.99
C MET XA 150 17.13 56.37 56.98
N ALA XA 151 17.83 55.33 57.42
CA ALA XA 151 18.17 54.20 56.55
C ALA XA 151 16.89 53.50 56.06
N TYR XA 152 15.94 53.21 56.93
CA TYR XA 152 14.64 52.63 56.54
C TYR XA 152 13.89 53.51 55.55
N ALA XA 153 13.92 54.82 55.76
CA ALA XA 153 13.31 55.77 54.85
C ALA XA 153 13.91 55.61 53.45
N SER XA 154 15.23 55.63 53.32
CA SER XA 154 15.90 55.53 52.01
C SER XA 154 15.62 54.21 51.29
N LEU XA 155 15.36 53.11 52.01
CA LEU XA 155 15.03 51.82 51.43
C LEU XA 155 13.59 51.73 50.89
N SER XA 156 12.70 52.60 51.34
CA SER XA 156 11.25 52.40 51.23
C SER XA 156 10.45 53.59 50.70
N GLY XA 157 11.01 54.79 50.73
CA GLY XA 157 10.29 56.04 50.45
C GLY XA 157 9.39 56.51 51.60
N ALA XA 158 9.44 55.89 52.78
CA ALA XA 158 8.69 56.36 53.93
C ALA XA 158 9.14 57.76 54.38
N THR XA 159 8.22 58.59 54.84
CA THR XA 159 8.57 59.87 55.49
C THR XA 159 9.04 59.59 56.92
N VAL XA 160 9.91 60.41 57.51
CA VAL XA 160 10.30 60.27 58.93
C VAL XA 160 9.88 61.48 59.75
N LYS XA 161 9.09 61.29 60.80
CA LYS XA 161 8.63 62.34 61.70
C LYS XA 161 9.21 62.14 63.10
N ILE XA 162 9.79 63.17 63.70
CA ILE XA 162 10.23 63.13 65.09
C ILE XA 162 9.22 63.86 65.98
N VAL XA 163 8.82 63.24 67.10
CA VAL XA 163 7.87 63.81 68.07
C VAL XA 163 8.50 63.90 69.46
N PHE XA 164 8.60 65.10 70.02
CA PHE XA 164 9.02 65.27 71.41
C PHE XA 164 7.91 64.90 72.40
N ASN XA 165 8.27 64.28 73.51
CA ASN XA 165 7.34 63.89 74.60
C ASN XA 165 7.93 64.20 75.98
N HIS XA 166 8.20 65.48 76.25
CA HIS XA 166 8.68 65.94 77.55
C HIS XA 166 7.65 65.67 78.67
N ASP XA 167 8.11 65.49 79.92
CA ASP XA 167 7.31 64.90 81.00
C ASP XA 167 5.90 65.49 81.20
N ASN XA 168 5.79 66.81 81.32
CA ASN XA 168 4.50 67.48 81.52
C ASN XA 168 3.70 67.70 80.23
N ARG XA 169 4.34 67.58 79.07
CA ARG XA 169 3.91 68.20 77.81
C ARG XA 169 3.29 67.20 76.83
N LEU XA 170 2.55 66.21 77.35
CA LEU XA 170 1.86 65.21 76.54
C LEU XA 170 0.97 65.81 75.45
N ASP XA 171 0.35 66.96 75.69
CA ASP XA 171 -0.44 67.66 74.69
C ASP XA 171 0.39 68.08 73.47
N ASP XA 172 1.65 68.49 73.65
CA ASP XA 172 2.55 68.80 72.53
C ASP XA 172 2.86 67.54 71.71
N ALA XA 173 3.11 66.40 72.38
CA ALA XA 173 3.33 65.14 71.69
C ALA XA 173 2.10 64.72 70.87
N VAL XA 174 0.90 64.79 71.45
CA VAL XA 174 -0.35 64.45 70.76
C VAL XA 174 -0.64 65.42 69.62
N ARG XA 175 -0.38 66.72 69.81
CA ARG XA 175 -0.54 67.74 68.76
C ARG XA 175 0.42 67.54 67.60
N ASP XA 176 1.64 67.07 67.85
CA ASP XA 176 2.57 66.71 66.77
C ASP XA 176 2.19 65.36 66.11
N ALA XA 177 1.70 64.39 66.88
CA ALA XA 177 1.37 63.07 66.37
C ALA XA 177 0.10 63.03 65.51
N ALA XA 178 -0.99 63.66 65.97
CA ALA XA 178 -2.30 63.57 65.30
C ALA XA 178 -2.31 64.01 63.81
N PRO XA 179 -1.59 65.07 63.39
CA PRO XA 179 -1.43 65.43 61.97
C PRO XA 179 -0.92 64.33 61.04
N VAL XA 180 -0.25 63.30 61.57
CA VAL XA 180 0.30 62.20 60.76
C VAL XA 180 -0.78 61.20 60.31
N LEU XA 181 -1.83 61.03 61.12
CA LEU XA 181 -2.83 59.96 61.03
C LEU XA 181 -3.87 60.18 59.91
N ILE YA 4 5.61 25.08 -74.92
CA ILE YA 4 6.45 25.61 -76.03
C ILE YA 4 7.01 26.96 -75.62
N VAL YA 5 8.25 27.28 -75.97
CA VAL YA 5 8.84 28.63 -75.81
C VAL YA 5 9.28 29.16 -77.16
N VAL YA 6 8.86 30.35 -77.56
CA VAL YA 6 9.27 30.97 -78.83
C VAL YA 6 10.21 32.13 -78.56
N THR YA 7 11.30 32.24 -79.32
CA THR YA 7 12.40 33.19 -79.06
C THR YA 7 13.00 33.77 -80.34
N GLY YA 8 13.62 34.94 -80.25
CA GLY YA 8 14.26 35.61 -81.38
C GLY YA 8 14.92 36.95 -81.04
N ILE YA 9 15.86 37.37 -81.88
CA ILE YA 9 16.55 38.65 -81.80
C ILE YA 9 15.61 39.81 -82.19
N PRO YA 10 15.59 40.96 -81.49
CA PRO YA 10 14.78 42.12 -81.86
C PRO YA 10 15.03 42.55 -83.32
N GLY YA 11 13.96 42.57 -84.12
CA GLY YA 11 14.00 42.82 -85.57
C GLY YA 11 13.79 41.57 -86.45
N VAL YA 12 13.86 40.35 -85.90
CA VAL YA 12 13.69 39.11 -86.70
C VAL YA 12 12.24 38.85 -87.13
N GLY YA 13 11.26 39.57 -86.58
CA GLY YA 13 9.84 39.40 -86.92
C GLY YA 13 9.11 38.31 -86.13
N LYS YA 14 9.61 37.99 -84.93
CA LYS YA 14 9.12 36.93 -84.03
C LYS YA 14 7.59 36.91 -83.92
N THR YA 15 6.99 38.05 -83.61
CA THR YA 15 5.55 38.15 -83.36
C THR YA 15 4.75 37.73 -84.59
N THR YA 16 5.14 38.17 -85.79
CA THR YA 16 4.40 37.86 -87.02
C THR YA 16 4.37 36.36 -87.31
N VAL YA 17 5.50 35.66 -87.20
CA VAL YA 17 5.56 34.21 -87.43
C VAL YA 17 4.76 33.45 -86.38
N MET YA 18 4.87 33.83 -85.10
CA MET YA 18 4.04 33.26 -84.04
C MET YA 18 2.55 33.49 -84.31
N GLN YA 19 2.14 34.71 -84.63
CA GLN YA 19 0.73 35.08 -84.88
C GLN YA 19 0.11 34.25 -86.01
N LYS YA 20 0.83 34.08 -87.12
CA LYS YA 20 0.37 33.27 -88.25
C LYS YA 20 0.35 31.77 -87.93
N ALA YA 21 1.40 31.23 -87.30
CA ALA YA 21 1.45 29.80 -86.98
C ALA YA 21 0.41 29.40 -85.91
N ALA YA 22 0.20 30.25 -84.89
CA ALA YA 22 -0.77 30.03 -83.83
C ALA YA 22 -2.24 30.19 -84.28
N GLU YA 23 -2.50 30.53 -85.55
CA GLU YA 23 -3.86 30.68 -86.08
C GLU YA 23 -4.67 29.38 -85.94
N GLY YA 24 -5.88 29.47 -85.38
CA GLY YA 24 -6.73 28.33 -85.08
C GLY YA 24 -6.27 27.44 -83.90
N SER YA 25 -5.17 27.78 -83.22
CA SER YA 25 -4.68 27.00 -82.09
C SER YA 25 -5.54 27.21 -80.83
N PRO YA 26 -5.83 26.16 -80.05
CA PRO YA 26 -6.41 26.29 -78.71
C PRO YA 26 -5.41 26.72 -77.64
N LEU YA 27 -4.11 26.88 -77.96
CA LEU YA 27 -3.09 27.19 -76.96
C LEU YA 27 -3.18 28.66 -76.45
N PRO YA 28 -3.09 28.90 -75.13
CA PRO YA 28 -2.94 30.24 -74.58
C PRO YA 28 -1.63 30.89 -75.02
N ARG YA 29 -1.63 32.22 -75.08
CA ARG YA 29 -0.53 33.04 -75.61
C ARG YA 29 -0.01 33.94 -74.51
N VAL YA 30 1.27 33.82 -74.13
CA VAL YA 30 1.73 34.39 -72.86
C VAL YA 30 3.09 35.08 -73.01
N PRO YA 31 3.22 36.38 -72.76
CA PRO YA 31 4.52 37.02 -72.57
C PRO YA 31 5.01 36.80 -71.12
N LEU YA 32 6.21 36.26 -70.93
CA LEU YA 32 6.70 35.93 -69.59
C LEU YA 32 6.92 37.17 -68.71
N GLU YA 33 7.36 38.29 -69.29
CA GLU YA 33 7.56 39.53 -68.55
C GLU YA 33 6.22 40.07 -68.01
N GLY YA 34 5.16 39.93 -68.82
CA GLY YA 34 3.80 40.26 -68.44
C GLY YA 34 3.32 39.45 -67.25
N VAL YA 35 3.54 38.14 -67.27
CA VAL YA 35 3.18 37.29 -66.12
C VAL YA 35 3.99 37.69 -64.88
N MET YA 36 5.29 37.95 -65.01
CA MET YA 36 6.10 38.37 -63.87
C MET YA 36 5.59 39.68 -63.27
N TYR YA 37 5.25 40.66 -64.11
CA TYR YA 37 4.63 41.90 -63.65
C TYR YA 37 3.30 41.62 -62.94
N GLY YA 38 2.42 40.81 -63.53
CA GLY YA 38 1.16 40.41 -62.91
C GLY YA 38 1.35 39.74 -61.55
N VAL YA 39 2.27 38.79 -61.44
CA VAL YA 39 2.56 38.11 -60.17
C VAL YA 39 3.12 39.09 -59.14
N ALA YA 40 4.10 39.92 -59.51
CA ALA YA 40 4.67 40.90 -58.59
C ALA YA 40 3.64 41.95 -58.14
N LYS YA 41 2.80 42.43 -59.07
CA LYS YA 41 1.72 43.40 -58.83
C LYS YA 41 0.67 42.84 -57.86
N ARG YA 42 0.28 41.58 -58.04
CA ARG YA 42 -0.70 40.89 -57.18
C ARG YA 42 -0.12 40.42 -55.84
N MET YA 43 1.19 40.26 -55.75
CA MET YA 43 1.93 40.17 -54.48
C MET YA 43 2.18 41.56 -53.84
N GLY YA 44 1.76 42.65 -54.48
CA GLY YA 44 1.90 44.02 -53.96
C GLY YA 44 3.32 44.61 -54.05
N LEU YA 45 4.25 43.93 -54.70
CA LEU YA 45 5.67 44.32 -54.77
C LEU YA 45 5.92 45.55 -55.66
N VAL YA 46 5.04 45.80 -56.62
CA VAL YA 46 5.11 46.85 -57.65
C VAL YA 46 3.70 47.31 -58.02
N LYS YA 47 3.60 48.45 -58.70
CA LYS YA 47 2.39 48.96 -59.37
C LYS YA 47 2.63 49.32 -60.83
N ASP YA 48 3.84 49.70 -61.23
CA ASP YA 48 4.17 50.12 -62.59
C ASP YA 48 5.21 49.19 -63.26
N ILE YA 49 5.10 49.00 -64.57
CA ILE YA 49 5.88 48.00 -65.32
C ILE YA 49 7.40 48.22 -65.21
N ASP YA 50 7.86 49.47 -65.10
CA ASP YA 50 9.27 49.79 -64.93
C ASP YA 50 9.83 49.38 -63.56
N GLU YA 51 9.00 49.28 -62.52
CA GLU YA 51 9.47 48.89 -61.18
C GLU YA 51 10.01 47.46 -61.13
N MET YA 52 9.66 46.61 -62.11
CA MET YA 52 10.23 45.28 -62.26
C MET YA 52 11.76 45.30 -62.36
N ARG YA 53 12.32 46.35 -63.00
CA ARG YA 53 13.78 46.55 -63.13
C ARG YA 53 14.43 47.09 -61.85
N ARG YA 54 13.62 47.51 -60.87
CA ARG YA 54 14.05 48.11 -59.60
C ARG YA 54 13.96 47.12 -58.42
N LEU YA 55 13.40 45.93 -58.63
CA LEU YA 55 13.33 44.87 -57.62
C LEU YA 55 14.73 44.40 -57.19
N SER YA 56 14.83 43.94 -55.94
CA SER YA 56 16.02 43.23 -55.45
C SER YA 56 16.19 41.90 -56.23
N PRO YA 57 17.38 41.57 -56.75
CA PRO YA 57 17.58 40.38 -57.57
C PRO YA 57 17.06 39.06 -56.97
N ASP YA 58 17.20 38.83 -55.66
CA ASP YA 58 16.70 37.59 -55.05
C ASP YA 58 15.17 37.56 -54.86
N VAL YA 59 14.52 38.73 -54.79
CA VAL YA 59 13.07 38.83 -54.95
C VAL YA 59 12.68 38.49 -56.39
N GLN YA 60 13.41 39.05 -57.36
CA GLN YA 60 13.17 38.79 -58.78
C GLN YA 60 13.34 37.31 -59.14
N LYS YA 61 14.27 36.57 -58.53
CA LYS YA 61 14.36 35.10 -58.67
C LYS YA 61 13.08 34.41 -58.21
N GLU YA 62 12.55 34.78 -57.05
CA GLU YA 62 11.32 34.17 -56.56
C GLU YA 62 10.09 34.57 -57.40
N VAL YA 63 10.03 35.78 -57.93
CA VAL YA 63 9.03 36.18 -58.92
C VAL YA 63 9.12 35.31 -60.17
N GLN YA 64 10.33 35.08 -60.71
CA GLN YA 64 10.51 34.14 -61.83
C GLN YA 64 10.03 32.74 -61.48
N LYS YA 65 10.39 32.23 -60.29
CA LYS YA 65 9.98 30.92 -59.82
C LYS YA 65 8.45 30.79 -59.74
N LYS YA 66 7.78 31.73 -59.08
CA LYS YA 66 6.31 31.73 -58.94
C LYS YA 66 5.60 31.88 -60.28
N ALA YA 67 6.07 32.78 -61.15
CA ALA YA 67 5.51 32.92 -62.49
C ALA YA 67 5.63 31.61 -63.29
N ALA YA 68 6.79 30.96 -63.24
CA ALA YA 68 6.97 29.67 -63.89
C ALA YA 68 6.04 28.59 -63.33
N GLU YA 69 5.91 28.46 -62.01
CA GLU YA 69 4.97 27.50 -61.39
C GLU YA 69 3.53 27.72 -61.88
N ARG YA 70 3.09 28.98 -61.98
CA ARG YA 70 1.74 29.33 -62.42
C ARG YA 70 1.54 29.06 -63.91
N ILE YA 71 2.54 29.28 -64.75
CA ILE YA 71 2.46 28.87 -66.16
C ILE YA 71 2.52 27.35 -66.31
N ALA YA 72 3.23 26.63 -65.44
CA ALA YA 72 3.23 25.18 -65.45
C ALA YA 72 1.83 24.62 -65.10
N ALA YA 73 1.13 25.22 -64.13
CA ALA YA 73 -0.23 24.84 -63.78
C ALA YA 73 -1.21 25.10 -64.93
N LEU YA 74 -1.05 26.20 -65.67
CA LEU YA 74 -1.84 26.49 -66.88
C LEU YA 74 -1.68 25.40 -67.95
N GLY YA 75 -0.55 24.70 -67.97
CA GLY YA 75 -0.30 23.57 -68.85
C GLY YA 75 0.27 23.97 -70.22
N ASP YA 76 -0.19 23.30 -71.28
CA ASP YA 76 0.37 23.47 -72.62
C ASP YA 76 0.08 24.90 -73.13
N VAL YA 77 1.12 25.63 -73.55
CA VAL YA 77 1.11 27.09 -73.76
C VAL YA 77 2.12 27.50 -74.83
N ILE YA 78 1.88 28.59 -75.55
CA ILE YA 78 2.90 29.25 -76.36
C ILE YA 78 3.46 30.41 -75.55
N LEU YA 79 4.50 30.16 -74.78
CA LEU YA 79 5.21 31.19 -74.02
C LEU YA 79 6.12 32.00 -74.95
N ASP YA 80 6.27 33.29 -74.66
CA ASP YA 80 7.10 34.22 -75.42
C ASP YA 80 8.08 34.95 -74.47
N THR YA 81 9.36 34.92 -74.78
CA THR YA 81 10.42 35.71 -74.14
C THR YA 81 11.72 35.68 -74.97
N HIS YA 82 12.70 36.52 -74.69
CA HIS YA 82 14.02 36.42 -75.34
C HIS YA 82 14.85 35.28 -74.75
N CYS YA 83 15.63 34.57 -75.57
CA CYS YA 83 16.59 33.57 -75.09
C CYS YA 83 17.84 34.22 -74.47
N THR YA 84 18.36 35.31 -75.08
CA THR YA 84 19.32 36.22 -74.45
C THR YA 84 19.00 37.68 -74.74
N ILE YA 85 19.19 38.54 -73.75
CA ILE YA 85 18.92 39.98 -73.85
C ILE YA 85 20.27 40.70 -73.89
N LYS YA 86 20.52 41.56 -74.88
CA LYS YA 86 21.75 42.37 -74.90
C LYS YA 86 21.63 43.54 -73.91
N THR YA 87 22.65 43.75 -73.09
CA THR YA 87 22.68 44.79 -72.04
C THR YA 87 24.04 45.51 -72.05
N PRO YA 88 24.22 46.64 -71.34
CA PRO YA 88 25.52 47.30 -71.22
C PRO YA 88 26.65 46.37 -70.74
N LYS YA 89 26.34 45.42 -69.86
CA LYS YA 89 27.27 44.39 -69.39
C LYS YA 89 27.37 43.15 -70.29
N GLY YA 90 26.85 43.20 -71.51
CA GLY YA 90 26.81 42.07 -72.44
C GLY YA 90 25.52 41.26 -72.38
N TYR YA 91 25.55 40.03 -72.88
CA TYR YA 91 24.38 39.17 -73.01
C TYR YA 91 23.92 38.62 -71.67
N LEU YA 92 22.62 38.71 -71.37
CA LEU YA 92 21.98 38.14 -70.19
C LEU YA 92 21.11 36.94 -70.61
N PRO YA 93 21.29 35.74 -70.05
CA PRO YA 93 20.39 34.61 -70.24
C PRO YA 93 18.96 34.94 -69.82
N GLY YA 94 18.01 34.84 -70.75
CA GLY YA 94 16.60 35.14 -70.50
C GLY YA 94 15.86 34.07 -69.68
N LEU YA 95 16.38 32.85 -69.60
CA LEU YA 95 15.76 31.72 -68.90
C LEU YA 95 16.76 31.01 -67.97
N PRO YA 96 16.97 31.51 -66.74
CA PRO YA 96 17.79 30.82 -65.76
C PRO YA 96 17.30 29.41 -65.44
N ARG YA 97 18.17 28.55 -64.92
CA ARG YA 97 17.85 27.17 -64.56
C ARG YA 97 16.62 27.02 -63.66
N TRP YA 98 16.40 27.92 -62.70
CA TRP YA 98 15.23 27.85 -61.82
C TRP YA 98 13.91 28.06 -62.55
N VAL YA 99 13.90 28.72 -63.71
CA VAL YA 99 12.70 28.77 -64.58
C VAL YA 99 12.47 27.42 -65.25
N LEU YA 100 13.50 26.86 -65.87
CA LEU YA 100 13.40 25.59 -66.62
C LEU YA 100 12.95 24.42 -65.75
N GLU YA 101 13.47 24.32 -64.52
CA GLU YA 101 13.06 23.24 -63.61
C GLU YA 101 11.56 23.30 -63.24
N LYS YA 102 10.92 24.47 -63.36
CA LYS YA 102 9.48 24.64 -63.18
C LYS YA 102 8.70 24.47 -64.49
N LEU YA 103 9.07 25.15 -65.56
CA LEU YA 103 8.35 25.06 -66.84
C LEU YA 103 8.46 23.69 -67.52
N ARG YA 104 9.64 23.08 -67.48
CA ARG YA 104 9.98 21.83 -68.17
C ARG YA 104 9.57 21.85 -69.66
N PRO YA 105 10.06 22.82 -70.46
CA PRO YA 105 9.60 23.01 -71.84
C PRO YA 105 9.77 21.76 -72.70
N SER YA 106 8.84 21.48 -73.60
CA SER YA 106 8.98 20.41 -74.59
C SER YA 106 9.71 20.85 -75.85
N VAL YA 107 9.55 22.11 -76.25
CA VAL YA 107 10.24 22.70 -77.40
C VAL YA 107 10.71 24.11 -77.10
N ILE YA 108 11.93 24.44 -77.52
CA ILE YA 108 12.41 25.81 -77.66
C ILE YA 108 12.46 26.10 -79.16
N LEU YA 109 11.79 27.15 -79.62
CA LEU YA 109 11.81 27.57 -81.01
C LEU YA 109 12.62 28.84 -81.15
N LEU YA 110 13.54 28.86 -82.11
CA LEU YA 110 14.45 29.97 -82.35
C LEU YA 110 14.25 30.51 -83.77
N VAL YA 111 13.80 31.76 -83.88
CA VAL YA 111 13.57 32.41 -85.19
C VAL YA 111 14.85 33.10 -85.65
N GLU YA 112 15.19 32.97 -86.93
CA GLU YA 112 16.40 33.56 -87.52
C GLU YA 112 16.12 34.18 -88.89
N ALA YA 113 16.92 35.19 -89.24
CA ALA YA 113 16.98 35.82 -90.56
C ALA YA 113 18.42 36.28 -90.82
N ASP YA 114 18.76 36.64 -92.05
CA ASP YA 114 20.14 37.07 -92.35
C ASP YA 114 20.47 38.40 -91.63
N PRO YA 115 21.68 38.55 -91.03
CA PRO YA 115 22.11 39.80 -90.42
C PRO YA 115 21.89 41.04 -91.30
N LYS YA 116 22.04 40.93 -92.62
CA LYS YA 116 21.80 42.04 -93.56
C LYS YA 116 20.32 42.38 -93.68
N GLU YA 117 19.43 41.38 -93.66
CA GLU YA 117 17.98 41.62 -93.59
C GLU YA 117 17.63 42.34 -92.30
N ILE YA 118 18.13 41.85 -91.16
CA ILE YA 118 17.85 42.44 -89.84
C ILE YA 118 18.41 43.86 -89.76
N TYR YA 119 19.63 44.09 -90.26
CA TYR YA 119 20.20 45.43 -90.31
C TYR YA 119 19.35 46.38 -91.16
N GLY YA 120 18.87 45.90 -92.32
CA GLY YA 120 17.92 46.64 -93.16
C GLY YA 120 16.64 47.00 -92.41
N ARG YA 121 16.01 46.04 -91.73
CA ARG YA 121 14.80 46.30 -90.93
C ARG YA 121 15.06 47.30 -89.81
N ARG YA 122 16.17 47.15 -89.09
CA ARG YA 122 16.57 48.07 -88.00
C ARG YA 122 16.89 49.47 -88.50
N LEU YA 123 17.46 49.60 -89.71
CA LEU YA 123 17.73 50.90 -90.33
C LEU YA 123 16.44 51.59 -90.80
N LYS YA 124 15.44 50.83 -91.25
CA LYS YA 124 14.10 51.33 -91.66
C LYS YA 124 13.16 51.62 -90.49
N ASP YA 125 13.40 51.05 -89.32
CA ASP YA 125 12.69 51.39 -88.09
C ASP YA 125 13.03 52.82 -87.62
N ASP YA 133 23.55 48.11 -84.04
CA ASP YA 133 24.57 47.06 -84.06
C ASP YA 133 25.04 46.79 -85.50
N SER YA 134 26.32 46.48 -85.69
CA SER YA 134 26.83 46.00 -86.99
C SER YA 134 26.25 44.62 -87.35
N GLU YA 135 26.36 44.23 -88.61
CA GLU YA 135 26.03 42.86 -89.03
C GLU YA 135 26.89 41.82 -88.31
N GLU YA 136 28.12 42.17 -87.92
CA GLU YA 136 28.97 41.31 -87.11
C GLU YA 136 28.39 41.11 -85.71
N GLU YA 137 27.96 42.18 -85.05
CA GLU YA 137 27.35 42.09 -83.72
C GLU YA 137 25.99 41.39 -83.76
N ILE YA 138 25.24 41.53 -84.85
CA ILE YA 138 24.00 40.77 -85.06
C ILE YA 138 24.32 39.28 -85.23
N ALA YA 139 25.28 38.93 -86.08
CA ALA YA 139 25.71 37.54 -86.27
C ALA YA 139 26.25 36.91 -84.98
N GLU YA 140 26.98 37.69 -84.18
CA GLU YA 140 27.43 37.28 -82.86
C GLU YA 140 26.24 37.01 -81.94
N HIS YA 141 25.25 37.91 -81.85
CA HIS YA 141 24.09 37.71 -81.00
C HIS YA 141 23.30 36.46 -81.41
N GLN YA 142 23.13 36.21 -82.71
CA GLN YA 142 22.53 34.97 -83.18
C GLN YA 142 23.32 33.74 -82.74
N MET YA 143 24.65 33.73 -82.90
CA MET YA 143 25.46 32.61 -82.44
C MET YA 143 25.33 32.39 -80.94
N MET YA 144 25.36 33.45 -80.14
CA MET YA 144 25.14 33.33 -78.71
C MET YA 144 23.74 32.79 -78.39
N ASN YA 145 22.71 33.14 -79.16
CA ASN YA 145 21.40 32.54 -78.97
C ASN YA 145 21.41 31.04 -79.23
N ARG YA 146 22.08 30.54 -80.29
CA ARG YA 146 22.18 29.09 -80.54
C ARG YA 146 22.84 28.37 -79.38
N ALA YA 147 23.95 28.92 -78.87
CA ALA YA 147 24.62 28.35 -77.71
C ALA YA 147 23.70 28.32 -76.49
N ALA YA 148 22.98 29.41 -76.22
CA ALA YA 148 22.06 29.48 -75.09
C ALA YA 148 20.91 28.48 -75.24
N ALA YA 149 20.32 28.38 -76.43
CA ALA YA 149 19.22 27.46 -76.68
C ALA YA 149 19.64 26.01 -76.42
N MET YA 150 20.80 25.59 -76.92
CA MET YA 150 21.24 24.22 -76.71
C MET YA 150 21.67 23.96 -75.26
N ALA YA 151 22.20 24.95 -74.55
CA ALA YA 151 22.41 24.82 -73.12
C ALA YA 151 21.09 24.62 -72.38
N TYR YA 152 20.06 25.43 -72.66
CA TYR YA 152 18.72 25.26 -72.09
C TYR YA 152 18.15 23.88 -72.40
N ALA YA 153 18.33 23.40 -73.62
CA ALA YA 153 17.89 22.08 -74.02
C ALA YA 153 18.53 21.00 -73.15
N SER YA 154 19.85 21.00 -73.01
CA SER YA 154 20.56 19.98 -72.25
C SER YA 154 20.17 19.94 -70.77
N LEU YA 155 19.73 21.06 -70.19
CA LEU YA 155 19.24 21.14 -68.81
C LEU YA 155 17.84 20.56 -68.60
N SER YA 156 17.05 20.39 -69.67
CA SER YA 156 15.60 20.22 -69.59
C SER YA 156 15.02 19.08 -70.43
N GLY YA 157 15.76 18.59 -71.42
CA GLY YA 157 15.25 17.64 -72.41
C GLY YA 157 14.39 18.29 -73.50
N ALA YA 158 14.29 19.61 -73.56
CA ALA YA 158 13.53 20.31 -74.59
C ALA YA 158 14.14 20.09 -75.97
N THR YA 159 13.32 19.88 -76.99
CA THR YA 159 13.77 19.86 -78.38
C THR YA 159 14.08 21.27 -78.86
N VAL YA 160 15.05 21.50 -79.75
CA VAL YA 160 15.35 22.83 -80.31
C VAL YA 160 15.03 22.88 -81.80
N LYS YA 161 14.16 23.79 -82.22
CA LYS YA 161 13.80 24.02 -83.63
C LYS YA 161 14.30 25.38 -84.08
N ILE YA 162 14.96 25.45 -85.24
CA ILE YA 162 15.32 26.72 -85.87
C ILE YA 162 14.39 27.01 -87.05
N VAL YA 163 13.89 28.24 -87.15
CA VAL YA 163 12.97 28.69 -88.22
C VAL YA 163 13.53 29.91 -88.94
N PHE YA 164 13.72 29.83 -90.25
CA PHE YA 164 14.08 30.99 -91.06
C PHE YA 164 12.88 31.89 -91.37
N ASN YA 165 13.07 33.20 -91.36
CA ASN YA 165 12.05 34.20 -91.64
C ASN YA 165 12.58 35.33 -92.54
N HIS YA 166 13.06 34.95 -93.72
CA HIS YA 166 13.52 35.89 -94.74
C HIS YA 166 12.41 36.87 -95.17
N ASP YA 167 12.76 38.09 -95.57
CA ASP YA 167 11.84 39.24 -95.68
C ASP YA 167 10.53 38.94 -96.44
N ASN YA 168 10.63 38.41 -97.66
CA ASN YA 168 9.47 38.14 -98.52
C ASN YA 168 8.71 36.85 -98.14
N ARG YA 169 9.31 35.99 -97.30
CA ARG YA 169 9.04 34.55 -97.27
C ARG YA 169 8.37 34.10 -95.98
N LEU YA 170 7.46 34.91 -95.44
CA LEU YA 170 6.72 34.60 -94.23
C LEU YA 170 6.02 33.23 -94.30
N ASP YA 171 5.53 32.82 -95.48
CA ASP YA 171 4.91 31.50 -95.64
C ASP YA 171 5.89 30.35 -95.36
N ASP YA 172 7.17 30.48 -95.69
CA ASP YA 172 8.20 29.49 -95.33
C ASP YA 172 8.39 29.41 -93.81
N ALA YA 173 8.41 30.56 -93.13
CA ALA YA 173 8.52 30.60 -91.67
C ALA YA 173 7.32 29.90 -91.02
N VAL YA 174 6.10 30.21 -91.48
CA VAL YA 174 4.87 29.61 -90.95
C VAL YA 174 4.78 28.12 -91.25
N ARG YA 175 5.21 27.69 -92.45
CA ARG YA 175 5.25 26.27 -92.83
C ARG YA 175 6.25 25.48 -91.99
N ASP YA 176 7.36 26.08 -91.58
CA ASP YA 176 8.28 25.46 -90.61
C ASP YA 176 7.75 25.49 -89.17
N ALA YA 177 7.02 26.53 -88.77
CA ALA YA 177 6.54 26.69 -87.41
C ALA YA 177 5.33 25.81 -87.09
N ALA YA 178 4.33 25.73 -87.96
CA ALA YA 178 3.07 25.00 -87.70
C ALA YA 178 3.26 23.51 -87.30
N PRO YA 179 4.17 22.73 -87.91
CA PRO YA 179 4.47 21.35 -87.50
C PRO YA 179 4.86 21.15 -86.02
N VAL YA 180 5.28 22.19 -85.32
CA VAL YA 180 5.69 22.12 -83.92
C VAL YA 180 4.50 22.07 -82.96
N LEU YA 181 3.39 22.72 -83.33
CA LEU YA 181 2.26 23.07 -82.46
C LEU YA 181 1.30 21.90 -82.19
N ILE ZA 4 33.14 38.91 -60.41
CA ILE ZA 4 33.50 39.00 -61.86
C ILE ZA 4 34.52 37.92 -62.19
N VAL ZA 5 34.43 37.27 -63.35
CA VAL ZA 5 35.47 36.35 -63.85
C VAL ZA 5 36.03 36.85 -65.17
N VAL ZA 6 37.34 36.96 -65.32
CA VAL ZA 6 37.99 37.33 -66.59
C VAL ZA 6 38.65 36.12 -67.21
N THR ZA 7 38.49 35.93 -68.53
CA THR ZA 7 38.91 34.71 -69.24
C THR ZA 7 39.45 35.00 -70.63
N GLY ZA 8 40.29 34.10 -71.16
CA GLY ZA 8 40.86 34.24 -72.49
C GLY ZA 8 41.85 33.13 -72.86
N ILE ZA 9 42.06 32.93 -74.16
CA ILE ZA 9 43.02 31.98 -74.73
C ILE ZA 9 44.48 32.45 -74.52
N PRO ZA 10 45.44 31.57 -74.15
CA PRO ZA 10 46.85 31.94 -74.03
C PRO ZA 10 47.40 32.63 -75.29
N GLY ZA 11 47.89 33.86 -75.13
CA GLY ZA 11 48.33 34.75 -76.23
C GLY ZA 11 47.39 35.92 -76.52
N VAL ZA 12 46.15 35.92 -76.04
CA VAL ZA 12 45.19 37.01 -76.34
C VAL ZA 12 45.47 38.33 -75.60
N GLY ZA 13 46.39 38.32 -74.63
CA GLY ZA 13 46.75 39.52 -73.85
C GLY ZA 13 45.86 39.77 -72.63
N LYS ZA 14 45.27 38.70 -72.08
CA LYS ZA 14 44.33 38.73 -70.93
C LYS ZA 14 44.80 39.63 -69.79
N THR ZA 15 46.03 39.42 -69.30
CA THR ZA 15 46.55 40.15 -68.14
C THR ZA 15 46.69 41.64 -68.42
N THR ZA 16 47.17 42.03 -69.59
CA THR ZA 16 47.36 43.45 -69.95
C THR ZA 16 46.04 44.22 -69.91
N VAL ZA 17 45.00 43.71 -70.56
CA VAL ZA 17 43.68 44.37 -70.58
C VAL ZA 17 43.08 44.45 -69.19
N MET ZA 18 43.17 43.37 -68.41
CA MET ZA 18 42.73 43.38 -67.01
C MET ZA 18 43.49 44.43 -66.19
N GLN ZA 19 44.82 44.43 -66.25
CA GLN ZA 19 45.67 45.36 -65.48
C GLN ZA 19 45.37 46.82 -65.78
N LYS ZA 20 45.19 47.16 -67.06
CA LYS ZA 20 44.83 48.52 -67.48
C LYS ZA 20 43.41 48.90 -67.05
N ALA ZA 21 42.40 48.07 -67.28
CA ALA ZA 21 41.02 48.41 -66.94
C ALA ZA 21 40.78 48.44 -65.42
N ALA ZA 22 41.39 47.52 -64.66
CA ALA ZA 22 41.28 47.46 -63.21
C ALA ZA 22 42.08 48.56 -62.48
N GLU ZA 23 42.82 49.42 -63.20
CA GLU ZA 23 43.60 50.51 -62.59
C GLU ZA 23 42.71 51.44 -61.74
N GLY ZA 24 43.12 51.69 -60.50
CA GLY ZA 24 42.34 52.46 -59.53
C GLY ZA 24 41.09 51.77 -58.96
N SER ZA 25 40.80 50.52 -59.32
CA SER ZA 25 39.68 49.77 -58.73
C SER ZA 25 39.96 49.38 -57.26
N PRO ZA 26 38.97 49.45 -56.36
CA PRO ZA 26 39.08 48.90 -55.01
C PRO ZA 26 38.94 47.37 -54.96
N LEU ZA 27 38.71 46.67 -56.08
CA LEU ZA 27 38.48 45.22 -56.08
C LEU ZA 27 39.77 44.42 -55.85
N PRO ZA 28 39.75 43.34 -55.04
CA PRO ZA 28 40.84 42.36 -54.99
C PRO ZA 28 41.04 41.65 -56.33
N ARG ZA 29 42.22 41.04 -56.52
CA ARG ZA 29 42.76 40.62 -57.82
C ARG ZA 29 43.30 39.20 -57.72
N VAL ZA 30 42.46 38.21 -57.99
CA VAL ZA 30 42.70 36.83 -57.53
C VAL ZA 30 42.89 35.85 -58.68
N PRO ZA 31 44.01 35.13 -58.81
CA PRO ZA 31 44.13 33.96 -59.66
C PRO ZA 31 43.58 32.72 -58.95
N LEU ZA 32 42.63 32.01 -59.56
CA LEU ZA 32 41.96 30.87 -58.90
C LEU ZA 32 42.91 29.70 -58.62
N GLU ZA 33 43.88 29.46 -59.50
CA GLU ZA 33 44.86 28.38 -59.31
C GLU ZA 33 45.71 28.63 -58.05
N GLY ZA 34 46.09 29.88 -57.84
CA GLY ZA 34 46.81 30.32 -56.65
C GLY ZA 34 46.00 30.09 -55.37
N VAL ZA 35 44.71 30.42 -55.37
CA VAL ZA 35 43.84 30.13 -54.22
C VAL ZA 35 43.74 28.63 -53.97
N MET ZA 36 43.55 27.83 -55.01
CA MET ZA 36 43.47 26.37 -54.84
C MET ZA 36 44.75 25.80 -54.24
N TYR ZA 37 45.92 26.25 -54.72
CA TYR ZA 37 47.19 25.85 -54.14
C TYR ZA 37 47.30 26.26 -52.68
N GLY ZA 38 46.96 27.51 -52.35
CA GLY ZA 38 46.98 28.01 -50.97
C GLY ZA 38 46.06 27.20 -50.05
N VAL ZA 39 44.83 26.91 -50.48
CA VAL ZA 39 43.88 26.09 -49.71
C VAL ZA 39 44.42 24.68 -49.53
N ALA ZA 40 44.89 24.04 -50.60
CA ALA ZA 40 45.45 22.68 -50.51
C ALA ZA 40 46.69 22.62 -49.61
N LYS ZA 41 47.59 23.61 -49.73
CA LYS ZA 41 48.82 23.76 -48.95
C LYS ZA 41 48.51 23.93 -47.46
N ARG ZA 42 47.55 24.79 -47.12
CA ARG ZA 42 47.15 25.05 -45.72
C ARG ZA 42 46.29 23.93 -45.11
N MET ZA 43 45.58 23.18 -45.93
CA MET ZA 43 45.00 21.88 -45.55
C MET ZA 43 46.04 20.74 -45.46
N GLY ZA 44 47.31 21.01 -45.79
CA GLY ZA 44 48.41 20.05 -45.71
C GLY ZA 44 48.43 18.98 -46.81
N LEU ZA 45 47.63 19.14 -47.86
CA LEU ZA 45 47.49 18.17 -48.96
C LEU ZA 45 48.68 18.16 -49.92
N VAL ZA 46 49.38 19.30 -50.03
CA VAL ZA 46 50.53 19.56 -50.90
C VAL ZA 46 51.52 20.48 -50.20
N LYS ZA 47 52.74 20.58 -50.74
CA LYS ZA 47 53.74 21.61 -50.42
C LYS ZA 47 54.21 22.38 -51.65
N ASP ZA 48 54.21 21.79 -52.84
CA ASP ZA 48 54.72 22.41 -54.07
C ASP ZA 48 53.66 22.54 -55.17
N ILE ZA 49 53.72 23.60 -55.98
CA ILE ZA 49 52.67 23.95 -56.95
C ILE ZA 49 52.40 22.83 -57.97
N ASP ZA 50 53.43 22.09 -58.38
CA ASP ZA 50 53.29 20.96 -59.30
C ASP ZA 50 52.48 19.80 -58.72
N GLU ZA 51 52.44 19.64 -57.40
CA GLU ZA 51 51.66 18.58 -56.75
C GLU ZA 51 50.15 18.77 -56.93
N MET ZA 52 49.69 19.98 -57.27
CA MET ZA 52 48.28 20.22 -57.62
C MET ZA 52 47.82 19.37 -58.82
N ARG ZA 53 48.73 19.04 -59.75
CA ARG ZA 53 48.45 18.14 -60.87
C ARG ZA 53 48.43 16.66 -60.48
N ARG ZA 54 48.85 16.33 -59.25
CA ARG ZA 54 49.02 14.97 -58.73
C ARG ZA 54 47.95 14.58 -57.71
N LEU ZA 55 47.15 15.54 -57.25
CA LEU ZA 55 46.01 15.31 -56.35
C LEU ZA 55 44.98 14.36 -56.98
N SER ZA 56 44.33 13.54 -56.13
CA SER ZA 56 43.21 12.69 -56.54
C SER ZA 56 42.03 13.55 -57.00
N PRO ZA 57 41.39 13.27 -58.15
CA PRO ZA 57 40.32 14.10 -58.69
C PRO ZA 57 39.19 14.43 -57.71
N ASP ZA 58 38.74 13.48 -56.89
CA ASP ZA 58 37.66 13.74 -55.92
C ASP ZA 58 38.10 14.54 -54.69
N VAL ZA 59 39.41 14.59 -54.39
CA VAL ZA 59 39.97 15.58 -53.47
C VAL ZA 59 40.02 16.95 -54.15
N GLN ZA 60 40.45 16.99 -55.41
CA GLN ZA 60 40.54 18.22 -56.20
C GLN ZA 60 39.18 18.91 -56.38
N LYS ZA 61 38.08 18.16 -56.48
CA LYS ZA 61 36.71 18.73 -56.42
C LYS ZA 61 36.47 19.49 -55.12
N GLU ZA 62 36.83 18.93 -53.98
CA GLU ZA 62 36.65 19.60 -52.70
C GLU ZA 62 37.59 20.79 -52.53
N VAL ZA 63 38.82 20.73 -53.03
CA VAL ZA 63 39.70 21.90 -53.08
C VAL ZA 63 39.08 23.03 -53.91
N GLN ZA 64 38.54 22.73 -55.09
CA GLN ZA 64 37.80 23.72 -55.89
C GLN ZA 64 36.62 24.29 -55.11
N LYS ZA 65 35.80 23.43 -54.49
CA LYS ZA 65 34.64 23.84 -53.68
C LYS ZA 65 35.05 24.77 -52.54
N LYS ZA 66 36.06 24.41 -51.76
CA LYS ZA 66 36.55 25.23 -50.63
C LYS ZA 66 37.16 26.55 -51.09
N ALA ZA 67 37.96 26.54 -52.15
CA ALA ZA 67 38.49 27.77 -52.73
C ALA ZA 67 37.36 28.71 -53.16
N ALA ZA 68 36.34 28.19 -53.84
CA ALA ZA 68 35.19 28.98 -54.23
C ALA ZA 68 34.42 29.52 -53.03
N GLU ZA 69 34.17 28.72 -52.00
CA GLU ZA 69 33.52 29.21 -50.76
C GLU ZA 69 34.29 30.37 -50.13
N ARG ZA 70 35.61 30.30 -50.10
CA ARG ZA 70 36.46 31.34 -49.50
C ARG ZA 70 36.52 32.60 -50.36
N ILE ZA 71 36.49 32.48 -51.69
CA ILE ZA 71 36.37 33.64 -52.57
C ILE ZA 71 34.96 34.24 -52.48
N ALA ZA 72 33.91 33.42 -52.30
CA ALA ZA 72 32.57 33.93 -52.08
C ALA ZA 72 32.46 34.71 -50.76
N ALA ZA 73 33.14 34.25 -49.70
CA ALA ZA 73 33.22 34.98 -48.43
C ALA ZA 73 33.97 36.32 -48.58
N LEU ZA 74 35.05 36.37 -49.37
CA LEU ZA 74 35.76 37.62 -49.69
C LEU ZA 74 34.86 38.63 -50.40
N GLY ZA 75 33.88 38.16 -51.17
CA GLY ZA 75 32.93 39.00 -51.89
C GLY ZA 75 33.40 39.46 -53.27
N ASP ZA 76 33.05 40.67 -53.66
CA ASP ZA 76 33.22 41.16 -55.02
C ASP ZA 76 34.71 41.26 -55.39
N VAL ZA 77 35.11 40.67 -56.52
CA VAL ZA 77 36.51 40.39 -56.88
C VAL ZA 77 36.69 40.32 -58.38
N ILE ZA 78 37.85 40.69 -58.91
CA ILE ZA 78 38.23 40.33 -60.29
C ILE ZA 78 38.95 38.99 -60.23
N LEU ZA 79 38.21 37.89 -60.35
CA LEU ZA 79 38.77 36.54 -60.42
C LEU ZA 79 39.35 36.27 -61.80
N ASP ZA 80 40.45 35.54 -61.88
CA ASP ZA 80 41.14 35.21 -63.12
C ASP ZA 80 41.38 33.70 -63.24
N THR ZA 81 40.93 33.10 -64.36
CA THR ZA 81 41.24 31.73 -64.78
C THR ZA 81 40.84 31.49 -66.25
N HIS ZA 82 41.29 30.42 -66.89
CA HIS ZA 82 40.81 30.03 -68.23
C HIS ZA 82 39.40 29.42 -68.17
N CYS ZA 83 38.53 29.70 -69.15
CA CYS ZA 83 37.23 29.03 -69.25
C CYS ZA 83 37.34 27.62 -69.85
N THR ZA 84 38.23 27.38 -70.82
CA THR ZA 84 38.63 26.02 -71.20
C THR ZA 84 40.13 25.90 -71.39
N ILE ZA 85 40.71 24.83 -70.88
CA ILE ZA 85 42.14 24.54 -70.95
C ILE ZA 85 42.36 23.45 -71.99
N LYS ZA 86 43.23 23.66 -72.98
CA LYS ZA 86 43.55 22.62 -73.96
C LYS ZA 86 44.50 21.59 -73.35
N THR ZA 87 44.21 20.31 -73.51
CA THR ZA 87 44.97 19.18 -72.93
C THR ZA 87 45.16 18.08 -73.99
N PRO ZA 88 46.03 17.08 -73.76
CA PRO ZA 88 46.18 15.94 -74.68
C PRO ZA 88 44.86 15.22 -75.00
N LYS ZA 89 43.94 15.11 -74.04
CA LYS ZA 89 42.59 14.55 -74.23
C LYS ZA 89 41.55 15.58 -74.69
N GLY ZA 90 41.95 16.76 -75.15
CA GLY ZA 90 41.07 17.81 -75.65
C GLY ZA 90 40.77 18.92 -74.62
N TYR ZA 91 39.70 19.68 -74.83
CA TYR ZA 91 39.33 20.81 -73.99
C TYR ZA 91 38.79 20.37 -72.63
N LEU ZA 92 39.31 20.93 -71.55
CA LEU ZA 92 38.84 20.72 -70.19
C LEU ZA 92 38.09 21.97 -69.72
N PRO ZA 93 36.83 21.90 -69.27
CA PRO ZA 93 36.13 23.01 -68.66
C PRO ZA 93 36.86 23.54 -67.43
N GLY ZA 94 37.14 24.84 -67.38
CA GLY ZA 94 37.87 25.47 -66.29
C GLY ZA 94 37.03 25.68 -65.03
N LEU ZA 95 35.71 25.81 -65.16
CA LEU ZA 95 34.79 26.12 -64.06
C LEU ZA 95 33.62 25.14 -64.03
N PRO ZA 96 33.74 23.99 -63.34
CA PRO ZA 96 32.64 23.06 -63.15
C PRO ZA 96 31.46 23.68 -62.40
N ARG ZA 97 30.29 23.06 -62.50
CA ARG ZA 97 29.07 23.49 -61.81
C ARG ZA 97 29.24 23.68 -60.30
N TRP ZA 98 30.00 22.81 -59.62
CA TRP ZA 98 30.23 22.96 -58.18
C TRP ZA 98 31.05 24.20 -57.81
N VAL ZA 99 31.77 24.81 -58.75
CA VAL ZA 99 32.37 26.13 -58.53
C VAL ZA 99 31.33 27.23 -58.69
N LEU ZA 100 30.53 27.21 -59.77
CA LEU ZA 100 29.54 28.24 -60.06
C LEU ZA 100 28.48 28.35 -58.97
N GLU ZA 101 28.00 27.23 -58.43
CA GLU ZA 101 27.02 27.23 -57.34
C GLU ZA 101 27.54 27.91 -56.05
N LYS ZA 102 28.87 28.01 -55.88
CA LYS ZA 102 29.53 28.72 -54.79
C LYS ZA 102 29.87 30.18 -55.13
N LEU ZA 103 30.56 30.44 -56.24
CA LEU ZA 103 30.95 31.81 -56.63
C LEU ZA 103 29.75 32.69 -57.00
N ARG ZA 104 28.77 32.14 -57.71
CA ARG ZA 104 27.59 32.84 -58.24
C ARG ZA 104 27.97 34.12 -59.02
N PRO ZA 105 28.80 34.04 -60.07
CA PRO ZA 105 29.33 35.21 -60.76
C PRO ZA 105 28.24 36.14 -61.30
N SER ZA 106 28.47 37.45 -61.25
CA SER ZA 106 27.61 38.42 -61.92
C SER ZA 106 27.95 38.58 -63.40
N VAL ZA 107 29.23 38.46 -63.76
CA VAL ZA 107 29.71 38.62 -65.13
C VAL ZA 107 30.80 37.60 -65.42
N ILE ZA 108 30.76 37.00 -66.60
CA ILE ZA 108 31.89 36.33 -67.23
C ILE ZA 108 32.38 37.25 -68.34
N LEU ZA 109 33.65 37.63 -68.33
CA LEU ZA 109 34.25 38.43 -69.38
C LEU ZA 109 35.17 37.57 -70.20
N LEU ZA 110 35.03 37.63 -71.51
CA LEU ZA 110 35.79 36.83 -72.47
C LEU ZA 110 36.57 37.75 -73.41
N VAL ZA 111 37.90 37.62 -73.44
CA VAL ZA 111 38.77 38.42 -74.30
C VAL ZA 111 39.04 37.70 -75.62
N GLU ZA 112 38.96 38.39 -76.74
CA GLU ZA 112 39.17 37.83 -78.09
C GLU ZA 112 40.06 38.72 -78.96
N ALA ZA 113 40.72 38.11 -79.93
CA ALA ZA 113 41.49 38.77 -80.98
C ALA ZA 113 41.46 37.89 -82.24
N ASP ZA 114 41.89 38.38 -83.40
CA ASP ZA 114 41.88 37.57 -84.62
C ASP ZA 114 42.87 36.38 -84.49
N PRO ZA 115 42.51 35.17 -84.93
CA PRO ZA 115 43.42 34.02 -84.93
C PRO ZA 115 44.78 34.30 -85.57
N LYS ZA 116 44.85 35.15 -86.60
CA LYS ZA 116 46.11 35.53 -87.26
C LYS ZA 116 46.96 36.43 -86.36
N GLU ZA 117 46.36 37.32 -85.59
CA GLU ZA 117 47.07 38.11 -84.59
C GLU ZA 117 47.64 37.19 -83.51
N ILE ZA 118 46.82 36.31 -82.95
CA ILE ZA 118 47.22 35.38 -81.90
C ILE ZA 118 48.32 34.45 -82.40
N TYR ZA 119 48.18 33.93 -83.62
CA TYR ZA 119 49.22 33.11 -84.25
C TYR ZA 119 50.53 33.90 -84.40
N GLY ZA 120 50.47 35.16 -84.86
CA GLY ZA 120 51.63 36.05 -84.91
C GLY ZA 120 52.29 36.25 -83.54
N ARG ZA 121 51.51 36.52 -82.48
CA ARG ZA 121 52.05 36.67 -81.12
C ARG ZA 121 52.71 35.38 -80.62
N ARG ZA 122 52.08 34.24 -80.87
CA ARG ZA 122 52.61 32.92 -80.49
C ARG ZA 122 53.86 32.54 -81.28
N LEU ZA 123 53.92 32.89 -82.56
CA LEU ZA 123 55.09 32.66 -83.41
C LEU ZA 123 56.30 33.49 -82.96
N LYS ZA 124 56.06 34.70 -82.45
CA LYS ZA 124 57.08 35.61 -81.89
C LYS ZA 124 57.47 35.30 -80.45
N ASP ZA 125 56.73 34.45 -79.75
CA ASP ZA 125 57.07 33.98 -78.41
C ASP ZA 125 58.21 32.94 -78.45
N ASP ZA 133 49.74 25.72 -82.47
CA ASP ZA 133 48.41 25.45 -83.04
C ASP ZA 133 48.23 26.20 -84.36
N SER ZA 134 47.51 25.62 -85.32
CA SER ZA 134 47.08 26.34 -86.52
C SER ZA 134 46.08 27.45 -86.19
N GLU ZA 135 45.89 28.40 -87.12
CA GLU ZA 135 44.83 29.39 -87.01
C GLU ZA 135 43.44 28.76 -86.94
N GLU ZA 136 43.26 27.59 -87.56
CA GLU ZA 136 42.01 26.83 -87.48
C GLU ZA 136 41.77 26.29 -86.07
N GLU ZA 137 42.80 25.75 -85.41
CA GLU ZA 137 42.69 25.31 -84.03
C GLU ZA 137 42.50 26.47 -83.04
N ILE ZA 138 43.08 27.64 -83.34
CA ILE ZA 138 42.85 28.84 -82.55
C ILE ZA 138 41.39 29.29 -82.71
N ALA ZA 139 40.86 29.35 -83.93
CA ALA ZA 139 39.46 29.69 -84.17
C ALA ZA 139 38.49 28.69 -83.52
N GLU ZA 140 38.82 27.41 -83.55
CA GLU ZA 140 38.08 26.37 -82.83
C GLU ZA 140 38.09 26.64 -81.33
N HIS ZA 141 39.24 26.88 -80.71
CA HIS ZA 141 39.31 27.11 -79.27
C HIS ZA 141 38.50 28.33 -78.85
N GLN ZA 142 38.51 29.41 -79.63
CA GLN ZA 142 37.63 30.55 -79.39
C GLN ZA 142 36.15 30.16 -79.44
N MET ZA 143 35.71 29.45 -80.47
CA MET ZA 143 34.32 29.01 -80.55
C MET ZA 143 33.94 28.13 -79.36
N MET ZA 144 34.80 27.20 -78.97
CA MET ZA 144 34.53 26.38 -77.79
C MET ZA 144 34.48 27.23 -76.51
N ASN ZA 145 35.28 28.28 -76.39
CA ASN ZA 145 35.16 29.18 -75.25
C ASN ZA 145 33.81 29.90 -75.22
N ARG ZA 146 33.30 30.39 -76.36
CA ARG ZA 146 31.97 31.02 -76.39
C ARG ZA 146 30.89 30.05 -75.91
N ALA ZA 147 30.91 28.81 -76.37
CA ALA ZA 147 29.96 27.80 -75.95
C ALA ZA 147 30.08 27.52 -74.44
N ALA ZA 148 31.30 27.42 -73.92
CA ALA ZA 148 31.53 27.20 -72.50
C ALA ZA 148 31.02 28.37 -71.65
N ALA ZA 149 31.33 29.60 -72.04
CA ALA ZA 149 30.88 30.80 -71.34
C ALA ZA 149 29.36 30.85 -71.28
N MET ZA 150 28.68 30.62 -72.40
CA MET ZA 150 27.22 30.71 -72.42
C MET ZA 150 26.56 29.56 -71.64
N ALA ZA 151 27.16 28.37 -71.62
CA ALA ZA 151 26.71 27.31 -70.73
C ALA ZA 151 26.85 27.73 -69.26
N TYR ZA 152 28.00 28.28 -68.84
CA TYR ZA 152 28.20 28.82 -67.50
C TYR ZA 152 27.17 29.90 -67.16
N ALA ZA 153 26.88 30.79 -68.10
CA ALA ZA 153 25.88 31.82 -67.91
C ALA ZA 153 24.52 31.21 -67.57
N SER ZA 154 24.03 30.29 -68.39
CA SER ZA 154 22.73 29.65 -68.19
C SER ZA 154 22.61 28.89 -66.86
N LEU ZA 155 23.72 28.36 -66.34
CA LEU ZA 155 23.75 27.66 -65.05
C LEU ZA 155 23.68 28.59 -63.84
N SER ZA 156 24.02 29.86 -64.00
CA SER ZA 156 24.35 30.77 -62.89
C SER ZA 156 23.59 32.09 -62.88
N GLY ZA 157 23.03 32.51 -64.01
CA GLY ZA 157 22.49 33.85 -64.20
C GLY ZA 157 23.54 34.92 -64.47
N ALA ZA 158 24.81 34.55 -64.66
CA ALA ZA 158 25.85 35.50 -65.01
C ALA ZA 158 25.62 36.16 -66.37
N THR ZA 159 25.98 37.43 -66.53
CA THR ZA 159 26.04 38.09 -67.84
C THR ZA 159 27.29 37.65 -68.59
N VAL ZA 160 27.34 37.66 -69.92
CA VAL ZA 160 28.56 37.39 -70.70
C VAL ZA 160 28.95 38.59 -71.55
N LYS ZA 161 30.16 39.10 -71.37
CA LYS ZA 161 30.72 40.21 -72.16
C LYS ZA 161 31.87 39.71 -73.02
N ILE ZA 162 31.90 40.10 -74.30
CA ILE ZA 162 33.05 39.85 -75.19
C ILE ZA 162 33.84 41.14 -75.39
N VAL ZA 163 35.17 41.08 -75.27
CA VAL ZA 163 36.08 42.22 -75.44
C VAL ZA 163 37.12 41.93 -76.52
N PHE ZA 164 37.14 42.73 -77.59
CA PHE ZA 164 38.22 42.64 -78.59
C PHE ZA 164 39.51 43.29 -78.08
N ASN ZA 165 40.66 42.67 -78.39
CA ASN ZA 165 41.99 43.18 -78.05
C ASN ZA 165 42.96 43.03 -79.23
N HIS ZA 166 42.65 43.69 -80.35
CA HIS ZA 166 43.54 43.75 -81.50
C HIS ZA 166 44.89 44.40 -81.17
N ASP ZA 167 45.97 44.03 -81.86
CA ASP ZA 167 47.36 44.28 -81.45
C ASP ZA 167 47.67 45.71 -81.00
N ASN ZA 168 47.36 46.71 -81.83
CA ASN ZA 168 47.66 48.11 -81.53
C ASN ZA 168 46.62 48.79 -80.64
N ARG ZA 169 45.44 48.18 -80.45
CA ARG ZA 169 44.20 48.84 -80.05
C ARG ZA 169 43.81 48.55 -78.60
N LEU ZA 170 44.81 48.48 -77.72
CA LEU ZA 170 44.62 48.22 -76.29
C LEU ZA 170 43.63 49.20 -75.64
N ASP ZA 171 43.59 50.45 -76.09
CA ASP ZA 171 42.63 51.43 -75.61
C ASP ZA 171 41.17 51.05 -75.90
N ASP ZA 172 40.90 50.39 -77.03
CA ASP ZA 172 39.56 49.85 -77.32
C ASP ZA 172 39.20 48.69 -76.38
N ALA ZA 173 40.15 47.80 -76.11
CA ALA ZA 173 39.95 46.72 -75.16
C ALA ZA 173 39.64 47.27 -73.76
N VAL ZA 174 40.41 48.26 -73.29
CA VAL ZA 174 40.23 48.88 -71.97
C VAL ZA 174 38.92 49.67 -71.91
N ARG ZA 175 38.55 50.39 -72.98
CA ARG ZA 175 37.28 51.12 -73.05
C ARG ZA 175 36.08 50.17 -73.04
N ASP ZA 176 36.18 48.98 -73.62
CA ASP ZA 176 35.12 47.96 -73.50
C ASP ZA 176 35.13 47.29 -72.13
N ALA ZA 177 36.27 47.10 -71.49
CA ALA ZA 177 36.38 46.42 -70.20
C ALA ZA 177 35.92 47.30 -69.02
N ALA ZA 178 36.32 48.57 -68.98
CA ALA ZA 178 36.04 49.46 -67.85
C ALA ZA 178 34.54 49.60 -67.46
N PRO ZA 179 33.57 49.65 -68.40
CA PRO ZA 179 32.14 49.64 -68.11
C PRO ZA 179 31.65 48.48 -67.23
N VAL ZA 180 32.37 47.36 -67.16
CA VAL ZA 180 31.99 46.18 -66.37
C VAL ZA 180 32.29 46.35 -64.88
N LEU ZA 181 33.29 47.17 -64.55
CA LEU ZA 181 33.93 47.26 -63.23
C LEU ZA 181 33.24 48.23 -62.26
N ILE AB 4 -58.47 35.79 39.57
CA ILE AB 4 -59.64 36.71 39.58
C ILE AB 4 -59.14 38.12 39.34
N VAL AB 5 -59.85 38.94 38.56
CA VAL AB 5 -59.55 40.37 38.40
C VAL AB 5 -60.73 41.22 38.86
N VAL AB 6 -60.51 42.18 39.76
CA VAL AB 6 -61.55 43.10 40.24
C VAL AB 6 -61.33 44.49 39.65
N THR AB 7 -62.39 45.12 39.16
CA THR AB 7 -62.31 46.36 38.38
C THR AB 7 -63.48 47.31 38.67
N GLY AB 8 -63.28 48.61 38.44
CA GLY AB 8 -64.31 49.62 38.65
C GLY AB 8 -63.84 51.04 38.34
N ILE AB 9 -64.81 51.92 38.08
CA ILE AB 9 -64.59 53.36 37.86
C ILE AB 9 -64.20 54.08 39.16
N PRO AB 10 -63.21 55.00 39.17
CA PRO AB 10 -62.88 55.79 40.35
C PRO AB 10 -64.09 56.50 40.96
N GLY AB 11 -64.35 56.25 42.25
CA GLY AB 11 -65.54 56.69 42.97
C GLY AB 11 -66.59 55.60 43.24
N VAL AB 12 -66.52 54.45 42.56
CA VAL AB 12 -67.53 53.37 42.75
C VAL AB 12 -67.38 52.60 44.07
N GLY AB 13 -66.28 52.77 44.79
CA GLY AB 13 -66.05 52.10 46.08
C GLY AB 13 -65.40 50.72 45.97
N LYS AB 14 -64.64 50.48 44.89
CA LYS AB 14 -63.97 49.21 44.59
C LYS AB 14 -63.26 48.59 45.79
N THR AB 15 -62.42 49.38 46.48
CA THR AB 15 -61.59 48.87 47.58
C THR AB 15 -62.43 48.33 48.73
N THR AB 16 -63.51 49.02 49.11
CA THR AB 16 -64.38 48.61 50.21
C THR AB 16 -65.03 47.24 49.95
N VAL AB 17 -65.65 47.05 48.78
CA VAL AB 17 -66.30 45.78 48.44
C VAL AB 17 -65.27 44.66 48.36
N MET AB 18 -64.10 44.90 47.76
CA MET AB 18 -63.02 43.92 47.73
C MET AB 18 -62.55 43.54 49.14
N GLN AB 19 -62.26 44.51 50.00
CA GLN AB 19 -61.76 44.25 51.37
C GLN AB 19 -62.76 43.43 52.19
N LYS AB 20 -64.04 43.77 52.11
CA LYS AB 20 -65.10 43.04 52.81
C LYS AB 20 -65.32 41.65 52.23
N ALA AB 21 -65.37 41.48 50.91
CA ALA AB 21 -65.57 40.17 50.29
C ALA AB 21 -64.37 39.23 50.51
N ALA AB 22 -63.15 39.75 50.48
CA ALA AB 22 -61.92 39.00 50.69
C ALA AB 22 -61.68 38.61 52.16
N GLU AB 23 -62.52 39.02 53.10
CA GLU AB 23 -62.37 38.70 54.52
C GLU AB 23 -62.34 37.17 54.76
N GLY AB 24 -61.32 36.69 55.45
CA GLY AB 24 -61.10 35.25 55.70
C GLY AB 24 -60.66 34.42 54.48
N SER AB 25 -60.45 35.02 53.31
CA SER AB 25 -59.95 34.30 52.14
C SER AB 25 -58.45 33.99 52.25
N PRO AB 26 -57.99 32.80 51.83
CA PRO AB 26 -56.57 32.51 51.69
C PRO AB 26 -55.91 33.15 50.46
N LEU AB 27 -56.66 33.85 49.61
CA LEU AB 27 -56.13 34.42 48.37
C LEU AB 27 -55.23 35.66 48.61
N PRO AB 28 -54.05 35.76 47.97
CA PRO AB 28 -53.24 36.97 47.98
C PRO AB 28 -53.94 38.13 47.28
N ARG AB 29 -53.60 39.35 47.66
CA ARG AB 29 -54.19 40.62 47.18
C ARG AB 29 -53.13 41.43 46.47
N VAL AB 30 -53.34 41.81 45.22
CA VAL AB 30 -52.24 42.30 44.38
C VAL AB 30 -52.68 43.46 43.49
N PRO AB 31 -52.17 44.70 43.69
CA PRO AB 31 -52.33 45.76 42.72
C PRO AB 31 -51.36 45.58 41.55
N LEU AB 32 -51.87 45.52 40.31
CA LEU AB 32 -51.03 45.21 39.14
C LEU AB 32 -49.99 46.29 38.86
N GLU AB 33 -50.32 47.57 39.07
CA GLU AB 33 -49.38 48.67 38.87
C GLU AB 33 -48.21 48.58 39.85
N GLY AB 34 -48.51 48.18 41.09
CA GLY AB 34 -47.52 47.89 42.11
C GLY AB 34 -46.57 46.77 41.69
N VAL AB 35 -47.09 45.67 41.15
CA VAL AB 35 -46.24 44.60 40.61
C VAL AB 35 -45.37 45.10 39.47
N MET AB 36 -45.93 45.85 38.52
CA MET AB 36 -45.14 46.38 37.41
C MET AB 36 -44.01 47.28 37.89
N TYR AB 37 -44.29 48.17 38.85
CA TYR AB 37 -43.26 49.01 39.46
C TYR AB 37 -42.17 48.16 40.13
N GLY AB 38 -42.55 47.17 40.95
CA GLY AB 38 -41.61 46.27 41.58
C GLY AB 38 -40.74 45.50 40.57
N VAL AB 39 -41.35 44.94 39.53
CA VAL AB 39 -40.64 44.21 38.47
C VAL AB 39 -39.67 45.14 37.74
N ALA AB 40 -40.10 46.33 37.33
CA ALA AB 40 -39.24 47.30 36.66
C ALA AB 40 -38.09 47.79 37.58
N LYS AB 41 -38.39 48.07 38.85
CA LYS AB 41 -37.42 48.49 39.88
C LYS AB 41 -36.36 47.42 40.12
N ARG AB 42 -36.75 46.15 40.22
CA ARG AB 42 -35.82 45.02 40.42
C ARG AB 42 -35.08 44.60 39.16
N MET AB 43 -35.62 44.90 37.99
CA MET AB 43 -34.87 44.91 36.72
C MET AB 43 -33.99 46.16 36.56
N GLY AB 44 -33.98 47.09 37.52
CA GLY AB 44 -33.14 48.29 37.55
C GLY AB 44 -33.57 49.43 36.62
N LEU AB 45 -34.75 49.33 36.00
CA LEU AB 45 -35.22 50.26 34.96
C LEU AB 45 -35.70 51.61 35.50
N VAL AB 46 -36.09 51.63 36.77
CA VAL AB 46 -36.66 52.78 37.50
C VAL AB 46 -36.24 52.72 38.96
N LYS AB 47 -36.42 53.82 39.69
CA LYS AB 47 -36.35 53.88 41.16
C LYS AB 47 -37.61 54.45 41.79
N ASP AB 48 -38.36 55.29 41.09
CA ASP AB 48 -39.55 55.98 41.63
C ASP AB 48 -40.83 55.68 40.83
N ILE AB 49 -42.00 55.63 41.49
CA ILE AB 49 -43.26 55.19 40.88
C ILE AB 49 -43.70 56.06 39.70
N ASP AB 50 -43.43 57.36 39.75
CA ASP AB 50 -43.73 58.27 38.62
C ASP AB 50 -42.90 57.98 37.37
N GLU AB 51 -41.74 57.32 37.48
CA GLU AB 51 -40.92 56.95 36.33
C GLU AB 51 -41.58 55.87 35.46
N MET AB 52 -42.55 55.12 36.00
CA MET AB 52 -43.29 54.13 35.22
C MET AB 52 -44.01 54.74 34.00
N ARG AB 53 -44.46 56.00 34.11
CA ARG AB 53 -45.06 56.76 33.01
C ARG AB 53 -44.04 57.28 31.99
N ARG AB 54 -42.75 57.28 32.35
CA ARG AB 54 -41.64 57.80 31.53
C ARG AB 54 -40.95 56.71 30.69
N LEU AB 55 -41.20 55.43 30.99
CA LEU AB 55 -40.64 54.30 30.24
C LEU AB 55 -41.10 54.29 28.77
N SER AB 56 -40.26 53.74 27.90
CA SER AB 56 -40.59 53.50 26.50
C SER AB 56 -41.73 52.48 26.38
N PRO AB 57 -42.78 52.72 25.58
CA PRO AB 57 -43.91 51.80 25.44
C PRO AB 57 -43.52 50.35 25.16
N ASP AB 58 -42.52 50.10 24.31
CA ASP AB 58 -42.10 48.72 23.99
C ASP AB 58 -41.27 48.04 25.08
N VAL AB 59 -40.67 48.81 26.00
CA VAL AB 59 -40.20 48.27 27.29
C VAL AB 59 -41.40 47.98 28.18
N GLN AB 60 -42.36 48.89 28.25
CA GLN AB 60 -43.54 48.77 29.11
C GLN AB 60 -44.40 47.54 28.77
N LYS AB 61 -44.51 47.16 27.48
CA LYS AB 61 -45.11 45.88 27.07
C LYS AB 61 -44.43 44.69 27.73
N GLU AB 62 -43.10 44.65 27.72
CA GLU AB 62 -42.36 43.55 28.34
C GLU AB 62 -42.47 43.57 29.86
N VAL AB 63 -42.53 44.73 30.51
CA VAL AB 63 -42.83 44.83 31.94
C VAL AB 63 -44.22 44.28 32.25
N GLN AB 64 -45.24 44.62 31.46
CA GLN AB 64 -46.58 44.04 31.61
C GLN AB 64 -46.54 42.52 31.45
N LYS AB 65 -45.85 42.02 30.43
CA LYS AB 65 -45.69 40.59 30.17
C LYS AB 65 -45.01 39.88 31.34
N LYS AB 66 -43.87 40.36 31.81
CA LYS AB 66 -43.14 39.78 32.94
C LYS AB 66 -43.93 39.84 34.24
N ALA AB 67 -44.57 40.96 34.54
CA ALA AB 67 -45.44 41.07 35.71
C ALA AB 67 -46.56 40.02 35.67
N ALA AB 68 -47.23 39.87 34.53
CA ALA AB 68 -48.26 38.85 34.38
C ALA AB 68 -47.71 37.43 34.53
N GLU AB 69 -46.56 37.11 33.92
CA GLU AB 69 -45.92 35.79 34.09
C GLU AB 69 -45.67 35.46 35.56
N ARG AB 70 -45.20 36.44 36.34
CA ARG AB 70 -44.91 36.24 37.76
C ARG AB 70 -46.18 36.12 38.59
N ILE AB 71 -47.26 36.81 38.23
CA ILE AB 71 -48.56 36.61 38.87
C ILE AB 71 -49.16 35.25 38.47
N ALA AB 72 -48.93 34.79 37.24
CA ALA AB 72 -49.35 33.45 36.83
C ALA AB 72 -48.61 32.35 37.61
N ALA AB 73 -47.31 32.53 37.87
CA ALA AB 73 -46.55 31.63 38.73
C ALA AB 73 -47.07 31.64 40.18
N LEU AB 74 -47.42 32.80 40.74
CA LEU AB 74 -48.03 32.92 42.07
C LEU AB 74 -49.35 32.14 42.17
N GLY AB 75 -50.09 32.02 41.07
CA GLY AB 75 -51.36 31.29 41.03
C GLY AB 75 -52.58 32.13 41.40
N ASP AB 76 -53.59 31.49 41.96
CA ASP AB 76 -54.90 32.09 42.19
C ASP AB 76 -54.81 33.28 43.15
N VAL AB 77 -55.39 34.42 42.78
CA VAL AB 77 -55.13 35.74 43.35
C VAL AB 77 -56.32 36.68 43.16
N ILE AB 78 -56.54 37.63 44.06
CA ILE AB 78 -57.46 38.74 43.81
C ILE AB 78 -56.64 39.90 43.27
N LEU AB 79 -56.48 39.93 41.94
CA LEU AB 79 -55.76 41.00 41.26
C LEU AB 79 -56.63 42.26 41.17
N ASP AB 80 -56.03 43.42 41.34
CA ASP AB 80 -56.70 44.73 41.31
C ASP AB 80 -56.10 45.63 40.23
N THR AB 81 -56.92 46.12 39.31
CA THR AB 81 -56.58 47.19 38.34
C THR AB 81 -57.84 47.77 37.69
N HIS AB 82 -57.75 48.92 37.01
CA HIS AB 82 -58.86 49.44 36.18
C HIS AB 82 -58.99 48.67 34.86
N CYS AB 83 -60.22 48.44 34.39
CA CYS AB 83 -60.44 47.84 33.06
C CYS AB 83 -60.27 48.88 31.94
N THR AB 84 -60.68 50.14 32.13
CA THR AB 84 -60.26 51.25 31.26
C THR AB 84 -59.91 52.49 32.06
N ILE AB 85 -58.86 53.19 31.66
CA ILE AB 85 -58.38 54.39 32.34
C ILE AB 85 -58.71 55.59 31.46
N LYS AB 86 -59.39 56.60 31.99
CA LYS AB 86 -59.67 57.82 31.23
C LYS AB 86 -58.44 58.70 31.15
N THR AB 87 -58.09 59.18 29.96
CA THR AB 87 -56.88 59.98 29.68
C THR AB 87 -57.21 61.15 28.74
N PRO AB 88 -56.31 62.13 28.54
CA PRO AB 88 -56.53 63.23 27.58
C PRO AB 88 -56.87 62.78 26.16
N LYS AB 89 -56.30 61.66 25.69
CA LYS AB 89 -56.61 61.03 24.41
C LYS AB 89 -57.76 60.02 24.47
N GLY AB 90 -58.60 60.09 25.50
CA GLY AB 90 -59.75 59.20 25.70
C GLY AB 90 -59.43 57.97 26.55
N TYR AB 91 -60.24 56.92 26.44
CA TYR AB 91 -60.12 55.70 27.22
C TYR AB 91 -58.94 54.85 26.77
N LEU AB 92 -58.12 54.40 27.72
CA LEU AB 92 -57.03 53.46 27.50
C LEU AB 92 -57.42 52.08 28.05
N PRO AB 93 -57.31 50.98 27.29
CA PRO AB 93 -57.49 49.63 27.80
C PRO AB 93 -56.52 49.30 28.94
N GLY AB 94 -57.03 48.87 30.09
CA GLY AB 94 -56.21 48.52 31.25
C GLY AB 94 -55.51 47.17 31.14
N LEU AB 95 -56.04 46.25 30.32
CA LEU AB 95 -55.53 44.89 30.17
C LEU AB 95 -55.37 44.50 28.69
N PRO AB 96 -54.22 44.78 28.07
CA PRO AB 96 -53.94 44.34 26.71
C PRO AB 96 -53.96 42.82 26.56
N ARG AB 97 -54.12 42.33 25.31
CA ARG AB 97 -54.08 40.91 24.98
C ARG AB 97 -52.86 40.17 25.54
N TRP AB 98 -51.66 40.78 25.50
CA TRP AB 98 -50.45 40.16 26.02
C TRP AB 98 -50.43 40.00 27.54
N VAL AB 99 -51.27 40.70 28.29
CA VAL AB 99 -51.50 40.42 29.71
C VAL AB 99 -52.43 39.21 29.87
N LEU AB 100 -53.54 39.19 29.15
CA LEU AB 100 -54.54 38.11 29.25
C LEU AB 100 -53.98 36.74 28.87
N GLU AB 101 -53.15 36.66 27.83
CA GLU AB 101 -52.52 35.40 27.44
C GLU AB 101 -51.63 34.81 28.54
N LYS AB 102 -51.10 35.64 29.44
CA LYS AB 102 -50.29 35.22 30.59
C LYS AB 102 -51.15 34.95 31.83
N LEU AB 103 -52.00 35.88 32.25
CA LEU AB 103 -52.83 35.69 33.46
C LEU AB 103 -53.88 34.59 33.31
N ARG AB 104 -54.52 34.49 32.15
CA ARG AB 104 -55.64 33.58 31.86
C ARG AB 104 -56.73 33.65 32.94
N PRO AB 105 -57.35 34.82 33.19
CA PRO AB 105 -58.30 35.00 34.28
C PRO AB 105 -59.48 34.03 34.22
N SER AB 106 -59.95 33.54 35.36
CA SER AB 106 -61.19 32.77 35.44
C SER AB 106 -62.41 33.68 35.55
N VAL AB 107 -62.29 34.83 36.20
CA VAL AB 107 -63.37 35.82 36.34
C VAL AB 107 -62.84 37.22 36.20
N ILE AB 108 -63.60 38.06 35.52
CA ILE AB 108 -63.49 39.52 35.58
C ILE AB 108 -64.70 40.01 36.38
N LEU AB 109 -64.48 40.78 37.44
CA LEU AB 109 -65.55 41.35 38.24
C LEU AB 109 -65.57 42.85 38.00
N LEU AB 110 -66.74 43.37 37.66
CA LEU AB 110 -66.96 44.79 37.39
C LEU AB 110 -67.92 45.38 38.41
N VAL AB 111 -67.49 46.39 39.15
CA VAL AB 111 -68.32 47.06 40.15
C VAL AB 111 -69.02 48.27 39.54
N GLU AB 112 -70.30 48.43 39.79
CA GLU AB 112 -71.12 49.54 39.28
C GLU AB 112 -71.96 50.20 40.38
N ALA AB 113 -72.25 51.49 40.21
CA ALA AB 113 -73.19 52.25 41.02
C ALA AB 113 -73.87 53.29 40.13
N ASP AB 114 -74.97 53.90 40.57
CA ASP AB 114 -75.69 54.86 39.74
C ASP AB 114 -74.81 56.10 39.43
N PRO AB 115 -74.78 56.63 38.20
CA PRO AB 115 -74.04 57.85 37.88
C PRO AB 115 -74.31 59.01 38.83
N LYS AB 116 -75.55 59.15 39.34
CA LYS AB 116 -75.91 60.20 40.30
C LYS AB 116 -75.27 59.96 41.67
N GLU AB 117 -75.18 58.72 42.12
CA GLU AB 117 -74.43 58.36 43.33
C GLU AB 117 -72.96 58.68 43.16
N ILE AB 118 -72.34 58.24 42.06
CA ILE AB 118 -70.91 58.45 41.80
C ILE AB 118 -70.61 59.95 41.70
N TYR AB 119 -71.47 60.72 41.02
CA TYR AB 119 -71.33 62.17 40.96
C TYR AB 119 -71.40 62.81 42.36
N GLY AB 120 -72.34 62.37 43.19
CA GLY AB 120 -72.42 62.79 44.60
C GLY AB 120 -71.13 62.48 45.36
N ARG AB 121 -70.60 61.26 45.26
CA ARG AB 121 -69.34 60.87 45.92
C ARG AB 121 -68.15 61.68 45.44
N ARG AB 122 -68.08 61.97 44.14
CA ARG AB 122 -67.01 62.80 43.54
C ARG AB 122 -67.14 64.27 43.92
N LEU AB 123 -68.35 64.79 44.08
CA LEU AB 123 -68.60 66.15 44.54
C LEU AB 123 -68.19 66.31 46.03
N LYS AB 124 -68.49 65.30 46.85
CA LYS AB 124 -68.14 65.24 48.29
C LYS AB 124 -66.70 64.79 48.54
N ASP AB 125 -65.76 65.31 47.75
CA ASP AB 125 -64.34 64.97 47.80
C ASP AB 125 -63.46 66.22 47.58
N ASP AB 133 -66.51 65.08 35.95
CA ASP AB 133 -67.29 64.54 34.82
C ASP AB 133 -68.79 64.71 35.08
N SER AB 134 -69.58 64.96 34.04
CA SER AB 134 -71.04 64.88 34.14
C SER AB 134 -71.52 63.45 34.39
N GLU AB 135 -72.76 63.31 34.82
CA GLU AB 135 -73.42 62.00 34.91
C GLU AB 135 -73.48 61.29 33.56
N GLU AB 136 -73.54 62.03 32.46
CA GLU AB 136 -73.47 61.47 31.10
C GLU AB 136 -72.08 60.86 30.84
N GLU AB 137 -71.01 61.56 31.18
CA GLU AB 137 -69.65 61.06 31.00
C GLU AB 137 -69.34 59.88 31.94
N ILE AB 138 -69.91 59.88 33.14
CA ILE AB 138 -69.85 58.72 34.03
C ILE AB 138 -70.58 57.52 33.40
N ALA AB 139 -71.81 57.72 32.91
CA ALA AB 139 -72.57 56.64 32.27
C ALA AB 139 -71.87 56.11 31.01
N GLU AB 140 -71.26 56.98 30.23
CA GLU AB 140 -70.43 56.60 29.09
C GLU AB 140 -69.26 55.73 29.54
N HIS AB 141 -68.49 56.15 30.55
CA HIS AB 141 -67.36 55.36 31.02
C HIS AB 141 -67.78 53.97 31.49
N GLN AB 142 -68.90 53.86 32.22
CA GLN AB 142 -69.45 52.56 32.59
C GLN AB 142 -69.77 51.69 31.37
N MET AB 143 -70.47 52.22 30.37
CA MET AB 143 -70.77 51.46 29.16
C MET AB 143 -69.48 51.01 28.45
N MET AB 144 -68.48 51.88 28.36
CA MET AB 144 -67.19 51.48 27.79
C MET AB 144 -66.51 50.40 28.63
N ASN AB 145 -66.65 50.39 29.95
CA ASN AB 145 -66.13 49.31 30.76
C ASN AB 145 -66.83 47.98 30.47
N ARG AB 146 -68.16 47.95 30.31
CA ARG AB 146 -68.87 46.72 29.94
C ARG AB 146 -68.39 46.18 28.61
N ALA AB 147 -68.23 47.05 27.62
CA ALA AB 147 -67.71 46.65 26.31
C ALA AB 147 -66.28 46.09 26.44
N ALA AB 148 -65.41 46.74 27.22
CA ALA AB 148 -64.05 46.27 27.43
C ALA AB 148 -64.02 44.91 28.15
N ALA AB 149 -64.79 44.75 29.21
CA ALA AB 149 -64.84 43.50 29.97
C ALA AB 149 -65.27 42.34 29.08
N MET AB 150 -66.31 42.50 28.27
CA MET AB 150 -66.79 41.42 27.41
C MET AB 150 -65.81 41.12 26.27
N ALA AB 151 -65.08 42.12 25.77
CA ALA AB 151 -63.99 41.87 24.85
C ALA AB 151 -62.89 41.03 25.50
N TYR AB 152 -62.44 41.39 26.71
CA TYR AB 152 -61.47 40.60 27.49
C TYR AB 152 -61.96 39.18 27.71
N ALA AB 153 -63.23 39.00 28.04
CA ALA AB 153 -63.82 37.69 28.23
C ALA AB 153 -63.66 36.83 26.98
N SER AB 154 -64.06 37.35 25.82
CA SER AB 154 -63.96 36.60 24.56
C SER AB 154 -62.53 36.22 24.18
N LEU AB 155 -61.54 37.02 24.56
CA LEU AB 155 -60.13 36.73 24.31
C LEU AB 155 -59.56 35.65 25.24
N SER AB 156 -60.12 35.51 26.45
CA SER AB 156 -59.50 34.75 27.54
C SER AB 156 -60.27 33.51 27.99
N GLY AB 157 -61.57 33.45 27.72
CA GLY AB 157 -62.48 32.47 28.32
C GLY AB 157 -62.93 32.83 29.75
N ALA AB 158 -62.58 34.00 30.28
CA ALA AB 158 -63.01 34.44 31.60
C ALA AB 158 -64.52 34.63 31.69
N THR AB 159 -65.12 34.34 32.84
CA THR AB 159 -66.49 34.74 33.16
C THR AB 159 -66.55 36.23 33.46
N VAL AB 160 -67.68 36.92 33.26
CA VAL AB 160 -67.87 38.32 33.67
C VAL AB 160 -69.00 38.45 34.68
N LYS AB 161 -68.73 39.06 35.83
CA LYS AB 161 -69.73 39.31 36.89
C LYS AB 161 -69.88 40.80 37.12
N ILE AB 162 -71.11 41.29 37.20
CA ILE AB 162 -71.41 42.68 37.56
C ILE AB 162 -71.93 42.75 38.99
N VAL AB 163 -71.41 43.68 39.79
CA VAL AB 163 -71.80 43.89 41.19
C VAL AB 163 -72.26 45.32 41.42
N PHE AB 164 -73.51 45.50 41.85
CA PHE AB 164 -74.00 46.82 42.27
C PHE AB 164 -73.51 47.20 43.66
N ASN AB 165 -73.10 48.46 43.85
CA ASN AB 165 -72.61 49.00 45.12
C ASN AB 165 -73.24 50.37 45.44
N HIS AB 166 -74.56 50.40 45.55
CA HIS AB 166 -75.31 51.59 45.97
C HIS AB 166 -74.88 52.06 47.38
N ASP AB 167 -75.00 53.36 47.66
CA ASP AB 167 -74.33 54.03 48.79
C ASP AB 167 -74.48 53.33 50.15
N ASN AB 168 -75.72 53.07 50.58
CA ASN AB 168 -76.00 52.43 51.87
C ASN AB 168 -75.89 50.90 51.84
N ARG AB 169 -75.94 50.31 50.64
CA ARG AB 169 -76.24 48.88 50.43
C ARG AB 169 -74.98 48.04 50.26
N LEU AB 170 -73.91 48.36 50.97
CA LEU AB 170 -72.64 47.64 50.91
C LEU AB 170 -72.82 46.13 51.15
N ASP AB 171 -73.76 45.74 52.01
CA ASP AB 171 -74.07 44.33 52.25
C ASP AB 171 -74.52 43.59 50.99
N ASP AB 172 -75.30 44.23 50.11
CA ASP AB 172 -75.67 43.66 48.81
C ASP AB 172 -74.45 43.46 47.91
N ALA AB 173 -73.57 44.45 47.83
CA ALA AB 173 -72.34 44.34 47.04
C ALA AB 173 -71.45 43.18 47.55
N VAL AB 174 -71.26 43.08 48.87
CA VAL AB 174 -70.42 42.02 49.45
C VAL AB 174 -71.09 40.65 49.31
N ARG AB 175 -72.41 40.57 49.46
CA ARG AB 175 -73.18 39.34 49.25
C ARG AB 175 -73.14 38.87 47.80
N ASP AB 176 -73.10 39.77 46.82
CA ASP AB 176 -72.88 39.41 45.41
C ASP AB 176 -71.41 39.03 45.13
N ALA AB 177 -70.45 39.69 45.77
CA ALA AB 177 -69.02 39.47 45.49
C ALA AB 177 -68.47 38.17 46.10
N ALA AB 178 -68.86 37.83 47.33
CA ALA AB 178 -68.31 36.66 48.03
C ALA AB 178 -68.50 35.31 47.29
N PRO AB 179 -69.66 35.01 46.65
CA PRO AB 179 -69.85 33.82 45.81
C PRO AB 179 -68.83 33.60 44.68
N VAL AB 180 -68.12 34.64 44.26
CA VAL AB 180 -67.15 34.56 43.17
C VAL AB 180 -65.85 33.85 43.59
N LEU AB 181 -65.49 33.97 44.87
CA LEU AB 181 -64.20 33.56 45.45
C LEU AB 181 -64.06 32.04 45.61
N ILE BB 4 -10.12 40.62 -67.28
CA ILE BB 4 -11.03 41.11 -68.35
C ILE BB 4 -11.60 39.91 -69.08
N VAL BB 5 -12.88 39.93 -69.46
CA VAL BB 5 -13.46 38.93 -70.38
C VAL BB 5 -13.97 39.61 -71.64
N VAL BB 6 -13.58 39.15 -72.82
CA VAL BB 6 -14.08 39.67 -74.09
C VAL BB 6 -15.03 38.68 -74.75
N THR BB 7 -16.17 39.17 -75.25
CA THR BB 7 -17.27 38.34 -75.73
C THR BB 7 -17.94 38.93 -76.98
N GLY BB 8 -18.59 38.08 -77.77
CA GLY BB 8 -19.30 38.52 -78.98
C GLY BB 8 -19.97 37.37 -79.74
N ILE BB 9 -20.96 37.73 -80.56
CA ILE BB 9 -21.65 36.82 -81.47
C ILE BB 9 -20.74 36.41 -82.66
N PRO BB 10 -20.70 35.14 -83.08
CA PRO BB 10 -19.94 34.72 -84.26
C PRO BB 10 -20.28 35.54 -85.50
N GLY BB 11 -19.25 36.15 -86.09
CA GLY BB 11 -19.36 37.09 -87.22
C GLY BB 11 -19.16 38.57 -86.85
N VAL BB 12 -19.15 38.93 -85.57
CA VAL BB 12 -19.01 40.35 -85.17
C VAL BB 12 -17.58 40.90 -85.28
N GLY BB 13 -16.57 40.05 -85.50
CA GLY BB 13 -15.17 40.46 -85.64
C GLY BB 13 -14.39 40.53 -84.32
N LYS BB 14 -14.81 39.74 -83.33
CA LYS BB 14 -14.25 39.70 -81.96
C LYS BB 14 -12.73 39.66 -81.93
N THR BB 15 -12.12 38.74 -82.67
CA THR BB 15 -10.66 38.55 -82.64
C THR BB 15 -9.92 39.77 -83.17
N THR BB 16 -10.41 40.40 -84.25
CA THR BB 16 -9.80 41.58 -84.85
C THR BB 16 -9.72 42.74 -83.85
N VAL BB 17 -10.85 43.09 -83.21
CA VAL BB 17 -10.87 44.18 -82.23
C VAL BB 17 -10.00 43.86 -81.02
N MET BB 18 -10.05 42.63 -80.50
CA MET BB 18 -9.19 42.20 -79.41
C MET BB 18 -7.72 42.35 -79.73
N GLN BB 19 -7.25 41.82 -80.87
CA GLN BB 19 -5.83 41.86 -81.21
C GLN BB 19 -5.31 43.26 -81.50
N LYS BB 20 -6.12 44.13 -82.13
CA LYS BB 20 -5.76 45.53 -82.33
C LYS BB 20 -5.72 46.32 -81.02
N ALA BB 21 -6.68 46.13 -80.11
CA ALA BB 21 -6.67 46.82 -78.82
C ALA BB 21 -5.53 46.31 -77.91
N ALA BB 22 -5.28 45.01 -77.89
CA ALA BB 22 -4.22 44.39 -77.10
C ALA BB 22 -2.78 44.67 -77.60
N GLU BB 23 -2.63 45.37 -78.73
CA GLU BB 23 -1.32 45.68 -79.31
C GLU BB 23 -0.42 46.47 -78.33
N GLY BB 24 0.74 45.91 -78.00
CA GLY BB 24 1.67 46.48 -77.02
C GLY BB 24 1.29 46.28 -75.55
N SER BB 25 0.18 45.59 -75.24
CA SER BB 25 -0.20 45.28 -73.87
C SER BB 25 0.71 44.20 -73.26
N PRO BB 26 1.09 44.28 -71.97
CA PRO BB 26 1.75 43.20 -71.25
C PRO BB 26 0.80 42.06 -70.86
N LEU BB 27 -0.52 42.17 -71.11
CA LEU BB 27 -1.50 41.17 -70.68
C LEU BB 27 -1.42 39.87 -71.51
N PRO BB 28 -1.41 38.68 -70.88
CA PRO BB 28 -1.58 37.42 -71.60
C PRO BB 28 -2.98 37.31 -72.22
N ARG BB 29 -3.10 36.60 -73.34
CA ARG BB 29 -4.40 36.27 -73.94
C ARG BB 29 -4.71 34.79 -73.80
N VAL BB 30 -5.91 34.46 -73.38
CA VAL BB 30 -6.28 33.08 -73.05
C VAL BB 30 -7.64 32.74 -73.65
N PRO BB 31 -7.79 31.65 -74.43
CA PRO BB 31 -9.09 31.09 -74.77
C PRO BB 31 -9.56 30.11 -73.67
N LEU BB 32 -10.75 30.31 -73.10
CA LEU BB 32 -11.21 29.49 -71.98
C LEU BB 32 -11.42 28.02 -72.32
N GLU BB 33 -11.91 27.73 -73.53
CA GLU BB 33 -12.11 26.36 -74.01
C GLU BB 33 -10.77 25.63 -74.13
N GLY BB 34 -9.76 26.35 -74.62
CA GLY BB 34 -8.38 25.87 -74.72
C GLY BB 34 -7.80 25.49 -73.37
N VAL BB 35 -7.97 26.34 -72.35
CA VAL BB 35 -7.53 26.00 -70.99
C VAL BB 35 -8.29 24.79 -70.45
N MET BB 36 -9.61 24.71 -70.66
CA MET BB 36 -10.36 23.55 -70.19
C MET BB 36 -9.86 22.26 -70.83
N TYR BB 37 -9.60 22.27 -72.14
CA TYR BB 37 -8.99 21.14 -72.83
C TYR BB 37 -7.62 20.80 -72.25
N GLY BB 38 -6.74 21.79 -72.08
CA GLY BB 38 -5.43 21.61 -71.48
C GLY BB 38 -5.49 21.00 -70.07
N VAL BB 39 -6.35 21.53 -69.20
CA VAL BB 39 -6.52 21.02 -67.84
C VAL BB 39 -7.07 19.59 -67.86
N ALA BB 40 -8.10 19.31 -68.65
CA ALA BB 40 -8.66 17.97 -68.76
C ALA BB 40 -7.63 16.96 -69.33
N LYS BB 41 -6.88 17.37 -70.36
CA LYS BB 41 -5.83 16.58 -71.00
C LYS BB 41 -4.69 16.25 -70.03
N ARG BB 42 -4.24 17.22 -69.23
CA ARG BB 42 -3.19 17.04 -68.22
C ARG BB 42 -3.66 16.30 -66.97
N MET BB 43 -4.95 16.35 -66.67
CA MET BB 43 -5.62 15.45 -65.74
C MET BB 43 -5.91 14.05 -66.34
N GLY BB 44 -5.55 13.81 -67.61
CA GLY BB 44 -5.69 12.53 -68.30
C GLY BB 44 -7.12 12.17 -68.72
N LEU BB 45 -8.07 13.08 -68.60
CA LEU BB 45 -9.50 12.85 -68.84
C LEU BB 45 -9.85 12.75 -70.32
N VAL BB 46 -9.03 13.35 -71.20
CA VAL BB 46 -9.19 13.41 -72.65
C VAL BB 46 -7.83 13.40 -73.34
N LYS BB 47 -7.83 13.17 -74.66
CA LYS BB 47 -6.68 13.38 -75.55
C LYS BB 47 -7.01 14.30 -76.72
N ASP BB 48 -8.26 14.37 -77.16
CA ASP BB 48 -8.67 15.11 -78.35
C ASP BB 48 -9.75 16.17 -78.06
N ILE BB 49 -9.71 17.30 -78.76
CA ILE BB 49 -10.50 18.50 -78.47
C ILE BB 49 -12.01 18.25 -78.50
N ASP BB 50 -12.49 17.37 -79.38
CA ASP BB 50 -13.91 16.99 -79.45
C ASP BB 50 -14.39 16.21 -78.22
N GLU BB 51 -13.50 15.51 -77.50
CA GLU BB 51 -13.87 14.74 -76.31
C GLU BB 51 -14.36 15.62 -75.16
N MET BB 52 -14.05 16.93 -75.18
CA MET BB 52 -14.58 17.89 -74.22
C MET BB 52 -16.12 17.94 -74.21
N ARG BB 53 -16.77 17.67 -75.36
CA ARG BB 53 -18.23 17.55 -75.46
C ARG BB 53 -18.76 16.21 -74.96
N ARG BB 54 -17.91 15.18 -74.92
CA ARG BB 54 -18.23 13.80 -74.52
C ARG BB 54 -18.11 13.56 -73.02
N LEU BB 55 -17.36 14.41 -72.30
CA LEU BB 55 -17.25 14.36 -70.84
C LEU BB 55 -18.61 14.45 -70.15
N SER BB 56 -18.74 13.77 -69.00
CA SER BB 56 -19.92 13.85 -68.15
C SER BB 56 -20.09 15.27 -67.58
N PRO BB 57 -21.29 15.87 -67.59
CA PRO BB 57 -21.50 17.23 -67.13
C PRO BB 57 -20.93 17.54 -65.74
N ASP BB 58 -21.05 16.65 -64.76
CA ASP BB 58 -20.54 16.90 -63.41
C ASP BB 58 -19.01 16.76 -63.28
N VAL BB 59 -18.35 16.12 -64.26
CA VAL BB 59 -16.90 16.23 -64.42
C VAL BB 59 -16.56 17.59 -65.04
N GLN BB 60 -17.31 17.98 -66.07
CA GLN BB 60 -17.10 19.23 -66.80
C GLN BB 60 -17.25 20.47 -65.92
N LYS BB 61 -18.14 20.45 -64.90
CA LYS BB 61 -18.20 21.49 -63.85
C LYS BB 61 -16.89 21.64 -63.10
N GLU BB 62 -16.25 20.55 -62.68
CA GLU BB 62 -14.98 20.63 -61.97
C GLU BB 62 -13.83 21.03 -62.90
N VAL BB 63 -13.84 20.61 -64.18
CA VAL BB 63 -12.89 21.12 -65.17
C VAL BB 63 -13.02 22.63 -65.32
N GLN BB 64 -14.24 23.15 -65.43
CA GLN BB 64 -14.51 24.59 -65.46
C GLN BB 64 -13.99 25.27 -64.19
N LYS BB 65 -14.26 24.71 -63.01
CA LYS BB 65 -13.80 25.24 -61.73
C LYS BB 65 -12.26 25.33 -61.67
N LYS BB 66 -11.56 24.25 -62.01
CA LYS BB 66 -10.08 24.21 -61.99
C LYS BB 66 -9.47 25.12 -63.03
N ALA BB 67 -10.02 25.17 -64.25
CA ALA BB 67 -9.55 26.11 -65.26
C ALA BB 67 -9.68 27.57 -64.78
N ALA BB 68 -10.80 27.92 -64.18
CA ALA BB 68 -10.99 29.25 -63.65
C ALA BB 68 -10.05 29.56 -62.48
N GLU BB 69 -9.85 28.64 -61.54
CA GLU BB 69 -8.89 28.83 -60.45
C GLU BB 69 -7.47 29.10 -60.97
N ARG BB 70 -7.04 28.37 -62.00
CA ARG BB 70 -5.70 28.53 -62.59
C ARG BB 70 -5.56 29.82 -63.40
N ILE BB 71 -6.61 30.26 -64.09
CA ILE BB 71 -6.60 31.57 -64.76
C ILE BB 71 -6.64 32.71 -63.72
N ALA BB 72 -7.30 32.52 -62.58
CA ALA BB 72 -7.24 33.50 -61.49
C ALA BB 72 -5.83 33.60 -60.89
N ALA BB 73 -5.14 32.48 -60.71
CA ALA BB 73 -3.76 32.46 -60.21
C ALA BB 73 -2.78 33.17 -61.16
N LEU BB 74 -2.98 33.09 -62.48
CA LEU BB 74 -2.19 33.84 -63.47
C LEU BB 74 -2.33 35.36 -63.31
N GLY BB 75 -3.42 35.83 -62.71
CA GLY BB 75 -3.70 37.23 -62.50
C GLY BB 75 -4.37 37.92 -63.68
N ASP BB 76 -4.02 39.18 -63.91
CA ASP BB 76 -4.70 40.03 -64.89
C ASP BB 76 -4.47 39.51 -66.32
N VAL BB 77 -5.54 39.34 -67.09
CA VAL BB 77 -5.57 38.56 -68.34
C VAL BB 77 -6.66 39.06 -69.29
N ILE BB 78 -6.48 38.91 -70.60
CA ILE BB 78 -7.56 39.06 -71.57
C ILE BB 78 -8.11 37.67 -71.87
N LEU BB 79 -9.11 37.25 -71.10
CA LEU BB 79 -9.80 35.98 -71.33
C LEU BB 79 -10.79 36.12 -72.49
N ASP BB 80 -10.92 35.08 -73.30
CA ASP BB 80 -11.81 35.06 -74.46
C ASP BB 80 -12.75 33.83 -74.41
N THR BB 81 -14.06 34.07 -74.51
CA THR BB 81 -15.11 33.05 -74.69
C THR BB 81 -16.44 33.70 -75.11
N HIS BB 82 -17.41 32.94 -75.60
CA HIS BB 82 -18.76 33.46 -75.84
C HIS BB 82 -19.53 33.65 -74.52
N CYS BB 83 -20.34 34.71 -74.41
CA CYS BB 83 -21.24 34.89 -73.27
C CYS BB 83 -22.49 34.00 -73.36
N THR BB 84 -23.05 33.78 -74.55
CA THR BB 84 -24.01 32.70 -74.78
C THR BB 84 -23.74 31.98 -76.09
N ILE BB 85 -23.85 30.65 -76.07
CA ILE BB 85 -23.62 29.78 -77.22
C ILE BB 85 -24.98 29.30 -77.72
N LYS BB 86 -25.29 29.46 -79.00
CA LYS BB 86 -26.53 28.95 -79.57
C LYS BB 86 -26.43 27.46 -79.84
N THR BB 87 -27.41 26.67 -79.40
CA THR BB 87 -27.42 25.20 -79.48
C THR BB 87 -28.80 24.71 -79.95
N PRO BB 88 -28.98 23.43 -80.34
CA PRO BB 88 -30.28 22.88 -80.71
C PRO BB 88 -31.37 23.10 -79.65
N LYS BB 89 -31.03 23.02 -78.36
CA LYS BB 89 -31.94 23.30 -77.24
C LYS BB 89 -32.00 24.78 -76.84
N GLY BB 90 -31.55 25.71 -77.70
CA GLY BB 90 -31.54 27.15 -77.45
C GLY BB 90 -30.21 27.68 -76.90
N TYR BB 91 -30.24 28.86 -76.28
CA TYR BB 91 -29.05 29.53 -75.79
C TYR BB 91 -28.51 28.90 -74.52
N LEU BB 92 -27.21 28.63 -74.48
CA LEU BB 92 -26.49 28.11 -73.33
C LEU BB 92 -25.62 29.22 -72.72
N PRO BB 93 -25.73 29.54 -71.41
CA PRO BB 93 -24.85 30.48 -70.74
C PRO BB 93 -23.38 30.05 -70.79
N GLY BB 94 -22.50 30.93 -71.25
CA GLY BB 94 -21.07 30.64 -71.39
C GLY BB 94 -20.27 30.72 -70.09
N LEU BB 95 -20.73 31.49 -69.10
CA LEU BB 95 -20.07 31.63 -67.79
C LEU BB 95 -21.02 31.21 -66.66
N PRO BB 96 -21.10 29.92 -66.31
CA PRO BB 96 -21.80 29.50 -65.11
C PRO BB 96 -21.25 30.15 -63.84
N ARG BB 97 -22.07 30.27 -62.80
CA ARG BB 97 -21.68 30.90 -61.53
C ARG BB 97 -20.43 30.28 -60.90
N TRP BB 98 -20.23 28.97 -61.01
CA TRP BB 98 -19.02 28.31 -60.49
C TRP BB 98 -17.75 28.69 -61.24
N VAL BB 99 -17.82 29.16 -62.49
CA VAL BB 99 -16.68 29.82 -63.16
C VAL BB 99 -16.51 31.23 -62.62
N LEU BB 100 -17.60 32.00 -62.64
CA LEU BB 100 -17.57 33.44 -62.43
C LEU BB 100 -17.10 33.83 -61.02
N GLU BB 101 -17.47 33.07 -59.99
CA GLU BB 101 -16.99 33.28 -58.62
C GLU BB 101 -15.49 33.01 -58.44
N LYS BB 102 -14.86 32.25 -59.34
CA LYS BB 102 -13.41 32.03 -59.34
C LYS BB 102 -12.67 33.12 -60.11
N LEU BB 103 -13.12 33.47 -61.31
CA LEU BB 103 -12.49 34.53 -62.11
C LEU BB 103 -12.62 35.93 -61.50
N ARG BB 104 -13.80 36.26 -60.97
CA ARG BB 104 -14.12 37.59 -60.42
C ARG BB 104 -13.76 38.74 -61.37
N PRO BB 105 -14.23 38.76 -62.63
CA PRO BB 105 -13.81 39.76 -63.61
C PRO BB 105 -13.99 41.20 -63.15
N SER BB 106 -13.07 42.09 -63.47
CA SER BB 106 -13.28 43.54 -63.32
C SER BB 106 -14.14 44.11 -64.43
N VAL BB 107 -14.05 43.56 -65.64
CA VAL BB 107 -14.83 43.99 -66.81
C VAL BB 107 -15.31 42.81 -67.62
N ILE BB 108 -16.55 42.87 -68.09
CA ILE BB 108 -17.07 42.08 -69.20
C ILE BB 108 -17.21 43.03 -70.38
N LEU BB 109 -16.59 42.69 -71.51
CA LEU BB 109 -16.68 43.48 -72.73
C LEU BB 109 -17.51 42.73 -73.76
N LEU BB 110 -18.48 43.42 -74.34
CA LEU BB 110 -19.42 42.87 -75.30
C LEU BB 110 -19.31 43.61 -76.64
N VAL BB 111 -18.96 42.91 -77.71
CA VAL BB 111 -18.80 43.50 -79.04
C VAL BB 111 -20.09 43.39 -79.83
N GLU BB 112 -20.51 44.46 -80.51
CA GLU BB 112 -21.73 44.50 -81.31
C GLU BB 112 -21.52 45.11 -82.70
N ALA BB 113 -22.32 44.69 -83.66
CA ALA BB 113 -22.48 45.30 -84.97
C ALA BB 113 -23.93 45.17 -85.41
N ASP BB 114 -24.37 45.88 -86.45
CA ASP BB 114 -25.76 45.80 -86.90
C ASP BB 114 -26.10 44.38 -87.42
N PRO BB 115 -27.29 43.81 -87.11
CA PRO BB 115 -27.72 42.54 -87.66
C PRO BB 115 -27.58 42.43 -89.18
N LYS BB 116 -27.80 43.52 -89.94
CA LYS BB 116 -27.63 43.53 -91.39
C LYS BB 116 -26.16 43.40 -91.79
N GLU BB 117 -25.25 44.05 -91.08
CA GLU BB 117 -23.80 43.87 -91.30
C GLU BB 117 -23.39 42.43 -91.02
N ILE BB 118 -23.81 41.88 -89.88
CA ILE BB 118 -23.48 40.52 -89.48
C ILE BB 118 -24.06 39.51 -90.47
N TYR BB 119 -25.30 39.72 -90.92
CA TYR BB 119 -25.91 38.88 -91.94
C TYR BB 119 -25.13 38.94 -93.26
N GLY BB 120 -24.69 40.14 -93.68
CA GLY BB 120 -23.80 40.29 -94.83
C GLY BB 120 -22.49 39.52 -94.68
N ARG BB 121 -21.80 39.65 -93.53
CA ARG BB 121 -20.56 38.92 -93.26
C ARG BB 121 -20.77 37.41 -93.27
N ARG BB 122 -21.86 36.93 -92.66
CA ARG BB 122 -22.21 35.49 -92.63
C ARG BB 122 -22.58 34.96 -94.01
N LEU BB 123 -23.28 35.76 -94.82
CA LEU BB 123 -23.63 35.38 -96.19
C LEU BB 123 -22.39 35.28 -97.10
N LYS BB 124 -21.38 36.13 -96.87
CA LYS BB 124 -20.08 36.12 -97.57
C LYS BB 124 -19.11 35.06 -97.04
N ASP BB 125 -19.41 34.39 -95.94
CA ASP BB 125 -18.62 33.28 -95.42
C ASP BB 125 -18.92 31.97 -96.18
N ASP BB 133 -28.94 32.21 -89.76
CA ASP BB 133 -29.93 32.91 -88.93
C ASP BB 133 -30.49 34.12 -89.69
N SER BB 134 -31.76 34.45 -89.52
CA SER BB 134 -32.32 35.73 -89.97
C SER BB 134 -31.76 36.91 -89.18
N GLU BB 135 -31.94 38.12 -89.69
CA GLU BB 135 -31.61 39.34 -88.97
C GLU BB 135 -32.38 39.46 -87.65
N GLU BB 136 -33.60 38.91 -87.60
CA GLU BB 136 -34.38 38.84 -86.35
C GLU BB 136 -33.73 37.91 -85.34
N GLU BB 137 -33.28 36.72 -85.75
CA GLU BB 137 -32.59 35.79 -84.86
C GLU BB 137 -31.21 36.29 -84.43
N ILE BB 138 -30.53 37.08 -85.28
CA ILE BB 138 -29.31 37.78 -84.88
C ILE BB 138 -29.63 38.83 -83.81
N ALA BB 139 -30.63 39.68 -84.04
CA ALA BB 139 -31.05 40.69 -83.07
C ALA BB 139 -31.50 40.08 -81.73
N GLU BB 140 -32.16 38.93 -81.77
CA GLU BB 140 -32.50 38.16 -80.58
C GLU BB 140 -31.24 37.69 -79.85
N HIS BB 141 -30.29 37.05 -80.52
CA HIS BB 141 -29.07 36.58 -79.86
C HIS BB 141 -28.28 37.72 -79.22
N GLN BB 142 -28.22 38.89 -79.87
CA GLN BB 142 -27.64 40.08 -79.25
C GLN BB 142 -28.39 40.51 -78.00
N MET BB 143 -29.72 40.60 -78.04
CA MET BB 143 -30.50 40.98 -76.87
C MET BB 143 -30.29 39.98 -75.72
N MET BB 144 -30.25 38.69 -76.01
CA MET BB 144 -29.94 37.70 -74.98
C MET BB 144 -28.55 37.87 -74.40
N ASN BB 145 -27.55 38.24 -75.22
CA ASN BB 145 -26.22 38.51 -74.69
C ASN BB 145 -26.21 39.71 -73.73
N ARG BB 146 -26.93 40.79 -74.02
CA ARG BB 146 -27.02 41.93 -73.10
C ARG BB 146 -27.58 41.50 -71.74
N ALA BB 147 -28.67 40.73 -71.74
CA ALA BB 147 -29.24 40.22 -70.51
C ALA BB 147 -28.25 39.32 -69.76
N ALA BB 148 -27.55 38.42 -70.47
CA ALA BB 148 -26.58 37.53 -69.86
C ALA BB 148 -25.40 38.29 -69.24
N ALA BB 149 -24.86 39.29 -69.94
CA ALA BB 149 -23.75 40.09 -69.45
C ALA BB 149 -24.13 40.81 -68.16
N MET BB 150 -25.29 41.46 -68.12
CA MET BB 150 -25.70 42.19 -66.93
C MET BB 150 -26.04 41.27 -65.76
N ALA BB 151 -26.55 40.07 -66.03
CA ALA BB 151 -26.68 39.06 -64.98
C ALA BB 151 -25.33 38.69 -64.38
N TYR BB 152 -24.29 38.42 -65.20
CA TYR BB 152 -22.94 38.17 -64.70
C TYR BB 152 -22.38 39.34 -63.91
N ALA BB 153 -22.65 40.58 -64.36
CA ALA BB 153 -22.23 41.77 -63.65
C ALA BB 153 -22.78 41.76 -62.22
N SER BB 154 -24.09 41.58 -62.05
CA SER BB 154 -24.73 41.58 -60.74
C SER BB 154 -24.23 40.49 -59.80
N LEU BB 155 -23.79 39.34 -60.32
CA LEU BB 155 -23.25 38.24 -59.54
C LEU BB 155 -21.81 38.47 -59.03
N SER BB 156 -21.09 39.44 -59.57
CA SER BB 156 -19.62 39.53 -59.45
C SER BB 156 -19.05 40.92 -59.17
N GLY BB 157 -19.82 41.99 -59.42
CA GLY BB 157 -19.31 43.36 -59.40
C GLY BB 157 -18.55 43.77 -60.66
N ALA BB 158 -18.51 42.94 -61.70
CA ALA BB 158 -17.85 43.28 -62.96
C ALA BB 158 -18.55 44.45 -63.67
N THR BB 159 -17.78 45.38 -64.21
CA THR BB 159 -18.31 46.44 -65.08
C THR BB 159 -18.71 45.83 -66.43
N VAL BB 160 -19.69 46.39 -67.14
CA VAL BB 160 -20.06 45.95 -68.50
C VAL BB 160 -19.82 47.05 -69.52
N LYS BB 161 -19.00 46.79 -70.55
CA LYS BB 161 -18.73 47.72 -71.65
C LYS BB 161 -19.28 47.17 -72.96
N ILE BB 162 -20.00 47.99 -73.71
CA ILE BB 162 -20.44 47.63 -75.07
C ILE BB 162 -19.58 48.37 -76.10
N VAL BB 163 -19.09 47.66 -77.12
CA VAL BB 163 -18.24 48.21 -78.18
C VAL BB 163 -18.86 47.99 -79.56
N PHE BB 164 -19.15 49.04 -80.32
CA PHE BB 164 -19.56 48.90 -81.71
C PHE BB 164 -18.39 48.60 -82.65
N ASN BB 165 -18.61 47.74 -83.65
CA ASN BB 165 -17.62 47.34 -84.65
C ASN BB 165 -18.22 47.27 -86.07
N HIS BB 166 -18.74 48.40 -86.54
CA HIS BB 166 -19.26 48.53 -87.91
C HIS BB 166 -18.16 48.27 -88.97
N ASP BB 167 -18.54 47.77 -90.15
CA ASP BB 167 -17.62 47.16 -91.13
C ASP BB 167 -16.36 48.01 -91.43
N ASN BB 168 -16.54 49.26 -91.82
CA ASN BB 168 -15.43 50.15 -92.21
C ASN BB 168 -14.69 50.79 -91.01
N ARG BB 169 -15.27 50.69 -89.80
CA ARG BB 169 -14.97 51.59 -88.67
C ARG BB 169 -14.20 50.89 -87.55
N LEU BB 170 -13.30 49.97 -87.91
CA LEU BB 170 -12.49 49.23 -86.93
C LEU BB 170 -11.73 50.16 -85.98
N ASP BB 171 -11.29 51.32 -86.44
CA ASP BB 171 -10.64 52.32 -85.58
C ASP BB 171 -11.54 52.78 -84.42
N ASP BB 172 -12.86 52.93 -84.63
CA ASP BB 172 -13.80 53.25 -83.55
C ASP BB 172 -13.88 52.12 -82.53
N ALA BB 173 -13.95 50.87 -83.00
CA ALA BB 173 -13.99 49.72 -82.10
C ALA BB 173 -12.72 49.65 -81.23
N VAL BB 174 -11.55 49.83 -81.83
CA VAL BB 174 -10.27 49.83 -81.10
C VAL BB 174 -10.14 51.03 -80.18
N ARG BB 175 -10.62 52.21 -80.59
CA ARG BB 175 -10.62 53.43 -79.75
C ARG BB 175 -11.56 53.30 -78.54
N ASP BB 176 -12.67 52.60 -78.67
CA ASP BB 176 -13.51 52.25 -77.51
C ASP BB 176 -12.89 51.14 -76.64
N ALA BB 177 -12.25 50.14 -77.25
CA ALA BB 177 -11.73 48.99 -76.52
C ALA BB 177 -10.44 49.29 -75.72
N ALA BB 178 -9.47 49.99 -76.32
CA ALA BB 178 -8.16 50.21 -75.70
C ALA BB 178 -8.20 50.91 -74.32
N PRO BB 179 -9.07 51.91 -74.06
CA PRO BB 179 -9.28 52.51 -72.73
C PRO BB 179 -9.65 51.55 -71.60
N VAL BB 180 -10.14 50.35 -71.92
CA VAL BB 180 -10.56 49.36 -70.92
C VAL BB 180 -9.36 48.64 -70.28
N LEU BB 181 -8.27 48.51 -71.04
CA LEU BB 181 -7.09 47.70 -70.73
C LEU BB 181 -6.18 48.34 -69.66
N ILE CB 4 -11.28 36.63 69.30
CA ILE CB 4 -12.22 37.14 70.34
C ILE CB 4 -13.01 38.29 69.75
N VAL CB 5 -14.30 38.43 70.05
CA VAL CB 5 -15.10 39.62 69.69
C VAL CB 5 -15.62 40.30 70.95
N VAL CB 6 -15.44 41.60 71.08
CA VAL CB 6 -15.99 42.39 72.20
C VAL CB 6 -17.14 43.25 71.72
N THR CB 7 -18.23 43.28 72.47
CA THR CB 7 -19.49 43.94 72.07
C THR CB 7 -20.20 44.62 73.23
N GLY CB 8 -21.04 45.62 72.94
CA GLY CB 8 -21.78 46.35 73.96
C GLY CB 8 -22.65 47.48 73.39
N ILE CB 9 -23.66 47.87 74.15
CA ILE CB 9 -24.57 48.99 73.84
C ILE CB 9 -23.86 50.34 74.02
N PRO CB 10 -24.02 51.33 73.11
CA PRO CB 10 -23.43 52.65 73.26
C PRO CB 10 -23.77 53.31 74.62
N GLY CB 11 -22.74 53.67 75.38
CA GLY CB 11 -22.84 54.17 76.76
C GLY CB 11 -22.43 53.16 77.84
N VAL CB 12 -22.24 51.87 77.53
CA VAL CB 12 -21.87 50.85 78.53
C VAL CB 12 -20.40 50.90 78.98
N GLY CB 13 -19.54 51.69 78.34
CA GLY CB 13 -18.13 51.83 78.70
C GLY CB 13 -17.21 50.76 78.11
N LYS CB 14 -17.61 50.16 76.98
CA LYS CB 14 -16.91 49.08 76.27
C LYS CB 14 -15.41 49.33 76.12
N THR CB 15 -15.04 50.51 75.61
CA THR CB 15 -13.64 50.81 75.29
C THR CB 15 -12.76 50.82 76.54
N THR CB 16 -13.25 51.36 77.65
CA THR CB 16 -12.49 51.41 78.90
C THR CB 16 -12.17 50.00 79.41
N VAL CB 17 -13.16 49.12 79.50
CA VAL CB 17 -12.97 47.74 79.96
C VAL CB 17 -12.02 46.98 79.03
N MET CB 18 -12.18 47.14 77.72
CA MET CB 18 -11.28 46.55 76.74
C MET CB 18 -9.85 47.05 76.91
N GLN CB 19 -9.62 48.36 76.99
CA GLN CB 19 -8.27 48.94 77.12
C GLN CB 19 -7.56 48.46 78.38
N LYS CB 20 -8.26 48.45 79.51
CA LYS CB 20 -7.72 47.99 80.79
C LYS CB 20 -7.42 46.48 80.79
N ALA CB 21 -8.33 45.64 80.30
CA ALA CB 21 -8.11 44.20 80.28
C ALA CB 21 -7.06 43.76 79.24
N ALA CB 22 -6.99 44.44 78.09
CA ALA CB 22 -5.99 44.17 77.05
C ALA CB 22 -4.56 44.63 77.42
N GLU CB 23 -4.38 45.31 78.56
CA GLU CB 23 -3.05 45.78 78.97
C GLU CB 23 -2.04 44.63 79.10
N GLY CB 24 -0.86 44.80 78.54
CA GLY CB 24 0.18 43.76 78.46
C GLY CB 24 -0.10 42.62 77.47
N SER CB 25 -1.24 42.60 76.77
CA SER CB 25 -1.56 41.54 75.82
C SER CB 25 -0.72 41.61 74.54
N PRO CB 26 -0.26 40.48 73.98
CA PRO CB 26 0.32 40.44 72.65
C PRO CB 26 -0.74 40.51 71.53
N LEU CB 27 -2.04 40.53 71.83
CA LEU CB 27 -3.08 40.50 70.80
C LEU CB 27 -3.24 41.83 70.06
N PRO CB 28 -3.34 41.83 68.71
CA PRO CB 28 -3.73 43.02 67.95
C PRO CB 28 -5.16 43.46 68.27
N ARG CB 29 -5.45 44.74 68.10
CA ARG CB 29 -6.71 45.41 68.46
C ARG CB 29 -7.35 46.00 67.21
N VAL CB 30 -8.57 45.61 66.87
CA VAL CB 30 -9.10 45.87 65.53
C VAL CB 30 -10.56 46.34 65.57
N PRO CB 31 -10.90 47.55 65.11
CA PRO CB 31 -12.29 47.92 64.84
C PRO CB 31 -12.73 47.39 63.47
N LEU CB 32 -13.82 46.62 63.41
CA LEU CB 32 -14.24 45.99 62.15
C LEU CB 32 -14.68 47.00 61.09
N GLU CB 33 -15.32 48.09 61.49
CA GLU CB 33 -15.73 49.15 60.56
C GLU CB 33 -14.52 49.81 59.92
N GLY CB 34 -13.45 50.01 60.70
CA GLY CB 34 -12.18 50.52 60.23
C GLY CB 34 -11.55 49.60 59.20
N VAL CB 35 -11.50 48.29 59.44
CA VAL CB 35 -10.98 47.34 58.44
C VAL CB 35 -11.84 47.33 57.19
N MET CB 36 -13.17 47.36 57.31
CA MET CB 36 -14.04 47.42 56.14
C MET CB 36 -13.77 48.67 55.30
N TYR CB 37 -13.63 49.83 55.94
CA TYR CB 37 -13.24 51.06 55.25
C TYR CB 37 -11.87 50.92 54.58
N GLY CB 38 -10.86 50.44 55.29
CA GLY CB 38 -9.53 50.21 54.74
C GLY CB 38 -9.54 49.26 53.53
N VAL CB 39 -10.24 48.13 53.61
CA VAL CB 39 -10.35 47.18 52.51
C VAL CB 39 -11.08 47.81 51.32
N ALA CB 40 -12.20 48.49 51.54
CA ALA CB 40 -12.92 49.15 50.45
C ALA CB 40 -12.09 50.27 49.80
N LYS CB 41 -11.39 51.07 50.62
CA LYS CB 41 -10.48 52.15 50.21
C LYS CB 41 -9.33 51.62 49.36
N ARG CB 42 -8.70 50.51 49.76
CA ARG CB 42 -7.57 49.89 49.03
C ARG CB 42 -8.03 49.10 47.80
N MET CB 43 -9.26 48.63 47.78
CA MET CB 43 -9.94 48.17 46.56
C MET CB 43 -10.43 49.33 45.67
N GLY CB 44 -10.29 50.58 46.11
CA GLY CB 44 -10.69 51.78 45.35
C GLY CB 44 -12.19 52.05 45.29
N LEU CB 45 -13.01 51.35 46.07
CA LEU CB 45 -14.46 51.47 46.08
C LEU CB 45 -14.97 52.78 46.72
N VAL CB 46 -14.16 53.35 47.62
CA VAL CB 46 -14.44 54.57 48.38
C VAL CB 46 -13.14 55.34 48.61
N LYS CB 47 -13.25 56.59 49.06
CA LYS CB 47 -12.14 57.41 49.59
C LYS CB 47 -12.41 57.90 51.02
N ASP CB 48 -13.67 58.09 51.41
CA ASP CB 48 -14.04 58.66 52.72
C ASP CB 48 -14.93 57.73 53.56
N ILE CB 49 -14.84 57.81 54.89
CA ILE CB 49 -15.49 56.89 55.83
C ILE CB 49 -17.02 56.87 55.71
N ASP CB 50 -17.64 58.00 55.37
CA ASP CB 50 -19.09 58.09 55.18
C ASP CB 50 -19.59 57.34 53.93
N GLU CB 51 -18.75 57.18 52.92
CA GLU CB 51 -19.13 56.49 51.67
C GLU CB 51 -19.44 55.01 51.89
N MET CB 52 -18.98 54.42 52.99
CA MET CB 52 -19.31 53.04 53.37
C MET CB 52 -20.82 52.82 53.50
N ARG CB 53 -21.57 53.84 53.92
CA ARG CB 53 -23.04 53.81 53.99
C ARG CB 53 -23.72 53.97 52.64
N ARG CB 54 -22.99 54.45 51.62
CA ARG CB 54 -23.47 54.74 50.26
C ARG CB 54 -23.24 53.58 49.30
N LEU CB 55 -22.46 52.57 49.69
CA LEU CB 55 -22.20 51.37 48.90
C LEU CB 55 -23.47 50.56 48.62
N SER CB 56 -23.48 49.84 47.49
CA SER CB 56 -24.51 48.84 47.18
C SER CB 56 -24.44 47.68 48.18
N PRO CB 57 -25.55 47.26 48.82
CA PRO CB 57 -25.54 46.21 49.83
C PRO CB 57 -24.83 44.92 49.43
N ASP CB 58 -25.01 44.42 48.21
CA ASP CB 58 -24.34 43.19 47.76
C ASP CB 58 -22.84 43.36 47.46
N VAL CB 59 -22.37 44.58 47.24
CA VAL CB 59 -20.93 44.90 47.31
C VAL CB 59 -20.47 44.92 48.77
N GLN CB 60 -21.26 45.51 49.65
CA GLN CB 60 -20.96 45.59 51.09
C GLN CB 60 -20.84 44.19 51.74
N LYS CB 61 -21.61 43.20 51.28
CA LYS CB 61 -21.42 41.78 51.67
C LYS CB 61 -20.02 41.26 51.33
N GLU CB 62 -19.52 41.56 50.14
CA GLU CB 62 -18.18 41.14 49.75
C GLU CB 62 -17.09 41.91 50.52
N VAL CB 63 -17.30 43.19 50.86
CA VAL CB 63 -16.40 43.91 51.76
C VAL CB 63 -16.37 43.26 53.13
N GLN CB 64 -17.52 42.91 53.71
CA GLN CB 64 -17.57 42.16 54.97
C GLN CB 64 -16.82 40.84 54.87
N LYS CB 65 -17.05 40.08 53.79
CA LYS CB 65 -16.38 38.81 53.53
C LYS CB 65 -14.85 38.94 53.44
N LYS CB 66 -14.35 39.89 52.64
CA LYS CB 66 -12.90 40.12 52.49
C LYS CB 66 -12.26 40.63 53.77
N ALA CB 67 -12.90 41.58 54.47
CA ALA CB 67 -12.41 42.04 55.76
C ALA CB 67 -12.29 40.88 56.77
N ALA CB 68 -13.30 40.02 56.83
CA ALA CB 68 -13.24 38.85 57.68
C ALA CB 68 -12.14 37.86 57.26
N GLU CB 69 -11.96 37.58 55.97
CA GLU CB 69 -10.86 36.71 55.51
C GLU CB 69 -9.50 37.24 55.94
N ARG CB 70 -9.29 38.56 55.86
CA ARG CB 70 -8.02 39.18 56.23
C ARG CB 70 -7.81 39.22 57.74
N ILE CB 71 -8.86 39.45 58.53
CA ILE CB 71 -8.75 39.34 59.99
C ILE CB 71 -8.54 37.89 60.42
N ALA CB 72 -9.11 36.91 59.71
CA ALA CB 72 -8.84 35.51 59.97
C ALA CB 72 -7.37 35.16 59.69
N ALA CB 73 -6.79 35.66 58.61
CA ALA CB 73 -5.38 35.47 58.30
C ALA CB 73 -4.45 36.09 59.35
N LEU CB 74 -4.82 37.23 59.95
CA LEU CB 74 -4.07 37.84 61.05
C LEU CB 74 -4.00 36.93 62.29
N GLY CB 75 -4.94 36.01 62.46
CA GLY CB 75 -5.00 35.08 63.57
C GLY CB 75 -5.71 35.63 64.82
N ASP CB 76 -5.21 35.27 65.99
CA ASP CB 76 -5.86 35.60 67.28
C ASP CB 76 -5.85 37.12 67.51
N VAL CB 77 -7.00 37.71 67.79
CA VAL CB 77 -7.23 39.16 67.74
C VAL CB 77 -8.32 39.59 68.73
N ILE CB 78 -8.26 40.82 69.25
CA ILE CB 78 -9.41 41.41 69.96
C ILE CB 78 -10.15 42.28 68.95
N LEU CB 79 -11.16 41.71 68.29
CA LEU CB 79 -12.02 42.42 67.36
C LEU CB 79 -13.08 43.22 68.12
N ASP CB 80 -13.44 44.38 67.61
CA ASP CB 80 -14.42 45.28 68.21
C ASP CB 80 -15.50 45.70 67.18
N THR CB 81 -16.76 45.47 67.51
CA THR CB 81 -17.94 45.98 66.78
C THR CB 81 -19.21 45.81 67.62
N HIS CB 82 -20.31 46.49 67.28
CA HIS CB 82 -21.60 46.27 67.93
C HIS CB 82 -22.23 44.93 67.51
N CYS CB 83 -22.87 44.21 68.44
CA CYS CB 83 -23.62 42.99 68.11
C CYS CB 83 -24.97 43.29 67.45
N THR CB 84 -25.70 44.32 67.90
CA THR CB 84 -26.83 44.88 67.13
C THR CB 84 -26.82 46.40 67.16
N ILE CB 85 -27.09 47.03 66.02
CA ILE CB 85 -27.08 48.49 65.86
C ILE CB 85 -28.52 48.95 65.77
N LYS CB 86 -28.95 49.90 66.60
CA LYS CB 86 -30.30 50.48 66.48
C LYS CB 86 -30.37 51.44 65.30
N THR CB 87 -31.40 51.31 64.47
CA THR CB 87 -31.61 52.11 63.23
C THR CB 87 -33.08 52.54 63.13
N PRO CB 88 -33.45 53.47 62.22
CA PRO CB 88 -34.84 53.86 62.01
C PRO CB 88 -35.79 52.68 61.76
N LYS CB 89 -35.31 51.65 61.05
CA LYS CB 89 -36.05 50.39 60.81
C LYS CB 89 -35.87 49.32 61.90
N GLY CB 90 -35.42 49.70 63.10
CA GLY CB 90 -35.18 48.79 64.22
C GLY CB 90 -33.75 48.24 64.29
N TYR CB 91 -33.55 47.14 65.01
CA TYR CB 91 -32.24 46.55 65.26
C TYR CB 91 -31.67 45.87 64.02
N LEU CB 92 -30.42 46.17 63.68
CA LEU CB 92 -29.68 45.52 62.60
C LEU CB 92 -28.61 44.60 63.20
N PRO CB 93 -28.57 43.29 62.88
CA PRO CB 93 -27.50 42.40 63.28
C PRO CB 93 -26.13 42.88 62.80
N GLY CB 94 -25.16 43.00 63.69
CA GLY CB 94 -23.82 43.48 63.37
C GLY CB 94 -22.91 42.43 62.72
N LEU CB 95 -23.19 41.13 62.92
CA LEU CB 95 -22.37 40.02 62.42
C LEU CB 95 -23.22 39.01 61.64
N PRO CB 96 -23.46 39.20 60.34
CA PRO CB 96 -24.11 38.21 59.50
C PRO CB 96 -23.38 36.87 59.49
N ARG CB 97 -24.09 35.78 59.15
CA ARG CB 97 -23.52 34.44 59.03
C ARG CB 97 -22.28 34.36 58.12
N TRP CB 98 -22.26 35.09 57.00
CA TRP CB 98 -21.11 35.12 56.11
C TRP CB 98 -19.85 35.76 56.72
N VAL CB 99 -19.97 36.55 57.78
CA VAL CB 99 -18.83 36.98 58.58
C VAL CB 99 -18.36 35.86 59.51
N LEU CB 100 -19.28 35.24 60.25
CA LEU CB 100 -18.95 34.18 61.21
C LEU CB 100 -18.26 32.99 60.55
N GLU CB 101 -18.71 32.56 59.37
CA GLU CB 101 -18.07 31.46 58.65
C GLU CB 101 -16.63 31.75 58.22
N LYS CB 102 -16.23 33.03 58.15
CA LYS CB 102 -14.85 33.46 57.91
C LYS CB 102 -14.05 33.67 59.20
N LEU CB 103 -14.56 34.45 60.16
CA LEU CB 103 -13.84 34.73 61.41
C LEU CB 103 -13.68 33.50 62.30
N ARG CB 104 -14.74 32.68 62.41
CA ARG CB 104 -14.85 31.53 63.31
C ARG CB 104 -14.45 31.88 64.76
N PRO CB 105 -15.13 32.84 65.43
CA PRO CB 105 -14.75 33.31 66.75
C PRO CB 105 -14.67 32.20 67.81
N SER CB 106 -13.74 32.30 68.75
CA SER CB 106 -13.71 31.41 69.92
C SER CB 106 -14.58 31.92 71.07
N VAL CB 107 -14.71 33.24 71.22
CA VAL CB 107 -15.53 33.88 72.25
C VAL CB 107 -16.22 35.11 71.71
N ILE CB 108 -17.48 35.30 72.09
CA ILE CB 108 -18.18 36.57 72.02
C ILE CB 108 -18.29 37.11 73.45
N LEU CB 109 -17.82 38.32 73.68
CA LEU CB 109 -17.90 38.96 74.99
C LEU CB 109 -18.92 40.09 74.91
N LEU CB 110 -19.84 40.10 75.86
CA LEU CB 110 -20.95 41.04 75.90
C LEU CB 110 -20.89 41.86 77.20
N VAL CB 111 -20.67 43.16 77.08
CA VAL CB 111 -20.60 44.07 78.23
C VAL CB 111 -21.98 44.58 78.59
N GLU CB 112 -22.33 44.59 79.88
CA GLU CB 112 -23.62 45.08 80.36
C GLU CB 112 -23.49 45.96 81.60
N ALA CB 113 -24.49 46.82 81.83
CA ALA CB 113 -24.66 47.64 83.03
C ALA CB 113 -26.16 47.88 83.25
N ASP CB 114 -26.58 48.37 84.40
CA ASP CB 114 -28.01 48.60 84.64
C ASP CB 114 -28.57 49.69 83.69
N PRO CB 115 -29.77 49.50 83.11
CA PRO CB 115 -30.39 50.53 82.28
C PRO CB 115 -30.45 51.92 82.92
N LYS CB 116 -30.64 52.01 84.24
CA LYS CB 116 -30.65 53.28 84.98
C LYS CB 116 -29.27 53.93 85.02
N GLU CB 117 -28.20 53.14 85.17
CA GLU CB 117 -26.83 53.64 85.06
C GLU CB 117 -26.56 54.18 83.66
N ILE CB 118 -26.93 53.40 82.64
CA ILE CB 118 -26.72 53.77 81.24
C ILE CB 118 -27.52 55.03 80.91
N TYR CB 119 -28.76 55.13 81.37
CA TYR CB 119 -29.57 56.34 81.22
C TYR CB 119 -28.91 57.55 81.90
N GLY CB 120 -28.35 57.38 83.10
CA GLY CB 120 -27.55 58.41 83.75
C GLY CB 120 -26.35 58.87 82.91
N ARG CB 121 -25.57 57.94 82.38
CA ARG CB 121 -24.42 58.26 81.50
C ARG CB 121 -24.86 58.99 80.24
N ARG CB 122 -25.93 58.53 79.60
CA ARG CB 122 -26.50 59.15 78.39
C ARG CB 122 -27.12 60.52 78.67
N LEU CB 123 -27.68 60.74 79.86
CA LEU CB 123 -28.20 62.04 80.27
C LEU CB 123 -27.07 63.05 80.52
N LYS CB 124 -25.94 62.60 81.06
CA LYS CB 124 -24.73 63.40 81.30
C LYS CB 124 -23.87 63.62 80.05
N ASP CB 125 -24.03 62.81 79.00
CA ASP CB 125 -23.40 63.00 77.71
C ASP CB 125 -23.97 64.24 76.99
N ASP CB 133 -33.16 57.28 74.51
CA ASP CB 133 -33.98 56.08 74.73
C ASP CB 133 -34.47 56.03 76.19
N SER CB 134 -35.69 55.56 76.42
CA SER CB 134 -36.14 55.23 77.76
C SER CB 134 -35.35 54.05 78.35
N GLU CB 135 -35.42 53.87 79.67
CA GLU CB 135 -34.86 52.69 80.33
C GLU CB 135 -35.48 51.39 79.81
N GLU CB 136 -36.75 51.44 79.39
CA GLU CB 136 -37.43 50.31 78.74
C GLU CB 136 -36.77 49.96 77.40
N GLU CB 137 -36.49 50.95 76.56
CA GLU CB 137 -35.82 50.74 75.28
C GLU CB 137 -34.36 50.32 75.46
N ILE CB 138 -33.68 50.76 76.53
CA ILE CB 138 -32.36 50.30 76.88
C ILE CB 138 -32.41 48.82 77.28
N ALA CB 139 -33.33 48.44 78.18
CA ALA CB 139 -33.49 47.04 78.58
C ALA CB 139 -33.90 46.14 77.41
N GLU CB 140 -34.73 46.63 76.49
CA GLU CB 140 -35.05 45.95 75.24
C GLU CB 140 -33.79 45.74 74.40
N HIS CB 141 -32.97 46.76 74.17
CA HIS CB 141 -31.75 46.60 73.36
C HIS CB 141 -30.78 45.60 73.99
N GLN CB 142 -30.62 45.61 75.32
CA GLN CB 142 -29.82 44.58 75.98
C GLN CB 142 -30.40 43.17 75.78
N MET CB 143 -31.69 42.98 75.98
CA MET CB 143 -32.32 41.67 75.77
C MET CB 143 -32.16 41.20 74.32
N MET CB 144 -32.34 42.08 73.34
CA MET CB 144 -32.09 41.72 71.95
C MET CB 144 -30.63 41.37 71.70
N ASN CB 145 -29.66 42.04 72.34
CA ASN CB 145 -28.26 41.64 72.21
C ASN CB 145 -28.00 40.24 72.74
N ARG CB 146 -28.57 39.85 73.88
CA ARG CB 146 -28.39 38.48 74.40
C ARG CB 146 -28.89 37.43 73.40
N ALA CB 147 -30.05 37.67 72.81
CA ALA CB 147 -30.57 36.77 71.78
C ALA CB 147 -29.63 36.72 70.56
N ALA CB 148 -29.14 37.87 70.11
CA ALA CB 148 -28.20 37.93 68.99
C ALA CB 148 -26.91 37.17 69.30
N ALA CB 149 -26.32 37.38 70.48
CA ALA CB 149 -25.10 36.73 70.87
C ALA CB 149 -25.26 35.21 70.89
N MET CB 150 -26.34 34.69 71.48
CA MET CB 150 -26.54 33.26 71.54
C MET CB 150 -26.84 32.65 70.17
N ALA CB 151 -27.54 33.38 69.29
CA ALA CB 151 -27.72 32.95 67.91
C ALA CB 151 -26.36 32.85 67.19
N TYR CB 152 -25.49 33.86 67.32
CA TYR CB 152 -24.12 33.82 66.80
C TYR CB 152 -23.34 32.63 67.35
N ALA CB 153 -23.46 32.36 68.64
CA ALA CB 153 -22.80 31.22 69.26
C ALA CB 153 -23.22 29.91 68.59
N SER CB 154 -24.53 29.68 68.44
CA SER CB 154 -25.04 28.44 67.84
C SER CB 154 -24.60 28.23 66.38
N LEU CB 155 -24.35 29.30 65.63
CA LEU CB 155 -23.86 29.23 64.25
C LEU CB 155 -22.36 28.91 64.14
N SER CB 156 -21.60 29.10 65.21
CA SER CB 156 -20.13 29.17 65.14
C SER CB 156 -19.39 28.29 66.14
N GLY CB 157 -20.05 27.82 67.20
CA GLY CB 157 -19.40 27.17 68.34
C GLY CB 157 -18.67 28.12 69.29
N ALA CB 158 -18.78 29.44 69.09
CA ALA CB 158 -18.18 30.42 69.99
C ALA CB 158 -18.79 30.38 71.40
N THR CB 159 -17.97 30.51 72.43
CA THR CB 159 -18.45 30.70 73.81
C THR CB 159 -19.07 32.08 73.97
N VAL CB 160 -20.01 32.29 74.89
CA VAL CB 160 -20.56 33.62 75.22
C VAL CB 160 -20.30 34.01 76.66
N LYS CB 161 -19.61 35.13 76.89
CA LYS CB 161 -19.33 35.67 78.23
C LYS CB 161 -20.08 36.97 78.43
N ILE CB 162 -20.76 37.13 79.56
CA ILE CB 162 -21.37 38.40 79.97
C ILE CB 162 -20.51 39.05 81.05
N VAL CB 163 -20.20 40.34 80.91
CA VAL CB 163 -19.38 41.11 81.87
C VAL CB 163 -20.15 42.33 82.37
N PHE CB 164 -20.39 42.42 83.68
CA PHE CB 164 -20.95 43.63 84.28
C PHE CB 164 -19.92 44.76 84.39
N ASN CB 165 -20.33 46.00 84.12
CA ASN CB 165 -19.50 47.20 84.21
C ASN CB 165 -20.23 48.35 84.91
N HIS CB 166 -20.65 48.12 86.15
CA HIS CB 166 -21.30 49.13 86.99
C HIS CB 166 -20.40 50.35 87.23
N ASP CB 167 -20.99 51.53 87.45
CA ASP CB 167 -20.31 52.83 87.35
C ASP CB 167 -18.98 52.93 88.11
N ASN CB 168 -18.98 52.62 89.41
CA ASN CB 168 -17.78 52.72 90.25
C ASN CB 168 -16.81 51.55 90.08
N ARG CB 169 -17.25 50.45 89.47
CA ARG CB 169 -16.72 49.09 89.67
C ARG CB 169 -15.94 48.58 88.47
N LEU CB 170 -15.19 49.45 87.81
CA LEU CB 170 -14.36 49.09 86.64
C LEU CB 170 -13.41 47.91 86.94
N ASP CB 171 -12.94 47.78 88.17
CA ASP CB 171 -12.11 46.64 88.58
C ASP CB 171 -12.84 45.30 88.47
N ASP CB 172 -14.15 45.25 88.77
CA ASP CB 172 -14.95 44.02 88.57
C ASP CB 172 -15.05 43.67 87.09
N ALA CB 173 -15.30 44.66 86.22
CA ALA CB 173 -15.36 44.44 84.79
C ALA CB 173 -14.03 43.90 84.25
N VAL CB 174 -12.91 44.53 84.62
CA VAL CB 174 -11.57 44.10 84.18
C VAL CB 174 -11.20 42.73 84.75
N ARG CB 175 -11.56 42.45 86.01
CA ARG CB 175 -11.33 41.15 86.65
C ARG CB 175 -12.14 40.03 86.02
N ASP CB 176 -13.34 40.29 85.52
CA ASP CB 176 -14.09 39.33 84.71
C ASP CB 176 -13.55 39.21 83.27
N ALA CB 177 -13.08 40.31 82.69
CA ALA CB 177 -12.61 40.31 81.31
C ALA CB 177 -11.25 39.62 81.11
N ALA CB 178 -10.26 39.90 81.96
CA ALA CB 178 -8.90 39.40 81.78
C ALA CB 178 -8.78 37.85 81.68
N PRO CB 179 -9.55 37.04 82.45
CA PRO CB 179 -9.60 35.58 82.31
C PRO CB 179 -9.98 35.05 80.91
N VAL CB 180 -10.59 35.87 80.05
CA VAL CB 180 -11.00 35.44 78.70
C VAL CB 180 -9.82 35.43 77.72
N LEU CB 181 -8.84 36.30 77.96
CA LEU CB 181 -7.77 36.70 77.02
C LEU CB 181 -6.60 35.71 76.95
N ILE DB 4 -37.19 19.89 -67.09
CA ILE DB 4 -37.62 20.96 -68.04
C ILE DB 4 -38.60 21.90 -67.33
N VAL DB 5 -38.55 23.20 -67.58
CA VAL DB 5 -39.58 24.15 -67.13
C VAL DB 5 -40.22 24.84 -68.32
N VAL DB 6 -41.54 24.84 -68.44
CA VAL DB 6 -42.27 25.57 -69.49
C VAL DB 6 -42.94 26.80 -68.92
N THR DB 7 -42.82 27.94 -69.61
CA THR DB 7 -43.27 29.24 -69.11
C THR DB 7 -43.88 30.11 -70.21
N GLY DB 8 -44.75 31.05 -69.83
CA GLY DB 8 -45.40 31.96 -70.77
C GLY DB 8 -46.32 32.98 -70.10
N ILE DB 9 -46.58 34.08 -70.81
CA ILE DB 9 -47.54 35.12 -70.43
C ILE DB 9 -49.00 34.62 -70.60
N PRO DB 10 -49.91 34.86 -69.65
CA PRO DB 10 -51.33 34.50 -69.79
C PRO DB 10 -51.96 34.99 -71.10
N GLY DB 11 -52.51 34.06 -71.89
CA GLY DB 11 -53.05 34.29 -73.24
C GLY DB 11 -52.15 33.80 -74.38
N VAL DB 12 -50.89 33.46 -74.13
CA VAL DB 12 -49.97 32.99 -75.18
C VAL DB 12 -50.24 31.56 -75.68
N GLY DB 13 -51.07 30.78 -74.99
CA GLY DB 13 -51.43 29.42 -75.39
C GLY DB 13 -50.52 28.31 -74.84
N LYS DB 14 -49.84 28.59 -73.72
CA LYS DB 14 -48.88 27.68 -73.06
C LYS DB 14 -49.37 26.25 -72.95
N THR DB 15 -50.58 26.04 -72.42
CA THR DB 15 -51.10 24.70 -72.15
C THR DB 15 -51.29 23.90 -73.44
N THR DB 16 -51.79 24.52 -74.51
CA THR DB 16 -52.03 23.85 -75.79
C THR DB 16 -50.73 23.32 -76.40
N VAL DB 17 -49.68 24.16 -76.47
CA VAL DB 17 -48.39 23.74 -77.03
C VAL DB 17 -47.75 22.64 -76.18
N MET DB 18 -47.77 22.79 -74.85
CA MET DB 18 -47.28 21.76 -73.95
C MET DB 18 -48.03 20.44 -74.12
N GLN DB 19 -49.36 20.45 -74.16
CA GLN DB 19 -50.18 19.23 -74.31
C GLN DB 19 -49.86 18.49 -75.61
N LYS DB 20 -49.75 19.23 -76.71
CA LYS DB 20 -49.41 18.66 -78.01
C LYS DB 20 -47.98 18.14 -78.09
N ALA DB 21 -46.99 18.90 -77.59
CA ALA DB 21 -45.59 18.48 -77.63
C ALA DB 21 -45.30 17.30 -76.68
N ALA DB 22 -45.92 17.26 -75.51
CA ALA DB 22 -45.75 16.18 -74.53
C ALA DB 22 -46.42 14.84 -74.96
N GLU DB 23 -47.18 14.83 -76.05
CA GLU DB 23 -47.86 13.62 -76.54
C GLU DB 23 -46.86 12.47 -76.81
N GLY DB 24 -47.15 11.29 -76.26
CA GLY DB 24 -46.29 10.11 -76.35
C GLY DB 24 -45.03 10.14 -75.47
N SER DB 25 -44.77 11.20 -74.72
CA SER DB 25 -43.64 11.27 -73.80
C SER DB 25 -43.86 10.46 -72.52
N PRO DB 26 -42.84 9.79 -71.97
CA PRO DB 26 -42.91 9.20 -70.64
C PRO DB 26 -42.79 10.21 -69.49
N LEU DB 27 -42.57 11.50 -69.76
CA LEU DB 27 -42.32 12.49 -68.72
C LEU DB 27 -43.60 12.82 -67.90
N PRO DB 28 -43.53 12.86 -66.56
CA PRO DB 28 -44.60 13.37 -65.73
C PRO DB 28 -44.85 14.87 -65.95
N ARG DB 29 -46.09 15.30 -65.77
CA ARG DB 29 -46.58 16.67 -66.01
C ARG DB 29 -47.00 17.31 -64.70
N VAL DB 30 -46.49 18.47 -64.36
CA VAL DB 30 -46.57 18.96 -62.97
C VAL DB 30 -46.78 20.47 -62.90
N PRO DB 31 -47.91 20.98 -62.39
CA PRO DB 31 -48.05 22.39 -62.05
C PRO DB 31 -47.41 22.67 -60.69
N LEU DB 32 -46.44 23.59 -60.62
CA LEU DB 32 -45.67 23.84 -59.39
C LEU DB 32 -46.53 24.40 -58.24
N GLU DB 33 -47.51 25.26 -58.56
CA GLU DB 33 -48.41 25.81 -57.54
C GLU DB 33 -49.29 24.70 -56.94
N GLY DB 34 -49.68 23.74 -57.77
CA GLY DB 34 -50.39 22.53 -57.34
C GLY DB 34 -49.56 21.71 -56.36
N VAL DB 35 -48.29 21.44 -56.69
CA VAL DB 35 -47.39 20.73 -55.77
C VAL DB 35 -47.21 21.50 -54.46
N MET DB 36 -47.03 22.81 -54.52
CA MET DB 36 -46.90 23.63 -53.31
C MET DB 36 -48.14 23.52 -52.42
N TYR DB 37 -49.34 23.60 -53.00
CA TYR DB 37 -50.58 23.39 -52.25
C TYR DB 37 -50.63 21.99 -51.64
N GLY DB 38 -50.34 20.96 -52.42
CA GLY DB 38 -50.31 19.57 -51.95
C GLY DB 38 -49.32 19.37 -50.80
N VAL DB 39 -48.10 19.90 -50.91
CA VAL DB 39 -47.10 19.81 -49.85
C VAL DB 39 -47.55 20.56 -48.60
N ALA DB 40 -48.06 21.79 -48.75
CA ALA DB 40 -48.54 22.55 -47.61
C ALA DB 40 -49.75 21.88 -46.93
N LYS DB 41 -50.69 21.34 -47.72
CA LYS DB 41 -51.88 20.61 -47.27
C LYS DB 41 -51.51 19.35 -46.50
N ARG DB 42 -50.58 18.55 -47.01
CA ARG DB 42 -50.11 17.31 -46.37
C ARG DB 42 -49.21 17.57 -45.16
N MET DB 43 -48.50 18.70 -45.13
CA MET DB 43 -47.86 19.23 -43.92
C MET DB 43 -48.86 19.87 -42.93
N GLY DB 44 -50.14 19.97 -43.29
CA GLY DB 44 -51.21 20.51 -42.43
C GLY DB 44 -51.23 22.04 -42.29
N LEU DB 45 -50.44 22.76 -43.10
CA LEU DB 45 -50.30 24.22 -43.03
C LEU DB 45 -51.54 24.96 -43.56
N VAL DB 46 -52.30 24.32 -44.44
CA VAL DB 46 -53.49 24.84 -45.13
C VAL DB 46 -54.47 23.71 -45.38
N LYS DB 47 -55.71 24.04 -45.75
CA LYS DB 47 -56.73 23.12 -46.25
C LYS DB 47 -57.27 23.55 -47.62
N ASP DB 48 -57.24 24.83 -47.96
CA ASP DB 48 -57.84 25.37 -49.19
C ASP DB 48 -56.83 26.13 -50.08
N ILE DB 49 -57.01 26.09 -51.40
CA ILE DB 49 -56.05 26.58 -52.40
C ILE DB 49 -55.73 28.08 -52.26
N ASP DB 50 -56.70 28.90 -51.84
CA ASP DB 50 -56.50 30.32 -51.60
C ASP DB 50 -55.62 30.64 -50.38
N GLU DB 51 -55.54 29.75 -49.40
CA GLU DB 51 -54.74 29.97 -48.18
C GLU DB 51 -53.24 30.03 -48.48
N MET DB 52 -52.79 29.56 -49.64
CA MET DB 52 -51.40 29.71 -50.08
C MET DB 52 -50.96 31.17 -50.17
N ARG DB 53 -51.89 32.09 -50.48
CA ARG DB 53 -51.64 33.55 -50.47
C ARG DB 53 -51.66 34.15 -49.07
N ARG DB 54 -52.23 33.45 -48.10
CA ARG DB 54 -52.38 33.87 -46.69
C ARG DB 54 -51.24 33.40 -45.80
N LEU DB 55 -50.46 32.40 -46.24
CA LEU DB 55 -49.29 31.89 -45.53
C LEU DB 55 -48.24 32.99 -45.26
N SER DB 56 -47.51 32.84 -44.16
CA SER DB 56 -46.35 33.69 -43.84
C SER DB 56 -45.27 33.55 -44.93
N PRO DB 57 -44.74 34.63 -45.50
CA PRO DB 57 -43.76 34.57 -46.59
C PRO DB 57 -42.55 33.67 -46.29
N ASP DB 58 -42.00 33.69 -45.08
CA ASP DB 58 -40.85 32.86 -44.73
C ASP DB 58 -41.20 31.38 -44.47
N VAL DB 59 -42.47 31.05 -44.24
CA VAL DB 59 -42.97 29.67 -44.35
C VAL DB 59 -43.13 29.29 -45.82
N GLN DB 60 -43.67 30.18 -46.64
CA GLN DB 60 -43.87 29.97 -48.07
C GLN DB 60 -42.53 29.71 -48.81
N LYS DB 61 -41.44 30.34 -48.40
CA LYS DB 61 -40.08 29.97 -48.87
C LYS DB 61 -39.74 28.51 -48.61
N GLU DB 62 -40.02 28.00 -47.42
CA GLU DB 62 -39.73 26.61 -47.11
C GLU DB 62 -40.70 25.65 -47.83
N VAL DB 63 -41.96 26.01 -48.03
CA VAL DB 63 -42.87 25.25 -48.90
C VAL DB 63 -42.33 25.17 -50.33
N GLN DB 64 -41.83 26.29 -50.89
CA GLN DB 64 -41.18 26.26 -52.20
C GLN DB 64 -39.96 25.34 -52.20
N LYS DB 65 -39.09 25.43 -51.18
CA LYS DB 65 -37.92 24.58 -51.04
C LYS DB 65 -38.30 23.09 -50.99
N LYS DB 66 -39.27 22.71 -50.16
CA LYS DB 66 -39.73 21.31 -50.05
C LYS DB 66 -40.41 20.80 -51.32
N ALA DB 67 -41.27 21.61 -51.94
CA ALA DB 67 -41.87 21.24 -53.22
C ALA DB 67 -40.79 20.99 -54.29
N ALA DB 68 -39.78 21.86 -54.36
CA ALA DB 68 -38.67 21.68 -55.28
C ALA DB 68 -37.84 20.44 -54.95
N GLU DB 69 -37.51 20.17 -53.68
CA GLU DB 69 -36.81 18.95 -53.29
C GLU DB 69 -37.56 17.70 -53.75
N ARG DB 70 -38.87 17.66 -53.60
CA ARG DB 70 -39.69 16.51 -53.99
C ARG DB 70 -39.81 16.37 -55.50
N ILE DB 71 -39.87 17.47 -56.26
CA ILE DB 71 -39.81 17.40 -57.72
C ILE DB 71 -38.41 17.00 -58.20
N ALA DB 72 -37.35 17.41 -57.52
CA ALA DB 72 -36.00 16.94 -57.83
C ALA DB 72 -35.85 15.44 -57.59
N ALA DB 73 -36.44 14.90 -56.51
CA ALA DB 73 -36.46 13.47 -56.24
C ALA DB 73 -37.27 12.68 -57.27
N LEU DB 74 -38.38 13.22 -57.79
CA LEU DB 74 -39.14 12.62 -58.89
C LEU DB 74 -38.31 12.49 -60.17
N GLY DB 75 -37.35 13.38 -60.40
CA GLY DB 75 -36.46 13.37 -61.54
C GLY DB 75 -36.98 14.12 -62.77
N ASP DB 76 -36.69 13.61 -63.96
CA ASP DB 76 -36.97 14.30 -65.23
C ASP DB 76 -38.48 14.52 -65.41
N VAL DB 77 -38.91 15.76 -65.68
CA VAL DB 77 -40.29 16.21 -65.55
C VAL DB 77 -40.58 17.39 -66.49
N ILE DB 78 -41.81 17.56 -66.97
CA ILE DB 78 -42.23 18.81 -67.61
C ILE DB 78 -42.93 19.65 -66.56
N LEU DB 79 -42.17 20.48 -65.85
CA LEU DB 79 -42.71 21.38 -64.84
C LEU DB 79 -43.37 22.59 -65.49
N ASP DB 80 -44.47 23.06 -64.92
CA ASP DB 80 -45.25 24.20 -65.42
C ASP DB 80 -45.41 25.27 -64.34
N THR DB 81 -45.00 26.51 -64.63
CA THR DB 81 -45.23 27.70 -63.79
C THR DB 81 -44.92 28.98 -64.59
N HIS DB 82 -45.33 30.16 -64.11
CA HIS DB 82 -44.95 31.43 -64.73
C HIS DB 82 -43.50 31.81 -64.40
N CYS DB 83 -42.77 32.39 -65.37
CA CYS DB 83 -41.42 32.91 -65.13
C CYS DB 83 -41.46 34.24 -64.36
N THR DB 84 -42.37 35.16 -64.68
CA THR DB 84 -42.75 36.29 -63.82
C THR DB 84 -44.26 36.50 -63.81
N ILE DB 85 -44.81 36.84 -62.64
CA ILE DB 85 -46.23 37.04 -62.43
C ILE DB 85 -46.48 38.53 -62.28
N LYS DB 86 -47.41 39.11 -63.04
CA LYS DB 86 -47.78 40.52 -62.86
C LYS DB 86 -48.65 40.70 -61.61
N THR DB 87 -48.34 41.68 -60.77
CA THR DB 87 -49.06 41.99 -59.53
C THR DB 87 -49.24 43.50 -59.37
N PRO DB 88 -50.08 44.01 -58.45
CA PRO DB 88 -50.24 45.44 -58.21
C PRO DB 88 -48.92 46.17 -57.90
N LYS DB 89 -48.00 45.53 -57.18
CA LYS DB 89 -46.64 46.04 -56.93
C LYS DB 89 -45.63 45.74 -58.04
N GLY DB 90 -46.08 45.34 -59.23
CA GLY DB 90 -45.23 45.03 -60.39
C GLY DB 90 -44.94 43.54 -60.56
N TYR DB 91 -43.92 43.22 -61.34
CA TYR DB 91 -43.55 41.85 -61.68
C TYR DB 91 -42.91 41.11 -60.51
N LEU DB 92 -43.37 39.91 -60.20
CA LEU DB 92 -42.80 39.03 -59.19
C LEU DB 92 -42.07 37.88 -59.88
N PRO DB 93 -40.79 37.62 -59.60
CA PRO DB 93 -40.07 36.44 -60.10
C PRO DB 93 -40.74 35.15 -59.64
N GLY DB 94 -41.15 34.30 -60.59
CA GLY DB 94 -41.82 33.03 -60.28
C GLY DB 94 -40.89 31.94 -59.74
N LEU DB 95 -39.58 32.05 -59.97
CA LEU DB 95 -38.59 31.03 -59.59
C LEU DB 95 -37.41 31.66 -58.84
N PRO DB 96 -37.51 31.88 -57.52
CA PRO DB 96 -36.40 32.34 -56.71
C PRO DB 96 -35.20 31.39 -56.75
N ARG DB 97 -34.02 31.90 -56.41
CA ARG DB 97 -32.78 31.12 -56.33
C ARG DB 97 -32.91 29.84 -55.50
N TRP DB 98 -33.61 29.87 -54.36
CA TRP DB 98 -33.79 28.70 -53.52
C TRP DB 98 -34.63 27.59 -54.17
N VAL DB 99 -35.41 27.88 -55.21
CA VAL DB 99 -36.03 26.84 -56.05
C VAL DB 99 -35.02 26.27 -57.05
N LEU DB 100 -34.30 27.14 -57.77
CA LEU DB 100 -33.32 26.73 -58.79
C LEU DB 100 -32.22 25.83 -58.21
N GLU DB 101 -31.69 26.16 -57.04
CA GLU DB 101 -30.66 25.34 -56.39
C GLU DB 101 -31.12 23.91 -56.07
N LYS DB 102 -32.43 23.69 -55.94
CA LYS DB 102 -33.04 22.36 -55.76
C LYS DB 102 -33.38 21.69 -57.09
N LEU DB 103 -34.11 22.35 -57.98
CA LEU DB 103 -34.54 21.75 -59.25
C LEU DB 103 -33.39 21.49 -60.22
N ARG DB 104 -32.44 22.42 -60.32
CA ARG DB 104 -31.32 22.41 -61.28
C ARG DB 104 -31.79 22.12 -62.72
N PRO DB 105 -32.68 22.93 -63.29
CA PRO DB 105 -33.27 22.67 -64.60
C PRO DB 105 -32.23 22.51 -65.71
N SER DB 106 -32.44 21.60 -66.65
CA SER DB 106 -31.63 21.52 -67.86
C SER DB 106 -32.08 22.52 -68.92
N VAL DB 107 -33.37 22.81 -69.01
CA VAL DB 107 -33.95 23.76 -69.98
C VAL DB 107 -35.03 24.59 -69.34
N ILE DB 108 -35.04 25.88 -69.66
CA ILE DB 108 -36.18 26.78 -69.48
C ILE DB 108 -36.74 27.05 -70.87
N LEU DB 109 -38.03 26.83 -71.08
CA LEU DB 109 -38.70 27.09 -72.34
C LEU DB 109 -39.64 28.28 -72.16
N LEU DB 110 -39.53 29.26 -73.06
CA LEU DB 110 -40.33 30.48 -73.03
C LEU DB 110 -41.20 30.56 -74.29
N VAL DB 111 -42.52 30.62 -74.11
CA VAL DB 111 -43.47 30.70 -75.21
C VAL DB 111 -43.82 32.16 -75.51
N GLU DB 112 -43.83 32.55 -76.77
CA GLU DB 112 -44.09 33.92 -77.21
C GLU DB 112 -45.06 33.97 -78.39
N ALA DB 113 -45.77 35.09 -78.53
CA ALA DB 113 -46.60 35.43 -79.68
C ALA DB 113 -46.60 36.96 -79.85
N ASP DB 114 -47.08 37.50 -80.97
CA ASP DB 114 -47.09 38.95 -81.15
C ASP DB 114 -48.06 39.62 -80.15
N PRO DB 115 -47.70 40.77 -79.53
CA PRO DB 115 -48.59 41.49 -78.63
C PRO DB 115 -49.99 41.73 -79.19
N LYS DB 116 -50.14 41.97 -80.50
CA LYS DB 116 -51.43 42.17 -81.14
C LYS DB 116 -52.27 40.89 -81.20
N GLU DB 117 -51.64 39.74 -81.43
CA GLU DB 117 -52.32 38.44 -81.34
C GLU DB 117 -52.82 38.20 -79.91
N ILE DB 118 -51.94 38.41 -78.93
CA ILE DB 118 -52.25 38.20 -77.52
C ILE DB 118 -53.37 39.14 -77.09
N TYR DB 119 -53.31 40.40 -77.50
CA TYR DB 119 -54.36 41.38 -77.22
C TYR DB 119 -55.69 40.95 -77.85
N GLY DB 120 -55.68 40.45 -79.08
CA GLY DB 120 -56.86 39.87 -79.72
C GLY DB 120 -57.45 38.70 -78.93
N ARG DB 121 -56.63 37.75 -78.48
CA ARG DB 121 -57.08 36.63 -77.64
C ARG DB 121 -57.66 37.11 -76.31
N ARG DB 122 -57.01 38.06 -75.67
CA ARG DB 122 -57.47 38.66 -74.40
C ARG DB 122 -58.75 39.46 -74.57
N LEU DB 123 -58.95 40.12 -75.71
CA LEU DB 123 -60.19 40.86 -76.01
C LEU DB 123 -61.36 39.92 -76.28
N LYS DB 124 -61.10 38.78 -76.93
CA LYS DB 124 -62.09 37.72 -77.19
C LYS DB 124 -62.45 36.90 -75.96
N ASP DB 125 -61.60 36.86 -74.95
CA ASP DB 125 -61.89 36.20 -73.67
C ASP DB 125 -63.00 36.93 -72.89
N ASP DB 133 -54.41 44.90 -70.36
CA ASP DB 133 -53.11 45.53 -70.62
C ASP DB 133 -53.03 46.01 -72.08
N SER DB 134 -52.38 47.15 -72.32
CA SER DB 134 -52.05 47.59 -73.68
C SER DB 134 -51.06 46.65 -74.37
N GLU DB 135 -50.94 46.75 -75.69
CA GLU DB 135 -49.89 46.04 -76.44
C GLU DB 135 -48.49 46.45 -75.96
N GLU DB 136 -48.31 47.68 -75.48
CA GLU DB 136 -47.05 48.13 -74.88
C GLU DB 136 -46.77 47.38 -73.57
N GLU DB 137 -47.75 47.25 -72.68
CA GLU DB 137 -47.59 46.49 -71.45
C GLU DB 137 -47.43 44.99 -71.68
N ILE DB 138 -48.04 44.44 -72.73
CA ILE DB 138 -47.78 43.07 -73.15
C ILE DB 138 -46.33 42.93 -73.61
N ALA DB 139 -45.86 43.81 -74.50
CA ALA DB 139 -44.48 43.78 -74.98
C ALA DB 139 -43.47 43.98 -73.84
N GLU DB 140 -43.77 44.83 -72.87
CA GLU DB 140 -42.99 44.99 -71.66
C GLU DB 140 -42.93 43.68 -70.87
N HIS DB 141 -44.06 43.04 -70.57
CA HIS DB 141 -44.05 41.80 -69.80
C HIS DB 141 -43.25 40.70 -70.51
N GLN DB 142 -43.33 40.59 -71.84
CA GLN DB 142 -42.48 39.68 -72.59
C GLN DB 142 -40.99 40.01 -72.42
N MET DB 143 -40.58 41.27 -72.59
CA MET DB 143 -39.18 41.65 -72.41
C MET DB 143 -38.70 41.37 -70.99
N MET DB 144 -39.51 41.66 -69.98
CA MET DB 144 -39.15 41.33 -68.61
C MET DB 144 -39.03 39.82 -68.40
N ASN DB 145 -39.86 39.00 -69.05
CA ASN DB 145 -39.70 37.56 -69.00
C ASN DB 145 -38.37 37.10 -69.60
N ARG DB 146 -37.94 37.66 -70.75
CA ARG DB 146 -36.62 37.30 -71.32
C ARG DB 146 -35.49 37.59 -70.35
N ALA DB 147 -35.51 38.75 -69.71
CA ALA DB 147 -34.51 39.11 -68.72
C ALA DB 147 -34.54 38.14 -67.53
N ALA DB 148 -35.72 37.77 -67.04
CA ALA DB 148 -35.85 36.80 -65.96
C ALA DB 148 -35.33 35.42 -66.37
N ALA DB 149 -35.68 34.93 -67.55
CA ALA DB 149 -35.22 33.64 -68.02
C ALA DB 149 -33.70 33.57 -68.09
N MET DB 150 -33.05 34.57 -68.68
CA MET DB 150 -31.60 34.56 -68.79
C MET DB 150 -30.91 34.73 -67.43
N ALA DB 151 -31.50 35.49 -66.50
CA ALA DB 151 -31.01 35.53 -65.13
C ALA DB 151 -31.09 34.14 -64.46
N TYR DB 152 -32.22 33.45 -64.56
CA TYR DB 152 -32.38 32.07 -64.07
C TYR DB 152 -31.35 31.13 -64.69
N ALA DB 153 -31.10 31.26 -65.99
CA ALA DB 153 -30.12 30.46 -66.68
C ALA DB 153 -28.73 30.64 -66.07
N SER DB 154 -28.27 31.88 -65.93
CA SER DB 154 -26.95 32.18 -65.38
C SER DB 154 -26.74 31.65 -63.96
N LEU DB 155 -27.79 31.54 -63.15
CA LEU DB 155 -27.74 31.00 -61.80
C LEU DB 155 -27.62 29.47 -61.76
N SER DB 156 -27.99 28.78 -62.83
CA SER DB 156 -28.30 27.34 -62.81
C SER DB 156 -27.59 26.50 -63.87
N GLY DB 157 -27.08 27.11 -64.93
CA GLY DB 157 -26.58 26.40 -66.10
C GLY DB 157 -27.67 25.89 -67.06
N ALA DB 158 -28.94 26.21 -66.82
CA ALA DB 158 -30.02 25.82 -67.71
C ALA DB 158 -29.91 26.45 -69.10
N THR DB 159 -30.26 25.72 -70.15
CA THR DB 159 -30.41 26.28 -71.49
C THR DB 159 -31.70 27.09 -71.58
N VAL DB 160 -31.78 28.13 -72.43
CA VAL DB 160 -33.03 28.86 -72.66
C VAL DB 160 -33.49 28.74 -74.11
N LYS DB 161 -34.71 28.23 -74.33
CA LYS DB 161 -35.33 28.11 -75.66
C LYS DB 161 -36.51 29.06 -75.77
N ILE DB 162 -36.62 29.79 -76.87
CA ILE DB 162 -37.81 30.58 -77.20
C ILE DB 162 -38.63 29.88 -78.28
N VAL DB 163 -39.95 29.80 -78.11
CA VAL DB 163 -40.89 29.18 -79.06
C VAL DB 163 -41.99 30.16 -79.45
N PHE DB 164 -42.15 30.45 -80.75
CA PHE DB 164 -43.29 31.22 -81.24
C PHE DB 164 -44.56 30.37 -81.36
N ASN DB 165 -45.72 30.94 -81.00
CA ASN DB 165 -47.03 30.30 -81.07
C ASN DB 165 -48.08 31.24 -81.70
N HIS DB 166 -47.86 31.63 -82.94
CA HIS DB 166 -48.80 32.45 -83.71
C HIS DB 166 -50.15 31.74 -83.91
N ASP DB 167 -51.23 32.51 -84.05
CA ASP DB 167 -52.63 32.03 -83.94
C ASP DB 167 -52.94 30.78 -84.78
N ASN DB 168 -52.62 30.79 -86.07
CA ASN DB 168 -52.94 29.67 -86.98
C ASN DB 168 -51.92 28.52 -86.91
N ARG DB 169 -50.78 28.72 -86.26
CA ARG DB 169 -49.52 28.01 -86.53
C ARG DB 169 -49.07 27.13 -85.36
N LEU DB 170 -50.02 26.50 -84.67
CA LEU DB 170 -49.75 25.58 -83.55
C LEU DB 170 -48.75 24.49 -83.94
N ASP DB 171 -48.77 24.01 -85.18
CA ASP DB 171 -47.80 23.02 -85.66
C ASP DB 171 -46.35 23.53 -85.62
N ASP DB 172 -46.11 24.82 -85.89
CA ASP DB 172 -44.77 25.42 -85.72
C ASP DB 172 -44.33 25.41 -84.27
N ALA DB 173 -45.21 25.78 -83.34
CA ALA DB 173 -44.91 25.77 -81.92
C ALA DB 173 -44.58 24.36 -81.43
N VAL DB 174 -45.37 23.35 -81.83
CA VAL DB 174 -45.13 21.96 -81.46
C VAL DB 174 -43.86 21.42 -82.12
N ARG DB 175 -43.59 21.77 -83.39
CA ARG DB 175 -42.37 21.38 -84.10
C ARG DB 175 -41.11 21.97 -83.47
N ASP DB 176 -41.17 23.20 -82.94
CA ASP DB 176 -40.07 23.76 -82.17
C ASP DB 176 -39.97 23.19 -80.75
N ALA DB 177 -41.10 22.85 -80.10
CA ALA DB 177 -41.10 22.34 -78.74
C ALA DB 177 -40.60 20.88 -78.64
N ALA DB 178 -41.03 19.99 -79.53
CA ALA DB 178 -40.71 18.56 -79.44
C ALA DB 178 -39.18 18.24 -79.42
N PRO DB 179 -38.31 18.90 -80.20
CA PRO DB 179 -36.86 18.76 -80.11
C PRO DB 179 -36.23 18.98 -78.73
N VAL DB 180 -36.91 19.69 -77.82
CA VAL DB 180 -36.39 19.97 -76.48
C VAL DB 180 -36.49 18.75 -75.55
N LEU DB 181 -37.51 17.91 -75.76
CA LEU DB 181 -37.94 16.82 -74.86
C LEU DB 181 -37.01 15.60 -74.90
N ILE EB 4 75.50 18.82 -14.91
CA ILE EB 4 76.94 18.79 -14.51
C ILE EB 4 77.12 19.61 -13.24
N VAL EB 5 77.96 19.17 -12.30
CA VAL EB 5 78.33 19.97 -11.12
C VAL EB 5 79.83 20.18 -11.09
N VAL EB 6 80.30 21.42 -10.97
CA VAL EB 6 81.74 21.75 -10.86
C VAL EB 6 82.06 22.13 -9.42
N THR EB 7 83.16 21.61 -8.88
CA THR EB 7 83.53 21.74 -7.46
C THR EB 7 85.03 21.93 -7.27
N GLY EB 8 85.42 22.56 -6.17
CA GLY EB 8 86.83 22.82 -5.86
C GLY EB 8 87.04 23.58 -4.54
N ILE EB 9 88.23 23.44 -3.98
CA ILE EB 9 88.69 24.13 -2.77
C ILE EB 9 88.97 25.63 -3.05
N PRO EB 10 88.57 26.58 -2.18
CA PRO EB 10 88.87 28.00 -2.37
C PRO EB 10 90.37 28.26 -2.57
N GLY EB 11 90.72 28.86 -3.71
CA GLY EB 11 92.11 29.08 -4.16
C GLY EB 11 92.56 28.17 -5.31
N VAL EB 12 91.81 27.11 -5.66
CA VAL EB 12 92.20 26.19 -6.75
C VAL EB 12 91.99 26.77 -8.16
N GLY EB 13 91.30 27.91 -8.30
CA GLY EB 13 91.05 28.55 -9.59
C GLY EB 13 89.84 28.01 -10.34
N LYS EB 14 88.87 27.46 -9.62
CA LYS EB 14 87.63 26.84 -10.14
C LYS EB 14 86.98 27.65 -11.26
N THR EB 15 86.74 28.94 -11.02
CA THR EB 15 86.03 29.80 -11.97
C THR EB 15 86.79 29.93 -13.29
N THR EB 16 88.11 30.09 -13.27
CA THR EB 16 88.93 30.24 -14.48
C THR EB 16 88.82 29.02 -15.41
N VAL EB 17 88.99 27.81 -14.86
CA VAL EB 17 88.90 26.57 -15.66
C VAL EB 17 87.49 26.38 -16.20
N MET EB 18 86.46 26.62 -15.39
CA MET EB 18 85.08 26.56 -15.85
C MET EB 18 84.82 27.57 -16.97
N GLN EB 19 85.21 28.83 -16.80
CA GLN EB 19 85.00 29.91 -17.78
C GLN EB 19 85.64 29.59 -19.13
N LYS EB 20 86.88 29.09 -19.12
CA LYS EB 20 87.58 28.70 -20.35
C LYS EB 20 86.97 27.44 -21.00
N ALA EB 21 86.68 26.39 -20.23
CA ALA EB 21 86.13 25.17 -20.81
C ALA EB 21 84.70 25.36 -21.33
N ALA EB 22 83.86 26.10 -20.60
CA ALA EB 22 82.48 26.40 -21.00
C ALA EB 22 82.35 27.47 -22.09
N GLU EB 23 83.47 27.97 -22.65
CA GLU EB 23 83.44 28.97 -23.72
C GLU EB 23 82.70 28.47 -24.96
N GLY EB 24 81.73 29.23 -25.46
CA GLY EB 24 80.86 28.84 -26.57
C GLY EB 24 79.85 27.73 -26.27
N SER EB 25 79.72 27.27 -25.02
CA SER EB 25 78.72 26.28 -24.65
C SER EB 25 77.29 26.85 -24.69
N PRO EB 26 76.29 26.10 -25.17
CA PRO EB 26 74.89 26.48 -25.03
C PRO EB 26 74.34 26.28 -23.61
N LEU EB 27 75.11 25.72 -22.66
CA LEU EB 27 74.60 25.40 -21.33
C LEU EB 27 74.42 26.66 -20.45
N PRO EB 28 73.31 26.77 -19.68
CA PRO EB 28 73.18 27.78 -18.63
C PRO EB 28 74.22 27.60 -17.52
N ARG EB 29 74.57 28.69 -16.84
CA ARG EB 29 75.67 28.80 -15.87
C ARG EB 29 75.10 29.25 -14.53
N VAL EB 30 75.22 28.46 -13.47
CA VAL EB 30 74.35 28.65 -12.29
C VAL EB 30 75.11 28.48 -10.98
N PRO EB 31 75.22 29.50 -10.12
CA PRO EB 31 75.66 29.33 -8.74
C PRO EB 31 74.48 28.86 -7.86
N LEU EB 32 74.62 27.73 -7.16
CA LEU EB 32 73.52 27.15 -6.37
C LEU EB 32 73.09 28.05 -5.21
N GLU EB 33 74.03 28.74 -4.56
CA GLU EB 33 73.72 29.65 -3.47
C GLU EB 33 72.87 30.82 -3.96
N GLY EB 34 73.18 31.32 -5.16
CA GLY EB 34 72.41 32.34 -5.86
C GLY EB 34 70.98 31.90 -6.12
N VAL EB 35 70.77 30.69 -6.63
CA VAL EB 35 69.41 30.17 -6.85
C VAL EB 35 68.67 30.01 -5.53
N MET EB 36 69.31 29.48 -4.50
CA MET EB 36 68.67 29.36 -3.19
C MET EB 36 68.22 30.72 -2.65
N TYR EB 37 69.08 31.73 -2.72
CA TYR EB 37 68.72 33.10 -2.35
C TYR EB 37 67.55 33.61 -3.19
N GLY EB 38 67.60 33.45 -4.51
CA GLY EB 38 66.52 33.85 -5.40
C GLY EB 38 65.19 33.18 -5.06
N VAL EB 39 65.20 31.87 -4.79
CA VAL EB 39 63.99 31.13 -4.39
C VAL EB 39 63.48 31.61 -3.03
N ALA EB 40 64.35 31.75 -2.03
CA ALA EB 40 63.94 32.24 -0.72
C ALA EB 40 63.40 33.67 -0.78
N LYS EB 41 64.05 34.55 -1.55
CA LYS EB 41 63.66 35.95 -1.77
C LYS EB 41 62.29 36.05 -2.44
N ARG EB 42 62.04 35.26 -3.49
CA ARG EB 42 60.75 35.24 -4.21
C ARG EB 42 59.64 34.53 -3.45
N MET EB 43 59.99 33.63 -2.53
CA MET EB 43 59.09 33.12 -1.48
C MET EB 43 58.91 34.10 -0.30
N GLY EB 44 59.57 35.26 -0.31
CA GLY EB 44 59.46 36.30 0.71
C GLY EB 44 60.13 35.98 2.07
N LEU EB 45 60.92 34.92 2.14
CA LEU EB 45 61.55 34.43 3.38
C LEU EB 45 62.72 35.32 3.83
N VAL EB 46 63.36 36.01 2.87
CA VAL EB 46 64.53 36.89 3.05
C VAL EB 46 64.44 38.08 2.09
N LYS EB 47 65.28 39.09 2.32
CA LYS EB 47 65.53 40.19 1.38
C LYS EB 47 67.00 40.28 0.97
N ASP EB 48 67.94 39.94 1.85
CA ASP EB 48 69.38 40.11 1.62
C ASP EB 48 70.18 38.80 1.75
N ILE EB 49 71.28 38.68 1.01
CA ILE EB 49 72.05 37.43 0.84
C ILE EB 49 72.56 36.83 2.17
N ASP EB 50 72.92 37.67 3.13
CA ASP EB 50 73.39 37.23 4.45
C ASP EB 50 72.30 36.56 5.30
N GLU EB 51 71.02 36.87 5.06
CA GLU EB 51 69.92 36.26 5.79
C GLU EB 51 69.76 34.77 5.50
N MET EB 52 70.35 34.25 4.42
CA MET EB 52 70.36 32.82 4.12
C MET EB 52 71.02 32.00 5.23
N ARG EB 53 72.02 32.56 5.92
CA ARG EB 53 72.65 31.94 7.10
C ARG EB 53 71.77 31.98 8.35
N ARG EB 54 70.80 32.89 8.38
CA ARG EB 54 69.87 33.13 9.51
C ARG EB 54 68.59 32.30 9.44
N LEU EB 55 68.30 31.68 8.29
CA LEU EB 55 67.14 30.79 8.12
C LEU EB 55 67.15 29.61 9.11
N SER EB 56 65.96 29.16 9.51
CA SER EB 56 65.78 27.92 10.25
C SER EB 56 66.24 26.72 9.41
N PRO EB 57 67.09 25.81 9.92
CA PRO EB 57 67.62 24.70 9.13
C PRO EB 57 66.55 23.85 8.41
N ASP EB 58 65.42 23.56 9.05
CA ASP EB 58 64.36 22.75 8.44
C ASP EB 58 63.52 23.52 7.40
N VAL EB 59 63.61 24.85 7.35
CA VAL EB 59 63.18 25.65 6.19
C VAL EB 59 64.26 25.61 5.10
N GLN EB 60 65.53 25.75 5.49
CA GLN EB 60 66.66 25.76 4.56
C GLN EB 60 66.76 24.46 3.74
N LYS EB 61 66.41 23.31 4.33
CA LYS EB 61 66.23 22.03 3.59
C LYS EB 61 65.21 22.14 2.47
N GLU EB 62 64.05 22.72 2.74
CA GLU EB 62 63.03 22.87 1.69
C GLU EB 62 63.44 23.90 0.63
N VAL EB 63 64.16 24.97 1.01
CA VAL EB 63 64.75 25.89 0.01
C VAL EB 63 65.73 25.14 -0.89
N GLN EB 64 66.63 24.31 -0.34
CA GLN EB 64 67.51 23.47 -1.14
C GLN EB 64 66.72 22.54 -2.07
N LYS EB 65 65.67 21.89 -1.56
CA LYS EB 65 64.81 21.01 -2.33
C LYS EB 65 64.15 21.75 -3.50
N LYS EB 66 63.54 22.92 -3.26
CA LYS EB 66 62.91 23.73 -4.31
C LYS EB 66 63.90 24.28 -5.31
N ALA EB 67 65.06 24.77 -4.87
CA ALA EB 67 66.12 25.19 -5.78
C ALA EB 67 66.56 24.05 -6.70
N ALA EB 68 66.76 22.85 -6.16
CA ALA EB 68 67.11 21.69 -6.95
C ALA EB 68 65.99 21.30 -7.93
N GLU EB 69 64.72 21.29 -7.52
CA GLU EB 69 63.60 21.03 -8.44
C GLU EB 69 63.59 21.99 -9.62
N ARG EB 70 63.83 23.28 -9.36
CA ARG EB 70 63.82 24.32 -10.41
C ARG EB 70 65.04 24.22 -11.31
N ILE EB 71 66.21 23.87 -10.80
CA ILE EB 71 67.39 23.61 -11.64
C ILE EB 71 67.23 22.31 -12.43
N ALA EB 72 66.53 21.31 -11.90
CA ALA EB 72 66.20 20.11 -12.66
C ALA EB 72 65.23 20.41 -13.81
N ALA EB 73 64.22 21.23 -13.57
CA ALA EB 73 63.29 21.67 -14.62
C ALA EB 73 64.00 22.47 -15.74
N LEU EB 74 65.00 23.29 -15.39
CA LEU EB 74 65.83 24.01 -16.38
C LEU EB 74 66.60 23.06 -17.31
N GLY EB 75 66.84 21.82 -16.89
CA GLY EB 75 67.52 20.81 -17.70
C GLY EB 75 69.04 20.81 -17.59
N ASP EB 76 69.73 20.52 -18.69
CA ASP EB 76 71.19 20.35 -18.70
C ASP EB 76 71.87 21.69 -18.40
N VAL EB 77 72.81 21.72 -17.44
CA VAL EB 77 73.33 22.95 -16.81
C VAL EB 77 74.74 22.75 -16.28
N ILE EB 78 75.55 23.81 -16.23
CA ILE EB 78 76.80 23.80 -15.47
C ILE EB 78 76.53 24.44 -14.11
N LEU EB 79 76.14 23.62 -13.14
CA LEU EB 79 75.91 24.05 -11.77
C LEU EB 79 77.25 24.23 -11.05
N ASP EB 80 77.33 25.21 -10.16
CA ASP EB 80 78.54 25.55 -9.41
C ASP EB 80 78.24 25.64 -7.90
N THR EB 81 78.99 24.88 -7.08
CA THR EB 81 78.98 24.97 -5.61
C THR EB 81 80.18 24.22 -5.01
N HIS EB 82 80.55 24.43 -3.75
CA HIS EB 82 81.57 23.62 -3.09
C HIS EB 82 81.04 22.22 -2.73
N CYS EB 83 81.87 21.17 -2.85
CA CYS EB 83 81.49 19.82 -2.40
C CYS EB 83 81.62 19.66 -0.89
N THR EB 84 82.61 20.27 -0.24
CA THR EB 84 82.60 20.46 1.22
C THR EB 84 83.06 21.86 1.61
N ILE EB 85 82.38 22.46 2.58
CA ILE EB 85 82.65 23.81 3.06
C ILE EB 85 83.32 23.68 4.43
N LYS EB 86 84.49 24.30 4.62
CA LYS EB 86 85.17 24.26 5.93
C LYS EB 86 84.54 25.27 6.89
N THR EB 87 84.20 24.85 8.10
CA THR EB 87 83.51 25.66 9.12
C THR EB 87 84.15 25.46 10.50
N PRO EB 88 83.85 26.28 11.52
CA PRO EB 88 84.39 26.10 12.87
C PRO EB 88 84.11 24.73 13.48
N LYS EB 89 82.94 24.14 13.18
CA LYS EB 89 82.58 22.76 13.58
C LYS EB 89 83.09 21.68 12.62
N GLY EB 90 84.01 21.99 11.71
CA GLY EB 90 84.58 21.06 10.74
C GLY EB 90 83.98 21.16 9.34
N TYR EB 91 84.19 20.15 8.51
CA TYR EB 91 83.70 20.10 7.14
C TYR EB 91 82.20 19.87 7.06
N LEU EB 92 81.50 20.67 6.26
CA LEU EB 92 80.07 20.53 6.00
C LEU EB 92 79.85 20.02 4.57
N PRO EB 93 79.12 18.93 4.33
CA PRO EB 93 78.75 18.47 3.00
C PRO EB 93 77.96 19.52 2.22
N GLY EB 94 78.41 19.87 1.02
CA GLY EB 94 77.77 20.89 0.19
C GLY EB 94 76.49 20.43 -0.50
N LEU EB 95 76.31 19.13 -0.72
CA LEU EB 95 75.16 18.55 -1.42
C LEU EB 95 74.54 17.40 -0.64
N PRO EB 96 73.54 17.66 0.22
CA PRO EB 96 72.80 16.61 0.89
C PRO EB 96 72.08 15.65 -0.07
N ARG EB 97 71.72 14.47 0.41
CA ARG EB 97 70.95 13.48 -0.35
C ARG EB 97 69.66 14.05 -0.96
N TRP EB 98 68.92 14.90 -0.24
CA TRP EB 98 67.69 15.50 -0.76
C TRP EB 98 67.93 16.45 -1.94
N VAL EB 99 69.13 16.98 -2.13
CA VAL EB 99 69.49 17.71 -3.36
C VAL EB 99 69.76 16.74 -4.51
N LEU EB 100 70.57 15.71 -4.28
CA LEU EB 100 70.93 14.72 -5.31
C LEU EB 100 69.70 14.00 -5.88
N GLU EB 101 68.75 13.64 -5.04
CA GLU EB 101 67.50 13.00 -5.49
C GLU EB 101 66.68 13.87 -6.45
N LYS EB 102 66.84 15.20 -6.40
CA LYS EB 102 66.20 16.14 -7.29
C LYS EB 102 67.06 16.47 -8.51
N LEU EB 103 68.32 16.86 -8.34
CA LEU EB 103 69.21 17.20 -9.45
C LEU EB 103 69.55 16.01 -10.36
N ARG EB 104 69.77 14.83 -9.77
CA ARG EB 104 70.23 13.61 -10.45
C ARG EB 104 71.42 13.88 -11.39
N PRO EB 105 72.57 14.39 -10.88
CA PRO EB 105 73.69 14.78 -11.73
C PRO EB 105 74.20 13.64 -12.61
N SER EB 106 74.64 13.97 -13.82
CA SER EB 106 75.35 13.00 -14.67
C SER EB 106 76.85 12.97 -14.38
N VAL EB 107 77.45 14.11 -14.02
CA VAL EB 107 78.87 14.21 -13.70
C VAL EB 107 79.08 15.13 -12.52
N ILE EB 108 79.97 14.75 -11.61
CA ILE EB 108 80.60 15.65 -10.64
C ILE EB 108 82.04 15.88 -11.11
N LEU EB 109 82.46 17.12 -11.26
CA LEU EB 109 83.81 17.47 -11.64
C LEU EB 109 84.51 18.09 -10.44
N LEU EB 110 85.70 17.61 -10.13
CA LEU EB 110 86.50 18.04 -8.99
C LEU EB 110 87.83 18.62 -9.47
N VAL EB 111 88.09 19.90 -9.17
CA VAL EB 111 89.31 20.60 -9.56
C VAL EB 111 90.36 20.48 -8.46
N GLU EB 112 91.61 20.19 -8.80
CA GLU EB 112 92.71 20.00 -7.86
C GLU EB 112 94.01 20.69 -8.33
N ALA EB 113 94.87 21.03 -7.38
CA ALA EB 113 96.23 21.54 -7.60
C ALA EB 113 97.12 21.14 -6.42
N ASP EB 114 98.44 21.25 -6.52
CA ASP EB 114 99.31 20.87 -5.41
C ASP EB 114 99.07 21.76 -4.17
N PRO EB 115 98.99 21.22 -2.95
CA PRO EB 115 98.85 22.02 -1.74
C PRO EB 115 99.86 23.17 -1.62
N LYS EB 116 101.10 22.99 -2.10
CA LYS EB 116 102.12 24.05 -2.11
C LYS EB 116 101.77 25.19 -3.07
N GLU EB 117 101.23 24.87 -4.25
CA GLU EB 117 100.71 25.87 -5.19
C GLU EB 117 99.56 26.65 -4.56
N ILE EB 118 98.59 25.93 -3.97
CA ILE EB 118 97.42 26.56 -3.35
C ILE EB 118 97.83 27.44 -2.17
N TYR EB 119 98.77 26.98 -1.35
CA TYR EB 119 99.32 27.78 -0.27
C TYR EB 119 100.00 29.04 -0.80
N GLY EB 120 100.77 28.93 -1.89
CA GLY EB 120 101.35 30.09 -2.57
C GLY EB 120 100.29 31.08 -3.04
N ARG EB 121 99.21 30.61 -3.68
CA ARG EB 121 98.10 31.49 -4.11
C ARG EB 121 97.41 32.16 -2.93
N ARG EB 122 97.13 31.41 -1.87
CA ARG EB 122 96.49 31.92 -0.64
C ARG EB 122 97.39 32.91 0.11
N LEU EB 123 98.71 32.75 0.04
CA LEU EB 123 99.68 33.68 0.62
C LEU EB 123 99.76 34.98 -0.20
N LYS EB 124 99.67 34.88 -1.53
CA LYS EB 124 99.67 36.03 -2.46
C LYS EB 124 98.36 36.82 -2.46
N ASP EB 125 97.24 36.18 -2.11
CA ASP EB 125 95.95 36.83 -1.94
C ASP EB 125 95.96 37.82 -0.77
N ASP EB 133 95.50 28.11 6.27
CA ASP EB 133 95.66 26.67 6.52
C ASP EB 133 97.08 26.21 6.15
N SER EB 134 97.63 25.23 6.86
CA SER EB 134 98.86 24.56 6.44
C SER EB 134 98.66 23.74 5.16
N GLU EB 135 99.77 23.37 4.51
CA GLU EB 135 99.74 22.44 3.39
C GLU EB 135 99.14 21.08 3.78
N GLU EB 136 99.33 20.64 5.03
CA GLU EB 136 98.69 19.44 5.56
C GLU EB 136 97.17 19.60 5.63
N GLU EB 137 96.67 20.73 6.14
CA GLU EB 137 95.23 21.00 6.21
C GLU EB 137 94.62 21.19 4.82
N ILE EB 138 95.37 21.75 3.86
CA ILE EB 138 94.93 21.80 2.47
C ILE EB 138 94.82 20.39 1.89
N ALA EB 139 95.85 19.56 2.06
CA ALA EB 139 95.83 18.18 1.58
C ALA EB 139 94.70 17.35 2.22
N GLU EB 140 94.42 17.59 3.51
CA GLU EB 140 93.27 17.00 4.20
C GLU EB 140 91.96 17.41 3.55
N HIS EB 141 91.73 18.71 3.29
CA HIS EB 141 90.49 19.17 2.68
C HIS EB 141 90.29 18.55 1.28
N GLN EB 142 91.36 18.42 0.49
CA GLN EB 142 91.27 17.71 -0.79
C GLN EB 142 90.86 16.24 -0.62
N MET EB 143 91.49 15.51 0.30
CA MET EB 143 91.11 14.11 0.55
C MET EB 143 89.66 14.00 1.00
N MET EB 144 89.20 14.89 1.87
CA MET EB 144 87.80 14.90 2.26
C MET EB 144 86.88 15.20 1.09
N ASN EB 145 87.27 16.08 0.16
CA ASN EB 145 86.48 16.30 -1.05
C ASN EB 145 86.39 15.04 -1.91
N ARG EB 146 87.47 14.28 -2.11
CA ARG EB 146 87.40 13.04 -2.88
C ARG EB 146 86.43 12.04 -2.26
N ALA EB 147 86.49 11.87 -0.94
CA ALA EB 147 85.56 11.00 -0.24
C ALA EB 147 84.12 11.47 -0.42
N ALA EB 148 83.86 12.77 -0.28
CA ALA EB 148 82.53 13.34 -0.45
C ALA EB 148 82.01 13.16 -1.88
N ALA EB 149 82.85 13.40 -2.89
CA ALA EB 149 82.48 13.24 -4.29
C ALA EB 149 82.09 11.80 -4.59
N MET EB 150 82.88 10.82 -4.16
CA MET EB 150 82.58 9.43 -4.43
C MET EB 150 81.35 8.93 -3.65
N ALA EB 151 81.11 9.47 -2.46
CA ALA EB 151 79.85 9.21 -1.77
C ALA EB 151 78.65 9.75 -2.57
N TYR EB 152 78.71 10.99 -3.06
CA TYR EB 152 77.68 11.56 -3.93
C TYR EB 152 77.45 10.71 -5.18
N ALA EB 153 78.53 10.23 -5.79
CA ALA EB 153 78.44 9.37 -6.95
C ALA EB 153 77.62 8.12 -6.65
N SER EB 154 77.97 7.40 -5.58
CA SER EB 154 77.28 6.16 -5.21
C SER EB 154 75.79 6.33 -4.91
N LEU EB 155 75.38 7.51 -4.42
CA LEU EB 155 73.97 7.82 -4.16
C LEU EB 155 73.16 8.10 -5.43
N SER EB 156 73.82 8.45 -6.54
CA SER EB 156 73.17 9.10 -7.69
C SER EB 156 73.45 8.46 -9.05
N GLY EB 157 74.49 7.64 -9.16
CA GLY EB 157 74.98 7.14 -10.44
C GLY EB 157 75.79 8.16 -11.24
N ALA EB 158 76.10 9.33 -10.69
CA ALA EB 158 76.94 10.33 -11.34
C ALA EB 158 78.36 9.81 -11.57
N THR EB 159 78.98 10.18 -12.69
CA THR EB 159 80.41 9.93 -12.91
C THR EB 159 81.24 10.93 -12.11
N VAL EB 160 82.46 10.61 -11.70
CA VAL EB 160 83.38 11.57 -11.06
C VAL EB 160 84.62 11.81 -11.90
N LYS EB 161 84.89 13.06 -12.27
CA LYS EB 161 86.09 13.47 -13.01
C LYS EB 161 86.99 14.31 -12.12
N ILE EB 162 88.28 14.03 -12.09
CA ILE EB 162 89.29 14.87 -11.42
C ILE EB 162 90.10 15.64 -12.46
N VAL EB 163 90.30 16.95 -12.26
CA VAL EB 163 91.05 17.83 -13.17
C VAL EB 163 92.17 18.56 -12.44
N PHE EB 164 93.42 18.37 -12.86
CA PHE EB 164 94.54 19.16 -12.35
C PHE EB 164 94.59 20.56 -12.96
N ASN EB 165 94.94 21.56 -12.15
CA ASN EB 165 95.06 22.97 -12.55
C ASN EB 165 96.31 23.62 -11.96
N HIS EB 166 97.48 23.08 -12.29
CA HIS EB 166 98.77 23.65 -11.91
C HIS EB 166 98.96 25.08 -12.46
N ASP EB 167 99.72 25.93 -11.77
CA ASP EB 167 99.69 27.40 -11.93
C ASP EB 167 99.78 27.90 -13.38
N ASN EB 168 100.80 27.47 -14.12
CA ASN EB 168 101.02 27.90 -15.50
C ASN EB 168 100.16 27.15 -16.53
N ARG EB 169 99.57 26.02 -16.14
CA ARG EB 169 99.13 24.95 -17.06
C ARG EB 169 97.63 24.97 -17.30
N LEU EB 170 97.02 26.16 -17.34
CA LEU EB 170 95.58 26.32 -17.55
C LEU EB 170 95.08 25.60 -18.82
N ASP EB 171 95.88 25.56 -19.89
CA ASP EB 171 95.52 24.85 -21.11
C ASP EB 171 95.35 23.34 -20.88
N ASP EB 172 96.15 22.73 -20.00
CA ASP EB 172 95.98 21.32 -19.61
C ASP EB 172 94.69 21.11 -18.82
N ALA EB 173 94.37 22.01 -17.88
CA ALA EB 173 93.14 21.93 -17.11
C ALA EB 173 91.91 22.04 -18.04
N VAL EB 174 91.92 23.00 -18.96
CA VAL EB 174 90.83 23.21 -19.92
C VAL EB 174 90.71 22.04 -20.90
N ARG EB 175 91.83 21.48 -21.36
CA ARG EB 175 91.84 20.29 -22.23
C ARG EB 175 91.30 19.05 -21.51
N ASP EB 176 91.51 18.90 -20.20
CA ASP EB 176 90.88 17.83 -19.43
C ASP EB 176 89.40 18.11 -19.15
N ALA EB 177 89.00 19.37 -18.96
CA ALA EB 177 87.63 19.72 -18.63
C ALA EB 177 86.68 19.66 -19.85
N ALA EB 178 87.08 20.19 -21.00
CA ALA EB 178 86.20 20.32 -22.17
C ALA EB 178 85.56 19.00 -22.68
N PRO EB 179 86.24 17.83 -22.67
CA PRO EB 179 85.64 16.54 -23.01
C PRO EB 179 84.38 16.14 -22.22
N VAL EB 180 84.16 16.71 -21.04
CA VAL EB 180 83.00 16.40 -20.19
C VAL EB 180 81.72 17.04 -20.70
N LEU EB 181 81.84 18.20 -21.37
CA LEU EB 181 80.75 19.12 -21.70
C LEU EB 181 79.90 18.68 -22.91
N ILE FB 4 -40.66 42.56 53.05
CA ILE FB 4 -41.03 42.81 54.47
C ILE FB 4 -41.82 41.62 54.98
N VAL FB 5 -41.61 41.18 56.21
CA VAL FB 5 -42.45 40.16 56.87
C VAL FB 5 -43.10 40.74 58.12
N VAL FB 6 -44.42 40.66 58.26
CA VAL FB 6 -45.14 41.13 59.45
C VAL FB 6 -45.61 39.95 60.29
N THR FB 7 -45.44 40.01 61.61
CA THR FB 7 -45.67 38.88 62.52
C THR FB 7 -46.25 39.31 63.86
N GLY FB 8 -46.93 38.39 64.54
CA GLY FB 8 -47.53 38.66 65.85
C GLY FB 8 -48.29 37.47 66.43
N ILE FB 9 -48.47 37.47 67.75
CA ILE FB 9 -49.24 36.48 68.51
C ILE FB 9 -50.75 36.64 68.24
N PRO FB 10 -51.52 35.55 68.07
CA PRO FB 10 -52.98 35.62 67.93
C PRO FB 10 -53.65 36.42 69.05
N GLY FB 11 -54.40 37.47 68.68
CA GLY FB 11 -55.02 38.44 69.59
C GLY FB 11 -54.33 39.80 69.65
N VAL FB 12 -53.11 39.95 69.11
CA VAL FB 12 -52.37 41.24 69.18
C VAL FB 12 -52.89 42.33 68.23
N GLY FB 13 -53.78 41.99 67.30
CA GLY FB 13 -54.37 42.94 66.35
C GLY FB 13 -53.51 43.19 65.09
N LYS FB 14 -52.70 42.20 64.70
CA LYS FB 14 -51.78 42.24 63.56
C LYS FB 14 -52.44 42.78 62.29
N THR FB 15 -53.58 42.22 61.90
CA THR FB 15 -54.24 42.58 60.63
C THR FB 15 -54.66 44.05 60.60
N THR FB 16 -55.18 44.59 61.71
CA THR FB 16 -55.59 45.98 61.80
C THR FB 16 -54.42 46.94 61.57
N VAL FB 17 -53.30 46.73 62.26
CA VAL FB 17 -52.12 47.59 62.12
C VAL FB 17 -51.53 47.48 60.72
N MET FB 18 -51.45 46.27 60.16
CA MET FB 18 -51.03 46.09 58.77
C MET FB 18 -51.95 46.81 57.78
N GLN FB 19 -53.27 46.63 57.89
CA GLN FB 19 -54.25 47.24 56.97
C GLN FB 19 -54.18 48.77 57.00
N LYS FB 20 -54.04 49.36 58.18
CA LYS FB 20 -53.88 50.82 58.34
C LYS FB 20 -52.53 51.31 57.81
N ALA FB 21 -51.41 50.69 58.18
CA ALA FB 21 -50.10 51.16 57.76
C ALA FB 21 -49.88 50.98 56.25
N ALA FB 22 -50.37 49.88 55.67
CA ALA FB 22 -50.29 49.60 54.24
C ALA FB 22 -51.22 50.48 53.37
N GLU FB 23 -52.01 51.37 53.97
CA GLU FB 23 -52.90 52.27 53.21
C GLU FB 23 -52.11 53.15 52.22
N GLY FB 24 -52.56 53.19 50.97
CA GLY FB 24 -51.87 53.88 49.88
C GLY FB 24 -50.56 53.22 49.40
N SER FB 25 -50.13 52.11 49.99
CA SER FB 25 -48.91 51.43 49.55
C SER FB 25 -49.08 50.76 48.19
N PRO FB 26 -48.11 50.82 47.28
CA PRO FB 26 -48.08 50.03 46.06
C PRO FB 26 -47.68 48.56 46.28
N LEU FB 27 -47.36 48.14 47.51
CA LEU FB 27 -46.88 46.77 47.77
C LEU FB 27 -48.00 45.71 47.70
N PRO FB 28 -47.77 44.55 47.07
CA PRO FB 28 -48.67 43.41 47.18
C PRO FB 28 -48.75 42.88 48.62
N ARG FB 29 -49.90 42.32 48.99
CA ARG FB 29 -50.21 41.82 50.33
C ARG FB 29 -50.44 40.32 50.29
N VAL FB 30 -49.69 39.54 51.05
CA VAL FB 30 -49.62 38.09 50.79
C VAL FB 30 -49.65 37.28 52.10
N PRO FB 31 -50.65 36.41 52.33
CA PRO FB 31 -50.58 35.40 53.38
C PRO FB 31 -49.76 34.19 52.91
N LEU FB 32 -48.72 33.80 53.63
CA LEU FB 32 -47.81 32.73 53.19
C LEU FB 32 -48.48 31.36 53.13
N GLU FB 33 -49.36 31.05 54.08
CA GLU FB 33 -50.07 29.76 54.10
C GLU FB 33 -51.00 29.64 52.89
N GLY FB 34 -51.66 30.74 52.54
CA GLY FB 34 -52.48 30.87 51.35
C GLY FB 34 -51.69 30.60 50.08
N VAL FB 35 -50.50 31.20 49.93
CA VAL FB 35 -49.63 30.90 48.78
C VAL FB 35 -49.19 29.45 48.77
N MET FB 36 -48.80 28.88 49.91
CA MET FB 36 -48.42 27.47 49.96
C MET FB 36 -49.56 26.57 49.50
N TYR FB 37 -50.79 26.83 49.95
CA TYR FB 37 -51.97 26.11 49.49
C TYR FB 37 -52.16 26.26 47.97
N GLY FB 38 -52.07 27.49 47.45
CA GLY FB 38 -52.16 27.75 46.02
C GLY FB 38 -51.10 26.99 45.21
N VAL FB 39 -49.84 27.03 45.64
CA VAL FB 39 -48.74 26.31 44.99
C VAL FB 39 -48.99 24.80 45.02
N ALA FB 40 -49.34 24.24 46.17
CA ALA FB 40 -49.63 22.81 46.29
C ALA FB 40 -50.84 22.39 45.43
N LYS FB 41 -51.91 23.20 45.42
CA LYS FB 41 -53.12 22.97 44.63
C LYS FB 41 -52.84 22.99 43.13
N ARG FB 42 -52.05 23.96 42.64
CA ARG FB 42 -51.65 24.05 41.23
C ARG FB 42 -50.63 22.99 40.83
N MET FB 43 -49.83 22.49 41.77
CA MET FB 43 -49.02 21.28 41.61
C MET FB 43 -49.84 19.97 41.72
N GLY FB 44 -51.14 20.04 42.04
CA GLY FB 44 -52.04 18.89 42.13
C GLY FB 44 -51.91 18.05 43.41
N LEU FB 45 -51.15 18.51 44.41
CA LEU FB 45 -50.87 17.78 45.63
C LEU FB 45 -52.05 17.74 46.61
N VAL FB 46 -52.96 18.69 46.49
CA VAL FB 46 -54.14 18.91 47.34
C VAL FB 46 -55.27 19.50 46.52
N LYS FB 47 -56.49 19.47 47.05
CA LYS FB 47 -57.65 20.25 46.59
C LYS FB 47 -58.21 21.15 47.70
N ASP FB 48 -58.10 20.78 48.97
CA ASP FB 48 -58.74 21.49 50.09
C ASP FB 48 -57.74 21.99 51.14
N ILE FB 49 -58.04 23.11 51.80
CA ILE FB 49 -57.12 23.86 52.66
C ILE FB 49 -56.59 23.03 53.85
N ASP FB 50 -57.41 22.11 54.38
CA ASP FB 50 -56.99 21.21 55.46
C ASP FB 50 -55.96 20.16 55.04
N GLU FB 51 -55.92 19.77 53.76
CA GLU FB 51 -54.99 18.74 53.27
C GLU FB 51 -53.53 19.17 53.39
N MET FB 52 -53.26 20.46 53.50
CA MET FB 52 -51.92 21.00 53.74
C MET FB 52 -51.28 20.43 55.01
N ARG FB 53 -52.08 20.17 56.04
CA ARG FB 53 -51.62 19.54 57.29
C ARG FB 53 -51.39 18.02 57.17
N ARG FB 54 -51.96 17.41 56.13
CA ARG FB 54 -51.88 15.97 55.83
C ARG FB 54 -50.72 15.61 54.90
N LEU FB 55 -50.10 16.59 54.25
CA LEU FB 55 -48.92 16.38 53.38
C LEU FB 55 -47.73 15.77 54.14
N SER FB 56 -46.93 14.98 53.44
CA SER FB 56 -45.67 14.44 53.95
C SER FB 56 -44.69 15.58 54.26
N PRO FB 57 -44.07 15.65 55.46
CA PRO FB 57 -43.23 16.78 55.85
C PRO FB 57 -42.12 17.15 54.87
N ASP FB 58 -41.45 16.18 54.25
CA ASP FB 58 -40.38 16.46 53.27
C ASP FB 58 -40.90 16.92 51.90
N VAL FB 59 -42.17 16.64 51.57
CA VAL FB 59 -42.87 17.31 50.46
C VAL FB 59 -43.22 18.74 50.87
N GLN FB 60 -43.70 18.93 52.10
CA GLN FB 60 -44.07 20.25 52.61
C GLN FB 60 -42.89 21.22 52.67
N LYS FB 61 -41.66 20.74 52.94
CA LYS FB 61 -40.43 21.56 52.78
C LYS FB 61 -40.26 22.09 51.37
N GLU FB 62 -40.51 21.27 50.35
CA GLU FB 62 -40.42 21.72 48.97
C GLU FB 62 -41.56 22.68 48.60
N VAL FB 63 -42.77 22.51 49.13
CA VAL FB 63 -43.84 23.52 48.98
C VAL FB 63 -43.42 24.85 49.60
N GLN FB 64 -42.84 24.86 50.79
CA GLN FB 64 -42.30 26.07 51.39
C GLN FB 64 -41.23 26.72 50.50
N LYS FB 65 -40.29 25.91 50.00
CA LYS FB 65 -39.22 26.36 49.10
C LYS FB 65 -39.79 27.01 47.83
N LYS FB 66 -40.73 26.35 47.15
CA LYS FB 66 -41.36 26.88 45.92
C LYS FB 66 -42.19 28.13 46.17
N ALA FB 67 -42.99 28.17 47.22
CA ALA FB 67 -43.75 29.37 47.58
C ALA FB 67 -42.81 30.56 47.84
N ALA FB 68 -41.70 30.33 48.54
CA ALA FB 68 -40.72 31.37 48.76
C ALA FB 68 -40.03 31.82 47.47
N GLU FB 69 -39.65 30.92 46.56
CA GLU FB 69 -39.09 31.30 45.27
C GLU FB 69 -40.04 32.21 44.48
N ARG FB 70 -41.33 31.87 44.46
CA ARG FB 70 -42.35 32.63 43.74
C ARG FB 70 -42.62 33.98 44.39
N ILE FB 71 -42.64 34.06 45.72
CA ILE FB 71 -42.77 35.35 46.42
C ILE FB 71 -41.51 36.20 46.25
N ALA FB 72 -40.33 35.59 46.16
CA ALA FB 72 -39.10 36.32 45.86
C ALA FB 72 -39.12 36.90 44.43
N ALA FB 73 -39.60 36.13 43.45
CA ALA FB 73 -39.74 36.62 42.07
C ALA FB 73 -40.73 37.79 41.95
N LEU FB 74 -41.83 37.77 42.73
CA LEU FB 74 -42.77 38.89 42.81
C LEU FB 74 -42.13 40.18 43.32
N GLY FB 75 -41.02 40.09 44.05
CA GLY FB 75 -40.24 41.23 44.52
C GLY FB 75 -40.73 41.79 45.86
N ASP FB 76 -40.62 43.11 46.03
CA ASP FB 76 -40.92 43.78 47.29
C ASP FB 76 -42.40 43.60 47.66
N VAL FB 77 -42.69 43.14 48.88
CA VAL FB 77 -44.00 42.60 49.29
C VAL FB 77 -44.22 42.78 50.79
N ILE FB 78 -45.46 42.90 51.24
CA ILE FB 78 -45.81 42.75 52.64
C ILE FB 78 -46.31 41.33 52.85
N LEU FB 79 -45.39 40.44 53.19
CA LEU FB 79 -45.71 39.05 53.50
C LEU FB 79 -46.23 38.94 54.94
N ASP FB 80 -47.15 38.01 55.17
CA ASP FB 80 -47.79 37.79 56.47
C ASP FB 80 -47.74 36.31 56.87
N THR FB 81 -47.22 36.03 58.06
CA THR FB 81 -47.28 34.71 58.74
C THR FB 81 -46.91 34.84 60.23
N HIS FB 82 -47.18 33.83 61.05
CA HIS FB 82 -46.70 33.80 62.43
C HIS FB 82 -45.19 33.50 62.50
N CYS FB 83 -44.46 34.15 63.39
CA CYS FB 83 -43.03 33.86 63.61
C CYS FB 83 -42.82 32.55 64.39
N THR FB 84 -43.66 32.25 65.38
CA THR FB 84 -43.79 30.90 65.97
C THR FB 84 -45.24 30.54 66.22
N ILE FB 85 -45.59 29.28 65.97
CA ILE FB 85 -46.95 28.75 66.09
C ILE FB 85 -47.00 27.84 67.31
N LYS FB 86 -47.92 28.07 68.25
CA LYS FB 86 -48.08 27.17 69.41
C LYS FB 86 -48.81 25.89 68.99
N THR FB 87 -48.29 24.73 69.39
CA THR FB 87 -48.82 23.39 69.04
C THR FB 87 -48.83 22.50 70.29
N PRO FB 88 -49.49 21.33 70.28
CA PRO FB 88 -49.45 20.38 71.40
C PRO FB 88 -48.03 19.98 71.82
N LYS FB 89 -47.09 19.87 70.86
CA LYS FB 89 -45.68 19.61 71.13
C LYS FB 89 -44.83 20.86 71.38
N GLY FB 90 -45.46 22.02 71.66
CA GLY FB 90 -44.78 23.29 71.94
C GLY FB 90 -44.68 24.23 70.73
N TYR FB 91 -43.77 25.19 70.79
CA TYR FB 91 -43.60 26.22 69.76
C TYR FB 91 -42.93 25.68 68.50
N LEU FB 92 -43.51 25.95 67.34
CA LEU FB 92 -42.98 25.60 66.04
C LEU FB 92 -42.45 26.86 65.34
N PRO FB 93 -41.19 26.92 64.86
CA PRO FB 93 -40.69 28.02 64.06
C PRO FB 93 -41.48 28.17 62.76
N GLY FB 94 -42.07 29.34 62.53
CA GLY FB 94 -42.86 29.60 61.33
C GLY FB 94 -42.05 29.74 60.04
N LEU FB 95 -40.76 30.08 60.14
CA LEU FB 95 -39.89 30.37 59.00
C LEU FB 95 -38.56 29.60 59.10
N PRO FB 96 -38.50 28.34 58.68
CA PRO FB 96 -37.26 27.59 58.60
C PRO FB 96 -36.21 28.26 57.71
N ARG FB 97 -34.93 27.90 57.90
CA ARG FB 97 -33.81 28.44 57.12
C ARG FB 97 -34.01 28.36 55.60
N TRP FB 98 -34.57 27.27 55.09
CA TRP FB 98 -34.81 27.12 53.65
C TRP FB 98 -35.84 28.12 53.08
N VAL FB 99 -36.69 28.73 53.91
CA VAL FB 99 -37.51 29.86 53.48
C VAL FB 99 -36.67 31.13 53.40
N LEU FB 100 -35.90 31.46 54.44
CA LEU FB 100 -35.10 32.67 54.50
C LEU FB 100 -34.05 32.75 53.39
N GLU FB 101 -33.42 31.63 53.05
CA GLU FB 101 -32.45 31.59 51.96
C GLU FB 101 -33.08 31.90 50.59
N LYS FB 102 -34.41 31.77 50.44
CA LYS FB 102 -35.15 32.16 49.23
C LYS FB 102 -35.73 33.58 49.32
N LEU FB 103 -36.47 33.91 50.39
CA LEU FB 103 -37.09 35.24 50.53
C LEU FB 103 -36.08 36.37 50.70
N ARG FB 104 -35.01 36.14 51.48
CA ARG FB 104 -33.99 37.12 51.86
C ARG FB 104 -34.59 38.45 52.37
N PRO FB 105 -35.43 38.43 53.43
CA PRO FB 105 -36.17 39.61 53.88
C PRO FB 105 -35.27 40.79 54.23
N SER FB 106 -35.75 42.02 53.99
CA SER FB 106 -35.07 43.23 54.47
C SER FB 106 -35.46 43.60 55.89
N VAL FB 107 -36.70 43.33 56.29
CA VAL FB 107 -37.21 43.63 57.64
C VAL FB 107 -38.13 42.53 58.12
N ILE FB 108 -38.01 42.17 59.39
CA ILE FB 108 -39.03 41.44 60.14
C ILE FB 108 -39.70 42.43 61.09
N LEU FB 109 -41.02 42.51 61.09
CA LEU FB 109 -41.77 43.36 62.00
C LEU FB 109 -42.54 42.50 62.98
N LEU FB 110 -42.42 42.82 64.26
CA LEU FB 110 -43.03 42.07 65.35
C LEU FB 110 -43.98 42.97 66.13
N VAL FB 111 -45.27 42.64 66.15
CA VAL FB 111 -46.29 43.41 66.86
C VAL FB 111 -46.46 42.89 68.28
N GLU FB 112 -46.53 43.77 69.26
CA GLU FB 112 -46.69 43.43 70.68
C GLU FB 112 -47.74 44.29 71.38
N ALA FB 113 -48.37 43.73 72.41
CA ALA FB 113 -49.25 44.41 73.35
C ALA FB 113 -49.07 43.80 74.74
N ASP FB 114 -49.55 44.42 75.80
CA ASP FB 114 -49.38 43.83 77.14
C ASP FB 114 -50.13 42.50 77.26
N PRO FB 115 -49.56 41.47 77.91
CA PRO FB 115 -50.25 40.21 78.14
C PRO FB 115 -51.66 40.36 78.74
N LYS FB 116 -51.87 41.34 79.63
CA LYS FB 116 -53.18 41.63 80.22
C LYS FB 116 -54.18 42.16 79.18
N GLU FB 117 -53.73 42.99 78.25
CA GLU FB 117 -54.56 43.45 77.13
C GLU FB 117 -54.94 42.27 76.25
N ILE FB 118 -53.97 41.45 75.85
CA ILE FB 118 -54.21 40.30 74.98
C ILE FB 118 -55.14 39.30 75.68
N TYR FB 119 -54.95 39.06 76.98
CA TYR FB 119 -55.85 38.23 77.76
C TYR FB 119 -57.27 38.79 77.77
N GLY FB 120 -57.43 40.11 77.96
CA GLY FB 120 -58.72 40.78 77.86
C GLY FB 120 -59.38 40.57 76.48
N ARG FB 121 -58.64 40.76 75.39
CA ARG FB 121 -59.15 40.52 74.03
C ARG FB 121 -59.55 39.06 73.82
N ARG FB 122 -58.72 38.12 74.26
CA ARG FB 122 -58.99 36.68 74.16
C ARG FB 122 -60.17 36.25 75.02
N LEU FB 123 -60.37 36.86 76.18
CA LEU FB 123 -61.52 36.62 77.05
C LEU FB 123 -62.83 37.14 76.42
N LYS FB 124 -62.76 38.28 75.73
CA LYS FB 124 -63.90 38.92 75.03
C LYS FB 124 -64.25 38.26 73.70
N ASP FB 125 -63.33 37.51 73.10
CA ASP FB 125 -63.60 36.72 71.90
C ASP FB 125 -64.53 35.52 72.19
N ASP FB 133 -54.86 30.64 77.41
CA ASP FB 133 -53.53 30.71 78.02
C ASP FB 133 -53.54 31.70 79.21
N SER FB 134 -52.74 31.44 80.23
CA SER FB 134 -52.46 32.44 81.26
C SER FB 134 -51.66 33.63 80.69
N GLU FB 135 -51.67 34.75 81.40
CA GLU FB 135 -50.82 35.89 81.07
C GLU FB 135 -49.33 35.52 81.11
N GLU FB 136 -48.96 34.56 81.95
CA GLU FB 136 -47.60 34.02 82.00
C GLU FB 136 -47.25 33.27 80.71
N GLU FB 137 -48.13 32.42 80.21
CA GLU FB 137 -47.93 31.74 78.93
C GLU FB 137 -47.95 32.71 77.73
N ILE FB 138 -48.72 33.79 77.81
CA ILE FB 138 -48.68 34.84 76.79
C ILE FB 138 -47.31 35.54 76.82
N ALA FB 139 -46.84 35.98 77.99
CA ALA FB 139 -45.54 36.60 78.14
C ALA FB 139 -44.39 35.68 77.69
N GLU FB 140 -44.51 34.38 77.95
CA GLU FB 140 -43.59 33.37 77.42
C GLU FB 140 -43.63 33.33 75.89
N HIS FB 141 -44.80 33.24 75.27
CA HIS FB 141 -44.88 33.19 73.80
C HIS FB 141 -44.30 34.45 73.16
N GLN FB 142 -44.52 35.62 73.75
CA GLN FB 142 -43.85 36.85 73.30
C GLN FB 142 -42.32 36.75 73.42
N MET FB 143 -41.79 36.34 74.57
CA MET FB 143 -40.35 36.20 74.72
C MET FB 143 -39.76 35.19 73.72
N MET FB 144 -40.43 34.07 73.50
CA MET FB 144 -40.00 33.12 72.47
C MET FB 144 -40.05 33.73 71.07
N ASN FB 145 -41.03 34.58 70.76
CA ASN FB 145 -41.05 35.25 69.47
C ASN FB 145 -39.87 36.20 69.28
N ARG FB 146 -39.46 36.95 70.31
CA ARG FB 146 -38.28 37.82 70.20
C ARG FB 146 -37.02 37.01 69.90
N ALA FB 147 -36.84 35.87 70.58
CA ALA FB 147 -35.72 34.98 70.30
C ALA FB 147 -35.78 34.46 68.86
N ALA FB 148 -36.95 34.04 68.38
CA ALA FB 148 -37.11 33.56 67.02
C ALA FB 148 -36.79 34.65 65.99
N ALA FB 149 -37.31 35.86 66.17
CA ALA FB 149 -37.08 36.96 65.25
C ALA FB 149 -35.59 37.29 65.14
N MET FB 150 -34.88 37.40 66.26
CA MET FB 150 -33.46 37.71 66.20
C MET FB 150 -32.62 36.56 65.64
N ALA FB 151 -33.01 35.30 65.87
CA ALA FB 151 -32.39 34.18 65.19
C ALA FB 151 -32.57 34.28 63.66
N TYR FB 152 -33.79 34.55 63.18
CA TYR FB 152 -34.06 34.76 61.76
C TYR FB 152 -33.24 35.92 61.20
N ALA FB 153 -33.10 37.00 61.97
CA ALA FB 153 -32.30 38.15 61.56
C ALA FB 153 -30.85 37.75 61.30
N SER FB 154 -30.21 37.08 62.26
CA SER FB 154 -28.80 36.67 62.12
C SER FB 154 -28.53 35.76 60.92
N LEU FB 155 -29.51 34.93 60.53
CA LEU FB 155 -29.41 34.05 59.38
C LEU FB 155 -29.52 34.77 58.03
N SER FB 156 -30.11 35.97 57.99
CA SER FB 156 -30.59 36.60 56.76
C SER FB 156 -30.08 38.03 56.54
N GLY FB 157 -29.58 38.70 57.58
CA GLY FB 157 -29.29 40.13 57.55
C GLY FB 157 -30.53 41.03 57.64
N ALA FB 158 -31.72 40.49 57.89
CA ALA FB 158 -32.93 41.29 58.04
C ALA FB 158 -32.86 42.19 59.28
N THR FB 159 -33.35 43.41 59.18
CA THR FB 159 -33.56 44.28 60.34
C THR FB 159 -34.75 43.76 61.17
N VAL FB 160 -34.81 44.01 62.48
CA VAL FB 160 -35.97 43.65 63.31
C VAL FB 160 -36.59 44.89 63.96
N LYS FB 161 -37.87 45.13 63.71
CA LYS FB 161 -38.63 46.24 64.30
C LYS FB 161 -39.68 45.68 65.25
N ILE FB 162 -39.80 46.25 66.46
CA ILE FB 162 -40.89 45.94 67.39
C ILE FB 162 -41.89 47.10 67.41
N VAL FB 163 -43.19 46.79 67.30
CA VAL FB 163 -44.28 47.78 67.30
C VAL FB 163 -45.28 47.51 68.42
N PHE FB 164 -45.49 48.45 69.33
CA PHE FB 164 -46.56 48.33 70.32
C PHE FB 164 -47.93 48.62 69.73
N ASN FB 165 -48.97 47.90 70.18
CA ASN FB 165 -50.36 48.08 69.75
C ASN FB 165 -51.35 47.98 70.93
N HIS FB 166 -51.19 48.88 71.89
CA HIS FB 166 -52.09 49.00 73.04
C HIS FB 166 -53.54 49.33 72.61
N ASP FB 167 -54.54 48.90 73.38
CA ASP FB 167 -55.96 48.84 72.96
C ASP FB 167 -56.50 50.14 72.34
N ASN FB 168 -56.34 51.27 73.03
CA ASN FB 168 -56.85 52.57 72.59
C ASN FB 168 -55.97 53.24 71.52
N ARG FB 169 -54.72 52.79 71.35
CA ARG FB 169 -53.62 53.58 70.79
C ARG FB 169 -53.20 53.10 69.39
N LEU FB 170 -54.16 52.69 68.57
CA LEU FB 170 -53.91 52.19 67.21
C LEU FB 170 -53.08 53.16 66.37
N ASP FB 171 -53.26 54.47 66.55
CA ASP FB 171 -52.45 55.49 65.84
C ASP FB 171 -50.95 55.40 66.19
N ASP FB 172 -50.58 55.04 67.42
CA ASP FB 172 -49.18 54.80 67.77
C ASP FB 172 -48.61 53.59 67.02
N ALA FB 173 -49.38 52.51 66.92
CA ALA FB 173 -48.97 51.34 66.16
C ALA FB 173 -48.77 51.68 64.67
N VAL FB 174 -49.71 52.40 64.07
CA VAL FB 174 -49.61 52.81 62.66
C VAL FB 174 -48.48 53.81 62.43
N ARG FB 175 -48.27 54.75 63.37
CA ARG FB 175 -47.16 55.71 63.30
C ARG FB 175 -45.80 55.03 63.42
N ASP FB 176 -45.67 53.98 64.22
CA ASP FB 176 -44.45 53.18 64.26
C ASP FB 176 -44.27 52.28 63.04
N ALA FB 177 -45.36 51.75 62.46
CA ALA FB 177 -45.29 50.83 61.33
C ALA FB 177 -44.98 51.53 59.99
N ALA FB 178 -45.62 52.66 59.69
CA ALA FB 178 -45.49 53.33 58.39
C ALA FB 178 -44.04 53.70 57.97
N PRO FB 179 -43.14 54.15 58.87
CA PRO FB 179 -41.72 54.37 58.58
C PRO FB 179 -40.96 53.19 57.96
N VAL FB 180 -41.44 51.96 58.14
CA VAL FB 180 -40.77 50.75 57.65
C VAL FB 180 -40.96 50.55 56.14
N LEU FB 181 -42.09 51.03 55.59
CA LEU FB 181 -42.62 50.72 54.26
C LEU FB 181 -41.93 51.49 53.13
N ILE GB 4 -72.78 29.76 9.24
CA ILE GB 4 -73.69 30.69 9.95
C ILE GB 4 -73.80 30.27 11.39
N VAL GB 5 -73.91 31.20 12.35
CA VAL GB 5 -74.22 30.89 13.76
C VAL GB 5 -75.48 31.62 14.17
N VAL GB 6 -76.45 30.95 14.78
CA VAL GB 6 -77.66 31.58 15.33
C VAL GB 6 -77.60 31.60 16.85
N THR GB 7 -77.98 32.72 17.46
CA THR GB 7 -77.83 32.96 18.90
C THR GB 7 -79.02 33.72 19.49
N GLY GB 8 -79.25 33.57 20.80
CA GLY GB 8 -80.35 34.26 21.48
C GLY GB 8 -80.45 33.92 22.97
N ILE GB 9 -81.07 34.81 23.74
CA ILE GB 9 -81.38 34.64 25.17
C ILE GB 9 -82.50 33.59 25.37
N PRO GB 10 -82.40 32.67 26.34
CA PRO GB 10 -83.48 31.73 26.64
C PRO GB 10 -84.84 32.42 26.85
N GLY GB 11 -85.84 32.00 26.09
CA GLY GB 11 -87.18 32.61 26.02
C GLY GB 11 -87.44 33.50 24.80
N VAL GB 12 -86.42 33.86 24.01
CA VAL GB 12 -86.61 34.74 22.84
C VAL GB 12 -87.28 34.06 21.64
N GLY GB 13 -87.41 32.74 21.64
CA GLY GB 13 -88.04 31.98 20.55
C GLY GB 13 -87.10 31.60 19.40
N LYS GB 14 -85.80 31.48 19.70
CA LYS GB 14 -84.73 31.19 18.74
C LYS GB 14 -85.07 30.03 17.80
N THR GB 15 -85.51 28.90 18.33
CA THR GB 15 -85.73 27.68 17.53
C THR GB 15 -86.84 27.87 16.50
N THR GB 16 -87.91 28.56 16.88
CA THR GB 16 -89.04 28.83 15.98
C THR GB 16 -88.59 29.62 14.76
N VAL GB 17 -87.90 30.75 14.96
CA VAL GB 17 -87.41 31.58 13.85
C VAL GB 17 -86.40 30.82 13.00
N MET GB 18 -85.49 30.08 13.60
CA MET GB 18 -84.53 29.25 12.87
C MET GB 18 -85.24 28.24 11.98
N GLN GB 19 -86.18 27.46 12.51
CA GLN GB 19 -86.83 26.39 11.74
C GLN GB 19 -87.75 26.91 10.65
N LYS GB 20 -88.44 28.04 10.88
CA LYS GB 20 -89.21 28.71 9.84
C LYS GB 20 -88.31 29.26 8.72
N ALA GB 21 -87.19 29.90 9.05
CA ALA GB 21 -86.27 30.43 8.04
C ALA GB 21 -85.52 29.32 7.28
N ALA GB 22 -85.14 28.24 7.96
CA ALA GB 22 -84.44 27.09 7.37
C ALA GB 22 -85.34 26.21 6.49
N GLU GB 23 -86.64 26.48 6.41
CA GLU GB 23 -87.58 25.73 5.58
C GLU GB 23 -87.19 25.79 4.09
N GLY GB 24 -86.97 24.63 3.47
CA GLY GB 24 -86.49 24.51 2.09
C GLY GB 24 -84.99 24.74 1.90
N SER GB 25 -84.22 25.00 2.95
CA SER GB 25 -82.77 25.14 2.86
C SER GB 25 -82.06 23.79 2.67
N PRO GB 26 -81.01 23.70 1.85
CA PRO GB 26 -80.12 22.54 1.81
C PRO GB 26 -79.14 22.49 2.98
N LEU GB 27 -79.07 23.50 3.85
CA LEU GB 27 -78.09 23.55 4.93
C LEU GB 27 -78.41 22.55 6.05
N PRO GB 28 -77.42 21.79 6.55
CA PRO GB 28 -77.58 21.00 7.77
C PRO GB 28 -77.76 21.91 8.99
N ARG GB 29 -78.38 21.39 10.06
CA ARG GB 29 -78.52 22.12 11.34
C ARG GB 29 -77.84 21.36 12.47
N VAL GB 30 -77.18 22.08 13.35
CA VAL GB 30 -76.27 21.47 14.32
C VAL GB 30 -76.34 22.20 15.66
N PRO GB 31 -76.66 21.53 16.78
CA PRO GB 31 -76.40 22.06 18.11
C PRO GB 31 -74.93 21.80 18.49
N LEU GB 32 -74.17 22.84 18.85
CA LEU GB 32 -72.74 22.69 19.15
C LEU GB 32 -72.48 21.82 20.40
N GLU GB 33 -73.34 21.92 21.41
CA GLU GB 33 -73.22 21.11 22.63
C GLU GB 33 -73.40 19.63 22.31
N GLY GB 34 -74.34 19.32 21.42
CA GLY GB 34 -74.60 17.98 20.93
C GLY GB 34 -73.40 17.40 20.19
N VAL GB 35 -72.76 18.17 19.29
CA VAL GB 35 -71.53 17.71 18.62
C VAL GB 35 -70.41 17.51 19.63
N MET GB 36 -70.23 18.41 20.59
CA MET GB 36 -69.21 18.24 21.63
C MET GB 36 -69.43 16.94 22.41
N TYR GB 37 -70.67 16.65 22.81
CA TYR GB 37 -71.01 15.40 23.47
C TYR GB 37 -70.69 14.20 22.57
N GLY GB 38 -71.10 14.23 21.31
CA GLY GB 38 -70.79 13.18 20.34
C GLY GB 38 -69.30 12.95 20.15
N VAL GB 39 -68.51 14.02 20.01
CA VAL GB 39 -67.05 13.91 19.86
C VAL GB 39 -66.41 13.35 21.13
N ALA GB 40 -66.78 13.86 22.30
CA ALA GB 40 -66.26 13.35 23.57
C ALA GB 40 -66.65 11.88 23.80
N LYS GB 41 -67.90 11.51 23.49
CA LYS GB 41 -68.43 10.14 23.58
C LYS GB 41 -67.68 9.18 22.66
N ARG GB 42 -67.44 9.56 21.41
CA ARG GB 42 -66.70 8.73 20.43
C ARG GB 42 -65.19 8.68 20.71
N MET GB 43 -64.64 9.70 21.36
CA MET GB 43 -63.29 9.67 21.95
C MET GB 43 -63.23 8.88 23.29
N GLY GB 44 -64.37 8.39 23.80
CA GLY GB 44 -64.45 7.61 25.03
C GLY GB 44 -64.37 8.39 26.34
N LEU GB 45 -64.39 9.73 26.27
CA LEU GB 45 -64.18 10.62 27.42
C LEU GB 45 -65.40 10.68 28.36
N VAL GB 46 -66.59 10.39 27.84
CA VAL GB 46 -67.89 10.42 28.53
C VAL GB 46 -68.80 9.34 27.97
N LYS GB 47 -69.91 9.05 28.66
CA LYS GB 47 -71.03 8.25 28.15
C LYS GB 47 -72.37 8.98 28.24
N ASP GB 48 -72.58 9.86 29.21
CA ASP GB 48 -73.85 10.57 29.43
C ASP GB 48 -73.72 12.10 29.31
N ILE GB 49 -74.77 12.77 28.83
CA ILE GB 49 -74.75 14.20 28.45
C ILE GB 49 -74.36 15.12 29.62
N ASP GB 50 -74.74 14.79 30.85
CA ASP GB 50 -74.35 15.55 32.04
C ASP GB 50 -72.85 15.50 32.36
N GLU GB 51 -72.14 14.45 31.95
CA GLU GB 51 -70.71 14.31 32.21
C GLU GB 51 -69.87 15.37 31.49
N MET GB 52 -70.41 16.02 30.46
CA MET GB 52 -69.74 17.13 29.77
C MET GB 52 -69.40 18.29 30.71
N ARG GB 53 -70.22 18.52 31.75
CA ARG GB 53 -69.97 19.54 32.79
C ARG GB 53 -68.90 19.11 33.79
N ARG GB 54 -68.55 17.83 33.82
CA ARG GB 54 -67.59 17.22 34.77
C ARG GB 54 -66.16 17.14 34.20
N LEU GB 55 -65.99 17.34 32.89
CA LEU GB 55 -64.69 17.31 32.23
C LEU GB 55 -63.73 18.39 32.75
N SER GB 56 -62.44 18.06 32.78
CA SER GB 56 -61.38 19.04 33.06
C SER GB 56 -61.36 20.13 31.99
N PRO GB 57 -61.31 21.43 32.34
CA PRO GB 57 -61.40 22.52 31.37
C PRO GB 57 -60.44 22.41 30.18
N ASP GB 58 -59.19 22.00 30.35
CA ASP GB 58 -58.25 21.87 29.23
C ASP GB 58 -58.50 20.66 28.33
N VAL GB 59 -59.20 19.63 28.81
CA VAL GB 59 -59.82 18.61 27.94
C VAL GB 59 -60.99 19.23 27.19
N GLN GB 60 -61.85 19.98 27.89
CA GLN GB 60 -63.02 20.62 27.31
C GLN GB 60 -62.66 21.63 26.19
N LYS GB 61 -61.53 22.34 26.31
CA LYS GB 61 -60.96 23.15 25.21
C LYS GB 61 -60.65 22.31 23.99
N GLU GB 62 -59.98 21.16 24.14
CA GLU GB 62 -59.64 20.34 22.99
C GLU GB 62 -60.88 19.67 22.37
N VAL GB 63 -61.88 19.30 23.18
CA VAL GB 63 -63.20 18.87 22.67
C VAL GB 63 -63.87 19.97 21.86
N GLN GB 64 -63.89 21.21 22.36
CA GLN GB 64 -64.40 22.36 21.60
C GLN GB 64 -63.64 22.54 20.28
N LYS GB 65 -62.31 22.45 20.32
CA LYS GB 65 -61.45 22.58 19.14
C LYS GB 65 -61.74 21.49 18.09
N LYS GB 66 -61.78 20.22 18.48
CA LYS GB 66 -62.08 19.12 17.55
C LYS GB 66 -63.50 19.19 17.00
N ALA GB 67 -64.49 19.50 17.83
CA ALA GB 67 -65.86 19.70 17.37
C ALA GB 67 -65.93 20.81 16.31
N ALA GB 68 -65.25 21.93 16.53
CA ALA GB 68 -65.19 23.00 15.55
C ALA GB 68 -64.50 22.56 14.25
N GLU GB 69 -63.36 21.88 14.32
CA GLU GB 69 -62.68 21.35 13.12
C GLU GB 69 -63.60 20.45 12.29
N ARG GB 70 -64.36 19.58 12.95
CA ARG GB 70 -65.29 18.66 12.26
C ARG GB 70 -66.48 19.38 11.67
N ILE GB 71 -67.01 20.41 12.32
CA ILE GB 71 -68.07 21.26 11.74
C ILE GB 71 -67.52 22.11 10.59
N ALA GB 72 -66.27 22.55 10.64
CA ALA GB 72 -65.66 23.25 9.53
C ALA GB 72 -65.50 22.34 8.29
N ALA GB 73 -65.11 21.08 8.49
CA ALA GB 73 -65.02 20.11 7.40
C ALA GB 73 -66.38 19.82 6.75
N LEU GB 74 -67.46 19.75 7.54
CA LEU GB 74 -68.84 19.62 7.02
C LEU GB 74 -69.23 20.77 6.09
N GLY GB 75 -68.66 21.96 6.31
CA GLY GB 75 -68.86 23.13 5.47
C GLY GB 75 -70.01 24.03 5.91
N ASP GB 76 -70.73 24.60 4.95
CA ASP GB 76 -71.78 25.59 5.21
C ASP GB 76 -72.92 24.96 6.03
N VAL GB 77 -73.30 25.58 7.15
CA VAL GB 77 -74.15 24.98 8.20
C VAL GB 77 -74.92 26.05 8.96
N ILE GB 78 -76.11 25.72 9.47
CA ILE GB 78 -76.81 26.55 10.46
C ILE GB 78 -76.44 26.01 11.85
N LEU GB 79 -75.36 26.52 12.42
CA LEU GB 79 -74.94 26.16 13.77
C LEU GB 79 -75.78 26.88 14.82
N ASP GB 80 -76.06 26.22 15.93
CA ASP GB 80 -76.84 26.76 17.04
C ASP GB 80 -76.09 26.63 18.37
N THR GB 81 -75.89 27.75 19.09
CA THR GB 81 -75.45 27.81 20.49
C THR GB 81 -75.69 29.20 21.08
N HIS GB 82 -75.68 29.37 22.41
CA HIS GB 82 -75.77 30.70 23.03
C HIS GB 82 -74.48 31.51 22.83
N CYS GB 83 -74.56 32.82 22.63
CA CYS GB 83 -73.37 33.68 22.59
C CYS GB 83 -72.84 34.01 23.99
N THR GB 84 -73.70 34.19 25.00
CA THR GB 84 -73.28 34.14 26.41
C THR GB 84 -74.28 33.35 27.26
N ILE GB 85 -73.76 32.55 28.18
CA ILE GB 85 -74.55 31.70 29.09
C ILE GB 85 -74.49 32.32 30.47
N LYS GB 86 -75.63 32.59 31.10
CA LYS GB 86 -75.65 33.10 32.48
C LYS GB 86 -75.39 31.97 33.48
N THR GB 87 -74.49 32.19 34.43
CA THR GB 87 -74.04 31.19 35.42
C THR GB 87 -73.97 31.82 36.83
N PRO GB 88 -73.83 31.04 37.92
CA PRO GB 88 -73.65 31.59 39.25
C PRO GB 88 -72.51 32.61 39.37
N LYS GB 89 -71.41 32.42 38.62
CA LYS GB 89 -70.29 33.38 38.54
C LYS GB 89 -70.43 34.44 37.45
N GLY GB 90 -71.63 34.66 36.92
CA GLY GB 90 -71.91 35.65 35.87
C GLY GB 90 -71.93 35.08 34.46
N TYR GB 91 -71.80 35.96 33.46
CA TYR GB 91 -71.86 35.62 32.05
C TYR GB 91 -70.62 34.88 31.57
N LEU GB 92 -70.80 33.76 30.88
CA LEU GB 92 -69.75 32.96 30.28
C LEU GB 92 -69.81 33.08 28.75
N PRO GB 93 -68.73 33.50 28.06
CA PRO GB 93 -68.66 33.54 26.61
C PRO GB 93 -68.89 32.16 25.97
N GLY GB 94 -69.84 32.06 25.05
CA GLY GB 94 -70.24 30.81 24.42
C GLY GB 94 -69.31 30.34 23.29
N LEU GB 95 -68.59 31.25 22.64
CA LEU GB 95 -67.65 30.95 21.55
C LEU GB 95 -66.24 31.46 21.88
N PRO GB 96 -65.43 30.70 22.63
CA PRO GB 96 -64.03 31.04 22.84
C PRO GB 96 -63.26 31.19 21.54
N ARG GB 97 -62.17 31.95 21.56
CA ARG GB 97 -61.34 32.21 20.38
C ARG GB 97 -60.84 30.92 19.68
N TRP GB 98 -60.51 29.87 20.41
CA TRP GB 98 -60.10 28.60 19.82
C TRP GB 98 -61.24 27.87 19.08
N VAL GB 99 -62.51 28.12 19.40
CA VAL GB 99 -63.63 27.68 18.54
C VAL GB 99 -63.68 28.54 17.29
N LEU GB 100 -63.70 29.86 17.49
CA LEU GB 100 -64.01 30.82 16.46
C LEU GB 100 -62.99 30.84 15.31
N GLU GB 101 -61.70 30.69 15.59
CA GLU GB 101 -60.65 30.57 14.58
C GLU GB 101 -60.74 29.27 13.76
N LYS GB 102 -61.47 28.24 14.23
CA LYS GB 102 -61.72 27.01 13.48
C LYS GB 102 -62.98 27.11 12.64
N LEU GB 103 -64.10 27.57 13.21
CA LEU GB 103 -65.34 27.73 12.46
C LEU GB 103 -65.27 28.81 11.37
N ARG GB 104 -64.64 29.96 11.67
CA ARG GB 104 -64.56 31.14 10.79
C ARG GB 104 -65.93 31.54 10.20
N PRO GB 105 -66.94 31.86 11.03
CA PRO GB 105 -68.28 32.18 10.56
C PRO GB 105 -68.32 33.30 9.54
N SER GB 106 -69.25 33.25 8.58
CA SER GB 106 -69.56 34.39 7.72
C SER GB 106 -70.59 35.33 8.34
N VAL GB 107 -71.51 34.81 9.17
CA VAL GB 107 -72.52 35.59 9.87
C VAL GB 107 -72.73 35.07 11.28
N ILE GB 108 -72.88 35.98 12.22
CA ILE GB 108 -73.47 35.73 13.54
C ILE GB 108 -74.86 36.38 13.53
N LEU GB 109 -75.90 35.62 13.79
CA LEU GB 109 -77.26 36.13 13.86
C LEU GB 109 -77.70 36.16 15.31
N LEU GB 110 -78.16 37.31 15.77
CA LEU GB 110 -78.58 37.56 17.13
C LEU GB 110 -80.08 37.88 17.17
N VAL GB 111 -80.85 37.06 17.87
CA VAL GB 111 -82.31 37.21 17.96
C VAL GB 111 -82.69 38.00 19.20
N GLU GB 112 -83.59 38.97 19.08
CA GLU GB 112 -84.00 39.85 20.17
C GLU GB 112 -85.53 40.01 20.22
N ALA GB 113 -86.04 40.32 21.42
CA ALA GB 113 -87.42 40.71 21.67
C ALA GB 113 -87.44 41.67 22.87
N ASP GB 114 -88.54 42.38 23.12
CA ASP GB 114 -88.57 43.33 24.23
C ASP GB 114 -88.43 42.60 25.59
N PRO GB 115 -87.64 43.12 26.55
CA PRO GB 115 -87.55 42.55 27.90
C PRO GB 115 -88.90 42.23 28.55
N LYS GB 116 -89.93 43.04 28.33
CA LYS GB 116 -91.29 42.80 28.84
C LYS GB 116 -91.96 41.60 28.18
N GLU GB 117 -91.76 41.40 26.88
CA GLU GB 117 -92.25 40.21 26.18
C GLU GB 117 -91.57 38.96 26.73
N ILE GB 118 -90.25 38.99 26.84
CA ILE GB 118 -89.46 37.86 27.35
C ILE GB 118 -89.85 37.55 28.80
N TYR GB 119 -90.02 38.57 29.63
CA TYR GB 119 -90.49 38.39 31.00
C TYR GB 119 -91.88 37.74 31.04
N GLY GB 120 -92.80 38.17 30.19
CA GLY GB 120 -94.12 37.54 30.04
C GLY GB 120 -94.02 36.06 29.64
N ARG GB 121 -93.21 35.72 28.63
CA ARG GB 121 -93.01 34.33 28.20
C ARG GB 121 -92.40 33.48 29.31
N ARG GB 122 -91.42 34.00 30.04
CA ARG GB 122 -90.78 33.32 31.17
C ARG GB 122 -91.74 33.14 32.35
N LEU GB 123 -92.59 34.12 32.62
CA LEU GB 123 -93.60 34.04 33.67
C LEU GB 123 -94.68 33.00 33.35
N LYS GB 124 -95.04 32.85 32.08
CA LYS GB 124 -96.00 31.84 31.59
C LYS GB 124 -95.42 30.43 31.46
N ASP GB 125 -94.10 30.27 31.49
CA ASP GB 125 -93.46 28.95 31.54
C ASP GB 125 -93.61 28.29 32.92
N ASP GB 133 -85.44 36.35 36.30
CA ASP GB 133 -84.67 37.58 36.13
C ASP GB 133 -85.63 38.79 36.01
N SER GB 134 -85.24 39.94 36.52
CA SER GB 134 -85.96 41.20 36.25
C SER GB 134 -85.85 41.62 34.79
N GLU GB 135 -86.72 42.53 34.35
CA GLU GB 135 -86.61 43.15 33.04
C GLU GB 135 -85.28 43.91 32.87
N GLU GB 136 -84.73 44.45 33.97
CA GLU GB 136 -83.42 45.07 33.97
C GLU GB 136 -82.31 44.04 33.69
N GLU GB 137 -82.34 42.88 34.34
CA GLU GB 137 -81.38 41.80 34.09
C GLU GB 137 -81.53 41.19 32.70
N ILE GB 138 -82.75 41.14 32.16
CA ILE GB 138 -82.98 40.72 30.78
C ILE GB 138 -82.36 41.73 29.81
N ALA GB 139 -82.63 43.03 30.00
CA ALA GB 139 -82.04 44.08 29.18
C ALA GB 139 -80.52 44.11 29.28
N GLU GB 140 -79.97 43.87 30.47
CA GLU GB 140 -78.53 43.71 30.66
C GLU GB 140 -77.98 42.53 29.88
N HIS GB 141 -78.58 41.34 29.96
CA HIS GB 141 -78.09 40.16 29.25
C HIS GB 141 -78.12 40.38 27.73
N GLN GB 142 -79.14 41.05 27.20
CA GLN GB 142 -79.15 41.46 25.80
C GLN GB 142 -77.99 42.39 25.46
N MET GB 143 -77.75 43.45 26.25
CA MET GB 143 -76.63 44.34 26.00
C MET GB 143 -75.29 43.59 26.03
N MET GB 144 -75.10 42.70 27.00
CA MET GB 144 -73.90 41.87 27.03
C MET GB 144 -73.78 40.98 25.80
N ASN GB 145 -74.88 40.43 25.28
CA ASN GB 145 -74.82 39.65 24.05
C ASN GB 145 -74.37 40.51 22.86
N ARG GB 146 -74.87 41.74 22.70
CA ARG GB 146 -74.43 42.62 21.61
C ARG GB 146 -72.93 42.87 21.68
N ALA GB 147 -72.39 43.12 22.86
CA ALA GB 147 -70.96 43.29 23.04
C ALA GB 147 -70.18 42.03 22.66
N ALA GB 148 -70.64 40.86 23.11
CA ALA GB 148 -70.02 39.58 22.78
C ALA GB 148 -70.03 39.31 21.27
N ALA GB 149 -71.18 39.52 20.61
CA ALA GB 149 -71.31 39.32 19.18
C ALA GB 149 -70.31 40.17 18.40
N MET GB 150 -70.25 41.47 18.70
CA MET GB 150 -69.34 42.36 17.98
C MET GB 150 -67.87 42.08 18.30
N ALA GB 151 -67.55 41.61 19.50
CA ALA GB 151 -66.22 41.11 19.79
C ALA GB 151 -65.86 39.90 18.92
N TYR GB 152 -66.76 38.91 18.78
CA TYR GB 152 -66.53 37.78 17.87
C TYR GB 152 -66.39 38.24 16.42
N ALA GB 153 -67.19 39.21 16.00
CA ALA GB 153 -67.10 39.77 14.66
C ALA GB 153 -65.69 40.31 14.39
N SER GB 154 -65.17 41.15 15.28
CA SER GB 154 -63.83 41.74 15.12
C SER GB 154 -62.70 40.70 15.07
N LEU GB 155 -62.85 39.56 15.75
CA LEU GB 155 -61.86 38.48 15.76
C LEU GB 155 -61.83 37.67 14.46
N SER GB 156 -62.90 37.70 13.66
CA SER GB 156 -63.16 36.70 12.62
C SER GB 156 -63.55 37.26 11.26
N GLY GB 157 -63.95 38.52 11.16
CA GLY GB 157 -64.55 39.09 9.96
C GLY GB 157 -66.01 38.68 9.74
N ALA GB 158 -66.64 37.97 10.67
CA ALA GB 158 -68.06 37.62 10.57
C ALA GB 158 -68.96 38.85 10.59
N THR GB 159 -69.97 38.88 9.74
CA THR GB 159 -71.02 39.90 9.77
C THR GB 159 -71.91 39.71 10.99
N VAL GB 160 -72.52 40.75 11.57
CA VAL GB 160 -73.50 40.60 12.66
C VAL GB 160 -74.88 41.10 12.22
N LYS GB 161 -75.90 40.25 12.31
CA LYS GB 161 -77.30 40.60 11.98
C LYS GB 161 -78.15 40.52 13.23
N ILE GB 162 -78.92 41.56 13.53
CA ILE GB 162 -79.88 41.56 14.64
C ILE GB 162 -81.30 41.39 14.10
N VAL GB 163 -82.08 40.48 14.69
CA VAL GB 163 -83.45 40.14 14.23
C VAL GB 163 -84.46 40.27 15.37
N PHE GB 164 -85.49 41.08 15.20
CA PHE GB 164 -86.60 41.16 16.17
C PHE GB 164 -87.58 40.00 16.03
N ASN GB 165 -88.10 39.50 17.15
CA ASN GB 165 -89.10 38.44 17.22
C ASN GB 165 -90.20 38.73 18.25
N HIS GB 166 -90.91 39.84 18.04
CA HIS GB 166 -92.06 40.23 18.86
C HIS GB 166 -93.19 39.19 18.81
N ASP GB 167 -93.98 39.06 19.88
CA ASP GB 167 -94.86 37.91 20.15
C ASP GB 167 -95.74 37.47 18.97
N ASN GB 168 -96.53 38.39 18.41
CA ASN GB 168 -97.45 38.09 17.32
C ASN GB 168 -96.78 38.06 15.93
N ARG GB 169 -95.56 38.58 15.82
CA ARG GB 169 -94.96 39.06 14.56
C ARG GB 169 -93.87 38.14 14.03
N LEU GB 170 -94.05 36.82 14.17
CA LEU GB 170 -93.08 35.82 13.71
C LEU GB 170 -92.71 36.00 12.22
N ASP GB 171 -93.64 36.47 11.40
CA ASP GB 171 -93.38 36.75 9.98
C ASP GB 171 -92.30 37.82 9.77
N ASP GB 172 -92.20 38.84 10.62
CA ASP GB 172 -91.12 39.83 10.56
C ASP GB 172 -89.77 39.18 10.85
N ALA GB 173 -89.70 38.33 11.86
CA ALA GB 173 -88.48 37.62 12.21
C ALA GB 173 -88.01 36.73 11.05
N VAL GB 174 -88.92 35.94 10.47
CA VAL GB 174 -88.58 35.03 9.36
C VAL GB 174 -88.24 35.78 8.08
N ARG GB 175 -88.93 36.90 7.80
CA ARG GB 175 -88.62 37.78 6.67
C ARG GB 175 -87.26 38.45 6.81
N ASP GB 176 -86.82 38.80 8.01
CA ASP GB 176 -85.45 39.29 8.24
C ASP GB 176 -84.40 38.15 8.21
N ALA GB 177 -84.74 36.97 8.71
CA ALA GB 177 -83.80 35.86 8.82
C ALA GB 177 -83.48 35.17 7.48
N ALA GB 178 -84.49 34.91 6.64
CA ALA GB 178 -84.30 34.18 5.40
C ALA GB 178 -83.28 34.82 4.42
N PRO GB 179 -83.22 36.17 4.24
CA PRO GB 179 -82.16 36.86 3.48
C PRO GB 179 -80.72 36.56 3.90
N VAL GB 180 -80.48 36.04 5.09
CA VAL GB 180 -79.13 35.71 5.57
C VAL GB 180 -78.59 34.42 4.95
N LEU GB 181 -79.47 33.47 4.66
CA LEU GB 181 -79.16 32.10 4.25
C LEU GB 181 -78.65 31.99 2.81
N ILE HB 4 51.45 28.89 52.82
CA ILE HB 4 52.52 28.63 53.83
C ILE HB 4 51.93 27.86 55.00
N VAL HB 5 52.64 26.91 55.58
CA VAL HB 5 52.26 26.25 56.85
C VAL HB 5 53.31 26.51 57.91
N VAL HB 6 52.93 26.99 59.09
CA VAL HB 6 53.85 27.19 60.23
C VAL HB 6 53.62 26.13 61.29
N THR HB 7 54.69 25.53 61.81
CA THR HB 7 54.62 24.36 62.69
C THR HB 7 55.67 24.39 63.80
N GLY HB 8 55.40 23.71 64.92
CA GLY HB 8 56.30 23.66 66.05
C GLY HB 8 55.78 22.82 67.21
N ILE HB 9 56.68 22.36 68.08
CA ILE HB 9 56.36 21.63 69.31
C ILE HB 9 55.75 22.58 70.37
N PRO HB 10 54.70 22.18 71.11
CA PRO HB 10 54.15 22.99 72.18
C PRO HB 10 55.21 23.43 73.20
N GLY HB 11 55.35 24.74 73.39
CA GLY HB 11 56.39 25.38 74.21
C GLY HB 11 57.52 26.05 73.42
N VAL HB 12 57.64 25.83 72.10
CA VAL HB 12 58.71 26.44 71.29
C VAL HB 12 58.52 27.94 70.98
N GLY HB 13 57.33 28.50 71.28
CA GLY HB 13 57.04 29.92 71.05
C GLY HB 13 56.52 30.24 69.64
N LYS HB 14 55.94 29.25 68.97
CA LYS HB 14 55.42 29.33 67.59
C LYS HB 14 54.63 30.59 67.31
N THR HB 15 53.66 30.92 68.16
CA THR HB 15 52.76 32.05 67.93
C THR HB 15 53.49 33.38 67.97
N THR HB 16 54.48 33.56 68.85
CA THR HB 16 55.26 34.80 68.95
C THR HB 16 56.04 35.09 67.68
N VAL HB 17 56.78 34.11 67.14
CA VAL HB 17 57.55 34.29 65.91
C VAL HB 17 56.63 34.55 64.72
N MET HB 18 55.51 33.83 64.63
CA MET HB 18 54.49 34.09 63.60
C MET HB 18 53.94 35.51 63.71
N GLN HB 19 53.48 35.95 64.88
CA GLN HB 19 52.89 37.27 65.06
C GLN HB 19 53.86 38.41 64.71
N LYS HB 20 55.12 38.30 65.12
CA LYS HB 20 56.15 39.31 64.83
C LYS HB 20 56.56 39.31 63.36
N ALA HB 21 56.80 38.14 62.75
CA ALA HB 21 57.19 38.09 61.33
C ALA HB 21 56.04 38.46 60.39
N ALA HB 22 54.79 38.13 60.72
CA ALA HB 22 53.61 38.48 59.94
C ALA HB 22 53.21 39.96 60.02
N GLU HB 23 53.90 40.79 60.81
CA GLU HB 23 53.59 42.22 60.96
C GLU HB 23 53.62 42.96 59.61
N GLY HB 24 52.56 43.70 59.30
CA GLY HB 24 52.40 44.40 58.02
C GLY HB 24 52.10 43.50 56.81
N SER HB 25 51.98 42.18 56.97
CA SER HB 25 51.64 41.28 55.87
C SER HB 25 50.18 41.44 55.42
N PRO HB 26 49.87 41.39 54.12
CA PRO HB 26 48.50 41.28 53.62
C PRO HB 26 47.92 39.86 53.74
N LEU HB 27 48.67 38.86 54.21
CA LEU HB 27 48.20 37.48 54.26
C LEU HB 27 47.17 37.23 55.38
N PRO HB 28 46.08 36.48 55.11
CA PRO HB 28 45.19 35.98 56.14
C PRO HB 28 45.90 34.99 57.07
N ARG HB 29 45.44 34.91 58.33
CA ARG HB 29 46.00 34.10 59.41
C ARG HB 29 44.98 33.07 59.87
N VAL HB 30 45.30 31.78 59.82
CA VAL HB 30 44.28 30.73 59.94
C VAL HB 30 44.75 29.58 60.82
N PRO HB 31 44.04 29.21 61.89
CA PRO HB 31 44.24 27.93 62.58
C PRO HB 31 43.46 26.80 61.87
N LEU HB 32 44.12 25.71 61.50
CA LEU HB 32 43.45 24.64 60.74
C LEU HB 32 42.34 23.95 61.52
N GLU HB 33 42.55 23.71 62.82
CA GLU HB 33 41.56 23.05 63.68
C GLU HB 33 40.32 23.92 63.85
N GLY HB 34 40.52 25.24 63.94
CA GLY HB 34 39.44 26.22 63.97
C GLY HB 34 38.61 26.18 62.70
N VAL HB 35 39.23 26.14 61.52
CA VAL HB 35 38.49 26.00 60.27
C VAL HB 35 37.74 24.67 60.22
N MET HB 36 38.35 23.57 60.65
CA MET HB 36 37.66 22.27 60.69
C MET HB 36 36.42 22.34 61.57
N TYR HB 37 36.51 22.95 62.75
CA TYR HB 37 35.35 23.18 63.61
C TYR HB 37 34.29 24.04 62.91
N GLY HB 38 34.68 25.17 62.32
CA GLY HB 38 33.77 26.03 61.58
C GLY HB 38 33.06 25.31 60.43
N VAL HB 39 33.78 24.51 59.64
CA VAL HB 39 33.21 23.73 58.54
C VAL HB 39 32.24 22.68 59.08
N ALA HB 40 32.65 21.89 60.06
CA ALA HB 40 31.78 20.88 60.66
C ALA HB 40 30.52 21.49 61.30
N LYS HB 41 30.67 22.62 62.00
CA LYS HB 41 29.59 23.37 62.64
C LYS HB 41 28.58 23.90 61.63
N ARG HB 42 29.04 24.49 60.52
CA ARG HB 42 28.16 24.99 59.44
C ARG HB 42 27.56 23.89 58.58
N MET HB 43 28.21 22.73 58.50
CA MET HB 43 27.61 21.49 58.01
C MET HB 43 26.64 20.85 59.01
N GLY HB 44 26.52 21.37 60.23
CA GLY HB 44 25.60 20.90 61.27
C GLY HB 44 26.04 19.63 62.00
N LEU HB 45 27.29 19.18 61.81
CA LEU HB 45 27.82 17.93 62.36
C LEU HB 45 28.11 18.03 63.88
N VAL HB 46 28.39 19.24 64.36
CA VAL HB 46 28.76 19.56 65.74
C VAL HB 46 28.19 20.92 66.13
N LYS HB 47 28.19 21.22 67.43
CA LYS HB 47 27.97 22.56 67.98
C LYS HB 47 29.14 23.03 68.85
N ASP HB 48 29.89 22.13 69.47
CA ASP HB 48 30.95 22.47 70.43
C ASP HB 48 32.33 21.91 70.03
N ILE HB 49 33.41 22.62 70.38
CA ILE HB 49 34.78 22.36 69.92
C ILE HB 49 35.29 20.95 70.30
N ASP HB 50 34.87 20.43 71.45
CA ASP HB 50 35.23 19.09 71.90
C ASP HB 50 34.60 17.96 71.06
N GLU HB 51 33.46 18.22 70.42
CA GLU HB 51 32.78 17.22 69.59
C GLU HB 51 33.58 16.85 68.35
N MET HB 52 34.54 17.68 67.94
CA MET HB 52 35.47 17.35 66.86
C MET HB 52 36.28 16.06 67.12
N ARG HB 53 36.58 15.77 68.40
CA ARG HB 53 37.23 14.50 68.80
C ARG HB 53 36.26 13.32 68.85
N ARG HB 54 34.95 13.57 68.81
CA ARG HB 54 33.87 12.57 68.88
C ARG HB 54 33.34 12.16 67.50
N LEU HB 55 33.64 12.92 66.45
CA LEU HB 55 33.24 12.58 65.08
C LEU HB 55 33.80 11.23 64.63
N SER HB 56 33.04 10.53 63.79
CA SER HB 56 33.50 9.30 63.12
C SER HB 56 34.72 9.59 62.24
N PRO HB 57 35.84 8.87 62.35
CA PRO HB 57 37.07 9.19 61.64
C PRO HB 57 36.93 9.37 60.12
N ASP HB 58 36.11 8.56 59.44
CA ASP HB 58 35.93 8.73 57.99
C ASP HB 58 35.05 9.93 57.60
N VAL HB 59 34.26 10.46 58.52
CA VAL HB 59 33.67 11.80 58.39
C VAL HB 59 34.75 12.86 58.63
N GLN HB 60 35.60 12.67 59.66
CA GLN HB 60 36.68 13.60 59.96
C GLN HB 60 37.69 13.74 58.80
N LYS HB 61 37.97 12.68 58.03
CA LYS HB 61 38.73 12.77 56.77
C LYS HB 61 38.06 13.72 55.78
N GLU HB 62 36.75 13.62 55.60
CA GLU HB 62 36.03 14.50 54.68
C GLU HB 62 35.96 15.94 55.19
N VAL HB 63 35.83 16.16 56.51
CA VAL HB 63 35.97 17.49 57.11
C VAL HB 63 37.34 18.08 56.85
N GLN HB 64 38.42 17.31 57.02
CA GLN HB 64 39.77 17.76 56.66
C GLN HB 64 39.85 18.11 55.18
N LYS HB 65 39.32 17.25 54.31
CA LYS HB 65 39.30 17.49 52.85
C LYS HB 65 38.58 18.79 52.49
N LYS HB 66 37.37 19.02 53.02
CA LYS HB 66 36.60 20.25 52.78
C LYS HB 66 37.27 21.49 53.36
N ALA HB 67 37.79 21.42 54.58
CA ALA HB 67 38.53 22.53 55.16
C ALA HB 67 39.75 22.89 54.31
N ALA HB 68 40.48 21.90 53.80
CA ALA HB 68 41.60 22.16 52.89
C ALA HB 68 41.13 22.79 51.57
N GLU HB 69 40.06 22.29 50.93
CA GLU HB 69 39.53 22.90 49.71
C GLU HB 69 39.18 24.37 49.91
N ARG HB 70 38.56 24.71 51.04
CA ARG HB 70 38.14 26.09 51.35
C ARG HB 70 39.33 26.99 51.64
N ILE HB 71 40.35 26.51 52.36
CA ILE HB 71 41.59 27.27 52.56
C ILE HB 71 42.36 27.41 51.25
N ALA HB 72 42.32 26.42 50.36
CA ALA HB 72 42.94 26.54 49.04
C ALA HB 72 42.26 27.61 48.18
N ALA HB 73 40.93 27.68 48.19
CA ALA HB 73 40.18 28.70 47.47
C ALA HB 73 40.47 30.12 47.97
N LEU HB 74 40.69 30.31 49.27
CA LEU HB 74 41.11 31.58 49.86
C LEU HB 74 42.47 32.06 49.31
N GLY HB 75 43.32 31.15 48.84
CA GLY HB 75 44.62 31.46 48.27
C GLY HB 75 45.74 31.56 49.31
N ASP HB 76 46.74 32.40 49.02
CA ASP HB 76 47.96 32.51 49.81
C ASP HB 76 47.64 32.90 51.27
N VAL HB 77 48.17 32.16 52.24
CA VAL HB 77 47.73 32.20 53.65
C VAL HB 77 48.87 31.77 54.59
N ILE HB 78 48.89 32.28 55.82
CA ILE HB 78 49.73 31.72 56.88
C ILE HB 78 48.88 30.74 57.69
N LEU HB 79 48.84 29.48 57.27
CA LEU HB 79 48.13 28.43 57.97
C LEU HB 79 48.93 27.98 59.19
N ASP HB 80 48.25 27.70 60.29
CA ASP HB 80 48.84 27.30 61.56
C ASP HB 80 48.30 25.95 62.03
N THR HB 81 49.17 24.96 62.24
CA THR HB 81 48.85 23.66 62.85
C THR HB 81 50.12 22.92 63.29
N HIS HB 82 50.01 21.89 64.13
CA HIS HB 82 51.15 21.03 64.47
C HIS HB 82 51.50 20.05 63.33
N CYS HB 83 52.79 19.80 63.09
CA CYS HB 83 53.22 18.82 62.10
C CYS HB 83 53.06 17.38 62.60
N THR HB 84 53.36 17.11 63.88
CA THR HB 84 52.94 15.88 64.57
C THR HB 84 52.42 16.19 65.97
N ILE HB 85 51.34 15.52 66.36
CA ILE HB 85 50.68 15.72 67.65
C ILE HB 85 51.01 14.52 68.53
N LYS HB 86 51.52 14.72 69.75
CA LYS HB 86 51.78 13.61 70.66
C LYS HB 86 50.49 13.14 71.32
N THR HB 87 50.25 11.83 71.34
CA THR HB 87 49.02 11.21 71.88
C THR HB 87 49.38 9.98 72.73
N PRO HB 88 48.47 9.40 73.53
CA PRO HB 88 48.73 8.19 74.31
C PRO HB 88 49.27 7.02 73.47
N LYS HB 89 48.80 6.86 72.24
CA LYS HB 89 49.28 5.84 71.29
C LYS HB 89 50.52 6.26 70.49
N GLY HB 90 51.17 7.38 70.83
CA GLY HB 90 52.34 7.91 70.13
C GLY HB 90 52.05 9.11 69.23
N TYR HB 91 52.98 9.43 68.32
CA TYR HB 91 52.88 10.59 67.44
C TYR HB 91 51.84 10.39 66.35
N LEU HB 92 50.97 11.36 66.13
CA LEU HB 92 49.97 11.39 65.07
C LEU HB 92 50.38 12.42 64.00
N PRO HB 93 50.49 12.07 62.71
CA PRO HB 93 50.74 13.02 61.64
C PRO HB 93 49.64 14.08 61.56
N GLY HB 94 50.00 15.36 61.70
CA GLY HB 94 49.04 16.47 61.67
C GLY HB 94 48.50 16.79 60.27
N LEU HB 95 49.17 16.34 59.21
CA LEU HB 95 48.81 16.64 57.81
C LEU HB 95 48.83 15.37 56.95
N PRO HB 96 47.73 14.60 56.92
CA PRO HB 96 47.60 13.48 56.01
C PRO HB 96 47.73 13.87 54.55
N ARG HB 97 48.05 12.91 53.67
CA ARG HB 97 48.17 13.15 52.22
C ARG HB 97 46.92 13.79 51.60
N TRP HB 98 45.71 13.43 52.02
CA TRP HB 98 44.48 14.04 51.49
C TRP HB 98 44.35 15.52 51.83
N VAL HB 99 45.05 16.05 52.84
CA VAL HB 99 45.14 17.49 53.06
C VAL HB 99 46.13 18.12 52.08
N LEU HB 100 47.33 17.57 51.95
CA LEU HB 100 48.38 18.10 51.08
C LEU HB 100 47.97 18.17 49.62
N GLU HB 101 47.27 17.17 49.10
CA GLU HB 101 46.80 17.18 47.71
C GLU HB 101 45.80 18.31 47.42
N LYS HB 102 45.13 18.86 48.45
CA LYS HB 102 44.24 20.03 48.35
C LYS HB 102 44.97 21.36 48.60
N LEU HB 103 45.72 21.49 49.69
CA LEU HB 103 46.43 22.74 50.01
C LEU HB 103 47.58 23.05 49.04
N ARG HB 104 48.34 22.02 48.65
CA ARG HB 104 49.56 22.12 47.84
C ARG HB 104 50.51 23.21 48.34
N PRO HB 105 50.98 23.15 49.61
CA PRO HB 105 51.77 24.21 50.22
C PRO HB 105 53.03 24.57 49.43
N SER HB 106 53.40 25.84 49.39
CA SER HB 106 54.68 26.27 48.84
C SER HB 106 55.82 26.12 49.85
N VAL HB 107 55.55 26.31 51.15
CA VAL HB 107 56.54 26.18 52.22
C VAL HB 107 55.94 25.52 53.44
N ILE HB 108 56.70 24.63 54.07
CA ILE HB 108 56.48 24.19 55.44
C ILE HB 108 57.57 24.85 56.30
N LEU HB 109 57.18 25.54 57.35
CA LEU HB 109 58.12 26.17 58.27
C LEU HB 109 58.09 25.46 59.60
N LEU HB 110 59.26 25.09 60.11
CA LEU HB 110 59.43 24.38 61.36
C LEU HB 110 60.23 25.23 62.36
N VAL HB 111 59.64 25.50 63.53
CA VAL HB 111 60.28 26.29 64.58
C VAL HB 111 60.97 25.38 65.59
N GLU HB 112 62.20 25.68 65.98
CA GLU HB 112 62.99 24.86 66.91
C GLU HB 112 63.68 25.71 67.98
N ALA HB 113 63.95 25.10 69.14
CA ALA HB 113 64.74 25.65 70.24
C ALA HB 113 65.42 24.49 70.98
N ASP HB 114 66.41 24.74 71.82
CA ASP HB 114 67.10 23.64 72.51
C ASP HB 114 66.15 22.90 73.47
N PRO HB 115 66.16 21.56 73.55
CA PRO HB 115 65.36 20.82 74.51
C PRO HB 115 65.48 21.31 75.96
N LYS HB 116 66.66 21.80 76.38
CA LYS HB 116 66.87 22.38 77.71
C LYS HB 116 66.12 23.71 77.89
N GLU HB 117 66.08 24.55 76.86
CA GLU HB 117 65.27 25.76 76.85
C GLU HB 117 63.79 25.41 76.95
N ILE HB 118 63.32 24.50 76.10
CA ILE HB 118 61.91 24.11 76.05
C ILE HB 118 61.49 23.47 77.38
N TYR HB 119 62.32 22.61 77.95
CA TYR HB 119 62.08 22.03 79.26
C TYR HB 119 61.98 23.13 80.34
N GLY HB 120 62.87 24.12 80.31
CA GLY HB 120 62.78 25.30 81.17
C GLY HB 120 61.45 26.04 81.01
N ARG HB 121 61.00 26.31 79.78
CA ARG HB 121 59.70 26.97 79.55
C ARG HB 121 58.53 26.13 80.06
N ARG HB 122 58.55 24.82 79.82
CA ARG HB 122 57.52 23.89 80.29
C ARG HB 122 57.48 23.75 81.81
N LEU HB 123 58.65 23.78 82.46
CA LEU HB 123 58.77 23.77 83.91
C LEU HB 123 58.26 25.07 84.54
N LYS HB 124 58.51 26.21 83.91
CA LYS HB 124 58.04 27.53 84.33
C LYS HB 124 56.56 27.80 84.03
N ASP HB 125 55.95 27.03 83.15
CA ASP HB 125 54.49 27.05 82.93
C ASP HB 125 53.73 26.41 84.11
N ASP HB 133 57.54 15.90 79.69
CA ASP HB 133 58.47 15.09 78.90
C ASP HB 133 59.92 15.36 79.35
N SER HB 134 60.79 14.36 79.29
CA SER HB 134 62.23 14.57 79.45
C SER HB 134 62.82 15.34 78.26
N GLU HB 135 64.03 15.88 78.43
CA GLU HB 135 64.78 16.48 77.33
C GLU HB 135 65.03 15.48 76.19
N GLU HB 136 65.19 14.20 76.51
CA GLU HB 136 65.33 13.14 75.52
C GLU HB 136 64.04 12.97 74.70
N GLU HB 137 62.89 12.96 75.35
CA GLU HB 137 61.60 12.89 74.65
C GLU HB 137 61.29 14.16 73.85
N ILE HB 138 61.75 15.32 74.31
CA ILE HB 138 61.65 16.56 73.54
C ILE HB 138 62.54 16.47 72.29
N ALA HB 139 63.80 16.05 72.44
CA ALA HB 139 64.71 15.86 71.31
C ALA HB 139 64.18 14.82 70.31
N GLU HB 140 63.57 13.75 70.80
CA GLU HB 140 62.88 12.78 69.97
C GLU HB 140 61.73 13.43 69.19
N HIS HB 141 60.84 14.19 69.86
CA HIS HB 141 59.71 14.80 69.16
C HIS HB 141 60.18 15.78 68.08
N GLN HB 142 61.24 16.54 68.33
CA GLN HB 142 61.85 17.37 67.30
C GLN HB 142 62.35 16.54 66.11
N MET HB 143 63.10 15.45 66.36
CA MET HB 143 63.56 14.59 65.27
C MET HB 143 62.40 14.00 64.48
N MET HB 144 61.35 13.54 65.16
CA MET HB 144 60.17 13.05 64.46
C MET HB 144 59.48 14.14 63.64
N ASN HB 145 59.46 15.39 64.11
CA ASN HB 145 58.94 16.48 63.31
C ASN HB 145 59.78 16.72 62.06
N ARG HB 146 61.12 16.69 62.12
CA ARG HB 146 61.96 16.83 60.92
C ARG HB 146 61.65 15.76 59.89
N ALA HB 147 61.54 14.50 60.33
CA ALA HB 147 61.18 13.41 59.44
C ALA HB 147 59.79 13.63 58.82
N ALA HB 148 58.81 14.04 59.61
CA ALA HB 148 57.47 14.31 59.12
C ALA HB 148 57.44 15.45 58.10
N ALA HB 149 58.11 16.57 58.40
CA ALA HB 149 58.18 17.70 57.50
C ALA HB 149 58.77 17.30 56.15
N MET HB 150 59.86 16.56 56.14
CA MET HB 150 60.47 16.17 54.87
C MET HB 150 59.62 15.16 54.10
N ALA HB 151 58.91 14.26 54.78
CA ALA HB 151 57.94 13.39 54.13
C ALA HB 151 56.74 14.16 53.54
N TYR HB 152 56.28 15.22 54.21
CA TYR HB 152 55.28 16.13 53.64
C TYR HB 152 55.82 16.83 52.40
N ALA HB 153 57.08 17.27 52.44
CA ALA HB 153 57.71 17.94 51.32
C ALA HB 153 57.77 17.06 50.09
N SER HB 154 58.28 15.82 50.19
CA SER HB 154 58.40 14.93 49.04
C SER HB 154 57.04 14.55 48.43
N LEU HB 155 55.96 14.56 49.20
CA LEU HB 155 54.60 14.33 48.68
C LEU HB 155 54.04 15.52 47.88
N SER HB 156 54.55 16.73 48.11
CA SER HB 156 53.87 17.98 47.73
C SER HB 156 54.70 18.95 46.90
N GLY HB 157 56.02 18.83 46.90
CA GLY HB 157 56.94 19.81 46.34
C GLY HB 157 57.14 21.05 47.22
N ALA HB 158 56.62 21.06 48.45
CA ALA HB 158 56.84 22.18 49.35
C ALA HB 158 58.32 22.34 49.74
N THR HB 159 58.80 23.55 49.89
CA THR HB 159 60.12 23.81 50.50
C THR HB 159 60.04 23.61 52.01
N VAL HB 160 61.11 23.22 52.70
CA VAL HB 160 61.14 23.14 54.17
C VAL HB 160 62.14 24.12 54.76
N LYS HB 161 61.69 25.02 55.65
CA LYS HB 161 62.54 25.98 56.35
C LYS HB 161 62.61 25.66 57.83
N ILE HB 162 63.80 25.68 58.43
CA ILE HB 162 63.96 25.59 59.88
C ILE HB 162 64.31 26.95 60.47
N VAL HB 163 63.64 27.35 61.56
CA VAL HB 163 63.86 28.61 62.27
C VAL HB 163 64.19 28.36 63.74
N PHE HB 164 65.39 28.77 64.18
CA PHE HB 164 65.71 28.75 65.61
C PHE HB 164 65.04 29.89 66.38
N ASN HB 165 64.59 29.62 67.60
CA ASN HB 165 63.93 30.58 68.49
C ASN HB 165 64.42 30.44 69.95
N HIS HB 166 65.72 30.62 70.16
CA HIS HB 166 66.34 30.63 71.49
C HIS HB 166 65.76 31.73 72.39
N ASP HB 167 65.76 31.52 73.71
CA ASP HB 167 64.94 32.29 74.68
C ASP HB 167 65.01 33.81 74.54
N ASN HB 168 66.22 34.39 74.53
CA ASN HB 168 66.42 35.84 74.46
C ASN HB 168 66.37 36.40 73.03
N ARG HB 169 66.39 35.55 72.00
CA ARG HB 169 66.85 35.87 70.64
C ARG HB 169 65.71 35.92 69.62
N LEU HB 170 64.53 36.37 70.03
CA LEU HB 170 63.34 36.46 69.18
C LEU HB 170 63.60 37.23 67.88
N ASP HB 171 64.46 38.25 67.90
CA ASP HB 171 64.82 39.01 66.70
C ASP HB 171 65.52 38.13 65.64
N ASP HB 172 66.33 37.15 66.05
CA ASP HB 172 66.91 36.17 65.11
C ASP HB 172 65.84 35.31 64.47
N ALA HB 173 64.87 34.82 65.26
CA ALA HB 173 63.77 34.02 64.74
C ALA HB 173 62.95 34.82 63.72
N VAL HB 174 62.62 36.07 64.02
CA VAL HB 174 61.87 36.95 63.11
C VAL HB 174 62.68 37.29 61.86
N ARG HB 175 63.99 37.54 61.99
CA ARG HB 175 64.87 37.80 60.86
C ARG HB 175 65.03 36.57 59.95
N ASP HB 176 64.98 35.35 60.49
CA ASP HB 176 64.94 34.13 59.68
C ASP HB 176 63.56 33.90 59.04
N ALA HB 177 62.47 34.19 59.75
CA ALA HB 177 61.11 33.91 59.28
C ALA HB 177 60.62 34.90 58.21
N ALA HB 178 60.86 36.21 58.39
CA ALA HB 178 60.31 37.23 57.49
C ALA HB 178 60.68 37.06 55.99
N PRO HB 179 61.92 36.64 55.61
CA PRO HB 179 62.28 36.32 54.23
C PRO HB 179 61.42 35.27 53.52
N VAL HB 180 60.68 34.44 54.26
CA VAL HB 180 59.86 33.37 53.70
C VAL HB 180 58.55 33.90 53.09
N LEU HB 181 58.04 35.01 53.64
CA LEU HB 181 56.69 35.54 53.41
C LEU HB 181 56.53 36.25 52.06
#